data_8CQ2
#
_entry.id   8CQ2
#
_cell.length_a   1.00
_cell.length_b   1.00
_cell.length_c   1.00
_cell.angle_alpha   90.00
_cell.angle_beta   90.00
_cell.angle_gamma   90.00
#
_symmetry.space_group_name_H-M   'P 1'
#
_entity_poly.entity_id   1
_entity_poly.type   'polypeptide(L)'
_entity_poly.pdbx_seq_one_letter_code
;MAHHHHHHSSGLEVLFQGPMNESVKEIPDVLKSQSGFNSLTDISHSSFNEFRQQVSEHLSWSETHDLYHDAQQAQKDNRL
YEARILKRANPQLQNAVHLAILAPNAELIGYNNQFSGRASQYVAPGTVSSMFSPAAYLTELYREARNLHASDSVYYLDTR
RPDLKSMALSQQNMDIELSTLSLSNELLLESIKTESKLENYTKVMEMLSTFRPSGATPYHDAYENVREVIQLQDPGLEQL
NASPAIAGLMHQASLLGINASISPELFNILTEEITEGNAEELYKKNFGNIEPASLAMPEYLKRYYNLSDEELSQFIGKAS
NFGQQEYSNNQLITPVVNSSDGTVKVYRITREYTTNAYQMDVELFPFGGENYRLDYKFKNFYNASYLSIKLNDKRELVRT
EGAPQVNIEYSANITLNTADISQPFEIGLTRVLPSGSWAYAAAKFTVEEYNQYSFLLKLNKAIRLSRATELSPTILEGIV
RSVNLQLDINTDVLGKVFLTKYYMQRYAIHAETALILCNAPISQRSYDNQPSQFDRLFNTPLLNGQYFSTGDEEIDLNSG
STGDWRKTILKRAFNIDDVSLFRLLKITDHDNKDGKIKNNLKNLSNLYIGKLLADIHQLTIDELDLLLIAVGEGKTNLSA
ISDKQLATLIRKLNTITSWLHTQKWSVFQLFIMTSTSYNKTLTPEIKNLLDTVYHGLQGFDKDKADLLHVMAPYIAATLQ
LSSENVAHSVLLWADKLQPGDGAMTAEKFWDWLNTKYTPGSSEAVETQEHIVQYCQALAQLEMVYHSTGINENAFRLFVT
KPEMFGAATGAAPAHDALSLIMLTRFADWVNALGEKASSVLAAFEANSLTAEQLADAMNLDANLLLQASIQAQNHQHLPP
VTPENAFSSWTSINTILQWVNVAQQLNVAPQGVSALVGLDYIQSMKETPTYAQWENAAGVLTAGLNSQQANTLHAFLDES
RSAALSTYYIRQVAKAAAAIKSRDDLYQYLLIDNQVSAAIKTTRIAEAIASIQLYVNRALENVEENANSGVISRQFFIDW
DKYNKRYSTWAGVSQLVYYPENYIDPTMRIGQTKMMDALLQSVSQSQLNADTVEDAFMSYLTSFEQVANLKVISAYHDNI
NNDQGLTYFIGLSETDAGEYYWRSVDHSKFNDGKFAANAWSEWHKIDCPINPYKSTIRPVIYKSRLYLLWLEQKEITKQT
GNSKDGYQTETDYRYELKLAHIRYDGTWNTPITFDVNKKISELKLEKNRAPGLYCAGYQGEDTLLVMFYNQQDTLDSYKN
ASMQGLYIFADMASKDMCPEQSNVYRDNSYQQFDTNNVRRVNNRYAEDYEIPSSVSSRKDYGWGDYYLSMVYNGDIPTIN
YKAASSDLKIYISPKLRIIHNGYEGQKRNQCNLMNKYGKLGDKFIVYTSLGVNPNNSSNKLMFYPVYQYSGNTSGLNQGR
LLFHRDTTYPSKVEAWIPGAKRSLTNQNAAIGDDYATDSLNKPDDLKQYIFMTDSKGTATDVSGPVEINTAISPAKVQII
VKAGGKEQTFTADKDVSIQPSPSFDEMNYQFNALEIDGSGLNFINNSASIDVTFTAFAEDGRKLGYESFSIPVTLKVSTD
NALTLHHNENGAQYMQWQSYRTRLNTLFARQLVARATTGIDTILSMETQNIQEPQLGKGFYATFVIPPYNLSTHGDERWF
KLYIKHVVDNNSHIIYSGQLTDTNINITLFIPLDDVPLNQDYHAKVYMTFKKSPSDGTWWGPHFVRDDKGIVTINPKSIL
THFESVNVLNNISSEPMDFSGANSLYFWELFYYTPMLVAQRLLHEQNFDEANRWLKYVWSPSGYIVHGQIQNYQWNVRPL
LEDTSWNSDPLDSVDPDAVAQHDPMHYKVSTFMRTLDLLIARGDHAYRQLERDTLNEAKMWYMQALHLLGDKPYLPLSTT
WSDPRLDRAADITTQNAHDSAIVALRQNIPTPAPLSLRSANTLTDLFLPQINEVMMNYWQTLAQRVYNLRHNLSIDGQPL
YLPIYATPADPKALLSAAVATSQGGGKLPESFMSLWRFPHMLENARGMVSQLTQFGSTLQNIIERQDAEALNALLQNQAA
ELILTNLSIQDKTIEELDAEKTVLEKSKAGAQSRFDSYGKLYDENINAGENQAMTLRASAAGLTTAVQASRLAGAAADLV
PNIFGFAGGGSRWGAIAEATGYVMEFSANVMNTEADKISQSETYRRRRQEWEIQRNNAEAELKQIDAQLKSLAVRREAAV
LQKTSLKTQQEQTQSQLAFLQRKFSNQALYNWLRGRLAAIYFQFYDLAVARCLMAEQAYRWELNDDSARFIKPGAWQGTY
AGLLAGETLMLSLAQMEDAHLKRDKRALEVERTVSLAEVYAGLPKDNGPFSLAQEIDKLVSQGSGSAGSGNNNLAFGAGT
DTKTSLQASVSFADLKIREDYPASLGKIRRIKQISVTLPALLGPYQDVQAILSYGDKAGLANGCEALAVSHGMNDSGQFQ
LDFNDGKFLPFEGIAIDQGTLTLSFPNASMPEKGKQATMLKTLNDIILHIRYTIK
;
_entity_poly.pdbx_strand_id   A,B,C,D,E
#
# COMPACT_ATOMS: atom_id res chain seq x y z
N GLY A 110 -14.90 52.83 -30.43
CA GLY A 110 -15.21 51.50 -29.94
C GLY A 110 -15.81 50.59 -30.98
N TYR A 111 -16.28 49.41 -30.56
CA TYR A 111 -16.93 48.51 -31.50
C TYR A 111 -18.22 49.11 -32.05
N ASN A 112 -19.10 49.57 -31.17
CA ASN A 112 -20.45 49.93 -31.60
C ASN A 112 -20.43 51.06 -32.62
N ASN A 113 -19.75 52.16 -32.32
CA ASN A 113 -19.76 53.28 -33.24
C ASN A 113 -19.00 53.01 -34.52
N GLN A 114 -18.30 51.88 -34.64
CA GLN A 114 -17.73 51.50 -35.93
C GLN A 114 -18.55 50.45 -36.67
N PHE A 115 -19.17 49.51 -35.96
CA PHE A 115 -19.70 48.30 -36.58
C PHE A 115 -21.17 48.07 -36.27
N SER A 116 -21.81 48.95 -35.51
CA SER A 116 -23.26 49.01 -35.45
C SER A 116 -23.84 49.46 -36.78
N GLY A 117 -25.12 49.17 -36.96
CA GLY A 117 -25.92 49.73 -38.03
C GLY A 117 -26.55 48.72 -38.96
N ARG A 118 -26.12 47.46 -38.94
CA ARG A 118 -26.75 46.49 -39.81
C ARG A 118 -28.18 46.22 -39.38
N ALA A 119 -28.49 46.38 -38.09
CA ALA A 119 -29.83 46.13 -37.61
C ALA A 119 -30.15 47.12 -36.50
N SER A 120 -31.42 47.52 -36.44
CA SER A 120 -31.88 48.53 -35.50
C SER A 120 -32.12 48.02 -34.09
N GLN A 121 -32.29 46.71 -33.90
CA GLN A 121 -32.51 46.19 -32.55
C GLN A 121 -32.06 44.73 -32.50
N TYR A 122 -30.93 44.49 -31.85
CA TYR A 122 -30.50 43.13 -31.59
C TYR A 122 -31.23 42.55 -30.38
N VAL A 123 -30.96 41.28 -30.09
CA VAL A 123 -31.52 40.56 -28.96
C VAL A 123 -30.46 39.62 -28.42
N ALA A 124 -30.69 39.13 -27.23
CA ALA A 124 -29.65 38.35 -26.59
C ALA A 124 -29.56 36.94 -27.17
N PRO A 125 -28.36 36.37 -27.18
CA PRO A 125 -28.20 34.94 -27.49
C PRO A 125 -29.14 34.04 -26.68
N GLY A 126 -29.87 33.19 -27.39
CA GLY A 126 -30.69 32.16 -26.80
C GLY A 126 -32.10 32.53 -26.42
N THR A 127 -32.48 33.81 -26.55
CA THR A 127 -33.85 34.19 -26.27
C THR A 127 -34.77 33.63 -27.35
N VAL A 128 -36.07 33.59 -27.06
CA VAL A 128 -37.02 33.01 -28.00
C VAL A 128 -37.19 33.88 -29.23
N SER A 129 -37.02 35.18 -29.10
CA SER A 129 -37.37 36.08 -30.18
C SER A 129 -36.30 36.15 -31.26
N SER A 130 -35.16 35.50 -31.09
CA SER A 130 -34.09 35.64 -32.04
C SER A 130 -34.33 34.69 -33.20
N MET A 131 -33.94 35.12 -34.39
CA MET A 131 -34.15 34.33 -35.60
C MET A 131 -33.32 33.07 -35.70
N PHE A 132 -32.39 32.81 -34.79
CA PHE A 132 -31.72 31.52 -34.75
C PHE A 132 -32.21 30.64 -33.60
N SER A 133 -33.12 31.13 -32.79
CA SER A 133 -33.71 30.36 -31.71
C SER A 133 -34.41 29.14 -32.26
N PRO A 134 -34.61 28.10 -31.45
CA PRO A 134 -35.38 26.93 -31.91
C PRO A 134 -36.83 27.24 -32.19
N ALA A 135 -37.39 28.30 -31.65
CA ALA A 135 -38.72 28.71 -32.10
C ALA A 135 -38.70 29.11 -33.57
N ALA A 136 -37.71 29.89 -34.00
CA ALA A 136 -37.62 30.25 -35.41
C ALA A 136 -37.45 29.03 -36.32
N TYR A 137 -36.72 28.03 -35.85
CA TYR A 137 -36.62 26.79 -36.60
C TYR A 137 -37.94 26.02 -36.65
N LEU A 138 -38.67 25.96 -35.54
CA LEU A 138 -40.00 25.38 -35.57
C LEU A 138 -40.93 26.09 -36.54
N THR A 139 -40.96 27.42 -36.53
CA THR A 139 -41.86 28.12 -37.44
C THR A 139 -41.47 27.89 -38.88
N GLU A 140 -40.19 28.03 -39.19
CA GLU A 140 -39.73 27.85 -40.56
C GLU A 140 -40.01 26.45 -41.06
N LEU A 141 -39.77 25.44 -40.21
CA LEU A 141 -40.07 24.07 -40.59
C LEU A 141 -41.56 23.82 -40.76
N TYR A 142 -42.38 24.39 -39.89
CA TYR A 142 -43.82 24.17 -39.99
C TYR A 142 -44.40 24.80 -41.25
N ARG A 143 -43.90 25.98 -41.65
CA ARG A 143 -44.38 26.60 -42.88
C ARG A 143 -44.26 25.66 -44.07
N GLU A 144 -43.12 25.00 -44.22
CA GLU A 144 -42.95 24.08 -45.33
C GLU A 144 -43.67 22.76 -45.11
N ALA A 145 -43.77 22.29 -43.87
CA ALA A 145 -44.33 20.96 -43.62
C ALA A 145 -45.84 20.93 -43.73
N ARG A 146 -46.53 22.01 -43.39
CA ARG A 146 -47.99 22.01 -43.34
C ARG A 146 -48.68 21.69 -44.66
N ASN A 147 -47.93 21.50 -45.75
CA ASN A 147 -48.54 21.31 -47.06
C ASN A 147 -48.23 19.98 -47.74
N LEU A 148 -47.46 19.09 -47.13
CA LEU A 148 -47.05 17.88 -47.84
C LEU A 148 -48.21 16.97 -48.20
N HIS A 149 -49.34 17.05 -47.51
CA HIS A 149 -50.51 16.30 -47.93
C HIS A 149 -51.71 17.22 -48.08
N ALA A 150 -52.64 16.80 -48.93
CA ALA A 150 -53.91 17.51 -49.09
C ALA A 150 -54.70 17.46 -47.79
N SER A 151 -55.57 18.45 -47.62
CA SER A 151 -56.37 18.56 -46.41
C SER A 151 -57.21 17.31 -46.16
N ASP A 152 -57.81 16.75 -47.22
CA ASP A 152 -58.72 15.62 -47.01
C ASP A 152 -58.01 14.35 -46.59
N SER A 153 -56.71 14.22 -46.86
CA SER A 153 -56.01 12.99 -46.51
C SER A 153 -55.97 12.83 -45.00
N VAL A 154 -56.07 11.58 -44.54
CA VAL A 154 -56.00 11.30 -43.11
C VAL A 154 -54.63 11.63 -42.55
N TYR A 155 -53.59 11.59 -43.36
CA TYR A 155 -52.25 11.92 -42.90
C TYR A 155 -52.00 13.41 -42.81
N TYR A 156 -53.02 14.25 -42.98
CA TYR A 156 -52.81 15.69 -42.86
C TYR A 156 -52.35 16.03 -41.46
N LEU A 157 -51.35 16.92 -41.38
CA LEU A 157 -50.77 17.26 -40.08
C LEU A 157 -51.77 17.91 -39.15
N ASP A 158 -52.60 18.80 -39.68
CA ASP A 158 -53.56 19.51 -38.83
C ASP A 158 -54.54 18.53 -38.20
N THR A 159 -54.92 17.50 -38.94
CA THR A 159 -55.79 16.43 -38.44
C THR A 159 -55.06 15.52 -37.45
N ARG A 160 -53.82 15.18 -37.78
CA ARG A 160 -53.03 14.25 -36.97
C ARG A 160 -52.59 14.84 -35.63
N ARG A 161 -52.20 16.11 -35.58
CA ARG A 161 -51.74 16.75 -34.34
C ARG A 161 -52.35 18.14 -34.19
N PRO A 162 -53.66 18.20 -33.95
CA PRO A 162 -54.34 19.51 -33.92
C PRO A 162 -53.79 20.51 -32.90
N ASP A 163 -53.31 20.06 -31.75
CA ASP A 163 -52.83 20.99 -30.73
C ASP A 163 -51.53 21.67 -31.14
N LEU A 164 -50.73 21.01 -31.97
CA LEU A 164 -49.48 21.62 -32.44
C LEU A 164 -49.76 22.90 -33.20
N LYS A 165 -50.81 22.92 -34.01
CA LYS A 165 -51.12 24.12 -34.77
C LYS A 165 -51.50 25.31 -33.88
N SER A 166 -52.16 25.06 -32.75
CA SER A 166 -52.39 26.08 -31.72
C SER A 166 -51.24 26.26 -30.73
N MET A 167 -50.07 25.67 -30.92
CA MET A 167 -49.01 25.84 -29.93
C MET A 167 -48.58 27.29 -29.80
N ALA A 168 -48.49 27.76 -28.56
CA ALA A 168 -47.89 29.05 -28.27
C ALA A 168 -46.38 28.97 -28.38
N LEU A 169 -45.78 30.01 -28.94
CA LEU A 169 -44.33 30.17 -28.93
C LEU A 169 -43.98 31.11 -27.79
N SER A 170 -43.34 30.60 -26.75
CA SER A 170 -43.08 31.43 -25.59
C SER A 170 -41.79 30.96 -24.93
N GLN A 171 -41.16 31.88 -24.20
CA GLN A 171 -40.02 31.50 -23.37
C GLN A 171 -40.40 30.41 -22.39
N GLN A 172 -41.65 30.41 -21.94
CA GLN A 172 -42.15 29.36 -21.06
C GLN A 172 -42.03 27.99 -21.69
N ASN A 173 -42.50 27.83 -22.93
CA ASN A 173 -42.41 26.55 -23.62
C ASN A 173 -40.99 26.18 -24.01
N MET A 174 -40.04 27.10 -23.94
CA MET A 174 -38.66 26.77 -24.27
C MET A 174 -37.82 26.43 -23.05
N ASP A 175 -38.07 27.07 -21.91
CA ASP A 175 -37.24 26.90 -20.72
C ASP A 175 -37.65 25.73 -19.82
N ILE A 176 -38.95 25.55 -19.59
CA ILE A 176 -39.44 24.55 -18.64
C ILE A 176 -39.28 23.16 -19.24
N GLU A 177 -38.36 22.38 -18.68
CA GLU A 177 -38.08 21.00 -19.10
C GLU A 177 -39.00 19.98 -18.40
N LEU A 178 -40.27 19.97 -18.81
CA LEU A 178 -41.21 18.94 -18.39
C LEU A 178 -40.80 17.55 -18.89
N SER A 179 -41.35 16.53 -18.21
CA SER A 179 -41.26 15.14 -18.68
C SER A 179 -42.11 14.87 -19.91
N THR A 180 -41.54 14.15 -20.87
CA THR A 180 -42.26 13.80 -22.11
C THR A 180 -43.45 12.88 -21.88
N LEU A 181 -43.30 11.89 -21.00
CA LEU A 181 -44.39 10.92 -20.82
C LEU A 181 -45.65 11.57 -20.27
N SER A 182 -45.51 12.57 -19.41
CA SER A 182 -46.65 13.37 -19.00
C SER A 182 -47.31 14.10 -20.16
N LEU A 183 -46.52 14.56 -21.12
CA LEU A 183 -47.11 15.21 -22.30
C LEU A 183 -47.81 14.23 -23.24
N SER A 184 -47.30 13.01 -23.36
CA SER A 184 -48.02 11.99 -24.12
C SER A 184 -49.30 11.55 -23.44
N ASN A 185 -49.30 11.47 -22.12
CA ASN A 185 -50.54 11.22 -21.39
C ASN A 185 -51.52 12.36 -21.56
N GLU A 186 -51.08 13.60 -21.38
CA GLU A 186 -51.97 14.74 -21.56
C GLU A 186 -52.63 14.75 -22.94
N LEU A 187 -51.87 14.38 -23.98
CA LEU A 187 -52.40 14.40 -25.33
C LEU A 187 -53.41 13.29 -25.59
N LEU A 188 -53.09 12.07 -25.19
CA LEU A 188 -54.06 10.98 -25.32
C LEU A 188 -55.28 11.20 -24.45
N LEU A 189 -55.10 11.67 -23.23
CA LEU A 189 -56.23 11.90 -22.34
C LEU A 189 -57.17 12.94 -22.93
N GLU A 190 -56.65 14.10 -23.34
CA GLU A 190 -57.57 15.10 -23.86
C GLU A 190 -58.24 14.63 -25.14
N SER A 191 -57.56 13.81 -25.95
CA SER A 191 -58.25 13.26 -27.12
C SER A 191 -59.39 12.32 -26.74
N ILE A 192 -59.21 11.49 -25.71
CA ILE A 192 -60.28 10.60 -25.28
C ILE A 192 -61.45 11.36 -24.69
N LYS A 193 -61.19 12.29 -23.77
CA LYS A 193 -62.27 13.10 -23.21
C LYS A 193 -62.97 13.93 -24.28
N THR A 194 -62.26 14.32 -25.34
CA THR A 194 -62.91 15.06 -26.41
C THR A 194 -63.79 14.14 -27.25
N GLU A 195 -63.32 12.92 -27.50
CA GLU A 195 -64.09 11.97 -28.29
C GLU A 195 -65.23 11.36 -27.50
N SER A 196 -64.98 10.91 -26.29
CA SER A 196 -66.01 10.21 -25.56
C SER A 196 -67.01 11.20 -24.97
N LYS A 197 -68.12 10.66 -24.46
CA LYS A 197 -69.03 11.42 -23.63
C LYS A 197 -68.44 11.76 -22.27
N LEU A 198 -67.36 11.10 -21.90
CA LEU A 198 -66.75 11.31 -20.60
C LEU A 198 -66.37 12.77 -20.41
N GLU A 199 -66.42 13.24 -19.17
CA GLU A 199 -66.45 14.66 -18.84
C GLU A 199 -65.37 15.02 -17.84
N ASN A 200 -65.01 14.08 -16.98
CA ASN A 200 -64.02 14.33 -15.94
C ASN A 200 -63.10 13.12 -15.82
N TYR A 201 -61.94 13.36 -15.23
CA TYR A 201 -60.88 12.35 -15.23
C TYR A 201 -61.30 11.07 -14.53
N THR A 202 -61.89 11.18 -13.33
CA THR A 202 -62.25 9.96 -12.61
C THR A 202 -63.32 9.15 -13.33
N LYS A 203 -64.25 9.81 -14.01
CA LYS A 203 -65.20 9.10 -14.86
C LYS A 203 -64.50 8.38 -16.01
N VAL A 204 -63.45 8.98 -16.55
CA VAL A 204 -62.67 8.31 -17.58
C VAL A 204 -61.99 7.06 -17.04
N MET A 205 -61.40 7.16 -15.85
CA MET A 205 -60.75 5.97 -15.29
C MET A 205 -61.74 4.91 -14.84
N GLU A 206 -62.95 5.30 -14.46
CA GLU A 206 -64.01 4.29 -14.27
C GLU A 206 -64.38 3.58 -15.57
N MET A 207 -64.58 4.32 -16.65
CA MET A 207 -64.81 3.69 -17.95
C MET A 207 -63.67 2.76 -18.34
N LEU A 208 -62.43 3.24 -18.23
CA LEU A 208 -61.26 2.46 -18.61
C LEU A 208 -61.08 1.23 -17.75
N SER A 209 -61.52 1.27 -16.50
CA SER A 209 -61.40 0.14 -15.58
C SER A 209 -62.21 -1.06 -16.03
N THR A 210 -63.18 -0.88 -16.92
CA THR A 210 -64.04 -1.96 -17.40
C THR A 210 -64.01 -2.13 -18.92
N PHE A 211 -63.10 -1.47 -19.63
CA PHE A 211 -63.03 -1.58 -21.09
C PHE A 211 -62.32 -2.87 -21.48
N ARG A 212 -63.02 -3.95 -21.20
CA ARG A 212 -62.58 -5.31 -21.47
C ARG A 212 -62.26 -5.62 -22.95
N PRO A 213 -62.95 -5.07 -23.95
CA PRO A 213 -62.60 -5.35 -25.36
C PRO A 213 -61.25 -4.90 -25.90
N SER A 214 -60.41 -4.23 -25.14
CA SER A 214 -59.13 -3.79 -25.67
C SER A 214 -57.94 -4.54 -25.08
N GLY A 215 -56.86 -4.57 -25.85
CA GLY A 215 -55.82 -5.57 -25.75
C GLY A 215 -54.86 -5.43 -24.59
N ALA A 216 -54.86 -4.30 -23.89
CA ALA A 216 -54.07 -4.18 -22.68
C ALA A 216 -54.79 -3.45 -21.56
N THR A 217 -56.03 -3.04 -21.76
CA THR A 217 -56.99 -2.87 -20.70
C THR A 217 -57.57 -4.24 -20.38
N PRO A 218 -58.45 -4.37 -19.36
CA PRO A 218 -58.83 -3.41 -18.32
C PRO A 218 -57.70 -3.01 -17.40
N TYR A 219 -57.68 -1.72 -17.08
CA TYR A 219 -56.63 -1.10 -16.29
C TYR A 219 -57.29 -0.39 -15.11
N HIS A 220 -57.20 -1.00 -13.94
CA HIS A 220 -57.84 -0.46 -12.75
C HIS A 220 -56.80 0.37 -12.01
N ASP A 221 -56.94 1.70 -12.07
CA ASP A 221 -55.83 2.55 -11.63
C ASP A 221 -55.70 2.61 -10.11
N ALA A 222 -56.81 2.69 -9.39
CA ALA A 222 -56.72 2.72 -7.94
C ALA A 222 -56.10 1.46 -7.39
N TYR A 223 -56.43 0.31 -7.98
CA TYR A 223 -55.83 -0.93 -7.54
C TYR A 223 -54.32 -0.91 -7.77
N GLU A 224 -53.87 -0.40 -8.91
CA GLU A 224 -52.44 -0.33 -9.17
C GLU A 224 -51.74 0.58 -8.19
N ASN A 225 -52.36 1.71 -7.86
CA ASN A 225 -51.78 2.60 -6.86
C ASN A 225 -51.66 1.90 -5.51
N VAL A 226 -52.70 1.19 -5.09
CA VAL A 226 -52.66 0.50 -3.81
C VAL A 226 -51.58 -0.57 -3.80
N ARG A 227 -51.49 -1.34 -4.87
CA ARG A 227 -50.50 -2.40 -4.93
C ARG A 227 -49.09 -1.84 -4.88
N GLU A 228 -48.82 -0.79 -5.64
CA GLU A 228 -47.47 -0.23 -5.62
C GLU A 228 -47.11 0.36 -4.26
N VAL A 229 -48.06 1.04 -3.61
CA VAL A 229 -47.75 1.60 -2.30
C VAL A 229 -47.43 0.49 -1.31
N ILE A 230 -48.20 -0.60 -1.33
CA ILE A 230 -47.92 -1.70 -0.42
C ILE A 230 -46.55 -2.30 -0.72
N GLN A 231 -46.23 -2.53 -1.99
CA GLN A 231 -44.93 -3.11 -2.29
C GLN A 231 -43.76 -2.18 -2.05
N LEU A 232 -44.00 -0.88 -1.88
CA LEU A 232 -42.96 0.00 -1.32
C LEU A 232 -42.87 -0.08 0.20
N GLN A 233 -43.99 0.05 0.89
CA GLN A 233 -44.01 0.19 2.35
C GLN A 233 -43.78 -1.11 3.10
N ASP A 234 -44.28 -2.23 2.61
CA ASP A 234 -44.06 -3.53 3.27
C ASP A 234 -43.88 -4.62 2.23
N PRO A 235 -42.71 -4.70 1.63
CA PRO A 235 -42.41 -5.77 0.65
C PRO A 235 -42.72 -7.16 1.15
N GLY A 236 -43.60 -7.88 0.45
CA GLY A 236 -43.94 -9.22 0.80
C GLY A 236 -44.99 -9.37 1.89
N LEU A 237 -45.50 -8.27 2.43
CA LEU A 237 -46.50 -8.31 3.49
C LEU A 237 -45.99 -9.08 4.70
N GLU A 238 -44.70 -8.91 4.97
CA GLU A 238 -44.09 -9.46 6.18
C GLU A 238 -44.78 -8.96 7.44
N GLN A 239 -45.11 -7.67 7.48
CA GLN A 239 -45.77 -7.14 8.67
C GLN A 239 -47.23 -7.55 8.75
N LEU A 240 -47.92 -7.63 7.61
CA LEU A 240 -49.29 -8.13 7.61
C LEU A 240 -49.35 -9.55 8.16
N ASN A 241 -48.50 -10.44 7.64
CA ASN A 241 -48.52 -11.83 8.08
C ASN A 241 -47.95 -11.99 9.50
N ALA A 242 -47.07 -11.09 9.93
CA ALA A 242 -46.64 -11.12 11.33
C ALA A 242 -47.74 -10.74 12.31
N SER A 243 -48.79 -10.04 11.87
CA SER A 243 -49.90 -9.66 12.74
C SER A 243 -51.12 -10.52 12.46
N PRO A 244 -51.25 -11.68 13.12
CA PRO A 244 -52.27 -12.65 12.69
C PRO A 244 -53.72 -12.21 12.83
N ALA A 245 -54.02 -11.29 13.75
CA ALA A 245 -55.41 -10.81 13.85
C ALA A 245 -55.84 -10.03 12.62
N ILE A 246 -54.98 -9.13 12.13
CA ILE A 246 -55.33 -8.39 10.91
C ILE A 246 -55.38 -9.33 9.71
N ALA A 247 -54.46 -10.28 9.64
CA ALA A 247 -54.50 -11.27 8.57
C ALA A 247 -55.83 -12.00 8.55
N GLY A 248 -56.34 -12.38 9.73
CA GLY A 248 -57.59 -13.10 9.78
C GLY A 248 -58.81 -12.31 9.34
N LEU A 249 -58.72 -10.97 9.32
CA LEU A 249 -59.84 -10.19 8.82
C LEU A 249 -60.01 -10.34 7.31
N MET A 250 -58.91 -10.54 6.60
CA MET A 250 -58.97 -10.65 5.16
C MET A 250 -59.32 -12.08 4.76
N HIS A 251 -59.80 -12.23 3.53
CA HIS A 251 -59.62 -13.50 2.86
C HIS A 251 -58.20 -13.57 2.34
N GLN A 252 -57.52 -14.68 2.63
CA GLN A 252 -56.11 -14.77 2.27
C GLN A 252 -55.90 -14.66 0.77
N ALA A 253 -56.79 -15.25 -0.02
CA ALA A 253 -56.72 -15.04 -1.47
C ALA A 253 -56.84 -13.57 -1.86
N SER A 254 -57.49 -12.75 -1.02
CA SER A 254 -57.56 -11.31 -1.27
C SER A 254 -56.33 -10.53 -0.82
N LEU A 255 -55.48 -11.10 0.02
CA LEU A 255 -54.14 -10.54 0.20
C LEU A 255 -53.19 -11.01 -0.87
N LEU A 256 -53.15 -12.32 -1.11
CA LEU A 256 -52.22 -12.87 -2.08
C LEU A 256 -52.48 -12.31 -3.48
N GLY A 257 -53.75 -12.07 -3.83
CA GLY A 257 -54.06 -11.47 -5.12
C GLY A 257 -53.44 -10.11 -5.34
N ILE A 258 -53.18 -9.35 -4.27
CA ILE A 258 -52.44 -8.11 -4.47
C ILE A 258 -51.02 -8.39 -4.94
N ASN A 259 -50.40 -9.50 -4.52
CA ASN A 259 -49.08 -9.81 -5.05
C ASN A 259 -49.15 -10.15 -6.52
N ALA A 260 -50.09 -11.00 -6.90
CA ALA A 260 -50.16 -11.51 -8.27
C ALA A 260 -50.66 -10.47 -9.26
N SER A 261 -50.94 -9.24 -8.85
CA SER A 261 -51.31 -8.18 -9.77
C SER A 261 -52.60 -8.48 -10.53
N ILE A 262 -53.44 -9.39 -10.04
CA ILE A 262 -54.73 -9.63 -10.66
C ILE A 262 -55.69 -8.54 -10.21
N SER A 263 -56.06 -7.65 -11.12
CA SER A 263 -57.08 -6.67 -10.86
C SER A 263 -58.45 -7.35 -10.77
N PRO A 264 -59.43 -6.69 -10.17
CA PRO A 264 -60.74 -7.35 -10.01
C PRO A 264 -61.47 -7.67 -11.30
N GLU A 265 -61.40 -6.81 -12.31
CA GLU A 265 -61.97 -7.16 -13.60
C GLU A 265 -61.16 -8.21 -14.34
N LEU A 266 -59.85 -8.18 -14.24
CA LEU A 266 -59.08 -9.27 -14.82
C LEU A 266 -59.40 -10.60 -14.14
N PHE A 267 -59.75 -10.56 -12.87
CA PHE A 267 -60.30 -11.75 -12.22
C PHE A 267 -61.65 -12.14 -12.80
N ASN A 268 -62.50 -11.17 -13.14
CA ASN A 268 -63.78 -11.55 -13.74
C ASN A 268 -63.58 -12.18 -15.12
N ILE A 269 -62.61 -11.71 -15.89
CA ILE A 269 -62.29 -12.33 -17.17
C ILE A 269 -61.78 -13.75 -16.97
N LEU A 270 -60.78 -13.92 -16.10
CA LEU A 270 -60.15 -15.24 -15.92
C LEU A 270 -61.08 -16.25 -15.28
N THR A 271 -62.06 -15.80 -14.51
CA THR A 271 -62.95 -16.71 -13.81
C THR A 271 -63.94 -17.41 -14.74
N GLU A 272 -64.63 -16.66 -15.58
CA GLU A 272 -65.89 -17.18 -16.11
C GLU A 272 -65.67 -18.34 -17.07
N GLU A 273 -66.72 -19.17 -17.17
CA GLU A 273 -66.67 -20.48 -17.82
C GLU A 273 -67.03 -20.39 -19.28
N ILE A 274 -66.08 -20.75 -20.15
CA ILE A 274 -66.27 -20.69 -21.60
C ILE A 274 -66.92 -21.98 -22.09
N THR A 275 -67.96 -21.85 -22.89
CA THR A 275 -68.64 -23.03 -23.42
C THR A 275 -69.29 -22.70 -24.76
N GLU A 276 -69.44 -23.73 -25.58
CA GLU A 276 -70.23 -23.67 -26.81
C GLU A 276 -71.70 -23.46 -26.52
N GLY A 277 -72.25 -22.33 -26.94
CA GLY A 277 -73.50 -21.81 -26.42
C GLY A 277 -73.38 -20.49 -25.71
N ASN A 278 -72.17 -20.06 -25.36
CA ASN A 278 -71.92 -18.68 -24.98
C ASN A 278 -70.68 -18.08 -25.61
N ALA A 279 -69.78 -18.87 -26.20
CA ALA A 279 -68.66 -18.32 -26.94
C ALA A 279 -69.12 -17.35 -28.02
N GLU A 280 -70.28 -17.62 -28.63
CA GLU A 280 -70.84 -16.76 -29.65
C GLU A 280 -71.25 -15.39 -29.12
N GLU A 281 -71.24 -15.19 -27.79
CA GLU A 281 -71.59 -13.89 -27.23
C GLU A 281 -70.49 -13.43 -26.29
N LEU A 282 -69.79 -14.37 -25.65
CA LEU A 282 -68.63 -13.94 -24.88
C LEU A 282 -67.53 -13.41 -25.80
N TYR A 283 -67.52 -13.82 -27.06
CA TYR A 283 -66.69 -13.14 -28.03
C TYR A 283 -67.13 -11.71 -28.26
N LYS A 284 -68.44 -11.47 -28.28
CA LYS A 284 -68.93 -10.10 -28.35
C LYS A 284 -68.49 -9.28 -27.14
N LYS A 285 -68.51 -9.88 -25.95
CA LYS A 285 -68.04 -9.18 -24.76
C LYS A 285 -66.53 -8.92 -24.80
N ASN A 286 -65.72 -9.90 -25.20
CA ASN A 286 -64.29 -9.80 -24.99
C ASN A 286 -63.52 -9.26 -26.17
N PHE A 287 -64.10 -9.22 -27.36
CA PHE A 287 -63.40 -8.68 -28.51
C PHE A 287 -64.25 -7.74 -29.36
N GLY A 288 -65.57 -7.76 -29.26
CA GLY A 288 -66.34 -6.76 -29.95
C GLY A 288 -66.42 -6.94 -31.46
N ASN A 289 -65.66 -6.14 -32.20
CA ASN A 289 -65.88 -6.00 -33.63
C ASN A 289 -64.78 -6.59 -34.52
N ILE A 290 -63.66 -7.02 -33.96
CA ILE A 290 -62.60 -7.60 -34.78
C ILE A 290 -62.98 -9.00 -35.22
N GLU A 291 -62.96 -9.23 -36.54
CA GLU A 291 -63.34 -10.52 -37.07
C GLU A 291 -62.37 -11.59 -36.58
N PRO A 292 -62.86 -12.76 -36.17
CA PRO A 292 -61.95 -13.82 -35.71
C PRO A 292 -61.04 -14.35 -36.79
N ALA A 293 -61.41 -14.15 -38.06
CA ALA A 293 -60.52 -14.48 -39.17
C ALA A 293 -59.31 -13.57 -39.25
N SER A 294 -59.47 -12.27 -39.02
CA SER A 294 -58.29 -11.41 -38.95
C SER A 294 -57.43 -11.74 -37.73
N LEU A 295 -58.05 -11.86 -36.56
CA LEU A 295 -57.30 -12.12 -35.34
C LEU A 295 -56.64 -13.49 -35.32
N ALA A 296 -57.05 -14.41 -36.20
CA ALA A 296 -56.35 -15.69 -36.34
C ALA A 296 -54.90 -15.55 -36.81
N MET A 297 -54.60 -14.58 -37.66
CA MET A 297 -53.21 -14.43 -38.10
C MET A 297 -52.28 -14.13 -36.93
N PRO A 298 -51.15 -14.84 -36.81
CA PRO A 298 -50.23 -14.59 -35.69
C PRO A 298 -49.68 -13.19 -35.67
N GLU A 299 -49.43 -12.58 -36.83
CA GLU A 299 -48.89 -11.22 -36.85
C GLU A 299 -49.88 -10.24 -36.28
N TYR A 300 -51.15 -10.33 -36.70
CA TYR A 300 -52.17 -9.45 -36.18
C TYR A 300 -52.30 -9.61 -34.67
N LEU A 301 -52.30 -10.85 -34.21
CA LEU A 301 -52.47 -11.10 -32.78
C LEU A 301 -51.28 -10.61 -31.98
N LYS A 302 -50.06 -10.78 -32.52
CA LYS A 302 -48.88 -10.27 -31.84
C LYS A 302 -48.92 -8.76 -31.73
N ARG A 303 -49.34 -8.07 -32.79
CA ARG A 303 -49.52 -6.63 -32.72
C ARG A 303 -50.61 -6.24 -31.74
N TYR A 304 -51.69 -7.03 -31.68
CA TYR A 304 -52.83 -6.72 -30.82
C TYR A 304 -52.48 -6.81 -29.35
N TYR A 305 -51.80 -7.87 -28.93
CA TYR A 305 -51.39 -7.96 -27.54
C TYR A 305 -50.04 -7.31 -27.26
N ASN A 306 -49.38 -6.76 -28.27
CA ASN A 306 -48.06 -6.15 -28.11
C ASN A 306 -47.06 -7.16 -27.52
N LEU A 307 -47.18 -8.41 -27.96
CA LEU A 307 -46.29 -9.46 -27.49
C LEU A 307 -44.94 -9.41 -28.19
N SER A 308 -43.96 -10.09 -27.58
CA SER A 308 -42.69 -10.34 -28.22
C SER A 308 -42.77 -11.61 -29.07
N ASP A 309 -41.81 -11.74 -29.99
CA ASP A 309 -41.77 -12.90 -30.88
C ASP A 309 -41.56 -14.20 -30.11
N GLU A 310 -40.57 -14.27 -29.22
CA GLU A 310 -40.41 -15.50 -28.46
C GLU A 310 -41.56 -15.74 -27.49
N GLU A 311 -42.20 -14.69 -27.02
CA GLU A 311 -43.40 -14.91 -26.20
C GLU A 311 -44.53 -15.53 -27.01
N LEU A 312 -44.79 -15.02 -28.22
CA LEU A 312 -45.80 -15.67 -29.05
C LEU A 312 -45.42 -17.09 -29.44
N SER A 313 -44.14 -17.33 -29.71
CA SER A 313 -43.74 -18.65 -30.18
C SER A 313 -44.08 -19.74 -29.18
N GLN A 314 -43.92 -19.45 -27.88
CA GLN A 314 -44.25 -20.41 -26.84
C GLN A 314 -45.72 -20.46 -26.46
N PHE A 315 -46.54 -19.55 -26.95
CA PHE A 315 -47.98 -19.79 -26.91
C PHE A 315 -48.40 -20.69 -28.06
N ILE A 316 -48.13 -20.28 -29.29
CA ILE A 316 -48.78 -20.97 -30.40
C ILE A 316 -48.06 -22.26 -30.79
N GLY A 317 -46.80 -22.46 -30.39
CA GLY A 317 -46.16 -23.73 -30.63
C GLY A 317 -46.81 -24.90 -29.92
N LYS A 318 -47.59 -24.64 -28.88
CA LYS A 318 -48.33 -25.67 -28.16
C LYS A 318 -49.83 -25.65 -28.44
N ALA A 319 -50.27 -24.90 -29.45
CA ALA A 319 -51.64 -24.38 -29.47
C ALA A 319 -52.68 -25.47 -29.31
N SER A 320 -52.39 -26.68 -29.79
CA SER A 320 -53.30 -27.82 -29.64
C SER A 320 -53.85 -27.97 -28.22
N ASN A 321 -53.09 -27.55 -27.22
CA ASN A 321 -53.56 -27.63 -25.84
C ASN A 321 -54.74 -26.72 -25.56
N PHE A 322 -54.90 -25.64 -26.33
CA PHE A 322 -56.11 -24.82 -26.22
C PHE A 322 -57.37 -25.46 -26.77
N GLY A 323 -57.30 -26.62 -27.41
CA GLY A 323 -58.50 -27.33 -27.79
C GLY A 323 -59.13 -28.04 -26.61
N GLN A 324 -60.13 -28.87 -26.91
CA GLN A 324 -60.46 -29.98 -26.04
C GLN A 324 -59.35 -31.01 -26.01
N GLN A 325 -59.01 -31.48 -24.82
CA GLN A 325 -57.92 -32.44 -24.68
C GLN A 325 -58.34 -33.88 -24.90
N GLU A 326 -59.63 -34.20 -24.78
CA GLU A 326 -60.12 -35.54 -25.03
C GLU A 326 -61.48 -35.47 -25.72
N TYR A 327 -61.78 -36.54 -26.47
CA TYR A 327 -63.09 -36.67 -27.08
C TYR A 327 -64.22 -36.51 -26.08
N SER A 328 -65.24 -35.78 -26.50
CA SER A 328 -66.50 -35.66 -25.76
C SER A 328 -67.63 -35.76 -26.77
N ASN A 329 -68.64 -36.58 -26.45
CA ASN A 329 -69.76 -36.82 -27.35
C ASN A 329 -69.30 -37.26 -28.74
N ASN A 330 -68.21 -38.03 -28.77
CA ASN A 330 -67.52 -38.38 -30.02
C ASN A 330 -66.97 -37.20 -30.81
N GLN A 331 -67.06 -35.98 -30.29
CA GLN A 331 -66.46 -34.84 -30.96
C GLN A 331 -65.12 -34.48 -30.34
N LEU A 332 -64.17 -34.08 -31.19
CA LEU A 332 -62.99 -33.34 -30.79
C LEU A 332 -62.91 -32.04 -31.59
N ILE A 333 -62.82 -30.92 -30.88
CA ILE A 333 -62.67 -29.61 -31.50
C ILE A 333 -61.27 -29.12 -31.19
N THR A 334 -60.48 -28.85 -32.23
CA THR A 334 -59.08 -28.56 -31.97
C THR A 334 -58.50 -27.52 -32.92
N PRO A 335 -57.63 -26.65 -32.42
CA PRO A 335 -56.77 -25.88 -33.30
C PRO A 335 -55.73 -26.74 -33.96
N VAL A 336 -55.38 -26.37 -35.19
CA VAL A 336 -54.31 -27.04 -35.93
C VAL A 336 -53.46 -25.96 -36.58
N VAL A 337 -52.15 -26.16 -36.55
CA VAL A 337 -51.23 -25.17 -37.09
C VAL A 337 -51.35 -25.09 -38.61
N ASN A 338 -51.08 -26.19 -39.30
CA ASN A 338 -51.13 -26.23 -40.77
C ASN A 338 -50.47 -24.98 -41.33
N SER A 339 -49.32 -24.62 -40.78
CA SER A 339 -48.88 -23.24 -40.72
C SER A 339 -47.92 -22.87 -41.83
N SER A 340 -48.22 -23.23 -43.09
CA SER A 340 -47.41 -22.68 -44.18
C SER A 340 -47.44 -21.15 -44.16
N ASP A 341 -48.44 -20.56 -43.51
CA ASP A 341 -48.56 -19.12 -43.34
C ASP A 341 -48.81 -18.75 -41.89
N GLY A 342 -48.63 -19.69 -40.96
CA GLY A 342 -48.81 -19.48 -39.55
C GLY A 342 -50.23 -19.52 -39.04
N THR A 343 -51.22 -19.58 -39.91
CA THR A 343 -52.57 -19.27 -39.46
C THR A 343 -53.14 -20.45 -38.71
N VAL A 344 -54.06 -20.19 -37.78
CA VAL A 344 -54.68 -21.24 -36.99
C VAL A 344 -56.08 -21.52 -37.51
N LYS A 345 -56.39 -22.80 -37.68
CA LYS A 345 -57.70 -23.26 -38.16
C LYS A 345 -58.25 -24.28 -37.18
N VAL A 346 -59.52 -24.13 -36.82
CA VAL A 346 -60.15 -25.04 -35.86
C VAL A 346 -60.94 -26.07 -36.64
N TYR A 347 -60.68 -27.34 -36.34
CA TYR A 347 -61.36 -28.47 -36.96
C TYR A 347 -62.26 -29.15 -35.94
N ARG A 348 -63.50 -29.42 -36.32
CA ARG A 348 -64.30 -30.39 -35.60
C ARG A 348 -64.13 -31.75 -36.26
N ILE A 349 -63.67 -32.71 -35.47
CA ILE A 349 -63.63 -34.11 -35.85
C ILE A 349 -64.80 -34.81 -35.15
N THR A 350 -65.65 -35.46 -35.94
CA THR A 350 -66.78 -36.20 -35.39
C THR A 350 -66.56 -37.68 -35.67
N ARG A 351 -66.50 -38.47 -34.61
CA ARG A 351 -66.36 -39.92 -34.73
C ARG A 351 -67.72 -40.56 -34.92
N GLU A 352 -67.73 -41.67 -35.65
CA GLU A 352 -68.94 -42.45 -35.86
C GLU A 352 -68.53 -43.91 -35.95
N TYR A 353 -68.91 -44.71 -34.95
CA TYR A 353 -68.57 -46.12 -34.95
C TYR A 353 -69.37 -46.84 -36.02
N THR A 354 -68.67 -47.54 -36.90
CA THR A 354 -69.25 -48.15 -38.08
C THR A 354 -69.21 -49.67 -38.08
N THR A 355 -68.24 -50.28 -37.41
CA THR A 355 -68.13 -51.74 -37.41
C THR A 355 -67.45 -52.22 -36.15
N ASN A 356 -68.11 -53.16 -35.45
CA ASN A 356 -67.52 -53.90 -34.33
C ASN A 356 -67.00 -52.97 -33.23
N ALA A 357 -67.80 -51.95 -32.88
CA ALA A 357 -67.40 -51.00 -31.86
C ALA A 357 -67.15 -51.66 -30.51
N TYR A 358 -67.68 -52.86 -30.30
CA TYR A 358 -67.37 -53.69 -29.14
C TYR A 358 -65.92 -54.17 -29.11
N GLN A 359 -65.20 -54.08 -30.22
CA GLN A 359 -63.80 -54.48 -30.20
C GLN A 359 -62.92 -53.48 -29.46
N MET A 360 -63.20 -52.19 -29.58
CA MET A 360 -62.16 -51.22 -29.28
C MET A 360 -62.77 -49.84 -29.05
N ASP A 361 -61.94 -48.95 -28.49
CA ASP A 361 -62.09 -47.52 -28.62
C ASP A 361 -60.98 -47.00 -29.53
N VAL A 362 -61.29 -45.98 -30.33
CA VAL A 362 -60.32 -45.38 -31.24
C VAL A 362 -60.47 -43.86 -31.19
N GLU A 363 -59.34 -43.16 -31.21
CA GLU A 363 -59.33 -41.71 -31.08
C GLU A 363 -58.26 -41.11 -31.99
N LEU A 364 -58.55 -39.92 -32.52
CA LEU A 364 -57.72 -39.28 -33.52
C LEU A 364 -57.43 -37.85 -33.09
N PHE A 365 -56.17 -37.43 -33.21
CA PHE A 365 -55.72 -36.14 -32.67
C PHE A 365 -54.74 -35.54 -33.65
N PRO A 366 -55.15 -34.54 -34.42
CA PRO A 366 -54.24 -33.90 -35.36
C PRO A 366 -53.16 -33.09 -34.67
N PHE A 367 -52.06 -32.89 -35.40
CA PHE A 367 -51.00 -31.99 -34.99
C PHE A 367 -50.39 -31.19 -36.13
N GLY A 368 -50.67 -31.53 -37.39
CA GLY A 368 -50.18 -30.77 -38.53
C GLY A 368 -51.06 -30.99 -39.73
N GLY A 369 -50.70 -30.31 -40.82
CA GLY A 369 -51.38 -30.49 -42.10
C GLY A 369 -51.27 -31.88 -42.69
N GLU A 370 -52.41 -32.59 -42.74
CA GLU A 370 -52.48 -33.99 -43.17
C GLU A 370 -51.67 -34.91 -42.26
N ASN A 371 -51.37 -34.44 -41.06
CA ASN A 371 -50.55 -35.18 -40.11
C ASN A 371 -51.33 -35.35 -38.82
N TYR A 372 -51.40 -36.59 -38.33
CA TYR A 372 -52.33 -36.92 -37.27
C TYR A 372 -51.66 -37.93 -36.35
N ARG A 373 -52.09 -37.93 -35.10
CA ARG A 373 -51.89 -39.07 -34.22
C ARG A 373 -53.22 -39.79 -34.12
N LEU A 374 -53.20 -41.10 -34.32
CA LEU A 374 -54.35 -41.95 -34.09
C LEU A 374 -54.10 -42.83 -32.88
N ASP A 375 -55.04 -42.81 -31.94
CA ASP A 375 -54.96 -43.62 -30.74
C ASP A 375 -56.16 -44.56 -30.72
N TYR A 376 -55.92 -45.78 -30.25
CA TYR A 376 -56.97 -46.77 -30.21
C TYR A 376 -56.68 -47.74 -29.07
N LYS A 377 -57.75 -48.31 -28.52
CA LYS A 377 -57.68 -49.07 -27.28
C LYS A 377 -58.72 -50.18 -27.38
N PHE A 378 -58.25 -51.42 -27.28
CA PHE A 378 -59.09 -52.58 -27.50
C PHE A 378 -59.87 -53.01 -26.28
N LYS A 379 -61.04 -53.59 -26.53
CA LYS A 379 -61.96 -54.07 -25.50
C LYS A 379 -61.92 -55.59 -25.37
N ASN A 380 -61.69 -56.29 -26.48
CA ASN A 380 -61.66 -57.73 -26.56
C ASN A 380 -60.31 -58.17 -27.14
N PHE A 381 -59.92 -59.39 -26.81
CA PHE A 381 -58.64 -59.93 -27.27
C PHE A 381 -58.82 -60.87 -28.44
N TYR A 382 -58.05 -60.65 -29.49
CA TYR A 382 -57.90 -61.58 -30.60
C TYR A 382 -56.42 -61.70 -30.89
N ASN A 383 -55.94 -62.94 -30.97
CA ASN A 383 -54.51 -63.21 -31.15
C ASN A 383 -54.14 -62.94 -32.61
N ALA A 384 -54.00 -61.65 -32.92
CA ALA A 384 -53.57 -61.24 -34.25
C ALA A 384 -52.18 -61.77 -34.57
N SER A 385 -52.01 -62.27 -35.79
CA SER A 385 -50.69 -62.41 -36.38
C SER A 385 -50.07 -61.05 -36.69
N TYR A 386 -50.89 -60.07 -37.01
CA TYR A 386 -50.46 -58.69 -37.12
C TYR A 386 -51.69 -57.82 -36.98
N LEU A 387 -51.46 -56.55 -36.66
CA LEU A 387 -52.49 -55.53 -36.77
C LEU A 387 -52.25 -54.67 -38.01
N SER A 388 -53.25 -54.64 -38.89
CA SER A 388 -53.26 -53.84 -40.12
C SER A 388 -54.28 -52.72 -40.02
N ILE A 389 -53.86 -51.49 -40.34
CA ILE A 389 -54.74 -50.34 -40.27
C ILE A 389 -54.67 -49.62 -41.61
N LYS A 390 -55.84 -49.25 -42.13
CA LYS A 390 -55.96 -48.73 -43.48
C LYS A 390 -56.79 -47.44 -43.42
N LEU A 391 -56.60 -46.58 -44.41
CA LEU A 391 -57.67 -45.67 -44.80
C LEU A 391 -58.84 -46.45 -45.39
N ASN A 392 -60.00 -46.32 -44.76
CA ASN A 392 -61.11 -47.26 -44.97
C ASN A 392 -60.52 -48.66 -44.87
N ASP A 393 -60.80 -49.55 -45.81
CA ASP A 393 -60.10 -50.81 -45.98
C ASP A 393 -59.12 -50.75 -47.15
N LYS A 394 -58.70 -49.54 -47.54
CA LYS A 394 -58.08 -49.33 -48.83
C LYS A 394 -56.60 -49.03 -48.64
N ARG A 395 -56.21 -47.78 -48.40
CA ARG A 395 -54.79 -47.44 -48.29
C ARG A 395 -54.30 -47.76 -46.89
N GLU A 396 -53.43 -48.76 -46.79
CA GLU A 396 -52.85 -49.18 -45.52
C GLU A 396 -51.86 -48.13 -45.01
N LEU A 397 -52.23 -47.44 -43.93
CA LEU A 397 -51.41 -46.36 -43.42
C LEU A 397 -50.34 -46.85 -42.46
N VAL A 398 -50.63 -47.92 -41.71
CA VAL A 398 -49.69 -48.51 -40.77
C VAL A 398 -50.06 -49.97 -40.62
N ARG A 399 -49.07 -50.80 -40.30
CA ARG A 399 -49.29 -52.17 -39.86
C ARG A 399 -48.40 -52.49 -38.68
N THR A 400 -48.94 -53.24 -37.72
CA THR A 400 -48.19 -53.68 -36.55
C THR A 400 -48.26 -55.21 -36.45
N GLU A 401 -47.09 -55.82 -36.31
CA GLU A 401 -46.95 -57.26 -36.12
C GLU A 401 -47.27 -57.69 -34.70
N GLY A 402 -47.79 -58.91 -34.59
CA GLY A 402 -48.20 -59.47 -33.32
C GLY A 402 -49.58 -59.06 -32.87
N ALA A 403 -49.94 -59.53 -31.67
CA ALA A 403 -51.30 -59.37 -31.17
C ALA A 403 -51.43 -58.10 -30.33
N PRO A 404 -52.26 -57.15 -30.74
CA PRO A 404 -52.64 -56.05 -29.84
C PRO A 404 -53.37 -56.58 -28.61
N GLN A 405 -52.94 -56.12 -27.45
CA GLN A 405 -53.50 -56.56 -26.18
C GLN A 405 -54.69 -55.71 -25.75
N VAL A 406 -55.51 -56.30 -24.88
CA VAL A 406 -56.65 -55.62 -24.27
C VAL A 406 -56.16 -54.52 -23.35
N ASN A 407 -56.90 -53.40 -23.33
CA ASN A 407 -56.68 -52.29 -22.42
C ASN A 407 -55.31 -51.62 -22.62
N ILE A 408 -54.72 -51.79 -23.80
CA ILE A 408 -53.56 -51.02 -24.23
C ILE A 408 -54.03 -50.00 -25.26
N GLU A 409 -53.69 -48.73 -25.04
CA GLU A 409 -53.88 -47.71 -26.06
C GLU A 409 -52.67 -47.71 -26.98
N TYR A 410 -52.82 -48.31 -28.16
CA TYR A 410 -51.84 -48.21 -29.22
C TYR A 410 -52.02 -46.91 -30.00
N SER A 411 -50.95 -46.51 -30.68
CA SER A 411 -50.93 -45.22 -31.37
C SER A 411 -50.18 -45.35 -32.69
N ALA A 412 -50.52 -44.48 -33.64
CA ALA A 412 -49.82 -44.42 -34.92
C ALA A 412 -49.88 -43.01 -35.49
N ASN A 413 -48.73 -42.49 -35.92
CA ASN A 413 -48.62 -41.19 -36.58
C ASN A 413 -48.99 -41.28 -38.06
N ILE A 414 -50.24 -41.66 -38.30
CA ILE A 414 -50.78 -41.84 -39.65
C ILE A 414 -50.83 -40.51 -40.38
N THR A 415 -51.14 -40.54 -41.68
CA THR A 415 -51.49 -39.34 -42.44
C THR A 415 -52.84 -39.52 -43.10
N LEU A 416 -53.60 -38.43 -43.18
CA LEU A 416 -54.86 -38.36 -43.91
C LEU A 416 -54.87 -37.10 -44.76
N ASN A 417 -55.02 -37.25 -46.07
CA ASN A 417 -54.82 -36.15 -47.01
C ASN A 417 -56.13 -35.45 -47.36
N THR A 418 -55.99 -34.28 -48.00
CA THR A 418 -57.13 -33.40 -48.26
C THR A 418 -58.28 -34.15 -48.93
N ALA A 419 -57.98 -34.92 -49.98
CA ALA A 419 -58.98 -35.71 -50.67
C ALA A 419 -59.53 -36.83 -49.80
N ASP A 420 -58.83 -37.15 -48.72
CA ASP A 420 -59.34 -38.07 -47.70
C ASP A 420 -60.25 -37.32 -46.72
N ILE A 421 -59.72 -36.28 -46.08
CA ILE A 421 -60.40 -35.66 -44.94
C ILE A 421 -61.56 -34.77 -45.37
N SER A 422 -61.65 -34.43 -46.65
CA SER A 422 -62.89 -33.86 -47.19
C SER A 422 -64.04 -34.86 -47.19
N GLN A 423 -63.76 -36.15 -47.20
CA GLN A 423 -64.81 -37.14 -47.07
C GLN A 423 -65.21 -37.32 -45.61
N PRO A 424 -66.41 -37.87 -45.35
CA PRO A 424 -66.61 -38.63 -44.12
C PRO A 424 -65.95 -39.99 -44.21
N PHE A 425 -64.62 -39.99 -44.28
CA PHE A 425 -63.89 -41.23 -44.47
C PHE A 425 -64.04 -42.16 -43.29
N GLU A 426 -64.00 -43.46 -43.57
CA GLU A 426 -63.82 -44.48 -42.55
C GLU A 426 -62.33 -44.62 -42.27
N ILE A 427 -61.99 -45.02 -41.06
CA ILE A 427 -60.73 -45.69 -40.78
C ILE A 427 -61.00 -47.12 -40.36
N GLY A 428 -60.51 -48.06 -41.15
CA GLY A 428 -60.65 -49.48 -40.88
C GLY A 428 -59.41 -50.07 -40.27
N LEU A 429 -59.50 -50.47 -39.00
CA LEU A 429 -58.47 -51.23 -38.33
C LEU A 429 -58.79 -52.72 -38.42
N THR A 430 -57.74 -53.55 -38.38
CA THR A 430 -57.92 -54.99 -38.58
C THR A 430 -56.81 -55.76 -37.87
N ARG A 431 -57.15 -56.33 -36.72
CA ARG A 431 -56.38 -57.44 -36.16
C ARG A 431 -56.56 -58.65 -37.05
N VAL A 432 -55.55 -58.99 -37.86
CA VAL A 432 -55.58 -60.21 -38.64
C VAL A 432 -54.89 -61.33 -37.87
N LEU A 433 -55.65 -62.39 -37.57
CA LEU A 433 -55.12 -63.55 -36.87
C LEU A 433 -54.28 -64.40 -37.80
N PRO A 434 -53.40 -65.27 -37.25
CA PRO A 434 -52.63 -66.20 -38.09
C PRO A 434 -53.47 -67.07 -39.02
N SER A 435 -54.74 -67.28 -38.67
CA SER A 435 -55.65 -67.99 -39.55
C SER A 435 -56.09 -67.17 -40.76
N GLY A 436 -55.79 -65.87 -40.77
CA GLY A 436 -56.41 -64.96 -41.71
C GLY A 436 -57.81 -64.53 -41.35
N SER A 437 -58.38 -65.09 -40.27
CA SER A 437 -59.54 -64.46 -39.66
C SER A 437 -59.15 -63.09 -39.13
N TRP A 438 -60.17 -62.28 -38.84
CA TRP A 438 -59.87 -60.96 -38.29
C TRP A 438 -60.95 -60.52 -37.33
N ALA A 439 -60.52 -59.73 -36.34
CA ALA A 439 -61.38 -58.74 -35.67
C ALA A 439 -61.15 -57.42 -36.38
N TYR A 440 -61.81 -57.28 -37.53
CA TYR A 440 -61.98 -55.96 -38.13
C TYR A 440 -62.93 -55.12 -37.29
N ALA A 441 -62.58 -53.85 -37.16
CA ALA A 441 -63.48 -52.84 -36.62
C ALA A 441 -63.12 -51.51 -37.26
N ALA A 442 -64.09 -50.60 -37.33
CA ALA A 442 -63.85 -49.34 -38.01
C ALA A 442 -64.78 -48.26 -37.45
N ALA A 443 -64.36 -47.03 -37.63
CA ALA A 443 -65.20 -45.86 -37.42
C ALA A 443 -64.95 -44.86 -38.54
N LYS A 444 -66.00 -44.16 -38.95
CA LYS A 444 -65.85 -42.97 -39.77
C LYS A 444 -65.40 -41.78 -38.94
N PHE A 445 -64.68 -40.87 -39.59
CA PHE A 445 -64.23 -39.62 -38.97
C PHE A 445 -64.49 -38.48 -39.94
N THR A 446 -65.56 -37.73 -39.68
CA THR A 446 -65.84 -36.49 -40.40
C THR A 446 -64.91 -35.38 -39.93
N VAL A 447 -64.28 -34.68 -40.86
CA VAL A 447 -63.46 -33.52 -40.55
C VAL A 447 -64.15 -32.28 -41.10
N GLU A 448 -64.43 -31.33 -40.20
CA GLU A 448 -65.09 -30.07 -40.54
C GLU A 448 -64.22 -28.91 -40.08
N GLU A 449 -64.13 -27.87 -40.90
CA GLU A 449 -63.62 -26.59 -40.43
C GLU A 449 -64.68 -25.83 -39.64
N TYR A 450 -64.26 -25.22 -38.54
CA TYR A 450 -65.19 -24.78 -37.50
C TYR A 450 -64.73 -23.43 -36.95
N ASN A 451 -65.65 -22.74 -36.29
CA ASN A 451 -65.41 -21.37 -35.88
C ASN A 451 -64.40 -21.26 -34.74
N GLN A 452 -63.56 -20.23 -34.79
CA GLN A 452 -62.40 -20.07 -33.92
C GLN A 452 -62.73 -19.45 -32.55
N TYR A 453 -64.00 -19.18 -32.25
CA TYR A 453 -64.36 -18.48 -31.02
C TYR A 453 -63.79 -19.13 -29.77
N SER A 454 -64.11 -20.41 -29.55
CA SER A 454 -63.65 -21.10 -28.35
C SER A 454 -62.15 -21.23 -28.28
N PHE A 455 -61.46 -21.16 -29.41
CA PHE A 455 -60.00 -21.13 -29.38
C PHE A 455 -59.49 -19.78 -28.90
N LEU A 456 -59.98 -18.70 -29.52
CA LEU A 456 -59.48 -17.37 -29.17
C LEU A 456 -59.80 -16.96 -27.74
N LEU A 457 -60.95 -17.37 -27.21
CA LEU A 457 -61.22 -17.06 -25.80
C LEU A 457 -60.26 -17.73 -24.84
N LYS A 458 -59.86 -18.96 -25.13
CA LYS A 458 -58.88 -19.63 -24.28
C LYS A 458 -57.49 -19.03 -24.45
N LEU A 459 -57.11 -18.70 -25.68
CA LEU A 459 -55.84 -18.02 -25.87
C LEU A 459 -55.81 -16.66 -25.16
N ASN A 460 -56.94 -15.96 -25.15
CA ASN A 460 -57.04 -14.69 -24.44
C ASN A 460 -56.83 -14.86 -22.94
N LYS A 461 -57.53 -15.82 -22.34
CA LYS A 461 -57.28 -16.16 -20.95
C LYS A 461 -55.81 -16.47 -20.67
N ALA A 462 -55.17 -17.25 -21.55
CA ALA A 462 -53.79 -17.62 -21.31
C ALA A 462 -52.84 -16.44 -21.39
N ILE A 463 -53.00 -15.59 -22.41
CA ILE A 463 -52.09 -14.46 -22.57
C ILE A 463 -52.24 -13.51 -21.39
N ARG A 464 -53.48 -13.15 -21.04
CA ARG A 464 -53.65 -12.18 -19.98
C ARG A 464 -53.18 -12.71 -18.64
N LEU A 465 -53.42 -13.99 -18.36
CA LEU A 465 -52.91 -14.57 -17.11
C LEU A 465 -51.39 -14.59 -17.07
N SER A 466 -50.75 -15.06 -18.15
CA SER A 466 -49.29 -15.08 -18.17
C SER A 466 -48.70 -13.68 -18.01
N ARG A 467 -49.29 -12.68 -18.65
CA ARG A 467 -48.76 -11.33 -18.55
C ARG A 467 -48.98 -10.73 -17.18
N ALA A 468 -50.12 -11.00 -16.54
CA ALA A 468 -50.38 -10.40 -15.23
C ALA A 468 -49.50 -10.99 -14.14
N THR A 469 -49.28 -12.30 -14.13
CA THR A 469 -48.48 -12.92 -13.08
C THR A 469 -47.01 -13.01 -13.43
N GLU A 470 -46.61 -12.44 -14.58
CA GLU A 470 -45.26 -12.52 -15.12
C GLU A 470 -44.61 -13.89 -14.94
N LEU A 471 -45.37 -14.94 -15.22
CA LEU A 471 -44.90 -16.32 -15.17
C LEU A 471 -44.86 -16.85 -16.59
N SER A 472 -43.89 -17.71 -16.87
CA SER A 472 -43.78 -18.27 -18.20
C SER A 472 -44.99 -19.14 -18.51
N PRO A 473 -45.43 -19.17 -19.77
CA PRO A 473 -46.57 -20.03 -20.12
C PRO A 473 -46.35 -21.49 -19.83
N THR A 474 -45.12 -21.98 -19.90
CA THR A 474 -44.88 -23.37 -19.56
C THR A 474 -45.21 -23.65 -18.10
N ILE A 475 -44.85 -22.74 -17.20
CA ILE A 475 -45.16 -22.94 -15.78
C ILE A 475 -46.66 -22.98 -15.56
N LEU A 476 -47.38 -22.05 -16.17
CA LEU A 476 -48.83 -22.03 -16.02
C LEU A 476 -49.48 -23.26 -16.61
N GLU A 477 -48.97 -23.76 -17.73
CA GLU A 477 -49.50 -25.00 -18.27
C GLU A 477 -49.22 -26.16 -17.33
N GLY A 478 -48.07 -26.14 -16.66
CA GLY A 478 -47.79 -27.16 -15.66
C GLY A 478 -48.59 -27.02 -14.39
N ILE A 479 -49.21 -25.86 -14.17
CA ILE A 479 -50.06 -25.70 -13.01
C ILE A 479 -51.50 -26.11 -13.32
N VAL A 480 -51.98 -25.74 -14.51
CA VAL A 480 -53.37 -26.01 -14.84
C VAL A 480 -53.67 -27.50 -14.96
N ARG A 481 -52.69 -28.29 -15.40
CA ARG A 481 -52.92 -29.73 -15.52
C ARG A 481 -53.06 -30.43 -14.18
N SER A 482 -52.61 -29.82 -13.09
CA SER A 482 -52.74 -30.46 -11.79
C SER A 482 -54.11 -30.26 -11.16
N VAL A 483 -54.97 -29.44 -11.75
CA VAL A 483 -56.36 -29.35 -11.34
C VAL A 483 -57.26 -30.16 -12.25
N ASN A 484 -57.19 -29.91 -13.55
CA ASN A 484 -58.13 -30.48 -14.50
C ASN A 484 -57.36 -31.17 -15.62
N LEU A 485 -57.85 -32.33 -16.03
CA LEU A 485 -57.38 -32.95 -17.25
C LEU A 485 -57.87 -32.21 -18.49
N GLN A 486 -58.86 -31.35 -18.35
CA GLN A 486 -59.15 -30.35 -19.38
C GLN A 486 -58.45 -29.04 -19.05
N LEU A 487 -57.80 -28.45 -20.05
CA LEU A 487 -57.08 -27.20 -19.85
C LEU A 487 -58.08 -26.08 -19.67
N ASP A 488 -58.50 -25.80 -18.44
CA ASP A 488 -59.62 -24.88 -18.19
C ASP A 488 -59.30 -23.98 -17.00
N ILE A 489 -58.76 -22.80 -17.29
CA ILE A 489 -58.51 -21.81 -16.25
C ILE A 489 -59.83 -21.38 -15.61
N ASN A 490 -59.89 -21.46 -14.29
CA ASN A 490 -61.11 -21.19 -13.54
C ASN A 490 -60.74 -20.87 -12.10
N THR A 491 -61.75 -20.70 -11.26
CA THR A 491 -61.53 -20.34 -9.86
C THR A 491 -60.57 -21.27 -9.14
N ASP A 492 -60.67 -22.57 -9.40
CA ASP A 492 -59.85 -23.53 -8.66
C ASP A 492 -58.38 -23.38 -9.02
N VAL A 493 -58.05 -23.37 -10.31
CA VAL A 493 -56.66 -23.27 -10.72
C VAL A 493 -56.14 -21.88 -10.39
N LEU A 494 -56.98 -20.88 -10.50
CA LEU A 494 -56.60 -19.51 -10.22
C LEU A 494 -56.41 -19.27 -8.73
N GLY A 495 -56.88 -20.18 -7.90
CA GLY A 495 -56.69 -20.02 -6.48
C GLY A 495 -55.26 -20.30 -6.07
N LYS A 496 -54.61 -21.29 -6.68
CA LYS A 496 -53.27 -21.66 -6.23
C LYS A 496 -52.15 -21.02 -7.04
N VAL A 497 -52.43 -20.27 -8.10
CA VAL A 497 -51.33 -19.52 -8.70
C VAL A 497 -50.88 -18.43 -7.72
N PHE A 498 -51.80 -17.87 -6.95
CA PHE A 498 -51.38 -16.91 -5.93
C PHE A 498 -50.53 -17.59 -4.86
N LEU A 499 -50.92 -18.81 -4.47
CA LEU A 499 -50.15 -19.54 -3.49
C LEU A 499 -48.75 -19.86 -3.99
N THR A 500 -48.64 -20.29 -5.25
CA THR A 500 -47.31 -20.61 -5.75
C THR A 500 -46.46 -19.36 -5.93
N LYS A 501 -47.06 -18.22 -6.28
CA LYS A 501 -46.29 -16.96 -6.32
C LYS A 501 -45.80 -16.55 -4.94
N TYR A 502 -46.62 -16.77 -3.92
CA TYR A 502 -46.20 -16.52 -2.55
C TYR A 502 -45.06 -17.44 -2.13
N TYR A 503 -45.22 -18.75 -2.30
CA TYR A 503 -44.17 -19.68 -1.89
C TYR A 503 -42.88 -19.48 -2.67
N MET A 504 -42.94 -19.30 -3.98
CA MET A 504 -41.73 -19.01 -4.74
C MET A 504 -41.06 -17.72 -4.30
N GLN A 505 -41.80 -16.74 -3.79
CA GLN A 505 -41.10 -15.57 -3.26
C GLN A 505 -40.53 -15.82 -1.87
N ARG A 506 -41.37 -16.30 -0.95
CA ARG A 506 -41.00 -16.47 0.46
C ARG A 506 -39.84 -17.45 0.62
N TYR A 507 -39.91 -18.60 -0.04
CA TYR A 507 -38.95 -19.67 0.17
C TYR A 507 -37.90 -19.75 -0.92
N ALA A 508 -38.09 -19.01 -2.01
CA ALA A 508 -37.18 -18.99 -3.16
C ALA A 508 -36.91 -20.39 -3.70
N ILE A 509 -38.00 -21.13 -3.97
CA ILE A 509 -37.91 -22.49 -4.44
C ILE A 509 -38.38 -22.50 -5.89
N HIS A 510 -38.16 -23.62 -6.57
CA HIS A 510 -38.55 -23.70 -7.96
C HIS A 510 -40.07 -23.88 -8.06
N ALA A 511 -40.60 -23.75 -9.28
CA ALA A 511 -42.04 -23.82 -9.49
C ALA A 511 -42.62 -25.18 -9.13
N GLU A 512 -41.94 -26.25 -9.53
CA GLU A 512 -42.45 -27.60 -9.28
C GLU A 512 -42.51 -27.91 -7.79
N THR A 513 -41.50 -27.47 -7.03
CA THR A 513 -41.51 -27.69 -5.60
C THR A 513 -42.68 -26.96 -4.96
N ALA A 514 -42.93 -25.72 -5.38
CA ALA A 514 -44.06 -24.96 -4.85
C ALA A 514 -45.37 -25.65 -5.17
N LEU A 515 -45.49 -26.22 -6.37
CA LEU A 515 -46.71 -26.97 -6.67
C LEU A 515 -46.86 -28.17 -5.74
N ILE A 516 -45.76 -28.86 -5.43
CA ILE A 516 -45.84 -29.93 -4.46
C ILE A 516 -46.34 -29.42 -3.11
N LEU A 517 -45.85 -28.26 -2.67
CA LEU A 517 -46.35 -27.67 -1.44
C LEU A 517 -47.84 -27.33 -1.49
N CYS A 518 -48.39 -27.15 -2.69
CA CYS A 518 -49.81 -26.85 -2.87
C CYS A 518 -50.68 -28.08 -3.01
N ASN A 519 -50.22 -29.24 -2.52
CA ASN A 519 -50.96 -30.49 -2.62
C ASN A 519 -51.29 -30.86 -4.07
N ALA A 520 -50.24 -30.93 -4.88
CA ALA A 520 -50.37 -31.32 -6.27
C ALA A 520 -49.48 -32.52 -6.57
N PRO A 521 -49.99 -33.51 -7.30
CA PRO A 521 -49.18 -34.70 -7.58
C PRO A 521 -47.99 -34.38 -8.46
N ILE A 522 -46.94 -35.19 -8.31
CA ILE A 522 -45.76 -35.05 -9.15
C ILE A 522 -46.10 -35.31 -10.61
N SER A 523 -45.58 -34.46 -11.49
CA SER A 523 -45.91 -34.52 -12.92
C SER A 523 -44.97 -35.45 -13.65
N GLN A 524 -45.52 -36.48 -14.28
CA GLN A 524 -44.71 -37.38 -15.11
C GLN A 524 -44.32 -36.74 -16.43
N ARG A 525 -45.13 -35.84 -16.97
CA ARG A 525 -44.86 -35.27 -18.29
C ARG A 525 -43.62 -34.42 -18.30
N SER A 526 -42.85 -34.50 -19.38
CA SER A 526 -41.66 -33.68 -19.58
C SER A 526 -41.99 -32.43 -20.39
N TYR A 527 -42.06 -31.29 -19.71
CA TYR A 527 -42.20 -30.01 -20.40
C TYR A 527 -40.86 -29.55 -20.97
N ASP A 528 -40.96 -28.63 -21.93
CA ASP A 528 -39.88 -27.68 -22.22
C ASP A 528 -38.60 -28.33 -22.71
N ASN A 529 -38.66 -29.58 -23.22
CA ASN A 529 -37.45 -30.34 -23.54
C ASN A 529 -36.56 -30.55 -22.33
N GLN A 530 -37.18 -30.69 -21.16
CA GLN A 530 -36.47 -30.87 -19.91
C GLN A 530 -36.92 -32.18 -19.29
N PRO A 531 -36.06 -32.86 -18.53
CA PRO A 531 -36.49 -34.09 -17.86
C PRO A 531 -37.62 -33.78 -16.90
N SER A 532 -38.52 -34.74 -16.75
CA SER A 532 -39.66 -34.51 -15.89
C SER A 532 -39.23 -34.47 -14.43
N GLN A 533 -40.15 -34.00 -13.59
CA GLN A 533 -39.88 -33.98 -12.16
C GLN A 533 -39.66 -35.38 -11.63
N PHE A 534 -40.52 -36.31 -12.03
CA PHE A 534 -40.38 -37.69 -11.62
C PHE A 534 -39.07 -38.28 -12.12
N ASP A 535 -38.73 -38.04 -13.38
CA ASP A 535 -37.49 -38.58 -13.94
C ASP A 535 -36.27 -38.02 -13.23
N ARG A 536 -36.23 -36.71 -13.02
CA ARG A 536 -35.11 -36.11 -12.30
C ARG A 536 -35.06 -36.55 -10.85
N LEU A 537 -36.20 -36.90 -10.28
CA LEU A 537 -36.25 -37.26 -8.88
C LEU A 537 -35.77 -38.69 -8.65
N PHE A 538 -36.22 -39.65 -9.46
CA PHE A 538 -35.97 -41.05 -9.16
C PHE A 538 -35.25 -41.82 -10.26
N ASN A 539 -35.03 -41.24 -11.42
CA ASN A 539 -34.40 -41.97 -12.52
C ASN A 539 -33.02 -41.47 -12.93
N THR A 540 -32.76 -40.18 -12.87
CA THR A 540 -31.38 -39.84 -13.19
C THR A 540 -30.58 -39.52 -11.95
N PRO A 541 -29.44 -40.20 -11.75
CA PRO A 541 -28.89 -41.25 -12.61
C PRO A 541 -29.47 -42.62 -12.30
N LEU A 542 -29.59 -43.46 -13.33
CA LEU A 542 -30.13 -44.80 -13.18
C LEU A 542 -29.27 -45.63 -12.25
N LEU A 543 -29.91 -46.32 -11.32
CA LEU A 543 -29.24 -47.09 -10.29
C LEU A 543 -29.20 -48.55 -10.73
N ASN A 544 -28.00 -49.02 -11.07
CA ASN A 544 -27.74 -50.39 -11.47
C ASN A 544 -28.60 -50.81 -12.65
N GLY A 545 -28.81 -49.88 -13.58
CA GLY A 545 -29.57 -50.17 -14.79
C GLY A 545 -30.99 -50.60 -14.54
N GLN A 546 -31.63 -50.06 -13.51
CA GLN A 546 -33.02 -50.37 -13.20
C GLN A 546 -33.83 -49.10 -13.29
N TYR A 547 -34.91 -49.13 -14.06
CA TYR A 547 -35.74 -47.97 -14.30
C TYR A 547 -36.92 -48.00 -13.34
N PHE A 548 -37.11 -46.91 -12.60
CA PHE A 548 -38.15 -46.79 -11.59
C PHE A 548 -39.39 -46.14 -12.16
N SER A 549 -40.53 -46.74 -11.88
CA SER A 549 -41.80 -46.21 -12.35
C SER A 549 -42.89 -46.67 -11.41
N THR A 550 -44.03 -45.99 -11.48
CA THR A 550 -45.18 -46.38 -10.68
C THR A 550 -45.68 -47.75 -11.09
N GLY A 551 -45.98 -48.58 -10.09
CA GLY A 551 -46.42 -49.93 -10.34
C GLY A 551 -47.33 -50.38 -9.22
N ASP A 552 -47.97 -51.52 -9.44
CA ASP A 552 -48.88 -52.09 -8.45
C ASP A 552 -48.16 -52.87 -7.36
N GLU A 553 -46.85 -53.04 -7.47
CA GLU A 553 -46.10 -53.74 -6.45
C GLU A 553 -46.05 -52.91 -5.18
N GLU A 554 -45.74 -53.58 -4.07
CA GLU A 554 -45.77 -53.00 -2.74
C GLU A 554 -44.35 -52.84 -2.20
N ILE A 555 -44.03 -51.65 -1.70
CA ILE A 555 -42.70 -51.30 -1.23
C ILE A 555 -42.74 -51.16 0.29
N ASP A 556 -41.77 -51.77 0.96
CA ASP A 556 -41.68 -51.73 2.41
C ASP A 556 -40.83 -50.58 2.89
N LEU A 557 -41.33 -49.84 3.88
CA LEU A 557 -40.58 -48.76 4.49
C LEU A 557 -40.03 -49.12 5.86
N ASN A 558 -40.11 -50.39 6.25
CA ASN A 558 -39.54 -50.79 7.53
C ASN A 558 -38.03 -50.69 7.45
N SER A 559 -37.41 -50.04 8.44
CA SER A 559 -35.98 -49.82 8.37
C SER A 559 -35.20 -51.13 8.44
N GLY A 560 -35.63 -52.04 9.29
CA GLY A 560 -34.94 -53.32 9.43
C GLY A 560 -35.28 -54.37 8.40
N SER A 561 -36.18 -54.07 7.46
CA SER A 561 -36.56 -55.08 6.47
C SER A 561 -35.51 -55.33 5.41
N THR A 562 -34.58 -54.38 5.20
CA THR A 562 -33.57 -54.48 4.15
C THR A 562 -34.23 -54.70 2.78
N GLY A 563 -34.98 -53.68 2.38
CA GLY A 563 -35.80 -53.73 1.19
C GLY A 563 -35.01 -53.82 -0.10
N ASP A 564 -35.75 -53.94 -1.20
CA ASP A 564 -35.18 -54.12 -2.52
C ASP A 564 -34.68 -52.78 -3.05
N TRP A 565 -34.39 -52.74 -4.36
CA TRP A 565 -33.84 -51.55 -4.97
C TRP A 565 -34.79 -50.36 -4.91
N ARG A 566 -36.10 -50.60 -4.81
CA ARG A 566 -37.04 -49.49 -4.76
C ARG A 566 -36.85 -48.66 -3.50
N LYS A 567 -36.60 -49.32 -2.38
CA LYS A 567 -36.32 -48.60 -1.14
C LYS A 567 -35.06 -47.78 -1.29
N THR A 568 -34.06 -48.32 -1.97
CA THR A 568 -32.84 -47.55 -2.24
C THR A 568 -33.14 -46.33 -3.10
N ILE A 569 -34.01 -46.47 -4.10
CA ILE A 569 -34.38 -45.32 -4.92
C ILE A 569 -35.02 -44.24 -4.07
N LEU A 570 -35.95 -44.62 -3.18
CA LEU A 570 -36.56 -43.62 -2.32
C LEU A 570 -35.53 -42.95 -1.42
N LYS A 571 -34.64 -43.73 -0.83
CA LYS A 571 -33.63 -43.16 0.06
C LYS A 571 -32.71 -42.21 -0.69
N ARG A 572 -32.28 -42.58 -1.89
CA ARG A 572 -31.42 -41.71 -2.68
C ARG A 572 -32.12 -40.44 -3.10
N ALA A 573 -33.39 -40.54 -3.50
CA ALA A 573 -34.13 -39.36 -3.92
C ALA A 573 -34.33 -38.37 -2.77
N PHE A 574 -34.64 -38.88 -1.58
CA PHE A 574 -34.89 -38.00 -0.44
C PHE A 574 -33.65 -37.66 0.37
N ASN A 575 -32.50 -38.26 0.08
CA ASN A 575 -31.25 -37.99 0.82
C ASN A 575 -31.41 -38.23 2.32
N ILE A 576 -32.09 -39.31 2.68
CA ILE A 576 -32.33 -39.66 4.07
C ILE A 576 -32.01 -41.12 4.28
N ASP A 577 -31.77 -41.47 5.53
CA ASP A 577 -31.48 -42.85 5.91
C ASP A 577 -32.78 -43.61 6.17
N ASP A 578 -32.66 -44.90 6.51
CA ASP A 578 -33.86 -45.73 6.64
C ASP A 578 -34.71 -45.32 7.82
N VAL A 579 -34.08 -45.01 8.95
CA VAL A 579 -34.82 -44.70 10.17
C VAL A 579 -35.61 -43.41 9.99
N SER A 580 -34.97 -42.37 9.45
CA SER A 580 -35.69 -41.14 9.19
C SER A 580 -36.76 -41.34 8.12
N LEU A 581 -36.54 -42.27 7.19
CA LEU A 581 -37.58 -42.59 6.21
C LEU A 581 -38.81 -43.15 6.88
N PHE A 582 -38.64 -44.06 7.83
CA PHE A 582 -39.78 -44.59 8.55
C PHE A 582 -40.45 -43.50 9.38
N ARG A 583 -39.64 -42.62 9.97
CA ARG A 583 -40.20 -41.51 10.73
C ARG A 583 -41.03 -40.59 9.84
N LEU A 584 -40.55 -40.31 8.63
CA LEU A 584 -41.32 -39.48 7.70
C LEU A 584 -42.61 -40.15 7.31
N LEU A 585 -42.58 -41.47 7.10
CA LEU A 585 -43.82 -42.19 6.80
C LEU A 585 -44.81 -42.06 7.95
N LYS A 586 -44.33 -42.22 9.18
CA LYS A 586 -45.21 -42.09 10.32
C LYS A 586 -45.75 -40.67 10.49
N ILE A 587 -44.94 -39.64 10.17
CA ILE A 587 -45.43 -38.26 10.26
C ILE A 587 -46.55 -38.03 9.25
N THR A 588 -46.33 -38.47 8.01
CA THR A 588 -47.26 -38.13 6.93
C THR A 588 -48.61 -38.80 7.12
N ASP A 589 -48.63 -40.10 7.40
CA ASP A 589 -49.88 -40.84 7.51
C ASP A 589 -49.93 -41.53 8.86
N HIS A 590 -51.05 -41.36 9.57
CA HIS A 590 -51.27 -42.07 10.82
C HIS A 590 -52.09 -43.34 10.66
N ASP A 591 -52.61 -43.61 9.47
CA ASP A 591 -53.39 -44.82 9.25
C ASP A 591 -52.55 -45.97 8.70
N ASN A 592 -51.27 -45.74 8.42
CA ASN A 592 -50.40 -46.80 7.92
C ASN A 592 -49.85 -47.56 9.13
N LYS A 593 -50.55 -48.63 9.50
CA LYS A 593 -50.13 -49.41 10.66
C LYS A 593 -48.77 -50.05 10.42
N ASP A 594 -48.54 -50.57 9.23
CA ASP A 594 -47.26 -51.17 8.87
C ASP A 594 -46.51 -50.25 7.91
N GLY A 595 -45.21 -50.49 7.79
CA GLY A 595 -44.37 -49.68 6.92
C GLY A 595 -44.63 -49.84 5.43
N LYS A 596 -45.20 -50.95 5.02
CA LYS A 596 -45.47 -51.15 3.59
C LYS A 596 -46.50 -50.18 3.09
N ILE A 597 -46.24 -49.58 1.92
CA ILE A 597 -47.14 -48.64 1.27
C ILE A 597 -47.27 -48.98 -0.20
N LYS A 598 -48.36 -48.52 -0.79
CA LYS A 598 -48.60 -48.71 -2.21
C LYS A 598 -47.64 -47.83 -3.01
N ASN A 599 -47.15 -48.37 -4.13
CA ASN A 599 -46.19 -47.66 -4.95
C ASN A 599 -46.83 -46.70 -5.95
N ASN A 600 -48.08 -46.27 -5.72
CA ASN A 600 -48.68 -45.33 -6.65
C ASN A 600 -48.07 -43.95 -6.46
N LEU A 601 -48.41 -43.04 -7.38
CA LEU A 601 -47.80 -41.72 -7.37
C LEU A 601 -48.24 -40.87 -6.18
N LYS A 602 -49.46 -41.09 -5.68
CA LYS A 602 -49.99 -40.24 -4.62
C LYS A 602 -49.19 -40.38 -3.32
N ASN A 603 -48.83 -41.61 -2.96
CA ASN A 603 -48.04 -41.80 -1.74
C ASN A 603 -46.67 -41.16 -1.87
N LEU A 604 -46.07 -41.24 -3.06
CA LEU A 604 -44.79 -40.57 -3.27
C LEU A 604 -44.96 -39.07 -3.11
N SER A 605 -46.06 -38.51 -3.61
CA SER A 605 -46.29 -37.09 -3.44
C SER A 605 -46.44 -36.71 -1.96
N ASN A 606 -47.13 -37.55 -1.19
CA ASN A 606 -47.25 -37.26 0.25
C ASN A 606 -45.89 -37.28 0.94
N LEU A 607 -45.06 -38.27 0.60
CA LEU A 607 -43.73 -38.32 1.20
C LEU A 607 -42.90 -37.11 0.82
N TYR A 608 -42.99 -36.68 -0.44
CA TYR A 608 -42.26 -35.48 -0.84
C TYR A 608 -42.77 -34.23 -0.12
N ILE A 609 -44.08 -34.12 0.11
CA ILE A 609 -44.61 -33.00 0.88
C ILE A 609 -44.00 -32.98 2.27
N GLY A 610 -43.99 -34.15 2.92
CA GLY A 610 -43.44 -34.22 4.26
C GLY A 610 -41.96 -33.84 4.29
N LYS A 611 -41.20 -34.30 3.31
CA LYS A 611 -39.79 -33.95 3.25
C LYS A 611 -39.58 -32.45 3.04
N LEU A 612 -40.36 -31.84 2.15
CA LEU A 612 -40.19 -30.41 1.89
C LEU A 612 -40.60 -29.54 3.05
N LEU A 613 -41.54 -29.99 3.89
CA LEU A 613 -41.86 -29.19 5.07
C LEU A 613 -40.64 -28.94 5.92
N ALA A 614 -39.82 -29.97 6.13
CA ALA A 614 -38.58 -29.77 6.87
C ALA A 614 -37.49 -29.10 6.03
N ASP A 615 -37.40 -29.40 4.74
CA ASP A 615 -36.32 -28.81 3.95
C ASP A 615 -36.42 -27.29 3.86
N ILE A 616 -37.62 -26.75 3.65
CA ILE A 616 -37.70 -25.31 3.44
C ILE A 616 -37.33 -24.53 4.70
N HIS A 617 -37.54 -25.11 5.88
CA HIS A 617 -37.26 -24.44 7.13
C HIS A 617 -35.89 -24.81 7.70
N GLN A 618 -35.05 -25.50 6.93
CA GLN A 618 -33.70 -25.86 7.35
C GLN A 618 -33.70 -26.70 8.62
N LEU A 619 -34.63 -27.63 8.73
CA LEU A 619 -34.69 -28.59 9.82
C LEU A 619 -34.73 -29.98 9.21
N THR A 620 -34.25 -30.98 9.95
CA THR A 620 -34.35 -32.33 9.45
C THR A 620 -35.61 -32.99 10.00
N ILE A 621 -35.75 -34.30 9.78
CA ILE A 621 -36.99 -34.98 10.11
C ILE A 621 -37.21 -35.00 11.62
N ASP A 622 -36.15 -35.13 12.40
CA ASP A 622 -36.30 -35.23 13.84
C ASP A 622 -36.90 -33.96 14.43
N GLU A 623 -36.32 -32.81 14.11
CA GLU A 623 -36.91 -31.57 14.60
C GLU A 623 -38.27 -31.33 13.99
N LEU A 624 -38.52 -31.82 12.78
CA LEU A 624 -39.86 -31.70 12.20
C LEU A 624 -40.88 -32.43 13.03
N ASP A 625 -40.58 -33.67 13.42
CA ASP A 625 -41.51 -34.41 14.26
C ASP A 625 -41.72 -33.72 15.60
N LEU A 626 -40.62 -33.32 16.26
CA LEU A 626 -40.77 -32.67 17.56
C LEU A 626 -41.53 -31.36 17.45
N LEU A 627 -41.35 -30.64 16.34
CA LEU A 627 -42.08 -29.41 16.11
C LEU A 627 -43.57 -29.66 15.91
N LEU A 628 -43.92 -30.65 15.10
CA LEU A 628 -45.33 -30.95 14.90
C LEU A 628 -46.01 -31.40 16.18
N ILE A 629 -45.31 -32.17 17.01
CA ILE A 629 -45.85 -32.51 18.33
C ILE A 629 -45.97 -31.28 19.22
N ALA A 630 -44.93 -30.45 19.26
CA ALA A 630 -44.95 -29.23 20.07
C ALA A 630 -46.03 -28.25 19.66
N VAL A 631 -46.42 -28.24 18.38
CA VAL A 631 -47.49 -27.35 17.96
C VAL A 631 -48.83 -27.87 18.45
N GLY A 632 -49.03 -29.17 18.38
CA GLY A 632 -50.30 -29.78 18.68
C GLY A 632 -51.09 -30.18 17.46
N GLU A 633 -50.68 -29.73 16.28
CA GLU A 633 -51.32 -30.15 15.05
C GLU A 633 -50.70 -31.41 14.47
N GLY A 634 -49.70 -31.98 15.15
CA GLY A 634 -49.05 -33.18 14.68
C GLY A 634 -49.96 -34.40 14.66
N LYS A 635 -51.04 -34.38 15.45
CA LYS A 635 -51.99 -35.48 15.42
C LYS A 635 -52.66 -35.60 14.06
N THR A 636 -52.99 -34.47 13.43
CA THR A 636 -53.58 -34.48 12.10
C THR A 636 -52.61 -35.03 11.06
N ASN A 637 -53.13 -35.83 10.14
CA ASN A 637 -52.34 -36.45 9.09
C ASN A 637 -52.28 -35.59 7.84
N LEU A 638 -51.10 -35.51 7.23
CA LEU A 638 -50.93 -34.75 6.01
C LEU A 638 -51.54 -35.44 4.81
N SER A 639 -51.62 -36.77 4.83
CA SER A 639 -52.16 -37.49 3.68
C SER A 639 -53.62 -37.14 3.41
N ALA A 640 -54.43 -37.05 4.46
CA ALA A 640 -55.85 -36.70 4.32
C ALA A 640 -56.04 -35.36 5.01
N ILE A 641 -55.82 -34.28 4.26
CA ILE A 641 -55.94 -32.95 4.81
C ILE A 641 -56.44 -32.01 3.73
N SER A 642 -57.14 -30.97 4.15
CA SER A 642 -57.66 -29.97 3.23
C SER A 642 -56.54 -29.00 2.82
N ASP A 643 -56.74 -28.36 1.67
CA ASP A 643 -55.74 -27.43 1.17
C ASP A 643 -55.59 -26.24 2.12
N LYS A 644 -56.69 -25.71 2.61
CA LYS A 644 -56.63 -24.60 3.55
C LYS A 644 -55.98 -25.02 4.85
N GLN A 645 -56.25 -26.24 5.31
CA GLN A 645 -55.59 -26.72 6.52
C GLN A 645 -54.09 -26.85 6.31
N LEU A 646 -53.66 -27.31 5.14
CA LEU A 646 -52.23 -27.38 4.88
C LEU A 646 -51.60 -26.01 4.85
N ALA A 647 -52.28 -25.03 4.25
CA ALA A 647 -51.74 -23.68 4.24
C ALA A 647 -51.63 -23.12 5.66
N THR A 648 -52.63 -23.39 6.49
CA THR A 648 -52.59 -22.96 7.88
C THR A 648 -51.43 -23.62 8.62
N LEU A 649 -51.20 -24.90 8.35
CA LEU A 649 -50.08 -25.61 8.96
C LEU A 649 -48.75 -25.01 8.54
N ILE A 650 -48.62 -24.65 7.26
CA ILE A 650 -47.39 -24.02 6.80
C ILE A 650 -47.16 -22.71 7.55
N ARG A 651 -48.21 -21.90 7.67
CA ARG A 651 -48.05 -20.63 8.37
C ARG A 651 -47.66 -20.83 9.83
N LYS A 652 -48.30 -21.79 10.52
CA LYS A 652 -47.93 -22.04 11.91
C LYS A 652 -46.48 -22.47 12.04
N LEU A 653 -46.03 -23.37 11.18
CA LEU A 653 -44.63 -23.82 11.26
C LEU A 653 -43.68 -22.67 11.02
N ASN A 654 -43.97 -21.83 10.03
CA ASN A 654 -43.11 -20.70 9.75
C ASN A 654 -43.08 -19.72 10.90
N THR A 655 -44.23 -19.42 11.50
CA THR A 655 -44.27 -18.50 12.63
C THR A 655 -43.49 -19.01 13.82
N ILE A 656 -43.65 -20.29 14.14
CA ILE A 656 -42.94 -20.81 15.31
C ILE A 656 -41.45 -20.86 15.06
N THR A 657 -41.03 -21.22 13.84
CA THR A 657 -39.61 -21.20 13.54
C THR A 657 -39.02 -19.80 13.63
N SER A 658 -39.74 -18.79 13.13
CA SER A 658 -39.25 -17.43 13.24
C SER A 658 -39.13 -17.01 14.71
N TRP A 659 -40.11 -17.37 15.52
CA TRP A 659 -40.05 -17.05 16.93
C TRP A 659 -38.87 -17.71 17.61
N LEU A 660 -38.62 -18.98 17.30
CA LEU A 660 -37.48 -19.67 17.90
C LEU A 660 -36.17 -19.02 17.49
N HIS A 661 -36.06 -18.61 16.23
CA HIS A 661 -34.85 -17.93 15.80
C HIS A 661 -34.66 -16.60 16.53
N THR A 662 -35.75 -15.86 16.76
CA THR A 662 -35.62 -14.62 17.52
C THR A 662 -35.22 -14.88 18.97
N GLN A 663 -35.65 -16.00 19.54
CA GLN A 663 -35.41 -16.28 20.95
C GLN A 663 -34.13 -17.05 21.22
N LYS A 664 -33.34 -17.38 20.19
CA LYS A 664 -32.11 -18.16 20.35
C LYS A 664 -32.35 -19.48 21.06
N TRP A 665 -33.43 -20.16 20.70
CA TRP A 665 -33.85 -21.40 21.34
C TRP A 665 -33.70 -22.57 20.38
N SER A 666 -33.17 -23.68 20.89
CA SER A 666 -33.14 -24.88 20.07
C SER A 666 -34.52 -25.53 20.08
N VAL A 667 -34.79 -26.36 19.08
CA VAL A 667 -36.08 -27.04 19.03
C VAL A 667 -36.24 -27.99 20.20
N PHE A 668 -35.15 -28.63 20.63
CA PHE A 668 -35.24 -29.56 21.75
C PHE A 668 -35.67 -28.86 23.04
N GLN A 669 -35.18 -27.65 23.27
CA GLN A 669 -35.62 -26.91 24.45
C GLN A 669 -37.12 -26.65 24.40
N LEU A 670 -37.64 -26.27 23.23
CA LEU A 670 -39.07 -26.07 23.13
C LEU A 670 -39.83 -27.36 23.38
N PHE A 671 -39.32 -28.48 22.87
CA PHE A 671 -40.01 -29.74 23.11
C PHE A 671 -40.01 -30.08 24.60
N ILE A 672 -38.91 -29.81 25.28
CA ILE A 672 -38.86 -30.06 26.73
C ILE A 672 -39.86 -29.19 27.46
N MET A 673 -39.97 -27.91 27.09
CA MET A 673 -40.90 -27.04 27.79
C MET A 673 -42.34 -27.43 27.49
N THR A 674 -42.61 -27.98 26.32
CA THR A 674 -43.96 -28.35 25.92
C THR A 674 -44.25 -29.83 26.08
N SER A 675 -43.30 -30.60 26.61
CA SER A 675 -43.48 -32.04 26.74
C SER A 675 -44.54 -32.38 27.77
N THR A 676 -45.24 -33.48 27.54
CA THR A 676 -46.22 -33.99 28.48
C THR A 676 -45.82 -35.32 29.10
N SER A 677 -45.21 -36.23 28.32
CA SER A 677 -44.71 -37.47 28.89
C SER A 677 -43.52 -37.19 29.79
N TYR A 678 -43.50 -37.85 30.95
CA TYR A 678 -42.49 -37.61 31.97
C TYR A 678 -41.79 -38.91 32.31
N ASN A 679 -40.48 -38.85 32.48
CA ASN A 679 -39.73 -40.05 32.83
C ASN A 679 -40.02 -40.46 34.27
N LYS A 680 -40.35 -41.73 34.45
CA LYS A 680 -40.69 -42.25 35.78
C LYS A 680 -39.48 -42.94 36.40
N THR A 681 -38.44 -42.15 36.66
CA THR A 681 -37.21 -42.66 37.24
C THR A 681 -36.79 -41.76 38.38
N LEU A 682 -36.56 -42.35 39.55
CA LEU A 682 -36.10 -41.58 40.71
C LEU A 682 -34.73 -41.02 40.43
N THR A 683 -34.51 -39.78 40.84
CA THR A 683 -33.26 -39.07 40.67
C THR A 683 -32.81 -38.53 42.02
N PRO A 684 -31.50 -38.32 42.21
CA PRO A 684 -31.04 -37.76 43.49
C PRO A 684 -31.68 -36.42 43.83
N GLU A 685 -31.92 -35.56 42.85
CA GLU A 685 -32.59 -34.30 43.15
C GLU A 685 -34.00 -34.52 43.70
N ILE A 686 -34.74 -35.44 43.08
CA ILE A 686 -36.10 -35.73 43.54
C ILE A 686 -36.07 -36.34 44.93
N LYS A 687 -35.09 -37.21 45.19
CA LYS A 687 -34.98 -37.81 46.50
C LYS A 687 -34.70 -36.76 47.56
N ASN A 688 -33.82 -35.81 47.26
CA ASN A 688 -33.55 -34.72 48.19
C ASN A 688 -34.78 -33.87 48.43
N LEU A 689 -35.54 -33.60 47.36
CA LEU A 689 -36.79 -32.86 47.51
C LEU A 689 -37.74 -33.57 48.44
N LEU A 690 -37.90 -34.87 48.27
CA LEU A 690 -38.81 -35.61 49.13
C LEU A 690 -38.34 -35.59 50.57
N ASP A 691 -37.04 -35.76 50.81
CA ASP A 691 -36.56 -35.72 52.19
C ASP A 691 -36.81 -34.37 52.83
N THR A 692 -36.50 -33.29 52.11
CA THR A 692 -36.72 -31.96 52.68
C THR A 692 -38.18 -31.69 52.97
N VAL A 693 -39.07 -32.05 52.03
CA VAL A 693 -40.49 -31.80 52.25
C VAL A 693 -41.01 -32.63 53.40
N TYR A 694 -40.62 -33.90 53.47
CA TYR A 694 -41.10 -34.74 54.56
C TYR A 694 -40.62 -34.23 55.91
N HIS A 695 -39.36 -33.80 56.00
CA HIS A 695 -38.88 -33.31 57.29
C HIS A 695 -39.56 -32.00 57.66
N GLY A 696 -39.75 -31.09 56.70
CA GLY A 696 -40.37 -29.82 57.02
C GLY A 696 -41.84 -29.91 57.39
N LEU A 697 -42.60 -30.73 56.68
CA LEU A 697 -44.04 -30.78 56.89
C LEU A 697 -44.48 -31.72 57.99
N GLN A 698 -43.55 -32.40 58.65
CA GLN A 698 -43.93 -33.30 59.71
C GLN A 698 -44.59 -32.51 60.84
N GLY A 699 -45.71 -33.03 61.34
CA GLY A 699 -46.49 -32.35 62.35
C GLY A 699 -47.42 -31.29 61.82
N PHE A 700 -47.60 -31.20 60.51
CA PHE A 700 -48.48 -30.20 59.93
C PHE A 700 -49.94 -30.47 60.31
N ASP A 701 -50.69 -29.39 60.55
CA ASP A 701 -52.10 -29.46 60.90
C ASP A 701 -52.95 -28.87 59.77
N LYS A 702 -53.96 -29.63 59.34
CA LYS A 702 -54.73 -29.25 58.16
C LYS A 702 -55.53 -27.97 58.40
N ASP A 703 -56.21 -27.87 59.54
CA ASP A 703 -57.08 -26.73 59.80
C ASP A 703 -56.31 -25.46 60.15
N LYS A 704 -55.10 -25.60 60.70
CA LYS A 704 -54.34 -24.43 61.13
C LYS A 704 -53.96 -23.53 59.95
N ALA A 705 -53.55 -24.13 58.84
CA ALA A 705 -53.13 -23.34 57.69
C ALA A 705 -53.29 -24.16 56.43
N ASP A 706 -53.31 -23.47 55.30
CA ASP A 706 -53.44 -24.15 54.02
C ASP A 706 -52.19 -24.99 53.73
N LEU A 707 -52.42 -26.19 53.24
CA LEU A 707 -51.30 -27.10 52.97
C LEU A 707 -50.38 -26.53 51.89
N LEU A 708 -50.96 -25.95 50.85
CA LEU A 708 -50.15 -25.45 49.74
C LEU A 708 -49.21 -24.33 50.18
N HIS A 709 -49.72 -23.41 50.99
CA HIS A 709 -48.90 -22.29 51.44
C HIS A 709 -47.75 -22.77 52.32
N VAL A 710 -48.01 -23.74 53.19
CA VAL A 710 -46.95 -24.27 54.04
C VAL A 710 -45.92 -25.05 53.23
N MET A 711 -46.37 -25.80 52.23
CA MET A 711 -45.46 -26.61 51.43
C MET A 711 -44.66 -25.81 50.42
N ALA A 712 -45.09 -24.62 50.06
CA ALA A 712 -44.40 -23.87 49.02
C ALA A 712 -42.93 -23.57 49.32
N PRO A 713 -42.54 -23.09 50.52
CA PRO A 713 -41.12 -22.74 50.72
C PRO A 713 -40.14 -23.88 50.53
N TYR A 714 -40.46 -25.09 50.99
CA TYR A 714 -39.54 -26.21 50.81
C TYR A 714 -39.40 -26.61 49.35
N ILE A 715 -40.51 -26.56 48.61
CA ILE A 715 -40.46 -26.83 47.18
C ILE A 715 -39.60 -25.78 46.48
N ALA A 716 -39.73 -24.52 46.89
CA ALA A 716 -38.89 -23.48 46.31
C ALA A 716 -37.42 -23.74 46.60
N ALA A 717 -37.10 -24.15 47.82
CA ALA A 717 -35.71 -24.42 48.18
C ALA A 717 -35.12 -25.57 47.39
N THR A 718 -35.87 -26.66 47.21
CA THR A 718 -35.29 -27.84 46.56
C THR A 718 -35.14 -27.73 45.05
N LEU A 719 -36.07 -27.05 44.38
CA LEU A 719 -36.13 -27.02 42.92
C LEU A 719 -35.45 -25.82 42.28
N GLN A 720 -34.62 -25.08 43.02
CA GLN A 720 -33.82 -23.98 42.49
C GLN A 720 -34.70 -22.88 41.90
N LEU A 721 -35.48 -22.26 42.78
CA LEU A 721 -36.32 -21.12 42.45
C LEU A 721 -35.82 -19.90 43.21
N SER A 722 -35.94 -18.74 42.57
CA SER A 722 -35.48 -17.51 43.20
C SER A 722 -36.44 -17.06 44.30
N SER A 723 -37.74 -17.17 44.07
CA SER A 723 -38.75 -16.65 44.97
C SER A 723 -39.68 -17.73 45.49
N GLU A 724 -40.20 -17.49 46.69
CA GLU A 724 -41.12 -18.45 47.31
C GLU A 724 -42.49 -18.37 46.65
N ASN A 725 -42.95 -17.15 46.36
CA ASN A 725 -44.26 -16.99 45.75
C ASN A 725 -44.30 -17.54 44.33
N VAL A 726 -43.16 -17.59 43.65
CA VAL A 726 -43.11 -18.29 42.37
C VAL A 726 -43.42 -19.76 42.57
N ALA A 727 -42.86 -20.36 43.62
CA ALA A 727 -43.19 -21.76 43.91
C ALA A 727 -44.65 -21.93 44.26
N HIS A 728 -45.23 -20.96 44.98
CA HIS A 728 -46.65 -21.07 45.29
C HIS A 728 -47.51 -21.04 44.02
N SER A 729 -47.19 -20.14 43.10
CA SER A 729 -47.92 -20.08 41.84
C SER A 729 -47.72 -21.37 41.03
N VAL A 730 -46.51 -21.89 41.02
CA VAL A 730 -46.24 -23.13 40.30
C VAL A 730 -47.04 -24.28 40.89
N LEU A 731 -47.14 -24.36 42.21
CA LEU A 731 -47.93 -25.42 42.81
C LEU A 731 -49.40 -25.29 42.45
N LEU A 732 -49.94 -24.06 42.45
CA LEU A 732 -51.33 -23.91 42.03
C LEU A 732 -51.53 -24.38 40.58
N TRP A 733 -50.60 -24.00 39.70
CA TRP A 733 -50.70 -24.42 38.31
C TRP A 733 -50.60 -25.93 38.17
N ALA A 734 -49.70 -26.56 38.93
CA ALA A 734 -49.57 -28.02 38.87
C ALA A 734 -50.83 -28.70 39.36
N ASP A 735 -51.43 -28.19 40.44
CA ASP A 735 -52.68 -28.77 40.93
C ASP A 735 -53.79 -28.65 39.90
N LYS A 736 -53.82 -27.55 39.15
CA LYS A 736 -54.80 -27.44 38.07
C LYS A 736 -54.49 -28.39 36.90
N LEU A 737 -53.23 -28.61 36.59
CA LEU A 737 -52.91 -29.56 35.51
C LEU A 737 -53.12 -31.01 35.91
N GLN A 738 -52.97 -31.34 37.18
CA GLN A 738 -52.94 -32.72 37.67
C GLN A 738 -52.00 -33.58 36.82
N PRO A 739 -50.69 -33.33 36.90
CA PRO A 739 -49.71 -34.07 36.10
C PRO A 739 -49.75 -35.58 36.18
N GLY A 740 -49.12 -36.21 35.20
CA GLY A 740 -48.82 -37.62 35.25
C GLY A 740 -49.97 -38.55 34.91
N ASP A 741 -49.61 -39.83 34.79
CA ASP A 741 -50.57 -40.88 34.51
C ASP A 741 -51.52 -41.12 35.67
N GLY A 742 -51.04 -40.93 36.90
CA GLY A 742 -51.90 -40.91 38.07
C GLY A 742 -52.09 -39.53 38.66
N ALA A 743 -53.24 -38.92 38.38
CA ALA A 743 -53.50 -37.52 38.65
C ALA A 743 -53.15 -37.14 40.08
N MET A 744 -52.12 -36.32 40.23
CA MET A 744 -51.46 -36.06 41.49
C MET A 744 -51.78 -34.64 41.94
N THR A 745 -51.97 -34.48 43.24
CA THR A 745 -52.31 -33.20 43.84
C THR A 745 -51.66 -33.12 45.20
N ALA A 746 -51.66 -31.92 45.76
CA ALA A 746 -50.98 -31.68 47.03
C ALA A 746 -51.48 -32.59 48.14
N GLU A 747 -52.79 -32.76 48.27
CA GLU A 747 -53.30 -33.65 49.33
C GLU A 747 -52.83 -35.09 49.15
N LYS A 748 -52.93 -35.61 47.92
CA LYS A 748 -52.49 -36.99 47.67
C LYS A 748 -51.00 -37.14 47.89
N PHE A 749 -50.22 -36.17 47.43
CA PHE A 749 -48.78 -36.19 47.61
C PHE A 749 -48.42 -36.18 49.09
N TRP A 750 -49.08 -35.32 49.86
CA TRP A 750 -48.81 -35.25 51.29
C TRP A 750 -49.17 -36.55 51.99
N ASP A 751 -50.30 -37.15 51.63
CA ASP A 751 -50.68 -38.41 52.26
C ASP A 751 -49.69 -39.52 51.93
N TRP A 752 -49.25 -39.59 50.67
CA TRP A 752 -48.26 -40.60 50.31
C TRP A 752 -46.97 -40.40 51.07
N LEU A 753 -46.51 -39.16 51.20
CA LEU A 753 -45.30 -38.88 51.95
C LEU A 753 -45.47 -39.26 53.41
N ASN A 754 -46.63 -38.98 53.98
CA ASN A 754 -46.87 -39.29 55.38
C ASN A 754 -46.87 -40.79 55.63
N THR A 755 -47.44 -41.56 54.71
CA THR A 755 -47.65 -42.98 54.98
C THR A 755 -46.55 -43.89 54.45
N LYS A 756 -46.29 -43.86 53.14
CA LYS A 756 -45.50 -44.90 52.49
C LYS A 756 -44.04 -44.53 52.24
N TYR A 757 -43.55 -43.41 52.77
CA TYR A 757 -42.18 -43.00 52.48
C TYR A 757 -41.29 -43.19 53.69
N THR A 758 -40.14 -43.83 53.46
CA THR A 758 -39.11 -44.02 54.48
C THR A 758 -37.84 -43.35 53.97
N PRO A 759 -37.51 -42.16 54.48
CA PRO A 759 -36.34 -41.43 53.99
C PRO A 759 -35.05 -42.17 54.28
N GLY A 760 -34.07 -41.96 53.42
CA GLY A 760 -32.77 -42.57 53.58
C GLY A 760 -32.61 -43.98 53.07
N SER A 761 -33.64 -44.55 52.46
CA SER A 761 -33.57 -45.91 51.94
C SER A 761 -34.11 -45.96 50.52
N SER A 762 -33.53 -46.84 49.70
CA SER A 762 -33.96 -47.04 48.33
C SER A 762 -34.89 -48.24 48.29
N GLU A 763 -36.18 -47.97 48.09
CA GLU A 763 -37.18 -49.01 48.08
C GLU A 763 -38.14 -48.78 46.92
N ALA A 764 -38.80 -49.85 46.49
CA ALA A 764 -39.71 -49.79 45.37
C ALA A 764 -41.14 -49.64 45.89
N VAL A 765 -41.82 -48.60 45.42
CA VAL A 765 -43.21 -48.32 45.81
C VAL A 765 -44.03 -48.21 44.53
N GLU A 766 -45.25 -48.75 44.58
CA GLU A 766 -46.12 -48.76 43.40
C GLU A 766 -46.47 -47.35 42.95
N THR A 767 -46.72 -46.45 43.89
CA THR A 767 -47.09 -45.08 43.58
C THR A 767 -45.88 -44.19 43.33
N GLN A 768 -44.67 -44.71 43.56
CA GLN A 768 -43.47 -43.88 43.45
C GLN A 768 -43.30 -43.29 42.06
N GLU A 769 -43.71 -44.01 41.02
CA GLU A 769 -43.64 -43.46 39.67
C GLU A 769 -44.53 -42.24 39.50
N HIS A 770 -45.72 -42.24 40.09
CA HIS A 770 -46.55 -41.05 40.00
C HIS A 770 -45.94 -39.87 40.76
N ILE A 771 -45.29 -40.12 41.89
CA ILE A 771 -44.58 -39.07 42.61
C ILE A 771 -43.48 -38.48 41.75
N VAL A 772 -42.71 -39.34 41.10
CA VAL A 772 -41.63 -38.86 40.24
C VAL A 772 -42.18 -38.04 39.09
N GLN A 773 -43.28 -38.48 38.49
CA GLN A 773 -43.86 -37.72 37.39
C GLN A 773 -44.32 -36.34 37.87
N TYR A 774 -44.93 -36.28 39.04
CA TYR A 774 -45.37 -34.99 39.57
C TYR A 774 -44.19 -34.05 39.83
N CYS A 775 -43.11 -34.58 40.41
CA CYS A 775 -41.93 -33.74 40.64
C CYS A 775 -41.32 -33.26 39.34
N GLN A 776 -41.28 -34.12 38.33
CA GLN A 776 -40.75 -33.71 37.03
C GLN A 776 -41.60 -32.62 36.41
N ALA A 777 -42.91 -32.70 36.57
CA ALA A 777 -43.77 -31.64 36.05
C ALA A 777 -43.47 -30.31 36.75
N LEU A 778 -43.26 -30.35 38.06
CA LEU A 778 -42.92 -29.13 38.78
C LEU A 778 -41.63 -28.51 38.24
N ALA A 779 -40.60 -29.33 38.03
CA ALA A 779 -39.35 -28.80 37.51
C ALA A 779 -39.53 -28.22 36.11
N GLN A 780 -40.34 -28.87 35.28
CA GLN A 780 -40.59 -28.34 33.95
C GLN A 780 -41.27 -26.99 34.01
N LEU A 781 -42.27 -26.84 34.87
CA LEU A 781 -42.94 -25.54 35.00
C LEU A 781 -42.03 -24.44 35.55
N GLU A 782 -40.99 -24.80 36.29
CA GLU A 782 -39.89 -23.85 36.52
C GLU A 782 -39.18 -23.48 35.23
N MET A 783 -38.86 -24.47 34.40
CA MET A 783 -38.16 -24.16 33.15
C MET A 783 -38.98 -23.21 32.28
N VAL A 784 -40.30 -23.38 32.29
CA VAL A 784 -41.22 -22.43 31.67
C VAL A 784 -41.02 -21.03 32.25
N TYR A 785 -41.23 -20.89 33.56
CA TYR A 785 -41.17 -19.58 34.18
C TYR A 785 -39.86 -18.87 33.91
N HIS A 786 -38.74 -19.55 34.06
CA HIS A 786 -37.45 -18.88 33.80
C HIS A 786 -37.24 -18.56 32.33
N SER A 787 -37.64 -19.44 31.41
CA SER A 787 -37.42 -19.11 30.00
C SER A 787 -38.29 -17.96 29.53
N THR A 788 -39.54 -17.89 29.98
CA THR A 788 -40.41 -16.81 29.52
C THR A 788 -39.89 -15.45 29.96
N GLY A 789 -39.38 -15.35 31.18
CA GLY A 789 -38.92 -14.06 31.68
C GLY A 789 -40.01 -13.17 32.21
N ILE A 790 -41.23 -13.67 32.33
CA ILE A 790 -42.32 -12.87 32.86
C ILE A 790 -42.09 -12.55 34.34
N ASN A 791 -42.62 -11.39 34.75
CA ASN A 791 -42.63 -10.93 36.13
C ASN A 791 -43.51 -11.79 37.03
N GLU A 792 -43.16 -11.81 38.32
CA GLU A 792 -43.76 -12.72 39.29
C GLU A 792 -45.26 -12.52 39.44
N ASN A 793 -45.73 -11.29 39.45
CA ASN A 793 -47.16 -11.07 39.67
C ASN A 793 -48.01 -11.33 38.44
N ALA A 794 -47.49 -11.07 37.25
CA ALA A 794 -48.24 -11.45 36.06
C ALA A 794 -48.26 -12.95 35.86
N PHE A 795 -47.22 -13.66 36.26
CA PHE A 795 -47.30 -15.12 36.32
C PHE A 795 -48.33 -15.60 37.33
N ARG A 796 -48.41 -14.94 38.49
CA ARG A 796 -49.48 -15.29 39.43
C ARG A 796 -50.86 -15.07 38.83
N LEU A 797 -51.03 -13.94 38.15
CA LEU A 797 -52.31 -13.64 37.52
C LEU A 797 -52.64 -14.65 36.43
N PHE A 798 -51.65 -15.04 35.63
CA PHE A 798 -51.87 -16.03 34.57
C PHE A 798 -52.29 -17.36 35.15
N VAL A 799 -51.67 -17.79 36.25
CA VAL A 799 -52.06 -19.06 36.86
C VAL A 799 -53.47 -18.98 37.42
N THR A 800 -53.79 -17.89 38.13
CA THR A 800 -55.09 -17.82 38.81
C THR A 800 -56.27 -17.54 37.88
N LYS A 801 -56.09 -16.73 36.84
CA LYS A 801 -57.18 -16.33 35.95
C LYS A 801 -56.76 -16.43 34.50
N PRO A 802 -56.68 -17.64 33.96
CA PRO A 802 -56.36 -17.81 32.53
C PRO A 802 -57.27 -17.02 31.60
N GLU A 803 -58.53 -16.79 31.96
CA GLU A 803 -59.41 -15.97 31.13
C GLU A 803 -58.87 -14.57 30.91
N MET A 804 -58.20 -13.99 31.90
CA MET A 804 -57.61 -12.67 31.70
C MET A 804 -56.58 -12.70 30.58
N PHE A 805 -55.82 -13.78 30.49
CA PHE A 805 -54.89 -14.03 29.39
C PHE A 805 -55.56 -14.69 28.19
N GLY A 806 -56.88 -14.80 28.19
CA GLY A 806 -57.59 -15.30 27.03
C GLY A 806 -57.46 -16.77 26.75
N ALA A 807 -56.92 -17.55 27.69
CA ALA A 807 -57.04 -19.00 27.55
C ALA A 807 -58.52 -19.39 27.65
N ALA A 808 -58.83 -20.57 27.13
CA ALA A 808 -60.21 -21.06 27.14
C ALA A 808 -60.77 -21.03 28.56
N THR A 809 -61.96 -20.46 28.70
CA THR A 809 -62.54 -20.27 30.02
C THR A 809 -62.78 -21.61 30.70
N GLY A 810 -62.48 -21.67 31.99
CA GLY A 810 -62.82 -22.82 32.81
C GLY A 810 -61.90 -24.00 32.65
N ALA A 811 -60.69 -23.79 32.16
CA ALA A 811 -59.73 -24.86 31.94
C ALA A 811 -58.38 -24.41 32.48
N ALA A 812 -57.57 -25.37 32.90
CA ALA A 812 -56.26 -24.99 33.39
C ALA A 812 -55.41 -24.49 32.24
N PRO A 813 -54.58 -23.46 32.48
CA PRO A 813 -53.79 -22.89 31.39
C PRO A 813 -52.85 -23.92 30.78
N ALA A 814 -52.63 -23.82 29.48
CA ALA A 814 -51.80 -24.77 28.77
C ALA A 814 -50.39 -24.22 28.69
N HIS A 815 -49.39 -25.08 28.92
CA HIS A 815 -48.00 -24.77 28.57
C HIS A 815 -47.64 -25.20 27.16
N ASP A 816 -48.64 -25.45 26.32
CA ASP A 816 -48.48 -25.61 24.89
C ASP A 816 -47.70 -24.43 24.31
N ALA A 817 -46.90 -24.72 23.27
CA ALA A 817 -46.12 -23.69 22.57
C ALA A 817 -46.99 -22.53 22.11
N LEU A 818 -48.25 -22.79 21.79
CA LEU A 818 -49.15 -21.71 21.39
C LEU A 818 -49.33 -20.74 22.54
N SER A 819 -49.42 -21.23 23.77
CA SER A 819 -49.45 -20.34 24.93
C SER A 819 -48.10 -19.74 25.26
N LEU A 820 -47.01 -20.47 24.99
CA LEU A 820 -45.69 -19.96 25.30
C LEU A 820 -45.39 -18.72 24.47
N ILE A 821 -45.77 -18.71 23.21
CA ILE A 821 -45.44 -17.55 22.38
C ILE A 821 -46.19 -16.31 22.86
N MET A 822 -47.46 -16.47 23.26
CA MET A 822 -48.18 -15.29 23.75
C MET A 822 -47.64 -14.84 25.10
N LEU A 823 -47.22 -15.76 25.96
CA LEU A 823 -46.59 -15.33 27.21
C LEU A 823 -45.31 -14.57 26.96
N THR A 824 -44.49 -15.02 26.02
CA THR A 824 -43.29 -14.27 25.73
C THR A 824 -43.62 -12.88 25.19
N ARG A 825 -44.63 -12.77 24.33
CA ARG A 825 -44.99 -11.44 23.83
C ARG A 825 -45.50 -10.55 24.96
N PHE A 826 -46.28 -11.11 25.89
CA PHE A 826 -46.72 -10.32 27.03
C PHE A 826 -45.57 -9.82 27.88
N ALA A 827 -44.59 -10.69 28.14
CA ALA A 827 -43.44 -10.26 28.92
C ALA A 827 -42.68 -9.16 28.19
N ASP A 828 -42.51 -9.29 26.89
CA ASP A 828 -41.83 -8.25 26.12
C ASP A 828 -42.60 -6.93 26.15
N TRP A 829 -43.93 -6.97 26.05
CA TRP A 829 -44.69 -5.74 26.10
C TRP A 829 -44.58 -5.07 27.46
N VAL A 830 -44.59 -5.87 28.54
CA VAL A 830 -44.40 -5.29 29.86
C VAL A 830 -43.03 -4.64 29.97
N ASN A 831 -42.00 -5.29 29.46
CA ASN A 831 -40.68 -4.67 29.49
C ASN A 831 -40.65 -3.39 28.68
N ALA A 832 -41.34 -3.36 27.53
CA ALA A 832 -41.38 -2.13 26.75
C ALA A 832 -42.04 -0.99 27.51
N LEU A 833 -43.05 -1.28 28.33
CA LEU A 833 -43.67 -0.19 29.08
C LEU A 833 -42.69 0.48 30.05
N GLY A 834 -41.60 -0.17 30.37
CA GLY A 834 -40.59 0.44 31.23
C GLY A 834 -41.08 0.75 32.64
N GLU A 835 -40.71 1.94 33.12
CA GLU A 835 -41.01 2.36 34.49
C GLU A 835 -42.50 2.44 34.79
N LYS A 836 -43.33 2.76 33.80
CA LYS A 836 -44.78 2.81 33.95
C LYS A 836 -45.40 1.46 34.25
N ALA A 837 -44.68 0.37 33.96
CA ALA A 837 -45.21 -0.98 34.11
C ALA A 837 -45.80 -1.23 35.49
N SER A 838 -45.18 -0.70 36.53
CA SER A 838 -45.70 -0.92 37.88
C SER A 838 -47.13 -0.44 38.03
N SER A 839 -47.46 0.74 37.50
CA SER A 839 -48.86 1.17 37.57
C SER A 839 -49.74 0.49 36.53
N VAL A 840 -49.20 0.22 35.35
CA VAL A 840 -50.03 -0.37 34.29
C VAL A 840 -50.50 -1.76 34.71
N LEU A 841 -49.60 -2.56 35.26
CA LEU A 841 -49.99 -3.92 35.68
C LEU A 841 -51.02 -3.87 36.79
N ALA A 842 -50.87 -2.96 37.74
CA ALA A 842 -51.86 -2.85 38.82
C ALA A 842 -53.22 -2.45 38.27
N ALA A 843 -53.25 -1.53 37.32
CA ALA A 843 -54.52 -1.12 36.70
C ALA A 843 -55.08 -2.22 35.81
N PHE A 844 -54.24 -3.07 35.25
CA PHE A 844 -54.64 -4.22 34.46
C PHE A 844 -55.21 -5.34 35.33
N GLU A 845 -54.67 -5.52 36.53
CA GLU A 845 -55.16 -6.58 37.40
C GLU A 845 -56.54 -6.25 37.95
N ALA A 846 -56.79 -4.99 38.27
CA ALA A 846 -58.17 -4.53 38.34
C ALA A 846 -58.74 -4.38 36.92
N ASN A 847 -60.06 -4.27 36.84
CA ASN A 847 -60.73 -3.93 35.58
C ASN A 847 -60.71 -2.44 35.27
N SER A 848 -59.57 -1.80 35.46
CA SER A 848 -59.43 -0.35 35.57
C SER A 848 -58.83 0.31 34.34
N LEU A 849 -57.99 -0.40 33.60
CA LEU A 849 -57.21 0.18 32.52
C LEU A 849 -58.10 0.79 31.44
N THR A 850 -57.64 1.92 30.92
CA THR A 850 -58.34 2.71 29.91
C THR A 850 -57.37 3.10 28.81
N ALA A 851 -57.92 3.65 27.73
CA ALA A 851 -57.11 4.15 26.64
C ALA A 851 -56.10 5.21 27.06
N GLU A 852 -56.50 6.17 27.89
CA GLU A 852 -55.60 7.28 28.17
C GLU A 852 -54.40 6.86 29.00
N GLN A 853 -54.62 6.03 30.02
CA GLN A 853 -53.50 5.59 30.86
C GLN A 853 -52.51 4.74 30.08
N LEU A 854 -53.01 3.82 29.27
CA LEU A 854 -52.10 3.00 28.48
C LEU A 854 -51.39 3.80 27.40
N ALA A 855 -52.07 4.79 26.82
CA ALA A 855 -51.43 5.65 25.83
C ALA A 855 -50.30 6.45 26.46
N ASP A 856 -50.52 6.97 27.67
CA ASP A 856 -49.44 7.66 28.36
C ASP A 856 -48.30 6.71 28.67
N ALA A 857 -48.62 5.47 29.03
CA ALA A 857 -47.59 4.48 29.32
C ALA A 857 -46.72 4.16 28.11
N MET A 858 -47.34 3.97 26.94
CA MET A 858 -46.59 3.65 25.73
C MET A 858 -46.14 4.86 24.92
N ASN A 859 -46.36 6.09 25.41
CA ASN A 859 -45.97 7.30 24.70
C ASN A 859 -46.60 7.38 23.32
N LEU A 860 -47.86 7.00 23.22
CA LEU A 860 -48.62 7.09 21.98
C LEU A 860 -49.72 8.14 22.12
N ASP A 861 -50.27 8.53 20.98
CA ASP A 861 -51.34 9.50 20.99
C ASP A 861 -52.60 8.82 21.53
N ALA A 862 -53.30 9.49 22.45
CA ALA A 862 -54.51 8.91 23.02
C ALA A 862 -55.60 8.72 21.98
N ASN A 863 -55.73 9.67 21.06
CA ASN A 863 -56.71 9.52 19.99
C ASN A 863 -56.42 8.30 19.15
N LEU A 864 -55.15 7.99 18.95
CA LEU A 864 -54.79 6.81 18.17
C LEU A 864 -55.34 5.53 18.81
N LEU A 865 -55.13 5.36 20.12
CA LEU A 865 -55.67 4.17 20.78
C LEU A 865 -57.17 4.15 20.78
N LEU A 866 -57.81 5.30 21.00
CA LEU A 866 -59.26 5.32 21.00
C LEU A 866 -59.81 4.89 19.64
N GLN A 867 -59.23 5.40 18.56
CA GLN A 867 -59.71 5.05 17.23
C GLN A 867 -59.36 3.62 16.86
N ALA A 868 -58.21 3.12 17.31
CA ALA A 868 -57.91 1.71 17.10
C ALA A 868 -58.91 0.81 17.80
N SER A 869 -59.30 1.17 19.02
CA SER A 869 -60.32 0.40 19.72
C SER A 869 -61.66 0.44 19.00
N ILE A 870 -62.04 1.62 18.49
CA ILE A 870 -63.30 1.71 17.75
C ILE A 870 -63.26 0.84 16.50
N GLN A 871 -62.17 0.89 15.75
CA GLN A 871 -62.06 0.09 14.54
C GLN A 871 -62.06 -1.40 14.85
N ALA A 872 -61.39 -1.81 15.93
CA ALA A 872 -61.40 -3.21 16.31
C ALA A 872 -62.80 -3.67 16.69
N GLN A 873 -63.55 -2.82 17.39
CA GLN A 873 -64.92 -3.18 17.74
C GLN A 873 -65.80 -3.33 16.50
N ASN A 874 -65.63 -2.44 15.52
CA ASN A 874 -66.47 -2.52 14.33
C ASN A 874 -66.25 -3.82 13.54
N HIS A 875 -65.00 -4.25 13.40
CA HIS A 875 -64.71 -5.45 12.61
C HIS A 875 -64.86 -6.71 13.44
N GLN A 876 -65.19 -7.79 12.76
CA GLN A 876 -65.40 -9.09 13.39
C GLN A 876 -64.06 -9.77 13.64
N HIS A 877 -63.54 -9.65 14.85
CA HIS A 877 -62.45 -10.51 15.27
C HIS A 877 -62.98 -11.79 15.91
N LEU A 878 -62.12 -12.80 15.98
CA LEU A 878 -62.35 -13.96 16.83
C LEU A 878 -61.15 -14.13 17.75
N PRO A 879 -61.35 -14.12 19.07
CA PRO A 879 -62.61 -13.87 19.80
C PRO A 879 -63.10 -12.44 19.65
N PRO A 880 -64.42 -12.24 19.77
CA PRO A 880 -64.97 -10.89 19.61
C PRO A 880 -64.45 -9.94 20.67
N VAL A 881 -64.35 -8.66 20.28
CA VAL A 881 -63.90 -7.60 21.15
C VAL A 881 -65.10 -6.70 21.45
N THR A 882 -65.37 -6.48 22.72
CA THR A 882 -66.49 -5.65 23.16
C THR A 882 -65.97 -4.60 24.12
N PRO A 883 -66.64 -3.44 24.20
CA PRO A 883 -66.13 -2.38 25.08
C PRO A 883 -65.84 -2.79 26.52
N GLU A 884 -66.59 -3.72 27.10
CA GLU A 884 -66.32 -4.16 28.46
C GLU A 884 -65.19 -5.18 28.59
N ASN A 885 -64.57 -5.63 27.51
CA ASN A 885 -63.36 -6.43 27.62
C ASN A 885 -62.19 -5.84 26.85
N ALA A 886 -62.42 -4.76 26.11
CA ALA A 886 -61.40 -4.26 25.19
C ALA A 886 -60.08 -3.99 25.88
N PHE A 887 -60.13 -3.54 27.13
CA PHE A 887 -58.91 -3.44 27.91
C PHE A 887 -58.88 -4.29 29.17
N SER A 888 -59.92 -5.10 29.43
CA SER A 888 -59.85 -5.96 30.60
C SER A 888 -59.05 -7.23 30.34
N SER A 889 -59.24 -7.85 29.19
CA SER A 889 -58.55 -9.09 28.84
C SER A 889 -57.30 -8.80 28.04
N TRP A 890 -56.32 -9.67 28.18
CA TRP A 890 -55.06 -9.46 27.47
C TRP A 890 -55.23 -9.66 25.98
N THR A 891 -56.14 -10.54 25.58
CA THR A 891 -56.33 -10.79 24.15
C THR A 891 -56.81 -9.54 23.42
N SER A 892 -57.75 -8.81 24.02
CA SER A 892 -58.21 -7.58 23.38
C SER A 892 -57.10 -6.56 23.27
N ILE A 893 -56.28 -6.44 24.30
CA ILE A 893 -55.15 -5.52 24.23
C ILE A 893 -54.20 -5.93 23.12
N ASN A 894 -53.95 -7.22 22.98
CA ASN A 894 -53.06 -7.68 21.92
C ASN A 894 -53.63 -7.35 20.55
N THR A 895 -54.93 -7.53 20.36
CA THR A 895 -55.53 -7.18 19.06
C THR A 895 -55.42 -5.69 18.78
N ILE A 896 -55.69 -4.85 19.77
CA ILE A 896 -55.58 -3.42 19.57
C ILE A 896 -54.15 -3.00 19.26
N LEU A 897 -53.18 -3.58 19.96
CA LEU A 897 -51.79 -3.26 19.69
C LEU A 897 -51.36 -3.74 18.32
N GLN A 898 -51.88 -4.86 17.85
CA GLN A 898 -51.58 -5.29 16.48
C GLN A 898 -52.11 -4.29 15.48
N TRP A 899 -53.33 -3.77 15.69
CA TRP A 899 -53.84 -2.73 14.82
C TRP A 899 -52.91 -1.53 14.80
N VAL A 900 -52.46 -1.11 15.98
CA VAL A 900 -51.59 0.06 16.07
C VAL A 900 -50.26 -0.19 15.38
N ASN A 901 -49.70 -1.39 15.54
CA ASN A 901 -48.43 -1.70 14.89
C ASN A 901 -48.54 -1.71 13.38
N VAL A 902 -49.64 -2.24 12.85
CA VAL A 902 -49.80 -2.29 11.40
C VAL A 902 -50.00 -0.88 10.85
N ALA A 903 -50.80 -0.07 11.54
CA ALA A 903 -50.93 1.33 11.18
C ALA A 903 -49.59 2.05 11.17
N GLN A 904 -48.77 1.87 12.19
CA GLN A 904 -47.49 2.57 12.20
C GLN A 904 -46.49 2.00 11.20
N GLN A 905 -46.58 0.72 10.87
CA GLN A 905 -45.79 0.20 9.75
C GLN A 905 -46.15 0.85 8.43
N LEU A 906 -47.43 0.94 8.11
CA LEU A 906 -47.85 1.63 6.90
C LEU A 906 -47.77 3.15 7.02
N ASN A 907 -47.51 3.68 8.21
CA ASN A 907 -47.41 5.11 8.42
C ASN A 907 -48.71 5.82 8.07
N VAL A 908 -49.83 5.19 8.40
CA VAL A 908 -51.17 5.71 8.17
C VAL A 908 -51.98 5.57 9.45
N ALA A 909 -53.09 6.29 9.51
CA ALA A 909 -53.99 6.17 10.64
C ALA A 909 -54.72 4.83 10.57
N PRO A 910 -55.28 4.38 11.70
CA PRO A 910 -56.06 3.13 11.66
C PRO A 910 -57.23 3.15 10.70
N GLN A 911 -57.79 4.31 10.36
CA GLN A 911 -58.81 4.34 9.31
C GLN A 911 -58.25 3.87 7.98
N GLY A 912 -56.96 4.06 7.73
CA GLY A 912 -56.36 3.52 6.52
C GLY A 912 -56.39 2.00 6.48
N VAL A 913 -56.06 1.36 7.60
CA VAL A 913 -56.14 -0.09 7.66
C VAL A 913 -57.59 -0.55 7.58
N SER A 914 -58.50 0.22 8.16
CA SER A 914 -59.91 -0.12 8.07
C SER A 914 -60.39 -0.08 6.62
N ALA A 915 -59.94 0.91 5.86
CA ALA A 915 -60.25 0.94 4.44
C ALA A 915 -59.59 -0.19 3.69
N LEU A 916 -58.37 -0.55 4.08
CA LEU A 916 -57.67 -1.62 3.37
C LEU A 916 -58.38 -2.95 3.52
N VAL A 917 -58.75 -3.33 4.76
CA VAL A 917 -59.29 -4.67 4.96
C VAL A 917 -60.67 -4.84 4.34
N GLY A 918 -61.34 -3.75 3.97
CA GLY A 918 -62.56 -3.78 3.17
C GLY A 918 -62.39 -4.21 1.73
N LEU A 919 -61.18 -4.26 1.22
CA LEU A 919 -60.90 -4.59 -0.18
C LEU A 919 -60.84 -6.09 -0.45
N ASP A 920 -61.68 -6.86 0.23
CA ASP A 920 -61.90 -8.28 -0.08
C ASP A 920 -62.66 -8.42 -1.40
N TYR A 921 -61.90 -8.34 -2.49
CA TYR A 921 -62.44 -8.43 -3.84
C TYR A 921 -62.40 -9.83 -4.45
N ILE A 922 -61.76 -10.80 -3.81
CA ILE A 922 -61.73 -12.18 -4.32
C ILE A 922 -62.52 -13.05 -3.36
N GLN A 923 -63.83 -12.85 -3.33
CA GLN A 923 -64.73 -13.67 -2.55
C GLN A 923 -66.15 -13.44 -3.05
N SER A 924 -67.05 -14.33 -2.67
CA SER A 924 -68.46 -14.26 -3.02
C SER A 924 -69.35 -14.00 -1.82
N MET A 925 -68.79 -13.93 -0.62
CA MET A 925 -69.58 -13.73 0.59
C MET A 925 -70.29 -12.39 0.58
N LYS A 926 -69.64 -11.34 0.07
CA LYS A 926 -70.17 -9.99 0.17
C LYS A 926 -69.80 -9.19 -1.08
N GLU A 927 -70.50 -8.06 -1.25
CA GLU A 927 -70.37 -7.23 -2.44
C GLU A 927 -68.93 -6.74 -2.66
N THR A 928 -68.52 -6.74 -3.92
CA THR A 928 -67.20 -6.26 -4.29
C THR A 928 -67.10 -4.74 -4.13
N PRO A 929 -65.92 -4.25 -3.75
CA PRO A 929 -65.75 -2.81 -3.53
C PRO A 929 -65.92 -2.02 -4.81
N THR A 930 -66.72 -0.96 -4.74
CA THR A 930 -66.95 -0.09 -5.88
C THR A 930 -65.79 0.87 -6.03
N TYR A 931 -65.66 1.41 -7.25
CA TYR A 931 -64.48 2.19 -7.59
C TYR A 931 -64.20 3.35 -6.63
N ALA A 932 -65.24 3.98 -6.08
CA ALA A 932 -64.98 5.05 -5.13
C ALA A 932 -64.24 4.54 -3.89
N GLN A 933 -64.59 3.35 -3.42
CA GLN A 933 -63.87 2.75 -2.29
C GLN A 933 -62.41 2.53 -2.63
N TRP A 934 -62.13 2.02 -3.83
CA TRP A 934 -60.76 1.78 -4.23
C TRP A 934 -59.96 3.07 -4.32
N GLU A 935 -60.52 4.09 -4.96
CA GLU A 935 -59.87 5.39 -5.03
C GLU A 935 -59.62 6.02 -3.66
N ASN A 936 -60.56 5.86 -2.73
CA ASN A 936 -60.35 6.32 -1.37
C ASN A 936 -59.20 5.59 -0.68
N ALA A 937 -59.16 4.27 -0.79
CA ALA A 937 -58.03 3.53 -0.20
C ALA A 937 -56.70 3.91 -0.85
N ALA A 938 -56.68 4.04 -2.17
CA ALA A 938 -55.46 4.46 -2.85
C ALA A 938 -54.97 5.81 -2.33
N GLY A 939 -55.89 6.75 -2.14
CA GLY A 939 -55.46 8.07 -1.68
C GLY A 939 -54.95 8.04 -0.26
N VAL A 940 -55.66 7.33 0.63
CA VAL A 940 -55.20 7.26 2.02
C VAL A 940 -53.84 6.60 2.11
N LEU A 941 -53.62 5.51 1.36
CA LEU A 941 -52.33 4.84 1.39
C LEU A 941 -51.23 5.71 0.80
N THR A 942 -51.54 6.46 -0.27
CA THR A 942 -50.53 7.30 -0.92
C THR A 942 -50.13 8.47 -0.05
N ALA A 943 -51.04 8.97 0.79
CA ALA A 943 -50.73 10.14 1.60
C ALA A 943 -49.54 9.90 2.53
N GLY A 944 -49.26 8.65 2.89
CA GLY A 944 -48.19 8.36 3.84
C GLY A 944 -46.77 8.33 3.29
N LEU A 945 -46.61 8.30 1.98
CA LEU A 945 -45.28 8.15 1.38
C LEU A 945 -44.49 9.46 1.48
N ASN A 946 -43.16 9.32 1.43
CA ASN A 946 -42.26 10.46 1.40
C ASN A 946 -42.03 10.93 -0.03
N SER A 947 -41.31 12.05 -0.18
CA SER A 947 -41.06 12.63 -1.50
C SER A 947 -40.34 11.68 -2.45
N GLN A 948 -39.32 10.96 -1.98
CA GLN A 948 -38.57 10.07 -2.87
C GLN A 948 -39.41 8.89 -3.33
N GLN A 949 -40.11 8.27 -2.39
CA GLN A 949 -40.97 7.16 -2.72
C GLN A 949 -42.18 7.62 -3.53
N ALA A 950 -42.69 8.82 -3.23
CA ALA A 950 -43.77 9.35 -4.08
C ALA A 950 -43.29 9.55 -5.51
N ASN A 951 -42.07 10.04 -5.69
CA ASN A 951 -41.54 10.23 -7.03
C ASN A 951 -41.44 8.91 -7.80
N THR A 952 -40.95 7.86 -7.14
CA THR A 952 -40.91 6.56 -7.81
C THR A 952 -42.30 5.99 -8.09
N LEU A 953 -43.22 6.13 -7.15
CA LEU A 953 -44.58 5.66 -7.36
C LEU A 953 -45.24 6.37 -8.53
N HIS A 954 -45.05 7.69 -8.61
CA HIS A 954 -45.66 8.46 -9.70
C HIS A 954 -45.06 8.08 -11.05
N ALA A 955 -43.76 7.80 -11.10
CA ALA A 955 -43.19 7.36 -12.37
C ALA A 955 -43.81 6.05 -12.84
N PHE A 956 -43.95 5.09 -11.92
CA PHE A 956 -44.56 3.81 -12.29
C PHE A 956 -46.00 3.97 -12.75
N LEU A 957 -46.77 4.80 -12.04
CA LEU A 957 -48.15 5.04 -12.43
C LEU A 957 -48.26 5.69 -13.79
N ASP A 958 -47.37 6.63 -14.10
CA ASP A 958 -47.43 7.27 -15.42
C ASP A 958 -47.16 6.28 -16.54
N GLU A 959 -46.18 5.39 -16.35
CA GLU A 959 -45.92 4.40 -17.39
C GLU A 959 -47.12 3.49 -17.63
N SER A 960 -47.72 2.99 -16.54
CA SER A 960 -48.87 2.10 -16.70
C SER A 960 -50.06 2.81 -17.38
N ARG A 961 -50.32 4.05 -16.97
CA ARG A 961 -51.42 4.80 -17.59
C ARG A 961 -51.17 5.00 -19.07
N SER A 962 -49.93 5.28 -19.45
CA SER A 962 -49.64 5.48 -20.86
C SER A 962 -49.93 4.22 -21.66
N ALA A 963 -49.53 3.05 -21.16
CA ALA A 963 -49.83 1.83 -21.89
C ALA A 963 -51.34 1.64 -22.06
N ALA A 964 -52.10 1.82 -20.97
CA ALA A 964 -53.54 1.60 -21.06
C ALA A 964 -54.21 2.57 -22.02
N LEU A 965 -53.85 3.86 -21.93
CA LEU A 965 -54.46 4.85 -22.80
C LEU A 965 -54.09 4.64 -24.26
N SER A 966 -52.85 4.26 -24.55
CA SER A 966 -52.49 4.01 -25.94
C SER A 966 -53.30 2.86 -26.51
N THR A 967 -53.44 1.77 -25.77
CA THR A 967 -54.23 0.66 -26.29
C THR A 967 -55.68 1.05 -26.51
N TYR A 968 -56.26 1.78 -25.56
CA TYR A 968 -57.65 2.18 -25.71
C TYR A 968 -57.83 3.12 -26.89
N TYR A 969 -56.90 4.06 -27.07
CA TYR A 969 -56.99 4.96 -28.21
C TYR A 969 -56.91 4.22 -29.53
N ILE A 970 -56.00 3.26 -29.65
CA ILE A 970 -55.91 2.48 -30.88
C ILE A 970 -57.22 1.76 -31.16
N ARG A 971 -57.82 1.15 -30.13
CA ARG A 971 -59.02 0.37 -30.35
C ARG A 971 -60.23 1.24 -30.67
N GLN A 972 -60.35 2.42 -30.07
CA GLN A 972 -61.66 3.04 -29.97
C GLN A 972 -61.75 4.45 -30.52
N VAL A 973 -60.64 5.14 -30.81
CA VAL A 973 -60.68 6.54 -31.18
C VAL A 973 -59.98 6.79 -32.52
N ALA A 974 -58.97 5.97 -32.80
CA ALA A 974 -58.24 6.07 -34.06
C ALA A 974 -59.16 5.83 -35.25
N LYS A 975 -58.95 6.63 -36.29
CA LYS A 975 -59.77 6.51 -37.50
C LYS A 975 -59.26 5.37 -38.37
N ALA A 976 -60.17 4.47 -38.72
CA ALA A 976 -59.84 3.22 -39.39
C ALA A 976 -59.14 3.42 -40.72
N ALA A 977 -59.30 4.58 -41.36
CA ALA A 977 -58.54 4.86 -42.57
C ALA A 977 -57.04 4.79 -42.35
N ALA A 978 -56.57 5.08 -41.15
CA ALA A 978 -55.22 4.71 -40.73
C ALA A 978 -55.27 3.35 -40.05
N ALA A 979 -54.57 2.37 -40.64
CA ALA A 979 -54.59 1.00 -40.16
C ALA A 979 -53.65 0.83 -38.97
N ILE A 980 -53.97 1.55 -37.90
CA ILE A 980 -53.15 1.55 -36.70
C ILE A 980 -53.40 0.27 -35.92
N LYS A 981 -52.36 -0.56 -35.80
CA LYS A 981 -52.53 -1.88 -35.22
C LYS A 981 -51.80 -2.11 -33.92
N SER A 982 -50.80 -1.29 -33.57
CA SER A 982 -50.06 -1.52 -32.33
C SER A 982 -49.47 -0.21 -31.84
N ARG A 983 -48.73 -0.29 -30.75
CA ARG A 983 -48.22 0.92 -30.12
C ARG A 983 -47.14 1.61 -30.96
N ASP A 984 -46.33 0.84 -31.69
CA ASP A 984 -45.34 1.46 -32.58
C ASP A 984 -46.02 2.20 -33.73
N ASP A 985 -47.09 1.62 -34.26
CA ASP A 985 -47.87 2.29 -35.29
C ASP A 985 -48.47 3.58 -34.76
N LEU A 986 -48.94 3.56 -33.52
CA LEU A 986 -49.47 4.78 -32.93
C LEU A 986 -48.38 5.81 -32.73
N TYR A 987 -47.18 5.37 -32.39
CA TYR A 987 -46.08 6.32 -32.28
C TYR A 987 -45.76 6.96 -33.62
N GLN A 988 -45.76 6.19 -34.69
CA GLN A 988 -45.54 6.76 -36.01
C GLN A 988 -46.66 7.70 -36.43
N TYR A 989 -47.89 7.41 -36.00
CA TYR A 989 -49.02 8.24 -36.40
C TYR A 989 -49.05 9.53 -35.60
N LEU A 990 -49.22 9.44 -34.28
CA LEU A 990 -49.32 10.64 -33.46
C LEU A 990 -48.00 11.39 -33.35
N LEU A 991 -46.91 10.81 -33.81
CA LEU A 991 -45.58 11.43 -33.80
C LEU A 991 -45.06 11.69 -32.40
N ILE A 992 -45.63 11.07 -31.36
CA ILE A 992 -45.21 11.29 -29.98
C ILE A 992 -44.82 9.95 -29.40
N ASP A 993 -43.67 9.90 -28.72
CA ASP A 993 -43.21 8.64 -28.15
C ASP A 993 -43.97 8.38 -26.87
N ASN A 994 -44.78 7.32 -26.86
CA ASN A 994 -45.57 6.91 -25.70
C ASN A 994 -44.95 5.79 -24.87
N GLN A 995 -44.05 4.99 -25.43
CA GLN A 995 -43.39 3.93 -24.67
C GLN A 995 -42.20 4.42 -23.87
N VAL A 996 -41.85 5.70 -23.97
CA VAL A 996 -40.71 6.24 -23.25
C VAL A 996 -40.94 6.22 -21.76
N SER A 997 -39.88 5.95 -21.00
CA SER A 997 -39.93 5.96 -19.55
C SER A 997 -40.01 7.40 -19.03
N ALA A 998 -40.49 7.53 -17.80
CA ALA A 998 -40.67 8.85 -17.20
C ALA A 998 -39.36 9.53 -16.83
N ALA A 999 -38.24 8.83 -16.88
CA ALA A 999 -36.96 9.43 -16.52
C ALA A 999 -36.57 10.56 -17.47
N ILE A 1000 -36.82 10.39 -18.77
CA ILE A 1000 -36.40 11.34 -19.78
C ILE A 1000 -37.31 12.56 -19.77
N LYS A 1001 -36.68 13.75 -19.73
CA LYS A 1001 -37.38 15.03 -19.72
C LYS A 1001 -36.88 15.95 -20.82
N THR A 1002 -37.80 16.52 -21.59
CA THR A 1002 -37.46 17.42 -22.68
C THR A 1002 -38.39 18.61 -22.70
N THR A 1003 -37.90 19.74 -23.23
CA THR A 1003 -38.71 20.94 -23.31
C THR A 1003 -39.82 20.76 -24.33
N ARG A 1004 -40.89 21.53 -24.19
CA ARG A 1004 -42.04 21.35 -25.08
C ARG A 1004 -41.70 21.68 -26.53
N ILE A 1005 -40.98 22.77 -26.78
CA ILE A 1005 -40.68 23.16 -28.16
C ILE A 1005 -39.77 22.15 -28.82
N ALA A 1006 -38.77 21.63 -28.11
CA ALA A 1006 -37.90 20.62 -28.70
C ALA A 1006 -38.71 19.38 -29.06
N GLU A 1007 -39.67 19.02 -28.21
CA GLU A 1007 -40.50 17.88 -28.51
C GLU A 1007 -41.35 18.12 -29.76
N ALA A 1008 -41.90 19.33 -29.91
CA ALA A 1008 -42.66 19.64 -31.12
C ALA A 1008 -41.77 19.58 -32.36
N ILE A 1009 -40.53 20.06 -32.24
CA ILE A 1009 -39.59 19.99 -33.35
C ILE A 1009 -39.34 18.54 -33.73
N ALA A 1010 -39.18 17.67 -32.75
CA ALA A 1010 -38.97 16.26 -33.05
C ALA A 1010 -40.16 15.67 -33.79
N SER A 1011 -41.38 16.02 -33.37
CA SER A 1011 -42.54 15.50 -34.08
C SER A 1011 -42.59 15.96 -35.52
N ILE A 1012 -42.33 17.25 -35.78
CA ILE A 1012 -42.38 17.72 -37.16
C ILE A 1012 -41.30 17.09 -38.00
N GLN A 1013 -40.08 16.95 -37.46
CA GLN A 1013 -39.02 16.32 -38.22
C GLN A 1013 -39.34 14.88 -38.56
N LEU A 1014 -39.90 14.14 -37.63
CA LEU A 1014 -40.27 12.76 -37.93
C LEU A 1014 -41.34 12.71 -39.01
N TYR A 1015 -42.32 13.59 -38.95
CA TYR A 1015 -43.35 13.58 -39.98
C TYR A 1015 -42.77 13.88 -41.36
N VAL A 1016 -41.89 14.87 -41.46
CA VAL A 1016 -41.30 15.21 -42.76
C VAL A 1016 -40.44 14.06 -43.27
N ASN A 1017 -39.67 13.42 -42.39
CA ASN A 1017 -38.84 12.31 -42.82
C ASN A 1017 -39.68 11.18 -43.35
N ARG A 1018 -40.80 10.90 -42.69
CA ARG A 1018 -41.70 9.85 -43.17
C ARG A 1018 -42.27 10.21 -44.54
N ALA A 1019 -42.62 11.49 -44.74
CA ALA A 1019 -43.18 11.92 -46.03
C ALA A 1019 -42.19 11.84 -47.18
N LEU A 1020 -40.96 12.30 -46.98
CA LEU A 1020 -39.99 12.36 -48.06
C LEU A 1020 -39.64 10.99 -48.64
N GLU A 1021 -39.48 9.99 -47.78
CA GLU A 1021 -39.23 8.63 -48.21
C GLU A 1021 -40.46 7.94 -48.74
N ASN A 1022 -41.57 8.66 -48.82
CA ASN A 1022 -42.84 8.18 -49.35
C ASN A 1022 -43.30 6.92 -48.63
N VAL A 1023 -43.02 6.85 -47.33
CA VAL A 1023 -43.55 5.78 -46.51
C VAL A 1023 -45.05 5.98 -46.34
N GLU A 1024 -45.44 7.24 -46.19
CA GLU A 1024 -46.83 7.66 -46.28
C GLU A 1024 -47.22 7.89 -47.74
N GLU A 1025 -48.50 7.65 -48.03
CA GLU A 1025 -48.94 7.23 -49.36
C GLU A 1025 -48.49 8.16 -50.49
N ASN A 1026 -48.79 9.46 -50.41
CA ASN A 1026 -48.47 10.32 -51.56
C ASN A 1026 -48.31 11.78 -51.15
N ALA A 1027 -47.06 12.23 -51.06
CA ALA A 1027 -46.76 13.64 -50.87
C ALA A 1027 -47.02 14.44 -52.14
N ASN A 1028 -47.37 15.71 -51.96
CA ASN A 1028 -47.57 16.63 -53.09
C ASN A 1028 -46.24 16.90 -53.78
N SER A 1029 -46.12 16.44 -55.03
CA SER A 1029 -44.87 16.56 -55.78
C SER A 1029 -44.46 18.01 -55.99
N GLY A 1030 -45.41 18.94 -56.02
CA GLY A 1030 -45.04 20.35 -56.12
C GLY A 1030 -44.31 20.85 -54.89
N VAL A 1031 -44.77 20.44 -53.70
CA VAL A 1031 -44.16 20.91 -52.45
C VAL A 1031 -42.77 20.34 -52.26
N ILE A 1032 -42.55 19.09 -52.64
CA ILE A 1032 -41.24 18.46 -52.50
C ILE A 1032 -40.20 19.15 -53.36
N SER A 1033 -40.59 19.63 -54.53
CA SER A 1033 -39.64 20.30 -55.42
C SER A 1033 -39.12 21.63 -54.89
N ARG A 1034 -39.66 22.15 -53.79
CA ARG A 1034 -39.11 23.40 -53.25
C ARG A 1034 -37.69 23.21 -52.75
N GLN A 1035 -36.92 24.30 -52.84
CA GLN A 1035 -35.53 24.32 -52.41
C GLN A 1035 -35.36 23.85 -50.97
N PHE A 1036 -36.32 24.16 -50.10
CA PHE A 1036 -36.21 23.74 -48.70
C PHE A 1036 -36.07 22.23 -48.54
N PHE A 1037 -36.74 21.44 -49.37
CA PHE A 1037 -36.62 20.00 -49.27
C PHE A 1037 -35.51 19.40 -50.13
N ILE A 1038 -34.93 20.18 -51.03
CA ILE A 1038 -33.72 19.73 -51.70
C ILE A 1038 -32.51 19.87 -50.78
N ASP A 1039 -32.46 20.95 -50.01
CA ASP A 1039 -31.47 21.16 -48.96
C ASP A 1039 -31.74 20.37 -47.70
N TRP A 1040 -32.81 19.59 -47.64
CA TRP A 1040 -33.20 18.90 -46.42
C TRP A 1040 -32.04 18.12 -45.82
N ASP A 1041 -31.55 17.13 -46.55
CA ASP A 1041 -30.57 16.16 -46.05
C ASP A 1041 -29.23 16.80 -45.71
N LYS A 1042 -28.92 17.93 -46.31
CA LYS A 1042 -27.62 18.55 -46.16
C LYS A 1042 -27.61 19.50 -44.97
N TYR A 1043 -28.64 20.32 -44.82
CA TYR A 1043 -28.66 21.37 -43.83
C TYR A 1043 -29.88 21.35 -42.90
N ASN A 1044 -31.08 21.22 -43.42
CA ASN A 1044 -32.23 21.63 -42.63
C ASN A 1044 -32.79 20.53 -41.75
N LYS A 1045 -32.34 19.29 -41.90
CA LYS A 1045 -32.92 18.22 -41.12
C LYS A 1045 -32.53 18.27 -39.65
N ARG A 1046 -31.35 18.77 -39.34
CA ARG A 1046 -30.87 18.86 -37.97
C ARG A 1046 -30.86 20.32 -37.55
N TYR A 1047 -31.33 20.61 -36.36
CA TYR A 1047 -31.44 22.01 -35.96
C TYR A 1047 -30.07 22.65 -35.90
N SER A 1048 -29.07 21.94 -35.38
CA SER A 1048 -27.74 22.53 -35.28
C SER A 1048 -27.17 22.90 -36.65
N THR A 1049 -27.33 22.04 -37.65
CA THR A 1049 -26.85 22.38 -38.98
C THR A 1049 -27.59 23.58 -39.56
N TRP A 1050 -28.90 23.65 -39.34
CA TRP A 1050 -29.66 24.80 -39.84
C TRP A 1050 -29.20 26.09 -39.20
N ALA A 1051 -29.00 26.08 -37.89
CA ALA A 1051 -28.52 27.28 -37.21
C ALA A 1051 -27.12 27.66 -37.69
N GLY A 1052 -26.24 26.68 -37.86
CA GLY A 1052 -24.91 26.97 -38.36
C GLY A 1052 -24.92 27.57 -39.76
N VAL A 1053 -25.75 27.05 -40.64
CA VAL A 1053 -25.84 27.59 -41.99
C VAL A 1053 -26.35 29.02 -41.95
N SER A 1054 -27.37 29.26 -41.13
CA SER A 1054 -27.97 30.59 -41.10
C SER A 1054 -27.02 31.64 -40.52
N GLN A 1055 -26.25 31.29 -39.49
CA GLN A 1055 -25.22 32.21 -39.02
C GLN A 1055 -24.05 32.35 -39.99
N LEU A 1056 -23.64 31.28 -40.67
CA LEU A 1056 -22.56 31.40 -41.64
C LEU A 1056 -22.94 32.30 -42.80
N VAL A 1057 -24.23 32.37 -43.12
CA VAL A 1057 -24.68 33.35 -44.11
C VAL A 1057 -24.72 34.75 -43.50
N TYR A 1058 -25.27 34.88 -42.30
CA TYR A 1058 -25.46 36.20 -41.71
C TYR A 1058 -24.21 36.76 -41.02
N TYR A 1059 -23.33 35.92 -40.50
CA TYR A 1059 -22.13 36.36 -39.78
C TYR A 1059 -20.92 35.67 -40.37
N PRO A 1060 -20.44 36.11 -41.52
CA PRO A 1060 -19.28 35.45 -42.14
C PRO A 1060 -18.01 35.52 -41.31
N GLU A 1061 -17.80 36.58 -40.51
CA GLU A 1061 -16.51 36.75 -39.87
C GLU A 1061 -16.20 35.61 -38.92
N ASN A 1062 -17.22 34.96 -38.37
CA ASN A 1062 -16.99 33.87 -37.44
C ASN A 1062 -16.30 32.70 -38.13
N TYR A 1063 -16.68 32.39 -39.37
CA TYR A 1063 -16.21 31.20 -40.04
C TYR A 1063 -15.11 31.49 -41.06
N ILE A 1064 -14.61 32.71 -41.13
CA ILE A 1064 -13.53 33.01 -42.06
C ILE A 1064 -12.23 32.60 -41.40
N ASP A 1065 -11.52 31.67 -42.02
CA ASP A 1065 -10.24 31.19 -41.53
C ASP A 1065 -9.24 31.55 -42.62
N PRO A 1066 -8.25 32.40 -42.34
CA PRO A 1066 -7.31 32.79 -43.40
C PRO A 1066 -6.51 31.65 -43.98
N THR A 1067 -6.33 30.56 -43.24
CA THR A 1067 -5.48 29.48 -43.71
C THR A 1067 -6.03 28.83 -44.97
N MET A 1068 -7.29 28.43 -44.97
CA MET A 1068 -7.89 27.78 -46.12
C MET A 1068 -9.08 28.56 -46.66
N ARG A 1069 -9.14 28.66 -47.98
CA ARG A 1069 -10.18 29.44 -48.64
C ARG A 1069 -10.45 28.82 -50.00
N ILE A 1070 -11.72 28.81 -50.39
CA ILE A 1070 -12.09 28.31 -51.70
C ILE A 1070 -11.52 29.24 -52.77
N GLY A 1071 -11.14 28.66 -53.91
CA GLY A 1071 -10.58 29.49 -54.96
C GLY A 1071 -9.22 30.08 -54.65
N GLN A 1072 -8.46 29.45 -53.78
CA GLN A 1072 -7.14 29.95 -53.43
C GLN A 1072 -6.23 29.85 -54.65
N THR A 1073 -5.48 30.92 -54.91
CA THR A 1073 -4.51 30.92 -55.99
C THR A 1073 -3.32 30.01 -55.67
N LYS A 1074 -2.70 29.48 -56.72
CA LYS A 1074 -1.62 28.51 -56.56
C LYS A 1074 -0.42 29.09 -55.85
N MET A 1075 -0.17 30.39 -56.00
CA MET A 1075 0.98 30.97 -55.30
C MET A 1075 0.69 31.20 -53.83
N MET A 1076 -0.57 31.44 -53.46
CA MET A 1076 -0.93 31.45 -52.05
C MET A 1076 -0.88 30.06 -51.42
N ASP A 1077 -1.16 29.01 -52.19
CA ASP A 1077 -0.88 27.66 -51.70
C ASP A 1077 0.61 27.35 -51.62
N ALA A 1078 1.44 27.87 -52.51
CA ALA A 1078 2.88 27.83 -52.28
C ALA A 1078 3.27 28.56 -51.01
N LEU A 1079 2.62 29.68 -50.72
CA LEU A 1079 3.03 30.50 -49.59
C LEU A 1079 2.71 29.79 -48.30
N LEU A 1080 1.52 29.22 -48.19
CA LEU A 1080 1.09 28.69 -46.91
C LEU A 1080 1.98 27.54 -46.50
N GLN A 1081 2.20 26.59 -47.39
CA GLN A 1081 3.05 25.45 -47.05
C GLN A 1081 4.52 25.85 -46.93
N SER A 1082 4.95 26.95 -47.56
CA SER A 1082 6.31 27.42 -47.35
C SER A 1082 6.50 28.01 -45.95
N VAL A 1083 5.50 28.74 -45.46
CA VAL A 1083 5.61 29.38 -44.16
C VAL A 1083 5.22 28.46 -43.00
N SER A 1084 4.57 27.33 -43.28
CA SER A 1084 4.12 26.44 -42.20
C SER A 1084 5.29 25.62 -41.66
N GLN A 1085 5.78 26.00 -40.48
CA GLN A 1085 6.84 25.31 -39.78
C GLN A 1085 6.83 25.74 -38.32
N SER A 1086 7.69 25.12 -37.50
CA SER A 1086 7.70 25.39 -36.07
C SER A 1086 8.30 26.75 -35.73
N GLN A 1087 9.41 27.10 -36.36
CA GLN A 1087 10.12 28.32 -36.03
C GLN A 1087 9.90 29.36 -37.12
N LEU A 1088 9.37 30.50 -36.72
CA LEU A 1088 9.17 31.63 -37.62
C LEU A 1088 10.02 32.77 -37.09
N ASN A 1089 10.84 33.33 -37.97
CA ASN A 1089 11.72 34.43 -37.64
C ASN A 1089 11.45 35.55 -38.64
N ALA A 1090 12.00 36.73 -38.37
CA ALA A 1090 11.76 37.85 -39.27
C ALA A 1090 12.32 37.57 -40.67
N ASP A 1091 13.52 37.03 -40.75
CA ASP A 1091 14.12 36.75 -42.05
C ASP A 1091 13.39 35.64 -42.81
N THR A 1092 12.96 34.58 -42.12
CA THR A 1092 12.27 33.51 -42.82
C THR A 1092 10.96 33.98 -43.43
N VAL A 1093 10.15 34.68 -42.65
CA VAL A 1093 8.87 35.16 -43.18
C VAL A 1093 9.10 36.23 -44.24
N GLU A 1094 10.13 37.05 -44.09
CA GLU A 1094 10.45 38.03 -45.14
C GLU A 1094 10.80 37.34 -46.46
N ASP A 1095 11.63 36.29 -46.40
CA ASP A 1095 12.00 35.59 -47.63
C ASP A 1095 10.81 34.89 -48.24
N ALA A 1096 9.97 34.28 -47.41
CA ALA A 1096 8.76 33.66 -47.95
C ALA A 1096 7.90 34.68 -48.68
N PHE A 1097 7.80 35.89 -48.12
CA PHE A 1097 7.06 36.94 -48.80
C PHE A 1097 7.73 37.38 -50.10
N MET A 1098 9.05 37.55 -50.11
CA MET A 1098 9.72 37.90 -51.37
C MET A 1098 9.60 36.83 -52.45
N SER A 1099 9.50 35.57 -52.07
CA SER A 1099 9.22 34.55 -53.09
C SER A 1099 7.79 34.59 -53.57
N TYR A 1100 6.84 34.84 -52.66
CA TYR A 1100 5.48 35.04 -53.10
C TYR A 1100 5.39 36.20 -54.08
N LEU A 1101 5.97 37.34 -53.72
CA LEU A 1101 5.99 38.50 -54.60
C LEU A 1101 6.63 38.21 -55.94
N THR A 1102 7.67 37.37 -55.98
CA THR A 1102 8.23 36.99 -57.27
C THR A 1102 7.21 36.28 -58.14
N SER A 1103 6.50 35.32 -57.56
CA SER A 1103 5.46 34.61 -58.31
C SER A 1103 4.38 35.56 -58.81
N PHE A 1104 3.92 36.46 -57.94
CA PHE A 1104 2.87 37.40 -58.30
C PHE A 1104 3.31 38.30 -59.45
N GLU A 1105 4.55 38.79 -59.38
CA GLU A 1105 5.05 39.66 -60.44
C GLU A 1105 5.14 38.90 -61.76
N GLN A 1106 5.58 37.64 -61.72
CA GLN A 1106 5.67 36.88 -62.95
C GLN A 1106 4.29 36.68 -63.59
N VAL A 1107 3.26 36.39 -62.79
CA VAL A 1107 1.93 36.21 -63.37
C VAL A 1107 1.24 37.53 -63.71
N ALA A 1108 1.77 38.66 -63.27
CA ALA A 1108 1.12 39.93 -63.60
C ALA A 1108 1.70 40.60 -64.86
N ASN A 1109 2.94 40.34 -65.21
CA ASN A 1109 3.53 40.98 -66.37
C ASN A 1109 3.11 40.39 -67.71
N LEU A 1110 2.50 39.21 -67.75
CA LEU A 1110 2.19 38.57 -69.01
C LEU A 1110 1.14 39.33 -69.82
N LYS A 1111 1.23 39.21 -71.14
CA LYS A 1111 0.36 39.90 -72.08
C LYS A 1111 -0.47 38.90 -72.87
N VAL A 1112 -1.69 39.31 -73.21
CA VAL A 1112 -2.60 38.50 -74.00
C VAL A 1112 -2.18 38.50 -75.48
N ILE A 1113 -2.32 37.35 -76.13
CA ILE A 1113 -2.10 37.22 -77.57
C ILE A 1113 -3.42 37.19 -78.31
N SER A 1114 -4.29 36.27 -77.94
CA SER A 1114 -5.45 35.93 -78.74
C SER A 1114 -6.57 35.47 -77.83
N ALA A 1115 -7.79 35.48 -78.37
CA ALA A 1115 -8.94 35.07 -77.60
C ALA A 1115 -9.96 34.42 -78.52
N TYR A 1116 -10.90 33.72 -77.90
CA TYR A 1116 -12.00 33.05 -78.58
C TYR A 1116 -13.26 33.24 -77.76
N HIS A 1117 -14.38 33.44 -78.42
CA HIS A 1117 -15.65 33.63 -77.71
C HIS A 1117 -16.49 32.38 -77.89
N ASP A 1118 -16.84 31.75 -76.77
CA ASP A 1118 -17.43 30.41 -76.79
C ASP A 1118 -18.81 30.34 -77.39
N ASN A 1119 -19.54 31.45 -77.47
CA ASN A 1119 -20.93 31.38 -77.88
C ASN A 1119 -21.12 32.15 -79.18
N ILE A 1120 -22.13 31.71 -79.94
CA ILE A 1120 -22.48 32.37 -81.20
C ILE A 1120 -22.85 33.83 -80.97
N ASN A 1121 -23.51 34.14 -79.86
CA ASN A 1121 -23.92 35.50 -79.57
C ASN A 1121 -23.08 36.07 -78.43
N ASN A 1122 -22.71 37.34 -78.56
CA ASN A 1122 -21.82 37.98 -77.60
C ASN A 1122 -22.46 38.19 -76.23
N ASP A 1123 -23.80 38.12 -76.14
CA ASP A 1123 -24.45 38.41 -74.88
C ASP A 1123 -24.10 37.38 -73.81
N GLN A 1124 -24.10 36.10 -74.16
CA GLN A 1124 -23.82 35.04 -73.23
C GLN A 1124 -22.54 34.31 -73.61
N GLY A 1125 -22.25 33.23 -72.88
CA GLY A 1125 -21.09 32.41 -73.16
C GLY A 1125 -19.85 32.81 -72.38
N LEU A 1126 -18.73 32.22 -72.78
CA LEU A 1126 -17.45 32.43 -72.15
C LEU A 1126 -16.44 32.89 -73.20
N THR A 1127 -15.41 33.60 -72.74
CA THR A 1127 -14.33 34.03 -73.59
C THR A 1127 -13.02 33.50 -73.01
N TYR A 1128 -12.21 32.87 -73.84
CA TYR A 1128 -10.95 32.29 -73.42
C TYR A 1128 -9.78 33.08 -73.96
N PHE A 1129 -8.87 33.45 -73.07
CA PHE A 1129 -7.71 34.24 -73.44
C PHE A 1129 -6.45 33.37 -73.34
N ILE A 1130 -5.46 33.72 -74.15
CA ILE A 1130 -4.17 33.05 -74.19
C ILE A 1130 -3.13 34.12 -73.92
N GLY A 1131 -2.25 33.89 -72.97
CA GLY A 1131 -1.23 34.86 -72.64
C GLY A 1131 0.16 34.28 -72.52
N LEU A 1132 1.13 35.07 -72.96
CA LEU A 1132 2.53 34.70 -73.02
C LEU A 1132 3.32 35.45 -71.97
N SER A 1133 4.11 34.75 -71.18
CA SER A 1133 5.01 35.44 -70.28
C SER A 1133 6.21 35.96 -71.07
N GLU A 1134 6.80 37.04 -70.58
CA GLU A 1134 8.02 37.61 -71.16
C GLU A 1134 9.24 36.76 -70.81
N THR A 1135 9.37 35.63 -71.52
CA THR A 1135 10.56 34.80 -71.42
C THR A 1135 10.81 34.12 -72.77
N ASP A 1136 12.06 33.73 -72.99
CA ASP A 1136 12.52 33.35 -74.33
C ASP A 1136 11.86 32.05 -74.79
N ALA A 1137 12.01 30.98 -74.03
CA ALA A 1137 11.12 29.82 -74.18
C ALA A 1137 9.82 30.13 -73.43
N GLY A 1138 8.95 30.86 -74.11
CA GLY A 1138 7.77 31.41 -73.45
C GLY A 1138 6.94 30.36 -72.75
N GLU A 1139 6.29 30.78 -71.67
CA GLU A 1139 5.27 29.98 -71.02
C GLU A 1139 3.91 30.57 -71.32
N TYR A 1140 2.95 29.72 -71.66
CA TYR A 1140 1.64 30.17 -72.11
C TYR A 1140 0.58 29.88 -71.06
N TYR A 1141 -0.19 30.88 -70.69
CA TYR A 1141 -1.24 30.77 -69.70
C TYR A 1141 -2.61 31.05 -70.34
N TRP A 1142 -3.61 30.25 -70.03
CA TRP A 1142 -4.96 30.44 -70.55
C TRP A 1142 -5.89 30.91 -69.44
N ARG A 1143 -6.70 31.92 -69.72
CA ARG A 1143 -7.64 32.53 -68.78
C ARG A 1143 -9.01 32.60 -69.40
N SER A 1144 -10.06 32.39 -68.61
CA SER A 1144 -11.43 32.40 -69.12
C SER A 1144 -12.25 33.44 -68.39
N VAL A 1145 -13.14 34.12 -69.11
CA VAL A 1145 -14.01 35.11 -68.50
C VAL A 1145 -15.44 34.76 -68.88
N ASP A 1146 -16.37 35.16 -68.03
CA ASP A 1146 -17.79 34.86 -68.19
C ASP A 1146 -18.61 36.09 -68.51
N HIS A 1147 -19.36 36.03 -69.62
CA HIS A 1147 -20.18 37.17 -70.01
C HIS A 1147 -21.53 37.22 -69.30
N SER A 1148 -22.04 36.08 -68.84
CA SER A 1148 -23.34 36.08 -68.16
C SER A 1148 -23.29 36.89 -66.87
N LYS A 1149 -22.22 36.76 -66.11
CA LYS A 1149 -22.08 37.51 -64.86
C LYS A 1149 -21.85 38.98 -65.10
N PHE A 1150 -21.44 39.37 -66.30
CA PHE A 1150 -21.26 40.77 -66.62
C PHE A 1150 -22.59 41.48 -66.75
N ASN A 1151 -22.74 42.63 -66.08
CA ASN A 1151 -23.95 43.41 -66.16
C ASN A 1151 -23.64 44.83 -65.72
N ASP A 1152 -24.52 45.76 -66.11
CA ASP A 1152 -24.41 47.17 -65.74
C ASP A 1152 -23.10 47.78 -66.23
N GLY A 1153 -22.52 47.23 -67.29
CA GLY A 1153 -21.31 47.77 -67.87
C GLY A 1153 -20.03 47.42 -67.14
N LYS A 1154 -20.09 46.66 -66.07
CA LYS A 1154 -18.91 46.28 -65.31
C LYS A 1154 -18.90 44.79 -65.10
N PHE A 1155 -17.79 44.14 -65.42
CA PHE A 1155 -17.67 42.72 -65.14
C PHE A 1155 -17.58 42.51 -63.64
N ALA A 1156 -18.34 41.54 -63.14
CA ALA A 1156 -18.25 41.20 -61.73
C ALA A 1156 -16.88 40.60 -61.49
N ALA A 1157 -16.31 40.85 -60.32
CA ALA A 1157 -14.96 40.37 -60.02
C ALA A 1157 -14.90 38.86 -60.05
N ASN A 1158 -15.92 38.18 -59.53
CA ASN A 1158 -15.92 36.72 -59.51
C ASN A 1158 -16.10 36.10 -60.90
N ALA A 1159 -16.50 36.86 -61.91
CA ALA A 1159 -16.62 36.30 -63.25
C ALA A 1159 -15.28 35.87 -63.83
N TRP A 1160 -14.23 36.65 -63.61
CA TRP A 1160 -12.90 36.33 -64.10
C TRP A 1160 -12.32 35.09 -63.42
N SER A 1161 -11.45 34.38 -64.12
CA SER A 1161 -10.78 33.21 -63.58
C SER A 1161 -9.28 33.44 -63.56
N GLU A 1162 -8.60 32.75 -62.67
CA GLU A 1162 -7.15 32.89 -62.56
C GLU A 1162 -6.46 32.22 -63.73
N TRP A 1163 -5.26 32.71 -64.06
CA TRP A 1163 -4.50 32.12 -65.14
C TRP A 1163 -4.07 30.71 -64.80
N HIS A 1164 -4.05 29.83 -65.80
CA HIS A 1164 -3.65 28.45 -65.63
C HIS A 1164 -2.48 28.21 -66.57
N LYS A 1165 -1.41 27.64 -66.04
CA LYS A 1165 -0.24 27.32 -66.84
C LYS A 1165 -0.53 26.20 -67.84
N ILE A 1166 0.00 26.32 -69.05
CA ILE A 1166 -0.14 25.29 -70.07
C ILE A 1166 1.10 24.41 -70.09
N ASP A 1167 0.92 23.12 -69.80
CA ASP A 1167 2.01 22.18 -69.59
C ASP A 1167 2.68 21.71 -70.88
N CYS A 1168 1.92 21.49 -71.94
CA CYS A 1168 2.48 20.97 -73.19
C CYS A 1168 3.50 21.96 -73.77
N PRO A 1169 4.36 21.52 -74.68
CA PRO A 1169 5.29 22.46 -75.30
C PRO A 1169 4.63 23.26 -76.40
N ILE A 1170 4.88 24.55 -76.41
CA ILE A 1170 4.41 25.46 -77.43
C ILE A 1170 5.58 26.22 -78.02
N ASN A 1171 5.71 26.19 -79.34
CA ASN A 1171 6.80 26.90 -80.03
C ASN A 1171 6.29 27.51 -81.33
N PRO A 1172 5.39 28.47 -81.26
CA PRO A 1172 4.69 28.93 -82.45
C PRO A 1172 5.55 29.85 -83.29
N TYR A 1173 5.20 29.92 -84.57
CA TYR A 1173 5.69 30.97 -85.46
C TYR A 1173 4.99 32.30 -85.19
N LYS A 1174 5.76 33.31 -84.81
CA LYS A 1174 5.26 34.69 -84.69
C LYS A 1174 4.06 34.77 -83.76
N SER A 1175 4.05 33.92 -82.74
CA SER A 1175 2.95 33.89 -81.76
C SER A 1175 1.61 33.71 -82.46
N THR A 1176 1.59 32.84 -83.49
CA THR A 1176 0.37 32.37 -84.13
C THR A 1176 -0.16 31.19 -83.32
N ILE A 1177 -0.82 31.49 -82.22
CA ILE A 1177 -1.55 30.49 -81.46
C ILE A 1177 -2.97 31.00 -81.26
N ARG A 1178 -3.92 30.13 -81.44
CA ARG A 1178 -5.33 30.46 -81.33
C ARG A 1178 -6.15 29.37 -80.68
N PRO A 1179 -6.74 29.62 -79.52
CA PRO A 1179 -7.59 28.60 -78.91
C PRO A 1179 -8.84 28.40 -79.73
N VAL A 1180 -9.48 27.25 -79.52
CA VAL A 1180 -10.79 27.00 -80.07
C VAL A 1180 -11.49 26.07 -79.09
N ILE A 1181 -12.81 26.19 -79.02
CA ILE A 1181 -13.64 25.25 -78.27
C ILE A 1181 -14.31 24.27 -79.22
N TYR A 1182 -14.15 22.99 -78.95
CA TYR A 1182 -14.80 21.92 -79.69
C TYR A 1182 -15.46 20.95 -78.73
N LYS A 1183 -16.74 20.67 -78.97
CA LYS A 1183 -17.51 19.75 -78.13
C LYS A 1183 -17.40 20.14 -76.66
N SER A 1184 -17.41 21.43 -76.38
CA SER A 1184 -17.26 21.96 -75.03
C SER A 1184 -15.91 21.63 -74.40
N ARG A 1185 -14.89 21.29 -75.18
CA ARG A 1185 -13.55 21.09 -74.65
C ARG A 1185 -12.62 22.09 -75.31
N LEU A 1186 -11.63 22.55 -74.55
CA LEU A 1186 -10.65 23.51 -75.07
C LEU A 1186 -9.55 22.86 -75.91
N TYR A 1187 -9.33 23.39 -77.09
CA TYR A 1187 -8.31 22.93 -78.01
C TYR A 1187 -7.41 24.10 -78.36
N LEU A 1188 -6.17 23.80 -78.72
CA LEU A 1188 -5.24 24.83 -79.16
C LEU A 1188 -4.76 24.44 -80.55
N LEU A 1189 -4.86 25.36 -81.48
CA LEU A 1189 -4.13 25.26 -82.73
C LEU A 1189 -3.01 26.26 -82.63
N TRP A 1190 -1.82 25.82 -82.97
CA TRP A 1190 -0.76 26.77 -83.22
C TRP A 1190 0.05 26.29 -84.40
N LEU A 1191 0.62 27.24 -85.12
CA LEU A 1191 1.42 26.93 -86.27
C LEU A 1191 2.86 26.94 -85.79
N GLU A 1192 3.54 25.82 -85.94
CA GLU A 1192 4.98 25.77 -85.81
C GLU A 1192 5.61 25.94 -87.18
N GLN A 1193 6.82 26.47 -87.19
CA GLN A 1193 7.57 26.61 -88.42
C GLN A 1193 9.00 26.17 -88.21
N LYS A 1194 9.55 25.51 -89.22
CA LYS A 1194 10.86 24.89 -89.16
C LYS A 1194 11.59 25.23 -90.44
N GLU A 1195 12.92 25.07 -90.42
CA GLU A 1195 13.76 25.55 -91.49
C GLU A 1195 14.58 24.42 -92.07
N ILE A 1196 14.54 24.28 -93.39
CA ILE A 1196 15.11 23.14 -94.09
C ILE A 1196 15.81 23.67 -95.33
N THR A 1197 16.60 22.80 -95.94
CA THR A 1197 17.62 23.17 -96.90
C THR A 1197 17.34 22.52 -98.24
N LYS A 1198 17.75 23.19 -99.32
CA LYS A 1198 17.50 22.72 -100.67
C LYS A 1198 18.79 22.85 -101.47
N GLN A 1199 18.98 21.96 -102.43
CA GLN A 1199 20.17 21.92 -103.26
C GLN A 1199 19.85 22.49 -104.65
N THR A 1200 20.62 23.50 -105.05
CA THR A 1200 20.36 24.23 -106.29
C THR A 1200 21.66 24.82 -106.82
N TYR A 1207 25.12 22.84 -107.47
CA TYR A 1207 25.15 22.23 -106.15
C TYR A 1207 25.02 23.29 -105.06
N GLN A 1208 24.82 24.54 -105.47
CA GLN A 1208 24.67 25.63 -104.52
C GLN A 1208 23.55 25.34 -103.53
N THR A 1209 23.76 25.72 -102.28
CA THR A 1209 22.89 25.32 -101.19
C THR A 1209 21.98 26.48 -100.79
N GLU A 1210 20.71 26.18 -100.56
CA GLU A 1210 19.67 27.20 -100.48
C GLU A 1210 18.73 26.82 -99.34
N THR A 1211 17.92 27.77 -98.87
CA THR A 1211 17.08 27.50 -97.72
C THR A 1211 15.63 27.89 -97.96
N ASP A 1212 14.75 27.24 -97.21
CA ASP A 1212 13.30 27.37 -97.33
C ASP A 1212 12.69 26.81 -96.07
N TYR A 1213 11.42 27.07 -95.86
CA TYR A 1213 10.80 26.71 -94.60
C TYR A 1213 9.72 25.67 -94.85
N ARG A 1214 9.26 25.06 -93.76
CA ARG A 1214 8.08 24.21 -93.79
C ARG A 1214 7.25 24.44 -92.54
N TYR A 1215 5.95 24.24 -92.64
CA TYR A 1215 4.99 24.67 -91.64
C TYR A 1215 4.16 23.46 -91.24
N GLU A 1216 3.95 23.31 -89.95
CA GLU A 1216 3.24 22.18 -89.36
C GLU A 1216 2.22 22.69 -88.36
N LEU A 1217 0.96 22.69 -88.74
CA LEU A 1217 -0.11 22.95 -87.81
C LEU A 1217 -0.25 21.84 -86.77
N LYS A 1218 -0.30 22.22 -85.50
CA LYS A 1218 -0.38 21.27 -84.40
C LYS A 1218 -1.61 21.55 -83.55
N LEU A 1219 -2.33 20.50 -83.19
CA LEU A 1219 -3.52 20.57 -82.34
C LEU A 1219 -3.29 19.85 -81.01
N ALA A 1220 -3.63 20.49 -79.89
CA ALA A 1220 -3.63 19.85 -78.59
C ALA A 1220 -4.98 20.09 -77.91
N HIS A 1221 -5.28 19.31 -76.87
CA HIS A 1221 -6.46 19.57 -76.06
C HIS A 1221 -6.23 19.28 -74.59
N ILE A 1222 -7.01 19.94 -73.73
CA ILE A 1222 -6.99 19.69 -72.28
C ILE A 1222 -7.76 18.43 -71.91
N ARG A 1223 -7.30 17.79 -70.84
CA ARG A 1223 -7.96 16.66 -70.20
C ARG A 1223 -8.72 17.10 -68.97
N TYR A 1224 -9.53 16.19 -68.43
CA TYR A 1224 -10.31 16.48 -67.23
C TYR A 1224 -9.47 16.89 -66.04
N ASP A 1225 -8.28 16.34 -65.88
CA ASP A 1225 -7.42 16.72 -64.77
C ASP A 1225 -6.56 17.95 -65.05
N GLY A 1226 -6.85 18.68 -66.12
CA GLY A 1226 -6.10 19.88 -66.40
C GLY A 1226 -4.73 19.65 -67.00
N THR A 1227 -4.32 18.42 -67.22
CA THR A 1227 -3.15 18.20 -68.05
C THR A 1227 -3.52 18.32 -69.52
N TRP A 1228 -2.50 18.43 -70.36
CA TRP A 1228 -2.66 18.68 -71.78
C TRP A 1228 -2.23 17.46 -72.58
N ASN A 1229 -3.04 17.04 -73.52
CA ASN A 1229 -2.67 15.92 -74.36
C ASN A 1229 -1.54 16.31 -75.32
N THR A 1230 -0.85 15.30 -75.82
CA THR A 1230 0.30 15.52 -76.71
C THR A 1230 -0.14 16.13 -78.04
N PRO A 1231 0.55 17.16 -78.54
CA PRO A 1231 0.16 17.79 -79.80
C PRO A 1231 0.29 16.89 -81.01
N ILE A 1232 -0.73 16.91 -81.86
CA ILE A 1232 -0.85 16.04 -83.03
C ILE A 1232 -0.53 16.85 -84.27
N THR A 1233 0.47 16.44 -85.04
CA THR A 1233 0.92 17.21 -86.19
C THR A 1233 0.01 17.04 -87.39
N PHE A 1234 -0.27 18.15 -88.09
CA PHE A 1234 -1.01 18.13 -89.35
C PHE A 1234 -0.21 18.82 -90.43
N ASP A 1235 -0.04 18.17 -91.58
CA ASP A 1235 0.81 18.71 -92.64
C ASP A 1235 0.05 19.80 -93.41
N VAL A 1236 0.55 21.03 -93.37
CA VAL A 1236 -0.07 22.17 -94.03
C VAL A 1236 0.79 22.79 -95.13
N ASN A 1237 1.90 22.16 -95.50
CA ASN A 1237 2.81 22.78 -96.46
C ASN A 1237 2.15 23.14 -97.79
N LYS A 1238 1.31 22.25 -98.33
CA LYS A 1238 0.57 22.60 -99.54
C LYS A 1238 -0.29 23.83 -99.35
N LYS A 1239 -1.08 23.87 -98.27
CA LYS A 1239 -2.05 24.93 -98.08
C LYS A 1239 -1.39 26.29 -97.87
N ILE A 1240 -0.29 26.31 -97.12
CA ILE A 1240 0.46 27.55 -96.93
C ILE A 1240 1.18 27.95 -98.21
N SER A 1241 1.75 26.98 -98.92
CA SER A 1241 2.42 27.30 -100.18
C SER A 1241 1.46 27.87 -101.21
N GLU A 1242 0.18 27.48 -101.15
CA GLU A 1242 -0.83 28.15 -101.95
C GLU A 1242 -1.04 29.61 -101.54
N LEU A 1243 -0.89 29.92 -100.27
CA LEU A 1243 -0.88 31.32 -99.80
C LEU A 1243 0.48 31.94 -100.12
N LYS A 1244 0.51 32.85 -101.10
CA LYS A 1244 1.73 33.57 -101.42
C LYS A 1244 2.00 34.60 -100.32
N LEU A 1245 2.54 34.11 -99.21
CA LEU A 1245 2.86 35.00 -98.10
C LEU A 1245 4.01 35.93 -98.47
N GLU A 1246 3.98 37.13 -97.91
CA GLU A 1246 5.16 37.95 -97.83
C GLU A 1246 6.21 37.26 -96.96
N LYS A 1247 7.46 37.69 -97.14
CA LYS A 1247 8.53 37.19 -96.28
C LYS A 1247 8.29 37.58 -94.83
N ASN A 1248 8.52 36.62 -93.93
CA ASN A 1248 8.35 36.76 -92.48
C ASN A 1248 6.99 37.34 -92.12
N ARG A 1249 5.95 36.87 -92.80
CA ARG A 1249 4.58 37.28 -92.51
C ARG A 1249 3.82 36.07 -92.00
N ALA A 1250 3.09 36.24 -90.92
CA ALA A 1250 2.33 35.11 -90.40
C ALA A 1250 1.03 34.97 -91.19
N PRO A 1251 0.72 33.78 -91.72
CA PRO A 1251 -0.53 33.62 -92.46
C PRO A 1251 -1.70 33.86 -91.53
N GLY A 1252 -2.75 34.47 -92.06
CA GLY A 1252 -3.96 34.63 -91.28
C GLY A 1252 -4.58 33.28 -91.04
N LEU A 1253 -4.69 32.89 -89.78
CA LEU A 1253 -5.23 31.60 -89.37
C LEU A 1253 -6.56 31.85 -88.69
N TYR A 1254 -7.61 31.20 -89.20
CA TYR A 1254 -8.94 31.35 -88.64
C TYR A 1254 -9.40 30.01 -88.11
N CYS A 1255 -9.79 29.98 -86.85
CA CYS A 1255 -10.23 28.77 -86.18
C CYS A 1255 -11.60 29.01 -85.59
N ALA A 1256 -12.52 28.09 -85.85
CA ALA A 1256 -13.88 28.22 -85.36
C ALA A 1256 -14.51 26.84 -85.28
N GLY A 1257 -15.34 26.63 -84.26
CA GLY A 1257 -15.96 25.34 -84.02
C GLY A 1257 -17.35 25.42 -84.61
N TYR A 1258 -17.73 24.39 -85.34
CA TYR A 1258 -18.98 24.43 -86.10
C TYR A 1258 -20.11 24.01 -85.15
N GLN A 1259 -21.18 24.79 -85.17
CA GLN A 1259 -22.44 24.38 -84.56
C GLN A 1259 -23.05 23.17 -85.25
N GLY A 1260 -23.56 22.24 -84.46
CA GLY A 1260 -24.14 21.01 -84.95
C GLY A 1260 -23.12 19.94 -85.29
N GLU A 1261 -22.53 20.00 -86.48
CA GLU A 1261 -21.50 19.04 -86.84
C GLU A 1261 -20.30 19.21 -85.94
N ASP A 1262 -19.77 18.10 -85.46
CA ASP A 1262 -18.54 18.08 -84.68
C ASP A 1262 -17.40 17.99 -85.69
N THR A 1263 -16.99 19.16 -86.18
CA THR A 1263 -15.82 19.38 -87.00
C THR A 1263 -15.13 20.66 -86.52
N LEU A 1264 -13.80 20.65 -86.49
CA LEU A 1264 -13.07 21.91 -86.39
C LEU A 1264 -12.90 22.53 -87.77
N LEU A 1265 -13.43 23.73 -87.99
CA LEU A 1265 -13.05 24.50 -89.17
C LEU A 1265 -11.70 25.16 -88.93
N VAL A 1266 -10.72 24.81 -89.75
CA VAL A 1266 -9.44 25.50 -89.75
C VAL A 1266 -9.24 26.10 -91.12
N MET A 1267 -9.10 27.41 -91.18
CA MET A 1267 -8.97 28.10 -92.45
C MET A 1267 -7.73 28.97 -92.40
N PHE A 1268 -7.00 29.00 -93.51
CA PHE A 1268 -5.88 29.92 -93.69
C PHE A 1268 -6.21 30.99 -94.73
N TYR A 1269 -5.96 32.24 -94.38
CA TYR A 1269 -6.30 33.36 -95.23
C TYR A 1269 -5.10 34.30 -95.31
N ASN A 1270 -5.01 35.02 -96.40
CA ASN A 1270 -3.93 35.98 -96.56
C ASN A 1270 -4.28 37.26 -95.81
N GLN A 1271 -3.28 37.89 -95.22
CA GLN A 1271 -3.54 39.07 -94.42
C GLN A 1271 -3.93 40.24 -95.33
N GLN A 1272 -5.02 40.92 -94.97
CA GLN A 1272 -5.44 42.11 -95.69
C GLN A 1272 -5.87 43.19 -94.70
N ASP A 1273 -5.71 44.44 -95.13
CA ASP A 1273 -5.97 45.59 -94.27
C ASP A 1273 -7.45 45.88 -94.04
N THR A 1274 -8.33 45.38 -94.89
CA THR A 1274 -9.75 45.71 -94.79
C THR A 1274 -10.61 44.46 -94.95
N LEU A 1275 -11.75 44.47 -94.26
CA LEU A 1275 -12.75 43.42 -94.45
C LEU A 1275 -13.23 43.35 -95.89
N ASP A 1276 -13.32 44.51 -96.56
CA ASP A 1276 -13.72 44.55 -97.97
C ASP A 1276 -12.81 43.71 -98.86
N SER A 1277 -11.56 43.48 -98.45
CA SER A 1277 -10.65 42.65 -99.23
C SER A 1277 -10.83 41.17 -98.94
N TYR A 1278 -11.20 40.82 -97.72
CA TYR A 1278 -11.49 39.43 -97.38
C TYR A 1278 -12.68 38.90 -98.15
N LYS A 1279 -13.54 39.78 -98.67
CA LYS A 1279 -14.72 39.36 -99.41
C LYS A 1279 -14.38 38.44 -100.58
N ASN A 1280 -13.16 38.53 -101.12
CA ASN A 1280 -12.72 37.67 -102.20
C ASN A 1280 -11.38 36.98 -101.93
N ALA A 1281 -10.93 36.94 -100.69
CA ALA A 1281 -9.67 36.28 -100.37
C ALA A 1281 -9.75 34.80 -100.72
N SER A 1282 -8.65 34.26 -101.26
CA SER A 1282 -8.56 32.85 -101.56
C SER A 1282 -8.38 32.00 -100.30
N MET A 1283 -9.49 31.65 -99.66
CA MET A 1283 -9.46 30.98 -98.37
C MET A 1283 -8.95 29.56 -98.52
N GLN A 1284 -7.77 29.28 -97.96
CA GLN A 1284 -7.36 27.90 -97.75
C GLN A 1284 -7.97 27.38 -96.45
N GLY A 1285 -8.24 26.08 -96.42
CA GLY A 1285 -8.43 25.46 -95.12
C GLY A 1285 -8.52 23.95 -95.21
N LEU A 1286 -8.82 23.36 -94.05
CA LEU A 1286 -9.02 21.93 -93.93
C LEU A 1286 -10.03 21.65 -92.82
N TYR A 1287 -10.73 20.53 -92.93
CA TYR A 1287 -11.59 20.00 -91.87
C TYR A 1287 -10.80 19.15 -90.89
N ILE A 1288 -11.10 19.30 -89.60
CA ILE A 1288 -10.56 18.42 -88.57
C ILE A 1288 -11.70 17.86 -87.72
N PHE A 1289 -11.72 16.55 -87.57
CA PHE A 1289 -12.83 15.81 -86.97
C PHE A 1289 -12.43 15.39 -85.55
N ALA A 1290 -13.43 14.86 -84.83
CA ALA A 1290 -13.25 14.58 -83.41
C ALA A 1290 -12.12 13.58 -83.15
N ASP A 1291 -12.03 12.54 -83.98
CA ASP A 1291 -10.91 11.60 -83.95
C ASP A 1291 -9.60 12.18 -84.49
N MET A 1292 -9.55 13.47 -84.82
CA MET A 1292 -8.35 14.14 -85.34
C MET A 1292 -7.88 13.56 -86.67
N ALA A 1293 -8.78 12.91 -87.41
CA ALA A 1293 -8.63 12.80 -88.86
C ALA A 1293 -8.84 14.18 -89.50
N SER A 1294 -8.47 14.30 -90.76
CA SER A 1294 -8.71 15.55 -91.46
C SER A 1294 -9.15 15.28 -92.89
N LYS A 1295 -9.68 16.33 -93.50
CA LYS A 1295 -9.99 16.39 -94.92
C LYS A 1295 -9.72 17.80 -95.41
N ASP A 1296 -9.47 17.93 -96.71
CA ASP A 1296 -9.33 19.26 -97.26
C ASP A 1296 -10.69 19.94 -97.39
N MET A 1297 -10.66 21.27 -97.49
CA MET A 1297 -11.82 22.02 -97.96
C MET A 1297 -11.94 21.96 -99.47
N CYS A 1298 -13.17 21.80 -99.94
CA CYS A 1298 -13.46 22.17 -101.31
C CYS A 1298 -13.52 23.70 -101.43
N PRO A 1299 -13.02 24.27 -102.53
CA PRO A 1299 -13.17 25.72 -102.75
C PRO A 1299 -14.59 26.24 -102.57
N GLU A 1300 -15.58 25.48 -103.07
CA GLU A 1300 -16.98 25.89 -102.93
C GLU A 1300 -17.40 25.98 -101.48
N GLN A 1301 -16.97 25.03 -100.63
CA GLN A 1301 -17.28 25.17 -99.21
C GLN A 1301 -16.55 26.35 -98.60
N SER A 1302 -15.30 26.57 -99.02
CA SER A 1302 -14.50 27.62 -98.41
C SER A 1302 -15.11 28.98 -98.70
N ASN A 1303 -15.65 29.16 -99.91
CA ASN A 1303 -16.28 30.44 -100.25
C ASN A 1303 -17.44 30.75 -99.32
N VAL A 1304 -18.22 29.73 -98.97
CA VAL A 1304 -19.36 29.91 -98.06
C VAL A 1304 -18.88 30.25 -96.65
N TYR A 1305 -17.95 29.44 -96.12
CA TYR A 1305 -17.38 29.73 -94.81
C TYR A 1305 -16.71 31.10 -94.76
N ARG A 1306 -16.13 31.54 -95.87
CA ARG A 1306 -15.58 32.88 -95.96
C ARG A 1306 -16.68 33.93 -95.90
N ASP A 1307 -17.63 33.88 -96.82
CA ASP A 1307 -18.62 34.95 -96.90
C ASP A 1307 -19.47 35.02 -95.64
N ASN A 1308 -19.60 33.92 -94.89
CA ASN A 1308 -20.16 34.04 -93.54
C ASN A 1308 -19.19 34.62 -92.50
N SER A 1309 -17.97 34.08 -92.39
CA SER A 1309 -17.10 34.42 -91.26
C SER A 1309 -16.23 35.66 -91.45
N TYR A 1310 -16.15 36.23 -92.65
CA TYR A 1310 -15.08 37.19 -92.96
C TYR A 1310 -14.99 38.35 -92.00
N GLN A 1311 -16.07 38.71 -91.30
CA GLN A 1311 -15.97 39.83 -90.36
C GLN A 1311 -15.09 39.49 -89.17
N GLN A 1312 -14.86 38.21 -88.92
CA GLN A 1312 -14.06 37.69 -87.83
C GLN A 1312 -12.57 37.66 -88.15
N PHE A 1313 -12.18 37.88 -89.41
CA PHE A 1313 -10.77 37.81 -89.79
C PHE A 1313 -9.99 39.01 -89.26
N ASP A 1314 -8.82 38.72 -88.69
CA ASP A 1314 -7.96 39.73 -88.05
C ASP A 1314 -7.22 40.50 -89.13
N THR A 1315 -7.56 41.78 -89.32
CA THR A 1315 -6.76 42.58 -90.23
C THR A 1315 -5.41 42.92 -89.62
N ASN A 1316 -4.51 43.45 -90.46
CA ASN A 1316 -3.17 43.85 -90.06
C ASN A 1316 -3.13 44.93 -88.99
N ASN A 1317 -4.23 45.63 -88.74
CA ASN A 1317 -4.28 46.73 -87.79
C ASN A 1317 -4.74 46.29 -86.41
N VAL A 1318 -5.63 45.33 -86.35
CA VAL A 1318 -6.43 45.03 -85.17
C VAL A 1318 -6.72 43.55 -85.13
N ARG A 1319 -6.66 42.97 -83.95
CA ARG A 1319 -6.97 41.57 -83.74
C ARG A 1319 -8.37 41.41 -83.18
N ARG A 1320 -9.17 40.60 -83.86
CA ARG A 1320 -10.54 40.26 -83.51
C ARG A 1320 -10.61 38.94 -82.78
N VAL A 1321 -11.74 38.72 -82.14
CA VAL A 1321 -12.07 37.47 -81.46
C VAL A 1321 -13.02 36.69 -82.33
N ASN A 1322 -12.79 35.38 -82.45
CA ASN A 1322 -13.69 34.53 -83.21
C ASN A 1322 -14.89 34.09 -82.38
N ASN A 1323 -16.03 33.97 -83.04
CA ASN A 1323 -17.19 33.26 -82.50
C ASN A 1323 -17.26 31.84 -83.02
N ARG A 1324 -18.04 31.01 -82.34
CA ARG A 1324 -18.54 29.78 -82.95
C ARG A 1324 -19.20 30.08 -84.29
N TYR A 1325 -19.03 29.15 -85.22
CA TYR A 1325 -19.48 29.36 -86.59
C TYR A 1325 -20.99 29.50 -86.63
N ALA A 1326 -21.48 30.31 -87.56
CA ALA A 1326 -22.91 30.53 -87.71
C ALA A 1326 -23.29 30.41 -89.18
N GLU A 1327 -24.53 30.00 -89.41
CA GLU A 1327 -25.05 29.85 -90.77
C GLU A 1327 -26.44 30.45 -90.92
N ASP A 1600 -22.80 45.15 -83.21
CA ASP A 1600 -22.70 43.79 -83.70
C ASP A 1600 -21.33 43.52 -84.31
N ASN A 1601 -20.42 44.47 -84.11
CA ASN A 1601 -19.00 44.16 -84.28
C ASN A 1601 -18.60 43.02 -83.35
N ALA A 1602 -17.57 42.28 -83.76
CA ALA A 1602 -16.98 41.28 -82.88
C ALA A 1602 -16.23 41.92 -81.72
N LEU A 1603 -16.06 41.12 -80.66
CA LEU A 1603 -15.12 41.43 -79.60
C LEU A 1603 -13.75 41.68 -80.20
N THR A 1604 -12.95 42.51 -79.55
CA THR A 1604 -11.73 42.96 -80.18
C THR A 1604 -10.67 43.21 -79.11
N LEU A 1605 -9.42 42.98 -79.46
CA LEU A 1605 -8.29 43.24 -78.57
C LEU A 1605 -7.42 44.32 -79.18
N HIS A 1606 -7.27 45.43 -78.48
CA HIS A 1606 -6.34 46.46 -78.92
C HIS A 1606 -5.16 46.53 -77.97
N HIS A 1607 -3.96 46.60 -78.52
CA HIS A 1607 -2.75 46.82 -77.74
C HIS A 1607 -2.38 48.29 -77.84
N ASN A 1608 -2.75 49.07 -76.84
CA ASN A 1608 -2.50 50.49 -76.94
C ASN A 1608 -1.00 50.78 -76.82
N GLU A 1609 -0.59 51.92 -77.35
CA GLU A 1609 0.82 52.27 -77.33
C GLU A 1609 1.35 52.52 -75.92
N ASN A 1610 0.50 53.00 -75.01
CA ASN A 1610 0.95 53.23 -73.64
C ASN A 1610 1.12 51.93 -72.86
N GLY A 1611 0.70 50.81 -73.43
CA GLY A 1611 0.83 49.52 -72.79
C GLY A 1611 -0.45 48.93 -72.22
N ALA A 1612 -1.53 49.70 -72.17
CA ALA A 1612 -2.80 49.11 -71.77
C ALA A 1612 -3.30 48.18 -72.87
N GLN A 1613 -3.62 46.95 -72.51
CA GLN A 1613 -4.43 46.08 -73.34
C GLN A 1613 -5.88 46.12 -72.89
N TYR A 1614 -6.77 46.30 -73.83
CA TYR A 1614 -8.17 46.44 -73.52
C TYR A 1614 -9.02 45.72 -74.55
N MET A 1615 -10.05 45.04 -74.06
CA MET A 1615 -11.01 44.40 -74.94
C MET A 1615 -12.14 45.37 -75.23
N GLN A 1616 -12.67 45.31 -76.44
CA GLN A 1616 -13.76 46.19 -76.84
C GLN A 1616 -14.82 45.42 -77.61
N TRP A 1617 -16.08 45.78 -77.39
CA TRP A 1617 -17.11 45.35 -78.33
C TRP A 1617 -18.27 46.33 -78.45
N GLN A 1618 -18.34 47.31 -77.55
CA GLN A 1618 -19.34 48.35 -77.75
C GLN A 1618 -18.72 49.70 -77.41
N SER A 1619 -19.45 50.53 -76.70
CA SER A 1619 -18.81 51.52 -75.84
C SER A 1619 -17.91 50.83 -74.82
N TYR A 1620 -18.37 49.70 -74.30
CA TYR A 1620 -17.69 48.99 -73.22
C TYR A 1620 -16.23 48.70 -73.57
N ARG A 1621 -15.34 49.08 -72.66
CA ARG A 1621 -13.95 48.66 -72.74
C ARG A 1621 -13.53 48.10 -71.39
N THR A 1622 -12.66 47.11 -71.43
CA THR A 1622 -12.28 46.36 -70.24
C THR A 1622 -10.79 46.18 -70.24
N ARG A 1623 -10.15 46.42 -69.09
CA ARG A 1623 -8.72 46.19 -69.04
C ARG A 1623 -8.45 44.71 -68.86
N LEU A 1624 -7.34 44.25 -69.42
CA LEU A 1624 -6.95 42.85 -69.35
C LEU A 1624 -5.70 42.65 -68.53
N ASN A 1625 -4.60 43.31 -68.89
CA ASN A 1625 -3.38 43.23 -68.13
C ASN A 1625 -3.23 44.45 -67.25
N THR A 1626 -2.30 44.38 -66.31
CA THR A 1626 -2.06 45.47 -65.40
C THR A 1626 -0.57 45.75 -65.39
N LEU A 1627 -0.22 47.03 -65.48
CA LEU A 1627 1.15 47.48 -65.43
C LEU A 1627 1.58 47.81 -64.00
N PHE A 1628 0.83 47.34 -63.02
CA PHE A 1628 1.18 47.54 -61.63
C PHE A 1628 2.52 46.91 -61.29
N ALA A 1629 2.69 45.64 -61.62
CA ALA A 1629 3.90 44.92 -61.27
C ALA A 1629 5.14 45.49 -61.91
N ARG A 1630 5.01 46.22 -63.00
CA ARG A 1630 6.19 46.81 -63.62
C ARG A 1630 6.59 48.13 -62.96
N GLN A 1631 5.65 48.85 -62.36
CA GLN A 1631 5.89 50.02 -61.52
C GLN A 1631 6.25 49.70 -60.08
N LEU A 1632 5.89 48.51 -59.58
CA LEU A 1632 6.20 48.14 -58.19
C LEU A 1632 7.68 48.05 -57.85
N VAL A 1633 8.58 47.86 -58.81
CA VAL A 1633 9.97 47.55 -58.47
C VAL A 1633 10.62 48.67 -57.66
N ALA A 1634 10.33 49.93 -57.99
CA ALA A 1634 10.83 51.03 -57.17
C ALA A 1634 10.37 50.95 -55.73
N ARG A 1635 9.11 50.57 -55.50
CA ARG A 1635 8.61 50.43 -54.14
C ARG A 1635 9.25 49.24 -53.43
N ALA A 1636 9.51 48.17 -54.18
CA ALA A 1636 10.07 46.96 -53.60
C ALA A 1636 11.53 47.12 -53.19
N THR A 1637 12.26 48.05 -53.80
CA THR A 1637 13.67 48.19 -53.42
C THR A 1637 13.88 48.53 -51.94
N THR A 1638 12.89 49.12 -51.26
CA THR A 1638 13.01 49.41 -49.84
C THR A 1638 12.25 48.45 -48.93
N GLY A 1639 11.75 47.34 -49.46
CA GLY A 1639 11.26 46.25 -48.62
C GLY A 1639 9.80 46.30 -48.21
N ILE A 1640 9.44 45.29 -47.43
CA ILE A 1640 8.06 44.93 -47.11
C ILE A 1640 7.25 46.10 -46.59
N ASP A 1641 7.82 46.91 -45.70
CA ASP A 1641 7.06 48.03 -45.13
C ASP A 1641 6.59 48.99 -46.20
N THR A 1642 7.33 49.12 -47.30
CA THR A 1642 6.96 50.00 -48.39
C THR A 1642 6.02 49.36 -49.41
N ILE A 1643 6.16 48.07 -49.68
CA ILE A 1643 5.21 47.38 -50.55
C ILE A 1643 3.78 47.62 -50.10
N LEU A 1644 3.49 47.33 -48.83
CA LEU A 1644 2.11 47.30 -48.38
C LEU A 1644 1.50 48.67 -48.13
N SER A 1645 2.30 49.73 -48.09
CA SER A 1645 1.82 51.04 -47.70
C SER A 1645 0.73 51.54 -48.65
N MET A 1646 -0.06 52.48 -48.15
CA MET A 1646 -1.19 53.06 -48.86
C MET A 1646 -0.81 53.78 -50.15
N GLU A 1647 0.35 54.41 -50.19
CA GLU A 1647 0.81 55.07 -51.41
C GLU A 1647 1.39 54.13 -52.45
N THR A 1648 1.49 52.83 -52.16
CA THR A 1648 1.62 51.83 -53.21
C THR A 1648 0.28 51.54 -53.88
N GLN A 1649 -0.78 51.44 -53.10
CA GLN A 1649 -2.08 51.11 -53.65
C GLN A 1649 -2.67 52.21 -54.52
N ASN A 1650 -2.19 53.45 -54.41
CA ASN A 1650 -2.55 54.53 -55.32
C ASN A 1650 -1.56 54.72 -56.48
N ILE A 1651 -0.73 53.73 -56.81
CA ILE A 1651 -0.02 53.76 -58.08
C ILE A 1651 -0.98 53.80 -59.26
N GLN A 1652 -0.69 54.69 -60.21
CA GLN A 1652 -1.61 54.96 -61.31
C GLN A 1652 -1.53 53.85 -62.34
N GLU A 1653 -2.68 53.53 -62.92
CA GLU A 1653 -2.88 52.71 -64.11
C GLU A 1653 -3.01 53.61 -65.34
N PRO A 1654 -2.22 53.40 -66.40
CA PRO A 1654 -2.48 54.09 -67.67
C PRO A 1654 -3.91 53.93 -68.14
N GLN A 1655 -4.43 54.99 -68.77
CA GLN A 1655 -5.79 54.93 -69.27
C GLN A 1655 -5.84 53.93 -70.42
N LEU A 1656 -7.05 53.46 -70.72
CA LEU A 1656 -7.25 52.53 -71.83
C LEU A 1656 -8.01 53.19 -72.96
N GLY A 1657 -7.47 53.08 -74.17
CA GLY A 1657 -8.03 53.70 -75.35
C GLY A 1657 -7.97 55.21 -75.37
N LYS A 1658 -8.67 55.77 -76.35
CA LYS A 1658 -8.91 57.20 -76.44
C LYS A 1658 -10.20 57.59 -75.74
N GLY A 1659 -10.15 58.70 -75.01
CA GLY A 1659 -11.30 59.07 -74.20
C GLY A 1659 -11.02 60.30 -73.36
N PHE A 1660 -11.84 60.47 -72.32
CA PHE A 1660 -11.61 61.51 -71.33
C PHE A 1660 -12.21 61.08 -70.01
N TYR A 1661 -11.77 61.72 -68.94
CA TYR A 1661 -12.34 61.57 -67.61
C TYR A 1661 -13.32 62.70 -67.32
N ALA A 1662 -14.46 62.33 -66.75
CA ALA A 1662 -15.42 63.32 -66.28
C ALA A 1662 -15.90 62.93 -64.90
N THR A 1663 -16.11 63.94 -64.05
CA THR A 1663 -16.70 63.75 -62.74
C THR A 1663 -18.15 64.22 -62.76
N PHE A 1664 -19.05 63.36 -62.32
CA PHE A 1664 -20.46 63.70 -62.16
C PHE A 1664 -20.82 63.74 -60.69
N VAL A 1665 -21.49 64.81 -60.28
CA VAL A 1665 -22.00 64.95 -58.92
C VAL A 1665 -23.49 64.69 -58.97
N ILE A 1666 -23.93 63.68 -58.22
CA ILE A 1666 -25.34 63.29 -58.22
C ILE A 1666 -26.11 64.19 -57.26
N PRO A 1667 -27.22 64.79 -57.71
CA PRO A 1667 -28.05 65.57 -56.80
C PRO A 1667 -28.51 64.73 -55.63
N PRO A 1668 -28.80 65.37 -54.49
CA PRO A 1668 -29.46 64.68 -53.38
C PRO A 1668 -30.78 63.99 -53.73
N TYR A 1669 -31.19 63.08 -52.84
CA TYR A 1669 -32.58 62.62 -52.81
C TYR A 1669 -33.51 63.82 -52.72
N ASN A 1670 -34.49 63.88 -53.62
CA ASN A 1670 -35.44 64.99 -53.60
C ASN A 1670 -36.72 64.53 -54.32
N LEU A 1671 -37.63 63.94 -53.53
CA LEU A 1671 -38.76 63.17 -54.05
C LEU A 1671 -39.49 63.86 -55.18
N SER A 1672 -39.60 65.20 -55.15
CA SER A 1672 -40.32 65.89 -56.21
C SER A 1672 -39.55 65.84 -57.53
N THR A 1673 -38.24 65.64 -57.47
CA THR A 1673 -37.40 65.48 -58.64
C THR A 1673 -36.82 64.08 -58.73
N HIS A 1674 -37.49 63.11 -58.12
CA HIS A 1674 -36.89 61.83 -57.79
C HIS A 1674 -37.90 60.70 -57.81
N GLY A 1675 -39.01 60.86 -57.12
CA GLY A 1675 -39.92 59.75 -56.97
C GLY A 1675 -39.60 58.91 -55.75
N ASP A 1676 -40.33 57.79 -55.64
CA ASP A 1676 -40.19 56.90 -54.49
C ASP A 1676 -39.04 55.91 -54.67
N GLU A 1677 -38.94 55.26 -55.82
CA GLU A 1677 -37.81 54.39 -56.11
C GLU A 1677 -36.53 55.19 -56.23
N ARG A 1678 -35.53 54.85 -55.42
CA ARG A 1678 -34.29 55.59 -55.35
C ARG A 1678 -33.29 55.24 -56.46
N TRP A 1679 -33.58 54.25 -57.31
CA TRP A 1679 -32.64 53.88 -58.35
C TRP A 1679 -32.40 55.05 -59.31
N PHE A 1680 -31.18 55.10 -59.85
CA PHE A 1680 -30.86 55.95 -60.99
C PHE A 1680 -29.87 55.22 -61.90
N LYS A 1681 -29.90 55.61 -63.19
CA LYS A 1681 -29.00 55.02 -64.18
C LYS A 1681 -28.39 56.13 -65.01
N LEU A 1682 -27.08 56.04 -65.20
CA LEU A 1682 -26.37 56.86 -66.17
C LEU A 1682 -26.32 56.13 -67.51
N TYR A 1683 -26.77 56.80 -68.56
CA TYR A 1683 -26.73 56.26 -69.91
C TYR A 1683 -25.79 57.09 -70.76
N ILE A 1684 -25.05 56.42 -71.63
CA ILE A 1684 -24.24 57.07 -72.63
C ILE A 1684 -24.91 56.88 -73.98
N LYS A 1685 -24.67 57.83 -74.88
CA LYS A 1685 -25.07 57.65 -76.27
C LYS A 1685 -24.03 58.26 -77.19
N HIS A 1686 -23.82 57.59 -78.32
CA HIS A 1686 -22.80 57.97 -79.30
C HIS A 1686 -23.44 58.18 -80.65
N VAL A 1687 -22.89 59.11 -81.42
CA VAL A 1687 -23.63 59.75 -82.49
C VAL A 1687 -23.64 58.82 -83.69
N VAL A 1688 -23.19 57.58 -83.48
CA VAL A 1688 -23.61 56.47 -84.31
C VAL A 1688 -25.10 56.24 -84.19
N ASP A 1689 -25.73 56.79 -83.16
CA ASP A 1689 -27.18 56.73 -82.97
C ASP A 1689 -27.66 55.30 -82.88
N ASN A 1690 -26.84 54.40 -82.34
CA ASN A 1690 -27.36 53.17 -81.76
C ASN A 1690 -28.25 53.45 -80.57
N ASN A 1691 -28.77 52.37 -79.96
CA ASN A 1691 -29.33 52.46 -78.64
C ASN A 1691 -28.32 53.09 -77.68
N SER A 1692 -28.79 53.62 -76.56
CA SER A 1692 -27.88 53.94 -75.49
C SER A 1692 -27.39 52.68 -74.79
N HIS A 1693 -26.37 52.86 -73.96
CA HIS A 1693 -25.81 51.80 -73.13
C HIS A 1693 -25.72 52.32 -71.72
N ILE A 1694 -26.08 51.49 -70.75
CA ILE A 1694 -25.88 51.85 -69.36
C ILE A 1694 -24.40 51.84 -69.03
N ILE A 1695 -23.94 52.86 -68.31
CA ILE A 1695 -22.58 52.91 -67.82
C ILE A 1695 -22.49 52.93 -66.30
N TYR A 1696 -23.52 53.36 -65.59
CA TYR A 1696 -23.49 53.24 -64.14
C TYR A 1696 -24.91 53.13 -63.60
N SER A 1697 -25.04 52.44 -62.48
CA SER A 1697 -26.31 52.23 -61.81
C SER A 1697 -26.11 52.33 -60.31
N GLY A 1698 -27.02 53.03 -59.64
CA GLY A 1698 -26.87 53.23 -58.21
C GLY A 1698 -28.18 53.64 -57.58
N GLN A 1699 -28.11 53.95 -56.29
CA GLN A 1699 -29.25 54.46 -55.54
C GLN A 1699 -28.98 55.90 -55.13
N LEU A 1700 -29.96 56.76 -55.33
CA LEU A 1700 -29.84 58.16 -54.95
C LEU A 1700 -29.76 58.29 -53.43
N THR A 1701 -28.70 58.89 -52.95
CA THR A 1701 -28.52 59.22 -51.55
C THR A 1701 -29.12 60.59 -51.24
N ASP A 1702 -29.28 60.86 -49.95
CA ASP A 1702 -29.58 62.22 -49.53
C ASP A 1702 -28.37 63.12 -49.71
N THR A 1703 -27.17 62.60 -49.46
CA THR A 1703 -25.96 63.31 -49.86
C THR A 1703 -25.83 63.30 -51.38
N ASN A 1704 -24.94 64.16 -51.89
CA ASN A 1704 -24.42 63.96 -53.24
C ASN A 1704 -23.62 62.66 -53.36
N ILE A 1705 -23.50 62.19 -54.59
CA ILE A 1705 -22.53 61.17 -54.98
C ILE A 1705 -21.61 61.77 -56.04
N ASN A 1706 -20.30 61.62 -55.85
CA ASN A 1706 -19.33 61.98 -56.87
C ASN A 1706 -18.91 60.73 -57.62
N ILE A 1707 -19.15 60.72 -58.92
CA ILE A 1707 -18.88 59.57 -59.77
C ILE A 1707 -17.94 60.02 -60.87
N THR A 1708 -16.76 59.41 -60.92
CA THR A 1708 -15.79 59.72 -61.97
C THR A 1708 -15.76 58.54 -62.93
N LEU A 1709 -16.04 58.82 -64.20
CA LEU A 1709 -16.17 57.82 -65.23
C LEU A 1709 -15.20 58.11 -66.37
N PHE A 1710 -14.57 57.07 -66.87
CA PHE A 1710 -13.96 57.13 -68.18
C PHE A 1710 -15.06 57.04 -69.21
N ILE A 1711 -15.17 58.05 -70.07
CA ILE A 1711 -16.14 58.08 -71.15
C ILE A 1711 -15.42 57.74 -72.46
N PRO A 1712 -15.73 56.62 -73.09
CA PRO A 1712 -15.15 56.32 -74.40
C PRO A 1712 -15.50 57.37 -75.43
N LEU A 1713 -14.56 57.59 -76.35
CA LEU A 1713 -14.81 58.39 -77.54
C LEU A 1713 -14.43 57.54 -78.74
N ASP A 1714 -15.24 57.63 -79.80
CA ASP A 1714 -14.93 56.86 -80.98
C ASP A 1714 -13.64 57.38 -81.63
N ASP A 1715 -13.04 56.51 -82.44
CA ASP A 1715 -11.92 56.91 -83.28
C ASP A 1715 -12.28 58.09 -84.19
N VAL A 1716 -13.50 58.11 -84.72
CA VAL A 1716 -13.90 59.03 -85.77
C VAL A 1716 -15.09 59.83 -85.28
N PRO A 1717 -15.08 61.15 -85.45
CA PRO A 1717 -16.17 62.07 -85.09
C PRO A 1717 -17.31 62.09 -86.10
N LEU A 1718 -18.20 61.12 -85.98
CA LEU A 1718 -19.31 60.95 -86.91
C LEU A 1718 -20.40 62.00 -86.73
N ASN A 1719 -20.24 62.94 -85.79
CA ASN A 1719 -21.03 64.14 -85.76
C ASN A 1719 -20.12 65.31 -85.44
N GLN A 1720 -20.36 66.44 -86.10
CA GLN A 1720 -19.49 67.60 -85.94
C GLN A 1720 -19.81 68.43 -84.72
N ASP A 1721 -21.04 68.34 -84.20
CA ASP A 1721 -21.45 69.27 -83.17
C ASP A 1721 -21.15 68.75 -81.78
N TYR A 1722 -21.37 67.46 -81.55
CA TYR A 1722 -20.94 66.81 -80.32
C TYR A 1722 -20.57 65.37 -80.64
N HIS A 1723 -19.76 64.79 -79.75
CA HIS A 1723 -19.21 63.46 -79.95
C HIS A 1723 -19.74 62.43 -79.00
N ALA A 1724 -20.25 62.83 -77.85
CA ALA A 1724 -20.94 61.91 -76.97
C ALA A 1724 -22.08 62.65 -76.29
N LYS A 1725 -23.09 61.88 -75.90
CA LYS A 1725 -24.16 62.35 -75.05
C LYS A 1725 -24.26 61.46 -73.82
N VAL A 1726 -24.30 62.09 -72.65
CA VAL A 1726 -24.62 61.41 -71.41
C VAL A 1726 -25.90 62.02 -70.86
N TYR A 1727 -26.80 61.16 -70.39
CA TYR A 1727 -28.04 61.62 -69.81
C TYR A 1727 -28.38 60.77 -68.59
N MET A 1728 -29.14 61.39 -67.69
CA MET A 1728 -29.44 60.87 -66.37
C MET A 1728 -30.89 60.44 -66.29
N THR A 1729 -31.12 59.21 -65.84
CA THR A 1729 -32.47 58.66 -65.80
C THR A 1729 -32.74 58.11 -64.42
N PHE A 1730 -34.00 58.25 -63.98
CA PHE A 1730 -34.41 57.91 -62.63
C PHE A 1730 -35.92 57.74 -62.63
N LYS A 1731 -36.44 57.29 -61.49
CA LYS A 1731 -37.83 56.84 -61.44
C LYS A 1731 -38.78 57.96 -61.87
N LYS A 1732 -38.57 59.17 -61.36
CA LYS A 1732 -39.47 60.28 -61.64
C LYS A 1732 -39.42 60.67 -63.11
N SER A 1733 -38.24 60.73 -63.70
CA SER A 1733 -38.04 61.13 -65.10
C SER A 1733 -37.16 60.10 -65.79
N PRO A 1734 -37.72 58.95 -66.15
CA PRO A 1734 -36.93 57.94 -66.87
C PRO A 1734 -36.72 58.27 -68.33
N SER A 1735 -37.59 59.05 -68.94
CA SER A 1735 -37.44 59.39 -70.35
C SER A 1735 -36.30 60.37 -70.57
N ASP A 1736 -35.63 60.23 -71.70
CA ASP A 1736 -34.53 61.10 -72.08
C ASP A 1736 -35.04 62.35 -72.77
N GLY A 1737 -34.30 63.44 -72.63
CA GLY A 1737 -34.54 64.65 -73.41
C GLY A 1737 -33.39 65.00 -74.33
N THR A 1738 -33.75 65.60 -75.47
CA THR A 1738 -32.82 65.80 -76.57
C THR A 1738 -31.55 66.54 -76.15
N TRP A 1739 -31.71 67.59 -75.35
CA TRP A 1739 -30.60 68.36 -74.81
C TRP A 1739 -30.38 68.19 -73.32
N TRP A 1740 -31.13 67.32 -72.66
CA TRP A 1740 -31.15 67.29 -71.20
C TRP A 1740 -30.09 66.38 -70.62
N GLY A 1741 -28.85 66.65 -71.04
CA GLY A 1741 -27.68 66.11 -70.40
C GLY A 1741 -26.44 66.77 -70.98
N PRO A 1742 -25.30 66.60 -70.30
CA PRO A 1742 -24.04 67.13 -70.84
C PRO A 1742 -23.67 66.49 -72.16
N HIS A 1743 -23.58 67.31 -73.20
CA HIS A 1743 -22.95 66.89 -74.44
C HIS A 1743 -21.48 67.28 -74.43
N PHE A 1744 -20.63 66.37 -74.90
CA PHE A 1744 -19.20 66.60 -74.90
C PHE A 1744 -18.69 66.59 -76.34
N VAL A 1745 -17.68 67.42 -76.58
CA VAL A 1745 -17.06 67.53 -77.89
C VAL A 1745 -15.57 67.68 -77.68
N ARG A 1746 -14.78 67.19 -78.63
CA ARG A 1746 -13.33 67.27 -78.56
C ARG A 1746 -12.83 68.08 -79.73
N ASP A 1747 -11.76 68.84 -79.50
CA ASP A 1747 -11.08 69.57 -80.56
C ASP A 1747 -9.92 68.75 -81.14
N ASP A 1748 -9.11 69.40 -81.96
CA ASP A 1748 -7.93 68.76 -82.54
C ASP A 1748 -6.80 68.56 -81.54
N LYS A 1749 -6.63 69.50 -80.60
CA LYS A 1749 -5.60 69.37 -79.57
C LYS A 1749 -6.01 68.45 -78.44
N GLY A 1750 -7.27 67.99 -78.43
CA GLY A 1750 -7.67 66.92 -77.55
C GLY A 1750 -8.21 67.38 -76.22
N ILE A 1751 -8.81 68.57 -76.16
CA ILE A 1751 -9.38 69.11 -74.93
C ILE A 1751 -10.89 68.98 -75.03
N VAL A 1752 -11.49 68.47 -73.97
CA VAL A 1752 -12.91 68.16 -73.95
C VAL A 1752 -13.64 69.28 -73.23
N THR A 1753 -14.78 69.67 -73.77
CA THR A 1753 -15.56 70.77 -73.21
C THR A 1753 -17.04 70.43 -73.28
N ILE A 1754 -17.80 71.04 -72.38
CA ILE A 1754 -19.24 70.81 -72.30
C ILE A 1754 -19.94 71.75 -73.28
N ASN A 1755 -20.84 71.20 -74.07
CA ASN A 1755 -21.59 71.98 -75.05
C ASN A 1755 -22.51 72.94 -74.31
N PRO A 1756 -22.41 74.25 -74.55
CA PRO A 1756 -23.32 75.18 -73.85
C PRO A 1756 -24.78 74.97 -74.18
N LYS A 1757 -25.09 74.37 -75.33
CA LYS A 1757 -26.46 74.12 -75.73
C LYS A 1757 -27.16 73.14 -74.80
N SER A 1758 -26.39 72.31 -74.10
CA SER A 1758 -26.94 71.29 -73.22
C SER A 1758 -27.33 71.84 -71.85
N ILE A 1759 -28.30 71.16 -71.24
CA ILE A 1759 -28.94 71.56 -70.00
C ILE A 1759 -28.52 70.59 -68.92
N LEU A 1760 -27.98 71.12 -67.82
CA LEU A 1760 -27.42 70.34 -66.74
C LEU A 1760 -28.31 70.32 -65.50
N THR A 1761 -29.57 70.76 -65.61
CA THR A 1761 -30.38 71.06 -64.44
C THR A 1761 -30.43 69.91 -63.43
N HIS A 1762 -30.58 68.68 -63.90
CA HIS A 1762 -30.61 67.55 -62.97
C HIS A 1762 -29.26 66.85 -62.86
N PHE A 1763 -28.16 67.52 -63.16
CA PHE A 1763 -26.86 67.19 -62.58
C PHE A 1763 -26.46 68.26 -61.59
N GLU A 1764 -25.95 67.84 -60.44
CA GLU A 1764 -25.50 68.83 -59.46
C GLU A 1764 -24.23 69.53 -59.93
N SER A 1765 -23.29 68.79 -60.51
CA SER A 1765 -22.21 69.38 -61.29
C SER A 1765 -21.65 68.35 -62.25
N VAL A 1766 -21.13 68.82 -63.37
CA VAL A 1766 -20.29 68.03 -64.26
C VAL A 1766 -18.97 68.75 -64.49
N ASN A 1767 -17.86 68.02 -64.31
CA ASN A 1767 -16.53 68.57 -64.49
C ASN A 1767 -15.73 67.61 -65.36
N VAL A 1768 -14.90 68.15 -66.25
CA VAL A 1768 -14.01 67.36 -67.08
C VAL A 1768 -12.58 67.51 -66.58
N LEU A 1769 -11.94 66.39 -66.27
CA LEU A 1769 -10.60 66.38 -65.67
C LEU A 1769 -9.53 66.29 -66.76
N ASN A 1770 -9.51 67.30 -67.63
CA ASN A 1770 -8.69 67.24 -68.83
C ASN A 1770 -7.20 67.01 -68.54
N ASN A 1771 -6.74 67.37 -67.34
CA ASN A 1771 -5.36 67.16 -66.95
C ASN A 1771 -5.01 65.73 -66.55
N ILE A 1772 -5.98 64.83 -66.44
CA ILE A 1772 -5.77 63.50 -65.89
C ILE A 1772 -5.81 62.49 -67.03
N SER A 1773 -4.79 61.64 -67.11
CA SER A 1773 -4.67 60.60 -68.12
C SER A 1773 -4.38 59.24 -67.50
N SER A 1774 -4.81 59.02 -66.27
CA SER A 1774 -4.54 57.78 -65.56
C SER A 1774 -5.62 57.60 -64.52
N GLU A 1775 -5.68 56.42 -63.93
CA GLU A 1775 -6.65 56.20 -62.87
C GLU A 1775 -6.06 55.27 -61.82
N PRO A 1776 -6.60 55.29 -60.61
CA PRO A 1776 -6.13 54.38 -59.56
C PRO A 1776 -6.17 52.91 -59.96
N MET A 1777 -5.21 52.18 -59.42
CA MET A 1777 -5.24 50.72 -59.43
C MET A 1777 -6.62 50.20 -59.00
N ASP A 1778 -7.08 49.17 -59.68
CA ASP A 1778 -8.49 48.76 -59.64
C ASP A 1778 -8.66 47.44 -58.90
N PHE A 1779 -9.31 47.47 -57.74
CA PHE A 1779 -9.63 46.30 -56.94
C PHE A 1779 -10.94 45.65 -57.35
N SER A 1780 -11.43 45.94 -58.55
CA SER A 1780 -12.60 45.29 -59.10
C SER A 1780 -12.39 44.82 -60.53
N GLY A 1781 -11.27 45.14 -61.14
CA GLY A 1781 -10.98 44.77 -62.51
C GLY A 1781 -10.62 43.30 -62.62
N ALA A 1782 -9.91 43.00 -63.70
CA ALA A 1782 -9.47 41.64 -63.96
C ALA A 1782 -8.63 41.07 -62.84
N ASN A 1783 -7.55 41.74 -62.48
CA ASN A 1783 -6.60 41.30 -61.46
C ASN A 1783 -7.08 41.50 -60.03
N SER A 1784 -8.36 41.76 -59.82
CA SER A 1784 -8.86 42.00 -58.47
C SER A 1784 -8.51 40.86 -57.53
N LEU A 1785 -8.56 39.63 -58.02
CA LEU A 1785 -8.25 38.49 -57.17
C LEU A 1785 -6.81 38.53 -56.69
N TYR A 1786 -5.86 38.82 -57.57
CA TYR A 1786 -4.47 38.87 -57.12
C TYR A 1786 -4.21 40.05 -56.21
N PHE A 1787 -4.93 41.15 -56.40
CA PHE A 1787 -4.68 42.30 -55.54
C PHE A 1787 -5.26 42.09 -54.15
N TRP A 1788 -6.45 41.53 -54.04
CA TRP A 1788 -6.91 41.11 -52.74
C TRP A 1788 -6.04 40.01 -52.18
N GLU A 1789 -5.38 39.24 -53.04
CA GLU A 1789 -4.56 38.11 -52.60
C GLU A 1789 -3.34 38.63 -51.88
N LEU A 1790 -2.86 39.79 -52.28
CA LEU A 1790 -1.60 40.31 -51.78
C LEU A 1790 -1.82 41.30 -50.65
N PHE A 1791 -2.65 42.31 -50.87
CA PHE A 1791 -2.70 43.41 -49.91
C PHE A 1791 -3.38 43.00 -48.61
N TYR A 1792 -4.36 42.11 -48.65
CA TYR A 1792 -5.10 41.78 -47.44
C TYR A 1792 -4.91 40.34 -46.97
N TYR A 1793 -5.07 39.36 -47.84
CA TYR A 1793 -5.03 37.97 -47.39
C TYR A 1793 -3.66 37.59 -46.86
N THR A 1794 -2.59 37.99 -47.55
CA THR A 1794 -1.25 37.58 -47.14
C THR A 1794 -0.82 38.09 -45.77
N PRO A 1795 -0.94 39.38 -45.44
CA PRO A 1795 -0.71 39.78 -44.05
C PRO A 1795 -1.53 39.03 -43.03
N MET A 1796 -2.81 38.79 -43.30
CA MET A 1796 -3.63 38.08 -42.32
C MET A 1796 -3.22 36.64 -42.16
N LEU A 1797 -2.87 35.96 -43.25
CA LEU A 1797 -2.35 34.60 -43.14
C LEU A 1797 -1.05 34.55 -42.37
N VAL A 1798 -0.14 35.47 -42.63
CA VAL A 1798 1.13 35.50 -41.91
C VAL A 1798 0.90 35.77 -40.43
N ALA A 1799 0.11 36.76 -40.08
CA ALA A 1799 -0.20 37.03 -38.69
C ALA A 1799 -0.83 35.82 -38.01
N GLN A 1800 -1.73 35.13 -38.71
CA GLN A 1800 -2.35 33.94 -38.12
C GLN A 1800 -1.33 32.86 -37.85
N ARG A 1801 -0.40 32.64 -38.79
CA ARG A 1801 0.61 31.62 -38.56
C ARG A 1801 1.54 32.01 -37.42
N LEU A 1802 1.93 33.29 -37.35
CA LEU A 1802 2.83 33.72 -36.29
C LEU A 1802 2.18 33.63 -34.92
N LEU A 1803 0.84 33.70 -34.84
CA LEU A 1803 0.17 33.59 -33.54
C LEU A 1803 0.38 32.21 -32.91
N HIS A 1804 0.26 31.16 -33.72
CA HIS A 1804 0.37 29.81 -33.18
C HIS A 1804 1.78 29.49 -32.73
N GLU A 1805 2.77 30.21 -33.22
CA GLU A 1805 4.15 30.03 -32.81
C GLU A 1805 4.53 30.94 -31.64
N GLN A 1806 3.58 31.73 -31.13
CA GLN A 1806 3.82 32.59 -29.98
C GLN A 1806 4.94 33.59 -30.23
N ASN A 1807 5.09 34.02 -31.48
CA ASN A 1807 5.97 35.13 -31.82
C ASN A 1807 5.15 36.41 -31.90
N PHE A 1808 4.73 36.87 -30.72
CA PHE A 1808 3.77 37.96 -30.63
C PHE A 1808 4.33 39.28 -31.16
N ASP A 1809 5.60 39.56 -30.92
CA ASP A 1809 6.16 40.81 -31.41
C ASP A 1809 6.14 40.91 -32.93
N GLU A 1810 6.46 39.81 -33.63
CA GLU A 1810 6.37 39.81 -35.09
C GLU A 1810 4.94 39.73 -35.59
N ALA A 1811 4.05 39.12 -34.80
CA ALA A 1811 2.67 39.02 -35.24
C ALA A 1811 2.02 40.38 -35.14
N ASN A 1812 2.45 41.19 -34.19
CA ASN A 1812 1.82 42.49 -34.04
C ASN A 1812 2.10 43.37 -35.24
N ARG A 1813 3.34 43.42 -35.71
CA ARG A 1813 3.64 44.27 -36.85
C ARG A 1813 2.98 43.74 -38.11
N TRP A 1814 2.98 42.41 -38.28
CA TRP A 1814 2.39 41.88 -39.49
C TRP A 1814 0.91 42.19 -39.54
N LEU A 1815 0.21 42.03 -38.43
CA LEU A 1815 -1.19 42.41 -38.41
C LEU A 1815 -1.38 43.92 -38.45
N LYS A 1816 -0.41 44.68 -37.98
CA LYS A 1816 -0.50 46.13 -38.03
C LYS A 1816 -0.42 46.67 -39.43
N TYR A 1817 0.02 45.87 -40.39
CA TYR A 1817 0.08 46.40 -41.75
C TYR A 1817 -1.32 46.70 -42.25
N VAL A 1818 -2.26 45.78 -42.05
CA VAL A 1818 -3.63 45.96 -42.53
C VAL A 1818 -4.40 46.99 -41.71
N TRP A 1819 -4.21 47.05 -40.39
CA TRP A 1819 -4.98 48.00 -39.59
C TRP A 1819 -4.24 48.32 -38.31
N SER A 1820 -4.20 49.61 -37.98
CA SER A 1820 -3.55 50.00 -36.74
C SER A 1820 -4.30 51.10 -36.02
N PRO A 1821 -4.82 50.84 -34.82
CA PRO A 1821 -5.51 51.90 -34.09
C PRO A 1821 -4.62 53.09 -33.77
N SER A 1822 -3.33 52.87 -33.56
CA SER A 1822 -2.43 53.97 -33.26
C SER A 1822 -2.32 54.95 -34.39
N GLY A 1823 -2.47 54.49 -35.62
CA GLY A 1823 -2.38 55.34 -36.79
C GLY A 1823 -1.16 54.98 -37.61
N TYR A 1824 -1.04 55.67 -38.73
CA TYR A 1824 0.07 55.44 -39.65
C TYR A 1824 0.88 56.71 -39.79
N ILE A 1825 2.19 56.56 -39.74
CA ILE A 1825 3.11 57.67 -39.90
C ILE A 1825 3.92 57.44 -41.16
N VAL A 1826 3.99 58.44 -42.01
CA VAL A 1826 4.72 58.38 -43.26
C VAL A 1826 5.57 59.63 -43.40
N HIS A 1827 6.85 59.44 -43.74
CA HIS A 1827 7.78 60.54 -43.95
C HIS A 1827 7.84 61.50 -42.77
N GLY A 1828 7.55 61.00 -41.57
CA GLY A 1828 7.51 61.87 -40.41
C GLY A 1828 6.24 62.64 -40.18
N GLN A 1829 5.13 62.26 -40.81
CA GLN A 1829 3.87 62.95 -40.57
C GLN A 1829 2.82 61.90 -40.31
N ILE A 1830 1.90 62.18 -39.38
CA ILE A 1830 0.82 61.25 -39.10
C ILE A 1830 -0.24 61.30 -40.20
N GLN A 1831 -0.72 60.12 -40.60
CA GLN A 1831 -1.69 60.00 -41.67
C GLN A 1831 -3.11 59.96 -41.14
N ASN A 1832 -4.03 60.54 -41.92
CA ASN A 1832 -5.43 60.60 -41.54
C ASN A 1832 -6.10 59.23 -41.52
N TYR A 1833 -5.79 58.36 -42.49
CA TYR A 1833 -6.48 57.09 -42.62
C TYR A 1833 -6.14 56.14 -41.49
N GLN A 1834 -7.08 55.24 -41.21
CA GLN A 1834 -6.96 54.24 -40.17
C GLN A 1834 -6.70 52.84 -40.72
N TRP A 1835 -7.29 52.48 -41.85
CA TRP A 1835 -7.11 51.18 -42.49
C TRP A 1835 -6.24 51.34 -43.72
N ASN A 1836 -5.28 50.43 -43.87
CA ASN A 1836 -4.31 50.52 -44.94
C ASN A 1836 -4.77 49.95 -46.27
N VAL A 1837 -5.89 49.24 -46.33
CA VAL A 1837 -6.37 48.62 -47.56
C VAL A 1837 -7.45 49.50 -48.17
N ARG A 1838 -7.30 49.84 -49.45
CA ARG A 1838 -8.25 50.76 -50.09
C ARG A 1838 -9.69 50.29 -50.13
N PRO A 1839 -10.01 49.07 -50.52
CA PRO A 1839 -11.42 48.67 -50.51
C PRO A 1839 -12.04 48.55 -49.13
N LEU A 1840 -11.24 48.41 -48.08
CA LEU A 1840 -11.77 48.51 -46.73
C LEU A 1840 -11.97 49.96 -46.32
N LEU A 1841 -11.06 50.84 -46.72
CA LEU A 1841 -11.21 52.25 -46.44
C LEU A 1841 -12.40 52.87 -47.15
N GLU A 1842 -12.67 52.46 -48.39
CA GLU A 1842 -13.73 53.06 -49.19
C GLU A 1842 -15.11 52.51 -48.86
N ASP A 1843 -15.23 51.22 -48.55
CA ASP A 1843 -16.53 50.63 -48.19
C ASP A 1843 -16.82 50.91 -46.72
N THR A 1844 -17.62 51.94 -46.47
CA THR A 1844 -17.87 52.45 -45.13
C THR A 1844 -19.20 52.01 -44.51
N SER A 1845 -20.09 51.37 -45.27
CA SER A 1845 -21.28 50.80 -44.64
C SER A 1845 -21.90 49.72 -45.52
N TRP A 1846 -22.52 48.73 -44.87
CA TRP A 1846 -23.05 47.56 -45.55
C TRP A 1846 -24.07 47.90 -46.63
N ASN A 1847 -24.17 46.99 -47.59
CA ASN A 1847 -25.13 47.07 -48.66
C ASN A 1847 -26.54 46.94 -48.11
N SER A 1848 -27.52 47.42 -48.87
CA SER A 1848 -28.90 47.28 -48.44
C SER A 1848 -29.30 45.82 -48.31
N ASP A 1849 -28.74 44.92 -49.12
CA ASP A 1849 -28.84 43.47 -48.88
C ASP A 1849 -27.56 42.68 -49.09
N PRO A 1850 -27.33 41.65 -48.28
CA PRO A 1850 -26.17 40.77 -48.48
C PRO A 1850 -26.35 39.81 -49.65
N LEU A 1851 -25.25 39.15 -49.98
CA LEU A 1851 -25.25 37.98 -50.86
C LEU A 1851 -25.76 36.76 -50.09
N ASP A 1852 -26.71 36.02 -50.66
CA ASP A 1852 -27.13 34.72 -50.12
C ASP A 1852 -26.28 33.61 -50.71
N SER A 1853 -25.27 33.16 -49.95
CA SER A 1853 -24.32 32.16 -50.42
C SER A 1853 -23.71 31.48 -49.22
N VAL A 1854 -23.65 30.15 -49.26
CA VAL A 1854 -23.15 29.33 -48.15
C VAL A 1854 -21.63 29.25 -48.12
N ASP A 1855 -20.95 30.14 -48.83
CA ASP A 1855 -19.50 30.30 -48.70
C ASP A 1855 -19.22 31.60 -47.97
N PRO A 1856 -18.54 31.62 -46.82
CA PRO A 1856 -18.37 32.88 -46.11
C PRO A 1856 -17.49 33.87 -46.83
N ASP A 1857 -16.66 33.41 -47.75
CA ASP A 1857 -15.70 34.35 -48.31
C ASP A 1857 -16.26 35.11 -49.49
N ALA A 1858 -17.06 34.46 -50.35
CA ALA A 1858 -17.73 35.20 -51.41
C ALA A 1858 -18.70 36.24 -50.86
N VAL A 1859 -19.41 35.91 -49.79
CA VAL A 1859 -20.35 36.86 -49.18
C VAL A 1859 -19.60 38.00 -48.50
N ALA A 1860 -18.43 37.72 -47.92
CA ALA A 1860 -17.62 38.81 -47.38
C ALA A 1860 -16.96 39.64 -48.47
N GLN A 1861 -16.65 39.03 -49.61
CA GLN A 1861 -16.15 39.73 -50.79
C GLN A 1861 -17.17 40.67 -51.39
N HIS A 1862 -18.44 40.29 -51.39
CA HIS A 1862 -19.51 41.17 -51.84
C HIS A 1862 -19.73 42.38 -50.94
N ASP A 1863 -19.33 42.31 -49.67
CA ASP A 1863 -19.58 43.38 -48.71
C ASP A 1863 -18.38 43.50 -47.78
N PRO A 1864 -17.29 44.12 -48.23
CA PRO A 1864 -16.03 44.05 -47.48
C PRO A 1864 -16.04 44.76 -46.14
N MET A 1865 -17.15 45.34 -45.73
CA MET A 1865 -17.34 45.70 -44.33
C MET A 1865 -17.16 44.50 -43.40
N HIS A 1866 -17.39 43.28 -43.89
CA HIS A 1866 -17.19 42.09 -43.08
C HIS A 1866 -15.72 41.83 -42.81
N TYR A 1867 -14.88 42.09 -43.79
CA TYR A 1867 -13.45 41.90 -43.61
C TYR A 1867 -12.89 42.80 -42.52
N LYS A 1868 -13.50 43.98 -42.33
CA LYS A 1868 -13.07 44.84 -41.24
C LYS A 1868 -13.31 44.18 -39.89
N VAL A 1869 -14.45 43.52 -39.72
CA VAL A 1869 -14.72 42.84 -38.47
C VAL A 1869 -13.78 41.68 -38.28
N SER A 1870 -13.47 40.95 -39.36
CA SER A 1870 -12.55 39.83 -39.21
C SER A 1870 -11.17 40.29 -38.74
N THR A 1871 -10.69 41.42 -39.25
CA THR A 1871 -9.41 41.97 -38.76
C THR A 1871 -9.50 42.45 -37.32
N PHE A 1872 -10.56 43.17 -36.98
CA PHE A 1872 -10.78 43.61 -35.61
C PHE A 1872 -10.75 42.44 -34.64
N MET A 1873 -11.46 41.39 -34.98
CA MET A 1873 -11.52 40.21 -34.14
C MET A 1873 -10.17 39.50 -34.03
N ARG A 1874 -9.37 39.48 -35.10
CA ARG A 1874 -8.02 38.97 -34.94
C ARG A 1874 -7.09 39.87 -34.13
N THR A 1875 -7.35 41.17 -34.06
CA THR A 1875 -6.58 41.99 -33.12
C THR A 1875 -6.94 41.66 -31.68
N LEU A 1876 -8.22 41.44 -31.41
CA LEU A 1876 -8.59 41.07 -30.04
C LEU A 1876 -8.02 39.71 -29.68
N ASP A 1877 -7.96 38.80 -30.64
CA ASP A 1877 -7.39 37.49 -30.34
C ASP A 1877 -5.92 37.63 -29.95
N LEU A 1878 -5.19 38.48 -30.67
CA LEU A 1878 -3.79 38.70 -30.33
C LEU A 1878 -3.62 39.32 -28.95
N LEU A 1879 -4.43 40.33 -28.62
CA LEU A 1879 -4.28 41.00 -27.32
C LEU A 1879 -4.60 40.06 -26.16
N ILE A 1880 -5.64 39.26 -26.30
CA ILE A 1880 -5.97 38.32 -25.24
C ILE A 1880 -4.88 37.27 -25.10
N ALA A 1881 -4.35 36.74 -26.21
CA ALA A 1881 -3.30 35.74 -26.07
C ALA A 1881 -2.07 36.31 -25.40
N ARG A 1882 -1.70 37.55 -25.72
CA ARG A 1882 -0.57 38.19 -25.07
C ARG A 1882 -0.80 38.38 -23.58
N GLY A 1883 -2.01 38.76 -23.20
CA GLY A 1883 -2.33 38.87 -21.79
C GLY A 1883 -2.28 37.54 -21.06
N ASP A 1884 -2.80 36.49 -21.68
CA ASP A 1884 -2.74 35.17 -21.06
C ASP A 1884 -1.32 34.71 -20.88
N HIS A 1885 -0.47 34.95 -21.89
CA HIS A 1885 0.92 34.56 -21.79
C HIS A 1885 1.62 35.29 -20.66
N ALA A 1886 1.38 36.58 -20.50
CA ALA A 1886 2.01 37.25 -19.36
C ALA A 1886 1.43 36.76 -18.04
N TYR A 1887 0.13 36.48 -18.01
CA TYR A 1887 -0.49 36.00 -16.78
C TYR A 1887 -0.01 34.63 -16.36
N ARG A 1888 0.55 33.84 -17.29
CA ARG A 1888 1.05 32.51 -16.92
C ARG A 1888 2.22 32.57 -15.96
N GLN A 1889 3.02 33.64 -15.99
CA GLN A 1889 4.04 33.89 -14.99
C GLN A 1889 3.38 34.62 -13.83
N LEU A 1890 3.50 34.07 -12.63
CA LEU A 1890 2.76 34.57 -11.48
C LEU A 1890 3.51 35.59 -10.65
N GLU A 1891 4.71 36.01 -11.06
CA GLU A 1891 5.43 36.98 -10.26
C GLU A 1891 4.75 38.34 -10.34
N ARG A 1892 5.06 39.19 -9.36
CA ARG A 1892 4.31 40.42 -9.15
C ARG A 1892 4.38 41.34 -10.37
N ASP A 1893 5.59 41.54 -10.91
CA ASP A 1893 5.76 42.49 -12.00
C ASP A 1893 4.97 42.05 -13.23
N THR A 1894 5.02 40.78 -13.58
CA THR A 1894 4.35 40.31 -14.79
C THR A 1894 2.83 40.43 -14.72
N LEU A 1895 2.22 40.25 -13.56
CA LEU A 1895 0.76 40.37 -13.50
C LEU A 1895 0.30 41.79 -13.81
N ASN A 1896 1.16 42.79 -13.64
CA ASN A 1896 0.79 44.14 -14.03
C ASN A 1896 0.89 44.35 -15.52
N GLU A 1897 1.75 43.60 -16.19
CA GLU A 1897 1.73 43.54 -17.63
C GLU A 1897 0.49 42.84 -18.17
N ALA A 1898 0.11 41.73 -17.55
CA ALA A 1898 -1.16 41.09 -17.90
C ALA A 1898 -2.35 42.03 -17.78
N LYS A 1899 -2.40 42.80 -16.69
CA LYS A 1899 -3.47 43.78 -16.56
C LYS A 1899 -3.42 44.85 -17.64
N MET A 1900 -2.24 45.40 -17.95
CA MET A 1900 -2.31 46.46 -18.95
C MET A 1900 -2.63 45.92 -20.34
N TRP A 1901 -2.36 44.64 -20.59
CA TRP A 1901 -2.76 44.06 -21.87
C TRP A 1901 -4.27 43.91 -21.94
N TYR A 1902 -4.88 43.39 -20.88
CA TYR A 1902 -6.34 43.26 -20.88
C TYR A 1902 -7.01 44.62 -20.93
N MET A 1903 -6.52 45.61 -20.19
CA MET A 1903 -7.15 46.93 -20.25
C MET A 1903 -7.02 47.52 -21.65
N GLN A 1904 -5.91 47.24 -22.34
CA GLN A 1904 -5.76 47.69 -23.71
C GLN A 1904 -6.83 47.10 -24.61
N ALA A 1905 -7.13 45.81 -24.45
CA ALA A 1905 -8.19 45.28 -25.29
C ALA A 1905 -9.57 45.74 -24.84
N LEU A 1906 -9.66 46.13 -23.58
CA LEU A 1906 -10.95 46.49 -23.01
C LEU A 1906 -11.43 47.80 -23.59
N HIS A 1907 -10.56 48.80 -23.69
CA HIS A 1907 -11.12 50.03 -24.25
C HIS A 1907 -11.32 49.94 -25.75
N LEU A 1908 -10.63 49.03 -26.44
CA LEU A 1908 -10.88 48.83 -27.86
C LEU A 1908 -12.28 48.30 -28.09
N LEU A 1909 -12.67 47.26 -27.33
CA LEU A 1909 -14.06 46.77 -27.41
C LEU A 1909 -15.07 47.84 -27.02
N GLY A 1910 -14.78 48.63 -26.01
CA GLY A 1910 -15.69 49.68 -25.59
C GLY A 1910 -16.83 49.22 -24.69
N ASP A 1911 -17.89 50.03 -24.70
CA ASP A 1911 -19.08 49.80 -23.89
C ASP A 1911 -19.84 48.55 -24.29
N LYS A 1912 -19.95 47.59 -23.37
CA LYS A 1912 -20.83 46.44 -23.59
C LYS A 1912 -22.26 46.89 -23.87
N PRO A 1913 -22.90 46.38 -24.92
CA PRO A 1913 -24.22 46.87 -25.29
C PRO A 1913 -25.26 46.38 -24.29
N TYR A 1914 -26.18 47.26 -23.89
CA TYR A 1914 -27.32 46.84 -23.09
C TYR A 1914 -28.48 46.40 -23.99
N LEU A 1915 -29.13 45.30 -23.61
CA LEU A 1915 -30.07 44.60 -24.48
C LEU A 1915 -31.37 44.32 -23.75
N PRO A 1916 -32.41 45.13 -24.00
CA PRO A 1916 -33.63 45.08 -23.16
C PRO A 1916 -34.31 43.73 -23.16
N LEU A 1917 -34.46 43.17 -21.96
CA LEU A 1917 -34.73 41.73 -21.80
C LEU A 1917 -36.04 41.30 -22.46
N SER A 1918 -37.09 42.11 -22.34
CA SER A 1918 -38.36 41.89 -23.02
C SER A 1918 -38.72 43.04 -23.95
N THR A 1919 -39.46 42.71 -25.00
CA THR A 1919 -39.67 43.63 -26.12
C THR A 1919 -41.06 43.42 -26.70
N THR A 1920 -41.27 43.92 -27.92
CA THR A 1920 -42.54 43.85 -28.63
C THR A 1920 -43.02 42.43 -28.89
N TRP A 1921 -42.15 41.44 -28.86
CA TRP A 1921 -42.55 40.07 -29.18
C TRP A 1921 -43.54 39.51 -28.16
N SER A 1922 -44.62 38.91 -28.68
CA SER A 1922 -45.89 38.82 -27.99
C SER A 1922 -46.39 37.40 -27.75
N ASP A 1923 -45.52 36.39 -27.83
CA ASP A 1923 -45.89 34.98 -27.70
C ASP A 1923 -46.97 34.52 -28.67
N PRO A 1924 -46.79 34.62 -29.97
CA PRO A 1924 -47.90 34.44 -30.90
C PRO A 1924 -48.18 32.95 -31.08
N ARG A 1925 -49.31 32.67 -31.70
CA ARG A 1925 -49.62 31.30 -32.10
C ARG A 1925 -48.76 30.88 -33.28
N LEU A 1926 -48.29 29.64 -33.25
CA LEU A 1926 -47.52 29.09 -34.35
C LEU A 1926 -48.26 29.22 -35.68
N ASP A 1927 -49.59 29.03 -35.63
CA ASP A 1927 -50.42 29.25 -36.80
C ASP A 1927 -50.28 30.66 -37.35
N ARG A 1928 -50.16 31.65 -36.46
CA ARG A 1928 -50.00 33.02 -36.90
C ARG A 1928 -48.59 33.31 -37.43
N ALA A 1929 -47.56 32.85 -36.72
CA ALA A 1929 -46.19 33.09 -37.16
C ALA A 1929 -45.90 32.43 -38.52
N ALA A 1930 -46.56 31.31 -38.82
CA ALA A 1930 -46.39 30.71 -40.12
C ALA A 1930 -46.90 31.63 -41.23
N ASP A 1931 -48.07 32.23 -41.06
CA ASP A 1931 -48.61 33.10 -42.10
C ASP A 1931 -47.86 34.43 -42.16
N ILE A 1932 -47.55 35.03 -41.01
CA ILE A 1932 -46.79 36.28 -41.00
C ILE A 1932 -45.46 36.12 -41.72
N THR A 1933 -44.81 34.96 -41.57
CA THR A 1933 -43.54 34.73 -42.25
C THR A 1933 -43.70 34.36 -43.73
N THR A 1934 -44.82 33.76 -44.13
CA THR A 1934 -45.03 33.28 -45.49
C THR A 1934 -45.77 34.30 -46.35
N GLN A 1935 -45.55 35.59 -46.14
CA GLN A 1935 -46.28 36.59 -46.92
C GLN A 1935 -45.79 36.66 -48.36
N ASN A 1936 -44.59 36.17 -48.65
CA ASN A 1936 -44.12 36.09 -50.03
C ASN A 1936 -44.36 34.69 -50.59
N LEU A 1963 -38.09 35.36 -42.05
CA LEU A 1963 -38.39 35.28 -40.63
C LEU A 1963 -38.19 36.64 -39.98
N THR A 1964 -37.35 37.47 -40.59
CA THR A 1964 -37.08 38.82 -40.10
C THR A 1964 -38.33 39.66 -39.99
N ASP A 1965 -39.42 39.24 -40.64
CA ASP A 1965 -40.72 39.89 -40.45
C ASP A 1965 -41.24 39.79 -39.03
N LEU A 1966 -40.75 38.85 -38.23
CA LEU A 1966 -41.28 38.65 -36.89
C LEU A 1966 -40.22 38.30 -35.85
N PHE A 1967 -39.07 37.75 -36.24
CA PHE A 1967 -37.99 37.39 -35.35
C PHE A 1967 -36.84 38.36 -35.56
N LEU A 1968 -36.17 38.73 -34.49
CA LEU A 1968 -35.16 39.78 -34.54
C LEU A 1968 -33.77 39.19 -34.68
N PRO A 1969 -32.81 39.94 -35.22
CA PRO A 1969 -31.43 39.47 -35.32
C PRO A 1969 -30.72 39.49 -33.99
N GLN A 1970 -30.00 38.42 -33.67
CA GLN A 1970 -29.23 38.44 -32.45
C GLN A 1970 -27.83 39.00 -32.64
N ILE A 1971 -27.31 39.58 -31.56
CA ILE A 1971 -25.92 40.01 -31.46
C ILE A 1971 -24.96 38.84 -31.59
N ASN A 1972 -23.82 39.08 -32.24
CA ASN A 1972 -22.84 38.03 -32.47
C ASN A 1972 -22.41 37.40 -31.17
N GLU A 1973 -22.69 36.11 -31.02
CA GLU A 1973 -22.39 35.38 -29.79
C GLU A 1973 -20.89 35.31 -29.48
N VAL A 1974 -20.03 35.39 -30.50
CA VAL A 1974 -18.58 35.41 -30.29
C VAL A 1974 -18.10 36.75 -29.73
N MET A 1975 -18.63 37.85 -30.25
CA MET A 1975 -18.26 39.14 -29.69
C MET A 1975 -18.75 39.23 -28.25
N MET A 1976 -19.96 38.78 -27.97
CA MET A 1976 -20.41 38.70 -26.59
C MET A 1976 -19.42 37.86 -25.76
N ASN A 1977 -18.85 36.82 -26.36
CA ASN A 1977 -17.99 35.98 -25.55
C ASN A 1977 -16.70 36.69 -25.22
N TYR A 1978 -16.26 37.61 -26.08
CA TYR A 1978 -15.04 38.33 -25.74
C TYR A 1978 -15.24 39.19 -24.50
N TRP A 1979 -16.38 39.87 -24.40
CA TRP A 1979 -16.68 40.63 -23.19
C TRP A 1979 -16.81 39.74 -21.97
N GLN A 1980 -17.36 38.54 -22.13
CA GLN A 1980 -17.47 37.65 -20.97
C GLN A 1980 -16.10 37.19 -20.48
N THR A 1981 -15.22 36.81 -21.40
CA THR A 1981 -13.93 36.32 -20.95
C THR A 1981 -13.02 37.44 -20.48
N LEU A 1982 -13.14 38.63 -21.05
CA LEU A 1982 -12.28 39.72 -20.59
C LEU A 1982 -12.71 40.17 -19.21
N ALA A 1983 -14.02 40.33 -19.00
CA ALA A 1983 -14.47 40.75 -17.68
C ALA A 1983 -14.11 39.72 -16.61
N GLN A 1984 -14.25 38.43 -16.91
CA GLN A 1984 -13.88 37.43 -15.92
C GLN A 1984 -12.37 37.41 -15.66
N ARG A 1985 -11.55 37.62 -16.69
CA ARG A 1985 -10.11 37.64 -16.49
C ARG A 1985 -9.66 38.82 -15.65
N VAL A 1986 -10.20 40.02 -15.93
CA VAL A 1986 -9.84 41.14 -15.07
C VAL A 1986 -10.36 40.92 -13.65
N TYR A 1987 -11.50 40.27 -13.51
CA TYR A 1987 -12.01 39.93 -12.17
C TYR A 1987 -11.02 39.09 -11.39
N ASN A 1988 -10.36 38.14 -12.05
CA ASN A 1988 -9.33 37.39 -11.35
C ASN A 1988 -8.10 38.23 -11.07
N LEU A 1989 -7.71 39.10 -12.00
CA LEU A 1989 -6.55 39.94 -11.69
C LEU A 1989 -6.80 40.88 -10.52
N ARG A 1990 -8.02 41.36 -10.38
CA ARG A 1990 -8.37 42.21 -9.26
C ARG A 1990 -8.50 41.44 -7.96
N HIS A 1991 -8.78 40.14 -8.01
CA HIS A 1991 -9.05 39.40 -6.79
C HIS A 1991 -7.95 38.40 -6.47
N ASN A 1992 -6.81 38.52 -7.14
CA ASN A 1992 -5.61 37.75 -6.83
C ASN A 1992 -5.82 36.23 -6.95
N LEU A 1993 -6.69 35.81 -7.86
CA LEU A 1993 -6.81 34.39 -8.17
C LEU A 1993 -5.74 34.06 -9.21
N SER A 1994 -5.69 32.82 -9.67
CA SER A 1994 -4.99 32.53 -10.92
C SER A 1994 -5.96 32.46 -12.09
N ILE A 1995 -5.45 32.02 -13.25
CA ILE A 1995 -6.26 32.06 -14.46
C ILE A 1995 -7.30 30.95 -14.47
N ASP A 1996 -7.03 29.83 -13.80
CA ASP A 1996 -8.01 28.80 -13.54
C ASP A 1996 -8.88 29.12 -12.33
N GLY A 1997 -8.73 30.33 -11.79
CA GLY A 1997 -9.53 30.78 -10.67
C GLY A 1997 -9.20 30.16 -9.33
N GLN A 1998 -8.04 29.53 -9.22
CA GLN A 1998 -7.80 28.97 -7.89
C GLN A 1998 -7.06 29.98 -7.03
N PRO A 1999 -7.45 30.19 -5.78
CA PRO A 1999 -6.74 31.15 -4.93
C PRO A 1999 -5.25 30.84 -4.87
N LEU A 2000 -4.43 31.86 -5.12
CA LEU A 2000 -3.03 31.76 -4.76
C LEU A 2000 -2.79 31.71 -3.26
N TYR A 2001 -3.66 32.30 -2.46
CA TYR A 2001 -3.43 32.37 -1.03
C TYR A 2001 -3.99 31.12 -0.35
N LEU A 2002 -3.15 30.44 0.42
CA LEU A 2002 -3.57 29.28 1.20
C LEU A 2002 -3.99 29.73 2.59
N PRO A 2003 -5.23 29.49 3.02
CA PRO A 2003 -5.69 30.01 4.31
C PRO A 2003 -4.99 29.34 5.49
N ILE A 2004 -5.04 30.03 6.63
CA ILE A 2004 -4.40 29.55 7.85
C ILE A 2004 -5.22 28.44 8.50
N TYR A 2005 -4.51 27.42 8.97
CA TYR A 2005 -5.09 26.18 9.47
C TYR A 2005 -5.33 26.22 10.99
N ALA A 2006 -6.13 27.19 11.44
CA ALA A 2006 -6.48 27.31 12.85
C ALA A 2006 -6.93 25.98 13.45
N THR A 2007 -6.44 25.69 14.66
CA THR A 2007 -6.53 24.35 15.25
C THR A 2007 -7.01 24.36 16.70
N PRO A 2008 -7.96 23.49 17.07
CA PRO A 2008 -8.65 23.61 18.36
C PRO A 2008 -7.78 23.17 19.53
N ALA A 2009 -7.99 23.81 20.68
CA ALA A 2009 -7.22 23.51 21.88
C ALA A 2009 -7.74 22.28 22.60
N ASP A 2010 -6.97 21.85 23.61
CA ASP A 2010 -7.32 20.71 24.46
C ASP A 2010 -8.67 20.92 25.17
N PRO A 2011 -9.37 19.83 25.47
CA PRO A 2011 -10.57 19.92 26.31
C PRO A 2011 -10.24 20.32 27.74
N LYS A 2012 -11.15 21.10 28.34
CA LYS A 2012 -11.06 21.38 29.76
C LYS A 2012 -11.22 20.11 30.59
N ALA A 2013 -10.50 20.07 31.71
CA ALA A 2013 -10.76 19.14 32.81
C ALA A 2013 -12.08 19.46 33.50
N LEU A 2014 -13.06 18.55 33.41
CA LEU A 2014 -14.25 18.68 34.23
C LEU A 2014 -13.89 18.69 35.72
N LEU A 2015 -14.64 19.48 36.49
CA LEU A 2015 -14.40 19.63 37.92
C LEU A 2015 -15.70 19.40 38.69
N SER A 2016 -15.58 18.73 39.84
CA SER A 2016 -16.71 18.41 40.70
C SER A 2016 -16.59 19.12 42.05
N ALA A 2017 -17.74 19.48 42.61
CA ALA A 2017 -17.82 20.20 43.87
C ALA A 2017 -18.26 19.26 44.98
N ALA A 2018 -17.55 19.27 46.11
CA ALA A 2018 -17.89 18.43 47.25
C ALA A 2018 -18.18 19.29 48.46
N VAL A 2019 -19.45 19.37 48.84
CA VAL A 2019 -19.89 20.17 49.98
C VAL A 2019 -20.23 19.23 51.12
N ALA A 2020 -20.30 19.80 52.32
CA ALA A 2020 -20.62 19.07 53.54
C ALA A 2020 -22.00 19.42 54.05
N THR A 2021 -22.50 18.61 54.97
CA THR A 2021 -23.74 18.88 55.69
C THR A 2021 -23.46 18.89 57.19
N SER A 2022 -24.15 19.77 57.92
CA SER A 2022 -24.06 19.83 59.36
C SER A 2022 -25.43 19.85 60.03
N GLN A 2023 -25.50 19.26 61.22
CA GLN A 2023 -26.73 19.15 62.01
C GLN A 2023 -26.38 19.36 63.47
N GLY A 2024 -27.28 20.02 64.20
CA GLY A 2024 -26.97 20.50 65.54
C GLY A 2024 -26.68 19.40 66.54
N GLY A 2025 -26.07 19.83 67.64
CA GLY A 2025 -25.90 18.96 68.79
C GLY A 2025 -27.20 18.52 69.44
N GLY A 2026 -27.15 17.34 70.05
CA GLY A 2026 -28.28 16.76 70.75
C GLY A 2026 -28.60 17.45 72.09
N LYS A 2027 -29.65 16.97 72.73
CA LYS A 2027 -30.13 17.55 73.98
C LYS A 2027 -30.48 16.42 74.94
N LEU A 2028 -30.05 16.53 76.22
CA LEU A 2028 -30.28 15.49 77.22
C LEU A 2028 -31.71 15.46 77.74
N PRO A 2029 -32.31 14.27 77.84
CA PRO A 2029 -33.53 14.08 78.64
C PRO A 2029 -33.44 14.54 80.09
N GLU A 2030 -34.60 14.69 80.74
CA GLU A 2030 -34.69 14.88 82.17
C GLU A 2030 -34.42 13.60 82.96
N SER A 2031 -33.51 13.67 83.93
CA SER A 2031 -33.17 12.52 84.76
C SER A 2031 -34.30 12.15 85.72
N PHE A 2032 -34.43 10.85 85.98
CA PHE A 2032 -35.49 10.32 86.85
C PHE A 2032 -34.89 9.51 87.99
N MET A 2033 -35.38 9.72 89.20
CA MET A 2033 -34.93 8.99 90.38
C MET A 2033 -35.65 7.65 90.53
N SER A 2034 -34.90 6.60 90.90
CA SER A 2034 -35.50 5.26 90.95
C SER A 2034 -34.87 4.43 92.07
N LEU A 2035 -35.62 3.42 92.49
CA LEU A 2035 -35.45 2.64 93.71
C LEU A 2035 -34.33 1.60 93.68
N TRP A 2036 -33.43 1.61 92.72
CA TRP A 2036 -32.41 0.57 92.64
C TRP A 2036 -31.08 1.08 93.15
N ARG A 2037 -30.51 0.36 94.12
CA ARG A 2037 -29.12 0.59 94.50
C ARG A 2037 -28.21 0.51 93.29
N PHE A 2038 -27.17 1.33 93.33
CA PHE A 2038 -26.32 1.59 92.17
C PHE A 2038 -25.75 0.36 91.47
N PRO A 2039 -25.22 -0.66 92.16
CA PRO A 2039 -24.70 -1.82 91.42
C PRO A 2039 -25.71 -2.51 90.50
N HIS A 2040 -26.98 -2.55 90.90
CA HIS A 2040 -27.98 -3.20 90.08
C HIS A 2040 -28.41 -2.34 88.90
N MET A 2041 -28.69 -1.08 89.15
CA MET A 2041 -29.00 -0.15 88.08
C MET A 2041 -27.84 0.03 87.12
N LEU A 2042 -26.62 -0.18 87.57
CA LEU A 2042 -25.49 -0.21 86.65
C LEU A 2042 -25.45 -1.47 85.80
N GLU A 2043 -25.67 -2.65 86.38
CA GLU A 2043 -25.75 -3.84 85.53
C GLU A 2043 -26.91 -3.78 84.53
N ASN A 2044 -28.01 -3.14 84.92
CA ASN A 2044 -29.13 -2.89 84.03
C ASN A 2044 -28.73 -2.00 82.87
N ALA A 2045 -28.26 -0.80 83.17
CA ALA A 2045 -27.91 0.15 82.12
C ALA A 2045 -26.83 -0.42 81.22
N ARG A 2046 -25.77 -0.99 81.78
CA ARG A 2046 -24.74 -1.63 80.97
C ARG A 2046 -25.30 -2.65 79.98
N GLY A 2047 -26.29 -3.44 80.39
CA GLY A 2047 -26.95 -4.33 79.44
C GLY A 2047 -27.64 -3.59 78.30
N MET A 2048 -28.38 -2.56 78.67
CA MET A 2048 -29.06 -1.70 77.71
C MET A 2048 -28.09 -1.08 76.70
N VAL A 2049 -26.97 -0.55 77.19
CA VAL A 2049 -25.96 0.03 76.33
C VAL A 2049 -25.34 -1.00 75.40
N SER A 2050 -25.02 -2.19 75.90
CA SER A 2050 -24.44 -3.17 74.98
C SER A 2050 -25.42 -3.55 73.87
N GLN A 2051 -26.71 -3.56 74.17
CA GLN A 2051 -27.68 -3.72 73.10
C GLN A 2051 -27.65 -2.58 72.11
N LEU A 2052 -27.48 -1.35 72.59
CA LEU A 2052 -27.40 -0.25 71.64
C LEU A 2052 -26.17 -0.38 70.75
N THR A 2053 -25.03 -0.75 71.32
CA THR A 2053 -23.83 -0.92 70.49
C THR A 2053 -24.06 -1.97 69.41
N GLN A 2054 -24.90 -2.96 69.70
CA GLN A 2054 -25.15 -4.01 68.71
C GLN A 2054 -25.99 -3.50 67.56
N PHE A 2055 -26.99 -2.65 67.85
CA PHE A 2055 -27.66 -1.93 66.78
C PHE A 2055 -26.74 -1.02 66.00
N GLY A 2056 -25.76 -0.41 66.65
CA GLY A 2056 -24.81 0.40 65.92
C GLY A 2056 -23.92 -0.35 64.95
N SER A 2057 -23.54 -1.58 65.30
CA SER A 2057 -22.76 -2.39 64.36
C SER A 2057 -23.59 -2.90 63.18
N THR A 2058 -24.80 -3.39 63.44
CA THR A 2058 -25.71 -3.66 62.34
C THR A 2058 -25.94 -2.45 61.44
N LEU A 2059 -26.13 -1.26 62.01
CA LEU A 2059 -26.36 -0.08 61.18
C LEU A 2059 -25.17 0.28 60.31
N GLN A 2060 -23.96 0.19 60.85
CA GLN A 2060 -22.79 0.46 60.01
C GLN A 2060 -22.69 -0.52 58.86
N ASN A 2061 -22.95 -1.80 59.11
CA ASN A 2061 -22.88 -2.78 58.04
C ASN A 2061 -23.92 -2.50 56.95
N ILE A 2062 -25.13 -2.12 57.33
CA ILE A 2062 -26.15 -1.76 56.35
C ILE A 2062 -25.73 -0.56 55.51
N ILE A 2063 -25.18 0.47 56.16
CA ILE A 2063 -24.81 1.68 55.42
C ILE A 2063 -23.77 1.35 54.36
N GLU A 2064 -22.75 0.58 54.73
CA GLU A 2064 -21.73 0.20 53.78
C GLU A 2064 -22.30 -0.61 52.64
N ARG A 2065 -23.21 -1.52 52.95
CA ARG A 2065 -23.72 -2.43 51.93
C ARG A 2065 -24.56 -1.68 50.91
N GLN A 2066 -25.49 -0.85 51.39
CA GLN A 2066 -26.41 -0.21 50.47
C GLN A 2066 -25.68 0.77 49.57
N ASP A 2067 -24.71 1.48 50.11
CA ASP A 2067 -23.94 2.38 49.25
C ASP A 2067 -23.14 1.63 48.18
N ALA A 2068 -22.52 0.50 48.53
CA ALA A 2068 -21.81 -0.26 47.51
C ALA A 2068 -22.75 -0.86 46.46
N GLU A 2069 -23.95 -1.26 46.86
CA GLU A 2069 -24.89 -1.80 45.88
C GLU A 2069 -25.45 -0.73 44.95
N ALA A 2070 -25.61 0.50 45.43
CA ALA A 2070 -25.93 1.61 44.53
C ALA A 2070 -24.82 1.93 43.54
N LEU A 2071 -23.57 1.72 43.94
CA LEU A 2071 -22.48 1.81 42.95
C LEU A 2071 -22.52 0.69 41.95
N ASN A 2072 -22.79 -0.53 42.39
CA ASN A 2072 -22.94 -1.65 41.47
C ASN A 2072 -24.00 -1.39 40.40
N ALA A 2073 -25.17 -0.89 40.79
CA ALA A 2073 -26.17 -0.50 39.79
C ALA A 2073 -25.75 0.68 38.90
N LEU A 2074 -24.93 1.58 39.43
CA LEU A 2074 -24.46 2.69 38.60
C LEU A 2074 -23.55 2.21 37.48
N LEU A 2075 -22.66 1.27 37.78
CA LEU A 2075 -21.73 0.81 36.75
C LEU A 2075 -22.44 0.07 35.62
N GLN A 2076 -23.53 -0.62 35.93
CA GLN A 2076 -24.31 -1.30 34.89
C GLN A 2076 -25.04 -0.33 34.00
N ASN A 2077 -25.69 0.68 34.57
CA ASN A 2077 -26.36 1.64 33.69
C ASN A 2077 -25.36 2.41 32.85
N GLN A 2078 -24.17 2.62 33.39
CA GLN A 2078 -23.13 3.33 32.66
C GLN A 2078 -22.54 2.52 31.52
N ALA A 2079 -22.31 1.21 31.70
CA ALA A 2079 -21.88 0.42 30.55
C ALA A 2079 -23.01 0.17 29.54
N ALA A 2080 -24.25 0.08 30.00
CA ALA A 2080 -25.37 0.00 29.07
C ALA A 2080 -25.43 1.22 28.19
N GLU A 2081 -25.03 2.37 28.69
CA GLU A 2081 -25.07 3.56 27.84
C GLU A 2081 -23.86 3.62 26.93
N LEU A 2082 -22.71 3.13 27.38
CA LEU A 2082 -21.50 3.14 26.56
C LEU A 2082 -21.58 2.25 25.33
N ILE A 2083 -22.37 1.17 25.39
CA ILE A 2083 -22.44 0.23 24.25
C ILE A 2083 -23.02 0.84 22.95
N LEU A 2084 -23.96 1.77 23.05
CA LEU A 2084 -24.62 2.29 21.85
C LEU A 2084 -23.64 2.92 20.86
N THR A 2085 -22.66 3.68 21.37
CA THR A 2085 -21.73 4.30 20.44
C THR A 2085 -20.89 3.25 19.73
N ASN A 2086 -20.56 2.16 20.42
CA ASN A 2086 -19.80 1.11 19.75
C ASN A 2086 -20.61 0.52 18.62
N LEU A 2087 -21.93 0.36 18.83
CA LEU A 2087 -22.76 -0.15 17.74
C LEU A 2087 -22.74 0.79 16.54
N SER A 2088 -22.82 2.09 16.78
CA SER A 2088 -22.76 3.05 15.67
C SER A 2088 -21.42 2.99 14.93
N ILE A 2089 -20.32 2.87 15.67
CA ILE A 2089 -19.00 2.79 15.04
C ILE A 2089 -18.88 1.54 14.18
N GLN A 2090 -19.33 0.40 14.70
CA GLN A 2090 -19.22 -0.83 13.94
C GLN A 2090 -20.06 -0.75 12.67
N ASP A 2091 -21.24 -0.16 12.78
CA ASP A 2091 -22.06 0.00 11.59
C ASP A 2091 -21.36 0.87 10.56
N LYS A 2092 -20.71 1.96 10.98
CA LYS A 2092 -20.05 2.74 9.94
C LYS A 2092 -18.79 2.08 9.39
N THR A 2093 -18.19 1.14 10.14
CA THR A 2093 -17.10 0.38 9.53
C THR A 2093 -17.63 -0.50 8.39
N ILE A 2094 -18.86 -1.00 8.52
CA ILE A 2094 -19.37 -1.79 7.41
C ILE A 2094 -19.50 -0.94 6.15
N GLU A 2095 -20.02 0.28 6.29
CA GLU A 2095 -20.16 1.17 5.14
C GLU A 2095 -18.80 1.54 4.55
N GLU A 2096 -17.78 1.61 5.40
CA GLU A 2096 -16.44 1.83 4.88
C GLU A 2096 -16.00 0.69 3.98
N LEU A 2097 -16.30 -0.55 4.37
CA LEU A 2097 -15.93 -1.66 3.48
C LEU A 2097 -16.77 -1.70 2.21
N ASP A 2098 -18.03 -1.26 2.26
CA ASP A 2098 -18.81 -1.13 1.02
C ASP A 2098 -18.21 -0.11 0.06
N ALA A 2099 -17.76 1.04 0.58
CA ALA A 2099 -17.08 2.00 -0.30
C ALA A 2099 -15.76 1.45 -0.85
N GLU A 2100 -15.02 0.67 -0.05
CA GLU A 2100 -13.82 0.05 -0.58
C GLU A 2100 -14.16 -0.92 -1.71
N LYS A 2101 -15.29 -1.62 -1.59
CA LYS A 2101 -15.73 -2.48 -2.69
C LYS A 2101 -15.98 -1.66 -3.94
N THR A 2102 -16.59 -0.48 -3.79
CA THR A 2102 -16.81 0.36 -4.96
C THR A 2102 -15.49 0.76 -5.61
N VAL A 2103 -14.46 1.04 -4.79
CA VAL A 2103 -13.17 1.41 -5.34
C VAL A 2103 -12.62 0.28 -6.20
N LEU A 2104 -12.72 -0.95 -5.70
CA LEU A 2104 -12.11 -2.06 -6.42
C LEU A 2104 -12.83 -2.34 -7.74
N GLU A 2105 -14.15 -2.41 -7.70
CA GLU A 2105 -14.84 -2.82 -8.92
C GLU A 2105 -14.80 -1.71 -9.97
N LYS A 2106 -14.79 -0.46 -9.54
CA LYS A 2106 -14.76 0.58 -10.54
C LYS A 2106 -13.36 0.83 -11.07
N SER A 2107 -12.30 0.42 -10.36
CA SER A 2107 -11.00 0.34 -11.05
C SER A 2107 -10.96 -0.85 -12.01
N LYS A 2108 -11.71 -1.91 -11.70
CA LYS A 2108 -11.73 -3.05 -12.62
C LYS A 2108 -12.36 -2.68 -13.94
N ALA A 2109 -13.33 -1.77 -13.93
CA ALA A 2109 -13.90 -1.35 -15.21
C ALA A 2109 -12.84 -0.71 -16.10
N GLY A 2110 -11.93 0.05 -15.51
CA GLY A 2110 -10.80 0.60 -16.25
C GLY A 2110 -9.86 -0.45 -16.81
N ALA A 2111 -9.59 -1.48 -16.01
CA ALA A 2111 -8.76 -2.57 -16.51
C ALA A 2111 -9.44 -3.30 -17.66
N GLN A 2112 -10.74 -3.50 -17.58
CA GLN A 2112 -11.45 -4.14 -18.68
C GLN A 2112 -11.40 -3.31 -19.95
N SER A 2113 -11.55 -1.98 -19.82
CA SER A 2113 -11.46 -1.13 -21.01
C SER A 2113 -10.08 -1.16 -21.64
N ARG A 2114 -9.04 -1.33 -20.84
CA ARG A 2114 -7.71 -1.42 -21.41
C ARG A 2114 -7.53 -2.77 -22.09
N PHE A 2115 -8.08 -3.82 -21.50
CA PHE A 2115 -7.89 -5.16 -22.03
C PHE A 2115 -8.61 -5.30 -23.36
N ASP A 2116 -9.86 -4.86 -23.43
CA ASP A 2116 -10.62 -5.04 -24.66
C ASP A 2116 -10.08 -4.11 -25.75
N SER A 2117 -9.63 -2.90 -25.40
CA SER A 2117 -9.08 -2.03 -26.44
C SER A 2117 -7.82 -2.63 -27.07
N TYR A 2118 -6.93 -3.18 -26.24
CA TYR A 2118 -5.76 -3.85 -26.79
C TYR A 2118 -6.10 -5.10 -27.60
N GLY A 2119 -7.08 -5.87 -27.15
CA GLY A 2119 -7.51 -6.99 -27.98
C GLY A 2119 -8.09 -6.55 -29.32
N LYS A 2120 -8.83 -5.44 -29.32
CA LYS A 2120 -9.32 -4.91 -30.59
C LYS A 2120 -8.20 -4.41 -31.48
N LEU A 2121 -7.07 -4.02 -30.90
CA LEU A 2121 -5.96 -3.61 -31.77
C LEU A 2121 -5.21 -4.83 -32.26
N TYR A 2122 -5.30 -5.93 -31.54
CA TYR A 2122 -4.53 -7.11 -31.88
C TYR A 2122 -5.23 -7.94 -32.96
N ASP A 2123 -6.51 -8.21 -32.77
CA ASP A 2123 -7.21 -9.09 -33.71
C ASP A 2123 -7.23 -8.50 -35.12
N GLU A 2124 -7.49 -7.20 -35.25
CA GLU A 2124 -7.34 -6.46 -36.50
C GLU A 2124 -5.99 -5.74 -36.55
N ASN A 2125 -4.93 -6.54 -36.60
CA ASN A 2125 -3.57 -6.00 -36.53
C ASN A 2125 -3.22 -5.08 -37.70
N ILE A 2126 -3.59 -5.45 -38.92
CA ILE A 2126 -3.27 -4.64 -40.10
C ILE A 2126 -4.55 -4.17 -40.74
N ASN A 2127 -4.70 -2.87 -40.88
CA ASN A 2127 -5.93 -2.34 -41.45
C ASN A 2127 -5.82 -2.25 -42.97
N ALA A 2128 -6.82 -1.65 -43.62
CA ALA A 2128 -6.85 -1.52 -45.07
C ALA A 2128 -5.80 -0.58 -45.63
N GLY A 2129 -5.18 0.24 -44.81
CA GLY A 2129 -4.19 1.17 -45.30
C GLY A 2129 -2.78 0.62 -45.23
N GLU A 2130 -2.49 -0.11 -44.16
CA GLU A 2130 -1.15 -0.66 -43.98
C GLU A 2130 -0.80 -1.65 -45.08
N ASN A 2131 -1.71 -2.56 -45.44
CA ASN A 2131 -1.40 -3.49 -46.52
C ASN A 2131 -1.47 -2.83 -47.88
N GLN A 2132 -2.20 -1.73 -48.00
CA GLN A 2132 -2.22 -1.01 -49.27
C GLN A 2132 -0.83 -0.50 -49.59
N ALA A 2133 -0.12 0.00 -48.58
CA ALA A 2133 1.26 0.42 -48.81
C ALA A 2133 2.15 -0.74 -49.18
N MET A 2134 1.92 -1.93 -48.60
CA MET A 2134 2.73 -3.09 -48.96
C MET A 2134 2.57 -3.45 -50.43
N THR A 2135 1.33 -3.50 -50.89
CA THR A 2135 1.06 -3.82 -52.29
C THR A 2135 1.64 -2.76 -53.21
N LEU A 2136 1.52 -1.49 -52.82
CA LEU A 2136 2.01 -0.41 -53.64
C LEU A 2136 3.53 -0.41 -53.70
N ARG A 2137 4.18 -0.68 -52.58
CA ARG A 2137 5.64 -0.70 -52.54
C ARG A 2137 6.16 -1.88 -53.34
N ALA A 2138 5.52 -3.04 -53.22
CA ALA A 2138 5.99 -4.20 -53.95
C ALA A 2138 5.78 -4.05 -55.45
N SER A 2139 4.79 -3.29 -55.88
CA SER A 2139 4.60 -3.12 -57.32
C SER A 2139 5.78 -2.40 -57.96
N ALA A 2140 6.45 -1.52 -57.22
CA ALA A 2140 7.64 -0.85 -57.74
C ALA A 2140 8.82 -1.78 -57.95
N ALA A 2141 8.89 -2.89 -57.18
CA ALA A 2141 9.99 -3.82 -57.33
C ALA A 2141 9.93 -4.62 -58.63
N GLY A 2142 8.76 -4.79 -59.21
CA GLY A 2142 8.59 -5.56 -60.44
C GLY A 2142 8.93 -4.90 -61.75
N LEU A 2143 9.33 -3.63 -61.75
CA LEU A 2143 9.68 -2.90 -62.97
C LEU A 2143 11.12 -3.09 -63.42
N THR A 2144 11.94 -3.82 -62.67
CA THR A 2144 13.36 -3.92 -63.04
C THR A 2144 13.59 -4.67 -64.34
N THR A 2145 12.79 -5.69 -64.64
CA THR A 2145 13.02 -6.40 -65.89
C THR A 2145 12.51 -5.61 -67.07
N ALA A 2146 11.48 -4.79 -66.85
CA ALA A 2146 10.95 -4.00 -67.94
C ALA A 2146 11.93 -2.90 -68.30
N VAL A 2147 12.48 -2.23 -67.31
CA VAL A 2147 13.43 -1.17 -67.64
C VAL A 2147 14.71 -1.76 -68.23
N GLN A 2148 15.13 -2.93 -67.74
CA GLN A 2148 16.32 -3.55 -68.31
C GLN A 2148 16.12 -3.91 -69.78
N ALA A 2149 14.96 -4.48 -70.11
CA ALA A 2149 14.68 -4.76 -71.52
C ALA A 2149 14.59 -3.49 -72.35
N SER A 2150 13.97 -2.45 -71.81
CA SER A 2150 13.81 -1.21 -72.55
C SER A 2150 15.16 -0.58 -72.87
N ARG A 2151 16.08 -0.56 -71.90
CA ARG A 2151 17.37 0.06 -72.12
C ARG A 2151 18.22 -0.77 -73.06
N LEU A 2152 18.15 -2.09 -72.96
CA LEU A 2152 18.91 -2.90 -73.90
C LEU A 2152 18.37 -2.74 -75.31
N ALA A 2153 17.06 -2.67 -75.47
CA ALA A 2153 16.48 -2.49 -76.81
C ALA A 2153 16.88 -1.15 -77.42
N GLY A 2154 16.86 -0.08 -76.62
CA GLY A 2154 17.28 1.20 -77.17
C GLY A 2154 18.74 1.22 -77.52
N ALA A 2155 19.57 0.56 -76.71
CA ALA A 2155 21.00 0.54 -76.99
C ALA A 2155 21.26 -0.17 -78.30
N ALA A 2156 20.67 -1.35 -78.48
CA ALA A 2156 20.90 -2.10 -79.70
C ALA A 2156 20.37 -1.35 -80.92
N ALA A 2157 19.21 -0.70 -80.78
CA ALA A 2157 18.67 0.07 -81.89
C ALA A 2157 19.44 1.34 -82.17
N ASP A 2158 20.36 1.74 -81.30
CA ASP A 2158 21.08 2.99 -81.51
C ASP A 2158 22.37 2.86 -82.31
N LEU A 2159 23.02 1.70 -82.28
CA LEU A 2159 24.30 1.52 -82.97
C LEU A 2159 24.22 1.59 -84.49
N VAL A 2160 23.05 1.46 -85.09
CA VAL A 2160 22.99 1.62 -86.55
C VAL A 2160 23.28 3.07 -86.93
N PRO A 2161 23.96 3.33 -88.04
CA PRO A 2161 24.23 4.73 -88.42
C PRO A 2161 22.95 5.47 -88.73
N ASN A 2162 22.98 6.79 -88.56
CA ASN A 2162 21.80 7.60 -88.81
C ASN A 2162 21.96 8.78 -89.75
N ILE A 2163 23.17 9.11 -90.22
CA ILE A 2163 23.34 10.11 -91.27
C ILE A 2163 23.99 9.44 -92.46
N PHE A 2164 23.61 9.89 -93.65
CA PHE A 2164 23.85 9.17 -94.88
C PHE A 2164 24.23 10.13 -96.00
N GLY A 2165 24.63 9.54 -97.11
CA GLY A 2165 25.08 10.31 -98.26
C GLY A 2165 26.56 10.59 -98.22
N PHE A 2166 26.92 11.87 -98.31
CA PHE A 2166 28.34 12.21 -98.25
C PHE A 2166 28.94 12.09 -96.85
N ALA A 2167 28.15 12.31 -95.81
CA ALA A 2167 28.61 12.02 -94.45
C ALA A 2167 27.95 10.74 -93.96
N GLY A 2168 28.73 9.88 -93.34
CA GLY A 2168 28.24 8.61 -92.86
C GLY A 2168 28.38 8.43 -91.38
N GLY A 2169 28.06 7.26 -90.87
CA GLY A 2169 28.21 7.03 -89.45
C GLY A 2169 27.18 7.74 -88.59
N GLY A 2170 27.65 8.37 -87.52
CA GLY A 2170 26.77 9.03 -86.58
C GLY A 2170 26.33 8.12 -85.46
N SER A 2171 26.70 6.85 -85.52
CA SER A 2171 26.38 5.88 -84.47
C SER A 2171 27.21 6.11 -83.22
N ARG A 2172 26.54 6.38 -82.10
CA ARG A 2172 27.22 6.59 -80.83
C ARG A 2172 27.75 5.27 -80.29
N TRP A 2173 29.08 5.14 -80.26
CA TRP A 2173 29.71 3.88 -79.87
C TRP A 2173 29.49 3.52 -78.41
N GLY A 2174 29.25 4.50 -77.56
CA GLY A 2174 29.09 4.20 -76.14
C GLY A 2174 27.75 3.70 -75.68
N ALA A 2175 26.78 3.50 -76.58
CA ALA A 2175 25.41 3.25 -76.13
C ALA A 2175 25.27 1.97 -75.30
N ILE A 2176 26.06 0.93 -75.59
CA ILE A 2176 25.96 -0.29 -74.80
C ILE A 2176 26.47 -0.07 -73.38
N ALA A 2177 27.55 0.68 -73.21
CA ALA A 2177 28.04 0.96 -71.88
C ALA A 2177 27.11 1.89 -71.11
N GLU A 2178 26.48 2.84 -71.80
CA GLU A 2178 25.47 3.67 -71.17
C GLU A 2178 24.27 2.87 -70.71
N ALA A 2179 23.75 1.97 -71.54
CA ALA A 2179 22.65 1.12 -71.11
C ALA A 2179 23.02 0.22 -69.93
N THR A 2180 24.20 -0.40 -69.95
CA THR A 2180 24.62 -1.16 -68.78
C THR A 2180 24.76 -0.30 -67.52
N GLY A 2181 25.13 0.97 -67.69
CA GLY A 2181 25.21 1.87 -66.56
C GLY A 2181 23.84 2.26 -66.02
N TYR A 2182 22.92 2.59 -66.90
CA TYR A 2182 21.57 2.91 -66.46
C TYR A 2182 20.91 1.75 -65.75
N VAL A 2183 20.98 0.55 -66.31
CA VAL A 2183 20.32 -0.57 -65.63
C VAL A 2183 21.01 -0.91 -64.31
N MET A 2184 22.33 -0.73 -64.22
CA MET A 2184 23.03 -1.09 -63.00
C MET A 2184 22.95 -0.03 -61.90
N GLU A 2185 22.77 1.23 -62.25
CA GLU A 2185 22.41 2.24 -61.25
C GLU A 2185 20.94 2.22 -60.85
N PHE A 2186 20.02 1.85 -61.75
CA PHE A 2186 18.63 1.60 -61.35
C PHE A 2186 18.52 0.46 -60.34
N SER A 2187 19.21 -0.64 -60.59
CA SER A 2187 19.25 -1.76 -59.63
C SER A 2187 19.42 -1.36 -58.16
N ALA A 2188 20.34 -0.43 -57.87
CA ALA A 2188 20.52 0.02 -56.50
C ALA A 2188 19.26 0.66 -55.91
N ASN A 2189 18.58 1.50 -56.69
CA ASN A 2189 17.34 2.10 -56.22
C ASN A 2189 16.26 1.06 -55.96
N VAL A 2190 16.13 0.07 -56.86
CA VAL A 2190 15.10 -0.92 -56.62
C VAL A 2190 15.41 -1.78 -55.40
N MET A 2191 16.68 -2.12 -55.19
CA MET A 2191 17.00 -2.82 -53.94
C MET A 2191 16.74 -1.98 -52.70
N ASN A 2192 16.94 -0.66 -52.75
CA ASN A 2192 16.55 0.15 -51.60
C ASN A 2192 15.04 0.14 -51.36
N THR A 2193 14.24 0.24 -52.42
CA THR A 2193 12.79 0.18 -52.26
C THR A 2193 12.33 -1.15 -51.68
N GLU A 2194 12.89 -2.24 -52.18
CA GLU A 2194 12.56 -3.58 -51.71
C GLU A 2194 12.96 -3.78 -50.26
N ALA A 2195 14.18 -3.40 -49.88
CA ALA A 2195 14.59 -3.48 -48.48
C ALA A 2195 13.71 -2.63 -47.59
N ASP A 2196 13.18 -1.51 -48.09
CA ASP A 2196 12.29 -0.71 -47.27
C ASP A 2196 10.92 -1.36 -47.10
N LYS A 2197 10.43 -2.06 -48.12
CA LYS A 2197 9.23 -2.86 -47.90
C LYS A 2197 9.42 -3.93 -46.84
N ILE A 2198 10.56 -4.62 -46.86
CA ILE A 2198 10.78 -5.64 -45.84
C ILE A 2198 10.87 -5.01 -44.45
N SER A 2199 11.60 -3.91 -44.31
CA SER A 2199 11.75 -3.27 -43.01
C SER A 2199 10.43 -2.71 -42.46
N GLN A 2200 9.57 -2.19 -43.32
CA GLN A 2200 8.21 -1.83 -42.90
C GLN A 2200 7.43 -3.03 -42.39
N SER A 2201 7.54 -4.16 -43.07
CA SER A 2201 6.83 -5.35 -42.63
C SER A 2201 7.30 -5.82 -41.26
N GLU A 2202 8.61 -5.89 -41.06
CA GLU A 2202 9.14 -6.26 -39.76
C GLU A 2202 8.75 -5.27 -38.67
N THR A 2203 8.58 -4.00 -39.01
CA THR A 2203 8.12 -3.04 -38.01
C THR A 2203 6.71 -3.37 -37.56
N TYR A 2204 5.80 -3.58 -38.51
CA TYR A 2204 4.43 -3.90 -38.13
C TYR A 2204 4.35 -5.17 -37.29
N ARG A 2205 5.22 -6.13 -37.56
CA ARG A 2205 5.24 -7.35 -36.77
C ARG A 2205 5.75 -7.13 -35.35
N ARG A 2206 6.81 -6.34 -35.19
CA ARG A 2206 7.31 -6.07 -33.84
C ARG A 2206 6.27 -5.29 -33.04
N ARG A 2207 5.57 -4.38 -33.68
CA ARG A 2207 4.52 -3.64 -33.00
C ARG A 2207 3.43 -4.56 -32.49
N ARG A 2208 3.01 -5.51 -33.32
CA ARG A 2208 1.96 -6.43 -32.87
C ARG A 2208 2.40 -7.27 -31.67
N GLN A 2209 3.66 -7.71 -31.66
CA GLN A 2209 4.12 -8.44 -30.48
C GLN A 2209 4.12 -7.57 -29.22
N GLU A 2210 4.48 -6.30 -29.35
CA GLU A 2210 4.38 -5.44 -28.18
C GLU A 2210 2.94 -5.27 -27.71
N TRP A 2211 1.96 -5.30 -28.63
CA TRP A 2211 0.57 -5.35 -28.16
C TRP A 2211 0.17 -6.65 -27.49
N GLU A 2212 0.84 -7.77 -27.77
CA GLU A 2212 0.63 -8.93 -26.90
C GLU A 2212 1.17 -8.72 -25.50
N ILE A 2213 2.33 -8.09 -25.37
CA ILE A 2213 2.84 -7.84 -24.02
C ILE A 2213 1.85 -6.96 -23.25
N GLN A 2214 1.30 -5.95 -23.91
CA GLN A 2214 0.36 -5.04 -23.24
C GLN A 2214 -0.97 -5.73 -22.94
N ARG A 2215 -1.52 -6.49 -23.87
CA ARG A 2215 -2.80 -7.13 -23.64
C ARG A 2215 -2.70 -8.14 -22.52
N ASN A 2216 -1.63 -8.93 -22.49
CA ASN A 2216 -1.47 -9.89 -21.42
C ASN A 2216 -1.31 -9.19 -20.07
N ASN A 2217 -0.59 -8.07 -20.02
CA ASN A 2217 -0.48 -7.33 -18.77
C ASN A 2217 -1.84 -6.84 -18.29
N ALA A 2218 -2.66 -6.31 -19.19
CA ALA A 2218 -3.99 -5.86 -18.81
C ALA A 2218 -4.87 -7.00 -18.34
N GLU A 2219 -4.81 -8.14 -19.01
CA GLU A 2219 -5.61 -9.27 -18.59
C GLU A 2219 -5.20 -9.77 -17.20
N ALA A 2220 -3.90 -9.84 -16.93
CA ALA A 2220 -3.45 -10.25 -15.60
C ALA A 2220 -3.91 -9.30 -14.51
N GLU A 2221 -3.84 -7.99 -14.75
CA GLU A 2221 -4.34 -7.03 -13.76
C GLU A 2221 -5.84 -7.17 -13.55
N LEU A 2222 -6.59 -7.40 -14.62
CA LEU A 2222 -8.01 -7.67 -14.48
C LEU A 2222 -8.25 -8.91 -13.65
N LYS A 2223 -7.46 -9.95 -13.87
CA LYS A 2223 -7.67 -11.20 -13.15
C LYS A 2223 -7.36 -11.03 -11.67
N GLN A 2224 -6.31 -10.29 -11.31
CA GLN A 2224 -6.01 -10.15 -9.88
C GLN A 2224 -7.02 -9.28 -9.16
N ILE A 2225 -7.73 -8.40 -9.87
CA ILE A 2225 -8.72 -7.58 -9.17
C ILE A 2225 -9.88 -8.44 -8.67
N ASP A 2226 -10.28 -9.44 -9.45
CA ASP A 2226 -11.39 -10.28 -9.02
C ASP A 2226 -11.08 -10.98 -7.69
N ALA A 2227 -9.85 -11.48 -7.55
CA ALA A 2227 -9.48 -12.09 -6.28
C ALA A 2227 -9.41 -11.06 -5.17
N GLN A 2228 -9.06 -9.82 -5.51
CA GLN A 2228 -9.10 -8.79 -4.47
C GLN A 2228 -10.52 -8.61 -3.96
N LEU A 2229 -11.49 -8.63 -4.88
CA LEU A 2229 -12.88 -8.54 -4.48
C LEU A 2229 -13.32 -9.73 -3.63
N LYS A 2230 -12.84 -10.93 -3.95
CA LYS A 2230 -13.19 -12.09 -3.12
C LYS A 2230 -12.68 -11.93 -1.69
N SER A 2231 -11.45 -11.45 -1.54
CA SER A 2231 -10.93 -11.21 -0.20
C SER A 2231 -11.74 -10.16 0.51
N LEU A 2232 -12.12 -9.09 -0.18
CA LEU A 2232 -12.91 -8.07 0.49
C LEU A 2232 -14.31 -8.57 0.85
N ALA A 2233 -14.88 -9.46 0.05
CA ALA A 2233 -16.18 -10.03 0.40
C ALA A 2233 -16.08 -10.81 1.70
N VAL A 2234 -14.98 -11.55 1.90
CA VAL A 2234 -14.80 -12.19 3.20
C VAL A 2234 -14.66 -11.14 4.29
N ARG A 2235 -13.77 -10.17 4.11
CA ARG A 2235 -13.51 -9.17 5.14
C ARG A 2235 -14.78 -8.48 5.60
N ARG A 2236 -15.71 -8.28 4.68
CA ARG A 2236 -17.02 -7.73 4.99
C ARG A 2236 -17.91 -8.72 5.72
N GLU A 2237 -17.89 -9.99 5.35
CA GLU A 2237 -18.61 -10.97 6.18
C GLU A 2237 -18.11 -10.97 7.62
N ALA A 2238 -16.80 -10.89 7.83
CA ALA A 2238 -16.27 -10.79 9.19
C ALA A 2238 -16.63 -9.47 9.89
N ALA A 2239 -16.96 -8.43 9.15
CA ALA A 2239 -17.36 -7.21 9.84
C ALA A 2239 -18.83 -7.22 10.23
N VAL A 2240 -19.69 -7.75 9.37
CA VAL A 2240 -21.06 -8.08 9.79
C VAL A 2240 -21.07 -9.01 11.00
N LEU A 2241 -20.21 -10.04 11.00
CA LEU A 2241 -20.17 -10.92 12.17
C LEU A 2241 -19.70 -10.20 13.43
N GLN A 2242 -18.77 -9.26 13.30
CA GLN A 2242 -18.40 -8.47 14.48
C GLN A 2242 -19.58 -7.67 14.99
N LYS A 2243 -20.42 -7.17 14.07
CA LYS A 2243 -21.63 -6.49 14.51
C LYS A 2243 -22.53 -7.43 15.28
N THR A 2244 -22.67 -8.67 14.82
CA THR A 2244 -23.52 -9.63 15.54
C THR A 2244 -23.00 -9.87 16.96
N SER A 2245 -21.69 -9.98 17.11
CA SER A 2245 -21.12 -10.10 18.46
C SER A 2245 -21.40 -8.88 19.34
N LEU A 2246 -21.28 -7.68 18.78
CA LEU A 2246 -21.55 -6.50 19.59
C LEU A 2246 -23.03 -6.39 19.95
N LYS A 2247 -23.90 -6.76 19.03
CA LYS A 2247 -25.32 -6.72 19.34
C LYS A 2247 -25.64 -7.73 20.43
N THR A 2248 -24.98 -8.89 20.42
CA THR A 2248 -25.23 -9.83 21.51
C THR A 2248 -24.77 -9.25 22.83
N GLN A 2249 -23.63 -8.54 22.85
CA GLN A 2249 -23.17 -7.97 24.11
C GLN A 2249 -24.15 -6.95 24.67
N GLN A 2250 -24.81 -6.19 23.81
CA GLN A 2250 -25.86 -5.29 24.30
C GLN A 2250 -26.97 -6.02 25.05
N GLU A 2251 -27.42 -7.14 24.52
CA GLU A 2251 -28.42 -7.95 25.21
C GLU A 2251 -27.88 -8.55 26.51
N GLN A 2252 -26.63 -8.99 26.52
CA GLN A 2252 -26.07 -9.57 27.74
C GLN A 2252 -25.95 -8.53 28.85
N THR A 2253 -25.61 -7.30 28.49
CA THR A 2253 -25.60 -6.21 29.48
C THR A 2253 -27.00 -5.88 29.96
N GLN A 2254 -27.99 -5.97 29.08
CA GLN A 2254 -29.37 -5.76 29.53
C GLN A 2254 -29.85 -6.88 30.44
N SER A 2255 -29.52 -8.12 30.14
CA SER A 2255 -29.90 -9.23 31.00
C SER A 2255 -29.25 -9.12 32.38
N GLN A 2256 -27.98 -8.74 32.44
CA GLN A 2256 -27.34 -8.53 33.73
C GLN A 2256 -27.92 -7.35 34.48
N LEU A 2257 -28.25 -6.25 33.80
CA LEU A 2257 -28.89 -5.14 34.47
C LEU A 2257 -30.25 -5.54 35.02
N ALA A 2258 -31.01 -6.30 34.24
CA ALA A 2258 -32.31 -6.73 34.72
C ALA A 2258 -32.16 -7.62 35.93
N PHE A 2259 -31.14 -8.48 35.94
CA PHE A 2259 -31.00 -9.34 37.11
C PHE A 2259 -30.67 -8.52 38.34
N LEU A 2260 -29.85 -7.47 38.18
CA LEU A 2260 -29.56 -6.61 39.34
C LEU A 2260 -30.79 -5.88 39.84
N GLN A 2261 -31.71 -5.52 38.96
CA GLN A 2261 -32.92 -4.84 39.43
C GLN A 2261 -33.93 -5.81 40.02
N ARG A 2262 -34.04 -7.00 39.47
CA ARG A 2262 -35.09 -7.95 39.83
C ARG A 2262 -34.78 -8.81 41.04
N LYS A 2263 -33.50 -9.03 41.37
CA LYS A 2263 -33.17 -9.85 42.51
C LYS A 2263 -33.72 -9.26 43.80
N PHE A 2264 -33.91 -10.13 44.78
CA PHE A 2264 -33.91 -9.78 46.19
C PHE A 2264 -32.49 -9.48 46.65
N SER A 2265 -32.38 -8.73 47.76
CA SER A 2265 -31.12 -8.11 48.18
C SER A 2265 -30.72 -6.97 47.27
N ASN A 2266 -31.67 -6.29 46.68
CA ASN A 2266 -31.41 -5.17 45.80
C ASN A 2266 -31.47 -3.86 46.57
N GLN A 2267 -31.17 -2.79 45.85
CA GLN A 2267 -31.17 -1.43 46.39
C GLN A 2267 -32.40 -1.12 47.24
N ALA A 2268 -33.59 -1.46 46.78
CA ALA A 2268 -34.78 -1.07 47.52
C ALA A 2268 -34.91 -1.79 48.86
N LEU A 2269 -34.44 -3.04 48.97
CA LEU A 2269 -34.41 -3.67 50.28
C LEU A 2269 -33.43 -2.97 51.21
N TYR A 2270 -32.26 -2.60 50.74
CA TYR A 2270 -31.32 -1.95 51.65
C TYR A 2270 -31.78 -0.56 52.03
N ASN A 2271 -32.49 0.14 51.14
CA ASN A 2271 -33.03 1.43 51.51
C ASN A 2271 -34.05 1.28 52.62
N TRP A 2272 -34.91 0.27 52.51
CA TRP A 2272 -35.87 0.07 53.59
C TRP A 2272 -35.18 -0.33 54.89
N LEU A 2273 -34.16 -1.18 54.81
CA LEU A 2273 -33.46 -1.57 56.03
C LEU A 2273 -32.81 -0.38 56.70
N ARG A 2274 -32.19 0.51 55.92
CA ARG A 2274 -31.57 1.68 56.51
C ARG A 2274 -32.59 2.57 57.19
N GLY A 2275 -33.72 2.84 56.52
CA GLY A 2275 -34.69 3.73 57.14
C GLY A 2275 -35.31 3.15 58.40
N ARG A 2276 -35.69 1.87 58.35
CA ARG A 2276 -36.30 1.23 59.50
C ARG A 2276 -35.33 1.14 60.66
N LEU A 2277 -34.09 0.76 60.38
CA LEU A 2277 -33.12 0.61 61.46
C LEU A 2277 -32.74 1.95 62.05
N ALA A 2278 -32.63 3.00 61.24
CA ALA A 2278 -32.29 4.30 61.79
C ALA A 2278 -33.38 4.79 62.73
N ALA A 2279 -34.65 4.60 62.37
CA ALA A 2279 -35.72 4.97 63.29
C ALA A 2279 -35.66 4.18 64.60
N ILE A 2280 -35.40 2.87 64.51
CA ILE A 2280 -35.29 2.08 65.74
C ILE A 2280 -34.10 2.55 66.56
N TYR A 2281 -32.99 2.86 65.89
CA TYR A 2281 -31.78 3.24 66.59
C TYR A 2281 -31.97 4.52 67.39
N PHE A 2282 -32.64 5.51 66.82
CA PHE A 2282 -32.84 6.74 67.60
C PHE A 2282 -33.80 6.54 68.75
N GLN A 2283 -34.86 5.75 68.56
CA GLN A 2283 -35.77 5.53 69.69
C GLN A 2283 -35.06 4.80 70.83
N PHE A 2284 -34.28 3.78 70.47
CA PHE A 2284 -33.59 2.99 71.48
C PHE A 2284 -32.48 3.77 72.14
N TYR A 2285 -31.89 4.74 71.45
CA TYR A 2285 -30.96 5.65 72.13
C TYR A 2285 -31.65 6.52 73.16
N ASP A 2286 -32.84 7.03 72.86
CA ASP A 2286 -33.55 7.80 73.88
C ASP A 2286 -33.84 6.96 75.13
N LEU A 2287 -34.21 5.69 74.93
CA LEU A 2287 -34.37 4.81 76.09
C LEU A 2287 -33.06 4.54 76.83
N ALA A 2288 -31.96 4.36 76.11
CA ALA A 2288 -30.69 4.12 76.76
C ALA A 2288 -30.27 5.30 77.62
N VAL A 2289 -30.31 6.50 77.06
CA VAL A 2289 -29.84 7.67 77.80
C VAL A 2289 -30.74 7.94 79.01
N ALA A 2290 -32.05 7.72 78.88
CA ALA A 2290 -32.89 7.81 80.07
C ALA A 2290 -32.46 6.83 81.15
N ARG A 2291 -32.02 5.64 80.75
CA ARG A 2291 -31.56 4.67 81.76
C ARG A 2291 -30.23 5.07 82.39
N CYS A 2292 -29.33 5.63 81.60
CA CYS A 2292 -28.06 6.09 82.17
C CYS A 2292 -28.23 7.27 83.11
N LEU A 2293 -29.11 8.22 82.79
CA LEU A 2293 -29.41 9.26 83.77
C LEU A 2293 -30.15 8.75 85.00
N MET A 2294 -30.78 7.59 84.91
CA MET A 2294 -31.29 6.98 86.14
C MET A 2294 -30.21 6.35 86.99
N ALA A 2295 -29.24 5.70 86.38
CA ALA A 2295 -28.06 5.27 87.14
C ALA A 2295 -27.28 6.43 87.71
N GLU A 2296 -27.30 7.59 87.05
CA GLU A 2296 -26.60 8.74 87.59
C GLU A 2296 -27.31 9.36 88.79
N GLN A 2297 -28.65 9.34 88.82
CA GLN A 2297 -29.32 9.71 90.06
C GLN A 2297 -29.06 8.71 91.18
N ALA A 2298 -29.03 7.41 90.86
CA ALA A 2298 -28.70 6.45 91.90
C ALA A 2298 -27.30 6.70 92.47
N TYR A 2299 -26.34 7.04 91.61
CA TYR A 2299 -25.01 7.40 92.09
C TYR A 2299 -25.05 8.66 92.96
N ARG A 2300 -25.68 9.72 92.47
CA ARG A 2300 -25.76 10.99 93.21
C ARG A 2300 -26.61 10.88 94.45
N TRP A 2301 -27.10 9.71 94.77
CA TRP A 2301 -27.75 9.49 96.06
C TRP A 2301 -27.08 8.45 96.94
N GLU A 2302 -26.46 7.41 96.37
CA GLU A 2302 -25.68 6.52 97.21
C GLU A 2302 -24.46 7.23 97.80
N LEU A 2303 -23.80 8.07 97.00
CA LEU A 2303 -22.94 9.13 97.49
C LEU A 2303 -23.67 10.45 97.41
N ASN A 2304 -23.08 11.48 98.01
CA ASN A 2304 -23.73 12.77 98.15
C ASN A 2304 -23.27 13.78 97.10
N ASP A 2305 -22.58 13.33 96.05
CA ASP A 2305 -21.87 14.21 95.12
C ASP A 2305 -22.83 14.73 94.03
N ASP A 2306 -23.82 15.50 94.49
CA ASP A 2306 -24.82 16.09 93.60
C ASP A 2306 -24.19 16.89 92.45
N SER A 2307 -22.96 17.40 92.63
CA SER A 2307 -22.32 18.15 91.57
C SER A 2307 -21.82 17.26 90.43
N ALA A 2308 -21.41 16.03 90.73
CA ALA A 2308 -20.78 15.17 89.73
C ALA A 2308 -21.80 14.69 88.70
N ARG A 2309 -21.65 15.17 87.46
CA ARG A 2309 -22.46 14.70 86.34
C ARG A 2309 -21.52 14.11 85.30
N PHE A 2310 -21.81 12.90 84.85
CA PHE A 2310 -20.96 12.17 83.92
C PHE A 2310 -21.54 12.05 82.52
N ILE A 2311 -22.85 11.96 82.38
CA ILE A 2311 -23.47 11.89 81.07
C ILE A 2311 -23.49 13.26 80.42
N LYS A 2312 -22.88 13.36 79.26
CA LYS A 2312 -22.76 14.57 78.46
C LYS A 2312 -23.75 14.54 77.30
N PRO A 2313 -24.17 15.70 76.80
CA PRO A 2313 -25.14 15.72 75.69
C PRO A 2313 -24.59 15.28 74.34
N GLY A 2314 -23.27 15.20 74.19
CA GLY A 2314 -22.62 14.96 72.92
C GLY A 2314 -22.61 13.53 72.40
N ALA A 2315 -23.37 12.63 73.00
CA ALA A 2315 -23.25 11.22 72.62
C ALA A 2315 -23.81 10.95 71.24
N TRP A 2316 -24.77 11.75 70.79
CA TRP A 2316 -25.41 11.55 69.50
C TRP A 2316 -25.15 12.73 68.59
N GLN A 2317 -24.93 12.44 67.30
CA GLN A 2317 -24.65 13.48 66.32
C GLN A 2317 -25.37 13.11 65.04
N GLY A 2318 -26.27 13.98 64.58
CA GLY A 2318 -27.04 13.72 63.39
C GLY A 2318 -26.29 13.86 62.10
N THR A 2319 -25.10 14.47 62.12
CA THR A 2319 -24.32 14.58 60.89
C THR A 2319 -23.91 13.22 60.38
N TYR A 2320 -23.57 12.31 61.29
CA TYR A 2320 -23.03 11.02 60.95
C TYR A 2320 -24.00 9.90 61.31
N ALA A 2321 -25.29 10.19 61.25
CA ALA A 2321 -26.36 9.23 61.52
C ALA A 2321 -26.27 8.65 62.91
N GLY A 2322 -25.57 9.32 63.81
CA GLY A 2322 -25.49 8.83 65.17
C GLY A 2322 -24.71 7.55 65.32
N LEU A 2323 -23.84 7.25 64.39
CA LEU A 2323 -23.04 6.03 64.48
C LEU A 2323 -22.09 6.10 65.65
N LEU A 2324 -21.78 4.94 66.22
CA LEU A 2324 -20.93 4.76 67.39
C LEU A 2324 -21.57 5.28 68.69
N ALA A 2325 -22.75 5.90 68.61
CA ALA A 2325 -23.32 6.62 69.75
C ALA A 2325 -23.31 5.84 71.05
N GLY A 2326 -23.49 4.53 71.01
CA GLY A 2326 -23.52 3.77 72.25
C GLY A 2326 -22.18 3.60 72.94
N GLU A 2327 -21.08 3.70 72.21
CA GLU A 2327 -19.80 3.40 72.81
C GLU A 2327 -19.31 4.54 73.69
N THR A 2328 -19.79 5.76 73.44
CA THR A 2328 -19.58 6.84 74.39
C THR A 2328 -20.32 6.59 75.69
N LEU A 2329 -21.54 6.08 75.63
CA LEU A 2329 -22.24 5.76 76.86
C LEU A 2329 -21.54 4.64 77.60
N MET A 2330 -21.03 3.65 76.88
CA MET A 2330 -20.29 2.58 77.53
C MET A 2330 -19.07 3.10 78.27
N LEU A 2331 -18.32 4.01 77.65
CA LEU A 2331 -17.22 4.67 78.35
C LEU A 2331 -17.68 5.49 79.55
N SER A 2332 -18.80 6.19 79.43
CA SER A 2332 -19.26 7.01 80.54
C SER A 2332 -19.71 6.17 81.73
N LEU A 2333 -20.33 5.03 81.47
CA LEU A 2333 -20.66 4.12 82.56
C LEU A 2333 -19.42 3.45 83.15
N ALA A 2334 -18.40 3.16 82.35
CA ALA A 2334 -17.16 2.67 82.95
C ALA A 2334 -16.49 3.71 83.84
N GLN A 2335 -16.62 5.00 83.52
CA GLN A 2335 -16.16 6.02 84.46
C GLN A 2335 -17.04 6.08 85.70
N MET A 2336 -18.35 5.99 85.53
CA MET A 2336 -19.24 6.02 86.68
C MET A 2336 -19.01 4.86 87.62
N GLU A 2337 -18.64 3.70 87.09
CA GLU A 2337 -18.25 2.57 87.94
C GLU A 2337 -16.91 2.79 88.62
N ASP A 2338 -15.90 3.20 87.88
CA ASP A 2338 -14.57 3.26 88.48
C ASP A 2338 -14.44 4.36 89.52
N ALA A 2339 -15.13 5.49 89.31
CA ALA A 2339 -15.12 6.52 90.34
C ALA A 2339 -15.90 6.11 91.58
N HIS A 2340 -16.95 5.31 91.43
CA HIS A 2340 -17.59 4.72 92.59
C HIS A 2340 -16.65 3.79 93.34
N LEU A 2341 -16.02 2.86 92.62
CA LEU A 2341 -15.07 1.95 93.27
C LEU A 2341 -13.95 2.67 94.01
N LYS A 2342 -13.50 3.81 93.51
CA LYS A 2342 -12.51 4.56 94.29
C LYS A 2342 -13.12 5.34 95.46
N ARG A 2343 -14.23 6.03 95.25
CA ARG A 2343 -14.81 6.87 96.30
C ARG A 2343 -15.48 6.03 97.38
N ASP A 2344 -16.30 5.07 97.00
CA ASP A 2344 -17.12 4.34 97.96
C ASP A 2344 -16.28 3.38 98.80
N LYS A 2345 -16.44 3.48 100.13
CA LYS A 2345 -15.70 2.63 101.05
C LYS A 2345 -16.62 2.28 102.22
N ARG A 2346 -16.21 1.26 102.97
CA ARG A 2346 -17.06 0.72 104.04
C ARG A 2346 -17.55 1.76 105.04
N ALA A 2347 -18.85 1.98 105.04
CA ALA A 2347 -19.52 2.81 106.03
C ALA A 2347 -19.76 2.05 107.34
N LEU A 2348 -19.37 2.65 108.45
CA LEU A 2348 -19.50 1.99 109.75
C LEU A 2348 -20.98 1.93 110.14
N GLU A 2349 -21.27 1.22 111.22
CA GLU A 2349 -22.63 0.94 111.62
C GLU A 2349 -22.86 1.47 113.02
N VAL A 2350 -24.10 1.88 113.30
CA VAL A 2350 -24.64 1.95 114.66
C VAL A 2350 -26.10 1.53 114.60
N GLU A 2351 -26.57 0.93 115.69
CA GLU A 2351 -27.98 0.93 116.05
C GLU A 2351 -28.18 1.75 117.32
N ARG A 2352 -28.89 2.86 117.20
CA ARG A 2352 -29.36 3.62 118.35
C ARG A 2352 -30.86 3.37 118.55
N THR A 2353 -31.24 3.11 119.78
CA THR A 2353 -32.65 3.14 120.18
C THR A 2353 -33.06 4.52 120.66
N VAL A 2354 -34.19 5.01 120.15
CA VAL A 2354 -34.74 6.31 120.48
C VAL A 2354 -36.14 6.11 121.02
N SER A 2355 -36.37 6.54 122.27
CA SER A 2355 -37.69 6.45 122.88
C SER A 2355 -38.37 7.80 122.77
N LEU A 2356 -39.53 7.80 122.09
CA LEU A 2356 -40.31 9.02 121.91
C LEU A 2356 -40.92 9.54 123.21
N ALA A 2357 -41.24 8.65 124.15
CA ALA A 2357 -41.73 9.08 125.46
C ALA A 2357 -40.67 9.84 126.25
N GLU A 2358 -39.40 9.49 126.10
CA GLU A 2358 -38.33 10.26 126.71
C GLU A 2358 -38.01 11.51 125.91
N VAL A 2359 -38.10 11.45 124.58
CA VAL A 2359 -37.85 12.65 123.78
C VAL A 2359 -38.85 13.74 124.11
N TYR A 2360 -40.14 13.40 124.17
CA TYR A 2360 -41.10 14.42 124.54
C TYR A 2360 -41.08 14.73 126.03
N ALA A 2361 -40.77 13.74 126.89
CA ALA A 2361 -40.78 14.04 128.31
C ALA A 2361 -39.59 14.92 128.69
N GLY A 2362 -38.47 14.77 128.00
CA GLY A 2362 -37.28 15.56 128.21
C GLY A 2362 -37.24 16.84 127.41
N LEU A 2363 -38.36 17.24 126.81
CA LEU A 2363 -38.38 18.38 125.92
C LEU A 2363 -37.94 19.65 126.64
N PRO A 2364 -37.07 20.46 126.04
CA PRO A 2364 -36.69 21.74 126.65
C PRO A 2364 -37.89 22.60 127.00
N LYS A 2365 -37.85 23.18 128.20
CA LYS A 2365 -39.03 23.75 128.85
C LYS A 2365 -39.55 25.00 128.15
N ASP A 2366 -38.83 25.54 127.16
CA ASP A 2366 -39.42 26.56 126.31
C ASP A 2366 -40.53 26.02 125.42
N ASN A 2367 -40.68 24.71 125.36
CA ASN A 2367 -41.90 24.06 124.90
C ASN A 2367 -42.42 23.21 126.05
N GLY A 2368 -43.74 23.09 126.14
CA GLY A 2368 -44.34 22.36 127.23
C GLY A 2368 -44.06 20.87 127.22
N PRO A 2369 -43.30 20.41 128.21
CA PRO A 2369 -42.90 19.01 128.25
C PRO A 2369 -44.06 18.12 128.70
N PHE A 2370 -44.20 16.98 128.04
CA PHE A 2370 -45.33 16.10 128.30
C PHE A 2370 -44.95 14.67 127.99
N SER A 2371 -45.43 13.74 128.81
CA SER A 2371 -45.37 12.32 128.54
C SER A 2371 -46.62 11.88 127.78
N LEU A 2372 -46.45 10.96 126.84
CA LEU A 2372 -47.55 10.61 125.96
C LEU A 2372 -48.72 9.96 126.68
N ALA A 2373 -48.53 9.52 127.92
CA ALA A 2373 -49.60 8.82 128.62
C ALA A 2373 -50.81 9.72 128.83
N GLN A 2374 -50.58 10.98 129.22
CA GLN A 2374 -51.66 11.87 129.61
C GLN A 2374 -52.20 12.71 128.45
N GLU A 2375 -51.62 12.60 127.25
CA GLU A 2375 -52.20 13.26 126.09
C GLU A 2375 -52.77 12.30 125.06
N ILE A 2376 -52.26 11.07 124.97
CA ILE A 2376 -52.88 10.10 124.08
C ILE A 2376 -54.31 9.83 124.56
N ASP A 2377 -54.45 9.62 125.85
CA ASP A 2377 -55.68 9.14 126.47
C ASP A 2377 -56.68 10.24 126.77
N LYS A 2378 -56.40 11.47 126.33
CA LYS A 2378 -57.39 12.53 126.24
C LYS A 2378 -57.58 13.09 124.84
N LEU A 2379 -56.56 13.01 123.98
CA LEU A 2379 -56.76 13.23 122.55
C LEU A 2379 -57.38 12.04 121.85
N VAL A 2380 -57.48 10.89 122.50
CA VAL A 2380 -58.43 9.88 122.06
C VAL A 2380 -59.84 10.36 122.38
N SER A 2381 -60.05 10.87 123.59
CA SER A 2381 -61.39 11.10 124.11
C SER A 2381 -61.98 12.39 123.55
N GLN A 2382 -61.17 13.43 123.38
CA GLN A 2382 -61.63 14.67 122.78
C GLN A 2382 -61.13 14.80 121.34
N GLY A 2383 -61.94 15.44 120.52
CA GLY A 2383 -61.70 15.57 119.10
C GLY A 2383 -60.63 16.55 118.68
N SER A 2384 -59.97 17.22 119.62
CA SER A 2384 -58.90 18.14 119.27
C SER A 2384 -58.01 18.39 120.47
N GLY A 2385 -56.82 18.89 120.20
CA GLY A 2385 -55.90 19.30 121.23
C GLY A 2385 -54.48 19.26 120.71
N SER A 2386 -53.57 19.78 121.53
CA SER A 2386 -52.15 19.64 121.21
C SER A 2386 -51.32 19.82 122.47
N ALA A 2387 -50.06 19.41 122.37
CA ALA A 2387 -49.06 19.66 123.39
C ALA A 2387 -47.70 19.81 122.71
N GLY A 2388 -46.76 20.41 123.43
CA GLY A 2388 -45.50 20.81 122.85
C GLY A 2388 -45.64 21.95 121.85
N SER A 2389 -44.60 22.12 121.04
CA SER A 2389 -44.59 23.16 120.03
C SER A 2389 -43.72 22.75 118.85
N GLY A 2390 -43.96 23.41 117.72
CA GLY A 2390 -43.17 23.19 116.52
C GLY A 2390 -43.17 21.74 116.05
N ASN A 2391 -42.01 21.34 115.50
CA ASN A 2391 -41.83 19.98 115.01
C ASN A 2391 -42.00 18.92 116.08
N ASN A 2392 -42.08 19.29 117.35
CA ASN A 2392 -42.06 18.32 118.44
C ASN A 2392 -43.40 18.24 119.14
N ASN A 2393 -44.48 18.60 118.45
CA ASN A 2393 -45.79 18.60 119.05
C ASN A 2393 -46.48 17.25 118.84
N LEU A 2394 -47.64 17.11 119.47
CA LEU A 2394 -48.57 16.03 119.20
C LEU A 2394 -49.94 16.65 118.98
N ALA A 2395 -50.65 16.23 117.94
CA ALA A 2395 -51.86 16.93 117.53
C ALA A 2395 -52.71 16.02 116.67
N PHE A 2396 -53.95 16.43 116.47
CA PHE A 2396 -54.80 15.84 115.44
C PHE A 2396 -54.32 16.16 114.03
N GLY A 2397 -54.64 15.27 113.11
CA GLY A 2397 -54.30 15.48 111.71
C GLY A 2397 -54.91 16.75 111.15
N ALA A 2398 -54.15 17.40 110.27
CA ALA A 2398 -54.57 18.66 109.65
C ALA A 2398 -55.49 18.43 108.45
N GLY A 2399 -55.09 17.57 107.52
CA GLY A 2399 -55.83 17.41 106.28
C GLY A 2399 -57.17 16.73 106.45
N THR A 2400 -58.04 17.03 105.48
CA THR A 2400 -59.48 16.75 105.59
C THR A 2400 -59.78 15.28 105.82
N ASP A 2401 -58.92 14.37 105.38
CA ASP A 2401 -59.11 12.96 105.68
C ASP A 2401 -58.42 12.55 106.97
N THR A 2402 -57.52 13.37 107.49
CA THR A 2402 -56.75 13.05 108.67
C THR A 2402 -57.42 13.51 109.96
N LYS A 2403 -58.62 14.10 109.88
CA LYS A 2403 -59.19 14.77 111.03
C LYS A 2403 -59.57 13.81 112.15
N THR A 2404 -59.75 12.53 111.83
CA THR A 2404 -59.89 11.49 112.83
C THR A 2404 -58.55 10.90 113.26
N SER A 2405 -57.46 11.31 112.62
CA SER A 2405 -56.17 10.69 112.83
C SER A 2405 -55.33 11.49 113.82
N LEU A 2406 -54.59 10.78 114.65
CA LEU A 2406 -53.74 11.37 115.67
C LEU A 2406 -52.29 11.18 115.26
N GLN A 2407 -51.53 12.27 115.22
CA GLN A 2407 -50.15 12.22 114.76
C GLN A 2407 -49.22 12.77 115.84
N ALA A 2408 -48.05 12.16 115.95
CA ALA A 2408 -47.02 12.57 116.89
C ALA A 2408 -45.79 12.95 116.09
N SER A 2409 -45.41 14.22 116.16
CA SER A 2409 -44.32 14.78 115.37
C SER A 2409 -43.08 14.99 116.23
N VAL A 2410 -41.93 14.69 115.67
CA VAL A 2410 -40.64 14.86 116.33
C VAL A 2410 -39.64 15.28 115.26
N SER A 2411 -38.58 15.98 115.68
CA SER A 2411 -37.49 16.26 114.77
C SER A 2411 -36.18 15.64 115.21
N PHE A 2412 -35.44 15.14 114.22
CA PHE A 2412 -34.07 14.67 114.40
C PHE A 2412 -33.18 15.71 115.07
N ALA A 2413 -33.48 17.00 114.87
CA ALA A 2413 -32.76 18.06 115.57
C ALA A 2413 -32.85 17.91 117.09
N ASP A 2414 -33.95 17.37 117.58
CA ASP A 2414 -34.09 17.08 119.00
C ASP A 2414 -33.53 15.72 119.39
N LEU A 2415 -33.47 14.76 118.46
CA LEU A 2415 -32.74 13.53 118.73
C LEU A 2415 -31.25 13.77 118.95
N LYS A 2416 -30.69 14.83 118.37
CA LYS A 2416 -29.31 15.29 118.63
C LYS A 2416 -28.27 14.18 118.45
N ILE A 2417 -28.55 13.26 117.51
CA ILE A 2417 -27.77 12.04 117.38
C ILE A 2417 -26.32 12.30 116.97
N ARG A 2418 -26.06 13.42 116.29
CA ARG A 2418 -24.68 13.81 116.01
C ARG A 2418 -23.83 14.02 117.25
N GLU A 2419 -24.42 14.13 118.43
CA GLU A 2419 -23.67 14.21 119.68
C GLU A 2419 -23.24 12.84 120.22
N ASP A 2420 -23.64 11.75 119.56
CA ASP A 2420 -23.29 10.42 120.02
C ASP A 2420 -21.83 10.04 119.80
N TYR A 2421 -21.14 10.67 118.86
CA TYR A 2421 -19.81 10.21 118.50
C TYR A 2421 -18.92 11.41 118.20
N PRO A 2422 -17.61 11.23 118.29
CA PRO A 2422 -16.68 12.25 117.79
C PRO A 2422 -16.91 12.58 116.32
N ALA A 2423 -16.64 13.83 115.97
CA ALA A 2423 -16.85 14.29 114.60
C ALA A 2423 -15.86 13.64 113.65
N SER A 2424 -14.65 13.38 114.11
CA SER A 2424 -13.60 12.87 113.23
C SER A 2424 -13.79 11.41 112.88
N LEU A 2425 -14.72 10.72 113.54
CA LEU A 2425 -15.11 9.40 113.09
C LEU A 2425 -15.72 9.45 111.69
N GLY A 2426 -16.41 10.54 111.36
CA GLY A 2426 -16.98 10.72 110.03
C GLY A 2426 -17.97 11.86 110.00
N LYS A 2427 -17.89 12.67 108.94
CA LYS A 2427 -18.62 13.92 108.85
C LYS A 2427 -20.07 13.78 108.43
N ILE A 2428 -20.46 12.70 107.77
CA ILE A 2428 -21.87 12.49 107.43
C ILE A 2428 -22.43 11.26 108.14
N ARG A 2429 -23.69 11.36 108.52
CA ARG A 2429 -24.45 10.31 109.18
C ARG A 2429 -25.74 10.13 108.41
N ARG A 2430 -26.02 8.90 107.99
CA ARG A 2430 -27.20 8.65 107.16
C ARG A 2430 -27.95 7.44 107.69
N ILE A 2431 -29.28 7.56 107.69
CA ILE A 2431 -30.14 6.43 108.02
C ILE A 2431 -29.98 5.33 106.98
N LYS A 2432 -29.83 4.08 107.45
CA LYS A 2432 -29.99 2.91 106.61
C LYS A 2432 -31.34 2.23 106.77
N GLN A 2433 -31.92 2.30 107.97
CA GLN A 2433 -33.25 1.77 108.19
C GLN A 2433 -33.79 2.45 109.44
N ILE A 2434 -35.11 2.45 109.57
CA ILE A 2434 -35.76 2.75 110.84
C ILE A 2434 -36.81 1.69 111.07
N SER A 2435 -37.04 1.38 112.34
CA SER A 2435 -37.97 0.34 112.72
C SER A 2435 -38.67 0.77 114.00
N VAL A 2436 -39.76 0.09 114.30
CA VAL A 2436 -40.64 0.49 115.39
C VAL A 2436 -40.90 -0.73 116.25
N THR A 2437 -41.03 -0.49 117.55
CA THR A 2437 -41.70 -1.40 118.47
C THR A 2437 -42.80 -0.67 119.21
N LEU A 2438 -43.98 -1.28 119.25
CA LEU A 2438 -45.06 -0.81 120.10
C LEU A 2438 -45.35 -1.86 121.16
N PRO A 2439 -45.17 -1.54 122.44
CA PRO A 2439 -45.74 -2.37 123.51
C PRO A 2439 -47.22 -2.15 123.71
N ALA A 2440 -47.95 -1.91 122.61
CA ALA A 2440 -49.39 -1.83 122.65
C ALA A 2440 -50.02 -3.18 122.96
N LEU A 2441 -51.18 -3.14 123.62
CA LEU A 2441 -51.95 -4.32 123.96
C LEU A 2441 -52.75 -4.80 122.75
N LEU A 2442 -52.02 -5.13 121.69
CA LEU A 2442 -52.62 -5.70 120.49
C LEU A 2442 -53.44 -6.92 120.87
N GLY A 2443 -54.71 -6.91 120.49
CA GLY A 2443 -55.66 -7.88 120.96
C GLY A 2443 -55.42 -9.27 120.39
N PRO A 2444 -56.24 -10.21 120.80
CA PRO A 2444 -56.13 -11.57 120.26
C PRO A 2444 -56.48 -11.61 118.78
N TYR A 2445 -55.48 -11.85 117.95
CA TYR A 2445 -55.60 -11.71 116.50
C TYR A 2445 -56.15 -10.35 116.09
N GLN A 2446 -55.77 -9.32 116.85
CA GLN A 2446 -56.10 -7.94 116.54
C GLN A 2446 -54.83 -7.12 116.72
N ASP A 2447 -54.61 -6.15 115.84
CA ASP A 2447 -53.36 -5.41 115.88
C ASP A 2447 -53.58 -3.96 115.45
N VAL A 2448 -52.60 -3.11 115.80
CA VAL A 2448 -52.68 -1.71 115.50
C VAL A 2448 -52.45 -1.50 114.01
N GLN A 2449 -53.02 -0.43 113.47
CA GLN A 2449 -52.57 0.16 112.21
C GLN A 2449 -52.00 1.54 112.50
N ALA A 2450 -50.76 1.77 112.08
CA ALA A 2450 -50.12 3.06 112.27
C ALA A 2450 -49.11 3.32 111.15
N ILE A 2451 -48.92 4.59 110.85
CA ILE A 2451 -48.13 5.03 109.70
C ILE A 2451 -47.20 6.13 110.16
N LEU A 2452 -45.97 6.10 109.68
CA LEU A 2452 -45.03 7.17 109.98
C LEU A 2452 -44.28 7.57 108.73
N SER A 2453 -43.96 8.87 108.63
CA SER A 2453 -43.53 9.45 107.37
C SER A 2453 -42.50 10.53 107.65
N TYR A 2454 -41.66 10.79 106.66
CA TYR A 2454 -40.67 11.87 106.71
C TYR A 2454 -41.14 13.04 105.87
N GLY A 2455 -41.04 14.25 106.42
CA GLY A 2455 -41.66 15.42 105.82
C GLY A 2455 -40.97 16.00 104.59
N ASP A 2456 -39.80 15.52 104.19
CA ASP A 2456 -39.10 16.11 103.06
C ASP A 2456 -39.87 15.90 101.75
N LYS A 2457 -40.35 14.68 101.52
CA LYS A 2457 -41.21 14.35 100.38
C LYS A 2457 -40.70 14.92 99.06
N ALA A 2458 -39.37 15.01 98.90
CA ALA A 2458 -38.83 15.64 97.69
C ALA A 2458 -37.54 14.99 97.21
N GLY A 2459 -36.60 14.75 98.13
CA GLY A 2459 -35.31 14.22 97.76
C GLY A 2459 -35.27 12.70 97.66
N LEU A 2460 -36.09 12.04 98.44
CA LEU A 2460 -36.21 10.59 98.42
C LEU A 2460 -37.21 10.14 97.36
N ALA A 2461 -36.99 8.93 96.85
CA ALA A 2461 -37.82 8.39 95.76
C ALA A 2461 -39.21 8.03 96.24
N ASN A 2462 -40.11 7.87 95.26
CA ASN A 2462 -41.50 7.54 95.49
C ASN A 2462 -41.65 6.25 96.32
N GLY A 2463 -42.66 6.25 97.19
CA GLY A 2463 -42.97 5.12 98.05
C GLY A 2463 -41.99 4.82 99.16
N CYS A 2464 -40.79 5.39 99.13
CA CYS A 2464 -39.81 5.23 100.20
C CYS A 2464 -40.04 6.23 101.33
N GLU A 2465 -40.92 7.20 101.14
CA GLU A 2465 -41.15 8.27 102.10
C GLU A 2465 -41.82 7.80 103.39
N ALA A 2466 -42.44 6.63 103.40
CA ALA A 2466 -43.21 6.21 104.56
C ALA A 2466 -43.14 4.70 104.72
N LEU A 2467 -43.55 4.24 105.89
CA LEU A 2467 -43.78 2.81 106.10
C LEU A 2467 -44.95 2.63 107.06
N ALA A 2468 -45.51 1.43 107.05
CA ALA A 2468 -46.65 1.06 107.86
C ALA A 2468 -46.31 -0.11 108.77
N VAL A 2469 -46.96 -0.15 109.93
CA VAL A 2469 -46.60 -1.01 111.04
C VAL A 2469 -47.87 -1.64 111.57
N SER A 2470 -47.82 -2.93 111.90
CA SER A 2470 -49.03 -3.60 112.35
C SER A 2470 -48.78 -4.68 113.39
N HIS A 2471 -47.87 -5.62 113.11
CA HIS A 2471 -47.53 -6.57 114.16
C HIS A 2471 -46.72 -5.91 115.27
N GLY A 2472 -46.11 -4.77 115.01
CA GLY A 2472 -45.83 -3.82 116.06
C GLY A 2472 -44.67 -4.13 116.96
N MET A 2473 -43.83 -5.12 116.63
CA MET A 2473 -42.79 -5.57 117.56
C MET A 2473 -41.51 -5.86 116.79
N ASN A 2474 -40.51 -4.99 116.95
CA ASN A 2474 -39.42 -4.87 115.99
C ASN A 2474 -39.93 -4.83 114.55
N ASP A 2475 -41.08 -4.20 114.35
CA ASP A 2475 -41.79 -4.30 113.08
C ASP A 2475 -41.20 -3.32 112.08
N SER A 2476 -40.34 -3.84 111.20
CA SER A 2476 -39.79 -3.03 110.11
C SER A 2476 -40.87 -2.61 109.12
N GLY A 2477 -42.02 -3.28 109.15
CA GLY A 2477 -43.09 -3.01 108.21
C GLY A 2477 -43.13 -3.93 107.00
N GLN A 2478 -41.97 -4.29 106.46
CA GLN A 2478 -41.95 -5.11 105.27
C GLN A 2478 -42.23 -6.57 105.62
N PHE A 2479 -42.74 -7.30 104.63
CA PHE A 2479 -42.97 -8.73 104.78
C PHE A 2479 -41.67 -9.49 104.80
N GLN A 2480 -40.68 -9.02 104.06
CA GLN A 2480 -39.32 -9.48 104.18
C GLN A 2480 -38.41 -8.29 103.95
N LEU A 2481 -37.22 -8.35 104.53
CA LEU A 2481 -36.22 -7.31 104.36
C LEU A 2481 -34.91 -7.98 103.99
N ASP A 2482 -34.15 -7.32 103.14
CA ASP A 2482 -32.92 -7.89 102.62
C ASP A 2482 -31.99 -6.74 102.27
N PHE A 2483 -30.93 -6.58 103.07
CA PHE A 2483 -29.99 -5.51 102.82
C PHE A 2483 -29.22 -5.73 101.53
N ASN A 2484 -29.18 -6.95 101.03
CA ASN A 2484 -28.49 -7.23 99.78
C ASN A 2484 -29.33 -6.93 98.55
N ASP A 2485 -30.62 -6.66 98.72
CA ASP A 2485 -31.46 -6.37 97.58
C ASP A 2485 -31.10 -5.02 96.98
N GLY A 2486 -31.30 -4.89 95.67
CA GLY A 2486 -31.08 -3.62 95.02
C GLY A 2486 -32.08 -2.54 95.41
N LYS A 2487 -33.24 -2.93 95.92
CA LYS A 2487 -34.20 -1.95 96.39
C LYS A 2487 -33.72 -1.25 97.65
N PHE A 2488 -33.78 0.07 97.64
CA PHE A 2488 -33.54 0.81 98.87
C PHE A 2488 -34.55 0.41 99.94
N LEU A 2489 -34.12 0.52 101.18
CA LEU A 2489 -35.05 0.48 102.28
C LEU A 2489 -35.83 1.79 102.30
N PRO A 2490 -36.95 1.85 103.01
CA PRO A 2490 -37.53 3.16 103.29
C PRO A 2490 -36.64 3.98 104.19
N PHE A 2491 -36.71 5.30 104.03
CA PHE A 2491 -35.86 6.25 104.72
C PHE A 2491 -34.38 6.13 104.41
N GLU A 2492 -33.97 5.14 103.60
CA GLU A 2492 -32.55 4.94 103.37
C GLU A 2492 -31.94 6.13 102.66
N GLY A 2493 -31.06 6.84 103.36
CA GLY A 2493 -30.31 7.96 102.83
C GLY A 2493 -30.67 9.29 103.43
N ILE A 2494 -31.67 9.32 104.30
CA ILE A 2494 -32.04 10.54 105.02
C ILE A 2494 -30.92 10.92 105.99
N ALA A 2495 -30.53 12.18 105.98
CA ALA A 2495 -29.57 12.64 106.97
C ALA A 2495 -30.25 12.85 108.33
N ILE A 2496 -29.43 13.01 109.36
CA ILE A 2496 -29.82 12.80 110.75
C ILE A 2496 -29.78 14.14 111.47
N ASP A 2497 -30.08 15.20 110.74
CA ASP A 2497 -30.10 16.52 111.35
C ASP A 2497 -31.18 17.41 110.77
N GLN A 2498 -32.05 16.88 109.92
CA GLN A 2498 -32.90 17.73 109.11
C GLN A 2498 -34.23 17.04 108.88
N GLY A 2499 -35.25 17.86 108.64
CA GLY A 2499 -36.61 17.39 108.46
C GLY A 2499 -37.24 16.82 109.72
N THR A 2500 -38.45 16.31 109.52
CA THR A 2500 -39.35 15.94 110.61
C THR A 2500 -39.74 14.48 110.44
N LEU A 2501 -39.81 13.76 111.54
CA LEU A 2501 -40.41 12.44 111.57
C LEU A 2501 -41.74 12.52 112.31
N THR A 2502 -42.76 11.86 111.77
CA THR A 2502 -44.08 11.91 112.37
C THR A 2502 -44.70 10.52 112.34
N LEU A 2503 -45.31 10.12 113.44
CA LEU A 2503 -46.05 8.87 113.57
C LEU A 2503 -47.53 9.19 113.68
N SER A 2504 -48.35 8.51 112.87
CA SER A 2504 -49.78 8.80 112.77
C SER A 2504 -50.61 7.57 113.08
N PHE A 2505 -51.74 7.77 113.74
CA PHE A 2505 -52.70 6.71 114.04
C PHE A 2505 -54.05 7.01 113.39
N PRO A 2506 -54.45 6.28 112.37
CA PRO A 2506 -55.82 6.40 111.85
C PRO A 2506 -56.87 6.08 112.90
N ASN A 2507 -58.00 6.80 112.80
CA ASN A 2507 -59.21 6.53 113.57
C ASN A 2507 -58.95 6.47 115.07
N ALA A 2508 -58.20 7.45 115.55
CA ALA A 2508 -57.91 7.56 116.98
C ALA A 2508 -59.08 8.12 117.78
N SER A 2509 -59.92 8.93 117.15
CA SER A 2509 -60.93 9.71 117.87
C SER A 2509 -62.12 8.85 118.30
N MET A 2510 -62.25 8.69 119.61
CA MET A 2510 -63.41 8.02 120.19
C MET A 2510 -64.76 8.69 119.90
N PRO A 2511 -64.87 10.02 119.77
CA PRO A 2511 -66.16 10.60 119.34
C PRO A 2511 -66.65 10.08 118.01
N GLU A 2512 -65.76 9.70 117.11
CA GLU A 2512 -66.15 9.02 115.88
C GLU A 2512 -66.25 7.51 116.08
N LYS A 2513 -66.15 7.03 117.31
CA LYS A 2513 -66.04 5.62 117.63
C LYS A 2513 -64.89 4.95 116.87
N GLY A 2514 -63.77 5.66 116.79
CA GLY A 2514 -62.67 5.25 115.95
C GLY A 2514 -62.15 3.87 116.28
N LYS A 2515 -61.94 3.06 115.26
CA LYS A 2515 -61.64 1.63 115.39
C LYS A 2515 -60.29 1.37 116.05
N GLN A 2516 -59.60 2.40 116.53
CA GLN A 2516 -58.40 2.23 117.34
C GLN A 2516 -58.48 2.89 118.70
N ALA A 2517 -59.56 3.63 118.99
CA ALA A 2517 -59.58 4.47 120.17
C ALA A 2517 -59.42 3.66 121.45
N THR A 2518 -60.19 2.59 121.59
CA THR A 2518 -60.14 1.80 122.82
C THR A 2518 -58.77 1.14 123.03
N MET A 2519 -58.16 0.66 121.94
CA MET A 2519 -56.79 0.15 122.01
C MET A 2519 -55.80 1.26 122.30
N LEU A 2520 -55.85 2.34 121.51
CA LEU A 2520 -54.84 3.39 121.62
C LEU A 2520 -54.87 4.06 122.99
N LYS A 2521 -56.04 4.15 123.61
CA LYS A 2521 -56.16 4.65 124.97
C LYS A 2521 -55.24 3.91 125.94
N THR A 2522 -54.88 2.66 125.63
CA THR A 2522 -53.97 1.90 126.47
C THR A 2522 -52.51 2.28 126.25
N LEU A 2523 -52.21 2.89 125.11
CA LEU A 2523 -50.82 2.94 124.65
C LEU A 2523 -50.04 3.92 125.50
N ASN A 2524 -48.84 3.51 125.91
CA ASN A 2524 -48.07 4.29 126.88
C ASN A 2524 -46.60 4.43 126.54
N ASP A 2525 -46.09 3.71 125.53
CA ASP A 2525 -44.68 3.80 125.20
C ASP A 2525 -44.49 3.54 123.72
N ILE A 2526 -43.44 4.13 123.16
CA ILE A 2526 -43.14 4.06 121.75
C ILE A 2526 -41.63 3.95 121.63
N ILE A 2527 -41.17 3.00 120.84
CA ILE A 2527 -39.75 2.76 120.66
C ILE A 2527 -39.42 2.79 119.18
N LEU A 2528 -38.39 3.54 118.82
CA LEU A 2528 -37.86 3.54 117.47
C LEU A 2528 -36.48 2.90 117.50
N HIS A 2529 -36.21 2.06 116.52
CA HIS A 2529 -34.88 1.51 116.33
C HIS A 2529 -34.27 2.11 115.09
N ILE A 2530 -33.14 2.78 115.26
CA ILE A 2530 -32.49 3.56 114.23
C ILE A 2530 -31.28 2.78 113.77
N ARG A 2531 -31.19 2.51 112.49
CA ARG A 2531 -29.96 1.99 111.92
C ARG A 2531 -29.39 3.13 111.09
N TYR A 2532 -28.26 3.67 111.51
CA TYR A 2532 -27.65 4.77 110.79
C TYR A 2532 -26.18 4.48 110.61
N THR A 2533 -25.67 4.78 109.43
CA THR A 2533 -24.30 4.51 109.10
C THR A 2533 -23.47 5.78 109.04
N ILE A 2534 -22.16 5.63 109.25
CA ILE A 2534 -21.22 6.73 109.29
C ILE A 2534 -20.25 6.54 108.13
N LYS A 2535 -20.16 7.55 107.28
CA LYS A 2535 -19.23 7.48 106.16
C LYS A 2535 -18.87 8.87 105.63
N GLY B 110 -40.65 -1.38 -47.76
CA GLY B 110 -39.78 -2.03 -46.80
C GLY B 110 -38.84 -3.05 -47.41
N TYR B 111 -38.14 -3.80 -46.57
CA TYR B 111 -37.27 -4.86 -47.10
C TYR B 111 -38.07 -5.94 -47.80
N ASN B 112 -39.09 -6.48 -47.13
CA ASN B 112 -39.76 -7.68 -47.65
C ASN B 112 -40.38 -7.44 -49.03
N ASN B 113 -41.19 -6.40 -49.16
CA ASN B 113 -41.85 -6.18 -50.44
C ASN B 113 -40.90 -5.75 -51.55
N GLN B 114 -39.62 -5.49 -51.25
CA GLN B 114 -38.65 -5.29 -52.31
C GLN B 114 -37.78 -6.52 -52.57
N PHE B 115 -37.43 -7.28 -51.55
CA PHE B 115 -36.37 -8.27 -51.65
C PHE B 115 -36.80 -9.66 -51.23
N SER B 116 -38.06 -9.85 -50.85
CA SER B 116 -38.65 -11.18 -50.77
C SER B 116 -38.79 -11.78 -52.16
N GLY B 117 -38.93 -13.10 -52.18
CA GLY B 117 -39.34 -13.83 -53.37
C GLY B 117 -38.37 -14.89 -53.84
N ARG B 118 -37.13 -14.89 -53.35
CA ARG B 118 -36.22 -15.93 -53.77
C ARG B 118 -36.64 -17.28 -53.24
N ALA B 119 -37.35 -17.32 -52.11
CA ALA B 119 -37.78 -18.58 -51.53
C ALA B 119 -39.14 -18.38 -50.89
N SER B 120 -39.96 -19.43 -50.96
CA SER B 120 -41.34 -19.37 -50.47
C SER B 120 -41.48 -19.55 -48.97
N GLN B 121 -40.48 -20.09 -48.28
CA GLN B 121 -40.58 -20.26 -46.84
C GLN B 121 -39.18 -20.31 -46.24
N TYR B 122 -38.78 -19.24 -45.57
CA TYR B 122 -37.55 -19.25 -44.82
C TYR B 122 -37.73 -19.93 -43.47
N VAL B 123 -36.63 -20.05 -42.72
CA VAL B 123 -36.61 -20.64 -41.39
C VAL B 123 -35.59 -19.88 -40.55
N ALA B 124 -35.67 -20.07 -39.26
CA ALA B 124 -34.83 -19.26 -38.40
C ALA B 124 -33.38 -19.74 -38.41
N PRO B 125 -32.44 -18.82 -38.24
CA PRO B 125 -31.05 -19.17 -37.98
C PRO B 125 -30.88 -20.21 -36.87
N GLY B 126 -30.17 -21.28 -37.20
CA GLY B 126 -29.76 -22.29 -36.24
C GLY B 126 -30.73 -23.42 -35.99
N THR B 127 -31.93 -23.38 -36.57
CA THR B 127 -32.86 -24.48 -36.42
C THR B 127 -32.34 -25.68 -37.20
N VAL B 128 -32.89 -26.86 -36.89
CA VAL B 128 -32.40 -28.08 -37.51
C VAL B 128 -32.79 -28.15 -38.97
N SER B 129 -33.92 -27.55 -39.34
CA SER B 129 -34.45 -27.76 -40.68
C SER B 129 -33.76 -26.90 -41.73
N SER B 130 -32.84 -26.02 -41.35
CA SER B 130 -32.25 -25.12 -42.32
C SER B 130 -31.11 -25.85 -43.02
N MET B 131 -30.93 -25.52 -44.29
CA MET B 131 -29.92 -26.17 -45.12
C MET B 131 -28.48 -25.84 -44.75
N PHE B 132 -28.23 -24.91 -43.83
CA PHE B 132 -26.89 -24.71 -43.32
C PHE B 132 -26.70 -25.28 -41.91
N SER B 133 -27.74 -25.83 -41.33
CA SER B 133 -27.66 -26.47 -40.02
C SER B 133 -26.65 -27.61 -40.06
N PRO B 134 -26.11 -28.00 -38.90
CA PRO B 134 -25.23 -29.17 -38.87
C PRO B 134 -25.91 -30.47 -39.21
N ALA B 135 -27.23 -30.56 -39.10
CA ALA B 135 -27.90 -31.74 -39.65
C ALA B 135 -27.73 -31.82 -41.15
N ALA B 136 -27.90 -30.72 -41.86
CA ALA B 136 -27.68 -30.73 -43.30
C ALA B 136 -26.26 -31.12 -43.68
N TYR B 137 -25.28 -30.70 -42.90
CA TYR B 137 -23.92 -31.15 -43.12
C TYR B 137 -23.73 -32.62 -42.84
N LEU B 138 -24.31 -33.15 -41.77
CA LEU B 138 -24.30 -34.59 -41.54
C LEU B 138 -24.91 -35.38 -42.69
N THR B 139 -26.07 -34.96 -43.18
CA THR B 139 -26.69 -35.72 -44.27
C THR B 139 -25.86 -35.66 -45.52
N GLU B 140 -25.40 -34.46 -45.88
CA GLU B 140 -24.61 -34.32 -47.10
C GLU B 140 -23.32 -35.11 -47.02
N LEU B 141 -22.66 -35.10 -45.87
CA LEU B 141 -21.44 -35.86 -45.69
C LEU B 141 -21.70 -37.37 -45.72
N TYR B 142 -22.80 -37.81 -45.11
CA TYR B 142 -23.11 -39.24 -45.08
C TYR B 142 -23.43 -39.77 -46.47
N ARG B 143 -24.11 -38.97 -47.30
CA ARG B 143 -24.41 -39.41 -48.67
C ARG B 143 -23.15 -39.80 -49.41
N GLU B 144 -22.11 -38.98 -49.32
CA GLU B 144 -20.87 -39.30 -50.01
C GLU B 144 -20.07 -40.38 -49.29
N ALA B 145 -20.12 -40.42 -47.97
CA ALA B 145 -19.27 -41.35 -47.22
C ALA B 145 -19.76 -42.78 -47.28
N ARG B 146 -21.07 -43.01 -47.35
CA ARG B 146 -21.62 -44.37 -47.25
C ARG B 146 -21.14 -45.33 -48.34
N ASN B 147 -20.33 -44.87 -49.30
CA ASN B 147 -19.94 -45.71 -50.42
C ASN B 147 -18.45 -45.97 -50.57
N LEU B 148 -17.60 -45.43 -49.69
CA LEU B 148 -16.16 -45.56 -49.90
C LEU B 148 -15.67 -47.00 -49.85
N HIS B 149 -16.39 -47.91 -49.22
CA HIS B 149 -16.02 -49.33 -49.29
C HIS B 149 -17.18 -50.17 -49.74
N ALA B 150 -16.85 -51.32 -50.34
CA ALA B 150 -17.87 -52.29 -50.72
C ALA B 150 -18.56 -52.84 -49.48
N SER B 151 -19.80 -53.29 -49.68
CA SER B 151 -20.60 -53.81 -48.57
C SER B 151 -19.90 -54.96 -47.84
N ASP B 152 -19.27 -55.87 -48.58
CA ASP B 152 -18.69 -57.05 -47.94
C ASP B 152 -17.49 -56.72 -47.07
N SER B 153 -16.80 -55.61 -47.32
CA SER B 153 -15.61 -55.29 -46.54
C SER B 153 -15.98 -55.05 -45.08
N VAL B 154 -15.09 -55.48 -44.19
CA VAL B 154 -15.32 -55.26 -42.76
C VAL B 154 -15.29 -53.79 -42.41
N TYR B 155 -14.59 -52.97 -43.19
CA TYR B 155 -14.55 -51.54 -42.92
C TYR B 155 -15.78 -50.81 -43.40
N TYR B 156 -16.82 -51.51 -43.84
CA TYR B 156 -18.02 -50.83 -44.29
C TYR B 156 -18.64 -50.05 -43.13
N LEU B 157 -19.09 -48.84 -43.42
CA LEU B 157 -19.60 -47.97 -42.36
C LEU B 157 -20.85 -48.55 -41.71
N ASP B 158 -21.75 -49.12 -42.52
CA ASP B 158 -22.99 -49.65 -41.97
C ASP B 158 -22.73 -50.79 -40.99
N THR B 159 -21.70 -51.59 -41.27
CA THR B 159 -21.27 -52.66 -40.38
C THR B 159 -20.56 -52.13 -39.15
N ARG B 160 -19.70 -51.14 -39.34
CA ARG B 160 -18.90 -50.57 -38.28
C ARG B 160 -19.71 -49.75 -37.27
N ARG B 161 -20.69 -48.97 -37.72
CA ARG B 161 -21.50 -48.12 -36.83
C ARG B 161 -22.98 -48.22 -37.22
N PRO B 162 -23.60 -49.38 -36.97
CA PRO B 162 -24.99 -49.58 -37.43
C PRO B 162 -26.00 -48.58 -36.88
N ASP B 163 -25.84 -48.10 -35.66
CA ASP B 163 -26.81 -47.18 -35.08
C ASP B 163 -26.78 -45.82 -35.73
N LEU B 164 -25.63 -45.42 -36.27
CA LEU B 164 -25.54 -44.14 -36.97
C LEU B 164 -26.49 -44.08 -38.16
N LYS B 165 -26.62 -45.18 -38.90
CA LYS B 165 -27.51 -45.19 -40.04
C LYS B 165 -28.98 -45.01 -39.65
N SER B 166 -29.40 -45.53 -38.50
CA SER B 166 -30.71 -45.24 -37.92
C SER B 166 -30.79 -43.95 -37.10
N MET B 167 -29.79 -43.09 -37.08
CA MET B 167 -29.89 -41.89 -36.25
C MET B 167 -31.03 -41.00 -36.70
N ALA B 168 -31.83 -40.56 -35.73
CA ALA B 168 -32.84 -39.53 -35.96
C ALA B 168 -32.17 -38.17 -36.08
N LEU B 169 -32.67 -37.36 -37.01
CA LEU B 169 -32.28 -35.95 -37.11
C LEU B 169 -33.36 -35.15 -36.41
N SER B 170 -33.03 -34.55 -35.27
CA SER B 170 -34.05 -33.85 -34.51
C SER B 170 -33.41 -32.70 -33.77
N GLN B 171 -34.24 -31.70 -33.45
CA GLN B 171 -33.79 -30.63 -32.57
C GLN B 171 -33.31 -31.19 -31.24
N GLN B 172 -33.92 -32.28 -30.79
CA GLN B 172 -33.50 -32.95 -29.57
C GLN B 172 -32.05 -33.38 -29.63
N ASN B 173 -31.66 -34.07 -30.71
CA ASN B 173 -30.27 -34.49 -30.86
C ASN B 173 -29.30 -33.36 -31.12
N MET B 174 -29.78 -32.17 -31.43
CA MET B 174 -28.89 -31.04 -31.64
C MET B 174 -28.71 -30.17 -30.40
N ASP B 175 -29.75 -30.02 -29.58
CA ASP B 175 -29.71 -29.12 -28.44
C ASP B 175 -29.16 -29.74 -27.17
N ILE B 176 -29.55 -30.97 -26.85
CA ILE B 176 -29.19 -31.61 -25.57
C ILE B 176 -27.71 -32.00 -25.61
N GLU B 177 -26.89 -31.31 -24.82
CA GLU B 177 -25.46 -31.59 -24.69
C GLU B 177 -25.16 -32.65 -23.64
N LEU B 178 -25.47 -33.90 -23.99
CA LEU B 178 -25.07 -35.05 -23.17
C LEU B 178 -23.55 -35.22 -23.12
N SER B 179 -23.09 -35.95 -22.10
CA SER B 179 -21.70 -36.39 -22.01
C SER B 179 -21.36 -37.48 -23.02
N THR B 180 -20.20 -37.33 -23.67
CA THR B 180 -19.75 -38.32 -24.66
C THR B 180 -19.46 -39.69 -24.06
N LEU B 181 -18.85 -39.74 -22.89
CA LEU B 181 -18.47 -41.03 -22.33
C LEU B 181 -19.68 -41.91 -22.03
N SER B 182 -20.80 -41.31 -21.62
CA SER B 182 -22.04 -42.05 -21.52
C SER B 182 -22.50 -42.62 -22.86
N LEU B 183 -22.29 -41.88 -23.95
CA LEU B 183 -22.64 -42.40 -25.27
C LEU B 183 -21.72 -43.53 -25.73
N SER B 184 -20.44 -43.47 -25.39
CA SER B 184 -19.54 -44.59 -25.68
C SER B 184 -19.87 -45.83 -24.85
N ASN B 185 -20.27 -45.64 -23.60
CA ASN B 185 -20.74 -46.75 -22.81
C ASN B 185 -22.03 -47.32 -23.37
N GLU B 186 -23.00 -46.47 -23.70
CA GLU B 186 -24.25 -46.97 -24.29
C GLU B 186 -24.00 -47.79 -25.54
N LEU B 187 -23.05 -47.38 -26.36
CA LEU B 187 -22.79 -48.09 -27.62
C LEU B 187 -22.10 -49.43 -27.41
N LEU B 188 -21.07 -49.46 -26.57
CA LEU B 188 -20.43 -50.74 -26.27
C LEU B 188 -21.36 -51.68 -25.50
N LEU B 189 -22.12 -51.15 -24.55
CA LEU B 189 -23.04 -51.99 -23.79
C LEU B 189 -24.08 -52.62 -24.70
N GLU B 190 -24.75 -51.82 -25.53
CA GLU B 190 -25.77 -52.42 -26.37
C GLU B 190 -25.18 -53.40 -27.36
N SER B 191 -23.95 -53.18 -27.82
CA SER B 191 -23.31 -54.18 -28.67
C SER B 191 -23.06 -55.49 -27.94
N ILE B 192 -22.63 -55.43 -26.68
CA ILE B 192 -22.41 -56.66 -25.91
C ILE B 192 -23.71 -57.40 -25.63
N LYS B 193 -24.73 -56.70 -25.14
CA LYS B 193 -26.01 -57.36 -24.93
C LYS B 193 -26.63 -57.89 -26.21
N THR B 194 -26.32 -57.27 -27.36
CA THR B 194 -26.82 -57.81 -28.62
C THR B 194 -26.05 -59.06 -29.02
N GLU B 195 -24.74 -59.08 -28.78
CA GLU B 195 -23.93 -60.23 -29.14
C GLU B 195 -24.11 -61.38 -28.16
N SER B 196 -24.05 -61.09 -26.86
CA SER B 196 -24.09 -62.17 -25.90
C SER B 196 -25.52 -62.68 -25.72
N LYS B 197 -25.62 -63.80 -25.01
CA LYS B 197 -26.91 -64.27 -24.51
C LYS B 197 -27.46 -63.39 -23.40
N LEU B 198 -26.62 -62.54 -22.82
CA LEU B 198 -27.03 -61.69 -21.72
C LEU B 198 -28.21 -60.82 -22.11
N GLU B 199 -29.05 -60.52 -21.13
CA GLU B 199 -30.40 -60.02 -21.36
C GLU B 199 -30.66 -58.74 -20.59
N ASN B 200 -30.02 -58.57 -19.45
CA ASN B 200 -30.23 -57.40 -18.62
C ASN B 200 -28.89 -56.94 -18.07
N TYR B 201 -28.86 -55.68 -17.63
CA TYR B 201 -27.60 -55.03 -17.28
C TYR B 201 -26.89 -55.73 -16.12
N THR B 202 -27.62 -56.06 -15.05
CA THR B 202 -26.95 -56.68 -13.92
C THR B 202 -26.40 -58.07 -14.24
N LYS B 203 -27.07 -58.82 -15.11
CA LYS B 203 -26.50 -60.07 -15.59
C LYS B 203 -25.23 -59.84 -16.40
N VAL B 204 -25.17 -58.75 -17.16
CA VAL B 204 -23.95 -58.41 -17.88
C VAL B 204 -22.82 -58.10 -16.91
N MET B 205 -23.09 -57.32 -15.87
CA MET B 205 -22.03 -57.02 -14.93
C MET B 205 -21.61 -58.22 -14.09
N GLU B 206 -22.52 -59.16 -13.85
CA GLU B 206 -22.11 -60.44 -13.26
C GLU B 206 -21.18 -61.23 -14.18
N MET B 207 -21.54 -61.36 -15.46
CA MET B 207 -20.62 -61.99 -16.42
C MET B 207 -19.26 -61.30 -16.45
N LEU B 208 -19.27 -59.98 -16.57
CA LEU B 208 -18.04 -59.19 -16.65
C LEU B 208 -17.19 -59.30 -15.39
N SER B 209 -17.82 -59.49 -14.24
CA SER B 209 -17.11 -59.59 -12.97
C SER B 209 -16.20 -60.82 -12.90
N THR B 210 -16.41 -61.79 -13.77
CA THR B 210 -15.64 -63.03 -13.78
C THR B 210 -14.94 -63.30 -15.11
N PHE B 211 -14.95 -62.35 -16.04
CA PHE B 211 -14.32 -62.56 -17.36
C PHE B 211 -12.82 -62.38 -17.24
N ARG B 212 -12.23 -63.36 -16.57
CA ARG B 212 -10.80 -63.44 -16.32
C ARG B 212 -9.91 -63.48 -17.56
N PRO B 213 -10.30 -64.11 -18.70
CA PRO B 213 -9.46 -64.09 -19.90
C PRO B 213 -9.17 -62.78 -20.61
N SER B 214 -9.70 -61.65 -20.18
CA SER B 214 -9.42 -60.40 -20.87
C SER B 214 -8.55 -59.46 -20.07
N GLY B 215 -7.86 -58.58 -20.80
CA GLY B 215 -6.64 -57.92 -20.36
C GLY B 215 -6.80 -56.80 -19.36
N ALA B 216 -8.02 -56.32 -19.14
CA ALA B 216 -8.25 -55.34 -18.08
C ALA B 216 -9.53 -55.60 -17.30
N THR B 217 -10.27 -56.65 -17.61
CA THR B 217 -11.13 -57.32 -16.65
C THR B 217 -10.27 -58.25 -15.81
N PRO B 218 -10.83 -58.93 -14.80
CA PRO B 218 -12.15 -58.81 -14.18
C PRO B 218 -12.42 -57.48 -13.53
N TYR B 219 -13.64 -56.99 -13.72
CA TYR B 219 -14.06 -55.67 -13.27
C TYR B 219 -15.32 -55.87 -12.43
N HIS B 220 -15.16 -55.80 -11.11
CA HIS B 220 -16.27 -56.02 -10.20
C HIS B 220 -16.88 -54.67 -9.86
N ASP B 221 -18.05 -54.37 -10.42
CA ASP B 221 -18.54 -52.99 -10.36
C ASP B 221 -19.07 -52.60 -8.99
N ALA B 222 -19.79 -53.49 -8.31
CA ALA B 222 -20.29 -53.17 -7.00
C ALA B 222 -19.16 -52.92 -6.02
N TYR B 223 -18.09 -53.70 -6.13
CA TYR B 223 -16.95 -53.47 -5.27
C TYR B 223 -16.33 -52.11 -5.52
N GLU B 224 -16.22 -51.71 -6.78
CA GLU B 224 -15.67 -50.39 -7.09
C GLU B 224 -16.54 -49.29 -6.53
N ASN B 225 -17.85 -49.43 -6.64
CA ASN B 225 -18.75 -48.45 -6.07
C ASN B 225 -18.57 -48.34 -4.56
N VAL B 226 -18.48 -49.48 -3.87
CA VAL B 226 -18.31 -49.47 -2.42
C VAL B 226 -17.00 -48.80 -2.04
N ARG B 227 -15.93 -49.15 -2.74
CA ARG B 227 -14.63 -48.59 -2.42
C ARG B 227 -14.61 -47.08 -2.62
N GLU B 228 -15.17 -46.60 -3.72
CA GLU B 228 -15.17 -45.17 -3.95
C GLU B 228 -16.02 -44.43 -2.93
N VAL B 229 -17.17 -44.98 -2.56
CA VAL B 229 -18.00 -44.31 -1.57
C VAL B 229 -17.26 -44.21 -0.24
N ILE B 230 -16.59 -45.29 0.17
CA ILE B 230 -15.84 -45.25 1.43
C ILE B 230 -14.72 -44.22 1.35
N GLN B 231 -13.97 -44.20 0.25
CA GLN B 231 -12.88 -43.24 0.16
C GLN B 231 -13.35 -41.80 0.00
N LEU B 232 -14.63 -41.57 -0.32
CA LEU B 232 -15.20 -40.22 -0.17
C LEU B 232 -15.62 -39.92 1.26
N GLN B 233 -16.38 -40.82 1.88
CA GLN B 233 -17.01 -40.56 3.18
C GLN B 233 -16.05 -40.64 4.36
N ASP B 234 -15.09 -41.54 4.35
CA ASP B 234 -14.12 -41.67 5.43
C ASP B 234 -12.75 -42.02 4.89
N PRO B 235 -12.04 -41.03 4.33
CA PRO B 235 -10.68 -41.27 3.83
C PRO B 235 -9.76 -41.94 4.83
N GLY B 236 -9.22 -43.10 4.47
CA GLY B 236 -8.30 -43.81 5.31
C GLY B 236 -8.92 -44.66 6.40
N LEU B 237 -10.26 -44.69 6.49
CA LEU B 237 -10.96 -45.48 7.50
C LEU B 237 -10.51 -45.05 8.91
N GLU B 238 -10.30 -43.74 9.06
CA GLU B 238 -10.02 -43.17 10.37
C GLU B 238 -11.14 -43.46 11.36
N GLN B 239 -12.39 -43.34 10.92
CA GLN B 239 -13.50 -43.59 11.83
C GLN B 239 -13.70 -45.07 12.10
N LEU B 240 -13.48 -45.92 11.10
CA LEU B 240 -13.54 -47.36 11.32
C LEU B 240 -12.52 -47.80 12.36
N ASN B 241 -11.27 -47.38 12.19
CA ASN B 241 -10.23 -47.79 13.12
C ASN B 241 -10.36 -47.09 14.48
N ALA B 242 -10.96 -45.91 14.52
CA ALA B 242 -11.25 -45.29 15.81
C ALA B 242 -12.34 -46.02 16.61
N SER B 243 -13.17 -46.84 15.96
CA SER B 243 -14.21 -47.61 16.66
C SER B 243 -13.82 -49.07 16.77
N PRO B 244 -13.09 -49.46 17.80
CA PRO B 244 -12.47 -50.80 17.81
C PRO B 244 -13.44 -51.98 17.82
N ALA B 245 -14.66 -51.81 18.32
CA ALA B 245 -15.61 -52.92 18.28
C ALA B 245 -16.01 -53.26 16.84
N ILE B 246 -16.31 -52.26 16.02
CA ILE B 246 -16.65 -52.54 14.63
C ILE B 246 -15.44 -53.10 13.89
N ALA B 247 -14.26 -52.56 14.16
CA ALA B 247 -13.05 -53.10 13.56
C ALA B 247 -12.89 -54.58 13.86
N GLY B 248 -13.16 -54.98 15.09
CA GLY B 248 -13.01 -56.39 15.44
C GLY B 248 -13.99 -57.32 14.77
N LEU B 249 -15.10 -56.81 14.24
CA LEU B 249 -16.02 -57.68 13.50
C LEU B 249 -15.43 -58.12 12.17
N MET B 250 -14.62 -57.27 11.56
CA MET B 250 -14.04 -57.59 10.27
C MET B 250 -12.80 -58.45 10.44
N HIS B 251 -12.42 -59.14 9.37
CA HIS B 251 -11.03 -59.50 9.21
C HIS B 251 -10.28 -58.28 8.72
N GLN B 252 -9.16 -57.97 9.37
CA GLN B 252 -8.45 -56.75 9.05
C GLN B 252 -7.96 -56.75 7.61
N ALA B 253 -7.52 -57.90 7.12
CA ALA B 253 -7.18 -57.98 5.70
C ALA B 253 -8.37 -57.68 4.79
N SER B 254 -9.60 -57.88 5.28
CA SER B 254 -10.79 -57.50 4.51
C SER B 254 -11.16 -56.03 4.60
N LEU B 255 -10.64 -55.29 5.58
CA LEU B 255 -10.71 -53.83 5.50
C LEU B 255 -9.56 -53.27 4.66
N LEU B 256 -8.34 -53.71 4.92
CA LEU B 256 -7.19 -53.19 4.22
C LEU B 256 -7.29 -53.47 2.72
N GLY B 257 -7.84 -54.61 2.33
CA GLY B 257 -8.03 -54.91 0.93
C GLY B 257 -8.90 -53.91 0.19
N ILE B 258 -9.83 -53.25 0.88
CA ILE B 258 -10.56 -52.18 0.21
C ILE B 258 -9.64 -51.03 -0.16
N ASN B 259 -8.61 -50.75 0.64
CA ASN B 259 -7.68 -49.70 0.24
C ASN B 259 -6.91 -50.11 -1.00
N ALA B 260 -6.37 -51.33 -1.01
CA ALA B 260 -5.49 -51.78 -2.06
C ALA B 260 -6.22 -52.08 -3.36
N SER B 261 -7.53 -51.88 -3.44
CA SER B 261 -8.29 -52.03 -4.68
C SER B 261 -8.21 -53.44 -5.24
N ILE B 262 -7.90 -54.45 -4.42
CA ILE B 262 -7.95 -55.83 -4.87
C ILE B 262 -9.40 -56.30 -4.83
N SER B 263 -9.98 -56.49 -6.02
CA SER B 263 -11.30 -57.10 -6.11
C SER B 263 -11.23 -58.58 -5.74
N PRO B 264 -12.36 -59.19 -5.41
CA PRO B 264 -12.32 -60.60 -4.99
C PRO B 264 -11.87 -61.58 -6.05
N GLU B 265 -12.24 -61.38 -7.31
CA GLU B 265 -11.69 -62.23 -8.37
C GLU B 265 -10.23 -61.93 -8.67
N LEU B 266 -9.82 -60.68 -8.62
CA LEU B 266 -8.40 -60.42 -8.76
C LEU B 266 -7.60 -61.04 -7.63
N PHE B 267 -8.20 -61.16 -6.45
CA PHE B 267 -7.59 -61.95 -5.39
C PHE B 267 -7.54 -63.43 -5.75
N ASN B 268 -8.57 -63.96 -6.40
CA ASN B 268 -8.49 -65.37 -6.78
C ASN B 268 -7.39 -65.62 -7.82
N ILE B 269 -7.20 -64.68 -8.74
CA ILE B 269 -6.09 -64.78 -9.70
C ILE B 269 -4.75 -64.74 -8.98
N LEU B 270 -4.54 -63.72 -8.14
CA LEU B 270 -3.24 -63.52 -7.50
C LEU B 270 -2.92 -64.62 -6.49
N THR B 271 -3.93 -65.27 -5.93
CA THR B 271 -3.70 -66.28 -4.90
C THR B 271 -3.13 -67.57 -5.47
N GLU B 272 -3.73 -68.12 -6.52
CA GLU B 272 -3.55 -69.53 -6.78
C GLU B 272 -2.13 -69.87 -7.25
N GLU B 273 -1.76 -71.13 -7.00
CA GLU B 273 -0.38 -71.62 -7.10
C GLU B 273 -0.09 -72.16 -8.49
N ILE B 274 0.85 -71.53 -9.19
CA ILE B 274 1.23 -71.92 -10.54
C ILE B 274 2.27 -73.03 -10.49
N THR B 275 2.05 -74.09 -11.26
CA THR B 275 3.00 -75.20 -11.29
C THR B 275 2.94 -75.91 -12.63
N GLU B 276 4.05 -76.53 -13.00
CA GLU B 276 4.12 -77.44 -14.14
C GLU B 276 3.30 -78.69 -13.91
N GLY B 277 2.27 -78.89 -14.71
CA GLY B 277 1.18 -79.80 -14.40
C GLY B 277 -0.17 -79.14 -14.22
N ASN B 278 -0.20 -77.82 -14.10
CA ASN B 278 -1.44 -77.06 -14.27
C ASN B 278 -1.30 -75.80 -15.12
N ALA B 279 -0.07 -75.34 -15.39
CA ALA B 279 0.11 -74.22 -16.32
C ALA B 279 -0.52 -74.51 -17.67
N GLU B 280 -0.50 -75.78 -18.09
CA GLU B 280 -1.11 -76.18 -19.35
C GLU B 280 -2.63 -76.03 -19.35
N GLU B 281 -3.24 -75.73 -18.22
CA GLU B 281 -4.69 -75.52 -18.18
C GLU B 281 -5.00 -74.19 -17.51
N LEU B 282 -4.16 -73.76 -16.58
CA LEU B 282 -4.37 -72.41 -16.07
C LEU B 282 -4.11 -71.36 -17.14
N TYR B 283 -3.31 -71.68 -18.15
CA TYR B 283 -3.26 -70.83 -19.33
C TYR B 283 -4.58 -70.81 -20.07
N LYS B 284 -5.26 -71.96 -20.15
CA LYS B 284 -6.61 -71.98 -20.71
C LYS B 284 -7.57 -71.10 -19.92
N LYS B 285 -7.46 -71.14 -18.60
CA LYS B 285 -8.31 -70.27 -17.77
C LYS B 285 -7.98 -68.79 -17.95
N ASN B 286 -6.70 -68.43 -17.96
CA ASN B 286 -6.33 -67.02 -17.84
C ASN B 286 -6.11 -66.33 -19.17
N PHE B 287 -5.93 -67.05 -20.26
CA PHE B 287 -5.75 -66.41 -21.56
C PHE B 287 -6.56 -67.03 -22.68
N GLY B 288 -7.06 -68.25 -22.55
CA GLY B 288 -7.96 -68.75 -23.55
C GLY B 288 -7.33 -69.13 -24.88
N ASN B 289 -7.47 -68.27 -25.88
CA ASN B 289 -7.18 -68.66 -27.25
C ASN B 289 -5.97 -67.98 -27.88
N ILE B 290 -5.38 -66.98 -27.23
CA ILE B 290 -4.22 -66.31 -27.80
C ILE B 290 -2.99 -67.19 -27.66
N GLU B 291 -2.33 -67.46 -28.79
CA GLU B 291 -1.15 -68.32 -28.79
C GLU B 291 -0.04 -67.69 -27.94
N PRO B 292 0.63 -68.48 -27.12
CA PRO B 292 1.73 -67.91 -26.31
C PRO B 292 2.90 -67.41 -27.13
N ALA B 293 3.01 -67.87 -28.37
CA ALA B 293 3.99 -67.34 -29.30
C ALA B 293 3.68 -65.92 -29.74
N SER B 294 2.41 -65.60 -30.02
CA SER B 294 2.08 -64.21 -30.30
C SER B 294 2.25 -63.33 -29.07
N LEU B 295 1.72 -63.76 -27.93
CA LEU B 295 1.80 -62.97 -26.70
C LEU B 295 3.23 -62.80 -26.19
N ALA B 296 4.17 -63.63 -26.65
CA ALA B 296 5.58 -63.42 -26.32
C ALA B 296 6.15 -62.10 -26.85
N MET B 297 5.72 -61.63 -28.01
CA MET B 297 6.24 -60.36 -28.50
C MET B 297 5.91 -59.20 -27.56
N PRO B 298 6.89 -58.37 -27.19
CA PRO B 298 6.62 -57.26 -26.27
C PRO B 298 5.59 -56.28 -26.80
N GLU B 299 5.57 -56.04 -28.10
CA GLU B 299 4.60 -55.08 -28.66
C GLU B 299 3.18 -55.60 -28.47
N TYR B 300 2.95 -56.86 -28.80
CA TYR B 300 1.62 -57.43 -28.62
C TYR B 300 1.19 -57.36 -27.17
N LEU B 301 2.11 -57.70 -26.26
CA LEU B 301 1.77 -57.71 -24.84
C LEU B 301 1.52 -56.31 -24.32
N LYS B 302 2.28 -55.33 -24.78
CA LYS B 302 2.05 -53.95 -24.37
C LYS B 302 0.70 -53.46 -24.84
N ARG B 303 0.32 -53.80 -26.08
CA ARG B 303 -1.02 -53.48 -26.55
C ARG B 303 -2.09 -54.21 -25.76
N TYR B 304 -1.83 -55.46 -25.39
CA TYR B 304 -2.81 -56.28 -24.69
C TYR B 304 -3.11 -55.76 -23.30
N TYR B 305 -2.10 -55.41 -22.52
CA TYR B 305 -2.36 -54.83 -21.22
C TYR B 305 -2.53 -53.32 -21.23
N ASN B 306 -2.43 -52.69 -22.40
CA ASN B 306 -2.52 -51.23 -22.51
C ASN B 306 -1.50 -50.54 -21.60
N LEU B 307 -0.31 -51.11 -21.53
CA LEU B 307 0.76 -50.56 -20.71
C LEU B 307 1.46 -49.41 -21.42
N SER B 308 2.18 -48.62 -20.63
CA SER B 308 3.10 -47.63 -21.16
C SER B 308 4.45 -48.26 -21.46
N ASP B 309 5.24 -47.56 -22.29
CA ASP B 309 6.56 -48.05 -22.66
C ASP B 309 7.52 -48.16 -21.48
N GLU B 310 7.62 -47.11 -20.66
CA GLU B 310 8.49 -47.23 -19.48
C GLU B 310 7.96 -48.22 -18.46
N GLU B 311 6.65 -48.41 -18.40
CA GLU B 311 6.12 -49.46 -17.54
C GLU B 311 6.53 -50.84 -18.01
N LEU B 312 6.43 -51.12 -19.31
CA LEU B 312 6.90 -52.41 -19.81
C LEU B 312 8.40 -52.58 -19.64
N SER B 313 9.17 -51.51 -19.83
CA SER B 313 10.62 -51.66 -19.78
C SER B 313 11.10 -52.17 -18.43
N GLN B 314 10.46 -51.74 -17.35
CA GLN B 314 10.82 -52.19 -16.01
C GLN B 314 10.20 -53.52 -15.60
N PHE B 315 9.27 -54.05 -16.38
CA PHE B 315 8.93 -55.46 -16.22
C PHE B 315 9.94 -56.34 -16.93
N ILE B 316 10.12 -56.14 -18.24
CA ILE B 316 10.86 -57.14 -18.98
C ILE B 316 12.37 -56.97 -18.86
N GLY B 317 12.86 -55.79 -18.45
CA GLY B 317 14.28 -55.66 -18.19
C GLY B 317 14.80 -56.54 -17.08
N LYS B 318 13.93 -57.02 -16.20
CA LYS B 318 14.30 -57.93 -15.13
C LYS B 318 13.84 -59.37 -15.36
N ALA B 319 13.38 -59.69 -16.58
CA ALA B 319 12.44 -60.79 -16.76
C ALA B 319 12.95 -62.10 -16.18
N SER B 320 14.27 -62.29 -16.16
CA SER B 320 14.87 -63.50 -15.58
C SER B 320 14.32 -63.82 -14.19
N ASN B 321 13.88 -62.81 -13.45
CA ASN B 321 13.30 -63.07 -12.13
C ASN B 321 11.97 -63.82 -12.19
N PHE B 322 11.26 -63.74 -13.31
CA PHE B 322 10.08 -64.56 -13.49
C PHE B 322 10.36 -66.03 -13.73
N GLY B 323 11.60 -66.45 -13.89
CA GLY B 323 11.90 -67.86 -13.94
C GLY B 323 11.89 -68.50 -12.56
N GLN B 324 12.36 -69.74 -12.51
CA GLN B 324 12.89 -70.28 -11.27
C GLN B 324 14.18 -69.56 -10.89
N GLN B 325 14.31 -69.22 -9.61
CA GLN B 325 15.48 -68.49 -9.15
C GLN B 325 16.66 -69.40 -8.81
N GLU B 326 16.41 -70.68 -8.54
CA GLU B 326 17.49 -71.63 -8.25
C GLU B 326 17.18 -72.98 -8.88
N TYR B 327 18.24 -73.73 -9.17
CA TYR B 327 18.09 -75.09 -9.66
C TYR B 327 17.19 -75.92 -8.75
N SER B 328 16.33 -76.70 -9.38
CA SER B 328 15.52 -77.71 -8.73
C SER B 328 15.55 -78.97 -9.59
N ASN B 329 15.77 -80.11 -8.95
CA ASN B 329 15.88 -81.39 -9.66
C ASN B 329 16.91 -81.31 -10.78
N ASN B 330 17.99 -80.56 -10.55
CA ASN B 330 18.98 -80.24 -11.57
C ASN B 330 18.44 -79.47 -12.77
N GLN B 331 17.16 -79.07 -12.75
CA GLN B 331 16.63 -78.24 -13.82
C GLN B 331 16.59 -76.78 -13.42
N LEU B 332 16.88 -75.91 -14.38
CA LEU B 332 16.53 -74.49 -14.32
C LEU B 332 15.70 -74.14 -15.54
N ILE B 333 14.53 -73.56 -15.33
CA ILE B 333 13.66 -73.10 -16.40
C ILE B 333 13.63 -71.58 -16.34
N THR B 334 14.04 -70.92 -17.43
CA THR B 334 14.21 -69.49 -17.34
C THR B 334 13.85 -68.75 -18.62
N PRO B 335 13.24 -67.59 -18.51
CA PRO B 335 13.17 -66.67 -19.65
C PRO B 335 14.54 -66.09 -19.95
N VAL B 336 14.76 -65.83 -21.24
CA VAL B 336 15.99 -65.17 -21.69
C VAL B 336 15.60 -64.12 -22.72
N VAL B 337 16.23 -62.96 -22.63
CA VAL B 337 15.90 -61.86 -23.53
C VAL B 337 16.32 -62.17 -24.96
N ASN B 338 17.62 -62.39 -25.18
CA ASN B 338 18.15 -62.68 -26.51
C ASN B 338 17.51 -61.74 -27.52
N SER B 339 17.42 -60.47 -27.16
CA SER B 339 16.35 -59.61 -27.66
C SER B 339 16.77 -58.75 -28.84
N SER B 340 17.41 -59.34 -29.86
CA SER B 340 17.61 -58.58 -31.08
C SER B 340 16.28 -58.11 -31.66
N ASP B 341 15.18 -58.76 -31.27
CA ASP B 341 13.83 -58.39 -31.66
C ASP B 341 12.90 -58.28 -30.46
N GLY B 342 13.46 -58.27 -29.25
CA GLY B 342 12.71 -58.15 -28.02
C GLY B 342 12.05 -59.41 -27.51
N THR B 343 12.04 -60.50 -28.27
CA THR B 343 11.13 -61.59 -27.95
C THR B 343 11.69 -62.38 -26.77
N VAL B 344 10.80 -63.00 -26.01
CA VAL B 344 11.21 -63.79 -24.85
C VAL B 344 11.12 -65.27 -25.19
N LYS B 345 12.17 -66.01 -24.84
CA LYS B 345 12.25 -67.45 -25.07
C LYS B 345 12.59 -68.14 -23.76
N VAL B 346 11.88 -69.21 -23.45
CA VAL B 346 12.10 -69.94 -22.21
C VAL B 346 12.97 -71.14 -22.51
N TYR B 347 14.05 -71.28 -21.76
CA TYR B 347 15.00 -72.38 -21.89
C TYR B 347 14.91 -73.28 -20.67
N ARG B 348 14.84 -74.59 -20.90
CA ARG B 348 15.14 -75.54 -19.85
C ARG B 348 16.60 -75.91 -19.94
N ILE B 349 17.33 -75.69 -18.87
CA ILE B 349 18.69 -76.16 -18.69
C ILE B 349 18.64 -77.37 -17.76
N THR B 350 19.16 -78.49 -18.21
CA THR B 350 19.22 -79.70 -17.40
C THR B 350 20.67 -80.02 -17.11
N ARG B 351 21.02 -80.05 -15.83
CA ARG B 351 22.35 -80.42 -15.40
C ARG B 351 22.48 -81.94 -15.29
N GLU B 352 23.69 -82.42 -15.55
CA GLU B 352 23.99 -83.84 -15.41
C GLU B 352 25.44 -83.95 -14.95
N TYR B 353 25.63 -84.40 -13.71
CA TYR B 353 26.99 -84.54 -13.19
C TYR B 353 27.69 -85.70 -13.88
N THR B 354 28.85 -85.42 -14.45
CA THR B 354 29.58 -86.35 -15.30
C THR B 354 30.90 -86.80 -14.74
N THR B 355 31.55 -86.00 -13.89
CA THR B 355 32.85 -86.37 -13.36
C THR B 355 33.09 -85.69 -12.02
N ASN B 356 33.42 -86.50 -11.01
CA ASN B 356 33.89 -86.02 -9.70
C ASN B 356 32.90 -85.06 -9.05
N ALA B 357 31.61 -85.41 -9.09
CA ALA B 357 30.58 -84.55 -8.52
C ALA B 357 30.77 -84.33 -7.02
N TYR B 358 31.56 -85.18 -6.36
CA TYR B 358 31.98 -84.98 -4.98
C TYR B 358 32.90 -83.78 -4.81
N GLN B 359 33.48 -83.25 -5.89
CA GLN B 359 34.33 -82.08 -5.76
C GLN B 359 33.52 -80.81 -5.47
N MET B 360 32.34 -80.68 -6.06
CA MET B 360 31.77 -79.35 -6.17
C MET B 360 30.28 -79.42 -6.47
N ASP B 361 29.62 -78.27 -6.31
CA ASP B 361 28.36 -77.96 -6.97
C ASP B 361 28.62 -76.91 -8.03
N VAL B 362 27.92 -76.99 -9.15
CA VAL B 362 28.05 -76.04 -10.23
C VAL B 362 26.67 -75.67 -10.77
N GLU B 363 26.48 -74.39 -11.09
CA GLU B 363 25.19 -73.89 -11.52
C GLU B 363 25.37 -72.84 -12.60
N LEU B 364 24.42 -72.80 -13.54
CA LEU B 364 24.52 -71.98 -14.73
C LEU B 364 23.23 -71.17 -14.89
N PHE B 365 23.36 -69.87 -15.17
CA PHE B 365 22.23 -68.95 -15.17
C PHE B 365 22.40 -68.00 -16.34
N PRO B 366 21.65 -68.18 -17.42
CA PRO B 366 21.76 -67.27 -18.56
C PRO B 366 21.21 -65.89 -18.26
N PHE B 367 21.69 -64.93 -19.03
CA PHE B 367 21.17 -63.57 -19.02
C PHE B 367 21.09 -62.92 -20.40
N GLY B 368 21.72 -63.50 -21.43
CA GLY B 368 21.63 -62.96 -22.78
C GLY B 368 21.91 -64.06 -23.79
N GLY B 369 21.84 -63.67 -25.07
CA GLY B 369 22.18 -64.56 -26.16
C GLY B 369 23.63 -65.02 -26.18
N GLU B 370 23.85 -66.31 -25.93
CA GLU B 370 25.17 -66.93 -25.79
C GLU B 370 25.95 -66.33 -24.64
N ASN B 371 25.26 -65.70 -23.70
CA ASN B 371 25.88 -65.03 -22.56
C ASN B 371 25.31 -65.59 -21.28
N TYR B 372 26.18 -66.00 -20.36
CA TYR B 372 25.75 -66.80 -19.23
C TYR B 372 26.55 -66.36 -18.02
N ARG B 373 25.97 -66.54 -16.84
CA ARG B 373 26.72 -66.59 -15.60
C ARG B 373 26.82 -68.05 -15.20
N LEU B 374 28.03 -68.49 -14.90
CA LEU B 374 28.26 -69.81 -14.33
C LEU B 374 28.68 -69.67 -12.88
N ASP B 375 28.00 -70.38 -11.99
CA ASP B 375 28.31 -70.39 -10.58
C ASP B 375 28.69 -71.81 -10.18
N TYR B 376 29.66 -71.92 -9.28
CA TYR B 376 30.13 -73.21 -8.83
C TYR B 376 30.68 -73.06 -7.42
N LYS B 377 30.59 -74.16 -6.67
CA LYS B 377 30.85 -74.14 -5.24
C LYS B 377 31.46 -75.50 -4.89
N PHE B 378 32.67 -75.45 -4.34
CA PHE B 378 33.46 -76.65 -4.08
C PHE B 378 33.11 -77.32 -2.76
N LYS B 379 33.29 -78.64 -2.75
CA LYS B 379 33.02 -79.49 -1.61
C LYS B 379 34.30 -79.94 -0.91
N ASN B 380 35.37 -80.12 -1.69
CA ASN B 380 36.66 -80.58 -1.22
C ASN B 380 37.72 -79.56 -1.61
N PHE B 381 38.82 -79.54 -0.87
CA PHE B 381 39.90 -78.60 -1.11
C PHE B 381 41.05 -79.27 -1.83
N TYR B 382 41.49 -78.63 -2.92
CA TYR B 382 42.73 -78.97 -3.60
C TYR B 382 43.49 -77.68 -3.85
N ASN B 383 44.77 -77.65 -3.47
CA ASN B 383 45.57 -76.45 -3.58
C ASN B 383 45.96 -76.25 -5.04
N ALA B 384 45.01 -75.74 -5.81
CA ALA B 384 45.28 -75.41 -7.21
C ALA B 384 46.35 -74.34 -7.33
N SER B 385 47.27 -74.54 -8.28
CA SER B 385 48.08 -73.44 -8.80
C SER B 385 47.22 -72.46 -9.60
N TYR B 386 46.18 -72.97 -10.26
CA TYR B 386 45.18 -72.12 -10.89
C TYR B 386 43.93 -72.97 -11.06
N LEU B 387 42.80 -72.30 -11.24
CA LEU B 387 41.58 -72.93 -11.70
C LEU B 387 41.36 -72.62 -13.18
N SER B 388 41.27 -73.68 -13.99
CA SER B 388 41.00 -73.61 -15.42
C SER B 388 39.63 -74.19 -15.73
N ILE B 389 38.83 -73.46 -16.50
CA ILE B 389 37.49 -73.89 -16.85
C ILE B 389 37.35 -73.80 -18.36
N LYS B 390 36.80 -74.85 -18.97
CA LYS B 390 36.76 -74.99 -20.41
C LYS B 390 35.33 -75.35 -20.83
N LEU B 391 35.00 -75.03 -22.08
CA LEU B 391 33.96 -75.80 -22.76
C LEU B 391 34.42 -77.23 -22.98
N ASN B 392 33.67 -78.18 -22.42
CA ASN B 392 34.16 -79.55 -22.26
C ASN B 392 35.55 -79.44 -21.63
N ASP B 393 36.55 -80.15 -22.16
CA ASP B 393 37.95 -79.92 -21.84
C ASP B 393 38.65 -79.17 -22.96
N LYS B 394 37.90 -78.44 -23.80
CA LYS B 394 38.39 -78.00 -25.09
C LYS B 394 38.59 -76.49 -25.05
N ARG B 395 37.57 -75.69 -25.32
CA ARG B 395 37.73 -74.24 -25.39
C ARG B 395 37.70 -73.66 -23.97
N GLU B 396 38.85 -73.15 -23.53
CA GLU B 396 38.97 -72.55 -22.20
C GLU B 396 38.25 -71.21 -22.15
N LEU B 397 37.14 -71.17 -21.41
CA LEU B 397 36.31 -69.97 -21.36
C LEU B 397 36.78 -68.98 -20.30
N VAL B 398 37.34 -69.50 -19.19
CA VAL B 398 37.87 -68.67 -18.12
C VAL B 398 38.96 -69.47 -17.41
N ARG B 399 39.92 -68.76 -16.83
CA ARG B 399 40.88 -69.35 -15.92
C ARG B 399 41.08 -68.43 -14.71
N THR B 400 41.20 -69.04 -13.53
CA THR B 400 41.46 -68.30 -12.30
C THR B 400 42.72 -68.83 -11.63
N GLU B 401 43.62 -67.92 -11.30
CA GLU B 401 44.86 -68.23 -10.59
C GLU B 401 44.63 -68.44 -9.10
N GLY B 402 45.46 -69.31 -8.51
CA GLY B 402 45.36 -69.67 -7.11
C GLY B 402 44.35 -70.75 -6.83
N ALA B 403 44.21 -71.04 -5.53
CA ALA B 403 43.42 -72.17 -5.07
C ALA B 403 41.99 -71.76 -4.79
N PRO B 404 41.00 -72.30 -5.50
CA PRO B 404 39.60 -72.16 -5.08
C PRO B 404 39.38 -72.81 -3.71
N GLN B 405 38.72 -72.07 -2.83
CA GLN B 405 38.47 -72.53 -1.47
C GLN B 405 37.15 -73.31 -1.37
N VAL B 406 37.08 -74.13 -0.32
CA VAL B 406 35.87 -74.87 0.01
C VAL B 406 34.77 -73.90 0.44
N ASN B 407 33.54 -74.22 0.06
CA ASN B 407 32.33 -73.51 0.47
C ASN B 407 32.32 -72.06 -0.01
N ILE B 408 33.09 -71.75 -1.04
CA ILE B 408 32.99 -70.48 -1.76
C ILE B 408 32.30 -70.75 -3.09
N GLU B 409 31.24 -70.00 -3.37
CA GLU B 409 30.64 -70.01 -4.71
C GLU B 409 31.41 -69.02 -5.57
N TYR B 410 32.28 -69.54 -6.43
CA TYR B 410 32.92 -68.75 -7.48
C TYR B 410 32.00 -68.62 -8.69
N SER B 411 32.27 -67.60 -9.51
CA SER B 411 31.40 -67.27 -10.63
C SER B 411 32.25 -66.83 -11.82
N ALA B 412 31.70 -67.01 -13.02
CA ALA B 412 32.34 -66.54 -14.25
C ALA B 412 31.29 -66.23 -15.30
N ASN B 413 31.42 -65.06 -15.93
CA ASN B 413 30.55 -64.62 -17.02
C ASN B 413 31.00 -65.25 -18.36
N ILE B 414 30.96 -66.57 -18.40
CA ILE B 414 31.38 -67.36 -19.56
C ILE B 414 30.45 -67.08 -20.73
N THR B 415 30.81 -67.59 -21.91
CA THR B 415 29.90 -67.64 -23.06
C THR B 415 29.79 -69.07 -23.57
N LEU B 416 28.58 -69.42 -24.03
CA LEU B 416 28.34 -70.69 -24.71
C LEU B 416 27.50 -70.41 -25.96
N ASN B 417 28.03 -70.80 -27.12
CA ASN B 417 27.47 -70.40 -28.40
C ASN B 417 26.51 -71.44 -28.96
N THR B 418 25.77 -71.02 -30.00
CA THR B 418 24.68 -71.83 -30.53
C THR B 418 25.14 -73.25 -30.87
N ALA B 419 26.27 -73.37 -31.56
CA ALA B 419 26.83 -74.68 -31.89
C ALA B 419 27.32 -75.42 -30.65
N ASP B 420 27.48 -74.71 -29.55
CA ASP B 420 27.75 -75.33 -28.25
C ASP B 420 26.45 -75.79 -27.60
N ILE B 421 25.51 -74.86 -27.40
CA ILE B 421 24.34 -75.14 -26.56
C ILE B 421 23.28 -75.97 -27.26
N SER B 422 23.38 -76.14 -28.58
CA SER B 422 22.63 -77.18 -29.27
C SER B 422 23.08 -78.59 -28.88
N GLN B 423 24.32 -78.74 -28.41
CA GLN B 423 24.75 -80.04 -27.90
C GLN B 423 24.27 -80.24 -26.47
N PRO B 424 24.23 -81.50 -26.00
CA PRO B 424 24.39 -81.74 -24.57
C PRO B 424 25.84 -81.58 -24.16
N PHE B 425 26.35 -80.36 -24.25
CA PHE B 425 27.75 -80.09 -23.99
C PHE B 425 28.10 -80.37 -22.53
N GLU B 426 29.34 -80.79 -22.31
CA GLU B 426 29.92 -80.80 -20.98
C GLU B 426 30.49 -79.41 -20.70
N ILE B 427 30.54 -79.05 -19.43
CA ILE B 427 31.47 -78.03 -18.96
C ILE B 427 32.48 -78.68 -18.02
N GLY B 428 33.75 -78.66 -18.41
CA GLY B 428 34.82 -79.21 -17.61
C GLY B 428 35.58 -78.14 -16.86
N LEU B 429 35.45 -78.17 -15.53
CA LEU B 429 36.25 -77.35 -14.63
C LEU B 429 37.46 -78.16 -14.15
N THR B 430 38.54 -77.44 -13.82
CA THR B 430 39.79 -78.12 -13.47
C THR B 430 40.60 -77.22 -12.54
N ARG B 431 40.58 -77.54 -11.25
CA ARG B 431 41.62 -77.10 -10.32
C ARG B 431 42.92 -77.81 -10.70
N VAL B 432 43.85 -77.10 -11.34
CA VAL B 432 45.17 -77.64 -11.61
C VAL B 432 46.14 -77.26 -10.49
N LEU B 433 46.67 -78.26 -9.79
CA LEU B 433 47.61 -78.04 -8.71
C LEU B 433 48.99 -77.68 -9.29
N PRO B 434 49.87 -77.06 -8.48
CA PRO B 434 51.24 -76.78 -8.93
C PRO B 434 52.00 -77.98 -9.45
N SER B 435 51.61 -79.18 -9.01
CA SER B 435 52.20 -80.41 -9.54
C SER B 435 51.74 -80.72 -10.96
N GLY B 436 50.73 -80.02 -11.47
CA GLY B 436 50.03 -80.44 -12.66
C GLY B 436 49.03 -81.55 -12.46
N SER B 437 48.94 -82.10 -11.24
CA SER B 437 47.77 -82.89 -10.89
C SER B 437 46.54 -82.00 -10.92
N TRP B 438 45.37 -82.63 -10.92
CA TRP B 438 44.15 -81.84 -10.92
C TRP B 438 43.04 -82.55 -10.16
N ALA B 439 42.17 -81.74 -9.55
CA ALA B 439 40.79 -82.11 -9.28
C ALA B 439 39.95 -81.59 -10.44
N TYR B 440 39.99 -82.32 -11.55
CA TYR B 440 38.99 -82.14 -12.59
C TYR B 440 37.63 -82.62 -12.11
N ALA B 441 36.60 -81.86 -12.47
CA ALA B 441 35.22 -82.28 -12.33
C ALA B 441 34.42 -81.60 -13.44
N ALA B 442 33.31 -82.22 -13.82
CA ALA B 442 32.53 -81.69 -14.93
C ALA B 442 31.08 -82.11 -14.79
N ALA B 443 30.22 -81.34 -15.45
CA ALA B 443 28.83 -81.71 -15.68
C ALA B 443 28.44 -81.32 -17.09
N LYS B 444 27.60 -82.14 -17.70
CA LYS B 444 26.89 -81.74 -18.92
C LYS B 444 25.74 -80.81 -18.62
N PHE B 445 25.44 -79.94 -19.58
CA PHE B 445 24.31 -79.01 -19.49
C PHE B 445 23.56 -79.04 -20.82
N THR B 446 22.44 -79.74 -20.82
CA THR B 446 21.51 -79.72 -21.96
C THR B 446 20.71 -78.42 -21.95
N VAL B 447 20.66 -77.75 -23.10
CA VAL B 447 19.85 -76.56 -23.28
C VAL B 447 18.70 -76.89 -24.23
N GLU B 448 17.48 -76.68 -23.76
CA GLU B 448 16.27 -76.94 -24.52
C GLU B 448 15.42 -75.68 -24.55
N GLU B 449 14.83 -75.40 -25.72
CA GLU B 449 13.74 -74.43 -25.79
C GLU B 449 12.43 -75.05 -25.30
N TYR B 450 11.68 -74.28 -24.53
CA TYR B 450 10.61 -74.84 -23.72
C TYR B 450 9.42 -73.90 -23.72
N ASN B 451 8.25 -74.42 -23.35
CA ASN B 451 7.00 -73.67 -23.50
C ASN B 451 6.90 -72.51 -22.51
N GLN B 452 6.33 -71.40 -22.97
CA GLN B 452 6.32 -70.12 -22.26
C GLN B 452 5.20 -70.00 -21.22
N TYR B 453 4.41 -71.04 -21.00
CA TYR B 453 3.24 -70.95 -20.13
C TYR B 453 3.59 -70.42 -18.74
N SER B 454 4.50 -71.11 -18.05
CA SER B 454 4.86 -70.72 -16.68
C SER B 454 5.48 -69.35 -16.61
N PHE B 455 6.06 -68.87 -17.70
CA PHE B 455 6.56 -67.49 -17.72
C PHE B 455 5.40 -66.50 -17.79
N LEU B 456 4.49 -66.69 -18.76
CA LEU B 456 3.41 -65.74 -18.96
C LEU B 456 2.45 -65.69 -17.77
N LEU B 457 2.20 -66.81 -17.09
CA LEU B 457 1.34 -66.73 -15.91
C LEU B 457 1.95 -65.90 -14.78
N LYS B 458 3.26 -65.98 -14.59
CA LYS B 458 3.90 -65.14 -13.59
C LYS B 458 3.94 -63.68 -14.00
N LEU B 459 4.22 -63.41 -15.28
CA LEU B 459 4.15 -62.03 -15.74
C LEU B 459 2.75 -61.46 -15.61
N ASN B 460 1.73 -62.28 -15.83
CA ASN B 460 0.35 -61.84 -15.65
C ASN B 460 0.06 -61.45 -14.21
N LYS B 461 0.42 -62.32 -13.27
CA LYS B 461 0.33 -61.97 -11.86
C LYS B 461 1.03 -60.67 -11.52
N ALA B 462 2.25 -60.47 -12.05
CA ALA B 462 3.00 -59.27 -11.72
C ALA B 462 2.35 -58.01 -12.27
N ILE B 463 1.91 -58.04 -13.53
CA ILE B 463 1.31 -56.85 -14.13
C ILE B 463 0.02 -56.48 -13.40
N ARG B 464 -0.85 -57.47 -13.18
CA ARG B 464 -2.13 -57.13 -12.57
C ARG B 464 -1.96 -56.66 -11.13
N LEU B 465 -1.03 -57.26 -10.38
CA LEU B 465 -0.78 -56.77 -9.03
C LEU B 465 -0.21 -55.37 -9.02
N SER B 466 0.79 -55.09 -9.85
CA SER B 466 1.35 -53.75 -9.90
C SER B 466 0.32 -52.71 -10.29
N ARG B 467 -0.54 -53.03 -11.25
CA ARG B 467 -1.56 -52.08 -11.69
C ARG B 467 -2.64 -51.85 -10.65
N ALA B 468 -3.03 -52.90 -9.93
CA ALA B 468 -4.10 -52.75 -8.94
C ALA B 468 -3.65 -51.95 -7.72
N THR B 469 -2.44 -52.19 -7.22
CA THR B 469 -1.97 -51.49 -6.03
C THR B 469 -1.22 -50.21 -6.35
N GLU B 470 -1.18 -49.83 -7.64
CA GLU B 470 -0.41 -48.68 -8.12
C GLU B 470 0.95 -48.51 -7.46
N LEU B 471 1.67 -49.61 -7.31
CA LEU B 471 3.01 -49.61 -6.75
C LEU B 471 3.98 -49.98 -7.86
N SER B 472 5.17 -49.39 -7.81
CA SER B 472 6.16 -49.68 -8.83
C SER B 472 6.58 -51.14 -8.76
N PRO B 473 6.88 -51.76 -9.91
CA PRO B 473 7.33 -53.16 -9.88
C PRO B 473 8.58 -53.39 -9.06
N THR B 474 9.48 -52.42 -8.98
CA THR B 474 10.65 -52.60 -8.13
C THR B 474 10.27 -52.76 -6.67
N ILE B 475 9.29 -51.98 -6.20
CA ILE B 475 8.86 -52.10 -4.81
C ILE B 475 8.27 -53.49 -4.56
N LEU B 476 7.42 -53.95 -5.46
CA LEU B 476 6.81 -55.26 -5.29
C LEU B 476 7.85 -56.37 -5.34
N GLU B 477 8.85 -56.23 -6.21
CA GLU B 477 9.92 -57.22 -6.21
C GLU B 477 10.70 -57.19 -4.91
N GLY B 478 10.88 -56.01 -4.33
CA GLY B 478 11.50 -55.92 -3.03
C GLY B 478 10.65 -56.42 -1.89
N ILE B 479 9.35 -56.59 -2.11
CA ILE B 479 8.50 -57.14 -1.07
C ILE B 479 8.42 -58.65 -1.18
N VAL B 480 8.34 -59.17 -2.40
CA VAL B 480 8.17 -60.61 -2.57
C VAL B 480 9.40 -61.39 -2.11
N ARG B 481 10.59 -60.82 -2.25
CA ARG B 481 11.79 -61.53 -1.80
C ARG B 481 11.89 -61.66 -0.29
N SER B 482 11.15 -60.85 0.47
CA SER B 482 11.22 -60.97 1.93
C SER B 482 10.34 -62.08 2.47
N VAL B 483 9.52 -62.71 1.64
CA VAL B 483 8.79 -63.92 2.02
C VAL B 483 9.48 -65.17 1.51
N ASN B 484 9.74 -65.22 0.21
CA ASN B 484 10.22 -66.43 -0.42
C ASN B 484 11.46 -66.11 -1.22
N LEU B 485 12.44 -67.01 -1.15
CA LEU B 485 13.57 -66.95 -2.06
C LEU B 485 13.18 -67.36 -3.48
N GLN B 486 12.03 -67.97 -3.66
CA GLN B 486 11.42 -68.10 -4.97
C GLN B 486 10.42 -66.97 -5.18
N LEU B 487 10.48 -66.31 -6.34
CA LEU B 487 9.59 -65.21 -6.64
C LEU B 487 8.18 -65.75 -6.87
N ASP B 488 7.37 -65.86 -5.83
CA ASP B 488 6.09 -66.57 -5.94
C ASP B 488 5.02 -65.80 -5.17
N ILE B 489 4.28 -64.95 -5.90
CA ILE B 489 3.16 -64.24 -5.30
C ILE B 489 2.09 -65.21 -4.86
N ASN B 490 1.68 -65.09 -3.60
CA ASN B 490 0.76 -66.03 -2.98
C ASN B 490 0.11 -65.34 -1.78
N THR B 491 -0.69 -66.10 -1.03
CA THR B 491 -1.42 -65.56 0.11
C THR B 491 -0.50 -64.84 1.11
N ASP B 492 0.68 -65.41 1.36
CA ASP B 492 1.55 -64.84 2.39
C ASP B 492 2.08 -63.47 1.96
N VAL B 493 2.63 -63.37 0.76
CA VAL B 493 3.19 -62.10 0.31
C VAL B 493 2.06 -61.11 0.07
N LEU B 494 0.92 -61.59 -0.39
CA LEU B 494 -0.22 -60.74 -0.67
C LEU B 494 -0.87 -60.25 0.61
N GLY B 495 -0.54 -60.85 1.74
CA GLY B 495 -1.11 -60.39 2.99
C GLY B 495 -0.49 -59.08 3.44
N LYS B 496 0.81 -58.89 3.23
CA LYS B 496 1.46 -57.69 3.75
C LYS B 496 1.59 -56.57 2.74
N VAL B 497 1.22 -56.75 1.47
CA VAL B 497 1.17 -55.58 0.61
C VAL B 497 0.07 -54.64 1.08
N PHE B 498 -1.03 -55.18 1.61
CA PHE B 498 -2.05 -54.31 2.18
C PHE B 498 -1.52 -53.58 3.40
N LEU B 499 -0.74 -54.28 4.24
CA LEU B 499 -0.17 -53.63 5.42
C LEU B 499 0.78 -52.52 5.02
N THR B 500 1.64 -52.76 4.04
CA THR B 500 2.56 -51.72 3.64
C THR B 500 1.84 -50.54 2.98
N LYS B 501 0.76 -50.77 2.24
CA LYS B 501 -0.02 -49.66 1.72
C LYS B 501 -0.68 -48.85 2.82
N TYR B 502 -1.14 -49.52 3.87
CA TYR B 502 -1.67 -48.82 5.03
C TYR B 502 -0.60 -48.01 5.74
N TYR B 503 0.53 -48.61 6.08
CA TYR B 503 1.57 -47.87 6.78
C TYR B 503 2.15 -46.73 5.96
N MET B 504 2.43 -46.95 4.67
CA MET B 504 2.88 -45.84 3.84
C MET B 504 1.85 -44.71 3.73
N GLN B 505 0.56 -45.01 3.85
CA GLN B 505 -0.38 -43.89 3.88
C GLN B 505 -0.44 -43.21 5.25
N ARG B 506 -0.65 -44.00 6.30
CA ARG B 506 -0.84 -43.49 7.66
C ARG B 506 0.38 -42.71 8.15
N TYR B 507 1.57 -43.25 7.98
CA TYR B 507 2.78 -42.68 8.55
C TYR B 507 3.60 -41.91 7.53
N ALA B 508 3.27 -42.01 6.25
CA ALA B 508 3.98 -41.35 5.16
C ALA B 508 5.47 -41.64 5.18
N ILE B 509 5.80 -42.93 5.24
CA ILE B 509 7.18 -43.38 5.31
C ILE B 509 7.51 -44.05 3.99
N HIS B 510 8.79 -44.32 3.79
CA HIS B 510 9.20 -44.95 2.54
C HIS B 510 8.83 -46.43 2.57
N ALA B 511 8.95 -47.08 1.40
CA ALA B 511 8.56 -48.48 1.27
C ALA B 511 9.41 -49.40 2.13
N GLU B 512 10.72 -49.19 2.15
CA GLU B 512 11.62 -50.06 2.91
C GLU B 512 11.35 -49.97 4.40
N THR B 513 11.09 -48.77 4.91
CA THR B 513 10.77 -48.61 6.32
C THR B 513 9.48 -49.36 6.67
N ALA B 514 8.47 -49.27 5.82
CA ALA B 514 7.23 -49.98 6.05
C ALA B 514 7.45 -51.48 6.05
N LEU B 515 8.32 -51.97 5.17
CA LEU B 515 8.64 -53.39 5.19
C LEU B 515 9.29 -53.78 6.51
N ILE B 516 10.17 -52.93 7.03
CA ILE B 516 10.75 -53.20 8.34
C ILE B 516 9.65 -53.30 9.40
N LEU B 517 8.67 -52.39 9.35
CA LEU B 517 7.55 -52.47 10.29
C LEU B 517 6.74 -53.75 10.13
N CYS B 518 6.80 -54.40 8.98
CA CYS B 518 6.08 -55.64 8.73
C CYS B 518 6.89 -56.88 9.09
N ASN B 519 7.89 -56.74 9.96
CA ASN B 519 8.74 -57.87 10.38
C ASN B 519 9.43 -58.52 9.18
N ALA B 520 10.16 -57.69 8.43
CA ALA B 520 10.92 -58.17 7.29
C ALA B 520 12.39 -57.78 7.45
N PRO B 521 13.31 -58.69 7.17
CA PRO B 521 14.74 -58.38 7.33
C PRO B 521 15.20 -57.31 6.37
N ILE B 522 16.23 -56.58 6.78
CA ILE B 522 16.83 -55.56 5.93
C ILE B 522 17.42 -56.20 4.68
N SER B 523 17.18 -55.59 3.53
CA SER B 523 17.60 -56.14 2.24
C SER B 523 19.01 -55.67 1.90
N GLN B 524 19.92 -56.63 1.72
CA GLN B 524 21.26 -56.30 1.27
C GLN B 524 21.33 -55.94 -0.22
N ARG B 525 20.42 -56.49 -1.03
CA ARG B 525 20.49 -56.28 -2.48
C ARG B 525 20.20 -54.82 -2.83
N SER B 526 20.94 -54.31 -3.81
CA SER B 526 20.71 -52.97 -4.35
C SER B 526 19.79 -52.99 -5.55
N TYR B 527 18.54 -52.60 -5.37
CA TYR B 527 17.62 -52.41 -6.48
C TYR B 527 17.88 -51.11 -7.22
N ASP B 528 17.38 -51.04 -8.44
CA ASP B 528 17.04 -49.79 -9.09
C ASP B 528 18.25 -48.87 -9.33
N ASN B 529 19.47 -49.41 -9.33
CA ASN B 529 20.69 -48.57 -9.37
C ASN B 529 20.76 -47.62 -8.19
N GLN B 530 20.27 -48.06 -7.05
CA GLN B 530 20.25 -47.27 -5.84
C GLN B 530 21.01 -48.02 -4.76
N PRO B 531 21.64 -47.33 -3.82
CA PRO B 531 22.33 -48.03 -2.72
C PRO B 531 21.31 -48.82 -1.92
N SER B 532 21.77 -49.95 -1.40
CA SER B 532 20.85 -50.80 -0.66
C SER B 532 20.48 -50.16 0.67
N GLN B 533 19.46 -50.71 1.30
CA GLN B 533 19.04 -50.22 2.60
C GLN B 533 20.16 -50.41 3.62
N PHE B 534 20.78 -51.57 3.62
CA PHE B 534 21.90 -51.83 4.51
C PHE B 534 23.06 -50.89 4.24
N ASP B 535 23.40 -50.69 2.97
CA ASP B 535 24.51 -49.81 2.63
C ASP B 535 24.23 -48.37 3.04
N ARG B 536 23.04 -47.87 2.75
CA ARG B 536 22.69 -46.51 3.15
C ARG B 536 22.57 -46.38 4.67
N LEU B 537 22.28 -47.47 5.35
CA LEU B 537 22.10 -47.41 6.79
C LEU B 537 23.44 -47.40 7.52
N PHE B 538 24.38 -48.26 7.15
CA PHE B 538 25.59 -48.43 7.94
C PHE B 538 26.90 -48.18 7.20
N ASN B 539 26.87 -47.97 5.89
CA ASN B 539 28.09 -47.80 5.12
C ASN B 539 28.29 -46.42 4.53
N THR B 540 27.25 -45.74 4.10
CA THR B 540 27.56 -44.39 3.63
C THR B 540 27.15 -43.34 4.65
N PRO B 541 28.08 -42.48 5.06
CA PRO B 541 29.49 -42.44 4.65
C PRO B 541 30.36 -43.38 5.46
N LEU B 542 31.40 -43.94 4.82
CA LEU B 542 32.30 -44.86 5.49
C LEU B 542 33.02 -44.18 6.64
N LEU B 543 33.06 -44.86 7.78
CA LEU B 543 33.63 -44.32 9.00
C LEU B 543 35.05 -44.84 9.15
N ASN B 544 36.01 -43.92 8.98
CA ASN B 544 37.44 -44.20 9.12
C ASN B 544 37.90 -45.32 8.19
N GLY B 545 37.32 -45.37 7.00
CA GLY B 545 37.71 -46.36 6.00
C GLY B 545 37.49 -47.79 6.44
N GLN B 546 36.43 -48.05 7.21
CA GLN B 546 36.10 -49.38 7.65
C GLN B 546 34.72 -49.73 7.10
N TYR B 547 34.63 -50.87 6.44
CA TYR B 547 33.40 -51.30 5.79
C TYR B 547 32.68 -52.26 6.73
N PHE B 548 31.40 -51.96 7.00
CA PHE B 548 30.59 -52.73 7.93
C PHE B 548 29.76 -53.77 7.19
N SER B 549 29.77 -54.99 7.70
CA SER B 549 29.02 -56.06 7.10
C SER B 549 28.70 -57.09 8.18
N THR B 550 27.71 -57.93 7.88
CA THR B 550 27.35 -59.00 8.79
C THR B 550 28.50 -59.98 8.95
N GLY B 551 28.77 -60.38 10.19
CA GLY B 551 29.86 -61.28 10.48
C GLY B 551 29.53 -62.09 11.71
N ASP B 552 30.37 -63.09 11.96
CA ASP B 552 30.19 -63.97 13.10
C ASP B 552 30.75 -63.39 14.39
N GLU B 553 31.42 -62.25 14.32
CA GLU B 553 31.94 -61.61 15.52
C GLU B 553 30.80 -61.08 16.38
N GLU B 554 31.11 -60.85 17.65
CA GLU B 554 30.14 -60.47 18.66
C GLU B 554 30.33 -59.02 19.07
N ILE B 555 29.24 -58.24 19.07
CA ILE B 555 29.28 -56.81 19.35
C ILE B 555 28.62 -56.56 20.69
N ASP B 556 29.26 -55.75 21.52
CA ASP B 556 28.76 -55.43 22.85
C ASP B 556 27.91 -54.17 22.84
N LEU B 557 26.75 -54.24 23.47
CA LEU B 557 25.87 -53.09 23.62
C LEU B 557 25.91 -52.49 25.01
N ASN B 558 26.84 -52.93 25.86
CA ASN B 558 26.95 -52.32 27.18
C ASN B 558 27.46 -50.89 27.02
N SER B 559 26.77 -49.95 27.67
CA SER B 559 27.12 -48.55 27.50
C SER B 559 28.51 -48.25 28.03
N GLY B 560 28.86 -48.81 29.18
CA GLY B 560 30.16 -48.55 29.77
C GLY B 560 31.30 -49.37 29.23
N SER B 561 31.05 -50.27 28.27
CA SER B 561 32.12 -51.12 27.75
C SER B 561 33.08 -50.39 26.83
N THR B 562 32.68 -49.25 26.26
CA THR B 562 33.49 -48.50 25.30
C THR B 562 33.91 -49.41 24.14
N GLY B 563 32.89 -49.82 23.40
CA GLY B 563 33.05 -50.80 22.34
C GLY B 563 33.86 -50.29 21.16
N ASP B 564 34.05 -51.21 20.21
CA ASP B 564 34.88 -50.94 19.03
C ASP B 564 34.09 -50.11 18.02
N TRP B 565 34.60 -50.04 16.80
CA TRP B 565 33.99 -49.22 15.75
C TRP B 565 32.60 -49.71 15.39
N ARG B 566 32.30 -50.99 15.60
CA ARG B 566 30.97 -51.50 15.25
C ARG B 566 29.89 -50.85 16.09
N LYS B 567 30.16 -50.66 17.38
CA LYS B 567 29.22 -49.96 18.24
C LYS B 567 29.01 -48.53 17.75
N THR B 568 30.08 -47.89 17.30
CA THR B 568 29.94 -46.55 16.74
C THR B 568 29.09 -46.56 15.48
N ILE B 569 29.24 -47.58 14.63
CA ILE B 569 28.39 -47.67 13.45
C ILE B 569 26.93 -47.78 13.84
N LEU B 570 26.62 -48.63 14.83
CA LEU B 570 25.23 -48.74 15.26
C LEU B 570 24.71 -47.42 15.81
N LYS B 571 25.51 -46.75 16.64
CA LYS B 571 25.08 -45.49 17.21
C LYS B 571 24.84 -44.44 16.14
N ARG B 572 25.73 -44.36 15.16
CA ARG B 572 25.57 -43.38 14.09
C ARG B 572 24.35 -43.68 13.23
N ALA B 573 24.11 -44.96 12.93
CA ALA B 573 22.96 -45.33 12.12
C ALA B 573 21.65 -45.02 12.81
N PHE B 574 21.55 -45.28 14.11
CA PHE B 574 20.33 -45.04 14.84
C PHE B 574 20.20 -43.64 15.45
N ASN B 575 21.24 -42.82 15.36
CA ASN B 575 21.21 -41.45 15.92
C ASN B 575 20.85 -41.44 17.40
N ILE B 576 21.42 -42.38 18.15
CA ILE B 576 21.15 -42.49 19.58
C ILE B 576 22.47 -42.64 20.32
N ASP B 577 22.43 -42.33 21.61
CA ASP B 577 23.60 -42.46 22.47
C ASP B 577 23.69 -43.87 23.04
N ASP B 578 24.72 -44.13 23.83
CA ASP B 578 24.97 -45.50 24.29
C ASP B 578 23.90 -45.96 25.27
N VAL B 579 23.47 -45.09 26.18
CA VAL B 579 22.50 -45.47 27.19
C VAL B 579 21.16 -45.81 26.56
N SER B 580 20.68 -44.97 25.66
CA SER B 580 19.44 -45.28 24.96
C SER B 580 19.60 -46.51 24.07
N LEU B 581 20.81 -46.76 23.57
CA LEU B 581 21.04 -47.98 22.80
C LEU B 581 20.83 -49.22 23.67
N PHE B 582 21.37 -49.19 24.89
CA PHE B 582 21.15 -50.32 25.79
C PHE B 582 19.68 -50.45 26.15
N ARG B 583 19.01 -49.32 26.35
CA ARG B 583 17.58 -49.36 26.63
C ARG B 583 16.79 -49.97 25.49
N LEU B 584 17.14 -49.62 24.26
CA LEU B 584 16.48 -50.21 23.09
C LEU B 584 16.72 -51.71 23.02
N LEU B 585 17.94 -52.14 23.33
CA LEU B 585 18.21 -53.56 23.36
C LEU B 585 17.35 -54.26 24.39
N LYS B 586 17.22 -53.67 25.58
CA LYS B 586 16.38 -54.27 26.61
C LYS B 586 14.91 -54.28 26.23
N ILE B 587 14.43 -53.24 25.53
CA ILE B 587 13.03 -53.22 25.09
C ILE B 587 12.76 -54.34 24.10
N THR B 588 13.65 -54.48 23.12
CA THR B 588 13.39 -55.41 22.01
C THR B 588 13.41 -56.86 22.47
N ASP B 589 14.43 -57.26 23.23
CA ASP B 589 14.56 -58.64 23.63
C ASP B 589 14.67 -58.72 25.15
N HIS B 590 13.87 -59.59 25.76
CA HIS B 590 13.98 -59.84 27.19
C HIS B 590 14.84 -61.03 27.54
N ASP B 591 15.29 -61.81 26.55
CA ASP B 591 16.14 -62.95 26.82
C ASP B 591 17.62 -62.64 26.74
N ASN B 592 17.99 -61.42 26.36
CA ASN B 592 19.40 -61.04 26.27
C ASN B 592 19.83 -60.59 27.66
N LYS B 593 20.38 -61.53 28.43
CA LYS B 593 20.81 -61.22 29.79
C LYS B 593 21.94 -60.20 29.78
N ASP B 594 22.88 -60.34 28.86
CA ASP B 594 23.99 -59.42 28.73
C ASP B 594 23.80 -58.56 27.48
N GLY B 595 24.53 -57.44 27.43
CA GLY B 595 24.42 -56.53 26.30
C GLY B 595 24.98 -57.06 24.99
N LYS B 596 25.87 -58.04 25.04
CA LYS B 596 26.44 -58.57 23.80
C LYS B 596 25.39 -59.30 22.99
N ILE B 597 25.38 -59.03 21.68
CA ILE B 597 24.45 -59.67 20.76
C ILE B 597 25.21 -60.14 19.52
N LYS B 598 24.61 -61.11 18.82
CA LYS B 598 25.17 -61.61 17.59
C LYS B 598 25.05 -60.55 16.50
N ASN B 599 26.08 -60.46 15.66
CA ASN B 599 26.11 -59.47 14.60
C ASN B 599 25.38 -59.89 13.34
N ASN B 600 24.49 -60.87 13.41
CA ASN B 600 23.77 -61.27 12.21
C ASN B 600 22.72 -60.22 11.84
N LEU B 601 22.14 -60.37 10.65
CA LEU B 601 21.21 -59.37 10.14
C LEU B 601 19.91 -59.32 10.93
N LYS B 602 19.49 -60.44 11.50
CA LYS B 602 18.19 -60.50 12.18
C LYS B 602 18.15 -59.59 13.40
N ASN B 603 19.22 -59.60 14.20
CA ASN B 603 19.25 -58.73 15.37
C ASN B 603 19.24 -57.27 14.98
N LEU B 604 19.94 -56.92 13.91
CA LEU B 604 19.90 -55.55 13.43
C LEU B 604 18.49 -55.18 13.02
N SER B 605 17.78 -56.09 12.37
CA SER B 605 16.40 -55.82 11.99
C SER B 605 15.51 -55.60 13.21
N ASN B 606 15.71 -56.40 14.26
CA ASN B 606 14.93 -56.19 15.48
C ASN B 606 15.21 -54.82 16.10
N LEU B 607 16.47 -54.43 16.14
CA LEU B 607 16.81 -53.11 16.68
C LEU B 607 16.19 -52.00 15.86
N TYR B 608 16.22 -52.13 14.54
CA TYR B 608 15.60 -51.12 13.69
C TYR B 608 14.08 -51.07 13.89
N ILE B 609 13.43 -52.21 14.09
CA ILE B 609 12.00 -52.21 14.40
C ILE B 609 11.73 -51.42 15.66
N GLY B 610 12.50 -51.70 16.70
CA GLY B 610 12.31 -50.99 17.96
C GLY B 610 12.52 -49.49 17.81
N LYS B 611 13.53 -49.09 17.05
CA LYS B 611 13.76 -47.66 16.85
C LYS B 611 12.62 -47.01 16.08
N LEU B 612 12.12 -47.68 15.04
CA LEU B 612 11.04 -47.08 14.25
C LEU B 612 9.73 -47.00 15.00
N LEU B 613 9.49 -47.89 15.97
CA LEU B 613 8.27 -47.75 16.75
C LEU B 613 8.20 -46.38 17.43
N ALA B 614 9.31 -45.93 17.99
CA ALA B 614 9.33 -44.59 18.57
C ALA B 614 9.45 -43.49 17.53
N ASP B 615 10.18 -43.71 16.42
CA ASP B 615 10.34 -42.64 15.46
C ASP B 615 9.02 -42.23 14.79
N ILE B 616 8.19 -43.22 14.42
CA ILE B 616 6.97 -42.85 13.69
C ILE B 616 6.02 -42.05 14.55
N HIS B 617 6.03 -42.26 15.86
CA HIS B 617 5.12 -41.56 16.76
C HIS B 617 5.74 -40.32 17.39
N GLN B 618 6.91 -39.89 16.92
CA GLN B 618 7.56 -38.68 17.41
C GLN B 618 7.83 -38.75 18.91
N LEU B 619 8.28 -39.92 19.38
CA LEU B 619 8.70 -40.11 20.75
C LEU B 619 10.09 -40.70 20.73
N THR B 620 10.87 -40.46 21.77
CA THR B 620 12.18 -41.08 21.82
C THR B 620 12.11 -42.37 22.62
N ILE B 621 13.27 -42.97 22.91
CA ILE B 621 13.29 -44.30 23.51
C ILE B 621 12.71 -44.28 24.92
N ASP B 622 12.94 -43.20 25.66
CA ASP B 622 12.47 -43.14 27.05
C ASP B 622 10.95 -43.20 27.13
N GLU B 623 10.28 -42.32 26.38
CA GLU B 623 8.83 -42.38 26.37
C GLU B 623 8.33 -43.67 25.75
N LEU B 624 9.08 -44.26 24.82
CA LEU B 624 8.69 -45.55 24.27
C LEU B 624 8.67 -46.63 25.34
N ASP B 625 9.72 -46.68 26.17
CA ASP B 625 9.73 -47.66 27.25
C ASP B 625 8.60 -47.41 28.22
N LEU B 626 8.43 -46.17 28.66
CA LEU B 626 7.36 -45.90 29.62
C LEU B 626 6.00 -46.19 29.04
N LEU B 627 5.82 -45.96 27.73
CA LEU B 627 4.57 -46.27 27.07
C LEU B 627 4.31 -47.78 27.02
N LEU B 628 5.33 -48.56 26.66
CA LEU B 628 5.15 -50.00 26.61
C LEU B 628 4.85 -50.58 27.99
N ILE B 629 5.50 -50.06 29.02
CA ILE B 629 5.14 -50.47 30.39
C ILE B 629 3.72 -50.04 30.76
N ALA B 630 3.35 -48.79 30.45
CA ALA B 630 2.01 -48.29 30.76
C ALA B 630 0.92 -49.04 30.03
N VAL B 631 1.21 -49.59 28.85
CA VAL B 631 0.20 -50.36 28.15
C VAL B 631 -0.01 -51.71 28.83
N GLY B 632 1.07 -52.33 29.25
CA GLY B 632 1.04 -53.66 29.79
C GLY B 632 1.51 -54.73 28.83
N GLU B 633 1.68 -54.39 27.55
CA GLU B 633 2.23 -55.33 26.60
C GLU B 633 3.74 -55.23 26.52
N GLY B 634 4.36 -54.39 27.34
CA GLY B 634 5.80 -54.25 27.34
C GLY B 634 6.53 -55.49 27.81
N LYS B 635 5.86 -56.36 28.55
CA LYS B 635 6.46 -57.61 28.97
C LYS B 635 6.80 -58.50 27.77
N THR B 636 5.91 -58.53 26.78
CA THR B 636 6.16 -59.31 25.57
C THR B 636 7.34 -58.75 24.79
N ASN B 637 8.15 -59.66 24.24
CA ASN B 637 9.34 -59.29 23.49
C ASN B 637 9.04 -59.16 22.00
N LEU B 638 9.61 -58.12 21.39
CA LEU B 638 9.42 -57.91 19.96
C LEU B 638 10.22 -58.89 19.11
N SER B 639 11.33 -59.41 19.64
CA SER B 639 12.15 -60.33 18.85
C SER B 639 11.39 -61.61 18.50
N ALA B 640 10.66 -62.17 19.45
CA ALA B 640 9.90 -63.40 19.22
C ALA B 640 8.43 -63.03 19.35
N ILE B 641 7.83 -62.59 18.26
CA ILE B 641 6.43 -62.17 18.26
C ILE B 641 5.82 -62.49 16.92
N SER B 642 4.51 -62.74 16.93
CA SER B 642 3.77 -63.03 15.71
C SER B 642 3.48 -61.73 14.96
N ASP B 643 3.24 -61.87 13.65
CA ASP B 643 2.96 -60.71 12.82
C ASP B 643 1.67 -60.03 13.25
N LYS B 644 0.64 -60.81 13.53
CA LYS B 644 -0.63 -60.23 13.98
C LYS B 644 -0.46 -59.56 15.34
N GLN B 645 0.34 -60.15 16.23
CA GLN B 645 0.58 -59.51 17.51
C GLN B 645 1.31 -58.18 17.33
N LEU B 646 2.27 -58.12 16.41
CA LEU B 646 2.96 -56.86 16.18
C LEU B 646 2.00 -55.81 15.60
N ALA B 647 1.12 -56.22 14.69
CA ALA B 647 0.15 -55.27 14.17
C ALA B 647 -0.77 -54.76 15.26
N THR B 648 -1.20 -55.64 16.15
CA THR B 648 -2.03 -55.23 17.28
C THR B 648 -1.28 -54.27 18.19
N LEU B 649 0.00 -54.52 18.42
CA LEU B 649 0.81 -53.61 19.23
C LEU B 649 0.93 -52.24 18.57
N ILE B 650 1.10 -52.20 17.25
CA ILE B 650 1.17 -50.93 16.56
C ILE B 650 -0.13 -50.17 16.74
N ARG B 651 -1.26 -50.85 16.58
CA ARG B 651 -2.54 -50.16 16.73
C ARG B 651 -2.74 -49.65 18.15
N LYS B 652 -2.37 -50.43 19.16
CA LYS B 652 -2.50 -49.96 20.54
C LYS B 652 -1.65 -48.74 20.79
N LEU B 653 -0.40 -48.75 20.32
CA LEU B 653 0.46 -47.58 20.53
C LEU B 653 -0.11 -46.36 19.85
N ASN B 654 -0.60 -46.51 18.62
CA ASN B 654 -1.17 -45.39 17.91
C ASN B 654 -2.41 -44.84 18.62
N THR B 655 -3.28 -45.73 19.09
CA THR B 655 -4.49 -45.27 19.78
C THR B 655 -4.15 -44.53 21.06
N ILE B 656 -3.22 -45.04 21.85
CA ILE B 656 -2.90 -44.37 23.10
C ILE B 656 -2.23 -43.02 22.84
N THR B 657 -1.36 -42.95 21.84
CA THR B 657 -0.75 -41.67 21.51
C THR B 657 -1.78 -40.65 21.05
N SER B 658 -2.74 -41.07 20.23
CA SER B 658 -3.78 -40.14 19.81
C SER B 658 -4.59 -39.65 20.99
N TRP B 659 -4.92 -40.57 21.92
CA TRP B 659 -5.68 -40.17 23.10
C TRP B 659 -4.89 -39.18 23.95
N LEU B 660 -3.60 -39.41 24.14
CA LEU B 660 -2.80 -38.49 24.94
C LEU B 660 -2.74 -37.12 24.27
N HIS B 661 -2.63 -37.09 22.94
CA HIS B 661 -2.62 -35.80 22.26
C HIS B 661 -3.95 -35.08 22.43
N THR B 662 -5.07 -35.81 22.39
CA THR B 662 -6.36 -35.16 22.62
C THR B 662 -6.49 -34.66 24.05
N GLN B 663 -5.87 -35.33 25.01
CA GLN B 663 -6.02 -34.96 26.42
C GLN B 663 -4.97 -33.98 26.92
N LYS B 664 -4.05 -33.53 26.07
CA LYS B 664 -2.98 -32.61 26.48
C LYS B 664 -2.17 -33.16 27.64
N TRP B 665 -1.86 -34.45 27.59
CA TRP B 665 -1.15 -35.13 28.66
C TRP B 665 0.25 -35.54 28.22
N SER B 666 1.21 -35.35 29.09
CA SER B 666 2.55 -35.84 28.79
C SER B 666 2.59 -37.33 29.08
N VAL B 667 3.56 -38.02 28.48
CA VAL B 667 3.68 -39.46 28.73
C VAL B 667 4.04 -39.73 30.17
N PHE B 668 4.85 -38.86 30.78
CA PHE B 668 5.24 -39.06 32.17
C PHE B 668 4.05 -39.01 33.11
N GLN B 669 3.09 -38.13 32.85
CA GLN B 669 1.89 -38.10 33.69
C GLN B 669 1.13 -39.42 33.58
N LEU B 670 1.02 -39.97 32.38
CA LEU B 670 0.36 -41.25 32.23
C LEU B 670 1.11 -42.34 32.97
N PHE B 671 2.44 -42.33 32.92
CA PHE B 671 3.19 -43.33 33.64
C PHE B 671 2.98 -43.21 35.13
N ILE B 672 2.92 -41.97 35.64
CA ILE B 672 2.66 -41.77 37.07
C ILE B 672 1.28 -42.31 37.44
N MET B 673 0.27 -42.04 36.62
CA MET B 673 -1.07 -42.52 36.97
C MET B 673 -1.16 -44.03 36.87
N THR B 674 -0.37 -44.66 36.00
CA THR B 674 -0.41 -46.10 35.81
C THR B 674 0.72 -46.83 36.52
N SER B 675 1.55 -46.12 37.28
CA SER B 675 2.69 -46.74 37.94
C SER B 675 2.23 -47.67 39.06
N THR B 676 3.02 -48.72 39.28
CA THR B 676 2.79 -49.65 40.37
C THR B 676 3.87 -49.61 41.42
N SER B 677 5.14 -49.47 41.03
CA SER B 677 6.20 -49.31 42.01
C SER B 677 6.08 -47.98 42.72
N TYR B 678 6.26 -47.99 44.03
CA TYR B 678 6.05 -46.82 44.88
C TYR B 678 7.32 -46.53 45.67
N ASN B 679 7.68 -45.26 45.77
CA ASN B 679 8.87 -44.90 46.53
C ASN B 679 8.63 -45.10 48.02
N LYS B 680 9.55 -45.79 48.68
CA LYS B 680 9.41 -46.08 50.11
C LYS B 680 10.23 -45.08 50.92
N THR B 681 9.84 -43.81 50.83
CA THR B 681 10.53 -42.73 51.53
C THR B 681 9.50 -41.88 52.25
N LEU B 682 9.70 -41.67 53.55
CA LEU B 682 8.80 -40.82 54.30
C LEU B 682 8.91 -39.38 53.80
N THR B 683 7.77 -38.71 53.71
CA THR B 683 7.67 -37.34 53.26
C THR B 683 6.91 -36.52 54.29
N PRO B 684 7.14 -35.21 54.35
CA PRO B 684 6.38 -34.39 55.30
C PRO B 684 4.88 -34.48 55.13
N GLU B 685 4.38 -34.59 53.90
CA GLU B 685 2.95 -34.73 53.72
C GLU B 685 2.44 -36.03 54.33
N ILE B 686 3.16 -37.13 54.13
CA ILE B 686 2.76 -38.40 54.70
C ILE B 686 2.82 -38.36 56.21
N LYS B 687 3.85 -37.70 56.75
CA LYS B 687 3.95 -37.58 58.20
C LYS B 687 2.77 -36.81 58.77
N ASN B 688 2.38 -35.71 58.10
CA ASN B 688 1.21 -34.96 58.56
C ASN B 688 -0.05 -35.80 58.48
N LEU B 689 -0.20 -36.58 57.41
CA LEU B 689 -1.35 -37.47 57.29
C LEU B 689 -1.40 -38.45 58.44
N LEU B 690 -0.27 -39.06 58.78
CA LEU B 690 -0.24 -40.01 59.88
C LEU B 690 -0.60 -39.33 61.19
N ASP B 691 -0.06 -38.15 61.45
CA ASP B 691 -0.40 -37.47 62.71
C ASP B 691 -1.88 -37.16 62.80
N THR B 692 -2.47 -36.63 61.71
CA THR B 692 -3.89 -36.31 61.73
C THR B 692 -4.74 -37.55 61.94
N VAL B 693 -4.43 -38.63 61.22
CA VAL B 693 -5.24 -39.84 61.36
C VAL B 693 -5.10 -40.42 62.76
N TYR B 694 -3.89 -40.45 63.29
CA TYR B 694 -3.70 -41.00 64.63
C TYR B 694 -4.45 -40.18 65.68
N HIS B 695 -4.38 -38.86 65.58
CA HIS B 695 -5.10 -38.05 66.56
C HIS B 695 -6.61 -38.19 66.43
N GLY B 696 -7.12 -38.22 65.20
CA GLY B 696 -8.56 -38.33 65.02
C GLY B 696 -9.14 -39.67 65.43
N LEU B 697 -8.45 -40.76 65.11
CA LEU B 697 -9.00 -42.09 65.35
C LEU B 697 -8.72 -42.61 66.75
N GLN B 698 -8.03 -41.86 67.59
CA GLN B 698 -7.76 -42.33 68.93
C GLN B 698 -9.06 -42.51 69.69
N GLY B 699 -9.19 -43.64 70.36
CA GLY B 699 -10.41 -43.98 71.06
C GLY B 699 -11.49 -44.59 70.19
N PHE B 700 -11.18 -44.94 68.95
CA PHE B 700 -12.16 -45.54 68.06
C PHE B 700 -12.58 -46.91 68.55
N ASP B 701 -13.87 -47.22 68.39
CA ASP B 701 -14.45 -48.49 68.77
C ASP B 701 -14.89 -49.27 67.54
N LYS B 702 -14.45 -50.53 67.44
CA LYS B 702 -14.67 -51.31 66.22
C LYS B 702 -16.15 -51.59 65.98
N ASP B 703 -16.88 -52.00 67.03
CA ASP B 703 -18.27 -52.38 66.86
C ASP B 703 -19.20 -51.19 66.69
N LYS B 704 -18.82 -50.02 67.22
CA LYS B 704 -19.70 -48.86 67.16
C LYS B 704 -19.92 -48.39 65.72
N ALA B 705 -18.87 -48.38 64.90
CA ALA B 705 -19.00 -47.91 63.53
C ALA B 705 -17.92 -48.55 62.68
N ASP B 706 -18.15 -48.51 61.37
CA ASP B 706 -17.18 -49.07 60.44
C ASP B 706 -15.90 -48.25 60.47
N LEU B 707 -14.76 -48.94 60.46
CA LEU B 707 -13.48 -48.24 60.52
C LEU B 707 -13.26 -47.37 59.30
N LEU B 708 -13.63 -47.87 58.13
CA LEU B 708 -13.38 -47.14 56.89
C LEU B 708 -14.15 -45.83 56.86
N HIS B 709 -15.42 -45.87 57.27
CA HIS B 709 -16.23 -44.65 57.24
C HIS B 709 -15.72 -43.61 58.22
N VAL B 710 -15.25 -44.03 59.39
CA VAL B 710 -14.71 -43.10 60.36
C VAL B 710 -13.38 -42.52 59.87
N MET B 711 -12.56 -43.34 59.24
CA MET B 711 -11.25 -42.88 58.78
C MET B 711 -11.30 -42.03 57.53
N ALA B 712 -12.38 -42.10 56.75
CA ALA B 712 -12.42 -41.36 55.49
C ALA B 712 -12.25 -39.86 55.62
N PRO B 713 -12.93 -39.15 56.53
CA PRO B 713 -12.78 -37.69 56.55
C PRO B 713 -11.37 -37.17 56.78
N TYR B 714 -10.61 -37.80 57.66
CA TYR B 714 -9.24 -37.33 57.90
C TYR B 714 -8.34 -37.57 56.69
N ILE B 715 -8.52 -38.70 56.02
CA ILE B 715 -7.78 -38.96 54.79
C ILE B 715 -8.13 -37.93 53.74
N ALA B 716 -9.41 -37.58 53.64
CA ALA B 716 -9.81 -36.54 52.70
C ALA B 716 -9.16 -35.22 53.02
N ALA B 717 -9.11 -34.85 54.30
CA ALA B 717 -8.49 -33.59 54.70
C ALA B 717 -7.00 -33.55 54.39
N THR B 718 -6.27 -34.62 54.65
CA THR B 718 -4.82 -34.58 54.49
C THR B 718 -4.34 -34.64 53.04
N LEU B 719 -5.03 -35.39 52.18
CA LEU B 719 -4.56 -35.66 50.82
C LEU B 719 -5.14 -34.73 49.76
N GLN B 720 -5.74 -33.61 50.16
CA GLN B 720 -6.22 -32.57 49.25
C GLN B 720 -7.30 -33.12 48.30
N LEU B 721 -8.41 -33.51 48.90
CA LEU B 721 -9.59 -33.96 48.18
C LEU B 721 -10.73 -32.99 48.41
N SER B 722 -11.56 -32.81 47.39
CA SER B 722 -12.68 -31.90 47.51
C SER B 722 -13.80 -32.47 48.36
N SER B 723 -14.09 -33.76 48.22
CA SER B 723 -15.22 -34.39 48.88
C SER B 723 -14.80 -35.53 49.78
N GLU B 724 -15.61 -35.76 50.81
CA GLU B 724 -15.35 -36.83 51.76
C GLU B 724 -15.68 -38.18 51.14
N ASN B 725 -16.80 -38.26 50.42
CA ASN B 725 -17.20 -39.53 49.82
C ASN B 725 -16.24 -39.96 48.72
N VAL B 726 -15.55 -39.02 48.09
CA VAL B 726 -14.48 -39.39 47.18
C VAL B 726 -13.38 -40.13 47.92
N ALA B 727 -13.03 -39.64 49.10
CA ALA B 727 -12.05 -40.36 49.91
C ALA B 727 -12.55 -41.72 50.34
N HIS B 728 -13.83 -41.83 50.66
CA HIS B 728 -14.36 -43.15 51.01
C HIS B 728 -14.26 -44.12 49.86
N SER B 729 -14.60 -43.68 48.65
CA SER B 729 -14.48 -44.55 47.48
C SER B 729 -13.02 -44.91 47.22
N VAL B 730 -12.12 -43.95 47.37
CA VAL B 730 -10.70 -44.22 47.18
C VAL B 730 -10.21 -45.25 48.17
N LEU B 731 -10.63 -45.15 49.42
CA LEU B 731 -10.22 -46.15 50.41
C LEU B 731 -10.74 -47.53 50.07
N LEU B 732 -11.99 -47.63 49.60
CA LEU B 732 -12.49 -48.94 49.19
C LEU B 732 -11.67 -49.50 48.03
N TRP B 733 -11.35 -48.66 47.06
CA TRP B 733 -10.54 -49.11 45.93
C TRP B 733 -9.16 -49.55 46.36
N ALA B 734 -8.53 -48.80 47.27
CA ALA B 734 -7.21 -49.17 47.76
C ALA B 734 -7.26 -50.48 48.52
N ASP B 735 -8.28 -50.70 49.34
CA ASP B 735 -8.40 -51.97 50.04
C ASP B 735 -8.56 -53.13 49.08
N LYS B 736 -9.27 -52.92 47.96
CA LYS B 736 -9.34 -53.97 46.95
C LYS B 736 -8.02 -54.18 46.23
N LEU B 737 -7.25 -53.12 45.98
CA LEU B 737 -5.94 -53.30 45.34
C LEU B 737 -4.91 -53.92 46.26
N GLN B 738 -5.00 -53.68 47.57
CA GLN B 738 -3.96 -54.03 48.54
C GLN B 738 -2.58 -53.57 48.06
N PRO B 739 -2.35 -52.25 48.00
CA PRO B 739 -1.07 -51.72 47.51
C PRO B 739 0.19 -52.24 48.17
N GLY B 740 1.29 -52.02 47.47
CA GLY B 740 2.61 -52.20 48.05
C GLY B 740 3.11 -53.63 48.11
N ASP B 741 4.39 -53.74 48.47
CA ASP B 741 5.05 -55.03 48.63
C ASP B 741 4.51 -55.80 49.83
N GLY B 742 4.10 -55.09 50.88
CA GLY B 742 3.37 -55.69 51.97
C GLY B 742 1.90 -55.32 52.01
N ALA B 743 1.06 -56.24 51.55
CA ALA B 743 -0.35 -55.98 51.27
C ALA B 743 -1.04 -55.31 52.45
N MET B 744 -1.43 -54.06 52.24
CA MET B 744 -1.86 -53.15 53.30
C MET B 744 -3.36 -52.92 53.19
N THR B 745 -4.01 -52.84 54.35
CA THR B 745 -5.45 -52.65 54.42
C THR B 745 -5.76 -51.79 55.63
N ALA B 746 -6.99 -51.32 55.70
CA ALA B 746 -7.38 -50.39 56.76
C ALA B 746 -7.15 -50.97 58.14
N GLU B 747 -7.54 -52.23 58.38
CA GLU B 747 -7.31 -52.82 59.69
C GLU B 747 -5.83 -52.90 60.06
N LYS B 748 -4.99 -53.36 59.13
CA LYS B 748 -3.57 -53.46 59.41
C LYS B 748 -2.95 -52.09 59.64
N PHE B 749 -3.35 -51.11 58.82
CA PHE B 749 -2.86 -49.75 58.97
C PHE B 749 -3.25 -49.17 60.31
N TRP B 750 -4.50 -49.37 60.72
CA TRP B 750 -4.95 -48.88 62.01
C TRP B 750 -4.20 -49.52 63.15
N ASP B 751 -3.98 -50.84 63.08
CA ASP B 751 -3.24 -51.50 64.16
C ASP B 751 -1.82 -50.99 64.24
N TRP B 752 -1.16 -50.80 63.10
CA TRP B 752 0.20 -50.28 63.13
C TRP B 752 0.24 -48.88 63.73
N LEU B 753 -0.72 -48.03 63.35
CA LEU B 753 -0.77 -46.68 63.92
C LEU B 753 -1.00 -46.73 65.41
N ASN B 754 -1.87 -47.63 65.86
CA ASN B 754 -2.18 -47.73 67.28
C ASN B 754 -0.95 -48.18 68.08
N THR B 755 -0.19 -49.12 67.55
CA THR B 755 0.87 -49.74 68.34
C THR B 755 2.24 -49.09 68.17
N LYS B 756 2.76 -49.06 66.94
CA LYS B 756 4.17 -48.77 66.69
C LYS B 756 4.46 -47.34 66.28
N TYR B 757 3.50 -46.42 66.34
CA TYR B 757 3.74 -45.06 65.89
C TYR B 757 3.82 -44.09 67.05
N THR B 758 4.87 -43.27 67.04
CA THR B 758 5.07 -42.21 68.03
C THR B 758 5.12 -40.89 67.26
N PRO B 759 4.04 -40.11 67.29
CA PRO B 759 4.01 -38.86 66.53
C PRO B 759 5.03 -37.85 67.04
N GLY B 760 5.49 -37.01 66.12
CA GLY B 760 6.44 -35.97 66.48
C GLY B 760 7.89 -36.38 66.53
N SER B 761 8.23 -37.62 66.21
CA SER B 761 9.61 -38.08 66.25
C SER B 761 9.93 -38.82 64.96
N SER B 762 11.19 -38.69 64.52
CA SER B 762 11.69 -39.38 63.34
C SER B 762 12.40 -40.65 63.80
N GLU B 763 11.78 -41.79 63.53
CA GLU B 763 12.32 -43.08 63.95
C GLU B 763 12.19 -44.07 62.81
N ALA B 764 13.02 -45.10 62.84
CA ALA B 764 13.02 -46.11 61.80
C ALA B 764 12.20 -47.30 62.27
N VAL B 765 11.21 -47.69 61.47
CA VAL B 765 10.33 -48.81 61.75
C VAL B 765 10.36 -49.75 60.56
N GLU B 766 10.37 -51.05 60.85
CA GLU B 766 10.45 -52.05 59.78
C GLU B 766 9.26 -51.99 58.85
N THR B 767 8.07 -51.76 59.39
CA THR B 767 6.86 -51.71 58.59
C THR B 767 6.62 -50.34 57.99
N GLN B 768 7.43 -49.35 58.35
CA GLN B 768 7.20 -47.98 57.90
C GLN B 768 7.22 -47.86 56.39
N GLU B 769 8.05 -48.64 55.70
CA GLU B 769 8.07 -48.60 54.25
C GLU B 769 6.74 -49.05 53.65
N HIS B 770 6.10 -50.07 54.23
CA HIS B 770 4.78 -50.46 53.71
C HIS B 770 3.74 -49.37 53.94
N ILE B 771 3.80 -48.68 55.08
CA ILE B 771 2.91 -47.56 55.33
C ILE B 771 3.10 -46.47 54.28
N VAL B 772 4.35 -46.14 53.98
CA VAL B 772 4.63 -45.11 52.98
C VAL B 772 4.11 -45.53 51.62
N GLN B 773 4.30 -46.80 51.25
CA GLN B 773 3.80 -47.26 49.96
C GLN B 773 2.29 -47.16 49.90
N TYR B 774 1.60 -47.52 50.97
CA TYR B 774 0.15 -47.42 50.99
C TYR B 774 -0.32 -45.97 50.84
N CYS B 775 0.33 -45.04 51.55
CA CYS B 775 -0.05 -43.64 51.43
C CYS B 775 0.20 -43.11 50.02
N GLN B 776 1.30 -43.52 49.41
CA GLN B 776 1.60 -43.09 48.05
C GLN B 776 0.56 -43.62 47.08
N ALA B 777 0.10 -44.85 47.28
CA ALA B 777 -0.95 -45.38 46.43
C ALA B 777 -2.23 -44.57 46.56
N LEU B 778 -2.58 -44.17 47.79
CA LEU B 778 -3.77 -43.35 47.97
C LEU B 778 -3.65 -42.02 47.21
N ALA B 779 -2.49 -41.37 47.31
CA ALA B 779 -2.33 -40.10 46.59
C ALA B 779 -2.40 -40.31 45.08
N GLN B 780 -1.84 -41.40 44.58
CA GLN B 780 -1.93 -41.68 43.15
C GLN B 780 -3.38 -41.87 42.70
N LEU B 781 -4.17 -42.61 43.48
CA LEU B 781 -5.59 -42.78 43.13
C LEU B 781 -6.39 -41.49 43.18
N GLU B 782 -5.96 -40.52 43.99
CA GLU B 782 -6.46 -39.15 43.80
C GLU B 782 -6.07 -38.56 42.46
N MET B 783 -4.81 -38.74 42.06
CA MET B 783 -4.39 -38.19 40.77
C MET B 783 -5.21 -38.77 39.63
N VAL B 784 -5.54 -40.05 39.73
CA VAL B 784 -6.49 -40.69 38.82
C VAL B 784 -7.82 -39.96 38.82
N TYR B 785 -8.48 -39.91 39.98
CA TYR B 785 -9.82 -39.32 40.05
C TYR B 785 -9.86 -37.90 39.49
N HIS B 786 -8.91 -37.06 39.87
CA HIS B 786 -8.93 -35.70 39.35
C HIS B 786 -8.62 -35.63 37.86
N SER B 787 -7.69 -36.43 37.35
CA SER B 787 -7.41 -36.35 35.93
C SER B 787 -8.56 -36.85 35.07
N THR B 788 -9.24 -37.92 35.49
CA THR B 788 -10.33 -38.44 34.68
C THR B 788 -11.47 -37.44 34.56
N GLY B 789 -11.79 -36.74 35.63
CA GLY B 789 -12.90 -35.81 35.58
C GLY B 789 -14.26 -36.43 35.78
N ILE B 790 -14.33 -37.72 36.11
CA ILE B 790 -15.61 -38.38 36.33
C ILE B 790 -16.30 -37.82 37.56
N ASN B 791 -17.63 -37.87 37.52
CA ASN B 791 -18.50 -37.50 38.63
C ASN B 791 -18.39 -38.46 39.80
N GLU B 792 -18.68 -37.94 40.99
CA GLU B 792 -18.45 -38.64 42.25
C GLU B 792 -19.23 -39.95 42.35
N ASN B 793 -20.48 -39.98 41.90
CA ASN B 793 -21.27 -41.19 42.06
C ASN B 793 -20.94 -42.26 41.04
N ALA B 794 -20.57 -41.89 39.83
CA ALA B 794 -20.11 -42.89 38.89
C ALA B 794 -18.75 -43.45 39.27
N PHE B 795 -17.88 -42.64 39.90
CA PHE B 795 -16.68 -43.19 40.50
C PHE B 795 -17.00 -44.16 41.64
N ARG B 796 -17.99 -43.84 42.47
CA ARG B 796 -18.40 -44.80 43.48
C ARG B 796 -18.88 -46.10 42.88
N LEU B 797 -19.68 -46.00 41.82
CA LEU B 797 -20.18 -47.19 41.15
C LEU B 797 -19.05 -48.01 40.54
N PHE B 798 -18.08 -47.33 39.92
CA PHE B 798 -16.95 -48.02 39.32
C PHE B 798 -16.13 -48.77 40.37
N VAL B 799 -15.91 -48.16 41.54
CA VAL B 799 -15.16 -48.83 42.58
C VAL B 799 -15.94 -50.04 43.11
N THR B 800 -17.25 -49.87 43.36
CA THR B 800 -18.00 -50.94 44.00
C THR B 800 -18.34 -52.10 43.06
N LYS B 801 -18.62 -51.83 41.79
CA LYS B 801 -19.06 -52.87 40.85
C LYS B 801 -18.33 -52.73 39.52
N PRO B 802 -17.06 -53.14 39.48
CA PRO B 802 -16.32 -53.13 38.20
C PRO B 802 -17.01 -53.86 37.07
N GLU B 803 -17.80 -54.90 37.36
CA GLU B 803 -18.54 -55.59 36.31
C GLU B 803 -19.49 -54.67 35.56
N MET B 804 -20.08 -53.69 36.24
CA MET B 804 -20.95 -52.75 35.55
C MET B 804 -20.17 -51.98 34.50
N PHE B 805 -18.92 -51.64 34.79
CA PHE B 805 -18.01 -51.03 33.83
C PHE B 805 -17.27 -52.06 32.99
N GLY B 806 -17.65 -53.32 33.07
CA GLY B 806 -17.10 -54.32 32.19
C GLY B 806 -15.67 -54.74 32.48
N ALA B 807 -15.10 -54.35 33.62
CA ALA B 807 -13.86 -54.95 34.04
C ALA B 807 -14.08 -56.43 34.32
N ALA B 808 -12.98 -57.20 34.28
CA ALA B 808 -13.07 -58.64 34.53
C ALA B 808 -13.77 -58.92 35.84
N THR B 809 -14.75 -59.82 35.79
CA THR B 809 -15.58 -60.08 36.97
C THR B 809 -14.74 -60.64 38.11
N GLY B 810 -15.01 -60.17 39.32
CA GLY B 810 -14.43 -60.74 40.51
C GLY B 810 -13.01 -60.29 40.80
N ALA B 811 -12.59 -59.17 40.23
CA ALA B 811 -11.24 -58.66 40.42
C ALA B 811 -11.33 -57.18 40.71
N ALA B 812 -10.35 -56.66 41.46
CA ALA B 812 -10.36 -55.24 41.74
C ALA B 812 -10.10 -54.46 40.45
N PRO B 813 -10.76 -53.32 40.26
CA PRO B 813 -10.59 -52.56 39.02
C PRO B 813 -9.14 -52.13 38.83
N ALA B 814 -8.71 -52.10 37.58
CA ALA B 814 -7.33 -51.75 37.26
C ALA B 814 -7.27 -50.27 36.94
N HIS B 815 -6.25 -49.58 37.45
CA HIS B 815 -5.91 -48.25 36.98
C HIS B 815 -4.91 -48.27 35.82
N ASP B 816 -4.76 -49.42 35.17
CA ASP B 816 -4.07 -49.54 33.90
C ASP B 816 -4.63 -48.54 32.89
N ALA B 817 -3.73 -48.05 32.02
CA ALA B 817 -4.11 -47.10 30.97
C ALA B 817 -5.27 -47.60 30.13
N LEU B 818 -5.38 -48.91 29.96
CA LEU B 818 -6.50 -49.47 29.22
C LEU B 818 -7.81 -49.15 29.90
N SER B 819 -7.84 -49.20 31.23
CA SER B 819 -9.02 -48.76 31.96
C SER B 819 -9.16 -47.25 32.01
N LEU B 820 -8.05 -46.52 32.01
CA LEU B 820 -8.12 -45.06 32.05
C LEU B 820 -8.80 -44.51 30.81
N ILE B 821 -8.51 -45.07 29.65
CA ILE B 821 -9.11 -44.51 28.45
C ILE B 821 -10.62 -44.73 28.44
N MET B 822 -11.08 -45.89 28.90
CA MET B 822 -12.53 -46.09 28.93
C MET B 822 -13.19 -45.24 29.99
N LEU B 823 -12.52 -45.01 31.14
CA LEU B 823 -13.09 -44.08 32.12
C LEU B 823 -13.21 -42.67 31.56
N THR B 824 -12.19 -42.21 30.83
CA THR B 824 -12.30 -40.88 30.24
C THR B 824 -13.44 -40.82 29.23
N ARG B 825 -13.61 -41.87 28.43
CA ARG B 825 -14.71 -41.86 27.47
C ARG B 825 -16.06 -41.85 28.19
N PHE B 826 -16.18 -42.61 29.29
CA PHE B 826 -17.41 -42.58 30.06
C PHE B 826 -17.71 -41.20 30.63
N ALA B 827 -16.69 -40.54 31.17
CA ALA B 827 -16.93 -39.20 31.69
C ALA B 827 -17.35 -38.24 30.59
N ASP B 828 -16.72 -38.34 29.42
CA ASP B 828 -17.12 -37.49 28.30
C ASP B 828 -18.54 -37.77 27.85
N TRP B 829 -18.95 -39.04 27.81
CA TRP B 829 -20.33 -39.33 27.42
C TRP B 829 -21.32 -38.80 28.42
N VAL B 830 -21.01 -38.90 29.72
CA VAL B 830 -21.89 -38.32 30.72
C VAL B 830 -22.00 -36.82 30.55
N ASN B 831 -20.88 -36.15 30.29
CA ASN B 831 -20.95 -34.71 30.05
C ASN B 831 -21.77 -34.39 28.82
N ALA B 832 -21.65 -35.20 27.77
CA ALA B 832 -22.47 -34.94 26.58
C ALA B 832 -23.96 -35.07 26.88
N LEU B 833 -24.35 -35.98 27.76
CA LEU B 833 -25.78 -36.07 28.06
C LEU B 833 -26.34 -34.79 28.67
N GLY B 834 -25.49 -33.93 29.20
CA GLY B 834 -25.94 -32.67 29.75
C GLY B 834 -26.87 -32.79 30.94
N GLU B 835 -27.95 -32.00 30.93
CA GLU B 835 -28.88 -31.93 32.05
C GLU B 835 -29.60 -33.24 32.32
N LYS B 836 -29.83 -34.06 31.29
CA LYS B 836 -30.46 -35.36 31.46
C LYS B 836 -29.61 -36.34 32.25
N ALA B 837 -28.31 -36.07 32.37
CA ALA B 837 -27.39 -36.99 33.04
C ALA B 837 -27.86 -37.39 34.42
N SER B 838 -28.46 -36.47 35.17
CA SER B 838 -28.92 -36.81 36.52
C SER B 838 -29.90 -37.97 36.50
N SER B 839 -30.87 -37.96 35.58
CA SER B 839 -31.77 -39.12 35.51
C SER B 839 -31.15 -40.32 34.82
N VAL B 840 -30.29 -40.11 33.83
CA VAL B 840 -29.73 -41.23 33.09
C VAL B 840 -28.85 -42.07 34.01
N LEU B 841 -28.00 -41.42 34.82
CA LEU B 841 -27.13 -42.15 35.72
C LEU B 841 -27.92 -42.91 36.76
N ALA B 842 -28.99 -42.32 37.28
CA ALA B 842 -29.81 -43.03 38.27
C ALA B 842 -30.47 -44.25 37.64
N ALA B 843 -30.95 -44.13 36.41
CA ALA B 843 -31.53 -45.27 35.72
C ALA B 843 -30.49 -46.31 35.32
N PHE B 844 -29.26 -45.88 35.11
CA PHE B 844 -28.13 -46.77 34.82
C PHE B 844 -27.67 -47.53 36.06
N GLU B 845 -27.72 -46.90 37.23
CA GLU B 845 -27.28 -47.56 38.45
C GLU B 845 -28.25 -48.66 38.86
N ALA B 846 -29.55 -48.44 38.68
CA ALA B 846 -30.48 -49.56 38.61
C ALA B 846 -30.32 -50.27 37.26
N ASN B 847 -30.87 -51.47 37.18
CA ASN B 847 -30.98 -52.19 35.90
C ASN B 847 -32.16 -51.74 35.05
N SER B 848 -32.36 -50.42 34.95
CA SER B 848 -33.60 -49.81 34.51
C SER B 848 -33.53 -49.22 33.11
N LEU B 849 -32.35 -48.80 32.67
CA LEU B 849 -32.19 -48.07 31.42
C LEU B 849 -32.68 -48.85 30.22
N THR B 850 -33.31 -48.13 29.29
CA THR B 850 -33.90 -48.69 28.08
C THR B 850 -33.51 -47.82 26.89
N ALA B 851 -33.81 -48.32 25.69
CA ALA B 851 -33.57 -47.57 24.47
C ALA B 851 -34.26 -46.21 24.45
N GLU B 852 -35.53 -46.14 24.86
CA GLU B 852 -36.27 -44.89 24.69
C GLU B 852 -35.73 -43.78 25.58
N GLN B 853 -35.45 -44.09 26.85
CA GLN B 853 -34.96 -43.06 27.76
C GLN B 853 -33.59 -42.54 27.33
N LEU B 854 -32.69 -43.43 26.93
CA LEU B 854 -31.37 -42.99 26.50
C LEU B 854 -31.44 -42.24 25.17
N ALA B 855 -32.35 -42.64 24.27
CA ALA B 855 -32.53 -41.92 23.03
C ALA B 855 -33.03 -40.50 23.28
N ASP B 856 -33.97 -40.35 24.20
CA ASP B 856 -34.42 -39.01 24.56
C ASP B 856 -33.27 -38.21 25.17
N ALA B 857 -32.45 -38.85 25.99
CA ALA B 857 -31.31 -38.17 26.60
C ALA B 857 -30.31 -37.66 25.57
N MET B 858 -29.97 -38.48 24.57
CA MET B 858 -29.00 -38.09 23.55
C MET B 858 -29.61 -37.40 22.34
N ASN B 859 -30.92 -37.12 22.34
CA ASN B 859 -31.58 -36.47 21.21
C ASN B 859 -31.41 -37.25 19.92
N LEU B 860 -31.51 -38.57 20.00
CA LEU B 860 -31.43 -39.44 18.84
C LEU B 860 -32.78 -40.10 18.60
N ASP B 861 -32.94 -40.66 17.41
CA ASP B 861 -34.17 -41.34 17.07
C ASP B 861 -34.23 -42.64 17.87
N ALA B 862 -35.37 -42.93 18.47
CA ALA B 862 -35.51 -44.15 19.26
C ALA B 862 -35.37 -45.39 18.39
N ASN B 863 -35.92 -45.35 17.18
CA ASN B 863 -35.79 -46.48 16.27
C ASN B 863 -34.33 -46.76 15.95
N LEU B 864 -33.52 -45.70 15.85
CA LEU B 864 -32.10 -45.88 15.56
C LEU B 864 -31.42 -46.70 16.66
N LEU B 865 -31.64 -46.35 17.93
CA LEU B 865 -31.05 -47.14 19.00
C LEU B 865 -31.59 -48.56 19.04
N LEU B 866 -32.89 -48.73 18.83
CA LEU B 866 -33.43 -50.08 18.86
C LEU B 866 -32.79 -50.95 17.77
N GLN B 867 -32.64 -50.41 16.57
CA GLN B 867 -32.07 -51.19 15.49
C GLN B 867 -30.56 -51.39 15.67
N ALA B 868 -29.86 -50.41 16.26
CA ALA B 868 -28.46 -50.63 16.58
C ALA B 868 -28.31 -51.75 17.59
N SER B 869 -29.17 -51.79 18.60
CA SER B 869 -29.11 -52.89 19.57
C SER B 869 -29.39 -54.23 18.91
N ILE B 870 -30.37 -54.29 18.01
CA ILE B 870 -30.67 -55.54 17.32
C ILE B 870 -29.46 -56.00 16.50
N GLN B 871 -28.86 -55.09 15.75
CA GLN B 871 -27.70 -55.45 14.93
C GLN B 871 -26.53 -55.89 15.79
N ALA B 872 -26.30 -55.21 16.91
CA ALA B 872 -25.22 -55.63 17.80
C ALA B 872 -25.46 -57.02 18.36
N GLN B 873 -26.71 -57.33 18.71
CA GLN B 873 -27.02 -58.66 19.22
C GLN B 873 -26.79 -59.73 18.15
N ASN B 874 -27.16 -59.45 16.91
CA ASN B 874 -26.99 -60.46 15.86
C ASN B 874 -25.51 -60.79 15.62
N HIS B 875 -24.63 -59.80 15.62
CA HIS B 875 -23.23 -60.04 15.32
C HIS B 875 -22.47 -60.47 16.57
N GLN B 876 -21.42 -61.23 16.36
CA GLN B 876 -20.57 -61.76 17.44
C GLN B 876 -19.60 -60.69 17.89
N HIS B 877 -19.92 -59.98 18.96
CA HIS B 877 -18.92 -59.18 19.65
C HIS B 877 -18.25 -59.99 20.74
N LEU B 878 -17.09 -59.52 21.18
CA LEU B 878 -16.45 -59.98 22.41
C LEU B 878 -16.19 -58.76 23.29
N PRO B 879 -16.74 -58.73 24.51
CA PRO B 879 -17.66 -59.70 25.12
C PRO B 879 -19.02 -59.72 24.45
N PRO B 880 -19.72 -60.85 24.52
CA PRO B 880 -21.03 -60.96 23.87
C PRO B 880 -22.03 -59.99 24.47
N VAL B 881 -22.96 -59.54 23.62
CA VAL B 881 -24.03 -58.64 24.01
C VAL B 881 -25.34 -59.41 23.98
N THR B 882 -26.06 -59.39 25.09
CA THR B 882 -27.33 -60.09 25.20
C THR B 882 -28.39 -59.11 25.67
N PRO B 883 -29.66 -59.33 25.33
CA PRO B 883 -30.71 -58.37 25.73
C PRO B 883 -30.73 -58.00 27.21
N GLU B 884 -30.41 -58.92 28.11
CA GLU B 884 -30.38 -58.60 29.54
C GLU B 884 -29.13 -57.86 30.01
N ASN B 885 -28.15 -57.61 29.16
CA ASN B 885 -27.05 -56.72 29.54
C ASN B 885 -26.86 -55.57 28.57
N ALA B 886 -27.63 -55.54 27.48
CA ALA B 886 -27.38 -54.59 26.41
C ALA B 886 -27.37 -53.15 26.91
N PHE B 887 -28.21 -52.84 27.89
CA PHE B 887 -28.12 -51.55 28.55
C PHE B 887 -27.81 -51.61 30.04
N SER B 888 -27.59 -52.78 30.62
CA SER B 888 -27.23 -52.82 32.02
C SER B 888 -25.75 -52.53 32.25
N SER B 889 -24.88 -53.09 31.43
CA SER B 889 -23.44 -52.92 31.57
C SER B 889 -22.95 -51.79 30.68
N TRP B 890 -21.89 -51.14 31.11
CA TRP B 890 -21.36 -50.01 30.35
C TRP B 890 -20.73 -50.46 29.06
N THR B 891 -20.16 -51.66 29.04
CA THR B 891 -19.52 -52.15 27.82
C THR B 891 -20.52 -52.30 26.68
N SER B 892 -21.70 -52.84 26.97
CA SER B 892 -22.70 -52.97 25.93
C SER B 892 -23.15 -51.62 25.41
N ILE B 893 -23.32 -50.64 26.30
CA ILE B 893 -23.68 -49.30 25.86
C ILE B 893 -22.60 -48.72 24.97
N ASN B 894 -21.33 -48.93 25.33
CA ASN B 894 -20.26 -48.43 24.50
C ASN B 894 -20.26 -49.06 23.12
N THR B 895 -20.51 -50.36 23.05
CA THR B 895 -20.58 -51.01 21.73
C THR B 895 -21.72 -50.46 20.89
N ILE B 896 -22.90 -50.28 21.50
CA ILE B 896 -24.03 -49.75 20.77
C ILE B 896 -23.76 -48.33 20.29
N LEU B 897 -23.15 -47.50 21.13
CA LEU B 897 -22.84 -46.14 20.73
C LEU B 897 -21.79 -46.11 19.63
N GLN B 898 -20.84 -47.05 19.64
CA GLN B 898 -19.90 -47.11 18.53
C GLN B 898 -20.61 -47.45 17.23
N TRP B 899 -21.57 -48.37 17.27
CA TRP B 899 -22.34 -48.65 16.07
C TRP B 899 -23.04 -47.38 15.57
N VAL B 900 -23.65 -46.64 16.50
CA VAL B 900 -24.38 -45.43 16.12
C VAL B 900 -23.44 -44.38 15.54
N ASN B 901 -22.25 -44.23 16.13
CA ASN B 901 -21.29 -43.24 15.62
C ASN B 901 -20.81 -43.61 14.23
N VAL B 902 -20.57 -44.89 13.98
CA VAL B 902 -20.08 -45.28 12.65
C VAL B 902 -21.18 -45.10 11.62
N ALA B 903 -22.41 -45.47 11.95
CA ALA B 903 -23.55 -45.19 11.09
C ALA B 903 -23.69 -43.72 10.77
N GLN B 904 -23.58 -42.84 11.77
CA GLN B 904 -23.72 -41.42 11.47
C GLN B 904 -22.52 -40.84 10.74
N GLN B 905 -21.32 -41.39 10.92
CA GLN B 905 -20.20 -41.02 10.06
C GLN B 905 -20.45 -41.35 8.60
N LEU B 906 -20.88 -42.57 8.31
CA LEU B 906 -21.22 -42.92 6.94
C LEU B 906 -22.55 -42.34 6.48
N ASN B 907 -23.31 -41.72 7.37
CA ASN B 907 -24.59 -41.13 7.01
C ASN B 907 -25.56 -42.16 6.45
N VAL B 908 -25.54 -43.36 7.04
CA VAL B 908 -26.40 -44.46 6.65
C VAL B 908 -27.00 -45.07 7.91
N ALA B 909 -28.06 -45.85 7.72
CA ALA B 909 -28.67 -46.55 8.83
C ALA B 909 -27.75 -47.67 9.31
N PRO B 910 -27.95 -48.17 10.52
CA PRO B 910 -27.14 -49.31 10.98
C PRO B 910 -27.25 -50.55 10.11
N GLN B 911 -28.35 -50.73 9.38
CA GLN B 911 -28.38 -51.83 8.42
C GLN B 911 -27.31 -51.68 7.35
N GLY B 912 -26.92 -50.44 7.02
CA GLY B 912 -25.82 -50.26 6.10
C GLY B 912 -24.51 -50.81 6.64
N VAL B 913 -24.21 -50.54 7.91
CA VAL B 913 -23.01 -51.10 8.51
C VAL B 913 -23.12 -52.61 8.63
N SER B 914 -24.32 -53.11 8.91
CA SER B 914 -24.52 -54.55 8.96
C SER B 914 -24.23 -55.20 7.63
N ALA B 915 -24.65 -54.57 6.54
CA ALA B 915 -24.31 -55.08 5.21
C ALA B 915 -22.83 -54.96 4.94
N LEU B 916 -22.20 -53.88 5.42
CA LEU B 916 -20.78 -53.70 5.15
C LEU B 916 -19.94 -54.78 5.81
N VAL B 917 -20.18 -55.05 7.09
CA VAL B 917 -19.30 -55.98 7.81
C VAL B 917 -19.44 -57.41 7.33
N GLY B 918 -20.49 -57.73 6.58
CA GLY B 918 -20.65 -59.01 5.89
C GLY B 918 -19.71 -59.23 4.71
N LEU B 919 -19.05 -58.17 4.23
CA LEU B 919 -18.17 -58.25 3.07
C LEU B 919 -16.76 -58.73 3.38
N ASP B 920 -16.63 -59.66 4.33
CA ASP B 920 -15.38 -60.37 4.59
C ASP B 920 -15.07 -61.33 3.44
N TYR B 921 -14.48 -60.77 2.38
CA TYR B 921 -14.12 -61.51 1.17
C TYR B 921 -12.68 -62.03 1.15
N ILE B 922 -11.83 -61.66 2.09
CA ILE B 922 -10.46 -62.16 2.14
C ILE B 922 -10.32 -63.03 3.38
N GLN B 923 -10.98 -64.19 3.36
CA GLN B 923 -10.85 -65.18 4.42
C GLN B 923 -11.41 -66.50 3.90
N SER B 924 -11.08 -67.56 4.61
CA SER B 924 -11.53 -68.91 4.29
C SER B 924 -12.49 -69.48 5.32
N MET B 925 -12.76 -68.74 6.40
CA MET B 925 -13.63 -69.23 7.46
C MET B 925 -15.05 -69.43 6.95
N LYS B 926 -15.53 -68.56 6.08
CA LYS B 926 -16.93 -68.60 5.67
C LYS B 926 -17.07 -68.18 4.21
N GLU B 927 -18.24 -68.49 3.64
CA GLU B 927 -18.51 -68.26 2.22
C GLU B 927 -18.34 -66.81 1.80
N THR B 928 -17.76 -66.62 0.62
CA THR B 928 -17.58 -65.29 0.05
C THR B 928 -18.91 -64.67 -0.35
N PRO B 929 -19.04 -63.36 -0.23
CA PRO B 929 -20.30 -62.69 -0.57
C PRO B 929 -20.60 -62.79 -2.06
N THR B 930 -21.84 -63.18 -2.36
CA THR B 930 -22.28 -63.30 -3.74
C THR B 930 -22.64 -61.92 -4.28
N TYR B 931 -22.64 -61.81 -5.61
CA TYR B 931 -22.78 -60.50 -6.26
C TYR B 931 -24.01 -59.73 -5.81
N ALA B 932 -25.11 -60.39 -5.50
CA ALA B 932 -26.27 -59.64 -5.04
C ALA B 932 -25.99 -58.92 -3.74
N GLN B 933 -25.26 -59.57 -2.83
CA GLN B 933 -24.85 -58.92 -1.58
C GLN B 933 -24.01 -57.68 -1.84
N TRP B 934 -23.06 -57.78 -2.77
CA TRP B 934 -22.21 -56.64 -3.09
C TRP B 934 -23.01 -55.50 -3.67
N GLU B 935 -23.88 -55.79 -4.64
CA GLU B 935 -24.75 -54.76 -5.22
C GLU B 935 -25.66 -54.11 -4.19
N ASN B 936 -26.18 -54.89 -3.24
CA ASN B 936 -26.98 -54.32 -2.16
C ASN B 936 -26.17 -53.37 -1.28
N ALA B 937 -24.96 -53.79 -0.88
CA ALA B 937 -24.12 -52.89 -0.10
C ALA B 937 -23.75 -51.63 -0.87
N ALA B 938 -23.39 -51.77 -2.15
CA ALA B 938 -23.09 -50.61 -2.97
C ALA B 938 -24.25 -49.63 -3.01
N GLY B 939 -25.48 -50.14 -3.17
CA GLY B 939 -26.62 -49.25 -3.24
C GLY B 939 -26.90 -48.55 -1.93
N VAL B 940 -26.83 -49.29 -0.82
CA VAL B 940 -27.08 -48.67 0.48
C VAL B 940 -26.05 -47.60 0.77
N LEU B 941 -24.77 -47.88 0.48
CA LEU B 941 -23.72 -46.90 0.73
C LEU B 941 -23.87 -45.68 -0.18
N THR B 942 -24.27 -45.89 -1.43
CA THR B 942 -24.41 -44.79 -2.37
C THR B 942 -25.58 -43.88 -2.02
N ALA B 943 -26.62 -44.43 -1.41
CA ALA B 943 -27.80 -43.63 -1.10
C ALA B 943 -27.49 -42.45 -0.18
N GLY B 944 -26.42 -42.55 0.61
CA GLY B 944 -26.12 -41.49 1.57
C GLY B 944 -25.38 -40.27 1.04
N LEU B 945 -24.84 -40.33 -0.16
CA LEU B 945 -24.03 -39.24 -0.70
C LEU B 945 -24.90 -38.06 -1.12
N ASN B 946 -24.29 -36.88 -1.15
CA ASN B 946 -24.94 -35.66 -1.64
C ASN B 946 -24.75 -35.52 -3.15
N SER B 947 -25.41 -34.52 -3.73
CA SER B 947 -25.36 -34.30 -5.16
C SER B 947 -23.94 -34.09 -5.71
N GLN B 948 -23.12 -33.30 -5.03
CA GLN B 948 -21.77 -33.05 -5.52
C GLN B 948 -20.90 -34.29 -5.48
N GLN B 949 -20.94 -34.99 -4.36
CA GLN B 949 -20.18 -36.22 -4.22
C GLN B 949 -20.75 -37.31 -5.11
N ALA B 950 -22.06 -37.35 -5.29
CA ALA B 950 -22.62 -38.31 -6.23
C ALA B 950 -22.14 -38.03 -7.65
N ASN B 951 -22.04 -36.76 -8.03
CA ASN B 951 -21.54 -36.42 -9.37
C ASN B 951 -20.11 -36.89 -9.57
N THR B 952 -19.25 -36.68 -8.58
CA THR B 952 -17.87 -37.18 -8.70
C THR B 952 -17.81 -38.71 -8.72
N LEU B 953 -18.59 -39.37 -7.86
CA LEU B 953 -18.60 -40.82 -7.86
C LEU B 953 -19.07 -41.38 -9.19
N HIS B 954 -20.11 -40.79 -9.77
CA HIS B 954 -20.63 -41.28 -11.04
C HIS B 954 -19.62 -41.07 -12.16
N ALA B 955 -18.88 -39.96 -12.14
CA ALA B 955 -17.86 -39.77 -13.17
C ALA B 955 -16.79 -40.86 -13.10
N PHE B 956 -16.33 -41.16 -11.89
CA PHE B 956 -15.31 -42.20 -11.72
C PHE B 956 -15.83 -43.57 -12.17
N LEU B 957 -17.07 -43.90 -11.80
CA LEU B 957 -17.64 -45.17 -12.22
C LEU B 957 -17.77 -45.28 -13.73
N ASP B 958 -18.17 -44.19 -14.40
CA ASP B 958 -18.29 -44.24 -15.84
C ASP B 958 -16.95 -44.49 -16.52
N GLU B 959 -15.89 -43.84 -16.04
CA GLU B 959 -14.58 -44.09 -16.64
C GLU B 959 -14.15 -45.54 -16.48
N SER B 960 -14.29 -46.08 -15.27
CA SER B 960 -13.90 -47.48 -15.06
C SER B 960 -14.70 -48.45 -15.91
N ARG B 961 -16.02 -48.23 -16.00
CA ARG B 961 -16.85 -49.10 -16.83
C ARG B 961 -16.42 -49.04 -18.28
N SER B 962 -16.08 -47.85 -18.77
CA SER B 962 -15.66 -47.74 -20.16
C SER B 962 -14.40 -48.54 -20.41
N ALA B 963 -13.42 -48.47 -19.51
CA ALA B 963 -12.22 -49.27 -19.72
C ALA B 963 -12.54 -50.77 -19.76
N ALA B 964 -13.34 -51.24 -18.81
CA ALA B 964 -13.65 -52.67 -18.78
C ALA B 964 -14.41 -53.12 -20.02
N LEU B 965 -15.42 -52.36 -20.42
CA LEU B 965 -16.21 -52.74 -21.59
C LEU B 965 -15.38 -52.69 -22.87
N SER B 966 -14.51 -51.71 -23.03
CA SER B 966 -13.68 -51.67 -24.22
C SER B 966 -12.78 -52.89 -24.31
N THR B 967 -12.14 -53.26 -23.20
CA THR B 967 -11.28 -54.43 -23.24
C THR B 967 -12.07 -55.69 -23.56
N TYR B 968 -13.23 -55.85 -22.94
CA TYR B 968 -14.03 -57.04 -23.20
C TYR B 968 -14.50 -57.09 -24.64
N TYR B 969 -14.91 -55.95 -25.20
CA TYR B 969 -15.33 -55.91 -26.59
C TYR B 969 -14.19 -56.28 -27.53
N ILE B 970 -12.99 -55.77 -27.29
CA ILE B 970 -11.85 -56.13 -28.13
C ILE B 970 -11.61 -57.63 -28.08
N ARG B 971 -11.65 -58.23 -26.89
CA ARG B 971 -11.35 -59.65 -26.78
C ARG B 971 -12.44 -60.53 -27.37
N GLN B 972 -13.70 -60.14 -27.26
CA GLN B 972 -14.75 -61.14 -27.38
C GLN B 972 -15.82 -60.84 -28.42
N VAL B 973 -15.89 -59.63 -28.97
CA VAL B 973 -17.00 -59.27 -29.86
C VAL B 973 -16.49 -58.75 -31.19
N ALA B 974 -15.32 -58.12 -31.17
CA ALA B 974 -14.71 -57.62 -32.39
C ALA B 974 -14.43 -58.74 -33.38
N LYS B 975 -14.68 -58.47 -34.65
CA LYS B 975 -14.47 -59.46 -35.71
C LYS B 975 -13.00 -59.51 -36.09
N ALA B 976 -12.44 -60.72 -36.04
CA ALA B 976 -11.00 -60.92 -36.21
C ALA B 976 -10.47 -60.41 -37.54
N ALA B 977 -11.31 -60.28 -38.56
CA ALA B 977 -10.86 -59.68 -39.81
C ALA B 977 -10.32 -58.26 -39.60
N ALA B 978 -10.82 -57.54 -38.62
CA ALA B 978 -10.15 -56.35 -38.12
C ALA B 978 -9.21 -56.72 -36.97
N ALA B 979 -7.92 -56.48 -37.17
CA ALA B 979 -6.90 -56.88 -36.21
C ALA B 979 -6.82 -55.87 -35.06
N ILE B 980 -7.92 -55.77 -34.33
CA ILE B 980 -8.04 -54.80 -33.24
C ILE B 980 -7.28 -55.35 -32.04
N LYS B 981 -6.23 -54.65 -31.63
CA LYS B 981 -5.34 -55.15 -30.60
C LYS B 981 -5.33 -54.33 -29.31
N SER B 982 -5.80 -53.09 -29.33
CA SER B 982 -5.77 -52.29 -28.12
C SER B 982 -6.85 -51.23 -28.18
N ARG B 983 -6.90 -50.39 -27.15
CA ARG B 983 -7.97 -49.42 -27.04
C ARG B 983 -7.88 -48.33 -28.10
N ASP B 984 -6.68 -47.92 -28.50
CA ASP B 984 -6.56 -46.94 -29.57
C ASP B 984 -7.04 -47.50 -30.91
N ASP B 985 -6.74 -48.77 -31.16
CA ASP B 985 -7.24 -49.43 -32.36
C ASP B 985 -8.76 -49.49 -32.34
N LEU B 986 -9.34 -49.76 -31.18
CA LEU B 986 -10.78 -49.77 -31.08
C LEU B 986 -11.36 -48.38 -31.30
N TYR B 987 -10.66 -47.34 -30.84
CA TYR B 987 -11.12 -45.99 -31.12
C TYR B 987 -11.11 -45.68 -32.61
N GLN B 988 -10.06 -46.10 -33.31
CA GLN B 988 -10.01 -45.91 -34.75
C GLN B 988 -11.09 -46.71 -35.46
N TYR B 989 -11.43 -47.88 -34.94
CA TYR B 989 -12.42 -48.71 -35.59
C TYR B 989 -13.83 -48.20 -35.34
N LEU B 990 -14.27 -48.17 -34.09
CA LEU B 990 -15.62 -47.75 -33.79
C LEU B 990 -15.83 -46.25 -34.00
N LEU B 991 -14.78 -45.48 -34.23
CA LEU B 991 -14.84 -44.05 -34.47
C LEU B 991 -15.36 -43.25 -33.28
N ILE B 992 -15.39 -43.84 -32.09
CA ILE B 992 -15.91 -43.15 -30.90
C ILE B 992 -14.81 -43.13 -29.86
N ASP B 993 -14.58 -41.98 -29.25
CA ASP B 993 -13.52 -41.87 -28.25
C ASP B 993 -14.01 -42.46 -26.95
N ASN B 994 -13.39 -43.56 -26.53
CA ASN B 994 -13.73 -44.25 -25.28
C ASN B 994 -12.82 -43.90 -24.11
N GLN B 995 -11.61 -43.42 -24.35
CA GLN B 995 -10.72 -43.05 -23.25
C GLN B 995 -10.98 -41.65 -22.72
N VAL B 996 -11.93 -40.92 -23.32
CA VAL B 996 -12.21 -39.56 -22.89
C VAL B 996 -12.80 -39.56 -21.49
N SER B 997 -12.44 -38.54 -20.71
CA SER B 997 -12.97 -38.36 -19.38
C SER B 997 -14.41 -37.88 -19.44
N ALA B 998 -15.14 -38.09 -18.34
CA ALA B 998 -16.55 -37.72 -18.28
C ALA B 998 -16.79 -36.22 -18.22
N ALA B 999 -15.75 -35.42 -18.03
CA ALA B 999 -15.93 -33.97 -17.95
C ALA B 999 -16.43 -33.38 -19.26
N ILE B 1000 -15.93 -33.88 -20.38
CA ILE B 1000 -16.25 -33.33 -21.71
C ILE B 1000 -17.64 -33.77 -22.14
N LYS B 1001 -18.46 -32.79 -22.57
CA LYS B 1001 -19.82 -33.02 -23.02
C LYS B 1001 -20.05 -32.42 -24.39
N THR B 1002 -20.63 -33.21 -25.30
CA THR B 1002 -20.89 -32.77 -26.66
C THR B 1002 -22.27 -33.25 -27.11
N THR B 1003 -22.88 -32.51 -28.04
CA THR B 1003 -24.19 -32.87 -28.55
C THR B 1003 -24.08 -34.13 -29.39
N ARG B 1004 -25.19 -34.84 -29.54
CA ARG B 1004 -25.15 -36.12 -30.26
C ARG B 1004 -24.81 -35.92 -31.73
N ILE B 1005 -25.42 -34.93 -32.39
CA ILE B 1005 -25.17 -34.75 -33.82
C ILE B 1005 -23.74 -34.33 -34.08
N ALA B 1006 -23.19 -33.45 -33.25
CA ALA B 1006 -21.79 -33.06 -33.44
C ALA B 1006 -20.88 -34.26 -33.29
N GLU B 1007 -21.19 -35.15 -32.34
CA GLU B 1007 -20.39 -36.34 -32.17
C GLU B 1007 -20.48 -37.25 -33.38
N ALA B 1008 -21.68 -37.39 -33.97
CA ALA B 1008 -21.81 -38.19 -35.19
C ALA B 1008 -21.02 -37.59 -36.33
N ILE B 1009 -21.03 -36.25 -36.44
CA ILE B 1009 -20.25 -35.57 -37.46
C ILE B 1009 -18.77 -35.88 -37.29
N ALA B 1010 -18.30 -35.85 -36.05
CA ALA B 1010 -16.89 -36.16 -35.80
C ALA B 1010 -16.56 -37.58 -36.23
N SER B 1011 -17.44 -38.53 -35.93
CA SER B 1011 -17.18 -39.90 -36.35
C SER B 1011 -17.09 -40.04 -37.86
N ILE B 1012 -18.02 -39.42 -38.59
CA ILE B 1012 -17.97 -39.53 -40.05
C ILE B 1012 -16.73 -38.87 -40.62
N GLN B 1013 -16.37 -37.70 -40.10
CA GLN B 1013 -15.17 -37.03 -40.60
C GLN B 1013 -13.93 -37.86 -40.36
N LEU B 1014 -13.81 -38.48 -39.19
CA LEU B 1014 -12.65 -39.32 -38.93
C LEU B 1014 -12.61 -40.51 -39.89
N TYR B 1015 -13.76 -41.12 -40.14
CA TYR B 1015 -13.77 -42.25 -41.07
C TYR B 1015 -13.35 -41.84 -42.47
N VAL B 1016 -13.85 -40.71 -42.96
CA VAL B 1016 -13.47 -40.26 -44.31
C VAL B 1016 -12.00 -39.92 -44.36
N ASN B 1017 -11.47 -39.27 -43.33
CA ASN B 1017 -10.05 -38.94 -43.33
C ASN B 1017 -9.21 -40.19 -43.37
N ARG B 1018 -9.59 -41.21 -42.62
CA ARG B 1018 -8.85 -42.47 -42.67
C ARG B 1018 -8.90 -43.10 -44.05
N ALA B 1019 -10.07 -43.03 -44.71
CA ALA B 1019 -10.20 -43.62 -46.04
C ALA B 1019 -9.37 -42.89 -47.11
N LEU B 1020 -9.40 -41.56 -47.12
CA LEU B 1020 -8.73 -40.80 -48.17
C LEU B 1020 -7.22 -41.01 -48.19
N GLU B 1021 -6.59 -41.06 -47.03
CA GLU B 1021 -5.17 -41.33 -46.91
C GLU B 1021 -4.83 -42.80 -47.11
N ASN B 1022 -5.83 -43.61 -47.44
CA ASN B 1022 -5.69 -45.04 -47.72
C ASN B 1022 -5.01 -45.76 -46.55
N VAL B 1023 -5.30 -45.31 -45.34
CA VAL B 1023 -4.85 -46.03 -44.16
C VAL B 1023 -5.63 -47.33 -44.05
N GLU B 1024 -6.91 -47.27 -44.37
CA GLU B 1024 -7.75 -48.44 -44.58
C GLU B 1024 -7.60 -48.94 -46.00
N GLU B 1025 -7.75 -50.27 -46.15
CA GLU B 1025 -7.09 -51.02 -47.22
C GLU B 1025 -7.34 -50.48 -48.63
N ASN B 1026 -8.60 -50.31 -49.04
CA ASN B 1026 -8.83 -49.90 -50.43
C ASN B 1026 -10.18 -49.22 -50.61
N ALA B 1027 -10.15 -47.89 -50.72
CA ALA B 1027 -11.33 -47.12 -51.08
C ALA B 1027 -11.68 -47.30 -52.55
N ASN B 1028 -12.96 -47.18 -52.86
CA ASN B 1028 -13.44 -47.26 -54.25
C ASN B 1028 -12.94 -46.05 -55.02
N SER B 1029 -12.08 -46.29 -56.02
CA SER B 1029 -11.45 -45.21 -56.77
C SER B 1029 -12.48 -44.38 -57.53
N GLY B 1030 -13.62 -44.97 -57.90
CA GLY B 1030 -14.66 -44.17 -58.53
C GLY B 1030 -15.27 -43.13 -57.61
N VAL B 1031 -15.49 -43.50 -56.34
CA VAL B 1031 -16.10 -42.59 -55.38
C VAL B 1031 -15.17 -41.44 -55.02
N ILE B 1032 -13.87 -41.73 -54.90
CA ILE B 1032 -12.90 -40.69 -54.56
C ILE B 1032 -12.83 -39.63 -55.64
N SER B 1033 -12.98 -40.02 -56.90
CA SER B 1033 -12.89 -39.06 -57.99
C SER B 1033 -14.04 -38.05 -58.02
N ARG B 1034 -15.08 -38.21 -57.20
CA ARG B 1034 -16.14 -37.21 -57.17
C ARG B 1034 -15.63 -35.86 -56.67
N GLN B 1035 -16.27 -34.81 -57.20
CA GLN B 1035 -15.93 -33.44 -56.83
C GLN B 1035 -15.97 -33.21 -55.33
N PHE B 1036 -16.89 -33.86 -54.62
CA PHE B 1036 -16.97 -33.68 -53.18
C PHE B 1036 -15.66 -34.02 -52.45
N PHE B 1037 -14.95 -35.03 -52.90
CA PHE B 1037 -13.69 -35.38 -52.27
C PHE B 1037 -12.47 -34.69 -52.86
N ILE B 1038 -12.61 -34.03 -54.00
CA ILE B 1038 -11.56 -33.16 -54.50
C ILE B 1038 -11.56 -31.84 -53.73
N ASP B 1039 -12.74 -31.32 -53.42
CA ASP B 1039 -12.92 -30.16 -52.57
C ASP B 1039 -12.78 -30.46 -51.09
N TRP B 1040 -12.51 -31.71 -50.71
CA TRP B 1040 -12.47 -32.09 -49.31
C TRP B 1040 -11.58 -31.17 -48.48
N ASP B 1041 -10.28 -31.15 -48.79
CA ASP B 1041 -9.28 -30.48 -47.99
C ASP B 1041 -9.45 -28.97 -47.94
N LYS B 1042 -10.11 -28.40 -48.93
CA LYS B 1042 -10.21 -26.96 -49.05
C LYS B 1042 -11.44 -26.44 -48.32
N TYR B 1043 -12.58 -27.11 -48.47
CA TYR B 1043 -13.84 -26.63 -47.94
C TYR B 1043 -14.58 -27.61 -47.04
N ASN B 1044 -14.73 -28.87 -47.46
CA ASN B 1044 -15.77 -29.67 -46.83
C ASN B 1044 -15.31 -30.42 -45.59
N LYS B 1045 -14.03 -30.42 -45.28
CA LYS B 1045 -13.57 -31.20 -44.14
C LYS B 1045 -13.99 -30.58 -42.81
N ARG B 1046 -14.09 -29.27 -42.73
CA ARG B 1046 -14.47 -28.58 -41.52
C ARG B 1046 -15.86 -28.02 -41.69
N TYR B 1047 -16.70 -28.18 -40.67
CA TYR B 1047 -18.09 -27.76 -40.83
C TYR B 1047 -18.18 -26.26 -41.04
N SER B 1048 -17.38 -25.48 -40.32
CA SER B 1048 -17.45 -24.03 -40.48
C SER B 1048 -17.09 -23.59 -41.89
N THR B 1049 -16.06 -24.17 -42.49
CA THR B 1049 -15.72 -23.81 -43.86
C THR B 1049 -16.83 -24.20 -44.83
N TRP B 1050 -17.44 -25.36 -44.63
CA TRP B 1050 -18.53 -25.78 -45.50
C TRP B 1050 -19.71 -24.83 -45.41
N ALA B 1051 -20.08 -24.44 -44.20
CA ALA B 1051 -21.17 -23.49 -44.05
C ALA B 1051 -20.83 -22.15 -44.67
N GLY B 1052 -19.60 -21.67 -44.47
CA GLY B 1052 -19.21 -20.40 -45.07
C GLY B 1052 -19.23 -20.44 -46.59
N VAL B 1053 -18.77 -21.53 -47.19
CA VAL B 1053 -18.80 -21.64 -48.64
C VAL B 1053 -20.23 -21.66 -49.15
N SER B 1054 -21.09 -22.40 -48.47
CA SER B 1054 -22.47 -22.54 -48.93
C SER B 1054 -23.24 -21.22 -48.82
N GLN B 1055 -23.02 -20.46 -47.75
CA GLN B 1055 -23.62 -19.13 -47.69
C GLN B 1055 -22.99 -18.15 -48.67
N LEU B 1056 -21.68 -18.21 -48.89
CA LEU B 1056 -21.06 -17.31 -49.86
C LEU B 1056 -21.58 -17.57 -51.27
N VAL B 1057 -21.98 -18.79 -51.56
CA VAL B 1057 -22.65 -19.05 -52.83
C VAL B 1057 -24.08 -18.54 -52.81
N TYR B 1058 -24.82 -18.82 -51.73
CA TYR B 1058 -26.23 -18.47 -51.69
C TYR B 1058 -26.52 -17.02 -51.29
N TYR B 1059 -25.64 -16.39 -50.51
CA TYR B 1059 -25.84 -15.02 -50.04
C TYR B 1059 -24.59 -14.21 -50.35
N PRO B 1060 -24.40 -13.79 -51.60
CA PRO B 1060 -23.20 -13.03 -51.95
C PRO B 1060 -23.09 -11.70 -51.24
N GLU B 1061 -24.19 -11.02 -50.92
CA GLU B 1061 -24.10 -9.66 -50.42
C GLU B 1061 -23.32 -9.58 -49.12
N ASN B 1062 -23.33 -10.65 -48.34
CA ASN B 1062 -22.63 -10.64 -47.05
C ASN B 1062 -21.12 -10.49 -47.26
N TYR B 1063 -20.57 -11.14 -48.29
CA TYR B 1063 -19.14 -11.20 -48.47
C TYR B 1063 -18.64 -10.26 -49.55
N ILE B 1064 -19.49 -9.40 -50.09
CA ILE B 1064 -19.03 -8.45 -51.09
C ILE B 1064 -18.43 -7.26 -50.36
N ASP B 1065 -17.16 -7.00 -50.60
CA ASP B 1065 -16.45 -5.88 -50.00
C ASP B 1065 -16.01 -5.01 -51.16
N PRO B 1066 -16.49 -3.77 -51.26
CA PRO B 1066 -16.12 -2.93 -52.40
C PRO B 1066 -14.65 -2.63 -52.53
N THR B 1067 -13.89 -2.71 -51.43
CA THR B 1067 -12.49 -2.34 -51.48
C THR B 1067 -11.68 -3.26 -52.38
N MET B 1068 -11.79 -4.57 -52.20
CA MET B 1068 -11.03 -5.52 -53.00
C MET B 1068 -11.95 -6.46 -53.76
N ARG B 1069 -11.61 -6.70 -55.01
CA ARG B 1069 -12.41 -7.52 -55.88
C ARG B 1069 -11.52 -8.20 -56.90
N ILE B 1070 -11.84 -9.45 -57.23
CA ILE B 1070 -11.09 -10.18 -58.25
C ILE B 1070 -11.32 -9.51 -59.59
N GLY B 1071 -10.29 -9.53 -60.44
CA GLY B 1071 -10.46 -8.90 -61.74
C GLY B 1071 -10.57 -7.40 -61.72
N GLN B 1072 -10.03 -6.76 -60.70
CA GLN B 1072 -10.11 -5.31 -60.60
C GLN B 1072 -9.28 -4.69 -61.71
N THR B 1073 -9.85 -3.69 -62.37
CA THR B 1073 -9.12 -2.95 -63.40
C THR B 1073 -8.02 -2.10 -62.78
N LYS B 1074 -6.97 -1.86 -63.57
CA LYS B 1074 -5.79 -1.15 -63.08
C LYS B 1074 -6.09 0.28 -62.67
N MET B 1075 -7.07 0.92 -63.31
CA MET B 1075 -7.39 2.28 -62.92
C MET B 1075 -8.21 2.33 -61.63
N MET B 1076 -9.00 1.30 -61.35
CA MET B 1076 -9.63 1.19 -60.04
C MET B 1076 -8.62 0.88 -58.93
N ASP B 1077 -7.56 0.15 -59.24
CA ASP B 1077 -6.45 0.05 -58.28
C ASP B 1077 -5.68 1.36 -58.12
N ALA B 1078 -5.51 2.15 -59.18
CA ALA B 1078 -5.03 3.52 -58.98
C ALA B 1078 -5.95 4.33 -58.08
N LEU B 1079 -7.26 4.14 -58.24
CA LEU B 1079 -8.22 4.97 -57.50
C LEU B 1079 -8.16 4.66 -56.03
N LEU B 1080 -8.13 3.37 -55.70
CA LEU B 1080 -8.28 3.00 -54.30
C LEU B 1080 -7.11 3.52 -53.50
N GLN B 1081 -5.89 3.25 -53.97
CA GLN B 1081 -4.72 3.73 -53.25
C GLN B 1081 -4.56 5.24 -53.32
N SER B 1082 -5.14 5.90 -54.33
CA SER B 1082 -5.12 7.36 -54.34
C SER B 1082 -6.03 7.95 -53.28
N VAL B 1083 -7.20 7.35 -53.07
CA VAL B 1083 -8.17 7.87 -52.12
C VAL B 1083 -7.92 7.38 -50.69
N SER B 1084 -7.08 6.36 -50.50
CA SER B 1084 -6.83 5.83 -49.16
C SER B 1084 -5.89 6.73 -48.38
N GLN B 1085 -6.44 7.49 -47.45
CA GLN B 1085 -5.69 8.38 -46.57
C GLN B 1085 -6.58 8.73 -45.37
N SER B 1086 -6.00 9.46 -44.42
CA SER B 1086 -6.72 9.79 -43.17
C SER B 1086 -7.80 10.85 -43.39
N GLN B 1087 -7.49 11.89 -44.13
CA GLN B 1087 -8.41 13.00 -44.30
C GLN B 1087 -9.00 12.96 -45.70
N LEU B 1088 -10.32 12.91 -45.76
CA LEU B 1088 -11.05 12.94 -47.01
C LEU B 1088 -11.91 14.18 -46.98
N ASN B 1089 -11.80 15.00 -48.02
CA ASN B 1089 -12.55 16.22 -48.16
C ASN B 1089 -13.26 16.20 -49.50
N ALA B 1090 -14.18 17.14 -49.70
CA ALA B 1090 -14.92 17.15 -50.96
C ALA B 1090 -14.00 17.35 -52.15
N ASP B 1091 -13.05 18.29 -52.04
CA ASP B 1091 -12.14 18.55 -53.15
C ASP B 1091 -11.19 17.37 -53.42
N THR B 1092 -10.68 16.72 -52.38
CA THR B 1092 -9.77 15.60 -52.60
C THR B 1092 -10.46 14.46 -53.33
N VAL B 1093 -11.64 14.07 -52.85
CA VAL B 1093 -12.35 12.97 -53.50
C VAL B 1093 -12.80 13.38 -54.90
N GLU B 1094 -13.18 14.64 -55.10
CA GLU B 1094 -13.55 15.09 -56.43
C GLU B 1094 -12.37 14.99 -57.40
N ASP B 1095 -11.18 15.40 -56.97
CA ASP B 1095 -10.01 15.31 -57.84
C ASP B 1095 -9.63 13.87 -58.11
N ALA B 1096 -9.71 13.01 -57.10
CA ALA B 1096 -9.44 11.60 -57.32
C ALA B 1096 -10.38 11.02 -58.37
N PHE B 1097 -11.65 11.42 -58.32
CA PHE B 1097 -12.60 10.96 -59.33
C PHE B 1097 -12.29 11.53 -60.71
N MET B 1098 -11.94 12.80 -60.82
CA MET B 1098 -11.56 13.34 -62.13
C MET B 1098 -10.31 12.71 -62.70
N SER B 1099 -9.39 12.26 -61.87
CA SER B 1099 -8.25 11.51 -62.43
C SER B 1099 -8.64 10.10 -62.85
N TYR B 1100 -9.51 9.45 -62.08
CA TYR B 1100 -10.04 8.17 -62.53
C TYR B 1100 -10.74 8.32 -63.87
N LEU B 1101 -11.63 9.29 -63.99
CA LEU B 1101 -12.33 9.54 -65.23
C LEU B 1101 -11.39 9.84 -66.39
N THR B 1102 -10.27 10.52 -66.13
CA THR B 1102 -9.29 10.72 -67.20
C THR B 1102 -8.75 9.39 -67.71
N SER B 1103 -8.39 8.50 -66.79
CA SER B 1103 -7.89 7.18 -67.19
C SER B 1103 -8.93 6.41 -67.99
N PHE B 1104 -10.18 6.42 -67.51
CA PHE B 1104 -11.25 5.69 -68.18
C PHE B 1104 -11.47 6.22 -69.59
N GLU B 1105 -11.47 7.53 -69.75
CA GLU B 1105 -11.66 8.12 -71.06
C GLU B 1105 -10.51 7.75 -71.99
N GLN B 1106 -9.28 7.75 -71.49
CA GLN B 1106 -8.16 7.39 -72.35
C GLN B 1106 -8.27 5.95 -72.83
N VAL B 1107 -8.67 5.02 -71.95
CA VAL B 1107 -8.80 3.63 -72.40
C VAL B 1107 -10.07 3.37 -73.19
N ALA B 1108 -11.02 4.29 -73.23
CA ALA B 1108 -12.23 4.05 -74.00
C ALA B 1108 -12.16 4.60 -75.42
N ASN B 1109 -11.37 5.62 -75.69
CA ASN B 1109 -11.32 6.20 -77.02
C ASN B 1109 -10.50 5.40 -78.03
N LEU B 1110 -9.70 4.44 -77.60
CA LEU B 1110 -8.81 3.73 -78.52
C LEU B 1110 -9.58 2.87 -79.52
N LYS B 1111 -8.98 2.72 -80.70
CA LYS B 1111 -9.58 1.98 -81.81
C LYS B 1111 -8.75 0.75 -82.15
N VAL B 1112 -9.43 -0.31 -82.58
CA VAL B 1112 -8.78 -1.54 -82.99
C VAL B 1112 -8.13 -1.40 -84.36
N ILE B 1113 -6.94 -2.00 -84.52
CA ILE B 1113 -6.26 -2.07 -85.80
C ILE B 1113 -6.46 -3.43 -86.45
N SER B 1114 -6.10 -4.49 -85.73
CA SER B 1114 -5.95 -5.79 -86.32
C SER B 1114 -6.28 -6.85 -85.28
N ALA B 1115 -6.53 -8.07 -85.75
CA ALA B 1115 -6.86 -9.15 -84.85
C ALA B 1115 -6.35 -10.46 -85.43
N TYR B 1116 -6.30 -11.47 -84.58
CA TYR B 1116 -5.89 -12.81 -84.92
C TYR B 1116 -6.79 -13.79 -84.21
N HIS B 1117 -7.15 -14.89 -84.86
CA HIS B 1117 -8.02 -15.89 -84.26
C HIS B 1117 -7.18 -17.11 -83.93
N ASP B 1118 -7.15 -17.48 -82.64
CA ASP B 1118 -6.22 -18.47 -82.13
C ASP B 1118 -6.47 -19.88 -82.64
N ASN B 1119 -7.65 -20.19 -83.12
CA ASN B 1119 -7.97 -21.57 -83.44
C ASN B 1119 -8.25 -21.71 -84.93
N ILE B 1120 -7.97 -22.91 -85.44
CA ILE B 1120 -8.24 -23.21 -86.85
C ILE B 1120 -9.72 -23.04 -87.17
N ASN B 1121 -10.61 -23.39 -86.25
CA ASN B 1121 -12.03 -23.26 -86.49
C ASN B 1121 -12.60 -22.12 -85.67
N ASN B 1122 -13.52 -21.37 -86.27
CA ASN B 1122 -14.08 -20.18 -85.63
C ASN B 1122 -14.96 -20.49 -84.42
N ASP B 1123 -15.42 -21.74 -84.29
CA ASP B 1123 -16.34 -22.06 -83.20
C ASP B 1123 -15.68 -21.92 -81.83
N GLN B 1124 -14.45 -22.39 -81.69
CA GLN B 1124 -13.75 -22.34 -80.42
C GLN B 1124 -12.51 -21.45 -80.54
N GLY B 1125 -11.73 -21.41 -79.46
CA GLY B 1125 -10.51 -20.64 -79.44
C GLY B 1125 -10.67 -19.24 -78.90
N LEU B 1126 -9.62 -18.45 -79.07
CA LEU B 1126 -9.56 -17.07 -78.61
C LEU B 1126 -9.24 -16.15 -79.78
N THR B 1127 -9.63 -14.90 -79.64
CA THR B 1127 -9.31 -13.88 -80.62
C THR B 1127 -8.59 -12.75 -79.92
N TYR B 1128 -7.46 -12.33 -80.47
CA TYR B 1128 -6.64 -11.28 -79.89
C TYR B 1128 -6.72 -10.01 -80.70
N PHE B 1129 -7.01 -8.89 -80.04
CA PHE B 1129 -7.13 -7.62 -80.72
C PHE B 1129 -5.97 -6.72 -80.33
N ILE B 1130 -5.63 -5.81 -81.23
CA ILE B 1130 -4.57 -4.82 -81.05
C ILE B 1130 -5.21 -3.47 -81.25
N GLY B 1131 -5.02 -2.56 -80.30
CA GLY B 1131 -5.60 -1.24 -80.41
C GLY B 1131 -4.64 -0.13 -80.10
N LEU B 1132 -4.81 0.97 -80.82
CA LEU B 1132 -3.95 2.14 -80.77
C LEU B 1132 -4.68 3.28 -80.11
N SER B 1133 -4.05 3.91 -79.13
CA SER B 1133 -4.63 5.14 -78.59
C SER B 1133 -4.36 6.29 -79.54
N GLU B 1134 -5.24 7.27 -79.51
CA GLU B 1134 -5.08 8.51 -80.30
C GLU B 1134 -4.01 9.41 -79.68
N THR B 1135 -2.75 9.05 -79.91
CA THR B 1135 -1.63 9.90 -79.53
C THR B 1135 -0.50 9.70 -80.52
N ASP B 1136 0.38 10.70 -80.62
CA ASP B 1136 1.34 10.77 -81.73
C ASP B 1136 2.38 9.66 -81.64
N ALA B 1137 3.11 9.58 -80.53
CA ALA B 1137 3.82 8.35 -80.20
C ALA B 1137 2.85 7.37 -79.57
N GLY B 1138 2.12 6.66 -80.45
CA GLY B 1138 0.99 5.86 -80.03
C GLY B 1138 1.30 4.84 -78.96
N GLU B 1139 0.34 4.52 -78.11
CA GLU B 1139 0.43 3.41 -77.19
C GLU B 1139 -0.49 2.30 -77.67
N TYR B 1140 0.01 1.07 -77.66
CA TYR B 1140 -0.70 -0.07 -78.21
C TYR B 1140 -1.18 -0.99 -77.10
N TYR B 1141 -2.46 -1.32 -77.12
CA TYR B 1141 -3.09 -2.19 -76.13
C TYR B 1141 -3.61 -3.45 -76.78
N TRP B 1142 -3.37 -4.61 -76.16
CA TRP B 1142 -3.84 -5.88 -76.68
C TRP B 1142 -4.96 -6.42 -75.81
N ARG B 1143 -6.04 -6.88 -76.43
CA ARG B 1143 -7.22 -7.40 -75.77
C ARG B 1143 -7.58 -8.76 -76.34
N SER B 1144 -8.05 -9.67 -75.50
CA SER B 1144 -8.38 -11.02 -75.94
C SER B 1144 -9.84 -11.32 -75.63
N VAL B 1145 -10.50 -12.04 -76.54
CA VAL B 1145 -11.89 -12.43 -76.34
C VAL B 1145 -11.98 -13.93 -76.52
N ASP B 1146 -12.96 -14.54 -75.86
CA ASP B 1146 -13.15 -15.98 -75.87
C ASP B 1146 -14.41 -16.39 -76.61
N HIS B 1147 -14.26 -17.27 -77.58
CA HIS B 1147 -15.42 -17.72 -78.36
C HIS B 1147 -16.19 -18.84 -77.70
N SER B 1148 -15.56 -19.63 -76.83
CA SER B 1148 -16.26 -20.73 -76.17
C SER B 1148 -17.39 -20.22 -75.29
N LYS B 1149 -17.15 -19.14 -74.56
CA LYS B 1149 -18.17 -18.58 -73.69
C LYS B 1149 -19.29 -17.90 -74.47
N PHE B 1150 -19.06 -17.58 -75.73
CA PHE B 1150 -20.10 -16.99 -76.55
C PHE B 1150 -21.15 -18.03 -76.92
N ASN B 1151 -22.42 -17.68 -76.73
CA ASN B 1151 -23.52 -18.58 -77.06
C ASN B 1151 -24.79 -17.75 -77.20
N ASP B 1152 -25.77 -18.33 -77.89
CA ASP B 1152 -27.08 -17.71 -78.08
C ASP B 1152 -26.97 -16.36 -78.79
N GLY B 1153 -25.92 -16.17 -79.58
CA GLY B 1153 -25.74 -14.96 -80.35
C GLY B 1153 -25.22 -13.77 -79.60
N LYS B 1154 -24.94 -13.90 -78.30
CA LYS B 1154 -24.44 -12.80 -77.50
C LYS B 1154 -23.22 -13.25 -76.73
N PHE B 1155 -22.14 -12.50 -76.82
CA PHE B 1155 -20.96 -12.80 -76.03
C PHE B 1155 -21.25 -12.54 -74.56
N ALA B 1156 -20.89 -13.48 -73.71
CA ALA B 1156 -21.04 -13.27 -72.28
C ALA B 1156 -20.09 -12.16 -71.87
N ALA B 1157 -20.51 -11.36 -70.89
CA ALA B 1157 -19.71 -10.22 -70.46
C ALA B 1157 -18.36 -10.66 -69.91
N ASN B 1158 -18.34 -11.75 -69.15
CA ASN B 1158 -17.07 -12.23 -68.58
C ASN B 1158 -16.12 -12.81 -69.62
N ALA B 1159 -16.59 -13.10 -70.84
CA ALA B 1159 -15.68 -13.62 -71.85
C ALA B 1159 -14.62 -12.60 -72.25
N TRP B 1160 -14.99 -11.34 -72.38
CA TRP B 1160 -14.06 -10.28 -72.75
C TRP B 1160 -13.02 -10.02 -71.66
N SER B 1161 -11.85 -9.57 -72.07
CA SER B 1161 -10.77 -9.24 -71.14
C SER B 1161 -10.43 -7.75 -71.26
N GLU B 1162 -9.90 -7.19 -70.17
CA GLU B 1162 -9.53 -5.79 -70.16
C GLU B 1162 -8.30 -5.55 -71.01
N TRP B 1163 -8.16 -4.33 -71.52
CA TRP B 1163 -7.00 -3.98 -72.32
C TRP B 1163 -5.74 -4.00 -71.47
N HIS B 1164 -4.64 -4.42 -72.08
CA HIS B 1164 -3.35 -4.49 -71.40
C HIS B 1164 -2.40 -3.62 -72.21
N LYS B 1165 -1.69 -2.74 -71.54
CA LYS B 1165 -0.72 -1.86 -72.18
C LYS B 1165 0.48 -2.67 -72.68
N ILE B 1166 0.99 -2.33 -73.86
CA ILE B 1166 2.19 -2.97 -74.41
C ILE B 1166 3.40 -2.10 -74.12
N ASP B 1167 4.35 -2.67 -73.37
CA ASP B 1167 5.49 -1.93 -72.84
C ASP B 1167 6.59 -1.66 -73.86
N CYS B 1168 6.86 -2.61 -74.76
CA CYS B 1168 7.95 -2.44 -75.73
C CYS B 1168 7.67 -1.27 -76.65
N PRO B 1169 8.68 -0.76 -77.34
CA PRO B 1169 8.43 0.34 -78.30
C PRO B 1169 7.89 -0.20 -79.60
N ILE B 1170 6.86 0.48 -80.10
CA ILE B 1170 6.25 0.18 -81.39
C ILE B 1170 6.24 1.43 -82.25
N ASN B 1171 6.76 1.33 -83.47
CA ASN B 1171 6.80 2.46 -84.39
C ASN B 1171 6.53 1.99 -85.81
N PRO B 1172 5.35 1.47 -86.09
CA PRO B 1172 5.11 0.78 -87.35
C PRO B 1172 4.92 1.74 -88.51
N TYR B 1173 5.17 1.23 -89.70
CA TYR B 1173 4.75 1.88 -90.93
C TYR B 1173 3.25 1.70 -91.17
N LYS B 1174 2.51 2.81 -91.22
CA LYS B 1174 1.10 2.83 -91.62
C LYS B 1174 0.28 1.87 -90.77
N SER B 1175 0.64 1.74 -89.50
CA SER B 1175 -0.05 0.87 -88.57
C SER B 1175 -0.15 -0.56 -89.11
N THR B 1176 0.93 -1.02 -89.73
CA THR B 1176 1.12 -2.41 -90.11
C THR B 1176 1.67 -3.18 -88.91
N ILE B 1177 0.79 -3.51 -87.98
CA ILE B 1177 1.13 -4.39 -86.88
C ILE B 1177 0.09 -5.50 -86.86
N ARG B 1178 0.55 -6.71 -86.67
CA ARG B 1178 -0.30 -7.89 -86.65
C ARG B 1178 0.12 -8.91 -85.62
N PRO B 1179 -0.70 -9.19 -84.61
CA PRO B 1179 -0.33 -10.21 -83.65
C PRO B 1179 -0.34 -11.58 -84.29
N VAL B 1180 0.36 -12.51 -83.65
CA VAL B 1180 0.29 -13.90 -84.03
C VAL B 1180 0.50 -14.71 -82.76
N ILE B 1181 -0.10 -15.90 -82.70
CA ILE B 1181 0.16 -16.86 -81.64
C ILE B 1181 1.08 -17.96 -82.13
N TYR B 1182 2.15 -18.18 -81.39
CA TYR B 1182 3.10 -19.25 -81.65
C TYR B 1182 3.37 -20.04 -80.39
N LYS B 1183 3.24 -21.36 -80.47
CA LYS B 1183 3.46 -22.24 -79.34
C LYS B 1183 2.66 -21.79 -78.12
N SER B 1184 1.44 -21.33 -78.35
CA SER B 1184 0.57 -20.79 -77.31
C SER B 1184 1.12 -19.55 -76.62
N ARG B 1185 2.05 -18.84 -77.26
CA ARG B 1185 2.52 -17.58 -76.72
C ARG B 1185 2.24 -16.48 -77.73
N LEU B 1186 1.93 -15.29 -77.23
CA LEU B 1186 1.64 -14.15 -78.09
C LEU B 1186 2.89 -13.47 -78.64
N TYR B 1187 2.92 -13.27 -79.95
CA TYR B 1187 4.01 -12.61 -80.64
C TYR B 1187 3.45 -11.45 -81.43
N LEU B 1188 4.27 -10.45 -81.68
CA LEU B 1188 3.87 -9.32 -82.51
C LEU B 1188 4.85 -9.23 -83.65
N LEU B 1189 4.34 -9.16 -84.85
CA LEU B 1189 5.11 -8.72 -86.01
C LEU B 1189 4.63 -7.33 -86.32
N TRP B 1190 5.56 -6.41 -86.50
CA TRP B 1190 5.21 -5.16 -87.12
C TRP B 1190 6.32 -4.76 -88.05
N LEU B 1191 5.95 -4.04 -89.09
CA LEU B 1191 6.91 -3.59 -90.07
C LEU B 1191 7.26 -2.16 -89.68
N GLU B 1192 8.52 -1.92 -89.40
CA GLU B 1192 9.05 -0.58 -89.31
C GLU B 1192 9.61 -0.14 -90.64
N GLN B 1193 9.60 1.15 -90.88
CA GLN B 1193 10.17 1.72 -92.09
C GLN B 1193 11.01 2.93 -91.75
N LYS B 1194 12.13 3.06 -92.45
CA LYS B 1194 13.14 4.08 -92.19
C LYS B 1194 13.55 4.67 -93.52
N GLU B 1195 14.16 5.84 -93.46
CA GLU B 1195 14.43 6.63 -94.66
C GLU B 1195 15.91 6.92 -94.78
N ILE B 1196 16.48 6.62 -95.94
CA ILE B 1196 17.91 6.67 -96.17
C ILE B 1196 18.15 7.30 -97.54
N THR B 1197 19.39 7.66 -97.79
CA THR B 1197 19.76 8.58 -98.85
C THR B 1197 20.68 7.90 -99.84
N LYS B 1198 20.62 8.33 -101.09
CA LYS B 1198 21.41 7.73 -102.16
C LYS B 1198 22.03 8.85 -102.98
N GLN B 1199 23.21 8.58 -103.55
CA GLN B 1199 23.96 9.54 -104.34
C GLN B 1199 23.82 9.22 -105.81
N THR B 1200 23.35 10.18 -106.60
CA THR B 1200 23.05 9.98 -108.01
C THR B 1200 23.19 11.31 -108.76
N TYR B 1207 26.42 13.80 -108.71
CA TYR B 1207 26.49 13.83 -107.26
C TYR B 1207 25.15 14.24 -106.65
N GLN B 1208 24.14 14.38 -107.50
CA GLN B 1208 22.81 14.75 -107.01
C GLN B 1208 22.32 13.75 -105.97
N THR B 1209 21.64 14.28 -104.96
CA THR B 1209 21.28 13.51 -103.77
C THR B 1209 19.82 13.10 -103.83
N GLU B 1210 19.53 11.86 -103.46
CA GLU B 1210 18.24 11.24 -103.75
C GLU B 1210 17.85 10.43 -102.53
N THR B 1211 16.57 10.06 -102.44
CA THR B 1211 16.10 9.36 -101.24
C THR B 1211 15.32 8.10 -101.58
N ASP B 1212 15.31 7.20 -100.61
CA ASP B 1212 14.71 5.87 -100.74
C ASP B 1212 14.54 5.32 -99.33
N TYR B 1213 13.78 4.25 -99.21
CA TYR B 1213 13.43 3.75 -97.89
C TYR B 1213 14.03 2.36 -97.70
N ARG B 1214 14.02 1.92 -96.46
CA ARG B 1214 14.33 0.54 -96.13
C ARG B 1214 13.40 0.05 -95.03
N TYR B 1215 13.12 -1.26 -95.04
CA TYR B 1215 12.06 -1.85 -94.24
C TYR B 1215 12.64 -2.95 -93.40
N GLU B 1216 12.24 -2.99 -92.14
CA GLU B 1216 12.77 -3.93 -91.15
C GLU B 1216 11.60 -4.55 -90.39
N LEU B 1217 11.28 -5.79 -90.72
CA LEU B 1217 10.32 -6.55 -89.94
C LEU B 1217 10.88 -6.87 -88.56
N LYS B 1218 10.10 -6.61 -87.51
CA LYS B 1218 10.50 -6.83 -86.13
C LYS B 1218 9.52 -7.74 -85.43
N LEU B 1219 10.04 -8.70 -84.69
CA LEU B 1219 9.25 -9.65 -83.90
C LEU B 1219 9.50 -9.47 -82.41
N ALA B 1220 8.43 -9.39 -81.60
CA ALA B 1220 8.56 -9.39 -80.15
C ALA B 1220 7.63 -10.45 -79.57
N HIS B 1221 7.85 -10.82 -78.31
CA HIS B 1221 6.91 -11.70 -77.62
C HIS B 1221 6.76 -11.36 -76.16
N ILE B 1222 5.60 -11.71 -75.58
CA ILE B 1222 5.33 -11.55 -74.16
C ILE B 1222 6.00 -12.63 -73.31
N ARG B 1223 6.36 -12.24 -72.09
CA ARG B 1223 6.90 -13.13 -71.06
C ARG B 1223 5.81 -13.50 -70.05
N TYR B 1224 6.13 -14.46 -69.20
CA TYR B 1224 5.18 -14.92 -68.19
C TYR B 1224 4.72 -13.81 -67.25
N ASP B 1225 5.57 -12.84 -66.93
CA ASP B 1225 5.16 -11.75 -66.06
C ASP B 1225 4.49 -10.60 -66.81
N GLY B 1226 4.13 -10.80 -68.07
CA GLY B 1226 3.44 -9.77 -68.81
C GLY B 1226 4.32 -8.65 -69.31
N THR B 1227 5.62 -8.70 -69.07
CA THR B 1227 6.51 -7.81 -69.78
C THR B 1227 6.79 -8.35 -71.17
N TRP B 1228 7.34 -7.49 -72.01
CA TRP B 1228 7.57 -7.77 -73.42
C TRP B 1228 9.06 -7.88 -73.69
N ASN B 1229 9.46 -8.92 -74.40
CA ASN B 1229 10.86 -9.07 -74.76
C ASN B 1229 11.27 -8.04 -75.81
N THR B 1230 12.57 -7.81 -75.91
CA THR B 1230 13.11 -6.81 -76.84
C THR B 1230 12.88 -7.24 -78.29
N PRO B 1231 12.42 -6.35 -79.16
CA PRO B 1231 12.17 -6.70 -80.56
C PRO B 1231 13.42 -7.08 -81.34
N ILE B 1232 13.32 -8.17 -82.10
CA ILE B 1232 14.44 -8.75 -82.85
C ILE B 1232 14.28 -8.39 -84.31
N THR B 1233 15.26 -7.72 -84.90
CA THR B 1233 15.14 -7.23 -86.26
C THR B 1233 15.36 -8.33 -87.29
N PHE B 1234 14.55 -8.34 -88.34
CA PHE B 1234 14.71 -9.24 -89.48
C PHE B 1234 14.78 -8.43 -90.78
N ASP B 1235 15.80 -8.68 -91.59
CA ASP B 1235 16.00 -7.88 -92.80
C ASP B 1235 15.06 -8.35 -93.90
N VAL B 1236 14.16 -7.47 -94.35
CA VAL B 1236 13.17 -7.78 -95.38
C VAL B 1236 13.34 -6.95 -96.65
N ASN B 1237 14.43 -6.18 -96.77
CA ASN B 1237 14.55 -5.28 -97.92
C ASN B 1237 14.47 -5.99 -99.27
N LYS B 1238 15.11 -7.15 -99.41
CA LYS B 1238 14.97 -7.92 -100.64
C LYS B 1238 13.51 -8.28 -100.92
N LYS B 1239 12.83 -8.82 -99.92
CA LYS B 1239 11.48 -9.35 -100.14
C LYS B 1239 10.48 -8.25 -100.46
N ILE B 1240 10.60 -7.09 -99.81
CA ILE B 1240 9.74 -5.95 -100.12
C ILE B 1240 10.11 -5.36 -101.47
N SER B 1241 11.40 -5.26 -101.77
CA SER B 1241 11.81 -4.72 -103.06
C SER B 1241 11.33 -5.58 -104.21
N GLU B 1242 11.17 -6.89 -103.99
CA GLU B 1242 10.50 -7.75 -104.96
C GLU B 1242 9.03 -7.39 -105.14
N LEU B 1243 8.36 -6.95 -104.08
CA LEU B 1243 7.00 -6.41 -104.17
C LEU B 1243 7.06 -5.00 -104.73
N LYS B 1244 6.62 -4.82 -105.97
CA LYS B 1244 6.56 -3.49 -106.57
C LYS B 1244 5.38 -2.73 -105.95
N LEU B 1245 5.61 -2.21 -104.75
CA LEU B 1245 4.58 -1.44 -104.07
C LEU B 1245 4.32 -0.12 -104.79
N GLU B 1246 3.07 0.32 -104.74
CA GLU B 1246 2.78 1.71 -104.99
C GLU B 1246 3.45 2.60 -103.95
N LYS B 1247 3.60 3.88 -104.30
CA LYS B 1247 4.13 4.85 -103.35
C LYS B 1247 3.19 4.98 -102.15
N ASN B 1248 3.80 5.02 -100.96
CA ASN B 1248 3.11 5.15 -99.67
C ASN B 1248 1.98 4.12 -99.51
N ARG B 1249 2.25 2.90 -99.95
CA ARG B 1249 1.30 1.80 -99.80
C ARG B 1249 1.90 0.77 -98.86
N ALA B 1250 1.10 0.31 -97.90
CA ALA B 1250 1.63 -0.69 -96.98
C ALA B 1250 1.56 -2.07 -97.63
N PRO B 1251 2.64 -2.82 -97.66
CA PRO B 1251 2.60 -4.16 -98.25
C PRO B 1251 1.62 -5.02 -97.47
N GLY B 1252 0.90 -5.88 -98.17
CA GLY B 1252 0.05 -6.83 -97.49
C GLY B 1252 0.90 -7.82 -96.74
N LEU B 1253 0.77 -7.86 -95.42
CA LEU B 1253 1.53 -8.72 -94.53
C LEU B 1253 0.60 -9.77 -93.98
N TYR B 1254 0.95 -11.03 -94.17
CA TYR B 1254 0.13 -12.14 -93.68
C TYR B 1254 0.95 -12.93 -92.67
N CYS B 1255 0.39 -13.09 -91.48
CA CYS B 1255 1.04 -13.79 -90.39
C CYS B 1255 0.14 -14.91 -89.91
N ALA B 1256 0.69 -16.10 -89.78
CA ALA B 1256 -0.09 -17.25 -89.33
C ALA B 1256 0.85 -18.27 -88.72
N GLY B 1257 0.39 -18.95 -87.68
CA GLY B 1257 1.20 -19.91 -86.96
C GLY B 1257 0.83 -21.28 -87.48
N TYR B 1258 1.84 -22.09 -87.76
CA TYR B 1258 1.63 -23.37 -88.44
C TYR B 1258 1.25 -24.40 -87.39
N GLN B 1259 0.20 -25.16 -87.67
CA GLN B 1259 -0.11 -26.36 -86.92
C GLN B 1259 0.96 -27.44 -87.09
N GLY B 1260 1.30 -28.09 -85.98
CA GLY B 1260 2.33 -29.11 -85.96
C GLY B 1260 3.73 -28.55 -85.88
N GLU B 1261 4.31 -28.16 -87.02
CA GLU B 1261 5.63 -27.57 -87.01
C GLU B 1261 5.60 -26.25 -86.28
N ASP B 1262 6.59 -26.04 -85.42
CA ASP B 1262 6.77 -24.78 -84.73
C ASP B 1262 7.62 -23.90 -85.65
N THR B 1263 6.91 -23.22 -86.56
CA THR B 1263 7.42 -22.18 -87.44
C THR B 1263 6.41 -21.06 -87.49
N LEU B 1264 6.88 -19.81 -87.48
CA LEU B 1264 6.03 -18.70 -87.89
C LEU B 1264 6.04 -18.57 -89.41
N LEU B 1265 4.88 -18.70 -90.06
CA LEU B 1265 4.76 -18.29 -91.45
C LEU B 1265 4.59 -16.78 -91.52
N VAL B 1266 5.52 -16.11 -92.17
CA VAL B 1266 5.40 -14.68 -92.46
C VAL B 1266 5.42 -14.53 -93.96
N MET B 1267 4.36 -13.97 -94.53
CA MET B 1267 4.25 -13.84 -95.96
C MET B 1267 3.94 -12.39 -96.28
N PHE B 1268 4.56 -11.87 -97.33
CA PHE B 1268 4.23 -10.57 -97.88
C PHE B 1268 3.55 -10.69 -99.23
N TYR B 1269 2.45 -9.99 -99.40
CA TYR B 1269 1.65 -10.07 -100.61
C TYR B 1269 1.31 -8.67 -101.06
N ASN B 1270 1.09 -8.52 -102.35
CA ASN B 1270 0.72 -7.22 -102.90
C ASN B 1270 -0.77 -7.01 -102.68
N GLN B 1271 -1.15 -5.78 -102.39
CA GLN B 1271 -2.55 -5.50 -102.11
C GLN B 1271 -3.40 -5.62 -103.37
N GLN B 1272 -4.51 -6.36 -103.27
CA GLN B 1272 -5.45 -6.47 -104.38
C GLN B 1272 -6.87 -6.36 -103.85
N ASP B 1273 -7.75 -5.87 -104.72
CA ASP B 1273 -9.13 -5.58 -104.35
C ASP B 1273 -10.00 -6.83 -104.20
N THR B 1274 -9.62 -7.95 -104.78
CA THR B 1274 -10.44 -9.14 -104.77
C THR B 1274 -9.63 -10.38 -104.42
N LEU B 1275 -10.28 -11.33 -103.76
CA LEU B 1275 -9.66 -12.63 -103.51
C LEU B 1275 -9.28 -13.33 -104.81
N ASP B 1276 -10.09 -13.15 -105.86
CA ASP B 1276 -9.79 -13.73 -107.16
C ASP B 1276 -8.42 -13.30 -107.70
N SER B 1277 -7.92 -12.16 -107.27
CA SER B 1277 -6.60 -11.70 -107.71
C SER B 1277 -5.47 -12.31 -106.88
N TYR B 1278 -5.73 -12.56 -105.60
CA TYR B 1278 -4.74 -13.24 -104.76
C TYR B 1278 -4.45 -14.66 -105.23
N LYS B 1279 -5.36 -15.25 -106.02
CA LYS B 1279 -5.16 -16.61 -106.52
C LYS B 1279 -3.84 -16.77 -107.25
N ASN B 1280 -3.29 -15.69 -107.82
CA ASN B 1280 -2.00 -15.74 -108.51
C ASN B 1280 -1.02 -14.68 -108.03
N ALA B 1281 -1.25 -14.07 -106.87
CA ALA B 1281 -0.33 -13.07 -106.36
C ALA B 1281 1.04 -13.68 -106.11
N SER B 1282 2.10 -12.93 -106.43
CA SER B 1282 3.46 -13.36 -106.17
C SER B 1282 3.82 -13.27 -104.70
N MET B 1283 3.50 -14.32 -103.94
CA MET B 1283 3.63 -14.30 -102.49
C MET B 1283 5.11 -14.31 -102.11
N GLN B 1284 5.58 -13.22 -101.52
CA GLN B 1284 6.86 -13.25 -100.82
C GLN B 1284 6.63 -13.77 -99.40
N GLY B 1285 7.65 -14.45 -98.87
CA GLY B 1285 7.68 -14.61 -97.43
C GLY B 1285 8.98 -15.21 -96.93
N LEU B 1286 8.99 -15.50 -95.64
CA LEU B 1286 10.11 -16.14 -94.97
C LEU B 1286 9.60 -16.99 -93.81
N TYR B 1287 10.36 -18.04 -93.48
CA TYR B 1287 10.13 -18.84 -92.28
C TYR B 1287 10.83 -18.23 -91.07
N ILE B 1288 10.14 -18.25 -89.93
CA ILE B 1288 10.74 -17.87 -88.65
C ILE B 1288 10.52 -18.98 -87.63
N PHE B 1289 11.59 -19.41 -86.99
CA PHE B 1289 11.62 -20.58 -86.13
C PHE B 1289 11.64 -20.13 -84.67
N ALA B 1290 11.49 -21.12 -83.76
CA ALA B 1290 11.30 -20.82 -82.35
C ALA B 1290 12.47 -20.04 -81.76
N ASP B 1291 13.70 -20.44 -82.13
CA ASP B 1291 14.90 -19.68 -81.78
C ASP B 1291 15.05 -18.36 -82.53
N MET B 1292 14.07 -17.95 -83.33
CA MET B 1292 14.11 -16.71 -84.10
C MET B 1292 15.24 -16.67 -85.12
N ALA B 1293 15.74 -17.83 -85.54
CA ALA B 1293 16.39 -17.95 -86.83
C ALA B 1293 15.35 -17.81 -87.94
N SER B 1294 15.81 -17.61 -89.16
CA SER B 1294 14.88 -17.55 -90.27
C SER B 1294 15.45 -18.27 -91.48
N LYS B 1295 14.56 -18.52 -92.45
CA LYS B 1295 14.90 -19.01 -93.77
C LYS B 1295 13.94 -18.38 -94.76
N ASP B 1296 14.36 -18.30 -96.02
CA ASP B 1296 13.45 -17.81 -97.03
C ASP B 1296 12.42 -18.88 -97.38
N MET B 1297 11.32 -18.44 -97.98
CA MET B 1297 10.41 -19.35 -98.67
C MET B 1297 10.94 -19.72 -100.04
N CYS B 1298 10.79 -20.99 -100.40
CA CYS B 1298 10.83 -21.36 -101.80
C CYS B 1298 9.53 -20.93 -102.48
N PRO B 1299 9.59 -20.46 -103.72
CA PRO B 1299 8.36 -20.16 -104.47
C PRO B 1299 7.34 -21.28 -104.47
N GLU B 1300 7.80 -22.52 -104.63
CA GLU B 1300 6.90 -23.67 -104.61
C GLU B 1300 6.16 -23.81 -103.28
N GLN B 1301 6.85 -23.58 -102.15
CA GLN B 1301 6.13 -23.61 -100.88
C GLN B 1301 5.16 -22.45 -100.79
N SER B 1302 5.57 -21.28 -101.28
CA SER B 1302 4.72 -20.11 -101.13
C SER B 1302 3.43 -20.26 -101.91
N ASN B 1303 3.49 -20.91 -103.08
CA ASN B 1303 2.28 -21.12 -103.87
C ASN B 1303 1.27 -21.97 -103.10
N VAL B 1304 1.75 -22.97 -102.37
CA VAL B 1304 0.88 -23.82 -101.57
C VAL B 1304 0.27 -23.05 -100.41
N TYR B 1305 1.11 -22.37 -99.64
CA TYR B 1305 0.63 -21.53 -98.55
C TYR B 1305 -0.34 -20.45 -99.03
N ARG B 1306 -0.13 -19.94 -100.24
CA ARG B 1306 -1.06 -19.00 -100.85
C ARG B 1306 -2.39 -19.68 -101.15
N ASP B 1307 -2.37 -20.71 -101.98
CA ASP B 1307 -3.63 -21.30 -102.43
C ASP B 1307 -4.44 -21.87 -101.27
N ASN B 1308 -3.80 -22.24 -100.16
CA ASN B 1308 -4.57 -22.52 -98.94
C ASN B 1308 -5.07 -21.26 -98.23
N SER B 1309 -4.21 -20.28 -97.95
CA SER B 1309 -4.56 -19.18 -97.06
C SER B 1309 -5.25 -17.98 -97.71
N TYR B 1310 -5.32 -17.92 -99.04
CA TYR B 1310 -5.64 -16.66 -99.71
C TYR B 1310 -6.95 -16.02 -99.26
N GLN B 1311 -7.89 -16.80 -98.73
CA GLN B 1311 -9.14 -16.18 -98.29
C GLN B 1311 -8.93 -15.27 -97.08
N GLN B 1312 -7.83 -15.45 -96.37
CA GLN B 1312 -7.45 -14.69 -95.19
C GLN B 1312 -6.76 -13.36 -95.53
N PHE B 1313 -6.39 -13.14 -96.78
CA PHE B 1313 -5.69 -11.91 -97.13
C PHE B 1313 -6.63 -10.70 -97.12
N ASP B 1314 -6.15 -9.62 -96.52
CA ASP B 1314 -6.92 -8.39 -96.33
C ASP B 1314 -6.96 -7.61 -97.63
N THR B 1315 -8.11 -7.54 -98.28
CA THR B 1315 -8.21 -6.67 -99.45
C THR B 1315 -8.21 -5.20 -99.04
N ASN B 1316 -8.06 -4.34 -100.05
CA ASN B 1316 -8.05 -2.88 -99.86
C ASN B 1316 -9.34 -2.32 -99.28
N ASN B 1317 -10.44 -3.08 -99.29
CA ASN B 1317 -11.73 -2.61 -98.82
C ASN B 1317 -12.00 -2.95 -97.37
N VAL B 1318 -11.51 -4.10 -96.93
CA VAL B 1318 -11.96 -4.74 -95.69
C VAL B 1318 -10.78 -5.50 -95.08
N ARG B 1319 -10.68 -5.44 -93.77
CA ARG B 1319 -9.64 -6.14 -93.04
C ARG B 1319 -10.22 -7.41 -92.44
N ARG B 1320 -9.58 -8.53 -92.73
CA ARG B 1320 -9.90 -9.86 -92.25
C ARG B 1320 -9.04 -10.24 -91.07
N VAL B 1321 -9.49 -11.27 -90.37
CA VAL B 1321 -8.77 -11.88 -89.25
C VAL B 1321 -8.14 -13.17 -89.75
N ASN B 1322 -6.88 -13.40 -89.37
CA ASN B 1322 -6.21 -14.64 -89.72
C ASN B 1322 -6.56 -15.77 -88.77
N ASN B 1323 -6.64 -16.98 -89.31
CA ASN B 1323 -6.64 -18.21 -88.51
C ASN B 1323 -5.24 -18.82 -88.45
N ARG B 1324 -5.05 -19.71 -87.49
CA ARG B 1324 -3.95 -20.67 -87.58
C ARG B 1324 -3.97 -21.40 -88.91
N TYR B 1325 -2.78 -21.70 -89.42
CA TYR B 1325 -2.67 -22.26 -90.76
C TYR B 1325 -3.32 -23.63 -90.81
N ALA B 1326 -3.89 -23.96 -91.96
CA ALA B 1326 -4.55 -25.25 -92.15
C ALA B 1326 -4.08 -25.87 -93.45
N GLU B 1327 -4.11 -27.20 -93.48
CA GLU B 1327 -3.70 -27.96 -94.66
C GLU B 1327 -4.69 -29.07 -94.98
N ASP B 1600 -18.74 -19.63 -93.58
CA ASP B 1600 -17.35 -20.07 -93.50
C ASP B 1600 -16.40 -18.98 -93.99
N ASN B 1601 -16.94 -17.78 -94.19
CA ASN B 1601 -16.09 -16.60 -94.26
C ASN B 1601 -15.29 -16.45 -92.96
N ALA B 1602 -14.14 -15.81 -93.08
CA ALA B 1602 -13.37 -15.45 -91.90
C ALA B 1602 -14.05 -14.36 -91.09
N LEU B 1603 -13.67 -14.30 -89.81
CA LEU B 1603 -13.95 -13.15 -88.98
C LEU B 1603 -13.45 -11.88 -89.66
N THR B 1604 -14.10 -10.76 -89.39
CA THR B 1604 -13.83 -9.57 -90.17
C THR B 1604 -14.03 -8.34 -89.30
N LEU B 1605 -13.26 -7.30 -89.56
CA LEU B 1605 -13.37 -6.02 -88.87
C LEU B 1605 -13.78 -4.96 -89.85
N HIS B 1606 -14.92 -4.33 -89.63
CA HIS B 1606 -15.32 -3.20 -90.45
C HIS B 1606 -15.27 -1.94 -89.62
N HIS B 1607 -14.71 -0.88 -90.20
CA HIS B 1607 -14.72 0.44 -89.57
C HIS B 1607 -15.83 1.25 -90.24
N ASN B 1608 -16.98 1.31 -89.61
CA ASN B 1608 -18.09 2.00 -90.25
C ASN B 1608 -17.83 3.50 -90.27
N GLU B 1609 -18.48 4.19 -91.22
CA GLU B 1609 -18.27 5.62 -91.37
C GLU B 1609 -18.80 6.42 -90.17
N ASN B 1610 -19.84 5.93 -89.50
CA ASN B 1610 -20.35 6.65 -88.34
C ASN B 1610 -19.44 6.51 -87.13
N GLY B 1611 -18.43 5.66 -87.20
CA GLY B 1611 -17.49 5.46 -86.12
C GLY B 1611 -17.65 4.17 -85.35
N ALA B 1612 -18.72 3.41 -85.56
CA ALA B 1612 -18.81 2.10 -84.94
C ALA B 1612 -17.82 1.16 -85.59
N GLN B 1613 -16.99 0.53 -84.78
CA GLN B 1613 -16.25 -0.66 -85.20
C GLN B 1613 -16.96 -1.91 -84.76
N TYR B 1614 -17.12 -2.84 -85.69
CA TYR B 1614 -17.85 -4.06 -85.41
C TYR B 1614 -17.18 -5.24 -86.07
N MET B 1615 -17.11 -6.35 -85.35
CA MET B 1615 -16.60 -7.59 -85.89
C MET B 1615 -17.76 -8.37 -86.49
N GLN B 1616 -17.49 -9.07 -87.58
CA GLN B 1616 -18.51 -9.86 -88.24
C GLN B 1616 -17.98 -11.22 -88.64
N TRP B 1617 -18.83 -12.24 -88.56
CA TRP B 1617 -18.51 -13.49 -89.24
C TRP B 1617 -19.75 -14.26 -89.67
N GLN B 1618 -20.93 -13.87 -89.21
CA GLN B 1618 -22.13 -14.47 -89.76
C GLN B 1618 -23.17 -13.38 -89.97
N SER B 1619 -24.42 -13.67 -89.60
CA SER B 1619 -25.31 -12.61 -89.18
C SER B 1619 -24.73 -11.85 -88.00
N TYR B 1620 -24.10 -12.56 -87.08
CA TYR B 1620 -23.60 -11.98 -85.86
C TYR B 1620 -22.70 -10.79 -86.10
N ARG B 1621 -23.00 -9.68 -85.42
CA ARG B 1621 -22.10 -8.54 -85.37
C ARG B 1621 -21.93 -8.13 -83.92
N THR B 1622 -20.73 -7.64 -83.61
CA THR B 1622 -20.35 -7.37 -82.24
C THR B 1622 -19.66 -6.03 -82.20
N ARG B 1623 -20.03 -5.18 -81.25
CA ARG B 1623 -19.34 -3.92 -81.14
C ARG B 1623 -18.01 -4.12 -80.42
N LEU B 1624 -17.01 -3.33 -80.80
CA LEU B 1624 -15.69 -3.42 -80.20
C LEU B 1624 -15.35 -2.18 -79.40
N ASN B 1625 -15.40 -1.01 -80.02
CA ASN B 1625 -15.14 0.24 -79.32
C ASN B 1625 -16.45 0.91 -78.97
N THR B 1626 -16.37 1.90 -78.12
CA THR B 1626 -17.55 2.64 -77.68
C THR B 1626 -17.27 4.11 -77.83
N LEU B 1627 -18.22 4.83 -78.41
CA LEU B 1627 -18.13 6.27 -78.55
C LEU B 1627 -18.75 7.00 -77.38
N PHE B 1628 -18.95 6.30 -76.27
CA PHE B 1628 -19.48 6.92 -75.06
C PHE B 1628 -18.57 8.01 -74.54
N ALA B 1629 -17.29 7.70 -74.37
CA ALA B 1629 -16.34 8.64 -73.79
C ALA B 1629 -16.16 9.89 -74.63
N ARG B 1630 -16.46 9.84 -75.91
CA ARG B 1630 -16.33 11.03 -76.74
C ARG B 1630 -17.54 11.95 -76.63
N GLN B 1631 -18.71 11.39 -76.33
CA GLN B 1631 -19.93 12.13 -76.01
C GLN B 1631 -20.02 12.59 -74.55
N LEU B 1632 -19.29 11.96 -73.64
CA LEU B 1632 -19.34 12.34 -72.23
C LEU B 1632 -18.85 13.74 -71.91
N VAL B 1633 -18.03 14.37 -72.75
CA VAL B 1633 -17.39 15.63 -72.35
C VAL B 1633 -18.40 16.72 -72.04
N ALA B 1634 -19.48 16.81 -72.81
CA ALA B 1634 -20.54 17.76 -72.49
C ALA B 1634 -21.13 17.53 -71.10
N ARG B 1635 -21.34 16.27 -70.73
CA ARG B 1635 -21.87 15.96 -69.41
C ARG B 1635 -20.86 16.28 -68.32
N ALA B 1636 -19.57 16.06 -68.60
CA ALA B 1636 -18.53 16.29 -67.62
C ALA B 1636 -18.27 17.76 -67.34
N THR B 1637 -18.61 18.65 -68.26
CA THR B 1637 -18.36 20.07 -68.00
C THR B 1637 -19.10 20.60 -66.77
N THR B 1638 -20.20 19.98 -66.34
CA THR B 1638 -20.90 20.40 -65.13
C THR B 1638 -20.64 19.51 -63.91
N GLY B 1639 -19.68 18.61 -63.97
CA GLY B 1639 -19.21 17.93 -62.78
C GLY B 1639 -19.91 16.64 -62.38
N ILE B 1640 -19.42 16.11 -61.26
CA ILE B 1640 -19.72 14.75 -60.80
C ILE B 1640 -21.22 14.46 -60.74
N ASP B 1641 -22.02 15.39 -60.24
CA ASP B 1641 -23.45 15.15 -60.12
C ASP B 1641 -24.10 14.85 -61.45
N THR B 1642 -23.56 15.40 -62.53
CA THR B 1642 -24.08 15.18 -63.88
C THR B 1642 -23.50 13.93 -64.54
N ILE B 1643 -22.22 13.61 -64.31
CA ILE B 1643 -21.67 12.36 -64.83
C ILE B 1643 -22.54 11.17 -64.46
N LEU B 1644 -22.85 11.01 -63.17
CA LEU B 1644 -23.47 9.78 -62.70
C LEU B 1644 -24.96 9.69 -62.98
N SER B 1645 -25.59 10.80 -63.37
CA SER B 1645 -27.04 10.83 -63.51
C SER B 1645 -27.55 9.84 -64.54
N MET B 1646 -28.83 9.50 -64.42
CA MET B 1646 -29.49 8.52 -65.27
C MET B 1646 -29.52 8.92 -66.74
N GLU B 1647 -29.63 10.21 -67.04
CA GLU B 1647 -29.61 10.68 -68.42
C GLU B 1647 -28.22 10.74 -69.04
N THR B 1648 -27.17 10.45 -68.28
CA THR B 1648 -25.90 10.07 -68.88
C THR B 1648 -25.90 8.63 -69.37
N GLN B 1649 -26.48 7.72 -68.60
CA GLN B 1649 -26.51 6.32 -68.96
C GLN B 1649 -27.37 6.01 -70.16
N ASN B 1650 -28.30 6.88 -70.53
CA ASN B 1650 -29.05 6.77 -71.79
C ASN B 1650 -28.46 7.57 -72.95
N ILE B 1651 -27.18 7.95 -72.90
CA ILE B 1651 -26.51 8.43 -74.11
C ILE B 1651 -26.49 7.36 -75.19
N GLN B 1652 -26.83 7.76 -76.41
CA GLN B 1652 -27.02 6.82 -77.51
C GLN B 1652 -25.68 6.34 -78.04
N GLU B 1653 -25.63 5.08 -78.42
CA GLU B 1653 -24.59 4.43 -79.20
C GLU B 1653 -24.98 4.41 -80.68
N PRO B 1654 -24.14 4.90 -81.59
CA PRO B 1654 -24.39 4.69 -83.02
C PRO B 1654 -24.62 3.22 -83.37
N GLN B 1655 -25.51 2.99 -84.33
CA GLN B 1655 -25.77 1.63 -84.75
C GLN B 1655 -24.53 1.06 -85.43
N LEU B 1656 -24.45 -0.25 -85.51
CA LEU B 1656 -23.34 -0.92 -86.17
C LEU B 1656 -23.81 -1.59 -87.46
N GLY B 1657 -23.10 -1.31 -88.54
CA GLY B 1657 -23.44 -1.81 -89.85
C GLY B 1657 -24.72 -1.25 -90.44
N LYS B 1658 -25.12 -1.88 -91.54
CA LYS B 1658 -26.42 -1.66 -92.17
C LYS B 1658 -27.46 -2.61 -91.63
N GLY B 1659 -28.66 -2.10 -91.38
CA GLY B 1659 -29.67 -2.91 -90.74
C GLY B 1659 -30.92 -2.12 -90.43
N PHE B 1660 -31.72 -2.65 -89.52
CA PHE B 1660 -32.88 -1.95 -89.01
C PHE B 1660 -33.19 -2.45 -87.61
N TYR B 1661 -33.96 -1.64 -86.87
CA TYR B 1661 -34.49 -2.02 -85.57
C TYR B 1661 -35.92 -2.51 -85.69
N ALA B 1662 -36.22 -3.59 -85.00
CA ALA B 1662 -37.58 -4.08 -84.92
C ALA B 1662 -37.89 -4.44 -83.48
N THR B 1663 -39.13 -4.16 -83.07
CA THR B 1663 -39.63 -4.58 -81.77
C THR B 1663 -40.56 -5.76 -81.93
N PHE B 1664 -40.30 -6.82 -81.17
CA PHE B 1664 -41.16 -7.99 -81.14
C PHE B 1664 -41.83 -8.10 -79.78
N VAL B 1665 -43.14 -8.30 -79.79
CA VAL B 1665 -43.92 -8.51 -78.57
C VAL B 1665 -44.22 -10.00 -78.49
N ILE B 1666 -43.76 -10.62 -77.41
CA ILE B 1666 -43.93 -12.07 -77.22
C ILE B 1666 -45.33 -12.34 -76.66
N PRO B 1667 -46.10 -13.24 -77.27
CA PRO B 1667 -47.38 -13.62 -76.71
C PRO B 1667 -47.24 -14.14 -75.29
N PRO B 1668 -48.28 -14.02 -74.49
CA PRO B 1668 -48.32 -14.69 -73.18
C PRO B 1668 -48.08 -16.19 -73.20
N TYR B 1669 -47.76 -16.73 -72.03
CA TYR B 1669 -47.87 -18.17 -71.80
C TYR B 1669 -49.28 -18.63 -72.15
N ASN B 1670 -49.36 -19.67 -72.99
CA ASN B 1670 -50.68 -20.19 -73.39
C ASN B 1670 -50.50 -21.64 -73.84
N LEU B 1671 -50.58 -22.55 -72.87
CA LEU B 1671 -50.14 -23.93 -73.04
C LEU B 1671 -50.62 -24.57 -74.34
N SER B 1672 -51.81 -24.22 -74.82
CA SER B 1672 -52.28 -24.83 -76.05
C SER B 1672 -51.51 -24.34 -77.27
N THR B 1673 -50.87 -23.16 -77.14
CA THR B 1673 -50.02 -22.61 -78.19
C THR B 1673 -48.57 -22.54 -77.72
N HIS B 1674 -48.20 -23.40 -76.78
CA HIS B 1674 -47.00 -23.19 -75.99
C HIS B 1674 -46.37 -24.51 -75.56
N GLY B 1675 -47.15 -25.39 -74.96
CA GLY B 1675 -46.59 -26.58 -74.37
C GLY B 1675 -46.18 -26.36 -72.93
N ASP B 1676 -45.52 -27.39 -72.39
CA ASP B 1676 -45.10 -27.37 -70.99
C ASP B 1676 -43.77 -26.66 -70.79
N GLU B 1677 -42.77 -26.98 -71.61
CA GLU B 1677 -41.50 -26.25 -71.56
C GLU B 1677 -41.69 -24.81 -72.03
N ARG B 1678 -41.30 -23.87 -71.16
CA ARG B 1678 -41.51 -22.45 -71.42
C ARG B 1678 -40.46 -21.82 -72.34
N TRP B 1679 -39.43 -22.56 -72.73
CA TRP B 1679 -38.41 -21.96 -73.58
C TRP B 1679 -38.99 -21.52 -74.91
N PHE B 1680 -38.42 -20.46 -75.46
CA PHE B 1680 -38.63 -20.06 -76.84
C PHE B 1680 -37.34 -19.53 -77.44
N LYS B 1681 -37.23 -19.62 -78.77
CA LYS B 1681 -36.07 -19.15 -79.49
C LYS B 1681 -36.51 -18.33 -80.70
N LEU B 1682 -35.90 -17.17 -80.87
CA LEU B 1682 -36.01 -16.40 -82.10
C LEU B 1682 -34.90 -16.80 -83.06
N TYR B 1683 -35.27 -17.17 -84.27
CA TYR B 1683 -34.34 -17.53 -85.32
C TYR B 1683 -34.42 -16.51 -86.44
N ILE B 1684 -33.27 -16.18 -87.00
CA ILE B 1684 -33.19 -15.36 -88.21
C ILE B 1684 -32.81 -16.27 -89.37
N LYS B 1685 -33.22 -15.88 -90.56
CA LYS B 1685 -32.74 -16.53 -91.78
C LYS B 1685 -32.56 -15.51 -92.88
N HIS B 1686 -31.52 -15.71 -93.68
CA HIS B 1686 -31.13 -14.80 -94.74
C HIS B 1686 -31.09 -15.55 -96.06
N VAL B 1687 -31.41 -14.84 -97.13
CA VAL B 1687 -31.88 -15.48 -98.35
C VAL B 1687 -30.67 -15.99 -99.11
N VAL B 1688 -29.50 -15.95 -98.46
CA VAL B 1688 -28.42 -16.86 -98.82
C VAL B 1688 -28.81 -18.30 -98.59
N ASP B 1689 -29.87 -18.53 -97.81
CA ASP B 1689 -30.41 -19.86 -97.57
C ASP B 1689 -29.37 -20.79 -96.95
N ASN B 1690 -28.48 -20.23 -96.13
CA ASN B 1690 -27.81 -21.02 -95.11
C ASN B 1690 -28.77 -21.58 -94.09
N ASN B 1691 -28.25 -22.31 -93.11
CA ASN B 1691 -28.99 -22.58 -91.89
C ASN B 1691 -29.49 -21.28 -91.28
N SER B 1692 -30.50 -21.37 -90.43
CA SER B 1692 -30.82 -20.24 -89.58
C SER B 1692 -29.78 -20.08 -88.47
N HIS B 1693 -29.86 -18.95 -87.80
CA HIS B 1693 -29.02 -18.65 -86.65
C HIS B 1693 -29.94 -18.17 -85.53
N ILE B 1694 -29.68 -18.63 -84.32
CA ILE B 1694 -30.40 -18.10 -83.17
C ILE B 1694 -29.96 -16.67 -82.90
N ILE B 1695 -30.93 -15.80 -82.62
CA ILE B 1695 -30.64 -14.43 -82.23
C ILE B 1695 -31.14 -14.10 -80.83
N TYR B 1696 -32.14 -14.80 -80.32
CA TYR B 1696 -32.52 -14.58 -78.93
C TYR B 1696 -33.13 -15.85 -78.36
N SER B 1697 -32.98 -16.01 -77.05
CA SER B 1697 -33.49 -17.16 -76.32
C SER B 1697 -34.01 -16.71 -74.97
N GLY B 1698 -35.18 -17.20 -74.59
CA GLY B 1698 -35.79 -16.77 -73.35
C GLY B 1698 -36.84 -17.75 -72.89
N GLN B 1699 -37.52 -17.39 -71.81
CA GLN B 1699 -38.64 -18.16 -71.29
C GLN B 1699 -39.93 -17.37 -71.46
N LEU B 1700 -40.96 -18.04 -71.95
CA LEU B 1700 -42.26 -17.41 -72.13
C LEU B 1700 -42.88 -17.07 -70.78
N THR B 1701 -43.18 -15.79 -70.59
CA THR B 1701 -43.88 -15.30 -69.43
C THR B 1701 -45.39 -15.37 -69.66
N ASP B 1702 -46.14 -15.24 -68.57
CA ASP B 1702 -47.57 -15.01 -68.70
C ASP B 1702 -47.85 -13.60 -69.23
N THR B 1703 -47.05 -12.62 -68.83
CA THR B 1703 -47.10 -11.34 -69.49
C THR B 1703 -46.51 -11.44 -70.90
N ASN B 1704 -46.74 -10.41 -71.71
CA ASN B 1704 -45.92 -10.21 -72.89
C ASN B 1704 -44.46 -9.91 -72.53
N ILE B 1705 -43.58 -10.15 -73.49
CA ILE B 1705 -42.21 -9.65 -73.49
C ILE B 1705 -42.03 -8.76 -74.70
N ASN B 1706 -41.47 -7.56 -74.50
CA ASN B 1706 -41.08 -6.70 -75.60
C ASN B 1706 -39.57 -6.83 -75.83
N ILE B 1707 -39.20 -7.27 -77.02
CA ILE B 1707 -37.83 -7.53 -77.39
C ILE B 1707 -37.49 -6.68 -78.60
N THR B 1708 -36.51 -5.79 -78.44
CA THR B 1708 -36.06 -4.96 -79.55
C THR B 1708 -34.71 -5.47 -80.00
N LEU B 1709 -34.62 -5.83 -81.27
CA LEU B 1709 -33.44 -6.44 -81.86
C LEU B 1709 -32.97 -5.62 -83.04
N PHE B 1710 -31.66 -5.46 -83.13
CA PHE B 1710 -31.04 -5.07 -84.38
C PHE B 1710 -31.01 -6.29 -85.28
N ILE B 1711 -31.63 -6.19 -86.45
CA ILE B 1711 -31.63 -7.26 -87.44
C ILE B 1711 -30.62 -6.91 -88.53
N PRO B 1712 -29.55 -7.66 -88.69
CA PRO B 1712 -28.63 -7.43 -89.80
C PRO B 1712 -29.32 -7.57 -91.15
N LEU B 1713 -28.85 -6.78 -92.11
CA LEU B 1713 -29.22 -6.93 -93.50
C LEU B 1713 -27.94 -7.05 -94.29
N ASP B 1714 -27.95 -7.94 -95.28
CA ASP B 1714 -26.76 -8.10 -96.10
C ASP B 1714 -26.51 -6.83 -96.92
N ASP B 1715 -25.27 -6.69 -97.36
CA ASP B 1715 -24.90 -5.65 -98.31
C ASP B 1715 -25.73 -5.75 -99.58
N VAL B 1716 -26.00 -6.96 -100.05
CA VAL B 1716 -26.58 -7.19 -101.37
C VAL B 1716 -27.89 -7.95 -101.19
N PRO B 1717 -28.95 -7.53 -101.86
CA PRO B 1717 -30.29 -8.17 -101.85
C PRO B 1717 -30.36 -9.40 -102.76
N LEU B 1718 -29.88 -10.52 -102.24
CA LEU B 1718 -29.82 -11.76 -103.01
C LEU B 1718 -31.17 -12.41 -103.22
N ASN B 1719 -32.24 -11.81 -102.71
CA ASN B 1719 -33.60 -12.16 -103.11
C ASN B 1719 -34.39 -10.87 -103.30
N GLN B 1720 -35.22 -10.84 -104.34
CA GLN B 1720 -35.96 -9.62 -104.65
C GLN B 1720 -37.23 -9.47 -103.82
N ASP B 1721 -37.78 -10.55 -103.27
CA ASP B 1721 -39.09 -10.45 -102.67
C ASP B 1721 -39.01 -10.12 -101.19
N TYR B 1722 -38.05 -10.71 -100.48
CA TYR B 1722 -37.76 -10.33 -99.12
C TYR B 1722 -36.27 -10.50 -98.86
N HIS B 1723 -35.78 -9.80 -97.84
CA HIS B 1723 -34.36 -9.76 -97.55
C HIS B 1723 -33.99 -10.44 -96.24
N ALA B 1724 -34.93 -10.60 -95.32
CA ALA B 1724 -34.68 -11.40 -94.14
C ALA B 1724 -35.97 -12.10 -93.76
N LYS B 1725 -35.81 -13.24 -93.09
CA LYS B 1725 -36.90 -13.94 -92.45
C LYS B 1725 -36.59 -14.13 -90.98
N VAL B 1726 -37.55 -13.77 -90.13
CA VAL B 1726 -37.50 -14.10 -88.71
C VAL B 1726 -38.68 -15.00 -88.40
N TYR B 1727 -38.42 -16.04 -87.62
CA TYR B 1727 -39.47 -16.96 -87.22
C TYR B 1727 -39.28 -17.36 -85.76
N MET B 1728 -40.39 -17.72 -85.14
CA MET B 1728 -40.51 -17.96 -83.71
C MET B 1728 -40.70 -19.44 -83.44
N THR B 1729 -39.86 -19.99 -82.57
CA THR B 1729 -39.90 -21.42 -82.29
C THR B 1729 -40.01 -21.64 -80.79
N PHE B 1730 -40.74 -22.69 -80.41
CA PHE B 1730 -41.06 -22.97 -79.02
C PHE B 1730 -41.46 -24.43 -78.92
N LYS B 1731 -41.67 -24.89 -77.69
CA LYS B 1731 -41.81 -26.32 -77.45
C LYS B 1731 -42.97 -26.91 -78.24
N LYS B 1732 -44.11 -26.22 -78.24
CA LYS B 1732 -45.31 -26.74 -78.90
C LYS B 1732 -45.12 -26.81 -80.41
N SER B 1733 -44.53 -25.78 -81.01
CA SER B 1733 -44.33 -25.69 -82.45
C SER B 1733 -42.87 -25.32 -82.71
N PRO B 1734 -41.96 -26.28 -82.60
CA PRO B 1734 -40.55 -25.98 -82.90
C PRO B 1734 -40.24 -25.91 -84.38
N SER B 1735 -41.04 -26.55 -85.22
CA SER B 1735 -40.78 -26.55 -86.66
C SER B 1735 -41.13 -25.18 -87.25
N ASP B 1736 -40.37 -24.78 -88.28
CA ASP B 1736 -40.60 -23.53 -88.97
C ASP B 1736 -41.63 -23.72 -90.08
N GLY B 1737 -42.35 -22.64 -90.38
CA GLY B 1737 -43.21 -22.59 -91.54
C GLY B 1737 -42.78 -21.55 -92.57
N THR B 1738 -43.03 -21.88 -93.84
CA THR B 1738 -42.49 -21.12 -94.97
C THR B 1738 -42.81 -19.63 -94.88
N TRP B 1739 -44.05 -19.30 -94.53
CA TRP B 1739 -44.50 -17.92 -94.37
C TRP B 1739 -44.79 -17.54 -92.93
N TRP B 1740 -44.54 -18.42 -91.96
CA TRP B 1740 -45.02 -18.22 -90.60
C TRP B 1740 -44.04 -17.43 -89.75
N GLY B 1741 -43.69 -16.27 -90.26
CA GLY B 1741 -43.02 -15.24 -89.50
C GLY B 1741 -42.95 -13.97 -90.31
N PRO B 1742 -42.62 -12.86 -89.66
CA PRO B 1742 -42.45 -11.59 -90.39
C PRO B 1742 -41.30 -11.67 -91.38
N HIS B 1743 -41.62 -11.48 -92.67
CA HIS B 1743 -40.60 -11.22 -93.66
C HIS B 1743 -40.41 -9.72 -93.83
N PHE B 1744 -39.16 -9.30 -93.95
CA PHE B 1744 -38.83 -7.89 -94.07
C PHE B 1744 -38.14 -7.65 -95.40
N VAL B 1745 -38.41 -6.48 -95.97
CA VAL B 1745 -37.82 -6.08 -97.24
C VAL B 1745 -37.47 -4.60 -97.13
N ARG B 1746 -36.44 -4.19 -97.85
CA ARG B 1746 -36.00 -2.81 -97.85
C ARG B 1746 -36.11 -2.24 -99.25
N ASP B 1747 -36.46 -0.97 -99.35
CA ASP B 1747 -36.46 -0.28 -100.63
C ASP B 1747 -35.14 0.45 -100.87
N ASP B 1748 -35.13 1.30 -101.91
CA ASP B 1748 -33.94 2.09 -102.22
C ASP B 1748 -33.73 3.24 -101.25
N LYS B 1749 -34.79 3.85 -100.75
CA LYS B 1749 -34.66 4.93 -99.77
C LYS B 1749 -34.41 4.43 -98.36
N GLY B 1750 -34.48 3.11 -98.15
CA GLY B 1750 -34.00 2.53 -96.91
C GLY B 1750 -35.07 2.39 -95.85
N ILE B 1751 -36.32 2.23 -96.24
CA ILE B 1751 -37.42 2.07 -95.30
C ILE B 1751 -37.82 0.61 -95.28
N VAL B 1752 -37.95 0.04 -94.10
CA VAL B 1752 -38.20 -1.38 -93.92
C VAL B 1752 -39.69 -1.58 -93.67
N THR B 1753 -40.25 -2.61 -94.30
CA THR B 1753 -41.68 -2.88 -94.18
C THR B 1753 -41.89 -4.38 -94.08
N ILE B 1754 -43.01 -4.75 -93.45
CA ILE B 1754 -43.36 -6.16 -93.28
C ILE B 1754 -44.08 -6.66 -94.50
N ASN B 1755 -43.66 -7.80 -95.00
CA ASN B 1755 -44.26 -8.38 -96.19
C ASN B 1755 -45.69 -8.81 -95.85
N PRO B 1756 -46.71 -8.33 -96.56
CA PRO B 1756 -48.08 -8.76 -96.25
C PRO B 1756 -48.32 -10.24 -96.44
N LYS B 1757 -47.52 -10.91 -97.28
CA LYS B 1757 -47.68 -12.34 -97.50
C LYS B 1757 -47.39 -13.16 -96.26
N SER B 1758 -46.63 -12.60 -95.32
CA SER B 1758 -46.26 -13.31 -94.11
C SER B 1758 -47.34 -13.27 -93.04
N ILE B 1759 -47.32 -14.30 -92.19
CA ILE B 1759 -48.34 -14.58 -91.19
C ILE B 1759 -47.72 -14.33 -89.81
N LEU B 1760 -48.35 -13.47 -89.02
CA LEU B 1760 -47.85 -13.04 -87.73
C LEU B 1760 -48.59 -13.68 -86.56
N THR B 1761 -49.38 -14.73 -86.80
CA THR B 1761 -50.34 -15.20 -85.81
C THR B 1761 -49.72 -15.46 -84.45
N HIS B 1762 -48.54 -16.08 -84.41
CA HIS B 1762 -47.90 -16.32 -83.12
C HIS B 1762 -46.83 -15.28 -82.77
N PHE B 1763 -46.91 -14.08 -83.33
CA PHE B 1763 -46.34 -12.90 -82.71
C PHE B 1763 -47.47 -12.02 -82.20
N GLU B 1764 -47.32 -11.50 -80.98
CA GLU B 1764 -48.35 -10.60 -80.47
C GLU B 1764 -48.34 -9.26 -81.19
N SER B 1765 -47.15 -8.72 -81.47
CA SER B 1765 -47.00 -7.64 -82.43
C SER B 1765 -45.58 -7.60 -82.95
N VAL B 1766 -45.41 -7.14 -84.19
CA VAL B 1766 -44.11 -6.76 -84.72
C VAL B 1766 -44.19 -5.33 -85.24
N ASN B 1767 -43.22 -4.51 -84.82
CA ASN B 1767 -43.13 -3.11 -85.23
C ASN B 1767 -41.72 -2.83 -85.69
N VAL B 1768 -41.57 -2.02 -86.74
CA VAL B 1768 -40.27 -1.59 -87.23
C VAL B 1768 -40.06 -0.12 -86.86
N LEU B 1769 -38.96 0.16 -86.16
CA LEU B 1769 -38.68 1.49 -85.64
C LEU B 1769 -37.84 2.29 -86.63
N ASN B 1770 -38.40 2.50 -87.83
CA ASN B 1770 -37.63 3.06 -88.93
C ASN B 1770 -36.99 4.40 -88.61
N ASN B 1771 -37.55 5.15 -87.66
CA ASN B 1771 -37.00 6.43 -87.24
C ASN B 1771 -35.77 6.34 -86.35
N ILE B 1772 -35.38 5.16 -85.89
CA ILE B 1772 -34.35 5.02 -84.87
C ILE B 1772 -33.10 4.46 -85.54
N SER B 1773 -31.96 5.12 -85.31
CA SER B 1773 -30.67 4.72 -85.86
C SER B 1773 -29.60 4.63 -84.78
N SER B 1774 -30.00 4.36 -83.55
CA SER B 1774 -29.07 4.32 -82.43
C SER B 1774 -29.67 3.41 -81.37
N GLU B 1775 -28.86 3.06 -80.38
CA GLU B 1775 -29.39 2.25 -79.30
C GLU B 1775 -28.72 2.66 -77.99
N PRO B 1776 -29.35 2.34 -76.86
CA PRO B 1776 -28.75 2.65 -75.56
C PRO B 1776 -27.36 2.07 -75.37
N MET B 1777 -26.55 2.81 -74.62
CA MET B 1777 -25.31 2.30 -74.07
C MET B 1777 -25.51 0.92 -73.45
N ASP B 1778 -24.54 0.04 -73.67
CA ASP B 1778 -24.71 -1.39 -73.46
C ASP B 1778 -23.89 -1.87 -72.25
N PHE B 1779 -24.57 -2.28 -71.18
CA PHE B 1779 -23.95 -2.84 -69.98
C PHE B 1779 -23.73 -4.35 -70.09
N SER B 1780 -23.74 -4.89 -71.30
CA SER B 1780 -23.40 -6.28 -71.54
C SER B 1780 -22.43 -6.46 -72.69
N GLY B 1781 -22.10 -5.40 -73.40
CA GLY B 1781 -21.21 -5.45 -74.53
C GLY B 1781 -19.77 -5.61 -74.10
N ALA B 1782 -18.87 -5.22 -75.00
CA ALA B 1782 -17.44 -5.29 -74.73
C ALA B 1782 -17.03 -4.53 -73.48
N ASN B 1783 -17.36 -3.25 -73.43
CA ASN B 1783 -16.98 -2.35 -72.34
C ASN B 1783 -17.83 -2.49 -71.08
N SER B 1784 -18.58 -3.58 -70.96
CA SER B 1784 -19.44 -3.76 -69.78
C SER B 1784 -18.65 -3.65 -68.50
N LEU B 1785 -17.43 -4.19 -68.48
CA LEU B 1785 -16.63 -4.13 -67.27
C LEU B 1785 -16.30 -2.70 -66.87
N TYR B 1786 -15.90 -1.86 -67.82
CA TYR B 1786 -15.59 -0.49 -67.46
C TYR B 1786 -16.83 0.29 -67.06
N PHE B 1787 -17.98 -0.03 -67.64
CA PHE B 1787 -19.18 0.71 -67.28
C PHE B 1787 -19.68 0.32 -65.90
N TRP B 1788 -19.67 -0.95 -65.57
CA TRP B 1788 -19.92 -1.32 -64.18
C TRP B 1788 -18.83 -0.77 -63.27
N GLU B 1789 -17.62 -0.56 -63.81
CA GLU B 1789 -16.51 -0.09 -63.00
C GLU B 1789 -16.75 1.33 -62.54
N LEU B 1790 -17.44 2.10 -63.36
CA LEU B 1790 -17.61 3.52 -63.13
C LEU B 1790 -18.93 3.82 -62.45
N PHE B 1791 -20.04 3.33 -63.00
CA PHE B 1791 -21.34 3.79 -62.52
C PHE B 1791 -21.68 3.24 -61.15
N TYR B 1792 -21.24 2.03 -60.83
CA TYR B 1792 -21.63 1.41 -59.56
C TYR B 1792 -20.48 1.20 -58.60
N TYR B 1793 -19.38 0.59 -59.02
CA TYR B 1793 -18.32 0.24 -58.09
C TYR B 1793 -17.67 1.48 -57.49
N THR B 1794 -17.40 2.49 -58.30
CA THR B 1794 -16.70 3.68 -57.82
C THR B 1794 -17.47 4.47 -56.75
N PRO B 1795 -18.74 4.83 -56.93
CA PRO B 1795 -19.48 5.40 -55.81
C PRO B 1795 -19.49 4.55 -54.56
N MET B 1796 -19.64 3.24 -54.68
CA MET B 1796 -19.67 2.39 -53.49
C MET B 1796 -18.32 2.34 -52.80
N LEU B 1797 -17.23 2.27 -53.56
CA LEU B 1797 -15.90 2.33 -52.96
C LEU B 1797 -15.66 3.65 -52.25
N VAL B 1798 -16.05 4.76 -52.87
CA VAL B 1798 -15.87 6.06 -52.23
C VAL B 1798 -16.70 6.17 -50.96
N ALA B 1799 -17.97 5.79 -51.01
CA ALA B 1799 -18.78 5.82 -49.80
C ALA B 1799 -18.21 4.94 -48.71
N GLN B 1800 -17.67 3.78 -49.07
CA GLN B 1800 -17.09 2.90 -48.07
C GLN B 1800 -15.86 3.54 -47.44
N ARG B 1801 -15.02 4.18 -48.24
CA ARG B 1801 -13.85 4.83 -47.66
C ARG B 1801 -14.24 6.00 -46.78
N LEU B 1802 -15.23 6.79 -47.21
CA LEU B 1802 -15.63 7.93 -46.40
C LEU B 1802 -16.26 7.51 -45.08
N LEU B 1803 -16.82 6.31 -45.01
CA LEU B 1803 -17.42 5.85 -43.75
C LEU B 1803 -16.37 5.68 -42.67
N HIS B 1804 -15.22 5.10 -43.00
CA HIS B 1804 -14.20 4.85 -41.99
C HIS B 1804 -13.58 6.13 -41.47
N GLU B 1805 -13.66 7.21 -42.23
CA GLU B 1805 -13.16 8.50 -41.82
C GLU B 1805 -14.22 9.33 -41.10
N GLN B 1806 -15.42 8.80 -40.92
CA GLN B 1806 -16.49 9.48 -40.18
C GLN B 1806 -16.86 10.81 -40.83
N ASN B 1807 -16.75 10.90 -42.15
CA ASN B 1807 -17.26 12.04 -42.90
C ASN B 1807 -18.64 11.67 -43.44
N PHE B 1808 -19.59 11.62 -42.51
CA PHE B 1808 -20.93 11.11 -42.81
C PHE B 1808 -21.67 11.98 -43.82
N ASP B 1809 -21.53 13.29 -43.74
CA ASP B 1809 -22.25 14.14 -44.68
C ASP B 1809 -21.82 13.90 -46.12
N GLU B 1810 -20.51 13.73 -46.36
CA GLU B 1810 -20.03 13.41 -47.70
C GLU B 1810 -20.31 11.96 -48.08
N ALA B 1811 -20.37 11.07 -47.11
CA ALA B 1811 -20.64 9.68 -47.45
C ALA B 1811 -22.08 9.53 -47.85
N ASN B 1812 -22.96 10.34 -47.29
CA ASN B 1812 -24.37 10.20 -47.63
C ASN B 1812 -24.61 10.56 -49.08
N ARG B 1813 -24.03 11.67 -49.56
CA ARG B 1813 -24.26 12.04 -50.95
C ARG B 1813 -23.61 11.05 -51.89
N TRP B 1814 -22.40 10.60 -51.56
CA TRP B 1814 -21.74 9.68 -52.45
C TRP B 1814 -22.52 8.41 -52.59
N LEU B 1815 -23.03 7.88 -51.48
CA LEU B 1815 -23.87 6.70 -51.57
C LEU B 1815 -25.23 7.01 -52.17
N LYS B 1816 -25.70 8.24 -52.06
CA LYS B 1816 -26.98 8.62 -52.63
C LYS B 1816 -26.94 8.65 -54.14
N TYR B 1817 -25.75 8.66 -54.74
CA TYR B 1817 -25.72 8.66 -56.20
C TYR B 1817 -26.33 7.38 -56.75
N VAL B 1818 -25.94 6.23 -56.19
CA VAL B 1818 -26.44 4.94 -56.67
C VAL B 1818 -27.90 4.71 -56.28
N TRP B 1819 -28.33 5.12 -55.08
CA TRP B 1819 -29.70 4.84 -54.69
C TRP B 1819 -30.16 5.84 -53.65
N SER B 1820 -31.37 6.37 -53.83
CA SER B 1820 -31.91 7.30 -52.86
C SER B 1820 -33.39 7.08 -52.59
N PRO B 1821 -33.76 6.72 -51.37
CA PRO B 1821 -35.19 6.53 -51.08
C PRO B 1821 -36.01 7.78 -51.28
N SER B 1822 -35.42 8.95 -51.03
CA SER B 1822 -36.16 10.20 -51.19
C SER B 1822 -36.58 10.43 -52.62
N GLY B 1823 -35.80 9.95 -53.57
CA GLY B 1823 -36.10 10.13 -54.97
C GLY B 1823 -35.05 11.01 -55.62
N TYR B 1824 -35.20 11.18 -56.92
CA TYR B 1824 -34.28 11.98 -57.70
C TYR B 1824 -35.03 13.14 -58.33
N ILE B 1825 -34.43 14.32 -58.27
CA ILE B 1825 -35.02 15.51 -58.85
C ILE B 1825 -34.08 15.99 -59.94
N VAL B 1826 -34.64 16.25 -61.11
CA VAL B 1826 -33.88 16.71 -62.26
C VAL B 1826 -34.61 17.89 -62.89
N HIS B 1827 -33.88 18.96 -63.17
CA HIS B 1827 -34.41 20.16 -63.79
C HIS B 1827 -35.63 20.71 -63.06
N GLY B 1828 -35.72 20.47 -61.75
CA GLY B 1828 -36.88 20.90 -61.02
C GLY B 1828 -38.09 20.01 -61.06
N GLN B 1829 -37.95 18.75 -61.48
CA GLN B 1829 -39.08 17.84 -61.47
C GLN B 1829 -38.64 16.55 -60.81
N ILE B 1830 -39.54 15.95 -60.03
CA ILE B 1830 -39.23 14.68 -59.39
C ILE B 1830 -39.28 13.53 -60.39
N GLN B 1831 -38.30 12.64 -60.31
CA GLN B 1831 -38.19 11.52 -61.24
C GLN B 1831 -38.85 10.27 -60.70
N ASN B 1832 -39.41 9.48 -61.61
CA ASN B 1832 -40.10 8.25 -61.25
C ASN B 1832 -39.16 7.19 -60.69
N TYR B 1833 -37.98 7.05 -61.27
CA TYR B 1833 -37.08 5.95 -60.89
C TYR B 1833 -36.52 6.13 -59.48
N GLN B 1834 -36.18 5.01 -58.87
CA GLN B 1834 -35.62 4.95 -57.53
C GLN B 1834 -34.14 4.65 -57.51
N TRP B 1835 -33.64 3.79 -58.41
CA TRP B 1835 -32.24 3.44 -58.52
C TRP B 1835 -31.62 4.10 -59.73
N ASN B 1836 -30.44 4.67 -59.54
CA ASN B 1836 -29.80 5.43 -60.59
C ASN B 1836 -29.01 4.61 -61.60
N VAL B 1837 -28.79 3.32 -61.35
CA VAL B 1837 -28.01 2.48 -62.25
C VAL B 1837 -28.95 1.66 -63.12
N ARG B 1838 -28.75 1.71 -64.43
CA ARG B 1838 -29.67 1.04 -65.35
C ARG B 1838 -29.78 -0.47 -65.19
N PRO B 1839 -28.70 -1.23 -65.07
CA PRO B 1839 -28.87 -2.67 -64.88
C PRO B 1839 -29.47 -3.06 -63.55
N LEU B 1840 -29.42 -2.20 -62.54
CA LEU B 1840 -30.18 -2.46 -61.32
C LEU B 1840 -31.64 -2.09 -61.48
N LEU B 1841 -31.93 -1.03 -62.21
CA LEU B 1841 -33.30 -0.65 -62.49
C LEU B 1841 -34.02 -1.68 -63.35
N GLU B 1842 -33.35 -2.25 -64.33
CA GLU B 1842 -33.97 -3.18 -65.26
C GLU B 1842 -34.11 -4.59 -64.72
N ASP B 1843 -33.15 -5.08 -63.93
CA ASP B 1843 -33.24 -6.42 -63.34
C ASP B 1843 -34.09 -6.35 -62.08
N THR B 1844 -35.36 -6.72 -62.22
CA THR B 1844 -36.35 -6.58 -61.17
C THR B 1844 -36.67 -7.86 -60.40
N SER B 1845 -36.16 -9.02 -60.82
CA SER B 1845 -36.33 -10.22 -59.99
C SER B 1845 -35.31 -11.29 -60.37
N TRP B 1846 -34.90 -12.08 -59.37
CA TRP B 1846 -33.83 -13.05 -59.54
C TRP B 1846 -34.12 -14.06 -60.65
N ASN B 1847 -33.03 -14.60 -61.18
CA ASN B 1847 -33.07 -15.64 -62.19
C ASN B 1847 -33.67 -16.92 -61.60
N SER B 1848 -34.18 -17.77 -62.48
CA SER B 1848 -34.71 -19.04 -62.02
C SER B 1848 -33.65 -19.88 -61.32
N ASP B 1849 -32.38 -19.78 -61.75
CA ASP B 1849 -31.25 -20.32 -60.99
C ASP B 1849 -30.02 -19.43 -60.89
N PRO B 1850 -29.34 -19.42 -59.75
CA PRO B 1850 -28.08 -18.67 -59.63
C PRO B 1850 -26.92 -19.33 -60.35
N LEU B 1851 -25.83 -18.58 -60.43
CA LEU B 1851 -24.51 -19.11 -60.80
C LEU B 1851 -23.92 -19.87 -59.61
N ASP B 1852 -23.44 -21.08 -59.85
CA ASP B 1852 -22.66 -21.82 -58.85
C ASP B 1852 -21.18 -21.50 -58.99
N SER B 1853 -20.68 -20.59 -58.15
CA SER B 1853 -19.31 -20.11 -58.22
C SER B 1853 -18.91 -19.57 -56.86
N VAL B 1854 -17.73 -19.96 -56.40
CA VAL B 1854 -17.22 -19.59 -55.08
C VAL B 1854 -16.60 -18.19 -55.06
N ASP B 1855 -16.89 -17.37 -56.07
CA ASP B 1855 -16.54 -15.96 -56.04
C ASP B 1855 -17.82 -15.16 -55.87
N PRO B 1856 -17.99 -14.32 -54.84
CA PRO B 1856 -19.27 -13.65 -54.65
C PRO B 1856 -19.55 -12.62 -55.73
N ASP B 1857 -18.54 -12.14 -56.43
CA ASP B 1857 -18.81 -11.04 -57.33
C ASP B 1857 -19.26 -11.51 -58.71
N ALA B 1858 -18.71 -12.61 -59.22
CA ALA B 1858 -19.23 -13.17 -60.46
C ALA B 1858 -20.67 -13.64 -60.32
N VAL B 1859 -21.01 -14.24 -59.18
CA VAL B 1859 -22.39 -14.69 -58.95
C VAL B 1859 -23.32 -13.50 -58.78
N ALA B 1860 -22.86 -12.42 -58.17
CA ALA B 1860 -23.69 -11.22 -58.11
C ALA B 1860 -23.79 -10.50 -59.45
N GLN B 1861 -22.76 -10.60 -60.27
CA GLN B 1861 -22.77 -10.09 -61.64
C GLN B 1861 -23.75 -10.83 -62.53
N HIS B 1862 -23.89 -12.14 -62.34
CA HIS B 1862 -24.89 -12.92 -63.07
C HIS B 1862 -26.32 -12.57 -62.69
N ASP B 1863 -26.55 -12.03 -61.50
CA ASP B 1863 -27.90 -11.74 -61.01
C ASP B 1863 -27.87 -10.44 -60.22
N PRO B 1864 -27.86 -9.29 -60.90
CA PRO B 1864 -27.61 -8.01 -60.22
C PRO B 1864 -28.68 -7.56 -59.25
N MET B 1865 -29.73 -8.35 -59.06
CA MET B 1865 -30.59 -8.17 -57.89
C MET B 1865 -29.81 -8.24 -56.58
N HIS B 1866 -28.67 -8.94 -56.57
CA HIS B 1866 -27.84 -9.02 -55.37
C HIS B 1866 -27.16 -7.69 -55.07
N TYR B 1867 -26.75 -6.98 -56.10
CA TYR B 1867 -26.13 -5.69 -55.88
C TYR B 1867 -27.08 -4.70 -55.23
N LYS B 1868 -28.38 -4.85 -55.49
CA LYS B 1868 -29.37 -4.01 -54.82
C LYS B 1868 -29.35 -4.23 -53.32
N VAL B 1869 -29.24 -5.49 -52.88
CA VAL B 1869 -29.18 -5.76 -51.46
C VAL B 1869 -27.89 -5.22 -50.86
N SER B 1870 -26.79 -5.34 -51.59
CA SER B 1870 -25.54 -4.82 -51.04
C SER B 1870 -25.60 -3.30 -50.83
N THR B 1871 -26.23 -2.57 -51.74
CA THR B 1871 -26.41 -1.13 -51.52
C THR B 1871 -27.36 -0.84 -50.37
N PHE B 1872 -28.49 -1.54 -50.30
CA PHE B 1872 -29.41 -1.37 -49.19
C PHE B 1872 -28.73 -1.58 -47.85
N MET B 1873 -27.94 -2.63 -47.76
CA MET B 1873 -27.24 -2.95 -46.53
C MET B 1873 -26.17 -1.90 -46.20
N ARG B 1874 -25.49 -1.33 -47.20
CA ARG B 1874 -24.61 -0.21 -46.89
C ARG B 1874 -25.34 1.08 -46.50
N THR B 1875 -26.58 1.27 -46.92
CA THR B 1875 -27.33 2.41 -46.39
C THR B 1875 -27.67 2.20 -44.92
N LEU B 1876 -28.05 0.98 -44.55
CA LEU B 1876 -28.33 0.73 -43.15
C LEU B 1876 -27.07 0.87 -42.30
N ASP B 1877 -25.93 0.47 -42.85
CA ASP B 1877 -24.69 0.61 -42.09
C ASP B 1877 -24.41 2.07 -41.81
N LEU B 1878 -24.61 2.92 -42.82
CA LEU B 1878 -24.41 4.35 -42.62
C LEU B 1878 -25.36 4.94 -41.58
N LEU B 1879 -26.65 4.58 -41.65
CA LEU B 1879 -27.61 5.15 -40.70
C LEU B 1879 -27.32 4.72 -39.28
N ILE B 1880 -26.98 3.47 -39.07
CA ILE B 1880 -26.64 3.02 -37.72
C ILE B 1880 -25.39 3.71 -37.22
N ALA B 1881 -24.35 3.84 -38.05
CA ALA B 1881 -23.15 4.50 -37.57
C ALA B 1881 -23.42 5.95 -37.19
N ARG B 1882 -24.24 6.65 -37.98
CA ARG B 1882 -24.59 8.03 -37.65
C ARG B 1882 -25.36 8.11 -36.33
N GLY B 1883 -26.28 7.18 -36.11
CA GLY B 1883 -26.97 7.15 -34.83
C GLY B 1883 -26.06 6.86 -33.66
N ASP B 1884 -25.13 5.93 -33.82
CA ASP B 1884 -24.19 5.64 -32.74
C ASP B 1884 -23.33 6.84 -32.44
N HIS B 1885 -22.87 7.54 -33.47
CA HIS B 1885 -22.04 8.72 -33.25
C HIS B 1885 -22.80 9.80 -32.51
N ALA B 1886 -24.06 10.03 -32.85
CA ALA B 1886 -24.81 11.01 -32.07
C ALA B 1886 -25.05 10.52 -30.65
N TYR B 1887 -25.30 9.23 -30.49
CA TYR B 1887 -25.56 8.69 -29.16
C TYR B 1887 -24.33 8.75 -28.26
N ARG B 1888 -23.13 8.86 -28.82
CA ARG B 1888 -21.93 8.95 -28.00
C ARG B 1888 -21.88 10.22 -27.16
N GLN B 1889 -22.51 11.30 -27.61
CA GLN B 1889 -22.68 12.49 -26.80
C GLN B 1889 -23.95 12.30 -25.99
N LEU B 1890 -23.84 12.43 -24.67
CA LEU B 1890 -24.93 12.08 -23.78
C LEU B 1890 -25.84 13.25 -23.42
N GLU B 1891 -25.63 14.43 -23.98
CA GLU B 1891 -26.48 15.54 -23.62
C GLU B 1891 -27.88 15.33 -24.20
N ARG B 1892 -28.84 16.06 -23.63
CA ARG B 1892 -30.25 15.78 -23.87
C ARG B 1892 -30.60 15.97 -25.34
N ASP B 1893 -30.15 17.07 -25.94
CA ASP B 1893 -30.54 17.38 -27.32
C ASP B 1893 -30.01 16.32 -28.28
N THR B 1894 -28.77 15.90 -28.12
CA THR B 1894 -28.18 14.94 -29.05
C THR B 1894 -28.86 13.57 -29.00
N LEU B 1895 -29.33 13.13 -27.84
CA LEU B 1895 -29.97 11.83 -27.80
C LEU B 1895 -31.27 11.80 -28.61
N ASN B 1896 -31.88 12.95 -28.85
CA ASN B 1896 -33.06 12.99 -29.70
C ASN B 1896 -32.69 12.92 -31.17
N GLU B 1897 -31.51 13.39 -31.53
CA GLU B 1897 -30.97 13.13 -32.84
C GLU B 1897 -30.62 11.66 -33.05
N ALA B 1898 -30.01 11.04 -32.06
CA ALA B 1898 -29.79 9.59 -32.10
C ALA B 1898 -31.08 8.81 -32.31
N LYS B 1899 -32.14 9.18 -31.60
CA LYS B 1899 -33.42 8.54 -31.81
C LYS B 1899 -33.96 8.75 -33.21
N MET B 1900 -33.92 9.97 -33.74
CA MET B 1900 -34.51 10.10 -35.06
C MET B 1900 -33.70 9.39 -36.13
N TRP B 1901 -32.40 9.19 -35.90
CA TRP B 1901 -31.60 8.42 -36.85
C TRP B 1901 -31.99 6.95 -36.82
N TYR B 1902 -32.13 6.39 -35.62
CA TYR B 1902 -32.55 4.99 -35.54
C TYR B 1902 -33.95 4.79 -36.08
N MET B 1903 -34.88 5.69 -35.79
CA MET B 1903 -36.23 5.52 -36.33
C MET B 1903 -36.23 5.62 -37.84
N GLN B 1904 -35.34 6.45 -38.39
CA GLN B 1904 -35.20 6.53 -39.84
C GLN B 1904 -34.76 5.21 -40.43
N ALA B 1905 -33.82 4.52 -39.79
CA ALA B 1905 -33.45 3.23 -40.35
C ALA B 1905 -34.50 2.16 -40.06
N LEU B 1906 -35.31 2.41 -39.05
CA LEU B 1906 -36.29 1.42 -38.63
C LEU B 1906 -37.38 1.29 -39.65
N HIS B 1907 -37.90 2.42 -40.14
CA HIS B 1907 -38.98 2.22 -41.11
C HIS B 1907 -38.45 1.77 -42.47
N LEU B 1908 -37.17 2.00 -42.76
CA LEU B 1908 -36.60 1.47 -44.00
C LEU B 1908 -36.57 -0.04 -43.97
N LEU B 1909 -36.08 -0.62 -42.87
CA LEU B 1909 -36.14 -2.08 -42.73
C LEU B 1909 -37.56 -2.62 -42.74
N GLY B 1910 -38.49 -1.92 -42.12
CA GLY B 1910 -39.86 -2.35 -42.10
C GLY B 1910 -40.19 -3.41 -41.06
N ASP B 1911 -41.27 -4.14 -41.34
CA ASP B 1911 -41.78 -5.21 -40.46
C ASP B 1911 -40.83 -6.39 -40.34
N LYS B 1912 -40.35 -6.65 -39.13
CA LYS B 1912 -39.60 -7.87 -38.89
C LYS B 1912 -40.42 -9.11 -39.28
N PRO B 1913 -39.85 -10.03 -40.04
CA PRO B 1913 -40.64 -11.16 -40.55
C PRO B 1913 -40.94 -12.14 -39.41
N TYR B 1914 -42.17 -12.62 -39.35
CA TYR B 1914 -42.49 -13.70 -38.43
C TYR B 1914 -42.23 -15.07 -39.07
N LEU B 1915 -41.66 -15.98 -38.29
CA LEU B 1915 -41.10 -17.23 -38.81
C LEU B 1915 -41.58 -18.42 -38.00
N PRO B 1916 -42.58 -19.15 -38.50
CA PRO B 1916 -43.27 -20.17 -37.69
C PRO B 1916 -42.34 -21.25 -37.17
N LEU B 1917 -42.31 -21.39 -35.85
CA LEU B 1917 -41.24 -22.09 -35.15
C LEU B 1917 -41.11 -23.56 -35.56
N SER B 1918 -42.23 -24.25 -35.74
CA SER B 1918 -42.28 -25.62 -36.24
C SER B 1918 -43.08 -25.72 -37.53
N THR B 1919 -42.71 -26.69 -38.36
CA THR B 1919 -43.18 -26.77 -39.73
C THR B 1919 -43.30 -28.23 -40.16
N THR B 1920 -43.38 -28.45 -41.47
CA THR B 1920 -43.54 -29.78 -42.06
C THR B 1920 -42.40 -30.75 -41.74
N TRP B 1921 -41.24 -30.25 -41.37
CA TRP B 1921 -40.09 -31.12 -41.12
C TRP B 1921 -40.33 -32.06 -39.94
N SER B 1922 -40.02 -33.34 -40.16
CA SER B 1922 -40.65 -34.45 -39.45
C SER B 1922 -39.67 -35.33 -38.66
N ASP B 1923 -38.47 -34.86 -38.37
CA ASP B 1923 -37.42 -35.64 -37.72
C ASP B 1923 -37.07 -36.95 -38.41
N PRO B 1924 -36.65 -36.94 -39.67
CA PRO B 1924 -36.59 -38.19 -40.43
C PRO B 1924 -35.34 -38.96 -40.03
N ARG B 1925 -35.30 -40.21 -40.48
CA ARG B 1925 -34.08 -41.01 -40.34
C ARG B 1925 -33.01 -40.52 -41.30
N LEU B 1926 -31.77 -40.50 -40.81
CA LEU B 1926 -30.63 -40.14 -41.65
C LEU B 1926 -30.56 -41.01 -42.90
N ASP B 1927 -30.90 -42.29 -42.76
CA ASP B 1927 -31.01 -43.18 -43.90
C ASP B 1927 -31.99 -42.66 -44.94
N ARG B 1928 -33.09 -42.06 -44.50
CA ARG B 1928 -34.07 -41.52 -45.43
C ARG B 1928 -33.63 -40.20 -46.05
N ALA B 1929 -33.07 -39.29 -45.26
CA ALA B 1929 -32.61 -38.02 -45.79
C ALA B 1929 -31.48 -38.18 -46.80
N ALA B 1930 -30.66 -39.22 -46.64
CA ALA B 1930 -29.63 -39.49 -47.64
C ALA B 1930 -30.24 -39.83 -49.00
N ASP B 1931 -31.26 -40.69 -49.02
CA ASP B 1931 -31.86 -41.05 -50.30
C ASP B 1931 -32.70 -39.92 -50.88
N ILE B 1932 -33.49 -39.24 -50.04
CA ILE B 1932 -34.30 -38.13 -50.52
C ILE B 1932 -33.42 -37.05 -51.16
N THR B 1933 -32.24 -36.82 -50.61
CA THR B 1933 -31.33 -35.83 -51.17
C THR B 1933 -30.55 -36.34 -52.40
N THR B 1934 -30.32 -37.64 -52.51
CA THR B 1934 -29.52 -38.22 -53.58
C THR B 1934 -30.37 -38.71 -54.75
N GLN B 1935 -31.46 -38.02 -55.06
CA GLN B 1935 -32.32 -38.48 -56.14
C GLN B 1935 -31.70 -38.25 -57.52
N ASN B 1936 -30.72 -37.36 -57.62
CA ASN B 1936 -29.98 -37.17 -58.88
C ASN B 1936 -28.69 -37.98 -58.85
N LEU B 1963 -29.94 -30.55 -51.33
CA LEU B 1963 -30.47 -30.63 -49.98
C LEU B 1963 -31.80 -29.88 -49.89
N THR B 1964 -31.99 -28.92 -50.81
CA THR B 1964 -33.22 -28.16 -50.86
C THR B 1964 -34.45 -29.03 -51.06
N ASP B 1965 -34.26 -30.28 -51.47
CA ASP B 1965 -35.35 -31.26 -51.53
C ASP B 1965 -35.95 -31.54 -50.16
N LEU B 1966 -35.23 -31.27 -49.07
CA LEU B 1966 -35.72 -31.61 -47.74
C LEU B 1966 -35.41 -30.58 -46.68
N PHE B 1967 -34.38 -29.75 -46.86
CA PHE B 1967 -33.99 -28.71 -45.92
C PHE B 1967 -34.33 -27.35 -46.51
N LEU B 1968 -34.78 -26.44 -45.68
CA LEU B 1968 -35.31 -25.17 -46.15
C LEU B 1968 -34.24 -24.09 -46.10
N PRO B 1969 -34.37 -23.04 -46.90
CA PRO B 1969 -33.41 -21.93 -46.85
C PRO B 1969 -33.64 -21.05 -45.64
N GLN B 1970 -32.56 -20.68 -44.97
CA GLN B 1970 -32.71 -19.77 -43.85
C GLN B 1970 -32.63 -18.31 -44.27
N ILE B 1971 -33.32 -17.47 -43.50
CA ILE B 1971 -33.22 -16.02 -43.60
C ILE B 1971 -31.81 -15.53 -43.31
N ASN B 1972 -31.38 -14.50 -44.03
CA ASN B 1972 -30.03 -13.96 -43.87
C ASN B 1972 -29.78 -13.56 -42.43
N GLU B 1973 -28.81 -14.22 -41.80
CA GLU B 1973 -28.50 -13.98 -40.40
C GLU B 1973 -28.01 -12.56 -40.12
N VAL B 1974 -27.40 -11.89 -41.11
CA VAL B 1974 -26.97 -10.50 -40.98
C VAL B 1974 -28.15 -9.53 -40.98
N MET B 1975 -29.12 -9.75 -41.86
CA MET B 1975 -30.29 -8.89 -41.84
C MET B 1975 -31.04 -9.08 -40.53
N MET B 1976 -31.19 -10.32 -40.06
CA MET B 1976 -31.75 -10.53 -38.74
C MET B 1976 -30.96 -9.76 -37.69
N ASN B 1977 -29.65 -9.66 -37.86
CA ASN B 1977 -28.87 -9.00 -36.82
C ASN B 1977 -29.14 -7.51 -36.82
N TYR B 1978 -29.47 -6.94 -37.98
CA TYR B 1978 -29.77 -5.50 -37.98
C TYR B 1978 -31.01 -5.22 -37.14
N TRP B 1979 -32.06 -6.05 -37.27
CA TRP B 1979 -33.24 -5.88 -36.43
C TRP B 1979 -32.94 -6.09 -34.96
N GLN B 1980 -32.04 -7.03 -34.65
CA GLN B 1980 -31.72 -7.24 -33.23
C GLN B 1980 -31.00 -6.03 -32.64
N THR B 1981 -30.04 -5.48 -33.37
CA THR B 1981 -29.29 -4.36 -32.80
C THR B 1981 -30.09 -3.08 -32.81
N LEU B 1982 -30.97 -2.89 -33.78
CA LEU B 1982 -31.76 -1.67 -33.79
C LEU B 1982 -32.79 -1.70 -32.68
N ALA B 1983 -33.46 -2.83 -32.51
CA ALA B 1983 -34.45 -2.91 -31.44
C ALA B 1983 -33.79 -2.74 -30.07
N GLN B 1984 -32.63 -3.35 -29.86
CA GLN B 1984 -31.96 -3.17 -28.57
C GLN B 1984 -31.48 -1.73 -28.36
N ARG B 1985 -31.01 -1.07 -29.41
CA ARG B 1985 -30.58 0.32 -29.27
C ARG B 1985 -31.72 1.25 -28.95
N VAL B 1986 -32.85 1.11 -29.64
CA VAL B 1986 -33.99 1.94 -29.28
C VAL B 1986 -34.48 1.62 -27.88
N TYR B 1987 -34.39 0.36 -27.47
CA TYR B 1987 -34.74 -0.01 -26.09
C TYR B 1987 -33.92 0.77 -25.07
N ASN B 1988 -32.63 0.96 -25.34
CA ASN B 1988 -31.85 1.79 -24.43
C ASN B 1988 -32.22 3.26 -24.54
N LEU B 1989 -32.52 3.76 -25.72
CA LEU B 1989 -32.92 5.17 -25.78
C LEU B 1989 -34.22 5.42 -25.05
N ARG B 1990 -35.15 4.46 -25.08
CA ARG B 1990 -36.39 4.59 -24.34
C ARG B 1990 -36.21 4.42 -22.84
N HIS B 1991 -35.17 3.72 -22.39
CA HIS B 1991 -35.05 3.43 -20.98
C HIS B 1991 -33.89 4.17 -20.33
N ASN B 1992 -33.35 5.18 -21.02
CA ASN B 1992 -32.34 6.08 -20.47
C ASN B 1992 -31.08 5.36 -20.01
N LEU B 1993 -30.71 4.27 -20.66
CA LEU B 1993 -29.44 3.63 -20.42
C LEU B 1993 -28.39 4.36 -21.27
N SER B 1994 -27.14 3.92 -21.24
CA SER B 1994 -26.22 4.29 -22.30
C SER B 1994 -26.10 3.19 -23.34
N ILE B 1995 -25.13 3.34 -24.25
CA ILE B 1995 -25.05 2.40 -25.38
C ILE B 1995 -24.47 1.07 -24.95
N ASP B 1996 -23.62 1.06 -23.92
CA ASP B 1996 -23.18 -0.16 -23.26
C ASP B 1996 -24.19 -0.66 -22.24
N GLY B 1997 -25.37 -0.05 -22.19
CA GLY B 1997 -26.44 -0.47 -21.31
C GLY B 1997 -26.23 -0.15 -19.84
N GLN B 1998 -25.30 0.74 -19.52
CA GLN B 1998 -25.19 0.98 -18.09
C GLN B 1998 -26.09 2.15 -17.70
N PRO B 1999 -26.84 2.05 -16.61
CA PRO B 1999 -27.71 3.16 -16.20
C PRO B 1999 -26.92 4.46 -16.05
N LEU B 2000 -27.42 5.51 -16.69
CA LEU B 2000 -26.94 6.85 -16.37
C LEU B 2000 -27.33 7.29 -14.96
N TYR B 2001 -28.44 6.80 -14.43
CA TYR B 2001 -28.91 7.26 -13.13
C TYR B 2001 -28.26 6.44 -12.01
N LEU B 2002 -27.64 7.12 -11.07
CA LEU B 2002 -27.06 6.47 -9.90
C LEU B 2002 -28.08 6.46 -8.77
N PRO B 2003 -28.47 5.30 -8.24
CA PRO B 2003 -29.53 5.25 -7.24
C PRO B 2003 -29.09 5.86 -5.91
N ILE B 2004 -30.10 6.22 -5.12
CA ILE B 2004 -29.88 6.86 -3.81
C ILE B 2004 -29.43 5.83 -2.78
N TYR B 2005 -28.45 6.23 -1.97
CA TYR B 2005 -27.76 5.36 -1.02
C TYR B 2005 -28.41 5.39 0.37
N ALA B 2006 -29.70 5.03 0.43
CA ALA B 2006 -30.41 4.97 1.71
C ALA B 2006 -29.64 4.21 2.76
N THR B 2007 -29.62 4.75 3.99
CA THR B 2007 -28.69 4.33 5.04
C THR B 2007 -29.39 4.11 6.39
N PRO B 2008 -29.11 3.01 7.07
CA PRO B 2008 -29.91 2.61 8.25
C PRO B 2008 -29.60 3.46 9.47
N ALA B 2009 -30.63 3.65 10.30
CA ALA B 2009 -30.50 4.47 11.50
C ALA B 2009 -29.87 3.69 12.65
N ASP B 2010 -29.56 4.41 13.72
CA ASP B 2010 -29.01 3.85 14.95
C ASP B 2010 -29.91 2.79 15.56
N PRO B 2011 -29.34 1.81 16.27
CA PRO B 2011 -30.15 0.87 17.04
C PRO B 2011 -30.86 1.54 18.20
N LYS B 2012 -32.08 1.04 18.49
CA LYS B 2012 -32.77 1.45 19.70
C LYS B 2012 -32.02 1.02 20.95
N ALA B 2013 -32.10 1.85 21.98
CA ALA B 2013 -31.77 1.49 23.36
C ALA B 2013 -32.77 0.47 23.91
N LEU B 2014 -32.31 -0.74 24.20
CA LEU B 2014 -33.14 -1.69 24.95
C LEU B 2014 -33.53 -1.11 26.30
N LEU B 2015 -34.75 -1.42 26.74
CA LEU B 2015 -35.28 -0.92 28.00
C LEU B 2015 -35.83 -2.07 28.84
N SER B 2016 -35.60 -2.01 30.15
CA SER B 2016 -36.04 -3.02 31.10
C SER B 2016 -37.08 -2.47 32.07
N ALA B 2017 -38.00 -3.33 32.48
CA ALA B 2017 -39.09 -2.97 33.38
C ALA B 2017 -38.82 -3.52 34.77
N ALA B 2018 -38.97 -2.68 35.79
CA ALA B 2018 -38.75 -3.09 37.17
C ALA B 2018 -40.03 -2.88 37.96
N VAL B 2019 -40.70 -3.97 38.31
CA VAL B 2019 -41.95 -3.94 39.06
C VAL B 2019 -41.67 -4.39 40.50
N ALA B 2020 -42.59 -4.06 41.39
CA ALA B 2020 -42.48 -4.42 42.80
C ALA B 2020 -43.48 -5.51 43.18
N THR B 2021 -43.27 -6.09 44.34
CA THR B 2021 -44.20 -7.05 44.94
C THR B 2021 -44.63 -6.54 46.31
N SER B 2022 -45.89 -6.78 46.68
CA SER B 2022 -46.40 -6.45 47.99
C SER B 2022 -47.15 -7.62 48.64
N GLN B 2023 -47.07 -7.68 49.96
CA GLN B 2023 -47.69 -8.74 50.77
C GLN B 2023 -48.24 -8.12 52.04
N GLY B 2024 -49.40 -8.62 52.48
CA GLY B 2024 -50.16 -7.95 53.52
C GLY B 2024 -49.44 -7.88 54.86
N GLY B 2025 -49.97 -7.00 55.71
CA GLY B 2025 -49.55 -6.94 57.11
C GLY B 2025 -49.86 -8.19 57.89
N GLY B 2026 -49.04 -8.43 58.91
CA GLY B 2026 -49.18 -9.57 59.81
C GLY B 2026 -50.35 -9.41 60.79
N LYS B 2027 -50.54 -10.45 61.59
CA LYS B 2027 -51.65 -10.52 62.54
C LYS B 2027 -51.12 -11.07 63.86
N LEU B 2028 -51.51 -10.42 64.99
CA LEU B 2028 -51.03 -10.83 66.32
C LEU B 2028 -51.71 -12.09 66.84
N PRO B 2029 -50.92 -13.02 67.41
CA PRO B 2029 -51.48 -14.09 68.25
C PRO B 2029 -52.34 -13.62 69.41
N GLU B 2030 -53.11 -14.54 69.99
CA GLU B 2030 -53.81 -14.33 71.24
C GLU B 2030 -52.86 -14.38 72.45
N SER B 2031 -52.92 -13.35 73.29
CA SER B 2031 -52.09 -13.27 74.49
C SER B 2031 -52.52 -14.29 75.55
N PHE B 2032 -51.54 -14.80 76.29
CA PHE B 2032 -51.76 -15.81 77.31
C PHE B 2032 -51.23 -15.34 78.67
N MET B 2033 -52.01 -15.54 79.72
CA MET B 2033 -51.63 -15.18 81.08
C MET B 2033 -50.78 -16.27 81.74
N SER B 2034 -49.73 -15.87 82.45
CA SER B 2034 -48.82 -16.85 83.03
C SER B 2034 -48.25 -16.36 84.36
N LEU B 2035 -47.79 -17.33 85.16
CA LEU B 2035 -47.48 -17.23 86.58
C LEU B 2035 -46.17 -16.54 86.92
N TRP B 2036 -45.51 -15.85 86.00
CA TRP B 2036 -44.22 -15.26 86.29
C TRP B 2036 -44.36 -13.76 86.54
N ARG B 2037 -43.86 -13.31 87.68
CA ARG B 2037 -43.69 -11.89 87.92
C ARG B 2037 -42.87 -11.25 86.80
N PHE B 2038 -43.21 -10.01 86.50
CA PHE B 2038 -42.72 -9.32 85.31
C PHE B 2038 -41.20 -9.30 85.13
N PRO B 2039 -40.38 -9.04 86.13
CA PRO B 2039 -38.92 -9.04 85.87
C PRO B 2039 -38.39 -10.36 85.32
N HIS B 2040 -38.95 -11.48 85.72
CA HIS B 2040 -38.46 -12.78 85.23
C HIS B 2040 -38.96 -13.07 83.84
N MET B 2041 -40.24 -12.87 83.59
CA MET B 2041 -40.79 -13.02 82.25
C MET B 2041 -40.19 -12.04 81.26
N LEU B 2042 -39.71 -10.90 81.73
CA LEU B 2042 -38.96 -10.01 80.86
C LEU B 2042 -37.55 -10.52 80.56
N GLU B 2043 -36.82 -11.03 81.56
CA GLU B 2043 -35.52 -11.62 81.22
C GLU B 2043 -35.65 -12.83 80.29
N ASN B 2044 -36.74 -13.58 80.45
CA ASN B 2044 -37.05 -14.70 79.55
C ASN B 2044 -37.29 -14.21 78.13
N ALA B 2045 -38.26 -13.32 77.95
CA ALA B 2045 -38.58 -12.85 76.61
C ALA B 2045 -37.38 -12.19 75.96
N ARG B 2046 -36.69 -11.29 76.68
CA ARG B 2046 -35.48 -10.67 76.14
C ARG B 2046 -34.48 -11.69 75.62
N GLY B 2047 -34.30 -12.82 76.32
CA GLY B 2047 -33.43 -13.86 75.79
C GLY B 2047 -33.94 -14.45 74.48
N MET B 2048 -35.23 -14.74 74.45
CA MET B 2048 -35.89 -15.24 73.24
C MET B 2048 -35.72 -14.29 72.06
N VAL B 2049 -35.94 -13.00 72.29
CA VAL B 2049 -35.77 -12.01 71.25
C VAL B 2049 -34.34 -11.92 70.76
N SER B 2050 -33.36 -11.93 71.66
CA SER B 2050 -31.99 -11.86 71.18
C SER B 2050 -31.63 -13.07 70.31
N GLN B 2051 -32.21 -14.23 70.62
CA GLN B 2051 -32.06 -15.36 69.72
C GLN B 2051 -32.70 -15.10 68.35
N LEU B 2052 -33.85 -14.45 68.34
CA LEU B 2052 -34.44 -14.17 67.04
C LEU B 2052 -33.57 -13.22 66.23
N THR B 2053 -33.03 -12.18 66.88
CA THR B 2053 -32.15 -11.27 66.15
C THR B 2053 -30.96 -12.00 65.56
N GLN B 2054 -30.52 -13.06 66.22
CA GLN B 2054 -29.37 -13.80 65.72
C GLN B 2054 -29.71 -14.59 64.47
N PHE B 2055 -30.91 -15.20 64.45
CA PHE B 2055 -31.41 -15.75 63.19
C PHE B 2055 -31.58 -14.71 62.11
N GLY B 2056 -31.97 -13.50 62.46
CA GLY B 2056 -32.08 -12.46 61.44
C GLY B 2056 -30.77 -12.04 60.81
N SER B 2057 -29.68 -12.05 61.58
CA SER B 2057 -28.38 -11.73 61.00
C SER B 2057 -27.84 -12.86 60.13
N THR B 2058 -27.95 -14.11 60.59
CA THR B 2058 -27.68 -15.22 59.68
C THR B 2058 -28.50 -15.18 58.39
N LEU B 2059 -29.79 -14.86 58.49
CA LEU B 2059 -30.61 -14.83 57.28
C LEU B 2059 -30.18 -13.74 56.31
N GLN B 2060 -29.85 -12.56 56.81
CA GLN B 2060 -29.37 -11.51 55.90
C GLN B 2060 -28.09 -11.92 55.20
N ASN B 2061 -27.18 -12.55 55.93
CA ASN B 2061 -25.93 -12.99 55.30
C ASN B 2061 -26.18 -14.03 54.21
N ILE B 2062 -27.09 -14.97 54.46
CA ILE B 2062 -27.43 -15.96 53.43
C ILE B 2062 -28.04 -15.30 52.20
N ILE B 2063 -28.95 -14.35 52.39
CA ILE B 2063 -29.60 -13.72 51.24
C ILE B 2063 -28.57 -13.03 50.36
N GLU B 2064 -27.66 -12.29 50.98
CA GLU B 2064 -26.63 -11.59 50.21
C GLU B 2064 -25.74 -12.59 49.47
N ARG B 2065 -25.39 -13.69 50.13
CA ARG B 2065 -24.45 -14.62 49.54
C ARG B 2065 -25.06 -15.32 48.34
N GLN B 2066 -26.27 -15.83 48.49
CA GLN B 2066 -26.84 -16.63 47.42
C GLN B 2066 -27.11 -15.78 46.20
N ASP B 2067 -27.56 -14.53 46.40
CA ASP B 2067 -27.76 -13.67 45.24
C ASP B 2067 -26.46 -13.34 44.52
N ALA B 2068 -25.38 -13.08 45.26
CA ALA B 2068 -24.09 -12.84 44.58
C ALA B 2068 -23.57 -14.08 43.88
N GLU B 2069 -23.80 -15.27 44.42
CA GLU B 2069 -23.32 -16.48 43.73
C GLU B 2069 -24.13 -16.80 42.48
N ALA B 2070 -25.42 -16.46 42.46
CA ALA B 2070 -26.20 -16.55 41.22
C ALA B 2070 -25.71 -15.56 40.16
N LEU B 2071 -25.21 -14.39 40.58
CA LEU B 2071 -24.56 -13.51 39.61
C LEU B 2071 -23.24 -14.07 39.10
N ASN B 2072 -22.45 -14.66 39.99
CA ASN B 2072 -21.21 -15.30 39.55
C ASN B 2072 -21.45 -16.38 38.50
N ALA B 2073 -22.45 -17.24 38.69
CA ALA B 2073 -22.80 -18.21 37.64
C ALA B 2073 -23.36 -17.56 36.37
N LEU B 2074 -24.03 -16.41 36.49
CA LEU B 2074 -24.52 -15.74 35.30
C LEU B 2074 -23.39 -15.22 34.43
N LEU B 2075 -22.36 -14.66 35.04
CA LEU B 2075 -21.27 -14.10 34.23
C LEU B 2075 -20.50 -15.20 33.48
N GLN B 2076 -20.42 -16.40 34.05
CA GLN B 2076 -19.78 -17.51 33.36
C GLN B 2076 -20.59 -18.00 32.19
N ASN B 2077 -21.90 -18.15 32.35
CA ASN B 2077 -22.68 -18.59 31.19
C ASN B 2077 -22.67 -17.54 30.09
N GLN B 2078 -22.58 -16.28 30.47
CA GLN B 2078 -22.55 -15.20 29.49
C GLN B 2078 -21.22 -15.11 28.74
N ALA B 2079 -20.09 -15.30 29.41
CA ALA B 2079 -18.84 -15.36 28.64
C ALA B 2079 -18.70 -16.65 27.83
N ALA B 2080 -19.24 -17.76 28.31
CA ALA B 2080 -19.26 -18.97 27.52
C ALA B 2080 -20.03 -18.77 26.23
N GLU B 2081 -21.07 -17.93 26.25
CA GLU B 2081 -21.81 -17.72 25.02
C GLU B 2081 -21.11 -16.72 24.11
N LEU B 2082 -20.42 -15.73 24.70
CA LEU B 2082 -19.69 -14.74 23.90
C LEU B 2082 -18.52 -15.32 23.12
N ILE B 2083 -17.90 -16.40 23.60
CA ILE B 2083 -16.72 -16.95 22.90
C ILE B 2083 -17.02 -17.49 21.49
N LEU B 2084 -18.20 -18.05 21.24
CA LEU B 2084 -18.47 -18.69 19.96
C LEU B 2084 -18.32 -17.73 18.79
N THR B 2085 -18.80 -16.48 18.93
CA THR B 2085 -18.68 -15.57 17.82
C THR B 2085 -17.22 -15.24 17.54
N ASN B 2086 -16.39 -15.19 18.57
CA ASN B 2086 -14.98 -14.92 18.33
C ASN B 2086 -14.37 -16.06 17.54
N LEU B 2087 -14.79 -17.29 17.81
CA LEU B 2087 -14.29 -18.41 17.02
C LEU B 2087 -14.67 -18.29 15.56
N SER B 2088 -15.92 -17.89 15.28
CA SER B 2088 -16.34 -17.70 13.90
C SER B 2088 -15.54 -16.58 13.20
N ILE B 2089 -15.30 -15.48 13.91
CA ILE B 2089 -14.52 -14.37 13.32
C ILE B 2089 -13.09 -14.81 13.00
N GLN B 2090 -12.46 -15.54 13.92
CA GLN B 2090 -11.09 -15.96 13.67
C GLN B 2090 -11.03 -16.91 12.49
N ASP B 2091 -12.01 -17.81 12.39
CA ASP B 2091 -12.05 -18.70 11.25
C ASP B 2091 -12.18 -17.91 9.95
N LYS B 2092 -13.02 -16.88 9.91
CA LYS B 2092 -13.11 -16.17 8.64
C LYS B 2092 -11.88 -15.31 8.37
N THR B 2093 -11.10 -14.94 9.39
CA THR B 2093 -9.83 -14.30 9.10
C THR B 2093 -8.87 -15.24 8.40
N ILE B 2094 -8.92 -16.53 8.73
CA ILE B 2094 -8.04 -17.45 8.01
C ILE B 2094 -8.40 -17.48 6.52
N GLU B 2095 -9.69 -17.55 6.21
CA GLU B 2095 -10.11 -17.56 4.81
C GLU B 2095 -9.74 -16.27 4.09
N GLU B 2096 -9.72 -15.15 4.82
CA GLU B 2096 -9.24 -13.91 4.23
C GLU B 2096 -7.78 -14.03 3.82
N LEU B 2097 -6.96 -14.65 4.65
CA LEU B 2097 -5.56 -14.82 4.26
C LEU B 2097 -5.39 -15.81 3.10
N ASP B 2098 -6.24 -16.84 3.02
CA ASP B 2098 -6.20 -17.72 1.85
C ASP B 2098 -6.55 -16.98 0.56
N ALA B 2099 -7.55 -16.10 0.58
CA ALA B 2099 -7.84 -15.29 -0.60
C ALA B 2099 -6.70 -14.33 -0.93
N GLU B 2100 -6.03 -13.77 0.08
CA GLU B 2100 -4.87 -12.94 -0.21
C GLU B 2100 -3.76 -13.74 -0.88
N LYS B 2101 -3.60 -15.01 -0.48
CA LYS B 2101 -2.64 -15.88 -1.16
C LYS B 2101 -3.01 -16.03 -2.62
N THR B 2102 -4.30 -16.20 -2.91
CA THR B 2102 -4.71 -16.33 -4.30
C THR B 2102 -4.36 -15.07 -5.09
N VAL B 2103 -4.52 -13.90 -4.46
CA VAL B 2103 -4.18 -12.65 -5.15
C VAL B 2103 -2.71 -12.65 -5.53
N LEU B 2104 -1.86 -13.05 -4.60
CA LEU B 2104 -0.42 -12.95 -4.86
C LEU B 2104 0.01 -13.93 -5.96
N GLU B 2105 -0.41 -15.18 -5.86
CA GLU B 2105 0.11 -16.15 -6.82
C GLU B 2105 -0.47 -15.92 -8.20
N LYS B 2106 -1.70 -15.44 -8.28
CA LYS B 2106 -2.25 -15.23 -9.60
C LYS B 2106 -1.77 -13.92 -10.23
N SER B 2107 -1.29 -12.95 -9.44
CA SER B 2107 -0.51 -11.89 -10.08
C SER B 2107 0.87 -12.39 -10.52
N LYS B 2108 1.42 -13.39 -9.81
CA LYS B 2108 2.71 -13.92 -10.23
C LYS B 2108 2.61 -14.61 -11.58
N ALA B 2109 1.47 -15.21 -11.89
CA ALA B 2109 1.33 -15.81 -13.22
C ALA B 2109 1.48 -14.77 -14.32
N GLY B 2110 0.94 -13.55 -14.08
CA GLY B 2110 1.14 -12.45 -15.01
C GLY B 2110 2.58 -12.02 -15.15
N ALA B 2111 3.30 -11.98 -14.03
CA ALA B 2111 4.72 -11.64 -14.10
C ALA B 2111 5.50 -12.70 -14.87
N GLN B 2112 5.16 -13.97 -14.68
CA GLN B 2112 5.84 -15.02 -15.44
C GLN B 2112 5.57 -14.89 -16.93
N SER B 2113 4.33 -14.59 -17.31
CA SER B 2113 4.03 -14.42 -18.72
C SER B 2113 4.77 -13.25 -19.34
N ARG B 2114 5.02 -12.20 -18.56
CA ARG B 2114 5.80 -11.09 -19.10
C ARG B 2114 7.26 -11.46 -19.22
N PHE B 2115 7.76 -12.22 -18.26
CA PHE B 2115 9.18 -12.57 -18.24
C PHE B 2115 9.49 -13.50 -19.40
N ASP B 2116 8.69 -14.52 -19.60
CA ASP B 2116 9.00 -15.48 -20.66
C ASP B 2116 8.77 -14.85 -22.02
N SER B 2117 7.75 -13.97 -22.17
CA SER B 2117 7.57 -13.33 -23.47
C SER B 2117 8.76 -12.46 -23.84
N TYR B 2118 9.28 -11.68 -22.90
CA TYR B 2118 10.48 -10.90 -23.17
C TYR B 2118 11.71 -11.76 -23.44
N GLY B 2119 11.87 -12.86 -22.72
CA GLY B 2119 12.96 -13.76 -23.06
C GLY B 2119 12.83 -14.36 -24.44
N LYS B 2120 11.61 -14.68 -24.86
CA LYS B 2120 11.40 -15.16 -26.21
C LYS B 2120 11.68 -14.09 -27.25
N LEU B 2121 11.57 -12.81 -26.89
CA LEU B 2121 11.91 -11.79 -27.87
C LEU B 2121 13.40 -11.56 -27.88
N TYR B 2122 14.08 -11.89 -26.80
CA TYR B 2122 15.50 -11.64 -26.69
C TYR B 2122 16.33 -12.72 -27.35
N ASP B 2123 16.03 -13.98 -27.04
CA ASP B 2123 16.84 -15.07 -27.56
C ASP B 2123 16.82 -15.12 -29.09
N GLU B 2124 15.64 -14.95 -29.69
CA GLU B 2124 15.49 -14.77 -31.14
C GLU B 2124 15.39 -13.29 -31.49
N ASN B 2125 16.48 -12.57 -31.26
CA ASN B 2125 16.48 -11.13 -31.45
C ASN B 2125 16.22 -10.68 -32.88
N ILE B 2126 16.82 -11.33 -33.86
CA ILE B 2126 16.65 -10.96 -35.27
C ILE B 2126 15.99 -12.10 -36.00
N ASN B 2127 14.85 -11.84 -36.63
CA ASN B 2127 14.15 -12.89 -37.32
C ASN B 2127 14.64 -13.01 -38.76
N ALA B 2128 13.97 -13.83 -39.57
CA ALA B 2128 14.34 -14.05 -40.96
C ALA B 2128 14.09 -12.87 -41.87
N GLY B 2129 13.34 -11.88 -41.43
CA GLY B 2129 13.06 -10.73 -42.25
C GLY B 2129 14.03 -9.59 -42.02
N GLU B 2130 14.39 -9.39 -40.77
CA GLU B 2130 15.29 -8.30 -40.43
C GLU B 2130 16.66 -8.47 -41.07
N ASN B 2131 17.24 -9.67 -41.03
CA ASN B 2131 18.54 -9.85 -41.68
C ASN B 2131 18.41 -9.91 -43.19
N GLN B 2132 17.23 -10.26 -43.70
CA GLN B 2132 17.05 -10.24 -45.14
C GLN B 2132 17.22 -8.83 -45.67
N ALA B 2133 16.69 -7.84 -44.95
CA ALA B 2133 16.89 -6.46 -45.35
C ALA B 2133 18.36 -6.07 -45.28
N MET B 2134 19.09 -6.57 -44.29
CA MET B 2134 20.51 -6.25 -44.20
C MET B 2134 21.28 -6.75 -45.40
N THR B 2135 21.04 -8.01 -45.78
CA THR B 2135 21.71 -8.58 -46.94
C THR B 2135 21.32 -7.85 -48.21
N LEU B 2136 20.05 -7.50 -48.33
CA LEU B 2136 19.57 -6.81 -49.52
C LEU B 2136 20.15 -5.41 -49.61
N ARG B 2137 20.23 -4.70 -48.49
CA ARG B 2137 20.77 -3.36 -48.48
C ARG B 2137 22.25 -3.38 -48.79
N ALA B 2138 22.99 -4.33 -48.22
CA ALA B 2138 24.42 -4.40 -48.46
C ALA B 2138 24.72 -4.79 -49.90
N SER B 2139 23.85 -5.54 -50.56
CA SER B 2139 24.14 -5.88 -51.95
C SER B 2139 24.15 -4.66 -52.86
N ALA B 2140 23.38 -3.62 -52.53
CA ALA B 2140 23.41 -2.38 -53.28
C ALA B 2140 24.72 -1.62 -53.15
N ALA B 2141 25.43 -1.80 -52.03
CA ALA B 2141 26.70 -1.10 -51.84
C ALA B 2141 27.81 -1.63 -52.74
N GLY B 2142 27.73 -2.87 -53.19
CA GLY B 2142 28.75 -3.47 -54.04
C GLY B 2142 28.75 -3.13 -55.51
N LEU B 2143 27.81 -2.33 -55.99
CA LEU B 2143 27.72 -1.96 -57.40
C LEU B 2143 28.57 -0.75 -57.78
N THR B 2144 29.26 -0.11 -56.84
CA THR B 2144 29.99 1.09 -57.17
C THR B 2144 31.17 0.85 -58.10
N THR B 2145 31.85 -0.28 -57.97
CA THR B 2145 32.98 -0.51 -58.87
C THR B 2145 32.50 -0.90 -60.25
N ALA B 2146 31.34 -1.54 -60.32
CA ALA B 2146 30.84 -1.96 -61.63
C ALA B 2146 30.38 -0.74 -62.39
N VAL B 2147 29.66 0.17 -61.74
CA VAL B 2147 29.20 1.35 -62.47
C VAL B 2147 30.38 2.24 -62.83
N GLN B 2148 31.38 2.33 -61.94
CA GLN B 2148 32.56 3.13 -62.26
C GLN B 2148 33.29 2.59 -63.48
N ALA B 2149 33.47 1.27 -63.56
CA ALA B 2149 34.10 0.69 -64.74
C ALA B 2149 33.24 0.90 -65.98
N SER B 2150 31.92 0.76 -65.86
CA SER B 2150 31.06 0.91 -67.02
C SER B 2150 31.13 2.33 -67.59
N ARG B 2151 31.10 3.33 -66.70
CA ARG B 2151 31.11 4.71 -67.18
C ARG B 2151 32.48 5.07 -67.75
N LEU B 2152 33.55 4.58 -67.15
CA LEU B 2152 34.86 4.87 -67.73
C LEU B 2152 35.01 4.21 -69.09
N ALA B 2153 34.53 2.98 -69.24
CA ALA B 2153 34.63 2.30 -70.52
C ALA B 2153 33.83 3.01 -71.60
N GLY B 2154 32.62 3.47 -71.28
CA GLY B 2154 31.86 4.19 -72.28
C GLY B 2154 32.50 5.52 -72.64
N ALA B 2155 33.10 6.19 -71.65
CA ALA B 2155 33.74 7.47 -71.94
C ALA B 2155 34.90 7.27 -72.89
N ALA B 2156 35.75 6.29 -72.60
CA ALA B 2156 36.91 6.07 -73.45
C ALA B 2156 36.49 5.63 -74.84
N ALA B 2157 35.47 4.78 -74.93
CA ALA B 2157 34.98 4.37 -76.24
C ALA B 2157 34.26 5.46 -77.01
N ASP B 2158 33.94 6.58 -76.38
CA ASP B 2158 33.19 7.64 -77.07
C ASP B 2158 34.05 8.67 -77.79
N LEU B 2159 35.30 8.89 -77.34
CA LEU B 2159 36.15 9.92 -77.93
C LEU B 2159 36.57 9.62 -79.38
N VAL B 2160 36.47 8.40 -79.85
CA VAL B 2160 36.81 8.15 -81.25
C VAL B 2160 35.78 8.83 -82.16
N PRO B 2161 36.19 9.37 -83.32
CA PRO B 2161 35.21 10.02 -84.19
C PRO B 2161 34.20 9.02 -84.72
N ASN B 2162 33.01 9.51 -85.07
CA ASN B 2162 31.95 8.65 -85.57
C ASN B 2162 31.31 9.05 -86.89
N ILE B 2163 31.64 10.19 -87.47
CA ILE B 2163 31.20 10.52 -88.83
C ILE B 2163 32.43 10.70 -89.71
N PHE B 2164 32.31 10.31 -90.97
CA PHE B 2164 33.44 10.10 -91.84
C PHE B 2164 33.13 10.60 -93.25
N GLY B 2165 34.16 10.59 -94.06
CA GLY B 2165 34.05 11.07 -95.43
C GLY B 2165 34.34 12.56 -95.54
N PHE B 2166 33.41 13.31 -96.11
CA PHE B 2166 33.62 14.75 -96.23
C PHE B 2166 33.45 15.50 -94.90
N ALA B 2167 32.62 15.03 -94.00
CA ALA B 2167 32.58 15.57 -92.65
C ALA B 2167 33.26 14.61 -91.69
N GLY B 2168 34.08 15.16 -90.80
CA GLY B 2168 34.83 14.35 -89.87
C GLY B 2168 34.52 14.67 -88.43
N GLY B 2169 35.24 14.06 -87.51
CA GLY B 2169 35.00 14.35 -86.11
C GLY B 2169 33.72 13.77 -85.57
N GLY B 2170 32.99 14.60 -84.83
CA GLY B 2170 31.77 14.16 -84.19
C GLY B 2170 31.99 13.60 -82.80
N SER B 2171 33.25 13.50 -82.37
CA SER B 2171 33.60 13.04 -81.03
C SER B 2171 33.28 14.08 -79.98
N ARG B 2172 32.43 13.72 -79.04
CA ARG B 2172 32.05 14.63 -77.95
C ARG B 2172 33.21 14.77 -76.98
N TRP B 2173 33.80 15.96 -76.92
CA TRP B 2173 34.99 16.19 -76.09
C TRP B 2173 34.71 16.10 -74.61
N GLY B 2174 33.49 16.34 -74.18
CA GLY B 2174 33.20 16.31 -72.76
C GLY B 2174 32.98 14.98 -72.10
N ALA B 2175 33.11 13.87 -72.83
CA ALA B 2175 32.68 12.58 -72.29
C ALA B 2175 33.44 12.17 -71.04
N ILE B 2176 34.73 12.51 -70.93
CA ILE B 2176 35.48 12.14 -69.73
C ILE B 2176 34.98 12.91 -68.51
N ALA B 2177 34.67 14.19 -68.68
CA ALA B 2177 34.14 14.97 -67.57
C ALA B 2177 32.74 14.53 -67.19
N GLU B 2178 31.93 14.14 -68.16
CA GLU B 2178 30.61 13.57 -67.87
C GLU B 2178 30.71 12.26 -67.09
N ALA B 2179 31.59 11.36 -67.52
CA ALA B 2179 31.78 10.12 -66.76
C ALA B 2179 32.30 10.36 -65.34
N THR B 2180 33.26 11.26 -65.15
CA THR B 2180 33.67 11.60 -63.79
C THR B 2180 32.54 12.21 -62.96
N GLY B 2181 31.65 12.94 -63.62
CA GLY B 2181 30.50 13.49 -62.91
C GLY B 2181 29.48 12.43 -62.52
N TYR B 2182 29.15 11.54 -63.44
CA TYR B 2182 28.24 10.46 -63.12
C TYR B 2182 28.77 9.58 -62.00
N VAL B 2183 30.02 9.16 -62.07
CA VAL B 2183 30.51 8.30 -61.00
C VAL B 2183 30.60 9.03 -59.66
N MET B 2184 30.90 10.33 -59.68
CA MET B 2184 31.05 11.07 -58.44
C MET B 2184 29.72 11.50 -57.82
N GLU B 2185 28.68 11.69 -58.61
CA GLU B 2185 27.33 11.84 -58.07
C GLU B 2185 26.67 10.53 -57.65
N PHE B 2186 26.97 9.41 -58.32
CA PHE B 2186 26.54 8.10 -57.83
C PHE B 2186 27.13 7.77 -56.46
N SER B 2187 28.44 8.02 -56.28
CA SER B 2187 29.08 7.84 -54.97
C SER B 2187 28.30 8.38 -53.78
N ALA B 2188 27.73 9.59 -53.88
CA ALA B 2188 26.93 10.11 -52.78
C ALA B 2188 25.72 9.25 -52.46
N ASN B 2189 25.00 8.77 -53.47
CA ASN B 2189 23.88 7.89 -53.23
C ASN B 2189 24.30 6.58 -52.57
N VAL B 2190 25.40 6.00 -53.03
CA VAL B 2190 25.81 4.74 -52.41
C VAL B 2190 26.26 4.95 -50.96
N MET B 2191 26.94 6.05 -50.66
CA MET B 2191 27.23 6.31 -49.26
C MET B 2191 25.98 6.55 -48.42
N ASN B 2192 24.93 7.16 -48.97
CA ASN B 2192 23.69 7.23 -48.18
C ASN B 2192 23.07 5.86 -47.93
N THR B 2193 23.06 4.99 -48.93
CA THR B 2193 22.52 3.64 -48.73
C THR B 2193 23.32 2.88 -47.67
N GLU B 2194 24.63 2.96 -47.74
CA GLU B 2194 25.50 2.28 -46.80
C GLU B 2194 25.34 2.81 -45.37
N ALA B 2195 25.33 4.14 -45.21
CA ALA B 2195 25.07 4.71 -43.90
C ALA B 2195 23.70 4.32 -43.36
N ASP B 2196 22.72 4.13 -44.23
CA ASP B 2196 21.42 3.69 -43.76
C ASP B 2196 21.42 2.23 -43.32
N LYS B 2197 22.20 1.38 -43.99
CA LYS B 2197 22.36 0.02 -43.46
C LYS B 2197 22.99 0.02 -42.08
N ILE B 2198 24.01 0.84 -41.87
CA ILE B 2198 24.63 0.87 -40.54
C ILE B 2198 23.66 1.39 -39.49
N SER B 2199 22.93 2.45 -39.80
CA SER B 2199 21.99 3.00 -38.82
C SER B 2199 20.83 2.07 -38.50
N GLN B 2200 20.35 1.30 -39.47
CA GLN B 2200 19.39 0.23 -39.19
C GLN B 2200 19.96 -0.82 -38.25
N SER B 2201 21.21 -1.20 -38.45
CA SER B 2201 21.82 -2.20 -37.58
C SER B 2201 21.94 -1.70 -36.14
N GLU B 2202 22.42 -0.48 -35.97
CA GLU B 2202 22.48 0.10 -34.63
C GLU B 2202 21.10 0.25 -33.99
N THR B 2203 20.05 0.45 -34.79
CA THR B 2203 18.71 0.50 -34.23
C THR B 2203 18.32 -0.85 -33.65
N TYR B 2204 18.49 -1.91 -34.43
CA TYR B 2204 18.13 -3.24 -33.92
C TYR B 2204 18.90 -3.59 -32.66
N ARG B 2205 20.15 -3.14 -32.56
CA ARG B 2205 20.93 -3.40 -31.36
C ARG B 2205 20.43 -2.63 -30.15
N ARG B 2206 20.08 -1.35 -30.33
CA ARG B 2206 19.56 -0.59 -29.20
C ARG B 2206 18.24 -1.17 -28.72
N ARG B 2207 17.41 -1.62 -29.66
CA ARG B 2207 16.15 -2.24 -29.28
C ARG B 2207 16.37 -3.48 -28.43
N ARG B 2208 17.33 -4.32 -28.83
CA ARG B 2208 17.59 -5.52 -28.03
C ARG B 2208 18.07 -5.19 -26.62
N GLN B 2209 18.90 -4.17 -26.47
CA GLN B 2209 19.28 -3.79 -25.11
C GLN B 2209 18.11 -3.30 -24.28
N GLU B 2210 17.18 -2.58 -24.90
CA GLU B 2210 15.99 -2.20 -24.13
C GLU B 2210 15.17 -3.42 -23.72
N TRP B 2211 15.15 -4.48 -24.53
CA TRP B 2211 14.52 -5.71 -24.05
C TRP B 2211 15.28 -6.41 -22.92
N GLU B 2212 16.58 -6.19 -22.78
CA GLU B 2212 17.22 -6.62 -21.53
C GLU B 2212 16.75 -5.83 -20.32
N ILE B 2213 16.60 -4.52 -20.46
CA ILE B 2213 16.10 -3.77 -19.32
C ILE B 2213 14.71 -4.26 -18.92
N GLN B 2214 13.87 -4.56 -19.90
CA GLN B 2214 12.51 -5.02 -19.59
C GLN B 2214 12.50 -6.44 -19.02
N ARG B 2215 13.28 -7.34 -19.60
CA ARG B 2215 13.29 -8.71 -19.10
C ARG B 2215 13.81 -8.78 -17.68
N ASN B 2216 14.87 -8.04 -17.39
CA ASN B 2216 15.40 -8.05 -16.03
C ASN B 2216 14.39 -7.44 -15.06
N ASN B 2217 13.67 -6.39 -15.46
CA ASN B 2217 12.64 -5.84 -14.59
C ASN B 2217 11.55 -6.86 -14.28
N ALA B 2218 11.10 -7.60 -15.30
CA ALA B 2218 10.09 -8.62 -15.08
C ALA B 2218 10.60 -9.74 -14.20
N GLU B 2219 11.84 -10.17 -14.39
CA GLU B 2219 12.38 -11.22 -13.54
C GLU B 2219 12.48 -10.78 -12.08
N ALA B 2220 12.91 -9.55 -11.84
CA ALA B 2220 12.99 -9.06 -10.46
C ALA B 2220 11.60 -9.00 -9.79
N GLU B 2221 10.59 -8.54 -10.52
CA GLU B 2221 9.23 -8.54 -9.97
C GLU B 2221 8.74 -9.96 -9.68
N LEU B 2222 9.04 -10.89 -10.57
CA LEU B 2222 8.70 -12.28 -10.31
C LEU B 2222 9.40 -12.77 -9.06
N LYS B 2223 10.67 -12.42 -8.89
CA LYS B 2223 11.42 -12.92 -7.75
C LYS B 2223 10.88 -12.34 -6.44
N GLN B 2224 10.49 -11.07 -6.42
CA GLN B 2224 9.99 -10.51 -5.16
C GLN B 2224 8.62 -11.06 -4.80
N ILE B 2225 7.84 -11.54 -5.77
CA ILE B 2225 6.53 -12.07 -5.40
C ILE B 2225 6.68 -13.35 -4.59
N ASP B 2226 7.66 -14.18 -4.92
CA ASP B 2226 7.83 -15.43 -4.18
C ASP B 2226 8.11 -15.16 -2.70
N ALA B 2227 8.95 -14.16 -2.40
CA ALA B 2227 9.18 -13.82 -1.01
C ALA B 2227 7.93 -13.23 -0.37
N GLN B 2228 7.10 -12.54 -1.14
CA GLN B 2228 5.84 -12.07 -0.58
C GLN B 2228 4.98 -13.26 -0.14
N LEU B 2229 4.97 -14.31 -0.96
CA LEU B 2229 4.25 -15.52 -0.59
C LEU B 2229 4.82 -16.17 0.65
N LYS B 2230 6.14 -16.19 0.80
CA LYS B 2230 6.73 -16.75 2.01
C LYS B 2230 6.29 -16.01 3.27
N SER B 2231 6.26 -14.68 3.19
CA SER B 2231 5.79 -13.90 4.33
C SER B 2231 4.33 -14.19 4.61
N LEU B 2232 3.51 -14.30 3.57
CA LEU B 2232 2.11 -14.59 3.82
C LEU B 2232 1.90 -16.00 4.37
N ALA B 2233 2.74 -16.96 3.99
CA ALA B 2233 2.63 -18.29 4.55
C ALA B 2233 2.87 -18.26 6.05
N VAL B 2234 3.85 -17.45 6.49
CA VAL B 2234 4.02 -17.27 7.93
C VAL B 2234 2.78 -16.63 8.54
N ARG B 2235 2.34 -15.51 7.97
CA ARG B 2235 1.22 -14.77 8.54
C ARG B 2235 -0.01 -15.66 8.73
N ARG B 2236 -0.19 -16.61 7.83
CA ARG B 2236 -1.26 -17.59 7.94
C ARG B 2236 -0.98 -18.63 9.03
N GLU B 2237 0.26 -19.08 9.16
CA GLU B 2237 0.56 -19.94 10.30
C GLU B 2237 0.25 -19.25 11.63
N ALA B 2238 0.59 -17.97 11.76
CA ALA B 2238 0.22 -17.23 12.97
C ALA B 2238 -1.28 -17.03 13.14
N ALA B 2239 -2.05 -17.11 12.07
CA ALA B 2239 -3.50 -16.97 12.26
C ALA B 2239 -4.15 -18.29 12.67
N VAL B 2240 -3.70 -19.40 12.09
CA VAL B 2240 -4.05 -20.71 12.64
C VAL B 2240 -3.66 -20.83 14.11
N LEU B 2241 -2.47 -20.36 14.48
CA LEU B 2241 -2.09 -20.44 15.89
C LEU B 2241 -2.97 -19.56 16.77
N GLN B 2242 -3.42 -18.42 16.28
CA GLN B 2242 -4.37 -17.62 17.05
C GLN B 2242 -5.67 -18.39 17.25
N LYS B 2243 -6.08 -19.14 16.23
CA LYS B 2243 -7.26 -19.99 16.40
C LYS B 2243 -7.05 -21.00 17.50
N THR B 2244 -5.86 -21.61 17.56
CA THR B 2244 -5.58 -22.59 18.61
C THR B 2244 -5.69 -21.96 19.99
N SER B 2245 -5.17 -20.74 20.14
CA SER B 2245 -5.33 -20.03 21.42
C SER B 2245 -6.78 -19.76 21.76
N LEU B 2246 -7.59 -19.35 20.79
CA LEU B 2246 -9.00 -19.09 21.10
C LEU B 2246 -9.74 -20.37 21.44
N LYS B 2247 -9.43 -21.46 20.74
CA LYS B 2247 -10.06 -22.72 21.06
C LYS B 2247 -9.69 -23.17 22.46
N THR B 2248 -8.45 -22.93 22.88
CA THR B 2248 -8.09 -23.28 24.25
C THR B 2248 -8.90 -22.46 25.25
N GLN B 2249 -9.10 -21.16 24.95
CA GLN B 2249 -9.86 -20.34 25.89
C GLN B 2249 -11.30 -20.84 26.04
N GLN B 2250 -11.89 -21.35 24.97
CA GLN B 2250 -13.22 -21.97 25.11
C GLN B 2250 -13.25 -23.11 26.10
N GLU B 2251 -12.26 -23.98 26.07
CA GLU B 2251 -12.16 -25.06 27.05
C GLU B 2251 -11.88 -24.54 28.45
N GLN B 2252 -11.06 -23.52 28.59
CA GLN B 2252 -10.78 -22.99 29.92
C GLN B 2252 -12.01 -22.35 30.56
N THR B 2253 -12.85 -21.69 29.75
CA THR B 2253 -14.12 -21.18 30.24
C THR B 2253 -15.08 -22.30 30.60
N GLN B 2254 -15.06 -23.40 29.84
CA GLN B 2254 -15.90 -24.53 30.21
C GLN B 2254 -15.42 -25.21 31.50
N SER B 2255 -14.10 -25.35 31.67
CA SER B 2255 -13.59 -25.92 32.91
C SER B 2255 -13.92 -25.07 34.13
N GLN B 2256 -13.81 -23.75 34.00
CA GLN B 2256 -14.20 -22.87 35.11
C GLN B 2256 -15.70 -22.91 35.37
N LEU B 2257 -16.52 -22.96 34.33
CA LEU B 2257 -17.96 -23.07 34.55
C LEU B 2257 -18.30 -24.39 35.24
N ALA B 2258 -17.65 -25.47 34.83
CA ALA B 2258 -17.91 -26.75 35.46
C ALA B 2258 -17.51 -26.71 36.92
N PHE B 2259 -16.39 -26.06 37.23
CA PHE B 2259 -16.00 -26.01 38.63
C PHE B 2259 -17.00 -25.24 39.45
N LEU B 2260 -17.57 -24.17 38.89
CA LEU B 2260 -18.59 -23.42 39.62
C LEU B 2260 -19.84 -24.25 39.84
N GLN B 2261 -20.18 -25.13 38.92
CA GLN B 2261 -21.38 -25.95 39.13
C GLN B 2261 -21.11 -27.11 40.07
N ARG B 2262 -19.93 -27.71 40.02
CA ARG B 2262 -19.62 -28.93 40.74
C ARG B 2262 -19.17 -28.72 42.17
N LYS B 2263 -18.64 -27.56 42.53
CA LYS B 2263 -18.19 -27.34 43.89
C LYS B 2263 -19.35 -27.45 44.86
N PHE B 2264 -19.00 -27.76 46.11
CA PHE B 2264 -19.79 -27.42 47.28
C PHE B 2264 -19.71 -25.93 47.55
N SER B 2265 -20.70 -25.40 48.28
CA SER B 2265 -20.92 -23.96 48.40
C SER B 2265 -21.45 -23.36 47.11
N ASN B 2266 -22.18 -24.13 46.33
CA ASN B 2266 -22.76 -23.65 45.09
C ASN B 2266 -24.18 -23.16 45.31
N GLN B 2267 -24.75 -22.64 44.23
CA GLN B 2267 -26.12 -22.11 44.22
C GLN B 2267 -27.12 -23.03 44.92
N ALA B 2268 -27.10 -24.33 44.65
CA ALA B 2268 -28.12 -25.18 45.22
C ALA B 2268 -28.00 -25.32 46.74
N LEU B 2269 -26.78 -25.29 47.29
CA LEU B 2269 -26.67 -25.25 48.75
C LEU B 2269 -27.24 -23.97 49.33
N TYR B 2270 -26.98 -22.82 48.72
CA TYR B 2270 -27.51 -21.59 49.29
C TYR B 2270 -29.02 -21.51 49.14
N ASN B 2271 -29.57 -22.07 48.07
CA ASN B 2271 -31.02 -22.11 47.93
C ASN B 2271 -31.63 -22.93 49.05
N TRP B 2272 -31.03 -24.09 49.36
CA TRP B 2272 -31.57 -24.87 50.45
C TRP B 2272 -31.42 -24.15 51.78
N LEU B 2273 -30.29 -23.48 52.01
CA LEU B 2273 -30.12 -22.76 53.27
C LEU B 2273 -31.14 -21.66 53.41
N ARG B 2274 -31.42 -20.92 52.34
CA ARG B 2274 -32.42 -19.86 52.43
C ARG B 2274 -33.79 -20.42 52.74
N GLY B 2275 -34.20 -21.49 52.06
CA GLY B 2275 -35.55 -22.01 52.31
C GLY B 2275 -35.70 -22.57 53.71
N ARG B 2276 -34.71 -23.36 54.16
CA ARG B 2276 -34.78 -23.95 55.48
C ARG B 2276 -34.74 -22.89 56.57
N LEU B 2277 -33.87 -21.90 56.42
CA LEU B 2277 -33.74 -20.88 57.45
C LEU B 2277 -34.98 -19.98 57.48
N ALA B 2278 -35.56 -19.67 56.33
CA ALA B 2278 -36.76 -18.83 56.33
C ALA B 2278 -37.91 -19.52 57.06
N ALA B 2279 -38.07 -20.84 56.83
CA ALA B 2279 -39.11 -21.56 57.56
C ALA B 2279 -38.85 -21.55 59.07
N ILE B 2280 -37.59 -21.75 59.47
CA ILE B 2280 -37.29 -21.71 60.90
C ILE B 2280 -37.54 -20.31 61.45
N TYR B 2281 -37.17 -19.29 60.70
CA TYR B 2281 -37.31 -17.92 61.17
C TYR B 2281 -38.75 -17.55 61.42
N PHE B 2282 -39.67 -17.95 60.54
CA PHE B 2282 -41.06 -17.61 60.81
C PHE B 2282 -41.64 -18.39 61.98
N GLN B 2283 -41.27 -19.66 62.12
CA GLN B 2283 -41.81 -20.40 63.27
C GLN B 2283 -41.30 -19.80 64.58
N PHE B 2284 -40.02 -19.45 64.61
CA PHE B 2284 -39.44 -18.91 65.83
C PHE B 2284 -39.94 -17.51 66.13
N TYR B 2285 -40.32 -16.76 65.10
CA TYR B 2285 -41.01 -15.49 65.35
C TYR B 2285 -42.37 -15.69 66.00
N ASP B 2286 -43.13 -16.67 65.56
CA ASP B 2286 -44.41 -16.91 66.23
C ASP B 2286 -44.23 -17.26 67.70
N LEU B 2287 -43.20 -18.05 68.02
CA LEU B 2287 -42.88 -18.31 69.42
C LEU B 2287 -42.45 -17.05 70.18
N ALA B 2288 -41.64 -16.20 69.55
CA ALA B 2288 -41.18 -14.98 70.22
C ALA B 2288 -42.34 -14.07 70.54
N VAL B 2289 -43.21 -13.81 69.57
CA VAL B 2289 -44.30 -12.88 69.81
C VAL B 2289 -45.27 -13.42 70.85
N ALA B 2290 -45.52 -14.74 70.85
CA ALA B 2290 -46.31 -15.29 71.94
C ALA B 2290 -45.67 -15.05 73.30
N ARG B 2291 -44.34 -15.09 73.37
CA ARG B 2291 -43.69 -14.82 74.65
C ARG B 2291 -43.75 -13.35 75.06
N CYS B 2292 -43.65 -12.44 74.09
CA CYS B 2292 -43.78 -11.02 74.41
C CYS B 2292 -45.19 -10.64 74.84
N LEU B 2293 -46.22 -11.20 74.21
CA LEU B 2293 -47.56 -10.99 74.73
C LEU B 2293 -47.82 -11.65 76.08
N MET B 2294 -47.01 -12.63 76.45
CA MET B 2294 -47.09 -13.12 77.82
C MET B 2294 -46.45 -12.18 78.83
N ALA B 2295 -45.32 -11.57 78.47
CA ALA B 2295 -44.79 -10.51 79.32
C ALA B 2295 -45.72 -9.30 79.38
N GLU B 2296 -46.50 -9.06 78.33
CA GLU B 2296 -47.44 -7.93 78.39
C GLU B 2296 -48.64 -8.21 79.27
N GLN B 2297 -49.11 -9.46 79.34
CA GLN B 2297 -50.11 -9.77 80.38
C GLN B 2297 -49.53 -9.67 81.78
N ALA B 2298 -48.29 -10.11 81.97
CA ALA B 2298 -47.69 -9.96 83.30
C ALA B 2298 -47.59 -8.49 83.69
N TYR B 2299 -47.24 -7.62 82.74
CA TYR B 2299 -47.24 -6.19 83.02
C TYR B 2299 -48.64 -5.67 83.35
N ARG B 2300 -49.62 -5.98 82.50
CA ARG B 2300 -50.99 -5.52 82.71
C ARG B 2300 -51.65 -6.15 83.92
N TRP B 2301 -50.92 -6.95 84.68
CA TRP B 2301 -51.42 -7.41 85.96
C TRP B 2301 -50.57 -6.99 87.16
N GLU B 2302 -49.26 -6.85 87.02
CA GLU B 2302 -48.50 -6.27 88.11
C GLU B 2302 -48.87 -4.82 88.35
N LEU B 2303 -49.07 -4.06 87.28
CA LEU B 2303 -49.85 -2.82 87.31
C LEU B 2303 -51.23 -3.09 86.76
N ASN B 2304 -52.11 -2.10 86.90
CA ASN B 2304 -53.51 -2.27 86.56
C ASN B 2304 -53.85 -1.68 85.19
N ASP B 2305 -52.85 -1.33 84.38
CA ASP B 2305 -53.04 -0.55 83.16
C ASP B 2305 -53.45 -1.45 81.99
N ASP B 2306 -54.64 -2.04 82.14
CA ASP B 2306 -55.20 -2.92 81.11
C ASP B 2306 -55.27 -2.27 79.74
N SER B 2307 -55.33 -0.95 79.69
CA SER B 2307 -55.38 -0.26 78.39
C SER B 2307 -54.04 -0.26 77.67
N ALA B 2308 -52.93 -0.23 78.39
CA ALA B 2308 -51.62 -0.08 77.78
C ALA B 2308 -51.21 -1.34 77.04
N ARG B 2309 -51.15 -1.26 75.71
CA ARG B 2309 -50.65 -2.34 74.87
C ARG B 2309 -49.45 -1.82 74.10
N PHE B 2310 -48.34 -2.56 74.15
CA PHE B 2310 -47.08 -2.14 73.53
C PHE B 2310 -46.70 -2.93 72.31
N ILE B 2311 -47.05 -4.22 72.25
CA ILE B 2311 -46.77 -5.03 71.08
C ILE B 2311 -47.75 -4.71 69.96
N LYS B 2312 -47.22 -4.30 68.82
CA LYS B 2312 -47.95 -3.92 67.62
C LYS B 2312 -47.87 -5.04 66.59
N PRO B 2313 -48.87 -5.14 65.70
CA PRO B 2313 -48.86 -6.21 64.70
C PRO B 2313 -47.82 -6.04 63.60
N GLY B 2314 -47.22 -4.87 63.44
CA GLY B 2314 -46.34 -4.56 62.35
C GLY B 2314 -44.93 -5.10 62.40
N ALA B 2315 -44.61 -6.00 63.33
CA ALA B 2315 -43.23 -6.40 63.50
C ALA B 2315 -42.72 -7.24 62.34
N TRP B 2316 -43.60 -7.95 61.64
CA TRP B 2316 -43.21 -8.82 60.54
C TRP B 2316 -43.82 -8.33 59.25
N GLN B 2317 -43.05 -8.43 58.16
CA GLN B 2317 -43.51 -7.98 56.85
C GLN B 2317 -43.01 -8.97 55.82
N GLY B 2318 -43.93 -9.59 55.10
CA GLY B 2318 -43.56 -10.59 54.11
C GLY B 2318 -42.96 -10.05 52.84
N THR B 2319 -43.08 -8.74 52.60
CA THR B 2319 -42.47 -8.17 51.40
C THR B 2319 -40.95 -8.31 51.45
N TYR B 2320 -40.36 -8.13 52.62
CA TYR B 2320 -38.92 -8.11 52.78
C TYR B 2320 -38.42 -9.32 53.55
N ALA B 2321 -39.12 -10.44 53.42
CA ALA B 2321 -38.78 -11.71 54.05
C ALA B 2321 -38.73 -11.60 55.56
N GLY B 2322 -39.37 -10.59 56.13
CA GLY B 2322 -39.39 -10.46 57.57
C GLY B 2322 -38.05 -10.13 58.18
N LEU B 2323 -37.15 -9.56 57.41
CA LEU B 2323 -35.85 -9.20 57.94
C LEU B 2323 -35.97 -8.09 58.97
N LEU B 2324 -35.04 -8.10 59.93
CA LEU B 2324 -34.99 -7.19 61.06
C LEU B 2324 -36.10 -7.42 62.08
N ALA B 2325 -37.04 -8.33 61.82
CA ALA B 2325 -38.26 -8.45 62.61
C ALA B 2325 -38.04 -8.47 64.11
N GLY B 2326 -36.93 -9.07 64.57
CA GLY B 2326 -36.72 -9.14 66.01
C GLY B 2326 -36.31 -7.85 66.67
N GLU B 2327 -35.75 -6.91 65.92
CA GLU B 2327 -35.24 -5.71 66.56
C GLU B 2327 -36.35 -4.74 66.93
N THR B 2328 -37.50 -4.83 66.26
CA THR B 2328 -38.68 -4.12 66.73
C THR B 2328 -39.19 -4.69 68.04
N LEU B 2329 -39.16 -6.01 68.20
CA LEU B 2329 -39.56 -6.58 69.48
C LEU B 2329 -38.60 -6.18 70.58
N MET B 2330 -37.31 -6.13 70.27
CA MET B 2330 -36.33 -5.68 71.25
C MET B 2330 -36.61 -4.27 71.71
N LEU B 2331 -36.91 -3.36 70.77
CA LEU B 2331 -37.32 -2.02 71.14
C LEU B 2331 -38.61 -1.99 71.96
N SER B 2332 -39.57 -2.83 71.60
CA SER B 2332 -40.84 -2.82 72.34
C SER B 2332 -40.69 -3.31 73.76
N LEU B 2333 -39.84 -4.31 73.97
CA LEU B 2333 -39.53 -4.73 75.33
C LEU B 2333 -38.71 -3.70 76.10
N ALA B 2334 -37.81 -2.98 75.44
CA ALA B 2334 -37.14 -1.90 76.14
C ALA B 2334 -38.10 -0.79 76.57
N GLN B 2335 -39.15 -0.53 75.78
CA GLN B 2335 -40.18 0.38 76.25
C GLN B 2335 -40.98 -0.20 77.40
N MET B 2336 -41.33 -1.48 77.31
CA MET B 2336 -42.08 -2.13 78.39
C MET B 2336 -41.31 -2.14 79.70
N GLU B 2337 -39.98 -2.26 79.64
CA GLU B 2337 -39.16 -2.15 80.84
C GLU B 2337 -39.10 -0.72 81.36
N ASP B 2338 -38.82 0.24 80.49
CA ASP B 2338 -38.58 1.59 80.99
C ASP B 2338 -39.86 2.23 81.52
N ALA B 2339 -41.01 1.94 80.92
CA ALA B 2339 -42.25 2.45 81.48
C ALA B 2339 -42.60 1.79 82.81
N HIS B 2340 -42.26 0.52 82.98
CA HIS B 2340 -42.38 -0.09 84.30
C HIS B 2340 -41.50 0.60 85.33
N LEU B 2341 -40.21 0.78 85.01
CA LEU B 2341 -39.30 1.46 85.92
C LEU B 2341 -39.77 2.85 86.31
N LYS B 2342 -40.43 3.57 85.41
CA LYS B 2342 -40.98 4.87 85.81
C LYS B 2342 -42.28 4.74 86.61
N ARG B 2343 -43.21 3.89 86.18
CA ARG B 2343 -44.50 3.80 86.87
C ARG B 2343 -44.40 3.08 88.20
N ASP B 2344 -43.74 1.93 88.22
CA ASP B 2344 -43.73 1.08 89.41
C ASP B 2344 -42.89 1.69 90.53
N LYS B 2345 -43.48 1.78 91.72
CA LYS B 2345 -42.80 2.34 92.88
C LYS B 2345 -43.24 1.56 94.12
N ARG B 2346 -42.47 1.72 95.20
CA ARG B 2346 -42.67 0.93 96.40
C ARG B 2346 -44.10 0.98 96.94
N ALA B 2347 -44.75 -0.17 96.91
CA ALA B 2347 -46.06 -0.36 97.52
C ALA B 2347 -45.95 -0.62 99.02
N LEU B 2348 -46.69 0.12 99.82
CA LEU B 2348 -46.62 -0.03 101.27
C LEU B 2348 -47.24 -1.35 101.69
N GLU B 2349 -47.11 -1.69 102.96
CA GLU B 2349 -47.50 -2.99 103.47
C GLU B 2349 -48.53 -2.81 104.57
N VAL B 2350 -49.43 -3.78 104.70
CA VAL B 2350 -50.14 -4.05 105.94
C VAL B 2350 -50.32 -5.55 106.09
N GLU B 2351 -50.34 -6.01 107.32
CA GLU B 2351 -50.98 -7.27 107.70
C GLU B 2351 -52.20 -6.98 108.56
N ARG B 2352 -53.39 -7.29 108.05
CA ARG B 2352 -54.61 -7.30 108.84
C ARG B 2352 -55.00 -8.74 109.15
N THR B 2353 -55.34 -9.00 110.41
CA THR B 2353 -56.02 -10.23 110.80
C THR B 2353 -57.53 -10.08 110.73
N VAL B 2354 -58.18 -11.05 110.10
CA VAL B 2354 -59.62 -11.09 109.93
C VAL B 2354 -60.14 -12.38 110.54
N SER B 2355 -61.03 -12.26 111.53
CA SER B 2355 -61.64 -13.41 112.17
C SER B 2355 -63.01 -13.63 111.57
N LEU B 2356 -63.21 -14.80 110.97
CA LEU B 2356 -64.48 -15.16 110.36
C LEU B 2356 -65.60 -15.37 111.38
N ALA B 2357 -65.26 -15.80 112.59
CA ALA B 2357 -66.27 -15.90 113.65
C ALA B 2357 -66.82 -14.56 114.07
N GLU B 2358 -66.00 -13.51 114.04
CA GLU B 2358 -66.50 -12.17 114.29
C GLU B 2358 -67.18 -11.57 113.07
N VAL B 2359 -66.70 -11.89 111.86
CA VAL B 2359 -67.36 -11.38 110.66
C VAL B 2359 -68.79 -11.91 110.58
N TYR B 2360 -68.99 -13.21 110.79
CA TYR B 2360 -70.36 -13.71 110.77
C TYR B 2360 -71.12 -13.35 112.02
N ALA B 2361 -70.46 -13.26 113.18
CA ALA B 2361 -71.20 -12.94 114.39
C ALA B 2361 -71.67 -11.50 114.37
N GLY B 2362 -70.88 -10.61 113.77
CA GLY B 2362 -71.21 -9.21 113.63
C GLY B 2362 -72.02 -8.87 112.40
N LEU B 2363 -72.57 -9.87 111.73
CA LEU B 2363 -73.26 -9.66 110.46
C LEU B 2363 -74.44 -8.72 110.65
N PRO B 2364 -74.62 -7.74 109.76
CA PRO B 2364 -75.79 -6.87 109.84
C PRO B 2364 -77.10 -7.65 109.86
N LYS B 2365 -78.00 -7.23 110.75
CA LYS B 2365 -79.15 -8.03 111.16
C LYS B 2365 -80.18 -8.21 110.06
N ASP B 2366 -80.03 -7.52 108.92
CA ASP B 2366 -80.85 -7.87 107.76
C ASP B 2366 -80.47 -9.21 107.18
N ASN B 2367 -79.37 -9.80 107.61
CA ASN B 2367 -79.10 -11.22 107.46
C ASN B 2367 -78.96 -11.81 108.86
N GLY B 2368 -79.37 -13.06 109.02
CA GLY B 2368 -79.32 -13.69 110.31
C GLY B 2368 -77.93 -13.91 110.87
N PRO B 2369 -77.60 -13.20 111.94
CA PRO B 2369 -76.25 -13.29 112.50
C PRO B 2369 -76.07 -14.59 113.28
N PHE B 2370 -74.90 -15.20 113.11
CA PHE B 2370 -74.65 -16.50 113.71
C PHE B 2370 -73.15 -16.67 113.95
N SER B 2371 -72.82 -17.30 115.08
CA SER B 2371 -71.46 -17.75 115.35
C SER B 2371 -71.28 -19.18 114.86
N LEU B 2372 -70.11 -19.47 114.32
CA LEU B 2372 -69.90 -20.74 113.65
C LEU B 2372 -70.00 -21.94 114.59
N ALA B 2373 -69.98 -21.70 115.91
CA ALA B 2373 -70.00 -22.83 116.84
C ALA B 2373 -71.30 -23.62 116.73
N GLN B 2374 -72.43 -22.94 116.62
CA GLN B 2374 -73.73 -23.59 116.66
C GLN B 2374 -74.26 -23.99 115.29
N GLU B 2375 -73.54 -23.69 114.20
CA GLU B 2375 -73.93 -24.19 112.90
C GLU B 2375 -72.95 -25.20 112.32
N ILE B 2376 -71.66 -25.13 112.67
CA ILE B 2376 -70.75 -26.17 112.23
C ILE B 2376 -71.19 -27.51 112.81
N ASP B 2377 -71.50 -27.52 114.10
CA ASP B 2377 -71.74 -28.72 114.88
C ASP B 2377 -73.17 -29.24 114.77
N LYS B 2378 -73.97 -28.64 113.89
CA LYS B 2378 -75.22 -29.23 113.43
C LYS B 2378 -75.30 -29.45 111.93
N LEU B 2379 -74.56 -28.68 111.13
CA LEU B 2379 -74.33 -29.02 109.74
C LEU B 2379 -73.28 -30.10 109.56
N VAL B 2380 -72.55 -30.45 110.61
CA VAL B 2380 -71.88 -31.74 110.61
C VAL B 2380 -72.91 -32.85 110.76
N SER B 2381 -73.84 -32.68 111.69
CA SER B 2381 -74.71 -33.77 112.11
C SER B 2381 -75.85 -33.99 111.12
N GLN B 2382 -76.39 -32.93 110.55
CA GLN B 2382 -77.42 -33.03 109.53
C GLN B 2382 -76.86 -32.75 108.14
N GLY B 2383 -77.43 -33.44 107.15
CA GLY B 2383 -76.96 -33.40 105.78
C GLY B 2383 -77.27 -32.15 105.00
N SER B 2384 -77.94 -31.17 105.60
CA SER B 2384 -78.23 -29.92 104.88
C SER B 2384 -78.52 -28.82 105.89
N GLY B 2385 -78.42 -27.59 105.42
CA GLY B 2385 -78.81 -26.44 106.19
C GLY B 2385 -78.08 -25.21 105.70
N SER B 2386 -78.47 -24.06 106.24
CA SER B 2386 -77.73 -22.84 105.96
C SER B 2386 -78.01 -21.82 107.04
N ALA B 2387 -77.16 -20.80 107.08
CA ALA B 2387 -77.36 -19.62 107.91
C ALA B 2387 -76.76 -18.42 107.20
N GLY B 2388 -77.19 -17.23 107.61
CA GLY B 2388 -76.86 -16.01 106.90
C GLY B 2388 -77.56 -15.92 105.55
N SER B 2389 -77.06 -15.01 104.72
CA SER B 2389 -77.62 -14.82 103.39
C SER B 2389 -76.54 -14.33 102.43
N GLY B 2390 -76.81 -14.51 101.14
CA GLY B 2390 -75.93 -14.04 100.09
C GLY B 2390 -74.51 -14.58 100.19
N ASN B 2391 -73.55 -13.73 99.81
CA ASN B 2391 -72.14 -14.08 99.85
C ASN B 2391 -71.65 -14.43 101.25
N ASN B 2392 -72.43 -14.16 102.30
CA ASN B 2392 -71.95 -14.30 103.66
C ASN B 2392 -72.63 -15.45 104.38
N ASN B 2393 -73.09 -16.45 103.63
CA ASN B 2393 -73.78 -17.58 104.23
C ASN B 2393 -72.80 -18.70 104.55
N LEU B 2394 -73.31 -19.72 105.23
CA LEU B 2394 -72.63 -20.99 105.39
C LEU B 2394 -73.59 -22.09 104.99
N ALA B 2395 -73.13 -23.06 104.20
CA ALA B 2395 -74.03 -24.02 103.59
C ALA B 2395 -73.24 -25.25 103.16
N PHE B 2396 -73.98 -26.30 102.85
CA PHE B 2396 -73.43 -27.45 102.14
C PHE B 2396 -73.05 -27.12 100.70
N GLY B 2397 -72.08 -27.86 100.19
CA GLY B 2397 -71.65 -27.70 98.82
C GLY B 2397 -72.79 -27.94 97.83
N ALA B 2398 -72.78 -27.16 96.74
CA ALA B 2398 -73.80 -27.24 95.71
C ALA B 2398 -73.54 -28.37 94.72
N GLY B 2399 -72.32 -28.42 94.17
CA GLY B 2399 -72.03 -29.36 93.10
C GLY B 2399 -71.98 -30.81 93.54
N THR B 2400 -72.22 -31.68 92.56
CA THR B 2400 -72.54 -33.08 92.82
C THR B 2400 -71.46 -33.81 93.59
N ASP B 2401 -70.20 -33.37 93.49
CA ASP B 2401 -69.16 -33.97 94.31
C ASP B 2401 -68.99 -33.26 95.65
N THR B 2402 -69.56 -32.07 95.79
CA THR B 2402 -69.41 -31.27 97.00
C THR B 2402 -70.51 -31.53 98.02
N LYS B 2403 -71.41 -32.47 97.76
CA LYS B 2403 -72.61 -32.59 98.59
C LYS B 2403 -72.29 -33.10 99.99
N THR B 2404 -71.13 -33.72 100.19
CA THR B 2404 -70.64 -34.02 101.52
C THR B 2404 -69.79 -32.90 102.10
N SER B 2405 -69.51 -31.86 101.33
CA SER B 2405 -68.57 -30.83 101.72
C SER B 2405 -69.30 -29.63 102.31
N LEU B 2406 -68.71 -29.04 103.34
CA LEU B 2406 -69.27 -27.89 104.03
C LEU B 2406 -68.42 -26.67 103.68
N GLN B 2407 -69.08 -25.61 103.21
CA GLN B 2407 -68.38 -24.42 102.77
C GLN B 2407 -68.88 -23.20 103.54
N ALA B 2408 -67.96 -22.30 103.85
CA ALA B 2408 -68.27 -21.05 104.53
C ALA B 2408 -67.87 -19.90 103.61
N SER B 2409 -68.86 -19.12 103.19
CA SER B 2409 -68.67 -18.05 102.22
C SER B 2409 -68.71 -16.69 102.90
N VAL B 2410 -67.81 -15.81 102.46
CA VAL B 2410 -67.73 -14.44 102.98
C VAL B 2410 -67.36 -13.54 101.81
N SER B 2411 -67.71 -12.27 101.90
CA SER B 2411 -67.24 -11.30 100.92
C SER B 2411 -66.37 -10.23 101.55
N PHE B 2412 -65.33 -9.86 100.79
CA PHE B 2412 -64.50 -8.70 101.11
C PHE B 2412 -65.30 -7.43 101.32
N ALA B 2413 -66.45 -7.32 100.66
CA ALA B 2413 -67.34 -6.18 100.89
C ALA B 2413 -67.78 -6.08 102.34
N ASP B 2414 -67.88 -7.21 103.03
CA ASP B 2414 -68.16 -7.20 104.46
C ASP B 2414 -66.91 -7.07 105.33
N LEU B 2415 -65.75 -7.47 104.82
CA LEU B 2415 -64.51 -7.16 105.52
C LEU B 2415 -64.24 -5.67 105.59
N LYS B 2416 -64.77 -4.89 104.64
CA LYS B 2416 -64.75 -3.41 104.69
C LYS B 2416 -63.35 -2.84 104.91
N ILE B 2417 -62.33 -3.54 104.40
CA ILE B 2417 -60.94 -3.24 104.72
C ILE B 2417 -60.51 -1.87 104.20
N ARG B 2418 -61.14 -1.37 103.14
CA ARG B 2418 -60.89 0.00 102.70
C ARG B 2418 -61.19 1.07 103.76
N GLU B 2419 -61.90 0.74 104.82
CA GLU B 2419 -62.13 1.67 105.92
C GLU B 2419 -60.99 1.70 106.93
N ASP B 2420 -59.95 0.88 106.74
CA ASP B 2420 -58.82 0.84 107.68
C ASP B 2420 -57.90 2.04 107.56
N TYR B 2421 -57.87 2.74 106.45
CA TYR B 2421 -56.87 3.77 106.24
C TYR B 2421 -57.48 4.94 105.49
N PRO B 2422 -56.89 6.13 105.61
CA PRO B 2422 -57.26 7.24 104.73
C PRO B 2422 -57.12 6.89 103.25
N ALA B 2423 -58.00 7.49 102.45
CA ALA B 2423 -57.98 7.23 101.02
C ALA B 2423 -56.73 7.79 100.35
N SER B 2424 -56.23 8.91 100.85
CA SER B 2424 -55.11 9.58 100.21
C SER B 2424 -53.79 8.89 100.45
N LEU B 2425 -53.76 7.90 101.35
CA LEU B 2425 -52.60 7.02 101.45
C LEU B 2425 -52.37 6.26 100.15
N GLY B 2426 -53.44 5.91 99.44
CA GLY B 2426 -53.34 5.24 98.17
C GLY B 2426 -54.67 4.67 97.72
N LYS B 2427 -54.98 4.85 96.44
CA LYS B 2427 -56.31 4.57 95.90
C LYS B 2427 -56.56 3.09 95.60
N ILE B 2428 -55.55 2.27 95.41
CA ILE B 2428 -55.78 0.84 95.21
C ILE B 2428 -55.16 0.04 96.34
N ARG B 2429 -55.85 -1.05 96.69
CA ARG B 2429 -55.45 -2.00 97.72
C ARG B 2429 -55.50 -3.38 97.10
N ARG B 2430 -54.41 -4.13 97.17
CA ARG B 2430 -54.34 -5.43 96.53
C ARG B 2430 -53.75 -6.45 97.49
N ILE B 2431 -54.34 -7.64 97.49
CA ILE B 2431 -53.78 -8.75 98.24
C ILE B 2431 -52.41 -9.13 97.70
N LYS B 2432 -51.45 -9.33 98.59
CA LYS B 2432 -50.20 -10.00 98.27
C LYS B 2432 -50.16 -11.44 98.71
N GLN B 2433 -50.84 -11.77 99.81
CA GLN B 2433 -50.94 -13.15 100.25
C GLN B 2433 -52.15 -13.23 101.15
N ILE B 2434 -52.68 -14.44 101.30
CA ILE B 2434 -53.60 -14.74 102.38
C ILE B 2434 -53.15 -16.04 103.02
N SER B 2435 -53.40 -16.15 104.32
CA SER B 2435 -52.97 -17.30 105.09
C SER B 2435 -54.04 -17.61 106.12
N VAL B 2436 -53.95 -18.81 106.68
CA VAL B 2436 -54.99 -19.31 107.57
C VAL B 2436 -54.34 -19.82 108.83
N THR B 2437 -55.04 -19.66 109.95
CA THR B 2437 -54.81 -20.42 111.16
C THR B 2437 -56.10 -21.10 111.58
N LEU B 2438 -56.01 -22.39 111.89
CA LEU B 2438 -57.10 -23.11 112.52
C LEU B 2438 -56.67 -23.56 113.91
N PRO B 2439 -57.32 -23.07 114.97
CA PRO B 2439 -57.16 -23.70 116.29
C PRO B 2439 -57.96 -24.99 116.42
N ALA B 2440 -58.06 -25.75 115.34
CA ALA B 2440 -58.67 -27.07 115.38
C ALA B 2440 -57.83 -28.04 116.20
N LEU B 2441 -58.51 -29.00 116.82
CA LEU B 2441 -57.88 -30.06 117.62
C LEU B 2441 -57.34 -31.15 116.70
N LEU B 2442 -56.43 -30.74 115.82
CA LEU B 2442 -55.75 -31.70 114.96
C LEU B 2442 -55.10 -32.80 115.78
N GLY B 2443 -55.46 -34.05 115.45
CA GLY B 2443 -55.12 -35.16 116.29
C GLY B 2443 -53.65 -35.48 116.26
N PRO B 2444 -53.26 -36.50 117.02
CA PRO B 2444 -51.86 -36.92 117.01
C PRO B 2444 -51.45 -37.50 115.68
N TYR B 2445 -50.58 -36.78 114.97
CA TYR B 2445 -50.25 -37.08 113.58
C TYR B 2445 -51.49 -37.19 112.69
N GLN B 2446 -52.51 -36.39 113.00
CA GLN B 2446 -53.72 -36.29 112.21
C GLN B 2446 -54.02 -34.81 112.03
N ASP B 2447 -54.47 -34.42 110.84
CA ASP B 2447 -54.69 -33.01 110.56
C ASP B 2447 -55.86 -32.81 109.63
N VAL B 2448 -56.36 -31.56 109.62
CA VAL B 2448 -57.51 -31.21 108.80
C VAL B 2448 -57.08 -31.17 107.34
N GLN B 2449 -58.02 -31.44 106.44
CA GLN B 2449 -57.93 -31.02 105.05
C GLN B 2449 -59.01 -29.98 104.78
N ALA B 2450 -58.62 -28.82 104.28
CA ALA B 2450 -59.56 -27.78 103.94
C ALA B 2450 -59.04 -26.93 102.79
N ILE B 2451 -59.96 -26.39 102.02
CA ILE B 2451 -59.66 -25.68 100.77
C ILE B 2451 -60.44 -24.39 100.77
N LEU B 2452 -59.81 -23.31 100.30
CA LEU B 2452 -60.50 -22.05 100.15
C LEU B 2452 -60.15 -21.42 98.81
N SER B 2453 -61.10 -20.71 98.23
CA SER B 2453 -61.02 -20.32 96.83
C SER B 2453 -61.68 -18.97 96.65
N TYR B 2454 -61.26 -18.25 95.62
CA TYR B 2454 -61.85 -16.98 95.23
C TYR B 2454 -62.74 -17.17 94.01
N GLY B 2455 -63.94 -16.58 94.06
CA GLY B 2455 -64.96 -16.87 93.08
C GLY B 2455 -64.80 -16.25 91.70
N ASP B 2456 -63.82 -15.37 91.50
CA ASP B 2456 -63.69 -14.71 90.19
C ASP B 2456 -63.34 -15.71 89.09
N LYS B 2457 -62.38 -16.58 89.35
CA LYS B 2457 -62.00 -17.67 88.44
C LYS B 2457 -61.85 -17.22 86.99
N ALA B 2458 -61.40 -15.97 86.78
CA ALA B 2458 -61.33 -15.46 85.42
C ALA B 2458 -60.12 -14.54 85.20
N GLY B 2459 -59.89 -13.61 86.12
CA GLY B 2459 -58.83 -12.65 85.96
C GLY B 2459 -57.48 -13.13 86.42
N LEU B 2460 -57.45 -13.99 87.43
CA LEU B 2460 -56.22 -14.58 87.95
C LEU B 2460 -55.85 -15.84 87.16
N ALA B 2461 -54.55 -16.12 87.12
CA ALA B 2461 -54.02 -17.22 86.35
C ALA B 2461 -54.38 -18.58 86.96
N ASN B 2462 -54.24 -19.61 86.14
CA ASN B 2462 -54.54 -20.99 86.53
C ASN B 2462 -53.76 -21.42 87.78
N GLY B 2463 -54.43 -22.21 88.62
CA GLY B 2463 -53.86 -22.74 89.85
C GLY B 2463 -53.61 -21.75 90.96
N CYS B 2464 -53.65 -20.45 90.68
CA CYS B 2464 -53.52 -19.42 91.71
C CYS B 2464 -54.85 -19.12 92.38
N GLU B 2465 -55.95 -19.63 91.85
CA GLU B 2465 -57.29 -19.33 92.35
C GLU B 2465 -57.57 -19.91 93.73
N ALA B 2466 -56.79 -20.87 94.21
CA ALA B 2466 -57.12 -21.54 95.46
C ALA B 2466 -55.84 -21.94 96.18
N LEU B 2467 -55.99 -22.30 97.45
CA LEU B 2467 -54.92 -22.95 98.19
C LEU B 2467 -55.53 -23.94 99.17
N ALA B 2468 -54.69 -24.86 99.63
CA ALA B 2468 -55.06 -25.91 100.54
C ALA B 2468 -54.24 -25.85 101.82
N VAL B 2469 -54.85 -26.28 102.93
CA VAL B 2469 -54.34 -26.05 104.27
C VAL B 2469 -54.45 -27.36 105.03
N SER B 2470 -53.43 -27.69 105.81
CA SER B 2470 -53.45 -28.97 106.51
C SER B 2470 -52.77 -28.93 107.86
N HIS B 2471 -51.54 -28.43 107.94
CA HIS B 2471 -50.95 -28.26 109.26
C HIS B 2471 -51.61 -27.12 110.02
N GLY B 2472 -52.29 -26.22 109.32
CA GLY B 2472 -53.38 -25.48 109.93
C GLY B 2472 -53.00 -24.35 110.86
N MET B 2473 -51.73 -23.94 110.91
CA MET B 2473 -51.29 -22.98 111.91
C MET B 2473 -50.30 -21.99 111.29
N ASN B 2474 -50.75 -20.76 111.08
CA ASN B 2474 -50.13 -19.85 110.11
C ASN B 2474 -49.84 -20.55 108.79
N ASP B 2475 -50.74 -21.43 108.37
CA ASP B 2475 -50.46 -22.33 107.26
C ASP B 2475 -50.75 -21.61 105.96
N SER B 2476 -49.69 -21.12 105.31
CA SER B 2476 -49.81 -20.51 104.00
C SER B 2476 -50.23 -21.53 102.95
N GLY B 2477 -50.08 -22.82 103.24
CA GLY B 2477 -50.37 -23.88 102.30
C GLY B 2477 -49.17 -24.41 101.54
N GLN B 2478 -48.26 -23.54 101.14
CA GLN B 2478 -47.11 -23.97 100.36
C GLN B 2478 -46.09 -24.67 101.24
N PHE B 2479 -45.29 -25.53 100.61
CA PHE B 2479 -44.20 -26.19 101.31
C PHE B 2479 -43.07 -25.22 101.59
N GLN B 2480 -42.86 -24.26 100.69
CA GLN B 2480 -42.01 -23.13 100.95
C GLN B 2480 -42.62 -21.93 100.26
N LEU B 2481 -42.35 -20.75 100.79
CA LEU B 2481 -42.82 -19.51 100.21
C LEU B 2481 -41.64 -18.57 100.09
N ASP B 2482 -41.65 -17.78 99.02
CA ASP B 2482 -40.52 -16.90 98.73
C ASP B 2482 -41.06 -15.71 97.95
N PHE B 2483 -41.09 -14.55 98.60
CA PHE B 2483 -41.59 -13.36 97.94
C PHE B 2483 -40.68 -12.91 96.81
N ASN B 2484 -39.43 -13.38 96.80
CA ASN B 2484 -38.50 -13.02 95.75
C ASN B 2484 -38.64 -13.90 94.52
N ASP B 2485 -39.41 -14.99 94.61
CA ASP B 2485 -39.57 -15.86 93.45
C ASP B 2485 -40.39 -15.16 92.37
N GLY B 2486 -40.12 -15.52 91.12
CA GLY B 2486 -40.92 -15.01 90.03
C GLY B 2486 -42.35 -15.52 90.01
N LYS B 2487 -42.62 -16.64 90.67
CA LYS B 2487 -43.98 -17.14 90.76
C LYS B 2487 -44.85 -16.25 91.64
N PHE B 2488 -46.01 -15.88 91.14
CA PHE B 2488 -46.98 -15.21 91.99
C PHE B 2488 -47.35 -16.11 93.15
N LEU B 2489 -47.73 -15.48 94.25
CA LEU B 2489 -48.40 -16.18 95.31
C LEU B 2489 -49.83 -16.48 94.85
N PRO B 2490 -50.54 -17.38 95.52
CA PRO B 2490 -51.98 -17.45 95.29
C PRO B 2490 -52.67 -16.20 95.80
N PHE B 2491 -53.78 -15.86 95.13
CA PHE B 2491 -54.53 -14.63 95.39
C PHE B 2491 -53.77 -13.35 95.11
N GLU B 2492 -52.49 -13.43 94.74
CA GLU B 2492 -51.71 -12.22 94.57
C GLU B 2492 -52.28 -11.37 93.44
N GLY B 2493 -52.82 -10.20 93.80
CA GLY B 2493 -53.33 -9.22 92.86
C GLY B 2493 -54.83 -9.03 92.94
N ILE B 2494 -55.52 -9.81 93.75
CA ILE B 2494 -56.95 -9.64 93.96
C ILE B 2494 -57.20 -8.33 94.69
N ALA B 2495 -58.16 -7.54 94.19
CA ALA B 2495 -58.55 -6.35 94.92
C ALA B 2495 -59.44 -6.71 96.11
N ILE B 2496 -59.65 -5.72 96.98
CA ILE B 2496 -60.08 -5.96 98.36
C ILE B 2496 -61.48 -5.36 98.50
N ASP B 2497 -62.26 -5.39 97.43
CA ASP B 2497 -63.62 -4.88 97.49
C ASP B 2497 -64.58 -5.69 96.64
N GLN B 2498 -64.14 -6.81 96.07
CA GLN B 2498 -64.90 -7.45 95.02
C GLN B 2498 -64.72 -8.95 95.10
N GLY B 2499 -65.71 -9.68 94.59
CA GLY B 2499 -65.73 -11.12 94.65
C GLY B 2499 -65.90 -11.69 96.04
N THR B 2500 -65.84 -13.02 96.08
CA THR B 2500 -66.23 -13.80 97.25
C THR B 2500 -65.05 -14.68 97.66
N LEU B 2501 -64.83 -14.79 98.97
CA LEU B 2501 -63.91 -15.78 99.50
C LEU B 2501 -64.73 -16.87 100.19
N THR B 2502 -64.35 -18.12 99.96
CA THR B 2502 -65.06 -19.24 100.54
C THR B 2502 -64.08 -20.28 101.04
N LEU B 2503 -64.35 -20.80 102.23
CA LEU B 2503 -63.58 -21.88 102.83
C LEU B 2503 -64.42 -23.15 102.85
N SER B 2504 -63.86 -24.25 102.39
CA SER B 2504 -64.60 -25.50 102.22
C SER B 2504 -63.93 -26.63 102.99
N PHE B 2505 -64.75 -27.51 103.56
CA PHE B 2505 -64.30 -28.72 104.26
C PHE B 2505 -64.83 -29.97 103.58
N PRO B 2506 -63.97 -30.75 102.92
CA PRO B 2506 -64.39 -32.06 102.45
C PRO B 2506 -64.87 -32.99 103.56
N ASN B 2507 -65.86 -33.82 103.22
CA ASN B 2507 -66.35 -34.92 104.06
C ASN B 2507 -66.71 -34.45 105.47
N ALA B 2508 -67.46 -33.35 105.52
CA ALA B 2508 -67.95 -32.82 106.78
C ALA B 2508 -69.14 -33.60 107.34
N SER B 2509 -69.91 -34.24 106.47
CA SER B 2509 -71.21 -34.81 106.85
C SER B 2509 -71.04 -36.12 107.61
N MET B 2510 -71.40 -36.08 108.90
CA MET B 2510 -71.44 -37.30 109.72
C MET B 2510 -72.40 -38.39 109.21
N PRO B 2511 -73.55 -38.07 108.60
CA PRO B 2511 -74.37 -39.17 108.02
C PRO B 2511 -73.63 -40.01 106.99
N GLU B 2512 -72.68 -39.43 106.28
CA GLU B 2512 -71.80 -40.21 105.42
C GLU B 2512 -70.59 -40.77 106.17
N LYS B 2513 -70.57 -40.63 107.49
CA LYS B 2513 -69.40 -40.93 108.32
C LYS B 2513 -68.16 -40.20 107.83
N GLY B 2514 -68.34 -38.93 107.45
CA GLY B 2514 -67.29 -38.17 106.81
C GLY B 2514 -66.03 -38.09 107.64
N LYS B 2515 -64.89 -38.32 107.00
CA LYS B 2515 -63.60 -38.47 107.64
C LYS B 2515 -63.11 -37.20 108.32
N GLN B 2516 -63.92 -36.14 108.35
CA GLN B 2516 -63.62 -34.96 109.14
C GLN B 2516 -64.70 -34.61 110.14
N ALA B 2517 -65.83 -35.32 110.15
CA ALA B 2517 -66.98 -34.88 110.92
C ALA B 2517 -66.66 -34.78 112.41
N THR B 2518 -66.06 -35.84 112.96
CA THR B 2518 -65.79 -35.86 114.41
C THR B 2518 -64.80 -34.77 114.80
N MET B 2519 -63.78 -34.52 113.98
CA MET B 2519 -62.87 -33.41 114.22
C MET B 2519 -63.56 -32.07 114.01
N LEU B 2520 -64.23 -31.90 112.88
CA LEU B 2520 -64.81 -30.60 112.56
C LEU B 2520 -65.87 -30.17 113.58
N LYS B 2521 -66.60 -31.14 114.14
CA LYS B 2521 -67.54 -30.87 115.22
C LYS B 2521 -66.90 -30.11 116.37
N THR B 2522 -65.58 -30.23 116.54
CA THR B 2522 -64.89 -29.50 117.59
C THR B 2522 -64.60 -28.06 117.21
N LEU B 2523 -64.61 -27.74 115.92
CA LEU B 2523 -64.00 -26.51 115.43
C LEU B 2523 -64.85 -25.33 115.83
N ASN B 2524 -64.20 -24.28 116.34
CA ASN B 2524 -64.92 -23.16 116.92
C ASN B 2524 -64.38 -21.80 116.52
N ASP B 2525 -63.24 -21.71 115.85
CA ASP B 2525 -62.69 -20.43 115.48
C ASP B 2525 -61.89 -20.56 114.20
N ILE B 2526 -61.83 -19.48 113.44
CA ILE B 2526 -61.16 -19.44 112.14
C ILE B 2526 -60.48 -18.10 112.04
N ILE B 2527 -59.21 -18.10 111.66
CA ILE B 2527 -58.43 -16.89 111.55
C ILE B 2527 -57.82 -16.82 110.16
N LEU B 2528 -57.97 -15.67 109.52
CA LEU B 2528 -57.32 -15.39 108.25
C LEU B 2528 -56.28 -14.31 108.49
N HIS B 2529 -55.11 -14.48 107.90
CA HIS B 2529 -54.09 -13.46 107.90
C HIS B 2529 -53.95 -12.89 106.51
N ILE B 2530 -54.18 -11.60 106.40
CA ILE B 2530 -54.27 -10.90 105.12
C ILE B 2530 -53.00 -10.09 104.97
N ARG B 2531 -52.28 -10.30 103.88
CA ARG B 2531 -51.19 -9.41 103.52
C ARG B 2531 -51.69 -8.64 102.31
N TYR B 2532 -51.88 -7.34 102.47
CA TYR B 2532 -52.36 -6.53 101.37
C TYR B 2532 -51.51 -5.28 101.29
N THR B 2533 -51.19 -4.89 100.07
CA THR B 2533 -50.32 -3.75 99.83
C THR B 2533 -51.12 -2.57 99.28
N ILE B 2534 -50.57 -1.38 99.50
CA ILE B 2534 -51.21 -0.12 99.11
C ILE B 2534 -50.31 0.54 98.08
N LYS B 2535 -50.85 0.82 96.91
CA LYS B 2535 -50.06 1.49 95.87
C LYS B 2535 -50.95 2.19 94.86
N GLY C 110 2.80 -45.99 -42.70
CA GLY C 110 3.35 -45.24 -41.58
C GLY C 110 4.79 -44.79 -41.78
N TYR C 111 5.40 -44.23 -40.74
CA TYR C 111 6.81 -43.86 -40.83
C TYR C 111 7.70 -45.07 -41.04
N ASN C 112 7.57 -46.08 -40.19
CA ASN C 112 8.54 -47.17 -40.18
C ASN C 112 8.59 -47.89 -41.52
N ASN C 113 7.44 -48.33 -42.03
CA ASN C 113 7.47 -49.09 -43.28
C ASN C 113 7.83 -48.23 -44.49
N GLN C 114 7.96 -46.92 -44.35
CA GLN C 114 8.52 -46.11 -45.43
C GLN C 114 9.98 -45.76 -45.24
N PHE C 115 10.42 -45.53 -44.00
CA PHE C 115 11.70 -44.88 -43.74
C PHE C 115 12.60 -45.69 -42.82
N SER C 116 12.17 -46.84 -42.36
CA SER C 116 13.07 -47.82 -41.79
C SER C 116 14.02 -48.38 -42.83
N GLY C 117 15.12 -48.95 -42.35
CA GLY C 117 16.01 -49.75 -43.16
C GLY C 117 17.44 -49.27 -43.21
N ARG C 118 17.72 -48.03 -42.79
CA ARG C 118 19.10 -47.60 -42.80
C ARG C 118 19.94 -48.35 -41.79
N ALA C 119 19.32 -48.83 -40.70
CA ALA C 119 20.06 -49.55 -39.68
C ALA C 119 19.17 -50.66 -39.12
N SER C 120 19.81 -51.77 -38.76
CA SER C 120 19.11 -52.95 -38.29
C SER C 120 18.70 -52.89 -36.83
N GLN C 121 19.29 -52.03 -36.02
CA GLN C 121 18.90 -51.93 -34.61
C GLN C 121 19.24 -50.55 -34.09
N TYR C 122 18.23 -49.72 -33.89
CA TYR C 122 18.41 -48.45 -33.23
C TYR C 122 18.47 -48.62 -31.72
N VAL C 123 18.71 -47.51 -31.02
CA VAL C 123 18.76 -47.44 -29.57
C VAL C 123 18.19 -46.11 -29.12
N ALA C 124 17.86 -46.03 -27.86
CA ALA C 124 17.17 -44.85 -27.39
C ALA C 124 18.10 -43.65 -27.27
N PRO C 125 17.58 -42.44 -27.48
CA PRO C 125 18.32 -41.22 -27.14
C PRO C 125 18.89 -41.24 -25.73
N GLY C 126 20.19 -40.99 -25.64
CA GLY C 126 20.87 -40.78 -24.38
C GLY C 126 21.41 -42.02 -23.70
N THR C 127 21.15 -43.21 -24.23
CA THR C 127 21.71 -44.41 -23.64
C THR C 127 23.20 -44.46 -23.91
N VAL C 128 23.91 -45.29 -23.16
CA VAL C 128 25.37 -45.34 -23.28
C VAL C 128 25.79 -45.96 -24.60
N SER C 129 25.00 -46.87 -25.14
CA SER C 129 25.44 -47.65 -26.28
C SER C 129 25.34 -46.90 -27.60
N SER C 130 24.79 -45.69 -27.61
CA SER C 130 24.57 -44.99 -28.85
C SER C 130 25.86 -44.29 -29.25
N MET C 131 26.09 -44.22 -30.56
CA MET C 131 27.31 -43.62 -31.09
C MET C 131 27.42 -42.11 -30.91
N PHE C 132 26.39 -41.44 -30.42
CA PHE C 132 26.52 -40.04 -30.04
C PHE C 132 26.59 -39.81 -28.54
N SER C 133 26.50 -40.88 -27.75
CA SER C 133 26.62 -40.79 -26.32
C SER C 133 27.99 -40.25 -25.93
N PRO C 134 28.13 -39.68 -24.74
CA PRO C 134 29.45 -39.24 -24.29
C PRO C 134 30.44 -40.35 -24.10
N ALA C 135 29.98 -41.60 -23.92
CA ALA C 135 30.93 -42.69 -23.96
C ALA C 135 31.60 -42.83 -25.33
N ALA C 136 30.82 -42.73 -26.40
CA ALA C 136 31.42 -42.78 -27.73
C ALA C 136 32.41 -41.65 -27.98
N TYR C 137 32.13 -40.47 -27.43
CA TYR C 137 33.09 -39.38 -27.51
C TYR C 137 34.34 -39.64 -26.69
N LEU C 138 34.21 -40.19 -25.49
CA LEU C 138 35.39 -40.60 -24.72
C LEU C 138 36.23 -41.61 -25.48
N THR C 139 35.62 -42.65 -26.06
CA THR C 139 36.42 -43.65 -26.75
C THR C 139 37.12 -43.06 -27.96
N GLU C 140 36.37 -42.30 -28.77
CA GLU C 140 36.94 -41.72 -29.96
C GLU C 140 38.08 -40.76 -29.63
N LEU C 141 37.90 -39.95 -28.59
CA LEU C 141 38.96 -39.04 -28.16
C LEU C 141 40.17 -39.78 -27.62
N TYR C 142 39.95 -40.85 -26.85
CA TYR C 142 41.06 -41.58 -26.28
C TYR C 142 41.88 -42.28 -27.36
N ARG C 143 41.24 -42.79 -28.41
CA ARG C 143 41.98 -43.42 -29.50
C ARG C 143 43.04 -42.48 -30.08
N GLU C 144 42.67 -41.23 -30.32
CA GLU C 144 43.63 -40.29 -30.86
C GLU C 144 44.60 -39.78 -29.81
N ALA C 145 44.17 -39.64 -28.57
CA ALA C 145 45.02 -39.03 -27.56
C ALA C 145 46.10 -39.97 -27.05
N ARG C 146 45.85 -41.27 -26.99
CA ARG C 146 46.79 -42.20 -26.39
C ARG C 146 48.17 -42.25 -27.04
N ASN C 147 48.40 -41.51 -28.12
CA ASN C 147 49.67 -41.60 -28.84
C ASN C 147 50.48 -40.31 -28.91
N LEU C 148 50.02 -39.22 -28.32
CA LEU C 148 50.73 -37.95 -28.50
C LEU C 148 52.14 -37.95 -27.93
N HIS C 149 52.44 -38.82 -26.98
CA HIS C 149 53.81 -38.95 -26.50
C HIS C 149 54.28 -40.39 -26.58
N ALA C 150 55.59 -40.57 -26.71
CA ALA C 150 56.19 -41.89 -26.66
C ALA C 150 55.99 -42.52 -25.28
N SER C 151 56.00 -43.85 -25.26
CA SER C 151 55.77 -44.58 -24.02
C SER C 151 56.77 -44.19 -22.93
N ASP C 152 58.04 -44.02 -23.28
CA ASP C 152 59.05 -43.76 -22.26
C ASP C 152 58.91 -42.38 -21.62
N SER C 153 58.28 -41.42 -22.30
CA SER C 153 58.18 -40.08 -21.74
C SER C 153 57.33 -40.11 -20.47
N VAL C 154 57.71 -39.28 -19.50
CA VAL C 154 56.95 -39.20 -18.26
C VAL C 154 55.56 -38.62 -18.50
N TYR C 155 55.38 -37.83 -19.55
CA TYR C 155 54.07 -37.29 -19.84
C TYR C 155 53.15 -38.27 -20.53
N TYR C 156 53.54 -39.54 -20.65
CA TYR C 156 52.66 -40.51 -21.28
C TYR C 156 51.38 -40.66 -20.50
N LEU C 157 50.25 -40.72 -21.22
CA LEU C 157 48.96 -40.75 -20.55
C LEU C 157 48.79 -42.00 -19.70
N ASP C 158 49.23 -43.15 -20.21
CA ASP C 158 49.07 -44.39 -19.46
C ASP C 158 49.81 -44.35 -18.14
N THR C 159 50.98 -43.70 -18.13
CA THR C 159 51.75 -43.50 -16.91
C THR C 159 51.12 -42.47 -15.99
N ARG C 160 50.65 -41.38 -16.58
CA ARG C 160 50.08 -40.26 -15.83
C ARG C 160 48.73 -40.60 -15.18
N ARG C 161 47.85 -41.32 -15.86
CA ARG C 161 46.53 -41.67 -15.33
C ARG C 161 46.21 -43.13 -15.60
N PRO C 162 46.90 -44.05 -14.94
CA PRO C 162 46.71 -45.48 -15.24
C PRO C 162 45.29 -46.01 -15.09
N ASP C 163 44.52 -45.50 -14.14
CA ASP C 163 43.17 -46.02 -13.92
C ASP C 163 42.22 -45.64 -15.05
N LEU C 164 42.47 -44.53 -15.73
CA LEU C 164 41.64 -44.14 -16.85
C LEU C 164 41.65 -45.20 -17.95
N LYS C 165 42.80 -45.79 -18.22
CA LYS C 165 42.88 -46.82 -19.25
C LYS C 165 42.06 -48.06 -18.92
N SER C 166 41.95 -48.43 -17.64
CA SER C 166 41.03 -49.47 -17.19
C SER C 166 39.60 -49.00 -16.92
N MET C 167 39.21 -47.78 -17.25
CA MET C 167 37.85 -47.35 -16.94
C MET C 167 36.81 -48.20 -17.67
N ALA C 168 35.81 -48.65 -16.91
CA ALA C 168 34.64 -49.28 -17.49
C ALA C 168 33.73 -48.25 -18.13
N LEU C 169 33.16 -48.59 -19.28
CA LEU C 169 32.12 -47.80 -19.91
C LEU C 169 30.79 -48.42 -19.54
N SER C 170 29.99 -47.74 -18.74
CA SER C 170 28.76 -48.33 -18.27
C SER C 170 27.74 -47.24 -18.03
N GLN C 171 26.47 -47.62 -18.10
CA GLN C 171 25.41 -46.71 -17.70
C GLN C 171 25.60 -46.23 -16.28
N GLN C 172 26.16 -47.09 -15.43
CA GLN C 172 26.47 -46.73 -14.05
C GLN C 172 27.41 -45.53 -13.98
N ASN C 173 28.51 -45.56 -14.73
CA ASN C 173 29.45 -44.45 -14.73
C ASN C 173 28.92 -43.21 -15.43
N MET C 174 27.81 -43.31 -16.15
CA MET C 174 27.24 -42.13 -16.78
C MET C 174 26.13 -41.49 -15.98
N ASP C 175 25.33 -42.28 -15.26
CA ASP C 175 24.17 -41.77 -14.54
C ASP C 175 24.47 -41.26 -13.13
N ILE C 176 25.29 -41.98 -12.36
CA ILE C 176 25.52 -41.66 -10.96
C ILE C 176 26.41 -40.43 -10.87
N GLU C 177 25.85 -39.31 -10.42
CA GLU C 177 26.56 -38.04 -10.24
C GLU C 177 27.24 -37.94 -8.87
N LEU C 178 28.33 -38.70 -8.71
CA LEU C 178 29.18 -38.58 -7.54
C LEU C 178 29.86 -37.21 -7.47
N SER C 179 30.32 -36.87 -6.26
CA SER C 179 31.18 -35.70 -6.04
C SER C 179 32.59 -35.89 -6.58
N THR C 180 33.11 -34.86 -7.26
CA THR C 180 34.46 -34.91 -7.82
C THR C 180 35.55 -34.99 -6.75
N LEU C 181 35.40 -34.26 -5.65
CA LEU C 181 36.47 -34.23 -4.66
C LEU C 181 36.69 -35.60 -4.02
N SER C 182 35.63 -36.38 -3.84
CA SER C 182 35.77 -37.77 -3.43
C SER C 182 36.56 -38.58 -4.45
N LEU C 183 36.38 -38.33 -5.73
CA LEU C 183 37.16 -39.04 -6.74
C LEU C 183 38.62 -38.62 -6.78
N SER C 184 38.93 -37.36 -6.52
CA SER C 184 40.32 -36.94 -6.38
C SER C 184 40.98 -37.51 -5.14
N ASN C 185 40.24 -37.61 -4.05
CA ASN C 185 40.77 -38.30 -2.88
C ASN C 185 40.99 -39.78 -3.14
N GLU C 186 40.02 -40.46 -3.74
CA GLU C 186 40.19 -41.87 -4.06
C GLU C 186 41.42 -42.12 -4.92
N LEU C 187 41.69 -41.23 -5.87
CA LEU C 187 42.83 -41.42 -6.77
C LEU C 187 44.17 -41.19 -6.08
N LEU C 188 44.28 -40.10 -5.34
CA LEU C 188 45.52 -39.89 -4.58
C LEU C 188 45.73 -40.94 -3.49
N LEU C 189 44.67 -41.33 -2.80
CA LEU C 189 44.80 -42.34 -1.76
C LEU C 189 45.29 -43.65 -2.34
N GLU C 190 44.64 -44.15 -3.40
CA GLU C 190 45.08 -45.43 -3.92
C GLU C 190 46.50 -45.35 -4.49
N SER C 191 46.90 -44.20 -5.03
CA SER C 191 48.30 -44.07 -5.45
C SER C 191 49.27 -44.15 -4.28
N ILE C 192 48.93 -43.53 -3.15
CA ILE C 192 49.82 -43.59 -1.97
C ILE C 192 49.89 -45.00 -1.39
N LYS C 193 48.74 -45.65 -1.18
CA LYS C 193 48.77 -47.03 -0.69
C LYS C 193 49.45 -47.97 -1.66
N THR C 194 49.42 -47.68 -2.97
CA THR C 194 50.13 -48.53 -3.91
C THR C 194 51.63 -48.29 -3.83
N GLU C 195 52.04 -47.03 -3.65
CA GLU C 195 53.46 -46.72 -3.56
C GLU C 195 54.05 -47.10 -2.21
N SER C 196 53.37 -46.74 -1.13
CA SER C 196 53.97 -46.96 0.18
C SER C 196 53.80 -48.42 0.59
N LYS C 197 54.48 -48.79 1.67
CA LYS C 197 54.25 -50.05 2.35
C LYS C 197 52.91 -50.09 3.06
N LEU C 198 52.27 -48.94 3.24
CA LEU C 198 51.00 -48.86 3.96
C LEU C 198 49.97 -49.75 3.30
N GLU C 199 49.06 -50.28 4.12
CA GLU C 199 48.23 -51.41 3.74
C GLU C 199 46.75 -51.13 3.97
N ASN C 200 46.45 -50.29 4.94
CA ASN C 200 45.07 -49.97 5.28
C ASN C 200 44.96 -48.48 5.57
N TYR C 201 43.73 -47.98 5.50
CA TYR C 201 43.51 -46.53 5.54
C TYR C 201 43.98 -45.91 6.85
N THR C 202 43.62 -46.52 7.99
CA THR C 202 44.01 -45.91 9.25
C THR C 202 45.52 -45.90 9.46
N LYS C 203 46.23 -46.91 8.96
CA LYS C 203 47.68 -46.88 8.97
C LYS C 203 48.22 -45.74 8.10
N VAL C 204 47.56 -45.46 6.98
CA VAL C 204 47.95 -44.33 6.15
C VAL C 204 47.77 -43.03 6.89
N MET C 205 46.65 -42.84 7.57
CA MET C 205 46.45 -41.60 8.30
C MET C 205 47.34 -41.48 9.53
N GLU C 206 47.74 -42.60 10.13
CA GLU C 206 48.80 -42.53 11.15
C GLU C 206 50.13 -42.08 10.57
N MET C 207 50.56 -42.66 9.45
CA MET C 207 51.77 -42.18 8.79
C MET C 207 51.68 -40.69 8.45
N LEU C 208 50.57 -40.28 7.85
CA LEU C 208 50.38 -38.89 7.43
C LEU C 208 50.34 -37.93 8.62
N SER C 209 49.87 -38.40 9.77
CA SER C 209 49.78 -37.57 10.96
C SER C 209 51.14 -37.13 11.48
N THR C 210 52.22 -37.78 11.05
CA THR C 210 53.57 -37.47 11.50
C THR C 210 54.52 -37.13 10.35
N PHE C 211 54.03 -36.97 9.13
CA PHE C 211 54.90 -36.67 7.98
C PHE C 211 55.26 -35.19 7.99
N ARG C 212 56.08 -34.86 8.96
CA ARG C 212 56.59 -33.51 9.19
C ARG C 212 57.38 -32.89 8.04
N PRO C 213 58.17 -33.65 7.24
CA PRO C 213 58.89 -33.06 6.10
C PRO C 213 58.10 -32.45 4.94
N SER C 214 56.78 -32.51 4.93
CA SER C 214 56.04 -31.94 3.81
C SER C 214 55.25 -30.69 4.17
N GLY C 215 55.01 -29.89 3.15
CA GLY C 215 54.72 -28.47 3.27
C GLY C 215 53.35 -28.09 3.77
N ALA C 216 52.41 -29.04 3.82
CA ALA C 216 51.11 -28.76 4.44
C ALA C 216 50.60 -29.91 5.29
N THR C 217 51.34 -30.98 5.41
CA THR C 217 51.27 -31.86 6.57
C THR C 217 52.12 -31.23 7.69
N PRO C 218 52.15 -31.83 8.89
CA PRO C 218 51.34 -32.91 9.44
C PRO C 218 49.87 -32.61 9.56
N TYR C 219 49.07 -33.61 9.22
CA TYR C 219 47.61 -33.50 9.16
C TYR C 219 47.05 -34.60 10.04
N HIS C 220 46.58 -34.23 11.22
CA HIS C 220 46.06 -35.20 12.18
C HIS C 220 44.56 -35.26 12.00
N ASP C 221 44.05 -36.34 11.40
CA ASP C 221 42.66 -36.33 10.95
C ASP C 221 41.66 -36.46 12.08
N ALA C 222 41.95 -37.32 13.07
CA ALA C 222 41.02 -37.48 14.17
C ALA C 222 40.88 -36.18 14.95
N TYR C 223 41.99 -35.46 15.13
CA TYR C 223 41.92 -34.19 15.81
C TYR C 223 41.03 -33.21 15.04
N GLU C 224 41.17 -33.16 13.71
CA GLU C 224 40.33 -32.27 12.92
C GLU C 224 38.86 -32.63 13.04
N ASN C 225 38.56 -33.93 13.03
CA ASN C 225 37.18 -34.35 13.20
C ASN C 225 36.63 -33.91 14.56
N VAL C 226 37.41 -34.09 15.62
CA VAL C 226 36.97 -33.69 16.95
C VAL C 226 36.74 -32.20 17.02
N ARG C 227 37.67 -31.43 16.49
CA ARG C 227 37.55 -29.98 16.53
C ARG C 227 36.32 -29.50 15.78
N GLU C 228 36.07 -30.04 14.60
CA GLU C 228 34.91 -29.60 13.83
C GLU C 228 33.61 -29.99 14.51
N VAL C 229 33.55 -31.18 15.11
CA VAL C 229 32.32 -31.57 15.79
C VAL C 229 32.04 -30.64 16.96
N ILE C 230 33.07 -30.31 17.74
CA ILE C 230 32.88 -29.39 18.86
C ILE C 230 32.43 -28.02 18.36
N GLN C 231 33.07 -27.50 17.32
CA GLN C 231 32.68 -26.18 16.85
C GLN C 231 31.32 -26.16 16.16
N LEU C 232 30.75 -27.32 15.80
CA LEU C 232 29.34 -27.38 15.44
C LEU C 232 28.42 -27.45 16.66
N GLN C 233 28.69 -28.35 17.60
CA GLN C 233 27.79 -28.64 18.71
C GLN C 233 27.80 -27.58 19.81
N ASP C 234 28.94 -27.00 20.13
CA ASP C 234 29.03 -25.96 21.15
C ASP C 234 30.03 -24.89 20.75
N PRO C 235 29.63 -24.00 19.84
CA PRO C 235 30.51 -22.89 19.44
C PRO C 235 31.07 -22.09 20.60
N GLY C 236 32.40 -22.02 20.69
CA GLY C 236 33.05 -21.26 21.73
C GLY C 236 33.18 -21.95 23.07
N LEU C 237 32.69 -23.19 23.20
CA LEU C 237 32.76 -23.94 24.46
C LEU C 237 32.07 -23.16 25.58
N GLU C 238 30.96 -22.51 25.23
CA GLU C 238 30.11 -21.84 26.22
C GLU C 238 29.61 -22.83 27.26
N GLN C 239 29.20 -24.02 26.84
CA GLN C 239 28.70 -24.99 27.80
C GLN C 239 29.82 -25.62 28.62
N LEU C 240 30.98 -25.86 28.00
CA LEU C 240 32.13 -26.36 28.76
C LEU C 240 32.51 -25.39 29.87
N ASN C 241 32.67 -24.11 29.52
CA ASN C 241 33.07 -23.12 30.51
C ASN C 241 31.96 -22.81 31.51
N ALA C 242 30.69 -22.97 31.11
CA ALA C 242 29.60 -22.83 32.08
C ALA C 242 29.58 -23.95 33.11
N SER C 243 30.21 -25.10 32.85
CA SER C 243 30.26 -26.21 33.80
C SER C 243 31.63 -26.30 34.44
N PRO C 244 31.88 -25.60 35.54
CA PRO C 244 33.26 -25.45 36.02
C PRO C 244 33.93 -26.74 36.51
N ALA C 245 33.18 -27.74 36.95
CA ALA C 245 33.82 -28.99 37.33
C ALA C 245 34.45 -29.71 36.15
N ILE C 246 33.74 -29.79 35.01
CA ILE C 246 34.34 -30.43 33.85
C ILE C 246 35.50 -29.61 33.32
N ALA C 247 35.38 -28.29 33.35
CA ALA C 247 36.49 -27.43 32.94
C ALA C 247 37.74 -27.72 33.77
N GLY C 248 37.56 -27.90 35.09
CA GLY C 248 38.72 -28.16 35.94
C GLY C 248 39.41 -29.49 35.69
N LEU C 249 38.74 -30.45 35.04
CA LEU C 249 39.41 -31.69 34.71
C LEU C 249 40.47 -31.51 33.63
N MET C 250 40.25 -30.57 32.72
CA MET C 250 41.19 -30.36 31.64
C MET C 250 42.32 -29.45 32.10
N HIS C 251 43.41 -29.49 31.38
CA HIS C 251 44.29 -28.33 31.34
C HIS C 251 43.66 -27.31 30.39
N GLN C 252 43.57 -26.06 30.86
CA GLN C 252 42.88 -25.05 30.07
C GLN C 252 43.56 -24.82 28.74
N ALA C 253 44.88 -24.85 28.70
CA ALA C 253 45.58 -24.79 27.42
C ALA C 253 45.19 -25.94 26.50
N SER C 254 44.76 -27.08 27.04
CA SER C 254 44.27 -28.18 26.22
C SER C 254 42.83 -28.03 25.74
N LEU C 255 42.04 -27.17 26.36
CA LEU C 255 40.79 -26.75 25.73
C LEU C 255 41.00 -25.64 24.71
N LEU C 256 41.72 -24.60 25.10
CA LEU C 256 41.95 -23.47 24.22
C LEU C 256 42.67 -23.90 22.94
N GLY C 257 43.60 -24.85 23.04
CA GLY C 257 44.27 -25.36 21.85
C GLY C 257 43.35 -25.96 20.82
N ILE C 258 42.21 -26.49 21.23
CA ILE C 258 41.24 -26.92 20.22
C ILE C 258 40.70 -25.75 19.42
N ASN C 259 40.58 -24.56 20.02
CA ASN C 259 40.15 -23.41 19.24
C ASN C 259 41.22 -23.02 18.22
N ALA C 260 42.47 -22.95 18.67
CA ALA C 260 43.55 -22.45 17.84
C ALA C 260 43.98 -23.42 16.75
N SER C 261 43.34 -24.59 16.64
CA SER C 261 43.62 -25.53 15.57
C SER C 261 45.06 -26.03 15.59
N ILE C 262 45.75 -25.94 16.71
CA ILE C 262 47.09 -26.51 16.83
C ILE C 262 46.96 -28.01 17.07
N SER C 263 47.31 -28.80 16.06
CA SER C 263 47.39 -30.24 16.24
C SER C 263 48.57 -30.60 17.13
N PRO C 264 48.56 -31.81 17.71
CA PRO C 264 49.64 -32.16 18.64
C PRO C 264 51.03 -32.25 18.02
N GLU C 265 51.16 -32.73 16.79
CA GLU C 265 52.46 -32.68 16.13
C GLU C 265 52.85 -31.26 15.70
N LEU C 266 51.90 -30.45 15.27
CA LEU C 266 52.25 -29.06 15.00
C LEU C 266 52.69 -28.35 16.26
N PHE C 267 52.16 -28.76 17.40
CA PHE C 267 52.69 -28.28 18.67
C PHE C 267 54.11 -28.78 18.91
N ASN C 268 54.42 -30.02 18.54
CA ASN C 268 55.81 -30.47 18.71
C ASN C 268 56.77 -29.70 17.82
N ILE C 269 56.36 -29.36 16.61
CA ILE C 269 57.18 -28.53 15.73
C ILE C 269 57.39 -27.15 16.34
N LEU C 270 56.30 -26.48 16.72
CA LEU C 270 56.38 -25.11 17.21
C LEU C 270 57.10 -25.00 18.55
N THR C 271 57.09 -26.07 19.34
CA THR C 271 57.70 -26.03 20.66
C THR C 271 59.22 -26.01 20.61
N GLU C 272 59.84 -26.92 19.86
CA GLU C 272 61.22 -27.26 20.16
C GLU C 272 62.19 -26.13 19.82
N GLU C 273 63.32 -26.15 20.53
CA GLU C 273 64.27 -25.05 20.58
C GLU C 273 65.33 -25.17 19.49
N ILE C 274 65.37 -24.19 18.59
CA ILE C 274 66.31 -24.18 17.47
C ILE C 274 67.63 -23.56 17.91
N THR C 275 68.74 -24.24 17.60
CA THR C 275 70.04 -23.71 17.97
C THR C 275 71.10 -24.22 17.00
N GLU C 276 72.17 -23.43 16.86
CA GLU C 276 73.37 -23.84 16.14
C GLU C 276 74.09 -24.98 16.86
N GLY C 277 74.16 -26.14 16.21
CA GLY C 277 74.45 -27.38 16.88
C GLY C 277 73.34 -28.40 16.82
N ASN C 278 72.14 -27.99 16.43
CA ASN C 278 71.10 -28.93 16.03
C ASN C 278 70.36 -28.52 14.76
N ALA C 279 70.49 -27.28 14.29
CA ALA C 279 69.91 -26.90 13.01
C ALA C 279 70.39 -27.80 11.89
N GLU C 280 71.63 -28.27 11.96
CA GLU C 280 72.18 -29.17 10.97
C GLU C 280 71.50 -30.53 10.95
N GLU C 281 70.64 -30.83 11.91
CA GLU C 281 69.93 -32.10 11.90
C GLU C 281 68.42 -31.85 12.04
N LEU C 282 68.04 -30.77 12.71
CA LEU C 282 66.63 -30.45 12.69
C LEU C 282 66.18 -30.02 11.30
N TYR C 283 67.09 -29.55 10.46
CA TYR C 283 66.79 -29.41 9.05
C TYR C 283 66.53 -30.75 8.38
N LYS C 284 67.29 -31.78 8.75
CA LYS C 284 67.02 -33.13 8.27
C LYS C 284 65.63 -33.60 8.71
N LYS C 285 65.24 -33.31 9.93
CA LYS C 285 63.89 -33.67 10.40
C LYS C 285 62.81 -32.90 9.67
N ASN C 286 62.97 -31.59 9.49
CA ASN C 286 61.84 -30.76 9.06
C ASN C 286 61.77 -30.54 7.57
N PHE C 287 62.83 -30.79 6.82
CA PHE C 287 62.78 -30.61 5.37
C PHE C 287 63.40 -31.75 4.59
N GLY C 288 64.22 -32.60 5.18
CA GLY C 288 64.67 -33.76 4.46
C GLY C 288 65.68 -33.51 3.36
N ASN C 289 65.22 -33.52 2.11
CA ASN C 289 66.13 -33.60 0.98
C ASN C 289 66.20 -32.33 0.11
N ILE C 290 65.33 -31.35 0.32
CA ILE C 290 65.37 -30.14 -0.49
C ILE C 290 66.54 -29.27 -0.06
N GLU C 291 67.40 -28.93 -1.02
CA GLU C 291 68.57 -28.12 -0.73
C GLU C 291 68.15 -26.75 -0.20
N PRO C 292 68.79 -26.23 0.83
CA PRO C 292 68.42 -24.90 1.34
C PRO C 292 68.70 -23.78 0.35
N ALA C 293 69.58 -24.03 -0.62
CA ALA C 293 69.79 -23.08 -1.71
C ALA C 293 68.60 -22.98 -2.65
N SER C 294 67.97 -24.10 -2.99
CA SER C 294 66.74 -23.99 -3.77
C SER C 294 65.61 -23.34 -2.97
N LEU C 295 65.39 -23.79 -1.74
CA LEU C 295 64.32 -23.26 -0.92
C LEU C 295 64.52 -21.79 -0.54
N ALA C 296 65.73 -21.25 -0.67
CA ALA C 296 65.95 -19.82 -0.48
C ALA C 296 65.19 -18.93 -1.47
N MET C 297 65.02 -19.37 -2.71
CA MET C 297 64.28 -18.54 -3.67
C MET C 297 62.84 -18.32 -3.22
N PRO C 298 62.36 -17.08 -3.22
CA PRO C 298 60.97 -16.82 -2.80
C PRO C 298 59.93 -17.53 -3.63
N GLU C 299 60.16 -17.68 -4.93
CA GLU C 299 59.17 -18.36 -5.76
C GLU C 299 59.04 -19.82 -5.36
N TYR C 300 60.16 -20.50 -5.19
CA TYR C 300 60.12 -21.89 -4.77
C TYR C 300 59.42 -22.03 -3.44
N LEU C 301 59.73 -21.15 -2.49
CA LEU C 301 59.13 -21.24 -1.17
C LEU C 301 57.63 -20.94 -1.21
N LYS C 302 57.23 -19.98 -2.03
CA LYS C 302 55.81 -19.70 -2.16
C LYS C 302 55.06 -20.87 -2.75
N ARG C 303 55.63 -21.53 -3.75
CA ARG C 303 55.03 -22.75 -4.28
C ARG C 303 55.01 -23.86 -3.24
N TYR C 304 56.07 -23.97 -2.44
CA TYR C 304 56.18 -25.03 -1.46
C TYR C 304 55.14 -24.93 -0.36
N TYR C 305 54.94 -23.75 0.20
CA TYR C 305 53.90 -23.58 1.21
C TYR C 305 52.53 -23.26 0.61
N ASN C 306 52.43 -23.13 -0.71
CA ASN C 306 51.18 -22.75 -1.36
C ASN C 306 50.64 -21.43 -0.81
N LEU C 307 51.55 -20.49 -0.56
CA LEU C 307 51.18 -19.19 -0.03
C LEU C 307 50.68 -18.27 -1.14
N SER C 308 50.00 -17.22 -0.72
CA SER C 308 49.65 -16.12 -1.62
C SER C 308 50.79 -15.11 -1.69
N ASP C 309 50.76 -14.28 -2.74
CA ASP C 309 51.79 -13.27 -2.93
C ASP C 309 51.82 -12.23 -1.81
N GLU C 310 50.67 -11.67 -1.45
CA GLU C 310 50.69 -10.71 -0.34
C GLU C 310 50.99 -11.37 0.99
N GLU C 311 50.65 -12.64 1.15
CA GLU C 311 51.07 -13.34 2.35
C GLU C 311 52.59 -13.48 2.42
N LEU C 312 53.23 -13.89 1.34
CA LEU C 312 54.69 -13.95 1.35
C LEU C 312 55.33 -12.58 1.53
N SER C 313 54.75 -11.54 0.94
CA SER C 313 55.38 -10.23 1.00
C SER C 313 55.54 -9.75 2.44
N GLN C 314 54.54 -10.02 3.30
CA GLN C 314 54.59 -9.64 4.69
C GLN C 314 55.39 -10.59 5.59
N PHE C 315 55.78 -11.74 5.09
CA PHE C 315 56.83 -12.50 5.76
C PHE C 315 58.20 -11.95 5.43
N ILE C 316 58.55 -11.92 4.14
CA ILE C 316 59.94 -11.67 3.80
C ILE C 316 60.29 -10.19 3.82
N GLY C 317 59.32 -9.28 3.76
CA GLY C 317 59.63 -7.87 3.91
C GLY C 317 60.20 -7.51 5.27
N LYS C 318 60.00 -8.35 6.29
CA LYS C 318 60.57 -8.13 7.61
C LYS C 318 61.72 -9.08 7.93
N ALA C 319 62.25 -9.80 6.95
CA ALA C 319 62.92 -11.07 7.21
C ALA C 319 64.04 -10.94 8.22
N SER C 320 64.69 -9.77 8.28
CA SER C 320 65.74 -9.52 9.26
C SER C 320 65.35 -9.92 10.68
N ASN C 321 64.06 -9.88 11.00
CA ASN C 321 63.61 -10.30 12.33
C ASN C 321 63.81 -11.78 12.59
N PHE C 322 63.85 -12.60 11.53
CA PHE C 322 64.20 -14.01 11.72
C PHE C 322 65.66 -14.27 12.05
N GLY C 323 66.54 -13.26 12.03
CA GLY C 323 67.88 -13.46 12.52
C GLY C 323 67.95 -13.46 14.04
N GLN C 324 69.17 -13.41 14.55
CA GLN C 324 69.40 -12.90 15.88
C GLN C 324 69.12 -11.40 15.92
N GLN C 325 68.43 -10.96 16.97
CA GLN C 325 68.07 -9.55 17.08
C GLN C 325 69.16 -8.69 17.70
N GLU C 326 70.08 -9.29 18.45
CA GLU C 326 71.19 -8.56 19.05
C GLU C 326 72.45 -9.39 18.99
N TYR C 327 73.59 -8.69 18.98
CA TYR C 327 74.88 -9.36 19.06
C TYR C 327 74.96 -10.32 20.23
N SER C 328 75.55 -11.48 19.97
CA SER C 328 75.89 -12.46 20.99
C SER C 328 77.29 -12.98 20.67
N ASN C 329 78.14 -13.05 21.68
CA ASN C 329 79.53 -13.48 21.52
C ASN C 329 80.23 -12.68 20.42
N ASN C 330 79.89 -11.39 20.31
CA ASN C 330 80.34 -10.55 19.22
C ASN C 330 79.88 -11.00 17.84
N GLN C 331 79.06 -12.04 17.74
CA GLN C 331 78.52 -12.45 16.44
C GLN C 331 77.10 -11.93 16.26
N LEU C 332 76.78 -11.54 15.02
CA LEU C 332 75.41 -11.39 14.55
C LEU C 332 75.22 -12.23 13.31
N ILE C 333 74.23 -13.11 13.32
CA ILE C 333 73.88 -13.93 12.17
C ILE C 333 72.54 -13.44 11.66
N THR C 334 72.49 -13.02 10.39
CA THR C 334 71.28 -12.38 9.92
C THR C 334 70.96 -12.67 8.47
N PRO C 335 69.68 -12.84 8.14
CA PRO C 335 69.25 -12.77 6.76
C PRO C 335 69.35 -11.37 6.21
N VAL C 336 69.65 -11.27 4.92
CA VAL C 336 69.68 -9.99 4.22
C VAL C 336 68.98 -10.17 2.89
N VAL C 337 68.18 -9.19 2.51
CA VAL C 337 67.41 -9.28 1.28
C VAL C 337 68.33 -9.22 0.06
N ASN C 338 69.06 -8.11 -0.11
CA ASN C 338 69.96 -7.93 -1.24
C ASN C 338 69.26 -8.38 -2.52
N SER C 339 68.00 -7.98 -2.66
CA SER C 339 67.04 -8.77 -3.42
C SER C 339 66.86 -8.27 -4.85
N SER C 340 67.95 -8.03 -5.58
CA SER C 340 67.78 -7.79 -7.01
C SER C 340 67.09 -8.96 -7.68
N ASP C 341 67.13 -10.14 -7.05
CA ASP C 341 66.45 -11.34 -7.53
C ASP C 341 65.61 -11.98 -6.44
N GLY C 342 65.39 -11.27 -5.33
CA GLY C 342 64.60 -11.74 -4.22
C GLY C 342 65.27 -12.70 -3.25
N THR C 343 66.48 -13.17 -3.55
CA THR C 343 66.98 -14.32 -2.81
C THR C 343 67.46 -13.88 -1.44
N VAL C 344 67.41 -14.79 -0.48
CA VAL C 344 67.84 -14.49 0.88
C VAL C 344 69.22 -15.10 1.13
N LYS C 345 70.12 -14.32 1.71
CA LYS C 345 71.46 -14.75 2.04
C LYS C 345 71.74 -14.46 3.50
N VAL C 346 72.29 -15.42 4.22
CA VAL C 346 72.57 -15.25 5.63
C VAL C 346 74.04 -14.88 5.79
N TYR C 347 74.28 -13.80 6.51
CA TYR C 347 75.63 -13.30 6.79
C TYR C 347 75.95 -13.48 8.26
N ARG C 348 77.11 -14.02 8.55
CA ARG C 348 77.69 -13.89 9.88
C ARG C 348 78.59 -12.67 9.90
N ILE C 349 78.28 -11.74 10.79
CA ILE C 349 79.14 -10.60 11.10
C ILE C 349 79.83 -10.90 12.42
N THR C 350 81.16 -10.86 12.41
CA THR C 350 81.94 -11.07 13.62
C THR C 350 82.65 -9.78 13.98
N ARG C 351 82.36 -9.27 15.17
CA ARG C 351 83.02 -8.08 15.68
C ARG C 351 84.33 -8.45 16.34
N GLU C 352 85.29 -7.52 16.27
CA GLU C 352 86.58 -7.68 16.93
C GLU C 352 87.04 -6.30 17.37
N TYR C 353 87.08 -6.08 18.68
CA TYR C 353 87.51 -4.79 19.18
C TYR C 353 89.02 -4.62 18.96
N THR C 354 89.38 -3.54 18.30
CA THR C 354 90.75 -3.31 17.84
C THR C 354 91.43 -2.12 18.50
N THR C 355 90.68 -1.13 18.96
CA THR C 355 91.29 0.06 19.56
C THR C 355 90.33 0.71 20.54
N ASN C 356 90.81 0.92 21.77
CA ASN C 356 90.11 1.71 22.78
C ASN C 356 88.69 1.22 23.04
N ALA C 357 88.55 -0.09 23.18
CA ALA C 357 87.23 -0.69 23.42
C ALA C 357 86.59 -0.19 24.71
N TYR C 358 87.39 0.36 25.62
CA TYR C 358 86.90 1.04 26.80
C TYR C 358 86.15 2.33 26.49
N GLN C 359 86.26 2.86 25.28
CA GLN C 359 85.51 4.07 24.94
C GLN C 359 84.02 3.78 24.75
N MET C 360 83.67 2.63 24.17
CA MET C 360 82.35 2.53 23.59
C MET C 360 81.97 1.07 23.37
N ASP C 361 80.68 0.86 23.10
CA ASP C 361 80.18 -0.31 22.40
C ASP C 361 79.72 0.12 21.02
N VAL C 362 79.93 -0.75 20.03
CA VAL C 362 79.51 -0.49 18.66
C VAL C 362 78.88 -1.74 18.05
N GLU C 363 77.81 -1.55 17.28
CA GLU C 363 77.06 -2.66 16.73
C GLU C 363 76.58 -2.32 15.31
N LEU C 364 76.54 -3.33 14.46
CA LEU C 364 76.27 -3.17 13.05
C LEU C 364 75.17 -4.12 12.62
N PHE C 365 74.19 -3.62 11.87
CA PHE C 365 72.98 -4.37 11.54
C PHE C 365 72.61 -4.08 10.09
N PRO C 366 72.88 -5.01 9.18
CA PRO C 366 72.52 -4.79 7.78
C PRO C 366 71.02 -4.80 7.55
N PHE C 367 70.63 -4.15 6.45
CA PHE C 367 69.27 -4.20 5.95
C PHE C 367 69.16 -4.27 4.43
N GLY C 368 70.24 -4.05 3.69
CA GLY C 368 70.22 -4.17 2.25
C GLY C 368 71.62 -4.44 1.71
N GLY C 369 71.70 -4.58 0.39
CA GLY C 369 72.97 -4.74 -0.30
C GLY C 369 73.89 -3.55 -0.19
N GLU C 370 75.02 -3.73 0.53
CA GLU C 370 75.97 -2.68 0.85
C GLU C 370 75.34 -1.57 1.69
N ASN C 371 74.22 -1.86 2.33
CA ASN C 371 73.47 -0.91 3.11
C ASN C 371 73.31 -1.43 4.53
N TYR C 372 73.64 -0.61 5.50
CA TYR C 372 73.79 -1.08 6.87
C TYR C 372 73.29 0.00 7.80
N ARG C 373 72.83 -0.42 8.98
CA ARG C 373 72.71 0.48 10.12
C ARG C 373 73.88 0.16 11.04
N LEU C 374 74.60 1.20 11.45
CA LEU C 374 75.64 1.08 12.47
C LEU C 374 75.17 1.77 13.74
N ASP C 375 75.24 1.04 14.85
CA ASP C 375 74.87 1.55 16.16
C ASP C 375 76.09 1.51 17.05
N TYR C 376 76.23 2.53 17.89
CA TYR C 376 77.37 2.61 18.80
C TYR C 376 76.97 3.38 20.03
N LYS C 377 77.62 3.06 21.14
CA LYS C 377 77.21 3.53 22.45
C LYS C 377 78.47 3.71 23.29
N PHE C 378 78.68 4.93 23.76
CA PHE C 378 79.91 5.32 24.43
C PHE C 378 79.91 4.98 25.91
N LYS C 379 81.10 4.71 26.42
CA LYS C 379 81.34 4.35 27.82
C LYS C 379 81.95 5.50 28.60
N ASN C 380 82.76 6.31 27.94
CA ASN C 380 83.48 7.45 28.51
C ASN C 380 83.11 8.70 27.74
N PHE C 381 83.24 9.85 28.40
CA PHE C 381 82.90 11.13 27.80
C PHE C 381 84.15 11.86 27.35
N TYR C 382 84.14 12.32 26.09
CA TYR C 382 85.12 13.25 25.56
C TYR C 382 84.36 14.34 24.82
N ASN C 383 84.68 15.59 25.13
CA ASN C 383 83.96 16.73 24.56
C ASN C 383 84.43 16.92 23.12
N ALA C 384 83.91 16.09 22.24
CA ALA C 384 84.21 16.22 20.81
C ALA C 384 83.72 17.55 20.27
N SER C 385 84.56 18.18 19.45
CA SER C 385 84.07 19.22 18.52
C SER C 385 83.20 18.61 17.43
N TYR C 386 83.49 17.38 17.04
CA TYR C 386 82.62 16.62 16.16
C TYR C 386 82.96 15.15 16.36
N LEU C 387 82.03 14.29 15.95
CA LEU C 387 82.30 12.88 15.80
C LEU C 387 82.46 12.54 14.33
N SER C 388 83.62 11.98 13.99
CA SER C 388 83.98 11.53 12.65
C SER C 388 84.08 10.00 12.61
N ILE C 389 83.41 9.38 11.63
CA ILE C 389 83.41 7.92 11.51
C ILE C 389 83.81 7.59 10.07
N LYS C 390 84.72 6.63 9.93
CA LYS C 390 85.33 6.31 8.65
C LYS C 390 85.25 4.81 8.43
N LEU C 391 85.28 4.39 7.17
CA LEU C 391 85.79 3.07 6.85
C LEU C 391 87.27 2.98 7.18
N ASN C 392 87.63 2.06 8.07
CA ASN C 392 88.93 2.08 8.74
C ASN C 392 89.14 3.52 9.23
N ASP C 393 90.30 4.13 8.97
CA ASP C 393 90.52 5.56 9.15
C ASP C 393 90.51 6.27 7.80
N LYS C 394 89.88 5.67 6.77
CA LYS C 394 90.12 6.06 5.40
C LYS C 394 88.89 6.75 4.86
N ARG C 395 87.90 6.03 4.33
CA ARG C 395 86.73 6.65 3.72
C ARG C 395 85.74 7.05 4.80
N GLU C 396 85.58 8.36 5.00
CA GLU C 396 84.65 8.89 6.00
C GLU C 396 83.21 8.66 5.56
N LEU C 397 82.52 7.77 6.27
CA LEU C 397 81.16 7.40 5.88
C LEU C 397 80.11 8.34 6.48
N VAL C 398 80.38 8.88 7.66
CA VAL C 398 79.49 9.81 8.35
C VAL C 398 80.34 10.67 9.27
N ARG C 399 79.87 11.88 9.52
CA ARG C 399 80.42 12.73 10.58
C ARG C 399 79.28 13.41 11.33
N THR C 400 79.44 13.51 12.65
CA THR C 400 78.47 14.18 13.50
C THR C 400 79.16 15.29 14.30
N GLU C 401 78.58 16.48 14.23
CA GLU C 401 79.04 17.65 14.97
C GLU C 401 78.62 17.61 16.44
N GLY C 402 79.46 18.20 17.29
CA GLY C 402 79.25 18.21 18.72
C GLY C 402 79.72 16.96 19.42
N ALA C 403 79.47 16.95 20.73
CA ALA C 403 80.00 15.91 21.61
C ALA C 403 79.02 14.75 21.73
N PRO C 404 79.37 13.55 21.30
CA PRO C 404 78.59 12.36 21.67
C PRO C 404 78.60 12.15 23.19
N GLN C 405 77.42 11.92 23.74
CA GLN C 405 77.25 11.74 25.18
C GLN C 405 77.40 10.28 25.59
N VAL C 406 77.73 10.10 26.87
CA VAL C 406 77.81 8.78 27.49
C VAL C 406 76.43 8.14 27.54
N ASN C 407 76.40 6.82 27.33
CA ASN C 407 75.21 5.99 27.46
C ASN C 407 74.12 6.37 26.47
N ILE C 408 74.48 7.03 25.38
CA ILE C 408 73.60 7.24 24.23
C ILE C 408 74.04 6.31 23.12
N GLU C 409 73.12 5.51 22.59
CA GLU C 409 73.37 4.75 21.37
C GLU C 409 73.08 5.66 20.18
N TYR C 410 74.14 6.17 19.57
CA TYR C 410 74.05 6.86 18.29
C TYR C 410 74.03 5.85 17.14
N SER C 411 73.52 6.30 15.99
CA SER C 411 73.31 5.43 14.85
C SER C 411 73.64 6.17 13.56
N ALA C 412 74.01 5.41 12.53
CA ALA C 412 74.25 5.97 11.20
C ALA C 412 73.97 4.92 10.13
N ASN C 413 73.21 5.32 9.11
CA ASN C 413 72.91 4.47 7.95
C ASN C 413 74.06 4.48 6.94
N ILE C 414 75.21 3.99 7.40
CA ILE C 414 76.44 3.96 6.61
C ILE C 414 76.28 2.99 5.44
N THR C 415 77.26 2.98 4.54
CA THR C 415 77.37 1.93 3.51
C THR C 415 78.75 1.28 3.59
N LEU C 416 78.78 -0.03 3.33
CA LEU C 416 80.02 -0.79 3.20
C LEU C 416 79.91 -1.67 1.96
N ASN C 417 80.84 -1.50 1.02
CA ASN C 417 80.73 -2.09 -0.30
C ASN C 417 81.47 -3.42 -0.40
N THR C 418 81.20 -4.15 -1.50
CA THR C 418 81.68 -5.51 -1.65
C THR C 418 83.19 -5.61 -1.42
N ALA C 419 83.95 -4.71 -2.05
CA ALA C 419 85.40 -4.66 -1.87
C ALA C 419 85.79 -4.26 -0.46
N ASP C 420 84.84 -3.68 0.29
CA ASP C 420 85.03 -3.44 1.72
C ASP C 420 84.72 -4.70 2.52
N ILE C 421 83.51 -5.23 2.38
CA ILE C 421 83.03 -6.27 3.29
C ILE C 421 83.62 -7.64 2.98
N SER C 422 84.25 -7.80 1.83
CA SER C 422 85.13 -8.95 1.61
C SER C 422 86.36 -8.93 2.49
N GLN C 423 86.80 -7.75 2.95
CA GLN C 423 87.88 -7.69 3.90
C GLN C 423 87.40 -7.98 5.31
N PRO C 424 88.30 -8.36 6.22
CA PRO C 424 88.08 -8.07 7.64
C PRO C 424 88.32 -6.59 7.93
N PHE C 425 87.47 -5.74 7.37
CA PHE C 425 87.66 -4.31 7.49
C PHE C 425 87.53 -3.84 8.94
N GLU C 426 88.26 -2.79 9.26
CA GLU C 426 88.03 -2.04 10.48
C GLU C 426 86.94 -1.01 10.21
N ILE C 427 86.20 -0.64 11.25
CA ILE C 427 85.50 0.63 11.29
C ILE C 427 86.11 1.50 12.38
N GLY C 428 86.68 2.62 11.96
CA GLY C 428 87.28 3.57 12.88
C GLY C 428 86.37 4.75 13.16
N LEU C 429 85.89 4.83 14.40
CA LEU C 429 85.17 5.99 14.90
C LEU C 429 86.13 6.92 15.61
N THR C 430 85.80 8.22 15.62
CA THR C 430 86.71 9.22 16.17
C THR C 430 85.90 10.42 16.67
N ARG C 431 85.73 10.50 17.98
CA ARG C 431 85.40 11.76 18.64
C ARG C 431 86.61 12.68 18.53
N VAL C 432 86.56 13.67 17.65
CA VAL C 432 87.60 14.69 17.59
C VAL C 432 87.23 15.89 18.44
N LEU C 433 88.05 16.16 19.46
CA LEU C 433 87.84 17.29 20.35
C LEU C 433 88.23 18.59 19.64
N PRO C 434 87.73 19.75 20.16
CA PRO C 434 88.14 21.05 19.59
C PRO C 434 89.65 21.27 19.56
N SER C 435 90.38 20.58 20.42
CA SER C 435 91.85 20.64 20.39
C SER C 435 92.44 19.88 19.21
N GLY C 436 91.65 19.09 18.49
CA GLY C 436 92.16 18.12 17.56
C GLY C 436 92.69 16.85 18.21
N SER C 437 92.70 16.78 19.54
CA SER C 437 92.83 15.48 20.19
C SER C 437 91.62 14.62 19.85
N TRP C 438 91.73 13.34 20.11
CA TRP C 438 90.60 12.46 19.84
C TRP C 438 90.56 11.31 20.84
N ALA C 439 89.32 10.86 21.11
CA ALA C 439 89.05 9.49 21.53
C ALA C 439 88.69 8.71 20.27
N TYR C 440 89.73 8.32 19.54
CA TYR C 440 89.58 7.29 18.52
C TYR C 440 89.33 5.95 19.19
N ALA C 441 88.44 5.18 18.59
CA ALA C 441 88.25 3.77 18.91
C ALA C 441 87.76 3.07 17.65
N ALA C 442 88.02 1.77 17.57
CA ALA C 442 87.68 1.04 16.37
C ALA C 442 87.46 -0.43 16.68
N ALA C 443 86.71 -1.09 15.81
CA ALA C 443 86.60 -2.53 15.78
C ALA C 443 86.61 -2.99 14.32
N LYS C 444 87.22 -4.14 14.09
CA LYS C 444 87.04 -4.86 12.83
C LYS C 444 85.69 -5.56 12.78
N PHE C 445 85.17 -5.71 11.57
CA PHE C 445 83.92 -6.43 11.33
C PHE C 445 84.13 -7.35 10.13
N THR C 446 84.33 -8.63 10.41
CA THR C 446 84.35 -9.65 9.37
C THR C 446 82.94 -9.96 8.90
N VAL C 447 82.74 -9.97 7.59
CA VAL C 447 81.47 -10.36 6.99
C VAL C 447 81.66 -11.68 6.25
N GLU C 448 80.88 -12.69 6.63
CA GLU C 448 80.94 -14.02 6.05
C GLU C 448 79.55 -14.40 5.56
N GLU C 449 79.48 -15.04 4.40
CA GLU C 449 78.27 -15.74 3.99
C GLU C 449 78.16 -17.08 4.69
N TYR C 450 76.96 -17.41 5.14
CA TYR C 450 76.76 -18.46 6.13
C TYR C 450 75.50 -19.26 5.79
N ASN C 451 75.42 -20.46 6.35
CA ASN C 451 74.37 -21.41 5.98
C ASN C 451 72.99 -20.97 6.46
N GLN C 452 71.97 -21.20 5.61
CA GLN C 452 70.62 -20.69 5.81
C GLN C 452 69.76 -21.53 6.74
N TYR C 453 70.30 -22.59 7.36
CA TYR C 453 69.50 -23.51 8.16
C TYR C 453 68.70 -22.80 9.24
N SER C 454 69.38 -22.07 10.12
CA SER C 454 68.71 -21.41 11.23
C SER C 454 67.71 -20.35 10.77
N PHE C 455 67.88 -19.82 9.56
CA PHE C 455 66.89 -18.92 9.01
C PHE C 455 65.64 -19.67 8.59
N LEU C 456 65.80 -20.72 7.79
CA LEU C 456 64.66 -21.46 7.27
C LEU C 456 63.85 -22.14 8.37
N LEU C 457 64.49 -22.63 9.42
CA LEU C 457 63.71 -23.22 10.51
C LEU C 457 62.82 -22.21 11.22
N LYS C 458 63.30 -20.99 11.40
CA LYS C 458 62.46 -19.95 12.00
C LYS C 458 61.36 -19.51 11.06
N LEU C 459 61.67 -19.36 9.78
CA LEU C 459 60.62 -19.04 8.82
C LEU C 459 59.56 -20.13 8.78
N ASN C 460 59.96 -21.39 8.90
CA ASN C 460 59.02 -22.50 8.93
C ASN C 460 58.09 -22.41 10.13
N LYS C 461 58.64 -22.21 11.31
CA LYS C 461 57.82 -21.96 12.50
C LYS C 461 56.84 -20.82 12.29
N ALA C 462 57.30 -19.71 11.70
CA ALA C 462 56.43 -18.56 11.54
C ALA C 462 55.29 -18.83 10.56
N ILE C 463 55.59 -19.45 9.43
CA ILE C 463 54.53 -19.70 8.44
C ILE C 463 53.50 -20.66 9.00
N ARG C 464 53.95 -21.76 9.59
CA ARG C 464 52.99 -22.74 10.07
C ARG C 464 52.15 -22.20 11.21
N LEU C 465 52.74 -21.42 12.11
CA LEU C 465 51.95 -20.81 13.18
C LEU C 465 50.94 -19.81 12.64
N SER C 466 51.36 -18.92 11.74
CA SER C 466 50.42 -17.95 11.17
C SER C 466 49.27 -18.64 10.44
N ARG C 467 49.57 -19.70 9.70
CA ARG C 467 48.52 -20.39 8.95
C ARG C 467 47.57 -21.16 9.87
N ALA C 468 48.09 -21.78 10.93
CA ALA C 468 47.23 -22.55 11.81
C ALA C 468 46.28 -21.68 12.63
N THR C 469 46.75 -20.56 13.16
CA THR C 469 45.91 -19.70 13.98
C THR C 469 45.18 -18.64 13.18
N GLU C 470 45.30 -18.68 11.85
CA GLU C 470 44.77 -17.68 10.94
C GLU C 470 44.88 -16.24 11.45
N LEU C 471 46.03 -15.90 11.98
CA LEU C 471 46.34 -14.56 12.46
C LEU C 471 47.39 -13.96 11.55
N SER C 472 47.31 -12.66 11.33
CA SER C 472 48.27 -11.99 10.47
C SER C 472 49.67 -12.07 11.09
N PRO C 473 50.70 -12.18 10.26
CA PRO C 473 52.07 -12.23 10.80
C PRO C 473 52.44 -11.00 11.62
N THR C 474 51.90 -9.83 11.31
CA THR C 474 52.19 -8.66 12.13
C THR C 474 51.70 -8.84 13.56
N ILE C 475 50.50 -9.40 13.73
CA ILE C 475 49.96 -9.63 15.06
C ILE C 475 50.86 -10.60 15.84
N LEU C 476 51.25 -11.69 15.20
CA LEU C 476 52.10 -12.66 15.86
C LEU C 476 53.46 -12.07 16.21
N GLU C 477 54.01 -11.23 15.34
CA GLU C 477 55.25 -10.57 15.67
C GLU C 477 55.07 -9.63 16.86
N GLY C 478 53.91 -8.97 16.94
CA GLY C 478 53.62 -8.15 18.09
C GLY C 478 53.34 -8.93 19.37
N ILE C 479 53.08 -10.22 19.25
CA ILE C 479 52.89 -11.04 20.44
C ILE C 479 54.22 -11.62 20.91
N VAL C 480 55.06 -12.06 19.99
CA VAL C 480 56.30 -12.73 20.37
C VAL C 480 57.26 -11.77 21.06
N ARG C 481 57.25 -10.48 20.70
CA ARG C 481 58.15 -9.54 21.34
C ARG C 481 57.79 -9.26 22.80
N SER C 482 56.58 -9.56 23.23
CA SER C 482 56.20 -9.31 24.61
C SER C 482 56.65 -10.42 25.54
N VAL C 483 57.17 -11.53 25.03
CA VAL C 483 57.82 -12.55 25.84
C VAL C 483 59.32 -12.41 25.82
N ASN C 484 59.92 -12.39 24.65
CA ASN C 484 61.36 -12.45 24.51
C ASN C 484 61.82 -11.30 23.63
N LEU C 485 62.92 -10.69 24.02
CA LEU C 485 63.62 -9.76 23.13
C LEU C 485 64.31 -10.47 21.98
N GLN C 486 64.49 -11.78 22.08
CA GLN C 486 64.82 -12.59 20.92
C GLN C 486 63.55 -13.17 20.32
N LEU C 487 63.42 -13.08 19.00
CA LEU C 487 62.23 -13.59 18.32
C LEU C 487 62.27 -15.11 18.33
N ASP C 488 61.70 -15.74 19.36
CA ASP C 488 61.88 -17.18 19.56
C ASP C 488 60.55 -17.81 20.01
N ILE C 489 59.80 -18.32 19.03
CA ILE C 489 58.56 -19.04 19.33
C ILE C 489 58.87 -20.28 20.15
N ASN C 490 58.18 -20.42 21.28
CA ASN C 490 58.44 -21.50 22.23
C ASN C 490 57.19 -21.68 23.10
N THR C 491 57.30 -22.56 24.10
CA THR C 491 56.16 -22.86 24.96
C THR C 491 55.54 -21.61 25.58
N ASP C 492 56.38 -20.66 26.01
CA ASP C 492 55.84 -19.49 26.72
C ASP C 492 55.00 -18.62 25.80
N VAL C 493 55.54 -18.26 24.64
CA VAL C 493 54.81 -17.39 23.72
C VAL C 493 53.61 -18.15 23.15
N LEU C 494 53.77 -19.45 22.93
CA LEU C 494 52.71 -20.27 22.38
C LEU C 494 51.61 -20.51 23.40
N GLY C 495 51.86 -20.22 24.67
CA GLY C 495 50.83 -20.38 25.66
C GLY C 495 49.78 -19.31 25.57
N LYS C 496 50.16 -18.06 25.27
CA LYS C 496 49.18 -16.98 25.28
C LYS C 496 48.60 -16.65 23.92
N VAL C 497 49.06 -17.27 22.84
CA VAL C 497 48.32 -17.06 21.59
C VAL C 497 46.94 -17.71 21.70
N PHE C 498 46.83 -18.82 22.42
CA PHE C 498 45.52 -19.39 22.64
C PHE C 498 44.65 -18.45 23.48
N LEU C 499 45.25 -17.83 24.50
CA LEU C 499 44.50 -16.90 25.33
C LEU C 499 44.02 -15.71 24.53
N THR C 500 44.88 -15.16 23.68
CA THR C 500 44.44 -14.01 22.90
C THR C 500 43.39 -14.40 21.86
N LYS C 501 43.45 -15.60 21.29
CA LYS C 501 42.39 -16.04 20.40
C LYS C 501 41.06 -16.21 21.14
N TYR C 502 41.13 -16.69 22.37
CA TYR C 502 39.92 -16.77 23.19
C TYR C 502 39.36 -15.39 23.52
N TYR C 503 40.18 -14.48 24.03
CA TYR C 503 39.68 -13.16 24.38
C TYR C 503 39.18 -12.38 23.16
N MET C 504 39.90 -12.41 22.05
CA MET C 504 39.40 -11.76 20.85
C MET C 504 38.09 -12.35 20.35
N GLN C 505 37.84 -13.64 20.61
CA GLN C 505 36.52 -14.15 20.23
C GLN C 505 35.44 -13.77 21.24
N ARG C 506 35.69 -14.05 22.52
CA ARG C 506 34.71 -13.85 23.58
C ARG C 506 34.29 -12.39 23.72
N TYR C 507 35.26 -11.47 23.73
CA TYR C 507 35.00 -10.07 24.02
C TYR C 507 34.97 -9.22 22.77
N ALA C 508 35.38 -9.77 21.63
CA ALA C 508 35.44 -9.06 20.34
C ALA C 508 36.23 -7.76 20.43
N ILE C 509 37.45 -7.87 20.97
CA ILE C 509 38.31 -6.72 21.18
C ILE C 509 39.47 -6.85 20.20
N HIS C 510 40.24 -5.78 20.07
CA HIS C 510 41.36 -5.81 19.15
C HIS C 510 42.51 -6.63 19.75
N ALA C 511 43.50 -6.93 18.91
CA ALA C 511 44.61 -7.77 19.33
C ALA C 511 45.43 -7.15 20.46
N GLU C 512 45.73 -5.85 20.35
CA GLU C 512 46.54 -5.18 21.36
C GLU C 512 45.85 -5.17 22.72
N THR C 513 44.54 -4.93 22.74
CA THR C 513 43.81 -4.95 24.00
C THR C 513 43.86 -6.33 24.63
N ALA C 514 43.70 -7.39 23.84
CA ALA C 514 43.78 -8.74 24.36
C ALA C 514 45.17 -9.02 24.92
N LEU C 515 46.21 -8.52 24.27
CA LEU C 515 47.55 -8.69 24.82
C LEU C 515 47.67 -8.00 26.17
N ILE C 516 47.09 -6.81 26.30
CA ILE C 516 47.09 -6.15 27.60
C ILE C 516 46.40 -7.02 28.64
N LEU C 517 45.27 -7.64 28.29
CA LEU C 517 44.60 -8.55 29.21
C LEU C 517 45.45 -9.75 29.57
N CYS C 518 46.44 -10.11 28.75
CA CYS C 518 47.32 -11.23 29.01
C CYS C 518 48.57 -10.83 29.80
N ASN C 519 48.52 -9.71 30.52
CA ASN C 519 49.66 -9.23 31.31
C ASN C 519 50.89 -8.99 30.44
N ALA C 520 50.70 -8.17 29.42
CA ALA C 520 51.78 -7.79 28.53
C ALA C 520 51.94 -6.28 28.49
N PRO C 521 53.16 -5.76 28.55
CA PRO C 521 53.35 -4.31 28.55
C PRO C 521 52.93 -3.69 27.23
N ILE C 522 52.53 -2.42 27.30
CA ILE C 522 52.16 -1.66 26.12
C ILE C 522 53.37 -1.51 25.19
N SER C 523 53.14 -1.71 23.91
CA SER C 523 54.22 -1.71 22.91
C SER C 523 54.45 -0.30 22.39
N GLN C 524 55.68 0.20 22.56
CA GLN C 524 56.03 1.50 22.00
C GLN C 524 56.25 1.44 20.49
N ARG C 525 56.68 0.29 19.96
CA ARG C 525 57.01 0.19 18.54
C ARG C 525 55.77 0.34 17.67
N SER C 526 55.93 1.04 16.55
CA SER C 526 54.88 1.19 15.55
C SER C 526 54.98 0.13 14.46
N TYR C 527 54.12 -0.87 14.51
CA TYR C 527 54.01 -1.84 13.44
C TYR C 527 53.23 -1.27 12.25
N ASP C 528 53.42 -1.92 11.11
CA ASP C 528 52.44 -1.92 10.02
C ASP C 528 52.18 -0.53 9.43
N ASN C 529 53.08 0.43 9.60
CA ASN C 529 52.82 1.83 9.22
C ASN C 529 51.62 2.40 9.96
N GLN C 530 51.42 1.97 11.19
CA GLN C 530 50.31 2.41 12.01
C GLN C 530 50.86 3.04 13.28
N PRO C 531 50.16 4.00 13.86
CA PRO C 531 50.63 4.58 15.11
C PRO C 531 50.68 3.52 16.19
N SER C 532 51.64 3.64 17.08
CA SER C 532 51.80 2.64 18.11
C SER C 532 50.65 2.71 19.11
N GLN C 533 50.54 1.67 19.93
CA GLN C 533 49.51 1.65 20.96
C GLN C 533 49.73 2.79 21.94
N PHE C 534 50.97 2.99 22.37
CA PHE C 534 51.27 4.09 23.27
C PHE C 534 50.97 5.43 22.62
N ASP C 535 51.37 5.62 21.36
CA ASP C 535 51.12 6.89 20.68
C ASP C 535 49.63 7.17 20.53
N ARG C 536 48.86 6.17 20.10
CA ARG C 536 47.42 6.35 19.97
C ARG C 536 46.75 6.52 21.32
N LEU C 537 47.35 5.99 22.38
CA LEU C 537 46.74 6.07 23.69
C LEU C 537 46.97 7.44 24.33
N PHE C 538 48.18 7.98 24.29
CA PHE C 538 48.49 9.18 25.07
C PHE C 538 49.00 10.35 24.25
N ASN C 539 49.25 10.19 22.96
CA ASN C 539 49.82 11.28 22.16
C ASN C 539 48.90 11.82 21.07
N THR C 540 48.10 11.00 20.44
CA THR C 540 47.20 11.66 19.50
C THR C 540 45.79 11.78 20.05
N PRO C 541 45.23 12.99 20.08
CA PRO C 541 45.86 14.25 19.66
C PRO C 541 46.72 14.88 20.74
N LEU C 542 47.78 15.56 20.34
CA LEU C 542 48.69 16.21 21.29
C LEU C 542 47.97 17.28 22.08
N LEU C 543 48.19 17.28 23.38
CA LEU C 543 47.51 18.18 24.30
C LEU C 543 48.43 19.35 24.60
N ASN C 544 48.05 20.52 24.06
CA ASN C 544 48.76 21.78 24.27
C ASN C 544 50.21 21.70 23.82
N GLY C 545 50.46 20.96 22.75
CA GLY C 545 51.79 20.83 22.19
C GLY C 545 52.80 20.22 23.13
N GLN C 546 52.38 19.28 23.97
CA GLN C 546 53.27 18.59 24.89
C GLN C 546 53.25 17.12 24.56
N TYR C 547 54.44 16.55 24.38
CA TYR C 547 54.57 15.16 23.98
C TYR C 547 54.82 14.32 25.23
N PHE C 548 54.01 13.28 25.40
CA PHE C 548 54.05 12.41 26.55
C PHE C 548 54.90 11.19 26.28
N SER C 549 55.78 10.87 27.22
CA SER C 549 56.64 9.71 27.11
C SER C 549 57.05 9.25 28.49
N THR C 550 57.52 8.02 28.57
CA THR C 550 58.00 7.49 29.83
C THR C 550 59.21 8.26 30.31
N GLY C 551 59.22 8.57 31.60
CA GLY C 551 60.29 9.35 32.18
C GLY C 551 60.46 8.97 33.64
N ASP C 552 61.54 9.46 34.22
CA ASP C 552 61.84 9.18 35.62
C ASP C 552 61.09 10.10 36.57
N GLU C 553 60.36 11.09 36.06
CA GLU C 553 59.59 11.98 36.91
C GLU C 553 58.41 11.23 37.53
N GLU C 554 57.89 11.80 38.61
CA GLU C 554 56.86 11.17 39.42
C GLU C 554 55.52 11.90 39.23
N ILE C 555 54.47 11.14 38.98
CA ILE C 555 53.14 11.67 38.69
C ILE C 555 52.22 11.36 39.86
N ASP C 556 51.47 12.36 40.30
CA ASP C 556 50.55 12.22 41.42
C ASP C 556 49.16 11.83 40.96
N LEU C 557 48.58 10.83 41.62
CA LEU C 557 47.22 10.40 41.34
C LEU C 557 46.24 10.87 42.40
N ASN C 558 46.65 11.73 43.31
CA ASN C 558 45.72 12.25 44.30
C ASN C 558 44.72 13.16 43.60
N SER C 559 43.43 12.93 43.87
CA SER C 559 42.40 13.69 43.16
C SER C 559 42.47 15.17 43.51
N GLY C 560 42.68 15.49 44.77
CA GLY C 560 42.74 16.88 45.19
C GLY C 560 44.05 17.59 44.96
N SER C 561 45.06 16.91 44.44
CA SER C 561 46.36 17.55 44.25
C SER C 561 46.40 18.54 43.09
N THR C 562 45.47 18.44 42.14
CA THR C 562 45.45 19.28 40.95
C THR C 562 46.78 19.19 40.20
N GLY C 563 47.04 17.99 39.71
CA GLY C 563 48.31 17.65 39.10
C GLY C 563 48.57 18.38 37.78
N ASP C 564 49.75 18.11 37.25
CA ASP C 564 50.24 18.77 36.05
C ASP C 564 49.58 18.15 34.82
N TRP C 565 50.14 18.46 33.65
CA TRP C 565 49.56 17.99 32.40
C TRP C 565 49.60 16.46 32.28
N ARG C 566 50.51 15.79 32.96
CA ARG C 566 50.59 14.34 32.86
C ARG C 566 49.34 13.68 33.43
N LYS C 567 48.83 14.20 34.54
CA LYS C 567 47.59 13.68 35.09
C LYS C 567 46.45 13.88 34.10
N THR C 568 46.43 15.01 33.41
CA THR C 568 45.43 15.24 32.39
C THR C 568 45.56 14.24 31.25
N ILE C 569 46.79 13.92 30.85
CA ILE C 569 46.97 12.91 29.81
C ILE C 569 46.39 11.57 30.24
N LEU C 570 46.67 11.16 31.48
CA LEU C 570 46.11 9.89 31.96
C LEU C 570 44.59 9.93 31.99
N LYS C 571 44.02 11.03 32.47
CA LYS C 571 42.56 11.14 32.54
C LYS C 571 41.95 11.09 31.15
N ARG C 572 42.54 11.79 30.19
CA ARG C 572 42.01 11.79 28.82
C ARG C 572 42.13 10.42 28.18
N ALA C 573 43.25 9.73 28.39
CA ALA C 573 43.43 8.41 27.81
C ALA C 573 42.44 7.40 28.36
N PHE C 574 42.18 7.45 29.67
CA PHE C 574 41.27 6.49 30.29
C PHE C 574 39.81 6.94 30.33
N ASN C 575 39.50 8.17 29.91
CA ASN C 575 38.11 8.66 29.90
C ASN C 575 37.46 8.56 31.28
N ILE C 576 38.22 8.91 32.32
CA ILE C 576 37.73 8.85 33.69
C ILE C 576 38.08 10.15 34.40
N ASP C 577 37.36 10.42 35.48
CA ASP C 577 37.58 11.60 36.29
C ASP C 577 38.65 11.31 37.34
N ASP C 578 38.97 12.32 38.15
CA ASP C 578 40.08 12.17 39.09
C ASP C 578 39.77 11.17 40.20
N VAL C 579 38.54 11.20 40.72
CA VAL C 579 38.17 10.33 41.83
C VAL C 579 38.20 8.87 41.40
N SER C 580 37.60 8.56 40.26
CA SER C 580 37.66 7.19 39.77
C SER C 580 39.09 6.79 39.41
N LEU C 581 39.92 7.76 39.00
CA LEU C 581 41.32 7.45 38.75
C LEU C 581 42.01 6.99 40.03
N PHE C 582 41.77 7.69 41.13
CA PHE C 582 42.37 7.25 42.40
C PHE C 582 41.81 5.91 42.81
N ARG C 583 40.52 5.68 42.58
CA ARG C 583 39.94 4.39 42.89
C ARG C 583 40.56 3.26 42.08
N LEU C 584 40.82 3.52 40.80
CA LEU C 584 41.49 2.51 39.96
C LEU C 584 42.90 2.24 40.46
N LEU C 585 43.60 3.28 40.88
CA LEU C 585 44.93 3.07 41.44
C LEU C 585 44.87 2.20 42.69
N LYS C 586 43.90 2.47 43.56
CA LYS C 586 43.76 1.65 44.77
C LYS C 586 43.35 0.21 44.45
N ILE C 587 42.52 -0.01 43.43
CA ILE C 587 42.15 -1.37 43.04
C ILE C 587 43.37 -2.14 42.56
N THR C 588 44.16 -1.51 41.69
CA THR C 588 45.24 -2.23 41.02
C THR C 588 46.34 -2.61 42.00
N ASP C 589 46.79 -1.69 42.83
CA ASP C 589 47.91 -1.94 43.73
C ASP C 589 47.48 -1.61 45.14
N HIS C 590 47.72 -2.54 46.07
CA HIS C 590 47.48 -2.30 47.49
C HIS C 590 48.71 -1.84 48.24
N ASP C 591 49.88 -1.84 47.61
CA ASP C 591 51.10 -1.39 48.28
C ASP C 591 51.40 0.07 48.05
N ASN C 592 50.62 0.77 47.22
CA ASN C 592 50.84 2.19 46.96
C ASN C 592 50.12 2.96 48.06
N LYS C 593 50.88 3.28 49.12
CA LYS C 593 50.29 4.00 50.25
C LYS C 593 49.82 5.39 49.83
N ASP C 594 50.61 6.08 49.01
CA ASP C 594 50.25 7.40 48.51
C ASP C 594 49.88 7.29 47.04
N GLY C 595 49.20 8.34 46.54
CA GLY C 595 48.77 8.34 45.16
C GLY C 595 49.87 8.49 44.13
N LYS C 596 51.03 9.01 44.52
CA LYS C 596 52.12 9.18 43.57
C LYS C 596 52.65 7.82 43.12
N ILE C 597 52.87 7.69 41.81
CA ILE C 597 53.40 6.48 41.21
C ILE C 597 54.51 6.83 40.23
N LYS C 598 55.36 5.85 39.96
CA LYS C 598 56.43 6.01 38.99
C LYS C 598 55.84 6.07 37.59
N ASN C 599 56.41 6.92 36.75
CA ASN C 599 55.93 7.10 35.39
C ASN C 599 56.47 6.08 34.40
N ASN C 600 56.97 4.94 34.86
CA ASN C 600 57.47 3.95 33.92
C ASN C 600 56.30 3.27 33.20
N LEU C 601 56.62 2.48 32.20
CA LEU C 601 55.61 1.86 31.36
C LEU C 601 54.81 0.79 32.10
N LYS C 602 55.42 0.11 33.07
CA LYS C 602 54.77 -1.00 33.74
C LYS C 602 53.55 -0.53 34.54
N ASN C 603 53.67 0.58 35.25
CA ASN C 603 52.53 1.09 36.02
C ASN C 603 51.39 1.48 35.09
N LEU C 604 51.71 2.08 33.95
CA LEU C 604 50.68 2.42 32.99
C LEU C 604 49.99 1.16 32.50
N SER C 605 50.75 0.09 32.26
CA SER C 605 50.15 -1.16 31.84
C SER C 605 49.21 -1.72 32.90
N ASN C 606 49.60 -1.64 34.18
CA ASN C 606 48.72 -2.11 35.24
C ASN C 606 47.42 -1.30 35.29
N LEU C 607 47.53 0.02 35.15
CA LEU C 607 46.34 0.85 35.15
C LEU C 607 45.43 0.52 33.98
N TYR C 608 46.01 0.28 32.81
CA TYR C 608 45.20 -0.10 31.65
C TYR C 608 44.53 -1.45 31.85
N ILE C 609 45.22 -2.40 32.49
CA ILE C 609 44.59 -3.69 32.79
C ILE C 609 43.37 -3.48 33.67
N GLY C 610 43.53 -2.69 34.73
CA GLY C 610 42.41 -2.45 35.62
C GLY C 610 41.25 -1.78 34.91
N LYS C 611 41.53 -0.82 34.04
CA LYS C 611 40.44 -0.16 33.30
C LYS C 611 39.73 -1.14 32.37
N LEU C 612 40.49 -1.99 31.66
CA LEU C 612 39.84 -2.92 30.74
C LEU C 612 39.03 -4.00 31.44
N LEU C 613 39.39 -4.36 32.67
CA LEU C 613 38.55 -5.33 33.38
C LEU C 613 37.12 -4.84 33.48
N ALA C 614 36.93 -3.57 33.81
CA ALA C 614 35.59 -3.01 33.84
C ALA C 614 35.03 -2.71 32.45
N ASP C 615 35.86 -2.28 31.51
CA ASP C 615 35.33 -1.93 30.19
C ASP C 615 34.72 -3.13 29.47
N ILE C 616 35.39 -4.28 29.51
CA ILE C 616 34.90 -5.40 28.72
C ILE C 616 33.56 -5.91 29.25
N HIS C 617 33.30 -5.76 30.54
CA HIS C 617 32.06 -6.24 31.14
C HIS C 617 30.99 -5.15 31.24
N GLN C 618 31.20 -4.00 30.60
CA GLN C 618 30.22 -2.92 30.59
C GLN C 618 29.87 -2.44 32.00
N LEU C 619 30.89 -2.33 32.86
CA LEU C 619 30.73 -1.78 34.19
C LEU C 619 31.76 -0.68 34.34
N THR C 620 31.48 0.29 35.21
CA THR C 620 32.47 1.32 35.45
C THR C 620 33.29 0.96 36.68
N ILE C 621 34.14 1.88 37.14
CA ILE C 621 35.08 1.56 38.20
C ILE C 621 34.37 1.25 39.50
N ASP C 622 33.26 1.94 39.78
CA ASP C 622 32.57 1.74 41.05
C ASP C 622 32.04 0.32 41.18
N GLU C 623 31.29 -0.15 40.18
CA GLU C 623 30.81 -1.51 40.23
C GLU C 623 31.96 -2.49 40.16
N LEU C 624 33.06 -2.14 39.50
CA LEU C 624 34.22 -3.02 39.48
C LEU C 624 34.77 -3.21 40.88
N ASP C 625 34.92 -2.13 41.64
CA ASP C 625 35.41 -2.27 43.01
C ASP C 625 34.44 -3.09 43.85
N LEU C 626 33.14 -2.76 43.78
CA LEU C 626 32.18 -3.51 44.60
C LEU C 626 32.15 -4.97 44.20
N LEU C 627 32.34 -5.26 42.92
CA LEU C 627 32.38 -6.64 42.46
C LEU C 627 33.59 -7.38 42.99
N LEU C 628 34.76 -6.76 42.92
CA LEU C 628 35.96 -7.40 43.43
C LEU C 628 35.87 -7.66 44.92
N ILE C 629 35.29 -6.73 45.68
CA ILE C 629 35.05 -6.97 47.09
C ILE C 629 34.03 -8.09 47.30
N ALA C 630 32.93 -8.07 46.55
CA ALA C 630 31.90 -9.10 46.67
C ALA C 630 32.39 -10.49 46.30
N VAL C 631 33.39 -10.59 45.42
CA VAL C 631 33.92 -11.90 45.08
C VAL C 631 34.77 -12.43 46.23
N GLY C 632 35.56 -11.56 46.83
CA GLY C 632 36.52 -11.95 47.85
C GLY C 632 37.94 -12.01 47.35
N GLU C 633 38.15 -11.93 46.04
CA GLU C 633 39.49 -11.89 45.48
C GLU C 633 39.99 -10.46 45.35
N GLY C 634 39.20 -9.47 45.77
CA GLY C 634 39.61 -8.09 45.69
C GLY C 634 40.79 -7.75 46.57
N LYS C 635 41.04 -8.54 47.60
CA LYS C 635 42.21 -8.32 48.45
C LYS C 635 43.51 -8.49 47.66
N THR C 636 43.56 -9.48 46.78
CA THR C 636 44.74 -9.69 45.95
C THR C 636 44.95 -8.53 44.99
N ASN C 637 46.22 -8.15 44.81
CA ASN C 637 46.59 -7.04 43.94
C ASN C 637 46.89 -7.52 42.53
N LEU C 638 46.42 -6.74 41.55
CA LEU C 638 46.66 -7.07 40.16
C LEU C 638 48.10 -6.79 39.74
N SER C 639 48.76 -5.84 40.39
CA SER C 639 50.13 -5.51 40.00
C SER C 639 51.08 -6.68 40.18
N ALA C 640 50.97 -7.39 41.29
CA ALA C 640 51.84 -8.54 41.57
C ALA C 640 50.93 -9.77 41.59
N ILE C 641 50.72 -10.35 40.42
CA ILE C 641 49.85 -11.51 40.29
C ILE C 641 50.37 -12.42 39.18
N SER C 642 50.09 -13.71 39.32
CA SER C 642 50.49 -14.69 38.34
C SER C 642 49.54 -14.66 37.15
N ASP C 643 50.02 -15.14 36.01
CA ASP C 643 49.20 -15.15 34.80
C ASP C 643 47.98 -16.04 34.96
N LYS C 644 48.18 -17.23 35.55
CA LYS C 644 47.06 -18.13 35.77
C LYS C 644 46.07 -17.54 36.77
N GLN C 645 46.57 -16.85 37.79
CA GLN C 645 45.66 -16.19 38.73
C GLN C 645 44.84 -15.12 38.04
N LEU C 646 45.46 -14.34 37.14
CA LEU C 646 44.71 -13.34 36.41
C LEU C 646 43.66 -13.97 35.52
N ALA C 647 43.99 -15.07 34.85
CA ALA C 647 43.00 -15.75 34.03
C ALA C 647 41.84 -16.27 34.87
N THR C 648 42.15 -16.81 36.04
CA THR C 648 41.10 -17.27 36.95
C THR C 648 40.21 -16.11 37.40
N LEU C 649 40.82 -14.96 37.68
CA LEU C 649 40.06 -13.78 38.06
C LEU C 649 39.15 -13.33 36.94
N ILE C 650 39.63 -13.37 35.70
CA ILE C 650 38.79 -12.99 34.57
C ILE C 650 37.59 -13.92 34.48
N ARG C 651 37.83 -15.23 34.62
CA ARG C 651 36.72 -16.17 34.53
C ARG C 651 35.71 -15.96 35.65
N LYS C 652 36.18 -15.71 36.89
CA LYS C 652 35.23 -15.47 37.97
C LYS C 652 34.40 -14.22 37.72
N LEU C 653 35.03 -13.15 37.27
CA LEU C 653 34.27 -11.93 37.02
C LEU C 653 33.23 -12.15 35.93
N ASN C 654 33.62 -12.85 34.86
CA ASN C 654 32.68 -13.12 33.79
C ASN C 654 31.51 -13.98 34.26
N THR C 655 31.79 -15.02 35.05
CA THR C 655 30.73 -15.88 35.54
C THR C 655 29.76 -15.13 36.43
N ILE C 656 30.27 -14.31 37.35
CA ILE C 656 29.38 -13.60 38.25
C ILE C 656 28.55 -12.58 37.49
N THR C 657 29.15 -11.90 36.52
CA THR C 657 28.37 -10.96 35.71
C THR C 657 27.27 -11.66 34.93
N SER C 658 27.56 -12.82 34.35
CA SER C 658 26.53 -13.54 33.62
C SER C 658 25.41 -13.97 34.56
N TRP C 659 25.76 -14.43 35.76
CA TRP C 659 24.74 -14.81 36.72
C TRP C 659 23.87 -13.63 37.12
N LEU C 660 24.47 -12.47 37.36
CA LEU C 660 23.69 -11.30 37.71
C LEU C 660 22.76 -10.90 36.58
N HIS C 661 23.23 -10.98 35.34
CA HIS C 661 22.35 -10.67 34.22
C HIS C 661 21.18 -11.64 34.14
N THR C 662 21.43 -12.92 34.41
CA THR C 662 20.31 -13.86 34.40
C THR C 662 19.34 -13.59 35.53
N GLN C 663 19.81 -13.10 36.66
CA GLN C 663 18.96 -12.89 37.84
C GLN C 663 18.32 -11.50 37.91
N LYS C 664 18.56 -10.63 36.93
CA LYS C 664 18.02 -9.28 36.95
C LYS C 664 18.39 -8.52 38.21
N TRP C 665 19.64 -8.66 38.64
CA TRP C 665 20.13 -8.06 39.87
C TRP C 665 21.14 -6.96 39.57
N SER C 666 21.02 -5.85 40.29
CA SER C 666 22.03 -4.81 40.16
C SER C 666 23.24 -5.21 40.99
N VAL C 667 24.40 -4.61 40.67
CA VAL C 667 25.60 -4.93 41.44
C VAL C 667 25.47 -4.47 42.87
N PHE C 668 24.80 -3.34 43.10
CA PHE C 668 24.63 -2.82 44.44
C PHE C 668 23.84 -3.77 45.32
N GLN C 669 22.81 -4.41 44.77
CA GLN C 669 22.06 -5.40 45.55
C GLN C 669 22.95 -6.55 45.97
N LEU C 670 23.81 -7.02 45.07
CA LEU C 670 24.73 -8.09 45.44
C LEU C 670 25.69 -7.63 46.52
N PHE C 671 26.18 -6.40 46.43
CA PHE C 671 27.08 -5.91 47.46
C PHE C 671 26.38 -5.84 48.81
N ILE C 672 25.11 -5.40 48.82
CA ILE C 672 24.35 -5.36 50.06
C ILE C 672 24.18 -6.75 50.64
N MET C 673 23.87 -7.74 49.79
CA MET C 673 23.67 -9.08 50.32
C MET C 673 24.98 -9.69 50.82
N THR C 674 26.10 -9.29 50.23
CA THR C 674 27.41 -9.83 50.59
C THR C 674 28.20 -8.91 51.50
N SER C 675 27.63 -7.79 51.92
CA SER C 675 28.35 -6.83 52.75
C SER C 675 28.61 -7.38 54.14
N THR C 676 29.72 -6.96 54.72
CA THR C 676 30.08 -7.31 56.08
C THR C 676 30.07 -6.12 57.02
N SER C 677 30.54 -4.96 56.58
CA SER C 677 30.46 -3.77 57.40
C SER C 677 29.01 -3.34 57.55
N TYR C 678 28.63 -2.95 58.77
CA TYR C 678 27.26 -2.62 59.10
C TYR C 678 27.21 -1.22 59.70
N ASN C 679 26.20 -0.45 59.30
CA ASN C 679 26.05 0.90 59.83
C ASN C 679 25.62 0.84 61.29
N LYS C 680 26.33 1.57 62.15
CA LYS C 680 26.03 1.59 63.58
C LYS C 680 25.19 2.80 63.94
N THR C 681 23.98 2.85 63.37
CA THR C 681 23.06 3.95 63.60
C THR C 681 21.69 3.40 63.96
N LEU C 682 21.14 3.85 65.08
CA LEU C 682 19.81 3.42 65.48
C LEU C 682 18.78 3.90 64.47
N THR C 683 17.82 3.04 64.15
CA THR C 683 16.76 3.34 63.21
C THR C 683 15.42 3.07 63.89
N PRO C 684 14.34 3.72 63.43
CA PRO C 684 13.03 3.44 64.02
C PRO C 684 12.61 1.98 63.93
N GLU C 685 12.95 1.29 62.85
CA GLU C 685 12.62 -0.14 62.78
C GLU C 685 13.34 -0.93 63.85
N ILE C 686 14.62 -0.65 64.06
CA ILE C 686 15.38 -1.36 65.08
C ILE C 686 14.86 -1.04 66.46
N LYS C 687 14.48 0.22 66.69
CA LYS C 687 13.92 0.58 67.98
C LYS C 687 12.62 -0.17 68.25
N ASN C 688 11.76 -0.27 67.23
CA ASN C 688 10.52 -1.04 67.39
C ASN C 688 10.82 -2.50 67.67
N LEU C 689 11.81 -3.07 66.98
CA LEU C 689 12.20 -4.45 67.24
C LEU C 689 12.62 -4.63 68.68
N LEU C 690 13.46 -3.72 69.19
CA LEU C 690 13.90 -3.84 70.57
C LEU C 690 12.74 -3.74 71.54
N ASP C 691 11.82 -2.80 71.31
CA ASP C 691 10.68 -2.70 72.22
C ASP C 691 9.84 -3.97 72.22
N THR C 692 9.54 -4.50 71.04
CA THR C 692 8.73 -5.71 70.98
C THR C 692 9.42 -6.89 71.64
N VAL C 693 10.72 -7.08 71.38
CA VAL C 693 11.42 -8.20 71.98
C VAL C 693 11.50 -8.04 73.49
N TYR C 694 11.79 -6.84 73.98
CA TYR C 694 11.87 -6.64 75.41
C TYR C 694 10.53 -6.89 76.09
N HIS C 695 9.44 -6.41 75.50
CA HIS C 695 8.14 -6.65 76.11
C HIS C 695 7.77 -8.13 76.09
N GLY C 696 8.02 -8.81 74.97
CA GLY C 696 7.65 -10.22 74.88
C GLY C 696 8.46 -11.13 75.78
N LEU C 697 9.77 -10.90 75.89
CA LEU C 697 10.63 -11.81 76.62
C LEU C 697 10.72 -11.50 78.10
N GLN C 698 10.03 -10.48 78.58
CA GLN C 698 10.07 -10.17 80.00
C GLN C 698 9.49 -11.32 80.79
N GLY C 699 10.19 -11.70 81.86
CA GLY C 699 9.79 -12.84 82.66
C GLY C 699 10.22 -14.18 82.11
N PHE C 700 11.08 -14.21 81.09
CA PHE C 700 11.53 -15.46 80.51
C PHE C 700 12.40 -16.23 81.49
N ASP C 701 12.25 -17.56 81.49
CA ASP C 701 13.01 -18.45 82.35
C ASP C 701 13.95 -19.32 81.51
N LYS C 702 15.23 -19.35 81.88
CA LYS C 702 16.23 -20.00 81.05
C LYS C 702 16.01 -21.51 80.97
N ASP C 703 15.75 -22.15 82.11
CA ASP C 703 15.62 -23.61 82.14
C ASP C 703 14.30 -24.10 81.56
N LYS C 704 13.25 -23.26 81.60
CA LYS C 704 11.94 -23.71 81.12
C LYS C 704 11.95 -23.99 79.63
N ALA C 705 12.61 -23.14 78.85
CA ALA C 705 12.63 -23.34 77.40
C ALA C 705 13.87 -22.68 76.83
N ASP C 706 14.21 -23.08 75.61
CA ASP C 706 15.36 -22.51 74.93
C ASP C 706 15.11 -21.05 74.61
N LEU C 707 16.12 -20.21 74.84
CA LEU C 707 15.97 -18.79 74.60
C LEU C 707 15.72 -18.49 73.13
N LEU C 708 16.42 -19.18 72.24
CA LEU C 708 16.32 -18.91 70.82
C LEU C 708 14.92 -19.20 70.31
N HIS C 709 14.33 -20.32 70.73
CA HIS C 709 13.00 -20.69 70.27
C HIS C 709 11.95 -19.70 70.76
N VAL C 710 12.08 -19.22 72.00
CA VAL C 710 11.14 -18.25 72.51
C VAL C 710 11.29 -16.91 71.82
N MET C 711 12.52 -16.51 71.52
CA MET C 711 12.77 -15.21 70.90
C MET C 711 12.45 -15.18 69.42
N ALA C 712 12.38 -16.33 68.76
CA ALA C 712 12.17 -16.32 67.31
C ALA C 712 10.88 -15.64 66.85
N PRO C 713 9.71 -15.91 67.44
CA PRO C 713 8.48 -15.28 66.91
C PRO C 713 8.47 -13.77 66.89
N TYR C 714 8.99 -13.11 67.93
CA TYR C 714 9.00 -11.65 67.94
C TYR C 714 9.94 -11.08 66.90
N ILE C 715 11.09 -11.72 66.70
CA ILE C 715 12.01 -11.31 65.64
C ILE C 715 11.35 -11.47 64.29
N ALA C 716 10.61 -12.56 64.10
CA ALA C 716 9.90 -12.75 62.85
C ALA C 716 8.88 -11.64 62.62
N ALA C 717 8.14 -11.28 63.67
CA ALA C 717 7.13 -10.24 63.55
C ALA C 717 7.74 -8.87 63.20
N THR C 718 8.85 -8.51 63.84
CA THR C 718 9.39 -7.17 63.64
C THR C 718 10.13 -6.98 62.31
N LEU C 719 10.83 -8.01 61.82
CA LEU C 719 11.69 -7.88 60.65
C LEU C 719 11.06 -8.28 59.33
N GLN C 720 9.73 -8.40 59.28
CA GLN C 720 8.98 -8.67 58.06
C GLN C 720 9.40 -9.99 57.42
N LEU C 721 9.12 -11.07 58.15
CA LEU C 721 9.34 -12.43 57.69
C LEU C 721 8.00 -13.12 57.55
N SER C 722 7.90 -14.00 56.56
CA SER C 722 6.66 -14.72 56.34
C SER C 722 6.44 -15.81 57.38
N SER C 723 7.49 -16.53 57.75
CA SER C 723 7.39 -17.69 58.62
C SER C 723 8.22 -17.53 59.89
N GLU C 724 7.75 -18.19 60.95
CA GLU C 724 8.44 -18.14 62.22
C GLU C 724 9.70 -19.00 62.17
N ASN C 725 9.59 -20.18 61.56
CA ASN C 725 10.75 -21.07 61.49
C ASN C 725 11.86 -20.49 60.63
N VAL C 726 11.51 -19.65 59.67
CA VAL C 726 12.54 -18.92 58.93
C VAL C 726 13.32 -18.02 59.87
N ALA C 727 12.63 -17.34 60.78
CA ALA C 727 13.33 -16.54 61.77
C ALA C 727 14.17 -17.38 62.70
N HIS C 728 13.70 -18.57 63.06
CA HIS C 728 14.51 -19.45 63.90
C HIS C 728 15.80 -19.85 63.19
N SER C 729 15.71 -20.21 61.91
CA SER C 729 16.90 -20.56 61.16
C SER C 729 17.83 -19.37 61.02
N VAL C 730 17.27 -18.18 60.78
CA VAL C 730 18.10 -16.98 60.66
C VAL C 730 18.83 -16.71 61.96
N LEU C 731 18.16 -16.87 63.10
CA LEU C 731 18.84 -16.66 64.37
C LEU C 731 19.97 -17.65 64.59
N LEU C 732 19.75 -18.92 64.22
CA LEU C 732 20.84 -19.88 64.34
C LEU C 732 22.03 -19.48 63.47
N TRP C 733 21.75 -19.06 62.25
CA TRP C 733 22.83 -18.63 61.35
C TRP C 733 23.55 -17.40 61.89
N ALA C 734 22.82 -16.44 62.45
CA ALA C 734 23.46 -15.25 63.01
C ALA C 734 24.32 -15.62 64.21
N ASP C 735 23.85 -16.52 65.06
CA ASP C 735 24.66 -16.95 66.19
C ASP C 735 25.94 -17.62 65.74
N LYS C 736 25.89 -18.39 64.64
CA LYS C 736 27.11 -18.96 64.10
C LYS C 736 28.04 -17.91 63.48
N LEU C 737 27.48 -16.89 62.83
CA LEU C 737 28.34 -15.84 62.28
C LEU C 737 28.93 -14.92 63.34
N GLN C 738 28.24 -14.73 64.46
CA GLN C 738 28.58 -13.71 65.46
C GLN C 738 28.86 -12.36 64.81
N PRO C 739 27.82 -11.73 64.26
CA PRO C 739 27.99 -10.44 63.56
C PRO C 739 28.67 -9.33 64.33
N GLY C 740 29.13 -8.33 63.59
CA GLY C 740 29.57 -7.08 64.15
C GLY C 740 30.96 -7.08 64.74
N ASP C 741 31.40 -5.87 65.09
CA ASP C 741 32.71 -5.66 65.70
C ASP C 741 32.76 -6.21 67.12
N GLY C 742 31.64 -6.20 67.82
CA GLY C 742 31.52 -6.90 69.08
C GLY C 742 30.65 -8.13 69.03
N ALA C 743 31.29 -9.30 68.97
CA ALA C 743 30.65 -10.57 68.65
C ALA C 743 29.41 -10.80 69.49
N MET C 744 28.26 -10.78 68.84
CA MET C 744 26.96 -10.71 69.48
C MET C 744 26.25 -12.05 69.34
N THR C 745 25.53 -12.45 70.39
CA THR C 745 24.82 -13.72 70.42
C THR C 745 23.55 -13.52 71.23
N ALA C 746 22.66 -14.51 71.13
CA ALA C 746 21.36 -14.39 71.77
C ALA C 746 21.46 -14.16 73.27
N GLU C 747 22.34 -14.89 73.97
CA GLU C 747 22.47 -14.67 75.41
C GLU C 747 22.94 -13.26 75.73
N LYS C 748 23.96 -12.77 75.03
CA LYS C 748 24.47 -11.43 75.28
C LYS C 748 23.42 -10.37 74.96
N PHE C 749 22.72 -10.55 73.84
CA PHE C 749 21.67 -9.63 73.45
C PHE C 749 20.56 -9.58 74.48
N TRP C 750 20.14 -10.75 74.96
CA TRP C 750 19.11 -10.80 75.98
C TRP C 750 19.54 -10.14 77.27
N ASP C 751 20.78 -10.37 77.70
CA ASP C 751 21.25 -9.74 78.93
C ASP C 751 21.32 -8.23 78.79
N TRP C 752 21.78 -7.73 77.64
CA TRP C 752 21.82 -6.30 77.43
C TRP C 752 20.42 -5.70 77.45
N LEU C 753 19.46 -6.37 76.80
CA LEU C 753 18.09 -5.89 76.83
C LEU C 753 17.52 -5.88 78.24
N ASN C 754 17.83 -6.91 79.00
CA ASN C 754 17.31 -7.00 80.37
C ASN C 754 17.87 -5.89 81.24
N THR C 755 19.15 -5.57 81.09
CA THR C 755 19.81 -4.66 82.03
C THR C 755 19.81 -3.20 81.59
N LYS C 756 20.40 -2.90 80.43
CA LYS C 756 20.74 -1.53 80.07
C LYS C 756 19.74 -0.85 79.14
N TYR C 757 18.59 -1.43 78.87
CA TYR C 757 17.65 -0.84 77.93
C TYR C 757 16.45 -0.25 78.64
N THR C 758 16.12 0.99 78.30
CA THR C 758 14.93 1.69 78.79
C THR C 758 14.08 2.05 77.59
N PRO C 759 13.00 1.31 77.35
CA PRO C 759 12.17 1.57 76.17
C PRO C 759 11.49 2.93 76.24
N GLY C 760 11.25 3.50 75.07
CA GLY C 760 10.58 4.78 74.98
C GLY C 760 11.44 6.01 75.16
N SER C 761 12.75 5.86 75.32
CA SER C 761 13.63 7.00 75.50
C SER C 761 14.83 6.85 74.58
N SER C 762 15.34 7.99 74.11
CA SER C 762 16.52 8.04 73.26
C SER C 762 17.72 8.35 74.14
N GLU C 763 18.57 7.35 74.34
CA GLU C 763 19.73 7.49 75.20
C GLU C 763 20.94 6.85 74.51
N ALA C 764 22.12 7.28 74.91
CA ALA C 764 23.36 6.79 74.33
C ALA C 764 23.92 5.70 75.23
N VAL C 765 24.17 4.53 74.64
CA VAL C 765 24.72 3.38 75.35
C VAL C 765 25.96 2.91 74.60
N GLU C 766 26.99 2.53 75.36
CA GLU C 766 28.25 2.11 74.75
C GLU C 766 28.09 0.88 73.88
N THR C 767 27.28 -0.07 74.32
CA THR C 767 27.06 -1.32 73.59
C THR C 767 25.99 -1.17 72.52
N GLN C 768 25.30 -0.04 72.47
CA GLN C 768 24.18 0.13 71.55
C GLN C 768 24.60 -0.05 70.10
N GLU C 769 25.82 0.37 69.75
CA GLU C 769 26.30 0.16 68.39
C GLU C 769 26.41 -1.32 68.03
N HIS C 770 26.85 -2.15 68.97
CA HIS C 770 26.88 -3.58 68.68
C HIS C 770 25.48 -4.17 68.50
N ILE C 771 24.52 -3.69 69.29
CA ILE C 771 23.14 -4.12 69.11
C ILE C 771 22.63 -3.75 67.73
N VAL C 772 22.91 -2.52 67.29
CA VAL C 772 22.46 -2.10 65.98
C VAL C 772 23.11 -2.93 64.89
N GLN C 773 24.40 -3.23 65.03
CA GLN C 773 25.06 -4.06 64.02
C GLN C 773 24.45 -5.45 63.96
N TYR C 774 24.14 -6.03 65.11
CA TYR C 774 23.51 -7.35 65.12
C TYR C 774 22.15 -7.34 64.45
N CYS C 775 21.33 -6.31 64.74
CA CYS C 775 20.02 -6.22 64.10
C CYS C 775 20.15 -6.04 62.59
N GLN C 776 21.12 -5.24 62.16
CA GLN C 776 21.32 -5.05 60.72
C GLN C 776 21.73 -6.35 60.06
N ALA C 777 22.56 -7.15 60.72
CA ALA C 777 22.92 -8.44 60.17
C ALA C 777 21.71 -9.34 60.01
N LEU C 778 20.82 -9.33 61.00
CA LEU C 778 19.61 -10.14 60.88
C LEU C 778 18.76 -9.71 59.68
N ALA C 779 18.59 -8.41 59.49
CA ALA C 779 17.81 -7.94 58.34
C ALA C 779 18.48 -8.32 57.03
N GLN C 780 19.80 -8.25 56.97
CA GLN C 780 20.49 -8.65 55.75
C GLN C 780 20.29 -10.13 55.45
N LEU C 781 20.38 -10.98 56.45
CA LEU C 781 20.13 -12.41 56.24
C LEU C 781 18.70 -12.72 55.82
N GLU C 782 17.74 -11.87 56.18
CA GLU C 782 16.44 -11.92 55.51
C GLU C 782 16.53 -11.58 54.03
N MET C 783 17.27 -10.54 53.69
CA MET C 783 17.39 -10.16 52.28
C MET C 783 18.00 -11.30 51.47
N VAL C 784 18.94 -12.02 52.06
CA VAL C 784 19.46 -13.26 51.47
C VAL C 784 18.34 -14.26 51.24
N TYR C 785 17.67 -14.66 52.31
CA TYR C 785 16.65 -15.70 52.19
C TYR C 785 15.61 -15.36 51.13
N HIS C 786 15.08 -14.14 51.13
CA HIS C 786 14.08 -13.80 50.13
C HIS C 786 14.65 -13.73 48.72
N SER C 787 15.87 -13.21 48.53
CA SER C 787 16.39 -13.15 47.17
C SER C 787 16.70 -14.53 46.61
N THR C 788 17.23 -15.43 47.42
CA THR C 788 17.58 -16.75 46.90
C THR C 788 16.34 -17.51 46.42
N GLY C 789 15.23 -17.40 47.17
CA GLY C 789 14.04 -18.14 46.80
C GLY C 789 14.03 -19.58 47.25
N ILE C 790 15.01 -20.00 48.05
CA ILE C 790 15.04 -21.37 48.52
C ILE C 790 13.88 -21.64 49.47
N ASN C 791 13.45 -22.90 49.49
CA ASN C 791 12.43 -23.41 50.40
C ASN C 791 12.90 -23.44 51.85
N GLU C 792 11.92 -23.34 52.75
CA GLU C 792 12.17 -23.15 54.17
C GLU C 792 12.99 -24.29 54.79
N ASN C 793 12.71 -25.53 54.41
CA ASN C 793 13.41 -26.64 55.04
C ASN C 793 14.82 -26.84 54.49
N ALA C 794 15.05 -26.56 53.22
CA ALA C 794 16.41 -26.61 52.72
C ALA C 794 17.25 -25.46 53.26
N PHE C 795 16.67 -24.30 53.50
CA PHE C 795 17.37 -23.26 54.24
C PHE C 795 17.69 -23.69 55.67
N ARG C 796 16.76 -24.37 56.34
CA ARG C 796 17.08 -24.91 57.66
C ARG C 796 18.24 -25.89 57.59
N LEU C 797 18.23 -26.77 56.61
CA LEU C 797 19.30 -27.74 56.45
C LEU C 797 20.63 -27.05 56.17
N PHE C 798 20.62 -26.03 55.32
CA PHE C 798 21.83 -25.29 55.00
C PHE C 798 22.41 -24.62 56.23
N VAL C 799 21.57 -24.04 57.07
CA VAL C 799 22.06 -23.41 58.28
C VAL C 799 22.63 -24.44 59.24
N THR C 800 21.93 -25.56 59.44
CA THR C 800 22.36 -26.52 60.45
C THR C 800 23.57 -27.37 60.03
N LYS C 801 23.67 -27.74 58.76
CA LYS C 801 24.74 -28.64 58.29
C LYS C 801 25.34 -28.11 56.99
N PRO C 802 26.17 -27.08 57.08
CA PRO C 802 26.87 -26.58 55.88
C PRO C 802 27.64 -27.63 55.12
N GLU C 803 28.16 -28.67 55.80
CA GLU C 803 28.85 -29.74 55.10
C GLU C 803 27.97 -30.44 54.07
N MET C 804 26.68 -30.56 54.35
CA MET C 804 25.79 -31.18 53.37
C MET C 804 25.75 -30.35 52.09
N PHE C 805 25.81 -29.03 52.22
CA PHE C 805 25.94 -28.13 51.08
C PHE C 805 27.39 -27.90 50.68
N GLY C 806 28.32 -28.67 51.23
CA GLY C 806 29.69 -28.60 50.79
C GLY C 806 30.47 -27.38 51.19
N ALA C 807 29.94 -26.55 52.08
CA ALA C 807 30.78 -25.52 52.67
C ALA C 807 31.88 -26.17 53.50
N ALA C 808 32.95 -25.41 53.73
CA ALA C 808 34.09 -25.92 54.49
C ALA C 808 33.63 -26.47 55.83
N THR C 809 34.06 -27.69 56.16
CA THR C 809 33.58 -28.36 57.35
C THR C 809 33.98 -27.58 58.61
N GLY C 810 33.05 -27.50 59.55
CA GLY C 810 33.35 -26.94 60.85
C GLY C 810 33.37 -25.43 60.92
N ALA C 811 32.76 -24.76 59.95
CA ALA C 811 32.74 -23.31 59.90
C ALA C 811 31.31 -22.85 59.60
N ALA C 812 30.98 -21.66 60.07
CA ALA C 812 29.65 -21.16 59.79
C ALA C 812 29.50 -20.86 58.30
N PRO C 813 28.35 -21.13 57.71
CA PRO C 813 28.18 -20.92 56.28
C PRO C 813 28.40 -19.46 55.89
N ALA C 814 28.97 -19.25 54.73
CA ALA C 814 29.28 -17.90 54.27
C ALA C 814 28.13 -17.41 53.40
N HIS C 815 27.74 -16.14 53.60
CA HIS C 815 26.87 -15.46 52.64
C HIS C 815 27.66 -14.72 51.57
N ASP C 816 28.92 -15.07 51.40
CA ASP C 816 29.73 -14.67 50.25
C ASP C 816 29.01 -15.00 48.95
N ALA C 817 29.21 -14.15 47.94
CA ALA C 817 28.61 -14.35 46.62
C ALA C 817 28.91 -15.72 46.05
N LEU C 818 30.05 -16.30 46.40
CA LEU C 818 30.38 -17.64 45.94
C LEU C 818 29.38 -18.64 46.48
N SER C 819 28.95 -18.47 47.73
CA SER C 819 27.90 -19.31 48.27
C SER C 819 26.52 -18.92 47.75
N LEU C 820 26.30 -17.65 47.45
CA LEU C 820 25.00 -17.23 46.95
C LEU C 820 24.68 -17.88 45.62
N ILE C 821 25.68 -17.97 44.73
CA ILE C 821 25.39 -18.53 43.43
C ILE C 821 25.04 -20.01 43.53
N MET C 822 25.72 -20.75 44.41
CA MET C 822 25.36 -22.16 44.54
C MET C 822 24.00 -22.34 45.22
N LEU C 823 23.65 -21.47 46.17
CA LEU C 823 22.31 -21.55 46.74
C LEU C 823 21.24 -21.28 45.70
N THR C 824 21.46 -20.29 44.83
CA THR C 824 20.48 -20.05 43.79
C THR C 824 20.36 -21.25 42.85
N ARG C 825 21.49 -21.88 42.50
CA ARG C 825 21.40 -23.06 41.64
C ARG C 825 20.67 -24.20 42.34
N PHE C 826 20.90 -24.39 43.63
CA PHE C 826 20.17 -25.41 44.37
C PHE C 826 18.67 -25.15 44.38
N ALA C 827 18.27 -23.90 44.61
CA ALA C 827 16.85 -23.59 44.60
C ALA C 827 16.24 -23.85 43.22
N ASP C 828 16.97 -23.49 42.17
CA ASP C 828 16.47 -23.74 40.82
C ASP C 828 16.34 -25.24 40.54
N TRP C 829 17.30 -26.04 40.99
CA TRP C 829 17.20 -27.48 40.77
C TRP C 829 16.03 -28.07 41.51
N VAL C 830 15.78 -27.60 42.74
CA VAL C 830 14.62 -28.08 43.49
C VAL C 830 13.34 -27.71 42.75
N ASN C 831 13.26 -26.49 42.23
CA ASN C 831 12.07 -26.12 41.47
C ASN C 831 11.91 -26.97 40.22
N ALA C 832 13.02 -27.30 39.55
CA ALA C 832 12.92 -28.16 38.38
C ALA C 832 12.38 -29.54 38.73
N LEU C 833 12.72 -30.08 39.90
CA LEU C 833 12.17 -31.38 40.25
C LEU C 833 10.65 -31.38 40.34
N GLY C 834 10.03 -30.22 40.49
CA GLY C 834 8.58 -30.13 40.53
C GLY C 834 7.95 -30.85 41.71
N GLU C 835 6.87 -31.58 41.41
CA GLU C 835 6.08 -32.25 42.45
C GLU C 835 6.85 -33.31 43.23
N LYS C 836 7.83 -33.96 42.59
CA LYS C 836 8.66 -34.96 43.24
C LYS C 836 9.55 -34.36 44.33
N ALA C 837 9.76 -33.05 44.31
CA ALA C 837 10.66 -32.38 45.25
C ALA C 837 10.37 -32.73 46.70
N SER C 838 9.09 -32.86 47.06
CA SER C 838 8.75 -33.19 48.43
C SER C 838 9.41 -34.49 48.89
N SER C 839 9.36 -35.53 48.06
CA SER C 839 10.05 -36.76 48.46
C SER C 839 11.55 -36.68 48.27
N VAL C 840 12.01 -35.99 47.23
CA VAL C 840 13.45 -35.96 46.97
C VAL C 840 14.17 -35.26 48.11
N LEU C 841 13.64 -34.14 48.59
CA LEU C 841 14.28 -33.41 49.67
C LEU C 841 14.30 -34.24 50.95
N ALA C 842 13.22 -34.95 51.24
CA ALA C 842 13.20 -35.79 52.44
C ALA C 842 14.23 -36.90 52.35
N ALA C 843 14.38 -37.50 51.17
CA ALA C 843 15.38 -38.53 50.98
C ALA C 843 16.80 -37.97 50.98
N PHE C 844 16.96 -36.71 50.59
CA PHE C 844 18.23 -36.01 50.63
C PHE C 844 18.63 -35.62 52.05
N GLU C 845 17.66 -35.28 52.89
CA GLU C 845 17.97 -34.90 54.26
C GLU C 845 18.42 -36.09 55.08
N ALA C 846 17.80 -37.25 54.87
CA ALA C 846 18.45 -38.50 55.24
C ALA C 846 19.59 -38.80 54.26
N ASN C 847 20.45 -39.73 54.65
CA ASN C 847 21.48 -40.25 53.75
C ASN C 847 20.95 -41.34 52.82
N SER C 848 19.78 -41.11 52.23
CA SER C 848 18.94 -42.13 51.62
C SER C 848 18.95 -42.10 50.10
N LEU C 849 19.15 -40.93 49.50
CA LEU C 849 19.00 -40.75 48.06
C LEU C 849 19.94 -41.65 47.27
N THR C 850 19.41 -42.16 46.15
CA THR C 850 20.09 -43.09 45.27
C THR C 850 19.90 -42.63 43.82
N ALA C 851 20.63 -43.27 42.92
CA ALA C 851 20.50 -43.00 41.50
C ALA C 851 19.08 -43.20 40.97
N GLU C 852 18.42 -44.29 41.37
CA GLU C 852 17.13 -44.59 40.75
C GLU C 852 16.06 -43.59 41.13
N GLN C 853 15.99 -43.23 42.42
CA GLN C 853 14.97 -42.28 42.86
C GLN C 853 15.16 -40.90 42.22
N LEU C 854 16.39 -40.43 42.17
CA LEU C 854 16.64 -39.12 41.56
C LEU C 854 16.42 -39.15 40.05
N ALA C 855 16.75 -40.28 39.41
CA ALA C 855 16.48 -40.40 37.97
C ALA C 855 15.00 -40.37 37.68
N ASP C 856 14.20 -41.05 38.51
CA ASP C 856 12.76 -40.96 38.35
C ASP C 856 12.27 -39.54 38.57
N ALA C 857 12.85 -38.85 39.56
CA ALA C 857 12.46 -37.47 39.83
C ALA C 857 12.75 -36.53 38.67
N MET C 858 13.91 -36.64 38.04
CA MET C 858 14.27 -35.77 36.93
C MET C 858 13.87 -36.30 35.56
N ASN C 859 13.16 -37.42 35.49
CA ASN C 859 12.74 -38.00 34.21
C ASN C 859 13.92 -38.30 33.30
N LEU C 860 14.99 -38.82 33.87
CA LEU C 860 16.18 -39.22 33.13
C LEU C 860 16.33 -40.73 33.19
N ASP C 861 17.18 -41.23 32.31
CA ASP C 861 17.44 -42.67 32.29
C ASP C 861 18.27 -43.02 33.52
N ALA C 862 17.90 -44.09 34.21
CA ALA C 862 18.64 -44.49 35.40
C ALA C 862 20.06 -44.91 35.06
N ASN C 863 20.23 -45.60 33.94
CA ASN C 863 21.57 -45.99 33.54
C ASN C 863 22.45 -44.78 33.29
N LEU C 864 21.87 -43.70 32.78
CA LEU C 864 22.64 -42.48 32.56
C LEU C 864 23.23 -41.95 33.86
N LEU C 865 22.40 -41.84 34.92
CA LEU C 865 22.94 -41.36 36.19
C LEU C 865 23.95 -42.33 36.78
N LEU C 866 23.69 -43.63 36.68
CA LEU C 866 24.66 -44.58 37.22
C LEU C 866 26.01 -44.44 36.54
N GLN C 867 26.02 -44.32 35.21
CA GLN C 867 27.27 -44.21 34.49
C GLN C 867 27.93 -42.85 34.71
N ALA C 868 27.13 -41.79 34.86
CA ALA C 868 27.72 -40.50 35.21
C ALA C 868 28.40 -40.55 36.57
N SER C 869 27.77 -41.22 37.54
CA SER C 869 28.41 -41.37 38.84
C SER C 869 29.70 -42.17 38.76
N ILE C 870 29.70 -43.24 37.96
CA ILE C 870 30.92 -44.04 37.81
C ILE C 870 32.03 -43.20 37.20
N GLN C 871 31.72 -42.45 36.14
CA GLN C 871 32.72 -41.64 35.49
C GLN C 871 33.24 -40.54 36.41
N ALA C 872 32.36 -39.93 37.20
CA ALA C 872 32.81 -38.91 38.14
C ALA C 872 33.73 -39.51 39.20
N GLN C 873 33.41 -40.71 39.68
CA GLN C 873 34.29 -41.35 40.65
C GLN C 873 35.66 -41.67 40.06
N ASN C 874 35.71 -42.12 38.81
CA ASN C 874 37.00 -42.45 38.21
C ASN C 874 37.91 -41.23 38.08
N HIS C 875 37.37 -40.09 37.68
CA HIS C 875 38.19 -38.90 37.47
C HIS C 875 38.40 -38.13 38.77
N GLN C 876 39.54 -37.44 38.83
CA GLN C 876 39.92 -36.65 40.00
C GLN C 876 39.19 -35.31 39.99
N HIS C 877 38.09 -35.23 40.73
CA HIS C 877 37.52 -33.92 41.03
C HIS C 877 38.11 -33.38 42.34
N LEU C 878 37.96 -32.07 42.53
CA LEU C 878 38.17 -31.44 43.82
C LEU C 878 36.92 -30.65 44.19
N PRO C 879 36.27 -30.95 45.32
CA PRO C 879 36.58 -32.03 46.28
C PRO C 879 36.32 -33.42 45.70
N PRO C 880 37.02 -34.43 46.20
CA PRO C 880 36.85 -35.79 45.68
C PRO C 880 35.44 -36.31 45.89
N VAL C 881 35.00 -37.16 44.97
CA VAL C 881 33.69 -37.78 45.02
C VAL C 881 33.89 -39.26 45.31
N THR C 882 33.23 -39.76 46.34
CA THR C 882 33.34 -41.15 46.74
C THR C 882 31.94 -41.74 46.83
N PRO C 883 31.79 -43.06 46.62
CA PRO C 883 30.44 -43.65 46.65
C PRO C 883 29.60 -43.32 47.88
N GLU C 884 30.21 -43.18 49.06
CA GLU C 884 29.43 -42.83 50.25
C GLU C 884 29.09 -41.35 50.39
N ASN C 885 29.52 -40.49 49.49
CA ASN C 885 29.02 -39.11 49.48
C ASN C 885 28.43 -38.72 48.14
N ALA C 886 28.50 -39.59 47.14
CA ALA C 886 28.15 -39.22 45.78
C ALA C 886 26.73 -38.66 45.71
N PHE C 887 25.82 -39.18 46.51
CA PHE C 887 24.51 -38.57 46.62
C PHE C 887 24.16 -38.07 48.00
N SER C 888 25.06 -38.15 48.98
CA SER C 888 24.74 -37.60 50.29
C SER C 888 24.95 -36.09 50.35
N SER C 889 26.03 -35.60 49.78
CA SER C 889 26.36 -34.19 49.81
C SER C 889 25.86 -33.50 48.55
N TRP C 890 25.53 -32.22 48.68
CA TRP C 890 25.01 -31.49 47.54
C TRP C 890 26.08 -31.25 46.50
N THR C 891 27.34 -31.12 46.92
CA THR C 891 28.41 -30.87 45.98
C THR C 891 28.58 -32.03 44.99
N SER C 892 28.51 -33.26 45.49
CA SER C 892 28.63 -34.41 44.61
C SER C 892 27.47 -34.46 43.61
N ILE C 893 26.26 -34.15 44.07
CA ILE C 893 25.13 -34.12 43.16
C ILE C 893 25.33 -33.06 42.10
N ASN C 894 25.85 -31.90 42.48
CA ASN C 894 26.08 -30.86 41.50
C ASN C 894 27.11 -31.29 40.46
N THR C 895 28.17 -31.97 40.89
CA THR C 895 29.15 -32.45 39.92
C THR C 895 28.55 -33.48 38.97
N ILE C 896 27.75 -34.41 39.49
CA ILE C 896 27.13 -35.41 38.64
C ILE C 896 26.16 -34.76 37.65
N LEU C 897 25.38 -33.80 38.11
CA LEU C 897 24.46 -33.12 37.20
C LEU C 897 25.20 -32.31 36.16
N GLN C 898 26.35 -31.74 36.50
CA GLN C 898 27.14 -31.06 35.47
C GLN C 898 27.61 -32.03 34.41
N TRP C 899 28.05 -33.23 34.83
CA TRP C 899 28.42 -34.23 33.84
C TRP C 899 27.25 -34.56 32.92
N VAL C 900 26.06 -34.72 33.51
CA VAL C 900 24.89 -35.07 32.71
C VAL C 900 24.53 -33.94 31.75
N ASN C 901 24.61 -32.70 32.21
CA ASN C 901 24.29 -31.55 31.35
C ASN C 901 25.26 -31.45 30.19
N VAL C 902 26.54 -31.68 30.43
CA VAL C 902 27.51 -31.58 29.34
C VAL C 902 27.32 -32.70 28.34
N ALA C 903 27.06 -33.92 28.83
CA ALA C 903 26.71 -35.02 27.95
C ALA C 903 25.49 -34.71 27.09
N GLN C 904 24.43 -34.17 27.69
CA GLN C 904 23.25 -33.88 26.88
C GLN C 904 23.43 -32.68 25.96
N GLN C 905 24.29 -31.73 26.30
CA GLN C 905 24.66 -30.69 25.35
C GLN C 905 25.37 -31.26 24.12
N LEU C 906 26.37 -32.10 24.32
CA LEU C 906 27.02 -32.75 23.20
C LEU C 906 26.19 -33.86 22.58
N ASN C 907 25.07 -34.23 23.19
CA ASN C 907 24.21 -35.28 22.67
C ASN C 907 24.94 -36.62 22.56
N VAL C 908 25.78 -36.90 23.55
CA VAL C 908 26.57 -38.13 23.64
C VAL C 908 26.43 -38.68 25.05
N ALA C 909 26.79 -39.95 25.19
CA ALA C 909 26.79 -40.57 26.50
C ALA C 909 27.94 -40.02 27.33
N PRO C 910 27.88 -40.17 28.67
CA PRO C 910 29.00 -39.73 29.50
C PRO C 910 30.33 -40.38 29.16
N GLN C 911 30.34 -41.57 28.58
CA GLN C 911 31.61 -42.12 28.11
C GLN C 911 32.24 -41.25 27.04
N GLY C 912 31.43 -40.53 26.26
CA GLY C 912 32.00 -39.58 25.31
C GLY C 912 32.75 -38.46 25.97
N VAL C 913 32.19 -37.89 27.04
CA VAL C 913 32.89 -36.85 27.77
C VAL C 913 34.11 -37.43 28.47
N SER C 914 34.01 -38.67 28.95
CA SER C 914 35.16 -39.31 29.56
C SER C 914 36.31 -39.47 28.57
N ALA C 915 35.99 -39.84 27.33
CA ALA C 915 37.00 -39.90 26.29
C ALA C 915 37.54 -38.52 25.96
N LEU C 916 36.66 -37.51 25.96
CA LEU C 916 37.12 -36.16 25.60
C LEU C 916 38.13 -35.64 26.60
N VAL C 917 37.83 -35.74 27.90
CA VAL C 917 38.71 -35.10 28.88
C VAL C 917 40.06 -35.79 29.00
N GLY C 918 40.21 -37.00 28.47
CA GLY C 918 41.50 -37.67 28.31
C GLY C 918 42.44 -37.06 27.28
N LEU C 919 41.94 -36.16 26.42
CA LEU C 919 42.73 -35.56 25.36
C LEU C 919 43.55 -34.36 25.79
N ASP C 920 44.07 -34.39 27.01
CA ASP C 920 45.05 -33.41 27.50
C ASP C 920 46.39 -33.62 26.78
N TYR C 921 46.48 -33.07 25.57
CA TYR C 921 47.67 -33.16 24.72
C TYR C 921 48.65 -32.00 24.86
N ILE C 922 48.31 -30.93 25.58
CA ILE C 922 49.22 -29.81 25.77
C ILE C 922 49.59 -29.77 27.26
N GLN C 923 50.36 -30.75 27.68
CA GLN C 923 50.88 -30.81 29.04
C GLN C 923 52.01 -31.83 29.08
N SER C 924 52.80 -31.76 30.14
CA SER C 924 53.91 -32.67 30.36
C SER C 924 53.68 -33.60 31.55
N MET C 925 52.57 -33.44 32.27
CA MET C 925 52.30 -34.24 33.46
C MET C 925 52.16 -35.73 33.10
N LYS C 926 51.54 -36.03 31.97
CA LYS C 926 51.20 -37.42 31.63
C LYS C 926 51.30 -37.63 30.13
N GLU C 927 51.34 -38.91 29.74
CA GLU C 927 51.56 -39.31 28.36
C GLU C 927 50.50 -38.75 27.41
N THR C 928 50.96 -38.34 26.24
CA THR C 928 50.07 -37.82 25.20
C THR C 928 49.20 -38.92 24.62
N PRO C 929 47.96 -38.58 24.25
CA PRO C 929 47.04 -39.59 23.72
C PRO C 929 47.53 -40.15 22.39
N THR C 930 47.52 -41.47 22.28
CA THR C 930 47.94 -42.15 21.05
C THR C 930 46.80 -42.11 20.05
N TYR C 931 47.16 -42.28 18.77
CA TYR C 931 46.22 -42.08 17.68
C TYR C 931 44.93 -42.89 17.84
N ALA C 932 45.01 -44.11 18.40
CA ALA C 932 43.77 -44.86 18.57
C ALA C 932 42.80 -44.16 19.51
N GLN C 933 43.31 -43.54 20.56
CA GLN C 933 42.47 -42.75 21.47
C GLN C 933 41.80 -41.59 20.73
N TRP C 934 42.55 -40.90 19.89
CA TRP C 934 41.98 -39.78 19.15
C TRP C 934 40.90 -40.25 18.19
N GLU C 935 41.17 -41.30 17.43
CA GLU C 935 40.17 -41.86 16.52
C GLU C 935 38.92 -42.34 17.25
N ASN C 936 39.08 -42.93 18.43
CA ASN C 936 37.92 -43.30 19.24
C ASN C 936 37.09 -42.10 19.68
N ALA C 937 37.75 -41.06 20.17
CA ALA C 937 37.01 -39.86 20.54
C ALA C 937 36.32 -39.22 19.33
N ALA C 938 37.02 -39.12 18.21
CA ALA C 938 36.40 -38.60 16.99
C ALA C 938 35.15 -39.37 16.62
N GLY C 939 35.20 -40.70 16.69
CA GLY C 939 34.04 -41.48 16.31
C GLY C 939 32.88 -41.30 17.27
N VAL C 940 33.17 -41.31 18.57
CA VAL C 940 32.09 -41.14 19.55
C VAL C 940 31.44 -39.77 19.39
N LEU C 941 32.24 -38.72 19.20
CA LEU C 941 31.66 -37.38 19.02
C LEU C 941 30.87 -37.28 17.73
N THR C 942 31.34 -37.91 16.66
CA THR C 942 30.67 -37.82 15.37
C THR C 942 29.34 -38.57 15.38
N ALA C 943 29.24 -39.63 16.18
CA ALA C 943 28.01 -40.42 16.18
C ALA C 943 26.78 -39.60 16.58
N GLY C 944 26.98 -38.51 17.33
CA GLY C 944 25.85 -37.73 17.81
C GLY C 944 25.25 -36.72 16.84
N LEU C 945 25.92 -36.43 15.73
CA LEU C 945 25.46 -35.40 14.80
C LEU C 945 24.26 -35.88 13.99
N ASN C 946 23.48 -34.92 13.50
CA ASN C 946 22.35 -35.21 12.62
C ASN C 946 22.82 -35.24 11.16
N SER C 947 21.90 -35.60 10.26
CA SER C 947 22.23 -35.72 8.83
C SER C 947 22.75 -34.42 8.22
N GLN C 948 22.14 -33.28 8.54
CA GLN C 948 22.57 -32.02 7.94
C GLN C 948 23.95 -31.61 8.43
N GLN C 949 24.16 -31.70 9.73
CA GLN C 949 25.45 -31.39 10.31
C GLN C 949 26.49 -32.41 9.90
N ALA C 950 26.10 -33.67 9.79
CA ALA C 950 27.05 -34.66 9.28
C ALA C 950 27.48 -34.34 7.86
N ASN C 951 26.55 -33.89 7.02
CA ASN C 951 26.89 -33.52 5.65
C ASN C 951 27.90 -32.38 5.61
N THR C 952 27.68 -31.35 6.42
CA THR C 952 28.66 -30.26 6.48
C THR C 952 30.01 -30.70 7.03
N LEU C 953 30.00 -31.50 8.09
CA LEU C 953 31.26 -31.99 8.64
C LEU C 953 32.04 -32.81 7.63
N HIS C 954 31.34 -33.68 6.90
CA HIS C 954 32.01 -34.52 5.91
C HIS C 954 32.58 -33.69 4.77
N ALA C 955 31.89 -32.64 4.35
CA ALA C 955 32.45 -31.78 3.31
C ALA C 955 33.75 -31.13 3.77
N PHE C 956 33.76 -30.60 4.99
CA PHE C 956 34.97 -29.98 5.52
C PHE C 956 36.12 -30.98 5.63
N LEU C 957 35.82 -32.19 6.11
CA LEU C 957 36.86 -33.21 6.22
C LEU C 957 37.43 -33.59 4.87
N ASP C 958 36.58 -33.71 3.84
CA ASP C 958 37.08 -34.07 2.53
C ASP C 958 38.01 -33.00 1.97
N GLU C 959 37.67 -31.73 2.15
CA GLU C 959 38.58 -30.68 1.65
C GLU C 959 39.94 -30.73 2.35
N SER C 960 39.93 -30.87 3.68
CA SER C 960 41.21 -30.92 4.39
C SER C 960 42.05 -32.13 3.98
N ARG C 961 41.42 -33.29 3.84
CA ARG C 961 42.15 -34.47 3.43
C ARG C 961 42.75 -34.29 2.05
N SER C 962 42.01 -33.67 1.13
CA SER C 962 42.55 -33.46 -0.20
C SER C 962 43.80 -32.59 -0.16
N ALA C 963 43.78 -31.51 0.62
CA ALA C 963 44.99 -30.70 0.70
C ALA C 963 46.17 -31.50 1.23
N ALA C 964 45.96 -32.25 2.32
CA ALA C 964 47.07 -33.01 2.89
C ALA C 964 47.61 -34.06 1.94
N LEU C 965 46.72 -34.82 1.29
CA LEU C 965 47.16 -35.86 0.38
C LEU C 965 47.88 -35.28 -0.84
N SER C 966 47.39 -34.16 -1.38
CA SER C 966 48.08 -33.57 -2.52
C SER C 966 49.50 -33.16 -2.15
N THR C 967 49.66 -32.50 -0.99
CA THR C 967 51.01 -32.09 -0.61
C THR C 967 51.91 -33.29 -0.41
N TYR C 968 51.41 -34.34 0.25
CA TYR C 968 52.24 -35.52 0.48
C TYR C 968 52.61 -36.19 -0.83
N TYR C 969 51.66 -36.28 -1.77
CA TYR C 969 51.95 -36.88 -3.06
C TYR C 969 53.01 -36.09 -3.81
N ILE C 970 52.93 -34.77 -3.81
CA ILE C 970 53.95 -33.97 -4.47
C ILE C 970 55.32 -34.23 -3.88
N ARG C 971 55.40 -34.28 -2.55
CA ARG C 971 56.71 -34.43 -1.90
C ARG C 971 57.28 -35.82 -2.09
N GLN C 972 56.45 -36.87 -2.10
CA GLN C 972 56.97 -38.18 -1.80
C GLN C 972 56.70 -39.25 -2.85
N VAL C 973 55.82 -39.01 -3.83
CA VAL C 973 55.41 -40.05 -4.75
C VAL C 973 55.61 -39.63 -6.19
N ALA C 974 55.49 -38.33 -6.45
CA ALA C 974 55.69 -37.78 -7.79
C ALA C 974 57.10 -38.04 -8.28
N LYS C 975 57.21 -38.39 -9.55
CA LYS C 975 58.51 -38.69 -10.15
C LYS C 975 59.21 -37.40 -10.53
N ALA C 976 60.44 -37.25 -10.05
CA ALA C 976 61.20 -36.00 -10.16
C ALA C 976 61.40 -35.55 -11.60
N ALA C 977 61.34 -36.45 -12.57
CA ALA C 977 61.39 -36.04 -13.96
C ALA C 977 60.30 -35.05 -14.33
N ALA C 978 59.15 -35.13 -13.67
CA ALA C 978 58.18 -34.04 -13.68
C ALA C 978 58.45 -33.12 -12.50
N ALA C 979 58.77 -31.85 -12.81
CA ALA C 979 59.15 -30.88 -11.78
C ALA C 979 57.90 -30.31 -11.10
N ILE C 980 57.16 -31.19 -10.45
CA ILE C 980 55.91 -30.82 -9.80
C ILE C 980 56.24 -30.11 -8.50
N LYS C 981 55.88 -28.83 -8.40
CA LYS C 981 56.28 -28.02 -7.27
C LYS C 981 55.15 -27.53 -6.39
N SER C 982 53.90 -27.55 -6.86
CA SER C 982 52.80 -27.06 -6.04
C SER C 982 51.52 -27.72 -6.48
N ARG C 983 50.42 -27.33 -5.84
CA ARG C 983 49.14 -27.97 -6.10
C ARG C 983 48.60 -27.69 -7.50
N ASP C 984 48.85 -26.50 -8.04
CA ASP C 984 48.41 -26.21 -9.41
C ASP C 984 49.18 -27.05 -10.42
N ASP C 985 50.48 -27.24 -10.18
CA ASP C 985 51.28 -28.11 -11.03
C ASP C 985 50.77 -29.54 -10.97
N LEU C 986 50.39 -29.99 -9.77
CA LEU C 986 49.84 -31.32 -9.64
C LEU C 986 48.51 -31.44 -10.36
N TYR C 987 47.70 -30.37 -10.36
CA TYR C 987 46.46 -30.40 -11.12
C TYR C 987 46.73 -30.53 -12.61
N GLN C 988 47.72 -29.80 -13.12
CA GLN C 988 48.06 -29.94 -14.54
C GLN C 988 48.61 -31.31 -14.85
N TYR C 989 49.32 -31.93 -13.92
CA TYR C 989 49.91 -33.23 -14.17
C TYR C 989 48.86 -34.33 -14.10
N LEU C 990 48.25 -34.52 -12.94
CA LEU C 990 47.29 -35.60 -12.78
C LEU C 990 45.99 -35.35 -13.55
N LEU C 991 45.80 -34.15 -14.08
CA LEU C 991 44.61 -33.79 -14.86
C LEU C 991 43.33 -33.83 -14.05
N ILE C 992 43.41 -33.84 -12.71
CA ILE C 992 42.23 -33.91 -11.87
C ILE C 992 42.24 -32.71 -10.94
N ASP C 993 41.11 -32.02 -10.83
CA ASP C 993 41.06 -30.83 -9.98
C ASP C 993 40.95 -31.29 -8.52
N ASN C 994 41.98 -31.00 -7.73
CA ASN C 994 42.01 -31.34 -6.31
C ASN C 994 41.63 -30.19 -5.37
N GLN C 995 41.74 -28.94 -5.80
CA GLN C 995 41.35 -27.81 -4.96
C GLN C 995 39.86 -27.52 -4.99
N VAL C 996 39.09 -28.25 -5.80
CA VAL C 996 37.67 -28.00 -5.90
C VAL C 996 36.97 -28.33 -4.60
N SER C 997 35.94 -27.54 -4.27
CA SER C 997 35.14 -27.77 -3.08
C SER C 997 34.22 -28.96 -3.29
N ALA C 998 33.76 -29.55 -2.18
CA ALA C 998 32.92 -30.73 -2.23
C ALA C 998 31.50 -30.45 -2.73
N ALA C 999 31.12 -29.19 -2.89
CA ALA C 999 29.77 -28.86 -3.34
C ALA C 999 29.53 -29.34 -4.77
N ILE C 1000 30.52 -29.22 -5.64
CA ILE C 1000 30.38 -29.53 -7.05
C ILE C 1000 30.40 -31.04 -7.26
N LYS C 1001 29.41 -31.55 -8.01
CA LYS C 1001 29.27 -32.96 -8.31
C LYS C 1001 29.14 -33.20 -9.80
N THR C 1002 29.93 -34.14 -10.33
CA THR C 1002 29.92 -34.46 -11.76
C THR C 1002 29.99 -35.96 -11.95
N THR C 1003 29.44 -36.43 -13.06
CA THR C 1003 29.46 -37.86 -13.37
C THR C 1003 30.88 -38.31 -13.68
N ARG C 1004 31.13 -39.60 -13.50
CA ARG C 1004 32.50 -40.10 -13.69
C ARG C 1004 32.97 -39.95 -15.14
N ILE C 1005 32.12 -40.28 -16.11
CA ILE C 1005 32.53 -40.23 -17.51
C ILE C 1005 32.80 -38.80 -17.94
N ALA C 1006 31.96 -37.86 -17.51
CA ALA C 1006 32.21 -36.46 -17.86
C ALA C 1006 33.53 -36.00 -17.28
N GLU C 1007 33.84 -36.43 -16.07
CA GLU C 1007 35.12 -36.07 -15.47
C GLU C 1007 36.28 -36.65 -16.27
N ALA C 1008 36.17 -37.89 -16.72
CA ALA C 1008 37.22 -38.47 -17.56
C ALA C 1008 37.38 -37.72 -18.87
N ILE C 1009 36.27 -37.30 -19.46
CA ILE C 1009 36.31 -36.52 -20.69
C ILE C 1009 37.05 -35.21 -20.44
N ALA C 1010 36.78 -34.56 -19.31
CA ALA C 1010 37.46 -33.32 -19.00
C ALA C 1010 38.96 -33.54 -18.87
N SER C 1011 39.37 -34.64 -18.22
CA SER C 1011 40.80 -34.91 -18.09
C SER C 1011 41.46 -35.11 -19.45
N ILE C 1012 40.83 -35.88 -20.34
CA ILE C 1012 41.46 -36.11 -21.64
C ILE C 1012 41.52 -34.83 -22.45
N GLN C 1013 40.47 -34.01 -22.41
CA GLN C 1013 40.50 -32.76 -23.15
C GLN C 1013 41.59 -31.84 -22.65
N LEU C 1014 41.77 -31.75 -21.34
CA LEU C 1014 42.83 -30.91 -20.82
C LEU C 1014 44.20 -31.42 -21.26
N TYR C 1015 44.41 -32.73 -21.23
CA TYR C 1015 45.69 -33.26 -21.67
C TYR C 1015 45.98 -32.95 -23.12
N VAL C 1016 44.98 -33.12 -23.99
CA VAL C 1016 45.18 -32.84 -25.42
C VAL C 1016 45.45 -31.36 -25.63
N ASN C 1017 44.73 -30.48 -24.94
CA ASN C 1017 44.96 -29.06 -25.11
C ASN C 1017 46.36 -28.68 -24.69
N ARG C 1018 46.85 -29.26 -23.60
CA ARG C 1018 48.22 -29.01 -23.18
C ARG C 1018 49.21 -29.49 -24.22
N ALA C 1019 48.97 -30.64 -24.82
CA ALA C 1019 49.88 -31.17 -25.84
C ALA C 1019 49.93 -30.34 -27.11
N LEU C 1020 48.78 -29.91 -27.63
CA LEU C 1020 48.74 -29.19 -28.90
C LEU C 1020 49.49 -27.86 -28.88
N GLU C 1021 49.35 -27.11 -27.80
CA GLU C 1021 50.07 -25.86 -27.61
C GLU C 1021 51.53 -26.06 -27.25
N ASN C 1022 51.97 -27.30 -27.23
CA ASN C 1022 53.35 -27.68 -26.94
C ASN C 1022 53.82 -27.11 -25.60
N VAL C 1023 52.90 -27.04 -24.65
CA VAL C 1023 53.28 -26.68 -23.29
C VAL C 1023 54.09 -27.82 -22.67
N GLU C 1024 53.67 -29.04 -22.97
CA GLU C 1024 54.45 -30.24 -22.71
C GLU C 1024 55.44 -30.48 -23.84
N GLU C 1025 56.57 -31.09 -23.47
CA GLU C 1025 57.83 -30.89 -24.18
C GLU C 1025 57.76 -31.15 -25.69
N ASN C 1026 57.31 -32.34 -26.11
CA ASN C 1026 57.36 -32.63 -27.55
C ASN C 1026 56.33 -33.70 -27.94
N ALA C 1027 55.24 -33.26 -28.55
CA ALA C 1027 54.27 -34.16 -29.15
C ALA C 1027 54.80 -34.78 -30.43
N ASN C 1028 54.34 -35.99 -30.73
CA ASN C 1028 54.70 -36.69 -31.98
C ASN C 1028 54.10 -35.95 -33.16
N SER C 1029 54.96 -35.38 -34.01
CA SER C 1029 54.51 -34.58 -35.14
C SER C 1029 53.66 -35.38 -36.12
N GLY C 1030 53.89 -36.69 -36.22
CA GLY C 1030 53.04 -37.51 -37.06
C GLY C 1030 51.60 -37.57 -36.57
N VAL C 1031 51.41 -37.71 -35.25
CA VAL C 1031 50.07 -37.82 -34.69
C VAL C 1031 49.30 -36.51 -34.81
N ILE C 1032 49.97 -35.37 -34.62
CA ILE C 1032 49.30 -34.08 -34.73
C ILE C 1032 48.79 -33.82 -36.14
N SER C 1033 49.51 -34.29 -37.15
CA SER C 1033 49.07 -34.07 -38.53
C SER C 1033 47.81 -34.81 -38.92
N ARG C 1034 47.28 -35.71 -38.07
CA ARG C 1034 46.02 -36.36 -38.41
C ARG C 1034 44.87 -35.37 -38.47
N GLN C 1035 43.91 -35.70 -39.33
CA GLN C 1035 42.73 -34.88 -39.53
C GLN C 1035 42.00 -34.60 -38.23
N PHE C 1036 41.98 -35.55 -37.30
CA PHE C 1036 41.28 -35.33 -36.03
C PHE C 1036 41.80 -34.12 -35.26
N PHE C 1037 43.10 -33.85 -35.31
CA PHE C 1037 43.64 -32.69 -34.62
C PHE C 1037 43.70 -31.43 -35.46
N ILE C 1038 43.46 -31.52 -36.76
CA ILE C 1038 43.25 -30.32 -37.58
C ILE C 1038 41.86 -29.77 -37.37
N ASP C 1039 40.87 -30.66 -37.26
CA ASP C 1039 39.50 -30.31 -36.90
C ASP C 1039 39.31 -30.03 -35.41
N TRP C 1040 40.35 -30.14 -34.60
CA TRP C 1040 40.20 -30.00 -33.16
C TRP C 1040 39.45 -28.73 -32.76
N ASP C 1041 40.02 -27.58 -33.09
CA ASP C 1041 39.52 -26.29 -32.62
C ASP C 1041 38.15 -25.95 -33.15
N LYS C 1042 37.75 -26.54 -34.26
CA LYS C 1042 36.51 -26.18 -34.92
C LYS C 1042 35.36 -27.03 -34.41
N TYR C 1043 35.58 -28.34 -34.27
CA TYR C 1043 34.52 -29.28 -33.94
C TYR C 1043 34.79 -30.14 -32.72
N ASN C 1044 35.97 -30.76 -32.61
CA ASN C 1044 36.07 -31.89 -31.70
C ASN C 1044 36.44 -31.52 -30.29
N LYS C 1045 36.81 -30.28 -30.03
CA LYS C 1045 37.26 -29.93 -28.69
C LYS C 1045 36.12 -29.90 -27.68
N ARG C 1046 34.91 -29.55 -28.11
CA ARG C 1046 33.75 -29.47 -27.23
C ARG C 1046 32.82 -30.61 -27.57
N TYR C 1047 32.30 -31.29 -26.55
CA TYR C 1047 31.48 -32.46 -26.83
C TYR C 1047 30.23 -32.09 -27.59
N SER C 1048 29.60 -30.97 -27.23
CA SER C 1048 28.38 -30.58 -27.93
C SER C 1048 28.61 -30.33 -29.41
N THR C 1049 29.70 -29.65 -29.77
CA THR C 1049 29.99 -29.44 -31.18
C THR C 1049 30.27 -30.75 -31.91
N TRP C 1050 30.98 -31.68 -31.26
CA TRP C 1050 31.24 -32.96 -31.89
C TRP C 1050 29.96 -33.74 -32.13
N ALA C 1051 29.06 -33.77 -31.15
CA ALA C 1051 27.79 -34.45 -31.33
C ALA C 1051 26.97 -33.79 -32.43
N GLY C 1052 26.94 -32.45 -32.47
CA GLY C 1052 26.21 -31.76 -33.51
C GLY C 1052 26.74 -32.04 -34.90
N VAL C 1053 28.06 -32.07 -35.05
CA VAL C 1053 28.65 -32.38 -36.34
C VAL C 1053 28.31 -33.79 -36.76
N SER C 1054 28.39 -34.73 -35.83
CA SER C 1054 28.16 -36.13 -36.18
C SER C 1054 26.70 -36.38 -36.56
N GLN C 1055 25.74 -35.76 -35.87
CA GLN C 1055 24.36 -35.86 -36.31
C GLN C 1055 24.08 -35.10 -37.60
N LEU C 1056 24.70 -33.94 -37.82
CA LEU C 1056 24.49 -33.21 -39.06
C LEU C 1056 25.01 -34.00 -40.25
N VAL C 1057 26.01 -34.83 -40.05
CA VAL C 1057 26.43 -35.74 -41.11
C VAL C 1057 25.46 -36.91 -41.25
N TYR C 1058 25.05 -37.50 -40.13
CA TYR C 1058 24.21 -38.70 -40.20
C TYR C 1058 22.72 -38.41 -40.37
N TYR C 1059 22.22 -37.26 -39.91
CA TYR C 1059 20.81 -36.91 -39.99
C TYR C 1059 20.66 -35.53 -40.62
N PRO C 1060 20.79 -35.42 -41.94
CA PRO C 1060 20.68 -34.11 -42.58
C PRO C 1060 19.32 -33.45 -42.41
N GLU C 1061 18.22 -34.22 -42.32
CA GLU C 1061 16.90 -33.61 -42.38
C GLU C 1061 16.69 -32.64 -41.22
N ASN C 1062 17.36 -32.88 -40.10
CA ASN C 1062 17.19 -32.02 -38.94
C ASN C 1062 17.68 -30.60 -39.24
N TYR C 1063 18.79 -30.48 -39.95
CA TYR C 1063 19.43 -29.19 -40.15
C TYR C 1063 19.16 -28.60 -41.52
N ILE C 1064 18.29 -29.19 -42.31
CA ILE C 1064 17.97 -28.62 -43.62
C ILE C 1064 16.90 -27.55 -43.39
N ASP C 1065 17.23 -26.31 -43.76
CA ASP C 1065 16.32 -25.19 -43.63
C ASP C 1065 16.11 -24.69 -45.04
N PRO C 1066 14.90 -24.74 -45.58
CA PRO C 1066 14.70 -24.31 -46.98
C PRO C 1066 15.03 -22.87 -47.24
N THR C 1067 14.99 -22.02 -46.22
CA THR C 1067 15.21 -20.59 -46.43
C THR C 1067 16.61 -20.29 -46.95
N MET C 1068 17.63 -20.81 -46.28
CA MET C 1068 19.02 -20.55 -46.66
C MET C 1068 19.75 -21.83 -46.99
N ARG C 1069 20.52 -21.79 -48.08
CA ARG C 1069 21.24 -22.96 -48.55
C ARG C 1069 22.50 -22.50 -49.25
N ILE C 1070 23.58 -23.25 -49.08
CA ILE C 1070 24.83 -22.95 -49.76
C ILE C 1070 24.64 -23.15 -51.26
N GLY C 1071 25.31 -22.33 -52.05
CA GLY C 1071 25.16 -22.47 -53.49
C GLY C 1071 23.81 -22.10 -54.03
N GLN C 1072 23.09 -21.22 -53.35
CA GLN C 1072 21.78 -20.80 -53.80
C GLN C 1072 21.92 -20.00 -55.09
N THR C 1073 21.07 -20.30 -56.07
CA THR C 1073 21.05 -19.55 -57.31
C THR C 1073 20.51 -18.15 -57.10
N LYS C 1074 20.96 -17.22 -57.95
CA LYS C 1074 20.61 -15.82 -57.80
C LYS C 1074 19.13 -15.56 -57.95
N MET C 1075 18.43 -16.36 -58.75
CA MET C 1075 17.00 -16.15 -58.90
C MET C 1075 16.21 -16.68 -57.70
N MET C 1076 16.72 -17.71 -57.03
CA MET C 1076 16.14 -18.12 -55.76
C MET C 1076 16.40 -17.11 -54.65
N ASP C 1077 17.53 -16.40 -54.68
CA ASP C 1077 17.69 -15.26 -53.79
C ASP C 1077 16.78 -14.09 -54.16
N ALA C 1078 16.52 -13.84 -55.44
CA ALA C 1078 15.44 -12.91 -55.79
C ALA C 1078 14.10 -13.36 -55.23
N LEU C 1079 13.84 -14.67 -55.26
CA LEU C 1079 12.53 -15.17 -54.88
C LEU C 1079 12.32 -14.98 -53.40
N LEU C 1080 13.32 -15.32 -52.60
CA LEU C 1080 13.11 -15.35 -51.16
C LEU C 1080 12.81 -13.96 -50.65
N GLN C 1081 13.64 -12.99 -51.02
CA GLN C 1081 13.41 -11.62 -50.56
C GLN C 1081 12.18 -11.00 -51.21
N SER C 1082 11.75 -11.48 -52.38
CA SER C 1082 10.49 -10.98 -52.95
C SER C 1082 9.28 -11.48 -52.17
N VAL C 1083 9.31 -12.74 -51.71
CA VAL C 1083 8.18 -13.32 -50.99
C VAL C 1083 8.21 -13.02 -49.50
N SER C 1084 9.33 -12.55 -48.96
CA SER C 1084 9.43 -12.29 -47.52
C SER C 1084 8.71 -10.99 -47.17
N GLN C 1085 7.53 -11.12 -46.57
CA GLN C 1085 6.73 -9.98 -46.11
C GLN C 1085 5.68 -10.51 -45.13
N SER C 1086 4.93 -9.58 -44.52
CA SER C 1086 3.96 -9.94 -43.49
C SER C 1086 2.73 -10.63 -44.07
N GLN C 1087 2.18 -10.11 -45.15
CA GLN C 1087 0.95 -10.62 -45.71
C GLN C 1087 1.24 -11.42 -46.97
N LEU C 1088 0.83 -12.68 -46.98
CA LEU C 1088 0.97 -13.54 -48.13
C LEU C 1088 -0.44 -13.92 -48.55
N ASN C 1089 -0.74 -13.71 -49.83
CA ASN C 1089 -2.02 -14.03 -50.39
C ASN C 1089 -1.80 -14.92 -51.61
N ALA C 1090 -2.87 -15.49 -52.13
CA ALA C 1090 -2.72 -16.37 -53.29
C ALA C 1090 -2.15 -15.63 -54.49
N ASP C 1091 -2.65 -14.43 -54.76
CA ASP C 1091 -2.16 -13.67 -55.91
C ASP C 1091 -0.71 -13.22 -55.73
N THR C 1092 -0.32 -12.79 -54.53
CA THR C 1092 1.06 -12.35 -54.34
C THR C 1092 2.05 -13.48 -54.56
N VAL C 1093 1.79 -14.63 -53.94
CA VAL C 1093 2.72 -15.74 -54.11
C VAL C 1093 2.69 -16.26 -55.53
N GLU C 1094 1.52 -16.24 -56.19
CA GLU C 1094 1.45 -16.64 -57.59
C GLU C 1094 2.30 -15.74 -58.47
N ASP C 1095 2.23 -14.42 -58.27
CA ASP C 1095 3.02 -13.51 -59.07
C ASP C 1095 4.50 -13.66 -58.78
N ALA C 1096 4.87 -13.85 -57.52
CA ALA C 1096 6.27 -14.09 -57.21
C ALA C 1096 6.78 -15.33 -57.93
N PHE C 1097 5.97 -16.37 -58.00
CA PHE C 1097 6.36 -17.56 -58.73
C PHE C 1097 6.47 -17.31 -60.23
N MET C 1098 5.52 -16.58 -60.83
CA MET C 1098 5.65 -16.27 -62.25
C MET C 1098 6.86 -15.39 -62.58
N SER C 1099 7.30 -14.55 -61.66
CA SER C 1099 8.55 -13.84 -61.91
C SER C 1099 9.77 -14.74 -61.76
N TYR C 1100 9.74 -15.64 -60.78
CA TYR C 1100 10.81 -16.63 -60.70
C TYR C 1100 10.89 -17.44 -61.98
N LEU C 1101 9.77 -17.96 -62.43
CA LEU C 1101 9.72 -18.73 -63.67
C LEU C 1101 10.22 -17.94 -64.87
N THR C 1102 9.95 -16.63 -64.91
CA THR C 1102 10.50 -15.82 -66.00
C THR C 1102 12.02 -15.84 -65.98
N SER C 1103 12.61 -15.64 -64.81
CA SER C 1103 14.07 -15.67 -64.69
C SER C 1103 14.63 -17.03 -65.11
N PHE C 1104 14.01 -18.10 -64.64
CA PHE C 1104 14.48 -19.44 -64.95
C PHE C 1104 14.43 -19.70 -66.45
N GLU C 1105 13.35 -19.30 -67.09
CA GLU C 1105 13.22 -19.49 -68.53
C GLU C 1105 14.27 -18.70 -69.27
N GLN C 1106 14.54 -17.48 -68.85
CA GLN C 1106 15.56 -16.68 -69.54
C GLN C 1106 16.93 -17.33 -69.43
N VAL C 1107 17.29 -17.87 -68.25
CA VAL C 1107 18.61 -18.52 -68.13
C VAL C 1107 18.65 -19.91 -68.74
N ALA C 1108 17.50 -20.50 -69.09
CA ALA C 1108 17.54 -21.83 -69.70
C ALA C 1108 17.58 -21.81 -71.22
N ASN C 1109 17.07 -20.77 -71.86
CA ASN C 1109 17.05 -20.75 -73.32
C ASN C 1109 18.38 -20.40 -73.97
N LEU C 1110 19.36 -19.90 -73.23
CA LEU C 1110 20.61 -19.46 -73.83
C LEU C 1110 21.42 -20.62 -74.42
N LYS C 1111 22.19 -20.30 -75.47
CA LYS C 1111 22.99 -21.27 -76.20
C LYS C 1111 24.46 -20.95 -76.07
N VAL C 1112 25.28 -22.01 -76.06
CA VAL C 1112 26.73 -21.89 -75.98
C VAL C 1112 27.30 -21.45 -77.32
N ILE C 1113 28.32 -20.58 -77.27
CA ILE C 1113 29.07 -20.17 -78.46
C ILE C 1113 30.40 -20.91 -78.53
N SER C 1114 31.19 -20.80 -77.48
CA SER C 1114 32.59 -21.19 -77.52
C SER C 1114 33.01 -21.67 -76.16
N ALA C 1115 34.14 -22.38 -76.11
CA ALA C 1115 34.65 -22.90 -74.87
C ALA C 1115 36.16 -22.95 -74.93
N TYR C 1116 36.77 -23.10 -73.75
CA TYR C 1116 38.20 -23.20 -73.57
C TYR C 1116 38.46 -24.26 -72.52
N HIS C 1117 39.51 -25.06 -72.71
CA HIS C 1117 39.84 -26.09 -71.74
C HIS C 1117 41.10 -25.67 -71.00
N ASP C 1118 40.98 -25.56 -69.68
CA ASP C 1118 42.01 -24.93 -68.85
C ASP C 1118 43.31 -25.70 -68.78
N ASN C 1119 43.31 -26.99 -69.07
CA ASN C 1119 44.51 -27.79 -68.84
C ASN C 1119 45.04 -28.33 -70.15
N ILE C 1120 46.35 -28.55 -70.18
CA ILE C 1120 47.00 -29.13 -71.35
C ILE C 1120 46.42 -30.50 -71.68
N ASN C 1121 46.08 -31.29 -70.67
CA ASN C 1121 45.54 -32.62 -70.90
C ASN C 1121 44.05 -32.64 -70.56
N ASN C 1122 43.27 -33.35 -71.37
CA ASN C 1122 41.83 -33.37 -71.23
C ASN C 1122 41.36 -34.10 -69.97
N ASP C 1123 42.22 -34.92 -69.36
CA ASP C 1123 41.80 -35.71 -68.21
C ASP C 1123 41.43 -34.82 -67.02
N GLN C 1124 42.24 -33.82 -66.73
CA GLN C 1124 42.00 -32.95 -65.60
C GLN C 1124 41.73 -31.52 -66.07
N GLY C 1125 41.60 -30.61 -65.12
CA GLY C 1125 41.39 -29.21 -65.41
C GLY C 1125 39.92 -28.82 -65.44
N LEU C 1126 39.69 -27.60 -65.92
CA LEU C 1126 38.37 -27.02 -66.02
C LEU C 1126 38.09 -26.60 -67.45
N THR C 1127 36.82 -26.52 -67.80
CA THR C 1127 36.39 -26.05 -69.10
C THR C 1127 35.44 -24.89 -68.90
N TYR C 1128 35.68 -23.79 -69.59
CA TYR C 1128 34.87 -22.59 -69.47
C TYR C 1128 34.02 -22.38 -70.71
N PHE C 1129 32.73 -22.18 -70.52
CA PHE C 1129 31.81 -21.98 -71.62
C PHE C 1129 31.32 -20.54 -71.63
N ILE C 1130 30.96 -20.08 -72.81
CA ILE C 1130 30.43 -18.74 -73.05
C ILE C 1130 29.09 -18.93 -73.72
N GLY C 1131 28.05 -18.31 -73.21
CA GLY C 1131 26.73 -18.45 -73.78
C GLY C 1131 26.01 -17.13 -73.95
N LEU C 1132 25.25 -17.05 -75.03
CA LEU C 1132 24.53 -15.87 -75.46
C LEU C 1132 23.04 -16.06 -75.24
N SER C 1133 22.40 -15.10 -74.59
CA SER C 1133 20.96 -15.15 -74.53
C SER C 1133 20.38 -14.68 -75.86
N GLU C 1134 19.18 -15.17 -76.17
CA GLU C 1134 18.45 -14.75 -77.37
C GLU C 1134 17.85 -13.36 -77.17
N THR C 1135 18.70 -12.34 -77.28
CA THR C 1135 18.24 -10.96 -77.28
C THR C 1135 19.17 -10.13 -78.15
N ASP C 1136 18.65 -9.00 -78.65
CA ASP C 1136 19.32 -8.27 -79.72
C ASP C 1136 20.63 -7.65 -79.25
N ALA C 1137 20.60 -6.82 -78.20
CA ALA C 1137 21.80 -6.51 -77.45
C ALA C 1137 22.08 -7.66 -76.49
N GLY C 1138 22.72 -8.69 -77.03
CA GLY C 1138 22.86 -9.94 -76.30
C GLY C 1138 23.50 -9.77 -74.95
N GLU C 1139 23.11 -10.63 -74.01
CA GLU C 1139 23.78 -10.75 -72.73
C GLU C 1139 24.58 -12.04 -72.72
N TYR C 1140 25.81 -11.97 -72.24
CA TYR C 1140 26.74 -13.09 -72.30
C TYR C 1140 26.97 -13.67 -70.92
N TYR C 1141 26.79 -14.97 -70.77
CA TYR C 1141 26.96 -15.68 -69.52
C TYR C 1141 28.10 -16.69 -69.63
N TRP C 1142 28.98 -16.75 -68.63
CA TRP C 1142 30.09 -17.70 -68.63
C TRP C 1142 29.85 -18.78 -67.59
N ARG C 1143 30.08 -20.03 -67.96
CA ARG C 1143 29.87 -21.21 -67.12
C ARG C 1143 31.12 -22.08 -67.13
N SER C 1144 31.45 -22.68 -65.99
CA SER C 1144 32.64 -23.51 -65.88
C SER C 1144 32.27 -24.92 -65.46
N VAL C 1145 32.96 -25.91 -66.01
CA VAL C 1145 32.73 -27.30 -65.63
C VAL C 1145 34.06 -27.91 -65.22
N ASP C 1146 33.98 -28.92 -64.36
CA ASP C 1146 35.16 -29.57 -63.82
C ASP C 1146 35.33 -31.01 -64.32
N HIS C 1147 36.50 -31.30 -64.89
CA HIS C 1147 36.73 -32.65 -65.41
C HIS C 1147 37.20 -33.63 -64.36
N SER C 1148 37.80 -33.16 -63.27
CA SER C 1148 38.27 -34.06 -62.23
C SER C 1148 37.12 -34.81 -61.57
N LYS C 1149 36.02 -34.12 -61.31
CA LYS C 1149 34.85 -34.75 -60.70
C LYS C 1149 34.13 -35.69 -61.66
N PHE C 1150 34.38 -35.57 -62.95
CA PHE C 1150 33.78 -36.48 -63.92
C PHE C 1150 34.42 -37.86 -63.85
N ASN C 1151 33.58 -38.89 -63.77
CA ASN C 1151 34.07 -40.26 -63.72
C ASN C 1151 32.94 -41.19 -64.13
N ASP C 1152 33.31 -42.40 -64.53
CA ASP C 1152 32.35 -43.45 -64.92
C ASP C 1152 31.47 -43.01 -66.08
N GLY C 1153 31.97 -42.08 -66.90
CA GLY C 1153 31.25 -41.64 -68.07
C GLY C 1153 30.14 -40.65 -67.82
N LYS C 1154 29.91 -40.23 -66.57
CA LYS C 1154 28.87 -39.28 -66.25
C LYS C 1154 29.45 -38.18 -65.39
N PHE C 1155 29.20 -36.94 -65.79
CA PHE C 1155 29.63 -35.82 -64.97
C PHE C 1155 28.80 -35.77 -63.70
N ALA C 1156 29.46 -35.60 -62.57
CA ALA C 1156 28.74 -35.45 -61.32
C ALA C 1156 27.97 -34.15 -61.37
N ALA C 1157 26.80 -34.12 -60.76
CA ALA C 1157 25.96 -32.94 -60.81
C ALA C 1157 26.63 -31.74 -60.18
N ASN C 1158 27.32 -31.94 -59.06
CA ASN C 1158 28.00 -30.83 -58.40
C ASN C 1158 29.20 -30.30 -59.16
N ALA C 1159 29.71 -31.03 -60.16
CA ALA C 1159 30.83 -30.52 -60.93
C ALA C 1159 30.47 -29.27 -61.73
N TRP C 1160 29.29 -29.21 -62.31
CA TRP C 1160 28.84 -28.05 -63.07
C TRP C 1160 28.64 -26.83 -62.18
N SER C 1161 28.81 -25.65 -62.76
CA SER C 1161 28.59 -24.40 -62.06
C SER C 1161 27.48 -23.61 -62.73
N GLU C 1162 26.82 -22.76 -61.96
CA GLU C 1162 25.74 -21.95 -62.48
C GLU C 1162 26.27 -20.85 -63.39
N TRP C 1163 25.44 -20.41 -64.34
CA TRP C 1163 25.84 -19.34 -65.24
C TRP C 1163 26.01 -18.04 -64.47
N HIS C 1164 26.98 -17.25 -64.90
CA HIS C 1164 27.28 -15.96 -64.29
C HIS C 1164 27.16 -14.91 -65.37
N LYS C 1165 26.40 -13.86 -65.11
CA LYS C 1165 26.23 -12.77 -66.06
C LYS C 1165 27.53 -11.99 -66.23
N ILE C 1166 27.83 -11.59 -67.47
CA ILE C 1166 29.01 -10.77 -67.77
C ILE C 1166 28.61 -9.30 -67.86
N ASP C 1167 29.17 -8.49 -66.96
CA ASP C 1167 28.77 -7.10 -66.79
C ASP C 1167 29.30 -6.15 -67.86
N CYS C 1168 30.53 -6.35 -68.34
CA CYS C 1168 31.12 -5.44 -69.31
C CYS C 1168 30.31 -5.47 -70.62
N PRO C 1169 30.48 -4.48 -71.48
CA PRO C 1169 29.76 -4.51 -72.76
C PRO C 1169 30.48 -5.41 -73.75
N ILE C 1170 29.69 -6.22 -74.45
CA ILE C 1170 30.18 -7.09 -75.51
C ILE C 1170 29.39 -6.84 -76.77
N ASN C 1171 30.07 -6.57 -77.87
CA ASN C 1171 29.42 -6.33 -79.16
C ASN C 1171 30.22 -6.94 -80.29
N PRO C 1172 30.33 -8.27 -80.32
CA PRO C 1172 31.29 -8.90 -81.23
C PRO C 1172 30.76 -8.96 -82.65
N TYR C 1173 31.71 -9.07 -83.58
CA TYR C 1173 31.41 -9.44 -84.95
C TYR C 1173 31.11 -10.93 -85.07
N LYS C 1174 29.90 -11.27 -85.53
CA LYS C 1174 29.53 -12.64 -85.87
C LYS C 1174 29.77 -13.60 -84.71
N SER C 1175 29.58 -13.10 -83.49
CA SER C 1175 29.77 -13.91 -82.28
C SER C 1175 31.16 -14.53 -82.25
N THR C 1176 32.16 -13.76 -82.68
CA THR C 1176 33.57 -14.10 -82.50
C THR C 1176 34.01 -13.66 -81.11
N ILE C 1177 33.66 -14.44 -80.11
CA ILE C 1177 34.17 -14.24 -78.77
C ILE C 1177 34.75 -15.56 -78.30
N ARG C 1178 35.90 -15.49 -77.68
CA ARG C 1178 36.60 -16.67 -77.19
C ARG C 1178 37.26 -16.44 -75.86
N PRO C 1179 36.86 -17.13 -74.80
CA PRO C 1179 37.54 -16.96 -73.52
C PRO C 1179 38.94 -17.53 -73.59
N VAL C 1180 39.78 -17.09 -72.67
CA VAL C 1180 41.09 -17.66 -72.48
C VAL C 1180 41.43 -17.52 -71.01
N ILE C 1181 42.20 -18.47 -70.49
CA ILE C 1181 42.77 -18.38 -69.16
C ILE C 1181 44.22 -17.97 -69.22
N TYR C 1182 44.56 -16.93 -68.47
CA TYR C 1182 45.92 -16.44 -68.34
C TYR C 1182 46.27 -16.25 -66.88
N LYS C 1183 47.38 -16.82 -66.45
CA LYS C 1183 47.83 -16.73 -65.07
C LYS C 1183 46.73 -17.13 -64.09
N SER C 1184 45.96 -18.15 -64.46
CA SER C 1184 44.83 -18.62 -63.67
C SER C 1184 43.72 -17.58 -63.53
N ARG C 1185 43.66 -16.59 -64.41
CA ARG C 1185 42.56 -15.65 -64.40
C ARG C 1185 41.84 -15.71 -65.75
N LEU C 1186 40.53 -15.53 -65.73
CA LEU C 1186 39.73 -15.56 -66.95
C LEU C 1186 39.79 -14.27 -67.74
N TYR C 1187 40.08 -14.39 -69.02
CA TYR C 1187 40.15 -13.26 -69.95
C TYR C 1187 39.20 -13.53 -71.10
N LEU C 1188 38.72 -12.47 -71.73
CA LEU C 1188 37.88 -12.60 -72.90
C LEU C 1188 38.55 -11.84 -74.03
N LEU C 1189 38.71 -12.47 -75.16
CA LEU C 1189 39.00 -11.79 -76.40
C LEU C 1189 37.74 -11.82 -77.21
N TRP C 1190 37.35 -10.68 -77.74
CA TRP C 1190 36.35 -10.69 -78.78
C TRP C 1190 36.73 -9.67 -79.83
N LEU C 1191 36.34 -9.94 -81.05
CA LEU C 1191 36.64 -9.05 -82.15
C LEU C 1191 35.40 -8.20 -82.33
N GLU C 1192 35.56 -6.89 -82.19
CA GLU C 1192 34.56 -5.93 -82.62
C GLU C 1192 34.85 -5.49 -84.04
N GLN C 1193 33.80 -5.10 -84.74
CA GLN C 1193 33.94 -4.57 -86.09
C GLN C 1193 33.08 -3.34 -86.24
N LYS C 1194 33.62 -2.36 -86.98
CA LYS C 1194 33.01 -1.06 -87.14
C LYS C 1194 33.10 -0.69 -88.60
N GLU C 1195 32.30 0.28 -89.02
CA GLU C 1195 32.13 0.59 -90.43
C GLU C 1195 32.46 2.05 -90.69
N ILE C 1196 33.31 2.28 -91.68
CA ILE C 1196 33.88 3.58 -91.95
C ILE C 1196 33.89 3.79 -93.46
N THR C 1197 34.13 5.02 -93.87
CA THR C 1197 33.82 5.50 -95.20
C THR C 1197 35.10 5.96 -95.89
N LYS C 1198 35.13 5.85 -97.21
CA LYS C 1198 36.30 6.20 -97.99
C LYS C 1198 35.84 7.03 -99.19
N GLN C 1199 36.70 7.94 -99.63
CA GLN C 1199 36.41 8.83 -100.74
C GLN C 1199 37.16 8.36 -101.99
N THR C 1200 36.40 8.12 -103.06
CA THR C 1200 36.94 7.57 -104.30
C THR C 1200 36.11 8.02 -105.49
N TYR C 1207 35.11 11.83 -106.47
CA TYR C 1207 34.60 12.15 -105.13
C TYR C 1207 33.57 11.13 -104.68
N GLN C 1208 33.35 10.10 -105.50
CA GLN C 1208 32.39 9.07 -105.15
C GLN C 1208 32.71 8.44 -103.81
N THR C 1209 31.66 8.14 -103.04
CA THR C 1209 31.80 7.76 -101.65
C THR C 1209 31.63 6.25 -101.50
N GLU C 1210 32.48 5.63 -100.69
CA GLU C 1210 32.65 4.19 -100.69
C GLU C 1210 32.80 3.74 -99.24
N THR C 1211 32.62 2.45 -98.98
CA THR C 1211 32.64 1.98 -97.61
C THR C 1211 33.57 0.79 -97.42
N ASP C 1212 34.01 0.62 -96.18
CA ASP C 1212 34.98 -0.39 -95.78
C ASP C 1212 34.92 -0.50 -94.28
N TYR C 1213 35.52 -1.56 -93.74
CA TYR C 1213 35.37 -1.82 -92.32
C TYR C 1213 36.71 -1.70 -91.63
N ARG C 1214 36.68 -1.66 -90.31
CA ARG C 1214 37.87 -1.77 -89.49
C ARG C 1214 37.58 -2.62 -88.27
N TYR C 1215 38.60 -3.30 -87.77
CA TYR C 1215 38.45 -4.36 -86.79
C TYR C 1215 39.33 -4.04 -85.60
N GLU C 1216 38.80 -4.22 -84.40
CA GLU C 1216 39.46 -3.88 -83.15
C GLU C 1216 39.30 -5.06 -82.19
N LEU C 1217 40.36 -5.83 -82.02
CA LEU C 1217 40.39 -6.84 -80.98
C LEU C 1217 40.41 -6.21 -79.59
N LYS C 1218 39.54 -6.68 -78.71
CA LYS C 1218 39.40 -6.15 -77.35
C LYS C 1218 39.59 -7.26 -76.34
N LEU C 1219 40.35 -6.99 -75.30
CA LEU C 1219 40.61 -7.91 -74.20
C LEU C 1219 40.04 -7.39 -72.89
N ALA C 1220 39.31 -8.22 -72.16
CA ALA C 1220 38.87 -7.89 -70.81
C ALA C 1220 39.24 -9.01 -69.84
N HIS C 1221 39.21 -8.72 -68.54
CA HIS C 1221 39.40 -9.78 -67.54
C HIS C 1221 38.53 -9.56 -66.31
N ILE C 1222 38.22 -10.67 -65.63
CA ILE C 1222 37.49 -10.63 -64.36
C ILE C 1222 38.38 -10.22 -63.19
N ARG C 1223 37.75 -9.57 -62.22
CA ARG C 1223 38.35 -9.21 -60.93
C ARG C 1223 37.92 -10.18 -59.85
N TYR C 1224 38.58 -10.07 -58.69
CA TYR C 1224 38.27 -10.94 -57.56
C TYR C 1224 36.82 -10.87 -57.11
N ASP C 1225 36.20 -9.71 -57.20
CA ASP C 1225 34.80 -9.57 -56.80
C ASP C 1225 33.82 -9.93 -57.91
N GLY C 1226 34.28 -10.54 -58.99
CA GLY C 1226 33.39 -10.95 -60.05
C GLY C 1226 32.93 -9.83 -60.95
N THR C 1227 33.37 -8.60 -60.74
CA THR C 1227 33.17 -7.59 -61.75
C THR C 1227 34.21 -7.75 -62.85
N TRP C 1228 33.97 -7.08 -63.97
CA TRP C 1228 34.77 -7.19 -65.17
C TRP C 1228 35.51 -5.88 -65.42
N ASN C 1229 36.80 -5.96 -65.69
CA ASN C 1229 37.57 -4.77 -66.00
C ASN C 1229 37.19 -4.22 -67.37
N THR C 1230 37.49 -2.94 -67.58
CA THR C 1230 37.15 -2.26 -68.83
C THR C 1230 37.93 -2.85 -70.01
N PRO C 1231 37.28 -3.13 -71.14
CA PRO C 1231 37.98 -3.70 -72.29
C PRO C 1231 39.03 -2.78 -72.91
N ILE C 1232 40.20 -3.35 -73.20
CA ILE C 1232 41.36 -2.62 -73.69
C ILE C 1232 41.49 -2.88 -75.18
N THR C 1233 41.48 -1.84 -76.00
CA THR C 1233 41.47 -2.01 -77.45
C THR C 1233 42.87 -2.32 -77.98
N PHE C 1234 42.94 -3.24 -78.94
CA PHE C 1234 44.17 -3.56 -79.66
C PHE C 1234 43.94 -3.45 -81.16
N ASP C 1235 44.80 -2.70 -81.85
CA ASP C 1235 44.60 -2.44 -83.27
C ASP C 1235 45.04 -3.65 -84.10
N VAL C 1236 44.11 -4.28 -84.81
CA VAL C 1236 44.37 -5.46 -85.62
C VAL C 1236 44.16 -5.24 -87.12
N ASN C 1237 43.93 -4.00 -87.55
CA ASN C 1237 43.59 -3.77 -88.95
C ASN C 1237 44.65 -4.29 -89.93
N LYS C 1238 45.93 -4.09 -89.65
CA LYS C 1238 46.96 -4.69 -90.49
C LYS C 1238 46.85 -6.20 -90.57
N LYS C 1239 46.72 -6.86 -89.42
CA LYS C 1239 46.76 -8.31 -89.39
C LYS C 1239 45.55 -8.94 -90.07
N ILE C 1240 44.38 -8.34 -89.91
CA ILE C 1240 43.18 -8.82 -90.60
C ILE C 1240 43.26 -8.50 -92.09
N SER C 1241 43.74 -7.32 -92.44
CA SER C 1241 43.87 -6.96 -93.85
C SER C 1241 44.84 -7.89 -94.58
N GLU C 1242 45.84 -8.41 -93.88
CA GLU C 1242 46.67 -9.48 -94.44
C GLU C 1242 45.89 -10.76 -94.69
N LEU C 1243 44.89 -11.07 -93.86
CA LEU C 1243 43.97 -12.18 -94.12
C LEU C 1243 42.96 -11.74 -95.17
N LYS C 1244 43.07 -12.29 -96.38
CA LYS C 1244 42.10 -12.01 -97.44
C LYS C 1244 40.82 -12.77 -97.12
N LEU C 1245 40.02 -12.19 -96.22
CA LEU C 1245 38.76 -12.78 -95.84
C LEU C 1245 37.77 -12.71 -97.00
N GLU C 1246 36.90 -13.72 -97.07
CA GLU C 1246 35.67 -13.60 -97.83
C GLU C 1246 34.79 -12.51 -97.23
N LYS C 1247 33.86 -12.03 -98.03
CA LYS C 1247 32.88 -11.07 -97.54
C LYS C 1247 32.01 -11.70 -96.46
N ASN C 1248 31.79 -10.93 -95.39
CA ASN C 1248 30.99 -11.32 -94.22
C ASN C 1248 31.41 -12.68 -93.67
N ARG C 1249 32.73 -12.90 -93.61
CA ARG C 1249 33.29 -14.11 -93.04
C ARG C 1249 34.08 -13.74 -91.79
N ALA C 1250 33.86 -14.48 -90.72
CA ALA C 1250 34.60 -14.18 -89.51
C ALA C 1250 36.00 -14.79 -89.58
N PRO C 1251 37.05 -14.02 -89.35
CA PRO C 1251 38.39 -14.59 -89.39
C PRO C 1251 38.52 -15.65 -88.31
N GLY C 1252 39.25 -16.72 -88.61
CA GLY C 1252 39.54 -17.72 -87.60
C GLY C 1252 40.45 -17.12 -86.56
N LEU C 1253 39.96 -17.05 -85.32
CA LEU C 1253 40.67 -16.48 -84.19
C LEU C 1253 41.06 -17.60 -83.26
N TYR C 1254 42.35 -17.72 -82.96
CA TYR C 1254 42.84 -18.75 -82.07
C TYR C 1254 43.46 -18.10 -80.85
N CYS C 1255 42.99 -18.49 -79.68
CA CYS C 1255 43.45 -17.94 -78.42
C CYS C 1255 43.92 -19.07 -77.54
N ALA C 1256 45.11 -18.92 -76.97
CA ALA C 1256 45.65 -19.96 -76.11
C ALA C 1256 46.67 -19.33 -75.18
N GLY C 1257 46.73 -19.83 -73.95
CA GLY C 1257 47.61 -19.28 -72.93
C GLY C 1257 48.84 -20.17 -72.89
N TYR C 1258 50.00 -19.54 -72.86
CA TYR C 1258 51.25 -20.27 -73.01
C TYR C 1258 51.65 -20.80 -71.63
N GLN C 1259 52.01 -22.08 -71.59
CA GLN C 1259 52.68 -22.65 -70.43
C GLN C 1259 54.06 -22.04 -70.19
N GLY C 1260 54.36 -21.76 -68.93
CA GLY C 1260 55.61 -21.15 -68.54
C GLY C 1260 55.63 -19.65 -68.71
N GLU C 1261 55.92 -19.17 -69.93
CA GLU C 1261 55.90 -17.74 -70.18
C GLU C 1261 54.49 -17.20 -70.01
N ASP C 1262 54.38 -16.08 -69.32
CA ASP C 1262 53.11 -15.37 -69.17
C ASP C 1262 53.00 -14.44 -70.38
N THR C 1263 52.46 -15.01 -71.47
CA THR C 1263 52.06 -14.33 -72.68
C THR C 1263 50.73 -14.91 -73.13
N LEU C 1264 49.82 -14.06 -73.61
CA LEU C 1264 48.70 -14.56 -74.39
C LEU C 1264 49.10 -14.74 -75.84
N LEU C 1265 49.02 -15.96 -76.36
CA LEU C 1265 49.09 -16.16 -77.80
C LEU C 1265 47.75 -15.83 -78.43
N VAL C 1266 47.74 -14.84 -79.31
CA VAL C 1266 46.57 -14.52 -80.11
C VAL C 1266 46.96 -14.69 -81.56
N MET C 1267 46.28 -15.58 -82.27
CA MET C 1267 46.61 -15.87 -83.65
C MET C 1267 45.35 -15.73 -84.48
N PHE C 1268 45.50 -15.16 -85.67
CA PHE C 1268 44.43 -15.12 -86.66
C PHE C 1268 44.76 -16.01 -87.84
N TYR C 1269 43.79 -16.83 -88.24
CA TYR C 1269 43.98 -17.80 -89.29
C TYR C 1269 42.80 -17.72 -90.24
N ASN C 1270 43.03 -18.09 -91.48
CA ASN C 1270 41.96 -18.10 -92.47
C ASN C 1270 41.16 -19.37 -92.30
N GLN C 1271 39.85 -19.28 -92.50
CA GLN C 1271 39.00 -20.45 -92.30
C GLN C 1271 39.23 -21.47 -93.41
N GLN C 1272 39.42 -22.73 -93.01
CA GLN C 1272 39.55 -23.82 -93.96
C GLN C 1272 38.76 -25.02 -93.49
N ASP C 1273 38.31 -25.82 -94.46
CA ASP C 1273 37.42 -26.95 -94.18
C ASP C 1273 38.13 -28.14 -93.55
N THR C 1274 39.46 -28.25 -93.66
CA THR C 1274 40.18 -29.41 -93.18
C THR C 1274 41.42 -29.00 -92.41
N LEU C 1275 41.78 -29.81 -91.42
CA LEU C 1275 43.03 -29.62 -90.71
C LEU C 1275 44.23 -29.71 -91.65
N ASP C 1276 44.15 -30.57 -92.66
CA ASP C 1276 45.21 -30.69 -93.66
C ASP C 1276 45.52 -29.37 -94.36
N SER C 1277 44.56 -28.45 -94.42
CA SER C 1277 44.78 -27.14 -95.03
C SER C 1277 45.44 -26.15 -94.06
N TYR C 1278 45.12 -26.26 -92.77
CA TYR C 1278 45.77 -25.42 -91.77
C TYR C 1278 47.26 -25.68 -91.69
N LYS C 1279 47.73 -26.84 -92.15
CA LYS C 1279 49.15 -27.19 -92.11
C LYS C 1279 50.03 -26.14 -92.77
N ASN C 1280 49.51 -25.36 -93.72
CA ASN C 1280 50.27 -24.30 -94.37
C ASN C 1280 49.55 -22.95 -94.36
N ALA C 1281 48.53 -22.78 -93.52
CA ALA C 1281 47.82 -21.51 -93.44
C ALA C 1281 48.78 -20.39 -93.02
N SER C 1282 48.61 -19.22 -93.64
CA SER C 1282 49.39 -18.05 -93.26
C SER C 1282 48.93 -17.45 -91.93
N MET C 1283 49.47 -17.98 -90.83
CA MET C 1283 48.99 -17.62 -89.50
C MET C 1283 49.41 -16.20 -89.18
N GLN C 1284 48.44 -15.30 -89.06
CA GLN C 1284 48.68 -14.01 -88.43
C GLN C 1284 48.57 -14.16 -86.91
N GLY C 1285 49.33 -13.36 -86.19
CA GLY C 1285 48.99 -13.15 -84.80
C GLY C 1285 49.80 -12.06 -84.15
N LEU C 1286 49.61 -11.94 -82.83
CA LEU C 1286 50.34 -10.99 -82.00
C LEU C 1286 50.49 -11.57 -80.59
N TYR C 1287 51.55 -11.15 -79.91
CA TYR C 1287 51.76 -11.42 -78.49
C TYR C 1287 51.05 -10.39 -77.62
N ILE C 1288 50.44 -10.86 -76.53
CA ILE C 1288 49.90 -9.98 -75.51
C ILE C 1288 50.43 -10.39 -74.14
N PHE C 1289 50.98 -9.43 -73.41
CA PHE C 1289 51.70 -9.66 -72.18
C PHE C 1289 50.83 -9.28 -70.98
N ALA C 1290 51.32 -9.59 -69.79
CA ALA C 1290 50.51 -9.45 -68.58
C ALA C 1290 50.08 -8.00 -68.35
N ASP C 1291 50.99 -7.06 -68.57
CA ASP C 1291 50.67 -5.63 -68.56
C ASP C 1291 49.83 -5.16 -69.76
N MET C 1292 49.38 -6.07 -70.63
CA MET C 1292 48.59 -5.74 -71.82
C MET C 1292 49.32 -4.83 -72.81
N ALA C 1293 50.64 -4.82 -72.76
CA ALA C 1293 51.44 -4.45 -73.93
C ALA C 1293 51.30 -5.55 -74.98
N SER C 1294 51.72 -5.24 -76.20
CA SER C 1294 51.71 -6.26 -77.24
C SER C 1294 52.95 -6.17 -78.10
N LYS C 1295 53.17 -7.22 -78.88
CA LYS C 1295 54.17 -7.29 -79.93
C LYS C 1295 53.62 -8.13 -81.05
N ASP C 1296 54.13 -7.90 -82.26
CA ASP C 1296 53.73 -8.77 -83.36
C ASP C 1296 54.39 -10.13 -83.24
N MET C 1297 53.81 -11.11 -83.94
CA MET C 1297 54.50 -12.36 -84.21
C MET C 1297 55.49 -12.22 -85.35
N CYS C 1298 56.66 -12.82 -85.19
CA CYS C 1298 57.48 -13.12 -86.35
C CYS C 1298 56.88 -14.31 -87.11
N PRO C 1299 56.91 -14.29 -88.44
CA PRO C 1299 56.46 -15.46 -89.22
C PRO C 1299 57.07 -16.78 -88.76
N GLU C 1300 58.37 -16.78 -88.45
CA GLU C 1300 59.03 -18.00 -87.98
C GLU C 1300 58.42 -18.52 -86.69
N GLN C 1301 58.08 -17.64 -85.74
CA GLN C 1301 57.41 -18.10 -84.54
C GLN C 1301 56.01 -18.61 -84.87
N SER C 1302 55.32 -17.93 -85.78
CA SER C 1302 53.95 -18.29 -86.08
C SER C 1302 53.88 -19.67 -86.70
N ASN C 1303 54.86 -20.01 -87.54
CA ASN C 1303 54.87 -21.33 -88.17
C ASN C 1303 54.96 -22.43 -87.11
N VAL C 1304 55.75 -22.20 -86.07
CA VAL C 1304 55.90 -23.17 -84.99
C VAL C 1304 54.60 -23.30 -84.18
N TYR C 1305 54.05 -22.16 -83.75
CA TYR C 1305 52.78 -22.16 -83.04
C TYR C 1305 51.66 -22.78 -83.87
N ARG C 1306 51.70 -22.61 -85.18
CA ARG C 1306 50.76 -23.26 -86.09
C ARG C 1306 50.96 -24.76 -86.08
N ASP C 1307 52.14 -25.23 -86.46
CA ASP C 1307 52.36 -26.65 -86.63
C ASP C 1307 52.16 -27.42 -85.32
N ASN C 1308 52.33 -26.77 -84.17
CA ASN C 1308 51.88 -27.38 -82.92
C ASN C 1308 50.35 -27.32 -82.71
N SER C 1309 49.72 -26.16 -82.85
CA SER C 1309 48.33 -25.98 -82.42
C SER C 1309 47.28 -26.35 -83.45
N TYR C 1310 47.65 -26.58 -84.71
CA TYR C 1310 46.68 -26.59 -85.81
C TYR C 1310 45.50 -27.53 -85.60
N GLN C 1311 45.64 -28.58 -84.79
CA GLN C 1311 44.50 -29.47 -84.57
C GLN C 1311 43.38 -28.78 -83.81
N GLN C 1312 43.70 -27.69 -83.12
CA GLN C 1312 42.78 -26.90 -82.32
C GLN C 1312 41.98 -25.89 -83.14
N PHE C 1313 42.36 -25.66 -84.39
CA PHE C 1313 41.68 -24.67 -85.23
C PHE C 1313 40.29 -25.14 -85.63
N ASP C 1314 39.31 -24.25 -85.50
CA ASP C 1314 37.91 -24.53 -85.76
C ASP C 1314 37.67 -24.53 -87.27
N THR C 1315 37.42 -25.68 -87.87
CA THR C 1315 37.04 -25.66 -89.27
C THR C 1315 35.62 -25.13 -89.45
N ASN C 1316 35.28 -24.85 -90.71
CA ASN C 1316 33.97 -24.34 -91.09
C ASN C 1316 32.81 -25.26 -90.74
N ASN C 1317 33.07 -26.53 -90.44
CA ASN C 1317 32.02 -27.51 -90.16
C ASN C 1317 31.72 -27.63 -88.67
N VAL C 1318 32.75 -27.49 -87.84
CA VAL C 1318 32.71 -27.94 -86.45
C VAL C 1318 33.59 -26.99 -85.64
N ARG C 1319 33.12 -26.67 -84.44
CA ARG C 1319 33.87 -25.83 -83.52
C ARG C 1319 34.54 -26.68 -82.47
N ARG C 1320 35.86 -26.50 -82.34
CA ARG C 1320 36.72 -27.15 -81.38
C ARG C 1320 36.96 -26.28 -80.16
N VAL C 1321 37.45 -26.92 -79.11
CA VAL C 1321 37.86 -26.26 -77.87
C VAL C 1321 39.38 -26.17 -77.85
N ASN C 1322 39.90 -25.02 -77.45
CA ASN C 1322 41.34 -24.85 -77.32
C ASN C 1322 41.84 -25.41 -76.00
N ASN C 1323 43.06 -25.95 -76.03
CA ASN C 1323 43.83 -26.23 -74.83
C ASN C 1323 44.85 -25.14 -74.57
N ARG C 1324 45.37 -25.08 -73.34
CA ARG C 1324 46.63 -24.40 -73.09
C ARG C 1324 47.70 -24.88 -74.04
N TYR C 1325 48.57 -23.96 -74.44
CA TYR C 1325 49.56 -24.24 -75.46
C TYR C 1325 50.53 -25.31 -74.97
N ALA C 1326 51.00 -26.13 -75.90
CA ALA C 1326 51.94 -27.20 -75.57
C ALA C 1326 53.10 -27.17 -76.55
N GLU C 1327 54.26 -27.63 -76.07
CA GLU C 1327 55.47 -27.68 -76.88
C GLU C 1327 56.19 -29.02 -76.73
N ASP C 1600 42.34 -38.76 -78.70
CA ASP C 1600 43.21 -37.62 -78.49
C ASP C 1600 42.79 -36.45 -79.38
N ASN C 1601 41.62 -36.58 -79.99
CA ASN C 1601 40.93 -35.40 -80.51
C ASN C 1601 40.66 -34.41 -79.39
N ALA C 1602 40.56 -33.14 -79.76
CA ALA C 1602 40.15 -32.12 -78.82
C ALA C 1602 38.67 -32.26 -78.46
N LEU C 1603 38.32 -31.69 -77.31
CA LEU C 1603 36.94 -31.44 -76.97
C LEU C 1603 36.26 -30.67 -78.09
N THR C 1604 34.95 -30.87 -78.25
CA THR C 1604 34.30 -30.35 -79.44
C THR C 1604 32.86 -30.00 -79.09
N LEU C 1605 32.33 -28.98 -79.76
CA LEU C 1605 30.95 -28.55 -79.60
C LEU C 1605 30.21 -28.74 -80.91
N HIS C 1606 29.19 -29.57 -80.91
CA HIS C 1606 28.35 -29.70 -82.09
C HIS C 1606 26.98 -29.11 -81.81
N HIS C 1607 26.47 -28.33 -82.75
CA HIS C 1607 25.11 -27.81 -82.69
C HIS C 1607 24.24 -28.69 -83.58
N ASN C 1608 23.53 -29.64 -82.99
CA ASN C 1608 22.77 -30.55 -83.80
C ASN C 1608 21.57 -29.82 -84.41
N GLU C 1609 21.07 -30.37 -85.52
CA GLU C 1609 19.96 -29.73 -86.21
C GLU C 1609 18.67 -29.76 -85.41
N ASN C 1610 18.47 -30.76 -84.56
CA ASN C 1610 17.27 -30.82 -83.74
C ASN C 1610 17.30 -29.81 -82.60
N GLY C 1611 18.43 -29.15 -82.37
CA GLY C 1611 18.58 -28.16 -81.33
C GLY C 1611 19.36 -28.61 -80.11
N ALA C 1612 19.70 -29.89 -79.99
CA ALA C 1612 20.58 -30.30 -78.92
C ALA C 1612 21.98 -29.80 -79.19
N GLN C 1613 22.56 -29.10 -78.22
CA GLN C 1613 24.00 -28.87 -78.18
C GLN C 1613 24.67 -29.89 -77.28
N TYR C 1614 25.73 -30.49 -77.78
CA TYR C 1614 26.41 -31.52 -77.04
C TYR C 1614 27.90 -31.39 -77.22
N MET C 1615 28.64 -31.59 -76.13
CA MET C 1615 30.09 -31.61 -76.18
C MET C 1615 30.54 -33.03 -76.41
N GLN C 1616 31.62 -33.18 -77.16
CA GLN C 1616 32.17 -34.50 -77.45
C GLN C 1616 33.67 -34.51 -77.32
N TRP C 1617 34.23 -35.62 -76.84
CA TRP C 1617 35.65 -35.84 -77.00
C TRP C 1617 36.03 -37.30 -77.09
N GLN C 1618 35.11 -38.21 -76.79
CA GLN C 1618 35.40 -39.61 -77.04
C GLN C 1618 34.15 -40.28 -77.61
N SER C 1619 33.84 -41.47 -77.13
CA SER C 1619 32.46 -41.90 -77.13
C SER C 1619 31.58 -40.94 -76.34
N TYR C 1620 32.11 -40.44 -75.23
CA TYR C 1620 31.38 -39.59 -74.31
C TYR C 1620 30.74 -38.40 -75.01
N ARG C 1621 29.44 -38.22 -74.79
CA ARG C 1621 28.76 -37.00 -75.19
C ARG C 1621 27.96 -36.48 -74.02
N THR C 1622 27.87 -35.16 -73.94
CA THR C 1622 27.29 -34.50 -72.78
C THR C 1622 26.36 -33.40 -73.28
N ARG C 1623 25.18 -33.32 -72.71
CA ARG C 1623 24.30 -32.24 -73.11
C ARG C 1623 24.71 -30.96 -72.40
N LEU C 1624 24.52 -29.83 -73.07
CA LEU C 1624 24.88 -28.54 -72.52
C LEU C 1624 23.66 -27.67 -72.25
N ASN C 1625 22.84 -27.42 -73.26
CA ASN C 1625 21.63 -26.66 -73.10
C ASN C 1625 20.44 -27.60 -72.99
N THR C 1626 19.31 -27.05 -72.57
CA THR C 1626 18.11 -27.85 -72.42
C THR C 1626 16.99 -27.11 -73.12
N LEU C 1627 16.21 -27.85 -73.91
CA LEU C 1627 15.05 -27.31 -74.59
C LEU C 1627 13.78 -27.46 -73.76
N PHE C 1628 13.93 -27.70 -72.47
CA PHE C 1628 12.79 -27.79 -71.57
C PHE C 1628 12.00 -26.49 -71.53
N ALA C 1629 12.68 -25.39 -71.29
CA ALA C 1629 12.01 -24.10 -71.14
C ALA C 1629 11.28 -23.66 -72.39
N ARG C 1630 11.66 -24.17 -73.55
CA ARG C 1630 10.95 -23.79 -74.77
C ARG C 1630 9.68 -24.60 -74.98
N GLN C 1631 9.63 -25.83 -74.46
CA GLN C 1631 8.44 -26.67 -74.41
C GLN C 1631 7.50 -26.35 -73.23
N LEU C 1632 8.00 -25.75 -72.17
CA LEU C 1632 7.18 -25.45 -71.01
C LEU C 1632 6.04 -24.47 -71.25
N VAL C 1633 6.08 -23.64 -72.30
CA VAL C 1633 5.10 -22.56 -72.43
C VAL C 1633 3.67 -23.08 -72.52
N ALA C 1634 3.47 -24.19 -73.24
CA ALA C 1634 2.15 -24.81 -73.28
C ALA C 1634 1.65 -25.21 -71.90
N ARG C 1635 2.54 -25.76 -71.07
CA ARG C 1635 2.15 -26.14 -69.72
C ARG C 1635 1.86 -24.92 -68.86
N ALA C 1636 2.61 -23.84 -69.07
CA ALA C 1636 2.47 -22.62 -68.28
C ALA C 1636 1.19 -21.87 -68.57
N THR C 1637 0.62 -22.04 -69.76
CA THR C 1637 -0.60 -21.30 -70.06
C THR C 1637 -1.76 -21.60 -69.11
N THR C 1638 -1.78 -22.76 -68.44
CA THR C 1638 -2.82 -23.07 -67.46
C THR C 1638 -2.37 -22.94 -66.01
N GLY C 1639 -1.21 -22.35 -65.75
CA GLY C 1639 -0.86 -21.95 -64.39
C GLY C 1639 -0.15 -22.97 -63.53
N ILE C 1640 0.11 -22.52 -62.29
CA ILE C 1640 1.01 -23.18 -61.35
C ILE C 1640 0.69 -24.66 -61.15
N ASP C 1641 -0.59 -25.01 -61.03
CA ASP C 1641 -0.94 -26.40 -60.80
C ASP C 1641 -0.45 -27.31 -61.91
N THR C 1642 -0.36 -26.80 -63.13
CA THR C 1642 0.11 -27.56 -64.27
C THR C 1642 1.63 -27.55 -64.43
N ILE C 1643 2.29 -26.44 -64.12
CA ILE C 1643 3.75 -26.42 -64.14
C ILE C 1643 4.34 -27.56 -63.32
N LEU C 1644 3.92 -27.69 -62.06
CA LEU C 1644 4.59 -28.60 -61.14
C LEU C 1644 4.21 -30.06 -61.34
N SER C 1645 3.16 -30.35 -62.10
CA SER C 1645 2.63 -31.71 -62.20
C SER C 1645 3.68 -32.67 -62.77
N MET C 1646 3.46 -33.95 -62.49
CA MET C 1646 4.34 -35.03 -62.88
C MET C 1646 4.49 -35.18 -64.40
N GLU C 1647 3.44 -34.91 -65.15
CA GLU C 1647 3.52 -34.96 -66.61
C GLU C 1647 4.19 -33.75 -67.25
N THR C 1648 4.56 -32.74 -66.47
CA THR C 1648 5.57 -31.78 -66.91
C THR C 1648 6.98 -32.34 -66.82
N GLN C 1649 7.28 -33.04 -65.75
CA GLN C 1649 8.62 -33.58 -65.55
C GLN C 1649 8.99 -34.69 -66.53
N ASN C 1650 8.02 -35.33 -67.18
CA ASN C 1650 8.28 -36.25 -68.27
C ASN C 1650 8.22 -35.62 -69.67
N ILE C 1651 8.35 -34.30 -69.79
CA ILE C 1651 8.58 -33.70 -71.11
C ILE C 1651 9.89 -34.22 -71.71
N GLN C 1652 9.84 -34.58 -72.98
CA GLN C 1652 10.96 -35.24 -73.65
C GLN C 1652 12.05 -34.23 -73.98
N GLU C 1653 13.29 -34.67 -73.85
CA GLU C 1653 14.50 -34.03 -74.36
C GLU C 1653 14.88 -34.64 -75.71
N PRO C 1654 15.08 -33.83 -76.76
CA PRO C 1654 15.67 -34.36 -78.00
C PRO C 1654 16.96 -35.11 -77.76
N GLN C 1655 17.18 -36.17 -78.54
CA GLN C 1655 18.40 -36.94 -78.40
C GLN C 1655 19.58 -36.08 -78.84
N LEU C 1656 20.78 -36.46 -78.41
CA LEU C 1656 21.98 -35.76 -78.80
C LEU C 1656 22.84 -36.61 -79.73
N GLY C 1657 23.24 -36.04 -80.84
CA GLY C 1657 24.00 -36.72 -81.85
C GLY C 1657 23.25 -37.82 -82.58
N LYS C 1658 24.03 -38.58 -83.35
CA LYS C 1658 23.57 -39.81 -83.99
C LYS C 1658 23.84 -41.02 -83.11
N GLY C 1659 22.87 -41.92 -83.04
CA GLY C 1659 22.98 -43.03 -82.13
C GLY C 1659 21.74 -43.88 -82.11
N PHE C 1660 21.59 -44.66 -81.04
CA PHE C 1660 20.38 -45.43 -80.81
C PHE C 1660 20.21 -45.66 -79.32
N TYR C 1661 19.00 -45.98 -78.92
CA TYR C 1661 18.68 -46.41 -77.57
C TYR C 1661 18.63 -47.91 -77.45
N ALA C 1662 19.22 -48.44 -76.39
CA ALA C 1662 19.12 -49.85 -76.09
C ALA C 1662 18.82 -50.03 -74.62
N THR C 1663 17.99 -51.02 -74.31
CA THR C 1663 17.71 -51.42 -72.94
C THR C 1663 18.46 -52.70 -72.61
N PHE C 1664 19.21 -52.69 -71.52
CA PHE C 1664 19.89 -53.86 -71.02
C PHE C 1664 19.26 -54.30 -69.71
N VAL C 1665 18.95 -55.60 -69.61
CA VAL C 1665 18.44 -56.19 -68.38
C VAL C 1665 19.59 -56.94 -67.73
N ILE C 1666 19.92 -56.55 -66.51
CA ILE C 1666 21.03 -57.16 -65.78
C ILE C 1666 20.56 -58.45 -65.12
N PRO C 1667 21.27 -59.56 -65.33
CA PRO C 1667 20.92 -60.79 -64.62
C PRO C 1667 20.95 -60.58 -63.13
N PRO C 1668 20.19 -61.38 -62.39
CA PRO C 1668 20.30 -61.42 -60.92
C PRO C 1668 21.69 -61.71 -60.38
N TYR C 1669 21.89 -61.40 -59.11
CA TYR C 1669 23.01 -61.94 -58.35
C TYR C 1669 23.01 -63.46 -58.45
N ASN C 1670 24.16 -64.02 -58.82
CA ASN C 1670 24.26 -65.49 -58.93
C ASN C 1670 25.74 -65.87 -58.81
N LEU C 1671 26.17 -66.08 -57.56
CA LEU C 1671 27.58 -66.16 -57.20
C LEU C 1671 28.41 -67.03 -58.13
N SER C 1672 27.82 -68.11 -58.66
CA SER C 1672 28.61 -68.98 -59.54
C SER C 1672 28.88 -68.30 -60.88
N THR C 1673 28.07 -67.32 -61.25
CA THR C 1673 28.25 -66.53 -62.46
C THR C 1673 28.58 -65.08 -62.12
N HIS C 1674 29.13 -64.85 -60.94
CA HIS C 1674 29.13 -63.53 -60.33
C HIS C 1674 30.36 -63.31 -59.46
N GLY C 1675 30.62 -64.22 -58.54
CA GLY C 1675 31.67 -63.99 -57.57
C GLY C 1675 31.13 -63.28 -56.33
N ASP C 1676 32.08 -62.91 -55.48
CA ASP C 1676 31.75 -62.28 -54.20
C ASP C 1676 31.55 -60.77 -54.33
N GLU C 1677 32.47 -60.09 -55.01
CA GLU C 1677 32.29 -58.67 -55.29
C GLU C 1677 31.11 -58.44 -56.24
N ARG C 1678 30.16 -57.62 -55.80
CA ARG C 1678 28.93 -57.39 -56.56
C ARG C 1678 29.07 -56.36 -57.67
N TRP C 1679 30.22 -55.70 -57.79
CA TRP C 1679 30.38 -54.69 -58.82
C TRP C 1679 30.23 -55.30 -60.21
N PHE C 1680 29.71 -54.49 -61.13
CA PHE C 1680 29.77 -54.78 -62.56
C PHE C 1680 29.98 -53.50 -63.34
N LYS C 1681 30.56 -53.63 -64.54
CA LYS C 1681 30.82 -52.50 -65.41
C LYS C 1681 30.37 -52.84 -66.82
N LEU C 1682 29.65 -51.93 -67.44
CA LEU C 1682 29.37 -51.98 -68.87
C LEU C 1682 30.45 -51.24 -69.63
N TYR C 1683 31.06 -51.91 -70.59
CA TYR C 1683 32.07 -51.32 -71.45
C TYR C 1683 31.55 -51.25 -72.87
N ILE C 1684 31.87 -50.16 -73.56
CA ILE C 1684 31.62 -50.02 -74.98
C ILE C 1684 32.94 -50.15 -75.71
N LYS C 1685 32.88 -50.60 -76.95
CA LYS C 1685 34.04 -50.56 -77.83
C LYS C 1685 33.60 -50.23 -79.26
N HIS C 1686 34.42 -49.46 -79.94
CA HIS C 1686 34.13 -48.98 -81.29
C HIS C 1686 35.24 -49.39 -82.23
N VAL C 1687 34.88 -49.65 -83.48
CA VAL C 1687 35.69 -50.48 -84.35
C VAL C 1687 36.82 -49.63 -84.90
N VAL C 1688 36.98 -48.42 -84.34
CA VAL C 1688 38.27 -47.75 -84.35
C VAL C 1688 39.30 -48.54 -83.58
N ASP C 1689 38.87 -49.48 -82.75
CA ASP C 1689 39.74 -50.37 -82.01
C ASP C 1689 40.68 -49.60 -81.10
N ASN C 1690 40.23 -48.46 -80.59
CA ASN C 1690 40.81 -47.92 -79.37
C ASN C 1690 40.59 -48.85 -78.19
N ASN C 1691 41.08 -48.42 -77.02
CA ASN C 1691 40.63 -49.00 -75.77
C ASN C 1691 39.11 -48.96 -75.67
N SER C 1692 38.54 -49.79 -74.82
CA SER C 1692 37.16 -49.60 -74.45
C SER C 1692 37.00 -48.39 -73.52
N HIS C 1693 35.76 -47.99 -73.32
CA HIS C 1693 35.40 -46.92 -72.40
C HIS C 1693 34.28 -47.45 -71.52
N ILE C 1694 34.35 -47.15 -70.23
CA ILE C 1694 33.25 -47.47 -69.35
C ILE C 1694 32.05 -46.56 -69.65
N ILE C 1695 30.86 -47.15 -69.70
CA ILE C 1695 29.64 -46.37 -69.85
C ILE C 1695 28.70 -46.51 -68.68
N TYR C 1696 28.76 -47.59 -67.91
CA TYR C 1696 27.96 -47.64 -66.70
C TYR C 1696 28.63 -48.54 -65.67
N SER C 1697 28.38 -48.24 -64.40
CA SER C 1697 28.94 -48.98 -63.29
C SER C 1697 27.88 -49.09 -62.19
N GLY C 1698 27.76 -50.29 -61.62
CA GLY C 1698 26.73 -50.52 -60.62
C GLY C 1698 27.04 -51.74 -59.80
N GLN C 1699 26.10 -52.09 -58.93
CA GLN C 1699 26.18 -53.30 -58.11
C GLN C 1699 25.08 -54.27 -58.55
N LEU C 1700 25.46 -55.53 -58.73
CA LEU C 1700 24.50 -56.55 -59.10
C LEU C 1700 23.51 -56.79 -57.97
N THR C 1701 22.24 -56.62 -58.26
CA THR C 1701 21.15 -56.91 -57.35
C THR C 1701 20.71 -58.36 -57.50
N ASP C 1702 19.94 -58.83 -56.52
CA ASP C 1702 19.24 -60.10 -56.68
C ASP C 1702 18.13 -59.97 -57.70
N THR C 1703 17.44 -58.83 -57.73
CA THR C 1703 16.55 -58.54 -58.83
C THR C 1703 17.34 -58.28 -60.10
N ASN C 1704 16.66 -58.30 -61.24
CA ASN C 1704 17.19 -57.66 -62.44
C ASN C 1704 17.35 -56.16 -62.25
N ILE C 1705 18.21 -55.57 -63.09
CA ILE C 1705 18.29 -54.14 -63.31
C ILE C 1705 18.01 -53.88 -64.78
N ASN C 1706 17.11 -52.93 -65.06
CA ASN C 1706 16.90 -52.45 -66.42
C ASN C 1706 17.64 -51.14 -66.61
N ILE C 1707 18.56 -51.13 -67.57
CA ILE C 1707 19.43 -50.00 -67.83
C ILE C 1707 19.23 -49.59 -69.28
N THR C 1708 18.76 -48.38 -69.49
CA THR C 1708 18.57 -47.85 -70.84
C THR C 1708 19.67 -46.83 -71.09
N LEU C 1709 20.45 -47.08 -72.14
CA LEU C 1709 21.61 -46.27 -72.46
C LEU C 1709 21.48 -45.74 -73.88
N PHE C 1710 21.85 -44.49 -74.06
CA PHE C 1710 22.15 -43.99 -75.38
C PHE C 1710 23.54 -44.51 -75.76
N ILE C 1711 23.62 -45.24 -76.86
CA ILE C 1711 24.89 -45.76 -77.37
C ILE C 1711 25.33 -44.87 -78.53
N PRO C 1712 26.43 -44.15 -78.43
CA PRO C 1712 26.95 -43.40 -79.56
C PRO C 1712 27.28 -44.29 -80.74
N LEU C 1713 27.10 -43.74 -81.93
CA LEU C 1713 27.57 -44.36 -83.16
C LEU C 1713 28.42 -43.33 -83.88
N ASP C 1714 29.53 -43.79 -84.45
CA ASP C 1714 30.39 -42.86 -85.16
C ASP C 1714 29.68 -42.34 -86.41
N ASP C 1715 30.17 -41.20 -86.89
CA ASP C 1715 29.74 -40.67 -88.18
C ASP C 1715 29.94 -41.67 -89.31
N VAL C 1716 31.05 -42.40 -89.27
CA VAL C 1716 31.49 -43.22 -90.39
C VAL C 1716 31.60 -44.66 -89.92
N PRO C 1717 31.07 -45.63 -90.67
CA PRO C 1717 31.14 -47.08 -90.38
C PRO C 1717 32.48 -47.69 -90.77
N LEU C 1718 33.46 -47.55 -89.88
CA LEU C 1718 34.81 -48.03 -90.14
C LEU C 1718 34.93 -49.54 -90.05
N ASN C 1719 33.84 -50.26 -89.78
CA ASN C 1719 33.79 -51.69 -90.00
C ASN C 1719 32.44 -52.02 -90.62
N GLN C 1720 32.45 -52.94 -91.57
CA GLN C 1720 31.24 -53.28 -92.30
C GLN C 1720 30.35 -54.27 -91.56
N ASP C 1721 30.90 -55.05 -90.63
CA ASP C 1721 30.14 -56.15 -90.06
C ASP C 1721 29.38 -55.72 -88.82
N TYR C 1722 30.01 -54.91 -87.97
CA TYR C 1722 29.32 -54.29 -86.85
C TYR C 1722 29.93 -52.92 -86.60
N HIS C 1723 29.15 -52.07 -85.93
CA HIS C 1723 29.53 -50.68 -85.70
C HIS C 1723 29.81 -50.36 -84.25
N ALA C 1724 29.29 -51.14 -83.31
CA ALA C 1724 29.67 -50.99 -81.92
C ALA C 1724 29.69 -52.36 -81.27
N LYS C 1725 30.50 -52.47 -80.24
CA LYS C 1725 30.48 -53.62 -79.34
C LYS C 1725 30.25 -53.18 -77.92
N VAL C 1726 29.30 -53.83 -77.26
CA VAL C 1726 29.10 -53.66 -75.82
C VAL C 1726 29.35 -55.00 -75.17
N TYR C 1727 30.07 -55.00 -74.06
CA TYR C 1727 30.35 -56.22 -73.32
C TYR C 1727 30.25 -55.94 -71.83
N MET C 1728 29.96 -57.00 -71.09
CA MET C 1728 29.62 -56.95 -69.68
C MET C 1728 30.74 -57.57 -68.85
N THR C 1729 31.23 -56.84 -67.86
CA THR C 1729 32.35 -57.29 -67.06
C THR C 1729 31.99 -57.22 -65.59
N PHE C 1730 32.50 -58.18 -64.82
CA PHE C 1730 32.14 -58.35 -63.42
C PHE C 1730 33.24 -59.19 -62.77
N LYS C 1731 33.13 -59.33 -61.45
CA LYS C 1731 34.24 -59.89 -60.68
C LYS C 1731 34.59 -61.29 -61.16
N LYS C 1732 33.57 -62.13 -61.38
CA LYS C 1732 33.83 -63.51 -61.77
C LYS C 1732 34.47 -63.61 -63.14
N SER C 1733 34.00 -62.82 -64.11
CA SER C 1733 34.49 -62.84 -65.48
C SER C 1733 34.80 -61.40 -65.90
N PRO C 1734 35.93 -60.85 -65.46
CA PRO C 1734 36.29 -59.49 -65.88
C PRO C 1734 36.85 -59.42 -67.29
N SER C 1735 37.41 -60.51 -67.80
CA SER C 1735 37.98 -60.50 -69.13
C SER C 1735 36.89 -60.48 -70.20
N ASP C 1736 37.17 -59.80 -71.30
CA ASP C 1736 36.23 -59.71 -72.42
C ASP C 1736 36.41 -60.90 -73.35
N GLY C 1737 35.31 -61.27 -74.02
CA GLY C 1737 35.35 -62.24 -75.09
C GLY C 1737 34.97 -61.66 -76.43
N THR C 1738 35.59 -62.21 -77.48
CA THR C 1738 35.52 -61.64 -78.83
C THR C 1738 34.09 -61.43 -79.29
N TRP C 1739 33.23 -62.42 -79.08
CA TRP C 1739 31.83 -62.36 -79.43
C TRP C 1739 30.89 -62.26 -78.23
N TRP C 1740 31.41 -62.16 -77.02
CA TRP C 1740 30.59 -62.33 -75.82
C TRP C 1740 29.96 -61.02 -75.35
N GLY C 1741 29.26 -60.38 -76.29
CA GLY C 1741 28.36 -59.31 -75.98
C GLY C 1741 27.57 -58.93 -77.21
N PRO C 1742 26.50 -58.16 -77.04
CA PRO C 1742 25.73 -57.69 -78.20
C PRO C 1742 26.55 -56.79 -79.10
N HIS C 1743 26.71 -57.22 -80.35
CA HIS C 1743 27.20 -56.35 -81.40
C HIS C 1743 26.02 -55.71 -82.12
N PHE C 1744 26.15 -54.42 -82.41
CA PHE C 1744 25.09 -53.68 -83.08
C PHE C 1744 25.58 -53.17 -84.42
N VAL C 1745 24.68 -53.13 -85.38
CA VAL C 1745 24.97 -52.65 -86.72
C VAL C 1745 23.78 -51.83 -87.18
N ARG C 1746 24.05 -50.85 -88.04
CA ARG C 1746 23.01 -49.99 -88.57
C ARG C 1746 22.96 -50.14 -90.08
N ASP C 1747 21.77 -50.06 -90.64
CA ASP C 1747 21.60 -50.05 -92.08
C ASP C 1747 21.54 -48.62 -92.63
N ASP C 1748 21.16 -48.49 -93.91
CA ASP C 1748 21.02 -47.18 -94.53
C ASP C 1748 19.77 -46.43 -94.06
N LYS C 1749 18.68 -47.15 -93.80
CA LYS C 1749 17.47 -46.52 -93.31
C LYS C 1749 17.52 -46.23 -91.81
N GLY C 1750 18.56 -46.70 -91.13
CA GLY C 1750 18.82 -46.25 -89.77
C GLY C 1750 18.19 -47.12 -88.71
N ILE C 1751 18.00 -48.40 -88.98
CA ILE C 1751 17.42 -49.33 -88.02
C ILE C 1751 18.54 -50.19 -87.46
N VAL C 1752 18.56 -50.32 -86.14
CA VAL C 1752 19.64 -50.99 -85.42
C VAL C 1752 19.18 -52.40 -85.08
N THR C 1753 20.07 -53.37 -85.25
CA THR C 1753 19.75 -54.76 -85.01
C THR C 1753 20.93 -55.44 -84.33
N ILE C 1754 20.63 -56.49 -83.59
CA ILE C 1754 21.65 -57.24 -82.87
C ILE C 1754 22.25 -58.29 -83.80
N ASN C 1755 23.56 -58.36 -83.84
CA ASN C 1755 24.26 -59.30 -84.70
C ASN C 1755 23.99 -60.71 -84.18
N PRO C 1756 23.45 -61.62 -84.99
CA PRO C 1756 23.21 -62.99 -84.50
C PRO C 1756 24.48 -63.72 -84.12
N LYS C 1757 25.63 -63.33 -84.65
CA LYS C 1757 26.89 -63.97 -84.32
C LYS C 1757 27.27 -63.76 -82.86
N SER C 1758 26.75 -62.73 -82.23
CA SER C 1758 27.08 -62.40 -80.85
C SER C 1758 26.29 -63.23 -79.84
N ILE C 1759 26.89 -63.41 -78.68
CA ILE C 1759 26.41 -64.28 -77.61
C ILE C 1759 25.95 -63.41 -76.45
N LEU C 1760 24.70 -63.59 -76.03
CA LEU C 1760 24.07 -62.77 -75.01
C LEU C 1760 23.95 -63.48 -73.67
N THR C 1761 24.65 -64.60 -73.48
CA THR C 1761 24.36 -65.50 -72.36
C THR C 1761 24.36 -64.78 -71.01
N HIS C 1762 25.30 -63.88 -70.78
CA HIS C 1762 25.31 -63.15 -69.51
C HIS C 1762 24.68 -61.77 -69.61
N PHE C 1763 23.81 -61.55 -70.59
CA PHE C 1763 22.78 -60.53 -70.49
C PHE C 1763 21.43 -61.22 -70.33
N GLU C 1764 20.61 -60.70 -69.41
CA GLU C 1764 19.29 -61.28 -69.24
C GLU C 1764 18.38 -60.97 -70.42
N SER C 1765 18.44 -59.73 -70.93
CA SER C 1765 17.90 -59.40 -72.24
C SER C 1765 18.57 -58.13 -72.77
N VAL C 1766 18.65 -58.03 -74.09
CA VAL C 1766 18.99 -56.79 -74.76
C VAL C 1766 17.90 -56.46 -75.78
N ASN C 1767 17.39 -55.24 -75.74
CA ASN C 1767 16.36 -54.76 -76.65
C ASN C 1767 16.79 -53.43 -77.22
N VAL C 1768 16.50 -53.19 -78.49
CA VAL C 1768 16.75 -51.90 -79.14
C VAL C 1768 15.44 -51.18 -79.35
N LEU C 1769 15.35 -49.96 -78.83
CA LEU C 1769 14.11 -49.18 -78.86
C LEU C 1769 14.07 -48.29 -80.10
N ASN C 1770 14.09 -48.93 -81.27
CA ASN C 1770 14.27 -48.21 -82.53
C ASN C 1770 13.22 -47.12 -82.75
N ASN C 1771 12.05 -47.25 -82.13
CA ASN C 1771 10.99 -46.26 -82.25
C ASN C 1771 11.19 -45.00 -81.41
N ILE C 1772 12.20 -44.96 -80.54
CA ILE C 1772 12.36 -43.87 -79.57
C ILE C 1772 13.51 -43.00 -80.01
N SER C 1773 13.27 -41.69 -80.07
CA SER C 1773 14.27 -40.70 -80.47
C SER C 1773 14.37 -39.56 -79.45
N SER C 1774 14.04 -39.83 -78.20
CA SER C 1774 14.02 -38.79 -77.17
C SER C 1774 14.23 -39.49 -75.84
N GLU C 1775 14.49 -38.69 -74.80
CA GLU C 1775 14.64 -39.28 -73.49
C GLU C 1775 14.08 -38.32 -72.44
N PRO C 1776 13.73 -38.83 -71.26
CA PRO C 1776 13.24 -37.95 -70.19
C PRO C 1776 14.19 -36.82 -69.84
N MET C 1777 13.58 -35.70 -69.44
CA MET C 1777 14.30 -34.62 -68.78
C MET C 1777 15.19 -35.15 -67.66
N ASP C 1778 16.38 -34.59 -67.56
CA ASP C 1778 17.48 -35.18 -66.80
C ASP C 1778 17.78 -34.36 -65.54
N PHE C 1779 17.51 -34.95 -64.37
CA PHE C 1779 17.80 -34.35 -63.07
C PHE C 1779 19.21 -34.65 -62.60
N SER C 1780 20.10 -35.06 -63.50
CA SER C 1780 21.51 -35.24 -63.19
C SER C 1780 22.43 -34.59 -64.21
N GLY C 1781 21.88 -34.05 -65.28
CA GLY C 1781 22.66 -33.43 -66.32
C GLY C 1781 23.19 -32.08 -65.89
N ALA C 1782 23.50 -31.26 -66.89
CA ALA C 1782 24.00 -29.91 -66.66
C ALA C 1782 23.06 -29.07 -65.81
N ASN C 1783 21.81 -28.93 -66.25
CA ASN C 1783 20.82 -28.10 -65.61
C ASN C 1783 20.17 -28.72 -64.37
N SER C 1784 20.77 -29.77 -63.82
CA SER C 1784 20.21 -30.44 -62.65
C SER C 1784 19.96 -29.45 -61.52
N LEU C 1785 20.86 -28.50 -61.32
CA LEU C 1785 20.68 -27.55 -60.25
C LEU C 1785 19.43 -26.71 -60.44
N TYR C 1786 19.18 -26.21 -61.64
CA TYR C 1786 17.99 -25.40 -61.85
C TYR C 1786 16.72 -26.24 -61.74
N PHE C 1787 16.80 -27.50 -62.11
CA PHE C 1787 15.59 -28.33 -62.04
C PHE C 1787 15.26 -28.70 -60.60
N TRP C 1788 16.26 -29.07 -59.81
CA TRP C 1788 15.98 -29.19 -58.40
C TRP C 1788 15.60 -27.86 -57.78
N GLU C 1789 16.04 -26.75 -58.38
CA GLU C 1789 15.75 -25.43 -57.84
C GLU C 1789 14.29 -25.13 -57.96
N LEU C 1790 13.65 -25.66 -59.00
CA LEU C 1790 12.28 -25.31 -59.31
C LEU C 1790 11.31 -26.33 -58.77
N PHE C 1791 11.51 -27.61 -59.06
CA PHE C 1791 10.48 -28.59 -58.77
C PHE C 1791 10.36 -28.87 -57.28
N TYR C 1792 11.46 -28.82 -56.53
CA TYR C 1792 11.41 -29.18 -55.13
C TYR C 1792 11.68 -28.03 -54.17
N TYR C 1793 12.76 -27.29 -54.37
CA TYR C 1793 13.13 -26.26 -53.40
C TYR C 1793 12.09 -25.15 -53.33
N THR C 1794 11.59 -24.70 -54.47
CA THR C 1794 10.64 -23.58 -54.48
C THR C 1794 9.33 -23.86 -53.77
N PRO C 1795 8.61 -24.96 -54.04
CA PRO C 1795 7.46 -25.28 -53.19
C PRO C 1795 7.76 -25.36 -51.72
N MET C 1796 8.88 -25.95 -51.33
CA MET C 1796 9.19 -26.06 -49.91
C MET C 1796 9.50 -24.71 -49.28
N LEU C 1797 10.21 -23.84 -49.99
CA LEU C 1797 10.44 -22.49 -49.49
C LEU C 1797 9.14 -21.71 -49.34
N VAL C 1798 8.26 -21.80 -50.32
CA VAL C 1798 6.98 -21.10 -50.24
C VAL C 1798 6.15 -21.63 -49.08
N ALA C 1799 6.01 -22.95 -48.95
CA ALA C 1799 5.27 -23.51 -47.82
C ALA C 1799 5.87 -23.08 -46.49
N GLN C 1800 7.20 -23.03 -46.40
CA GLN C 1800 7.83 -22.61 -45.15
C GLN C 1800 7.49 -21.17 -44.83
N ARG C 1801 7.52 -20.30 -45.85
CA ARG C 1801 7.19 -18.90 -45.59
C ARG C 1801 5.73 -18.75 -45.21
N LEU C 1802 4.83 -19.47 -45.87
CA LEU C 1802 3.42 -19.36 -45.56
C LEU C 1802 3.10 -19.87 -44.16
N LEU C 1803 3.91 -20.77 -43.62
CA LEU C 1803 3.65 -21.27 -42.26
C LEU C 1803 3.81 -20.17 -41.22
N HIS C 1804 4.84 -19.35 -41.35
CA HIS C 1804 5.08 -18.32 -40.35
C HIS C 1804 4.03 -17.23 -40.37
N GLU C 1805 3.32 -17.09 -41.48
CA GLU C 1805 2.25 -16.12 -41.60
C GLU C 1805 0.89 -16.71 -41.22
N GLN C 1806 0.86 -17.98 -40.81
CA GLN C 1806 -0.38 -18.62 -40.36
C GLN C 1806 -1.44 -18.62 -41.46
N ASN C 1807 -1.02 -18.71 -42.71
CA ASN C 1807 -1.93 -18.93 -43.83
C ASN C 1807 -1.94 -20.42 -44.16
N PHE C 1808 -2.56 -21.18 -43.25
CA PHE C 1808 -2.50 -22.64 -43.30
C PHE C 1808 -3.17 -23.20 -44.54
N ASP C 1809 -4.28 -22.62 -44.97
CA ASP C 1809 -4.97 -23.15 -46.14
C ASP C 1809 -4.11 -23.05 -47.39
N GLU C 1810 -3.40 -21.94 -47.58
CA GLU C 1810 -2.49 -21.81 -48.72
C GLU C 1810 -1.21 -22.61 -48.53
N ALA C 1811 -0.79 -22.81 -47.29
CA ALA C 1811 0.43 -23.58 -47.06
C ALA C 1811 0.18 -25.03 -47.35
N ASN C 1812 -1.04 -25.49 -47.12
CA ASN C 1812 -1.32 -26.90 -47.34
C ASN C 1812 -1.23 -27.23 -48.82
N ARG C 1813 -1.80 -26.41 -49.68
CA ARG C 1813 -1.74 -26.72 -51.11
C ARG C 1813 -0.32 -26.59 -51.62
N TRP C 1814 0.40 -25.57 -51.17
CA TRP C 1814 1.76 -25.40 -51.68
C TRP C 1814 2.61 -26.58 -51.29
N LEU C 1815 2.50 -27.05 -50.06
CA LEU C 1815 3.24 -28.24 -49.67
C LEU C 1815 2.69 -29.50 -50.31
N LYS C 1816 1.40 -29.52 -50.67
CA LYS C 1816 0.82 -30.68 -51.31
C LYS C 1816 1.34 -30.86 -52.73
N TYR C 1817 1.96 -29.85 -53.30
CA TYR C 1817 2.49 -30.05 -54.66
C TYR C 1817 3.56 -31.12 -54.66
N VAL C 1818 4.50 -31.04 -53.72
CA VAL C 1818 5.60 -32.01 -53.65
C VAL C 1818 5.14 -33.38 -53.18
N TRP C 1819 4.23 -33.47 -52.22
CA TRP C 1819 3.83 -34.79 -51.71
C TRP C 1819 2.44 -34.72 -51.12
N SER C 1820 1.62 -35.70 -51.45
CA SER C 1820 0.29 -35.73 -50.89
C SER C 1820 -0.16 -37.14 -50.52
N PRO C 1821 -0.39 -37.42 -49.24
CA PRO C 1821 -0.85 -38.76 -48.88
C PRO C 1821 -2.18 -39.14 -49.50
N SER C 1822 -3.06 -38.17 -49.73
CA SER C 1822 -4.35 -38.46 -50.33
C SER C 1822 -4.21 -38.99 -51.74
N GLY C 1823 -3.19 -38.57 -52.45
CA GLY C 1823 -2.96 -38.99 -53.81
C GLY C 1823 -3.13 -37.83 -54.76
N TYR C 1824 -2.88 -38.13 -56.02
CA TYR C 1824 -2.98 -37.13 -57.07
C TYR C 1824 -4.03 -37.56 -58.08
N ILE C 1825 -4.87 -36.61 -58.48
CA ILE C 1825 -5.92 -36.87 -59.45
C ILE C 1825 -5.62 -36.01 -60.67
N VAL C 1826 -5.64 -36.64 -61.85
CA VAL C 1826 -5.38 -35.95 -63.10
C VAL C 1826 -6.45 -36.35 -64.09
N HIS C 1827 -7.02 -35.37 -64.78
CA HIS C 1827 -8.05 -35.57 -65.80
C HIS C 1827 -9.21 -36.42 -65.29
N GLY C 1828 -9.47 -36.38 -64.00
CA GLY C 1828 -10.52 -37.21 -63.45
C GLY C 1828 -10.16 -38.64 -63.12
N GLN C 1829 -8.87 -38.97 -63.04
CA GLN C 1829 -8.48 -40.32 -62.68
C GLN C 1829 -7.44 -40.23 -61.57
N ILE C 1830 -7.51 -41.14 -60.61
CA ILE C 1830 -6.52 -41.17 -59.54
C ILE C 1830 -5.20 -41.75 -60.04
N GLN C 1831 -4.10 -41.12 -59.64
CA GLN C 1831 -2.76 -41.52 -60.07
C GLN C 1831 -2.11 -42.47 -59.08
N ASN C 1832 -1.32 -43.39 -59.62
CA ASN C 1832 -0.64 -44.38 -58.81
C ASN C 1832 0.43 -43.77 -57.90
N TYR C 1833 1.19 -42.80 -58.40
CA TYR C 1833 2.32 -42.26 -57.66
C TYR C 1833 1.88 -41.45 -56.44
N GLN C 1834 2.76 -41.41 -55.45
CA GLN C 1834 2.55 -40.70 -54.20
C GLN C 1834 3.35 -39.41 -54.11
N TRP C 1835 4.57 -39.38 -54.64
CA TRP C 1835 5.43 -38.21 -54.64
C TRP C 1835 5.51 -37.62 -56.03
N ASN C 1836 5.39 -36.30 -56.10
CA ASN C 1836 5.32 -35.62 -57.38
C ASN C 1836 6.68 -35.33 -58.01
N VAL C 1837 7.79 -35.49 -57.30
CA VAL C 1837 9.11 -35.18 -57.83
C VAL C 1837 9.77 -36.47 -58.30
N ARG C 1838 10.25 -36.48 -59.55
CA ARG C 1838 10.81 -37.70 -60.12
C ARG C 1838 12.02 -38.27 -59.39
N PRO C 1839 13.04 -37.50 -59.03
CA PRO C 1839 14.16 -38.11 -58.31
C PRO C 1839 13.83 -38.58 -56.91
N LEU C 1840 12.76 -38.08 -56.30
CA LEU C 1840 12.28 -38.67 -55.05
C LEU C 1840 11.50 -39.94 -55.30
N LEU C 1841 10.71 -39.97 -56.38
CA LEU C 1841 9.97 -41.17 -56.73
C LEU C 1841 10.89 -42.32 -57.12
N GLU C 1842 11.97 -42.04 -57.83
CA GLU C 1842 12.86 -43.09 -58.34
C GLU C 1842 13.85 -43.59 -57.29
N ASP C 1843 14.36 -42.72 -56.41
CA ASP C 1843 15.28 -43.14 -55.35
C ASP C 1843 14.49 -43.71 -54.19
N THR C 1844 14.39 -45.04 -54.14
CA THR C 1844 13.54 -45.74 -53.19
C THR C 1844 14.27 -46.32 -51.98
N SER C 1845 15.60 -46.31 -51.95
CA SER C 1845 16.30 -46.71 -50.73
C SER C 1845 17.72 -46.18 -50.71
N TRP C 1846 18.21 -45.89 -49.49
CA TRP C 1846 19.50 -45.25 -49.31
C TRP C 1846 20.65 -46.03 -49.94
N ASN C 1847 21.70 -45.28 -50.26
CA ASN C 1847 22.93 -45.84 -50.79
C ASN C 1847 23.61 -46.70 -49.73
N SER C 1848 24.47 -47.62 -50.19
CA SER C 1848 25.20 -48.44 -49.25
C SER C 1848 26.08 -47.60 -48.32
N ASP C 1849 26.60 -46.46 -48.80
CA ASP C 1849 27.21 -45.46 -47.92
C ASP C 1849 26.86 -44.01 -48.22
N PRO C 1850 26.71 -43.18 -47.18
CA PRO C 1850 26.47 -41.74 -47.40
C PRO C 1850 27.73 -41.00 -47.85
N LEU C 1851 27.50 -39.75 -48.25
CA LEU C 1851 28.56 -38.76 -48.43
C LEU C 1851 29.03 -38.27 -47.07
N ASP C 1852 30.34 -38.25 -46.83
CA ASP C 1852 30.91 -37.61 -45.64
C ASP C 1852 31.21 -36.15 -45.93
N SER C 1853 30.31 -35.26 -45.51
CA SER C 1853 30.42 -33.84 -45.80
C SER C 1853 29.62 -33.08 -44.74
N VAL C 1854 30.23 -32.03 -44.19
CA VAL C 1854 29.65 -31.22 -43.12
C VAL C 1854 28.66 -30.18 -43.65
N ASP C 1855 28.19 -30.34 -44.87
CA ASP C 1855 27.09 -29.55 -45.39
C ASP C 1855 25.86 -30.45 -45.52
N PRO C 1856 24.73 -30.16 -44.86
CA PRO C 1856 23.62 -31.11 -44.93
C PRO C 1856 23.01 -31.22 -46.31
N ASP C 1857 23.19 -30.22 -47.16
CA ASP C 1857 22.44 -30.26 -48.39
C ASP C 1857 23.16 -31.04 -49.48
N ALA C 1858 24.49 -30.96 -49.57
CA ALA C 1858 25.21 -31.82 -50.49
C ALA C 1858 25.06 -33.30 -50.14
N VAL C 1859 25.06 -33.63 -48.86
CA VAL C 1859 24.88 -35.02 -48.44
C VAL C 1859 23.46 -35.49 -48.69
N ALA C 1860 22.48 -34.61 -48.55
CA ALA C 1860 21.11 -34.97 -48.92
C ALA C 1860 20.92 -35.06 -50.43
N GLN C 1861 21.66 -34.26 -51.18
CA GLN C 1861 21.68 -34.32 -52.64
C GLN C 1861 22.27 -35.63 -53.16
N HIS C 1862 23.29 -36.14 -52.48
CA HIS C 1862 23.85 -37.44 -52.84
C HIS C 1862 22.90 -38.60 -52.59
N ASP C 1863 21.93 -38.45 -51.69
CA ASP C 1863 21.02 -39.53 -51.30
C ASP C 1863 19.62 -38.97 -51.07
N PRO C 1864 18.88 -38.68 -52.14
CA PRO C 1864 17.62 -37.93 -52.01
C PRO C 1864 16.52 -38.63 -51.24
N MET C 1865 16.75 -39.83 -50.75
CA MET C 1865 15.87 -40.38 -49.72
C MET C 1865 15.76 -39.47 -48.50
N HIS C 1866 16.77 -38.64 -48.25
CA HIS C 1866 16.73 -37.70 -47.13
C HIS C 1866 15.72 -36.59 -47.37
N TYR C 1867 15.62 -36.14 -48.60
CA TYR C 1867 14.65 -35.09 -48.91
C TYR C 1867 13.23 -35.56 -48.64
N LYS C 1868 12.96 -36.85 -48.80
CA LYS C 1868 11.65 -37.38 -48.47
C LYS C 1868 11.33 -37.19 -46.99
N VAL C 1869 12.31 -37.43 -46.13
CA VAL C 1869 12.08 -37.25 -44.70
C VAL C 1869 11.89 -35.77 -44.39
N SER C 1870 12.65 -34.90 -45.05
CA SER C 1870 12.47 -33.48 -44.76
C SER C 1870 11.07 -32.99 -45.13
N THR C 1871 10.51 -33.48 -46.24
CA THR C 1871 9.13 -33.13 -46.58
C THR C 1871 8.12 -33.74 -45.60
N PHE C 1872 8.29 -35.01 -45.26
CA PHE C 1872 7.42 -35.63 -44.28
C PHE C 1872 7.39 -34.86 -42.97
N MET C 1873 8.56 -34.47 -42.50
CA MET C 1873 8.67 -33.72 -41.26
C MET C 1873 8.04 -32.33 -41.37
N ARG C 1874 8.14 -31.68 -42.53
CA ARG C 1874 7.39 -30.43 -42.69
C ARG C 1874 5.87 -30.61 -42.80
N THR C 1875 5.39 -31.78 -43.23
CA THR C 1875 3.95 -32.01 -43.16
C THR C 1875 3.50 -32.17 -41.71
N LEU C 1876 4.29 -32.87 -40.90
CA LEU C 1876 3.91 -33.00 -39.50
C LEU C 1876 3.97 -31.64 -38.81
N ASP C 1877 4.92 -30.79 -39.18
CA ASP C 1877 4.98 -29.47 -38.56
C ASP C 1877 3.73 -28.69 -38.87
N LEU C 1878 3.26 -28.76 -40.12
CA LEU C 1878 2.02 -28.08 -40.48
C LEU C 1878 0.82 -28.61 -39.72
N LEU C 1879 0.69 -29.94 -39.60
CA LEU C 1879 -0.49 -30.49 -38.93
C LEU C 1879 -0.51 -30.14 -37.46
N ILE C 1880 0.64 -30.20 -36.79
CA ILE C 1880 0.69 -29.83 -35.39
C ILE C 1880 0.39 -28.36 -35.21
N ALA C 1881 0.93 -27.48 -36.05
CA ALA C 1881 0.63 -26.07 -35.88
C ALA C 1881 -0.85 -25.78 -36.08
N ARG C 1882 -1.49 -26.43 -37.04
CA ARG C 1882 -2.92 -26.25 -37.25
C ARG C 1882 -3.73 -26.73 -36.05
N GLY C 1883 -3.33 -27.85 -35.47
CA GLY C 1883 -4.01 -28.31 -34.26
C GLY C 1883 -3.82 -27.38 -33.09
N ASP C 1884 -2.62 -26.84 -32.90
CA ASP C 1884 -2.41 -25.90 -31.81
C ASP C 1884 -3.23 -24.64 -32.02
N HIS C 1885 -3.30 -24.16 -33.26
CA HIS C 1885 -4.10 -22.97 -33.52
C HIS C 1885 -5.57 -23.20 -33.22
N ALA C 1886 -6.11 -24.35 -33.59
CA ALA C 1886 -7.50 -24.59 -33.22
C ALA C 1886 -7.66 -24.75 -31.72
N TYR C 1887 -6.69 -25.39 -31.07
CA TYR C 1887 -6.78 -25.58 -29.64
C TYR C 1887 -6.70 -24.27 -28.86
N ARG C 1888 -6.16 -23.21 -29.45
CA ARG C 1888 -6.09 -21.92 -28.76
C ARG C 1888 -7.46 -21.34 -28.46
N GLN C 1889 -8.46 -21.64 -29.28
CA GLN C 1889 -9.85 -21.29 -28.99
C GLN C 1889 -10.44 -22.40 -28.12
N LEU C 1890 -10.95 -22.03 -26.96
CA LEU C 1890 -11.36 -23.02 -25.98
C LEU C 1890 -12.83 -23.43 -26.07
N GLU C 1891 -13.57 -22.93 -27.05
CA GLU C 1891 -14.97 -23.30 -27.12
C GLU C 1891 -15.10 -24.77 -27.53
N ARG C 1892 -16.27 -25.33 -27.25
CA ARG C 1892 -16.46 -26.78 -27.35
C ARG C 1892 -16.24 -27.28 -28.77
N ASP C 1893 -16.82 -26.60 -29.75
CA ASP C 1893 -16.74 -27.08 -31.13
C ASP C 1893 -15.30 -27.11 -31.62
N THR C 1894 -14.53 -26.06 -31.34
CA THR C 1894 -13.17 -25.98 -31.85
C THR C 1894 -12.25 -27.04 -31.26
N LEU C 1895 -12.44 -27.43 -30.00
CA LEU C 1895 -11.57 -28.46 -29.45
C LEU C 1895 -11.73 -29.79 -30.16
N ASN C 1896 -12.87 -30.03 -30.80
CA ASN C 1896 -13.05 -31.24 -31.58
C ASN C 1896 -12.34 -31.16 -32.93
N GLU C 1897 -12.19 -29.95 -33.46
CA GLU C 1897 -11.31 -29.74 -34.59
C GLU C 1897 -9.85 -29.93 -34.24
N ALA C 1898 -9.42 -29.41 -33.09
CA ALA C 1898 -8.08 -29.71 -32.60
C ALA C 1898 -7.80 -31.19 -32.47
N LYS C 1899 -8.76 -31.94 -31.92
CA LYS C 1899 -8.60 -33.39 -31.85
C LYS C 1899 -8.51 -34.04 -33.22
N MET C 1900 -9.35 -33.67 -34.17
CA MET C 1900 -9.24 -34.38 -35.43
C MET C 1900 -7.96 -34.02 -36.16
N TRP C 1901 -7.39 -32.85 -35.90
CA TRP C 1901 -6.11 -32.51 -36.50
C TRP C 1901 -4.99 -33.36 -35.92
N TYR C 1902 -4.96 -33.49 -34.60
CA TYR C 1902 -3.94 -34.33 -33.99
C TYR C 1902 -4.10 -35.79 -34.38
N MET C 1903 -5.33 -36.31 -34.43
CA MET C 1903 -5.49 -37.70 -34.84
C MET C 1903 -5.04 -37.91 -36.28
N GLN C 1904 -5.25 -36.89 -37.12
CA GLN C 1904 -4.76 -36.96 -38.49
C GLN C 1904 -3.25 -37.08 -38.54
N ALA C 1905 -2.54 -36.33 -37.71
CA ALA C 1905 -1.09 -36.51 -37.74
C ALA C 1905 -0.67 -37.79 -37.04
N LEU C 1906 -1.51 -38.31 -36.18
CA LEU C 1906 -1.16 -39.47 -35.39
C LEU C 1906 -1.10 -40.70 -36.27
N HIS C 1907 -2.10 -40.88 -37.15
CA HIS C 1907 -1.98 -42.10 -37.94
C HIS C 1907 -0.93 -41.98 -39.03
N LEU C 1908 -0.56 -40.76 -39.42
CA LEU C 1908 0.54 -40.60 -40.38
C LEU C 1908 1.85 -41.06 -39.77
N LEU C 1909 2.14 -40.63 -38.55
CA LEU C 1909 3.33 -41.13 -37.86
C LEU C 1909 3.29 -42.64 -37.62
N GLY C 1910 2.12 -43.17 -37.29
CA GLY C 1910 2.00 -44.60 -37.08
C GLY C 1910 2.45 -45.07 -35.70
N ASP C 1911 2.77 -46.37 -35.66
CA ASP C 1911 3.21 -47.04 -34.43
C ASP C 1911 4.53 -46.52 -33.90
N LYS C 1912 4.52 -45.98 -32.69
CA LYS C 1912 5.77 -45.64 -32.01
C LYS C 1912 6.68 -46.87 -31.89
N PRO C 1913 7.94 -46.78 -32.27
CA PRO C 1913 8.81 -47.96 -32.27
C PRO C 1913 9.15 -48.37 -30.84
N TYR C 1914 9.11 -49.67 -30.57
CA TYR C 1914 9.62 -50.18 -29.30
C TYR C 1914 11.11 -50.49 -29.38
N LEU C 1915 11.85 -50.13 -28.34
CA LEU C 1915 13.31 -50.11 -28.36
C LEU C 1915 13.87 -50.83 -27.14
N PRO C 1916 14.32 -52.08 -27.31
CA PRO C 1916 14.66 -52.93 -26.16
C PRO C 1916 15.76 -52.33 -25.29
N LEU C 1917 15.43 -52.14 -24.01
CA LEU C 1917 16.19 -51.25 -23.14
C LEU C 1917 17.65 -51.68 -22.97
N SER C 1918 17.90 -52.99 -22.83
CA SER C 1918 19.24 -53.55 -22.78
C SER C 1918 19.49 -54.54 -23.91
N THR C 1919 20.74 -54.65 -24.32
CA THR C 1919 21.09 -55.34 -25.54
C THR C 1919 22.47 -56.00 -25.37
N THR C 1920 23.08 -56.37 -26.50
CA THR C 1920 24.38 -57.04 -26.55
C THR C 1920 25.51 -56.24 -25.92
N TRP C 1921 25.38 -54.93 -25.81
CA TRP C 1921 26.47 -54.10 -25.29
C TRP C 1921 26.80 -54.43 -23.84
N SER C 1922 28.09 -54.60 -23.57
CA SER C 1922 28.59 -55.44 -22.48
C SER C 1922 29.43 -54.71 -21.44
N ASP C 1923 29.38 -53.38 -21.39
CA ASP C 1923 30.21 -52.57 -20.51
C ASP C 1923 31.72 -52.80 -20.66
N PRO C 1924 32.30 -52.59 -21.82
CA PRO C 1924 33.66 -53.07 -22.05
C PRO C 1924 34.65 -52.12 -21.42
N ARG C 1925 35.90 -52.55 -21.35
CA ARG C 1925 36.98 -51.66 -20.95
C ARG C 1925 37.28 -50.65 -22.04
N LEU C 1926 37.55 -49.42 -21.62
CA LEU C 1926 37.93 -48.37 -22.57
C LEU C 1926 39.14 -48.78 -23.40
N ASP C 1927 40.08 -49.50 -22.76
CA ASP C 1927 41.22 -50.06 -23.49
C ASP C 1927 40.77 -50.97 -24.61
N ARG C 1928 39.70 -51.74 -24.40
CA ARG C 1928 39.22 -52.63 -25.45
C ARG C 1928 38.45 -51.88 -26.54
N ALA C 1929 37.57 -50.96 -26.15
CA ALA C 1929 36.81 -50.20 -27.14
C ALA C 1929 37.70 -49.36 -28.04
N ALA C 1930 38.84 -48.89 -27.52
CA ALA C 1930 39.78 -48.17 -28.37
C ALA C 1930 40.33 -49.04 -29.48
N ASP C 1931 40.73 -50.28 -29.16
CA ASP C 1931 41.28 -51.15 -30.20
C ASP C 1931 40.19 -51.67 -31.14
N ILE C 1932 39.04 -52.05 -30.60
CA ILE C 1932 37.94 -52.52 -31.44
C ILE C 1932 37.54 -51.45 -32.46
N THR C 1933 37.57 -50.18 -32.07
CA THR C 1933 37.23 -49.11 -32.99
C THR C 1933 38.36 -48.74 -33.96
N THR C 1934 39.62 -48.96 -33.58
CA THR C 1934 40.77 -48.58 -34.38
C THR C 1934 41.30 -49.73 -35.26
N GLN C 1935 40.41 -50.57 -35.76
CA GLN C 1935 40.87 -51.70 -36.55
C GLN C 1935 41.36 -51.27 -37.94
N ASN C 1936 40.96 -50.10 -38.41
CA ASN C 1936 41.48 -49.55 -39.66
C ASN C 1936 42.64 -48.59 -39.39
N LEU C 1963 33.16 -46.11 -35.27
CA LEU C 1963 32.59 -46.42 -33.97
C LEU C 1963 31.43 -47.40 -34.12
N THR C 1964 30.85 -47.43 -35.32
CA THR C 1964 29.74 -48.35 -35.61
C THR C 1964 30.13 -49.81 -35.44
N ASP C 1965 31.43 -50.10 -35.35
CA ASP C 1965 31.90 -51.43 -35.00
C ASP C 1965 31.47 -51.87 -33.60
N LEU C 1966 31.12 -50.93 -32.72
CA LEU C 1966 30.79 -51.28 -31.35
C LEU C 1966 29.64 -50.47 -30.76
N PHE C 1967 29.37 -49.28 -31.26
CA PHE C 1967 28.29 -48.42 -30.80
C PHE C 1967 27.18 -48.38 -31.84
N LEU C 1968 25.95 -48.36 -31.40
CA LEU C 1968 24.82 -48.51 -32.31
C LEU C 1968 24.25 -47.14 -32.69
N PRO C 1969 23.59 -47.04 -33.83
CA PRO C 1969 22.96 -45.78 -34.22
C PRO C 1969 21.68 -45.51 -33.44
N GLN C 1970 21.53 -44.28 -32.97
CA GLN C 1970 20.28 -43.95 -32.29
C GLN C 1970 19.21 -43.45 -33.24
N ILE C 1971 17.96 -43.70 -32.85
CA ILE C 1971 16.77 -43.16 -33.50
C ILE C 1971 16.76 -41.63 -33.43
N ASN C 1972 16.27 -41.00 -34.51
CA ASN C 1972 16.24 -39.55 -34.59
C ASN C 1972 15.48 -38.96 -33.41
N GLU C 1973 16.18 -38.18 -32.61
CA GLU C 1973 15.60 -37.58 -31.41
C GLU C 1973 14.45 -36.61 -31.70
N VAL C 1974 14.45 -35.98 -32.88
CA VAL C 1974 13.35 -35.10 -33.29
C VAL C 1974 12.08 -35.87 -33.62
N MET C 1975 12.22 -36.97 -34.34
CA MET C 1975 11.04 -37.78 -34.62
C MET C 1975 10.47 -38.33 -33.32
N MET C 1976 11.33 -38.80 -32.42
CA MET C 1976 10.86 -39.19 -31.10
C MET C 1976 10.11 -38.03 -30.44
N ASN C 1977 10.57 -36.80 -30.67
CA ASN C 1977 9.93 -35.70 -29.97
C ASN C 1977 8.54 -35.46 -30.52
N TYR C 1978 8.32 -35.77 -31.80
CA TYR C 1978 6.97 -35.57 -32.32
C TYR C 1978 5.99 -36.51 -31.62
N TRP C 1979 6.36 -37.76 -31.41
CA TRP C 1979 5.50 -38.67 -30.66
C TRP C 1979 5.29 -38.22 -29.22
N GLN C 1980 6.33 -37.65 -28.61
CA GLN C 1980 6.14 -37.18 -27.24
C GLN C 1980 5.17 -36.02 -27.16
N THR C 1981 5.28 -35.06 -28.07
CA THR C 1981 4.41 -33.90 -27.98
C THR C 1981 3.00 -34.24 -28.45
N LEU C 1982 2.85 -35.16 -29.40
CA LEU C 1982 1.51 -35.49 -29.85
C LEU C 1982 0.78 -36.28 -28.78
N ALA C 1983 1.45 -37.26 -28.17
CA ALA C 1983 0.78 -38.02 -27.13
C ALA C 1983 0.41 -37.13 -25.95
N GLN C 1984 1.28 -36.21 -25.55
CA GLN C 1984 0.94 -35.33 -24.45
C GLN C 1984 -0.21 -34.38 -24.81
N ARG C 1985 -0.25 -33.89 -26.05
CA ARG C 1985 -1.34 -33.01 -26.45
C ARG C 1985 -2.67 -33.72 -26.47
N VAL C 1986 -2.73 -34.93 -27.03
CA VAL C 1986 -3.99 -35.66 -26.99
C VAL C 1986 -4.37 -35.99 -25.55
N TYR C 1987 -3.39 -36.25 -24.70
CA TYR C 1987 -3.67 -36.48 -23.28
C TYR C 1987 -4.39 -35.29 -22.65
N ASN C 1988 -3.98 -34.08 -23.00
CA ASN C 1988 -4.72 -32.93 -22.49
C ASN C 1988 -6.09 -32.80 -23.13
N LEU C 1989 -6.23 -33.10 -24.42
CA LEU C 1989 -7.57 -33.02 -24.99
C LEU C 1989 -8.52 -34.02 -24.38
N ARG C 1990 -8.04 -35.20 -24.02
CA ARG C 1990 -8.86 -36.20 -23.35
C ARG C 1990 -9.16 -35.85 -21.91
N HIS C 1991 -8.33 -35.04 -21.26
CA HIS C 1991 -8.51 -34.79 -19.83
C HIS C 1991 -8.95 -33.38 -19.54
N ASN C 1992 -9.39 -32.66 -20.57
CA ASN C 1992 -9.98 -31.33 -20.43
C ASN C 1992 -9.06 -30.32 -19.77
N LEU C 1993 -7.76 -30.44 -19.98
CA LEU C 1993 -6.83 -29.43 -19.54
C LEU C 1993 -6.79 -28.36 -20.63
N SER C 1994 -5.96 -27.32 -20.47
CA SER C 1994 -5.58 -26.52 -21.62
C SER C 1994 -4.22 -26.94 -22.17
N ILE C 1995 -3.69 -26.15 -23.09
CA ILE C 1995 -2.46 -26.55 -23.78
C ILE C 1995 -1.25 -26.38 -22.89
N ASP C 1996 -1.29 -25.44 -21.96
CA ASP C 1996 -0.30 -25.32 -20.90
C ASP C 1996 -0.58 -26.27 -19.74
N GLY C 1997 -1.55 -27.16 -19.90
CA GLY C 1997 -1.88 -28.15 -18.89
C GLY C 1997 -2.59 -27.63 -17.67
N GLN C 1998 -3.12 -26.41 -17.72
CA GLN C 1998 -3.78 -25.99 -16.50
C GLN C 1998 -5.26 -26.39 -16.54
N PRO C 1999 -5.83 -26.94 -15.48
CA PRO C 1999 -7.25 -27.32 -15.49
C PRO C 1999 -8.12 -26.15 -15.89
N LEU C 2000 -9.01 -26.36 -16.86
CA LEU C 2000 -10.11 -25.44 -17.08
C LEU C 2000 -11.10 -25.42 -15.94
N TYR C 2001 -11.27 -26.53 -15.22
CA TYR C 2001 -12.29 -26.60 -14.19
C TYR C 2001 -11.74 -26.09 -12.86
N LEU C 2002 -12.42 -25.12 -12.26
CA LEU C 2002 -12.06 -24.61 -10.96
C LEU C 2002 -12.81 -25.38 -9.87
N PRO C 2003 -12.12 -26.03 -8.94
CA PRO C 2003 -12.81 -26.88 -7.95
C PRO C 2003 -13.64 -26.06 -6.97
N ILE C 2004 -14.59 -26.75 -6.35
CA ILE C 2004 -15.51 -26.13 -5.40
C ILE C 2004 -14.81 -25.88 -4.06
N TYR C 2005 -15.08 -24.71 -3.49
CA TYR C 2005 -14.40 -24.21 -2.30
C TYR C 2005 -15.14 -24.57 -1.01
N ALA C 2006 -15.32 -25.88 -0.79
CA ALA C 2006 -15.98 -26.37 0.42
C ALA C 2006 -15.41 -25.73 1.68
N THR C 2007 -16.30 -25.35 2.61
CA THR C 2007 -15.95 -24.47 3.72
C THR C 2007 -16.49 -24.97 5.06
N PRO C 2008 -15.67 -24.96 6.12
CA PRO C 2008 -16.02 -25.66 7.36
C PRO C 2008 -17.05 -24.90 8.18
N ALA C 2009 -17.89 -25.65 8.88
CA ALA C 2009 -18.97 -25.07 9.68
C ALA C 2009 -18.45 -24.56 11.04
N ASP C 2010 -19.34 -23.85 11.75
CA ASP C 2010 -19.05 -23.33 13.08
C ASP C 2010 -18.68 -24.44 14.06
N PRO C 2011 -17.87 -24.12 15.07
CA PRO C 2011 -17.61 -25.07 16.16
C PRO C 2011 -18.85 -25.34 17.00
N LYS C 2012 -18.97 -26.57 17.47
CA LYS C 2012 -19.99 -26.89 18.46
C LYS C 2012 -19.76 -26.14 19.77
N ALA C 2013 -20.86 -25.78 20.41
CA ALA C 2013 -20.90 -25.38 21.82
C ALA C 2013 -20.56 -26.55 22.74
N LEU C 2014 -19.45 -26.48 23.46
CA LEU C 2014 -19.19 -27.43 24.52
C LEU C 2014 -20.30 -27.39 25.57
N LEU C 2015 -20.62 -28.55 26.12
CA LEU C 2015 -21.68 -28.68 27.13
C LEU C 2015 -21.17 -29.43 28.35
N SER C 2016 -21.59 -28.98 29.53
CA SER C 2016 -21.20 -29.57 30.80
C SER C 2016 -22.39 -30.20 31.52
N ALA C 2017 -22.13 -31.27 32.25
CA ALA C 2017 -23.14 -32.03 32.98
C ALA C 2017 -23.05 -31.73 34.47
N ALA C 2018 -24.19 -31.42 35.08
CA ALA C 2018 -24.25 -31.14 36.51
C ALA C 2018 -25.16 -32.14 37.20
N VAL C 2019 -24.58 -33.07 37.95
CA VAL C 2019 -25.32 -34.09 38.67
C VAL C 2019 -25.32 -33.74 40.15
N ALA C 2020 -26.26 -34.36 40.89
CA ALA C 2020 -26.41 -34.15 42.32
C ALA C 2020 -25.95 -35.38 43.09
N THR C 2021 -25.77 -35.19 44.40
CA THR C 2021 -25.49 -36.27 45.33
C THR C 2021 -26.54 -36.29 46.43
N SER C 2022 -26.93 -37.49 46.87
CA SER C 2022 -27.85 -37.65 47.99
C SER C 2022 -27.33 -38.64 49.02
N GLN C 2023 -27.70 -38.39 50.29
CA GLN C 2023 -27.28 -39.20 51.43
C GLN C 2023 -28.46 -39.30 52.39
N GLY C 2024 -28.60 -40.48 53.01
CA GLY C 2024 -29.82 -40.78 53.74
C GLY C 2024 -30.06 -39.88 54.95
N GLY C 2025 -31.31 -39.93 55.41
CA GLY C 2025 -31.69 -39.30 56.67
C GLY C 2025 -31.00 -39.88 57.88
N GLY C 2026 -30.83 -39.04 58.89
CA GLY C 2026 -30.22 -39.41 60.16
C GLY C 2026 -31.12 -40.30 61.02
N LYS C 2027 -30.58 -40.69 62.18
CA LYS C 2027 -31.25 -41.60 63.10
C LYS C 2027 -31.04 -41.07 64.52
N LEU C 2028 -32.13 -41.04 65.32
CA LEU C 2028 -32.07 -40.50 66.70
C LEU C 2028 -31.40 -41.48 67.67
N PRO C 2029 -30.50 -40.96 68.52
CA PRO C 2029 -30.07 -41.71 69.73
C PRO C 2029 -31.20 -42.16 70.64
N GLU C 2030 -30.87 -43.09 71.54
CA GLU C 2030 -31.74 -43.48 72.65
C GLU C 2030 -31.78 -42.41 73.75
N SER C 2031 -32.98 -42.00 74.15
CA SER C 2031 -33.15 -41.01 75.21
C SER C 2031 -32.79 -41.57 76.58
N PHE C 2032 -32.23 -40.71 77.44
CA PHE C 2032 -31.80 -41.09 78.78
C PHE C 2032 -32.47 -40.22 79.83
N MET C 2033 -32.96 -40.85 80.91
CA MET C 2033 -33.59 -40.15 82.02
C MET C 2033 -32.57 -39.62 83.01
N SER C 2034 -32.78 -38.39 83.50
CA SER C 2034 -31.80 -37.78 84.39
C SER C 2034 -32.47 -36.88 85.42
N LEU C 2035 -31.75 -36.65 86.52
CA LEU C 2035 -32.22 -36.10 87.79
C LEU C 2035 -32.45 -34.59 87.81
N TRP C 2036 -32.50 -33.90 86.68
CA TRP C 2036 -32.62 -32.45 86.70
C TRP C 2036 -34.05 -32.05 86.36
N ARG C 2037 -34.67 -31.27 87.25
CA ARG C 2037 -35.91 -30.59 86.91
C ARG C 2037 -35.78 -29.79 85.62
N PHE C 2038 -36.87 -29.75 84.88
CA PHE C 2038 -36.87 -29.26 83.50
C PHE C 2038 -36.27 -27.87 83.30
N PRO C 2039 -36.55 -26.85 84.11
CA PRO C 2039 -35.91 -25.55 83.83
C PRO C 2039 -34.40 -25.57 83.80
N HIS C 2040 -33.76 -26.40 84.62
CA HIS C 2040 -32.32 -26.44 84.65
C HIS C 2040 -31.75 -27.21 83.47
N MET C 2041 -32.31 -28.39 83.21
CA MET C 2041 -31.92 -29.16 82.03
C MET C 2041 -32.20 -28.43 80.73
N LEU C 2042 -33.18 -27.54 80.73
CA LEU C 2042 -33.37 -26.68 79.57
C LEU C 2042 -32.32 -25.59 79.46
N GLU C 2043 -31.96 -24.91 80.54
CA GLU C 2043 -30.86 -23.95 80.43
C GLU C 2043 -29.54 -24.62 80.04
N ASN C 2044 -29.33 -25.85 80.48
CA ASN C 2044 -28.18 -26.65 80.08
C ASN C 2044 -28.19 -26.93 78.59
N ALA C 2045 -29.26 -27.57 78.10
CA ALA C 2045 -29.32 -27.93 76.70
C ALA C 2045 -29.24 -26.69 75.82
N ARG C 2046 -30.02 -25.65 76.12
CA ARG C 2046 -29.93 -24.40 75.37
C ARG C 2046 -28.50 -23.88 75.24
N GLY C 2047 -27.70 -23.96 76.31
CA GLY C 2047 -26.29 -23.59 76.19
C GLY C 2047 -25.52 -24.47 75.22
N MET C 2048 -25.73 -25.77 75.33
CA MET C 2048 -25.11 -26.73 74.42
C MET C 2048 -25.47 -26.46 72.96
N VAL C 2049 -26.75 -26.20 72.69
CA VAL C 2049 -27.19 -25.90 71.34
C VAL C 2049 -26.57 -24.61 70.82
N SER C 2050 -26.53 -23.56 71.63
CA SER C 2050 -25.91 -22.33 71.12
C SER C 2050 -24.45 -22.54 70.78
N GLN C 2051 -23.75 -23.40 71.53
CA GLN C 2051 -22.40 -23.78 71.11
C GLN C 2051 -22.38 -24.50 69.78
N LEU C 2052 -23.36 -25.37 69.54
CA LEU C 2052 -23.37 -26.04 68.26
C LEU C 2052 -23.60 -25.04 67.13
N THR C 2053 -24.52 -24.10 67.30
CA THR C 2053 -24.75 -23.09 66.26
C THR C 2053 -23.46 -22.32 65.97
N GLN C 2054 -22.62 -22.15 66.97
CA GLN C 2054 -21.39 -21.41 66.75
C GLN C 2054 -20.39 -22.20 65.91
N PHE C 2055 -20.31 -23.51 66.15
CA PHE C 2055 -19.58 -24.36 65.21
C PHE C 2055 -20.17 -24.34 63.81
N GLY C 2056 -21.49 -24.25 63.68
CA GLY C 2056 -22.07 -24.17 62.36
C GLY C 2056 -21.74 -22.91 61.58
N SER C 2057 -21.60 -21.78 62.28
CA SER C 2057 -21.20 -20.56 61.59
C SER C 2057 -19.72 -20.57 61.18
N THR C 2058 -18.84 -21.02 62.09
CA THR C 2058 -17.46 -21.27 61.66
C THR C 2058 -17.37 -22.23 60.47
N LEU C 2059 -18.14 -23.31 60.47
CA LEU C 2059 -18.07 -24.25 59.36
C LEU C 2059 -18.52 -23.65 58.04
N GLN C 2060 -19.59 -22.86 58.05
CA GLN C 2060 -20.01 -22.22 56.81
C GLN C 2060 -18.95 -21.28 56.28
N ASN C 2061 -18.31 -20.51 57.17
CA ASN C 2061 -17.27 -19.60 56.72
C ASN C 2061 -16.08 -20.35 56.11
N ILE C 2062 -15.69 -21.47 56.71
CA ILE C 2062 -14.60 -22.28 56.15
C ILE C 2062 -14.97 -22.82 54.78
N ILE C 2063 -16.19 -23.31 54.62
CA ILE C 2063 -16.58 -23.90 53.32
C ILE C 2063 -16.48 -22.85 52.22
N GLU C 2064 -17.01 -21.66 52.49
CA GLU C 2064 -16.97 -20.59 51.50
C GLU C 2064 -15.53 -20.21 51.17
N ARG C 2065 -14.68 -20.14 52.19
CA ARG C 2065 -13.33 -19.66 51.97
C ARG C 2065 -12.53 -20.65 51.15
N GLN C 2066 -12.58 -21.92 51.51
CA GLN C 2066 -11.71 -22.89 50.83
C GLN C 2066 -12.14 -23.05 49.39
N ASP C 2067 -13.45 -23.03 49.11
CA ASP C 2067 -13.87 -23.13 47.72
C ASP C 2067 -13.43 -21.91 46.89
N ALA C 2068 -13.52 -20.71 47.45
CA ALA C 2068 -13.04 -19.54 46.70
C ALA C 2068 -11.52 -19.56 46.49
N GLU C 2069 -10.76 -20.08 47.47
CA GLU C 2069 -9.31 -20.15 47.27
C GLU C 2069 -8.90 -21.22 46.25
N ALA C 2070 -9.66 -22.31 46.15
CA ALA C 2070 -9.43 -23.25 45.05
C ALA C 2070 -9.75 -22.66 43.68
N LEU C 2071 -10.72 -21.75 43.61
CA LEU C 2071 -10.91 -21.01 42.36
C LEU C 2071 -9.77 -20.05 42.07
N ASN C 2072 -9.29 -19.35 43.09
CA ASN C 2072 -8.13 -18.48 42.91
C ASN C 2072 -6.91 -19.22 42.33
N ALA C 2073 -6.61 -20.40 42.87
CA ALA C 2073 -5.53 -21.21 42.28
C ALA C 2073 -5.84 -21.73 40.87
N LEU C 2074 -7.12 -21.96 40.57
CA LEU C 2074 -7.47 -22.40 39.22
C LEU C 2074 -7.21 -21.31 38.19
N LEU C 2075 -7.53 -20.06 38.51
CA LEU C 2075 -7.34 -18.99 37.53
C LEU C 2075 -5.87 -18.75 37.24
N GLN C 2076 -4.99 -18.98 38.22
CA GLN C 2076 -3.56 -18.84 37.99
C GLN C 2076 -3.01 -19.95 37.10
N ASN C 2077 -3.40 -21.20 37.36
CA ASN C 2077 -2.91 -22.25 36.47
C ASN C 2077 -3.43 -22.08 35.05
N GLN C 2078 -4.62 -21.53 34.92
CA GLN C 2078 -5.21 -21.30 33.61
C GLN C 2078 -4.55 -20.16 32.85
N ALA C 2079 -4.20 -19.05 33.51
CA ALA C 2079 -3.44 -18.02 32.79
C ALA C 2079 -1.99 -18.44 32.51
N ALA C 2080 -1.40 -19.22 33.41
CA ALA C 2080 -0.07 -19.77 33.12
C ALA C 2080 -0.08 -20.62 31.88
N GLU C 2081 -1.19 -21.31 31.61
CA GLU C 2081 -1.23 -22.13 30.41
C GLU C 2081 -1.53 -21.30 29.16
N LEU C 2082 -2.33 -20.24 29.31
CA LEU C 2082 -2.66 -19.38 28.18
C LEU C 2082 -1.45 -18.59 27.65
N ILE C 2083 -0.46 -18.29 28.48
CA ILE C 2083 0.68 -17.49 28.03
C ILE C 2083 1.53 -18.15 26.92
N LEU C 2084 1.66 -19.47 26.94
CA LEU C 2084 2.56 -20.15 26.00
C LEU C 2084 2.18 -19.87 24.55
N THR C 2085 0.89 -19.90 24.22
CA THR C 2085 0.52 -19.65 22.84
C THR C 2085 0.87 -18.23 22.42
N ASN C 2086 0.77 -17.27 23.35
CA ASN C 2086 1.14 -15.91 22.99
C ASN C 2086 2.62 -15.85 22.67
N LEU C 2087 3.44 -16.60 23.41
CA LEU C 2087 4.86 -16.61 23.09
C LEU C 2087 5.12 -17.17 21.69
N SER C 2088 4.42 -18.24 21.32
CA SER C 2088 4.59 -18.79 19.97
C SER C 2088 4.14 -17.81 18.89
N ILE C 2089 3.04 -17.10 19.11
CA ILE C 2089 2.57 -16.11 18.14
C ILE C 2089 3.58 -14.98 17.97
N GLN C 2090 4.11 -14.48 19.07
CA GLN C 2090 5.05 -13.37 18.97
C GLN C 2090 6.31 -13.82 18.24
N ASP C 2091 6.76 -15.04 18.52
CA ASP C 2091 7.91 -15.55 17.80
C ASP C 2091 7.64 -15.62 16.30
N LYS C 2092 6.45 -16.08 15.89
CA LYS C 2092 6.24 -16.13 14.45
C LYS C 2092 6.05 -14.75 13.83
N THR C 2093 5.65 -13.74 14.62
CA THR C 2093 5.65 -12.39 14.07
C THR C 2093 7.06 -11.92 13.75
N ILE C 2094 8.04 -12.35 14.55
CA ILE C 2094 9.41 -11.95 14.21
C ILE C 2094 9.82 -12.53 12.86
N GLU C 2095 9.50 -13.81 12.62
CA GLU C 2095 9.85 -14.42 11.34
C GLU C 2095 9.12 -13.77 10.19
N GLU C 2096 7.91 -13.26 10.44
CA GLU C 2096 7.22 -12.51 9.41
C GLU C 2096 7.99 -11.25 9.02
N LEU C 2097 8.55 -10.56 10.01
CA LEU C 2097 9.34 -9.37 9.68
C LEU C 2097 10.66 -9.73 8.99
N ASP C 2098 11.26 -10.86 9.32
CA ASP C 2098 12.44 -11.31 8.58
C ASP C 2098 12.13 -11.59 7.10
N ALA C 2099 10.99 -12.23 6.82
CA ALA C 2099 10.59 -12.43 5.43
C ALA C 2099 10.30 -11.10 4.72
N GLU C 2100 9.71 -10.14 5.43
CA GLU C 2100 9.51 -8.83 4.83
C GLU C 2100 10.84 -8.17 4.49
N LYS C 2101 11.85 -8.37 5.32
CA LYS C 2101 13.18 -7.88 5.01
C LYS C 2101 13.69 -8.50 3.71
N THR C 2102 13.46 -9.80 3.55
CA THR C 2102 13.89 -10.45 2.30
C THR C 2102 13.20 -9.83 1.11
N VAL C 2103 11.92 -9.49 1.25
CA VAL C 2103 11.20 -8.88 0.13
C VAL C 2103 11.87 -7.56 -0.27
N LEU C 2104 12.22 -6.75 0.73
CA LEU C 2104 12.74 -5.43 0.42
C LEU C 2104 14.11 -5.53 -0.24
N GLU C 2105 15.01 -6.32 0.33
CA GLU C 2105 16.37 -6.31 -0.20
C GLU C 2105 16.43 -7.00 -1.55
N LYS C 2106 15.59 -7.99 -1.78
CA LYS C 2106 15.67 -8.64 -3.07
C LYS C 2106 14.92 -7.86 -4.15
N SER C 2107 13.99 -6.97 -3.80
CA SER C 2107 13.58 -5.99 -4.82
C SER C 2107 14.67 -4.95 -5.07
N LYS C 2108 15.48 -4.65 -4.06
CA LYS C 2108 16.57 -3.70 -4.27
C LYS C 2108 17.59 -4.22 -5.25
N ALA C 2109 17.80 -5.54 -5.29
CA ALA C 2109 18.72 -6.07 -6.28
C ALA C 2109 18.24 -5.76 -7.71
N GLY C 2110 16.93 -5.82 -7.93
CA GLY C 2110 16.38 -5.43 -9.21
C GLY C 2110 16.56 -3.97 -9.53
N ALA C 2111 16.40 -3.10 -8.53
CA ALA C 2111 16.65 -1.68 -8.76
C ALA C 2111 18.11 -1.42 -9.08
N GLN C 2112 19.02 -2.13 -8.42
CA GLN C 2112 20.44 -1.96 -8.74
C GLN C 2112 20.75 -2.40 -10.16
N SER C 2113 20.16 -3.52 -10.61
CA SER C 2113 20.40 -3.96 -11.98
C SER C 2113 19.86 -2.97 -13.00
N ARG C 2114 18.77 -2.27 -12.67
CA ARG C 2114 18.28 -1.27 -13.61
C ARG C 2114 19.18 -0.05 -13.61
N PHE C 2115 19.70 0.31 -12.45
CA PHE C 2115 20.50 1.53 -12.34
C PHE C 2115 21.81 1.34 -13.07
N ASP C 2116 22.49 0.22 -12.85
CA ASP C 2116 23.78 0.03 -13.47
C ASP C 2116 23.62 -0.20 -14.97
N SER C 2117 22.55 -0.88 -15.41
CA SER C 2117 22.38 -1.05 -16.85
C SER C 2117 22.19 0.29 -17.56
N TYR C 2118 21.37 1.18 -16.99
CA TYR C 2118 21.23 2.51 -17.57
C TYR C 2118 22.51 3.33 -17.52
N GLY C 2119 23.27 3.23 -16.44
CA GLY C 2119 24.56 3.89 -16.43
C GLY C 2119 25.50 3.36 -17.49
N LYS C 2120 25.49 2.05 -17.72
CA LYS C 2120 26.29 1.49 -18.80
C LYS C 2120 25.82 1.95 -20.17
N LEU C 2121 24.54 2.31 -20.31
CA LEU C 2121 24.12 2.81 -21.60
C LEU C 2121 24.47 4.28 -21.75
N TYR C 2122 24.64 4.97 -20.62
CA TYR C 2122 24.89 6.40 -20.65
C TYR C 2122 26.37 6.70 -20.87
N ASP C 2123 27.25 6.05 -20.11
CA ASP C 2123 28.66 6.37 -20.20
C ASP C 2123 29.23 6.10 -21.60
N GLU C 2124 28.86 4.96 -22.19
CA GLU C 2124 29.15 4.65 -23.60
C GLU C 2124 27.94 4.97 -24.48
N ASN C 2125 27.65 6.27 -24.57
CA ASN C 2125 26.47 6.71 -25.29
C ASN C 2125 26.48 6.39 -26.78
N ILE C 2126 27.61 6.57 -27.45
CA ILE C 2126 27.72 6.29 -28.89
C ILE C 2126 28.72 5.20 -29.11
N ASN C 2127 28.30 4.12 -29.76
CA ASN C 2127 29.19 3.01 -29.99
C ASN C 2127 29.96 3.19 -31.29
N ALA C 2128 30.71 2.16 -31.70
CA ALA C 2128 31.51 2.21 -32.92
C ALA C 2128 30.70 2.23 -34.19
N GLY C 2129 29.42 1.92 -34.14
CA GLY C 2129 28.60 1.90 -35.33
C GLY C 2129 27.90 3.21 -35.58
N GLU C 2130 27.43 3.83 -34.51
CA GLU C 2130 26.70 5.07 -34.63
C GLU C 2130 27.55 6.20 -35.19
N ASN C 2131 28.79 6.34 -34.72
CA ASN C 2131 29.64 7.38 -35.29
C ASN C 2131 30.18 7.01 -36.65
N GLN C 2132 30.22 5.72 -36.98
CA GLN C 2132 30.63 5.33 -38.31
C GLN C 2132 29.66 5.87 -39.33
N ALA C 2133 28.36 5.83 -39.02
CA ALA C 2133 27.38 6.41 -39.92
C ALA C 2133 27.55 7.91 -40.03
N MET C 2134 27.92 8.60 -38.94
CA MET C 2134 28.12 10.04 -39.02
C MET C 2134 29.25 10.39 -39.96
N THR C 2135 30.37 9.69 -39.84
CA THR C 2135 31.52 9.94 -40.71
C THR C 2135 31.18 9.60 -42.16
N LEU C 2136 30.44 8.52 -42.36
CA LEU C 2136 30.08 8.11 -43.71
C LEU C 2136 29.11 9.09 -44.34
N ARG C 2137 28.15 9.57 -43.57
CA ARG C 2137 27.17 10.53 -44.09
C ARG C 2137 27.84 11.85 -44.40
N ALA C 2138 28.75 12.30 -43.54
CA ALA C 2138 29.41 13.57 -43.78
C ALA C 2138 30.34 13.49 -44.98
N SER C 2139 30.89 12.31 -45.29
CA SER C 2139 31.77 12.25 -46.46
C SER C 2139 31.02 12.53 -47.76
N ALA C 2140 29.72 12.22 -47.81
CA ALA C 2140 28.91 12.53 -48.98
C ALA C 2140 28.70 14.03 -49.17
N ALA C 2141 28.75 14.81 -48.08
CA ALA C 2141 28.54 16.26 -48.19
C ALA C 2141 29.71 16.97 -48.87
N GLY C 2142 30.92 16.40 -48.81
CA GLY C 2142 32.09 17.02 -49.40
C GLY C 2142 32.31 16.88 -50.89
N LEU C 2143 31.43 16.19 -51.62
CA LEU C 2143 31.56 16.01 -53.05
C LEU C 2143 30.97 17.15 -53.88
N THR C 2144 30.33 18.14 -53.26
CA THR C 2144 29.67 19.18 -54.05
C THR C 2144 30.64 20.05 -54.85
N THR C 2145 31.82 20.33 -54.32
CA THR C 2145 32.74 21.16 -55.09
C THR C 2145 33.39 20.37 -56.20
N ALA C 2146 33.55 19.06 -56.00
CA ALA C 2146 34.17 18.25 -57.03
C ALA C 2146 33.21 18.10 -58.20
N VAL C 2147 31.93 17.82 -57.91
CA VAL C 2147 31.00 17.67 -59.02
C VAL C 2147 30.78 19.01 -59.72
N GLN C 2148 30.77 20.11 -58.96
CA GLN C 2148 30.62 21.42 -59.59
C GLN C 2148 31.77 21.72 -60.54
N ALA C 2149 33.00 21.44 -60.12
CA ALA C 2149 34.13 21.64 -61.01
C ALA C 2149 34.06 20.72 -62.21
N SER C 2150 33.66 19.47 -62.02
CA SER C 2150 33.61 18.52 -63.12
C SER C 2150 32.61 18.96 -64.18
N ARG C 2151 31.43 19.42 -63.75
CA ARG C 2151 30.41 19.82 -64.71
C ARG C 2151 30.79 21.11 -65.41
N LEU C 2152 31.40 22.05 -64.69
CA LEU C 2152 31.83 23.26 -65.37
C LEU C 2152 32.93 22.96 -66.39
N ALA C 2153 33.86 22.08 -66.04
CA ALA C 2153 34.94 21.73 -66.98
C ALA C 2153 34.39 21.05 -68.23
N GLY C 2154 33.44 20.13 -68.07
CA GLY C 2154 32.87 19.51 -69.24
C GLY C 2154 32.09 20.48 -70.10
N ALA C 2155 31.39 21.42 -69.46
CA ALA C 2155 30.61 22.38 -70.23
C ALA C 2155 31.55 23.25 -71.06
N ALA C 2156 32.59 23.77 -70.44
CA ALA C 2156 33.51 24.64 -71.17
C ALA C 2156 34.21 23.88 -72.29
N ALA C 2157 34.60 22.63 -72.04
CA ALA C 2157 35.23 21.83 -73.08
C ALA C 2157 34.27 21.40 -74.17
N ASP C 2158 32.96 21.59 -74.00
CA ASP C 2158 32.01 21.14 -75.01
C ASP C 2158 31.68 22.18 -76.09
N LEU C 2159 31.80 23.47 -75.79
CA LEU C 2159 31.43 24.51 -76.75
C LEU C 2159 32.32 24.59 -77.97
N VAL C 2160 33.51 24.00 -77.95
CA VAL C 2160 34.33 24.02 -79.16
C VAL C 2160 33.68 23.15 -80.23
N PRO C 2161 33.76 23.52 -81.52
CA PRO C 2161 33.14 22.69 -82.56
C PRO C 2161 33.81 21.33 -82.64
N ASN C 2162 33.06 20.33 -83.12
CA ASN C 2162 33.60 18.99 -83.23
C ASN C 2162 33.49 18.31 -84.57
N ILE C 2163 32.83 18.89 -85.57
CA ILE C 2163 32.86 18.37 -86.93
C ILE C 2163 33.45 19.43 -87.84
N PHE C 2164 34.18 18.99 -88.85
CA PHE C 2164 35.07 19.83 -89.61
C PHE C 2164 35.02 19.49 -91.09
N GLY C 2165 35.68 20.32 -91.87
CA GLY C 2165 35.71 20.16 -93.31
C GLY C 2165 34.56 20.89 -93.98
N PHE C 2166 33.78 20.16 -94.78
CA PHE C 2166 32.64 20.81 -95.44
C PHE C 2166 31.48 21.10 -94.51
N ALA C 2167 31.28 20.32 -93.46
CA ALA C 2167 30.31 20.66 -92.43
C ALA C 2167 31.06 21.14 -91.19
N GLY C 2168 30.57 22.22 -90.60
CA GLY C 2168 31.21 22.80 -89.44
C GLY C 2168 30.33 22.85 -88.23
N GLY C 2169 30.81 23.46 -87.16
CA GLY C 2169 29.99 23.56 -85.97
C GLY C 2169 29.84 22.26 -85.21
N GLY C 2170 28.61 21.97 -84.81
CA GLY C 2170 28.32 20.81 -84.01
C GLY C 2170 28.41 21.06 -82.52
N SER C 2171 28.81 22.26 -82.13
CA SER C 2171 28.87 22.65 -80.73
C SER C 2171 27.49 22.87 -80.15
N ARG C 2172 27.15 22.12 -79.11
CA ARG C 2172 25.86 22.25 -78.45
C ARG C 2172 25.82 23.53 -77.62
N TRP C 2173 24.99 24.48 -78.04
CA TRP C 2173 24.94 25.80 -77.40
C TRP C 2173 24.40 25.75 -75.99
N GLY C 2174 23.59 24.75 -75.64
CA GLY C 2174 23.02 24.71 -74.32
C GLY C 2174 23.88 24.18 -73.20
N ALA C 2175 25.13 23.82 -73.45
CA ALA C 2175 25.90 23.07 -72.47
C ALA C 2175 26.11 23.84 -71.17
N ILE C 2176 26.25 25.16 -71.22
CA ILE C 2176 26.44 25.93 -69.98
C ILE C 2176 25.18 25.91 -69.13
N ALA C 2177 24.01 26.02 -69.75
CA ALA C 2177 22.76 25.96 -68.99
C ALA C 2177 22.51 24.56 -68.44
N GLU C 2178 22.88 23.53 -69.19
CA GLU C 2178 22.80 22.17 -68.67
C GLU C 2178 23.71 21.95 -67.48
N ALA C 2179 24.95 22.40 -67.55
CA ALA C 2179 25.83 22.28 -66.39
C ALA C 2179 25.32 23.06 -65.17
N THR C 2180 24.84 24.29 -65.35
CA THR C 2180 24.23 24.99 -64.23
C THR C 2180 22.99 24.27 -63.68
N GLY C 2181 22.26 23.57 -64.54
CA GLY C 2181 21.13 22.80 -64.05
C GLY C 2181 21.54 21.57 -63.28
N TYR C 2182 22.51 20.82 -63.79
CA TYR C 2182 22.99 19.67 -63.05
C TYR C 2182 23.56 20.05 -61.70
N VAL C 2183 24.42 21.07 -61.63
CA VAL C 2183 24.96 21.41 -60.32
C VAL C 2183 23.90 21.94 -59.37
N MET C 2184 22.89 22.65 -59.89
CA MET C 2184 21.88 23.22 -59.01
C MET C 2184 20.80 22.24 -58.57
N GLU C 2185 20.53 21.20 -59.36
CA GLU C 2185 19.71 20.08 -58.88
C GLU C 2185 20.47 19.10 -57.99
N PHE C 2186 21.76 18.91 -58.19
CA PHE C 2186 22.57 18.15 -57.23
C PHE C 2186 22.60 18.81 -55.85
N SER C 2187 22.80 20.14 -55.81
CA SER C 2187 22.74 20.88 -54.55
C SER C 2187 21.58 20.52 -53.63
N ALA C 2188 20.37 20.37 -54.16
CA ALA C 2188 19.23 19.97 -53.33
C ALA C 2188 19.44 18.62 -52.67
N ASN C 2189 19.94 17.64 -53.41
CA ASN C 2189 20.20 16.33 -52.83
C ASN C 2189 21.26 16.39 -51.74
N VAL C 2190 22.32 17.16 -51.96
CA VAL C 2190 23.35 17.22 -50.92
C VAL C 2190 22.82 17.94 -49.67
N MET C 2191 22.03 18.99 -49.83
CA MET C 2191 21.42 19.57 -48.64
C MET C 2191 20.46 18.61 -47.92
N ASN C 2192 19.75 17.74 -48.63
CA ASN C 2192 18.96 16.74 -47.91
C ASN C 2192 19.83 15.75 -47.14
N THR C 2193 20.93 15.30 -47.73
CA THR C 2193 21.83 14.39 -47.02
C THR C 2193 22.41 15.05 -45.78
N GLU C 2194 22.85 16.29 -45.90
CA GLU C 2194 23.43 17.01 -44.78
C GLU C 2194 22.41 17.25 -43.68
N ALA C 2195 21.20 17.70 -44.02
CA ALA C 2195 20.15 17.86 -43.02
C ALA C 2195 19.82 16.54 -42.35
N ASP C 2196 19.94 15.42 -43.06
CA ASP C 2196 19.67 14.13 -42.42
C ASP C 2196 20.79 13.75 -41.45
N LYS C 2197 22.04 14.09 -41.76
CA LYS C 2197 23.09 13.89 -40.77
C LYS C 2197 22.85 14.70 -39.50
N ILE C 2198 22.43 15.96 -39.65
CA ILE C 2198 22.17 16.75 -38.44
C ILE C 2198 21.01 16.17 -37.64
N SER C 2199 19.93 15.79 -38.31
CA SER C 2199 18.77 15.25 -37.60
C SER C 2199 19.06 13.92 -36.91
N GLN C 2200 19.89 13.06 -37.50
CA GLN C 2200 20.38 11.87 -36.81
C GLN C 2200 21.17 12.21 -35.56
N SER C 2201 22.02 13.22 -35.64
CA SER C 2201 22.80 13.61 -34.48
C SER C 2201 21.92 14.11 -33.34
N GLU C 2202 20.97 14.98 -33.65
CA GLU C 2202 20.04 15.44 -32.63
C GLU C 2202 19.20 14.31 -32.07
N THR C 2203 18.91 13.27 -32.85
CA THR C 2203 18.19 12.13 -32.30
C THR C 2203 19.02 11.41 -31.25
N TYR C 2204 20.28 11.09 -31.57
CA TYR C 2204 21.12 10.40 -30.60
C TYR C 2204 21.27 11.20 -29.32
N ARG C 2205 21.30 12.53 -29.43
CA ARG C 2205 21.39 13.37 -28.24
C ARG C 2205 20.11 13.35 -27.40
N ARG C 2206 18.95 13.42 -28.04
CA ARG C 2206 17.72 13.37 -27.28
C ARG C 2206 17.56 12.02 -26.58
N ARG C 2207 17.98 10.95 -27.25
CA ARG C 2207 17.91 9.64 -26.63
C ARG C 2207 18.77 9.58 -25.38
N ARG C 2208 19.99 10.12 -25.45
CA ARG C 2208 20.85 10.10 -24.27
C ARG C 2208 20.25 10.88 -23.10
N GLN C 2209 19.61 12.01 -23.37
CA GLN C 2209 18.95 12.72 -22.27
C GLN C 2209 17.82 11.92 -21.66
N GLU C 2210 17.07 11.18 -22.48
CA GLU C 2210 16.06 10.32 -21.88
C GLU C 2210 16.67 9.22 -21.02
N TRP C 2211 17.86 8.74 -21.37
CA TRP C 2211 18.53 7.82 -20.43
C TRP C 2211 19.01 8.49 -19.15
N GLU C 2212 19.25 9.79 -19.13
CA GLU C 2212 19.42 10.44 -17.82
C GLU C 2212 18.15 10.46 -17.00
N ILE C 2213 17.01 10.71 -17.63
CA ILE C 2213 15.77 10.67 -16.85
C ILE C 2213 15.57 9.28 -16.25
N GLN C 2214 15.84 8.24 -17.03
CA GLN C 2214 15.66 6.88 -16.53
C GLN C 2214 16.68 6.51 -15.47
N ARG C 2215 17.94 6.84 -15.66
CA ARG C 2215 18.96 6.49 -14.69
C ARG C 2215 18.72 7.18 -13.37
N ASN C 2216 18.36 8.46 -13.41
CA ASN C 2216 18.09 9.16 -12.17
C ASN C 2216 16.86 8.58 -11.46
N ASN C 2217 15.84 8.18 -12.21
CA ASN C 2217 14.68 7.54 -11.59
C ASN C 2217 15.07 6.25 -10.89
N ALA C 2218 15.89 5.43 -11.54
CA ALA C 2218 16.35 4.18 -10.93
C ALA C 2218 17.20 4.44 -9.69
N GLU C 2219 18.07 5.43 -9.74
CA GLU C 2219 18.89 5.72 -8.57
C GLU C 2219 18.04 6.20 -7.39
N ALA C 2220 17.03 7.04 -7.64
CA ALA C 2220 16.16 7.47 -6.55
C ALA C 2220 15.38 6.31 -5.93
N GLU C 2221 14.87 5.40 -6.76
CA GLU C 2221 14.19 4.21 -6.21
C GLU C 2221 15.13 3.34 -5.39
N LEU C 2222 16.36 3.17 -5.86
CA LEU C 2222 17.35 2.45 -5.09
C LEU C 2222 17.60 3.15 -3.77
N LYS C 2223 17.70 4.47 -3.78
CA LYS C 2223 18.00 5.19 -2.55
C LYS C 2223 16.86 5.08 -1.55
N GLN C 2224 15.60 5.13 -2.00
CA GLN C 2224 14.50 5.04 -1.03
C GLN C 2224 14.36 3.64 -0.46
N ILE C 2225 14.83 2.61 -1.16
CA ILE C 2225 14.69 1.27 -0.58
C ILE C 2225 15.57 1.11 0.65
N ASP C 2226 16.76 1.71 0.65
CA ASP C 2226 17.64 1.58 1.80
C ASP C 2226 16.99 2.16 3.05
N ALA C 2227 16.32 3.31 2.93
CA ALA C 2227 15.62 3.86 4.08
C ALA C 2227 14.45 2.99 4.48
N GLN C 2228 13.82 2.31 3.52
CA GLN C 2228 12.77 1.39 3.89
C GLN C 2228 13.32 0.27 4.76
N LEU C 2229 14.52 -0.22 4.41
CA LEU C 2229 15.17 -1.24 5.23
C LEU C 2229 15.52 -0.72 6.61
N LYS C 2230 15.95 0.53 6.72
CA LYS C 2230 16.25 1.09 8.05
C LYS C 2230 15.00 1.12 8.93
N SER C 2231 13.86 1.51 8.35
CA SER C 2231 12.63 1.51 9.13
C SER C 2231 12.25 0.10 9.53
N LEU C 2232 12.41 -0.86 8.63
CA LEU C 2232 12.07 -2.22 9.01
C LEU C 2232 13.02 -2.78 10.06
N ALA C 2233 14.28 -2.37 10.04
CA ALA C 2233 15.21 -2.82 11.08
C ALA C 2233 14.75 -2.34 12.44
N VAL C 2234 14.25 -1.11 12.51
CA VAL C 2234 13.67 -0.65 13.78
C VAL C 2234 12.45 -1.50 14.13
N ARG C 2235 11.51 -1.64 13.19
CA ARG C 2235 10.27 -2.36 13.47
C ARG C 2235 10.53 -3.75 14.01
N ARG C 2236 11.59 -4.39 13.54
CA ARG C 2236 12.01 -5.68 14.05
C ARG C 2236 12.65 -5.60 15.42
N GLU C 2237 13.45 -4.56 15.69
CA GLU C 2237 13.91 -4.39 17.07
C GLU C 2237 12.75 -4.24 18.05
N ALA C 2238 11.72 -3.47 17.68
CA ALA C 2238 10.53 -3.38 18.53
C ALA C 2238 9.74 -4.69 18.63
N ALA C 2239 9.90 -5.60 17.70
CA ALA C 2239 9.19 -6.86 17.86
C ALA C 2239 9.94 -7.85 18.74
N VAL C 2240 11.26 -7.90 18.62
CA VAL C 2240 12.08 -8.57 19.62
C VAL C 2240 11.83 -8.02 21.02
N LEU C 2241 11.73 -6.70 21.15
CA LEU C 2241 11.45 -6.15 22.48
C LEU C 2241 10.07 -6.53 22.99
N GLN C 2242 9.08 -6.64 22.11
CA GLN C 2242 7.78 -7.13 22.55
C GLN C 2242 7.89 -8.56 23.06
N LYS C 2243 8.74 -9.37 22.41
CA LYS C 2243 8.97 -10.71 22.93
C LYS C 2243 9.57 -10.67 24.32
N THR C 2244 10.50 -9.77 24.56
CA THR C 2244 11.09 -9.66 25.90
C THR C 2244 10.04 -9.33 26.94
N SER C 2245 9.13 -8.42 26.62
CA SER C 2245 8.02 -8.13 27.54
C SER C 2245 7.13 -9.34 27.80
N LEU C 2246 6.82 -10.10 26.75
CA LEU C 2246 5.97 -11.27 26.98
C LEU C 2246 6.69 -12.34 27.79
N LYS C 2247 7.97 -12.51 27.55
CA LYS C 2247 8.73 -13.48 28.33
C LYS C 2247 8.78 -13.06 29.79
N THR C 2248 8.89 -11.76 30.05
CA THR C 2248 8.86 -11.33 31.44
C THR C 2248 7.50 -11.65 32.07
N GLN C 2249 6.41 -11.45 31.33
CA GLN C 2249 5.10 -11.75 31.91
C GLN C 2249 4.95 -13.21 32.27
N GLN C 2250 5.54 -14.11 31.48
CA GLN C 2250 5.53 -15.53 31.87
C GLN C 2250 6.17 -15.77 33.24
N GLU C 2251 7.31 -15.14 33.50
CA GLU C 2251 7.94 -15.24 34.81
C GLU C 2251 7.11 -14.60 35.91
N GLN C 2252 6.47 -13.47 35.63
CA GLN C 2252 5.66 -12.83 36.67
C GLN C 2252 4.45 -13.67 37.03
N THR C 2253 3.85 -14.35 36.06
CA THR C 2253 2.77 -15.28 36.35
C THR C 2253 3.27 -16.49 37.13
N GLN C 2254 4.48 -16.95 36.85
CA GLN C 2254 5.03 -18.04 37.65
C GLN C 2254 5.35 -17.61 39.07
N SER C 2255 5.89 -16.42 39.26
CA SER C 2255 6.15 -15.92 40.60
C SER C 2255 4.87 -15.75 41.42
N GLN C 2256 3.81 -15.24 40.79
CA GLN C 2256 2.53 -15.13 41.49
C GLN C 2256 1.92 -16.51 41.79
N LEU C 2257 2.03 -17.46 40.87
CA LEU C 2257 1.53 -18.80 41.16
C LEU C 2257 2.31 -19.43 42.30
N ALA C 2258 3.63 -19.25 42.32
CA ALA C 2258 4.41 -19.81 43.40
C ALA C 2258 4.02 -19.18 44.72
N PHE C 2259 3.75 -17.88 44.73
CA PHE C 2259 3.37 -17.27 45.99
C PHE C 2259 2.04 -17.83 46.48
N LEU C 2260 1.11 -18.09 45.56
CA LEU C 2260 -0.16 -18.69 45.99
C LEU C 2260 0.02 -20.09 46.54
N GLN C 2261 0.98 -20.85 46.03
CA GLN C 2261 1.19 -22.19 46.57
C GLN C 2261 1.97 -22.17 47.88
N ARG C 2262 2.93 -21.26 48.01
CA ARG C 2262 3.85 -21.26 49.13
C ARG C 2262 3.33 -20.54 50.38
N LYS C 2263 2.39 -19.61 50.24
CA LYS C 2263 1.89 -18.90 51.41
C LYS C 2263 1.22 -19.86 52.37
N PHE C 2264 1.19 -19.46 53.63
CA PHE C 2264 0.21 -19.89 54.62
C PHE C 2264 -1.14 -19.28 54.29
N SER C 2265 -2.22 -19.92 54.80
CA SER C 2265 -3.58 -19.62 54.37
C SER C 2265 -3.85 -20.12 52.96
N ASN C 2266 -3.19 -21.18 52.56
CA ASN C 2266 -3.38 -21.76 51.24
C ASN C 2266 -4.40 -22.88 51.29
N GLN C 2267 -4.68 -23.42 50.11
CA GLN C 2267 -5.62 -24.52 49.94
C GLN C 2267 -5.44 -25.64 50.96
N ALA C 2268 -4.22 -26.09 51.18
CA ALA C 2268 -4.03 -27.23 52.07
C ALA C 2268 -4.39 -26.92 53.53
N LEU C 2269 -4.17 -25.70 54.00
CA LEU C 2269 -4.67 -25.35 55.33
C LEU C 2269 -6.19 -25.37 55.40
N TYR C 2270 -6.87 -24.84 54.39
CA TYR C 2270 -8.33 -24.84 54.46
C TYR C 2270 -8.89 -26.24 54.32
N ASN C 2271 -8.23 -27.11 53.56
CA ASN C 2271 -8.69 -28.49 53.48
C ASN C 2271 -8.58 -29.16 54.84
N TRP C 2272 -7.46 -28.93 55.54
CA TRP C 2272 -7.36 -29.53 56.86
C TRP C 2272 -8.39 -28.95 57.82
N LEU C 2273 -8.63 -27.65 57.76
CA LEU C 2273 -9.62 -27.05 58.64
C LEU C 2273 -11.00 -27.62 58.39
N ARG C 2274 -11.37 -27.81 57.12
CA ARG C 2274 -12.68 -28.37 56.82
C ARG C 2274 -12.80 -29.78 57.36
N GLY C 2275 -11.80 -30.63 57.14
CA GLY C 2275 -11.93 -32.01 57.59
C GLY C 2275 -11.97 -32.10 59.11
N ARG C 2276 -11.09 -31.39 59.80
CA ARG C 2276 -11.05 -31.44 61.25
C ARG C 2276 -12.33 -30.88 61.86
N LEU C 2277 -12.82 -29.76 61.33
CA LEU C 2277 -14.01 -29.16 61.88
C LEU C 2277 -15.25 -30.00 61.61
N ALA C 2278 -15.33 -30.62 60.43
CA ALA C 2278 -16.50 -31.46 60.15
C ALA C 2278 -16.56 -32.64 61.10
N ALA C 2279 -15.41 -33.26 61.40
CA ALA C 2279 -15.42 -34.34 62.38
C ALA C 2279 -15.85 -33.87 63.77
N ILE C 2280 -15.36 -32.69 64.17
CA ILE C 2280 -15.78 -32.18 65.48
C ILE C 2280 -17.27 -31.87 65.47
N TYR C 2281 -17.76 -31.31 64.37
CA TYR C 2281 -19.16 -30.91 64.29
C TYR C 2281 -20.08 -32.09 64.42
N PHE C 2282 -19.77 -33.22 63.78
CA PHE C 2282 -20.66 -34.36 63.93
C PHE C 2282 -20.60 -34.96 65.32
N GLN C 2283 -19.42 -35.02 65.93
CA GLN C 2283 -19.38 -35.57 67.29
C GLN C 2283 -20.16 -34.68 68.26
N PHE C 2284 -20.00 -33.38 68.13
CA PHE C 2284 -20.68 -32.46 69.03
C PHE C 2284 -22.18 -32.42 68.79
N TYR C 2285 -22.61 -32.69 67.56
CA TYR C 2285 -24.04 -32.87 67.34
C TYR C 2285 -24.60 -34.09 68.04
N ASP C 2286 -23.87 -35.20 68.03
CA ASP C 2286 -24.36 -36.36 68.78
C ASP C 2286 -24.49 -36.06 70.27
N LEU C 2287 -23.55 -35.31 70.83
CA LEU C 2287 -23.70 -34.87 72.22
C LEU C 2287 -24.88 -33.93 72.42
N ALA C 2288 -25.11 -33.00 71.49
CA ALA C 2288 -26.23 -32.08 71.64
C ALA C 2288 -27.56 -32.81 71.63
N VAL C 2289 -27.77 -33.68 70.65
CA VAL C 2289 -29.05 -34.36 70.55
C VAL C 2289 -29.28 -35.28 71.75
N ALA C 2290 -28.23 -35.95 72.25
CA ALA C 2290 -28.41 -36.69 73.49
C ALA C 2290 -28.85 -35.79 74.64
N ARG C 2291 -28.37 -34.56 74.69
CA ARG C 2291 -28.81 -33.66 75.75
C ARG C 2291 -30.25 -33.19 75.57
N CYS C 2292 -30.66 -32.94 74.33
CA CYS C 2292 -32.05 -32.55 74.09
C CYS C 2292 -33.03 -33.68 74.39
N LEU C 2293 -32.70 -34.91 74.05
CA LEU C 2293 -33.56 -36.02 74.47
C LEU C 2293 -33.54 -36.25 75.97
N MET C 2294 -32.52 -35.76 76.67
CA MET C 2294 -32.60 -35.78 78.13
C MET C 2294 -33.53 -34.71 78.70
N ALA C 2295 -33.52 -33.51 78.11
CA ALA C 2295 -34.54 -32.53 78.46
C ALA C 2295 -35.95 -32.99 78.09
N GLU C 2296 -36.08 -33.81 77.06
CA GLU C 2296 -37.41 -34.30 76.70
C GLU C 2296 -37.91 -35.37 77.66
N GLN C 2297 -37.03 -36.20 78.21
CA GLN C 2297 -37.48 -37.07 79.30
C GLN C 2297 -37.83 -36.28 80.55
N ALA C 2298 -37.07 -35.24 80.87
CA ALA C 2298 -37.43 -34.43 82.01
C ALA C 2298 -38.81 -33.80 81.82
N TYR C 2299 -39.11 -33.33 80.61
CA TYR C 2299 -40.44 -32.81 80.32
C TYR C 2299 -41.51 -33.89 80.47
N ARG C 2300 -41.30 -35.04 79.82
CA ARG C 2300 -42.28 -36.14 79.88
C ARG C 2300 -42.38 -36.76 81.25
N TRP C 2301 -41.70 -36.22 82.23
CA TRP C 2301 -41.92 -36.63 83.60
C TRP C 2301 -42.38 -35.52 84.53
N GLU C 2302 -41.98 -34.27 84.31
CA GLU C 2302 -42.58 -33.19 85.09
C GLU C 2302 -44.06 -33.02 84.77
N LEU C 2303 -44.43 -33.13 83.50
CA LEU C 2303 -45.78 -33.45 83.08
C LEU C 2303 -45.86 -34.92 82.70
N ASN C 2304 -47.10 -35.38 82.49
CA ASN C 2304 -47.34 -36.80 82.27
C ASN C 2304 -47.51 -37.14 80.78
N ASP C 2305 -47.16 -36.22 79.88
CA ASP C 2305 -47.49 -36.33 78.46
C ASP C 2305 -46.46 -37.20 77.73
N ASP C 2306 -46.44 -38.48 78.11
CA ASP C 2306 -45.53 -39.45 77.51
C ASP C 2306 -45.65 -39.52 75.99
N SER C 2307 -46.80 -39.14 75.45
CA SER C 2307 -46.97 -39.16 73.99
C SER C 2307 -46.24 -38.03 73.29
N ALA C 2308 -46.10 -36.87 73.93
CA ALA C 2308 -45.53 -35.69 73.27
C ALA C 2308 -44.04 -35.85 73.05
N ARG C 2309 -43.63 -35.98 71.79
CA ARG C 2309 -42.23 -36.01 71.40
C ARG C 2309 -41.97 -34.84 70.47
N PHE C 2310 -40.95 -34.05 70.77
CA PHE C 2310 -40.64 -32.84 70.02
C PHE C 2310 -39.39 -32.94 69.16
N ILE C 2311 -38.39 -33.69 69.60
CA ILE C 2311 -37.17 -33.89 68.81
C ILE C 2311 -37.43 -34.87 67.68
N LYS C 2312 -37.20 -34.42 66.45
CA LYS C 2312 -37.38 -35.16 65.22
C LYS C 2312 -36.04 -35.63 64.69
N PRO C 2313 -36.00 -36.73 63.92
CA PRO C 2313 -34.73 -37.23 63.40
C PRO C 2313 -34.11 -36.38 62.30
N GLY C 2314 -34.85 -35.46 61.70
CA GLY C 2314 -34.42 -34.71 60.54
C GLY C 2314 -33.45 -33.57 60.77
N ALA C 2315 -32.87 -33.43 61.96
CA ALA C 2315 -32.08 -32.25 62.24
C ALA C 2315 -30.76 -32.23 61.48
N TRP C 2316 -30.24 -33.39 61.12
CA TRP C 2316 -28.97 -33.49 60.42
C TRP C 2316 -29.16 -34.11 59.05
N GLN C 2317 -28.43 -33.60 58.07
CA GLN C 2317 -28.52 -34.09 56.69
C GLN C 2317 -27.13 -34.10 56.10
N GLY C 2318 -26.67 -35.29 55.69
CA GLY C 2318 -25.34 -35.42 55.15
C GLY C 2318 -25.15 -34.90 53.75
N THR C 2319 -26.23 -34.61 53.04
CA THR C 2319 -26.10 -34.04 51.70
C THR C 2319 -25.44 -32.67 51.76
N TYR C 2320 -25.77 -31.88 52.76
CA TYR C 2320 -25.32 -30.50 52.87
C TYR C 2320 -24.36 -30.32 54.03
N ALA C 2321 -23.60 -31.36 54.35
CA ALA C 2321 -22.59 -31.35 55.41
C ALA C 2321 -23.20 -31.03 56.77
N GLY C 2322 -24.50 -31.20 56.92
CA GLY C 2322 -25.11 -30.94 58.20
C GLY C 2322 -25.12 -29.49 58.61
N LEU C 2323 -25.02 -28.59 57.65
CA LEU C 2323 -25.05 -27.17 57.98
C LEU C 2323 -26.40 -26.76 58.52
N LEU C 2324 -26.40 -25.75 59.38
CA LEU C 2324 -27.56 -25.22 60.09
C LEU C 2324 -28.12 -26.17 61.15
N ALA C 2325 -27.58 -27.39 61.26
CA ALA C 2325 -28.20 -28.44 62.06
C ALA C 2325 -28.60 -28.00 63.46
N GLY C 2326 -27.83 -27.10 64.09
CA GLY C 2326 -28.19 -26.70 65.45
C GLY C 2326 -29.38 -25.79 65.56
N GLU C 2327 -29.74 -25.07 64.50
CA GLU C 2327 -30.80 -24.10 64.64
C GLU C 2327 -32.18 -24.76 64.63
N THR C 2328 -32.29 -25.95 64.06
CA THR C 2328 -33.50 -26.74 64.25
C THR C 2328 -33.65 -27.19 65.69
N LEU C 2329 -32.56 -27.58 66.34
CA LEU C 2329 -32.67 -27.94 67.75
C LEU C 2329 -33.04 -26.73 68.58
N MET C 2330 -32.49 -25.57 68.25
CA MET C 2330 -32.85 -24.36 68.97
C MET C 2330 -34.35 -24.07 68.87
N LEU C 2331 -34.90 -24.20 67.66
CA LEU C 2331 -36.35 -24.07 67.51
C LEU C 2331 -37.13 -25.13 68.28
N SER C 2332 -36.63 -26.36 68.29
CA SER C 2332 -37.37 -27.42 68.99
C SER C 2332 -37.36 -27.22 70.49
N LEU C 2333 -36.27 -26.73 71.05
CA LEU C 2333 -36.26 -26.37 72.46
C LEU C 2333 -37.10 -25.14 72.78
N ALA C 2334 -37.18 -24.17 71.87
CA ALA C 2334 -38.11 -23.07 72.09
C ALA C 2334 -39.56 -23.53 72.09
N GLN C 2335 -39.90 -24.54 71.28
CA GLN C 2335 -41.23 -25.13 71.40
C GLN C 2335 -41.41 -25.90 72.71
N MET C 2336 -40.39 -26.65 73.12
CA MET C 2336 -40.49 -27.39 74.37
C MET C 2336 -40.65 -26.47 75.57
N GLU C 2337 -40.04 -25.29 75.52
CA GLU C 2337 -40.25 -24.30 76.57
C GLU C 2337 -41.64 -23.68 76.52
N ASP C 2338 -42.07 -23.25 75.33
CA ASP C 2338 -43.32 -22.50 75.28
C ASP C 2338 -44.53 -23.39 75.55
N ALA C 2339 -44.49 -24.66 75.14
CA ALA C 2339 -45.58 -25.55 75.50
C ALA C 2339 -45.59 -25.88 76.98
N HIS C 2340 -44.42 -25.95 77.62
CA HIS C 2340 -44.41 -26.05 79.08
C HIS C 2340 -45.03 -24.84 79.74
N LEU C 2341 -44.61 -23.64 79.34
CA LEU C 2341 -45.19 -22.42 79.91
C LEU C 2341 -46.70 -22.34 79.75
N LYS C 2342 -47.25 -22.86 78.66
CA LYS C 2342 -48.70 -22.89 78.56
C LYS C 2342 -49.34 -24.01 79.37
N ARG C 2343 -48.80 -25.23 79.32
CA ARG C 2343 -49.42 -26.36 80.01
C ARG C 2343 -49.23 -26.29 81.52
N ASP C 2344 -48.00 -26.05 81.96
CA ASP C 2344 -47.67 -26.13 83.38
C ASP C 2344 -48.27 -24.97 84.17
N LYS C 2345 -48.98 -25.31 85.25
CA LYS C 2345 -49.61 -24.32 86.10
C LYS C 2345 -49.52 -24.78 87.55
N ARG C 2346 -49.75 -23.84 88.46
CA ARG C 2346 -49.56 -24.10 89.89
C ARG C 2346 -50.31 -25.32 90.40
N ALA C 2347 -49.55 -26.31 90.82
CA ALA C 2347 -50.07 -27.49 91.49
C ALA C 2347 -50.31 -27.22 92.98
N LEU C 2348 -51.51 -27.56 93.46
CA LEU C 2348 -51.85 -27.30 94.85
C LEU C 2348 -51.08 -28.25 95.75
N GLU C 2349 -51.18 -28.03 97.05
CA GLU C 2349 -50.36 -28.73 98.03
C GLU C 2349 -51.27 -29.46 99.01
N VAL C 2350 -50.81 -30.59 99.52
CA VAL C 2350 -51.27 -31.16 100.79
C VAL C 2350 -50.08 -31.78 101.49
N GLU C 2351 -50.11 -31.76 102.81
CA GLU C 2351 -49.39 -32.72 103.66
C GLU C 2351 -50.38 -33.62 104.37
N ARG C 2352 -50.36 -34.90 104.05
CA ARG C 2352 -51.07 -35.92 104.81
C ARG C 2352 -50.08 -36.71 105.65
N THR C 2353 -50.41 -36.91 106.92
CA THR C 2353 -49.73 -37.88 107.76
C THR C 2353 -50.39 -39.24 107.68
N VAL C 2354 -49.57 -40.27 107.48
CA VAL C 2354 -50.00 -41.66 107.36
C VAL C 2354 -49.29 -42.47 108.44
N SER C 2355 -50.06 -43.09 109.33
CA SER C 2355 -49.50 -43.93 110.38
C SER C 2355 -49.61 -45.39 109.94
N LEU C 2356 -48.46 -46.06 109.83
CA LEU C 2356 -48.40 -47.45 109.44
C LEU C 2356 -49.00 -48.40 110.48
N ALA C 2357 -48.92 -48.04 111.76
CA ALA C 2357 -49.56 -48.85 112.80
C ALA C 2357 -51.07 -48.85 112.69
N GLU C 2358 -51.66 -47.75 112.24
CA GLU C 2358 -53.09 -47.73 111.99
C GLU C 2358 -53.44 -48.37 110.65
N VAL C 2359 -52.58 -48.23 109.65
CA VAL C 2359 -52.83 -48.86 108.36
C VAL C 2359 -52.87 -50.37 108.51
N TYR C 2360 -51.90 -50.95 109.21
CA TYR C 2360 -51.95 -52.40 109.41
C TYR C 2360 -52.97 -52.80 110.46
N ALA C 2361 -53.20 -51.96 111.49
CA ALA C 2361 -54.16 -52.37 112.49
C ALA C 2361 -55.59 -52.33 111.94
N GLY C 2362 -55.86 -51.40 111.03
CA GLY C 2362 -57.15 -51.26 110.39
C GLY C 2362 -57.31 -52.10 109.14
N LEU C 2363 -56.41 -53.04 108.91
CA LEU C 2363 -56.40 -53.80 107.67
C LEU C 2363 -57.71 -54.58 107.50
N PRO C 2364 -58.32 -54.55 106.32
CA PRO C 2364 -59.53 -55.35 106.09
C PRO C 2364 -59.32 -56.81 106.43
N LYS C 2365 -60.32 -57.38 107.12
CA LYS C 2365 -60.18 -58.64 107.83
C LYS C 2365 -60.02 -59.85 106.90
N ASP C 2366 -60.18 -59.67 105.58
CA ASP C 2366 -59.76 -60.72 104.66
C ASP C 2366 -58.25 -60.90 104.62
N ASN C 2367 -57.50 -59.99 105.22
CA ASN C 2367 -56.13 -60.23 105.62
C ASN C 2367 -56.06 -60.07 107.13
N GLY C 2368 -55.18 -60.84 107.77
CA GLY C 2368 -55.07 -60.80 109.20
C GLY C 2368 -54.56 -59.49 109.76
N PRO C 2369 -55.42 -58.78 110.49
CA PRO C 2369 -55.04 -57.46 111.00
C PRO C 2369 -54.13 -57.60 112.21
N PHE C 2370 -53.11 -56.74 112.26
CA PHE C 2370 -52.11 -56.84 113.30
C PHE C 2370 -51.50 -55.47 113.55
N SER C 2371 -51.22 -55.19 114.82
CA SER C 2371 -50.43 -54.03 115.22
C SER C 2371 -48.96 -54.40 115.30
N LEU C 2372 -48.09 -53.48 114.88
CA LEU C 2372 -46.69 -53.83 114.74
C LEU C 2372 -46.02 -54.16 116.07
N ALA C 2373 -46.66 -53.86 117.20
CA ALA C 2373 -46.02 -54.09 118.49
C ALA C 2373 -45.76 -55.58 118.72
N GLN C 2374 -46.73 -56.43 118.38
CA GLN C 2374 -46.65 -57.84 118.70
C GLN C 2374 -46.03 -58.69 117.59
N GLU C 2375 -45.67 -58.10 116.46
CA GLU C 2375 -44.92 -58.83 115.44
C GLU C 2375 -43.49 -58.33 115.27
N ILE C 2376 -43.20 -57.06 115.54
CA ILE C 2376 -41.81 -56.62 115.51
C ILE C 2376 -41.02 -57.39 116.56
N ASP C 2377 -41.57 -57.47 117.76
CA ASP C 2377 -40.89 -57.97 118.95
C ASP C 2377 -40.93 -59.49 119.07
N LYS C 2378 -41.43 -60.19 118.06
CA LYS C 2378 -41.21 -61.61 117.88
C LYS C 2378 -40.54 -61.98 116.58
N LEU C 2379 -40.66 -61.17 115.53
CA LEU C 2379 -39.80 -61.30 114.37
C LEU C 2379 -38.42 -60.70 114.58
N VAL C 2380 -38.21 -59.97 115.66
CA VAL C 2380 -36.85 -59.77 116.15
C VAL C 2380 -36.32 -61.07 116.72
N SER C 2381 -37.13 -61.74 117.54
CA SER C 2381 -36.64 -62.84 118.35
C SER C 2381 -36.52 -64.13 117.54
N GLN C 2382 -37.45 -64.37 116.62
CA GLN C 2382 -37.38 -65.52 115.75
C GLN C 2382 -36.95 -65.13 114.35
N GLY C 2383 -36.21 -66.04 113.70
CA GLY C 2383 -35.61 -65.81 112.40
C GLY C 2383 -36.54 -65.81 111.21
N SER C 2384 -37.84 -66.01 111.42
CA SER C 2384 -38.77 -65.98 110.29
C SER C 2384 -40.18 -65.73 110.81
N GLY C 2385 -41.05 -65.32 109.91
CA GLY C 2385 -42.46 -65.17 110.21
C GLY C 2385 -43.08 -64.17 109.27
N SER C 2386 -44.41 -64.07 109.35
CA SER C 2386 -45.10 -63.02 108.62
C SER C 2386 -46.46 -62.77 109.23
N ALA C 2387 -47.05 -61.64 108.85
CA ALA C 2387 -48.42 -61.30 109.17
C ALA C 2387 -49.00 -60.46 108.04
N GLY C 2388 -50.33 -60.41 107.98
CA GLY C 2388 -51.01 -59.83 106.85
C GLY C 2388 -50.87 -60.66 105.59
N SER C 2389 -51.19 -60.03 104.46
CA SER C 2389 -51.10 -60.70 103.17
C SER C 2389 -50.79 -59.68 102.07
N GLY C 2390 -50.29 -60.20 100.96
CA GLY C 2390 -50.02 -59.39 99.79
C GLY C 2390 -49.06 -58.25 100.05
N ASN C 2391 -49.32 -57.13 99.37
CA ASN C 2391 -48.51 -55.92 99.51
C ASN C 2391 -48.52 -55.36 100.92
N ASN C 2392 -49.39 -55.84 101.80
CA ASN C 2392 -49.57 -55.23 103.11
C ASN C 2392 -49.04 -56.11 104.23
N ASN C 2393 -48.09 -56.99 103.92
CA ASN C 2393 -47.57 -57.90 104.90
C ASN C 2393 -46.36 -57.31 105.60
N LEU C 2394 -45.89 -58.01 106.63
CA LEU C 2394 -44.59 -57.76 107.25
C LEU C 2394 -43.85 -59.08 107.32
N ALA C 2395 -42.58 -59.09 106.94
CA ALA C 2395 -41.87 -60.35 106.77
C ALA C 2395 -40.37 -60.09 106.81
N PHE C 2396 -39.62 -61.18 106.94
CA PHE C 2396 -38.18 -61.15 106.71
C PHE C 2396 -37.84 -60.92 105.24
N GLY C 2397 -36.66 -60.34 105.03
CA GLY C 2397 -36.18 -60.12 103.67
C GLY C 2397 -36.05 -61.41 102.89
N ALA C 2398 -36.34 -61.33 101.59
CA ALA C 2398 -36.30 -62.47 100.69
C ALA C 2398 -34.88 -62.76 100.19
N GLY C 2399 -34.21 -61.73 99.67
CA GLY C 2399 -32.92 -61.93 99.02
C GLY C 2399 -31.80 -62.29 99.98
N THR C 2400 -30.79 -62.94 99.40
CA THR C 2400 -29.77 -63.66 100.17
C THR C 2400 -29.01 -62.75 101.14
N ASP C 2401 -28.91 -61.46 100.86
CA ASP C 2401 -28.30 -60.55 101.81
C ASP C 2401 -29.31 -59.95 102.77
N THR C 2402 -30.60 -60.08 102.47
CA THR C 2402 -31.65 -59.48 103.28
C THR C 2402 -32.16 -60.42 104.36
N LYS C 2403 -31.59 -61.61 104.50
CA LYS C 2403 -32.20 -62.63 105.35
C LYS C 2403 -32.14 -62.27 106.82
N THR C 2404 -31.24 -61.37 107.21
CA THR C 2404 -31.25 -60.79 108.53
C THR C 2404 -32.11 -59.53 108.62
N SER C 2405 -32.65 -59.07 107.50
CA SER C 2405 -33.34 -57.79 107.45
C SER C 2405 -34.85 -57.98 107.57
N LEU C 2406 -35.49 -57.07 108.28
CA LEU C 2406 -36.92 -57.09 108.50
C LEU C 2406 -37.56 -55.97 107.68
N GLN C 2407 -38.55 -56.31 106.87
CA GLN C 2407 -39.18 -55.33 106.00
C GLN C 2407 -40.68 -55.29 106.27
N ALA C 2408 -41.24 -54.08 106.19
CA ALA C 2408 -42.66 -53.84 106.36
C ALA C 2408 -43.21 -53.25 105.07
N SER C 2409 -44.10 -53.98 104.41
CA SER C 2409 -44.61 -53.61 103.10
C SER C 2409 -46.04 -53.08 103.22
N VAL C 2410 -46.34 -52.03 102.46
CA VAL C 2410 -47.66 -51.42 102.43
C VAL C 2410 -47.91 -50.98 100.99
N SER C 2411 -49.18 -50.87 100.60
CA SER C 2411 -49.50 -50.28 99.32
C SER C 2411 -50.33 -49.01 99.47
N PHE C 2412 -50.01 -48.04 98.61
CA PHE C 2412 -50.81 -46.84 98.44
C PHE C 2412 -52.27 -47.12 98.17
N ALA C 2413 -52.56 -48.27 97.54
CA ALA C 2413 -53.95 -48.69 97.35
C ALA C 2413 -54.70 -48.82 98.66
N ASP C 2414 -54.00 -49.17 99.74
CA ASP C 2414 -54.61 -49.22 101.06
C ASP C 2414 -54.56 -47.87 101.77
N LEU C 2415 -53.62 -47.00 101.43
CA LEU C 2415 -53.68 -45.63 101.94
C LEU C 2415 -54.90 -44.87 101.42
N LYS C 2416 -55.43 -45.25 100.26
CA LYS C 2416 -56.72 -44.74 99.74
C LYS C 2416 -56.77 -43.22 99.69
N ILE C 2417 -55.62 -42.59 99.46
CA ILE C 2417 -55.47 -41.15 99.61
C ILE C 2417 -56.33 -40.37 98.61
N ARG C 2418 -56.63 -40.96 97.45
CA ARG C 2418 -57.57 -40.34 96.51
C ARG C 2418 -58.95 -40.09 97.09
N GLU C 2419 -59.29 -40.69 98.23
CA GLU C 2419 -60.56 -40.43 98.89
C GLU C 2419 -60.53 -39.19 99.78
N ASP C 2420 -59.37 -38.53 99.90
CA ASP C 2420 -59.25 -37.34 100.75
C ASP C 2420 -59.91 -36.10 100.17
N TYR C 2421 -60.12 -36.03 98.86
CA TYR C 2421 -60.58 -34.79 98.26
C TYR C 2421 -61.55 -35.10 97.14
N PRO C 2422 -62.41 -34.13 96.78
CA PRO C 2422 -63.19 -34.25 95.55
C PRO C 2422 -62.34 -34.48 94.32
N ALA C 2423 -62.91 -35.22 93.37
CA ALA C 2423 -62.18 -35.54 92.14
C ALA C 2423 -61.98 -34.29 91.29
N SER C 2424 -62.94 -33.36 91.31
CA SER C 2424 -62.89 -32.20 90.44
C SER C 2424 -61.88 -31.17 90.89
N LEU C 2425 -61.32 -31.33 92.09
CA LEU C 2425 -60.17 -30.52 92.48
C LEU C 2425 -58.98 -30.78 91.58
N GLY C 2426 -58.84 -32.00 91.07
CA GLY C 2426 -57.78 -32.34 90.14
C GLY C 2426 -57.63 -33.84 89.98
N LYS C 2427 -57.45 -34.26 88.74
CA LYS C 2427 -57.50 -35.68 88.37
C LYS C 2427 -56.23 -36.45 88.65
N ILE C 2428 -55.07 -35.80 88.76
CA ILE C 2428 -53.85 -36.50 89.13
C ILE C 2428 -53.31 -36.02 90.46
N ARG C 2429 -52.73 -36.95 91.20
CA ARG C 2429 -52.12 -36.73 92.51
C ARG C 2429 -50.73 -37.33 92.46
N ARG C 2430 -49.71 -36.53 92.79
CA ARG C 2430 -48.35 -36.99 92.69
C ARG C 2430 -47.58 -36.62 93.95
N ILE C 2431 -46.76 -37.56 94.42
CA ILE C 2431 -45.85 -37.28 95.53
C ILE C 2431 -44.84 -36.22 95.13
N LYS C 2432 -44.63 -35.24 96.01
CA LYS C 2432 -43.48 -34.36 95.93
C LYS C 2432 -42.37 -34.73 96.89
N GLN C 2433 -42.71 -35.29 98.04
CA GLN C 2433 -41.71 -35.78 98.97
C GLN C 2433 -42.39 -36.79 99.87
N ILE C 2434 -41.59 -37.66 100.48
CA ILE C 2434 -42.04 -38.45 101.61
C ILE C 2434 -40.98 -38.36 102.68
N SER C 2435 -41.42 -38.42 103.93
CA SER C 2435 -40.55 -38.27 105.07
C SER C 2435 -41.02 -39.20 106.17
N VAL C 2436 -40.14 -39.42 107.15
CA VAL C 2436 -40.39 -40.42 108.17
C VAL C 2436 -40.14 -39.78 109.52
N THR C 2437 -40.93 -40.19 110.50
CA THR C 2437 -40.59 -40.04 111.91
C THR C 2437 -40.62 -41.40 112.60
N LEU C 2438 -39.58 -41.68 113.37
CA LEU C 2438 -39.58 -42.84 114.26
C LEU C 2438 -39.50 -42.36 115.70
N PRO C 2439 -40.53 -42.62 116.51
CA PRO C 2439 -40.38 -42.48 117.97
C PRO C 2439 -39.60 -43.63 118.60
N ALA C 2440 -38.60 -44.14 117.89
CA ALA C 2440 -37.71 -45.14 118.45
C ALA C 2440 -36.83 -44.55 119.55
N LEU C 2441 -36.48 -45.40 120.51
CA LEU C 2441 -35.60 -45.03 121.62
C LEU C 2441 -34.15 -45.04 121.18
N LEU C 2442 -33.85 -44.20 120.19
CA LEU C 2442 -32.48 -44.02 119.73
C LEU C 2442 -31.59 -43.66 120.90
N GLY C 2443 -30.52 -44.44 121.07
CA GLY C 2443 -29.71 -44.36 122.26
C GLY C 2443 -28.89 -43.10 122.32
N PRO C 2444 -28.13 -42.95 123.40
CA PRO C 2444 -27.26 -41.79 123.52
C PRO C 2444 -26.15 -41.81 122.49
N TYR C 2445 -26.22 -40.88 121.54
CA TYR C 2445 -25.36 -40.88 120.36
C TYR C 2445 -25.41 -42.22 119.62
N GLN C 2446 -26.57 -42.86 119.62
CA GLN C 2446 -26.83 -44.07 118.87
C GLN C 2446 -28.16 -43.90 118.17
N ASP C 2447 -28.26 -44.38 116.93
CA ASP C 2447 -29.46 -44.16 116.14
C ASP C 2447 -29.74 -45.35 115.23
N VAL C 2448 -30.99 -45.40 114.76
CA VAL C 2448 -31.43 -46.48 113.90
C VAL C 2448 -30.80 -46.30 112.52
N GLN C 2449 -30.60 -47.40 111.82
CA GLN C 2449 -30.46 -47.41 110.37
C GLN C 2449 -31.65 -48.13 109.75
N ALA C 2450 -32.34 -47.46 108.84
CA ALA C 2450 -33.47 -48.06 108.15
C ALA C 2450 -33.61 -47.46 106.76
N ILE C 2451 -34.15 -48.27 105.86
CA ILE C 2451 -34.22 -47.96 104.43
C ILE C 2451 -35.63 -48.26 103.95
N LEU C 2452 -36.16 -47.39 103.10
CA LEU C 2452 -37.44 -47.64 102.50
C LEU C 2452 -37.40 -47.31 101.01
N SER C 2453 -38.17 -48.06 100.23
CA SER C 2453 -37.99 -48.08 98.78
C SER C 2453 -39.35 -48.28 98.12
N TYR C 2454 -39.44 -47.82 96.88
CA TYR C 2454 -40.63 -48.01 96.07
C TYR C 2454 -40.39 -49.09 95.03
N GLY C 2455 -41.35 -50.01 94.88
CA GLY C 2455 -41.13 -51.22 94.11
C GLY C 2455 -41.15 -51.08 92.60
N ASP C 2456 -41.47 -49.91 92.05
CA ASP C 2456 -41.55 -49.79 90.58
C ASP C 2456 -40.18 -49.97 89.93
N LYS C 2457 -39.16 -49.33 90.48
CA LYS C 2457 -37.77 -49.48 90.04
C LYS C 2457 -37.62 -49.43 88.52
N ALA C 2458 -38.45 -48.63 87.84
CA ALA C 2458 -38.41 -48.62 86.39
C ALA C 2458 -38.68 -47.23 85.81
N GLY C 2459 -39.72 -46.56 86.31
CA GLY C 2459 -40.09 -45.27 85.76
C GLY C 2459 -39.33 -44.10 86.33
N LEU C 2460 -38.93 -44.20 87.60
CA LEU C 2460 -38.14 -43.17 88.26
C LEU C 2460 -36.65 -43.38 88.00
N ALA C 2461 -35.91 -42.27 88.03
CA ALA C 2461 -34.49 -42.28 87.72
C ALA C 2461 -33.67 -42.95 88.83
N ASN C 2462 -32.44 -43.30 88.46
CA ASN C 2462 -31.50 -43.96 89.36
C ASN C 2462 -31.26 -43.18 90.65
N GLY C 2463 -31.12 -43.91 91.74
CA GLY C 2463 -30.88 -43.36 93.07
C GLY C 2463 -32.04 -42.63 93.71
N CYS C 2464 -33.08 -42.27 92.96
CA CYS C 2464 -34.27 -41.65 93.51
C CYS C 2464 -35.26 -42.67 94.05
N GLU C 2465 -35.03 -43.96 93.80
CA GLU C 2465 -35.95 -45.03 94.18
C GLU C 2465 -36.03 -45.25 95.68
N ALA C 2466 -35.07 -44.76 96.46
CA ALA C 2466 -35.05 -45.08 97.88
C ALA C 2466 -34.48 -43.91 98.66
N LEU C 2467 -34.67 -43.95 99.97
CA LEU C 2467 -33.97 -43.06 100.87
C LEU C 2467 -33.67 -43.78 102.18
N ALA C 2468 -32.72 -43.23 102.93
CA ALA C 2468 -32.27 -43.79 104.20
C ALA C 2468 -32.47 -42.79 105.33
N VAL C 2469 -32.70 -43.32 106.52
CA VAL C 2469 -33.18 -42.56 107.67
C VAL C 2469 -32.36 -42.98 108.87
N SER C 2470 -31.98 -42.00 109.69
CA SER C 2470 -31.11 -42.33 110.83
C SER C 2470 -31.37 -41.47 112.05
N HIS C 2471 -31.38 -40.14 111.90
CA HIS C 2471 -31.78 -39.32 113.05
C HIS C 2471 -33.27 -39.44 113.32
N GLY C 2472 -34.05 -39.89 112.35
CA GLY C 2472 -35.29 -40.56 112.65
C GLY C 2472 -36.46 -39.70 113.07
N MET C 2473 -36.37 -38.37 112.94
CA MET C 2473 -37.39 -37.49 113.48
C MET C 2473 -37.65 -36.34 112.51
N ASN C 2474 -38.82 -36.38 111.86
CA ASN C 2474 -39.03 -35.65 110.61
C ASN C 2474 -37.87 -35.83 109.64
N ASP C 2475 -37.29 -37.03 109.61
CA ASP C 2475 -36.02 -37.24 108.93
C ASP C 2475 -36.29 -37.47 107.45
N SER C 2476 -36.11 -36.42 106.64
CA SER C 2476 -36.22 -36.55 105.20
C SER C 2476 -35.14 -37.44 104.62
N GLY C 2477 -34.07 -37.68 105.38
CA GLY C 2477 -32.93 -38.46 104.91
C GLY C 2477 -31.78 -37.63 104.39
N GLN C 2478 -32.07 -36.56 103.66
CA GLN C 2478 -31.00 -35.76 103.08
C GLN C 2478 -30.34 -34.89 104.13
N PHE C 2479 -29.08 -34.54 103.86
CA PHE C 2479 -28.35 -33.62 104.73
C PHE C 2479 -28.87 -32.21 104.59
N GLN C 2480 -29.31 -31.84 103.40
CA GLN C 2480 -30.07 -30.63 103.18
C GLN C 2480 -31.10 -30.93 102.10
N LEU C 2481 -32.20 -30.19 102.15
CA LEU C 2481 -33.25 -30.32 101.15
C LEU C 2481 -33.59 -28.93 100.65
N ASP C 2482 -33.90 -28.84 99.37
CA ASP C 2482 -34.16 -27.55 98.74
C ASP C 2482 -35.11 -27.80 97.58
N PHE C 2483 -36.35 -27.34 97.74
CA PHE C 2483 -37.34 -27.53 96.70
C PHE C 2483 -37.00 -26.71 95.46
N ASN C 2484 -36.16 -25.69 95.60
CA ASN C 2484 -35.77 -24.89 94.45
C ASN C 2484 -34.64 -25.50 93.66
N ASP C 2485 -34.00 -26.56 94.16
CA ASP C 2485 -32.91 -27.17 93.44
C ASP C 2485 -33.43 -27.89 92.20
N GLY C 2486 -32.59 -27.95 91.17
CA GLY C 2486 -32.95 -28.72 89.99
C GLY C 2486 -33.02 -30.21 90.20
N LYS C 2487 -32.37 -30.72 91.23
CA LYS C 2487 -32.46 -32.14 91.54
C LYS C 2487 -33.84 -32.50 92.04
N PHE C 2488 -34.42 -33.55 91.46
CA PHE C 2488 -35.65 -34.10 92.02
C PHE C 2488 -35.41 -34.56 93.45
N LEU C 2489 -36.48 -34.52 94.24
CA LEU C 2489 -36.48 -35.22 95.50
C LEU C 2489 -36.58 -36.71 95.23
N PRO C 2490 -36.29 -37.56 96.20
CA PRO C 2490 -36.67 -38.97 96.06
C PRO C 2490 -38.18 -39.12 96.07
N PHE C 2491 -38.65 -40.16 95.35
CA PHE C 2491 -40.07 -40.41 95.14
C PHE C 2491 -40.80 -39.32 94.38
N GLU C 2492 -40.14 -38.23 94.03
CA GLU C 2492 -40.85 -37.12 93.40
C GLU C 2492 -41.40 -37.55 92.04
N GLY C 2493 -42.72 -37.62 91.95
CA GLY C 2493 -43.43 -37.91 90.72
C GLY C 2493 -44.18 -39.22 90.75
N ILE C 2494 -44.03 -40.01 91.82
CA ILE C 2494 -44.77 -41.24 91.99
C ILE C 2494 -46.25 -40.93 92.16
N ALA C 2495 -47.10 -41.64 91.44
CA ALA C 2495 -48.53 -41.50 91.66
C ALA C 2495 -48.97 -42.26 92.92
N ILE C 2496 -50.18 -41.98 93.36
CA ILE C 2496 -50.62 -42.24 94.73
C ILE C 2496 -51.69 -43.32 94.68
N ASP C 2497 -51.58 -44.23 93.72
CA ASP C 2497 -52.55 -45.31 93.63
C ASP C 2497 -51.90 -46.61 93.17
N GLN C 2498 -50.58 -46.66 93.05
CA GLN C 2498 -49.94 -47.74 92.34
C GLN C 2498 -48.60 -48.06 92.98
N GLY C 2499 -48.17 -49.30 92.82
CA GLY C 2499 -46.94 -49.80 93.41
C GLY C 2499 -46.99 -49.91 94.92
N THR C 2500 -45.84 -50.30 95.46
CA THR C 2500 -45.69 -50.71 96.83
C THR C 2500 -44.65 -49.84 97.52
N LEU C 2501 -44.91 -49.46 98.76
CA LEU C 2501 -43.91 -48.85 99.62
C LEU C 2501 -43.50 -49.85 100.68
N THR C 2502 -42.20 -49.94 100.94
CA THR C 2502 -41.69 -50.89 101.91
C THR C 2502 -40.61 -50.23 102.74
N LEU C 2503 -40.65 -50.46 104.05
CA LEU C 2503 -39.65 -50.01 105.00
C LEU C 2503 -38.87 -51.21 105.51
N SER C 2504 -37.55 -51.12 105.48
CA SER C 2504 -36.68 -52.24 105.82
C SER C 2504 -35.72 -51.87 106.94
N PHE C 2505 -35.45 -52.84 107.81
CA PHE C 2505 -34.49 -52.69 108.91
C PHE C 2505 -33.36 -53.71 108.77
N PRO C 2506 -32.15 -53.28 108.44
CA PRO C 2506 -31.00 -54.19 108.49
C PRO C 2506 -30.77 -54.76 109.89
N ASN C 2507 -30.29 -56.01 109.92
CA ASN C 2507 -29.81 -56.69 111.12
C ASN C 2507 -30.83 -56.65 112.26
N ALA C 2508 -32.07 -56.97 111.91
CA ALA C 2508 -33.14 -57.05 112.90
C ALA C 2508 -33.09 -58.32 113.74
N SER C 2509 -32.55 -59.40 113.19
CA SER C 2509 -32.66 -60.73 113.80
C SER C 2509 -31.72 -60.91 114.98
N MET C 2510 -32.31 -61.01 116.17
CA MET C 2510 -31.56 -61.33 117.38
C MET C 2510 -30.81 -62.66 117.36
N PRO C 2511 -31.29 -63.73 116.69
CA PRO C 2511 -30.46 -64.94 116.58
C PRO C 2511 -29.11 -64.70 115.94
N GLU C 2512 -29.01 -63.73 115.04
CA GLU C 2512 -27.71 -63.31 114.50
C GLU C 2512 -27.05 -62.26 115.39
N LYS C 2513 -27.61 -61.99 116.56
CA LYS C 2513 -27.21 -60.88 117.43
C LYS C 2513 -27.21 -59.55 116.68
N GLY C 2514 -28.24 -59.36 115.86
CA GLY C 2514 -28.29 -58.22 114.95
C GLY C 2514 -28.18 -56.89 115.65
N LYS C 2515 -27.34 -56.01 115.12
CA LYS C 2515 -26.97 -54.76 115.75
C LYS C 2515 -28.12 -53.77 115.88
N GLN C 2516 -29.33 -54.17 115.53
CA GLN C 2516 -30.52 -53.38 115.80
C GLN C 2516 -31.57 -54.10 116.62
N ALA C 2517 -31.37 -55.38 116.93
CA ALA C 2517 -32.45 -56.18 117.50
C ALA C 2517 -32.92 -55.61 118.83
N THR C 2518 -31.98 -55.31 119.73
CA THR C 2518 -32.37 -54.83 121.06
C THR C 2518 -33.09 -53.48 120.99
N MET C 2519 -32.64 -52.59 120.10
CA MET C 2519 -33.35 -51.34 119.87
C MET C 2519 -34.69 -51.58 119.21
N LEU C 2520 -34.70 -52.33 118.11
CA LEU C 2520 -35.93 -52.50 117.33
C LEU C 2520 -37.02 -53.17 118.13
N LYS C 2521 -36.65 -54.08 119.04
CA LYS C 2521 -37.60 -54.69 119.95
C LYS C 2521 -38.41 -53.66 120.73
N THR C 2522 -37.89 -52.44 120.89
CA THR C 2522 -38.63 -51.39 121.57
C THR C 2522 -39.64 -50.71 120.66
N LEU C 2523 -39.47 -50.83 119.35
CA LEU C 2523 -40.14 -49.93 118.42
C LEU C 2523 -41.63 -50.26 118.36
N ASN C 2524 -42.46 -49.24 118.41
CA ASN C 2524 -43.90 -49.44 118.54
C ASN C 2524 -44.74 -48.56 117.65
N ASP C 2525 -44.16 -47.58 116.97
CA ASP C 2525 -44.95 -46.70 116.12
C ASP C 2525 -44.10 -46.20 114.96
N ILE C 2526 -44.76 -45.91 113.85
CA ILE C 2526 -44.10 -45.48 112.63
C ILE C 2526 -44.99 -44.42 112.01
N ILE C 2527 -44.39 -43.29 111.62
CA ILE C 2527 -45.12 -42.18 111.04
C ILE C 2527 -44.49 -41.82 109.72
N LEU C 2528 -45.31 -41.68 108.69
CA LEU C 2528 -44.87 -41.18 107.40
C LEU C 2528 -45.51 -39.82 107.18
N HIS C 2529 -44.73 -38.89 106.67
CA HIS C 2529 -45.25 -37.60 106.26
C HIS C 2529 -45.20 -37.51 104.74
N ILE C 2530 -46.37 -37.33 104.15
CA ILE C 2530 -46.56 -37.38 102.72
C ILE C 2530 -46.75 -35.95 102.24
N ARG C 2531 -45.93 -35.54 101.29
CA ARG C 2531 -46.18 -34.28 100.59
C ARG C 2531 -46.61 -34.68 99.19
N TYR C 2532 -47.86 -34.41 98.86
CA TYR C 2532 -48.36 -34.77 97.54
C TYR C 2532 -49.10 -33.58 96.97
N THR C 2533 -48.90 -33.34 95.69
CA THR C 2533 -49.50 -32.20 95.02
C THR C 2533 -50.61 -32.64 94.08
N ILE C 2534 -51.53 -31.71 93.82
CA ILE C 2534 -52.70 -31.95 93.00
C ILE C 2534 -52.59 -31.06 91.77
N LYS C 2535 -52.62 -31.66 90.59
CA LYS C 2535 -52.55 -30.88 89.36
C LYS C 2535 -53.13 -31.64 88.18
N GLY D 110 55.44 -19.24 -22.20
CA GLY D 110 54.61 -18.29 -21.46
C GLY D 110 54.83 -16.84 -21.84
N TYR D 111 54.23 -15.93 -21.08
CA TYR D 111 54.46 -14.51 -21.34
C TYR D 111 55.90 -14.12 -21.11
N ASN D 112 56.45 -14.46 -19.93
CA ASN D 112 57.74 -13.92 -19.54
C ASN D 112 58.85 -14.32 -20.50
N ASN D 113 58.98 -15.62 -20.79
CA ASN D 113 60.05 -16.05 -21.66
C ASN D 113 59.87 -15.62 -23.11
N GLN D 114 58.74 -15.03 -23.47
CA GLN D 114 58.61 -14.42 -24.80
C GLN D 114 58.78 -12.91 -24.79
N PHE D 115 58.30 -12.23 -23.75
CA PHE D 115 58.12 -10.78 -23.79
C PHE D 115 58.83 -10.06 -22.65
N SER D 116 59.52 -10.78 -21.77
CA SER D 116 60.50 -10.17 -20.89
C SER D 116 61.68 -9.63 -21.67
N GLY D 117 62.41 -8.73 -21.04
CA GLY D 117 63.72 -8.30 -21.50
C GLY D 117 63.84 -6.81 -21.76
N ARG D 118 62.73 -6.08 -21.85
CA ARG D 118 62.87 -4.64 -22.06
C ARG D 118 63.47 -3.96 -20.85
N ALA D 119 63.29 -4.52 -19.66
CA ALA D 119 63.83 -3.91 -18.46
C ALA D 119 64.26 -5.01 -17.50
N SER D 120 65.34 -4.72 -16.77
CA SER D 120 65.95 -5.69 -15.87
C SER D 120 65.25 -5.84 -14.52
N GLN D 121 64.45 -4.86 -14.11
CA GLN D 121 63.74 -4.97 -12.83
C GLN D 121 62.49 -4.11 -12.87
N TYR D 122 61.34 -4.76 -12.98
CA TYR D 122 60.07 -4.06 -12.86
C TYR D 122 59.72 -3.82 -11.39
N VAL D 123 58.61 -3.12 -11.17
CA VAL D 123 58.08 -2.82 -9.84
C VAL D 123 56.56 -2.85 -9.92
N ALA D 124 55.94 -2.91 -8.78
CA ALA D 124 54.50 -3.10 -8.77
C ALA D 124 53.76 -1.81 -9.14
N PRO D 125 52.60 -1.93 -9.78
CA PRO D 125 51.70 -0.80 -9.94
C PRO D 125 51.43 -0.04 -8.65
N GLY D 126 51.65 1.27 -8.69
CA GLY D 126 51.29 2.18 -7.63
C GLY D 126 52.32 2.38 -6.53
N THR D 127 53.43 1.66 -6.56
CA THR D 127 54.48 1.88 -5.58
C THR D 127 55.16 3.21 -5.86
N VAL D 128 55.89 3.72 -4.87
CA VAL D 128 56.52 5.03 -5.00
C VAL D 128 57.66 4.99 -5.99
N SER D 129 58.32 3.86 -6.13
CA SER D 129 59.55 3.83 -6.91
C SER D 129 59.31 3.77 -8.40
N SER D 130 58.07 3.66 -8.85
CA SER D 130 57.82 3.49 -10.26
C SER D 130 57.81 4.84 -10.93
N MET D 131 58.29 4.89 -12.17
CA MET D 131 58.41 6.13 -12.91
C MET D 131 57.08 6.76 -13.31
N PHE D 132 55.95 6.11 -13.09
CA PHE D 132 54.66 6.76 -13.28
C PHE D 132 53.98 7.14 -11.97
N SER D 133 54.60 6.82 -10.84
CA SER D 133 54.07 7.18 -9.54
C SER D 133 53.97 8.70 -9.44
N PRO D 134 53.11 9.20 -8.54
CA PRO D 134 53.05 10.66 -8.33
C PRO D 134 54.32 11.25 -7.75
N ALA D 135 55.17 10.46 -7.10
CA ALA D 135 56.48 10.99 -6.75
C ALA D 135 57.29 11.35 -7.98
N ALA D 136 57.30 10.49 -9.00
CA ALA D 136 58.00 10.82 -10.23
C ALA D 136 57.45 12.07 -10.91
N TYR D 137 56.15 12.27 -10.84
CA TYR D 137 55.58 13.51 -11.35
C TYR D 137 55.98 14.72 -10.52
N LEU D 138 56.00 14.61 -9.20
CA LEU D 138 56.53 15.68 -8.38
C LEU D 138 57.97 16.03 -8.71
N THR D 139 58.84 15.03 -8.85
CA THR D 139 60.24 15.32 -9.13
C THR D 139 60.39 15.97 -10.50
N GLU D 140 59.74 15.40 -11.50
CA GLU D 140 59.86 15.94 -12.85
C GLU D 140 59.33 17.36 -12.93
N LEU D 141 58.21 17.63 -12.26
CA LEU D 141 57.67 18.98 -12.24
C LEU D 141 58.56 19.94 -11.48
N TYR D 142 59.15 19.51 -10.37
CA TYR D 142 59.99 20.39 -9.59
C TYR D 142 61.27 20.75 -10.33
N ARG D 143 61.84 19.81 -11.09
CA ARG D 143 63.03 20.11 -11.88
C ARG D 143 62.81 21.31 -12.78
N GLU D 144 61.69 21.34 -13.48
CA GLU D 144 61.42 22.47 -14.37
C GLU D 144 60.97 23.71 -13.60
N ALA D 145 60.25 23.55 -12.50
CA ALA D 145 59.68 24.71 -11.82
C ALA D 145 60.71 25.49 -11.01
N ARG D 146 61.72 24.83 -10.46
CA ARG D 146 62.66 25.49 -9.56
C ARG D 146 63.42 26.66 -10.18
N ASN D 147 63.24 26.94 -11.47
CA ASN D 147 64.03 27.96 -12.14
C ASN D 147 63.23 29.13 -12.72
N LEU D 148 61.92 29.16 -12.58
CA LEU D 148 61.14 30.19 -13.25
C LEU D 148 61.45 31.60 -12.75
N HIS D 149 61.99 31.75 -11.55
CA HIS D 149 62.45 33.06 -11.10
C HIS D 149 63.89 33.02 -10.64
N ALA D 150 64.55 34.16 -10.72
CA ALA D 150 65.90 34.30 -10.20
C ALA D 150 65.90 34.13 -8.69
N SER D 151 67.05 33.72 -8.17
CA SER D 151 67.19 33.47 -6.73
C SER D 151 66.84 34.69 -5.90
N ASP D 152 67.27 35.87 -6.32
CA ASP D 152 67.06 37.06 -5.50
C ASP D 152 65.61 37.48 -5.42
N SER D 153 64.77 37.11 -6.38
CA SER D 153 63.38 37.53 -6.35
C SER D 153 62.67 36.94 -5.16
N VAL D 154 61.75 37.72 -4.57
CA VAL D 154 60.99 37.24 -3.44
C VAL D 154 60.06 36.10 -3.83
N TYR D 155 59.67 36.02 -5.10
CA TYR D 155 58.82 34.93 -5.55
C TYR D 155 59.57 33.64 -5.79
N TYR D 156 60.85 33.56 -5.44
CA TYR D 156 61.58 32.32 -5.64
C TYR D 156 60.96 31.21 -4.82
N LEU D 157 60.85 30.03 -5.44
CA LEU D 157 60.17 28.92 -4.78
C LEU D 157 60.90 28.48 -3.52
N ASP D 158 62.22 28.45 -3.56
CA ASP D 158 62.98 27.99 -2.41
C ASP D 158 62.77 28.91 -1.21
N THR D 159 62.63 30.21 -1.47
CA THR D 159 62.32 31.20 -0.44
C THR D 159 60.88 31.09 0.03
N ARG D 160 59.97 30.91 -0.90
CA ARG D 160 58.54 30.86 -0.60
C ARG D 160 58.11 29.61 0.15
N ARG D 161 58.65 28.45 -0.19
CA ARG D 161 58.29 27.18 0.46
C ARG D 161 59.53 26.35 0.76
N PRO D 162 60.34 26.80 1.71
CA PRO D 162 61.63 26.12 1.99
C PRO D 162 61.51 24.64 2.35
N ASP D 163 60.47 24.23 3.06
CA ASP D 163 60.34 22.84 3.48
C ASP D 163 60.08 21.90 2.32
N LEU D 164 59.43 22.40 1.26
CA LEU D 164 59.18 21.56 0.09
C LEU D 164 60.47 21.06 -0.52
N LYS D 165 61.50 21.90 -0.56
CA LYS D 165 62.77 21.48 -1.14
C LYS D 165 63.44 20.35 -0.34
N SER D 166 63.29 20.34 0.98
CA SER D 166 63.69 19.20 1.82
C SER D 166 62.68 18.07 1.93
N MET D 167 61.59 18.06 1.15
CA MET D 167 60.62 16.98 1.33
C MET D 167 61.21 15.62 1.00
N ALA D 168 60.98 14.66 1.89
CA ALA D 168 61.29 13.27 1.62
C ALA D 168 60.28 12.67 0.66
N LEU D 169 60.76 11.85 -0.28
CA LEU D 169 59.89 11.04 -1.12
C LEU D 169 59.83 9.66 -0.52
N SER D 170 58.67 9.27 0.01
CA SER D 170 58.58 8.00 0.68
C SER D 170 57.19 7.44 0.52
N GLN D 171 57.08 6.12 0.63
CA GLN D 171 55.76 5.50 0.69
C GLN D 171 54.93 6.07 1.83
N GLN D 172 55.60 6.44 2.92
CA GLN D 172 54.92 7.07 4.05
C GLN D 172 54.19 8.35 3.64
N ASN D 173 54.89 9.24 2.93
CA ASN D 173 54.27 10.48 2.48
C ASN D 173 53.25 10.28 1.38
N MET D 174 53.17 9.11 0.78
CA MET D 174 52.17 8.85 -0.25
C MET D 174 50.93 8.17 0.28
N ASP D 175 51.07 7.28 1.26
CA ASP D 175 49.95 6.49 1.76
C ASP D 175 49.13 7.16 2.86
N ILE D 176 49.78 7.81 3.83
CA ILE D 176 49.10 8.35 5.00
C ILE D 176 48.32 9.60 4.58
N GLU D 177 46.99 9.50 4.59
CA GLU D 177 46.08 10.61 4.25
C GLU D 177 45.78 11.49 5.47
N LEU D 178 46.77 12.27 5.88
CA LEU D 178 46.58 13.31 6.90
C LEU D 178 45.60 14.40 6.43
N SER D 179 45.05 15.14 7.40
CA SER D 179 44.29 16.36 7.15
C SER D 179 45.17 17.52 6.69
N THR D 180 44.69 18.24 5.66
CA THR D 180 45.43 19.38 5.14
C THR D 180 45.54 20.54 6.13
N LEU D 181 44.47 20.82 6.86
CA LEU D 181 44.50 21.97 7.76
C LEU D 181 45.54 21.83 8.86
N SER D 182 45.76 20.61 9.35
CA SER D 182 46.87 20.36 10.25
C SER D 182 48.22 20.65 9.61
N LEU D 183 48.38 20.36 8.32
CA LEU D 183 49.62 20.69 7.64
C LEU D 183 49.82 22.19 7.42
N SER D 184 48.74 22.93 7.16
CA SER D 184 48.85 24.38 7.10
C SER D 184 49.16 25.01 8.44
N ASN D 185 48.60 24.46 9.51
CA ASN D 185 48.98 24.91 10.84
C ASN D 185 50.43 24.58 11.15
N GLU D 186 50.86 23.36 10.88
CA GLU D 186 52.25 23.00 11.12
C GLU D 186 53.23 23.92 10.39
N LEU D 187 52.88 24.32 9.16
CA LEU D 187 53.77 25.17 8.38
C LEU D 187 53.83 26.60 8.89
N LEU D 188 52.67 27.19 9.17
CA LEU D 188 52.68 28.53 9.75
C LEU D 188 53.29 28.55 11.15
N LEU D 189 53.00 27.54 11.97
CA LEU D 189 53.56 27.50 13.31
C LEU D 189 55.07 27.43 13.26
N GLU D 190 55.63 26.49 12.49
CA GLU D 190 57.08 26.39 12.48
C GLU D 190 57.73 27.64 11.89
N SER D 191 57.06 28.31 10.95
CA SER D 191 57.61 29.58 10.49
C SER D 191 57.62 30.66 11.57
N ILE D 192 56.57 30.73 12.39
CA ILE D 192 56.54 31.72 13.47
C ILE D 192 57.59 31.42 14.53
N LYS D 193 57.66 30.18 15.01
CA LYS D 193 58.69 29.82 15.99
C LYS D 193 60.09 29.99 15.43
N THR D 194 60.28 29.85 14.12
CA THR D 194 61.60 30.08 13.54
C THR D 194 61.91 31.57 13.48
N GLU D 195 60.91 32.39 13.17
CA GLU D 195 61.12 33.84 13.09
C GLU D 195 61.20 34.47 14.46
N SER D 196 60.26 34.15 15.34
CA SER D 196 60.23 34.83 16.62
C SER D 196 61.30 34.28 17.55
N LYS D 197 61.48 34.98 18.68
CA LYS D 197 62.27 34.46 19.78
C LYS D 197 61.58 33.31 20.49
N LEU D 198 60.29 33.13 20.24
CA LEU D 198 59.51 32.09 20.91
C LEU D 198 60.14 30.73 20.66
N GLU D 199 59.98 29.84 21.64
CA GLU D 199 60.79 28.63 21.74
C GLU D 199 59.93 27.40 21.88
N ASN D 200 58.75 27.54 22.47
CA ASN D 200 57.86 26.42 22.70
C ASN D 200 56.44 26.85 22.42
N TYR D 201 55.58 25.85 22.18
CA TYR D 201 54.24 26.12 21.69
C TYR D 201 53.41 26.96 22.67
N THR D 202 53.42 26.62 23.95
CA THR D 202 52.59 27.39 24.89
C THR D 202 53.07 28.82 25.03
N LYS D 203 54.37 29.07 24.94
CA LYS D 203 54.87 30.45 24.89
C LYS D 203 54.38 31.18 23.65
N VAL D 204 54.28 30.47 22.52
CA VAL D 204 53.73 31.08 21.32
C VAL D 204 52.27 31.46 21.52
N MET D 205 51.48 30.57 22.11
CA MET D 205 50.08 30.91 22.32
C MET D 205 49.88 31.97 23.39
N GLU D 206 50.78 32.09 24.36
CA GLU D 206 50.76 33.26 25.24
C GLU D 206 51.05 34.55 24.51
N MET D 207 52.08 34.58 23.67
CA MET D 207 52.32 35.76 22.83
C MET D 207 51.11 36.10 21.96
N LEU D 208 50.57 35.10 21.27
CA LEU D 208 49.43 35.31 20.38
C LEU D 208 48.19 35.76 21.11
N SER D 209 48.03 35.37 22.37
CA SER D 209 46.86 35.74 23.17
C SER D 209 46.80 37.24 23.44
N THR D 210 47.90 37.97 23.26
CA THR D 210 47.96 39.40 23.51
C THR D 210 48.41 40.21 22.30
N PHE D 211 48.51 39.61 21.12
CA PHE D 211 48.96 40.33 19.92
C PHE D 211 47.80 41.15 19.35
N ARG D 212 47.48 42.17 20.11
CA ARG D 212 46.41 43.12 19.80
C ARG D 212 46.56 43.87 18.48
N PRO D 213 47.77 44.24 18.01
CA PRO D 213 47.89 44.91 16.70
C PRO D 213 47.49 44.20 15.43
N SER D 214 47.07 42.94 15.46
CA SER D 214 46.70 42.25 14.23
C SER D 214 45.21 41.99 14.11
N GLY D 215 44.77 41.87 12.86
CA GLY D 215 43.39 42.09 12.46
C GLY D 215 42.40 41.00 12.81
N ALA D 216 42.85 39.83 13.24
CA ALA D 216 41.94 38.82 13.74
C ALA D 216 42.45 38.09 14.97
N THR D 217 43.62 38.46 15.48
CA THR D 217 43.96 38.30 16.88
C THR D 217 43.34 39.46 17.65
N PRO D 218 43.45 39.50 18.99
CA PRO D 218 43.93 38.48 19.94
C PRO D 218 43.09 37.23 19.96
N TYR D 219 43.78 36.09 20.05
CA TYR D 219 43.17 34.77 19.99
C TYR D 219 43.61 34.01 21.23
N HIS D 220 42.72 33.90 22.20
CA HIS D 220 43.03 33.25 23.46
C HIS D 220 42.60 31.79 23.36
N ASP D 221 43.56 30.88 23.22
CA ASP D 221 43.21 29.52 22.84
C ASP D 221 42.58 28.72 23.97
N ALA D 222 43.08 28.86 25.19
CA ALA D 222 42.51 28.12 26.30
C ALA D 222 41.06 28.54 26.53
N TYR D 223 40.78 29.82 26.39
CA TYR D 223 39.40 30.29 26.54
C TYR D 223 38.51 29.67 25.48
N GLU D 224 38.98 29.60 24.24
CA GLU D 224 38.16 28.99 23.18
C GLU D 224 37.91 27.52 23.47
N ASN D 225 38.92 26.81 23.95
CA ASN D 225 38.73 25.42 24.32
C ASN D 225 37.68 25.26 25.40
N VAL D 226 37.75 26.10 26.44
CA VAL D 226 36.78 26.04 27.53
C VAL D 226 35.38 26.33 27.03
N ARG D 227 35.24 27.36 26.22
CA ARG D 227 33.92 27.73 25.71
C ARG D 227 33.32 26.62 24.87
N GLU D 228 34.10 26.03 23.98
CA GLU D 228 33.57 24.97 23.14
C GLU D 228 33.19 23.74 23.95
N VAL D 229 33.99 23.38 24.95
CA VAL D 229 33.64 22.21 25.76
C VAL D 229 32.35 22.45 26.49
N ILE D 230 32.16 23.64 27.06
CA ILE D 230 30.91 23.95 27.76
C ILE D 230 29.73 23.90 26.79
N GLN D 231 29.88 24.49 25.62
CA GLN D 231 28.75 24.49 24.69
C GLN D 231 28.49 23.11 24.08
N LEU D 232 29.40 22.16 24.20
CA LEU D 232 29.07 20.75 23.93
C LEU D 232 28.37 20.07 25.10
N GLN D 233 28.92 20.18 26.30
CA GLN D 233 28.46 19.43 27.47
C GLN D 233 27.18 19.97 28.09
N ASP D 234 26.98 21.27 28.13
CA ASP D 234 25.76 21.86 28.68
C ASP D 234 25.34 23.08 27.89
N PRO D 235 24.73 22.86 26.71
CA PRO D 235 24.23 23.98 25.89
C PRO D 235 23.35 24.95 26.65
N GLY D 236 23.75 26.23 26.67
CA GLY D 236 22.97 27.25 27.33
C GLY D 236 23.17 27.36 28.82
N LEU D 237 24.00 26.51 29.42
CA LEU D 237 24.24 26.54 30.87
C LEU D 237 22.93 26.33 31.63
N GLU D 238 22.08 25.47 31.07
CA GLU D 238 20.86 25.05 31.76
C GLU D 238 21.16 24.42 33.11
N GLN D 239 22.19 23.58 33.18
CA GLN D 239 22.51 22.96 34.46
C GLN D 239 23.19 23.92 35.43
N LEU D 240 24.02 24.83 34.92
CA LEU D 240 24.61 25.84 35.78
C LEU D 240 23.52 26.70 36.43
N ASN D 241 22.58 27.20 35.62
CA ASN D 241 21.53 28.05 36.16
C ASN D 241 20.52 27.27 36.98
N ALA D 242 20.34 25.98 36.71
CA ALA D 242 19.51 25.18 37.59
C ALA D 242 20.12 24.95 38.97
N SER D 243 21.43 25.12 39.13
CA SER D 243 22.06 24.96 40.44
C SER D 243 22.43 26.31 41.04
N PRO D 244 21.52 26.96 41.77
CA PRO D 244 21.74 28.36 42.15
C PRO D 244 22.93 28.63 43.06
N ALA D 245 23.36 27.66 43.87
CA ALA D 245 24.55 27.91 44.69
C ALA D 245 25.81 28.07 43.86
N ILE D 246 26.01 27.21 42.85
CA ILE D 246 27.19 27.37 41.99
C ILE D 246 27.09 28.64 41.18
N ALA D 247 25.89 28.97 40.69
CA ALA D 247 25.69 30.22 39.98
C ALA D 247 26.10 31.41 40.82
N GLY D 248 25.75 31.40 42.10
CA GLY D 248 26.10 32.52 42.96
C GLY D 248 27.59 32.69 43.22
N LEU D 249 28.39 31.64 43.00
CA LEU D 249 29.84 31.81 43.15
C LEU D 249 30.42 32.68 42.06
N MET D 250 29.85 32.63 40.87
CA MET D 250 30.37 33.40 39.75
C MET D 250 29.85 34.82 39.81
N HIS D 251 30.53 35.72 39.12
CA HIS D 251 29.85 36.91 38.62
C HIS D 251 29.07 36.51 37.39
N GLN D 252 27.79 36.91 37.35
CA GLN D 252 26.94 36.48 36.26
C GLN D 252 27.44 36.97 34.92
N ALA D 253 27.97 38.20 34.87
CA ALA D 253 28.60 38.66 33.65
C ALA D 253 29.77 37.78 33.23
N SER D 254 30.42 37.09 34.18
CA SER D 254 31.48 36.14 33.85
C SER D 254 30.99 34.78 33.40
N LEU D 255 29.73 34.42 33.65
CA LEU D 255 29.15 33.28 32.95
C LEU D 255 28.62 33.68 31.58
N LEU D 256 27.85 34.77 31.53
CA LEU D 256 27.26 35.20 30.27
C LEU D 256 28.33 35.53 29.23
N GLY D 257 29.46 36.09 29.66
CA GLY D 257 30.55 36.36 28.74
C GLY D 257 31.09 35.14 28.03
N ILE D 258 30.99 33.97 28.65
CA ILE D 258 31.36 32.77 27.91
C ILE D 258 30.42 32.52 26.74
N ASN D 259 29.15 32.88 26.85
CA ASN D 259 28.25 32.74 25.70
C ASN D 259 28.66 33.70 24.59
N ALA D 260 28.88 34.96 24.94
CA ALA D 260 29.13 36.00 23.95
C ALA D 260 30.50 35.91 23.31
N SER D 261 31.32 34.92 23.65
CA SER D 261 32.61 34.70 23.00
C SER D 261 33.56 35.88 23.17
N ILE D 262 33.35 36.74 24.16
CA ILE D 262 34.29 37.81 24.45
C ILE D 262 35.45 37.23 25.24
N SER D 263 36.62 37.13 24.59
CA SER D 263 37.82 36.74 25.30
C SER D 263 38.26 37.85 26.24
N PRO D 264 39.10 37.55 27.22
CA PRO D 264 39.48 38.59 28.19
C PRO D 264 40.27 39.76 27.62
N GLU D 265 41.16 39.52 26.66
CA GLU D 265 41.81 40.64 26.00
C GLU D 265 40.89 41.40 25.06
N LEU D 266 39.99 40.71 24.37
CA LEU D 266 39.00 41.45 23.58
C LEU D 266 38.11 42.30 24.48
N PHE D 267 37.88 41.85 25.71
CA PHE D 267 37.23 42.71 26.68
C PHE D 267 38.10 43.91 27.05
N ASN D 268 39.41 43.72 27.17
CA ASN D 268 40.25 44.88 27.47
C ASN D 268 40.25 45.90 26.34
N ILE D 269 40.21 45.43 25.09
CA ILE D 269 40.08 46.33 23.95
C ILE D 269 38.76 47.09 23.98
N LEU D 270 37.66 46.36 24.12
CA LEU D 270 36.33 46.97 24.05
C LEU D 270 36.04 47.88 25.23
N THR D 271 36.70 47.65 26.36
CA THR D 271 36.42 48.44 27.56
C THR D 271 36.98 49.86 27.47
N GLU D 272 38.25 50.02 27.11
CA GLU D 272 38.93 51.24 27.48
C GLU D 272 38.42 52.45 26.71
N GLU D 273 38.60 53.62 27.33
CA GLU D 273 37.98 54.87 26.94
C GLU D 273 38.84 55.65 25.95
N ILE D 274 38.33 55.86 24.75
CA ILE D 274 39.04 56.56 23.69
C ILE D 274 38.83 58.06 23.83
N THR D 275 39.93 58.83 23.77
CA THR D 275 39.81 60.27 23.88
C THR D 275 40.98 60.93 23.15
N GLU D 276 40.74 62.15 22.69
CA GLU D 276 41.78 63.03 22.16
C GLU D 276 42.79 63.43 23.23
N GLY D 277 44.04 63.01 23.07
CA GLY D 277 44.99 62.97 24.16
C GLY D 277 45.48 61.58 24.52
N ASN D 278 44.82 60.53 24.03
CA ASN D 278 45.39 59.20 24.04
C ASN D 278 45.20 58.44 22.73
N ALA D 279 44.33 58.89 21.84
CA ALA D 279 44.22 58.28 20.52
C ALA D 279 45.56 58.26 19.80
N GLU D 280 46.39 59.28 20.02
CA GLU D 280 47.72 59.36 19.43
C GLU D 280 48.66 58.28 19.93
N GLU D 281 48.29 57.52 20.95
CA GLU D 281 49.13 56.43 21.43
C GLU D 281 48.33 55.14 21.50
N LEU D 282 47.03 55.24 21.72
CA LEU D 282 46.24 54.02 21.61
C LEU D 282 46.19 53.52 20.18
N TYR D 283 46.41 54.39 19.20
CA TYR D 283 46.67 53.92 17.84
C TYR D 283 47.96 53.13 17.75
N LYS D 284 49.00 53.58 18.47
CA LYS D 284 50.22 52.79 18.55
C LYS D 284 49.99 51.42 19.17
N LYS D 285 49.16 51.36 20.20
CA LYS D 285 48.83 50.06 20.80
C LYS D 285 48.02 49.18 19.86
N ASN D 286 47.00 49.73 19.19
CA ASN D 286 46.03 48.90 18.52
C ASN D 286 46.32 48.66 17.05
N PHE D 287 47.19 49.44 16.43
CA PHE D 287 47.52 49.22 15.02
C PHE D 287 49.00 49.29 14.72
N GLY D 288 49.82 49.87 15.57
CA GLY D 288 51.24 49.80 15.35
C GLY D 288 51.77 50.65 14.21
N ASN D 289 52.05 50.03 13.07
CA ASN D 289 52.84 50.67 12.03
C ASN D 289 52.07 51.02 10.76
N ILE D 290 50.84 50.56 10.60
CA ILE D 290 50.08 50.88 9.39
C ILE D 290 49.60 52.32 9.43
N GLU D 291 49.96 53.07 8.40
CA GLU D 291 49.59 54.48 8.33
C GLU D 291 48.06 54.62 8.28
N PRO D 292 47.49 55.56 9.04
CA PRO D 292 46.03 55.73 9.02
C PRO D 292 45.50 56.20 7.67
N ALA D 293 46.37 56.78 6.84
CA ALA D 293 46.01 57.12 5.47
C ALA D 293 45.80 55.89 4.59
N SER D 294 46.66 54.88 4.72
CA SER D 294 46.39 53.65 3.99
C SER D 294 45.14 52.95 4.51
N LEU D 295 45.02 52.79 5.82
CA LEU D 295 43.88 52.10 6.41
C LEU D 295 42.56 52.83 6.20
N ALA D 296 42.58 54.11 5.84
CA ALA D 296 41.36 54.82 5.46
C ALA D 296 40.66 54.24 4.23
N MET D 297 41.40 53.74 3.25
CA MET D 297 40.75 53.17 2.08
C MET D 297 39.87 51.98 2.44
N PRO D 298 38.62 51.93 1.96
CA PRO D 298 37.74 50.80 2.29
C PRO D 298 38.28 49.46 1.82
N GLU D 299 38.94 49.41 0.67
CA GLU D 299 39.45 48.15 0.18
C GLU D 299 40.53 47.60 1.10
N TYR D 300 41.47 48.45 1.50
CA TYR D 300 42.51 48.00 2.41
C TYR D 300 41.90 47.51 3.72
N LEU D 301 40.93 48.24 4.25
CA LEU D 301 40.33 47.87 5.52
C LEU D 301 39.54 46.57 5.40
N LYS D 302 38.83 46.39 4.30
CA LYS D 302 38.11 45.14 4.09
C LYS D 302 39.05 43.95 4.00
N ARG D 303 40.18 44.12 3.31
CA ARG D 303 41.19 43.06 3.30
C ARG D 303 41.79 42.84 4.68
N TYR D 304 41.98 43.91 5.44
CA TYR D 304 42.62 43.82 6.75
C TYR D 304 41.77 43.06 7.75
N TYR D 305 40.47 43.36 7.83
CA TYR D 305 39.61 42.60 8.72
C TYR D 305 39.03 41.36 8.08
N ASN D 306 39.33 41.09 6.82
CA ASN D 306 38.77 39.94 6.11
C ASN D 306 37.25 39.97 6.12
N LEU D 307 36.68 41.16 5.98
CA LEU D 307 35.24 41.33 5.97
C LEU D 307 34.65 40.98 4.62
N SER D 308 33.34 40.76 4.63
CA SER D 308 32.57 40.66 3.39
C SER D 308 32.13 42.03 2.91
N ASP D 309 31.76 42.11 1.63
CA ASP D 309 31.32 43.36 1.04
C ASP D 309 30.05 43.91 1.68
N GLU D 310 29.02 43.08 1.84
CA GLU D 310 27.83 43.59 2.51
C GLU D 310 28.07 43.88 3.98
N GLU D 311 28.99 43.16 4.62
CA GLU D 311 29.33 43.52 5.98
C GLU D 311 30.00 44.89 6.07
N LEU D 312 30.96 45.19 5.19
CA LEU D 312 31.53 46.52 5.19
C LEU D 312 30.52 47.60 4.82
N SER D 313 29.62 47.31 3.89
CA SER D 313 28.69 48.33 3.44
C SER D 313 27.83 48.86 4.58
N GLN D 314 27.42 48.00 5.50
CA GLN D 314 26.61 48.40 6.65
C GLN D 314 27.41 48.96 7.81
N PHE D 315 28.73 48.88 7.77
CA PHE D 315 29.53 49.72 8.66
C PHE D 315 29.68 51.12 8.10
N ILE D 316 30.22 51.24 6.89
CA ILE D 316 30.62 52.56 6.44
C ILE D 316 29.46 53.38 5.88
N GLY D 317 28.35 52.76 5.49
CA GLY D 317 27.20 53.54 5.08
C GLY D 317 26.61 54.41 6.18
N LYS D 318 26.90 54.12 7.45
CA LYS D 318 26.45 54.92 8.57
C LYS D 318 27.57 55.73 9.22
N ALA D 319 28.74 55.84 8.57
CA ALA D 319 29.98 56.08 9.29
C ALA D 319 29.93 57.33 10.16
N SER D 320 29.14 58.33 9.75
CA SER D 320 28.97 59.55 10.54
C SER D 320 28.68 59.29 12.00
N ASN D 321 28.05 58.15 12.32
CA ASN D 321 27.78 57.81 13.72
C ASN D 321 29.04 57.53 14.52
N PHE D 322 30.13 57.13 13.87
CA PHE D 322 31.40 57.01 14.57
C PHE D 322 32.05 58.33 14.94
N GLY D 323 31.52 59.47 14.52
CA GLY D 323 32.01 60.75 15.02
C GLY D 323 31.52 61.04 16.42
N GLN D 324 31.75 62.27 16.86
CA GLN D 324 30.92 62.86 17.89
C GLN D 324 29.52 63.11 17.37
N GLN D 325 28.53 62.78 18.19
CA GLN D 325 27.13 62.93 17.79
C GLN D 325 26.58 64.33 18.04
N GLU D 326 27.19 65.11 18.93
CA GLU D 326 26.76 66.47 19.19
C GLU D 326 27.96 67.36 19.41
N TYR D 327 27.79 68.66 19.12
CA TYR D 327 28.80 69.65 19.42
C TYR D 327 29.26 69.59 20.86
N SER D 328 30.58 69.71 21.03
CA SER D 328 31.22 69.87 22.33
C SER D 328 32.28 70.94 22.19
N ASN D 329 32.30 71.87 23.14
CA ASN D 329 33.24 73.01 23.11
C ASN D 329 33.17 73.76 21.78
N ASN D 330 31.96 73.84 21.22
CA ASN D 330 31.75 74.37 19.87
C ASN D 330 32.45 73.57 18.76
N GLN D 331 33.10 72.46 19.08
CA GLN D 331 33.69 71.63 18.04
C GLN D 331 32.80 70.44 17.71
N LEU D 332 32.76 70.09 16.42
CA LEU D 332 32.29 68.79 15.96
C LEU D 332 33.38 68.14 15.12
N ILE D 333 33.77 66.93 15.48
CA ILE D 333 34.75 66.15 14.73
C ILE D 333 34.02 64.97 14.11
N THR D 334 34.06 64.87 12.78
CA THR D 334 33.22 63.87 12.14
C THR D 334 33.86 63.26 10.91
N PRO D 335 33.65 61.96 10.70
CA PRO D 335 33.92 61.36 9.39
C PRO D 335 32.93 61.84 8.35
N VAL D 336 33.41 61.94 7.12
CA VAL D 336 32.56 62.28 5.98
C VAL D 336 32.94 61.35 4.84
N VAL D 337 31.93 60.87 4.12
CA VAL D 337 32.17 59.93 3.03
C VAL D 337 32.88 60.62 1.87
N ASN D 338 32.26 61.64 1.28
CA ASN D 338 32.84 62.35 0.14
C ASN D 338 33.42 61.36 -0.85
N SER D 339 32.66 60.30 -1.11
CA SER D 339 33.24 59.01 -1.49
C SER D 339 33.25 58.79 -2.99
N SER D 340 33.72 59.75 -3.78
CA SER D 340 33.96 59.45 -5.18
C SER D 340 34.93 58.30 -5.34
N ASP D 341 35.73 58.02 -4.30
CA ASP D 341 36.67 56.91 -4.26
C ASP D 341 36.51 56.09 -2.99
N GLY D 342 35.42 56.30 -2.25
CA GLY D 342 35.13 55.59 -1.03
C GLY D 342 35.87 56.05 0.21
N THR D 343 36.83 56.96 0.10
CA THR D 343 37.75 57.16 1.20
C THR D 343 37.07 57.98 2.29
N VAL D 344 37.51 57.79 3.53
CA VAL D 344 36.93 58.52 4.65
C VAL D 344 37.89 59.62 5.08
N LYS D 345 37.35 60.81 5.29
CA LYS D 345 38.11 61.98 5.71
C LYS D 345 37.44 62.58 6.94
N VAL D 346 38.23 62.90 7.96
CA VAL D 346 37.69 63.45 9.20
C VAL D 346 37.86 64.95 9.16
N TYR D 347 36.75 65.66 9.40
CA TYR D 347 36.70 67.11 9.43
C TYR D 347 36.48 67.58 10.85
N ARG D 348 37.27 68.55 11.29
CA ARG D 348 36.90 69.33 12.46
C ARG D 348 36.16 70.58 11.99
N ILE D 349 34.94 70.74 12.49
CA ILE D 349 34.16 71.95 12.33
C ILE D 349 34.23 72.71 13.64
N THR D 350 34.67 73.96 13.60
CA THR D 350 34.73 74.80 14.77
C THR D 350 33.75 75.95 14.60
N ARG D 351 32.80 76.04 15.51
CA ARG D 351 31.83 77.12 15.52
C ARG D 351 32.39 78.34 16.23
N GLU D 352 31.97 79.51 15.78
CA GLU D 352 32.35 80.78 16.40
C GLU D 352 31.17 81.73 16.26
N TYR D 353 30.53 82.05 17.39
CA TYR D 353 29.39 82.96 17.36
C TYR D 353 29.87 84.37 17.05
N THR D 354 29.29 84.97 16.02
CA THR D 354 29.75 86.24 15.49
C THR D 354 28.75 87.37 15.64
N THR D 355 27.45 87.08 15.71
CA THR D 355 26.46 88.14 15.82
C THR D 355 25.21 87.61 16.50
N ASN D 356 24.78 88.31 17.55
CA ASN D 356 23.49 88.09 18.22
C ASN D 356 23.31 86.64 18.67
N ALA D 357 24.35 86.09 19.30
CA ALA D 357 24.30 84.70 19.76
C ALA D 357 23.19 84.48 20.78
N TYR D 358 22.69 85.55 21.40
CA TYR D 358 21.51 85.50 22.25
C TYR D 358 20.23 85.17 21.49
N GLN D 359 20.24 85.27 20.16
CA GLN D 359 19.05 84.91 19.40
C GLN D 359 18.81 83.41 19.36
N MET D 360 19.88 82.61 19.29
CA MET D 360 19.70 81.25 18.80
C MET D 360 20.89 80.39 19.17
N ASP D 361 20.69 79.08 19.03
CA ASP D 361 21.76 78.10 18.84
C ASP D 361 21.71 77.61 17.41
N VAL D 362 22.88 77.35 16.83
CA VAL D 362 22.98 76.84 15.47
C VAL D 362 24.03 75.74 15.42
N GLU D 363 23.74 74.69 14.65
CA GLU D 363 24.60 73.51 14.58
C GLU D 363 24.63 72.97 13.16
N LEU D 364 25.78 72.45 12.76
CA LEU D 364 26.05 72.03 11.40
C LEU D 364 26.60 70.61 11.40
N PHE D 365 26.08 69.75 10.53
CA PHE D 365 26.38 68.33 10.53
C PHE D 365 26.51 67.86 9.09
N PRO D 366 27.72 67.65 8.60
CA PRO D 366 27.89 67.17 7.22
C PRO D 366 27.41 65.74 7.05
N PHE D 367 27.08 65.41 5.79
CA PHE D 367 26.79 64.04 5.38
C PHE D 367 27.33 63.68 4.02
N GLY D 368 27.79 64.64 3.20
CA GLY D 368 28.38 64.34 1.92
C GLY D 368 29.29 65.46 1.47
N GLY D 369 29.90 65.27 0.30
CA GLY D 369 30.72 66.29 -0.31
C GLY D 369 29.99 67.57 -0.68
N GLU D 370 30.30 68.66 0.02
CA GLU D 370 29.63 69.95 -0.10
C GLU D 370 28.15 69.85 0.26
N ASN D 371 27.78 68.82 1.00
CA ASN D 371 26.41 68.57 1.38
C ASN D 371 26.33 68.48 2.90
N TYR D 372 25.41 69.23 3.49
CA TYR D 372 25.41 69.44 4.93
C TYR D 372 23.98 69.47 5.40
N ARG D 373 23.78 69.10 6.66
CA ARG D 373 22.58 69.47 7.40
C ARG D 373 22.98 70.60 8.33
N LEU D 374 22.19 71.67 8.31
CA LEU D 374 22.33 72.75 9.27
C LEU D 374 21.13 72.75 10.21
N ASP D 375 21.41 72.74 11.52
CA ASP D 375 20.38 72.77 12.54
C ASP D 375 20.55 74.04 13.34
N TYR D 376 19.43 74.64 13.74
CA TYR D 376 19.47 75.87 14.51
C TYR D 376 18.22 75.95 15.37
N LYS D 377 18.36 76.63 16.50
CA LYS D 377 17.34 76.62 17.54
C LYS D 377 17.36 77.98 18.20
N PHE D 378 16.21 78.66 18.16
CA PHE D 378 16.11 80.03 18.61
C PHE D 378 15.89 80.15 20.11
N LYS D 379 16.37 81.27 20.65
CA LYS D 379 16.29 81.60 22.06
C LYS D 379 15.24 82.67 22.34
N ASN D 380 15.07 83.59 21.39
CA ASN D 380 14.15 84.72 21.47
C ASN D 380 13.20 84.66 20.29
N PHE D 381 12.03 85.25 20.45
CA PHE D 381 11.00 85.26 19.42
C PHE D 381 10.97 86.60 18.69
N TYR D 382 11.02 86.54 17.36
CA TYR D 382 10.74 87.67 16.50
C TYR D 382 9.78 87.21 15.42
N ASN D 383 8.70 87.96 15.23
CA ASN D 383 7.66 87.57 14.29
C ASN D 383 8.15 87.86 12.87
N ALA D 384 8.99 86.95 12.37
CA ALA D 384 9.49 87.05 11.00
C ALA D 384 8.33 86.94 10.00
N SER D 385 8.37 87.81 8.98
CA SER D 385 7.63 87.55 7.76
C SER D 385 8.20 86.36 7.00
N TYR D 386 9.51 86.16 7.09
CA TYR D 386 10.15 84.96 6.59
C TYR D 386 11.48 84.83 7.33
N LEU D 387 12.02 83.62 7.30
CA LEU D 387 13.40 83.38 7.70
C LEU D 387 14.26 83.18 6.46
N SER D 388 15.28 84.03 6.32
CA SER D 388 16.26 83.98 5.24
C SER D 388 17.64 83.57 5.78
N ILE D 389 18.27 82.59 5.14
CA ILE D 389 19.57 82.10 5.57
C ILE D 389 20.49 82.12 4.37
N LYS D 390 21.70 82.63 4.56
CA LYS D 390 22.64 82.90 3.48
C LYS D 390 23.98 82.30 3.86
N LEU D 391 24.79 82.00 2.85
CA LEU D 391 26.23 81.99 3.03
C LEU D 391 26.73 83.40 3.33
N ASN D 392 27.35 83.58 4.50
CA ASN D 392 27.57 84.91 5.06
C ASN D 392 26.23 85.64 4.98
N ASP D 393 26.20 86.88 4.49
CA ASP D 393 24.99 87.57 4.10
C ASP D 393 24.82 87.57 2.58
N LYS D 394 25.46 86.65 1.87
CA LYS D 394 25.68 86.77 0.44
C LYS D 394 24.81 85.75 -0.28
N ARG D 395 25.27 84.52 -0.47
CA ARG D 395 24.51 83.53 -1.23
C ARG D 395 23.44 82.90 -0.34
N GLU D 396 22.18 83.20 -0.65
CA GLU D 396 21.05 82.67 0.09
C GLU D 396 20.88 81.18 -0.19
N LEU D 397 21.16 80.36 0.82
CA LEU D 397 21.12 78.92 0.64
C LEU D 397 19.73 78.34 0.87
N VAL D 398 18.95 78.96 1.75
CA VAL D 398 17.59 78.53 2.04
C VAL D 398 16.83 79.75 2.55
N ARG D 399 15.52 79.76 2.32
CA ARG D 399 14.63 80.71 2.96
C ARG D 399 13.37 80.01 3.43
N THR D 400 12.89 80.39 4.62
CA THR D 400 11.65 79.86 5.17
C THR D 400 10.67 80.99 5.47
N GLU D 401 9.45 80.85 4.97
CA GLU D 401 8.37 81.80 5.21
C GLU D 401 7.75 81.63 6.60
N GLY D 402 7.28 82.74 7.14
CA GLY D 402 6.69 82.78 8.47
C GLY D 402 7.71 82.91 9.59
N ALA D 403 7.18 82.89 10.81
CA ALA D 403 7.98 83.18 11.99
C ALA D 403 8.56 81.90 12.57
N PRO D 404 9.89 81.76 12.63
CA PRO D 404 10.50 80.70 13.44
C PRO D 404 10.16 80.88 14.91
N GLN D 405 9.73 79.79 15.54
CA GLN D 405 9.33 79.82 16.94
C GLN D 405 10.50 79.53 17.88
N VAL D 406 10.33 79.99 19.13
CA VAL D 406 11.30 79.72 20.19
C VAL D 406 11.32 78.25 20.52
N ASN D 407 12.52 77.74 20.83
CA ASN D 407 12.74 76.37 21.30
C ASN D 407 12.34 75.32 20.26
N ILE D 408 12.28 75.71 18.99
CA ILE D 408 12.17 74.78 17.87
C ILE D 408 13.53 74.70 17.19
N GLU D 409 14.05 73.49 17.03
CA GLU D 409 15.23 73.28 16.19
C GLU D 409 14.77 73.13 14.75
N TYR D 410 14.93 74.18 13.96
CA TYR D 410 14.75 74.14 12.52
C TYR D 410 16.01 73.60 11.84
N SER D 411 15.83 73.09 10.62
CA SER D 411 16.90 72.43 9.90
C SER D 411 16.82 72.78 8.41
N ALA D 412 17.96 72.72 7.74
CA ALA D 412 18.02 72.92 6.30
C ALA D 412 19.18 72.13 5.70
N ASN D 413 18.91 71.39 4.62
CA ASN D 413 19.91 70.65 3.86
C ASN D 413 20.68 71.55 2.90
N ILE D 414 21.36 72.54 3.47
CA ILE D 414 22.11 73.54 2.72
C ILE D 414 23.29 72.87 2.00
N THR D 415 23.97 73.62 1.14
CA THR D 415 25.25 73.21 0.58
C THR D 415 26.29 74.29 0.85
N LEU D 416 27.53 73.85 1.11
CA LEU D 416 28.69 74.73 1.24
C LEU D 416 29.83 74.14 0.43
N ASN D 417 30.35 74.91 -0.53
CA ASN D 417 31.27 74.40 -1.53
C ASN D 417 32.73 74.65 -1.14
N THR D 418 33.63 73.98 -1.87
CA THR D 418 35.05 73.96 -1.51
C THR D 418 35.60 75.37 -1.30
N ALA D 419 35.32 76.27 -2.24
CA ALA D 419 35.76 77.66 -2.13
C ALA D 419 35.07 78.39 -0.98
N ASP D 420 33.98 77.83 -0.47
CA ASP D 420 33.34 78.31 0.75
C ASP D 420 34.04 77.74 1.98
N ILE D 421 34.11 76.41 2.08
CA ILE D 421 34.52 75.75 3.32
C ILE D 421 36.02 75.80 3.55
N SER D 422 36.80 76.15 2.53
CA SER D 422 38.19 76.54 2.75
C SER D 422 38.32 77.83 3.54
N GLN D 423 37.32 78.70 3.51
CA GLN D 423 37.35 79.88 4.36
C GLN D 423 36.92 79.55 5.78
N PRO D 424 37.27 80.41 6.74
CA PRO D 424 36.44 80.52 7.95
C PRO D 424 35.17 81.29 7.65
N PHE D 425 34.32 80.71 6.81
CA PHE D 425 33.10 81.40 6.37
C PHE D 425 32.15 81.64 7.53
N GLU D 426 31.41 82.74 7.43
CA GLU D 426 30.24 82.95 8.27
C GLU D 426 29.05 82.25 7.64
N ILE D 427 28.10 81.84 8.48
CA ILE D 427 26.74 81.62 8.05
C ILE D 427 25.83 82.64 8.73
N GLY D 428 25.21 83.49 7.92
CA GLY D 428 24.29 84.50 8.41
C GLY D 428 22.85 84.08 8.24
N LEU D 429 22.17 83.87 9.36
CA LEU D 429 20.74 83.66 9.40
C LEU D 429 20.03 84.97 9.69
N THR D 430 18.79 85.09 9.21
CA THR D 430 18.07 86.36 9.32
C THR D 430 16.57 86.08 9.35
N ARG D 431 15.98 86.15 10.54
CA ARG D 431 14.53 86.37 10.69
C ARG D 431 14.23 87.79 10.20
N VAL D 432 13.66 87.92 9.02
CA VAL D 432 13.18 89.22 8.53
C VAL D 432 11.71 89.40 8.89
N LEU D 433 11.43 90.42 9.69
CA LEU D 433 10.06 90.73 10.08
C LEU D 433 9.31 91.41 8.93
N PRO D 434 7.97 91.40 8.97
CA PRO D 434 7.19 92.11 7.94
C PRO D 434 7.55 93.58 7.78
N SER D 435 8.12 94.20 8.83
CA SER D 435 8.61 95.56 8.73
C SER D 435 9.89 95.68 7.92
N GLY D 436 10.53 94.56 7.57
CA GLY D 436 11.89 94.59 7.08
C GLY D 436 12.94 94.76 8.14
N SER D 437 12.56 94.96 9.39
CA SER D 437 13.49 94.77 10.50
C SER D 437 13.92 93.30 10.53
N TRP D 438 14.98 93.04 11.27
CA TRP D 438 15.42 91.65 11.38
C TRP D 438 16.05 91.39 12.75
N ALA D 439 15.88 90.14 13.19
CA ALA D 439 16.82 89.50 14.11
C ALA D 439 17.81 88.71 13.26
N TYR D 440 18.77 89.42 12.70
CA TYR D 440 19.95 88.78 12.17
C TYR D 440 20.80 88.21 13.29
N ALA D 441 21.35 87.02 13.05
CA ALA D 441 22.38 86.43 13.88
C ALA D 441 23.23 85.54 12.98
N ALA D 442 24.48 85.34 13.40
CA ALA D 442 25.39 84.58 12.56
C ALA D 442 26.48 83.93 13.41
N ALA D 443 27.06 82.87 12.85
CA ALA D 443 28.28 82.30 13.37
C ALA D 443 29.18 81.92 12.20
N LYS D 444 30.48 82.07 12.40
CA LYS D 444 31.47 81.47 11.52
C LYS D 444 31.62 79.98 11.77
N PHE D 445 31.97 79.25 10.72
CA PHE D 445 32.22 77.81 10.81
C PHE D 445 33.50 77.51 10.04
N THR D 446 34.59 77.32 10.77
CA THR D 446 35.85 76.85 10.21
C THR D 446 35.77 75.35 9.92
N VAL D 447 36.16 74.96 8.71
CA VAL D 447 36.24 73.54 8.35
C VAL D 447 37.71 73.17 8.16
N GLU D 448 38.16 72.18 8.92
CA GLU D 448 39.53 71.69 8.89
C GLU D 448 39.52 70.20 8.62
N GLU D 449 40.44 69.73 7.78
CA GLU D 449 40.76 68.31 7.72
C GLU D 449 41.64 67.88 8.88
N TYR D 450 41.33 66.72 9.45
CA TYR D 450 41.83 66.36 10.77
C TYR D 450 42.19 64.88 10.80
N ASN D 451 42.99 64.49 11.78
CA ASN D 451 43.56 63.15 11.81
C ASN D 451 42.50 62.08 12.12
N GLN D 452 42.63 60.92 11.46
CA GLN D 452 41.64 59.85 11.48
C GLN D 452 41.72 58.93 12.69
N TYR D 453 42.62 59.20 13.63
CA TYR D 453 42.85 58.28 14.76
C TYR D 453 41.56 57.94 15.51
N SER D 454 40.87 58.95 16.02
CA SER D 454 39.67 58.72 16.81
C SER D 454 38.56 58.07 16.00
N PHE D 455 38.58 58.21 14.68
CA PHE D 455 37.62 57.49 13.86
C PHE D 455 37.97 56.01 13.79
N LEU D 456 39.21 55.69 13.44
CA LEU D 456 39.61 54.30 13.27
C LEU D 456 39.53 53.50 14.55
N LEU D 457 39.82 54.10 15.70
CA LEU D 457 39.68 53.35 16.95
C LEU D 457 38.22 52.98 17.25
N LYS D 458 37.29 53.86 16.93
CA LYS D 458 35.89 53.51 17.12
C LYS D 458 35.41 52.48 16.10
N LEU D 459 35.84 52.61 14.86
CA LEU D 459 35.50 51.57 13.88
C LEU D 459 36.08 50.22 14.27
N ASN D 460 37.28 50.21 14.85
CA ASN D 460 37.87 48.97 15.31
C ASN D 460 37.04 48.32 16.42
N LYS D 461 36.68 49.10 17.43
CA LYS D 461 35.75 48.60 18.45
C LYS D 461 34.48 48.04 17.86
N ALA D 462 33.89 48.72 16.88
CA ALA D 462 32.62 48.26 16.32
C ALA D 462 32.78 46.96 15.54
N ILE D 463 33.82 46.85 14.71
CA ILE D 463 33.99 45.63 13.93
C ILE D 463 34.25 44.45 14.83
N ARG D 464 35.16 44.60 15.79
CA ARG D 464 35.51 43.46 16.62
C ARG D 464 34.34 43.03 17.50
N LEU D 465 33.57 43.98 18.01
CA LEU D 465 32.39 43.63 18.79
C LEU D 465 31.34 42.92 17.94
N SER D 466 31.04 43.45 16.76
CA SER D 466 30.06 42.80 15.90
C SER D 466 30.49 41.39 15.51
N ARG D 467 31.77 41.20 15.23
CA ARG D 467 32.25 39.88 14.83
C ARG D 467 32.26 38.89 15.99
N ALA D 468 32.59 39.34 17.20
CA ALA D 468 32.64 38.42 18.32
C ALA D 468 31.26 37.95 18.76
N THR D 469 30.28 38.84 18.81
CA THR D 469 28.94 38.47 19.26
C THR D 469 28.05 38.02 18.13
N GLU D 470 28.58 37.91 16.92
CA GLU D 470 27.84 37.60 15.69
C GLU D 470 26.47 38.25 15.62
N LEU D 471 26.41 39.53 15.97
CA LEU D 471 25.19 40.32 15.90
C LEU D 471 25.38 41.36 14.80
N SER D 472 24.30 41.68 14.11
CA SER D 472 24.37 42.66 13.05
C SER D 472 24.73 44.04 13.61
N PRO D 473 25.49 44.83 12.87
CA PRO D 473 25.83 46.18 13.36
C PRO D 473 24.62 47.05 13.63
N THR D 474 23.52 46.87 12.91
CA THR D 474 22.32 47.66 13.22
C THR D 474 21.80 47.36 14.62
N ILE D 475 21.81 46.10 15.02
CA ILE D 475 21.34 45.74 16.35
C ILE D 475 22.23 46.37 17.41
N LEU D 476 23.54 46.29 17.23
CA LEU D 476 24.47 46.88 18.19
C LEU D 476 24.32 48.39 18.26
N GLU D 477 24.10 49.03 17.12
CA GLU D 477 23.86 50.47 17.15
C GLU D 477 22.57 50.79 17.89
N GLY D 478 21.56 49.93 17.75
CA GLY D 478 20.34 50.11 18.52
C GLY D 478 20.47 49.81 19.99
N ILE D 479 21.54 49.13 20.37
CA ILE D 479 21.77 48.87 21.79
C ILE D 479 22.60 49.98 22.42
N VAL D 480 23.60 50.48 21.70
CA VAL D 480 24.50 51.47 22.28
C VAL D 480 23.78 52.80 22.54
N ARG D 481 22.79 53.15 21.71
CA ARG D 481 22.08 54.40 21.93
C ARG D 481 21.21 54.39 23.18
N SER D 482 20.88 53.21 23.71
CA SER D 482 20.06 53.16 24.91
C SER D 482 20.86 53.36 26.19
N VAL D 483 22.18 53.40 26.10
CA VAL D 483 23.02 53.78 27.23
C VAL D 483 23.46 55.24 27.13
N ASN D 484 24.05 55.62 26.01
CA ASN D 484 24.67 56.92 25.88
C ASN D 484 24.16 57.59 24.62
N LEU D 485 23.88 58.89 24.73
CA LEU D 485 23.63 59.70 23.55
C LEU D 485 24.89 59.94 22.74
N GLN D 486 26.06 59.68 23.32
CA GLN D 486 27.28 59.55 22.54
C GLN D 486 27.54 58.08 22.23
N LEU D 487 27.87 57.79 20.98
CA LEU D 487 28.12 56.42 20.56
C LEU D 487 29.45 55.95 21.15
N ASP D 488 29.42 55.37 22.34
CA ASP D 488 30.67 55.10 23.08
C ASP D 488 30.58 53.72 23.74
N ILE D 489 31.10 52.71 23.06
CA ILE D 489 31.16 51.36 23.63
C ILE D 489 32.06 51.37 24.86
N ASN D 490 31.54 50.86 25.96
CA ASN D 490 32.23 50.89 27.24
C ASN D 490 31.62 49.81 28.14
N THR D 491 32.08 49.77 29.40
CA THR D 491 31.63 48.76 30.34
C THR D 491 30.10 48.69 30.46
N ASP D 492 29.44 49.85 30.47
CA ASP D 492 28.00 49.84 30.71
C ASP D 492 27.26 49.20 29.53
N VAL D 493 27.54 49.63 28.31
CA VAL D 493 26.84 49.09 27.15
C VAL D 493 27.25 47.64 26.95
N LEU D 494 28.51 47.33 27.24
CA LEU D 494 29.02 45.98 27.07
C LEU D 494 28.48 45.04 28.13
N GLY D 495 27.89 45.58 29.18
CA GLY D 495 27.32 44.72 30.19
C GLY D 495 26.03 44.08 29.73
N LYS D 496 25.20 44.79 28.97
CA LYS D 496 23.90 44.24 28.60
C LYS D 496 23.88 43.59 27.22
N VAL D 497 24.95 43.64 26.44
CA VAL D 497 24.94 42.82 25.24
C VAL D 497 24.95 41.34 25.62
N PHE D 498 25.63 40.99 26.71
CA PHE D 498 25.57 39.61 27.17
C PHE D 498 24.16 39.24 27.63
N LEU D 499 23.49 40.17 28.31
CA LEU D 499 22.13 39.91 28.74
C LEU D 499 21.19 39.73 27.56
N THR D 500 21.31 40.57 26.54
CA THR D 500 20.44 40.41 25.40
C THR D 500 20.74 39.14 24.60
N LYS D 501 22.00 38.72 24.55
CA LYS D 501 22.31 37.43 23.91
C LYS D 501 21.72 36.26 24.69
N TYR D 502 21.73 36.35 26.01
CA TYR D 502 21.08 35.34 26.83
C TYR D 502 19.57 35.32 26.62
N TYR D 503 18.91 36.46 26.73
CA TYR D 503 17.45 36.49 26.56
C TYR D 503 17.02 36.09 25.16
N MET D 504 17.69 36.58 24.11
CA MET D 504 17.36 36.12 22.77
C MET D 504 17.58 34.63 22.58
N GLN D 505 18.50 34.01 23.30
CA GLN D 505 18.58 32.56 23.18
C GLN D 505 17.51 31.85 24.00
N ARG D 506 17.41 32.19 25.29
CA ARG D 506 16.49 31.51 26.22
C ARG D 506 15.05 31.64 25.80
N TYR D 507 14.60 32.84 25.43
CA TYR D 507 13.20 33.11 25.18
C TYR D 507 12.88 33.16 23.69
N ALA D 508 13.90 33.18 22.84
CA ALA D 508 13.74 33.26 21.39
C ALA D 508 12.88 34.44 20.95
N ILE D 509 13.23 35.62 21.46
CA ILE D 509 12.48 36.83 21.20
C ILE D 509 13.35 37.71 20.30
N HIS D 510 12.74 38.77 19.77
CA HIS D 510 13.49 39.65 18.89
C HIS D 510 14.41 40.55 19.73
N ALA D 511 15.32 41.25 19.04
CA ALA D 511 16.31 42.07 19.72
C ALA D 511 15.67 43.21 20.51
N GLU D 512 14.69 43.89 19.92
CA GLU D 512 14.06 45.03 20.58
C GLU D 512 13.32 44.60 21.85
N THR D 513 12.65 43.47 21.81
CA THR D 513 11.97 42.97 23.00
C THR D 513 12.96 42.67 24.11
N ALA D 514 14.09 42.05 23.76
CA ALA D 514 15.11 41.76 24.76
C ALA D 514 15.67 43.05 25.36
N LEU D 515 15.83 44.08 24.54
CA LEU D 515 16.29 45.35 25.09
C LEU D 515 15.26 45.91 26.06
N ILE D 516 13.97 45.78 25.75
CA ILE D 516 12.95 46.19 26.71
C ILE D 516 13.11 45.43 28.02
N LEU D 517 13.35 44.13 27.95
CA LEU D 517 13.58 43.35 29.16
C LEU D 517 14.81 43.81 29.94
N CYS D 518 15.76 44.48 29.29
CA CYS D 518 16.95 44.98 29.94
C CYS D 518 16.79 46.40 30.50
N ASN D 519 15.55 46.83 30.74
CA ASN D 519 15.27 48.17 31.25
C ASN D 519 15.82 49.26 30.33
N ALA D 520 15.39 49.20 29.07
CA ALA D 520 15.78 50.19 28.09
C ALA D 520 14.54 50.83 27.48
N PRO D 521 14.52 52.14 27.31
CA PRO D 521 13.34 52.80 26.75
C PRO D 521 13.11 52.40 25.30
N ILE D 522 11.83 52.47 24.90
CA ILE D 522 11.46 52.18 23.52
C ILE D 522 12.09 53.21 22.58
N SER D 523 12.63 52.73 21.47
CA SER D 523 13.36 53.56 20.52
C SER D 523 12.40 54.17 19.50
N GLN D 524 12.35 55.49 19.43
CA GLN D 524 11.56 56.15 18.40
C GLN D 524 12.20 56.10 17.03
N ARG D 525 13.53 56.03 16.95
CA ARG D 525 14.21 56.07 15.66
C ARG D 525 13.94 54.84 14.83
N SER D 526 13.77 55.04 13.52
CA SER D 526 13.58 53.94 12.57
C SER D 526 14.92 53.52 11.96
N TYR D 527 15.46 52.40 12.41
CA TYR D 527 16.63 51.82 11.78
C TYR D 527 16.27 51.09 10.49
N ASP D 528 17.30 50.87 9.67
CA ASP D 528 17.31 49.79 8.70
C ASP D 528 16.22 49.89 7.63
N ASN D 529 15.65 51.08 7.40
CA ASN D 529 14.48 51.23 6.53
C ASN D 529 13.29 50.41 7.01
N GLN D 530 13.17 50.28 8.32
CA GLN D 530 12.11 49.51 8.95
C GLN D 530 11.33 50.44 9.87
N PRO D 531 10.04 50.19 10.05
CA PRO D 531 9.27 51.02 10.99
C PRO D 531 9.83 50.89 12.38
N SER D 532 9.76 51.97 13.15
CA SER D 532 10.34 51.94 14.47
C SER D 532 9.51 51.05 15.39
N GLN D 533 10.10 50.74 16.54
CA GLN D 533 9.39 49.93 17.52
C GLN D 533 8.14 50.65 18.00
N PHE D 534 8.27 51.94 18.29
CA PHE D 534 7.12 52.73 18.70
C PHE D 534 6.07 52.80 17.60
N ASP D 535 6.49 53.03 16.36
CA ASP D 535 5.54 53.12 15.26
C ASP D 535 4.80 51.79 15.04
N ARG D 536 5.53 50.68 15.04
CA ARG D 536 4.88 49.38 14.89
C ARG D 536 4.02 49.03 16.08
N LEU D 537 4.33 49.58 17.25
CA LEU D 537 3.59 49.25 18.45
C LEU D 537 2.27 50.02 18.52
N PHE D 538 2.28 51.33 18.26
CA PHE D 538 1.10 52.15 18.52
C PHE D 538 0.56 52.90 17.32
N ASN D 539 1.22 52.87 16.16
CA ASN D 539 0.76 53.65 15.03
C ASN D 539 0.29 52.84 13.83
N THR D 540 0.88 51.70 13.52
CA THR D 540 0.35 50.89 12.42
C THR D 540 -0.45 49.72 12.95
N PRO D 541 -1.70 49.57 12.54
CA PRO D 541 -2.41 50.47 11.63
C PRO D 541 -3.02 51.65 12.38
N LEU D 542 -3.10 52.81 11.72
CA LEU D 542 -3.66 54.00 12.32
C LEU D 542 -5.12 53.82 12.67
N LEU D 543 -5.47 54.23 13.88
CA LEU D 543 -6.82 54.05 14.42
C LEU D 543 -7.60 55.34 14.22
N ASN D 544 -8.57 55.29 13.30
CA ASN D 544 -9.46 56.39 12.99
C ASN D 544 -8.70 57.65 12.57
N GLY D 545 -7.61 57.45 11.85
CA GLY D 545 -6.82 58.56 11.34
C GLY D 545 -6.24 59.45 12.41
N GLN D 546 -5.87 58.89 13.55
CA GLN D 546 -5.28 59.65 14.64
C GLN D 546 -3.88 59.09 14.91
N TYR D 547 -2.89 59.97 14.91
CA TYR D 547 -1.51 59.57 15.08
C TYR D 547 -1.12 59.74 16.54
N PHE D 548 -0.58 58.67 17.12
CA PHE D 548 -0.22 58.61 18.52
C PHE D 548 1.25 58.95 18.72
N SER D 549 1.52 59.82 19.68
CA SER D 549 2.87 60.22 19.99
C SER D 549 2.93 60.68 21.43
N THR D 550 4.15 60.72 21.96
CA THR D 550 4.37 61.19 23.32
C THR D 550 3.97 62.65 23.44
N GLY D 551 3.26 62.97 24.51
CA GLY D 551 2.79 64.33 24.73
C GLY D 551 2.67 64.58 26.21
N ASP D 552 2.45 65.84 26.55
CA ASP D 552 2.31 66.25 27.94
C ASP D 552 0.92 66.01 28.49
N GLU D 553 -0.03 65.59 27.66
CA GLU D 553 -1.37 65.30 28.14
C GLU D 553 -1.37 64.06 29.03
N GLU D 554 -2.42 63.93 29.82
CA GLU D 554 -2.53 62.89 30.83
C GLU D 554 -3.58 61.86 30.43
N ILE D 555 -3.22 60.58 30.51
CA ILE D 555 -4.07 59.48 30.07
C ILE D 555 -4.54 58.71 31.30
N ASP D 556 -5.83 58.41 31.35
CA ASP D 556 -6.42 57.69 32.46
C ASP D 556 -6.44 56.19 32.21
N LEU D 557 -6.02 55.43 33.21
CA LEU D 557 -6.07 53.98 33.14
C LEU D 557 -7.18 53.39 33.98
N ASN D 558 -8.09 54.21 34.50
CA ASN D 558 -9.22 53.67 35.24
C ASN D 558 -10.13 52.92 34.27
N SER D 559 -10.49 51.69 34.63
CA SER D 559 -11.29 50.87 33.72
C SER D 559 -12.67 51.46 33.47
N GLY D 560 -13.30 51.98 34.52
CA GLY D 560 -14.62 52.55 34.38
C GLY D 560 -14.69 53.97 33.87
N SER D 561 -13.54 54.60 33.61
CA SER D 561 -13.56 55.98 33.16
C SER D 561 -14.00 56.15 31.72
N THR D 562 -13.91 55.09 30.90
CA THR D 562 -14.24 55.16 29.48
C THR D 562 -13.43 56.26 28.78
N GLY D 563 -12.11 56.02 28.78
CA GLY D 563 -11.15 56.99 28.30
C GLY D 563 -11.23 57.27 26.82
N ASP D 564 -10.39 58.20 26.38
CA ASP D 564 -10.38 58.67 25.01
C ASP D 564 -9.64 57.65 24.13
N TRP D 565 -9.31 58.08 22.92
CA TRP D 565 -8.67 57.19 21.95
C TRP D 565 -7.30 56.72 22.41
N ARG D 566 -6.62 57.46 23.27
CA ARG D 566 -5.30 57.05 23.72
C ARG D 566 -5.38 55.75 24.53
N LYS D 567 -6.40 55.63 25.38
CA LYS D 567 -6.58 54.39 26.11
C LYS D 567 -6.83 53.24 25.16
N THR D 568 -7.58 53.48 24.09
CA THR D 568 -7.80 52.45 23.09
C THR D 568 -6.49 52.06 22.40
N ILE D 569 -5.63 53.03 22.13
CA ILE D 569 -4.34 52.70 21.53
C ILE D 569 -3.54 51.80 22.46
N LEU D 570 -3.50 52.12 23.75
CA LEU D 570 -2.78 51.26 24.68
C LEU D 570 -3.37 49.87 24.74
N LYS D 571 -4.70 49.77 24.79
CA LYS D 571 -5.34 48.47 24.84
C LYS D 571 -5.05 47.64 23.59
N ARG D 572 -5.11 48.27 22.42
CA ARG D 572 -4.83 47.57 21.18
C ARG D 572 -3.38 47.12 21.09
N ALA D 573 -2.45 47.98 21.52
CA ALA D 573 -1.04 47.62 21.48
C ALA D 573 -0.71 46.46 22.39
N PHE D 574 -1.29 46.43 23.59
CA PHE D 574 -1.02 45.38 24.56
C PHE D 574 -1.94 44.17 24.46
N ASN D 575 -2.97 44.20 23.62
CA ASN D 575 -3.90 43.07 23.46
C ASN D 575 -4.53 42.66 24.79
N ILE D 576 -4.92 43.65 25.60
CA ILE D 576 -5.51 43.40 26.89
C ILE D 576 -6.76 44.26 27.04
N ASP D 577 -7.64 43.84 27.96
CA ASP D 577 -8.85 44.57 28.26
C ASP D 577 -8.58 45.63 29.31
N ASP D 578 -9.62 46.40 29.67
CA ASP D 578 -9.41 47.54 30.57
C ASP D 578 -9.04 47.09 31.98
N VAL D 579 -9.69 46.04 32.48
CA VAL D 579 -9.45 45.59 33.85
C VAL D 579 -8.03 45.08 34.01
N SER D 580 -7.58 44.24 33.08
CA SER D 580 -6.20 43.78 33.15
C SER D 580 -5.22 44.91 32.93
N LEU D 581 -5.61 45.93 32.16
CA LEU D 581 -4.75 47.11 32.01
C LEU D 581 -4.54 47.80 33.35
N PHE D 582 -5.62 47.98 34.10
CA PHE D 582 -5.46 48.59 35.42
C PHE D 582 -4.64 47.70 36.34
N ARG D 583 -4.83 46.39 36.24
CA ARG D 583 -4.03 45.47 37.05
C ARG D 583 -2.55 45.55 36.69
N LEU D 584 -2.23 45.67 35.41
CA LEU D 584 -0.84 45.82 35.00
C LEU D 584 -0.25 47.12 35.53
N LEU D 585 -1.04 48.20 35.49
CA LEU D 585 -0.57 49.45 36.07
C LEU D 585 -0.27 49.30 37.55
N LYS D 586 -1.16 48.64 38.28
CA LYS D 586 -0.92 48.43 39.70
C LYS D 586 0.28 47.52 39.97
N ILE D 587 0.53 46.52 39.13
CA ILE D 587 1.69 45.66 39.30
C ILE D 587 2.97 46.46 39.12
N THR D 588 3.04 47.26 38.06
CA THR D 588 4.28 47.93 37.70
C THR D 588 4.68 48.98 38.72
N ASP D 589 3.74 49.85 39.12
CA ASP D 589 4.06 50.94 40.02
C ASP D 589 3.12 50.88 41.22
N HIS D 590 3.70 50.95 42.42
CA HIS D 590 2.92 51.03 43.64
C HIS D 590 2.71 52.45 44.13
N ASP D 591 3.35 53.44 43.52
CA ASP D 591 3.18 54.82 43.94
C ASP D 591 2.10 55.55 43.17
N ASN D 592 1.50 54.92 42.16
CA ASN D 592 0.44 55.55 41.39
C ASN D 592 -0.87 55.32 42.13
N LYS D 593 -1.24 56.29 42.95
CA LYS D 593 -2.46 56.17 43.74
C LYS D 593 -3.69 56.12 42.85
N ASP D 594 -3.71 56.93 41.80
CA ASP D 594 -4.80 56.95 40.85
C ASP D 594 -4.36 56.34 39.54
N GLY D 595 -5.32 55.96 38.71
CA GLY D 595 -5.02 55.34 37.44
C GLY D 595 -4.39 56.24 36.40
N LYS D 596 -4.55 57.56 36.53
CA LYS D 596 -3.97 58.47 35.57
C LYS D 596 -2.45 58.45 35.64
N ILE D 597 -1.79 58.39 34.48
CA ILE D 597 -0.34 58.40 34.37
C ILE D 597 0.09 59.38 33.30
N LYS D 598 1.34 59.82 33.40
CA LYS D 598 1.92 60.71 32.41
C LYS D 598 2.14 59.96 31.11
N ASN D 599 1.90 60.64 29.99
CA ASN D 599 2.03 60.04 28.68
C ASN D 599 3.45 60.05 28.14
N ASN D 600 4.46 60.21 28.98
CA ASN D 600 5.83 60.19 28.47
C ASN D 600 6.23 58.78 28.10
N LEU D 601 7.39 58.66 27.45
CA LEU D 601 7.84 57.37 26.93
C LEU D 601 8.21 56.39 28.04
N LYS D 602 8.69 56.90 29.18
CA LYS D 602 9.18 56.04 30.24
C LYS D 602 8.07 55.18 30.84
N ASN D 603 6.90 55.77 31.08
CA ASN D 603 5.78 54.99 31.62
C ASN D 603 5.34 53.92 30.64
N LEU D 604 5.34 54.24 29.35
CA LEU D 604 5.00 53.23 28.35
C LEU D 604 6.02 52.09 28.39
N SER D 605 7.30 52.42 28.57
CA SER D 605 8.31 51.37 28.66
C SER D 605 8.08 50.50 29.89
N ASN D 606 7.71 51.09 31.02
CA ASN D 606 7.43 50.28 32.21
C ASN D 606 6.25 49.35 31.97
N LEU D 607 5.20 49.85 31.33
CA LEU D 607 4.04 49.01 31.06
C LEU D 607 4.41 47.86 30.12
N TYR D 608 5.22 48.14 29.11
CA TYR D 608 5.66 47.09 28.21
C TYR D 608 6.52 46.06 28.93
N ILE D 609 7.37 46.48 29.86
CA ILE D 609 8.15 45.52 30.64
C ILE D 609 7.22 44.59 31.40
N GLY D 610 6.22 45.17 32.08
CA GLY D 610 5.29 44.36 32.84
C GLY D 610 4.53 43.38 31.96
N LYS D 611 4.11 43.81 30.78
CA LYS D 611 3.41 42.91 29.88
C LYS D 611 4.31 41.77 29.40
N LEU D 612 5.56 42.08 29.06
CA LEU D 612 6.46 41.03 28.57
C LEU D 612 6.85 40.04 29.65
N LEU D 613 6.87 40.44 30.92
CA LEU D 613 7.14 39.45 31.96
C LEU D 613 6.16 38.30 31.91
N ALA D 614 4.87 38.60 31.72
CA ALA D 614 3.90 37.54 31.57
C ALA D 614 3.92 36.90 30.19
N ASP D 615 4.19 37.67 29.13
CA ASP D 615 4.15 37.06 27.80
C ASP D 615 5.22 35.99 27.60
N ILE D 616 6.44 36.25 28.06
CA ILE D 616 7.51 35.29 27.78
C ILE D 616 7.27 33.96 28.49
N HIS D 617 6.60 33.98 29.64
CA HIS D 617 6.34 32.77 30.40
C HIS D 617 4.99 32.15 30.11
N GLN D 618 4.28 32.62 29.08
CA GLN D 618 2.99 32.07 28.69
C GLN D 618 1.97 32.12 29.81
N LEU D 619 1.95 33.23 30.55
CA LEU D 619 0.95 33.50 31.57
C LEU D 619 0.31 34.84 31.26
N THR D 620 -0.92 35.03 31.70
CA THR D 620 -1.54 36.34 31.51
C THR D 620 -1.34 37.18 32.76
N ILE D 621 -2.00 38.33 32.81
CA ILE D 621 -1.75 39.28 33.90
C ILE D 621 -2.18 38.73 35.24
N ASP D 622 -3.28 37.96 35.26
CA ASP D 622 -3.80 37.45 36.52
C ASP D 622 -2.81 36.50 37.19
N GLU D 623 -2.35 35.49 36.46
CA GLU D 623 -1.36 34.60 37.04
C GLU D 623 -0.06 35.33 37.32
N LEU D 624 0.26 36.36 36.54
CA LEU D 624 1.45 37.15 36.83
C LEU D 624 1.35 37.82 38.19
N ASP D 625 0.21 38.44 38.47
CA ASP D 625 0.03 39.07 39.78
C ASP D 625 0.10 38.03 40.90
N LEU D 626 -0.63 36.93 40.74
CA LEU D 626 -0.62 35.93 41.80
C LEU D 626 0.77 35.34 41.99
N LEU D 627 1.54 35.21 40.91
CA LEU D 627 2.90 34.72 41.00
C LEU D 627 3.80 35.69 41.74
N LEU D 628 3.71 36.98 41.41
CA LEU D 628 4.53 37.95 42.09
C LEU D 628 4.21 38.03 43.58
N ILE D 629 2.94 37.93 43.93
CA ILE D 629 2.57 37.84 45.34
C ILE D 629 3.10 36.55 45.99
N ALA D 630 2.93 35.42 45.31
CA ALA D 630 3.40 34.13 45.84
C ALA D 630 4.92 34.08 46.00
N VAL D 631 5.67 34.83 45.20
CA VAL D 631 7.12 34.85 45.36
C VAL D 631 7.49 35.65 46.60
N GLY D 632 6.81 36.76 46.83
CA GLY D 632 7.15 37.68 47.89
C GLY D 632 7.89 38.91 47.42
N GLU D 633 8.37 38.91 46.18
CA GLU D 633 9.00 40.09 45.61
C GLU D 633 8.00 41.01 44.94
N GLY D 634 6.71 40.65 44.97
CA GLY D 634 5.68 41.47 44.36
C GLY D 634 5.50 42.82 45.01
N LYS D 635 5.92 42.96 46.26
CA LYS D 635 5.85 44.25 46.94
C LYS D 635 6.74 45.29 46.25
N THR D 636 7.92 44.87 45.80
CA THR D 636 8.82 45.77 45.09
C THR D 636 8.23 46.20 43.75
N ASN D 637 8.42 47.48 43.42
CA ASN D 637 7.90 48.06 42.19
C ASN D 637 8.90 47.96 41.05
N LEU D 638 8.39 47.63 39.86
CA LEU D 638 9.25 47.53 38.69
C LEU D 638 9.67 48.90 38.17
N SER D 639 8.87 49.93 38.41
CA SER D 639 9.22 51.25 37.90
C SER D 639 10.52 51.78 38.50
N ALA D 640 10.71 51.61 39.80
CA ALA D 640 11.93 52.07 40.47
C ALA D 640 12.66 50.83 40.96
N ILE D 641 13.49 50.25 40.10
CA ILE D 641 14.21 49.04 40.43
C ILE D 641 15.56 49.06 39.75
N SER D 642 16.53 48.39 40.37
CA SER D 642 17.86 48.29 39.82
C SER D 642 17.91 47.23 38.72
N ASP D 643 18.89 47.35 37.84
CA ASP D 643 19.02 46.41 36.74
C ASP D 643 19.30 45.00 37.25
N LYS D 644 20.19 44.88 38.24
CA LYS D 644 20.48 43.57 38.82
C LYS D 644 19.28 43.00 39.53
N GLN D 645 18.49 43.85 40.20
CA GLN D 645 17.27 43.35 40.83
C GLN D 645 16.29 42.85 39.80
N LEU D 646 16.16 43.53 38.67
CA LEU D 646 15.26 43.05 37.63
C LEU D 646 15.75 41.72 37.06
N ALA D 647 17.05 41.56 36.87
CA ALA D 647 17.57 40.28 36.38
C ALA D 647 17.29 39.17 37.39
N THR D 648 17.47 39.47 38.68
CA THR D 648 17.17 38.49 39.71
C THR D 648 15.69 38.12 39.71
N LEU D 649 14.82 39.11 39.51
CA LEU D 649 13.39 38.84 39.44
C LEU D 649 13.05 37.95 38.25
N ILE D 650 13.69 38.19 37.11
CA ILE D 650 13.47 37.35 35.95
C ILE D 650 13.86 35.91 36.24
N ARG D 651 15.03 35.73 36.87
CA ARG D 651 15.47 34.38 37.18
C ARG D 651 14.53 33.69 38.17
N LYS D 652 14.06 34.40 39.19
CA LYS D 652 13.13 33.78 40.13
C LYS D 652 11.83 33.36 39.45
N LEU D 653 11.28 34.24 38.60
CA LEU D 653 10.05 33.88 37.92
C LEU D 653 10.24 32.66 37.03
N ASN D 654 11.35 32.63 36.29
CA ASN D 654 11.62 31.49 35.43
C ASN D 654 11.78 30.20 36.22
N THR D 655 12.50 30.25 37.34
CA THR D 655 12.70 29.05 38.15
C THR D 655 11.39 28.53 38.71
N ILE D 656 10.55 29.43 39.23
CA ILE D 656 9.29 28.97 39.82
C ILE D 656 8.36 28.42 38.76
N THR D 657 8.33 29.04 37.58
CA THR D 657 7.51 28.49 36.50
C THR D 657 7.99 27.11 36.06
N SER D 658 9.30 26.92 35.95
CA SER D 658 9.80 25.60 35.59
C SER D 658 9.43 24.57 36.65
N TRP D 659 9.54 24.93 37.92
CA TRP D 659 9.17 24.00 38.99
C TRP D 659 7.69 23.64 38.92
N LEU D 660 6.83 24.64 38.69
CA LEU D 660 5.40 24.35 38.60
C LEU D 660 5.11 23.44 37.41
N HIS D 661 5.78 23.65 36.30
CA HIS D 661 5.57 22.76 35.15
C HIS D 661 6.01 21.35 35.47
N THR D 662 7.11 21.19 36.19
CA THR D 662 7.53 19.84 36.57
C THR D 662 6.55 19.19 37.55
N GLN D 663 5.90 19.99 38.39
CA GLN D 663 5.02 19.45 39.42
C GLN D 663 3.57 19.31 38.98
N LYS D 664 3.23 19.67 37.74
CA LYS D 664 1.85 19.60 37.26
C LYS D 664 0.89 20.41 38.13
N TRP D 665 1.32 21.59 38.56
CA TRP D 665 0.56 22.43 39.46
C TRP D 665 0.07 23.68 38.74
N SER D 666 -1.17 24.06 38.99
CA SER D 666 -1.65 25.32 38.46
C SER D 666 -1.14 26.45 39.34
N VAL D 667 -1.13 27.67 38.80
CA VAL D 667 -0.67 28.81 39.58
C VAL D 667 -1.62 29.07 40.74
N PHE D 668 -2.92 28.85 40.54
CA PHE D 668 -3.89 29.08 41.59
C PHE D 668 -3.65 28.16 42.79
N GLN D 669 -3.28 26.91 42.54
CA GLN D 669 -2.98 26.01 43.66
C GLN D 669 -1.80 26.54 44.47
N LEU D 670 -0.77 27.04 43.78
CA LEU D 670 0.37 27.60 44.50
C LEU D 670 -0.06 28.82 45.31
N PHE D 671 -0.91 29.66 44.75
CA PHE D 671 -1.36 30.83 45.50
C PHE D 671 -2.15 30.40 46.73
N ILE D 672 -2.98 29.37 46.61
CA ILE D 672 -3.73 28.88 47.76
C ILE D 672 -2.78 28.36 48.83
N MET D 673 -1.75 27.61 48.43
CA MET D 673 -0.84 27.07 49.43
C MET D 673 -0.01 28.18 50.08
N THR D 674 0.25 29.26 49.36
CA THR D 674 1.05 30.36 49.87
C THR D 674 0.24 31.55 50.33
N SER D 675 -1.09 31.45 50.32
CA SER D 675 -1.94 32.56 50.69
C SER D 675 -1.85 32.84 52.18
N THR D 676 -2.01 34.12 52.53
CA THR D 676 -2.04 34.54 53.93
C THR D 676 -3.41 35.08 54.35
N SER D 677 -4.08 35.83 53.49
CA SER D 677 -5.43 36.28 53.81
C SER D 677 -6.39 35.09 53.82
N TYR D 678 -7.27 35.05 54.81
CA TYR D 678 -8.18 33.94 55.02
C TYR D 678 -9.61 34.44 55.06
N ASN D 679 -10.51 33.70 54.42
CA ASN D 679 -11.91 34.10 54.41
C ASN D 679 -12.52 33.90 55.79
N LYS D 680 -13.18 34.92 56.31
CA LYS D 680 -13.79 34.87 57.64
C LYS D 680 -15.28 34.54 57.53
N THR D 681 -15.56 33.35 57.01
CA THR D 681 -16.94 32.90 56.83
C THR D 681 -17.07 31.49 57.39
N LEU D 682 -18.05 31.30 58.27
CA LEU D 682 -18.30 29.97 58.83
C LEU D 682 -18.76 29.04 57.73
N THR D 683 -18.25 27.81 57.78
CA THR D 683 -18.58 26.76 56.83
C THR D 683 -19.04 25.52 57.58
N PRO D 684 -19.84 24.67 56.93
CA PRO D 684 -20.26 23.45 57.62
C PRO D 684 -19.13 22.57 58.11
N GLU D 685 -18.04 22.49 57.35
CA GLU D 685 -16.89 21.71 57.83
C GLU D 685 -16.31 22.29 59.10
N ILE D 686 -16.17 23.61 59.17
CA ILE D 686 -15.63 24.25 60.36
C ILE D 686 -16.59 24.08 61.53
N LYS D 687 -17.89 24.16 61.27
CA LYS D 687 -18.86 23.96 62.33
C LYS D 687 -18.77 22.55 62.89
N ASN D 688 -18.63 21.56 62.01
CA ASN D 688 -18.47 20.18 62.48
C ASN D 688 -17.19 20.02 63.29
N LEU D 689 -16.10 20.66 62.84
CA LEU D 689 -14.86 20.61 63.60
C LEU D 689 -15.05 21.18 65.00
N LEU D 690 -15.71 22.31 65.10
CA LEU D 690 -15.93 22.91 66.41
C LEU D 690 -16.78 22.01 67.30
N ASP D 691 -17.83 21.42 66.75
CA ASP D 691 -18.66 20.55 67.58
C ASP D 691 -17.87 19.34 68.08
N THR D 692 -17.10 18.71 67.19
CA THR D 692 -16.33 17.54 67.61
C THR D 692 -15.29 17.91 68.66
N VAL D 693 -14.57 19.01 68.47
CA VAL D 693 -13.55 19.39 69.43
C VAL D 693 -14.17 19.75 70.77
N TYR D 694 -15.29 20.49 70.75
CA TYR D 694 -15.93 20.85 71.99
C TYR D 694 -16.44 19.64 72.75
N HIS D 695 -17.04 18.68 72.04
CA HIS D 695 -17.52 17.50 72.73
C HIS D 695 -16.38 16.66 73.28
N GLY D 696 -15.30 16.50 72.51
CA GLY D 696 -14.20 15.68 72.97
C GLY D 696 -13.42 16.28 74.13
N LEU D 697 -13.18 17.57 74.11
CA LEU D 697 -12.32 18.20 75.12
C LEU D 697 -13.07 18.62 76.37
N GLN D 698 -14.38 18.40 76.44
CA GLN D 698 -15.10 18.79 77.64
C GLN D 698 -14.60 17.98 78.83
N GLY D 699 -14.37 18.68 79.93
CA GLY D 699 -13.80 18.06 81.12
C GLY D 699 -12.29 17.92 81.11
N PHE D 700 -11.62 18.54 80.15
CA PHE D 700 -10.16 18.45 80.06
C PHE D 700 -9.52 19.18 81.24
N ASP D 701 -8.43 18.60 81.74
CA ASP D 701 -7.66 19.16 82.84
C ASP D 701 -6.29 19.61 82.37
N LYS D 702 -5.92 20.84 82.69
CA LYS D 702 -4.70 21.43 82.13
C LYS D 702 -3.45 20.73 82.65
N ASP D 703 -3.38 20.46 83.95
CA ASP D 703 -2.18 19.88 84.53
C ASP D 703 -2.02 18.40 84.22
N LYS D 704 -3.13 17.69 83.97
CA LYS D 704 -3.06 16.25 83.74
C LYS D 704 -2.29 15.93 82.46
N ALA D 705 -2.52 16.69 81.39
CA ALA D 705 -1.85 16.42 80.13
C ALA D 705 -1.78 17.69 79.31
N ASP D 706 -0.89 17.70 78.33
CA ASP D 706 -0.74 18.84 77.46
C ASP D 706 -1.99 19.03 76.62
N LEU D 707 -2.43 20.28 76.49
CA LEU D 707 -3.65 20.56 75.73
C LEU D 707 -3.48 20.19 74.26
N LEU D 708 -2.31 20.49 73.69
CA LEU D 708 -2.10 20.25 72.27
C LEU D 708 -2.17 18.76 71.94
N HIS D 709 -1.54 17.94 72.78
CA HIS D 709 -1.55 16.50 72.53
C HIS D 709 -2.95 15.91 72.63
N VAL D 710 -3.74 16.38 73.59
CA VAL D 710 -5.11 15.89 73.73
C VAL D 710 -5.98 16.37 72.57
N MET D 711 -5.77 17.59 72.11
CA MET D 711 -6.59 18.16 71.04
C MET D 711 -6.23 17.63 69.66
N ALA D 712 -5.04 17.08 69.48
CA ALA D 712 -4.63 16.66 68.14
C ALA D 712 -5.54 15.61 67.49
N PRO D 713 -5.95 14.52 68.17
CA PRO D 713 -6.76 13.51 67.46
C PRO D 713 -8.07 14.00 66.88
N TYR D 714 -8.80 14.86 67.59
CA TYR D 714 -10.06 15.36 67.04
C TYR D 714 -9.84 16.27 65.84
N ILE D 715 -8.80 17.09 65.89
CA ILE D 715 -8.45 17.92 64.73
C ILE D 715 -8.10 17.04 63.55
N ALA D 716 -7.36 15.96 63.80
CA ALA D 716 -7.04 15.03 62.72
C ALA D 716 -8.29 14.42 62.12
N ALA D 717 -9.25 14.03 62.98
CA ALA D 717 -10.47 13.42 62.48
C ALA D 717 -11.31 14.39 61.64
N THR D 718 -11.42 15.64 62.07
CA THR D 718 -12.31 16.57 61.37
C THR D 718 -11.74 17.11 60.06
N LEU D 719 -10.43 17.33 59.98
CA LEU D 719 -9.80 18.00 58.85
C LEU D 719 -9.24 17.06 57.79
N GLN D 720 -9.61 15.78 57.81
CA GLN D 720 -9.23 14.81 56.78
C GLN D 720 -7.71 14.67 56.68
N LEU D 721 -7.14 14.15 57.76
CA LEU D 721 -5.73 13.83 57.84
C LEU D 721 -5.57 12.32 58.00
N SER D 722 -4.50 11.79 57.41
CA SER D 722 -4.27 10.36 57.50
C SER D 722 -3.77 9.95 58.88
N SER D 723 -2.88 10.74 59.47
CA SER D 723 -2.22 10.40 60.73
C SER D 723 -2.50 11.42 61.82
N GLU D 724 -2.47 10.93 63.07
CA GLU D 724 -2.71 11.80 64.21
C GLU D 724 -1.49 12.67 64.46
N ASN D 725 -0.29 12.09 64.35
CA ASN D 725 0.92 12.86 64.60
C ASN D 725 1.14 13.94 63.56
N VAL D 726 0.61 13.75 62.35
CA VAL D 726 0.62 14.84 61.39
C VAL D 726 -0.20 16.02 61.90
N ALA D 727 -1.35 15.73 62.50
CA ALA D 727 -2.13 16.82 63.08
C ALA D 727 -1.41 17.46 64.24
N HIS D 728 -0.68 16.68 65.04
CA HIS D 728 0.08 17.29 66.13
C HIS D 728 1.15 18.24 65.60
N SER D 729 1.87 17.83 64.56
CA SER D 729 2.87 18.71 63.96
C SER D 729 2.22 19.95 63.36
N VAL D 730 1.07 19.78 62.71
CA VAL D 730 0.38 20.93 62.12
C VAL D 730 -0.04 21.90 63.19
N LEU D 731 -0.54 21.41 64.34
CA LEU D 731 -0.93 22.31 65.41
C LEU D 731 0.28 23.07 65.96
N LEU D 732 1.42 22.40 66.10
CA LEU D 732 2.60 23.12 66.56
C LEU D 732 2.98 24.22 65.57
N TRP D 733 2.95 23.90 64.28
CA TRP D 733 3.28 24.90 63.26
C TRP D 733 2.30 26.07 63.28
N ALA D 734 1.01 25.78 63.44
CA ALA D 734 0.02 26.85 63.49
C ALA D 734 0.23 27.73 64.72
N ASP D 735 0.54 27.13 65.86
CA ASP D 735 0.81 27.93 67.04
C ASP D 735 2.02 28.83 66.86
N LYS D 736 3.04 28.35 66.13
CA LYS D 736 4.18 29.23 65.83
C LYS D 736 3.82 30.32 64.83
N LEU D 737 2.95 30.04 63.86
CA LEU D 737 2.55 31.09 62.92
C LEU D 737 1.62 32.11 63.54
N GLN D 738 0.81 31.73 64.52
CA GLN D 738 -0.28 32.54 65.05
C GLN D 738 -1.13 33.12 63.93
N PRO D 739 -1.85 32.29 63.20
CA PRO D 739 -2.67 32.74 62.06
C PRO D 739 -3.64 33.86 62.33
N GLY D 740 -4.07 34.49 61.24
CA GLY D 740 -5.19 35.40 61.26
C GLY D 740 -4.89 36.79 61.76
N ASP D 741 -5.90 37.65 61.60
CA ASP D 741 -5.81 39.03 62.05
C ASP D 741 -5.81 39.13 63.57
N GLY D 742 -6.48 38.21 64.26
CA GLY D 742 -6.35 38.07 65.69
C GLY D 742 -5.59 36.84 66.13
N ALA D 743 -4.32 37.05 66.51
CA ALA D 743 -3.36 35.98 66.72
C ALA D 743 -3.91 34.89 67.63
N MET D 744 -4.13 33.71 67.05
CA MET D 744 -4.88 32.63 67.66
C MET D 744 -3.94 31.51 68.05
N THR D 745 -4.21 30.89 69.19
CA THR D 745 -3.38 29.81 69.72
C THR D 745 -4.29 28.83 70.42
N ALA D 746 -3.72 27.66 70.73
CA ALA D 746 -4.52 26.59 71.32
C ALA D 746 -5.19 27.01 72.62
N GLU D 747 -4.48 27.69 73.51
CA GLU D 747 -5.11 28.13 74.75
C GLU D 747 -6.28 29.08 74.51
N LYS D 748 -6.08 30.07 73.64
CA LYS D 748 -7.16 31.02 73.36
C LYS D 748 -8.34 30.34 72.69
N PHE D 749 -8.05 29.46 71.75
CA PHE D 749 -9.10 28.71 71.06
C PHE D 749 -9.89 27.86 72.04
N TRP D 750 -9.20 27.17 72.92
CA TRP D 750 -9.88 26.33 73.90
C TRP D 750 -10.74 27.17 74.85
N ASP D 751 -10.24 28.32 75.29
CA ASP D 751 -11.04 29.16 76.18
C ASP D 751 -12.28 29.68 75.48
N TRP D 752 -12.14 30.09 74.22
CA TRP D 752 -13.30 30.57 73.49
C TRP D 752 -14.33 29.46 73.31
N LEU D 753 -13.87 28.26 72.99
CA LEU D 753 -14.80 27.13 72.85
C LEU D 753 -15.48 26.83 74.17
N ASN D 754 -14.75 26.91 75.27
CA ASN D 754 -15.33 26.60 76.57
C ASN D 754 -16.39 27.62 76.95
N THR D 755 -16.15 28.90 76.66
CA THR D 755 -17.03 29.94 77.17
C THR D 755 -18.15 30.36 76.21
N LYS D 756 -17.79 30.82 75.02
CA LYS D 756 -18.73 31.54 74.16
C LYS D 756 -19.37 30.69 73.06
N TYR D 757 -19.18 29.38 73.06
CA TYR D 757 -19.72 28.56 71.98
C TYR D 757 -20.91 27.74 72.44
N THR D 758 -21.99 27.80 71.66
CA THR D 758 -23.19 26.99 71.89
C THR D 758 -23.40 26.13 70.67
N PRO D 759 -23.05 24.84 70.73
CA PRO D 759 -23.18 23.96 69.57
C PRO D 759 -24.62 23.78 69.15
N GLY D 760 -24.81 23.56 67.85
CA GLY D 760 -26.13 23.34 67.31
C GLY D 760 -26.94 24.57 66.99
N SER D 761 -26.39 25.77 67.17
CA SER D 761 -27.12 27.00 66.88
C SER D 761 -26.25 27.93 66.06
N SER D 762 -26.89 28.70 65.18
CA SER D 762 -26.20 29.68 64.35
C SER D 762 -26.34 31.04 65.02
N GLU D 763 -25.24 31.53 65.57
CA GLU D 763 -25.23 32.79 66.29
C GLU D 763 -24.00 33.59 65.87
N ALA D 764 -24.08 34.90 66.04
CA ALA D 764 -23.01 35.80 65.66
C ALA D 764 -22.17 36.10 66.89
N VAL D 765 -20.87 35.86 66.79
CA VAL D 765 -19.92 36.11 67.88
C VAL D 765 -18.81 36.99 67.33
N GLU D 766 -18.36 37.94 68.14
CA GLU D 766 -17.34 38.89 67.70
C GLU D 766 -16.02 38.20 67.37
N THR D 767 -15.64 37.21 68.16
CA THR D 767 -14.39 36.49 67.95
C THR D 767 -14.52 35.37 66.92
N GLN D 768 -15.74 35.09 66.46
CA GLN D 768 -15.97 33.97 65.56
C GLN D 768 -15.16 34.08 64.28
N GLU D 769 -14.95 35.29 63.78
CA GLU D 769 -14.12 35.45 62.58
C GLU D 769 -12.68 35.01 62.80
N HIS D 770 -12.12 35.30 63.99
CA HIS D 770 -10.77 34.82 64.25
C HIS D 770 -10.71 33.30 64.35
N ILE D 771 -11.74 32.67 64.91
CA ILE D 771 -11.81 31.22 64.95
C ILE D 771 -11.84 30.64 63.54
N VAL D 772 -12.66 31.24 62.68
CA VAL D 772 -12.74 30.75 61.31
C VAL D 772 -11.41 30.91 60.59
N GLN D 773 -10.73 32.03 60.80
CA GLN D 773 -9.43 32.22 60.16
C GLN D 773 -8.43 31.18 60.63
N TYR D 774 -8.43 30.88 61.93
CA TYR D 774 -7.51 29.87 62.45
C TYR D 774 -7.80 28.49 61.87
N CYS D 775 -9.07 28.12 61.77
CA CYS D 775 -9.40 26.83 61.17
C CYS D 775 -9.00 26.76 59.72
N GLN D 776 -9.18 27.84 58.97
CA GLN D 776 -8.78 27.87 57.57
C GLN D 776 -7.29 27.72 57.44
N ALA D 777 -6.52 28.34 58.34
CA ALA D 777 -5.07 28.16 58.29
C ALA D 777 -4.69 26.71 58.52
N LEU D 778 -5.36 26.04 59.45
CA LEU D 778 -5.06 24.63 59.68
C LEU D 778 -5.32 23.79 58.43
N ALA D 779 -6.45 24.03 57.77
CA ALA D 779 -6.73 23.27 56.55
C ALA D 779 -5.71 23.55 55.46
N GLN D 780 -5.27 24.80 55.35
CA GLN D 780 -4.25 25.12 54.36
C GLN D 780 -2.94 24.40 54.64
N LEU D 781 -2.51 24.36 55.90
CA LEU D 781 -1.30 23.63 56.24
C LEU D 781 -1.40 22.12 56.01
N GLU D 782 -2.60 21.56 56.04
CA GLU D 782 -2.81 20.23 55.47
C GLU D 782 -2.55 20.20 53.98
N MET D 783 -3.07 21.18 53.24
CA MET D 783 -2.85 21.19 51.80
C MET D 783 -1.37 21.24 51.47
N VAL D 784 -0.61 21.98 52.26
CA VAL D 784 0.86 21.96 52.19
C VAL D 784 1.38 20.55 52.37
N TYR D 785 1.11 19.96 53.53
CA TYR D 785 1.67 18.64 53.83
C TYR D 785 1.36 17.61 52.75
N HIS D 786 0.12 17.53 52.30
CA HIS D 786 -0.20 16.55 51.27
C HIS D 786 0.43 16.88 49.92
N SER D 787 0.50 18.14 49.52
CA SER D 787 1.10 18.44 48.22
C SER D 787 2.61 18.19 48.22
N THR D 788 3.31 18.52 49.31
CA THR D 788 4.76 18.32 49.31
C THR D 788 5.11 16.84 49.19
N GLY D 789 4.37 15.97 49.86
CA GLY D 789 4.69 14.56 49.83
C GLY D 789 5.78 14.15 50.79
N ILE D 790 6.23 15.05 51.66
CA ILE D 790 7.26 14.71 52.62
C ILE D 790 6.74 13.69 53.63
N ASN D 791 7.67 12.87 54.13
CA ASN D 791 7.43 11.90 55.19
C ASN D 791 7.12 12.55 56.53
N GLU D 792 6.37 11.82 57.35
CA GLU D 792 5.81 12.34 58.60
C GLU D 792 6.88 12.82 59.57
N ASN D 793 7.98 12.10 59.70
CA ASN D 793 8.98 12.49 60.68
C ASN D 793 9.86 13.64 60.23
N ALA D 794 10.14 13.74 58.93
CA ALA D 794 10.84 14.91 58.45
C ALA D 794 9.98 16.15 58.50
N PHE D 795 8.67 16.02 58.30
CA PHE D 795 7.77 17.14 58.57
C PHE D 795 7.78 17.53 60.05
N ARG D 796 7.79 16.56 60.95
CA ARG D 796 7.91 16.89 62.37
C ARG D 796 9.20 17.64 62.64
N LEU D 797 10.30 17.18 62.07
CA LEU D 797 11.60 17.83 62.26
C LEU D 797 11.59 19.24 61.70
N PHE D 798 10.98 19.44 60.53
CA PHE D 798 10.90 20.76 59.93
C PHE D 798 10.11 21.72 60.79
N VAL D 799 9.00 21.26 61.36
CA VAL D 799 8.22 22.12 62.23
C VAL D 799 8.99 22.47 63.50
N THR D 800 9.64 21.47 64.12
CA THR D 800 10.28 21.71 65.41
C THR D 800 11.59 22.48 65.32
N LYS D 801 12.40 22.26 64.28
CA LYS D 801 13.72 22.88 64.17
C LYS D 801 13.94 23.42 62.76
N PRO D 802 13.33 24.55 62.44
CA PRO D 802 13.56 25.18 61.14
C PRO D 802 15.02 25.44 60.81
N GLU D 803 15.87 25.67 61.82
CA GLU D 803 17.29 25.85 61.56
C GLU D 803 17.92 24.64 60.89
N MET D 804 17.45 23.43 61.22
CA MET D 804 17.98 22.25 60.55
C MET D 804 17.71 22.30 59.06
N PHE D 805 16.54 22.81 58.68
CA PHE D 805 16.19 23.07 57.28
C PHE D 805 16.67 24.42 56.79
N GLY D 806 17.48 25.12 57.58
CA GLY D 806 18.08 26.35 57.11
C GLY D 806 17.16 27.54 57.00
N ALA D 807 15.95 27.47 57.53
CA ALA D 807 15.16 28.68 57.66
C ALA D 807 15.84 29.62 58.65
N ALA D 808 15.49 30.90 58.56
CA ALA D 808 16.09 31.90 59.44
C ALA D 808 15.92 31.50 60.90
N THR D 809 17.03 31.57 61.64
CA THR D 809 17.02 31.09 63.02
C THR D 809 16.05 31.91 63.87
N GLY D 810 15.31 31.22 64.73
CA GLY D 810 14.48 31.89 65.72
C GLY D 810 13.17 32.42 65.19
N ALA D 811 12.70 31.90 64.06
CA ALA D 811 11.46 32.36 63.45
C ALA D 811 10.66 31.14 63.05
N ALA D 812 9.34 31.28 63.03
CA ALA D 812 8.53 30.17 62.62
C ALA D 812 8.73 29.90 61.13
N PRO D 813 8.75 28.63 60.71
CA PRO D 813 9.00 28.32 59.30
C PRO D 813 7.95 28.94 58.40
N ALA D 814 8.37 29.35 57.21
CA ALA D 814 7.47 30.00 56.28
C ALA D 814 6.93 28.96 55.31
N HIS D 815 5.63 29.03 55.03
CA HIS D 815 5.04 28.31 53.91
C HIS D 815 5.07 29.11 52.62
N ASP D 816 5.89 30.15 52.57
CA ASP D 816 6.22 30.85 51.33
C ASP D 816 6.70 29.87 50.27
N ALA D 817 6.38 30.17 49.01
CA ALA D 817 6.78 29.35 47.87
C ALA D 817 8.28 29.08 47.86
N LEU D 818 9.07 30.03 48.36
CA LEU D 818 10.51 29.82 48.44
C LEU D 818 10.83 28.64 49.35
N SER D 819 10.10 28.49 50.45
CA SER D 819 10.26 27.33 51.30
C SER D 819 9.61 26.08 50.70
N LEU D 820 8.52 26.24 49.96
CA LEU D 820 7.85 25.09 49.36
C LEU D 820 8.75 24.38 48.37
N ILE D 821 9.50 25.13 47.58
CA ILE D 821 10.33 24.47 46.57
C ILE D 821 11.44 23.66 47.25
N MET D 822 12.04 24.20 48.32
CA MET D 822 13.08 23.43 48.99
C MET D 822 12.51 22.22 49.72
N LEU D 823 11.29 22.33 50.28
CA LEU D 823 10.67 21.15 50.87
C LEU D 823 10.41 20.07 49.84
N THR D 824 9.93 20.45 48.66
CA THR D 824 9.72 19.46 47.63
C THR D 824 11.04 18.80 47.22
N ARG D 825 12.11 19.58 47.09
CA ARG D 825 13.38 18.97 46.74
C ARG D 825 13.87 18.02 47.83
N PHE D 826 13.67 18.39 49.10
CA PHE D 826 14.05 17.49 50.18
C PHE D 826 13.26 16.19 50.14
N ALA D 827 11.96 16.26 49.90
CA ALA D 827 11.17 15.04 49.81
C ALA D 827 11.64 14.17 48.64
N ASP D 828 11.95 14.80 47.51
CA ASP D 828 12.45 14.03 46.37
C ASP D 828 13.79 13.38 46.66
N TRP D 829 14.68 14.08 47.36
CA TRP D 829 15.97 13.48 47.69
C TRP D 829 15.80 12.30 48.65
N VAL D 830 14.89 12.42 49.61
CA VAL D 830 14.64 11.30 50.51
C VAL D 830 14.09 10.11 49.73
N ASN D 831 13.18 10.35 48.79
CA ASN D 831 12.69 9.25 47.98
C ASN D 831 13.80 8.64 47.13
N ALA D 832 14.71 9.45 46.62
CA ALA D 832 15.83 8.89 45.86
C ALA D 832 16.71 8.00 46.71
N LEU D 833 16.89 8.32 47.99
CA LEU D 833 17.72 7.43 48.81
C LEU D 833 17.13 6.03 48.93
N GLY D 834 15.85 5.87 48.65
CA GLY D 834 15.24 4.54 48.68
C GLY D 834 15.22 3.90 50.05
N GLU D 835 15.56 2.61 50.08
CA GLU D 835 15.50 1.81 51.31
C GLU D 835 16.43 2.31 52.41
N LYS D 836 17.56 2.90 52.05
CA LYS D 836 18.50 3.46 53.01
C LYS D 836 17.94 4.65 53.77
N ALA D 837 16.87 5.26 53.26
CA ALA D 837 16.30 6.47 53.86
C ALA D 837 16.00 6.30 55.34
N SER D 838 15.53 5.13 55.74
CA SER D 838 15.21 4.93 57.15
C SER D 838 16.42 5.17 58.05
N SER D 839 17.60 4.67 57.68
CA SER D 839 18.77 4.97 58.48
C SER D 839 19.32 6.36 58.25
N VAL D 840 19.25 6.86 57.02
CA VAL D 840 19.83 8.17 56.74
C VAL D 840 19.09 9.25 57.51
N LEU D 841 17.76 9.20 57.54
CA LEU D 841 16.99 10.21 58.26
C LEU D 841 17.28 10.15 59.76
N ALA D 842 17.39 8.95 60.32
CA ALA D 842 17.69 8.84 61.73
C ALA D 842 19.06 9.43 62.05
N ALA D 843 20.04 9.18 61.18
CA ALA D 843 21.38 9.75 61.38
C ALA D 843 21.41 11.25 61.12
N PHE D 844 20.51 11.76 60.29
CA PHE D 844 20.34 13.18 60.03
C PHE D 844 19.68 13.90 61.18
N GLU D 845 18.73 13.25 61.86
CA GLU D 845 18.04 13.87 62.98
C GLU D 845 18.96 14.03 64.18
N ALA D 846 19.82 13.05 64.43
CA ALA D 846 21.00 13.32 65.23
C ALA D 846 22.02 14.12 64.41
N ASN D 847 23.00 14.69 65.09
CA ASN D 847 24.14 15.32 64.44
C ASN D 847 25.21 14.33 64.00
N SER D 848 24.78 13.21 63.40
CA SER D 848 25.58 12.01 63.23
C SER D 848 26.08 11.78 61.82
N LEU D 849 25.35 12.26 60.82
CA LEU D 849 25.62 11.95 59.43
C LEU D 849 27.01 12.39 59.00
N THR D 850 27.65 11.56 58.18
CA THR D 850 29.00 11.75 57.68
C THR D 850 29.02 11.49 56.18
N ALA D 851 30.16 11.82 55.58
CA ALA D 851 30.36 11.56 54.15
C ALA D 851 30.19 10.09 53.78
N GLU D 852 30.76 9.18 54.58
CA GLU D 852 30.77 7.78 54.15
C GLU D 852 29.38 7.16 54.16
N GLN D 853 28.60 7.42 55.20
CA GLN D 853 27.25 6.86 55.28
C GLN D 853 26.36 7.38 54.18
N LEU D 854 26.41 8.68 53.91
CA LEU D 854 25.58 9.24 52.85
C LEU D 854 26.05 8.79 51.48
N ALA D 855 27.37 8.62 51.29
CA ALA D 855 27.87 8.11 50.02
C ALA D 855 27.39 6.69 49.78
N ASP D 856 27.41 5.85 50.82
CA ASP D 856 26.87 4.51 50.67
C ASP D 856 25.38 4.56 50.36
N ALA D 857 24.65 5.48 50.99
CA ALA D 857 23.22 5.62 50.73
C ALA D 857 22.92 6.01 49.28
N MET D 858 23.66 6.96 48.73
CA MET D 858 23.42 7.40 47.36
C MET D 858 24.20 6.63 46.30
N ASN D 859 24.94 5.59 46.68
CA ASN D 859 25.73 4.80 45.73
C ASN D 859 26.74 5.66 44.97
N LEU D 860 27.38 6.58 45.68
CA LEU D 860 28.41 7.43 45.11
C LEU D 860 29.75 7.09 45.74
N ASP D 861 30.81 7.58 45.09
CA ASP D 861 32.15 7.34 45.61
C ASP D 861 32.32 8.20 46.85
N ALA D 862 32.88 7.61 47.91
CA ALA D 862 33.08 8.36 49.15
C ALA D 862 34.08 9.50 48.97
N ASN D 863 35.13 9.26 48.19
CA ASN D 863 36.10 10.30 47.92
C ASN D 863 35.46 11.49 47.22
N LEU D 864 34.49 11.21 46.35
CA LEU D 864 33.79 12.29 45.67
C LEU D 864 33.09 13.22 46.65
N LEU D 865 32.34 12.66 47.61
CA LEU D 865 31.68 13.52 48.60
C LEU D 865 32.68 14.24 49.49
N LEU D 866 33.75 13.55 49.89
CA LEU D 866 34.74 14.23 50.74
C LEU D 866 35.35 15.42 50.01
N GLN D 867 35.70 15.25 48.74
CA GLN D 867 36.31 16.34 47.99
C GLN D 867 35.31 17.43 47.66
N ALA D 868 34.05 17.08 47.43
CA ALA D 868 33.02 18.09 47.24
C ALA D 868 32.85 18.92 48.50
N SER D 869 32.85 18.28 49.66
CA SER D 869 32.76 19.03 50.90
C SER D 869 33.96 19.96 51.10
N ILE D 870 35.16 19.47 50.78
CA ILE D 870 36.34 20.33 50.91
C ILE D 870 36.23 21.54 50.00
N GLN D 871 35.83 21.33 48.74
CA GLN D 871 35.72 22.43 47.80
C GLN D 871 34.64 23.41 48.23
N ALA D 872 33.52 22.91 48.74
CA ALA D 872 32.47 23.81 49.21
C ALA D 872 32.96 24.64 50.40
N GLN D 873 33.72 24.05 51.30
CA GLN D 873 34.27 24.80 52.42
C GLN D 873 35.23 25.89 51.96
N ASN D 874 36.07 25.59 50.97
CA ASN D 874 37.03 26.60 50.51
C ASN D 874 36.36 27.82 49.91
N HIS D 875 35.30 27.63 49.12
CA HIS D 875 34.65 28.76 48.46
C HIS D 875 33.62 29.40 49.37
N GLN D 876 33.41 30.69 49.15
CA GLN D 876 32.47 31.49 49.93
C GLN D 876 31.05 31.27 49.43
N HIS D 877 30.31 30.39 50.09
CA HIS D 877 28.87 30.34 49.90
C HIS D 877 28.18 31.27 50.89
N LEU D 878 26.93 31.60 50.57
CA LEU D 878 26.01 32.22 51.52
C LEU D 878 24.75 31.37 51.59
N PRO D 879 24.38 30.85 52.78
CA PRO D 879 25.10 30.92 54.05
C PRO D 879 26.40 30.12 54.05
N PRO D 880 27.36 30.53 54.87
CA PRO D 880 28.65 29.83 54.91
C PRO D 880 28.51 28.38 55.34
N VAL D 881 29.40 27.54 54.81
CA VAL D 881 29.44 26.13 55.12
C VAL D 881 30.70 25.87 55.95
N THR D 882 30.53 25.26 57.11
CA THR D 882 31.63 24.97 58.01
C THR D 882 31.60 23.48 58.35
N PRO D 883 32.76 22.88 58.66
CA PRO D 883 32.76 21.43 58.96
C PRO D 883 31.75 20.97 59.99
N GLU D 884 31.44 21.76 61.01
CA GLU D 884 30.45 21.35 62.00
C GLU D 884 28.99 21.53 61.57
N ASN D 885 28.71 22.08 60.39
CA ASN D 885 27.34 22.07 59.87
C ASN D 885 27.25 21.43 58.50
N ALA D 886 28.38 21.05 57.91
CA ALA D 886 28.39 20.62 56.52
C ALA D 886 27.43 19.47 56.27
N PHE D 887 27.28 18.58 57.24
CA PHE D 887 26.23 17.58 57.14
C PHE D 887 25.18 17.63 58.24
N SER D 888 25.25 18.60 59.15
CA SER D 888 24.21 18.70 60.16
C SER D 888 22.96 19.39 59.64
N SER D 889 23.12 20.47 58.90
CA SER D 889 22.00 21.25 58.37
C SER D 889 21.67 20.81 56.96
N TRP D 890 20.40 20.94 56.61
CA TRP D 890 19.97 20.51 55.28
C TRP D 890 20.52 21.43 54.20
N THR D 891 20.71 22.71 54.51
CA THR D 891 21.21 23.64 53.52
C THR D 891 22.63 23.26 53.06
N SER D 892 23.49 22.87 53.99
CA SER D 892 24.83 22.46 53.60
C SER D 892 24.80 21.21 52.73
N ILE D 893 23.94 20.26 53.07
CA ILE D 893 23.81 19.07 52.24
C ILE D 893 23.33 19.44 50.85
N ASN D 894 22.39 20.37 50.76
CA ASN D 894 21.92 20.77 49.44
C ASN D 894 23.03 21.42 48.63
N THR D 895 23.86 22.25 49.26
CA THR D 895 24.96 22.84 48.52
C THR D 895 25.95 21.80 48.03
N ILE D 896 26.29 20.84 48.90
CA ILE D 896 27.22 19.78 48.50
C ILE D 896 26.65 18.95 47.36
N LEU D 897 25.37 18.62 47.43
CA LEU D 897 24.75 17.84 46.37
C LEU D 897 24.68 18.62 45.07
N GLN D 898 24.50 19.94 45.14
CA GLN D 898 24.55 20.73 43.92
C GLN D 898 25.93 20.69 43.29
N TRP D 899 26.98 20.76 44.11
CA TRP D 899 28.33 20.62 43.58
C TRP D 899 28.49 19.28 42.88
N VAL D 900 28.01 18.21 43.51
CA VAL D 900 28.14 16.87 42.93
C VAL D 900 27.37 16.76 41.63
N ASN D 901 26.16 17.32 41.58
CA ASN D 901 25.36 17.26 40.37
C ASN D 901 26.02 18.01 39.22
N VAL D 902 26.61 19.16 39.50
CA VAL D 902 27.24 19.92 38.43
C VAL D 902 28.49 19.21 37.93
N ALA D 903 29.28 18.65 38.85
CA ALA D 903 30.40 17.83 38.47
C ALA D 903 29.98 16.66 37.59
N GLN D 904 28.92 15.94 37.96
CA GLN D 904 28.52 14.81 37.13
C GLN D 904 27.87 15.21 35.82
N GLN D 905 27.24 16.39 35.76
CA GLN D 905 26.81 16.92 34.46
C GLN D 905 27.98 17.19 33.53
N LEU D 906 29.01 17.88 34.02
CA LEU D 906 30.20 18.09 33.21
C LEU D 906 31.07 16.85 33.08
N ASN D 907 30.77 15.78 33.81
CA ASN D 907 31.55 14.55 33.75
C ASN D 907 33.01 14.78 34.13
N VAL D 908 33.22 15.63 35.14
CA VAL D 908 34.53 15.96 35.66
C VAL D 908 34.48 15.89 37.18
N ALA D 909 35.66 15.82 37.79
CA ALA D 909 35.73 15.83 39.24
C ALA D 909 35.39 17.22 39.77
N PRO D 910 35.04 17.32 41.05
CA PRO D 910 34.78 18.65 41.62
C PRO D 910 35.94 19.61 41.53
N GLN D 911 37.18 19.14 41.45
CA GLN D 911 38.28 20.07 41.19
C GLN D 911 38.13 20.76 39.85
N GLY D 912 37.48 20.12 38.87
CA GLY D 912 37.19 20.79 37.62
C GLY D 912 36.27 21.99 37.79
N VAL D 913 35.21 21.81 38.58
CA VAL D 913 34.31 22.92 38.85
C VAL D 913 35.01 23.99 39.67
N SER D 914 35.89 23.57 40.59
CA SER D 914 36.65 24.53 41.37
C SER D 914 37.55 25.38 40.49
N ALA D 915 38.17 24.76 39.48
CA ALA D 915 38.96 25.52 38.52
C ALA D 915 38.07 26.41 37.67
N LEU D 916 36.87 25.94 37.31
CA LEU D 916 35.99 26.74 36.46
C LEU D 916 35.57 28.02 37.18
N VAL D 917 35.10 27.91 38.41
CA VAL D 917 34.54 29.09 39.07
C VAL D 917 35.57 30.15 39.40
N GLY D 918 36.86 29.81 39.35
CA GLY D 918 37.96 30.76 39.43
C GLY D 918 38.13 31.67 38.22
N LEU D 919 37.47 31.37 37.10
CA LEU D 919 37.61 32.13 35.87
C LEU D 919 36.71 33.37 35.79
N ASP D 920 36.52 34.04 36.92
CA ASP D 920 35.86 35.35 36.97
C ASP D 920 36.78 36.41 36.36
N TYR D 921 36.75 36.49 35.03
CA TYR D 921 37.55 37.43 34.27
C TYR D 921 36.86 38.75 33.93
N ILE D 922 35.57 38.90 34.19
CA ILE D 922 34.86 40.16 33.93
C ILE D 922 34.46 40.75 35.27
N GLN D 923 35.44 41.20 36.02
CA GLN D 923 35.23 41.89 37.28
C GLN D 923 36.51 42.60 37.67
N SER D 924 36.38 43.53 38.62
CA SER D 924 37.50 44.29 39.14
C SER D 924 37.80 43.97 40.60
N MET D 925 37.00 43.10 41.22
CA MET D 925 37.19 42.77 42.63
C MET D 925 38.53 42.08 42.88
N LYS D 926 38.96 41.22 41.95
CA LYS D 926 40.14 40.40 42.18
C LYS D 926 40.89 40.18 40.86
N GLU D 927 42.14 39.74 41.00
CA GLU D 927 43.04 39.59 39.87
C GLU D 927 42.49 38.65 38.79
N THR D 928 42.71 39.03 37.53
CA THR D 928 42.28 38.22 36.41
C THR D 928 43.11 36.95 36.30
N PRO D 929 42.50 35.86 35.86
CA PRO D 929 43.22 34.58 35.76
C PRO D 929 44.33 34.64 34.73
N THR D 930 45.51 34.18 35.13
CA THR D 930 46.66 34.15 34.25
C THR D 930 46.57 32.94 33.33
N TYR D 931 47.29 33.01 32.21
CA TYR D 931 47.15 32.02 31.15
C TYR D 931 47.34 30.58 31.64
N ALA D 932 48.22 30.35 32.60
CA ALA D 932 48.36 28.97 33.08
C ALA D 932 47.08 28.44 33.70
N GLN D 933 46.37 29.29 34.43
CA GLN D 933 45.06 28.91 34.99
C GLN D 933 44.08 28.54 33.89
N TRP D 934 44.03 29.34 32.83
CA TRP D 934 43.12 29.06 31.73
C TRP D 934 43.45 27.75 31.05
N GLU D 935 44.73 27.54 30.74
CA GLU D 935 45.16 26.27 30.13
C GLU D 935 44.86 25.07 31.01
N ASN D 936 45.04 25.20 32.33
CA ASN D 936 44.66 24.14 33.25
C ASN D 936 43.17 23.83 33.22
N ALA D 937 42.33 24.87 33.26
CA ALA D 937 40.90 24.64 33.17
C ALA D 937 40.50 24.01 31.84
N ALA D 938 41.07 24.51 30.74
CA ALA D 938 40.79 23.91 29.43
C ALA D 938 41.14 22.44 29.40
N GLY D 939 42.28 22.06 29.97
CA GLY D 939 42.66 20.66 29.94
C GLY D 939 41.76 19.79 30.80
N VAL D 940 41.42 20.25 32.00
CA VAL D 940 40.56 19.47 32.86
C VAL D 940 39.18 19.28 32.22
N LEU D 941 38.64 20.34 31.62
CA LEU D 941 37.33 20.24 30.98
C LEU D 941 37.38 19.33 29.76
N THR D 942 38.48 19.38 28.99
CA THR D 942 38.59 18.57 27.78
C THR D 942 38.75 17.10 28.11
N ALA D 943 39.34 16.77 29.26
CA ALA D 943 39.59 15.38 29.59
C ALA D 943 38.29 14.57 29.69
N GLY D 944 37.16 15.22 29.95
CA GLY D 944 35.91 14.51 30.13
C GLY D 944 35.16 14.13 28.87
N LEU D 945 35.52 14.66 27.71
CA LEU D 945 34.79 14.42 26.48
C LEU D 945 35.06 13.02 25.93
N ASN D 946 34.10 12.52 25.14
CA ASN D 946 34.25 11.25 24.45
C ASN D 946 34.96 11.44 23.11
N SER D 947 35.25 10.31 22.45
CA SER D 947 35.96 10.36 21.17
C SER D 947 35.25 11.17 20.09
N GLN D 948 33.93 11.03 19.97
CA GLN D 948 33.21 11.75 18.92
C GLN D 948 33.19 13.25 19.18
N GLN D 949 32.89 13.62 20.41
CA GLN D 949 32.88 15.03 20.79
C GLN D 949 34.29 15.59 20.79
N ALA D 950 35.28 14.79 21.18
CA ALA D 950 36.65 15.29 21.07
C ALA D 950 37.02 15.55 19.62
N ASN D 951 36.60 14.69 18.71
CA ASN D 951 36.89 14.91 17.29
C ASN D 951 36.28 16.21 16.78
N THR D 952 35.02 16.48 17.15
CA THR D 952 34.42 17.76 16.75
C THR D 952 35.09 18.96 17.40
N LEU D 953 35.42 18.86 18.67
CA LEU D 953 36.10 19.96 19.35
C LEU D 953 37.44 20.25 18.70
N HIS D 954 38.20 19.21 18.37
CA HIS D 954 39.51 19.40 17.76
C HIS D 954 39.39 20.02 16.37
N ALA D 955 38.37 19.65 15.61
CA ALA D 955 38.20 20.29 14.31
C ALA D 955 37.95 21.78 14.45
N PHE D 956 37.07 22.16 15.38
CA PHE D 956 36.78 23.58 15.60
C PHE D 956 38.03 24.35 16.06
N LEU D 957 38.80 23.75 16.97
CA LEU D 957 40.02 24.40 17.43
C LEU D 957 41.03 24.59 16.31
N ASP D 958 41.17 23.60 15.44
CA ASP D 958 42.12 23.73 14.34
C ASP D 958 41.73 24.86 13.39
N GLU D 959 40.44 24.99 13.08
CA GLU D 959 40.04 26.09 12.20
C GLU D 959 40.33 27.45 12.83
N SER D 960 39.99 27.62 14.10
CA SER D 960 40.25 28.91 14.75
C SER D 960 41.74 29.23 14.82
N ARG D 961 42.56 28.24 15.14
CA ARG D 961 44.00 28.46 15.19
C ARG D 961 44.54 28.86 13.83
N SER D 962 44.04 28.24 12.77
CA SER D 962 44.52 28.59 11.44
C SER D 962 44.20 30.04 11.12
N ALA D 963 43.00 30.51 11.44
CA ALA D 963 42.69 31.92 11.17
C ALA D 963 43.63 32.84 11.94
N ALA D 964 43.83 32.58 13.23
CA ALA D 964 44.69 33.46 14.02
C ALA D 964 46.13 33.46 13.52
N LEU D 965 46.68 32.28 13.24
CA LEU D 965 48.06 32.22 12.77
C LEU D 965 48.24 32.86 11.41
N SER D 966 47.28 32.69 10.50
CA SER D 966 47.41 33.34 9.20
C SER D 966 47.43 34.85 9.35
N THR D 967 46.53 35.41 10.15
CA THR D 967 46.53 36.85 10.33
C THR D 967 47.83 37.34 10.95
N TYR D 968 48.32 36.64 11.97
CA TYR D 968 49.56 37.05 12.60
C TYR D 968 50.74 36.96 11.64
N TYR D 969 50.80 35.90 10.83
CA TYR D 969 51.86 35.77 9.86
C TYR D 969 51.83 36.90 8.84
N ILE D 970 50.66 37.25 8.34
CA ILE D 970 50.57 38.36 7.39
C ILE D 970 51.08 39.64 8.01
N ARG D 971 50.69 39.92 9.26
CA ARG D 971 51.08 41.18 9.88
C ARG D 971 52.57 41.23 10.22
N GLN D 972 53.16 40.11 10.63
CA GLN D 972 54.39 40.21 11.39
C GLN D 972 55.58 39.43 10.84
N VAL D 973 55.39 38.54 9.87
CA VAL D 973 56.46 37.65 9.43
C VAL D 973 56.67 37.74 7.92
N ALA D 974 55.59 38.01 7.19
CA ALA D 974 55.67 38.17 5.75
C ALA D 974 56.57 39.32 5.36
N LYS D 975 57.37 39.11 4.32
CA LYS D 975 58.30 40.12 3.83
C LYS D 975 57.57 41.14 2.98
N ALA D 976 57.72 42.42 3.35
CA ALA D 976 56.94 43.51 2.75
C ALA D 976 57.12 43.61 1.24
N ALA D 977 58.23 43.12 0.69
CA ALA D 977 58.38 43.08 -0.76
C ALA D 977 57.25 42.32 -1.44
N ALA D 978 56.67 41.33 -0.78
CA ALA D 978 55.39 40.77 -1.18
C ALA D 978 54.27 41.51 -0.46
N ALA D 979 53.40 42.17 -1.23
CA ALA D 979 52.34 43.00 -0.67
C ALA D 979 51.16 42.14 -0.22
N ILE D 980 51.42 41.27 0.74
CA ILE D 980 50.42 40.34 1.22
C ILE D 980 49.46 41.09 2.14
N LYS D 981 48.20 41.19 1.74
CA LYS D 981 47.24 42.02 2.46
C LYS D 981 46.10 41.26 3.12
N SER D 982 45.83 40.02 2.73
CA SER D 982 44.72 39.30 3.34
C SER D 982 44.97 37.81 3.22
N ARG D 983 44.01 37.03 3.69
CA ARG D 983 44.21 35.58 3.74
C ARG D 983 44.25 34.94 2.36
N ASP D 984 43.49 35.47 1.39
CA ASP D 984 43.57 34.95 0.04
C ASP D 984 44.93 35.22 -0.60
N ASP D 985 45.47 36.40 -0.34
CA ASP D 985 46.82 36.73 -0.81
C ASP D 985 47.84 35.79 -0.20
N LEU D 986 47.68 35.48 1.09
CA LEU D 986 48.59 34.55 1.73
C LEU D 986 48.45 33.17 1.14
N TYR D 987 47.24 32.78 0.76
CA TYR D 987 47.07 31.48 0.11
C TYR D 987 47.78 31.45 -1.23
N GLN D 988 47.69 32.52 -2.01
CA GLN D 988 48.41 32.57 -3.28
C GLN D 988 49.91 32.57 -3.07
N TYR D 989 50.38 33.17 -1.99
CA TYR D 989 51.82 33.26 -1.75
C TYR D 989 52.36 31.93 -1.24
N LEU D 990 51.91 31.49 -0.07
CA LEU D 990 52.44 30.26 0.50
C LEU D 990 52.01 29.02 -0.27
N LEU D 991 51.08 29.14 -1.22
CA LEU D 991 50.60 28.04 -2.03
C LEU D 991 49.87 26.97 -1.23
N ILE D 992 49.47 27.25 0.00
CA ILE D 992 48.79 26.27 0.84
C ILE D 992 47.44 26.83 1.23
N ASP D 993 46.39 26.03 1.11
CA ASP D 993 45.06 26.50 1.44
C ASP D 993 44.89 26.48 2.96
N ASN D 994 44.75 27.66 3.56
CA ASN D 994 44.57 27.81 5.00
C ASN D 994 43.11 27.99 5.45
N GLN D 995 42.23 28.43 4.57
CA GLN D 995 40.82 28.58 4.93
C GLN D 995 40.04 27.28 4.83
N VAL D 996 40.66 26.20 4.38
CA VAL D 996 39.99 24.93 4.22
C VAL D 996 39.56 24.37 5.57
N SER D 997 38.40 23.73 5.60
CA SER D 997 37.89 23.09 6.80
C SER D 997 38.67 21.81 7.09
N ALA D 998 38.63 21.38 8.35
CA ALA D 998 39.36 20.20 8.77
C ALA D 998 38.79 18.89 8.24
N ALA D 999 37.60 18.92 7.63
CA ALA D 999 36.99 17.71 7.12
C ALA D 999 37.80 17.09 5.98
N ILE D 1000 38.35 17.93 5.10
CA ILE D 1000 39.06 17.45 3.91
C ILE D 1000 40.44 16.95 4.29
N LYS D 1001 40.77 15.74 3.81
CA LYS D 1001 42.04 15.07 4.08
C LYS D 1001 42.71 14.64 2.79
N THR D 1002 43.99 14.99 2.63
CA THR D 1002 44.75 14.64 1.44
C THR D 1002 46.15 14.17 1.82
N THR D 1003 46.75 13.33 0.98
CA THR D 1003 48.08 12.83 1.24
C THR D 1003 49.09 13.96 1.09
N ARG D 1004 50.25 13.80 1.73
CA ARG D 1004 51.24 14.89 1.70
C ARG D 1004 51.79 15.14 0.30
N ILE D 1005 52.11 14.09 -0.45
CA ILE D 1005 52.69 14.27 -1.78
C ILE D 1005 51.69 14.92 -2.72
N ALA D 1006 50.43 14.51 -2.66
CA ALA D 1006 49.43 15.15 -3.51
C ALA D 1006 49.31 16.62 -3.19
N GLU D 1007 49.39 16.96 -1.91
CA GLU D 1007 49.33 18.36 -1.53
C GLU D 1007 50.52 19.14 -2.07
N ALA D 1008 51.72 18.55 -2.02
CA ALA D 1008 52.89 19.21 -2.59
C ALA D 1008 52.75 19.40 -4.09
N ILE D 1009 52.19 18.41 -4.78
CA ILE D 1009 51.94 18.51 -6.21
C ILE D 1009 51.00 19.67 -6.49
N ALA D 1010 49.95 19.81 -5.69
CA ALA D 1010 49.02 20.91 -5.89
C ALA D 1010 49.72 22.25 -5.70
N SER D 1011 50.59 22.37 -4.70
CA SER D 1011 51.29 23.63 -4.52
C SER D 1011 52.18 23.97 -5.72
N ILE D 1012 52.92 22.99 -6.23
CA ILE D 1012 53.79 23.29 -7.37
C ILE D 1012 52.98 23.63 -8.61
N GLN D 1013 51.88 22.93 -8.85
CA GLN D 1013 51.07 23.25 -10.01
C GLN D 1013 50.50 24.65 -9.93
N LEU D 1014 50.03 25.05 -8.75
CA LEU D 1014 49.51 26.41 -8.61
C LEU D 1014 50.60 27.44 -8.85
N TYR D 1015 51.80 27.21 -8.35
CA TYR D 1015 52.87 28.16 -8.57
C TYR D 1015 53.21 28.29 -10.05
N VAL D 1016 53.30 27.17 -10.76
CA VAL D 1016 53.61 27.23 -12.19
C VAL D 1016 52.51 27.93 -12.96
N ASN D 1017 51.25 27.65 -12.62
CA ASN D 1017 50.15 28.31 -13.32
C ASN D 1017 50.21 29.81 -13.11
N ARG D 1018 50.51 30.24 -11.90
CA ARG D 1018 50.65 31.66 -11.65
C ARG D 1018 51.78 32.27 -12.46
N ALA D 1019 52.90 31.57 -12.57
CA ALA D 1019 54.04 32.09 -13.33
C ALA D 1019 53.77 32.20 -14.83
N LEU D 1020 53.17 31.18 -15.44
CA LEU D 1020 52.97 31.17 -16.88
C LEU D 1020 52.08 32.30 -17.37
N GLU D 1021 51.02 32.61 -16.66
CA GLU D 1021 50.13 33.71 -16.98
C GLU D 1021 50.71 35.06 -16.60
N ASN D 1022 51.94 35.07 -16.13
CA ASN D 1022 52.68 36.27 -15.76
C ASN D 1022 51.90 37.11 -14.75
N VAL D 1023 51.17 36.44 -13.87
CA VAL D 1023 50.53 37.13 -12.75
C VAL D 1023 51.59 37.60 -11.78
N GLU D 1024 52.61 36.77 -11.58
CA GLU D 1024 53.83 37.14 -10.89
C GLU D 1024 54.80 37.81 -11.87
N GLU D 1025 55.60 38.72 -11.33
CA GLU D 1025 56.13 39.85 -12.10
C GLU D 1025 56.86 39.45 -13.39
N ASN D 1026 57.86 38.56 -13.32
CA ASN D 1026 58.63 38.28 -14.54
C ASN D 1026 59.31 36.92 -14.46
N ALA D 1027 58.73 35.95 -15.15
CA ALA D 1027 59.37 34.65 -15.34
C ALA D 1027 60.54 34.74 -16.31
N ASN D 1028 61.51 33.86 -16.12
CA ASN D 1028 62.67 33.77 -17.02
C ASN D 1028 62.22 33.27 -18.39
N SER D 1029 62.32 34.12 -19.40
CA SER D 1029 61.84 33.79 -20.74
C SER D 1029 62.58 32.59 -21.34
N GLY D 1030 63.83 32.35 -20.94
CA GLY D 1030 64.51 31.16 -21.39
C GLY D 1030 63.88 29.87 -20.89
N VAL D 1031 63.48 29.86 -19.61
CA VAL D 1031 62.90 28.67 -19.02
C VAL D 1031 61.54 28.35 -19.61
N ILE D 1032 60.73 29.38 -19.88
CA ILE D 1032 59.40 29.17 -20.44
C ILE D 1032 59.49 28.55 -21.83
N SER D 1033 60.49 28.92 -22.60
CA SER D 1033 60.62 28.37 -23.94
C SER D 1033 60.94 26.88 -23.99
N ARG D 1034 61.22 26.23 -22.86
CA ARG D 1034 61.44 24.79 -22.90
C ARG D 1034 60.20 24.03 -23.31
N GLN D 1035 60.43 22.89 -23.95
CA GLN D 1035 59.35 22.03 -24.42
C GLN D 1035 58.39 21.64 -23.30
N PHE D 1036 58.89 21.47 -22.08
CA PHE D 1036 58.01 21.09 -20.98
C PHE D 1036 56.89 22.08 -20.74
N PHE D 1037 57.14 23.37 -20.91
CA PHE D 1037 56.10 24.37 -20.73
C PHE D 1037 55.32 24.69 -21.99
N ILE D 1038 55.77 24.24 -23.16
CA ILE D 1038 54.94 24.31 -24.35
C ILE D 1038 53.88 23.22 -24.33
N ASP D 1039 54.24 22.03 -23.87
CA ASP D 1039 53.33 20.93 -23.63
C ASP D 1039 52.51 21.08 -22.36
N TRP D 1040 52.69 22.15 -21.59
CA TRP D 1040 52.04 22.30 -20.30
C TRP D 1040 50.54 22.07 -20.40
N ASP D 1041 49.85 22.93 -21.15
CA ASP D 1041 48.40 22.96 -21.20
C ASP D 1041 47.78 21.72 -21.78
N LYS D 1042 48.51 20.97 -22.58
CA LYS D 1042 47.98 19.83 -23.29
C LYS D 1042 48.12 18.56 -22.47
N TYR D 1043 49.29 18.35 -21.85
CA TYR D 1043 49.59 17.10 -21.17
C TYR D 1043 50.03 17.27 -19.71
N ASN D 1044 50.95 18.18 -19.42
CA ASN D 1044 51.66 18.04 -18.15
C ASN D 1044 50.99 18.75 -16.99
N LYS D 1045 49.96 19.53 -17.23
CA LYS D 1045 49.36 20.28 -16.14
C LYS D 1045 48.57 19.39 -15.19
N ARG D 1046 47.97 18.32 -15.67
CA ARG D 1046 47.18 17.41 -14.86
C ARG D 1046 47.94 16.10 -14.72
N TYR D 1047 48.00 15.57 -13.52
CA TYR D 1047 48.80 14.37 -13.30
C TYR D 1047 48.28 13.20 -14.12
N SER D 1048 46.96 13.05 -14.20
CA SER D 1048 46.42 11.92 -14.96
C SER D 1048 46.79 12.00 -16.43
N THR D 1049 46.73 13.18 -17.04
CA THR D 1049 47.14 13.28 -18.44
C THR D 1049 48.62 12.99 -18.62
N TRP D 1050 49.46 13.45 -17.69
CA TRP D 1050 50.88 13.17 -17.79
C TRP D 1050 51.17 11.69 -17.69
N ALA D 1051 50.53 11.01 -16.75
CA ALA D 1051 50.72 9.57 -16.64
C ALA D 1051 50.23 8.84 -17.87
N GLY D 1052 49.07 9.25 -18.40
CA GLY D 1052 48.56 8.62 -19.62
C GLY D 1052 49.47 8.81 -20.81
N VAL D 1053 50.03 10.00 -20.97
CA VAL D 1053 50.96 10.24 -22.07
C VAL D 1053 52.20 9.38 -21.92
N SER D 1054 52.72 9.30 -20.70
CA SER D 1054 53.97 8.56 -20.49
C SER D 1054 53.78 7.06 -20.71
N GLN D 1055 52.65 6.50 -20.28
CA GLN D 1055 52.38 5.10 -20.62
C GLN D 1055 52.07 4.89 -22.10
N LEU D 1056 51.37 5.82 -22.75
CA LEU D 1056 51.10 5.66 -24.17
C LEU D 1056 52.38 5.70 -24.99
N VAL D 1057 53.40 6.39 -24.51
CA VAL D 1057 54.70 6.31 -25.16
C VAL D 1057 55.40 5.00 -24.82
N TYR D 1058 55.38 4.59 -23.54
CA TYR D 1058 56.14 3.42 -23.12
C TYR D 1058 55.40 2.10 -23.36
N TYR D 1059 54.08 2.08 -23.34
CA TYR D 1059 53.28 0.87 -23.52
C TYR D 1059 52.26 1.09 -24.62
N PRO D 1060 52.66 1.04 -25.88
CA PRO D 1060 51.71 1.27 -26.96
C PRO D 1060 50.59 0.25 -27.03
N GLU D 1061 50.82 -1.01 -26.66
CA GLU D 1061 49.82 -2.04 -26.91
C GLU D 1061 48.52 -1.74 -26.20
N ASN D 1062 48.57 -1.02 -25.08
CA ASN D 1062 47.36 -0.72 -24.33
C ASN D 1062 46.44 0.16 -25.15
N TYR D 1063 46.98 1.13 -25.88
CA TYR D 1063 46.17 2.12 -26.56
C TYR D 1063 46.03 1.85 -28.05
N ILE D 1064 46.50 0.71 -28.54
CA ILE D 1064 46.35 0.40 -29.95
C ILE D 1064 44.95 -0.19 -30.12
N ASP D 1065 44.13 0.45 -30.93
CA ASP D 1065 42.78 -0.02 -31.22
C ASP D 1065 42.75 -0.26 -32.71
N PRO D 1066 42.54 -1.50 -33.18
CA PRO D 1066 42.57 -1.77 -34.61
C PRO D 1066 41.52 -1.03 -35.41
N THR D 1067 40.42 -0.62 -34.79
CA THR D 1067 39.34 0.01 -35.54
C THR D 1067 39.77 1.33 -36.16
N MET D 1068 40.36 2.23 -35.37
CA MET D 1068 40.77 3.53 -35.87
C MET D 1068 42.26 3.75 -35.70
N ARG D 1069 42.88 4.30 -36.73
CA ARG D 1069 44.32 4.51 -36.75
C ARG D 1069 44.62 5.72 -37.61
N ILE D 1070 45.61 6.51 -37.18
CA ILE D 1070 46.04 7.66 -37.95
C ILE D 1070 46.68 7.18 -39.25
N GLY D 1071 46.48 7.95 -40.32
CA GLY D 1071 47.05 7.54 -41.59
C GLY D 1071 46.43 6.32 -42.20
N GLN D 1072 45.17 6.04 -41.89
CA GLN D 1072 44.49 4.89 -42.44
C GLN D 1072 44.28 5.08 -43.93
N THR D 1073 44.58 4.03 -44.70
CA THR D 1073 44.35 4.06 -46.14
C THR D 1073 42.86 4.05 -46.46
N LYS D 1074 42.52 4.64 -47.60
CA LYS D 1074 41.11 4.81 -47.97
C LYS D 1074 40.40 3.48 -48.19
N MET D 1075 41.11 2.45 -48.60
CA MET D 1075 40.45 1.16 -48.79
C MET D 1075 40.23 0.44 -47.47
N MET D 1076 41.07 0.68 -46.48
CA MET D 1076 40.78 0.19 -45.13
C MET D 1076 39.61 0.95 -44.48
N ASP D 1077 39.43 2.22 -44.81
CA ASP D 1077 38.18 2.89 -44.42
C ASP D 1077 36.96 2.38 -45.18
N ALA D 1078 37.10 2.00 -46.46
CA ALA D 1078 36.02 1.26 -47.10
C ALA D 1078 35.73 -0.05 -46.38
N LEU D 1079 36.77 -0.73 -45.92
CA LEU D 1079 36.59 -2.05 -45.34
C LEU D 1079 35.85 -1.96 -44.03
N LEU D 1080 36.25 -1.01 -43.19
CA LEU D 1080 35.70 -0.99 -41.83
C LEU D 1080 34.22 -0.72 -41.88
N GLN D 1081 33.81 0.32 -42.60
CA GLN D 1081 32.39 0.64 -42.69
C GLN D 1081 31.62 -0.40 -43.49
N SER D 1082 32.27 -1.15 -44.39
CA SER D 1082 31.56 -2.24 -45.07
C SER D 1082 31.28 -3.40 -44.12
N VAL D 1083 32.22 -3.72 -43.24
CA VAL D 1083 32.06 -4.85 -42.32
C VAL D 1083 31.31 -4.49 -41.05
N SER D 1084 31.12 -3.20 -40.76
CA SER D 1084 30.44 -2.80 -39.53
C SER D 1084 28.94 -2.98 -39.66
N GLN D 1085 28.41 -4.03 -39.04
CA GLN D 1085 26.98 -4.32 -39.01
C GLN D 1085 26.72 -5.32 -37.88
N SER D 1086 25.44 -5.62 -37.65
CA SER D 1086 25.04 -6.49 -36.54
C SER D 1086 25.38 -7.94 -36.78
N GLN D 1087 25.12 -8.45 -37.98
CA GLN D 1087 25.29 -9.85 -38.28
C GLN D 1087 26.52 -10.04 -39.15
N LEU D 1088 27.46 -10.84 -38.68
CA LEU D 1088 28.66 -11.19 -39.43
C LEU D 1088 28.61 -12.68 -39.64
N ASN D 1089 28.76 -13.10 -40.88
CA ASN D 1089 28.76 -14.50 -41.26
C ASN D 1089 30.03 -14.78 -42.05
N ALA D 1090 30.31 -16.05 -42.29
CA ALA D 1090 31.52 -16.38 -43.02
C ALA D 1090 31.51 -15.81 -44.43
N ASP D 1091 30.39 -15.92 -45.12
CA ASP D 1091 30.30 -15.39 -46.49
C ASP D 1091 30.38 -13.87 -46.54
N THR D 1092 29.75 -13.17 -45.60
CA THR D 1092 29.80 -11.71 -45.62
C THR D 1092 31.21 -11.20 -45.42
N VAL D 1093 31.91 -11.73 -44.42
CA VAL D 1093 33.27 -11.27 -44.17
C VAL D 1093 34.20 -11.70 -45.31
N GLU D 1094 33.96 -12.88 -45.89
CA GLU D 1094 34.77 -13.29 -47.04
C GLU D 1094 34.60 -12.34 -48.21
N ASP D 1095 33.36 -11.94 -48.51
CA ASP D 1095 33.14 -11.02 -49.62
C ASP D 1095 33.72 -9.64 -49.33
N ALA D 1096 33.58 -9.17 -48.09
CA ALA D 1096 34.19 -7.89 -47.73
C ALA D 1096 35.69 -7.93 -47.95
N PHE D 1097 36.33 -9.05 -47.60
CA PHE D 1097 37.75 -9.19 -47.84
C PHE D 1097 38.09 -9.25 -49.33
N MET D 1098 37.33 -9.98 -50.13
CA MET D 1098 37.59 -9.98 -51.57
C MET D 1098 37.38 -8.62 -52.23
N SER D 1099 36.49 -7.79 -51.72
CA SER D 1099 36.41 -6.43 -52.25
C SER D 1099 37.57 -5.56 -51.80
N TYR D 1100 38.00 -5.72 -50.56
CA TYR D 1100 39.22 -5.03 -50.12
C TYR D 1100 40.39 -5.42 -51.02
N LEU D 1101 40.60 -6.72 -51.21
CA LEU D 1101 41.67 -7.21 -52.05
C LEU D 1101 41.57 -6.68 -53.47
N THR D 1102 40.36 -6.51 -54.00
CA THR D 1102 40.23 -5.90 -55.33
C THR D 1102 40.79 -4.49 -55.35
N SER D 1103 40.44 -3.69 -54.34
CA SER D 1103 40.96 -2.32 -54.25
C SER D 1103 42.47 -2.30 -54.15
N PHE D 1104 43.02 -3.17 -53.29
CA PHE D 1104 44.46 -3.23 -53.08
C PHE D 1104 45.18 -3.60 -54.37
N GLU D 1105 44.65 -4.58 -55.10
CA GLU D 1105 45.28 -4.98 -56.35
C GLU D 1105 45.23 -3.87 -57.37
N GLN D 1106 44.12 -3.13 -57.44
CA GLN D 1106 44.04 -2.04 -58.39
C GLN D 1106 45.07 -0.95 -58.08
N VAL D 1107 45.27 -0.62 -56.80
CA VAL D 1107 46.28 0.40 -56.48
C VAL D 1107 47.70 -0.11 -56.51
N ALA D 1108 47.91 -1.42 -56.59
CA ALA D 1108 49.27 -1.93 -56.65
C ALA D 1108 49.80 -2.13 -58.05
N ASN D 1109 48.94 -2.37 -59.04
CA ASN D 1109 49.41 -2.62 -60.40
C ASN D 1109 49.82 -1.37 -61.16
N LEU D 1110 49.49 -0.18 -60.69
CA LEU D 1110 49.78 1.04 -61.45
C LEU D 1110 51.27 1.32 -61.57
N LYS D 1111 51.63 1.97 -62.68
CA LYS D 1111 53.01 2.28 -63.01
C LYS D 1111 53.24 3.78 -63.05
N VAL D 1112 54.44 4.19 -62.64
CA VAL D 1112 54.84 5.60 -62.67
C VAL D 1112 55.13 6.06 -64.08
N ILE D 1113 54.74 7.30 -64.39
CA ILE D 1113 55.07 7.94 -65.65
C ILE D 1113 56.22 8.91 -65.48
N SER D 1114 56.06 9.87 -64.57
CA SER D 1114 56.92 11.03 -64.49
C SER D 1114 57.02 11.49 -63.05
N ALA D 1115 58.03 12.31 -62.78
CA ALA D 1115 58.23 12.81 -61.44
C ALA D 1115 58.85 14.20 -61.51
N TYR D 1116 58.79 14.90 -60.39
CA TYR D 1116 59.34 16.23 -60.22
C TYR D 1116 59.99 16.30 -58.85
N HIS D 1117 61.12 16.97 -58.75
CA HIS D 1117 61.81 17.10 -57.47
C HIS D 1117 61.63 18.52 -56.97
N ASP D 1118 61.04 18.66 -55.79
CA ASP D 1118 60.57 19.96 -55.29
C ASP D 1118 61.69 20.92 -54.96
N ASN D 1119 62.91 20.46 -54.74
CA ASN D 1119 63.95 21.34 -54.25
C ASN D 1119 65.07 21.46 -55.28
N ILE D 1120 65.74 22.60 -55.25
CA ILE D 1120 66.88 22.83 -56.14
C ILE D 1120 67.98 21.79 -55.92
N ASN D 1121 68.19 21.38 -54.68
CA ASN D 1121 69.22 20.39 -54.38
C ASN D 1121 68.58 19.05 -54.03
N ASN D 1122 69.19 17.97 -54.50
CA ASN D 1122 68.63 16.63 -54.32
C ASN D 1122 68.68 16.16 -52.88
N ASP D 1123 69.49 16.79 -52.03
CA ASP D 1123 69.62 16.30 -50.66
C ASP D 1123 68.33 16.43 -49.88
N GLN D 1124 67.65 17.56 -49.99
CA GLN D 1124 66.42 17.81 -49.27
C GLN D 1124 65.24 17.95 -50.23
N GLY D 1125 64.09 18.29 -49.68
CA GLY D 1125 62.90 18.50 -50.48
C GLY D 1125 62.04 17.27 -50.63
N LEU D 1126 61.06 17.37 -51.53
CA LEU D 1126 60.11 16.32 -51.80
C LEU D 1126 60.14 15.98 -53.28
N THR D 1127 59.72 14.76 -53.60
CA THR D 1127 59.61 14.32 -54.97
C THR D 1127 58.18 13.84 -55.19
N TYR D 1128 57.56 14.32 -56.25
CA TYR D 1128 56.18 13.99 -56.58
C TYR D 1128 56.12 13.07 -57.77
N PHE D 1129 55.40 11.97 -57.65
CA PHE D 1129 55.27 11.00 -58.72
C PHE D 1129 53.86 11.01 -59.26
N ILE D 1130 53.74 10.64 -60.53
CA ILE D 1130 52.47 10.55 -61.23
C ILE D 1130 52.36 9.13 -61.75
N GLY D 1131 51.26 8.47 -61.48
CA GLY D 1131 51.10 7.10 -61.93
C GLY D 1131 49.76 6.83 -62.57
N LEU D 1132 49.78 5.98 -63.57
CA LEU D 1132 48.64 5.62 -64.40
C LEU D 1132 48.20 4.20 -64.10
N SER D 1133 46.91 4.02 -63.85
CA SER D 1133 46.41 2.66 -63.73
C SER D 1133 46.25 2.07 -65.13
N GLU D 1134 46.37 0.74 -65.21
CA GLU D 1134 46.15 0.02 -66.46
C GLU D 1134 44.65 -0.06 -66.79
N THR D 1135 44.12 1.05 -67.29
CA THR D 1135 42.76 1.08 -67.81
C THR D 1135 42.68 2.08 -68.94
N ASP D 1136 41.68 1.89 -69.81
CA ASP D 1136 41.64 2.59 -71.10
C ASP D 1136 41.43 4.09 -70.93
N ALA D 1137 40.34 4.49 -70.27
CA ALA D 1137 40.25 5.84 -69.73
C ALA D 1137 41.01 5.87 -68.41
N GLY D 1138 42.33 6.05 -68.52
CA GLY D 1138 43.20 5.88 -67.39
C GLY D 1138 42.82 6.75 -66.21
N GLU D 1139 43.10 6.25 -65.02
CA GLU D 1139 43.00 7.04 -63.80
C GLU D 1139 44.41 7.36 -63.33
N TYR D 1140 44.65 8.60 -62.95
CA TYR D 1140 45.97 9.08 -62.60
C TYR D 1140 46.08 9.33 -61.11
N TYR D 1141 47.09 8.75 -60.48
CA TYR D 1141 47.35 8.88 -59.05
C TYR D 1141 48.67 9.59 -58.79
N TRP D 1142 48.70 10.54 -57.87
CA TRP D 1142 49.91 11.26 -57.53
C TRP D 1142 50.40 10.85 -56.15
N ARG D 1143 51.70 10.60 -56.02
CA ARG D 1143 52.35 10.15 -54.81
C ARG D 1143 53.55 11.01 -54.51
N SER D 1144 53.82 11.31 -53.24
CA SER D 1144 54.93 12.16 -52.85
C SER D 1144 55.86 11.43 -51.91
N VAL D 1145 57.16 11.65 -52.06
CA VAL D 1145 58.15 11.05 -51.18
C VAL D 1145 59.03 12.15 -50.61
N ASP D 1146 59.58 11.90 -49.43
CA ASP D 1146 60.39 12.87 -48.71
C ASP D 1146 61.85 12.47 -48.65
N HIS D 1147 62.73 13.37 -49.09
CA HIS D 1147 64.16 13.06 -49.07
C HIS D 1147 64.82 13.35 -47.73
N SER D 1148 64.26 14.24 -46.92
CA SER D 1148 64.86 14.54 -45.62
C SER D 1148 64.86 13.33 -44.70
N LYS D 1149 63.77 12.59 -44.69
CA LYS D 1149 63.67 11.40 -43.86
C LYS D 1149 64.55 10.26 -44.37
N PHE D 1150 64.97 10.31 -45.62
CA PHE D 1150 65.87 9.29 -46.14
C PHE D 1150 67.27 9.44 -45.57
N ASN D 1151 67.83 8.33 -45.09
CA ASN D 1151 69.18 8.34 -44.54
C ASN D 1151 69.71 6.91 -44.54
N ASP D 1152 71.03 6.80 -44.47
CA ASP D 1152 71.71 5.50 -44.40
C ASP D 1152 71.41 4.63 -45.62
N GLY D 1153 71.07 5.26 -46.75
CA GLY D 1153 70.82 4.54 -47.98
C GLY D 1153 69.47 3.89 -48.10
N LYS D 1154 68.61 4.01 -47.09
CA LYS D 1154 67.28 3.40 -47.12
C LYS D 1154 66.25 4.46 -46.77
N PHE D 1155 65.22 4.58 -47.59
CA PHE D 1155 64.14 5.48 -47.27
C PHE D 1155 63.35 4.92 -46.09
N ALA D 1156 63.05 5.77 -45.13
CA ALA D 1156 62.23 5.35 -44.01
C ALA D 1156 60.83 5.06 -44.54
N ALA D 1157 60.17 4.08 -43.96
CA ALA D 1157 58.85 3.67 -44.44
C ALA D 1157 57.85 4.81 -44.33
N ASN D 1158 57.90 5.56 -43.24
CA ASN D 1158 56.96 6.67 -43.04
C ASN D 1158 57.21 7.85 -43.99
N ALA D 1159 58.37 7.91 -44.65
CA ALA D 1159 58.60 9.01 -45.59
C ALA D 1159 57.66 8.96 -46.78
N TRP D 1160 57.37 7.78 -47.31
CA TRP D 1160 56.47 7.61 -48.44
C TRP D 1160 55.03 7.95 -48.08
N SER D 1161 54.27 8.41 -49.07
CA SER D 1161 52.87 8.73 -48.89
C SER D 1161 52.01 7.84 -49.78
N GLU D 1162 50.77 7.64 -49.37
CA GLU D 1162 49.85 6.81 -50.14
C GLU D 1162 49.41 7.51 -51.41
N TRP D 1163 49.05 6.73 -52.42
CA TRP D 1163 48.58 7.31 -53.67
C TRP D 1163 47.26 8.03 -53.47
N HIS D 1164 47.08 9.12 -54.19
CA HIS D 1164 45.86 9.91 -54.11
C HIS D 1164 45.30 9.97 -55.52
N LYS D 1165 44.01 9.66 -55.65
CA LYS D 1165 43.34 9.71 -56.94
C LYS D 1165 43.20 11.15 -57.43
N ILE D 1166 43.39 11.37 -58.73
CA ILE D 1166 43.23 12.68 -59.34
C ILE D 1166 41.85 12.78 -59.97
N ASP D 1167 41.04 13.71 -59.46
CA ASP D 1167 39.62 13.83 -59.82
C ASP D 1167 39.37 14.46 -61.19
N CYS D 1168 40.15 15.46 -61.57
CA CYS D 1168 39.92 16.15 -62.84
C CYS D 1168 40.10 15.19 -64.00
N PRO D 1169 39.59 15.53 -65.19
CA PRO D 1169 39.81 14.66 -66.35
C PRO D 1169 41.18 14.88 -66.94
N ILE D 1170 41.85 13.77 -67.26
CA ILE D 1170 43.14 13.76 -67.91
C ILE D 1170 43.07 12.89 -69.16
N ASN D 1171 43.46 13.45 -70.31
CA ASN D 1171 43.45 12.72 -71.57
C ASN D 1171 44.68 13.08 -72.40
N PRO D 1172 45.87 12.73 -71.94
CA PRO D 1172 47.08 13.26 -72.55
C PRO D 1172 47.42 12.54 -73.84
N TYR D 1173 48.19 13.21 -74.67
CA TYR D 1173 48.88 12.60 -75.79
C TYR D 1173 50.10 11.81 -75.34
N LYS D 1174 50.10 10.51 -75.60
CA LYS D 1174 51.27 9.65 -75.38
C LYS D 1174 51.78 9.75 -73.95
N SER D 1175 50.86 9.91 -73.01
CA SER D 1175 51.19 10.01 -71.59
C SER D 1175 52.24 11.11 -71.36
N THR D 1176 52.08 12.23 -72.06
CA THR D 1176 52.83 13.45 -71.80
C THR D 1176 52.14 14.23 -70.70
N ILE D 1177 52.34 13.81 -69.46
CA ILE D 1177 51.89 14.57 -68.30
C ILE D 1177 53.09 14.75 -67.39
N ARG D 1178 53.25 15.94 -66.87
CA ARG D 1178 54.36 16.29 -66.00
C ARG D 1178 53.94 17.20 -64.86
N PRO D 1179 54.03 16.77 -63.62
CA PRO D 1179 53.70 17.66 -62.51
C PRO D 1179 54.72 18.77 -62.41
N VAL D 1180 54.31 19.84 -61.74
CA VAL D 1180 55.22 20.90 -61.38
C VAL D 1180 54.72 21.50 -60.08
N ILE D 1181 55.64 22.00 -59.27
CA ILE D 1181 55.31 22.78 -58.08
C ILE D 1181 55.48 24.26 -58.33
N TYR D 1182 54.44 25.02 -58.04
CA TYR D 1182 54.47 26.48 -58.15
C TYR D 1182 53.93 27.09 -56.86
N LYS D 1183 54.69 28.02 -56.29
CA LYS D 1183 54.29 28.69 -55.06
C LYS D 1183 53.90 27.70 -53.98
N SER D 1184 54.63 26.58 -53.91
CA SER D 1184 54.36 25.50 -52.97
C SER D 1184 53.01 24.83 -53.20
N ARG D 1185 52.43 24.97 -54.38
CA ARG D 1185 51.20 24.25 -54.70
C ARG D 1185 51.46 23.36 -55.91
N LEU D 1186 50.82 22.20 -55.93
CA LEU D 1186 50.98 21.26 -57.03
C LEU D 1186 50.16 21.60 -58.25
N TYR D 1187 50.81 21.63 -59.41
CA TYR D 1187 50.17 21.92 -60.69
C TYR D 1187 50.47 20.78 -61.63
N LEU D 1188 49.60 20.56 -62.60
CA LEU D 1188 49.82 19.55 -63.62
C LEU D 1188 49.79 20.24 -64.96
N LEU D 1189 50.79 20.01 -65.77
CA LEU D 1189 50.74 20.30 -67.18
C LEU D 1189 50.60 18.97 -67.88
N TRP D 1190 49.66 18.89 -68.80
CA TRP D 1190 49.67 17.79 -69.74
C TRP D 1190 49.28 18.32 -71.10
N LEU D 1191 49.79 17.67 -72.12
CA LEU D 1191 49.50 18.06 -73.48
C LEU D 1191 48.38 17.15 -73.93
N GLU D 1192 47.26 17.75 -74.30
CA GLU D 1192 46.21 17.05 -75.04
C GLU D 1192 46.42 17.25 -76.53
N GLN D 1193 45.96 16.29 -77.30
CA GLN D 1193 46.01 16.38 -78.74
C GLN D 1193 44.68 15.96 -79.34
N LYS D 1194 44.28 16.66 -80.40
CA LYS D 1194 42.99 16.50 -81.04
C LYS D 1194 43.21 16.47 -82.53
N GLU D 1195 42.22 15.97 -83.26
CA GLU D 1195 42.37 15.70 -84.68
C GLU D 1195 41.31 16.45 -85.48
N ILE D 1196 41.76 17.17 -86.50
CA ILE D 1196 40.93 18.09 -87.26
C ILE D 1196 41.27 17.92 -88.72
N THR D 1197 40.43 18.48 -89.57
CA THR D 1197 40.36 18.14 -90.99
C THR D 1197 40.65 19.38 -91.82
N LYS D 1198 41.22 19.16 -93.01
CA LYS D 1198 41.60 20.24 -93.89
C LYS D 1198 41.15 19.90 -95.30
N GLN D 1199 40.82 20.93 -96.07
CA GLN D 1199 40.32 20.76 -97.44
C GLN D 1199 41.42 21.10 -98.43
N THR D 1200 41.72 20.16 -99.32
CA THR D 1200 42.84 20.28 -100.26
C THR D 1200 42.55 19.46 -101.51
N TYR D 1207 39.22 19.61 -103.84
CA TYR D 1207 38.30 19.45 -102.71
C TYR D 1207 38.66 18.23 -101.88
N GLN D 1208 39.75 17.56 -102.24
CA GLN D 1208 40.17 16.37 -101.50
C GLN D 1208 40.36 16.68 -100.03
N THR D 1209 39.97 15.74 -99.19
CA THR D 1209 39.88 15.96 -97.76
C THR D 1209 41.07 15.32 -97.04
N GLU D 1210 41.64 16.05 -96.08
CA GLU D 1210 42.94 15.72 -95.54
C GLU D 1210 42.89 15.94 -94.03
N THR D 1211 43.86 15.40 -93.30
CA THR D 1211 43.79 15.48 -91.84
C THR D 1211 45.10 15.97 -91.24
N ASP D 1212 44.99 16.54 -90.05
CA ASP D 1212 46.08 17.17 -89.33
C ASP D 1212 45.64 17.32 -87.88
N TYR D 1213 46.58 17.63 -87.00
CA TYR D 1213 46.27 17.63 -85.59
C TYR D 1213 46.43 19.04 -85.04
N ARG D 1214 45.92 19.22 -83.84
CA ARG D 1214 46.16 20.43 -83.06
C ARG D 1214 46.37 20.07 -81.60
N TYR D 1215 47.15 20.89 -80.90
CA TYR D 1215 47.67 20.56 -79.59
C TYR D 1215 47.30 21.68 -78.63
N GLU D 1216 46.84 21.29 -77.45
CA GLU D 1216 46.36 22.22 -76.43
C GLU D 1216 46.99 21.84 -75.10
N LEU D 1217 47.99 22.60 -74.67
CA LEU D 1217 48.52 22.47 -73.33
C LEU D 1217 47.50 22.90 -72.29
N LYS D 1218 47.28 22.07 -71.27
CA LYS D 1218 46.30 22.33 -70.22
C LYS D 1218 46.98 22.30 -68.86
N LEU D 1219 46.65 23.27 -68.03
CA LEU D 1219 47.16 23.38 -66.66
C LEU D 1219 46.04 23.22 -65.63
N ALA D 1220 46.25 22.38 -64.62
CA ALA D 1220 45.33 22.28 -63.50
C ALA D 1220 46.10 22.42 -62.19
N HIS D 1221 45.41 22.69 -61.08
CA HIS D 1221 46.05 22.68 -59.78
C HIS D 1221 45.14 22.14 -58.69
N ILE D 1222 45.74 21.60 -57.63
CA ILE D 1222 45.01 21.14 -56.44
C ILE D 1222 44.59 22.29 -55.55
N ARG D 1223 43.47 22.09 -54.86
CA ARG D 1223 42.93 22.98 -53.84
C ARG D 1223 43.25 22.44 -52.45
N TYR D 1224 43.00 23.27 -51.45
CA TYR D 1224 43.25 22.89 -50.06
C TYR D 1224 42.50 21.63 -49.63
N ASP D 1225 41.28 21.41 -50.13
CA ASP D 1225 40.54 20.22 -49.77
C ASP D 1225 40.87 19.01 -50.64
N GLY D 1226 41.94 19.08 -51.43
CA GLY D 1226 42.33 17.95 -52.23
C GLY D 1226 41.50 17.72 -53.48
N THR D 1227 40.52 18.57 -53.75
CA THR D 1227 39.91 18.55 -55.06
C THR D 1227 40.80 19.31 -56.05
N TRP D 1228 40.51 19.11 -57.33
CA TRP D 1228 41.30 19.65 -58.42
C TRP D 1228 40.53 20.72 -59.17
N ASN D 1229 41.17 21.85 -59.42
CA ASN D 1229 40.52 22.91 -60.18
C ASN D 1229 40.38 22.51 -61.65
N THR D 1230 39.46 23.18 -62.34
CA THR D 1230 39.19 22.89 -63.74
C THR D 1230 40.38 23.24 -64.63
N PRO D 1231 40.77 22.37 -65.55
CA PRO D 1231 41.92 22.64 -66.42
C PRO D 1231 41.73 23.83 -67.35
N ILE D 1232 42.76 24.67 -67.44
CA ILE D 1232 42.73 25.91 -68.20
C ILE D 1232 43.51 25.71 -69.48
N THR D 1233 42.88 25.91 -70.63
CA THR D 1233 43.53 25.63 -71.91
C THR D 1233 44.50 26.72 -72.32
N PHE D 1234 45.66 26.32 -72.87
CA PHE D 1234 46.64 27.24 -73.43
C PHE D 1234 46.96 26.82 -74.86
N ASP D 1235 46.88 27.77 -75.80
CA ASP D 1235 47.07 27.45 -77.21
C ASP D 1235 48.57 27.33 -77.52
N VAL D 1236 49.02 26.14 -77.94
CA VAL D 1236 50.41 25.86 -78.24
C VAL D 1236 50.65 25.51 -79.70
N ASN D 1237 49.65 25.63 -80.56
CA ASN D 1237 49.80 25.18 -81.95
C ASN D 1237 50.97 25.83 -82.67
N LYS D 1238 51.16 27.14 -82.51
CA LYS D 1238 52.34 27.78 -83.10
C LYS D 1238 53.64 27.15 -82.59
N LYS D 1239 53.76 27.00 -81.28
CA LYS D 1239 55.03 26.56 -80.69
C LYS D 1239 55.36 25.12 -81.07
N ILE D 1240 54.35 24.25 -81.11
CA ILE D 1240 54.57 22.88 -81.55
C ILE D 1240 54.85 22.81 -83.04
N SER D 1241 54.12 23.61 -83.83
CA SER D 1241 54.35 23.62 -85.27
C SER D 1241 55.75 24.09 -85.61
N GLU D 1242 56.33 24.96 -84.78
CA GLU D 1242 57.75 25.30 -84.91
C GLU D 1242 58.66 24.11 -84.64
N LEU D 1243 58.27 23.21 -83.74
CA LEU D 1243 58.98 21.94 -83.54
C LEU D 1243 58.60 20.99 -84.66
N LYS D 1244 59.55 20.73 -85.56
CA LYS D 1244 59.32 19.74 -86.63
C LYS D 1244 59.39 18.35 -86.03
N LEU D 1245 58.28 17.95 -85.39
CA LEU D 1245 58.21 16.63 -84.79
C LEU D 1245 58.18 15.55 -85.87
N GLU D 1246 58.77 14.40 -85.55
CA GLU D 1246 58.48 13.18 -86.28
C GLU D 1246 57.01 12.81 -86.10
N LYS D 1247 56.51 11.98 -87.01
CA LYS D 1247 55.16 11.47 -86.90
C LYS D 1247 55.03 10.62 -85.64
N ASN D 1248 53.92 10.83 -84.93
CA ASN D 1248 53.56 10.13 -83.68
C ASN D 1248 54.70 10.17 -82.66
N ARG D 1249 55.35 11.33 -82.55
CA ARG D 1249 56.40 11.54 -81.58
C ARG D 1249 55.93 12.59 -80.58
N ALA D 1250 56.12 12.31 -79.30
CA ALA D 1250 55.70 13.29 -78.31
C ALA D 1250 56.77 14.38 -78.18
N PRO D 1251 56.41 15.66 -78.28
CA PRO D 1251 57.40 16.71 -78.13
C PRO D 1251 57.99 16.65 -76.74
N GLY D 1252 59.28 16.94 -76.62
CA GLY D 1252 59.89 17.03 -75.32
C GLY D 1252 59.34 18.24 -74.60
N LEU D 1253 58.68 18.00 -73.47
CA LEU D 1253 58.05 19.04 -72.66
C LEU D 1253 58.84 19.17 -71.38
N TYR D 1254 59.32 20.38 -71.09
CA TYR D 1254 60.08 20.64 -69.89
C TYR D 1254 59.32 21.62 -69.03
N CYS D 1255 59.08 21.25 -67.78
CA CYS D 1255 58.34 22.07 -66.84
C CYS D 1255 59.18 22.27 -65.60
N ALA D 1256 59.30 23.52 -65.16
CA ALA D 1256 60.10 23.83 -63.99
C ALA D 1256 59.60 25.13 -63.39
N GLY D 1257 59.63 25.22 -62.07
CA GLY D 1257 59.13 26.38 -61.35
C GLY D 1257 60.33 27.24 -61.01
N TYR D 1258 60.20 28.54 -61.25
CA TYR D 1258 61.34 29.44 -61.13
C TYR D 1258 61.46 29.86 -59.68
N GLN D 1259 62.67 29.78 -59.15
CA GLN D 1259 63.01 30.41 -57.87
C GLN D 1259 62.91 31.92 -57.93
N GLY D 1260 62.34 32.50 -56.88
CA GLY D 1260 62.12 33.94 -56.79
C GLY D 1260 60.90 34.42 -57.53
N GLU D 1261 61.01 34.62 -58.84
CA GLU D 1261 59.84 35.03 -59.61
C GLU D 1261 58.80 33.92 -59.60
N ASP D 1262 57.55 34.30 -59.40
CA ASP D 1262 56.43 33.38 -59.48
C ASP D 1262 56.01 33.37 -60.95
N THR D 1263 56.69 32.52 -61.71
CA THR D 1263 56.38 32.17 -63.09
C THR D 1263 56.55 30.67 -63.26
N LEU D 1264 55.65 30.03 -64.01
CA LEU D 1264 55.94 28.69 -64.51
C LEU D 1264 56.76 28.78 -65.80
N LEU D 1265 57.95 28.21 -65.81
CA LEU D 1265 58.66 27.99 -67.06
C LEU D 1265 58.09 26.76 -67.74
N VAL D 1266 57.54 26.93 -68.93
CA VAL D 1266 57.12 25.81 -69.76
C VAL D 1266 57.92 25.90 -71.06
N MET D 1267 58.68 24.85 -71.34
CA MET D 1267 59.53 24.84 -72.52
C MET D 1267 59.23 23.58 -73.32
N PHE D 1268 59.20 23.72 -74.64
CA PHE D 1268 59.12 22.59 -75.55
C PHE D 1268 60.42 22.41 -76.31
N TYR D 1269 60.91 21.18 -76.34
CA TYR D 1269 62.19 20.88 -76.95
C TYR D 1269 62.01 19.65 -77.83
N ASN D 1270 62.85 19.55 -78.85
CA ASN D 1270 62.80 18.41 -79.74
C ASN D 1270 63.56 17.26 -79.08
N GLN D 1271 63.06 16.04 -79.27
CA GLN D 1271 63.69 14.90 -78.63
C GLN D 1271 65.04 14.61 -79.26
N GLN D 1272 66.06 14.43 -78.41
CA GLN D 1272 67.38 14.05 -78.89
C GLN D 1272 67.97 12.99 -77.97
N ASP D 1273 68.83 12.15 -78.55
CA ASP D 1273 69.39 11.00 -77.85
C ASP D 1273 70.46 11.37 -76.83
N THR D 1274 71.07 12.55 -76.93
CA THR D 1274 72.18 12.92 -76.06
C THR D 1274 72.02 14.33 -75.54
N LEU D 1275 72.51 14.55 -74.31
CA LEU D 1275 72.56 15.90 -73.77
C LEU D 1275 73.40 16.83 -74.63
N ASP D 1276 74.46 16.31 -75.25
CA ASP D 1276 75.29 17.09 -76.16
C ASP D 1276 74.51 17.69 -77.32
N SER D 1277 73.37 17.10 -77.69
CA SER D 1277 72.54 17.64 -78.74
C SER D 1277 71.59 18.72 -78.24
N TYR D 1278 71.13 18.61 -77.00
CA TYR D 1278 70.30 19.65 -76.40
C TYR D 1278 71.05 20.97 -76.26
N LYS D 1279 72.39 20.93 -76.28
CA LYS D 1279 73.18 22.15 -76.15
C LYS D 1279 72.80 23.21 -77.18
N ASN D 1280 72.26 22.81 -78.33
CA ASN D 1280 71.83 23.75 -79.36
C ASN D 1280 70.40 23.52 -79.84
N ALA D 1281 69.60 22.77 -79.08
CA ALA D 1281 68.21 22.53 -79.47
C ALA D 1281 67.45 23.85 -79.53
N SER D 1282 66.58 23.97 -80.54
CA SER D 1282 65.72 25.14 -80.65
C SER D 1282 64.58 25.13 -79.64
N MET D 1283 64.86 25.64 -78.44
CA MET D 1283 63.92 25.54 -77.33
C MET D 1283 62.73 26.45 -77.59
N GLN D 1284 61.55 25.87 -77.79
CA GLN D 1284 60.31 26.62 -77.70
C GLN D 1284 59.88 26.72 -76.24
N GLY D 1285 59.23 27.82 -75.89
CA GLY D 1285 58.45 27.79 -74.67
C GLY D 1285 57.58 29.02 -74.50
N LEU D 1286 56.96 29.10 -73.33
CA LEU D 1286 56.13 30.22 -72.93
C LEU D 1286 56.20 30.39 -71.42
N TYR D 1287 56.00 31.63 -70.97
CA TYR D 1287 55.83 31.95 -69.55
C TYR D 1287 54.38 31.78 -69.12
N ILE D 1288 54.18 31.23 -67.92
CA ILE D 1288 52.86 31.17 -67.30
C ILE D 1288 52.94 31.74 -65.90
N PHE D 1289 52.05 32.68 -65.60
CA PHE D 1289 52.07 33.48 -64.38
C PHE D 1289 51.00 32.98 -63.42
N ALA D 1290 51.04 33.52 -62.20
CA ALA D 1290 50.19 32.99 -61.13
C ALA D 1290 48.71 33.11 -61.45
N ASP D 1291 48.30 34.22 -62.04
CA ASP D 1291 46.94 34.38 -62.56
C ASP D 1291 46.65 33.58 -63.83
N MET D 1292 47.57 32.72 -64.28
CA MET D 1292 47.41 31.90 -65.48
C MET D 1292 47.23 32.72 -66.75
N ALA D 1293 47.70 33.96 -66.75
CA ALA D 1293 48.07 34.63 -67.99
C ALA D 1293 49.34 33.98 -68.55
N SER D 1294 49.66 34.27 -69.79
CA SER D 1294 50.89 33.76 -70.36
C SER D 1294 51.55 34.82 -71.23
N LYS D 1295 52.82 34.55 -71.54
CA LYS D 1295 53.60 35.29 -72.51
C LYS D 1295 54.52 34.32 -73.23
N ASP D 1296 54.93 34.69 -74.44
CA ASP D 1296 55.91 33.86 -75.12
C ASP D 1296 57.29 34.05 -74.52
N MET D 1297 58.17 33.08 -74.78
CA MET D 1297 59.60 33.26 -74.57
C MET D 1297 60.22 34.06 -75.70
N CYS D 1298 61.12 34.97 -75.36
CA CYS D 1298 62.08 35.45 -76.34
C CYS D 1298 63.14 34.37 -76.57
N PRO D 1299 63.59 34.19 -77.81
CA PRO D 1299 64.70 33.27 -78.08
C PRO D 1299 65.91 33.46 -77.18
N GLU D 1300 66.29 34.72 -76.92
CA GLU D 1300 67.42 35.01 -76.05
C GLU D 1300 67.20 34.49 -74.63
N GLN D 1301 65.98 34.62 -74.09
CA GLN D 1301 65.72 34.03 -72.78
C GLN D 1301 65.77 32.52 -72.85
N SER D 1302 65.23 31.95 -73.94
CA SER D 1302 65.14 30.50 -74.04
C SER D 1302 66.53 29.89 -74.09
N ASN D 1303 67.47 30.55 -74.77
CA ASN D 1303 68.83 30.04 -74.85
C ASN D 1303 69.46 29.92 -73.45
N VAL D 1304 69.18 30.91 -72.59
CA VAL D 1304 69.70 30.89 -71.23
C VAL D 1304 69.07 29.78 -70.41
N TYR D 1305 67.74 29.71 -70.42
CA TYR D 1305 67.04 28.62 -69.74
C TYR D 1305 67.44 27.25 -70.24
N ARG D 1306 67.76 27.14 -71.53
CA ARG D 1306 68.30 25.91 -72.09
C ARG D 1306 69.67 25.60 -71.52
N ASP D 1307 70.63 26.49 -71.73
CA ASP D 1307 72.01 26.19 -71.35
C ASP D 1307 72.14 25.97 -69.85
N ASN D 1308 71.24 26.53 -69.03
CA ASN D 1308 71.19 26.10 -67.63
C ASN D 1308 70.51 24.75 -67.42
N SER D 1309 69.31 24.51 -67.97
CA SER D 1309 68.51 23.35 -67.60
C SER D 1309 68.79 22.08 -68.40
N TYR D 1310 69.57 22.15 -69.49
CA TYR D 1310 69.58 21.06 -70.47
C TYR D 1310 69.89 19.69 -69.89
N GLN D 1311 70.58 19.61 -68.75
CA GLN D 1311 70.85 18.29 -68.18
C GLN D 1311 69.58 17.60 -67.71
N GLN D 1312 68.52 18.37 -67.47
CA GLN D 1312 67.23 17.89 -67.02
C GLN D 1312 66.35 17.36 -68.15
N PHE D 1313 66.72 17.58 -69.40
CA PHE D 1313 65.90 17.15 -70.52
C PHE D 1313 65.93 15.63 -70.69
N ASP D 1314 64.76 15.04 -70.88
CA ASP D 1314 64.59 13.59 -70.99
C ASP D 1314 65.01 13.14 -72.37
N THR D 1315 66.13 12.42 -72.48
CA THR D 1315 66.46 11.85 -73.78
C THR D 1315 65.53 10.68 -74.12
N ASN D 1316 65.61 10.24 -75.38
CA ASN D 1316 64.82 9.13 -75.89
C ASN D 1316 65.07 7.80 -75.19
N ASN D 1317 66.16 7.68 -74.43
CA ASN D 1317 66.53 6.43 -73.77
C ASN D 1317 66.02 6.36 -72.33
N VAL D 1318 65.98 7.49 -71.65
CA VAL D 1318 65.87 7.54 -70.20
C VAL D 1318 65.09 8.79 -69.83
N ARG D 1319 64.23 8.65 -68.83
CA ARG D 1319 63.44 9.77 -68.32
C ARG D 1319 64.07 10.28 -67.04
N ARG D 1320 64.34 11.59 -67.02
CA ARG D 1320 64.90 12.32 -65.90
C ARG D 1320 63.81 13.03 -65.10
N VAL D 1321 64.19 13.44 -63.90
CA VAL D 1321 63.36 14.23 -63.02
C VAL D 1321 63.82 15.67 -63.07
N ASN D 1322 62.87 16.59 -63.14
CA ASN D 1322 63.19 18.02 -63.12
C ASN D 1322 63.40 18.53 -61.70
N ASN D 1323 64.33 19.46 -61.55
CA ASN D 1323 64.44 20.29 -60.36
C ASN D 1323 63.75 21.63 -60.56
N ARG D 1324 63.47 22.32 -59.45
CA ARG D 1324 63.25 23.75 -59.51
C ARG D 1324 64.38 24.45 -60.24
N TYR D 1325 64.04 25.50 -60.97
CA TYR D 1325 64.99 26.16 -61.85
C TYR D 1325 66.11 26.79 -61.01
N ALA D 1326 67.31 26.81 -61.57
CA ALA D 1326 68.46 27.38 -60.89
C ALA D 1326 69.20 28.31 -61.84
N GLU D 1327 69.87 29.30 -61.26
CA GLU D 1327 70.64 30.27 -62.03
C GLU D 1327 72.01 30.52 -61.42
N ASP D 1600 76.07 14.17 -59.17
CA ASP D 1600 75.32 15.39 -59.44
C ASP D 1600 74.46 15.23 -60.69
N ASN D 1601 74.36 14.01 -61.19
CA ASN D 1601 73.28 13.66 -62.09
C ASN D 1601 71.94 13.91 -61.42
N ALA D 1602 70.92 14.18 -62.25
CA ALA D 1602 69.56 14.26 -61.77
C ALA D 1602 69.03 12.91 -61.34
N LEU D 1603 68.00 12.95 -60.49
CA LEU D 1603 67.16 11.80 -60.22
C LEU D 1603 66.63 11.24 -61.54
N THR D 1604 66.39 9.94 -61.58
CA THR D 1604 66.11 9.31 -62.86
C THR D 1604 65.17 8.14 -62.64
N LEU D 1605 64.33 7.87 -63.62
CA LEU D 1605 63.39 6.74 -63.60
C LEU D 1605 63.74 5.79 -64.72
N HIS D 1606 64.09 4.56 -64.38
CA HIS D 1606 64.30 3.55 -65.40
C HIS D 1606 63.19 2.52 -65.33
N HIS D 1607 62.66 2.15 -66.48
CA HIS D 1607 61.69 1.06 -66.58
C HIS D 1607 62.43 -0.18 -67.05
N ASN D 1608 62.79 -1.06 -66.13
CA ASN D 1608 63.59 -2.20 -66.53
C ASN D 1608 62.72 -3.18 -67.33
N GLU D 1609 63.39 -3.99 -68.15
CA GLU D 1609 62.67 -4.94 -68.99
C GLU D 1609 61.95 -6.01 -68.20
N ASN D 1610 62.47 -6.39 -67.04
CA ASN D 1610 61.79 -7.40 -66.22
C ASN D 1610 60.56 -6.85 -65.54
N GLY D 1611 60.32 -5.54 -65.61
CA GLY D 1611 59.16 -4.92 -65.01
C GLY D 1611 59.42 -4.14 -63.75
N ALA D 1612 60.61 -4.23 -63.16
CA ALA D 1612 60.92 -3.37 -62.03
C ALA D 1612 61.07 -1.94 -62.51
N GLN D 1613 60.35 -1.02 -61.90
CA GLN D 1613 60.66 0.40 -61.98
C GLN D 1613 61.47 0.84 -60.79
N TYR D 1614 62.54 1.55 -61.05
CA TYR D 1614 63.44 1.97 -59.99
C TYR D 1614 63.92 3.38 -60.24
N MET D 1615 63.99 4.17 -59.17
CA MET D 1615 64.55 5.50 -59.25
C MET D 1615 66.03 5.43 -58.93
N GLN D 1616 66.81 6.26 -59.60
CA GLN D 1616 68.25 6.28 -59.39
C GLN D 1616 68.76 7.70 -59.30
N TRP D 1617 69.75 7.92 -58.44
CA TRP D 1617 70.53 9.16 -58.55
C TRP D 1617 71.96 9.01 -58.08
N GLN D 1618 72.31 7.90 -57.44
CA GLN D 1618 73.71 7.67 -57.14
C GLN D 1618 74.02 6.21 -57.39
N SER D 1619 74.78 5.59 -56.48
CA SER D 1619 74.64 4.17 -56.28
C SER D 1619 73.21 3.80 -55.89
N TYR D 1620 72.59 4.64 -55.08
CA TYR D 1620 71.27 4.37 -54.53
C TYR D 1620 70.26 4.06 -55.62
N ARG D 1621 69.55 2.95 -55.46
CA ARG D 1621 68.39 2.65 -56.27
C ARG D 1621 67.24 2.27 -55.36
N THR D 1622 66.03 2.61 -55.79
CA THR D 1622 64.85 2.48 -54.96
C THR D 1622 63.74 1.90 -55.81
N ARG D 1623 63.05 0.90 -55.28
CA ARG D 1623 61.92 0.38 -56.04
C ARG D 1623 60.73 1.30 -55.87
N LEU D 1624 59.92 1.39 -56.92
CA LEU D 1624 58.74 2.25 -56.91
C LEU D 1624 57.45 1.43 -56.95
N ASN D 1625 57.29 0.59 -57.95
CA ASN D 1625 56.12 -0.26 -58.05
C ASN D 1625 56.47 -1.66 -57.58
N THR D 1626 55.44 -2.46 -57.37
CA THR D 1626 55.64 -3.82 -56.90
C THR D 1626 54.82 -4.74 -57.80
N LEU D 1627 55.44 -5.83 -58.23
CA LEU D 1627 54.79 -6.84 -59.03
C LEU D 1627 54.18 -7.93 -58.18
N PHE D 1628 54.00 -7.67 -56.89
CA PHE D 1628 53.36 -8.62 -55.99
C PHE D 1628 51.94 -8.93 -56.43
N ALA D 1629 51.13 -7.90 -56.65
CA ALA D 1629 49.73 -8.07 -56.97
C ALA D 1629 49.51 -8.80 -58.29
N ARG D 1630 50.49 -8.80 -59.17
CA ARG D 1630 50.34 -9.52 -60.43
C ARG D 1630 50.64 -11.01 -60.30
N GLN D 1631 51.51 -11.38 -59.35
CA GLN D 1631 51.77 -12.75 -58.94
C GLN D 1631 50.76 -13.34 -57.96
N LEU D 1632 50.05 -12.50 -57.22
CA LEU D 1632 49.08 -12.99 -56.24
C LEU D 1632 47.91 -13.77 -56.81
N VAL D 1633 47.57 -13.62 -58.09
CA VAL D 1633 46.32 -14.19 -58.60
C VAL D 1633 46.29 -15.71 -58.44
N ALA D 1634 47.42 -16.38 -58.69
CA ALA D 1634 47.49 -17.81 -58.46
C ALA D 1634 47.18 -18.19 -57.01
N ARG D 1635 47.69 -17.42 -56.06
CA ARG D 1635 47.40 -17.70 -54.66
C ARG D 1635 45.95 -17.41 -54.32
N ALA D 1636 45.37 -16.39 -54.94
CA ALA D 1636 43.99 -16.00 -54.66
C ALA D 1636 42.97 -16.98 -55.19
N THR D 1637 43.31 -17.76 -56.23
CA THR D 1637 42.32 -18.69 -56.75
C THR D 1637 41.82 -19.72 -55.73
N THR D 1638 42.60 -20.02 -54.68
CA THR D 1638 42.14 -20.93 -53.64
C THR D 1638 41.70 -20.24 -52.34
N GLY D 1639 41.52 -18.93 -52.35
CA GLY D 1639 40.83 -18.26 -51.25
C GLY D 1639 41.68 -17.80 -50.09
N ILE D 1640 40.96 -17.21 -49.12
CA ILE D 1640 41.53 -16.43 -48.03
C ILE D 1640 42.63 -17.18 -47.27
N ASP D 1641 42.42 -18.47 -46.99
CA ASP D 1641 43.42 -19.22 -46.23
C ASP D 1641 44.77 -19.25 -46.94
N THR D 1642 44.77 -19.19 -48.26
CA THR D 1642 46.01 -19.20 -49.04
C THR D 1642 46.61 -17.81 -49.23
N ILE D 1643 45.78 -16.77 -49.38
CA ILE D 1643 46.30 -15.41 -49.44
C ILE D 1643 47.22 -15.12 -48.26
N LEU D 1644 46.75 -15.34 -47.04
CA LEU D 1644 47.48 -14.88 -45.87
C LEU D 1644 48.66 -15.74 -45.48
N SER D 1645 48.80 -16.93 -46.05
CA SER D 1645 49.81 -17.87 -45.62
C SER D 1645 51.22 -17.31 -45.80
N MET D 1646 52.14 -17.90 -45.05
CA MET D 1646 53.55 -17.48 -45.02
C MET D 1646 54.26 -17.61 -46.37
N GLU D 1647 53.90 -18.62 -47.16
CA GLU D 1647 54.50 -18.78 -48.48
C GLU D 1647 53.91 -17.86 -49.54
N THR D 1648 52.91 -17.06 -49.22
CA THR D 1648 52.58 -15.88 -50.01
C THR D 1648 53.54 -14.74 -49.73
N GLN D 1649 53.88 -14.51 -48.49
CA GLN D 1649 54.76 -13.41 -48.13
C GLN D 1649 56.19 -13.58 -48.63
N ASN D 1650 56.62 -14.80 -48.96
CA ASN D 1650 57.89 -15.03 -49.63
C ASN D 1650 57.79 -15.12 -51.15
N ILE D 1651 56.74 -14.59 -51.78
CA ILE D 1651 56.77 -14.39 -53.23
C ILE D 1651 57.89 -13.44 -53.62
N GLN D 1652 58.63 -13.81 -54.65
CA GLN D 1652 59.84 -13.09 -55.04
C GLN D 1652 59.47 -11.81 -55.78
N GLU D 1653 60.25 -10.77 -55.53
CA GLU D 1653 60.33 -9.51 -56.27
C GLU D 1653 61.45 -9.58 -57.29
N PRO D 1654 61.21 -9.30 -58.57
CA PRO D 1654 62.30 -9.13 -59.53
C PRO D 1654 63.34 -8.12 -59.06
N GLN D 1655 64.60 -8.39 -59.38
CA GLN D 1655 65.66 -7.47 -58.99
C GLN D 1655 65.50 -6.17 -59.75
N LEU D 1656 66.11 -5.10 -59.24
CA LEU D 1656 66.08 -3.81 -59.90
C LEU D 1656 67.44 -3.44 -60.44
N GLY D 1657 67.48 -3.06 -61.70
CA GLY D 1657 68.70 -2.73 -62.40
C GLY D 1657 69.63 -3.90 -62.64
N LYS D 1658 70.83 -3.56 -63.09
CA LYS D 1658 71.96 -4.49 -63.20
C LYS D 1658 72.79 -4.51 -61.94
N GLY D 1659 73.20 -5.70 -61.51
CA GLY D 1659 73.89 -5.82 -60.24
C GLY D 1659 74.16 -7.25 -59.89
N PHE D 1660 74.43 -7.48 -58.60
CA PHE D 1660 74.57 -8.81 -58.06
C PHE D 1660 74.20 -8.81 -56.60
N TYR D 1661 73.91 -10.00 -56.08
CA TYR D 1661 73.69 -10.22 -54.66
C TYR D 1661 74.94 -10.74 -53.98
N ALA D 1662 75.25 -10.20 -52.81
CA ALA D 1662 76.33 -10.72 -52.00
C ALA D 1662 75.86 -10.81 -50.56
N THR D 1663 76.32 -11.86 -49.88
CA THR D 1663 76.08 -12.03 -48.45
C THR D 1663 77.35 -11.70 -47.69
N PHE D 1664 77.23 -10.82 -46.70
CA PHE D 1664 78.32 -10.49 -45.80
C PHE D 1664 78.02 -11.01 -44.41
N VAL D 1665 78.99 -11.70 -43.82
CA VAL D 1665 78.90 -12.19 -42.45
C VAL D 1665 79.74 -11.26 -41.59
N ILE D 1666 79.10 -10.64 -40.61
CA ILE D 1666 79.77 -9.68 -39.74
C ILE D 1666 80.50 -10.43 -38.63
N PRO D 1667 81.79 -10.17 -38.42
CA PRO D 1667 82.49 -10.79 -37.30
C PRO D 1667 81.81 -10.46 -35.98
N PRO D 1668 81.97 -11.32 -34.98
CA PRO D 1668 81.56 -10.99 -33.61
C PRO D 1668 82.12 -9.70 -33.05
N TYR D 1669 81.48 -9.22 -31.98
CA TYR D 1669 82.09 -8.22 -31.10
C TYR D 1669 83.44 -8.74 -30.63
N ASN D 1670 84.47 -7.91 -30.78
CA ASN D 1670 85.81 -8.31 -30.35
C ASN D 1670 86.64 -7.04 -30.12
N LEU D 1671 86.55 -6.52 -28.89
CA LEU D 1671 87.01 -5.17 -28.56
C LEU D 1671 88.38 -4.84 -29.13
N SER D 1672 89.29 -5.82 -29.19
CA SER D 1672 90.62 -5.52 -29.70
C SER D 1672 90.60 -5.25 -31.21
N THR D 1673 89.58 -5.73 -31.89
CA THR D 1673 89.38 -5.49 -33.32
C THR D 1673 88.12 -4.66 -33.56
N HIS D 1674 87.71 -3.88 -32.56
CA HIS D 1674 86.35 -3.36 -32.49
C HIS D 1674 86.31 -2.00 -31.78
N GLY D 1675 86.90 -1.92 -30.60
CA GLY D 1675 86.72 -0.72 -29.81
C GLY D 1675 85.51 -0.79 -28.93
N ASP D 1676 85.24 0.35 -28.28
CA ASP D 1676 84.12 0.44 -27.33
C ASP D 1676 82.79 0.74 -28.02
N GLU D 1677 82.77 1.71 -28.92
CA GLU D 1677 81.56 1.97 -29.71
C GLU D 1677 81.28 0.81 -30.66
N ARG D 1678 80.08 0.24 -30.54
CA ARG D 1678 79.69 -0.94 -31.30
C ARG D 1678 79.23 -0.64 -32.73
N TRP D 1679 79.11 0.63 -33.11
CA TRP D 1679 78.65 0.94 -34.46
C TRP D 1679 79.60 0.39 -35.51
N PHE D 1680 79.03 0.02 -36.65
CA PHE D 1680 79.79 -0.26 -37.86
C PHE D 1680 79.03 0.24 -39.08
N LYS D 1681 79.76 0.55 -40.15
CA LYS D 1681 79.18 1.02 -41.40
C LYS D 1681 79.79 0.26 -42.56
N LEU D 1682 78.94 -0.20 -43.47
CA LEU D 1682 79.37 -0.71 -44.75
C LEU D 1682 79.38 0.42 -45.77
N TYR D 1683 80.52 0.61 -46.42
CA TYR D 1683 80.68 1.61 -47.45
C TYR D 1683 80.91 0.93 -48.80
N ILE D 1684 80.32 1.47 -49.84
CA ILE D 1684 80.60 1.06 -51.21
C ILE D 1684 81.44 2.14 -51.86
N LYS D 1685 82.24 1.73 -52.84
CA LYS D 1685 82.93 2.68 -53.70
C LYS D 1685 82.98 2.15 -55.13
N HIS D 1686 82.85 3.06 -56.09
CA HIS D 1686 82.79 2.74 -57.49
C HIS D 1686 83.88 3.50 -58.23
N VAL D 1687 84.40 2.87 -59.29
CA VAL D 1687 85.72 3.21 -59.80
C VAL D 1687 85.59 4.46 -60.65
N VAL D 1688 84.42 5.10 -60.59
CA VAL D 1688 84.31 6.52 -60.89
C VAL D 1688 85.12 7.34 -59.90
N ASP D 1689 85.47 6.74 -58.76
CA ASP D 1689 86.32 7.38 -57.76
C ASP D 1689 85.69 8.66 -57.23
N ASN D 1690 84.36 8.70 -57.18
CA ASN D 1690 83.68 9.62 -56.27
C ASN D 1690 83.99 9.29 -54.82
N ASN D 1691 83.41 10.07 -53.91
CA ASN D 1691 83.31 9.67 -52.51
C ASN D 1691 82.68 8.28 -52.42
N SER D 1692 82.90 7.61 -51.30
CA SER D 1692 82.09 6.44 -51.00
C SER D 1692 80.68 6.85 -50.58
N HIS D 1693 79.80 5.85 -50.53
CA HIS D 1693 78.43 6.02 -50.07
C HIS D 1693 78.17 4.95 -49.04
N ILE D 1694 77.50 5.31 -47.96
CA ILE D 1694 77.07 4.31 -46.99
C ILE D 1694 75.96 3.46 -47.59
N ILE D 1695 76.04 2.15 -47.39
CA ILE D 1695 74.98 1.24 -47.80
C ILE D 1695 74.34 0.50 -46.63
N TYR D 1696 75.03 0.33 -45.52
CA TYR D 1696 74.38 -0.24 -44.35
C TYR D 1696 75.04 0.26 -43.08
N SER D 1697 74.26 0.32 -42.01
CA SER D 1697 74.71 0.79 -40.71
C SER D 1697 74.06 -0.07 -39.63
N GLY D 1698 74.85 -0.49 -38.66
CA GLY D 1698 74.33 -1.37 -37.62
C GLY D 1698 75.22 -1.35 -36.40
N GLN D 1699 74.87 -2.19 -35.43
CA GLN D 1699 75.68 -2.39 -34.23
C GLN D 1699 76.26 -3.79 -34.24
N LEU D 1700 77.55 -3.89 -33.94
CA LEU D 1700 78.22 -5.17 -33.87
C LEU D 1700 77.67 -5.99 -32.71
N THR D 1701 77.17 -7.17 -33.02
CA THR D 1701 76.72 -8.13 -32.03
C THR D 1701 77.87 -9.04 -31.60
N ASP D 1702 77.67 -9.75 -30.50
CA ASP D 1702 78.58 -10.83 -30.15
C ASP D 1702 78.42 -12.00 -31.11
N THR D 1703 77.19 -12.28 -31.55
CA THR D 1703 77.00 -13.19 -32.65
C THR D 1703 77.49 -12.56 -33.96
N ASN D 1704 77.64 -13.39 -34.99
CA ASN D 1704 77.68 -12.87 -36.35
C ASN D 1704 76.37 -12.21 -36.75
N ILE D 1705 76.45 -11.35 -37.76
CA ILE D 1705 75.31 -10.86 -38.52
C ILE D 1705 75.50 -11.26 -39.97
N ASN D 1706 74.45 -11.84 -40.56
CA ASN D 1706 74.44 -12.10 -42.00
C ASN D 1706 73.63 -11.01 -42.69
N ILE D 1707 74.28 -10.31 -43.60
CA ILE D 1707 73.70 -9.16 -44.30
C ILE D 1707 73.79 -9.45 -45.79
N THR D 1708 72.64 -9.52 -46.44
CA THR D 1708 72.59 -9.74 -47.87
C THR D 1708 72.18 -8.42 -48.52
N LEU D 1709 73.04 -7.94 -49.42
CA LEU D 1709 72.87 -6.65 -50.05
C LEU D 1709 72.85 -6.81 -51.56
N PHE D 1710 71.96 -6.08 -52.21
CA PHE D 1710 72.10 -5.84 -53.63
C PHE D 1710 73.17 -4.77 -53.81
N ILE D 1711 74.22 -5.10 -54.55
CA ILE D 1711 75.30 -4.17 -54.87
C ILE D 1711 75.09 -3.67 -56.29
N PRO D 1712 74.81 -2.39 -56.50
CA PRO D 1712 74.74 -1.84 -57.84
C PRO D 1712 76.05 -2.00 -58.60
N LEU D 1713 75.92 -2.19 -59.91
CA LEU D 1713 77.05 -2.14 -60.82
C LEU D 1713 76.72 -1.13 -61.90
N ASP D 1714 77.71 -0.34 -62.29
CA ASP D 1714 77.46 0.64 -63.33
C ASP D 1714 77.20 -0.06 -64.65
N ASP D 1715 76.56 0.69 -65.56
CA ASP D 1715 76.40 0.25 -66.94
C ASP D 1715 77.73 -0.06 -67.60
N VAL D 1716 78.75 0.74 -67.31
CA VAL D 1716 80.01 0.71 -68.04
C VAL D 1716 81.14 0.43 -67.05
N PRO D 1717 82.04 -0.49 -67.36
CA PRO D 1717 83.22 -0.85 -66.54
C PRO D 1717 84.37 0.13 -66.70
N LEU D 1718 84.29 1.23 -65.96
CA LEU D 1718 85.28 2.30 -66.04
C LEU D 1718 86.61 1.93 -65.39
N ASN D 1719 86.74 0.73 -64.84
CA ASN D 1719 88.04 0.17 -64.50
C ASN D 1719 88.05 -1.29 -64.93
N GLN D 1720 89.19 -1.73 -65.46
CA GLN D 1720 89.29 -3.08 -65.98
C GLN D 1720 89.57 -4.12 -64.90
N ASP D 1721 90.13 -3.72 -63.76
CA ASP D 1721 90.60 -4.70 -62.81
C ASP D 1721 89.53 -5.08 -61.80
N TYR D 1722 88.77 -4.10 -61.33
CA TYR D 1722 87.60 -4.37 -60.52
C TYR D 1722 86.54 -3.30 -60.81
N HIS D 1723 85.29 -3.64 -60.49
CA HIS D 1723 84.15 -2.80 -60.81
C HIS D 1723 83.48 -2.20 -59.60
N ALA D 1724 83.64 -2.80 -58.43
CA ALA D 1724 83.16 -2.17 -57.21
C ALA D 1724 84.13 -2.51 -56.09
N LYS D 1725 84.16 -1.62 -55.10
CA LYS D 1725 84.84 -1.87 -53.85
C LYS D 1725 83.88 -1.71 -52.69
N VAL D 1726 83.86 -2.70 -51.80
CA VAL D 1726 83.15 -2.60 -50.54
C VAL D 1726 84.17 -2.71 -49.43
N TYR D 1727 84.04 -1.85 -48.42
CA TYR D 1727 84.93 -1.87 -47.28
C TYR D 1727 84.16 -1.64 -46.00
N MET D 1728 84.71 -2.15 -44.91
CA MET D 1728 84.07 -2.22 -43.61
C MET D 1728 84.73 -1.25 -42.65
N THR D 1729 83.93 -0.40 -42.02
CA THR D 1729 84.46 0.62 -41.13
C THR D 1729 83.75 0.55 -39.78
N PHE D 1730 84.51 0.82 -38.73
CA PHE D 1730 84.05 0.66 -37.36
C PHE D 1730 84.94 1.50 -36.46
N LYS D 1731 84.57 1.56 -35.19
CA LYS D 1731 85.19 2.53 -34.29
C LYS D 1731 86.70 2.33 -34.21
N LYS D 1732 87.14 1.07 -34.07
CA LYS D 1732 88.56 0.79 -33.92
C LYS D 1732 89.35 1.15 -35.17
N SER D 1733 88.82 0.80 -36.35
CA SER D 1733 89.48 1.05 -37.63
C SER D 1733 88.49 1.72 -38.57
N PRO D 1734 88.26 3.02 -38.40
CA PRO D 1734 87.37 3.74 -39.31
C PRO D 1734 87.98 4.06 -40.66
N SER D 1735 89.31 4.14 -40.73
CA SER D 1735 89.97 4.48 -41.99
C SER D 1735 89.92 3.29 -42.95
N ASP D 1736 89.82 3.61 -44.23
CA ASP D 1736 89.79 2.59 -45.28
C ASP D 1736 91.20 2.22 -45.70
N GLY D 1737 91.35 0.97 -46.15
CA GLY D 1737 92.58 0.52 -46.77
C GLY D 1737 92.40 0.14 -48.23
N THR D 1738 93.47 0.37 -49.01
CA THR D 1738 93.41 0.28 -50.46
C THR D 1738 92.86 -1.07 -50.94
N TRP D 1739 93.34 -2.15 -50.35
CA TRP D 1739 92.90 -3.50 -50.66
C TRP D 1739 92.07 -4.16 -49.56
N TRP D 1740 91.75 -3.44 -48.49
CA TRP D 1740 91.18 -4.06 -47.29
C TRP D 1740 89.66 -4.13 -47.34
N GLY D 1741 89.18 -4.73 -48.42
CA GLY D 1741 87.81 -5.17 -48.53
C GLY D 1741 87.63 -5.99 -49.79
N PRO D 1742 86.51 -6.69 -49.89
CA PRO D 1742 86.22 -7.44 -51.11
C PRO D 1742 86.07 -6.53 -52.32
N HIS D 1743 86.93 -6.73 -53.30
CA HIS D 1743 86.71 -6.15 -54.62
C HIS D 1743 85.99 -7.15 -55.50
N PHE D 1744 85.02 -6.66 -56.27
CA PHE D 1744 84.22 -7.49 -57.14
C PHE D 1744 84.42 -7.08 -58.59
N VAL D 1745 84.39 -8.07 -59.47
CA VAL D 1745 84.55 -7.86 -60.90
C VAL D 1745 83.56 -8.76 -61.61
N ARG D 1746 83.11 -8.33 -62.78
CA ARG D 1746 82.16 -9.10 -63.57
C ARG D 1746 82.80 -9.43 -64.91
N ASP D 1747 82.49 -10.61 -65.44
CA ASP D 1747 82.92 -10.99 -66.77
C ASP D 1747 81.85 -10.64 -67.82
N ASP D 1748 82.04 -11.16 -69.04
CA ASP D 1748 81.06 -10.95 -70.11
C ASP D 1748 79.81 -11.80 -69.93
N LYS D 1749 79.93 -13.01 -69.38
CA LYS D 1749 78.76 -13.84 -69.14
C LYS D 1749 78.02 -13.47 -67.88
N GLY D 1750 78.56 -12.54 -67.09
CA GLY D 1750 77.81 -11.95 -66.01
C GLY D 1750 77.95 -12.65 -64.68
N ILE D 1751 79.08 -13.29 -64.44
CA ILE D 1751 79.34 -13.99 -63.18
C ILE D 1751 80.29 -13.15 -62.36
N VAL D 1752 79.96 -12.96 -61.10
CA VAL D 1752 80.69 -12.07 -60.21
C VAL D 1752 81.62 -12.90 -59.35
N THR D 1753 82.84 -12.42 -59.16
CA THR D 1753 83.84 -13.14 -58.39
C THR D 1753 84.62 -12.16 -57.54
N ILE D 1754 85.17 -12.65 -56.44
CA ILE D 1754 85.95 -11.84 -55.52
C ILE D 1754 87.40 -11.77 -56.00
N ASN D 1755 87.94 -10.57 -56.06
CA ASN D 1755 89.31 -10.37 -56.51
C ASN D 1755 90.26 -10.99 -55.49
N PRO D 1756 91.12 -11.93 -55.89
CA PRO D 1756 92.06 -12.52 -54.91
C PRO D 1756 93.02 -11.51 -54.30
N LYS D 1757 93.27 -10.40 -54.98
CA LYS D 1757 94.18 -9.38 -54.46
C LYS D 1757 93.64 -8.73 -53.20
N SER D 1758 92.33 -8.78 -52.99
CA SER D 1758 91.70 -8.14 -51.85
C SER D 1758 91.78 -9.00 -50.58
N ILE D 1759 91.75 -8.31 -49.45
CA ILE D 1759 91.96 -8.88 -48.12
C ILE D 1759 90.64 -8.83 -47.37
N LEU D 1760 90.20 -9.99 -46.88
CA LEU D 1760 88.91 -10.14 -46.23
C LEU D 1760 89.02 -10.29 -44.72
N THR D 1761 90.17 -9.97 -44.14
CA THR D 1761 90.47 -10.36 -42.76
C THR D 1761 89.39 -9.92 -41.77
N HIS D 1762 88.86 -8.71 -41.92
CA HIS D 1762 87.81 -8.26 -41.02
C HIS D 1762 86.41 -8.41 -41.62
N PHE D 1763 86.23 -9.31 -42.59
CA PHE D 1763 84.94 -9.91 -42.85
C PHE D 1763 84.99 -11.37 -42.41
N GLU D 1764 83.94 -11.82 -41.73
CA GLU D 1764 83.91 -13.22 -41.32
C GLU D 1764 83.70 -14.14 -42.52
N SER D 1765 82.83 -13.76 -43.46
CA SER D 1765 82.79 -14.37 -44.78
C SER D 1765 82.12 -13.42 -45.76
N VAL D 1766 82.52 -13.51 -47.02
CA VAL D 1766 81.79 -12.90 -48.12
C VAL D 1766 81.47 -13.97 -49.16
N ASN D 1767 80.21 -14.03 -49.57
CA ASN D 1767 79.74 -14.98 -50.57
C ASN D 1767 78.93 -14.23 -51.61
N VAL D 1768 79.06 -14.63 -52.88
CA VAL D 1768 78.28 -14.07 -53.97
C VAL D 1768 77.23 -15.08 -54.41
N LEU D 1769 75.97 -14.68 -54.39
CA LEU D 1769 74.85 -15.59 -54.69
C LEU D 1769 74.49 -15.53 -56.17
N ASN D 1770 75.46 -15.89 -57.01
CA ASN D 1770 75.33 -15.69 -58.46
C ASN D 1770 74.08 -16.34 -59.05
N ASN D 1771 73.55 -17.38 -58.40
CA ASN D 1771 72.34 -18.05 -58.88
C ASN D 1771 71.04 -17.30 -58.59
N ILE D 1772 71.07 -16.22 -57.82
CA ILE D 1772 69.86 -15.56 -57.33
C ILE D 1772 69.69 -14.25 -58.09
N SER D 1773 68.50 -14.05 -58.64
CA SER D 1773 68.15 -12.84 -59.39
C SER D 1773 66.85 -12.22 -58.90
N SER D 1774 66.53 -12.42 -57.63
CA SER D 1774 65.28 -11.93 -57.06
C SER D 1774 65.48 -11.77 -55.57
N GLU D 1775 64.54 -11.10 -54.92
CA GLU D 1775 64.64 -10.96 -53.48
C GLU D 1775 63.25 -11.01 -52.88
N PRO D 1776 63.14 -11.31 -51.58
CA PRO D 1776 61.83 -11.31 -50.91
C PRO D 1776 61.08 -9.99 -51.03
N MET D 1777 59.76 -10.11 -51.07
CA MET D 1777 58.86 -8.99 -50.87
C MET D 1777 59.27 -8.15 -49.66
N ASP D 1778 59.19 -6.84 -49.81
CA ASP D 1778 59.84 -5.89 -48.91
C ASP D 1778 58.81 -5.15 -48.06
N PHE D 1779 58.81 -5.41 -46.75
CA PHE D 1779 57.94 -4.73 -45.79
C PHE D 1779 58.55 -3.43 -45.27
N SER D 1780 59.54 -2.89 -45.98
CA SER D 1780 60.10 -1.58 -45.66
C SER D 1780 60.22 -0.69 -46.88
N GLY D 1781 59.92 -1.19 -48.06
CA GLY D 1781 60.03 -0.44 -49.29
C GLY D 1781 58.89 0.55 -49.42
N ALA D 1782 58.64 0.94 -50.67
CA ALA D 1782 57.58 1.89 -50.97
C ALA D 1782 56.22 1.42 -50.48
N ASN D 1783 55.80 0.24 -50.90
CA ASN D 1783 54.49 -0.33 -50.58
C ASN D 1783 54.38 -0.92 -49.18
N SER D 1784 55.33 -0.61 -48.29
CA SER D 1784 55.29 -1.16 -46.95
C SER D 1784 53.97 -0.89 -46.26
N LEU D 1785 53.41 0.30 -46.47
CA LEU D 1785 52.13 0.60 -45.82
C LEU D 1785 51.02 -0.30 -46.29
N TYR D 1786 50.91 -0.57 -47.58
CA TYR D 1786 49.85 -1.45 -48.04
C TYR D 1786 50.07 -2.88 -47.59
N PHE D 1787 51.33 -3.30 -47.47
CA PHE D 1787 51.57 -4.67 -47.05
C PHE D 1787 51.28 -4.88 -45.58
N TRP D 1788 51.69 -3.94 -44.73
CA TRP D 1788 51.22 -4.01 -43.37
C TRP D 1788 49.71 -3.82 -43.29
N GLU D 1789 49.12 -3.16 -44.27
CA GLU D 1789 47.69 -2.89 -44.26
C GLU D 1789 46.93 -4.18 -44.45
N LEU D 1790 47.50 -5.10 -45.20
CA LEU D 1790 46.80 -6.31 -45.59
C LEU D 1790 47.15 -7.47 -44.68
N PHE D 1791 48.43 -7.75 -44.48
CA PHE D 1791 48.81 -8.98 -43.81
C PHE D 1791 48.51 -8.96 -42.33
N TYR D 1792 48.59 -7.80 -41.68
CA TYR D 1792 48.40 -7.75 -40.24
C TYR D 1792 47.18 -6.97 -39.80
N TYR D 1793 46.98 -5.76 -40.28
CA TYR D 1793 45.89 -4.93 -39.78
C TYR D 1793 44.52 -5.52 -40.11
N THR D 1794 44.35 -6.02 -41.33
CA THR D 1794 43.05 -6.53 -41.75
C THR D 1794 42.56 -7.74 -40.95
N PRO D 1795 43.35 -8.80 -40.76
CA PRO D 1795 42.93 -9.85 -39.82
C PRO D 1795 42.60 -9.36 -38.43
N MET D 1796 43.38 -8.45 -37.88
CA MET D 1796 43.11 -7.96 -36.54
C MET D 1796 41.83 -7.14 -36.47
N LEU D 1797 41.58 -6.30 -37.47
CA LEU D 1797 40.32 -5.56 -37.53
C LEU D 1797 39.12 -6.49 -37.65
N VAL D 1798 39.22 -7.50 -38.51
CA VAL D 1798 38.11 -8.44 -38.66
C VAL D 1798 37.86 -9.20 -37.36
N ALA D 1799 38.92 -9.74 -36.74
CA ALA D 1799 38.74 -10.42 -35.47
C ALA D 1799 38.13 -9.52 -34.42
N GLN D 1800 38.54 -8.26 -34.38
CA GLN D 1800 37.98 -7.33 -33.41
C GLN D 1800 36.49 -7.11 -33.66
N ARG D 1801 36.10 -6.96 -34.92
CA ARG D 1801 34.69 -6.76 -35.20
C ARG D 1801 33.89 -8.01 -34.86
N LEU D 1802 34.41 -9.19 -35.18
CA LEU D 1802 33.69 -10.41 -34.90
C LEU D 1802 33.54 -10.66 -33.41
N LEU D 1803 34.42 -10.11 -32.58
CA LEU D 1803 34.29 -10.31 -31.14
C LEU D 1803 33.04 -9.65 -30.59
N HIS D 1804 32.75 -8.43 -31.04
CA HIS D 1804 31.61 -7.70 -30.52
C HIS D 1804 30.28 -8.32 -30.95
N GLU D 1805 30.28 -9.11 -32.01
CA GLU D 1805 29.09 -9.81 -32.47
C GLU D 1805 28.97 -11.20 -31.86
N GLN D 1806 29.90 -11.59 -30.98
CA GLN D 1806 29.85 -12.88 -30.30
C GLN D 1806 29.84 -14.05 -31.27
N ASN D 1807 30.52 -13.88 -32.41
CA ASN D 1807 30.78 -14.98 -33.33
C ASN D 1807 32.17 -15.53 -33.06
N PHE D 1808 32.29 -16.22 -31.92
CA PHE D 1808 33.59 -16.65 -31.43
C PHE D 1808 34.27 -17.65 -32.35
N ASP D 1809 33.50 -18.57 -32.93
CA ASP D 1809 34.12 -19.55 -33.80
C ASP D 1809 34.78 -18.92 -35.01
N GLU D 1810 34.14 -17.92 -35.63
CA GLU D 1810 34.75 -17.21 -36.75
C GLU D 1810 35.85 -16.27 -36.31
N ALA D 1811 35.75 -15.74 -35.09
CA ALA D 1811 36.78 -14.83 -34.62
C ALA D 1811 38.04 -15.60 -34.32
N ASN D 1812 37.91 -16.85 -33.92
CA ASN D 1812 39.09 -17.61 -33.58
C ASN D 1812 39.93 -17.86 -34.82
N ARG D 1813 39.32 -18.26 -35.93
CA ARG D 1813 40.10 -18.51 -37.13
C ARG D 1813 40.68 -17.24 -37.68
N TRP D 1814 39.91 -16.16 -37.67
CA TRP D 1814 40.43 -14.92 -38.23
C TRP D 1814 41.63 -14.45 -37.44
N LEU D 1815 41.57 -14.51 -36.12
CA LEU D 1815 42.74 -14.16 -35.33
C LEU D 1815 43.84 -15.20 -35.44
N LYS D 1816 43.50 -16.45 -35.72
CA LYS D 1816 44.51 -17.49 -35.87
C LYS D 1816 45.34 -17.29 -37.12
N TYR D 1817 44.91 -16.46 -38.06
CA TYR D 1817 45.74 -16.27 -39.24
C TYR D 1817 47.05 -15.62 -38.86
N VAL D 1818 47.01 -14.57 -38.05
CA VAL D 1818 48.22 -13.85 -37.66
C VAL D 1818 49.08 -14.64 -36.67
N TRP D 1819 48.48 -15.38 -35.73
CA TRP D 1819 49.30 -16.09 -34.76
C TRP D 1819 48.52 -17.27 -34.19
N SER D 1820 49.18 -18.41 -34.11
CA SER D 1820 48.53 -19.58 -33.54
C SER D 1820 49.46 -20.40 -32.67
N PRO D 1821 49.18 -20.50 -31.37
CA PRO D 1821 50.04 -21.32 -30.51
C PRO D 1821 50.10 -22.78 -30.91
N SER D 1822 49.01 -23.31 -31.47
CA SER D 1822 48.99 -24.70 -31.87
C SER D 1822 49.99 -24.98 -32.98
N GLY D 1823 50.25 -24.01 -33.82
CA GLY D 1823 51.18 -24.16 -34.92
C GLY D 1823 50.45 -24.07 -36.25
N TYR D 1824 51.23 -24.14 -37.31
CA TYR D 1824 50.70 -24.06 -38.65
C TYR D 1824 51.02 -25.34 -39.40
N ILE D 1825 50.04 -25.87 -40.11
CA ILE D 1825 50.21 -27.07 -40.90
C ILE D 1825 50.01 -26.71 -42.36
N VAL D 1826 50.95 -27.12 -43.20
CA VAL D 1826 50.90 -26.84 -44.62
C VAL D 1826 51.20 -28.13 -45.37
N HIS D 1827 50.38 -28.44 -46.36
CA HIS D 1827 50.55 -29.62 -47.21
C HIS D 1827 50.68 -30.91 -46.40
N GLY D 1828 50.10 -30.95 -45.20
CA GLY D 1828 50.25 -32.11 -44.37
C GLY D 1828 51.50 -32.19 -43.53
N GLN D 1829 52.23 -31.10 -43.35
CA GLN D 1829 53.41 -31.14 -42.51
C GLN D 1829 53.33 -29.97 -41.55
N ILE D 1830 53.76 -30.17 -40.30
CA ILE D 1830 53.77 -29.09 -39.33
C ILE D 1830 54.91 -28.12 -39.60
N GLN D 1831 54.63 -26.83 -39.51
CA GLN D 1831 55.61 -25.79 -39.78
C GLN D 1831 56.31 -25.33 -38.52
N ASN D 1832 57.59 -24.97 -38.68
CA ASN D 1832 58.41 -24.53 -37.57
C ASN D 1832 57.95 -23.18 -37.00
N TYR D 1833 57.57 -22.24 -37.86
CA TYR D 1833 57.26 -20.90 -37.40
C TYR D 1833 55.97 -20.84 -36.58
N GLN D 1834 55.92 -19.85 -35.70
CA GLN D 1834 54.79 -19.62 -34.81
C GLN D 1834 53.94 -18.44 -35.24
N TRP D 1835 54.55 -17.38 -35.75
CA TRP D 1835 53.84 -16.18 -36.22
C TRP D 1835 53.85 -16.15 -37.74
N ASN D 1836 52.69 -15.83 -38.30
CA ASN D 1836 52.52 -15.88 -39.74
C ASN D 1836 52.99 -14.63 -40.48
N VAL D 1837 53.29 -13.55 -39.78
CA VAL D 1837 53.69 -12.29 -40.41
C VAL D 1837 55.20 -12.17 -40.38
N ARG D 1838 55.81 -11.92 -41.54
CA ARG D 1838 57.27 -11.89 -41.62
C ARG D 1838 57.94 -10.84 -40.76
N PRO D 1839 57.52 -9.58 -40.74
CA PRO D 1839 58.21 -8.62 -39.87
C PRO D 1839 58.00 -8.86 -38.38
N LEU D 1840 56.98 -9.61 -37.99
CA LEU D 1840 56.89 -10.06 -36.60
C LEU D 1840 57.79 -11.25 -36.33
N LEU D 1841 57.91 -12.15 -37.29
CA LEU D 1841 58.80 -13.29 -37.15
C LEU D 1841 60.26 -12.87 -37.09
N GLU D 1842 60.66 -11.88 -37.89
CA GLU D 1842 62.05 -11.47 -37.97
C GLU D 1842 62.49 -10.55 -36.84
N ASP D 1843 61.62 -9.65 -36.37
CA ASP D 1843 61.95 -8.77 -35.24
C ASP D 1843 61.77 -9.51 -33.93
N THR D 1844 62.86 -10.03 -33.39
CA THR D 1844 62.84 -10.91 -32.22
C THR D 1844 63.21 -10.23 -30.90
N SER D 1845 63.66 -8.98 -30.90
CA SER D 1845 63.85 -8.28 -29.64
C SER D 1845 63.90 -6.78 -29.86
N TRP D 1846 63.43 -6.03 -28.85
CA TRP D 1846 63.28 -4.59 -28.96
C TRP D 1846 64.59 -3.88 -29.28
N ASN D 1847 64.42 -2.70 -29.89
CA ASN D 1847 65.53 -1.82 -30.20
C ASN D 1847 66.17 -1.30 -28.92
N SER D 1848 67.43 -0.88 -29.03
CA SER D 1848 68.09 -0.32 -27.86
C SER D 1848 67.36 0.93 -27.34
N ASP D 1849 66.73 1.72 -28.23
CA ASP D 1849 65.79 2.75 -27.81
C ASP D 1849 64.50 2.85 -28.63
N PRO D 1850 63.37 3.14 -27.97
CA PRO D 1850 62.11 3.36 -28.71
C PRO D 1850 62.07 4.70 -29.43
N LEU D 1851 61.04 4.83 -30.27
CA LEU D 1851 60.63 6.12 -30.83
C LEU D 1851 59.89 6.93 -29.76
N ASP D 1852 60.27 8.19 -29.59
CA ASP D 1852 59.52 9.13 -28.75
C ASP D 1852 58.46 9.85 -29.58
N SER D 1853 57.21 9.37 -29.50
CA SER D 1853 56.12 9.89 -30.31
C SER D 1853 54.81 9.58 -29.61
N VAL D 1854 53.93 10.59 -29.52
CA VAL D 1854 52.66 10.48 -28.83
C VAL D 1854 51.57 9.81 -29.68
N ASP D 1855 51.97 9.12 -30.75
CA ASP D 1855 51.05 8.27 -31.49
C ASP D 1855 51.42 6.82 -31.22
N PRO D 1856 50.54 5.96 -30.70
CA PRO D 1856 50.98 4.61 -30.38
C PRO D 1856 51.30 3.76 -31.58
N ASP D 1857 50.80 4.12 -32.76
CA ASP D 1857 50.99 3.21 -33.86
C ASP D 1857 52.29 3.44 -34.60
N ALA D 1858 52.73 4.69 -34.75
CA ALA D 1858 54.07 4.93 -35.30
C ALA D 1858 55.16 4.37 -34.42
N VAL D 1859 55.01 4.48 -33.10
CA VAL D 1859 56.02 3.94 -32.19
C VAL D 1859 56.00 2.41 -32.20
N ALA D 1860 54.82 1.80 -32.38
CA ALA D 1860 54.78 0.36 -32.54
C ALA D 1860 55.29 -0.10 -33.89
N GLN D 1861 55.13 0.74 -34.92
CA GLN D 1861 55.70 0.50 -36.25
C GLN D 1861 57.22 0.55 -36.25
N HIS D 1862 57.80 1.43 -35.46
CA HIS D 1862 59.26 1.47 -35.32
C HIS D 1862 59.84 0.25 -34.62
N ASP D 1863 59.04 -0.46 -33.82
CA ASP D 1863 59.52 -1.60 -33.02
C ASP D 1863 58.44 -2.67 -32.98
N PRO D 1864 58.30 -3.45 -34.06
CA PRO D 1864 57.14 -4.35 -34.18
C PRO D 1864 57.09 -5.48 -33.18
N MET D 1865 58.05 -5.58 -32.26
CA MET D 1865 57.86 -6.40 -31.07
C MET D 1865 56.61 -6.01 -30.30
N HIS D 1866 56.17 -4.75 -30.40
CA HIS D 1866 54.96 -4.29 -29.73
C HIS D 1866 53.71 -4.92 -30.34
N TYR D 1867 53.71 -5.07 -31.66
CA TYR D 1867 52.57 -5.67 -32.31
C TYR D 1867 52.35 -7.10 -31.85
N LYS D 1868 53.43 -7.80 -31.49
CA LYS D 1868 53.29 -9.14 -30.96
C LYS D 1868 52.51 -9.15 -29.67
N VAL D 1869 52.77 -8.19 -28.79
CA VAL D 1869 52.03 -8.11 -27.54
C VAL D 1869 50.59 -7.75 -27.80
N SER D 1870 50.33 -6.86 -28.76
CA SER D 1870 48.94 -6.51 -29.03
C SER D 1870 48.14 -7.71 -29.52
N THR D 1871 48.73 -8.56 -30.34
CA THR D 1871 48.05 -9.80 -30.76
C THR D 1871 47.86 -10.77 -29.61
N PHE D 1872 48.90 -10.98 -28.82
CA PHE D 1872 48.79 -11.83 -27.64
C PHE D 1872 47.65 -11.40 -26.74
N MET D 1873 47.58 -10.12 -26.47
CA MET D 1873 46.54 -9.57 -25.62
C MET D 1873 45.16 -9.72 -26.23
N ARG D 1874 45.02 -9.60 -27.55
CA ARG D 1874 43.73 -9.92 -28.16
C ARG D 1874 43.37 -11.40 -28.15
N THR D 1875 44.36 -12.30 -28.09
CA THR D 1875 44.02 -13.70 -27.89
C THR D 1875 43.49 -13.94 -26.49
N LEU D 1876 44.09 -13.31 -25.50
CA LEU D 1876 43.58 -13.46 -24.13
C LEU D 1876 42.19 -12.87 -24.00
N ASP D 1877 41.93 -11.75 -24.70
CA ASP D 1877 40.60 -11.16 -24.63
C ASP D 1877 39.57 -12.13 -25.18
N LEU D 1878 39.90 -12.80 -26.29
CA LEU D 1878 38.97 -13.78 -26.86
C LEU D 1878 38.74 -14.95 -25.92
N LEU D 1879 39.79 -15.49 -25.31
CA LEU D 1879 39.62 -16.66 -24.43
C LEU D 1879 38.79 -16.31 -23.20
N ILE D 1880 39.03 -15.16 -22.61
CA ILE D 1880 38.24 -14.77 -21.45
C ILE D 1880 36.79 -14.55 -21.85
N ALA D 1881 36.52 -13.89 -22.97
CA ALA D 1881 35.13 -13.68 -23.35
C ALA D 1881 34.42 -14.99 -23.60
N ARG D 1882 35.09 -15.96 -24.23
CA ARG D 1882 34.49 -17.27 -24.45
C ARG D 1882 34.19 -17.98 -23.14
N GLY D 1883 35.10 -17.89 -22.17
CA GLY D 1883 34.83 -18.46 -20.86
C GLY D 1883 33.68 -17.80 -20.15
N ASP D 1884 33.59 -16.48 -20.22
CA ASP D 1884 32.47 -15.79 -19.58
C ASP D 1884 31.15 -16.19 -20.23
N HIS D 1885 31.14 -16.30 -21.55
CA HIS D 1885 29.91 -16.69 -22.23
C HIS D 1885 29.48 -18.08 -21.83
N ALA D 1886 30.40 -19.03 -21.72
CA ALA D 1886 29.98 -20.35 -21.26
C ALA D 1886 29.55 -20.31 -19.80
N TYR D 1887 30.21 -19.51 -18.98
CA TYR D 1887 29.87 -19.43 -17.58
C TYR D 1887 28.50 -18.80 -17.35
N ARG D 1888 27.98 -18.04 -18.32
CA ARG D 1888 26.65 -17.44 -18.15
C ARG D 1888 25.54 -18.48 -18.07
N GLN D 1889 25.72 -19.64 -18.69
CA GLN D 1889 24.80 -20.77 -18.51
C GLN D 1889 25.26 -21.54 -17.28
N LEU D 1890 24.36 -21.72 -16.32
CA LEU D 1890 24.73 -22.27 -15.03
C LEU D 1890 24.57 -23.78 -14.93
N GLU D 1891 24.20 -24.47 -16.00
CA GLU D 1891 24.05 -25.90 -15.89
C GLU D 1891 25.41 -26.58 -15.72
N ARG D 1892 25.38 -27.80 -15.21
CA ARG D 1892 26.59 -28.46 -14.75
C ARG D 1892 27.59 -28.66 -15.89
N ASP D 1893 27.13 -29.12 -17.04
CA ASP D 1893 28.05 -29.44 -18.14
C ASP D 1893 28.76 -28.18 -18.62
N THR D 1894 28.02 -27.08 -18.77
CA THR D 1894 28.63 -25.86 -19.32
C THR D 1894 29.69 -25.27 -18.38
N LEU D 1895 29.53 -25.38 -17.06
CA LEU D 1895 30.54 -24.82 -16.19
C LEU D 1895 31.89 -25.52 -16.33
N ASN D 1896 31.89 -26.76 -16.82
CA ASN D 1896 33.14 -27.44 -17.07
C ASN D 1896 33.80 -26.97 -18.36
N GLU D 1897 32.99 -26.51 -19.30
CA GLU D 1897 33.53 -25.81 -20.45
C GLU D 1897 34.11 -24.44 -20.08
N ALA D 1898 33.42 -23.70 -19.23
CA ALA D 1898 33.99 -22.47 -18.70
C ALA D 1898 35.33 -22.68 -18.01
N LYS D 1899 35.44 -23.73 -17.20
CA LYS D 1899 36.72 -24.03 -16.60
C LYS D 1899 37.80 -24.38 -17.61
N MET D 1900 37.49 -25.21 -18.61
CA MET D 1900 38.59 -25.53 -19.52
C MET D 1900 39.00 -24.35 -20.37
N TRP D 1901 38.10 -23.39 -20.58
CA TRP D 1901 38.49 -22.18 -21.31
C TRP D 1901 39.43 -21.33 -20.46
N TYR D 1902 39.09 -21.13 -19.20
CA TYR D 1902 39.98 -20.35 -18.33
C TYR D 1902 41.32 -21.05 -18.14
N MET D 1903 41.34 -22.36 -17.97
CA MET D 1903 42.62 -23.04 -17.81
C MET D 1903 43.45 -22.92 -19.07
N GLN D 1904 42.80 -22.91 -20.23
CA GLN D 1904 43.51 -22.71 -21.49
C GLN D 1904 44.19 -21.35 -21.53
N ALA D 1905 43.51 -20.30 -21.06
CA ALA D 1905 44.21 -19.02 -21.06
C ALA D 1905 45.24 -18.93 -19.95
N LEU D 1906 45.06 -19.75 -18.93
CA LEU D 1906 45.93 -19.68 -17.77
C LEU D 1906 47.32 -20.18 -18.11
N HIS D 1907 47.41 -21.30 -18.81
CA HIS D 1907 48.79 -21.72 -19.07
C HIS D 1907 49.44 -20.87 -20.15
N LEU D 1908 48.67 -20.19 -20.99
CA LEU D 1908 49.27 -19.28 -21.96
C LEU D 1908 49.94 -18.11 -21.25
N LEU D 1909 49.23 -17.49 -20.31
CA LEU D 1909 49.87 -16.44 -19.50
C LEU D 1909 51.07 -16.95 -18.72
N GLY D 1910 50.99 -18.15 -18.17
CA GLY D 1910 52.10 -18.71 -17.43
C GLY D 1910 52.21 -18.23 -15.99
N ASP D 1911 53.42 -18.34 -15.45
CA ASP D 1911 53.74 -17.97 -14.09
C ASP D 1911 53.60 -16.48 -13.83
N LYS D 1912 52.71 -16.10 -12.92
CA LYS D 1912 52.64 -14.72 -12.46
C LYS D 1912 53.99 -14.27 -11.89
N PRO D 1913 54.50 -13.12 -12.31
CA PRO D 1913 55.85 -12.70 -11.88
C PRO D 1913 55.82 -12.28 -10.43
N TYR D 1914 56.84 -12.70 -9.68
CA TYR D 1914 57.02 -12.20 -8.32
C TYR D 1914 57.87 -10.93 -8.32
N LEU D 1915 57.46 -9.95 -7.50
CA LEU D 1915 57.96 -8.58 -7.57
C LEU D 1915 58.38 -8.09 -6.19
N PRO D 1916 59.67 -8.11 -5.87
CA PRO D 1916 60.14 -7.88 -4.50
C PRO D 1916 59.72 -6.53 -3.95
N LEU D 1917 58.99 -6.56 -2.82
CA LEU D 1917 58.20 -5.43 -2.37
C LEU D 1917 59.04 -4.18 -2.09
N SER D 1918 60.21 -4.35 -1.48
CA SER D 1918 61.17 -3.28 -1.26
C SER D 1918 62.51 -3.58 -1.94
N THR D 1919 63.21 -2.51 -2.31
CA THR D 1919 64.36 -2.61 -3.19
C THR D 1919 65.37 -1.53 -2.82
N THR D 1920 66.30 -1.26 -3.75
CA THR D 1920 67.37 -0.29 -3.57
C THR D 1920 66.89 1.14 -3.32
N TRP D 1921 65.66 1.47 -3.70
CA TRP D 1921 65.17 2.83 -3.56
C TRP D 1921 65.07 3.26 -2.09
N SER D 1922 65.60 4.45 -1.82
CA SER D 1922 66.12 4.82 -0.50
C SER D 1922 65.43 6.01 0.16
N ASP D 1923 64.25 6.40 -0.29
CA ASP D 1923 63.54 7.59 0.20
C ASP D 1923 64.34 8.88 0.10
N PRO D 1924 64.78 9.30 -1.07
CA PRO D 1924 65.76 10.38 -1.15
C PRO D 1924 65.07 11.72 -0.95
N ARG D 1925 65.89 12.74 -0.75
CA ARG D 1925 65.37 14.11 -0.74
C ARG D 1925 64.98 14.56 -2.14
N LEU D 1926 63.87 15.27 -2.23
CA LEU D 1926 63.43 15.82 -3.50
C LEU D 1926 64.52 16.68 -4.14
N ASP D 1927 65.26 17.41 -3.32
CA ASP D 1927 66.42 18.15 -3.79
C ASP D 1927 67.43 17.25 -4.49
N ARG D 1928 67.62 16.05 -3.96
CA ARG D 1928 68.57 15.12 -4.59
C ARG D 1928 68.01 14.49 -5.86
N ALA D 1929 66.76 14.05 -5.84
CA ALA D 1929 66.16 13.44 -7.02
C ALA D 1929 66.08 14.41 -8.19
N ALA D 1930 65.92 15.70 -7.91
CA ALA D 1930 65.93 16.68 -9.00
C ALA D 1930 67.28 16.72 -9.70
N ASP D 1931 68.37 16.72 -8.94
CA ASP D 1931 69.69 16.77 -9.58
C ASP D 1931 70.05 15.45 -10.23
N ILE D 1932 69.78 14.33 -9.56
CA ILE D 1932 70.07 13.02 -10.15
C ILE D 1932 69.36 12.84 -11.48
N THR D 1933 68.14 13.36 -11.60
CA THR D 1933 67.40 13.26 -12.85
C THR D 1933 67.84 14.29 -13.90
N THR D 1934 68.36 15.44 -13.49
CA THR D 1934 68.73 16.52 -14.39
C THR D 1934 70.20 16.50 -14.79
N GLN D 1935 70.79 15.30 -14.92
CA GLN D 1935 72.20 15.23 -15.25
C GLN D 1935 72.48 15.62 -16.70
N ASN D 1936 71.49 15.57 -17.57
CA ASN D 1936 71.64 16.05 -18.93
C ASN D 1936 71.14 17.49 -19.06
N LEU D 1963 64.09 10.14 -15.94
CA LEU D 1963 63.71 9.70 -14.61
C LEU D 1963 64.18 8.27 -14.36
N THR D 1964 64.40 7.53 -15.46
CA THR D 1964 64.89 6.16 -15.38
C THR D 1964 66.23 6.07 -14.67
N ASP D 1965 66.94 7.19 -14.51
CA ASP D 1965 68.14 7.24 -13.69
C ASP D 1965 67.88 6.91 -12.23
N LEU D 1966 66.64 7.03 -11.75
CA LEU D 1966 66.36 6.82 -10.34
C LEU D 1966 65.04 6.10 -10.08
N PHE D 1967 64.08 6.15 -10.99
CA PHE D 1967 62.79 5.49 -10.86
C PHE D 1967 62.72 4.32 -11.82
N LEU D 1968 62.11 3.24 -11.38
CA LEU D 1968 62.12 2.00 -12.14
C LEU D 1968 60.88 1.86 -12.99
N PRO D 1969 60.94 1.09 -14.07
CA PRO D 1969 59.75 0.86 -14.89
C PRO D 1969 58.78 -0.10 -14.24
N GLN D 1970 57.49 0.23 -14.27
CA GLN D 1970 56.52 -0.71 -13.75
C GLN D 1970 56.02 -1.70 -14.78
N ILE D 1971 55.65 -2.88 -14.29
CA ILE D 1971 54.96 -3.90 -15.07
C ILE D 1971 53.62 -3.41 -15.58
N ASN D 1972 53.27 -3.82 -16.80
CA ASN D 1972 52.03 -3.38 -17.43
C ASN D 1972 50.84 -3.70 -16.54
N GLU D 1973 50.15 -2.66 -16.11
CA GLU D 1973 49.01 -2.80 -15.22
C GLU D 1973 47.84 -3.59 -15.82
N VAL D 1974 47.71 -3.58 -17.15
CA VAL D 1974 46.68 -4.37 -17.83
C VAL D 1974 47.01 -5.87 -17.82
N MET D 1975 48.26 -6.21 -18.07
CA MET D 1975 48.63 -7.62 -17.99
C MET D 1975 48.45 -8.11 -16.56
N MET D 1976 48.87 -7.32 -15.58
CA MET D 1976 48.57 -7.69 -14.20
C MET D 1976 47.07 -7.90 -14.00
N ASN D 1977 46.25 -7.11 -14.69
CA ASN D 1977 44.83 -7.24 -14.44
C ASN D 1977 44.30 -8.53 -15.01
N TYR D 1978 44.93 -9.05 -16.08
CA TYR D 1978 44.44 -10.32 -16.61
C TYR D 1978 44.65 -11.43 -15.59
N TRP D 1979 45.81 -11.45 -14.93
CA TRP D 1979 46.02 -12.45 -13.88
C TRP D 1979 45.08 -12.26 -12.71
N GLN D 1980 44.73 -11.03 -12.37
CA GLN D 1980 43.80 -10.84 -11.27
C GLN D 1980 42.41 -11.35 -11.62
N THR D 1981 41.93 -11.07 -12.81
CA THR D 1981 40.59 -11.50 -13.14
C THR D 1981 40.53 -12.98 -13.44
N LEU D 1982 41.58 -13.58 -13.97
CA LEU D 1982 41.54 -15.00 -14.23
C LEU D 1982 41.59 -15.78 -12.93
N ALA D 1983 42.48 -15.38 -12.01
CA ALA D 1983 42.53 -16.09 -10.74
C ALA D 1983 41.23 -15.96 -9.98
N GLN D 1984 40.62 -14.78 -9.97
CA GLN D 1984 39.35 -14.64 -9.27
C GLN D 1984 38.23 -15.44 -9.92
N ARG D 1985 38.22 -15.52 -11.26
CA ARG D 1985 37.19 -16.30 -11.94
C ARG D 1985 37.33 -17.79 -11.65
N VAL D 1986 38.55 -18.31 -11.72
CA VAL D 1986 38.72 -19.73 -11.37
C VAL D 1986 38.38 -19.97 -9.90
N TYR D 1987 38.66 -19.00 -9.03
CA TYR D 1987 38.28 -19.12 -7.63
C TYR D 1987 36.77 -19.31 -7.48
N ASN D 1988 35.99 -18.58 -8.28
CA ASN D 1988 34.54 -18.81 -8.22
C ASN D 1988 34.16 -20.15 -8.83
N LEU D 1989 34.81 -20.58 -9.90
CA LEU D 1989 34.45 -21.89 -10.45
C LEU D 1989 34.76 -23.01 -9.47
N ARG D 1990 35.84 -22.88 -8.71
CA ARG D 1990 36.16 -23.87 -7.69
C ARG D 1990 35.26 -23.80 -6.48
N HIS D 1991 34.63 -22.67 -6.20
CA HIS D 1991 33.86 -22.53 -4.98
C HIS D 1991 32.37 -22.44 -5.24
N ASN D 1992 31.94 -22.76 -6.45
CA ASN D 1992 30.53 -22.86 -6.80
C ASN D 1992 29.76 -21.54 -6.58
N LEU D 1993 30.43 -20.42 -6.75
CA LEU D 1993 29.72 -19.14 -6.74
C LEU D 1993 29.19 -18.92 -8.16
N SER D 1994 28.54 -17.78 -8.40
CA SER D 1994 28.37 -17.34 -9.79
C SER D 1994 29.42 -16.30 -10.18
N ILE D 1995 29.23 -15.69 -11.35
CA ILE D 1995 30.26 -14.80 -11.87
C ILE D 1995 30.26 -13.46 -11.15
N ASP D 1996 29.11 -13.04 -10.63
CA ASP D 1996 29.00 -11.91 -9.73
C ASP D 1996 29.32 -12.29 -8.29
N GLY D 1997 29.79 -13.51 -8.07
CA GLY D 1997 30.19 -13.99 -6.77
C GLY D 1997 29.06 -14.28 -5.81
N GLN D 1998 27.83 -14.39 -6.30
CA GLN D 1998 26.81 -14.68 -5.31
C GLN D 1998 26.64 -16.19 -5.17
N PRO D 1999 26.55 -16.74 -3.97
CA PRO D 1999 26.36 -18.19 -3.81
C PRO D 1999 25.15 -18.68 -4.59
N LEU D 2000 25.36 -19.73 -5.40
CA LEU D 2000 24.23 -20.49 -5.93
C LEU D 2000 23.47 -21.23 -4.85
N TYR D 2001 24.12 -21.64 -3.77
CA TYR D 2001 23.45 -22.45 -2.75
C TYR D 2001 22.76 -21.55 -1.73
N LEU D 2002 21.46 -21.78 -1.53
CA LEU D 2002 20.70 -21.06 -0.51
C LEU D 2002 20.72 -21.84 0.79
N PRO D 2003 21.21 -21.27 1.89
CA PRO D 2003 21.35 -22.03 3.13
C PRO D 2003 20.00 -22.37 3.76
N ILE D 2004 20.03 -23.39 4.62
CA ILE D 2004 18.83 -23.89 5.29
C ILE D 2004 18.40 -22.95 6.41
N TYR D 2005 17.10 -22.73 6.50
CA TYR D 2005 16.49 -21.73 7.39
C TYR D 2005 16.10 -22.34 8.74
N ALA D 2006 17.08 -22.90 9.45
CA ALA D 2006 16.85 -23.48 10.77
C ALA D 2006 16.07 -22.53 11.68
N THR D 2007 15.09 -23.09 12.41
CA THR D 2007 14.08 -22.30 13.09
C THR D 2007 13.85 -22.74 14.55
N PRO D 2008 13.77 -21.81 15.49
CA PRO D 2008 13.81 -22.16 16.92
C PRO D 2008 12.50 -22.75 17.41
N ALA D 2009 12.62 -23.66 18.37
CA ALA D 2009 11.45 -24.35 18.92
C ALA D 2009 10.73 -23.49 19.97
N ASP D 2010 9.56 -23.97 20.39
CA ASP D 2010 8.74 -23.33 21.41
C ASP D 2010 9.49 -23.19 22.73
N PRO D 2011 9.16 -22.16 23.53
CA PRO D 2011 9.70 -22.07 24.89
C PRO D 2011 9.18 -23.18 25.80
N LYS D 2012 10.05 -23.61 26.71
CA LYS D 2012 9.62 -24.51 27.77
C LYS D 2012 8.60 -23.84 28.68
N ALA D 2013 7.67 -24.66 29.17
CA ALA D 2013 6.81 -24.34 30.32
C ALA D 2013 7.64 -24.26 31.60
N LEU D 2014 7.72 -23.08 32.21
CA LEU D 2014 8.28 -22.98 33.56
C LEU D 2014 7.49 -23.85 34.53
N LEU D 2015 8.18 -24.44 35.49
CA LEU D 2015 7.58 -25.31 36.49
C LEU D 2015 7.99 -24.89 37.90
N SER D 2016 7.04 -24.95 38.83
CA SER D 2016 7.25 -24.57 40.22
C SER D 2016 7.12 -25.78 41.15
N ALA D 2017 7.90 -25.77 42.22
CA ALA D 2017 7.93 -26.86 43.21
C ALA D 2017 7.20 -26.44 44.47
N ALA D 2018 6.31 -27.29 44.95
CA ALA D 2018 5.55 -27.02 46.17
C ALA D 2018 5.84 -28.09 47.21
N VAL D 2019 6.59 -27.73 48.24
CA VAL D 2019 6.96 -28.63 49.31
C VAL D 2019 6.15 -28.29 50.56
N ALA D 2020 6.09 -29.23 51.49
CA ALA D 2020 5.36 -29.07 52.74
C ALA D 2020 6.32 -28.93 53.92
N THR D 2021 5.77 -28.48 55.04
CA THR D 2021 6.48 -28.44 56.31
C THR D 2021 5.74 -29.25 57.35
N SER D 2022 6.49 -29.93 58.23
CA SER D 2022 5.91 -30.67 59.34
C SER D 2022 6.58 -30.34 60.67
N GLN D 2023 5.78 -30.40 61.74
CA GLN D 2023 6.23 -30.10 63.10
C GLN D 2023 5.56 -31.09 64.05
N GLY D 2024 6.30 -31.49 65.08
CA GLY D 2024 5.88 -32.61 65.90
C GLY D 2024 4.60 -32.37 66.68
N GLY D 2025 4.04 -33.48 67.16
CA GLY D 2025 2.93 -33.42 68.08
C GLY D 2025 3.25 -32.77 69.42
N GLY D 2026 2.24 -32.18 70.02
CA GLY D 2026 2.34 -31.53 71.32
C GLY D 2026 2.48 -32.51 72.48
N LYS D 2027 2.62 -31.95 73.69
CA LYS D 2027 2.83 -32.72 74.90
C LYS D 2027 1.98 -32.13 76.01
N LEU D 2028 1.28 -32.99 76.77
CA LEU D 2028 0.38 -32.55 77.84
C LEU D 2028 1.12 -32.09 79.09
N PRO D 2029 0.71 -30.95 79.66
CA PRO D 2029 1.10 -30.60 81.04
C PRO D 2029 0.77 -31.65 82.10
N GLU D 2030 1.39 -31.51 83.26
CA GLU D 2030 1.02 -32.28 84.46
C GLU D 2030 -0.28 -31.78 85.09
N SER D 2031 -1.21 -32.70 85.33
CA SER D 2031 -2.50 -32.37 85.94
C SER D 2031 -2.35 -32.00 87.41
N PHE D 2032 -3.20 -31.07 87.86
CA PHE D 2032 -3.17 -30.57 89.23
C PHE D 2032 -4.53 -30.76 89.90
N MET D 2033 -4.53 -31.23 91.13
CA MET D 2033 -5.75 -31.42 91.91
C MET D 2033 -6.19 -30.13 92.61
N SER D 2034 -7.50 -29.85 92.60
CA SER D 2034 -7.98 -28.60 93.16
C SER D 2034 -9.36 -28.77 93.78
N LEU D 2035 -9.67 -27.83 94.69
CA LEU D 2035 -10.75 -27.88 95.67
C LEU D 2035 -12.15 -27.62 95.12
N TRP D 2036 -12.38 -27.61 93.82
CA TRP D 2036 -13.69 -27.26 93.29
C TRP D 2036 -14.43 -28.51 92.87
N ARG D 2037 -15.65 -28.67 93.40
CA ARG D 2037 -16.57 -29.66 92.87
C ARG D 2037 -16.76 -29.48 91.37
N PHE D 2038 -16.94 -30.60 90.70
CA PHE D 2038 -16.90 -30.66 89.25
C PHE D 2038 -17.80 -29.68 88.51
N PRO D 2039 -19.07 -29.47 88.87
CA PRO D 2039 -19.87 -28.49 88.11
C PRO D 2039 -19.29 -27.09 88.06
N HIS D 2040 -18.62 -26.65 89.11
CA HIS D 2040 -18.06 -25.30 89.12
C HIS D 2040 -16.78 -25.22 88.32
N MET D 2041 -15.88 -26.17 88.52
CA MET D 2041 -14.66 -26.23 87.72
C MET D 2041 -14.96 -26.47 86.24
N LEU D 2042 -16.08 -27.09 85.94
CA LEU D 2042 -16.49 -27.17 84.54
C LEU D 2042 -17.01 -25.85 83.99
N GLU D 2043 -17.84 -25.12 84.73
CA GLU D 2043 -18.23 -23.81 84.23
C GLU D 2043 -17.04 -22.86 84.09
N ASN D 2044 -16.06 -23.01 84.96
CA ASN D 2044 -14.80 -22.25 84.87
C ASN D 2044 -14.05 -22.59 83.59
N ALA D 2045 -13.71 -23.86 83.42
CA ALA D 2045 -12.93 -24.26 82.26
C ALA D 2045 -13.68 -23.92 80.97
N ARG D 2046 -14.96 -24.26 80.88
CA ARG D 2046 -15.75 -23.89 79.70
C ARG D 2046 -15.64 -22.41 79.35
N GLY D 2047 -15.65 -21.53 80.35
CA GLY D 2047 -15.42 -20.12 80.08
C GLY D 2047 -14.05 -19.83 79.48
N MET D 2048 -13.03 -20.44 80.08
CA MET D 2048 -11.66 -20.32 79.59
C MET D 2048 -11.52 -20.80 78.15
N VAL D 2049 -12.12 -21.94 77.83
CA VAL D 2049 -12.08 -22.47 76.48
C VAL D 2049 -12.80 -21.54 75.49
N SER D 2050 -13.97 -21.03 75.85
CA SER D 2050 -14.63 -20.14 74.90
C SER D 2050 -13.80 -18.89 74.62
N GLN D 2051 -13.05 -18.42 75.63
CA GLN D 2051 -12.10 -17.35 75.35
C GLN D 2051 -11.01 -17.78 74.38
N LEU D 2052 -10.53 -19.02 74.53
CA LEU D 2052 -9.51 -19.45 73.58
C LEU D 2052 -10.06 -19.51 72.17
N THR D 2053 -11.28 -20.03 71.99
CA THR D 2053 -11.86 -20.07 70.66
C THR D 2053 -11.97 -18.67 70.06
N GLN D 2054 -12.16 -17.67 70.91
CA GLN D 2054 -12.27 -16.31 70.39
C GLN D 2054 -10.94 -15.77 69.89
N PHE D 2055 -9.86 -16.08 70.60
CA PHE D 2055 -8.52 -15.84 70.04
C PHE D 2055 -8.26 -16.60 68.76
N GLY D 2056 -8.78 -17.82 68.65
CA GLY D 2056 -8.61 -18.54 67.39
C GLY D 2056 -9.30 -17.94 66.19
N SER D 2057 -10.47 -17.34 66.40
CA SER D 2057 -11.15 -16.66 65.29
C SER D 2057 -10.47 -15.36 64.89
N THR D 2058 -10.07 -14.55 65.88
CA THR D 2058 -9.20 -13.42 65.55
C THR D 2058 -7.94 -13.82 64.81
N LEU D 2059 -7.27 -14.91 65.23
CA LEU D 2059 -6.04 -15.33 64.57
C LEU D 2059 -6.26 -15.75 63.13
N GLN D 2060 -7.34 -16.49 62.85
CA GLN D 2060 -7.62 -16.86 61.47
C GLN D 2060 -7.88 -15.64 60.60
N ASN D 2061 -8.61 -14.67 61.11
CA ASN D 2061 -8.87 -13.47 60.34
C ASN D 2061 -7.59 -12.70 60.02
N ILE D 2062 -6.68 -12.62 61.00
CA ILE D 2062 -5.39 -11.95 60.76
C ILE D 2062 -4.57 -12.69 59.70
N ILE D 2063 -4.53 -14.02 59.77
CA ILE D 2063 -3.72 -14.78 58.81
C ILE D 2063 -4.21 -14.54 57.39
N GLU D 2064 -5.53 -14.59 57.20
CA GLU D 2064 -6.09 -14.36 55.88
C GLU D 2064 -5.78 -12.96 55.39
N ARG D 2065 -5.88 -11.97 56.29
CA ARG D 2065 -5.74 -10.59 55.86
C ARG D 2065 -4.31 -10.31 55.45
N GLN D 2066 -3.35 -10.71 56.27
CA GLN D 2066 -1.97 -10.34 55.99
C GLN D 2066 -1.48 -11.01 54.72
N ASP D 2067 -1.88 -12.27 54.49
CA ASP D 2067 -1.48 -12.92 53.26
C ASP D 2067 -2.07 -12.25 52.01
N ALA D 2068 -3.35 -11.84 52.07
CA ALA D 2068 -3.92 -11.13 50.93
C ALA D 2068 -3.28 -9.77 50.71
N GLU D 2069 -2.88 -9.07 51.78
CA GLU D 2069 -2.24 -7.78 51.59
C GLU D 2069 -0.81 -7.90 51.04
N ALA D 2070 -0.10 -8.98 51.38
CA ALA D 2070 1.18 -9.26 50.71
C ALA D 2070 1.01 -9.58 49.23
N LEU D 2071 -0.11 -10.19 48.85
CA LEU D 2071 -0.38 -10.33 47.42
C LEU D 2071 -0.70 -9.00 46.76
N ASN D 2072 -1.47 -8.15 47.43
CA ASN D 2072 -1.75 -6.82 46.89
C ASN D 2072 -0.47 -6.02 46.61
N ALA D 2073 0.49 -6.04 47.55
CA ALA D 2073 1.79 -5.40 47.27
C ALA D 2073 2.60 -6.09 46.17
N LEU D 2074 2.43 -7.40 46.02
CA LEU D 2074 3.15 -8.08 44.95
C LEU D 2074 2.66 -7.65 43.58
N LEU D 2075 1.35 -7.49 43.41
CA LEU D 2075 0.83 -7.10 42.10
C LEU D 2075 1.26 -5.70 41.69
N GLN D 2076 1.43 -4.80 42.67
CA GLN D 2076 1.89 -3.45 42.36
C GLN D 2076 3.35 -3.44 41.94
N ASN D 2077 4.21 -4.16 42.66
CA ASN D 2077 5.61 -4.18 42.23
C ASN D 2077 5.76 -4.83 40.87
N GLN D 2078 4.88 -5.79 40.58
CA GLN D 2078 4.94 -6.49 39.31
C GLN D 2078 4.46 -5.63 38.14
N ALA D 2079 3.40 -4.82 38.32
CA ALA D 2079 3.04 -3.90 37.24
C ALA D 2079 4.02 -2.73 37.11
N ALA D 2080 4.62 -2.29 38.22
CA ALA D 2080 5.66 -1.28 38.13
C ALA D 2080 6.83 -1.77 37.31
N GLU D 2081 7.11 -3.07 37.35
CA GLU D 2081 8.22 -3.56 36.55
C GLU D 2081 7.81 -3.77 35.09
N LEU D 2082 6.56 -4.15 34.85
CA LEU D 2082 6.08 -4.35 33.48
C LEU D 2082 6.03 -3.06 32.65
N ILE D 2083 5.85 -1.91 33.29
CA ILE D 2083 5.73 -0.65 32.53
C ILE D 2083 7.00 -0.25 31.75
N LEU D 2084 8.19 -0.55 32.26
CA LEU D 2084 9.42 -0.09 31.63
C LEU D 2084 9.55 -0.59 30.19
N THR D 2085 9.20 -1.84 29.93
CA THR D 2085 9.33 -2.33 28.56
C THR D 2085 8.38 -1.61 27.63
N ASN D 2086 7.20 -1.24 28.12
CA ASN D 2086 6.28 -0.50 27.26
C ASN D 2086 6.88 0.85 26.91
N LEU D 2087 7.57 1.48 27.87
CA LEU D 2087 8.22 2.75 27.55
C LEU D 2087 9.27 2.58 26.45
N SER D 2088 10.08 1.52 26.54
CA SER D 2088 11.08 1.27 25.49
C SER D 2088 10.43 1.02 24.13
N ILE D 2089 9.33 0.26 24.09
CA ILE D 2089 8.65 0.00 22.82
C ILE D 2089 8.09 1.27 22.21
N GLN D 2090 7.48 2.11 23.04
CA GLN D 2090 6.91 3.36 22.50
C GLN D 2090 8.01 4.25 21.96
N ASP D 2091 9.13 4.31 22.67
CA ASP D 2091 10.25 5.10 22.17
C ASP D 2091 10.72 4.57 20.83
N LYS D 2092 10.82 3.26 20.64
CA LYS D 2092 11.29 2.82 19.34
C LYS D 2092 10.23 2.99 18.25
N THR D 2093 8.96 3.08 18.60
CA THR D 2093 7.97 3.44 17.59
C THR D 2093 8.19 4.86 17.08
N ILE D 2094 8.65 5.76 17.95
CA ILE D 2094 8.90 7.11 17.45
C ILE D 2094 10.02 7.08 16.40
N GLU D 2095 11.09 6.34 16.68
CA GLU D 2095 12.19 6.25 15.72
C GLU D 2095 11.76 5.60 14.42
N GLU D 2096 10.79 4.68 14.49
CA GLU D 2096 10.24 4.11 13.27
C GLU D 2096 9.57 5.19 12.42
N LEU D 2097 8.82 6.08 13.06
CA LEU D 2097 8.20 7.15 12.28
C LEU D 2097 9.22 8.16 11.74
N ASP D 2098 10.31 8.39 12.47
CA ASP D 2098 11.39 9.22 11.91
C ASP D 2098 12.02 8.61 10.65
N ALA D 2099 12.25 7.30 10.67
CA ALA D 2099 12.75 6.65 9.46
C ALA D 2099 11.73 6.69 8.32
N GLU D 2100 10.45 6.57 8.62
CA GLU D 2100 9.44 6.72 7.58
C GLU D 2100 9.47 8.13 6.98
N LYS D 2101 9.73 9.14 7.82
CA LYS D 2101 9.90 10.49 7.30
C LYS D 2101 11.06 10.55 6.33
N THR D 2102 12.16 9.87 6.67
CA THR D 2102 13.31 9.88 5.75
C THR D 2102 12.93 9.25 4.41
N VAL D 2103 12.11 8.19 4.44
CA VAL D 2103 11.69 7.55 3.20
C VAL D 2103 10.95 8.55 2.33
N LEU D 2104 10.03 9.30 2.94
CA LEU D 2104 9.19 10.18 2.13
C LEU D 2104 10.00 11.31 1.53
N GLU D 2105 10.82 11.98 2.34
CA GLU D 2105 11.49 13.16 1.82
C GLU D 2105 12.57 12.77 0.81
N LYS D 2106 13.20 11.62 1.01
CA LYS D 2106 14.23 11.28 0.05
C LYS D 2106 13.66 10.67 -1.23
N SER D 2107 12.43 10.16 -1.22
CA SER D 2107 11.78 9.94 -2.51
C SER D 2107 11.36 11.25 -3.17
N LYS D 2108 11.05 12.27 -2.36
CA LYS D 2108 10.69 13.55 -2.95
C LYS D 2108 11.86 14.18 -3.68
N ALA D 2109 13.08 13.93 -3.22
CA ALA D 2109 14.23 14.47 -3.96
C ALA D 2109 14.29 13.89 -5.38
N GLY D 2110 13.94 12.61 -5.53
CA GLY D 2110 13.84 12.02 -6.85
C GLY D 2110 12.75 12.61 -7.71
N ALA D 2111 11.60 12.90 -7.11
CA ALA D 2111 10.54 13.55 -7.87
C ALA D 2111 10.95 14.95 -8.31
N GLN D 2112 11.66 15.69 -7.46
CA GLN D 2112 12.13 17.00 -7.84
C GLN D 2112 13.12 16.93 -9.00
N SER D 2113 14.03 15.94 -8.97
CA SER D 2113 14.98 15.79 -10.06
C SER D 2113 14.29 15.44 -11.38
N ARG D 2114 13.17 14.72 -11.31
CA ARG D 2114 12.45 14.44 -12.55
C ARG D 2114 11.73 15.68 -13.04
N PHE D 2115 11.19 16.46 -12.12
CA PHE D 2115 10.40 17.63 -12.49
C PHE D 2115 11.31 18.68 -13.13
N ASP D 2116 12.44 18.96 -12.50
CA ASP D 2116 13.30 20.01 -13.05
C ASP D 2116 13.95 19.55 -14.34
N SER D 2117 14.30 18.26 -14.47
CA SER D 2117 14.88 17.80 -15.73
C SER D 2117 13.90 17.96 -16.88
N TYR D 2118 12.65 17.58 -16.68
CA TYR D 2118 11.64 17.80 -17.72
C TYR D 2118 11.38 19.27 -18.01
N GLY D 2119 11.37 20.11 -16.99
CA GLY D 2119 11.27 21.53 -17.27
C GLY D 2119 12.44 22.07 -18.07
N LYS D 2120 13.65 21.59 -17.78
CA LYS D 2120 14.80 21.99 -18.58
C LYS D 2120 14.71 21.48 -20.01
N LEU D 2121 13.97 20.39 -20.25
CA LEU D 2121 13.83 19.96 -21.64
C LEU D 2121 12.74 20.74 -22.33
N TYR D 2122 11.82 21.30 -21.56
CA TYR D 2122 10.68 22.00 -22.13
C TYR D 2122 11.03 23.43 -22.49
N ASP D 2123 11.64 24.17 -21.56
CA ASP D 2123 11.91 25.58 -21.80
C ASP D 2123 12.83 25.78 -22.99
N GLU D 2124 13.89 24.97 -23.10
CA GLU D 2124 14.75 24.92 -24.29
C GLU D 2124 14.34 23.77 -25.20
N ASN D 2125 13.13 23.89 -25.76
CA ASN D 2125 12.57 22.82 -26.56
C ASN D 2125 13.36 22.49 -27.82
N ILE D 2126 13.84 23.49 -28.55
CA ILE D 2126 14.59 23.26 -29.77
C ILE D 2126 15.99 23.81 -29.61
N ASN D 2127 16.99 22.96 -29.79
CA ASN D 2127 18.36 23.40 -29.61
C ASN D 2127 18.92 23.97 -30.90
N ALA D 2128 20.22 24.28 -30.92
CA ALA D 2128 20.88 24.84 -32.09
C ALA D 2128 21.00 23.89 -33.26
N GLY D 2129 20.80 22.60 -33.05
CA GLY D 2129 20.93 21.64 -34.13
C GLY D 2129 19.62 21.37 -34.82
N GLU D 2130 18.54 21.31 -34.04
CA GLU D 2130 17.24 21.01 -34.61
C GLU D 2130 16.79 22.10 -35.58
N ASN D 2131 16.95 23.37 -35.23
CA ASN D 2131 16.55 24.41 -36.17
C ASN D 2131 17.54 24.56 -37.31
N GLN D 2132 18.79 24.13 -37.12
CA GLN D 2132 19.73 24.16 -38.22
C GLN D 2132 19.26 23.27 -39.35
N ALA D 2133 18.72 22.10 -39.01
CA ALA D 2133 18.18 21.23 -40.03
C ALA D 2133 16.98 21.87 -40.71
N MET D 2134 16.16 22.61 -39.98
CA MET D 2134 15.00 23.27 -40.59
C MET D 2134 15.44 24.28 -41.63
N THR D 2135 16.41 25.12 -41.28
CA THR D 2135 16.92 26.13 -42.21
C THR D 2135 17.58 25.48 -43.41
N LEU D 2136 18.32 24.40 -43.18
CA LEU D 2136 19.00 23.71 -44.26
C LEU D 2136 18.02 23.03 -45.18
N ARG D 2137 16.99 22.41 -44.63
CA ARG D 2137 15.98 21.74 -45.44
C ARG D 2137 15.19 22.75 -46.25
N ALA D 2138 14.83 23.87 -45.65
CA ALA D 2138 14.06 24.86 -46.36
C ALA D 2138 14.87 25.52 -47.46
N SER D 2139 16.19 25.60 -47.33
CA SER D 2139 16.97 26.21 -48.40
C SER D 2139 16.90 25.40 -49.69
N ALA D 2140 16.72 24.07 -49.59
CA ALA D 2140 16.56 23.24 -50.78
C ALA D 2140 15.25 23.50 -51.51
N ALA D 2141 14.21 23.96 -50.81
CA ALA D 2141 12.93 24.24 -51.45
C ALA D 2141 12.97 25.45 -52.36
N GLY D 2142 13.86 26.40 -52.13
CA GLY D 2142 13.96 27.60 -52.92
C GLY D 2142 14.66 27.54 -54.27
N LEU D 2143 15.20 26.39 -54.65
CA LEU D 2143 15.90 26.22 -55.92
C LEU D 2143 15.00 25.90 -57.11
N THR D 2144 13.69 25.74 -56.89
CA THR D 2144 12.83 25.33 -58.00
C THR D 2144 12.71 26.38 -59.09
N THR D 2145 12.71 27.66 -58.74
CA THR D 2145 12.60 28.67 -59.79
C THR D 2145 13.90 28.83 -60.53
N ALA D 2146 15.02 28.58 -59.85
CA ALA D 2146 16.30 28.72 -60.52
C ALA D 2146 16.48 27.60 -61.51
N VAL D 2147 16.16 26.37 -61.11
CA VAL D 2147 16.33 25.27 -62.06
C VAL D 2147 15.33 25.40 -63.21
N GLN D 2148 14.11 25.86 -62.93
CA GLN D 2148 13.14 26.05 -64.00
C GLN D 2148 13.62 27.08 -65.02
N ALA D 2149 14.17 28.19 -64.55
CA ALA D 2149 14.71 29.18 -65.48
C ALA D 2149 15.90 28.62 -66.24
N SER D 2150 16.77 27.86 -65.57
CA SER D 2150 17.96 27.34 -66.24
C SER D 2150 17.58 26.37 -67.35
N ARG D 2151 16.62 25.49 -67.09
CA ARG D 2151 16.24 24.51 -68.10
C ARG D 2151 15.50 25.17 -69.26
N LEU D 2152 14.65 26.15 -68.96
CA LEU D 2152 13.98 26.84 -70.07
C LEU D 2152 14.99 27.60 -70.92
N ALA D 2153 15.97 28.25 -70.29
CA ALA D 2153 16.98 28.99 -71.05
C ALA D 2153 17.81 28.07 -71.93
N GLY D 2154 18.21 26.91 -71.42
CA GLY D 2154 18.97 25.99 -72.25
C GLY D 2154 18.14 25.44 -73.39
N ALA D 2155 16.85 25.19 -73.15
CA ALA D 2155 16.01 24.66 -74.20
C ALA D 2155 15.87 25.67 -75.31
N ALA D 2156 15.57 26.92 -74.96
CA ALA D 2156 15.40 27.94 -75.99
C ALA D 2156 16.69 28.17 -76.75
N ALA D 2157 17.83 28.17 -76.05
CA ALA D 2157 19.11 28.35 -76.74
C ALA D 2157 19.51 27.15 -77.57
N ASP D 2158 18.82 26.02 -77.45
CA ASP D 2158 19.22 24.82 -78.19
C ASP D 2158 18.57 24.68 -79.56
N LEU D 2159 17.40 25.26 -79.78
CA LEU D 2159 16.68 25.10 -81.05
C LEU D 2159 17.37 25.76 -82.23
N VAL D 2160 18.30 26.68 -82.02
CA VAL D 2160 19.00 27.26 -83.17
C VAL D 2160 19.88 26.19 -83.82
N PRO D 2161 20.03 26.18 -85.15
CA PRO D 2161 20.88 25.17 -85.78
C PRO D 2161 22.33 25.35 -85.37
N ASN D 2162 23.08 24.25 -85.42
CA ASN D 2162 24.49 24.29 -85.03
C ASN D 2162 25.49 23.75 -86.02
N ILE D 2163 25.09 23.16 -87.14
CA ILE D 2163 26.02 22.80 -88.20
C ILE D 2163 25.62 23.55 -89.46
N PHE D 2164 26.62 23.93 -90.25
CA PHE D 2164 26.47 24.92 -91.29
C PHE D 2164 27.27 24.51 -92.52
N GLY D 2165 27.07 25.28 -93.58
CA GLY D 2165 27.71 25.00 -94.84
C GLY D 2165 26.90 24.08 -95.72
N PHE D 2166 27.50 22.98 -96.16
CA PHE D 2166 26.76 22.03 -96.97
C PHE D 2166 25.76 21.20 -96.19
N ALA D 2167 26.00 20.92 -94.92
CA ALA D 2167 24.99 20.31 -94.07
C ALA D 2167 24.42 21.36 -93.13
N GLY D 2168 23.09 21.37 -93.00
CA GLY D 2168 22.45 22.35 -92.16
C GLY D 2168 21.65 21.74 -91.04
N GLY D 2169 20.93 22.57 -90.30
CA GLY D 2169 20.13 22.03 -89.22
C GLY D 2169 20.92 21.58 -88.01
N GLY D 2170 20.59 20.39 -87.52
CA GLY D 2170 21.22 19.87 -86.33
C GLY D 2170 20.52 20.27 -85.05
N SER D 2171 19.49 21.10 -85.15
CA SER D 2171 18.69 21.51 -84.00
C SER D 2171 17.79 20.39 -83.51
N ARG D 2172 17.98 19.99 -82.26
CA ARG D 2172 17.17 18.93 -81.66
C ARG D 2172 15.76 19.45 -81.38
N TRP D 2173 14.78 18.91 -82.11
CA TRP D 2173 13.40 19.39 -82.01
C TRP D 2173 12.76 19.08 -80.66
N GLY D 2174 13.22 18.07 -79.96
CA GLY D 2174 12.61 17.72 -78.70
C GLY D 2174 12.99 18.50 -77.48
N ALA D 2175 13.85 19.52 -77.61
CA ALA D 2175 14.43 20.15 -76.43
C ALA D 2175 13.39 20.79 -75.52
N ILE D 2176 12.32 21.34 -76.07
CA ILE D 2176 11.30 21.96 -75.22
C ILE D 2176 10.56 20.92 -74.39
N ALA D 2177 10.27 19.77 -74.98
CA ALA D 2177 9.61 18.71 -74.23
C ALA D 2177 10.53 18.10 -73.18
N GLU D 2178 11.82 18.00 -73.49
CA GLU D 2178 12.79 17.55 -72.49
C GLU D 2178 12.89 18.52 -71.32
N ALA D 2179 12.97 19.82 -71.59
CA ALA D 2179 12.99 20.79 -70.50
C ALA D 2179 11.71 20.76 -69.65
N THR D 2180 10.54 20.67 -70.28
CA THR D 2180 9.31 20.51 -69.49
C THR D 2180 9.31 19.22 -68.67
N GLY D 2181 9.94 18.17 -69.18
CA GLY D 2181 10.04 16.93 -68.41
C GLY D 2181 10.99 17.05 -67.23
N TYR D 2182 12.16 17.64 -67.45
CA TYR D 2182 13.07 17.84 -66.34
C TYR D 2182 12.48 18.71 -65.25
N VAL D 2183 11.88 19.84 -65.60
CA VAL D 2183 11.33 20.67 -64.54
C VAL D 2183 10.15 20.01 -63.83
N MET D 2184 9.37 19.21 -64.55
CA MET D 2184 8.20 18.60 -63.93
C MET D 2184 8.51 17.34 -63.12
N GLU D 2185 9.58 16.62 -63.44
CA GLU D 2185 10.10 15.58 -62.56
C GLU D 2185 10.91 16.10 -61.38
N PHE D 2186 11.62 17.23 -61.53
CA PHE D 2186 12.23 17.88 -60.37
C PHE D 2186 11.19 18.34 -59.35
N SER D 2187 10.12 18.96 -59.82
CA SER D 2187 9.01 19.36 -58.93
C SER D 2187 8.59 18.30 -57.91
N ALA D 2188 8.46 17.04 -58.32
CA ALA D 2188 8.11 15.98 -57.38
C ALA D 2188 9.12 15.83 -56.26
N ASN D 2189 10.42 15.86 -56.58
CA ASN D 2189 11.44 15.78 -55.55
C ASN D 2189 11.39 16.96 -54.59
N VAL D 2190 11.18 18.17 -55.12
CA VAL D 2190 11.14 19.30 -54.20
C VAL D 2190 9.90 19.24 -53.31
N MET D 2191 8.76 18.82 -53.83
CA MET D 2191 7.62 18.62 -52.94
C MET D 2191 7.85 17.54 -51.90
N ASN D 2192 8.59 16.48 -52.20
CA ASN D 2192 8.91 15.53 -51.13
C ASN D 2192 9.81 16.13 -50.06
N THR D 2193 10.81 16.91 -50.47
CA THR D 2193 11.67 17.56 -49.49
C THR D 2193 10.90 18.52 -48.59
N GLU D 2194 10.03 19.32 -49.20
CA GLU D 2194 9.22 20.28 -48.47
C GLU D 2194 8.25 19.59 -47.50
N ALA D 2195 7.54 18.56 -47.96
CA ALA D 2195 6.68 17.80 -47.06
C ALA D 2195 7.45 17.15 -45.93
N ASP D 2196 8.71 16.79 -46.17
CA ASP D 2196 9.51 16.23 -45.08
C ASP D 2196 9.92 17.29 -44.08
N LYS D 2197 10.20 18.52 -44.53
CA LYS D 2197 10.42 19.59 -43.56
C LYS D 2197 9.19 19.83 -42.69
N ILE D 2198 8.00 19.83 -43.28
CA ILE D 2198 6.81 20.04 -42.46
C ILE D 2198 6.61 18.91 -41.47
N SER D 2199 6.78 17.66 -41.91
CA SER D 2199 6.59 16.52 -41.02
C SER D 2199 7.61 16.47 -39.88
N GLN D 2200 8.87 16.86 -40.14
CA GLN D 2200 9.83 17.03 -39.06
C GLN D 2200 9.40 18.08 -38.05
N SER D 2201 8.86 19.19 -38.52
CA SER D 2201 8.41 20.23 -37.61
C SER D 2201 7.27 19.74 -36.72
N GLU D 2202 6.27 19.09 -37.32
CA GLU D 2202 5.19 18.52 -36.53
C GLU D 2202 5.66 17.46 -35.55
N THR D 2203 6.73 16.73 -35.88
CA THR D 2203 7.27 15.77 -34.92
C THR D 2203 7.83 16.47 -33.70
N TYR D 2204 8.66 17.49 -33.91
CA TYR D 2204 9.23 18.20 -32.77
C TYR D 2204 8.14 18.82 -31.89
N ARG D 2205 7.05 19.26 -32.50
CA ARG D 2205 5.95 19.81 -31.72
C ARG D 2205 5.21 18.75 -30.90
N ARG D 2206 4.95 17.58 -31.48
CA ARG D 2206 4.28 16.53 -30.73
C ARG D 2206 5.15 16.07 -29.57
N ARG D 2207 6.46 15.99 -29.80
CA ARG D 2207 7.37 15.61 -28.73
C ARG D 2207 7.30 16.59 -27.57
N ARG D 2208 7.30 17.88 -27.86
CA ARG D 2208 7.22 18.87 -26.79
C ARG D 2208 5.93 18.76 -25.98
N GLN D 2209 4.81 18.50 -26.65
CA GLN D 2209 3.58 18.28 -25.88
C GLN D 2209 3.65 17.06 -24.99
N GLU D 2210 4.28 15.99 -25.45
CA GLU D 2210 4.45 14.85 -24.55
C GLU D 2210 5.33 15.20 -23.35
N TRP D 2211 6.30 16.09 -23.51
CA TRP D 2211 7.01 16.57 -22.33
C TRP D 2211 6.18 17.43 -21.40
N GLU D 2212 5.14 18.10 -21.88
CA GLU D 2212 4.18 18.67 -20.92
C GLU D 2212 3.43 17.63 -20.13
N ILE D 2213 2.99 16.56 -20.78
CA ILE D 2213 2.31 15.51 -20.02
C ILE D 2213 3.23 14.95 -18.93
N GLN D 2214 4.51 14.74 -19.26
CA GLN D 2214 5.44 14.19 -18.29
C GLN D 2214 5.77 15.19 -17.19
N ARG D 2215 6.02 16.45 -17.53
CA ARG D 2215 6.36 17.44 -16.51
C ARG D 2215 5.22 17.66 -15.55
N ASN D 2216 4.00 17.73 -16.06
CA ASN D 2216 2.85 17.91 -15.17
C ASN D 2216 2.66 16.69 -14.27
N ASN D 2217 2.89 15.48 -14.80
CA ASN D 2217 2.80 14.30 -13.94
C ASN D 2217 3.84 14.35 -12.81
N ALA D 2218 5.06 14.74 -13.12
CA ALA D 2218 6.09 14.85 -12.09
C ALA D 2218 5.76 15.92 -11.08
N GLU D 2219 5.25 17.06 -11.51
CA GLU D 2219 4.90 18.10 -10.55
C GLU D 2219 3.77 17.66 -9.62
N ALA D 2220 2.77 16.98 -10.15
CA ALA D 2220 1.69 16.48 -9.29
C ALA D 2220 2.19 15.47 -8.26
N GLU D 2221 3.07 14.55 -8.66
CA GLU D 2221 3.65 13.61 -7.70
C GLU D 2221 4.46 14.33 -6.63
N LEU D 2222 5.23 15.34 -7.04
CA LEU D 2222 5.95 16.14 -6.07
C LEU D 2222 4.99 16.81 -5.10
N LYS D 2223 3.89 17.34 -5.61
CA LYS D 2223 2.95 18.06 -4.76
C LYS D 2223 2.29 17.11 -3.77
N GLN D 2224 1.92 15.89 -4.18
CA GLN D 2224 1.26 15.00 -3.23
C GLN D 2224 2.22 14.49 -2.16
N ILE D 2225 3.53 14.48 -2.43
CA ILE D 2225 4.44 13.99 -1.38
C ILE D 2225 4.48 14.96 -0.20
N ASP D 2226 4.39 16.26 -0.47
CA ASP D 2226 4.43 17.22 0.62
C ASP D 2226 3.27 17.01 1.58
N ALA D 2227 2.07 16.76 1.05
CA ALA D 2227 0.95 16.48 1.93
C ALA D 2227 1.13 15.16 2.65
N GLN D 2228 1.82 14.19 2.03
CA GLN D 2228 2.10 12.96 2.76
C GLN D 2228 2.97 13.26 3.98
N LEU D 2229 3.95 14.14 3.80
CA LEU D 2229 4.79 14.55 4.93
C LEU D 2229 4.00 15.26 6.01
N LYS D 2230 3.03 16.10 5.62
CA LYS D 2230 2.21 16.77 6.63
C LYS D 2230 1.42 15.76 7.47
N SER D 2231 0.85 14.75 6.82
CA SER D 2231 0.14 13.72 7.56
C SER D 2231 1.08 12.97 8.48
N LEU D 2232 2.28 12.65 8.00
CA LEU D 2232 3.22 11.95 8.88
C LEU D 2232 3.68 12.82 10.04
N ALA D 2233 3.80 14.13 9.84
CA ALA D 2233 4.16 15.00 10.94
C ALA D 2233 3.12 14.95 12.03
N VAL D 2234 1.84 14.91 11.65
CA VAL D 2234 0.80 14.71 12.66
C VAL D 2234 0.97 13.36 13.34
N ARG D 2235 1.08 12.30 12.55
CA ARG D 2235 1.14 10.94 13.11
C ARG D 2235 2.27 10.82 14.13
N ARG D 2236 3.36 11.53 13.91
CA ARG D 2236 4.47 11.57 14.85
C ARG D 2236 4.15 12.41 16.08
N GLU D 2237 3.46 13.54 15.93
CA GLU D 2237 3.00 14.24 17.12
C GLU D 2237 2.10 13.36 18.00
N ALA D 2238 1.20 12.60 17.39
CA ALA D 2238 0.39 11.65 18.17
C ALA D 2238 1.19 10.51 18.77
N ALA D 2239 2.37 10.21 18.26
CA ALA D 2239 3.14 9.14 18.89
C ALA D 2239 3.97 9.67 20.07
N VAL D 2240 4.53 10.86 19.94
CA VAL D 2240 5.06 11.55 21.11
C VAL D 2240 4.01 11.73 22.20
N LEU D 2241 2.78 12.09 21.83
CA LEU D 2241 1.75 12.23 22.85
C LEU D 2241 1.39 10.90 23.50
N GLN D 2242 1.44 9.79 22.75
CA GLN D 2242 1.25 8.49 23.38
C GLN D 2242 2.35 8.21 24.38
N LYS D 2243 3.57 8.63 24.07
CA LYS D 2243 4.64 8.48 25.05
C LYS D 2243 4.34 9.27 26.31
N THR D 2244 3.82 10.48 26.16
CA THR D 2244 3.48 11.28 27.35
C THR D 2244 2.44 10.57 28.23
N SER D 2245 1.45 9.97 27.60
CA SER D 2245 0.47 9.18 28.36
C SER D 2245 1.10 7.99 29.08
N LEU D 2246 2.02 7.28 28.42
CA LEU D 2246 2.64 6.15 29.08
C LEU D 2246 3.55 6.60 30.22
N LYS D 2247 4.25 7.70 30.03
CA LYS D 2247 5.09 8.21 31.11
C LYS D 2247 4.24 8.63 32.29
N THR D 2248 3.06 9.20 32.04
CA THR D 2248 2.20 9.52 33.17
C THR D 2248 1.77 8.26 33.91
N GLN D 2249 1.45 7.19 33.17
CA GLN D 2249 1.03 5.96 33.84
C GLN D 2249 2.13 5.39 34.74
N GLN D 2250 3.38 5.52 34.34
CA GLN D 2250 4.47 5.11 35.23
C GLN D 2250 4.45 5.84 36.57
N GLU D 2251 4.23 7.14 36.55
CA GLU D 2251 4.09 7.91 37.78
C GLU D 2251 2.85 7.53 38.57
N GLN D 2252 1.74 7.26 37.91
CA GLN D 2252 0.52 6.89 38.64
C GLN D 2252 0.68 5.53 39.33
N THR D 2253 1.40 4.60 38.70
CA THR D 2253 1.70 3.33 39.36
C THR D 2253 2.66 3.53 40.53
N GLN D 2254 3.60 4.47 40.40
CA GLN D 2254 4.47 4.75 41.55
C GLN D 2254 3.71 5.42 42.69
N SER D 2255 2.81 6.34 42.40
CA SER D 2255 2.01 6.96 43.45
C SER D 2255 1.12 5.95 44.16
N GLN D 2256 0.51 5.04 43.42
CA GLN D 2256 -0.28 3.99 44.07
C GLN D 2256 0.58 3.02 44.87
N LEU D 2257 1.76 2.67 44.38
CA LEU D 2257 2.64 1.81 45.16
C LEU D 2257 3.07 2.51 46.44
N ALA D 2258 3.38 3.80 46.35
CA ALA D 2258 3.78 4.52 47.54
C ALA D 2258 2.63 4.58 48.53
N PHE D 2259 1.41 4.75 48.06
CA PHE D 2259 0.31 4.78 49.00
C PHE D 2259 0.15 3.45 49.71
N LEU D 2260 0.36 2.35 48.99
CA LEU D 2260 0.27 1.04 49.64
C LEU D 2260 1.35 0.84 50.68
N GLN D 2261 2.53 1.41 50.46
CA GLN D 2261 3.58 1.25 51.46
C GLN D 2261 3.42 2.20 52.64
N ARG D 2262 2.94 3.40 52.40
CA ARG D 2262 2.88 4.45 53.41
C ARG D 2262 1.65 4.40 54.31
N LYS D 2263 0.55 3.81 53.85
CA LYS D 2263 -0.64 3.77 54.68
C LYS D 2263 -0.38 2.98 55.96
N PHE D 2264 -1.18 3.29 56.97
CA PHE D 2264 -1.50 2.39 58.07
C PHE D 2264 -2.41 1.28 57.57
N SER D 2265 -2.44 0.16 58.31
CA SER D 2265 -3.04 -1.09 57.83
C SER D 2265 -2.22 -1.72 56.72
N ASN D 2266 -0.92 -1.52 56.74
CA ASN D 2266 -0.03 -2.10 55.74
C ASN D 2266 0.55 -3.41 56.24
N GLN D 2267 1.30 -4.04 55.35
CA GLN D 2267 1.97 -5.32 55.63
C GLN D 2267 2.65 -5.36 56.99
N ALA D 2268 3.41 -4.33 57.35
CA ALA D 2268 4.15 -4.41 58.61
C ALA D 2268 3.25 -4.41 59.84
N LEU D 2269 2.10 -3.73 59.80
CA LEU D 2269 1.16 -3.87 60.90
C LEU D 2269 0.61 -5.28 61.02
N TYR D 2270 0.25 -5.90 59.90
CA TYR D 2270 -0.30 -7.24 60.00
C TYR D 2270 0.76 -8.24 60.42
N ASN D 2271 2.01 -8.04 60.02
CA ASN D 2271 3.07 -8.92 60.49
C ASN D 2271 3.22 -8.83 61.99
N TRP D 2272 3.18 -7.61 62.53
CA TRP D 2272 3.27 -7.50 63.98
C TRP D 2272 2.06 -8.11 64.66
N LEU D 2273 0.87 -7.93 64.12
CA LEU D 2273 -0.31 -8.52 64.73
C LEU D 2273 -0.23 -10.03 64.74
N ARG D 2274 0.23 -10.63 63.64
CA ARG D 2274 0.35 -12.08 63.61
C ARG D 2274 1.33 -12.58 64.65
N GLY D 2275 2.51 -11.96 64.75
CA GLY D 2275 3.49 -12.45 65.69
C GLY D 2275 3.04 -12.29 67.14
N ARG D 2276 2.50 -11.13 67.48
CA ARG D 2276 2.05 -10.89 68.84
C ARG D 2276 0.89 -11.79 69.22
N LEU D 2277 -0.06 -11.96 68.31
CA LEU D 2277 -1.21 -12.79 68.63
C LEU D 2277 -0.83 -14.25 68.72
N ALA D 2278 0.08 -14.73 67.88
CA ALA D 2278 0.49 -16.12 67.96
C ALA D 2278 1.15 -16.43 69.30
N ALA D 2279 2.00 -15.51 69.78
CA ALA D 2279 2.60 -15.71 71.10
C ALA D 2279 1.55 -15.73 72.21
N ILE D 2280 0.57 -14.83 72.13
CA ILE D 2280 -0.49 -14.85 73.14
C ILE D 2280 -1.29 -16.13 73.04
N TYR D 2281 -1.58 -16.58 71.84
CA TYR D 2281 -2.39 -17.77 71.64
C TYR D 2281 -1.76 -18.99 72.24
N PHE D 2282 -0.45 -19.17 72.07
CA PHE D 2282 0.17 -20.36 72.66
C PHE D 2282 0.23 -20.28 74.18
N GLN D 2283 0.50 -19.10 74.73
CA GLN D 2283 0.52 -19.03 76.19
C GLN D 2283 -0.86 -19.30 76.78
N PHE D 2284 -1.88 -18.74 76.16
CA PHE D 2284 -3.23 -18.92 76.67
C PHE D 2284 -3.73 -20.34 76.46
N TYR D 2285 -3.24 -21.04 75.44
CA TYR D 2285 -3.53 -22.46 75.33
C TYR D 2285 -2.93 -23.27 76.46
N ASP D 2286 -1.69 -22.96 76.84
CA ASP D 2286 -1.12 -23.68 77.99
C ASP D 2286 -1.93 -23.48 79.25
N LEU D 2287 -2.43 -22.26 79.47
CA LEU D 2287 -3.34 -22.05 80.60
C LEU D 2287 -4.66 -22.80 80.46
N ALA D 2288 -5.23 -22.85 79.27
CA ALA D 2288 -6.49 -23.56 79.08
C ALA D 2288 -6.33 -25.04 79.37
N VAL D 2289 -5.32 -25.67 78.80
CA VAL D 2289 -5.17 -27.11 78.99
C VAL D 2289 -4.86 -27.45 80.44
N ALA D 2290 -4.07 -26.62 81.12
CA ALA D 2290 -3.91 -26.82 82.56
C ALA D 2290 -5.24 -26.77 83.31
N ARG D 2291 -6.15 -25.90 82.88
CA ARG D 2291 -7.45 -25.84 83.54
C ARG D 2291 -8.33 -27.05 83.23
N CYS D 2292 -8.27 -27.54 82.00
CA CYS D 2292 -9.03 -28.73 81.66
C CYS D 2292 -8.53 -29.98 82.39
N LEU D 2293 -7.21 -30.14 82.52
CA LEU D 2293 -6.72 -31.24 83.35
C LEU D 2293 -7.02 -31.06 84.83
N MET D 2294 -7.30 -29.85 85.27
CA MET D 2294 -7.82 -29.70 86.63
C MET D 2294 -9.27 -30.11 86.77
N ALA D 2295 -10.10 -29.81 85.78
CA ALA D 2295 -11.44 -30.38 85.76
C ALA D 2295 -11.44 -31.89 85.62
N GLU D 2296 -10.43 -32.45 84.97
CA GLU D 2296 -10.37 -33.90 84.86
C GLU D 2296 -9.96 -34.58 86.16
N GLN D 2297 -9.10 -33.95 86.96
CA GLN D 2297 -8.89 -34.48 88.31
C GLN D 2297 -10.13 -34.35 89.18
N ALA D 2298 -10.85 -33.23 89.06
CA ALA D 2298 -12.09 -33.12 89.82
C ALA D 2298 -13.07 -34.22 89.44
N TYR D 2299 -13.16 -34.54 88.15
CA TYR D 2299 -14.01 -35.66 87.73
C TYR D 2299 -13.51 -36.98 88.29
N ARG D 2300 -12.22 -37.28 88.13
CA ARG D 2300 -11.66 -38.53 88.62
C ARG D 2300 -11.62 -38.61 90.13
N TRP D 2301 -12.17 -37.64 90.82
CA TRP D 2301 -12.38 -37.76 92.25
C TRP D 2301 -13.82 -37.67 92.70
N GLU D 2302 -14.69 -36.92 92.01
CA GLU D 2302 -16.11 -37.00 92.35
C GLU D 2302 -16.68 -38.38 92.02
N LEU D 2303 -16.28 -38.95 90.90
CA LEU D 2303 -16.35 -40.39 90.67
C LEU D 2303 -14.99 -41.01 90.87
N ASN D 2304 -14.95 -42.34 90.88
CA ASN D 2304 -13.74 -43.06 91.22
C ASN D 2304 -12.99 -43.58 89.98
N ASP D 2305 -13.35 -43.09 88.79
CA ASP D 2305 -12.90 -43.67 87.52
C ASP D 2305 -11.52 -43.13 87.14
N ASP D 2306 -10.53 -43.46 87.98
CA ASP D 2306 -9.15 -43.04 87.76
C ASP D 2306 -8.62 -43.42 86.39
N SER D 2307 -9.19 -44.44 85.77
CA SER D 2307 -8.72 -44.84 84.44
C SER D 2307 -9.20 -43.88 83.34
N ALA D 2308 -10.36 -43.27 83.49
CA ALA D 2308 -10.95 -42.46 82.44
C ALA D 2308 -10.19 -41.15 82.25
N ARG D 2309 -9.50 -41.02 81.11
CA ARG D 2309 -8.83 -39.78 80.73
C ARG D 2309 -9.43 -39.31 79.42
N PHE D 2310 -9.84 -38.05 79.38
CA PHE D 2310 -10.52 -37.48 78.22
C PHE D 2310 -9.70 -36.48 77.44
N ILE D 2311 -8.83 -35.73 78.10
CA ILE D 2311 -7.96 -34.78 77.41
C ILE D 2311 -6.81 -35.51 76.74
N LYS D 2312 -6.70 -35.35 75.42
CA LYS D 2312 -5.69 -35.95 74.57
C LYS D 2312 -4.61 -34.94 74.22
N PRO D 2313 -3.39 -35.40 73.94
CA PRO D 2313 -2.31 -34.46 73.60
C PRO D 2313 -2.44 -33.78 72.24
N GLY D 2314 -3.30 -34.27 71.37
CA GLY D 2314 -3.39 -33.81 70.00
C GLY D 2314 -4.09 -32.50 69.74
N ALA D 2315 -4.42 -31.72 70.78
CA ALA D 2315 -5.24 -30.54 70.56
C ALA D 2315 -4.51 -29.44 69.81
N TRP D 2316 -3.18 -29.41 69.91
CA TRP D 2316 -2.38 -28.37 69.28
C TRP D 2316 -1.45 -28.98 68.25
N GLN D 2317 -1.29 -28.29 67.13
CA GLN D 2317 -0.43 -28.75 66.04
C GLN D 2317 0.29 -27.55 65.47
N GLY D 2318 1.63 -27.57 65.53
CA GLY D 2318 2.42 -26.46 65.05
C GLY D 2318 2.51 -26.34 63.55
N THR D 2319 2.11 -27.37 62.81
CA THR D 2319 2.13 -27.27 61.34
C THR D 2319 1.17 -26.20 60.87
N TYR D 2320 0.01 -26.09 61.50
CA TYR D 2320 -1.06 -25.21 61.06
C TYR D 2320 -1.27 -24.08 62.05
N ALA D 2321 -0.20 -23.65 62.72
CA ALA D 2321 -0.21 -22.56 63.68
C ALA D 2321 -1.16 -22.80 64.83
N GLY D 2322 -1.55 -24.04 65.06
CA GLY D 2322 -2.43 -24.33 66.17
C GLY D 2322 -3.83 -23.78 66.01
N LEU D 2323 -4.25 -23.53 64.78
CA LEU D 2323 -5.59 -23.03 64.54
C LEU D 2323 -6.63 -24.06 64.92
N LEU D 2324 -7.79 -23.58 65.33
CA LEU D 2324 -8.92 -24.37 65.81
C LEU D 2324 -8.67 -25.04 67.16
N ALA D 2325 -7.46 -24.94 67.72
CA ALA D 2325 -7.06 -25.74 68.87
C ALA D 2325 -8.07 -25.73 70.01
N GLY D 2326 -8.78 -24.63 70.23
CA GLY D 2326 -9.73 -24.61 71.34
C GLY D 2326 -10.99 -25.41 71.12
N GLU D 2327 -11.37 -25.67 69.88
CA GLU D 2327 -12.65 -26.31 69.67
C GLU D 2327 -12.59 -27.81 69.95
N THR D 2328 -11.40 -28.40 69.87
CA THR D 2328 -11.21 -29.75 70.38
C THR D 2328 -11.38 -29.80 71.89
N LEU D 2329 -10.87 -28.81 72.61
CA LEU D 2329 -11.08 -28.81 74.05
C LEU D 2329 -12.55 -28.62 74.38
N MET D 2330 -13.25 -27.78 73.61
CA MET D 2330 -14.68 -27.61 73.83
C MET D 2330 -15.43 -28.93 73.66
N LEU D 2331 -15.10 -29.68 72.61
CA LEU D 2331 -15.69 -31.01 72.45
C LEU D 2331 -15.32 -31.95 73.58
N SER D 2332 -14.08 -31.91 74.06
CA SER D 2332 -13.66 -32.82 75.12
C SER D 2332 -14.36 -32.51 76.44
N LEU D 2333 -14.58 -31.24 76.74
CA LEU D 2333 -15.37 -30.89 77.91
C LEU D 2333 -16.85 -31.23 77.74
N ALA D 2334 -17.40 -31.12 76.54
CA ALA D 2334 -18.77 -31.59 76.37
C ALA D 2334 -18.90 -33.10 76.58
N GLN D 2335 -17.87 -33.87 76.22
CA GLN D 2335 -17.88 -35.28 76.59
C GLN D 2335 -17.74 -35.49 78.09
N MET D 2336 -16.85 -34.73 78.73
CA MET D 2336 -16.67 -34.86 80.17
C MET D 2336 -17.94 -34.51 80.93
N GLU D 2337 -18.73 -33.56 80.43
CA GLU D 2337 -20.03 -33.27 81.02
C GLU D 2337 -21.05 -34.38 80.78
N ASP D 2338 -21.18 -34.83 79.54
CA ASP D 2338 -22.25 -35.77 79.24
C ASP D 2338 -22.01 -37.14 79.86
N ALA D 2339 -20.76 -37.57 79.96
CA ALA D 2339 -20.49 -38.82 80.65
C ALA D 2339 -20.72 -38.71 82.15
N HIS D 2340 -20.47 -37.54 82.74
CA HIS D 2340 -20.87 -37.32 84.12
C HIS D 2340 -22.38 -37.40 84.29
N LEU D 2341 -23.12 -36.68 83.45
CA LEU D 2341 -24.58 -36.74 83.53
C LEU D 2341 -25.14 -38.14 83.39
N LYS D 2342 -24.51 -39.00 82.59
CA LYS D 2342 -24.98 -40.38 82.55
C LYS D 2342 -24.53 -41.21 83.75
N ARG D 2343 -23.26 -41.11 84.13
CA ARG D 2343 -22.76 -41.96 85.23
C ARG D 2343 -23.27 -41.50 86.59
N ASP D 2344 -23.18 -40.21 86.87
CA ASP D 2344 -23.49 -39.71 88.20
C ASP D 2344 -24.97 -39.76 88.51
N LYS D 2345 -25.32 -40.35 89.66
CA LYS D 2345 -26.71 -40.48 90.08
C LYS D 2345 -26.78 -40.32 91.59
N ARG D 2346 -27.99 -40.08 92.08
CA ARG D 2346 -28.18 -39.75 93.50
C ARG D 2346 -27.57 -40.77 94.46
N ALA D 2347 -26.57 -40.31 95.20
CA ALA D 2347 -25.97 -41.08 96.28
C ALA D 2347 -26.80 -40.98 97.56
N LEU D 2348 -27.11 -42.13 98.17
CA LEU D 2348 -27.93 -42.14 99.36
C LEU D 2348 -27.15 -41.59 100.54
N GLU D 2349 -27.83 -41.40 101.66
CA GLU D 2349 -27.25 -40.73 102.81
C GLU D 2349 -27.29 -41.65 104.01
N VAL D 2350 -26.32 -41.50 104.91
CA VAL D 2350 -26.44 -41.91 106.31
C VAL D 2350 -25.71 -40.89 107.16
N GLU D 2351 -26.20 -40.71 108.38
CA GLU D 2351 -25.40 -40.21 109.50
C GLU D 2351 -25.23 -41.32 110.53
N ARG D 2352 -23.99 -41.78 110.72
CA ARG D 2352 -23.65 -42.66 111.83
C ARG D 2352 -22.88 -41.85 112.88
N THR D 2353 -23.28 -42.03 114.14
CA THR D 2353 -22.47 -41.58 115.26
C THR D 2353 -21.50 -42.66 115.72
N VAL D 2354 -20.25 -42.25 115.91
CA VAL D 2354 -19.17 -43.13 116.34
C VAL D 2354 -18.58 -42.57 117.62
N SER D 2355 -18.63 -43.35 118.70
CA SER D 2355 -18.06 -42.94 119.97
C SER D 2355 -16.69 -43.59 120.12
N LEU D 2356 -15.66 -42.75 120.24
CA LEU D 2356 -14.29 -43.23 120.41
C LEU D 2356 -14.05 -43.93 121.75
N ALA D 2357 -14.77 -43.53 122.79
CA ALA D 2357 -14.67 -44.23 124.08
C ALA D 2357 -15.18 -45.65 124.01
N GLU D 2358 -16.19 -45.91 123.19
CA GLU D 2358 -16.65 -47.28 122.97
C GLU D 2358 -15.76 -48.02 121.98
N VAL D 2359 -15.22 -47.33 120.98
CA VAL D 2359 -14.32 -47.98 120.04
C VAL D 2359 -13.08 -48.50 120.76
N TYR D 2360 -12.46 -47.66 121.59
CA TYR D 2360 -11.31 -48.16 122.33
C TYR D 2360 -11.70 -49.08 123.48
N ALA D 2361 -12.85 -48.85 124.11
CA ALA D 2361 -13.20 -49.73 125.23
C ALA D 2361 -13.56 -51.12 124.74
N GLY D 2362 -14.15 -51.22 123.55
CA GLY D 2362 -14.51 -52.48 122.93
C GLY D 2362 -13.42 -53.10 122.10
N LEU D 2363 -12.19 -52.61 122.22
CA LEU D 2363 -11.10 -53.05 121.36
C LEU D 2363 -10.85 -54.55 121.54
N PRO D 2364 -10.69 -55.29 120.45
CA PRO D 2364 -10.35 -56.72 120.57
C PRO D 2364 -9.13 -56.96 121.43
N LYS D 2365 -9.24 -57.96 122.30
CA LYS D 2365 -8.34 -58.13 123.44
C LYS D 2365 -6.92 -58.52 123.03
N ASP D 2366 -6.68 -58.81 121.75
CA ASP D 2366 -5.31 -58.93 121.28
C ASP D 2366 -4.57 -57.60 121.28
N ASN D 2367 -5.30 -56.50 121.47
CA ASN D 2367 -4.73 -55.24 121.90
C ASN D 2367 -5.36 -54.87 123.24
N GLY D 2368 -4.59 -54.21 124.10
CA GLY D 2368 -5.08 -53.86 125.41
C GLY D 2368 -6.22 -52.87 125.41
N PRO D 2369 -7.40 -53.32 125.83
CA PRO D 2369 -8.58 -52.46 125.80
C PRO D 2369 -8.54 -51.46 126.94
N PHE D 2370 -8.93 -50.22 126.64
CA PHE D 2370 -8.84 -49.15 127.62
C PHE D 2370 -9.90 -48.09 127.31
N SER D 2371 -10.48 -47.54 128.38
CA SER D 2371 -11.33 -46.36 128.30
C SER D 2371 -10.50 -45.12 128.47
N LEU D 2372 -10.84 -44.06 127.72
CA LEU D 2372 -9.98 -42.89 127.69
C LEU D 2372 -9.89 -42.17 129.03
N ALA D 2373 -10.78 -42.49 129.98
CA ALA D 2373 -10.79 -41.78 131.24
C ALA D 2373 -9.50 -41.98 132.01
N GLN D 2374 -9.00 -43.22 132.03
CA GLN D 2374 -7.85 -43.56 132.86
C GLN D 2374 -6.51 -43.43 132.14
N GLU D 2375 -6.51 -43.07 130.87
CA GLU D 2375 -5.25 -42.77 130.18
C GLU D 2375 -5.09 -41.31 129.81
N ILE D 2376 -6.18 -40.58 129.58
CA ILE D 2376 -6.04 -39.14 129.35
C ILE D 2376 -5.45 -38.50 130.60
N ASP D 2377 -5.99 -38.85 131.75
CA ASP D 2377 -5.73 -38.19 133.02
C ASP D 2377 -4.46 -38.72 133.70
N LYS D 2378 -3.70 -39.57 133.04
CA LYS D 2378 -2.32 -39.86 133.42
C LYS D 2378 -1.30 -39.56 132.33
N LEU D 2379 -1.70 -39.57 131.05
CA LEU D 2379 -0.87 -39.00 130.01
C LEU D 2379 -0.96 -37.49 129.94
N VAL D 2380 -1.89 -36.87 130.67
CA VAL D 2380 -1.73 -35.46 131.00
C VAL D 2380 -0.61 -35.31 132.02
N SER D 2381 -0.60 -36.15 133.05
CA SER D 2381 0.24 -35.94 134.21
C SER D 2381 1.68 -36.37 133.95
N GLN D 2382 1.87 -37.45 133.21
CA GLN D 2382 3.20 -37.92 132.83
C GLN D 2382 3.49 -37.59 131.37
N GLY D 2383 4.76 -37.31 131.11
CA GLY D 2383 5.23 -36.87 129.81
C GLY D 2383 5.30 -37.93 128.72
N SER D 2384 4.93 -39.17 129.01
CA SER D 2384 4.96 -40.20 127.99
C SER D 2384 4.07 -41.35 128.41
N GLY D 2385 3.70 -42.17 127.43
CA GLY D 2385 2.95 -43.38 127.68
C GLY D 2385 2.18 -43.79 126.45
N SER D 2386 1.59 -44.97 126.51
CA SER D 2386 0.68 -45.38 125.45
C SER D 2386 -0.25 -46.47 125.96
N ALA D 2387 -1.31 -46.71 125.19
CA ALA D 2387 -2.20 -47.84 125.40
C ALA D 2387 -2.76 -48.27 124.05
N GLY D 2388 -3.25 -49.50 124.01
CA GLY D 2388 -3.63 -50.13 122.76
C GLY D 2388 -2.42 -50.48 121.91
N SER D 2389 -2.69 -50.73 120.63
CA SER D 2389 -1.64 -51.08 119.68
C SER D 2389 -2.03 -50.63 118.28
N GLY D 2390 -1.02 -50.51 117.43
CA GLY D 2390 -1.21 -50.17 116.03
C GLY D 2390 -1.95 -48.87 115.81
N ASN D 2391 -2.78 -48.85 114.76
CA ASN D 2391 -3.58 -47.68 114.42
C ASN D 2391 -4.56 -47.28 115.51
N ASN D 2392 -4.76 -48.11 116.53
CA ASN D 2392 -5.81 -47.87 117.51
C ASN D 2392 -5.23 -47.50 118.87
N ASN D 2393 -4.02 -46.95 118.90
CA ASN D 2393 -3.37 -46.60 120.14
C ASN D 2393 -3.69 -45.17 120.53
N LEU D 2394 -3.26 -44.81 121.73
CA LEU D 2394 -3.22 -43.42 122.18
C LEU D 2394 -1.83 -43.15 122.73
N ALA D 2395 -1.23 -42.03 122.36
CA ALA D 2395 0.18 -41.81 122.65
C ALA D 2395 0.49 -40.33 122.56
N PHE D 2396 1.66 -39.95 123.07
CA PHE D 2396 2.23 -38.65 122.81
C PHE D 2396 2.68 -38.49 121.35
N GLY D 2397 2.67 -37.24 120.91
CA GLY D 2397 3.12 -36.93 119.56
C GLY D 2397 4.56 -37.36 119.32
N ALA D 2398 4.82 -37.81 118.09
CA ALA D 2398 6.13 -38.29 117.69
C ALA D 2398 7.07 -37.16 117.30
N GLY D 2399 6.61 -36.27 116.40
CA GLY D 2399 7.48 -35.25 115.86
C GLY D 2399 7.87 -34.17 116.85
N THR D 2400 9.02 -33.54 116.54
CA THR D 2400 9.74 -32.72 117.51
C THR D 2400 8.91 -31.55 118.04
N ASP D 2401 7.93 -31.08 117.28
CA ASP D 2401 7.05 -30.04 117.81
C ASP D 2401 5.82 -30.63 118.49
N THR D 2402 5.55 -31.92 118.29
CA THR D 2402 4.37 -32.56 118.83
C THR D 2402 4.62 -33.19 120.20
N LYS D 2403 5.82 -33.03 120.77
CA LYS D 2403 6.18 -33.80 121.96
C LYS D 2403 5.38 -33.38 123.18
N THR D 2404 4.80 -32.19 123.18
CA THR D 2404 3.83 -31.79 124.18
C THR D 2404 2.40 -32.16 123.81
N SER D 2405 2.18 -32.68 122.61
CA SER D 2405 0.84 -32.91 122.11
C SER D 2405 0.42 -34.36 122.33
N LEU D 2406 -0.85 -34.54 122.64
CA LEU D 2406 -1.44 -35.85 122.90
C LEU D 2406 -2.35 -36.20 121.75
N GLN D 2407 -2.14 -37.37 121.15
CA GLN D 2407 -2.92 -37.77 119.99
C GLN D 2407 -3.59 -39.10 120.25
N ALA D 2408 -4.81 -39.24 119.73
CA ALA D 2408 -5.60 -40.47 119.84
C ALA D 2408 -5.87 -40.98 118.44
N SER D 2409 -5.33 -42.15 118.12
CA SER D 2409 -5.38 -42.73 116.79
C SER D 2409 -6.41 -43.86 116.74
N VAL D 2410 -7.15 -43.92 115.64
CA VAL D 2410 -8.16 -44.96 115.41
C VAL D 2410 -8.13 -45.26 113.92
N SER D 2411 -8.55 -46.47 113.55
CA SER D 2411 -8.75 -46.79 112.15
C SER D 2411 -10.19 -47.12 111.82
N PHE D 2412 -10.61 -46.64 110.65
CA PHE D 2412 -11.89 -47.00 110.05
C PHE D 2412 -12.07 -48.51 109.95
N ALA D 2413 -10.98 -49.26 109.82
CA ALA D 2413 -11.05 -50.72 109.82
C ALA D 2413 -11.67 -51.25 111.11
N ASP D 2414 -11.48 -50.54 112.21
CA ASP D 2414 -12.12 -50.91 113.47
C ASP D 2414 -13.52 -50.32 113.62
N LEU D 2415 -13.81 -49.21 112.95
CA LEU D 2415 -15.18 -48.73 112.90
C LEU D 2415 -16.11 -49.70 112.17
N LYS D 2416 -15.58 -50.52 111.26
CA LYS D 2416 -16.30 -51.63 110.62
C LYS D 2416 -17.63 -51.18 110.00
N ILE D 2417 -17.68 -49.95 109.51
CA ILE D 2417 -18.93 -49.32 109.10
C ILE D 2417 -19.55 -50.03 107.90
N ARG D 2418 -18.76 -50.68 107.06
CA ARG D 2418 -19.31 -51.51 105.98
C ARG D 2418 -20.23 -52.62 106.46
N GLU D 2419 -20.22 -52.96 107.75
CA GLU D 2419 -21.14 -53.94 108.30
C GLU D 2419 -22.50 -53.36 108.66
N ASP D 2420 -22.70 -52.04 108.48
CA ASP D 2420 -23.97 -51.41 108.82
C ASP D 2420 -25.08 -51.71 107.83
N TYR D 2421 -24.78 -52.08 106.60
CA TYR D 2421 -25.82 -52.20 105.59
C TYR D 2421 -25.53 -53.39 104.69
N PRO D 2422 -26.55 -53.91 104.02
CA PRO D 2422 -26.31 -54.90 102.95
C PRO D 2422 -25.39 -54.36 101.87
N ALA D 2423 -24.63 -55.28 101.28
CA ALA D 2423 -23.68 -54.90 100.24
C ALA D 2423 -24.39 -54.44 98.98
N SER D 2424 -25.55 -55.03 98.68
CA SER D 2424 -26.23 -54.73 97.43
C SER D 2424 -26.91 -53.37 97.43
N LEU D 2425 -26.99 -52.72 98.59
CA LEU D 2425 -27.40 -51.32 98.61
C LEU D 2425 -26.42 -50.44 97.84
N GLY D 2426 -25.14 -50.80 97.84
CA GLY D 2426 -24.14 -50.08 97.08
C GLY D 2426 -22.74 -50.46 97.49
N LYS D 2427 -21.86 -50.63 96.49
CA LYS D 2427 -20.55 -51.20 96.70
C LYS D 2427 -19.50 -50.22 97.22
N ILE D 2428 -19.68 -48.91 97.03
CA ILE D 2428 -18.75 -47.95 97.61
C ILE D 2428 -19.44 -47.07 98.64
N ARG D 2429 -18.68 -46.73 99.67
CA ARG D 2429 -19.10 -45.87 100.78
C ARG D 2429 -18.06 -44.78 100.92
N ARG D 2430 -18.49 -43.52 100.90
CA ARG D 2430 -17.54 -42.41 100.95
C ARG D 2430 -18.03 -41.38 101.95
N ILE D 2431 -17.08 -40.85 102.72
CA ILE D 2431 -17.36 -39.74 103.62
C ILE D 2431 -17.77 -38.50 102.83
N LYS D 2432 -18.84 -37.85 103.27
CA LYS D 2432 -19.17 -36.50 102.83
C LYS D 2432 -18.77 -35.44 103.83
N GLN D 2433 -18.80 -35.76 105.12
CA GLN D 2433 -18.34 -34.83 106.14
C GLN D 2433 -18.03 -35.66 107.38
N ILE D 2434 -17.19 -35.10 108.24
CA ILE D 2434 -17.06 -35.60 109.59
C ILE D 2434 -17.12 -34.40 110.53
N SER D 2435 -17.66 -34.63 111.73
CA SER D 2435 -17.85 -33.57 112.69
C SER D 2435 -17.59 -34.14 114.08
N VAL D 2436 -17.42 -33.25 115.04
CA VAL D 2436 -17.01 -33.65 116.37
C VAL D 2436 -17.94 -32.99 117.37
N THR D 2437 -18.21 -33.69 118.46
CA THR D 2437 -18.70 -33.11 119.70
C THR D 2437 -17.78 -33.48 120.84
N LEU D 2438 -17.41 -32.48 121.64
CA LEU D 2438 -16.72 -32.72 122.91
C LEU D 2438 -17.60 -32.27 124.06
N PRO D 2439 -18.03 -33.17 124.93
CA PRO D 2439 -18.59 -32.76 126.22
C PRO D 2439 -17.54 -32.32 127.22
N ALA D 2440 -16.48 -31.67 126.73
CA ALA D 2440 -15.48 -31.08 127.60
C ALA D 2440 -16.06 -29.90 128.38
N LEU D 2441 -15.51 -29.69 129.58
CA LEU D 2441 -15.90 -28.58 130.45
C LEU D 2441 -15.20 -27.29 129.99
N LEU D 2442 -15.49 -26.90 128.76
CA LEU D 2442 -14.98 -25.65 128.23
C LEU D 2442 -15.38 -24.50 129.14
N GLY D 2443 -14.37 -23.74 129.58
CA GLY D 2443 -14.55 -22.79 130.64
C GLY D 2443 -15.38 -21.60 130.19
N PRO D 2444 -15.60 -20.67 131.13
CA PRO D 2444 -16.33 -19.45 130.79
C PRO D 2444 -15.56 -18.58 129.81
N TYR D 2445 -16.06 -18.50 128.58
CA TYR D 2445 -15.34 -17.89 127.46
C TYR D 2445 -13.94 -18.48 127.28
N GLN D 2446 -13.82 -19.77 127.55
CA GLN D 2446 -12.60 -20.53 127.33
C GLN D 2446 -12.99 -21.83 126.63
N ASP D 2447 -12.17 -22.27 125.67
CA ASP D 2447 -12.53 -23.43 124.89
C ASP D 2447 -11.30 -24.24 124.50
N VAL D 2448 -11.54 -25.49 124.12
CA VAL D 2448 -10.46 -26.39 123.75
C VAL D 2448 -9.92 -25.97 122.38
N GLN D 2449 -8.65 -26.26 122.15
CA GLN D 2449 -8.09 -26.35 120.81
C GLN D 2449 -7.69 -27.79 120.54
N ALA D 2450 -8.20 -28.36 119.45
CA ALA D 2450 -7.87 -29.72 119.08
C ALA D 2450 -7.95 -29.88 117.57
N ILE D 2451 -7.14 -30.80 117.05
CA ILE D 2451 -6.95 -30.98 115.62
C ILE D 2451 -7.03 -32.46 115.32
N LEU D 2452 -7.69 -32.81 114.21
CA LEU D 2452 -7.73 -34.19 113.78
C LEU D 2452 -7.50 -34.28 112.29
N SER D 2453 -6.85 -35.36 111.87
CA SER D 2453 -6.27 -35.43 110.54
C SER D 2453 -6.37 -36.86 110.03
N TYR D 2454 -6.39 -37.00 108.71
CA TYR D 2454 -6.37 -38.30 108.04
C TYR D 2454 -4.99 -38.60 107.48
N GLY D 2455 -4.50 -39.82 107.72
CA GLY D 2455 -3.11 -40.14 107.46
C GLY D 2455 -2.71 -40.35 106.00
N ASP D 2456 -3.66 -40.34 105.06
CA ASP D 2456 -3.31 -40.61 103.67
C ASP D 2456 -2.42 -39.51 103.09
N LYS D 2457 -2.78 -38.25 103.34
CA LYS D 2457 -2.00 -37.08 102.95
C LYS D 2457 -1.47 -37.16 101.52
N ALA D 2458 -2.22 -37.78 100.61
CA ALA D 2458 -1.73 -37.97 99.26
C ALA D 2458 -2.82 -37.85 98.21
N GLY D 2459 -3.95 -38.52 98.43
CA GLY D 2459 -5.02 -38.54 97.45
C GLY D 2459 -5.95 -37.35 97.52
N LEU D 2460 -6.16 -36.81 98.71
CA LEU D 2460 -6.99 -35.63 98.91
C LEU D 2460 -6.18 -34.35 98.72
N ALA D 2461 -6.89 -33.29 98.31
CA ALA D 2461 -6.26 -32.03 97.99
C ALA D 2461 -5.75 -31.31 99.25
N ASN D 2462 -4.87 -30.33 99.01
CA ASN D 2462 -4.26 -29.53 100.06
C ASN D 2462 -5.29 -28.87 100.96
N GLY D 2463 -4.98 -28.79 102.26
CA GLY D 2463 -5.83 -28.18 103.26
C GLY D 2463 -7.10 -28.91 103.61
N CYS D 2464 -7.52 -29.89 102.80
CA CYS D 2464 -8.70 -30.70 103.11
C CYS D 2464 -8.36 -31.87 104.02
N GLU D 2465 -7.07 -32.12 104.26
CA GLU D 2465 -6.62 -33.27 105.04
C GLU D 2465 -6.96 -33.18 106.51
N ALA D 2466 -7.30 -32.01 107.03
CA ALA D 2466 -7.50 -31.86 108.46
C ALA D 2466 -8.57 -30.82 108.73
N LEU D 2467 -9.05 -30.80 109.98
CA LEU D 2467 -9.88 -29.71 110.45
C LEU D 2467 -9.58 -29.47 111.93
N ALA D 2468 -9.97 -28.28 112.40
CA ALA D 2468 -9.75 -27.85 113.76
C ALA D 2468 -11.07 -27.52 114.45
N VAL D 2469 -11.11 -27.72 115.76
CA VAL D 2469 -12.34 -27.73 116.54
C VAL D 2469 -12.09 -26.91 117.79
N SER D 2470 -13.08 -26.09 118.17
CA SER D 2470 -12.87 -25.22 119.31
C SER D 2470 -14.13 -24.98 120.13
N HIS D 2471 -15.23 -24.58 119.49
CA HIS D 2471 -16.47 -24.49 120.24
C HIS D 2471 -17.01 -25.87 120.59
N GLY D 2472 -16.57 -26.91 119.89
CA GLY D 2472 -16.55 -28.24 120.46
C GLY D 2472 -17.87 -28.96 120.55
N MET D 2473 -18.93 -28.47 119.92
CA MET D 2473 -20.26 -29.03 120.12
C MET D 2473 -21.02 -29.05 118.79
N ASN D 2474 -21.18 -30.26 118.23
CA ASN D 2474 -21.47 -30.43 116.81
C ASN D 2474 -20.55 -29.56 115.95
N ASP D 2475 -19.30 -29.42 116.36
CA ASP D 2475 -18.42 -28.42 115.76
C ASP D 2475 -17.81 -28.99 114.49
N SER D 2476 -18.38 -28.60 113.35
CA SER D 2476 -17.81 -28.99 112.06
C SER D 2476 -16.44 -28.36 111.83
N GLY D 2477 -16.11 -27.32 112.59
CA GLY D 2477 -14.87 -26.59 112.43
C GLY D 2477 -14.98 -25.33 111.59
N GLN D 2478 -15.76 -25.36 110.52
CA GLN D 2478 -15.87 -24.20 109.65
C GLN D 2478 -16.73 -23.12 110.28
N PHE D 2479 -16.48 -21.89 109.87
CA PHE D 2479 -17.31 -20.76 110.31
C PHE D 2479 -18.68 -20.81 109.67
N GLN D 2480 -18.74 -21.29 108.43
CA GLN D 2480 -20.00 -21.63 107.79
C GLN D 2480 -19.75 -22.85 106.94
N LEU D 2481 -20.80 -23.64 106.73
CA LEU D 2481 -20.73 -24.80 105.88
C LEU D 2481 -21.89 -24.76 104.90
N ASP D 2482 -21.63 -25.22 103.69
CA ASP D 2482 -22.63 -25.13 102.63
C ASP D 2482 -22.37 -26.28 101.67
N PHE D 2483 -23.27 -27.26 101.67
CA PHE D 2483 -23.11 -28.41 100.80
C PHE D 2483 -23.26 -28.03 99.34
N ASN D 2484 -23.88 -26.88 99.07
CA ASN D 2484 -24.04 -26.43 97.69
C ASN D 2484 -22.82 -25.70 97.16
N ASP D 2485 -21.85 -25.38 98.01
CA ASP D 2485 -20.67 -24.68 97.55
C ASP D 2485 -19.81 -25.61 96.69
N GLY D 2486 -19.10 -25.01 95.75
CA GLY D 2486 -18.17 -25.78 94.95
C GLY D 2486 -16.97 -26.31 95.71
N LYS D 2487 -16.64 -25.71 96.85
CA LYS D 2487 -15.55 -26.21 97.67
C LYS D 2487 -15.91 -27.54 98.31
N PHE D 2488 -15.02 -28.51 98.18
CA PHE D 2488 -15.18 -29.74 98.94
C PHE D 2488 -15.18 -29.45 100.43
N LEU D 2489 -15.87 -30.30 101.16
CA LEU D 2489 -15.71 -30.33 102.59
C LEU D 2489 -14.36 -30.97 102.90
N PRO D 2490 -13.85 -30.83 104.12
CA PRO D 2490 -12.73 -31.67 104.53
C PRO D 2490 -13.15 -33.12 104.63
N PHE D 2491 -12.18 -34.01 104.38
CA PHE D 2491 -12.41 -35.45 104.31
C PHE D 2491 -13.36 -35.90 103.22
N GLU D 2492 -13.95 -34.97 102.46
CA GLU D 2492 -14.94 -35.37 101.48
C GLU D 2492 -14.31 -36.23 100.40
N GLY D 2493 -14.70 -37.51 100.37
CA GLY D 2493 -14.30 -38.45 99.35
C GLY D 2493 -13.43 -39.58 99.89
N ILE D 2494 -13.07 -39.53 101.17
CA ILE D 2494 -12.32 -40.60 101.81
C ILE D 2494 -13.19 -41.84 101.90
N ALA D 2495 -12.64 -42.99 101.51
CA ALA D 2495 -13.37 -44.24 101.70
C ALA D 2495 -13.30 -44.68 103.16
N ILE D 2496 -14.14 -45.67 103.50
CA ILE D 2496 -14.54 -45.94 104.87
C ILE D 2496 -13.98 -47.30 105.26
N ASP D 2497 -12.83 -47.65 104.71
CA ASP D 2497 -12.20 -48.91 105.06
C ASP D 2497 -10.69 -48.80 105.11
N GLN D 2498 -10.12 -47.60 105.00
CA GLN D 2498 -8.70 -47.47 104.73
C GLN D 2498 -8.18 -46.22 105.42
N GLY D 2499 -6.88 -46.25 105.71
CA GLY D 2499 -6.21 -45.18 106.41
C GLY D 2499 -6.65 -45.02 107.87
N THR D 2500 -6.09 -43.99 108.48
CA THR D 2500 -6.15 -43.77 109.91
C THR D 2500 -6.76 -42.41 110.20
N LEU D 2501 -7.61 -42.34 111.20
CA LEU D 2501 -8.06 -41.07 111.74
C LEU D 2501 -7.41 -40.84 113.10
N THR D 2502 -6.95 -39.62 113.33
CA THR D 2502 -6.28 -39.30 114.58
C THR D 2502 -6.73 -37.95 115.09
N LEU D 2503 -7.00 -37.87 116.37
CA LEU D 2503 -7.35 -36.63 117.06
C LEU D 2503 -6.20 -36.22 117.97
N SER D 2504 -5.78 -34.96 117.88
CA SER D 2504 -4.61 -34.47 118.60
C SER D 2504 -4.97 -33.29 119.47
N PHE D 2505 -4.33 -33.21 120.64
CA PHE D 2505 -4.48 -32.09 121.57
C PHE D 2505 -3.15 -31.40 121.79
N PRO D 2506 -2.95 -30.19 121.30
CA PRO D 2506 -1.78 -29.41 121.66
C PRO D 2506 -1.68 -29.15 123.16
N ASN D 2507 -0.44 -29.11 123.65
CA ASN D 2507 -0.09 -28.69 125.00
C ASN D 2507 -0.88 -29.45 126.07
N ALA D 2508 -0.95 -30.76 125.90
CA ALA D 2508 -1.62 -31.62 126.87
C ALA D 2508 -0.78 -31.86 128.13
N SER D 2509 0.54 -31.80 128.03
CA SER D 2509 1.44 -32.24 129.08
C SER D 2509 1.52 -31.24 130.23
N MET D 2510 0.99 -31.63 131.38
CA MET D 2510 1.12 -30.85 132.61
C MET D 2510 2.56 -30.60 133.06
N PRO D 2511 3.53 -31.50 132.85
CA PRO D 2511 4.93 -31.14 133.20
C PRO D 2511 5.43 -29.91 132.47
N GLU D 2512 4.94 -29.63 131.27
CA GLU D 2512 5.23 -28.38 130.59
C GLU D 2512 4.26 -27.27 130.99
N LYS D 2513 3.42 -27.52 131.99
CA LYS D 2513 2.31 -26.64 132.37
C LYS D 2513 1.41 -26.33 131.17
N GLY D 2514 1.15 -27.35 130.36
CA GLY D 2514 0.47 -27.17 129.09
C GLY D 2514 -0.89 -26.52 129.24
N LYS D 2515 -1.16 -25.53 128.39
CA LYS D 2515 -2.32 -24.66 128.49
C LYS D 2515 -3.64 -25.39 128.27
N GLN D 2516 -3.62 -26.71 128.12
CA GLN D 2516 -4.83 -27.50 128.09
C GLN D 2516 -4.88 -28.59 129.16
N ALA D 2517 -3.81 -28.79 129.92
CA ALA D 2517 -3.71 -29.95 130.78
C ALA D 2517 -4.83 -29.99 131.80
N THR D 2518 -5.05 -28.88 132.51
CA THR D 2518 -6.07 -28.87 133.56
C THR D 2518 -7.47 -29.10 133.00
N MET D 2519 -7.77 -28.53 131.83
CA MET D 2519 -9.03 -28.82 131.16
C MET D 2519 -9.09 -30.26 130.67
N LEU D 2520 -8.06 -30.70 129.94
CA LEU D 2520 -8.09 -32.01 129.32
C LEU D 2520 -8.18 -33.13 130.36
N LYS D 2521 -7.58 -32.93 131.53
CA LYS D 2521 -7.72 -33.86 132.63
C LYS D 2521 -9.18 -34.16 132.97
N THR D 2522 -10.09 -33.25 132.64
CA THR D 2522 -11.50 -33.48 132.89
C THR D 2522 -12.14 -34.35 131.81
N LEU D 2523 -11.52 -34.44 130.64
CA LEU D 2523 -12.22 -34.92 129.46
C LEU D 2523 -12.45 -36.42 129.56
N ASN D 2524 -13.67 -36.85 129.25
CA ASN D 2524 -14.05 -38.23 129.48
C ASN D 2524 -14.82 -38.87 128.33
N ASP D 2525 -15.22 -38.12 127.32
CA ASP D 2525 -15.98 -38.71 126.22
C ASP D 2525 -15.71 -37.92 124.95
N ILE D 2526 -15.80 -38.62 123.82
CA ILE D 2526 -15.52 -38.06 122.51
C ILE D 2526 -16.55 -38.64 121.55
N ILE D 2527 -17.17 -37.77 120.77
CA ILE D 2527 -18.20 -38.18 119.83
C ILE D 2527 -17.83 -37.69 118.45
N LEU D 2528 -17.90 -38.57 117.47
CA LEU D 2528 -17.72 -38.21 116.07
C LEU D 2528 -19.05 -38.39 115.37
N HIS D 2529 -19.40 -37.43 114.52
CA HIS D 2529 -20.56 -37.54 113.66
C HIS D 2529 -20.09 -37.72 112.23
N ILE D 2530 -20.47 -38.84 111.64
CA ILE D 2530 -20.01 -39.27 110.33
C ILE D 2530 -21.13 -39.05 109.36
N ARG D 2531 -20.87 -38.30 108.30
CA ARG D 2531 -21.79 -38.23 107.18
C ARG D 2531 -21.13 -38.99 106.05
N TYR D 2532 -21.71 -40.11 105.67
CA TYR D 2532 -21.13 -40.91 104.60
C TYR D 2532 -22.24 -41.30 103.64
N THR D 2533 -21.93 -41.24 102.36
CA THR D 2533 -22.89 -41.52 101.32
C THR D 2533 -22.61 -42.86 100.64
N ILE D 2534 -23.66 -43.44 100.08
CA ILE D 2534 -23.60 -44.75 99.43
C ILE D 2534 -23.92 -44.54 97.96
N LYS D 2535 -23.00 -44.97 97.09
CA LYS D 2535 -23.23 -44.85 95.67
C LYS D 2535 -22.39 -45.84 94.87
N GLY E 110 44.50 41.76 -14.60
CA GLY E 110 43.13 41.42 -14.26
C GLY E 110 42.09 42.04 -15.17
N TYR E 111 40.81 41.90 -14.80
CA TYR E 111 39.75 42.53 -15.59
C TYR E 111 39.86 44.04 -15.56
N ASN E 112 39.94 44.62 -14.36
CA ASN E 112 39.81 46.07 -14.24
C ASN E 112 40.89 46.81 -15.02
N ASN E 113 42.15 46.47 -14.78
CA ASN E 113 43.22 47.20 -15.45
C ASN E 113 43.28 46.93 -16.96
N GLN E 114 42.49 46.01 -17.48
CA GLN E 114 42.37 45.89 -18.93
C GLN E 114 41.11 46.54 -19.50
N PHE E 115 39.99 46.48 -18.78
CA PHE E 115 38.70 46.78 -19.35
C PHE E 115 37.93 47.85 -18.60
N SER E 116 38.50 48.40 -17.53
CA SER E 116 38.02 49.65 -16.97
C SER E 116 38.25 50.80 -17.94
N GLY E 117 37.50 51.88 -17.71
CA GLY E 117 37.76 53.16 -18.35
C GLY E 117 36.62 53.72 -19.15
N ARG E 118 35.61 52.91 -19.48
CA ARG E 118 34.49 53.46 -20.23
C ARG E 118 33.70 54.45 -19.39
N ALA E 119 33.71 54.29 -18.07
CA ALA E 119 32.98 55.19 -17.20
C ALA E 119 33.76 55.38 -15.91
N SER E 120 33.65 56.59 -15.36
CA SER E 120 34.42 56.98 -14.18
C SER E 120 33.83 56.49 -12.86
N GLN E 121 32.55 56.12 -12.83
CA GLN E 121 31.96 55.63 -11.57
C GLN E 121 30.76 54.75 -11.90
N TYR E 122 30.93 53.44 -11.73
CA TYR E 122 29.82 52.52 -11.85
C TYR E 122 28.99 52.52 -10.57
N VAL E 123 27.90 51.75 -10.60
CA VAL E 123 26.99 51.57 -9.48
C VAL E 123 26.48 50.14 -9.50
N ALA E 124 25.92 49.72 -8.39
CA ALA E 124 25.54 48.32 -8.30
C ALA E 124 24.29 48.01 -9.09
N PRO E 125 24.19 46.80 -9.61
CA PRO E 125 22.92 46.31 -10.17
C PRO E 125 21.73 46.51 -9.25
N GLY E 126 20.69 47.13 -9.79
CA GLY E 126 19.40 47.27 -9.14
C GLY E 126 19.24 48.47 -8.23
N THR E 127 20.28 49.27 -8.01
CA THR E 127 20.14 50.47 -7.21
C THR E 127 19.33 51.50 -7.99
N VAL E 128 18.82 52.51 -7.27
CA VAL E 128 17.95 53.50 -7.90
C VAL E 128 18.74 54.39 -8.84
N SER E 129 20.01 54.62 -8.57
CA SER E 129 20.74 55.62 -9.30
C SER E 129 21.23 55.14 -10.66
N SER E 130 21.02 53.88 -11.00
CA SER E 130 21.56 53.35 -12.23
C SER E 130 20.62 53.69 -13.37
N MET E 131 21.19 53.94 -14.54
CA MET E 131 20.41 54.34 -15.71
C MET E 131 19.53 53.25 -16.29
N PHE E 132 19.61 52.01 -15.80
CA PHE E 132 18.65 50.99 -16.20
C PHE E 132 17.63 50.69 -15.11
N SER E 133 17.73 51.34 -13.96
CA SER E 133 16.79 51.18 -12.88
C SER E 133 15.39 51.59 -13.36
N PRO E 134 14.35 51.11 -12.70
CA PRO E 134 12.99 51.57 -13.04
C PRO E 134 12.75 53.03 -12.76
N ALA E 135 13.52 53.67 -11.89
CA ALA E 135 13.43 55.12 -11.79
C ALA E 135 13.83 55.80 -13.09
N ALA E 136 14.93 55.35 -13.71
CA ALA E 136 15.33 55.92 -14.99
C ALA E 136 14.28 55.72 -16.07
N TYR E 137 13.60 54.58 -16.05
CA TYR E 137 12.49 54.38 -16.98
C TYR E 137 11.31 55.29 -16.69
N LEU E 138 10.96 55.47 -15.42
CA LEU E 138 9.93 56.45 -15.08
C LEU E 138 10.27 57.85 -15.55
N THR E 139 11.51 58.30 -15.32
CA THR E 139 11.85 59.66 -15.74
C THR E 139 11.81 59.80 -17.24
N GLU E 140 12.42 58.85 -17.95
CA GLU E 140 12.45 58.92 -19.39
C GLU E 140 11.05 58.88 -19.99
N LEU E 141 10.19 58.03 -19.45
CA LEU E 141 8.81 57.96 -19.91
C LEU E 141 8.03 59.23 -19.60
N TYR E 142 8.25 59.81 -18.43
CA TYR E 142 7.52 61.02 -18.05
C TYR E 142 7.94 62.21 -18.92
N ARG E 143 9.22 62.30 -19.28
CA ARG E 143 9.66 63.39 -20.15
C ARG E 143 8.85 63.43 -21.45
N GLU E 144 8.65 62.27 -22.08
CA GLU E 144 7.89 62.26 -23.31
C GLU E 144 6.39 62.37 -23.06
N ALA E 145 5.88 61.83 -21.96
CA ALA E 145 4.44 61.79 -21.76
C ALA E 145 3.86 63.14 -21.34
N ARG E 146 4.62 63.96 -20.60
CA ARG E 146 4.08 65.19 -20.05
C ARG E 146 3.55 66.19 -21.09
N ASN E 147 3.68 65.91 -22.38
CA ASN E 147 3.31 66.87 -23.42
C ASN E 147 2.21 66.41 -24.37
N LEU E 148 1.66 65.21 -24.21
CA LEU E 148 0.71 64.73 -25.20
C LEU E 148 -0.56 65.55 -25.29
N HIS E 149 -0.93 66.30 -24.25
CA HIS E 149 -2.05 67.22 -24.34
C HIS E 149 -1.64 68.62 -23.94
N ALA E 150 -2.36 69.59 -24.47
CA ALA E 150 -2.17 70.99 -24.07
C ALA E 150 -2.55 71.17 -22.61
N SER E 151 -1.94 72.19 -22.00
CA SER E 151 -2.18 72.46 -20.58
C SER E 151 -3.65 72.67 -20.26
N ASP E 152 -4.38 73.40 -21.11
CA ASP E 152 -5.76 73.72 -20.79
C ASP E 152 -6.69 72.52 -20.84
N SER E 153 -6.33 71.46 -21.57
CA SER E 153 -7.22 70.31 -21.67
C SER E 153 -7.37 69.64 -20.31
N VAL E 154 -8.58 69.14 -20.04
CA VAL E 154 -8.84 68.45 -18.78
C VAL E 154 -8.04 67.16 -18.69
N TYR E 155 -7.68 66.56 -19.82
CA TYR E 155 -6.89 65.34 -19.79
C TYR E 155 -5.41 65.59 -19.55
N TYR E 156 -5.00 66.81 -19.23
CA TYR E 156 -3.60 67.06 -18.97
C TYR E 156 -3.13 66.25 -17.78
N LEU E 157 -1.94 65.67 -17.89
CA LEU E 157 -1.44 64.78 -16.84
C LEU E 157 -1.23 65.51 -15.53
N ASP E 158 -0.71 66.73 -15.59
CA ASP E 158 -0.43 67.47 -14.37
C ASP E 158 -1.72 67.75 -13.60
N THR E 159 -2.81 68.01 -14.34
CA THR E 159 -4.12 68.21 -13.74
C THR E 159 -4.72 66.91 -13.23
N ARG E 160 -4.57 65.84 -14.00
CA ARG E 160 -5.16 64.55 -13.69
C ARG E 160 -4.48 63.86 -12.50
N ARG E 161 -3.16 63.92 -12.39
CA ARG E 161 -2.43 63.28 -11.29
C ARG E 161 -1.37 64.21 -10.73
N PRO E 162 -1.79 65.28 -10.04
CA PRO E 162 -0.83 66.29 -9.56
C PRO E 162 0.28 65.76 -8.66
N ASP E 163 0.01 64.76 -7.83
CA ASP E 163 1.03 64.26 -6.90
C ASP E 163 2.14 63.52 -7.61
N LEU E 164 1.84 62.92 -8.76
CA LEU E 164 2.88 62.22 -9.52
C LEU E 164 4.00 63.17 -9.93
N LYS E 165 3.66 64.40 -10.31
CA LYS E 165 4.68 65.35 -10.71
C LYS E 165 5.62 65.72 -9.56
N SER E 166 5.12 65.78 -8.33
CA SER E 166 5.95 65.91 -7.13
C SER E 166 6.52 64.61 -6.59
N MET E 167 6.39 63.47 -7.27
CA MET E 167 6.92 62.23 -6.68
C MET E 167 8.43 62.28 -6.49
N ALA E 168 8.86 61.89 -5.30
CA ALA E 168 10.27 61.68 -5.03
C ALA E 168 10.76 60.39 -5.66
N LEU E 169 11.96 60.43 -6.23
CA LEU E 169 12.64 59.23 -6.69
C LEU E 169 13.61 58.81 -5.61
N SER E 170 13.35 57.69 -4.95
CA SER E 170 14.19 57.30 -3.84
C SER E 170 14.22 55.79 -3.75
N GLN E 171 15.29 55.27 -3.14
CA GLN E 171 15.34 53.86 -2.82
C GLN E 171 14.15 53.44 -1.96
N GLN E 172 13.69 54.35 -1.10
CA GLN E 172 12.52 54.10 -0.28
C GLN E 172 11.30 53.78 -1.13
N ASN E 173 11.01 54.60 -2.13
CA ASN E 173 9.86 54.36 -3.00
C ASN E 173 10.04 53.17 -3.92
N MET E 174 11.25 52.62 -4.03
CA MET E 174 11.45 51.45 -4.86
C MET E 174 11.42 50.14 -4.08
N ASP E 175 11.89 50.14 -2.84
CA ASP E 175 12.00 48.91 -2.05
C ASP E 175 10.74 48.55 -1.27
N ILE E 176 10.09 49.52 -0.64
CA ILE E 176 8.95 49.25 0.25
C ILE E 176 7.73 48.88 -0.58
N GLU E 177 7.33 47.60 -0.50
CA GLU E 177 6.16 47.07 -1.20
C GLU E 177 4.86 47.27 -0.40
N LEU E 178 4.40 48.52 -0.35
CA LEU E 178 3.09 48.84 0.22
C LEU E 178 1.95 48.22 -0.61
N SER E 179 0.78 48.10 0.04
CA SER E 179 -0.46 47.74 -0.64
C SER E 179 -1.00 48.87 -1.53
N THR E 180 -1.43 48.49 -2.74
CA THR E 180 -1.98 49.46 -3.68
C THR E 180 -3.28 50.11 -3.20
N LEU E 181 -4.17 49.33 -2.60
CA LEU E 181 -5.47 49.89 -2.23
C LEU E 181 -5.35 50.98 -1.18
N SER E 182 -4.39 50.86 -0.27
CA SER E 182 -4.08 51.96 0.64
C SER E 182 -3.61 53.21 -0.10
N LEU E 183 -2.86 53.04 -1.19
CA LEU E 183 -2.44 54.20 -1.98
C LEU E 183 -3.59 54.85 -2.76
N SER E 184 -4.53 54.04 -3.25
CA SER E 184 -5.73 54.60 -3.88
C SER E 184 -6.62 55.32 -2.87
N ASN E 185 -6.72 54.79 -1.66
CA ASN E 185 -7.43 55.51 -0.62
C ASN E 185 -6.73 56.80 -0.24
N GLU E 186 -5.42 56.76 -0.03
CA GLU E 186 -4.69 57.98 0.29
C GLU E 186 -4.88 59.06 -0.76
N LEU E 187 -4.92 58.68 -2.03
CA LEU E 187 -5.05 59.67 -3.10
C LEU E 187 -6.46 60.27 -3.18
N LEU E 188 -7.49 59.43 -3.11
CA LEU E 188 -8.85 59.97 -3.08
C LEU E 188 -9.13 60.76 -1.82
N LEU E 189 -8.65 60.29 -0.67
CA LEU E 189 -8.87 61.01 0.57
C LEU E 189 -8.24 62.39 0.52
N GLU E 190 -6.96 62.47 0.14
CA GLU E 190 -6.34 63.79 0.14
C GLU E 190 -6.99 64.71 -0.89
N SER E 191 -7.48 64.16 -2.00
CA SER E 191 -8.23 65.01 -2.93
C SER E 191 -9.53 65.55 -2.33
N ILE E 192 -10.24 64.72 -1.58
CA ILE E 192 -11.49 65.19 -0.95
C ILE E 192 -11.21 66.23 0.12
N LYS E 193 -10.28 65.97 1.03
CA LYS E 193 -9.94 66.97 2.04
C LYS E 193 -9.39 68.26 1.42
N THR E 194 -8.74 68.17 0.26
CA THR E 194 -8.27 69.38 -0.40
C THR E 194 -9.42 70.15 -1.02
N GLU E 195 -10.38 69.44 -1.60
CA GLU E 195 -11.53 70.10 -2.22
C GLU E 195 -12.53 70.59 -1.19
N SER E 196 -12.88 69.76 -0.23
CA SER E 196 -13.93 70.14 0.70
C SER E 196 -13.37 71.10 1.75
N LYS E 197 -14.29 71.68 2.52
CA LYS E 197 -13.94 72.42 3.73
C LYS E 197 -13.45 71.51 4.84
N LEU E 198 -13.66 70.20 4.71
CA LEU E 198 -13.27 69.25 5.74
C LEU E 198 -11.77 69.35 6.02
N GLU E 199 -11.41 69.08 7.26
CA GLU E 199 -10.10 69.46 7.80
C GLU E 199 -9.38 68.27 8.41
N ASN E 200 -10.14 67.32 8.94
CA ASN E 200 -9.58 66.15 9.60
C ASN E 200 -10.38 64.92 9.20
N TYR E 201 -9.75 63.76 9.38
CA TYR E 201 -10.31 62.52 8.85
C TYR E 201 -11.68 62.20 9.44
N THR E 202 -11.82 62.29 10.77
CA THR E 202 -13.11 61.92 11.37
C THR E 202 -14.23 62.86 10.94
N LYS E 203 -13.93 64.14 10.73
CA LYS E 203 -14.92 65.05 10.16
C LYS E 203 -15.30 64.64 8.75
N VAL E 204 -14.34 64.13 7.97
CA VAL E 204 -14.66 63.62 6.64
C VAL E 204 -15.59 62.42 6.72
N MET E 205 -15.31 61.49 7.63
CA MET E 205 -16.19 60.33 7.73
C MET E 205 -17.56 60.67 8.32
N GLU E 206 -17.66 61.70 9.15
CA GLU E 206 -18.98 62.21 9.52
C GLU E 206 -19.74 62.79 8.35
N MET E 207 -19.10 63.63 7.54
CA MET E 207 -19.75 64.11 6.30
C MET E 207 -20.19 62.96 5.41
N LEU E 208 -19.28 62.02 5.16
CA LEU E 208 -19.57 60.89 4.27
C LEU E 208 -20.67 59.98 4.81
N SER E 209 -20.81 59.91 6.13
CA SER E 209 -21.84 59.08 6.75
C SER E 209 -23.25 59.55 6.43
N THR E 210 -23.42 60.78 5.97
CA THR E 210 -24.72 61.35 5.66
C THR E 210 -24.84 61.84 4.23
N PHE E 211 -23.88 61.55 3.36
CA PHE E 211 -23.92 62.00 1.97
C PHE E 211 -24.85 61.10 1.16
N ARG E 212 -26.12 61.28 1.48
CA ARG E 212 -27.22 60.55 0.86
C ARG E 212 -27.36 60.73 -0.66
N PRO E 213 -27.07 61.89 -1.26
CA PRO E 213 -27.16 62.03 -2.72
C PRO E 213 -26.25 61.22 -3.62
N SER E 214 -25.33 60.41 -3.11
CA SER E 214 -24.46 59.64 -3.98
C SER E 214 -24.74 58.15 -3.96
N GLY E 215 -24.37 57.49 -5.06
CA GLY E 215 -24.93 56.23 -5.48
C GLY E 215 -24.49 55.00 -4.72
N ALA E 216 -23.45 55.10 -3.91
CA ALA E 216 -23.08 53.99 -3.04
C ALA E 216 -22.68 54.43 -1.63
N THR E 217 -22.74 55.71 -1.33
CA THR E 217 -22.96 56.20 0.03
C THR E 217 -24.46 56.13 0.32
N PRO E 218 -24.91 56.45 1.54
CA PRO E 218 -24.18 56.70 2.79
C PRO E 218 -23.40 55.53 3.31
N TYR E 219 -22.21 55.81 3.80
CA TYR E 219 -21.26 54.80 4.27
C TYR E 219 -20.87 55.16 5.69
N HIS E 220 -21.42 54.45 6.66
CA HIS E 220 -21.18 54.73 8.06
C HIS E 220 -20.05 53.83 8.51
N ASP E 221 -18.85 54.41 8.72
CA ASP E 221 -17.67 53.55 8.88
C ASP E 221 -17.61 52.88 10.24
N ALA E 222 -17.96 53.59 11.31
CA ALA E 222 -17.92 52.98 12.63
C ALA E 222 -18.89 51.82 12.72
N TYR E 223 -20.06 51.95 12.10
CA TYR E 223 -21.01 50.85 12.10
C TYR E 223 -20.44 49.65 11.38
N GLU E 224 -19.78 49.86 10.25
CA GLU E 224 -19.19 48.75 9.53
C GLU E 224 -18.10 48.06 10.35
N ASN E 225 -17.29 48.84 11.04
CA ASN E 225 -16.27 48.27 11.90
C ASN E 225 -16.89 47.41 13.00
N VAL E 226 -17.95 47.92 13.64
CA VAL E 226 -18.60 47.17 14.71
C VAL E 226 -19.20 45.88 14.17
N ARG E 227 -19.87 45.96 13.03
CA ARG E 227 -20.49 44.78 12.45
C ARG E 227 -19.47 43.71 12.11
N GLU E 228 -18.37 44.12 11.49
CA GLU E 228 -17.35 43.14 11.12
C GLU E 228 -16.70 42.51 12.34
N VAL E 229 -16.44 43.30 13.38
CA VAL E 229 -15.84 42.73 14.58
C VAL E 229 -16.77 41.70 15.21
N ILE E 230 -18.07 42.02 15.28
CA ILE E 230 -19.01 41.06 15.86
C ILE E 230 -19.07 39.80 15.01
N GLN E 231 -19.13 39.94 13.70
CA GLN E 231 -19.21 38.73 12.86
C GLN E 231 -17.90 37.94 12.83
N LEU E 232 -16.79 38.50 13.28
CA LEU E 232 -15.61 37.68 13.58
C LEU E 232 -15.68 37.00 14.94
N GLN E 233 -15.98 37.76 15.99
CA GLN E 233 -15.90 37.27 17.36
C GLN E 233 -17.04 36.35 17.77
N ASP E 234 -18.25 36.60 17.31
CA ASP E 234 -19.40 35.74 17.64
C ASP E 234 -20.33 35.62 16.44
N PRO E 235 -19.95 34.80 15.46
CA PRO E 235 -20.82 34.57 14.29
C PRO E 235 -22.24 34.18 14.64
N GLY E 236 -23.20 34.97 14.17
CA GLY E 236 -24.60 34.69 14.39
C GLY E 236 -25.15 35.13 15.74
N LEU E 237 -24.33 35.74 16.59
CA LEU E 237 -24.76 36.19 17.91
C LEU E 237 -25.32 35.03 18.72
N GLU E 238 -24.69 33.87 18.56
CA GLU E 238 -25.01 32.70 19.37
C GLU E 238 -24.82 32.98 20.85
N GLN E 239 -23.75 33.68 21.22
CA GLN E 239 -23.53 33.97 22.63
C GLN E 239 -24.45 35.06 23.15
N LEU E 240 -24.76 36.06 22.31
CA LEU E 240 -25.72 37.08 22.71
C LEU E 240 -27.08 36.45 23.01
N ASN E 241 -27.58 35.62 22.09
CA ASN E 241 -28.89 35.02 22.29
C ASN E 241 -28.87 33.94 23.37
N ALA E 242 -27.72 33.30 23.61
CA ALA E 242 -27.63 32.39 24.75
C ALA E 242 -27.69 33.10 26.10
N SER E 243 -27.41 34.41 26.17
CA SER E 243 -27.48 35.16 27.42
C SER E 243 -28.72 36.04 27.44
N PRO E 244 -29.87 35.53 27.91
CA PRO E 244 -31.13 36.25 27.70
C PRO E 244 -31.25 37.59 28.41
N ALA E 245 -30.54 37.81 29.51
CA ALA E 245 -30.61 39.13 30.15
C ALA E 245 -30.00 40.23 29.29
N ILE E 246 -28.84 39.98 28.69
CA ILE E 246 -28.24 40.99 27.81
C ILE E 246 -29.10 41.19 26.57
N ALA E 247 -29.65 40.10 26.02
CA ALA E 247 -30.55 40.21 24.90
C ALA E 247 -31.72 41.13 25.21
N GLY E 248 -32.29 40.98 26.42
CA GLY E 248 -33.43 41.81 26.78
C GLY E 248 -33.12 43.29 26.92
N LEU E 249 -31.85 43.66 27.09
CA LEU E 249 -31.52 45.09 27.15
C LEU E 249 -31.68 45.75 25.80
N MET E 250 -31.45 45.02 24.72
CA MET E 250 -31.54 45.58 23.39
C MET E 250 -32.97 45.57 22.92
N HIS E 251 -33.26 46.39 21.92
CA HIS E 251 -34.37 46.08 21.03
C HIS E 251 -33.89 45.02 20.05
N GLN E 252 -34.68 43.96 19.91
CA GLN E 252 -34.25 42.84 19.08
C GLN E 252 -34.04 43.26 17.64
N ALA E 253 -34.89 44.14 17.12
CA ALA E 253 -34.63 44.68 15.79
C ALA E 253 -33.29 45.42 15.70
N SER E 254 -32.80 45.94 16.82
CA SER E 254 -31.47 46.56 16.86
C SER E 254 -30.31 45.58 16.97
N LEU E 255 -30.55 44.34 17.37
CA LEU E 255 -29.54 43.30 17.17
C LEU E 255 -29.61 42.72 15.76
N LEU E 256 -30.81 42.35 15.32
CA LEU E 256 -30.96 41.75 14.01
C LEU E 256 -30.49 42.68 12.90
N GLY E 257 -30.72 44.00 13.05
CA GLY E 257 -30.24 44.94 12.08
C GLY E 257 -28.73 44.94 11.87
N ILE E 258 -27.96 44.56 12.89
CA ILE E 258 -26.54 44.40 12.65
C ILE E 258 -26.26 43.26 11.68
N ASN E 259 -27.08 42.20 11.69
CA ASN E 259 -26.88 41.15 10.70
C ASN E 259 -27.18 41.65 9.30
N ALA E 260 -28.31 42.34 9.14
CA ALA E 260 -28.78 42.75 7.82
C ALA E 260 -27.98 43.89 7.23
N SER E 261 -26.95 44.38 7.90
CA SER E 261 -26.07 45.41 7.34
C SER E 261 -26.80 46.70 7.02
N ILE E 262 -27.96 46.94 7.63
CA ILE E 262 -28.63 48.23 7.47
C ILE E 262 -27.98 49.25 8.38
N SER E 263 -27.25 50.19 7.80
CA SER E 263 -26.72 51.30 8.56
C SER E 263 -27.85 52.22 9.00
N PRO E 264 -27.62 53.05 10.02
CA PRO E 264 -28.72 53.90 10.51
C PRO E 264 -29.25 54.93 9.51
N GLU E 265 -28.39 55.53 8.70
CA GLU E 265 -28.90 56.40 7.64
C GLU E 265 -29.58 55.63 6.51
N LEU E 266 -29.07 54.47 6.15
CA LEU E 266 -29.80 53.67 5.17
C LEU E 266 -31.16 53.26 5.70
N PHE E 267 -31.28 53.08 7.01
CA PHE E 267 -32.61 52.93 7.60
C PHE E 267 -33.44 54.19 7.48
N ASN E 268 -32.84 55.37 7.63
CA ASN E 268 -33.65 56.58 7.45
C ASN E 268 -34.13 56.74 6.01
N ILE E 269 -33.31 56.35 5.03
CA ILE E 269 -33.75 56.37 3.63
C ILE E 269 -34.89 55.39 3.41
N LEU E 270 -34.71 54.14 3.84
CA LEU E 270 -35.70 53.09 3.57
C LEU E 270 -37.00 53.32 4.33
N THR E 271 -36.95 54.02 5.46
CA THR E 271 -38.15 54.22 6.28
C THR E 271 -39.13 55.20 5.65
N GLU E 272 -38.68 56.36 5.23
CA GLU E 272 -39.61 57.47 5.09
C GLU E 272 -40.58 57.28 3.92
N GLU E 273 -41.74 57.93 4.06
CA GLU E 273 -42.92 57.69 3.24
C GLU E 273 -42.93 58.61 2.01
N ILE E 274 -42.89 58.00 0.83
CA ILE E 274 -42.87 58.73 -0.43
C ILE E 274 -44.29 59.05 -0.87
N THR E 275 -44.54 60.31 -1.23
CA THR E 275 -45.87 60.70 -1.67
C THR E 275 -45.78 61.88 -2.62
N GLU E 276 -46.77 62.00 -3.49
CA GLU E 276 -46.97 63.17 -4.34
C GLU E 276 -47.31 64.40 -3.52
N GLY E 277 -46.44 65.40 -3.54
CA GLY E 277 -46.42 66.45 -2.55
C GLY E 277 -45.16 66.50 -1.72
N ASN E 278 -44.34 65.45 -1.75
CA ASN E 278 -42.97 65.54 -1.27
C ASN E 278 -41.95 64.89 -2.18
N ALA E 279 -42.35 64.09 -3.17
CA ALA E 279 -41.42 63.57 -4.16
C ALA E 279 -40.66 64.70 -4.85
N GLU E 280 -41.32 65.83 -5.06
CA GLU E 280 -40.69 66.99 -5.68
C GLU E 280 -39.58 67.60 -4.84
N GLU E 281 -39.41 67.16 -3.58
CA GLU E 281 -38.33 67.68 -2.76
C GLU E 281 -37.53 66.51 -2.18
N LEU E 282 -38.16 65.36 -1.97
CA LEU E 282 -37.35 64.22 -1.60
C LEU E 282 -36.45 63.79 -2.74
N TYR E 283 -36.80 64.12 -3.98
CA TYR E 283 -35.84 63.99 -5.07
C TYR E 283 -34.67 64.93 -4.89
N LYS E 284 -34.91 66.15 -4.42
CA LYS E 284 -33.81 67.05 -4.09
C LYS E 284 -32.91 66.48 -3.00
N LYS E 285 -33.51 65.85 -1.99
CA LYS E 285 -32.70 65.22 -0.95
C LYS E 285 -31.91 64.02 -1.46
N ASN E 286 -32.52 63.15 -2.26
CA ASN E 286 -31.92 61.85 -2.54
C ASN E 286 -31.11 61.82 -3.83
N PHE E 287 -31.26 62.79 -4.72
CA PHE E 287 -30.47 62.81 -5.94
C PHE E 287 -29.90 64.16 -6.29
N GLY E 288 -30.40 65.25 -5.74
CA GLY E 288 -29.75 66.53 -5.95
C GLY E 288 -29.90 67.10 -7.33
N ASN E 289 -28.87 66.98 -8.17
CA ASN E 289 -28.77 67.76 -9.39
C ASN E 289 -28.91 66.96 -10.67
N ILE E 290 -28.92 65.64 -10.62
CA ILE E 290 -29.03 64.85 -11.84
C ILE E 290 -30.47 64.88 -12.34
N GLU E 291 -30.65 65.29 -13.59
CA GLU E 291 -31.98 65.40 -14.17
C GLU E 291 -32.63 64.02 -14.22
N PRO E 292 -33.91 63.91 -13.86
CA PRO E 292 -34.58 62.60 -13.91
C PRO E 292 -34.71 62.06 -15.32
N ALA E 293 -34.63 62.92 -16.32
CA ALA E 293 -34.58 62.48 -17.71
C ALA E 293 -33.29 61.74 -18.06
N SER E 294 -32.15 62.23 -17.59
CA SER E 294 -30.93 61.46 -17.80
C SER E 294 -30.94 60.15 -17.02
N LEU E 295 -31.30 60.20 -15.74
CA LEU E 295 -31.30 59.01 -14.90
C LEU E 295 -32.34 57.98 -15.32
N ALA E 296 -33.33 58.37 -16.14
CA ALA E 296 -34.25 57.39 -16.71
C ALA E 296 -33.59 56.35 -17.62
N MET E 297 -32.55 56.73 -18.36
CA MET E 297 -31.90 55.74 -19.22
C MET E 297 -31.30 54.60 -18.41
N PRO E 298 -31.56 53.35 -18.79
CA PRO E 298 -31.01 52.21 -18.04
C PRO E 298 -29.49 52.18 -17.98
N GLU E 299 -28.82 52.61 -19.05
CA GLU E 299 -27.35 52.59 -19.03
C GLU E 299 -26.80 53.56 -18.00
N TYR E 300 -27.34 54.77 -17.96
CA TYR E 300 -26.89 55.74 -16.99
C TYR E 300 -27.13 55.23 -15.57
N LEU E 301 -28.30 54.64 -15.34
CA LEU E 301 -28.63 54.16 -14.01
C LEU E 301 -27.75 52.98 -13.61
N LYS E 302 -27.47 52.09 -14.55
CA LYS E 302 -26.58 50.98 -14.25
C LYS E 302 -25.18 51.46 -13.89
N ARG E 303 -24.67 52.45 -14.63
CA ARG E 303 -23.40 53.05 -14.26
C ARG E 303 -23.47 53.76 -12.91
N TYR E 304 -24.59 54.41 -12.62
CA TYR E 304 -24.73 55.16 -11.38
C TYR E 304 -24.73 54.28 -10.14
N TYR E 305 -25.49 53.18 -10.16
CA TYR E 305 -25.44 52.27 -9.03
C TYR E 305 -24.35 51.21 -9.15
N ASN E 306 -23.57 51.22 -10.22
CA ASN E 306 -22.54 50.20 -10.44
C ASN E 306 -23.12 48.79 -10.40
N LEU E 307 -24.31 48.63 -10.96
CA LEU E 307 -24.98 47.34 -11.00
C LEU E 307 -24.44 46.46 -12.12
N SER E 308 -24.71 45.17 -11.99
CA SER E 308 -24.48 44.22 -13.07
C SER E 308 -25.67 44.20 -14.02
N ASP E 309 -25.44 43.67 -15.22
CA ASP E 309 -26.49 43.58 -16.23
C ASP E 309 -27.65 42.68 -15.81
N GLU E 310 -27.37 41.48 -15.32
CA GLU E 310 -28.47 40.64 -14.86
C GLU E 310 -29.13 41.19 -13.61
N GLU E 311 -28.40 41.91 -12.78
CA GLU E 311 -29.05 42.57 -11.66
C GLU E 311 -30.03 43.65 -12.12
N LEU E 312 -29.62 44.49 -13.07
CA LEU E 312 -30.57 45.47 -13.59
C LEU E 312 -31.74 44.83 -14.31
N SER E 313 -31.50 43.73 -15.03
CA SER E 313 -32.57 43.13 -15.81
C SER E 313 -33.73 42.70 -14.93
N GLN E 314 -33.45 42.17 -13.75
CA GLN E 314 -34.48 41.74 -12.82
C GLN E 314 -35.08 42.85 -11.97
N PHE E 315 -34.52 44.05 -12.01
CA PHE E 315 -35.26 45.21 -11.53
C PHE E 315 -36.22 45.71 -12.58
N ILE E 316 -35.71 46.07 -13.76
CA ILE E 316 -36.56 46.81 -14.68
C ILE E 316 -37.48 45.92 -15.48
N GLY E 317 -37.22 44.61 -15.59
CA GLY E 317 -38.17 43.72 -16.23
C GLY E 317 -39.51 43.64 -15.53
N LYS E 318 -39.58 44.01 -14.26
CA LYS E 318 -40.83 44.04 -13.51
C LYS E 318 -41.34 45.45 -13.24
N ALA E 319 -40.79 46.47 -13.90
CA ALA E 319 -40.78 47.82 -13.36
C ALA E 319 -42.18 48.32 -13.02
N SER E 320 -43.20 47.85 -13.75
CA SER E 320 -44.58 48.22 -13.47
C SER E 320 -44.96 48.11 -11.99
N ASN E 321 -44.31 47.21 -11.26
CA ASN E 321 -44.59 47.08 -9.83
C ASN E 321 -44.17 48.30 -9.02
N PHE E 322 -43.21 49.08 -9.52
CA PHE E 322 -42.89 50.34 -8.87
C PHE E 322 -43.93 51.44 -9.05
N GLY E 323 -44.96 51.24 -9.86
CA GLY E 323 -46.05 52.19 -9.90
C GLY E 323 -46.97 52.05 -8.71
N GLN E 324 -48.11 52.75 -8.79
CA GLN E 324 -49.28 52.34 -8.03
C GLN E 324 -49.82 51.03 -8.57
N GLN E 325 -50.18 50.12 -7.65
CA GLN E 325 -50.66 48.81 -8.05
C GLN E 325 -52.16 48.78 -8.35
N GLU E 326 -52.93 49.75 -7.84
CA GLU E 326 -54.35 49.83 -8.12
C GLU E 326 -54.78 51.27 -8.28
N TYR E 327 -55.85 51.47 -9.05
CA TYR E 327 -56.43 52.80 -9.19
C TYR E 327 -56.73 53.44 -7.84
N SER E 328 -56.42 54.73 -7.75
CA SER E 328 -56.78 55.56 -6.61
C SER E 328 -57.26 56.89 -7.17
N ASN E 329 -58.39 57.37 -6.65
CA ASN E 329 -59.01 58.61 -7.12
C ASN E 329 -59.22 58.59 -8.64
N ASN E 330 -59.54 57.41 -9.18
CA ASN E 330 -59.60 57.18 -10.61
C ASN E 330 -58.27 57.39 -11.35
N GLN E 331 -57.19 57.67 -10.65
CA GLN E 331 -55.89 57.79 -11.30
C GLN E 331 -55.09 56.50 -11.13
N LEU E 332 -54.35 56.14 -12.18
CA LEU E 332 -53.23 55.20 -12.10
C LEU E 332 -51.99 55.88 -12.65
N ILE E 333 -50.92 55.90 -11.86
CA ILE E 333 -49.63 56.43 -12.28
C ILE E 333 -48.68 55.28 -12.40
N THR E 334 -48.11 55.07 -13.59
CA THR E 334 -47.33 53.87 -13.79
C THR E 334 -46.14 54.05 -14.70
N PRO E 335 -45.02 53.40 -14.40
CA PRO E 335 -43.96 53.23 -15.39
C PRO E 335 -44.38 52.29 -16.50
N VAL E 336 -43.87 52.57 -17.69
CA VAL E 336 -44.09 51.70 -18.85
C VAL E 336 -42.76 51.55 -19.57
N VAL E 337 -42.46 50.34 -20.01
CA VAL E 337 -41.19 50.06 -20.66
C VAL E 337 -41.11 50.76 -22.02
N ASN E 338 -42.03 50.42 -22.94
CA ASN E 338 -42.04 51.00 -24.28
C ASN E 338 -40.62 51.05 -24.83
N SER E 339 -39.88 49.97 -24.64
CA SER E 339 -38.43 50.04 -24.52
C SER E 339 -37.71 49.74 -25.83
N SER E 340 -38.12 50.36 -26.94
CA SER E 340 -37.29 50.26 -28.13
C SER E 340 -35.88 50.78 -27.87
N ASP E 341 -35.72 51.61 -26.83
CA ASP E 341 -34.43 52.13 -26.40
C ASP E 341 -34.21 51.92 -24.91
N GLY E 342 -35.04 51.10 -24.27
CA GLY E 342 -34.94 50.78 -22.87
C GLY E 342 -35.50 51.81 -21.91
N THR E 343 -35.90 52.99 -22.38
CA THR E 343 -36.12 54.09 -21.46
C THR E 343 -37.45 53.90 -20.74
N VAL E 344 -37.55 54.43 -19.54
CA VAL E 344 -38.77 54.33 -18.75
C VAL E 344 -39.53 55.65 -18.79
N LYS E 345 -40.84 55.57 -19.04
CA LYS E 345 -41.72 56.72 -19.10
C LYS E 345 -42.89 56.50 -18.15
N VAL E 346 -43.22 57.51 -17.36
CA VAL E 346 -44.31 57.40 -16.41
C VAL E 346 -45.54 58.05 -17.02
N TYR E 347 -46.64 57.30 -17.03
CA TYR E 347 -47.92 57.75 -17.55
C TYR E 347 -48.90 57.94 -16.40
N ARG E 348 -49.60 59.07 -16.39
CA ARG E 348 -50.81 59.17 -15.60
C ARG E 348 -52.00 58.81 -16.49
N ILE E 349 -52.75 57.81 -16.06
CA ILE E 349 -54.03 57.45 -16.66
C ILE E 349 -55.12 57.97 -15.74
N THR E 350 -56.01 58.78 -16.27
CA THR E 350 -57.13 59.30 -15.50
C THR E 350 -58.42 58.73 -16.07
N ARG E 351 -59.16 58.01 -15.24
CA ARG E 351 -60.45 57.46 -15.62
C ARG E 351 -61.55 58.50 -15.44
N GLU E 352 -62.56 58.41 -16.29
CA GLU E 352 -63.73 59.27 -16.19
C GLU E 352 -64.93 58.47 -16.65
N TYR E 353 -65.83 58.15 -15.72
CA TYR E 353 -67.02 57.39 -16.06
C TYR E 353 -67.96 58.25 -16.89
N THR E 354 -68.34 57.75 -18.05
CA THR E 354 -69.09 58.50 -19.04
C THR E 354 -70.49 57.96 -19.30
N THR E 355 -70.72 56.67 -19.10
CA THR E 355 -72.04 56.10 -19.38
C THR E 355 -72.28 54.87 -18.51
N ASN E 356 -73.40 54.88 -17.80
CA ASN E 356 -73.91 53.71 -17.07
C ASN E 356 -72.88 53.14 -16.09
N ALA E 357 -72.24 54.03 -15.34
CA ALA E 357 -71.22 53.61 -14.38
C ALA E 357 -71.78 52.67 -13.32
N TYR E 358 -73.11 52.66 -13.13
CA TYR E 358 -73.78 51.68 -12.29
C TYR E 358 -73.70 50.26 -12.84
N GLN E 359 -73.33 50.08 -14.10
CA GLN E 359 -73.19 48.72 -14.62
C GLN E 359 -71.95 48.01 -14.08
N MET E 360 -70.86 48.73 -13.89
CA MET E 360 -69.58 48.05 -13.81
C MET E 360 -68.52 48.94 -13.17
N ASP E 361 -67.41 48.31 -12.81
CA ASP E 361 -66.12 48.95 -12.64
C ASP E 361 -65.22 48.51 -13.79
N VAL E 362 -64.37 49.41 -14.26
CA VAL E 362 -63.42 49.11 -15.33
C VAL E 362 -62.07 49.72 -15.00
N GLU E 363 -61.00 48.98 -15.30
CA GLU E 363 -59.65 49.40 -14.96
C GLU E 363 -58.68 49.01 -16.06
N LEU E 364 -57.67 49.85 -16.26
CA LEU E 364 -56.74 49.72 -17.38
C LEU E 364 -55.32 49.79 -16.85
N PHE E 365 -54.46 48.86 -17.31
CA PHE E 365 -53.11 48.69 -16.77
C PHE E 365 -52.18 48.42 -17.92
N PRO E 366 -51.38 49.40 -18.34
CA PRO E 366 -50.43 49.18 -19.43
C PRO E 366 -49.30 48.24 -19.02
N PHE E 367 -48.71 47.64 -20.05
CA PHE E 367 -47.50 46.84 -19.91
C PHE E 367 -46.50 47.02 -21.05
N GLY E 368 -46.89 47.63 -22.17
CA GLY E 368 -45.97 47.88 -23.27
C GLY E 368 -46.46 49.04 -24.11
N GLY E 369 -45.68 49.36 -25.13
CA GLY E 369 -46.05 50.37 -26.10
C GLY E 369 -47.30 50.07 -26.91
N GLU E 370 -48.36 50.83 -26.68
CA GLU E 370 -49.69 50.61 -27.26
C GLU E 370 -50.28 49.26 -26.86
N ASN E 371 -49.77 48.69 -25.78
CA ASN E 371 -50.19 47.39 -25.31
C ASN E 371 -50.67 47.50 -23.87
N TYR E 372 -51.85 46.99 -23.59
CA TYR E 372 -52.52 47.27 -22.33
C TYR E 372 -53.24 46.02 -21.88
N ARG E 373 -53.42 45.90 -20.58
CA ARG E 373 -54.43 45.02 -20.01
C ARG E 373 -55.59 45.90 -19.57
N LEU E 374 -56.79 45.52 -19.98
CA LEU E 374 -58.01 46.15 -19.49
C LEU E 374 -58.76 45.18 -18.60
N ASP E 375 -59.10 45.64 -17.40
CA ASP E 375 -59.86 44.85 -16.44
C ASP E 375 -61.17 45.58 -16.17
N TYR E 376 -62.24 44.80 -16.00
CA TYR E 376 -63.55 45.35 -15.76
C TYR E 376 -64.37 44.35 -14.96
N LYS E 377 -65.29 44.88 -14.17
CA LYS E 377 -66.01 44.09 -13.17
C LYS E 377 -67.41 44.66 -13.08
N PHE E 378 -68.40 43.81 -13.34
CA PHE E 378 -69.79 44.24 -13.46
C PHE E 378 -70.49 44.31 -12.11
N LYS E 379 -71.46 45.22 -12.04
CA LYS E 379 -72.27 45.48 -10.86
C LYS E 379 -73.68 44.90 -10.99
N ASN E 380 -74.20 44.89 -12.21
CA ASN E 380 -75.54 44.43 -12.53
C ASN E 380 -75.44 43.33 -13.58
N PHE E 381 -76.45 42.47 -13.62
CA PHE E 381 -76.47 41.35 -14.55
C PHE E 381 -77.39 41.65 -15.73
N TYR E 382 -76.86 41.45 -16.93
CA TYR E 382 -77.64 41.44 -18.16
C TYR E 382 -77.23 40.22 -18.97
N ASN E 383 -78.21 39.43 -19.40
CA ASN E 383 -77.93 38.18 -20.10
C ASN E 383 -77.51 38.51 -21.53
N ALA E 384 -76.25 38.92 -21.67
CA ALA E 384 -75.68 39.19 -22.97
C ALA E 384 -75.66 37.93 -23.84
N SER E 385 -76.04 38.09 -25.11
CA SER E 385 -75.66 37.11 -26.13
C SER E 385 -74.16 37.13 -26.40
N TYR E 386 -73.54 38.30 -26.27
CA TYR E 386 -72.10 38.43 -26.29
C TYR E 386 -71.74 39.73 -25.60
N LEU E 387 -70.50 39.83 -25.17
CA LEU E 387 -69.92 41.09 -24.75
C LEU E 387 -69.01 41.63 -25.86
N SER E 388 -69.32 42.84 -26.33
CA SER E 388 -68.55 43.57 -27.33
C SER E 388 -67.88 44.80 -26.71
N ILE E 389 -66.57 44.95 -26.96
CA ILE E 389 -65.83 46.08 -26.40
C ILE E 389 -65.09 46.75 -27.55
N LYS E 390 -65.17 48.08 -27.58
CA LYS E 390 -64.67 48.87 -28.70
C LYS E 390 -63.80 49.99 -28.16
N LEU E 391 -62.90 50.48 -29.00
CA LEU E 391 -62.43 51.85 -28.85
C LEU E 391 -63.56 52.83 -29.12
N ASN E 392 -63.89 53.65 -28.13
CA ASN E 392 -65.17 54.38 -28.10
C ASN E 392 -66.26 53.36 -28.43
N ASP E 393 -67.16 53.67 -29.35
CA ASP E 393 -68.07 52.70 -29.95
C ASP E 393 -67.61 52.31 -31.35
N LYS E 394 -66.33 52.50 -31.65
CA LYS E 394 -65.87 52.51 -33.04
C LYS E 394 -65.05 51.26 -33.30
N ARG E 395 -63.74 51.25 -33.02
CA ARG E 395 -62.91 50.10 -33.34
C ARG E 395 -63.06 49.03 -32.26
N GLU E 396 -63.67 47.91 -32.64
CA GLU E 396 -63.88 46.80 -31.71
C GLU E 396 -62.56 46.10 -31.41
N LEU E 397 -62.09 46.24 -30.17
CA LEU E 397 -60.79 45.71 -29.80
C LEU E 397 -60.89 44.26 -29.33
N VAL E 398 -62.01 43.87 -28.73
CA VAL E 398 -62.24 42.51 -28.27
C VAL E 398 -63.75 42.30 -28.24
N ARG E 399 -64.16 41.04 -28.42
CA ARG E 399 -65.53 40.62 -28.16
C ARG E 399 -65.54 39.29 -27.43
N THR E 400 -66.46 39.15 -26.48
CA THR E 400 -66.64 37.92 -25.73
C THR E 400 -68.07 37.43 -25.86
N GLU E 401 -68.22 36.17 -26.23
CA GLU E 401 -69.51 35.50 -26.35
C GLU E 401 -70.07 35.09 -24.99
N GLY E 402 -71.40 35.09 -24.90
CA GLY E 402 -72.10 34.77 -23.67
C GLY E 402 -72.23 35.93 -22.71
N ALA E 403 -72.82 35.63 -21.57
CA ALA E 403 -73.19 36.65 -20.59
C ALA E 403 -72.07 36.87 -19.59
N PRO E 404 -71.49 38.06 -19.52
CA PRO E 404 -70.62 38.40 -18.37
C PRO E 404 -71.41 38.39 -17.07
N GLN E 405 -70.85 37.73 -16.07
CA GLN E 405 -71.49 37.59 -14.77
C GLN E 405 -71.15 38.73 -13.83
N VAL E 406 -72.04 38.92 -12.84
CA VAL E 406 -71.83 39.90 -11.78
C VAL E 406 -70.65 39.49 -10.91
N ASN E 407 -69.88 40.49 -10.46
CA ASN E 407 -68.78 40.34 -9.51
C ASN E 407 -67.66 39.45 -10.06
N ILE E 408 -67.57 39.33 -11.38
CA ILE E 408 -66.42 38.74 -12.05
C ILE E 408 -65.63 39.87 -12.69
N GLU E 409 -64.33 39.94 -12.40
CA GLU E 409 -63.43 40.83 -13.13
C GLU E 409 -62.97 40.11 -14.39
N TYR E 410 -63.55 40.48 -15.52
CA TYR E 410 -63.06 40.06 -16.82
C TYR E 410 -61.91 40.93 -17.28
N SER E 411 -61.11 40.41 -18.21
CA SER E 411 -59.90 41.07 -18.65
C SER E 411 -59.72 40.87 -20.15
N ALA E 412 -59.01 41.81 -20.78
CA ALA E 412 -58.65 41.71 -22.18
C ALA E 412 -57.35 42.44 -22.46
N ASN E 413 -56.43 41.77 -23.17
CA ASN E 413 -55.17 42.36 -23.60
C ASN E 413 -55.34 43.21 -24.86
N ILE E 414 -56.15 44.26 -24.72
CA ILE E 414 -56.48 45.18 -25.81
C ILE E 414 -55.24 45.94 -26.24
N THR E 415 -55.35 46.69 -27.34
CA THR E 415 -54.34 47.67 -27.73
C THR E 415 -54.97 49.03 -27.90
N LEU E 416 -54.23 50.08 -27.53
CA LEU E 416 -54.62 51.46 -27.77
C LEU E 416 -53.42 52.21 -28.34
N ASN E 417 -53.57 52.78 -29.52
CA ASN E 417 -52.45 53.32 -30.27
C ASN E 417 -52.26 54.82 -30.05
N THR E 418 -51.11 55.33 -30.49
CA THR E 418 -50.70 56.69 -30.19
C THR E 418 -51.79 57.71 -30.56
N ALA E 419 -52.36 57.57 -31.76
CA ALA E 419 -53.44 58.44 -32.19
C ALA E 419 -54.70 58.22 -31.39
N ASP E 420 -54.79 57.10 -30.68
CA ASP E 420 -55.86 56.87 -29.72
C ASP E 420 -55.54 57.53 -28.39
N ILE E 421 -54.40 57.18 -27.79
CA ILE E 421 -54.12 57.55 -26.40
C ILE E 421 -53.68 58.99 -26.26
N SER E 422 -53.35 59.67 -27.35
CA SER E 422 -53.26 61.13 -27.35
C SER E 422 -54.60 61.80 -27.12
N GLN E 423 -55.70 61.14 -27.44
CA GLN E 423 -57.01 61.69 -27.13
C GLN E 423 -57.39 61.42 -25.68
N PRO E 424 -58.34 62.18 -25.12
CA PRO E 424 -59.15 61.64 -24.03
C PRO E 424 -60.18 60.66 -24.57
N PHE E 425 -59.69 59.53 -25.09
CA PHE E 425 -60.56 58.55 -25.72
C PHE E 425 -61.53 57.94 -24.72
N GLU E 426 -62.70 57.58 -25.21
CA GLU E 426 -63.61 56.72 -24.49
C GLU E 426 -63.21 55.26 -24.75
N ILE E 427 -63.49 54.39 -23.81
CA ILE E 427 -63.65 52.96 -24.08
C ILE E 427 -65.09 52.57 -23.83
N GLY E 428 -65.76 52.12 -24.89
CA GLY E 428 -67.14 51.68 -24.81
C GLY E 428 -67.25 50.17 -24.76
N LEU E 429 -67.70 49.66 -23.62
CA LEU E 429 -68.05 48.26 -23.46
C LEU E 429 -69.56 48.08 -23.68
N THR E 430 -69.94 46.88 -24.13
CA THR E 430 -71.35 46.65 -24.50
C THR E 430 -71.66 45.17 -24.33
N ARG E 431 -72.35 44.83 -23.24
CA ARG E 431 -73.11 43.59 -23.16
C ARG E 431 -74.29 43.69 -24.13
N VAL E 432 -74.20 43.02 -25.26
CA VAL E 432 -75.34 42.93 -26.18
C VAL E 432 -76.16 41.67 -25.90
N LEU E 433 -77.42 41.87 -25.52
CA LEU E 433 -78.33 40.77 -25.23
C LEU E 433 -78.79 40.11 -26.54
N PRO E 434 -79.29 38.87 -26.46
CA PRO E 434 -79.85 38.21 -27.66
C PRO E 434 -80.93 39.00 -28.37
N SER E 435 -81.61 39.90 -27.66
CA SER E 435 -82.57 40.79 -28.28
C SER E 435 -81.93 41.89 -29.11
N GLY E 436 -80.61 42.06 -29.02
CA GLY E 436 -79.95 43.25 -29.52
C GLY E 436 -80.08 44.46 -28.64
N SER E 437 -80.84 44.38 -27.54
CA SER E 437 -80.69 45.35 -26.48
C SER E 437 -79.29 45.27 -25.89
N TRP E 438 -78.91 46.30 -25.14
CA TRP E 438 -77.61 46.27 -24.52
C TRP E 438 -77.61 46.99 -23.18
N ALA E 439 -76.75 46.51 -22.29
CA ALA E 439 -76.17 47.31 -21.22
C ALA E 439 -74.83 47.82 -21.73
N TYR E 440 -74.91 48.87 -22.55
CA TYR E 440 -73.73 49.67 -22.83
C TYR E 440 -73.32 50.45 -21.59
N ALA E 441 -72.00 50.52 -21.38
CA ALA E 441 -71.40 51.42 -20.41
C ALA E 441 -70.01 51.78 -20.93
N ALA E 442 -69.52 52.95 -20.51
CA ALA E 442 -68.25 53.41 -21.01
C ALA E 442 -67.59 54.34 -20.01
N ALA E 443 -66.27 54.46 -20.13
CA ALA E 443 -65.51 55.50 -19.46
C ALA E 443 -64.45 56.02 -20.43
N LYS E 444 -64.18 57.32 -20.32
CA LYS E 444 -62.99 57.90 -20.95
C LYS E 444 -61.74 57.59 -20.13
N PHE E 445 -60.61 57.51 -20.84
CA PHE E 445 -59.31 57.29 -20.22
C PHE E 445 -58.32 58.26 -20.85
N THR E 446 -58.01 59.34 -20.13
CA THR E 446 -56.95 60.26 -20.51
C THR E 446 -55.60 59.65 -20.19
N VAL E 447 -54.69 59.68 -21.17
CA VAL E 447 -53.31 59.24 -20.98
C VAL E 447 -52.41 60.46 -21.04
N GLU E 448 -51.64 60.68 -19.97
CA GLU E 448 -50.72 61.79 -19.86
C GLU E 448 -49.32 61.26 -19.54
N GLU E 449 -48.31 61.84 -20.16
CA GLU E 449 -46.93 61.65 -19.69
C GLU E 449 -46.65 62.51 -18.48
N TYR E 450 -45.96 61.94 -17.50
CA TYR E 450 -45.93 62.49 -16.15
C TYR E 450 -44.52 62.35 -15.59
N ASN E 451 -44.23 63.13 -14.55
CA ASN E 451 -42.87 63.22 -14.03
C ASN E 451 -42.44 61.93 -13.32
N GLN E 452 -41.17 61.56 -13.51
CA GLN E 452 -40.61 60.28 -13.08
C GLN E 452 -40.18 60.24 -11.61
N TYR E 453 -40.41 61.31 -10.84
CA TYR E 453 -39.90 61.38 -9.47
C TYR E 453 -40.32 60.19 -8.62
N SER E 454 -41.63 59.96 -8.51
CA SER E 454 -42.13 58.88 -7.66
C SER E 454 -41.70 57.51 -8.14
N PHE E 455 -41.36 57.37 -9.42
CA PHE E 455 -40.80 56.11 -9.89
C PHE E 455 -39.36 55.93 -9.40
N LEU E 456 -38.51 56.93 -9.63
CA LEU E 456 -37.11 56.83 -9.27
C LEU E 456 -36.89 56.69 -7.78
N LEU E 457 -37.71 57.34 -6.95
CA LEU E 457 -37.55 57.15 -5.51
C LEU E 457 -37.84 55.72 -5.05
N LYS E 458 -38.83 55.08 -5.66
CA LYS E 458 -39.10 53.69 -5.32
C LYS E 458 -38.04 52.75 -5.86
N LEU E 459 -37.56 52.99 -7.07
CA LEU E 459 -36.45 52.19 -7.58
C LEU E 459 -35.21 52.36 -6.71
N ASN E 460 -34.97 53.56 -6.20
CA ASN E 460 -33.83 53.79 -5.30
C ASN E 460 -33.96 52.98 -4.02
N LYS E 461 -35.12 53.04 -3.37
CA LYS E 461 -35.38 52.19 -2.23
C LYS E 461 -35.14 50.71 -2.52
N ALA E 462 -35.61 50.24 -3.68
CA ALA E 462 -35.47 48.82 -4.00
C ALA E 462 -34.03 48.42 -4.22
N ILE E 463 -33.26 49.22 -4.96
CA ILE E 463 -31.88 48.87 -5.23
C ILE E 463 -31.07 48.86 -3.94
N ARG E 464 -31.20 49.91 -3.14
CA ARG E 464 -30.38 49.99 -1.94
C ARG E 464 -30.74 48.89 -0.95
N LEU E 465 -32.02 48.57 -0.82
CA LEU E 465 -32.41 47.48 0.07
C LEU E 465 -31.88 46.13 -0.42
N SER E 466 -32.05 45.84 -1.70
CA SER E 466 -31.55 44.57 -2.23
C SER E 466 -30.03 44.46 -2.07
N ARG E 467 -29.31 45.54 -2.30
CA ARG E 467 -27.86 45.50 -2.17
C ARG E 467 -27.40 45.36 -0.73
N ALA E 468 -28.10 46.02 0.21
CA ALA E 468 -27.67 45.94 1.60
C ALA E 468 -27.93 44.57 2.22
N THR E 469 -29.07 43.96 1.95
CA THR E 469 -29.39 42.66 2.54
C THR E 469 -28.92 41.49 1.68
N GLU E 470 -28.22 41.77 0.58
CA GLU E 470 -27.80 40.77 -0.40
C GLU E 470 -28.84 39.69 -0.67
N LEU E 471 -30.09 40.10 -0.84
CA LEU E 471 -31.20 39.22 -1.18
C LEU E 471 -31.65 39.56 -2.59
N SER E 472 -32.08 38.54 -3.32
CA SER E 472 -32.53 38.77 -4.69
C SER E 472 -33.79 39.65 -4.68
N PRO E 473 -33.94 40.49 -5.70
CA PRO E 473 -35.13 41.34 -5.77
C PRO E 473 -36.43 40.56 -5.81
N THR E 474 -36.44 39.36 -6.39
CA THR E 474 -37.66 38.56 -6.36
C THR E 474 -38.08 38.21 -4.94
N ILE E 475 -37.12 37.84 -4.10
CA ILE E 475 -37.44 37.52 -2.72
C ILE E 475 -38.04 38.72 -2.00
N LEU E 476 -37.42 39.89 -2.17
CA LEU E 476 -37.92 41.09 -1.52
C LEU E 476 -39.30 41.47 -2.03
N GLU E 477 -39.54 41.29 -3.33
CA GLU E 477 -40.88 41.54 -3.83
C GLU E 477 -41.88 40.57 -3.25
N GLY E 478 -41.46 39.32 -3.03
CA GLY E 478 -42.33 38.37 -2.35
C GLY E 478 -42.53 38.63 -0.88
N ILE E 479 -41.68 39.45 -0.28
CA ILE E 479 -41.86 39.80 1.11
C ILE E 479 -42.74 41.03 1.26
N VAL E 480 -42.56 42.02 0.39
CA VAL E 480 -43.29 43.27 0.52
C VAL E 480 -44.79 43.08 0.27
N ARG E 481 -45.17 42.14 -0.59
CA ARG E 481 -46.59 41.93 -0.86
C ARG E 481 -47.33 41.30 0.33
N SER E 482 -46.61 40.69 1.27
CA SER E 482 -47.29 40.10 2.41
C SER E 482 -47.61 41.12 3.50
N VAL E 483 -47.13 42.35 3.38
CA VAL E 483 -47.56 43.44 4.26
C VAL E 483 -48.63 44.29 3.59
N ASN E 484 -48.34 44.80 2.40
CA ASN E 484 -49.19 45.80 1.78
C ASN E 484 -49.52 45.33 0.37
N LEU E 485 -50.77 45.53 -0.03
CA LEU E 485 -51.15 45.37 -1.42
C LEU E 485 -50.62 46.51 -2.28
N GLN E 486 -50.17 47.60 -1.68
CA GLN E 486 -49.33 48.56 -2.37
C GLN E 486 -47.85 48.27 -2.11
N LEU E 487 -47.05 48.27 -3.17
CA LEU E 487 -45.64 47.98 -3.03
C LEU E 487 -44.96 49.15 -2.33
N ASP E 488 -44.89 49.14 -1.01
CA ASP E 488 -44.45 50.32 -0.26
C ASP E 488 -43.53 49.90 0.89
N ILE E 489 -42.23 49.93 0.63
CA ILE E 489 -41.23 49.64 1.67
C ILE E 489 -41.34 50.67 2.77
N ASN E 490 -41.46 50.20 4.01
CA ASN E 490 -41.69 51.05 5.16
C ASN E 490 -41.28 50.29 6.42
N THR E 491 -41.51 50.89 7.58
CA THR E 491 -41.12 50.29 8.85
C THR E 491 -41.66 48.87 9.01
N ASP E 492 -42.91 48.62 8.61
CA ASP E 492 -43.51 47.32 8.85
C ASP E 492 -42.81 46.24 8.03
N VAL E 493 -42.66 46.46 6.73
CA VAL E 493 -42.05 45.43 5.88
C VAL E 493 -40.57 45.32 6.23
N LEU E 494 -39.94 46.42 6.59
CA LEU E 494 -38.53 46.44 6.93
C LEU E 494 -38.28 45.79 8.27
N GLY E 495 -39.32 45.58 9.07
CA GLY E 495 -39.13 44.93 10.34
C GLY E 495 -38.89 43.44 10.18
N LYS E 496 -39.56 42.79 9.23
CA LYS E 496 -39.42 41.34 9.13
C LYS E 496 -38.39 40.88 8.10
N VAL E 497 -37.77 41.77 7.34
CA VAL E 497 -36.66 41.29 6.53
C VAL E 497 -35.51 40.89 7.45
N PHE E 498 -35.32 41.58 8.57
CA PHE E 498 -34.31 41.15 9.51
C PHE E 498 -34.67 39.78 10.10
N LEU E 499 -35.95 39.58 10.40
CA LEU E 499 -36.37 38.29 10.94
C LEU E 499 -36.15 37.17 9.94
N THR E 500 -36.48 37.41 8.67
CA THR E 500 -36.28 36.35 7.69
C THR E 500 -34.79 36.09 7.44
N LYS E 501 -33.95 37.11 7.50
CA LYS E 501 -32.51 36.86 7.40
C LYS E 501 -31.97 36.05 8.58
N TYR E 502 -32.51 36.31 9.76
CA TYR E 502 -32.15 35.50 10.92
C TYR E 502 -32.60 34.06 10.77
N TYR E 503 -33.88 33.84 10.46
CA TYR E 503 -34.37 32.46 10.33
C TYR E 503 -33.71 31.70 9.20
N MET E 504 -33.53 32.32 8.03
CA MET E 504 -32.78 31.65 6.96
C MET E 504 -31.35 31.32 7.34
N GLN E 505 -30.73 32.09 8.23
CA GLN E 505 -29.40 31.67 8.66
C GLN E 505 -29.46 30.58 9.72
N ARG E 506 -30.23 30.80 10.78
CA ARG E 506 -30.30 29.89 11.93
C ARG E 506 -30.79 28.50 11.52
N TYR E 507 -31.87 28.44 10.75
CA TYR E 507 -32.53 27.18 10.44
C TYR E 507 -32.18 26.65 9.06
N ALA E 508 -31.53 27.47 8.24
CA ALA E 508 -31.15 27.13 6.87
C ALA E 508 -32.33 26.64 6.04
N ILE E 509 -33.41 27.44 6.05
CA ILE E 509 -34.63 27.09 5.37
C ILE E 509 -34.78 28.04 4.18
N HIS E 510 -35.72 27.74 3.30
CA HIS E 510 -35.91 28.59 2.14
C HIS E 510 -36.63 29.88 2.54
N ALA E 511 -36.67 30.84 1.62
CA ALA E 511 -37.25 32.15 1.91
C ALA E 511 -38.74 32.06 2.23
N GLU E 512 -39.49 31.28 1.45
CA GLU E 512 -40.93 31.18 1.65
C GLU E 512 -41.27 30.56 3.00
N THR E 513 -40.51 29.55 3.41
CA THR E 513 -40.75 28.93 4.71
C THR E 513 -40.51 29.94 5.83
N ALA E 514 -39.44 30.73 5.72
CA ALA E 514 -39.17 31.75 6.71
C ALA E 514 -40.28 32.78 6.77
N LEU E 515 -40.83 33.15 5.62
CA LEU E 515 -41.95 34.07 5.62
C LEU E 515 -43.15 33.46 6.34
N ILE E 516 -43.40 32.17 6.15
CA ILE E 516 -44.45 31.50 6.90
C ILE E 516 -44.19 31.61 8.40
N LEU E 517 -42.94 31.40 8.82
CA LEU E 517 -42.60 31.56 10.23
C LEU E 517 -42.83 32.97 10.75
N CYS E 518 -42.84 33.97 9.86
CA CYS E 518 -43.06 35.36 10.24
C CYS E 518 -44.53 35.76 10.21
N ASN E 519 -45.44 34.79 10.31
CA ASN E 519 -46.89 35.04 10.29
C ASN E 519 -47.31 35.75 9.01
N ALA E 520 -46.98 35.14 7.88
CA ALA E 520 -47.35 35.65 6.58
C ALA E 520 -48.15 34.60 5.80
N PRO E 521 -49.24 34.99 5.15
CA PRO E 521 -50.05 34.01 4.42
C PRO E 521 -49.28 33.42 3.24
N ILE E 522 -49.67 32.20 2.87
CA ILE E 522 -49.09 31.53 1.71
C ILE E 522 -49.42 32.31 0.45
N SER E 523 -48.42 32.47 -0.41
CA SER E 523 -48.55 33.28 -1.62
C SER E 523 -49.07 32.42 -2.77
N GLN E 524 -50.21 32.82 -3.34
CA GLN E 524 -50.72 32.14 -4.53
C GLN E 524 -49.96 32.51 -5.79
N ARG E 525 -49.39 33.71 -5.86
CA ARG E 525 -48.74 34.17 -7.07
C ARG E 525 -47.48 33.37 -7.38
N SER E 526 -47.27 33.09 -8.66
CA SER E 526 -46.06 32.41 -9.13
C SER E 526 -44.99 33.41 -9.55
N TYR E 527 -43.98 33.60 -8.73
CA TYR E 527 -42.83 34.40 -9.11
C TYR E 527 -41.90 33.61 -10.02
N ASP E 528 -41.05 34.36 -10.72
CA ASP E 528 -39.77 33.86 -11.21
C ASP E 528 -39.89 32.71 -12.21
N ASN E 529 -41.05 32.54 -12.86
CA ASN E 529 -41.32 31.37 -13.70
C ASN E 529 -41.21 30.07 -12.91
N GLN E 530 -41.59 30.12 -11.65
CA GLN E 530 -41.54 28.98 -10.77
C GLN E 530 -42.94 28.70 -10.24
N PRO E 531 -43.27 27.45 -9.95
CA PRO E 531 -44.60 27.17 -9.38
C PRO E 531 -44.74 27.87 -8.04
N SER E 532 -45.97 28.28 -7.75
CA SER E 532 -46.19 29.01 -6.52
C SER E 532 -46.04 28.11 -5.32
N GLN E 533 -45.94 28.72 -4.15
CA GLN E 533 -45.86 27.95 -2.92
C GLN E 533 -47.10 27.10 -2.73
N PHE E 534 -48.27 27.70 -2.95
CA PHE E 534 -49.51 26.96 -2.84
C PHE E 534 -49.58 25.82 -3.85
N ASP E 535 -49.19 26.08 -5.09
CA ASP E 535 -49.24 25.05 -6.13
C ASP E 535 -48.29 23.90 -5.80
N ARG E 536 -47.05 24.21 -5.42
CA ARG E 536 -46.11 23.16 -5.05
C ARG E 536 -46.52 22.44 -3.79
N LEU E 537 -47.28 23.10 -2.92
CA LEU E 537 -47.67 22.48 -1.67
C LEU E 537 -48.84 21.51 -1.85
N PHE E 538 -49.87 21.90 -2.58
CA PHE E 538 -51.11 21.12 -2.61
C PHE E 538 -51.55 20.68 -4.00
N ASN E 539 -50.91 21.10 -5.06
CA ASN E 539 -51.37 20.75 -6.40
C ASN E 539 -50.43 19.85 -7.20
N THR E 540 -49.12 19.98 -7.07
CA THR E 540 -48.24 19.05 -7.78
C THR E 540 -47.68 18.01 -6.83
N PRO E 541 -47.86 16.72 -7.14
CA PRO E 541 -48.60 16.20 -8.29
C PRO E 541 -50.09 16.14 -8.03
N LEU E 542 -50.89 16.35 -9.08
CA LEU E 542 -52.34 16.31 -8.96
C LEU E 542 -52.82 14.93 -8.52
N LEU E 543 -53.72 14.92 -7.56
CA LEU E 543 -54.23 13.70 -6.95
C LEU E 543 -55.56 13.37 -7.60
N ASN E 544 -55.56 12.30 -8.42
CA ASN E 544 -56.74 11.78 -9.09
C ASN E 544 -57.40 12.84 -9.97
N GLY E 545 -56.58 13.68 -10.60
CA GLY E 545 -57.08 14.70 -11.51
C GLY E 545 -58.02 15.70 -10.86
N GLN E 546 -57.78 16.03 -9.59
CA GLN E 546 -58.58 17.01 -8.88
C GLN E 546 -57.69 18.16 -8.47
N TYR E 547 -58.09 19.37 -8.82
CA TYR E 547 -57.29 20.56 -8.56
C TYR E 547 -57.79 21.21 -7.26
N PHE E 548 -56.87 21.45 -6.35
CA PHE E 548 -57.16 22.01 -5.03
C PHE E 548 -56.99 23.51 -5.03
N SER E 549 -57.98 24.20 -4.47
CA SER E 549 -57.94 25.64 -4.38
C SER E 549 -58.80 26.09 -3.21
N THR E 550 -58.57 27.31 -2.78
CA THR E 550 -59.37 27.89 -1.70
C THR E 550 -60.82 28.02 -2.13
N GLY E 551 -61.73 27.63 -1.23
CA GLY E 551 -63.14 27.67 -1.52
C GLY E 551 -63.92 27.89 -0.25
N ASP E 552 -65.21 28.14 -0.42
CA ASP E 552 -66.09 28.38 0.72
C ASP E 552 -66.59 27.09 1.37
N GLU E 553 -66.27 25.94 0.78
CA GLU E 553 -66.67 24.67 1.37
C GLU E 553 -65.90 24.41 2.66
N GLU E 554 -66.45 23.52 3.47
CA GLU E 554 -65.95 23.23 4.81
C GLU E 554 -65.30 21.86 4.85
N ILE E 555 -64.08 21.78 5.40
CA ILE E 555 -63.29 20.57 5.43
C ILE E 555 -63.21 20.07 6.86
N ASP E 556 -63.43 18.77 7.05
CA ASP E 556 -63.41 18.16 8.36
C ASP E 556 -62.03 17.61 8.70
N LEU E 557 -61.55 17.90 9.90
CA LEU E 557 -60.29 17.38 10.40
C LEU E 557 -60.47 16.27 11.41
N ASN E 558 -61.69 15.78 11.60
CA ASN E 558 -61.89 14.67 12.52
C ASN E 558 -61.25 13.43 11.93
N SER E 559 -60.44 12.74 12.73
CA SER E 559 -59.70 11.59 12.21
C SER E 559 -60.64 10.46 11.80
N GLY E 560 -61.67 10.20 12.59
CA GLY E 560 -62.60 9.14 12.27
C GLY E 560 -63.68 9.47 11.28
N SER E 561 -63.72 10.70 10.77
CA SER E 561 -64.78 11.07 9.83
C SER E 561 -64.59 10.48 8.43
N THR E 562 -63.38 10.08 8.08
CA THR E 562 -63.06 9.58 6.74
C THR E 562 -63.48 10.59 5.67
N GLY E 563 -62.79 11.73 5.72
CA GLY E 563 -63.11 12.86 4.89
C GLY E 563 -62.87 12.65 3.41
N ASP E 564 -63.22 13.67 2.64
CA ASP E 564 -63.15 13.61 1.19
C ASP E 564 -61.71 13.81 0.74
N TRP E 565 -61.53 14.07 -0.56
CA TRP E 565 -60.20 14.21 -1.13
C TRP E 565 -59.44 15.40 -0.57
N ARG E 566 -60.13 16.42 -0.06
CA ARG E 566 -59.44 17.58 0.49
C ARG E 566 -58.63 17.21 1.72
N LYS E 567 -59.18 16.36 2.57
CA LYS E 567 -58.44 15.89 3.73
C LYS E 567 -57.20 15.12 3.29
N THR E 568 -57.32 14.34 2.22
CA THR E 568 -56.16 13.65 1.68
C THR E 568 -55.12 14.63 1.17
N ILE E 569 -55.55 15.71 0.53
CA ILE E 569 -54.58 16.71 0.07
C ILE E 569 -53.83 17.30 1.25
N LEU E 570 -54.54 17.64 2.33
CA LEU E 570 -53.87 18.18 3.50
C LEU E 570 -52.88 17.17 4.09
N LYS E 571 -53.30 15.91 4.20
CA LYS E 571 -52.42 14.89 4.76
C LYS E 571 -51.17 14.70 3.90
N ARG E 572 -51.34 14.66 2.59
CA ARG E 572 -50.20 14.49 1.70
C ARG E 572 -49.26 15.67 1.75
N ALA E 573 -49.80 16.89 1.80
CA ALA E 573 -48.96 18.08 1.86
C ALA E 573 -48.15 18.14 3.14
N PHE E 574 -48.76 17.79 4.28
CA PHE E 574 -48.07 17.85 5.56
C PHE E 574 -47.33 16.58 5.95
N ASN E 575 -47.45 15.49 5.18
CA ASN E 575 -46.76 14.23 5.48
C ASN E 575 -47.08 13.72 6.88
N ILE E 576 -48.35 13.82 7.27
CA ILE E 576 -48.79 13.39 8.59
C ILE E 576 -50.05 12.54 8.43
N ASP E 577 -50.32 11.74 9.46
CA ASP E 577 -51.50 10.90 9.49
C ASP E 577 -52.68 11.68 10.06
N ASP E 578 -53.85 11.03 10.12
CA ASP E 578 -55.06 11.73 10.51
C ASP E 578 -55.03 12.16 11.97
N VAL E 579 -54.53 11.29 12.86
CA VAL E 579 -54.54 11.57 14.27
C VAL E 579 -53.62 12.76 14.60
N SER E 580 -52.41 12.74 14.05
CA SER E 580 -51.53 13.88 14.25
C SER E 580 -52.07 15.14 13.59
N LEU E 581 -52.83 15.00 12.51
CA LEU E 581 -53.48 16.16 11.91
C LEU E 581 -54.47 16.80 12.87
N PHE E 582 -55.29 15.98 13.53
CA PHE E 582 -56.21 16.53 14.52
C PHE E 582 -55.46 17.15 15.68
N ARG E 583 -54.36 16.52 16.10
CA ARG E 583 -53.55 17.08 17.17
C ARG E 583 -52.96 18.44 16.77
N LEU E 584 -52.50 18.57 15.54
CA LEU E 584 -52.00 19.86 15.07
C LEU E 584 -53.08 20.91 15.04
N LEU E 585 -54.30 20.51 14.63
CA LEU E 585 -55.41 21.46 14.67
C LEU E 585 -55.68 21.92 16.09
N LYS E 586 -55.67 20.99 17.05
CA LYS E 586 -55.89 21.38 18.44
C LYS E 586 -54.77 22.25 19.00
N ILE E 587 -53.52 22.01 18.59
CA ILE E 587 -52.41 22.85 19.04
C ILE E 587 -52.57 24.27 18.53
N THR E 588 -52.89 24.41 17.25
CA THR E 588 -52.89 25.73 16.61
C THR E 588 -54.01 26.60 17.15
N ASP E 589 -55.23 26.08 17.21
CA ASP E 589 -56.36 26.87 17.63
C ASP E 589 -57.06 26.19 18.79
N HIS E 590 -57.32 26.94 19.86
CA HIS E 590 -58.10 26.44 20.98
C HIS E 590 -59.57 26.79 20.91
N ASP E 591 -59.99 27.60 19.94
CA ASP E 591 -61.38 27.96 19.81
C ASP E 591 -62.15 27.06 18.84
N ASN E 592 -61.47 26.14 18.17
CA ASN E 592 -62.13 25.22 17.24
C ASN E 592 -62.66 24.05 18.04
N LYS E 593 -63.92 24.17 18.45
CA LYS E 593 -64.54 23.12 19.25
C LYS E 593 -64.63 21.82 18.48
N ASP E 594 -65.00 21.89 17.20
CA ASP E 594 -65.09 20.73 16.34
C ASP E 594 -63.93 20.74 15.35
N GLY E 595 -63.69 19.57 14.75
CA GLY E 595 -62.59 19.45 13.80
C GLY E 595 -62.79 20.17 12.49
N LYS E 596 -64.02 20.48 12.12
CA LYS E 596 -64.27 21.17 10.87
C LYS E 596 -63.72 22.59 10.91
N ILE E 597 -63.04 23.00 9.83
CA ILE E 597 -62.48 24.33 9.70
C ILE E 597 -62.80 24.89 8.32
N LYS E 598 -62.75 26.21 8.24
CA LYS E 598 -62.98 26.89 6.96
C LYS E 598 -61.80 26.64 6.03
N ASN E 599 -62.10 26.46 4.75
CA ASN E 599 -61.07 26.18 3.76
C ASN E 599 -60.39 27.42 3.22
N ASN E 600 -60.44 28.55 3.91
CA ASN E 600 -59.77 29.74 3.42
C ASN E 600 -58.26 29.60 3.60
N LEU E 601 -57.52 30.53 3.01
CA LEU E 601 -56.06 30.44 3.01
C LEU E 601 -55.47 30.65 4.40
N LYS E 602 -56.13 31.44 5.24
CA LYS E 602 -55.56 31.78 6.55
C LYS E 602 -55.43 30.55 7.44
N ASN E 603 -56.45 29.69 7.47
CA ASN E 603 -56.37 28.49 8.29
C ASN E 603 -55.26 27.57 7.80
N LEU E 604 -55.10 27.46 6.48
CA LEU E 604 -54.01 26.67 5.95
C LEU E 604 -52.67 27.23 6.39
N SER E 605 -52.54 28.56 6.40
CA SER E 605 -51.31 29.18 6.87
C SER E 605 -51.05 28.86 8.33
N ASN E 606 -52.10 28.89 9.16
CA ASN E 606 -51.90 28.55 10.57
C ASN E 606 -51.45 27.11 10.73
N LEU E 607 -52.05 26.19 9.99
CA LEU E 607 -51.64 24.79 10.07
C LEU E 607 -50.19 24.61 9.63
N TYR E 608 -49.79 25.31 8.57
CA TYR E 608 -48.40 25.23 8.13
C TYR E 608 -47.44 25.81 9.16
N ILE E 609 -47.83 26.89 9.84
CA ILE E 609 -46.98 27.42 10.92
C ILE E 609 -46.79 26.38 12.00
N GLY E 610 -47.88 25.75 12.43
CA GLY E 610 -47.77 24.74 13.47
C GLY E 610 -46.90 23.57 13.04
N LYS E 611 -47.02 23.13 11.79
CA LYS E 611 -46.18 22.04 11.32
C LYS E 611 -44.70 22.44 11.29
N LEU E 612 -44.40 23.64 10.82
CA LEU E 612 -43.01 24.06 10.74
C LEU E 612 -42.36 24.27 12.10
N LEU E 613 -43.15 24.62 13.13
CA LEU E 613 -42.54 24.73 14.45
C LEU E 613 -41.88 23.43 14.86
N ALA E 614 -42.54 22.30 14.62
CA ALA E 614 -41.92 21.02 14.91
C ALA E 614 -40.88 20.60 13.87
N ASP E 615 -41.09 20.93 12.58
CA ASP E 615 -40.13 20.48 11.59
C ASP E 615 -38.75 21.09 11.78
N ILE E 616 -38.68 22.39 12.09
CA ILE E 616 -37.36 23.01 12.15
C ILE E 616 -36.55 22.46 13.31
N HIS E 617 -37.19 22.02 14.38
CA HIS E 617 -36.50 21.51 15.56
C HIS E 617 -36.35 20.00 15.54
N GLN E 618 -36.67 19.35 14.43
CA GLN E 618 -36.52 17.89 14.30
C GLN E 618 -37.33 17.13 15.35
N LEU E 619 -38.55 17.60 15.61
CA LEU E 619 -39.48 16.92 16.49
C LEU E 619 -40.78 16.72 15.72
N THR E 620 -41.54 15.70 16.08
CA THR E 620 -42.83 15.53 15.43
C THR E 620 -43.93 16.17 16.28
N ILE E 621 -45.18 15.95 15.91
CA ILE E 621 -46.29 16.67 16.54
C ILE E 621 -46.42 16.30 18.00
N ASP E 622 -46.17 15.04 18.34
CA ASP E 622 -46.35 14.58 19.71
C ASP E 622 -45.40 15.31 20.66
N GLU E 623 -44.10 15.30 20.36
CA GLU E 623 -43.17 16.02 21.20
C GLU E 623 -43.44 17.51 21.14
N LEU E 624 -43.95 18.02 20.03
CA LEU E 624 -44.30 19.44 19.98
C LEU E 624 -45.40 19.77 20.98
N ASP E 625 -46.44 18.96 21.04
CA ASP E 625 -47.50 19.21 22.01
C ASP E 625 -46.96 19.10 23.43
N LEU E 626 -46.21 18.04 23.73
CA LEU E 626 -45.70 17.89 25.09
C LEU E 626 -44.76 19.02 25.45
N LEU E 627 -44.00 19.52 24.48
CA LEU E 627 -43.11 20.65 24.71
C LEU E 627 -43.87 21.93 25.01
N LEU E 628 -44.91 22.21 24.22
CA LEU E 628 -45.69 23.41 24.46
C LEU E 628 -46.39 23.36 25.81
N ILE E 629 -46.89 22.20 26.22
CA ILE E 629 -47.44 22.05 27.56
C ILE E 629 -46.36 22.23 28.64
N ALA E 630 -45.20 21.59 28.45
CA ALA E 630 -44.11 21.70 29.41
C ALA E 630 -43.57 23.10 29.54
N VAL E 631 -43.67 23.92 28.51
CA VAL E 631 -43.22 25.30 28.61
C VAL E 631 -44.20 26.10 29.44
N GLY E 632 -45.49 25.88 29.24
CA GLY E 632 -46.54 26.66 29.85
C GLY E 632 -47.16 27.68 28.94
N GLU E 633 -46.56 27.91 27.77
CA GLU E 633 -47.15 28.80 26.79
C GLU E 633 -48.08 28.06 25.84
N GLY E 634 -48.26 26.75 26.04
CA GLY E 634 -49.12 25.97 25.18
C GLY E 634 -50.58 26.35 25.28
N LYS E 635 -50.97 26.99 26.38
CA LYS E 635 -52.35 27.47 26.52
C LYS E 635 -52.67 28.53 25.47
N THR E 636 -51.73 29.42 25.18
CA THR E 636 -51.92 30.43 24.16
C THR E 636 -52.06 29.81 22.78
N ASN E 637 -52.97 30.37 21.98
CA ASN E 637 -53.24 29.87 20.63
C ASN E 637 -52.38 30.59 19.60
N LEU E 638 -51.88 29.82 18.64
CA LEU E 638 -51.07 30.40 17.56
C LEU E 638 -51.92 31.16 16.56
N SER E 639 -53.19 30.80 16.41
CA SER E 639 -54.03 31.47 15.42
C SER E 639 -54.22 32.94 15.74
N ALA E 640 -54.45 33.28 17.00
CA ALA E 640 -54.63 34.67 17.42
C ALA E 640 -53.47 35.01 18.33
N ILE E 641 -52.37 35.46 17.73
CA ILE E 641 -51.17 35.79 18.49
C ILE E 641 -50.45 36.94 17.80
N SER E 642 -49.73 37.72 18.60
CA SER E 642 -48.97 38.84 18.10
C SER E 642 -47.66 38.34 17.49
N ASP E 643 -47.10 39.16 16.60
CA ASP E 643 -45.85 38.78 15.94
C ASP E 643 -44.71 38.66 16.95
N LYS E 644 -44.62 39.61 17.87
CA LYS E 644 -43.58 39.55 18.89
C LYS E 644 -43.79 38.36 19.82
N GLN E 645 -45.04 38.02 20.14
CA GLN E 645 -45.27 36.84 20.93
C GLN E 645 -44.84 35.57 20.20
N LEU E 646 -45.09 35.50 18.90
CA LEU E 646 -44.64 34.33 18.14
C LEU E 646 -43.12 34.25 18.11
N ALA E 647 -42.44 35.39 17.95
CA ALA E 647 -40.99 35.36 17.97
C ALA E 647 -40.46 34.91 19.33
N THR E 648 -41.10 35.38 20.41
CA THR E 648 -40.72 34.94 21.75
C THR E 648 -40.93 33.44 21.93
N LEU E 649 -42.04 32.93 21.40
CA LEU E 649 -42.31 31.51 21.45
C LEU E 649 -41.26 30.71 20.71
N ILE E 650 -40.83 31.21 19.55
CA ILE E 650 -39.79 30.52 18.79
C ILE E 650 -38.50 30.47 19.60
N ARG E 651 -38.13 31.59 20.21
CA ARG E 651 -36.91 31.60 21.01
C ARG E 651 -37.00 30.65 22.20
N LYS E 652 -38.14 30.61 22.88
CA LYS E 652 -38.27 29.69 24.01
C LYS E 652 -38.15 28.25 23.57
N LEU E 653 -38.81 27.89 22.47
CA LEU E 653 -38.72 26.51 22.00
C LEU E 653 -37.29 26.15 21.63
N ASN E 654 -36.59 27.05 20.94
CA ASN E 654 -35.22 26.79 20.57
C ASN E 654 -34.32 26.64 21.78
N THR E 655 -34.49 27.51 22.79
CA THR E 655 -33.66 27.42 23.99
C THR E 655 -33.89 26.12 24.73
N ILE E 656 -35.14 25.71 24.89
CA ILE E 656 -35.40 24.48 25.64
C ILE E 656 -34.89 23.28 24.88
N THR E 657 -35.04 23.25 23.56
CA THR E 657 -34.49 22.14 22.78
C THR E 657 -32.98 22.08 22.90
N SER E 658 -32.29 23.21 22.84
CA SER E 658 -30.84 23.19 22.99
C SER E 658 -30.45 22.68 24.37
N TRP E 659 -31.17 23.10 25.40
CA TRP E 659 -30.86 22.62 26.74
C TRP E 659 -31.07 21.12 26.87
N LEU E 660 -32.16 20.60 26.29
CA LEU E 660 -32.38 19.16 26.35
C LEU E 660 -31.28 18.40 25.62
N HIS E 661 -30.85 18.92 24.48
CA HIS E 661 -29.75 18.26 23.77
C HIS E 661 -28.48 18.26 24.59
N THR E 662 -28.20 19.35 25.29
CA THR E 662 -27.01 19.36 26.15
C THR E 662 -27.13 18.40 27.31
N GLN E 663 -28.35 18.18 27.82
CA GLN E 663 -28.56 17.34 28.99
C GLN E 663 -28.82 15.87 28.67
N LYS E 664 -28.82 15.48 27.40
CA LYS E 664 -29.10 14.10 27.00
C LYS E 664 -30.45 13.61 27.52
N TRP E 665 -31.46 14.46 27.46
CA TRP E 665 -32.79 14.18 27.99
C TRP E 665 -33.79 14.03 26.86
N SER E 666 -34.66 13.03 26.98
CA SER E 666 -35.74 12.92 26.02
C SER E 666 -36.85 13.90 26.40
N VAL E 667 -37.70 14.22 25.44
CA VAL E 667 -38.80 15.14 25.73
C VAL E 667 -39.77 14.52 26.72
N PHE E 668 -39.98 13.21 26.64
CA PHE E 668 -40.90 12.55 27.55
C PHE E 668 -40.44 12.66 29.00
N GLN E 669 -39.13 12.55 29.25
CA GLN E 669 -38.63 12.72 30.60
C GLN E 669 -38.94 14.12 31.12
N LEU E 670 -38.76 15.12 30.28
CA LEU E 670 -39.07 16.48 30.71
C LEU E 670 -40.56 16.62 31.00
N PHE E 671 -41.40 16.01 30.18
CA PHE E 671 -42.84 16.09 30.43
C PHE E 671 -43.18 15.43 31.76
N ILE E 672 -42.55 14.29 32.06
CA ILE E 672 -42.80 13.63 33.33
C ILE E 672 -42.37 14.50 34.49
N MET E 673 -41.21 15.15 34.38
CA MET E 673 -40.76 15.99 35.49
C MET E 673 -41.63 17.22 35.65
N THR E 674 -42.22 17.71 34.58
CA THR E 674 -43.05 18.90 34.61
C THR E 674 -44.54 18.61 34.62
N SER E 675 -44.92 17.33 34.67
CA SER E 675 -46.33 16.97 34.61
C SER E 675 -47.06 17.38 35.89
N THR E 676 -48.33 17.72 35.74
CA THR E 676 -49.19 18.03 36.86
C THR E 676 -50.30 17.02 37.08
N SER E 677 -50.89 16.49 36.02
CA SER E 677 -51.88 15.44 36.17
C SER E 677 -51.21 14.15 36.66
N TYR E 678 -51.84 13.48 37.61
CA TYR E 678 -51.28 12.31 38.25
C TYR E 678 -52.25 11.14 38.12
N ASN E 679 -51.72 9.96 37.83
CA ASN E 679 -52.57 8.78 37.70
C ASN E 679 -53.11 8.37 39.07
N LYS E 680 -54.41 8.17 39.16
CA LYS E 680 -55.05 7.79 40.42
C LYS E 680 -55.27 6.28 40.46
N THR E 681 -54.16 5.54 40.45
CA THR E 681 -54.20 4.08 40.49
C THR E 681 -53.23 3.59 41.56
N LEU E 682 -53.73 2.75 42.47
CA LEU E 682 -52.87 2.18 43.49
C LEU E 682 -51.84 1.27 42.84
N THR E 683 -50.61 1.34 43.35
CA THR E 683 -49.49 0.55 42.88
C THR E 683 -48.86 -0.18 44.05
N PRO E 684 -48.19 -1.30 43.81
CA PRO E 684 -47.52 -2.00 44.92
C PRO E 684 -46.52 -1.15 45.68
N GLU E 685 -45.79 -0.27 44.98
CA GLU E 685 -44.87 0.61 45.69
C GLU E 685 -45.60 1.54 46.63
N ILE E 686 -46.72 2.12 46.18
CA ILE E 686 -47.49 3.02 47.03
C ILE E 686 -48.09 2.26 48.20
N LYS E 687 -48.55 1.04 47.97
CA LYS E 687 -49.10 0.25 49.05
C LYS E 687 -48.03 -0.05 50.10
N ASN E 688 -46.83 -0.38 49.67
CA ASN E 688 -45.73 -0.62 50.62
C ASN E 688 -45.40 0.65 51.40
N LEU E 689 -45.40 1.80 50.71
CA LEU E 689 -45.16 3.06 51.40
C LEU E 689 -46.19 3.30 52.48
N LEU E 690 -47.47 3.08 52.16
CA LEU E 690 -48.51 3.28 53.15
C LEU E 690 -48.35 2.34 54.33
N ASP E 691 -48.04 1.07 54.08
CA ASP E 691 -47.86 0.14 55.19
C ASP E 691 -46.70 0.56 56.09
N THR E 692 -45.56 0.93 55.50
CA THR E 692 -44.42 1.33 56.31
C THR E 692 -44.72 2.59 57.11
N VAL E 693 -45.35 3.59 56.50
CA VAL E 693 -45.64 4.81 57.23
C VAL E 693 -46.64 4.56 58.34
N TYR E 694 -47.67 3.76 58.07
CA TYR E 694 -48.66 3.48 59.10
C TYR E 694 -48.06 2.73 60.27
N HIS E 695 -47.20 1.75 59.99
CA HIS E 695 -46.59 1.02 61.09
C HIS E 695 -45.64 1.89 61.89
N GLY E 696 -44.84 2.72 61.21
CA GLY E 696 -43.89 3.55 61.93
C GLY E 696 -44.52 4.64 62.76
N LEU E 697 -45.55 5.30 62.24
CA LEU E 697 -46.11 6.46 62.92
C LEU E 697 -47.18 6.10 63.93
N GLN E 698 -47.49 4.83 64.11
CA GLN E 698 -48.50 4.46 65.08
C GLN E 698 -48.04 4.85 66.49
N GLY E 699 -48.93 5.47 67.24
CA GLY E 699 -48.60 5.98 68.55
C GLY E 699 -47.94 7.33 68.57
N PHE E 700 -47.88 8.01 67.43
CA PHE E 700 -47.26 9.32 67.35
C PHE E 700 -48.04 10.35 68.15
N ASP E 701 -47.32 11.26 68.81
CA ASP E 701 -47.89 12.33 69.60
C ASP E 701 -47.62 13.68 68.96
N LYS E 702 -48.69 14.47 68.77
CA LYS E 702 -48.57 15.71 68.01
C LYS E 702 -47.68 16.73 68.71
N ASP E 703 -47.86 16.92 70.02
CA ASP E 703 -47.12 17.94 70.75
C ASP E 703 -45.66 17.55 71.01
N LYS E 704 -45.37 16.25 71.07
CA LYS E 704 -44.02 15.81 71.40
C LYS E 704 -43.02 16.23 70.32
N ALA E 705 -43.40 16.09 69.05
CA ALA E 705 -42.49 16.43 67.97
C ALA E 705 -43.29 16.78 66.73
N ASP E 706 -42.62 17.44 65.80
CA ASP E 706 -43.27 17.83 64.55
C ASP E 706 -43.58 16.59 63.73
N LEU E 707 -44.79 16.58 63.14
CA LEU E 707 -45.21 15.43 62.37
C LEU E 707 -44.33 15.22 61.14
N LEU E 708 -43.96 16.31 60.47
CA LEU E 708 -43.18 16.22 59.25
C LEU E 708 -41.81 15.60 59.52
N HIS E 709 -41.15 16.04 60.59
CA HIS E 709 -39.82 15.52 60.89
C HIS E 709 -39.87 14.04 61.24
N VAL E 710 -40.90 13.60 61.97
CA VAL E 710 -41.03 12.19 62.30
C VAL E 710 -41.35 11.36 61.07
N MET E 711 -42.18 11.89 60.19
CA MET E 711 -42.59 11.14 59.00
C MET E 711 -41.53 11.08 57.92
N ALA E 712 -40.57 11.99 57.92
CA ALA E 712 -39.59 12.02 56.85
C ALA E 712 -38.78 10.73 56.67
N PRO E 713 -38.23 10.11 57.72
CA PRO E 713 -37.40 8.91 57.48
C PRO E 713 -38.10 7.75 56.78
N TYR E 714 -39.35 7.48 57.12
CA TYR E 714 -40.06 6.38 56.47
C TYR E 714 -40.35 6.67 55.01
N ILE E 715 -40.70 7.92 54.71
CA ILE E 715 -40.88 8.33 53.31
C ILE E 715 -39.58 8.18 52.54
N ALA E 716 -38.47 8.55 53.16
CA ALA E 716 -37.17 8.38 52.52
C ALA E 716 -36.90 6.91 52.22
N ALA E 717 -37.19 6.04 53.18
CA ALA E 717 -36.95 4.61 52.99
C ALA E 717 -37.79 4.02 51.87
N THR E 718 -39.06 4.39 51.80
CA THR E 718 -39.95 3.75 50.82
C THR E 718 -39.75 4.25 49.39
N LEU E 719 -39.45 5.52 49.19
CA LEU E 719 -39.41 6.13 47.87
C LEU E 719 -38.03 6.17 47.22
N GLN E 720 -37.06 5.42 47.74
CA GLN E 720 -35.73 5.28 47.16
C GLN E 720 -35.02 6.64 47.07
N LEU E 721 -34.74 7.18 48.25
CA LEU E 721 -33.98 8.40 48.41
C LEU E 721 -32.67 8.08 49.14
N SER E 722 -31.62 8.81 48.77
CA SER E 722 -30.33 8.58 49.39
C SER E 722 -30.27 9.13 50.80
N SER E 723 -30.84 10.31 51.02
CA SER E 723 -30.74 11.01 52.30
C SER E 723 -32.09 11.26 52.93
N GLU E 724 -32.09 11.33 54.27
CA GLU E 724 -33.31 11.57 55.00
C GLU E 724 -33.72 13.04 54.87
N ASN E 725 -32.74 13.94 54.95
CA ASN E 725 -33.04 15.37 54.86
C ASN E 725 -33.55 15.75 53.48
N VAL E 726 -33.17 15.00 52.45
CA VAL E 726 -33.77 15.21 51.14
C VAL E 726 -35.26 14.91 51.20
N ALA E 727 -35.65 13.84 51.89
CA ALA E 727 -37.06 13.57 52.04
C ALA E 727 -37.76 14.65 52.85
N HIS E 728 -37.09 15.19 53.87
CA HIS E 728 -37.71 16.28 54.62
C HIS E 728 -37.96 17.50 53.75
N SER E 729 -36.98 17.87 52.93
CA SER E 729 -37.17 19.00 52.01
C SER E 729 -38.27 18.71 51.00
N VAL E 730 -38.33 17.49 50.49
CA VAL E 730 -39.36 17.12 49.53
C VAL E 730 -40.74 17.23 50.17
N LEU E 731 -40.87 16.78 51.42
CA LEU E 731 -42.16 16.90 52.08
C LEU E 731 -42.56 18.36 52.29
N LEU E 732 -41.62 19.22 52.65
CA LEU E 732 -41.97 20.63 52.76
C LEU E 732 -42.44 21.20 51.42
N TRP E 733 -41.74 20.86 50.35
CA TRP E 733 -42.14 21.33 49.03
C TRP E 733 -43.50 20.80 48.63
N ALA E 734 -43.78 19.53 48.91
CA ALA E 734 -45.09 18.96 48.58
C ALA E 734 -46.20 19.64 49.37
N ASP E 735 -45.96 19.91 50.66
CA ASP E 735 -46.96 20.60 51.44
C ASP E 735 -47.24 22.00 50.90
N LYS E 736 -46.21 22.68 50.39
CA LYS E 736 -46.45 23.97 49.74
C LYS E 736 -47.20 23.83 48.41
N LEU E 737 -46.92 22.79 47.64
CA LEU E 737 -47.66 22.61 46.39
C LEU E 737 -49.10 22.17 46.60
N GLN E 738 -49.39 21.44 47.68
CA GLN E 738 -50.67 20.78 47.89
C GLN E 738 -51.11 20.01 46.64
N PRO E 739 -50.40 18.93 46.30
CA PRO E 739 -50.70 18.14 45.10
C PRO E 739 -52.12 17.66 44.95
N GLY E 740 -52.47 17.29 43.72
CA GLY E 740 -53.67 16.55 43.43
C GLY E 740 -54.93 17.37 43.38
N ASP E 741 -55.99 16.69 42.93
CA ASP E 741 -57.32 17.29 42.83
C ASP E 741 -57.92 17.58 44.19
N GLY E 742 -57.59 16.76 45.19
CA GLY E 742 -57.92 17.06 46.57
C GLY E 742 -56.72 17.44 47.42
N ALA E 743 -56.58 18.74 47.65
CA ALA E 743 -55.37 19.34 48.21
C ALA E 743 -54.93 18.61 49.48
N MET E 744 -53.79 17.93 49.39
CA MET E 744 -53.34 16.98 50.38
C MET E 744 -52.15 17.54 51.13
N THR E 745 -52.10 17.27 52.44
CA THR E 745 -51.04 17.77 53.31
C THR E 745 -50.77 16.70 54.36
N ALA E 746 -49.66 16.89 55.07
CA ALA E 746 -49.23 15.90 56.04
C ALA E 746 -50.29 15.60 57.10
N GLU E 747 -50.92 16.64 57.65
CA GLU E 747 -51.95 16.39 58.66
C GLU E 747 -53.12 15.58 58.10
N LYS E 748 -53.61 15.95 56.92
CA LYS E 748 -54.73 15.22 56.32
C LYS E 748 -54.34 13.80 55.99
N PHE E 749 -53.14 13.62 55.45
CA PHE E 749 -52.65 12.29 55.11
C PHE E 749 -52.53 11.43 56.35
N TRP E 750 -51.98 11.98 57.43
CA TRP E 750 -51.85 11.22 58.66
C TRP E 750 -53.21 10.85 59.23
N ASP E 751 -54.18 11.78 59.20
CA ASP E 751 -55.49 11.44 59.72
C ASP E 751 -56.17 10.35 58.90
N TRP E 752 -56.03 10.42 57.58
CA TRP E 752 -56.62 9.38 56.74
C TRP E 752 -55.98 8.03 57.03
N LEU E 753 -54.66 7.99 57.18
CA LEU E 753 -53.98 6.74 57.51
C LEU E 753 -54.43 6.21 58.85
N ASN E 754 -54.60 7.10 59.83
CA ASN E 754 -55.00 6.68 61.16
C ASN E 754 -56.40 6.09 61.14
N THR E 755 -57.32 6.68 60.38
CA THR E 755 -58.72 6.29 60.48
C THR E 755 -59.15 5.23 59.47
N LYS E 756 -59.01 5.52 58.18
CA LYS E 756 -59.67 4.74 57.13
C LYS E 756 -58.78 3.70 56.46
N TYR E 757 -57.58 3.44 56.94
CA TYR E 757 -56.69 2.51 56.27
C TYR E 757 -56.57 1.20 57.04
N THR E 758 -56.74 0.10 56.32
CA THR E 758 -56.56 -1.25 56.87
C THR E 758 -55.46 -1.93 56.06
N PRO E 759 -54.25 -2.02 56.62
CA PRO E 759 -53.13 -2.61 55.87
C PRO E 759 -53.36 -4.08 55.58
N GLY E 760 -52.78 -4.53 54.47
CA GLY E 760 -52.88 -5.91 54.08
C GLY E 760 -54.14 -6.32 53.33
N SER E 761 -55.02 -5.38 53.02
CA SER E 761 -56.25 -5.70 52.31
C SER E 761 -56.45 -4.71 51.18
N SER E 762 -57.04 -5.20 50.08
CA SER E 762 -57.35 -4.38 48.91
C SER E 762 -58.81 -3.95 49.02
N GLU E 763 -59.03 -2.67 49.32
CA GLU E 763 -60.36 -2.14 49.50
C GLU E 763 -60.46 -0.81 48.78
N ALA E 764 -61.69 -0.43 48.45
CA ALA E 764 -61.95 0.82 47.73
C ALA E 764 -62.34 1.89 48.74
N VAL E 765 -61.62 3.00 48.70
CA VAL E 765 -61.87 4.13 49.58
C VAL E 765 -62.04 5.37 48.73
N GLU E 766 -62.99 6.23 49.10
CA GLU E 766 -63.29 7.42 48.31
C GLU E 766 -62.10 8.37 48.25
N THR E 767 -61.37 8.52 49.35
CA THR E 767 -60.22 9.42 49.40
C THR E 767 -58.95 8.77 48.88
N GLN E 768 -58.99 7.47 48.58
CA GLN E 768 -57.79 6.74 48.19
C GLN E 768 -57.15 7.32 46.94
N GLU E 769 -57.95 7.83 46.01
CA GLU E 769 -57.37 8.46 44.82
C GLU E 769 -56.55 9.70 45.16
N HIS E 770 -56.99 10.51 46.12
CA HIS E 770 -56.18 11.65 46.53
C HIS E 770 -54.87 11.21 47.18
N ILE E 771 -54.91 10.14 47.97
CA ILE E 771 -53.69 9.60 48.56
C ILE E 771 -52.71 9.16 47.47
N VAL E 772 -53.22 8.46 46.46
CA VAL E 772 -52.35 8.00 45.38
C VAL E 772 -51.76 9.19 44.64
N GLN E 773 -52.56 10.22 44.39
CA GLN E 773 -52.03 11.39 43.70
C GLN E 773 -50.92 12.06 44.51
N TYR E 774 -51.11 12.16 45.83
CA TYR E 774 -50.08 12.76 46.67
C TYR E 774 -48.79 11.95 46.65
N CYS E 775 -48.90 10.62 46.74
CA CYS E 775 -47.71 9.79 46.68
C CYS E 775 -46.99 9.91 45.34
N GLN E 776 -47.75 9.99 44.25
CA GLN E 776 -47.15 10.14 42.94
C GLN E 776 -46.42 11.47 42.82
N ALA E 777 -46.98 12.53 43.41
CA ALA E 777 -46.28 13.81 43.41
C ALA E 777 -44.97 13.72 44.16
N LEU E 778 -44.95 13.03 45.30
CA LEU E 778 -43.70 12.87 46.03
C LEU E 778 -42.64 12.16 45.20
N ALA E 779 -43.03 11.08 44.52
CA ALA E 779 -42.06 10.37 43.70
C ALA E 779 -41.55 11.24 42.54
N GLN E 780 -42.44 12.04 41.95
CA GLN E 780 -42.00 12.93 40.89
C GLN E 780 -40.99 13.95 41.38
N LEU E 781 -41.24 14.55 42.56
CA LEU E 781 -40.28 15.49 43.12
C LEU E 781 -38.94 14.87 43.47
N GLU E 782 -38.91 13.58 43.76
CA GLU E 782 -37.63 12.85 43.74
C GLU E 782 -36.99 12.84 42.36
N MET E 783 -37.78 12.55 41.33
CA MET E 783 -37.21 12.52 39.98
C MET E 783 -36.60 13.86 39.61
N VAL E 784 -37.24 14.95 40.04
CA VAL E 784 -36.66 16.29 39.93
C VAL E 784 -35.31 16.36 40.62
N TYR E 785 -35.29 16.11 41.93
CA TYR E 785 -34.06 16.25 42.69
C TYR E 785 -32.91 15.45 42.10
N HIS E 786 -33.14 14.19 41.74
CA HIS E 786 -32.05 13.40 41.18
C HIS E 786 -31.64 13.86 39.79
N SER E 787 -32.58 14.28 38.94
CA SER E 787 -32.15 14.72 37.61
C SER E 787 -31.39 16.03 37.65
N THR E 788 -31.79 16.97 38.51
CA THR E 788 -31.08 18.25 38.56
C THR E 788 -29.64 18.08 39.01
N GLY E 789 -29.39 17.21 39.98
CA GLY E 789 -28.05 17.05 40.47
C GLY E 789 -27.62 18.06 41.49
N ILE E 790 -28.53 18.92 41.94
CA ILE E 790 -28.19 19.93 42.94
C ILE E 790 -27.84 19.27 44.28
N ASN E 791 -26.98 19.95 45.03
CA ASN E 791 -26.59 19.60 46.38
C ASN E 791 -27.74 19.74 47.38
N GLU E 792 -27.66 18.94 48.45
CA GLU E 792 -28.74 18.80 49.41
C GLU E 792 -29.11 20.10 50.10
N ASN E 793 -28.13 20.92 50.47
CA ASN E 793 -28.45 22.13 51.20
C ASN E 793 -28.97 23.25 50.31
N ALA E 794 -28.51 23.33 49.07
CA ALA E 794 -29.11 24.30 48.16
C ALA E 794 -30.51 23.91 47.75
N PHE E 795 -30.80 22.61 47.65
CA PHE E 795 -32.18 22.18 47.50
C PHE E 795 -33.03 22.55 48.72
N ARG E 796 -32.49 22.39 49.92
CA ARG E 796 -33.23 22.85 51.11
C ARG E 796 -33.51 24.34 51.04
N LEU E 797 -32.51 25.12 50.66
CA LEU E 797 -32.67 26.56 50.56
C LEU E 797 -33.71 26.92 49.49
N PHE E 798 -33.69 26.22 48.36
CA PHE E 798 -34.66 26.49 47.30
C PHE E 798 -36.08 26.21 47.76
N VAL E 799 -36.27 25.11 48.50
CA VAL E 799 -37.61 24.80 49.00
C VAL E 799 -38.06 25.85 50.01
N THR E 800 -37.18 26.21 50.95
CA THR E 800 -37.60 27.10 52.04
C THR E 800 -37.76 28.56 51.62
N LYS E 801 -36.92 29.07 50.73
CA LYS E 801 -36.92 30.49 50.35
C LYS E 801 -36.82 30.63 48.85
N PRO E 802 -37.90 30.37 48.12
CA PRO E 802 -37.90 30.59 46.67
C PRO E 802 -37.49 31.97 46.24
N GLU E 803 -37.74 33.00 47.04
CA GLU E 803 -37.30 34.35 46.70
C GLU E 803 -35.79 34.44 46.53
N MET E 804 -35.02 33.68 47.31
CA MET E 804 -33.58 33.69 47.13
C MET E 804 -33.20 33.20 45.74
N PHE E 805 -33.93 32.22 45.22
CA PHE E 805 -33.78 31.76 43.85
C PHE E 805 -34.62 32.56 42.86
N GLY E 806 -35.20 33.67 43.30
CA GLY E 806 -35.89 34.55 42.39
C GLY E 806 -37.22 34.07 41.85
N ALA E 807 -37.77 33.00 42.40
CA ALA E 807 -39.16 32.67 42.10
C ALA E 807 -40.07 33.78 42.63
N ALA E 808 -41.27 33.87 42.06
CA ALA E 808 -42.22 34.89 42.48
C ALA E 808 -42.44 34.85 43.98
N THR E 809 -42.33 36.01 44.63
CA THR E 809 -42.40 36.07 46.08
C THR E 809 -43.75 35.58 46.58
N GLY E 810 -43.73 34.80 47.66
CA GLY E 810 -44.94 34.42 48.35
C GLY E 810 -45.69 33.29 47.70
N ALA E 811 -45.04 32.50 46.86
CA ALA E 811 -45.67 31.39 46.16
C ALA E 811 -44.77 30.17 46.27
N ALA E 812 -45.37 28.99 46.24
CA ALA E 812 -44.55 27.80 46.30
C ALA E 812 -43.72 27.67 45.02
N PRO E 813 -42.48 27.21 45.11
CA PRO E 813 -41.63 27.12 43.92
C PRO E 813 -42.25 26.19 42.88
N ALA E 814 -42.04 26.53 41.62
CA ALA E 814 -42.61 25.75 40.52
C ALA E 814 -41.58 24.74 40.04
N HIS E 815 -42.02 23.52 39.78
CA HIS E 815 -41.22 22.56 39.03
C HIS E 815 -41.45 22.64 37.53
N ASP E 816 -42.04 23.73 37.06
CA ASP E 816 -42.10 24.07 35.64
C ASP E 816 -40.70 24.03 35.03
N ALA E 817 -40.65 23.63 33.75
CA ALA E 817 -39.40 23.56 33.00
C ALA E 817 -38.62 24.86 33.06
N LEU E 818 -39.32 25.99 33.15
CA LEU E 818 -38.64 27.28 33.27
C LEU E 818 -37.83 27.33 34.55
N SER E 819 -38.34 26.77 35.63
CA SER E 819 -37.56 26.67 36.86
C SER E 819 -36.52 25.55 36.79
N LEU E 820 -36.80 24.49 36.05
CA LEU E 820 -35.83 23.39 35.97
C LEU E 820 -34.55 23.84 35.30
N ILE E 821 -34.65 24.65 34.26
CA ILE E 821 -33.44 25.06 33.56
C ILE E 821 -32.57 25.94 34.47
N MET E 822 -33.18 26.84 35.24
CA MET E 822 -32.37 27.66 36.12
C MET E 822 -31.79 26.85 37.27
N LEU E 823 -32.51 25.85 37.78
CA LEU E 823 -31.92 24.98 38.79
C LEU E 823 -30.72 24.22 38.25
N THR E 824 -30.82 23.71 37.02
CA THR E 824 -29.67 23.02 36.45
C THR E 824 -28.49 23.97 36.29
N ARG E 825 -28.74 25.21 35.85
CA ARG E 825 -27.63 26.15 35.73
C ARG E 825 -27.02 26.46 37.09
N PHE E 826 -27.84 26.59 38.13
CA PHE E 826 -27.30 26.81 39.46
C PHE E 826 -26.43 25.65 39.93
N ALA E 827 -26.89 24.42 39.71
CA ALA E 827 -26.08 23.27 40.10
C ALA E 827 -24.76 23.25 39.34
N ASP E 828 -24.80 23.56 38.04
CA ASP E 828 -23.57 23.59 37.27
C ASP E 828 -22.61 24.68 37.76
N TRP E 829 -23.13 25.86 38.12
CA TRP E 829 -22.27 26.90 38.63
C TRP E 829 -21.64 26.51 39.96
N VAL E 830 -22.40 25.85 40.82
CA VAL E 830 -21.84 25.38 42.08
C VAL E 830 -20.73 24.37 41.82
N ASN E 831 -20.94 23.45 40.88
CA ASN E 831 -19.89 22.51 40.55
C ASN E 831 -18.66 23.20 39.99
N ALA E 832 -18.86 24.24 39.18
CA ALA E 832 -17.71 24.98 38.65
C ALA E 832 -16.92 25.65 39.76
N LEU E 833 -17.57 26.11 40.82
CA LEU E 833 -16.79 26.72 41.90
C LEU E 833 -15.83 25.74 42.56
N GLY E 834 -16.05 24.44 42.39
CA GLY E 834 -15.14 23.44 42.93
C GLY E 834 -15.07 23.43 44.44
N GLU E 835 -13.84 23.33 44.95
CA GLU E 835 -13.60 23.21 46.39
C GLU E 835 -14.06 24.40 47.20
N LYS E 836 -14.04 25.60 46.62
CA LYS E 836 -14.51 26.81 47.27
C LYS E 836 -16.01 26.79 47.55
N ALA E 837 -16.76 25.92 46.85
CA ALA E 837 -18.21 25.89 46.98
C ALA E 837 -18.69 25.78 48.41
N SER E 838 -17.99 25.02 49.24
CA SER E 838 -18.42 24.87 50.63
C SER E 838 -18.51 26.21 51.34
N SER E 839 -17.51 27.08 51.17
CA SER E 839 -17.63 28.40 51.78
C SER E 839 -18.55 29.33 51.01
N VAL E 840 -18.58 29.23 49.68
CA VAL E 840 -19.40 30.16 48.91
C VAL E 840 -20.88 29.96 49.23
N LEU E 841 -21.32 28.71 49.31
CA LEU E 841 -22.72 28.45 49.61
C LEU E 841 -23.10 28.94 51.00
N ALA E 842 -22.21 28.73 51.98
CA ALA E 842 -22.52 29.21 53.32
C ALA E 842 -22.61 30.73 53.36
N ALA E 843 -21.73 31.42 52.63
CA ALA E 843 -21.80 32.88 52.57
C ALA E 843 -23.00 33.36 51.75
N PHE E 844 -23.46 32.55 50.81
CA PHE E 844 -24.66 32.84 50.03
C PHE E 844 -25.93 32.65 50.85
N GLU E 845 -25.94 31.66 51.75
CA GLU E 845 -27.13 31.43 52.56
C GLU E 845 -27.34 32.52 53.59
N ALA E 846 -26.27 33.04 54.17
CA ALA E 846 -26.34 34.36 54.78
C ALA E 846 -26.38 35.43 53.69
N ASN E 847 -26.76 36.64 54.08
CA ASN E 847 -26.66 37.80 53.19
C ASN E 847 -25.26 38.39 53.14
N SER E 848 -24.25 37.55 53.03
CA SER E 848 -22.85 37.87 53.31
C SER E 848 -21.98 38.02 52.08
N LEU E 849 -22.32 37.34 50.99
CA LEU E 849 -21.46 37.26 49.82
C LEU E 849 -21.19 38.64 49.22
N THR E 850 -19.95 38.81 48.77
CA THR E 850 -19.43 40.05 48.20
C THR E 850 -18.68 39.75 46.91
N ALA E 851 -18.34 40.81 46.19
CA ALA E 851 -17.55 40.69 44.98
C ALA E 851 -16.21 39.98 45.20
N GLU E 852 -15.49 40.34 46.27
CA GLU E 852 -14.13 39.81 46.41
C GLU E 852 -14.12 38.31 46.68
N GLN E 853 -15.00 37.83 47.57
CA GLN E 853 -15.04 36.41 47.88
C GLN E 853 -15.44 35.58 46.67
N LEU E 854 -16.45 36.02 45.94
CA LEU E 854 -16.87 35.27 44.77
C LEU E 854 -15.83 35.34 43.65
N ALA E 855 -15.15 36.47 43.52
CA ALA E 855 -14.07 36.56 42.52
C ALA E 855 -12.94 35.61 42.85
N ASP E 856 -12.57 35.51 44.12
CA ASP E 856 -11.56 34.54 44.50
C ASP E 856 -12.05 33.12 44.22
N ALA E 857 -13.33 32.85 44.48
CA ALA E 857 -13.88 31.53 44.22
C ALA E 857 -13.83 31.15 42.74
N MET E 858 -14.19 32.07 41.85
CA MET E 858 -14.19 31.78 40.42
C MET E 858 -12.88 32.10 39.72
N ASN E 859 -11.84 32.50 40.44
CA ASN E 859 -10.55 32.82 39.84
C ASN E 859 -10.66 33.93 38.80
N LEU E 860 -11.48 34.93 39.09
CA LEU E 860 -11.64 36.08 38.22
C LEU E 860 -11.07 37.33 38.89
N ASP E 861 -10.89 38.36 38.09
CA ASP E 861 -10.38 39.61 38.61
C ASP E 861 -11.48 40.26 39.45
N ALA E 862 -11.13 40.75 40.63
CA ALA E 862 -12.12 41.39 41.50
C ALA E 862 -12.68 42.66 40.87
N ASN E 863 -11.82 43.43 40.21
CA ASN E 863 -12.29 44.64 39.55
C ASN E 863 -13.30 44.31 38.47
N LEU E 864 -13.12 43.17 37.79
CA LEU E 864 -14.07 42.77 36.77
C LEU E 864 -15.47 42.58 37.34
N LEU E 865 -15.59 41.84 38.46
CA LEU E 865 -16.91 41.66 39.07
C LEU E 865 -17.47 42.96 39.58
N LEU E 866 -16.64 43.80 40.19
CA LEU E 866 -17.15 45.07 40.69
C LEU E 866 -17.72 45.91 39.55
N GLN E 867 -17.01 45.99 38.43
CA GLN E 867 -17.49 46.79 37.31
C GLN E 867 -18.68 46.15 36.62
N ALA E 868 -18.74 44.82 36.57
CA ALA E 868 -19.93 44.17 36.03
C ALA E 868 -21.15 44.48 36.89
N SER E 869 -20.99 44.47 38.22
CA SER E 869 -22.09 44.83 39.08
C SER E 869 -22.52 46.28 38.89
N ILE E 870 -21.56 47.18 38.74
CA ILE E 870 -21.90 48.59 38.50
C ILE E 870 -22.68 48.73 37.20
N GLN E 871 -22.21 48.10 36.14
CA GLN E 871 -22.88 48.20 34.85
C GLN E 871 -24.28 47.59 34.91
N ALA E 872 -24.44 46.47 35.59
CA ALA E 872 -25.76 45.87 35.72
C ALA E 872 -26.70 46.79 36.49
N GLN E 873 -26.21 47.45 37.53
CA GLN E 873 -27.04 48.38 38.27
C GLN E 873 -27.47 49.57 37.41
N ASN E 874 -26.57 50.08 36.58
CA ASN E 874 -26.92 51.24 35.75
C ASN E 874 -28.02 50.91 34.75
N HIS E 875 -27.97 49.75 34.11
CA HIS E 875 -28.94 49.40 33.09
C HIS E 875 -30.19 48.80 33.71
N GLN E 876 -31.31 48.99 33.02
CA GLN E 876 -32.62 48.49 33.46
C GLN E 876 -32.76 47.01 33.12
N HIS E 877 -32.49 46.16 34.09
CA HIS E 877 -32.90 44.76 33.96
C HIS E 877 -34.30 44.58 34.55
N LEU E 878 -34.94 43.47 34.16
CA LEU E 878 -36.14 42.98 34.82
C LEU E 878 -35.88 41.54 35.25
N PRO E 879 -35.98 41.22 36.55
CA PRO E 879 -36.22 42.11 37.68
C PRO E 879 -35.06 43.06 37.96
N PRO E 880 -35.35 44.22 38.54
CA PRO E 880 -34.30 45.21 38.80
C PRO E 880 -33.24 44.67 39.75
N VAL E 881 -32.02 45.14 39.57
CA VAL E 881 -30.88 44.77 40.39
C VAL E 881 -30.49 45.99 41.21
N THR E 882 -30.41 45.81 42.53
CA THR E 882 -30.06 46.88 43.44
C THR E 882 -28.90 46.43 44.32
N PRO E 883 -28.06 47.34 44.81
CA PRO E 883 -26.92 46.92 45.61
C PRO E 883 -27.23 45.99 46.78
N GLU E 884 -28.37 46.12 47.43
CA GLU E 884 -28.72 45.22 48.53
C GLU E 884 -29.26 43.86 48.11
N ASN E 885 -29.43 43.59 46.81
CA ASN E 885 -29.74 42.23 46.37
C ASN E 885 -28.75 41.72 45.35
N ALA E 886 -27.82 42.55 44.91
CA ALA E 886 -26.96 42.20 43.78
C ALA E 886 -26.23 40.89 44.01
N PHE E 887 -25.85 40.59 45.24
CA PHE E 887 -25.34 39.28 45.56
C PHE E 887 -26.16 38.50 46.59
N SER E 888 -27.28 39.03 47.05
CA SER E 888 -28.10 38.25 47.99
C SER E 888 -28.98 37.25 47.27
N SER E 889 -29.60 37.63 46.17
CA SER E 889 -30.49 36.76 45.41
C SER E 889 -29.75 36.08 44.29
N TRP E 890 -30.19 34.88 43.94
CA TRP E 890 -29.53 34.13 42.89
C TRP E 890 -29.75 34.77 41.53
N THR E 891 -30.88 35.42 41.33
CA THR E 891 -31.16 36.04 40.04
C THR E 891 -30.17 37.15 39.72
N SER E 892 -29.84 37.98 40.71
CA SER E 892 -28.85 39.03 40.47
C SER E 892 -27.49 38.45 40.15
N ILE E 893 -27.10 37.38 40.83
CA ILE E 893 -25.82 36.74 40.53
C ILE E 893 -25.84 36.20 39.11
N ASN E 894 -26.95 35.61 38.70
CA ASN E 894 -27.01 35.10 37.34
C ASN E 894 -26.88 36.21 36.31
N THR E 895 -27.52 37.34 36.56
CA THR E 895 -27.38 38.46 35.63
C THR E 895 -25.95 38.96 35.55
N ILE E 896 -25.28 39.10 36.71
CA ILE E 896 -23.91 39.55 36.71
C ILE E 896 -22.99 38.57 35.99
N LEU E 897 -23.19 37.28 36.22
CA LEU E 897 -22.37 36.28 35.55
C LEU E 897 -22.63 36.26 34.05
N GLN E 898 -23.87 36.53 33.62
CA GLN E 898 -24.11 36.64 32.19
C GLN E 898 -23.35 37.82 31.59
N TRP E 899 -23.32 38.94 32.30
CA TRP E 899 -22.52 40.07 31.82
C TRP E 899 -21.06 39.67 31.68
N VAL E 900 -20.52 38.96 32.68
CA VAL E 900 -19.12 38.56 32.64
C VAL E 900 -18.87 37.59 31.50
N ASN E 901 -19.77 36.65 31.27
CA ASN E 901 -19.60 35.69 30.17
C ASN E 901 -19.61 36.38 28.82
N VAL E 902 -20.49 37.34 28.63
CA VAL E 902 -20.56 38.02 27.34
C VAL E 902 -19.31 38.86 27.12
N ALA E 903 -18.86 39.55 28.16
CA ALA E 903 -17.59 40.27 28.09
C ALA E 903 -16.43 39.35 27.73
N GLN E 904 -16.33 38.19 28.36
CA GLN E 904 -15.21 37.31 28.03
C GLN E 904 -15.36 36.64 26.67
N GLN E 905 -16.59 36.43 26.19
CA GLN E 905 -16.76 36.00 24.80
C GLN E 905 -16.24 37.03 23.81
N LEU E 906 -16.63 38.28 23.98
CA LEU E 906 -16.11 39.35 23.12
C LEU E 906 -14.67 39.73 23.44
N ASN E 907 -14.12 39.21 24.53
CA ASN E 907 -12.75 39.52 24.92
C ASN E 907 -12.55 41.01 25.17
N VAL E 908 -13.55 41.64 25.77
CA VAL E 908 -13.54 43.06 26.10
C VAL E 908 -14.01 43.22 27.53
N ALA E 909 -13.74 44.39 28.09
CA ALA E 909 -14.21 44.70 29.43
C ALA E 909 -15.72 44.91 29.41
N PRO E 910 -16.38 44.83 30.57
CA PRO E 910 -17.82 45.12 30.60
C PRO E 910 -18.20 46.50 30.12
N GLN E 911 -17.31 47.48 30.20
CA GLN E 911 -17.62 48.77 29.58
C GLN E 911 -17.82 48.65 28.07
N GLY E 912 -17.16 47.69 27.43
CA GLY E 912 -17.42 47.45 26.02
C GLY E 912 -18.85 47.00 25.76
N VAL E 913 -19.35 46.08 26.57
CA VAL E 913 -20.74 45.65 26.41
C VAL E 913 -21.68 46.79 26.76
N SER E 914 -21.32 47.61 27.75
CA SER E 914 -22.14 48.77 28.09
C SER E 914 -22.24 49.73 26.93
N ALA E 915 -21.13 49.96 26.23
CA ALA E 915 -21.17 50.79 25.03
C ALA E 915 -21.97 50.12 23.92
N LEU E 916 -21.88 48.80 23.80
CA LEU E 916 -22.59 48.11 22.73
C LEU E 916 -24.10 48.24 22.91
N VAL E 917 -24.62 47.97 24.12
CA VAL E 917 -26.07 47.95 24.28
C VAL E 917 -26.71 49.31 24.16
N GLY E 918 -25.93 50.39 24.22
CA GLY E 918 -26.38 51.74 23.90
C GLY E 918 -26.68 52.00 22.43
N LEU E 919 -26.27 51.12 21.53
CA LEU E 919 -26.46 51.29 20.10
C LEU E 919 -27.82 50.85 19.58
N ASP E 920 -28.87 51.07 20.38
CA ASP E 920 -30.25 50.90 19.94
C ASP E 920 -30.64 52.01 18.95
N TYR E 921 -30.26 51.80 17.70
CA TYR E 921 -30.52 52.72 16.61
C TYR E 921 -31.79 52.47 15.81
N ILE E 922 -32.48 51.35 16.03
CA ILE E 922 -33.73 51.07 15.32
C ILE E 922 -34.85 51.09 16.34
N GLN E 923 -35.15 52.28 16.86
CA GLN E 923 -36.26 52.50 17.77
C GLN E 923 -36.54 53.98 17.83
N SER E 924 -37.71 54.32 18.36
CA SER E 924 -38.15 55.70 18.53
C SER E 924 -38.25 56.11 19.99
N MET E 925 -38.01 55.19 20.92
CA MET E 925 -38.14 55.48 22.35
C MET E 925 -37.14 56.54 22.79
N LYS E 926 -35.92 56.51 22.25
CA LYS E 926 -34.86 57.38 22.73
C LYS E 926 -33.95 57.79 21.59
N GLU E 927 -33.16 58.84 21.84
CA GLU E 927 -32.30 59.44 20.83
C GLU E 927 -31.32 58.45 20.21
N THR E 928 -31.13 58.57 18.90
CA THR E 928 -30.18 57.72 18.18
C THR E 928 -28.74 58.08 18.55
N PRO E 929 -27.87 57.07 18.57
CA PRO E 929 -26.46 57.31 18.94
C PRO E 929 -25.76 58.20 17.94
N THR E 930 -25.07 59.22 18.44
CA THR E 930 -24.32 60.13 17.60
C THR E 930 -22.99 59.50 17.22
N TYR E 931 -22.41 60.01 16.13
CA TYR E 931 -21.24 59.38 15.53
C TYR E 931 -20.09 59.16 16.52
N ALA E 932 -19.89 60.05 17.48
CA ALA E 932 -18.83 59.81 18.45
C ALA E 932 -19.07 58.54 19.25
N GLN E 933 -20.31 58.27 19.62
CA GLN E 933 -20.64 57.03 20.31
C GLN E 933 -20.31 55.81 19.46
N TRP E 934 -20.64 55.86 18.18
CA TRP E 934 -20.35 54.75 17.28
C TRP E 934 -18.85 54.53 17.15
N GLU E 935 -18.09 55.59 16.91
CA GLU E 935 -16.65 55.49 16.83
C GLU E 935 -16.01 54.95 18.11
N ASN E 936 -16.52 55.36 19.27
CA ASN E 936 -16.06 54.79 20.53
C ASN E 936 -16.34 53.30 20.65
N ALA E 937 -17.55 52.88 20.32
CA ALA E 937 -17.84 51.44 20.34
C ALA E 937 -16.98 50.66 19.36
N ALA E 938 -16.82 51.18 18.15
CA ALA E 938 -15.96 50.53 17.17
C ALA E 938 -14.55 50.35 17.69
N GLY E 939 -14.00 51.38 18.34
CA GLY E 939 -12.64 51.27 18.83
C GLY E 939 -12.52 50.28 19.97
N VAL E 940 -13.45 50.31 20.92
CA VAL E 940 -13.39 49.38 22.03
C VAL E 940 -13.52 47.94 21.54
N LEU E 941 -14.43 47.68 20.60
CA LEU E 941 -14.58 46.33 20.07
C LEU E 941 -13.35 45.89 19.29
N THR E 942 -12.75 46.80 18.53
CA THR E 942 -11.58 46.45 17.72
C THR E 942 -10.37 46.16 18.58
N ALA E 943 -10.27 46.80 19.74
CA ALA E 943 -9.08 46.61 20.58
C ALA E 943 -8.89 45.16 21.00
N GLY E 944 -9.96 44.36 21.03
CA GLY E 944 -9.87 42.99 21.49
C GLY E 944 -9.38 41.96 20.49
N LEU E 945 -9.31 42.30 19.21
CA LEU E 945 -8.95 41.34 18.18
C LEU E 945 -7.45 41.04 18.20
N ASN E 946 -7.09 39.88 17.68
CA ASN E 946 -5.69 39.48 17.53
C ASN E 946 -5.14 39.97 16.20
N SER E 947 -3.83 39.78 15.99
CA SER E 947 -3.16 40.25 14.78
C SER E 947 -3.75 39.68 13.49
N GLN E 948 -4.07 38.38 13.46
CA GLN E 948 -4.59 37.78 12.24
C GLN E 948 -5.99 38.30 11.92
N GLN E 949 -6.85 38.34 12.91
CA GLN E 949 -8.20 38.85 12.73
C GLN E 949 -8.17 40.35 12.49
N ALA E 950 -7.25 41.07 13.12
CA ALA E 950 -7.14 42.49 12.81
C ALA E 950 -6.73 42.70 11.35
N ASN E 951 -5.82 41.87 10.83
CA ASN E 951 -5.43 41.98 9.44
C ASN E 951 -6.60 41.76 8.48
N THR E 952 -7.41 40.74 8.75
CA THR E 952 -8.60 40.53 7.91
C THR E 952 -9.62 41.66 8.05
N LEU E 953 -9.86 42.14 9.26
CA LEU E 953 -10.79 43.25 9.45
C LEU E 953 -10.33 44.49 8.71
N HIS E 954 -9.04 44.80 8.78
CA HIS E 954 -8.52 45.98 8.11
C HIS E 954 -8.62 45.86 6.60
N ALA E 955 -8.41 44.66 6.06
CA ALA E 955 -8.57 44.50 4.61
C ALA E 955 -10.01 44.78 4.19
N PHE E 956 -10.97 44.24 4.93
CA PHE E 956 -12.38 44.48 4.59
C PHE E 956 -12.74 45.96 4.69
N LEU E 957 -12.27 46.62 5.75
CA LEU E 957 -12.54 48.05 5.90
C LEU E 957 -11.95 48.87 4.77
N ASP E 958 -10.74 48.54 4.33
CA ASP E 958 -10.13 49.29 3.24
C ASP E 958 -10.92 49.15 1.95
N GLU E 959 -11.39 47.95 1.65
CA GLU E 959 -12.19 47.79 0.43
C GLU E 959 -13.48 48.60 0.48
N SER E 960 -14.19 48.55 1.61
CA SER E 960 -15.43 49.32 1.71
C SER E 960 -15.18 50.83 1.61
N ARG E 961 -14.13 51.31 2.26
CA ARG E 961 -13.83 52.73 2.20
C ARG E 961 -13.51 53.15 0.77
N SER E 962 -12.78 52.31 0.03
CA SER E 962 -12.47 52.65 -1.35
C SER E 962 -13.72 52.79 -2.18
N ALA E 963 -14.67 51.88 -2.03
CA ALA E 963 -15.91 52.01 -2.80
C ALA E 963 -16.63 53.31 -2.47
N ALA E 964 -16.77 53.62 -1.17
CA ALA E 964 -17.49 54.83 -0.79
C ALA E 964 -16.80 56.08 -1.30
N LEU E 965 -15.48 56.17 -1.13
CA LEU E 965 -14.76 57.35 -1.57
C LEU E 965 -14.79 57.52 -3.09
N SER E 966 -14.68 56.43 -3.84
CA SER E 966 -14.75 56.56 -5.29
C SER E 966 -16.11 57.10 -5.73
N THR E 967 -17.19 56.58 -5.16
CA THR E 967 -18.50 57.08 -5.54
C THR E 967 -18.66 58.55 -5.18
N TYR E 968 -18.22 58.93 -3.99
CA TYR E 968 -18.36 60.33 -3.59
C TYR E 968 -17.51 61.24 -4.48
N TYR E 969 -16.30 60.81 -4.82
CA TYR E 969 -15.46 61.62 -5.70
C TYR E 969 -16.09 61.80 -7.06
N ILE E 970 -16.65 60.74 -7.63
CA ILE E 970 -17.32 60.87 -8.92
C ILE E 970 -18.46 61.86 -8.84
N ARG E 971 -19.27 61.80 -7.78
CA ARG E 971 -20.43 62.68 -7.70
C ARG E 971 -20.04 64.13 -7.43
N GLN E 972 -19.00 64.38 -6.66
CA GLN E 972 -18.90 65.68 -6.02
C GLN E 972 -17.60 66.43 -6.28
N VAL E 973 -16.57 65.80 -6.82
CA VAL E 973 -15.26 66.44 -6.94
C VAL E 973 -14.75 66.42 -8.37
N ALA E 974 -15.13 65.38 -9.11
CA ALA E 974 -14.75 65.26 -10.51
C ALA E 974 -15.27 66.43 -11.33
N LYS E 975 -14.43 66.91 -12.24
CA LYS E 975 -14.79 68.04 -13.09
C LYS E 975 -15.66 67.56 -14.25
N ALA E 976 -16.83 68.18 -14.40
CA ALA E 976 -17.85 67.74 -15.34
C ALA E 976 -17.37 67.70 -16.78
N ALA E 977 -16.34 68.46 -17.13
CA ALA E 977 -15.75 68.37 -18.47
C ALA E 977 -15.28 66.96 -18.79
N ALA E 978 -14.86 66.19 -17.78
CA ALA E 978 -14.73 64.75 -17.93
C ALA E 978 -16.03 64.07 -17.51
N ALA E 979 -16.65 63.37 -18.44
CA ALA E 979 -17.96 62.74 -18.21
C ALA E 979 -17.80 61.43 -17.45
N ILE E 980 -17.28 61.54 -16.23
CA ILE E 980 -17.00 60.37 -15.40
C ILE E 980 -18.32 59.89 -14.81
N LYS E 981 -18.73 58.67 -15.18
CA LYS E 981 -20.03 58.17 -14.80
C LYS E 981 -20.01 56.97 -13.88
N SER E 982 -18.91 56.25 -13.76
CA SER E 982 -18.88 55.07 -12.90
C SER E 982 -17.47 54.80 -12.45
N ARG E 983 -17.29 53.73 -11.69
CA ARG E 983 -15.98 53.45 -11.11
C ARG E 983 -14.94 53.05 -12.15
N ASP E 984 -15.34 52.36 -13.22
CA ASP E 984 -14.39 52.04 -14.27
C ASP E 984 -13.91 53.29 -15.00
N ASP E 985 -14.83 54.23 -15.22
CA ASP E 985 -14.46 55.51 -15.82
C ASP E 985 -13.50 56.26 -14.92
N LEU E 986 -13.73 56.22 -13.62
CA LEU E 986 -12.82 56.86 -12.69
C LEU E 986 -11.46 56.19 -12.71
N TYR E 987 -11.43 54.86 -12.88
CA TYR E 987 -10.14 54.19 -12.99
C TYR E 987 -9.39 54.63 -14.24
N GLN E 988 -10.09 54.77 -15.36
CA GLN E 988 -9.44 55.25 -16.57
C GLN E 988 -8.98 56.69 -16.41
N TYR E 989 -9.71 57.50 -15.65
CA TYR E 989 -9.33 58.89 -15.50
C TYR E 989 -8.17 59.06 -14.54
N LEU E 990 -8.34 58.68 -13.28
CA LEU E 990 -7.28 58.86 -12.30
C LEU E 990 -6.10 57.93 -12.53
N LEU E 991 -6.22 56.96 -13.43
CA LEU E 991 -5.16 56.02 -13.77
C LEU E 991 -4.77 55.12 -12.60
N ILE E 992 -5.57 55.03 -11.55
CA ILE E 992 -5.24 54.21 -10.39
C ILE E 992 -6.35 53.19 -10.19
N ASP E 993 -5.99 51.94 -9.97
CA ASP E 993 -7.01 50.90 -9.80
C ASP E 993 -7.56 50.99 -8.38
N ASN E 994 -8.84 51.33 -8.26
CA ASN E 994 -9.52 51.44 -6.98
C ASN E 994 -10.36 50.22 -6.60
N GLN E 995 -10.77 49.40 -7.55
CA GLN E 995 -11.53 48.19 -7.25
C GLN E 995 -10.66 47.02 -6.84
N VAL E 996 -9.33 47.18 -6.85
CA VAL E 996 -8.44 46.09 -6.51
C VAL E 996 -8.58 45.73 -5.04
N SER E 997 -8.45 44.44 -4.75
CA SER E 997 -8.50 43.94 -3.39
C SER E 997 -7.22 44.28 -2.65
N ALA E 998 -7.29 44.29 -1.31
CA ALA E 998 -6.15 44.64 -0.48
C ALA E 998 -5.05 43.59 -0.48
N ALA E 999 -5.29 42.41 -1.03
CA ALA E 999 -4.28 41.36 -1.04
C ALA E 999 -3.06 41.74 -1.87
N ILE E 1000 -3.28 42.39 -3.01
CA ILE E 1000 -2.21 42.71 -3.95
C ILE E 1000 -1.40 43.89 -3.44
N LYS E 1001 -0.07 43.73 -3.43
CA LYS E 1001 0.88 44.74 -2.97
C LYS E 1001 1.93 45.02 -4.02
N THR E 1002 2.15 46.29 -4.32
CA THR E 1002 3.14 46.72 -5.31
C THR E 1002 3.91 47.92 -4.81
N THR E 1003 5.14 48.08 -5.29
CA THR E 1003 5.98 49.20 -4.89
C THR E 1003 5.42 50.49 -5.49
N ARG E 1004 5.75 51.62 -4.86
CA ARG E 1004 5.19 52.88 -5.31
C ARG E 1004 5.64 53.25 -6.72
N ILE E 1005 6.93 53.08 -7.03
CA ILE E 1005 7.43 53.47 -8.34
C ILE E 1005 6.83 52.61 -9.44
N ALA E 1006 6.70 51.31 -9.19
CA ALA E 1006 6.09 50.45 -10.20
C ALA E 1006 4.65 50.88 -10.46
N GLU E 1007 3.95 51.26 -9.40
CA GLU E 1007 2.58 51.72 -9.58
C GLU E 1007 2.53 53.01 -10.40
N ALA E 1008 3.46 53.93 -10.16
CA ALA E 1008 3.51 55.15 -10.97
C ALA E 1008 3.81 54.84 -12.43
N ILE E 1009 4.70 53.88 -12.67
CA ILE E 1009 5.02 53.46 -14.02
C ILE E 1009 3.78 52.92 -14.69
N ALA E 1010 2.99 52.12 -13.98
CA ALA E 1010 1.78 51.58 -14.57
C ALA E 1010 0.81 52.70 -14.92
N SER E 1011 0.67 53.71 -14.07
CA SER E 1011 -0.22 54.80 -14.39
C SER E 1011 0.22 55.55 -15.64
N ILE E 1012 1.51 55.85 -15.76
CA ILE E 1012 1.97 56.57 -16.95
C ILE E 1012 1.80 55.74 -18.21
N GLN E 1013 2.09 54.44 -18.15
CA GLN E 1013 1.92 53.60 -19.32
C GLN E 1013 0.46 53.55 -19.76
N LEU E 1014 -0.45 53.43 -18.80
CA LEU E 1014 -1.85 53.42 -19.18
C LEU E 1014 -2.27 54.72 -19.83
N TYR E 1015 -1.82 55.86 -19.29
CA TYR E 1015 -2.17 57.13 -19.90
C TYR E 1015 -1.65 57.25 -21.32
N VAL E 1016 -0.40 56.84 -21.56
CA VAL E 1016 0.15 56.94 -22.90
C VAL E 1016 -0.58 56.01 -23.86
N ASN E 1017 -0.92 54.80 -23.41
CA ASN E 1017 -1.64 53.88 -24.28
C ASN E 1017 -2.99 54.44 -24.65
N ARG E 1018 -3.67 55.08 -23.70
CA ARG E 1018 -4.95 55.71 -24.01
C ARG E 1018 -4.78 56.83 -25.02
N ALA E 1019 -3.71 57.63 -24.89
CA ALA E 1019 -3.49 58.73 -25.82
C ALA E 1019 -3.17 58.27 -27.24
N LEU E 1020 -2.30 57.28 -27.40
CA LEU E 1020 -1.86 56.87 -28.73
C LEU E 1020 -3.00 56.32 -29.60
N GLU E 1021 -3.89 55.55 -29.02
CA GLU E 1021 -5.06 55.03 -29.72
C GLU E 1021 -6.15 56.07 -29.89
N ASN E 1022 -5.87 57.30 -29.48
CA ASN E 1022 -6.79 58.44 -29.60
C ASN E 1022 -8.14 58.14 -28.98
N VAL E 1023 -8.12 57.38 -27.88
CA VAL E 1023 -9.33 57.17 -27.11
C VAL E 1023 -9.69 58.46 -26.40
N GLU E 1024 -8.68 59.18 -25.93
CA GLU E 1024 -8.79 60.54 -25.47
C GLU E 1024 -8.68 61.50 -26.64
N GLU E 1025 -9.36 62.65 -26.50
CA GLU E 1025 -9.88 63.39 -27.66
C GLU E 1025 -8.83 63.74 -28.71
N ASN E 1026 -7.73 64.39 -28.34
CA ASN E 1026 -6.79 64.83 -29.38
C ASN E 1026 -5.38 65.03 -28.81
N ALA E 1027 -4.50 64.07 -29.08
CA ALA E 1027 -3.08 64.20 -28.78
C ALA E 1027 -2.41 65.18 -29.74
N ASN E 1028 -1.35 65.83 -29.24
CA ASN E 1028 -0.55 66.74 -30.07
C ASN E 1028 0.21 65.94 -31.13
N SER E 1029 -0.14 66.18 -32.39
CA SER E 1029 0.44 65.41 -33.49
C SER E 1029 1.95 65.60 -33.60
N GLY E 1030 2.47 66.74 -33.16
CA GLY E 1030 3.91 66.92 -33.14
C GLY E 1030 4.62 65.99 -32.17
N VAL E 1031 4.05 65.80 -30.99
CA VAL E 1031 4.67 64.96 -29.97
C VAL E 1031 4.64 63.49 -30.36
N ILE E 1032 3.55 63.05 -30.99
CA ILE E 1032 3.45 61.64 -31.41
C ILE E 1032 4.49 61.29 -32.46
N SER E 1033 4.81 62.23 -33.34
CA SER E 1033 5.79 61.96 -34.39
C SER E 1033 7.22 61.75 -33.88
N ARG E 1034 7.49 61.98 -32.60
CA ARG E 1034 8.82 61.70 -32.08
C ARG E 1034 9.16 60.22 -32.14
N GLN E 1035 10.46 59.96 -32.31
CA GLN E 1035 10.97 58.60 -32.39
C GLN E 1035 10.56 57.75 -31.19
N PHE E 1036 10.48 58.36 -30.01
CA PHE E 1036 10.09 57.60 -28.82
C PHE E 1036 8.73 56.93 -28.94
N PHE E 1037 7.78 57.55 -29.61
CA PHE E 1037 6.47 56.94 -29.79
C PHE E 1037 6.35 56.11 -31.06
N ILE E 1038 7.30 56.20 -31.97
CA ILE E 1038 7.36 55.26 -33.08
C ILE E 1038 7.92 53.92 -32.62
N ASP E 1039 8.92 53.95 -31.76
CA ASP E 1039 9.46 52.77 -31.10
C ASP E 1039 8.59 52.25 -29.96
N TRP E 1040 7.47 52.90 -29.67
CA TRP E 1040 6.66 52.52 -28.51
C TRP E 1040 6.33 51.04 -28.47
N ASP E 1041 5.61 50.56 -29.49
CA ASP E 1041 5.06 49.21 -29.51
C ASP E 1041 6.12 48.13 -29.54
N LYS E 1042 7.31 48.45 -30.03
CA LYS E 1042 8.34 47.45 -30.24
C LYS E 1042 9.20 47.30 -28.99
N TYR E 1043 9.59 48.42 -28.38
CA TYR E 1043 10.54 48.41 -27.27
C TYR E 1043 10.07 49.11 -26.01
N ASN E 1044 9.51 50.32 -26.09
CA ASN E 1044 9.47 51.13 -24.89
C ASN E 1044 8.21 50.93 -24.07
N LYS E 1045 7.23 50.19 -24.56
CA LYS E 1045 6.00 50.04 -23.81
C LYS E 1045 6.15 49.17 -22.57
N ARG E 1046 7.03 48.18 -22.61
CA ARG E 1046 7.25 47.29 -21.50
C ARG E 1046 8.61 47.59 -20.89
N TYR E 1047 8.68 47.64 -19.57
CA TYR E 1047 9.93 48.03 -18.94
C TYR E 1047 11.03 47.04 -19.25
N SER E 1048 10.72 45.73 -19.23
CA SER E 1048 11.76 44.74 -19.49
C SER E 1048 12.34 44.89 -20.89
N THR E 1049 11.51 45.12 -21.90
CA THR E 1049 12.04 45.32 -23.25
C THR E 1049 12.90 46.58 -23.33
N TRP E 1050 12.49 47.66 -22.67
CA TRP E 1050 13.28 48.88 -22.69
C TRP E 1050 14.63 48.67 -22.04
N ALA E 1051 14.67 48.00 -20.90
CA ALA E 1051 15.94 47.72 -20.25
C ALA E 1051 16.82 46.82 -21.10
N GLY E 1052 16.24 45.80 -21.72
CA GLY E 1052 17.00 44.93 -22.60
C GLY E 1052 17.59 45.65 -23.79
N VAL E 1053 16.82 46.54 -24.41
CA VAL E 1053 17.32 47.31 -25.54
C VAL E 1053 18.46 48.21 -25.10
N SER E 1054 18.29 48.87 -23.97
CA SER E 1054 19.31 49.80 -23.52
C SER E 1054 20.62 49.12 -23.15
N GLN E 1055 20.56 47.95 -22.51
CA GLN E 1055 21.78 47.19 -22.28
C GLN E 1055 22.36 46.59 -23.56
N LEU E 1056 21.53 46.14 -24.49
CA LEU E 1056 22.06 45.60 -25.74
C LEU E 1056 22.77 46.67 -26.54
N VAL E 1057 22.38 47.93 -26.40
CA VAL E 1057 23.14 49.00 -26.99
C VAL E 1057 24.41 49.28 -26.20
N TYR E 1058 24.31 49.34 -24.88
CA TYR E 1058 25.46 49.72 -24.06
C TYR E 1058 26.42 48.57 -23.77
N TYR E 1059 25.95 47.33 -23.72
CA TYR E 1059 26.77 46.16 -23.39
C TYR E 1059 26.58 45.10 -24.48
N PRO E 1060 27.20 45.27 -25.64
CA PRO E 1060 27.03 44.28 -26.70
C PRO E 1060 27.53 42.90 -26.35
N GLU E 1061 28.57 42.76 -25.53
CA GLU E 1061 29.19 41.45 -25.34
C GLU E 1061 28.21 40.44 -24.77
N ASN E 1062 27.22 40.91 -24.00
CA ASN E 1062 26.27 40.00 -23.39
C ASN E 1062 25.45 39.28 -24.45
N TYR E 1063 25.07 39.98 -25.52
CA TYR E 1063 24.15 39.43 -26.51
C TYR E 1063 24.85 38.97 -27.77
N ILE E 1064 26.17 38.96 -27.81
CA ILE E 1064 26.86 38.49 -28.99
C ILE E 1064 26.94 36.97 -28.89
N ASP E 1065 26.36 36.28 -29.86
CA ASP E 1065 26.37 34.83 -29.92
C ASP E 1065 27.09 34.49 -31.21
N PRO E 1066 28.24 33.83 -31.17
CA PRO E 1066 28.98 33.55 -32.40
C PRO E 1066 28.23 32.70 -33.40
N THR E 1067 27.27 31.90 -32.95
CA THR E 1067 26.58 30.99 -33.86
C THR E 1067 25.81 31.73 -34.95
N MET E 1068 24.98 32.69 -34.56
CA MET E 1068 24.17 33.43 -35.53
C MET E 1068 24.46 34.92 -35.49
N ARG E 1069 24.56 35.51 -36.67
CA ARG E 1069 24.91 36.90 -36.80
C ARG E 1069 24.26 37.45 -38.06
N ILE E 1070 23.80 38.69 -37.99
CA ILE E 1070 23.21 39.34 -39.16
C ILE E 1070 24.29 39.57 -40.20
N GLY E 1071 23.93 39.47 -41.47
CA GLY E 1071 24.94 39.67 -42.50
C GLY E 1071 25.97 38.59 -42.58
N GLN E 1072 25.65 37.37 -42.15
CA GLN E 1072 26.59 36.28 -42.20
C GLN E 1072 26.88 35.91 -43.66
N THR E 1073 28.15 35.72 -43.98
CA THR E 1073 28.54 35.28 -45.31
C THR E 1073 28.11 33.85 -45.56
N LYS E 1074 27.87 33.53 -46.83
CA LYS E 1074 27.35 32.23 -47.21
C LYS E 1074 28.31 31.10 -46.88
N MET E 1075 29.62 31.35 -46.90
CA MET E 1075 30.54 30.29 -46.56
C MET E 1075 30.62 30.05 -45.06
N MET E 1076 30.39 31.07 -44.25
CA MET E 1076 30.21 30.86 -42.82
C MET E 1076 28.92 30.13 -42.47
N ASP E 1077 27.86 30.32 -43.25
CA ASP E 1077 26.70 29.44 -43.12
C ASP E 1077 26.95 28.03 -43.60
N ALA E 1078 27.76 27.82 -44.64
CA ALA E 1078 28.23 26.47 -44.93
C ALA E 1078 29.02 25.88 -43.77
N LEU E 1079 29.82 26.70 -43.10
CA LEU E 1079 30.70 26.19 -42.06
C LEU E 1079 29.89 25.73 -40.87
N LEU E 1080 28.92 26.54 -40.46
CA LEU E 1080 28.25 26.25 -39.21
C LEU E 1080 27.49 24.95 -39.31
N GLN E 1081 26.70 24.78 -40.38
CA GLN E 1081 25.95 23.55 -40.53
C GLN E 1081 26.85 22.37 -40.87
N SER E 1082 28.05 22.59 -41.43
CA SER E 1082 28.98 21.48 -41.62
C SER E 1082 29.56 20.99 -40.31
N VAL E 1083 29.87 21.89 -39.39
CA VAL E 1083 30.48 21.52 -38.11
C VAL E 1083 29.44 21.12 -37.06
N SER E 1084 28.16 21.41 -37.27
CA SER E 1084 27.13 21.09 -36.28
C SER E 1084 26.80 19.60 -36.31
N GLN E 1085 27.30 18.86 -35.32
CA GLN E 1085 27.04 17.44 -35.15
C GLN E 1085 27.39 17.05 -33.72
N SER E 1086 27.11 15.79 -33.37
CA SER E 1086 27.33 15.32 -31.99
C SER E 1086 28.80 15.13 -31.66
N GLN E 1087 29.55 14.53 -32.57
CA GLN E 1087 30.95 14.19 -32.31
C GLN E 1087 31.84 15.14 -33.07
N LEU E 1088 32.72 15.84 -32.35
CA LEU E 1088 33.70 16.72 -32.94
C LEU E 1088 35.06 16.17 -32.57
N ASN E 1089 35.90 15.97 -33.57
CA ASN E 1089 37.24 15.46 -33.37
C ASN E 1089 38.21 16.41 -34.03
N ALA E 1090 39.51 16.23 -33.77
CA ALA E 1090 40.50 17.14 -34.35
C ALA E 1090 40.47 17.09 -35.87
N ASP E 1091 40.41 15.89 -36.44
CA ASP E 1091 40.41 15.77 -37.90
C ASP E 1091 39.14 16.33 -38.54
N THR E 1092 37.96 16.11 -37.92
CA THR E 1092 36.73 16.62 -38.50
C THR E 1092 36.74 18.14 -38.54
N VAL E 1093 37.08 18.77 -37.43
CA VAL E 1093 37.08 20.23 -37.41
C VAL E 1093 38.18 20.78 -38.31
N GLU E 1094 39.32 20.10 -38.40
CA GLU E 1094 40.36 20.54 -39.32
C GLU E 1094 39.89 20.50 -40.77
N ASP E 1095 39.21 19.42 -41.16
CA ASP E 1095 38.71 19.34 -42.53
C ASP E 1095 37.63 20.36 -42.80
N ALA E 1096 36.74 20.58 -41.85
CA ALA E 1096 35.74 21.62 -42.01
C ALA E 1096 36.38 22.98 -42.24
N PHE E 1097 37.45 23.26 -41.50
CA PHE E 1097 38.17 24.51 -41.71
C PHE E 1097 38.86 24.56 -43.07
N MET E 1098 39.50 23.48 -43.52
CA MET E 1098 40.10 23.51 -44.85
C MET E 1098 39.07 23.64 -45.98
N SER E 1099 37.85 23.17 -45.80
CA SER E 1099 36.83 23.46 -46.80
C SER E 1099 36.35 24.90 -46.74
N TYR E 1100 36.21 25.45 -45.54
CA TYR E 1100 35.91 26.86 -45.43
C TYR E 1100 36.98 27.69 -46.13
N LEU E 1101 38.24 27.44 -45.82
CA LEU E 1101 39.35 28.15 -46.44
C LEU E 1101 39.35 28.00 -47.96
N THR E 1102 38.94 26.85 -48.49
CA THR E 1102 38.83 26.72 -49.94
C THR E 1102 37.82 27.70 -50.50
N SER E 1103 36.65 27.78 -49.87
CA SER E 1103 35.63 28.73 -50.32
C SER E 1103 36.13 30.16 -50.26
N PHE E 1104 36.78 30.52 -49.16
CA PHE E 1104 37.28 31.87 -48.98
C PHE E 1104 38.31 32.23 -50.05
N GLU E 1105 39.21 31.29 -50.34
CA GLU E 1105 40.22 31.54 -51.36
C GLU E 1105 39.58 31.70 -52.73
N GLN E 1106 38.58 30.90 -53.04
CA GLN E 1106 37.94 31.04 -54.33
C GLN E 1106 37.26 32.40 -54.48
N VAL E 1107 36.59 32.89 -53.43
CA VAL E 1107 35.96 34.21 -53.53
C VAL E 1107 36.93 35.36 -53.41
N ALA E 1108 38.17 35.12 -52.99
CA ALA E 1108 39.13 36.21 -52.88
C ALA E 1108 39.98 36.42 -54.13
N ASN E 1109 40.21 35.38 -54.92
CA ASN E 1109 41.07 35.53 -56.09
C ASN E 1109 40.41 36.20 -57.29
N LEU E 1110 39.09 36.37 -57.30
CA LEU E 1110 38.39 36.90 -58.47
C LEU E 1110 38.73 38.36 -58.72
N LYS E 1111 38.69 38.74 -60.00
CA LYS E 1111 39.03 40.08 -60.45
C LYS E 1111 37.83 40.77 -61.07
N VAL E 1112 37.77 42.10 -60.88
CA VAL E 1112 36.72 42.92 -61.44
C VAL E 1112 36.90 43.13 -62.94
N ILE E 1113 35.79 43.12 -63.69
CA ILE E 1113 35.80 43.44 -65.10
C ILE E 1113 35.31 44.86 -65.34
N SER E 1114 34.12 45.17 -64.85
CA SER E 1114 33.40 46.36 -65.25
C SER E 1114 32.54 46.84 -64.08
N ALA E 1115 32.11 48.09 -64.17
CA ALA E 1115 31.29 48.65 -63.12
C ALA E 1115 30.34 49.67 -63.72
N TYR E 1116 29.32 50.03 -62.94
CA TYR E 1116 28.32 51.00 -63.30
C TYR E 1116 28.02 51.85 -62.08
N HIS E 1117 27.82 53.15 -62.27
CA HIS E 1117 27.52 54.03 -61.15
C HIS E 1117 26.05 54.41 -61.23
N ASP E 1118 25.30 54.09 -60.17
CA ASP E 1118 23.84 54.17 -60.20
C ASP E 1118 23.30 55.58 -60.28
N ASN E 1119 24.07 56.59 -59.94
CA ASN E 1119 23.53 57.93 -59.84
C ASN E 1119 24.19 58.84 -60.86
N ILE E 1120 23.44 59.86 -61.28
CA ILE E 1120 23.96 60.85 -62.21
C ILE E 1120 25.18 61.56 -61.63
N ASN E 1121 25.19 61.81 -60.33
CA ASN E 1121 26.31 62.50 -59.70
C ASN E 1121 27.10 61.51 -58.85
N ASN E 1122 28.43 61.66 -58.88
CA ASN E 1122 29.32 60.72 -58.20
C ASN E 1122 29.23 60.82 -56.69
N ASP E 1123 28.69 61.92 -56.14
CA ASP E 1123 28.68 62.09 -54.70
C ASP E 1123 27.82 61.04 -54.00
N GLN E 1124 26.64 60.76 -54.54
CA GLN E 1124 25.72 59.81 -53.94
C GLN E 1124 25.50 58.61 -54.86
N GLY E 1125 24.60 57.73 -54.46
CA GLY E 1125 24.26 56.58 -55.26
C GLY E 1125 25.06 55.35 -54.90
N LEU E 1126 24.93 54.34 -55.75
CA LEU E 1126 25.59 53.06 -55.58
C LEU E 1126 26.42 52.74 -56.82
N THR E 1127 27.43 51.92 -56.64
CA THR E 1127 28.26 51.44 -57.74
C THR E 1127 28.22 49.92 -57.73
N TYR E 1128 27.95 49.34 -58.88
CA TYR E 1128 27.85 47.88 -59.02
C TYR E 1128 29.03 47.33 -59.78
N PHE E 1129 29.68 46.33 -59.23
CA PHE E 1129 30.84 45.72 -59.85
C PHE E 1129 30.51 44.33 -60.32
N ILE E 1130 31.21 43.89 -61.35
CA ILE E 1130 31.06 42.56 -61.94
C ILE E 1130 32.43 41.92 -61.89
N GLY E 1131 32.52 40.72 -61.36
CA GLY E 1131 33.79 40.04 -61.25
C GLY E 1131 33.75 38.61 -61.70
N LEU E 1132 34.84 38.18 -62.32
CA LEU E 1132 35.01 36.88 -62.93
C LEU E 1132 35.97 36.05 -62.10
N SER E 1133 35.58 34.83 -61.75
CA SER E 1133 36.54 33.94 -61.13
C SER E 1133 37.46 33.36 -62.19
N GLU E 1134 38.67 33.02 -61.78
CA GLU E 1134 39.65 32.37 -62.65
C GLU E 1134 39.29 30.91 -62.89
N THR E 1135 38.31 30.68 -63.76
CA THR E 1135 37.97 29.35 -64.22
C THR E 1135 37.46 29.42 -65.65
N ASP E 1136 37.57 28.30 -66.37
CA ASP E 1136 37.41 28.30 -67.81
C ASP E 1136 35.97 28.61 -68.23
N ALA E 1137 35.00 27.83 -67.75
CA ALA E 1137 33.61 28.26 -67.75
C ALA E 1137 33.40 29.18 -66.56
N GLY E 1138 33.75 30.45 -66.75
CA GLY E 1138 33.84 31.40 -65.65
C GLY E 1138 32.55 31.53 -64.85
N GLU E 1139 32.68 31.83 -63.56
CA GLU E 1139 31.55 32.21 -62.74
C GLU E 1139 31.62 33.70 -62.47
N TYR E 1140 30.49 34.38 -62.59
CA TYR E 1140 30.44 35.83 -62.48
C TYR E 1140 29.77 36.26 -61.20
N TYR E 1141 30.42 37.10 -60.42
CA TYR E 1141 29.91 37.61 -59.16
C TYR E 1141 29.71 39.11 -59.22
N TRP E 1142 28.57 39.59 -58.73
CA TRP E 1142 28.28 41.02 -58.71
C TRP E 1142 28.34 41.56 -57.29
N ARG E 1143 28.99 42.71 -57.12
CA ARG E 1143 29.18 43.36 -55.83
C ARG E 1143 28.77 44.81 -55.91
N SER E 1144 28.17 45.35 -54.86
CA SER E 1144 27.69 46.72 -54.85
C SER E 1144 28.35 47.50 -53.72
N VAL E 1145 28.68 48.76 -53.98
CA VAL E 1145 29.26 49.61 -52.96
C VAL E 1145 28.43 50.88 -52.87
N ASP E 1146 28.43 51.50 -51.70
CA ASP E 1146 27.64 52.69 -51.42
C ASP E 1146 28.49 53.93 -51.24
N HIS E 1147 28.20 54.98 -52.01
CA HIS E 1147 28.98 56.21 -51.90
C HIS E 1147 28.52 57.12 -50.78
N SER E 1148 27.25 57.01 -50.36
CA SER E 1148 26.76 57.88 -49.29
C SER E 1148 27.49 57.62 -47.98
N LYS E 1149 27.74 56.36 -47.67
CA LYS E 1149 28.45 56.00 -46.45
C LYS E 1149 29.93 56.37 -46.51
N PHE E 1150 30.46 56.60 -47.70
CA PHE E 1150 31.85 57.02 -47.82
C PHE E 1150 32.03 58.47 -47.38
N ASN E 1151 33.02 58.71 -46.53
CA ASN E 1151 33.30 60.06 -46.05
C ASN E 1151 34.73 60.09 -45.53
N ASP E 1152 35.28 61.30 -45.44
CA ASP E 1152 36.62 61.53 -44.91
C ASP E 1152 37.68 60.78 -45.70
N GLY E 1153 37.40 60.50 -46.97
CA GLY E 1153 38.36 59.84 -47.85
C GLY E 1153 38.49 58.35 -47.68
N LYS E 1154 37.73 57.73 -46.78
CA LYS E 1154 37.79 56.30 -46.56
C LYS E 1154 36.39 55.72 -46.61
N PHE E 1155 36.20 54.68 -47.39
CA PHE E 1155 34.91 54.01 -47.41
C PHE E 1155 34.71 53.28 -46.08
N ALA E 1156 33.55 53.45 -45.49
CA ALA E 1156 33.23 52.72 -44.28
C ALA E 1156 33.17 51.24 -44.62
N ALA E 1157 33.58 50.39 -43.70
CA ALA E 1157 33.62 48.96 -43.95
C ALA E 1157 32.23 48.40 -44.23
N ASN E 1158 31.22 48.88 -43.51
CA ASN E 1158 29.87 48.39 -43.73
C ASN E 1158 29.26 48.86 -45.05
N ALA E 1159 29.85 49.84 -45.72
CA ALA E 1159 29.31 50.26 -47.01
C ALA E 1159 29.41 49.18 -48.07
N TRP E 1160 30.51 48.44 -48.11
CA TRP E 1160 30.71 47.38 -49.07
C TRP E 1160 29.76 46.21 -48.84
N SER E 1161 29.43 45.49 -49.90
CA SER E 1161 28.57 44.32 -49.82
C SER E 1161 29.33 43.08 -50.29
N GLU E 1162 28.93 41.92 -49.80
CA GLU E 1162 29.57 40.68 -50.17
C GLU E 1162 29.24 40.30 -51.61
N TRP E 1163 30.14 39.55 -52.25
CA TRP E 1163 29.89 39.12 -53.61
C TRP E 1163 28.72 38.14 -53.66
N HIS E 1164 27.95 38.22 -54.73
CA HIS E 1164 26.80 37.36 -54.94
C HIS E 1164 27.01 36.63 -56.25
N LYS E 1165 26.86 35.31 -56.23
CA LYS E 1165 27.01 34.50 -57.41
C LYS E 1165 25.88 34.76 -58.41
N ILE E 1166 26.21 34.80 -59.71
CA ILE E 1166 25.22 34.98 -60.76
C ILE E 1166 24.84 33.62 -61.35
N ASP E 1167 23.57 33.26 -61.21
CA ASP E 1167 23.09 31.92 -61.55
C ASP E 1167 22.91 31.68 -63.05
N CYS E 1168 22.47 32.67 -63.81
CA CYS E 1168 22.22 32.48 -65.23
C CYS E 1168 23.53 32.14 -65.96
N PRO E 1169 23.46 31.59 -67.17
CA PRO E 1169 24.70 31.32 -67.90
C PRO E 1169 25.21 32.58 -68.57
N ILE E 1170 26.52 32.78 -68.47
CA ILE E 1170 27.22 33.89 -69.10
C ILE E 1170 28.38 33.34 -69.93
N ASN E 1171 28.44 33.72 -71.20
CA ASN E 1171 29.50 33.27 -72.09
C ASN E 1171 29.92 34.39 -73.03
N PRO E 1172 30.49 35.47 -72.48
CA PRO E 1172 30.68 36.67 -73.28
C PRO E 1172 31.88 36.55 -74.22
N TYR E 1173 31.84 37.36 -75.26
CA TYR E 1173 33.02 37.61 -76.08
C TYR E 1173 33.99 38.56 -75.39
N LYS E 1174 35.21 38.09 -75.14
CA LYS E 1174 36.31 38.91 -74.64
C LYS E 1174 35.92 39.64 -73.35
N SER E 1175 35.11 38.99 -72.54
CA SER E 1175 34.65 39.55 -71.27
C SER E 1175 34.01 40.92 -71.49
N THR E 1176 33.23 41.03 -72.56
CA THR E 1176 32.34 42.18 -72.81
C THR E 1176 31.04 41.95 -72.07
N ILE E 1177 31.04 42.19 -70.77
CA ILE E 1177 29.82 42.20 -69.98
C ILE E 1177 29.78 43.52 -69.24
N ARG E 1178 28.61 44.13 -69.22
CA ARG E 1178 28.41 45.41 -68.57
C ARG E 1178 27.08 45.52 -67.85
N PRO E 1179 27.06 45.67 -66.54
CA PRO E 1179 25.80 45.85 -65.84
C PRO E 1179 25.19 47.18 -66.19
N VAL E 1180 23.89 47.27 -65.96
CA VAL E 1180 23.18 48.53 -66.06
C VAL E 1180 22.04 48.47 -65.07
N ILE E 1181 21.66 49.62 -64.52
CA ILE E 1181 20.46 49.75 -63.70
C ILE E 1181 19.33 50.37 -64.49
N TYR E 1182 18.19 49.71 -64.50
CA TYR E 1182 16.99 50.20 -65.14
C TYR E 1182 15.81 50.09 -64.17
N LYS E 1183 15.08 51.19 -64.00
CA LYS E 1183 13.94 51.24 -63.10
C LYS E 1183 14.29 50.70 -61.72
N SER E 1184 15.49 51.03 -61.25
CA SER E 1184 16.00 50.55 -59.98
C SER E 1184 16.17 49.04 -59.91
N ARG E 1185 16.25 48.35 -61.05
CA ARG E 1185 16.53 46.92 -61.04
C ARG E 1185 17.83 46.69 -61.81
N LEU E 1186 18.60 45.71 -61.38
CA LEU E 1186 19.85 45.37 -62.04
C LEU E 1186 19.68 44.52 -63.30
N TYR E 1187 20.28 44.95 -64.40
CA TYR E 1187 20.24 44.26 -65.66
C TYR E 1187 21.67 44.00 -66.11
N LEU E 1188 21.86 42.97 -66.91
CA LEU E 1188 23.17 42.68 -67.47
C LEU E 1188 23.01 42.66 -68.98
N LEU E 1189 23.87 43.39 -69.67
CA LEU E 1189 24.08 43.21 -71.09
C LEU E 1189 25.41 42.53 -71.23
N TRP E 1190 25.46 41.48 -72.02
CA TRP E 1190 26.73 40.98 -72.47
C TRP E 1190 26.60 40.56 -73.91
N LEU E 1191 27.70 40.66 -74.63
CA LEU E 1191 27.72 40.29 -76.02
C LEU E 1191 28.24 38.87 -76.08
N GLU E 1192 27.44 37.97 -76.63
CA GLU E 1192 27.92 36.66 -77.01
C GLU E 1192 28.33 36.68 -78.46
N GLN E 1193 29.26 35.81 -78.82
CA GLN E 1193 29.70 35.66 -80.18
C GLN E 1193 29.79 34.20 -80.54
N LYS E 1194 29.40 33.89 -81.78
CA LYS E 1194 29.29 32.53 -82.27
C LYS E 1194 29.92 32.49 -83.65
N GLU E 1195 30.24 31.29 -84.10
CA GLU E 1195 31.03 31.12 -85.32
C GLU E 1195 30.28 30.26 -86.32
N ILE E 1196 30.17 30.76 -87.55
CA ILE E 1196 29.33 30.16 -88.57
C ILE E 1196 30.10 30.19 -89.88
N THR E 1197 29.61 29.46 -90.86
CA THR E 1197 30.36 29.06 -92.03
C THR E 1197 29.68 29.61 -93.29
N LYS E 1198 30.48 29.88 -94.31
CA LYS E 1198 29.98 30.45 -95.54
C LYS E 1198 30.61 29.69 -96.71
N GLN E 1199 29.86 29.60 -97.81
CA GLN E 1199 30.30 28.87 -98.99
C GLN E 1199 30.74 29.86 -100.07
N THR E 1200 31.98 29.70 -100.54
CA THR E 1200 32.60 30.62 -101.48
C THR E 1200 33.64 29.89 -102.32
N TYR E 1207 33.03 26.45 -104.47
CA TYR E 1207 32.45 25.72 -103.36
C TYR E 1207 33.37 25.77 -102.13
N GLN E 1208 34.47 26.52 -102.24
CA GLN E 1208 35.39 26.64 -101.13
C GLN E 1208 34.69 27.14 -99.87
N THR E 1209 35.08 26.61 -98.73
CA THR E 1209 34.37 26.82 -97.48
C THR E 1209 35.11 27.83 -96.62
N GLU E 1210 34.36 28.75 -96.01
CA GLU E 1210 34.93 29.95 -95.41
C GLU E 1210 34.21 30.20 -94.10
N THR E 1211 34.78 31.05 -93.24
CA THR E 1211 34.20 31.24 -91.92
C THR E 1211 34.05 32.72 -91.58
N ASP E 1212 33.10 32.98 -90.68
CA ASP E 1212 32.72 34.32 -90.28
C ASP E 1212 31.94 34.18 -88.98
N TYR E 1213 31.72 35.30 -88.30
CA TYR E 1213 31.12 35.25 -86.98
C TYR E 1213 29.77 35.94 -87.00
N ARG E 1214 29.01 35.73 -85.95
CA ARG E 1214 27.80 36.47 -85.69
C ARG E 1214 27.68 36.79 -84.21
N TYR E 1215 27.02 37.91 -83.90
CA TYR E 1215 27.05 38.50 -82.57
C TYR E 1215 25.62 38.68 -82.11
N GLU E 1216 25.37 38.32 -80.86
CA GLU E 1216 24.04 38.34 -80.26
C GLU E 1216 24.13 39.01 -78.89
N LEU E 1217 23.69 40.25 -78.80
CA LEU E 1217 23.54 40.92 -77.52
C LEU E 1217 22.42 40.28 -76.71
N LYS E 1218 22.69 39.96 -75.45
CA LYS E 1218 21.74 39.31 -74.56
C LYS E 1218 21.55 40.14 -73.30
N LEU E 1219 20.30 40.30 -72.89
CA LEU E 1219 19.92 41.02 -71.68
C LEU E 1219 19.29 40.09 -70.65
N ALA E 1220 19.75 40.16 -69.40
CA ALA E 1220 19.09 39.47 -68.29
C ALA E 1220 18.82 40.44 -67.16
N HIS E 1221 17.95 40.05 -66.22
CA HIS E 1221 17.75 40.85 -65.02
C HIS E 1221 17.51 39.98 -63.78
N ILE E 1222 17.83 40.53 -62.61
CA ILE E 1222 17.56 39.90 -61.33
C ILE E 1222 16.11 40.01 -60.92
N ARG E 1223 15.64 39.00 -60.18
CA ARG E 1223 14.33 38.97 -59.56
C ARG E 1223 14.42 39.29 -58.07
N TYR E 1224 13.25 39.49 -57.46
CA TYR E 1224 13.20 39.83 -56.04
C TYR E 1224 13.87 38.79 -55.15
N ASP E 1225 13.78 37.51 -55.50
CA ASP E 1225 14.42 36.47 -54.70
C ASP E 1225 15.88 36.24 -55.05
N GLY E 1226 16.49 37.13 -55.83
CA GLY E 1226 17.89 37.00 -56.15
C GLY E 1226 18.20 35.96 -57.20
N THR E 1227 17.20 35.29 -57.75
CA THR E 1227 17.45 34.51 -58.95
C THR E 1227 17.47 35.43 -60.17
N TRP E 1228 17.97 34.89 -61.27
CA TRP E 1228 18.19 35.63 -62.50
C TRP E 1228 17.23 35.15 -63.58
N ASN E 1229 16.57 36.08 -64.25
CA ASN E 1229 15.68 35.70 -65.34
C ASN E 1229 16.48 35.20 -66.55
N THR E 1230 15.80 34.46 -67.41
CA THR E 1230 16.44 33.87 -68.59
C THR E 1230 16.88 34.96 -69.57
N PRO E 1231 18.09 34.88 -70.11
CA PRO E 1231 18.57 35.91 -71.04
C PRO E 1231 17.79 35.96 -72.35
N ILE E 1232 17.46 37.18 -72.78
CA ILE E 1232 16.63 37.42 -73.96
C ILE E 1232 17.53 37.89 -75.10
N THR E 1233 17.54 37.19 -76.22
CA THR E 1233 18.46 37.49 -77.31
C THR E 1233 18.00 38.68 -78.13
N PHE E 1234 18.93 39.55 -78.50
CA PHE E 1234 18.69 40.67 -79.40
C PHE E 1234 19.66 40.60 -80.57
N ASP E 1235 19.15 40.68 -81.79
CA ASP E 1235 19.99 40.53 -82.99
C ASP E 1235 20.74 41.83 -83.26
N VAL E 1236 22.08 41.79 -83.20
CA VAL E 1236 22.93 42.97 -83.42
C VAL E 1236 23.83 42.83 -84.64
N ASN E 1237 23.66 41.80 -85.45
CA ASN E 1237 24.59 41.58 -86.56
C ASN E 1237 24.71 42.75 -87.51
N LYS E 1238 23.59 43.40 -87.86
CA LYS E 1238 23.67 44.60 -88.68
C LYS E 1238 24.51 45.69 -88.01
N LYS E 1239 24.24 45.98 -86.74
CA LYS E 1239 24.87 47.10 -86.06
C LYS E 1239 26.36 46.88 -85.88
N ILE E 1240 26.77 45.65 -85.56
CA ILE E 1240 28.19 45.34 -85.45
C ILE E 1240 28.85 45.33 -86.82
N SER E 1241 28.18 44.78 -87.82
CA SER E 1241 28.75 44.78 -89.17
C SER E 1241 28.96 46.19 -89.70
N GLU E 1242 28.12 47.15 -89.27
CA GLU E 1242 28.40 48.55 -89.56
C GLU E 1242 29.67 49.06 -88.87
N LEU E 1243 29.99 48.55 -87.68
CA LEU E 1243 31.27 48.83 -87.05
C LEU E 1243 32.35 47.97 -87.70
N LYS E 1244 33.23 48.61 -88.47
CA LYS E 1244 34.36 47.91 -89.08
C LYS E 1244 35.39 47.61 -87.99
N LEU E 1245 35.11 46.56 -87.22
CA LEU E 1245 36.02 46.15 -86.17
C LEU E 1245 37.31 45.60 -86.76
N GLU E 1246 38.41 45.82 -86.04
CA GLU E 1246 39.60 45.02 -86.24
C GLU E 1246 39.33 43.56 -85.90
N LYS E 1247 40.17 42.68 -86.42
CA LYS E 1247 40.08 41.27 -86.07
C LYS E 1247 40.33 41.07 -84.58
N ASN E 1248 39.50 40.22 -83.98
CA ASN E 1248 39.54 39.87 -82.56
C ASN E 1248 39.57 41.10 -81.66
N ARG E 1249 38.78 42.10 -82.00
CA ARG E 1249 38.64 43.32 -81.21
C ARG E 1249 37.23 43.39 -80.68
N ALA E 1250 37.09 43.68 -79.39
CA ALA E 1250 35.75 43.77 -78.84
C ALA E 1250 35.15 45.14 -79.16
N PRO E 1251 33.95 45.20 -79.73
CA PRO E 1251 33.35 46.51 -80.02
C PRO E 1251 33.14 47.26 -78.71
N GLY E 1252 33.33 48.57 -78.74
CA GLY E 1252 33.03 49.38 -77.59
C GLY E 1252 31.53 49.39 -77.37
N LEU E 1253 31.10 48.87 -76.22
CA LEU E 1253 29.70 48.76 -75.86
C LEU E 1253 29.43 49.74 -74.73
N TYR E 1254 28.46 50.62 -74.94
CA TYR E 1254 28.11 51.61 -73.93
C TYR E 1254 26.67 51.37 -73.50
N CYS E 1255 26.47 51.21 -72.20
CA CYS E 1255 25.17 50.94 -71.63
C CYS E 1255 24.87 51.98 -70.58
N ALA E 1256 23.68 52.57 -70.64
CA ALA E 1256 23.30 53.60 -69.69
C ALA E 1256 21.79 53.68 -69.62
N GLY E 1257 21.27 53.93 -68.43
CA GLY E 1257 19.84 53.96 -68.21
C GLY E 1257 19.41 55.42 -68.23
N TYR E 1258 18.33 55.69 -68.94
CA TYR E 1258 17.93 57.06 -69.20
C TYR E 1258 17.12 57.54 -68.01
N GLN E 1259 17.44 58.73 -67.52
CA GLN E 1259 16.59 59.45 -66.59
C GLN E 1259 15.26 59.85 -67.21
N GLY E 1260 14.20 59.68 -66.44
CA GLY E 1260 12.84 59.97 -66.89
C GLY E 1260 12.23 58.86 -67.73
N GLU E 1261 12.53 58.84 -69.02
CA GLU E 1261 12.02 57.77 -69.87
C GLU E 1261 12.60 56.44 -69.43
N ASP E 1262 11.74 55.43 -69.35
CA ASP E 1262 12.16 54.07 -69.06
C ASP E 1262 12.52 53.44 -70.41
N THR E 1263 13.77 53.66 -70.81
CA THR E 1263 14.42 53.03 -71.94
C THR E 1263 15.84 52.68 -71.54
N LEU E 1264 16.33 51.51 -71.96
CA LEU E 1264 17.76 51.26 -71.93
C LEU E 1264 18.43 51.84 -73.17
N LEU E 1265 19.36 52.77 -72.99
CA LEU E 1265 20.24 53.15 -74.09
C LEU E 1265 21.34 52.12 -74.23
N VAL E 1266 21.40 51.46 -75.37
CA VAL E 1266 22.50 50.58 -75.72
C VAL E 1266 23.16 51.13 -76.96
N MET E 1267 24.44 51.46 -76.86
CA MET E 1267 25.16 52.06 -77.97
C MET E 1267 26.42 51.25 -78.21
N PHE E 1268 26.74 51.04 -79.48
CA PHE E 1268 28.01 50.46 -79.90
C PHE E 1268 28.90 51.48 -80.56
N TYR E 1269 30.15 51.53 -80.13
CA TYR E 1269 31.09 52.52 -80.63
C TYR E 1269 32.40 51.82 -80.97
N ASN E 1270 33.14 52.39 -81.90
CA ASN E 1270 34.42 51.82 -82.28
C ASN E 1270 35.46 52.26 -81.26
N GLN E 1271 36.40 51.37 -80.96
CA GLN E 1271 37.39 51.69 -79.95
C GLN E 1271 38.36 52.74 -80.46
N GLN E 1272 38.59 53.77 -79.63
CA GLN E 1272 39.57 54.79 -79.96
C GLN E 1272 40.38 55.13 -78.73
N ASP E 1273 41.62 55.57 -78.98
CA ASP E 1273 42.57 55.83 -77.90
C ASP E 1273 42.31 57.11 -77.12
N THR E 1274 41.54 58.05 -77.68
CA THR E 1274 41.33 59.34 -77.05
C THR E 1274 39.86 59.74 -77.09
N LEU E 1275 39.43 60.46 -76.06
CA LEU E 1275 38.09 61.04 -76.06
C LEU E 1275 37.89 61.99 -77.25
N ASP E 1276 38.95 62.71 -77.64
CA ASP E 1276 38.87 63.60 -78.79
C ASP E 1276 38.45 62.89 -80.07
N SER E 1277 38.68 61.58 -80.16
CA SER E 1277 38.26 60.82 -81.33
C SER E 1277 36.82 60.37 -81.25
N TYR E 1278 36.32 60.09 -80.04
CA TYR E 1278 34.91 59.77 -79.87
C TYR E 1278 33.99 60.92 -80.24
N LYS E 1279 34.52 62.14 -80.27
CA LYS E 1279 33.70 63.31 -80.61
C LYS E 1279 33.00 63.16 -81.95
N ASN E 1280 33.55 62.34 -82.86
CA ASN E 1280 32.92 62.09 -84.16
C ASN E 1280 32.77 60.61 -84.49
N ALA E 1281 32.88 59.72 -83.49
CA ALA E 1281 32.72 58.30 -83.74
C ALA E 1281 31.31 58.01 -84.27
N SER E 1282 31.23 57.10 -85.24
CA SER E 1282 29.95 56.65 -85.76
C SER E 1282 29.20 55.74 -84.80
N MET E 1283 28.44 56.34 -83.89
CA MET E 1283 27.81 55.60 -82.80
C MET E 1283 26.69 54.75 -83.35
N GLN E 1284 26.85 53.44 -83.29
CA GLN E 1284 25.71 52.53 -83.46
C GLN E 1284 24.97 52.41 -82.13
N GLY E 1285 23.66 52.20 -82.21
CA GLY E 1285 22.98 51.66 -81.05
C GLY E 1285 21.55 51.28 -81.34
N LEU E 1286 20.85 50.90 -80.26
CA LEU E 1286 19.44 50.56 -80.30
C LEU E 1286 18.79 50.93 -78.97
N TYR E 1287 17.49 51.21 -79.02
CA TYR E 1287 16.66 51.38 -77.83
C TYR E 1287 16.14 50.04 -77.32
N ILE E 1288 16.14 49.86 -76.00
CA ILE E 1288 15.49 48.72 -75.37
C ILE E 1288 14.53 49.20 -74.29
N PHE E 1289 13.30 48.74 -74.35
CA PHE E 1289 12.20 49.22 -73.52
C PHE E 1289 11.91 48.21 -72.41
N ALA E 1290 11.04 48.62 -71.49
CA ALA E 1290 10.81 47.83 -70.28
C ALA E 1290 10.29 46.44 -70.59
N ASP E 1291 9.36 46.33 -71.54
CA ASP E 1291 8.89 45.04 -72.06
C ASP E 1291 9.92 44.31 -72.92
N MET E 1292 11.14 44.80 -73.03
CA MET E 1292 12.21 44.19 -73.83
C MET E 1292 11.87 44.10 -75.32
N ALA E 1293 10.96 44.94 -75.80
CA ALA E 1293 10.95 45.33 -77.19
C ALA E 1293 12.16 46.19 -77.49
N SER E 1294 12.45 46.39 -78.78
CA SER E 1294 13.55 47.28 -79.14
C SER E 1294 13.17 48.11 -80.35
N LYS E 1295 13.97 49.15 -80.57
CA LYS E 1295 13.94 49.97 -81.77
C LYS E 1295 15.36 50.39 -82.10
N ASP E 1296 15.61 50.70 -83.35
CA ASP E 1296 16.93 51.22 -83.70
C ASP E 1296 17.06 52.67 -83.25
N MET E 1297 18.31 53.12 -83.14
CA MET E 1297 18.60 54.55 -83.05
C MET E 1297 18.54 55.21 -84.42
N CYS E 1298 17.96 56.40 -84.45
CA CYS E 1298 18.23 57.29 -85.57
C CYS E 1298 19.63 57.89 -85.41
N PRO E 1299 20.37 58.06 -86.51
CA PRO E 1299 21.67 58.75 -86.43
C PRO E 1299 21.62 60.08 -85.70
N GLU E 1300 20.59 60.87 -85.94
CA GLU E 1300 20.45 62.16 -85.27
C GLU E 1300 20.34 62.01 -83.75
N GLN E 1301 19.60 61.01 -83.27
CA GLN E 1301 19.57 60.78 -81.82
C GLN E 1301 20.93 60.31 -81.33
N SER E 1302 21.60 59.45 -82.11
CA SER E 1302 22.85 58.88 -81.65
C SER E 1302 23.90 59.96 -81.50
N ASN E 1303 23.90 60.94 -82.40
CA ASN E 1303 24.87 62.03 -82.30
C ASN E 1303 24.72 62.79 -80.99
N VAL E 1304 23.47 62.99 -80.56
CA VAL E 1304 23.21 63.69 -79.31
C VAL E 1304 23.66 62.86 -78.11
N TYR E 1305 23.23 61.58 -78.06
CA TYR E 1305 23.68 60.69 -77.01
C TYR E 1305 25.20 60.54 -76.96
N ARG E 1306 25.85 60.60 -78.12
CA ARG E 1306 27.30 60.61 -78.18
C ARG E 1306 27.87 61.87 -77.58
N ASP E 1307 27.51 63.02 -78.12
CA ASP E 1307 28.14 64.26 -77.69
C ASP E 1307 27.86 64.55 -76.21
N ASN E 1308 26.77 64.03 -75.65
CA ASN E 1308 26.64 64.04 -74.19
C ASN E 1308 27.50 63.00 -73.46
N SER E 1309 27.46 61.73 -73.86
CA SER E 1309 28.04 60.66 -73.07
C SER E 1309 29.52 60.39 -73.33
N TYR E 1310 30.13 60.96 -74.37
CA TYR E 1310 31.41 60.49 -74.88
C TYR E 1310 32.50 60.42 -73.82
N GLN E 1311 32.42 61.21 -72.75
CA GLN E 1311 33.48 61.13 -71.73
C GLN E 1311 33.45 59.79 -71.00
N GLN E 1312 32.33 59.09 -71.06
CA GLN E 1312 32.11 57.80 -70.42
C GLN E 1312 32.63 56.62 -71.24
N PHE E 1313 33.01 56.84 -72.50
CA PHE E 1313 33.47 55.75 -73.35
C PHE E 1313 34.85 55.27 -72.93
N ASP E 1314 35.00 53.94 -72.85
CA ASP E 1314 36.22 53.28 -72.40
C ASP E 1314 37.25 53.31 -73.52
N THR E 1315 38.30 54.09 -73.38
CA THR E 1315 39.37 54.01 -74.38
C THR E 1315 40.16 52.71 -74.23
N ASN E 1316 41.00 52.43 -75.23
CA ASN E 1316 41.85 51.24 -75.25
C ASN E 1316 42.85 51.16 -74.11
N ASN E 1317 43.09 52.26 -73.39
CA ASN E 1317 44.08 52.30 -72.32
C ASN E 1317 43.46 52.03 -70.95
N VAL E 1318 42.23 52.47 -70.75
CA VAL E 1318 41.65 52.62 -69.42
C VAL E 1318 40.16 52.37 -69.52
N ARG E 1319 39.62 51.68 -68.53
CA ARG E 1319 38.19 51.40 -68.45
C ARG E 1319 37.53 52.36 -67.48
N ARG E 1320 36.50 53.04 -67.97
CA ARG E 1320 35.67 53.98 -67.22
C ARG E 1320 34.39 53.34 -66.72
N VAL E 1321 33.77 54.01 -65.77
CA VAL E 1321 32.48 53.63 -65.22
C VAL E 1321 31.41 54.52 -65.84
N ASN E 1322 30.28 53.94 -66.23
CA ASN E 1322 29.17 54.71 -66.76
C ASN E 1322 28.31 55.30 -65.64
N ASN E 1323 27.79 56.50 -65.89
CA ASN E 1323 26.71 57.06 -65.11
C ASN E 1323 25.37 56.85 -65.79
N ARG E 1324 24.28 56.99 -65.01
CA ARG E 1324 22.99 57.24 -65.61
C ARG E 1324 23.06 58.42 -66.58
N TYR E 1325 22.27 58.32 -67.65
CA TYR E 1325 22.35 59.30 -68.73
C TYR E 1325 21.92 60.67 -68.22
N ALA E 1326 22.53 61.71 -68.77
CA ALA E 1326 22.21 63.08 -68.39
C ALA E 1326 22.01 63.92 -69.64
N GLU E 1327 21.19 64.96 -69.50
CA GLU E 1327 20.88 65.86 -70.59
C GLU E 1327 20.94 67.32 -70.16
N ASP E 1600 35.83 66.07 -62.00
CA ASP E 1600 34.60 65.71 -62.71
C ASP E 1600 34.86 64.67 -63.78
N ASN E 1601 36.06 64.10 -63.77
CA ASN E 1601 36.29 62.83 -64.44
C ASN E 1601 35.35 61.77 -63.89
N ALA E 1602 35.04 60.78 -64.72
CA ALA E 1602 34.30 59.62 -64.27
C ALA E 1602 35.13 58.74 -63.34
N LEU E 1603 34.43 57.95 -62.53
CA LEU E 1603 35.04 56.83 -61.83
C LEU E 1603 35.78 55.94 -62.83
N THR E 1604 36.82 55.29 -62.35
CA THR E 1604 37.71 54.61 -63.29
C THR E 1604 38.29 53.38 -62.63
N LEU E 1605 38.56 52.35 -63.42
CA LEU E 1605 39.18 51.12 -62.94
C LEU E 1605 40.52 50.95 -63.64
N HIS E 1606 41.59 50.91 -62.87
CA HIS E 1606 42.89 50.62 -63.44
C HIS E 1606 43.36 49.26 -62.95
N HIS E 1607 43.87 48.45 -63.86
CA HIS E 1607 44.50 47.17 -63.52
C HIS E 1607 46.00 47.38 -63.51
N ASN E 1608 46.57 47.59 -62.34
CA ASN E 1608 48.00 47.88 -62.30
C ASN E 1608 48.79 46.63 -62.64
N GLU E 1609 50.03 46.84 -63.10
CA GLU E 1609 50.87 45.72 -63.51
C GLU E 1609 51.25 44.83 -62.34
N ASN E 1610 51.38 45.37 -61.14
CA ASN E 1610 51.72 44.56 -59.99
C ASN E 1610 50.56 43.69 -59.52
N GLY E 1611 49.36 43.90 -60.08
CA GLY E 1611 48.20 43.13 -59.73
C GLY E 1611 47.18 43.83 -58.86
N ALA E 1612 47.49 45.00 -58.31
CA ALA E 1612 46.48 45.76 -57.61
C ALA E 1612 45.47 46.30 -58.60
N GLN E 1613 44.19 46.03 -58.36
CA GLN E 1613 43.11 46.77 -58.98
C GLN E 1613 42.61 47.86 -58.07
N TYR E 1614 42.47 49.06 -58.61
CA TYR E 1614 42.08 50.19 -57.81
C TYR E 1614 41.12 51.07 -58.58
N MET E 1615 40.10 51.56 -57.90
CA MET E 1615 39.17 52.51 -58.48
C MET E 1615 39.67 53.91 -58.20
N GLN E 1616 39.46 54.81 -59.15
CA GLN E 1616 39.90 56.18 -58.99
C GLN E 1616 38.83 57.14 -59.46
N TRP E 1617 38.70 58.28 -58.77
CA TRP E 1617 37.95 59.38 -59.35
C TRP E 1617 38.44 60.75 -58.90
N GLN E 1618 39.30 60.79 -57.89
CA GLN E 1618 39.91 62.07 -57.55
C GLN E 1618 41.38 61.83 -57.23
N SER E 1619 41.87 62.47 -56.17
CA SER E 1619 42.99 61.91 -55.44
C SER E 1619 42.65 60.52 -54.93
N TYR E 1620 41.41 60.34 -54.48
CA TYR E 1620 40.97 59.11 -53.85
C TYR E 1620 41.25 57.90 -54.72
N ARG E 1621 41.90 56.90 -54.13
CA ARG E 1621 42.02 55.59 -54.74
C ARG E 1621 41.62 54.54 -53.72
N THR E 1622 41.02 53.47 -54.23
CA THR E 1622 40.42 52.45 -53.39
C THR E 1622 40.80 51.09 -53.92
N ARG E 1623 41.23 50.19 -53.04
CA ARG E 1623 41.53 48.86 -53.50
C ARG E 1623 40.24 48.07 -53.67
N LEU E 1624 40.23 47.18 -54.66
CA LEU E 1624 39.07 46.36 -54.94
C LEU E 1624 39.31 44.88 -54.65
N ASN E 1625 40.34 44.29 -55.26
CA ASN E 1625 40.69 42.92 -55.00
C ASN E 1625 41.86 42.85 -54.04
N THR E 1626 42.10 41.66 -53.52
CA THR E 1626 43.19 41.47 -52.57
C THR E 1626 44.01 40.28 -53.04
N LEU E 1627 45.32 40.43 -53.04
CA LEU E 1627 46.24 39.36 -53.38
C LEU E 1627 46.66 38.57 -52.16
N PHE E 1628 45.92 38.69 -51.06
CA PHE E 1628 46.20 37.93 -49.87
C PHE E 1628 46.10 36.44 -50.11
N ALA E 1629 44.98 36.00 -50.68
CA ALA E 1629 44.74 34.58 -50.88
C ALA E 1629 45.73 33.93 -51.81
N ARG E 1630 46.39 34.69 -52.66
CA ARG E 1630 47.39 34.11 -53.55
C ARG E 1630 48.75 33.94 -52.86
N GLN E 1631 49.05 34.78 -51.87
CA GLN E 1631 50.21 34.64 -50.99
C GLN E 1631 50.01 33.67 -49.83
N LEU E 1632 48.77 33.39 -49.43
CA LEU E 1632 48.50 32.49 -48.32
C LEU E 1632 48.95 31.05 -48.52
N VAL E 1633 49.13 30.57 -49.75
CA VAL E 1633 49.36 29.14 -49.97
C VAL E 1633 50.61 28.64 -49.26
N ALA E 1634 51.68 29.44 -49.26
CA ALA E 1634 52.87 29.07 -48.50
C ALA E 1634 52.59 28.88 -47.01
N ARG E 1635 51.78 29.76 -46.43
CA ARG E 1635 51.43 29.63 -45.04
C ARG E 1635 50.54 28.42 -44.79
N ALA E 1636 49.66 28.12 -45.73
CA ALA E 1636 48.72 27.01 -45.58
C ALA E 1636 49.39 25.64 -45.68
N THR E 1637 50.53 25.55 -46.35
CA THR E 1637 51.17 24.24 -46.46
C THR E 1637 51.53 23.61 -45.10
N THR E 1638 51.69 24.39 -44.05
CA THR E 1638 51.96 23.85 -42.72
C THR E 1638 50.76 23.85 -41.78
N GLY E 1639 49.56 24.13 -42.28
CA GLY E 1639 48.36 23.87 -41.50
C GLY E 1639 47.86 25.00 -40.61
N ILE E 1640 46.77 24.67 -39.92
CA ILE E 1640 45.93 25.64 -39.20
C ILE E 1640 46.72 26.53 -38.25
N ASP E 1641 47.65 25.97 -37.51
CA ASP E 1641 48.41 26.76 -36.55
C ASP E 1641 49.17 27.89 -37.22
N THR E 1642 49.56 27.71 -38.47
CA THR E 1642 50.28 28.73 -39.23
C THR E 1642 49.35 29.71 -39.95
N ILE E 1643 48.21 29.25 -40.46
CA ILE E 1643 47.22 30.17 -41.03
C ILE E 1643 46.91 31.32 -40.08
N LEU E 1644 46.52 31.00 -38.85
CA LEU E 1644 45.97 32.01 -37.97
C LEU E 1644 47.01 32.90 -37.30
N SER E 1645 48.29 32.55 -37.39
CA SER E 1645 49.32 33.26 -36.66
C SER E 1645 49.40 34.72 -37.08
N MET E 1646 49.98 35.52 -36.18
CA MET E 1646 50.13 36.97 -36.36
C MET E 1646 50.97 37.36 -37.56
N GLU E 1647 51.98 36.57 -37.90
CA GLU E 1647 52.80 36.84 -39.07
C GLU E 1647 52.16 36.42 -40.39
N THR E 1648 50.99 35.80 -40.36
CA THR E 1648 50.13 35.77 -41.54
C THR E 1648 49.40 37.09 -41.74
N GLN E 1649 48.90 37.68 -40.68
CA GLN E 1649 48.16 38.93 -40.79
C GLN E 1649 49.00 40.12 -41.23
N ASN E 1650 50.32 40.06 -41.07
CA ASN E 1650 51.23 41.07 -41.64
C ASN E 1650 51.79 40.71 -43.02
N ILE E 1651 51.16 39.80 -43.76
CA ILE E 1651 51.48 39.67 -45.18
C ILE E 1651 51.20 40.96 -45.94
N GLN E 1652 52.15 41.36 -46.78
CA GLN E 1652 52.10 42.65 -47.44
C GLN E 1652 51.10 42.63 -48.59
N GLU E 1653 50.40 43.74 -48.77
CA GLU E 1653 49.59 44.10 -49.92
C GLU E 1653 50.41 44.96 -50.88
N PRO E 1654 50.51 44.63 -52.16
CA PRO E 1654 51.09 45.55 -53.14
C PRO E 1654 50.45 46.92 -53.10
N GLN E 1655 51.26 47.95 -53.33
CA GLN E 1655 50.73 49.30 -53.35
C GLN E 1655 49.81 49.46 -54.55
N LEU E 1656 48.94 50.45 -54.49
CA LEU E 1656 48.04 50.74 -55.60
C LEU E 1656 48.41 52.05 -56.28
N GLY E 1657 48.53 51.99 -57.60
CA GLY E 1657 48.93 53.12 -58.41
C GLY E 1657 50.36 53.57 -58.19
N LYS E 1658 50.64 54.73 -58.78
CA LYS E 1658 51.90 55.45 -58.55
C LYS E 1658 51.77 56.44 -57.40
N GLY E 1659 52.78 56.49 -56.56
CA GLY E 1659 52.70 57.30 -55.36
C GLY E 1659 53.91 57.13 -54.48
N PHE E 1660 53.75 57.50 -53.22
CA PHE E 1660 54.77 57.28 -52.21
C PHE E 1660 54.12 57.16 -50.85
N TYR E 1661 54.86 56.58 -49.92
CA TYR E 1661 54.47 56.53 -48.51
C TYR E 1661 55.15 57.63 -47.71
N ALA E 1662 54.37 58.28 -46.85
CA ALA E 1662 54.95 59.25 -45.94
C ALA E 1662 54.37 59.02 -44.55
N THR E 1663 55.21 59.21 -43.54
CA THR E 1663 54.78 59.17 -42.15
C THR E 1663 54.70 60.59 -41.60
N PHE E 1664 53.57 60.91 -41.01
CA PHE E 1664 53.37 62.19 -40.34
C PHE E 1664 53.24 61.96 -38.84
N VAL E 1665 53.99 62.73 -38.07
CA VAL E 1665 53.90 62.71 -36.61
C VAL E 1665 53.11 63.93 -36.19
N ILE E 1666 52.00 63.70 -35.50
CA ILE E 1666 51.12 64.77 -35.07
C ILE E 1666 51.66 65.39 -33.77
N PRO E 1667 51.82 66.71 -33.72
CA PRO E 1667 52.23 67.33 -32.47
C PRO E 1667 51.25 67.02 -31.35
N PRO E 1668 51.71 67.05 -30.10
CA PRO E 1668 50.80 66.97 -28.95
C PRO E 1668 49.69 68.01 -28.92
N TYR E 1669 48.68 67.73 -28.10
CA TYR E 1669 47.73 68.77 -27.67
C TYR E 1669 48.51 69.93 -27.08
N ASN E 1670 48.22 71.15 -27.57
CA ASN E 1670 48.91 72.33 -27.04
C ASN E 1670 48.04 73.55 -27.33
N LEU E 1671 47.14 73.85 -26.39
CA LEU E 1671 46.02 74.77 -26.61
C LEU E 1671 46.44 76.07 -27.30
N SER E 1672 47.65 76.57 -27.02
CA SER E 1672 48.04 77.82 -27.64
C SER E 1672 48.31 77.64 -29.13
N THR E 1673 48.60 76.41 -29.56
CA THR E 1673 48.79 76.07 -30.95
C THR E 1673 47.70 75.14 -31.45
N HIS E 1674 46.54 75.18 -30.82
CA HIS E 1674 45.57 74.10 -30.92
C HIS E 1674 44.14 74.62 -30.77
N GLY E 1675 43.87 75.38 -29.74
CA GLY E 1675 42.49 75.75 -29.46
C GLY E 1675 41.80 74.74 -28.57
N ASP E 1676 40.50 74.97 -28.40
CA ASP E 1676 39.68 74.13 -27.54
C ASP E 1676 39.18 72.87 -28.24
N GLU E 1677 38.63 73.02 -29.45
CA GLU E 1677 38.25 71.86 -30.24
C GLU E 1677 39.47 71.05 -30.66
N ARG E 1678 39.47 69.76 -30.31
CA ARG E 1678 40.62 68.90 -30.55
C ARG E 1678 40.68 68.33 -31.97
N TRP E 1679 39.68 68.58 -32.81
CA TRP E 1679 39.70 68.04 -34.15
C TRP E 1679 40.89 68.58 -34.94
N PHE E 1680 41.41 67.75 -35.85
CA PHE E 1680 42.33 68.18 -36.88
C PHE E 1680 42.05 67.44 -38.18
N LYS E 1681 42.42 68.06 -39.29
CA LYS E 1681 42.22 67.47 -40.62
C LYS E 1681 43.50 67.62 -41.42
N LEU E 1682 43.91 66.53 -42.06
CA LEU E 1682 44.95 66.56 -43.08
C LEU E 1682 44.33 66.78 -44.44
N TYR E 1683 44.80 67.78 -45.15
CA TYR E 1683 44.36 68.09 -46.50
C TYR E 1683 45.49 67.87 -47.48
N ILE E 1684 45.15 67.33 -48.64
CA ILE E 1684 46.09 67.22 -49.75
C ILE E 1684 45.69 68.25 -50.79
N LYS E 1685 46.68 68.70 -51.56
CA LYS E 1685 46.42 69.51 -52.73
C LYS E 1685 47.38 69.15 -53.85
N HIS E 1686 46.87 69.18 -55.08
CA HIS E 1686 47.60 68.79 -56.27
C HIS E 1686 47.60 69.93 -57.26
N VAL E 1687 48.69 70.03 -58.02
CA VAL E 1687 49.06 71.29 -58.65
C VAL E 1687 48.21 71.45 -59.91
N VAL E 1688 47.21 70.58 -60.07
CA VAL E 1688 46.05 70.92 -60.87
C VAL E 1688 45.30 72.10 -60.29
N ASP E 1689 45.55 72.41 -59.02
CA ASP E 1689 44.98 73.57 -58.35
C ASP E 1689 43.46 73.49 -58.33
N ASN E 1690 42.90 72.29 -58.27
CA ASN E 1690 41.56 72.11 -57.75
C ASN E 1690 41.45 72.51 -56.29
N ASN E 1691 40.26 72.38 -55.73
CA ASN E 1691 40.09 72.38 -54.29
C ASN E 1691 41.03 71.36 -53.66
N SER E 1692 41.31 71.51 -52.37
CA SER E 1692 41.92 70.42 -51.63
C SER E 1692 40.90 69.31 -51.37
N HIS E 1693 41.41 68.17 -50.92
CA HIS E 1693 40.61 67.03 -50.52
C HIS E 1693 41.10 66.60 -49.16
N ILE E 1694 40.16 66.27 -48.27
CA ILE E 1694 40.54 65.69 -47.00
C ILE E 1694 41.07 64.28 -47.20
N ILE E 1695 42.16 63.95 -46.52
CA ILE E 1695 42.69 62.60 -46.53
C ILE E 1695 42.71 61.96 -45.16
N TYR E 1696 42.72 62.72 -44.07
CA TYR E 1696 42.57 62.11 -42.77
C TYR E 1696 41.95 63.09 -41.80
N SER E 1697 41.24 62.55 -40.81
CA SER E 1697 40.56 63.34 -39.80
C SER E 1697 40.70 62.62 -38.45
N GLY E 1698 41.01 63.37 -37.41
CA GLY E 1698 41.22 62.77 -36.11
C GLY E 1698 41.11 63.81 -35.01
N GLN E 1699 41.38 63.36 -33.79
CA GLN E 1699 41.43 64.23 -32.62
C GLN E 1699 42.86 64.32 -32.12
N LEU E 1700 43.30 65.54 -31.83
CA LEU E 1700 44.64 65.76 -31.31
C LEU E 1700 44.75 65.16 -29.91
N THR E 1701 45.70 64.26 -29.73
CA THR E 1701 46.03 63.67 -28.44
C THR E 1701 47.07 64.53 -27.75
N ASP E 1702 47.24 64.28 -26.45
CA ASP E 1702 48.39 64.82 -25.74
C ASP E 1702 49.67 64.13 -26.18
N THR E 1703 49.61 62.83 -26.45
CA THR E 1703 50.73 62.18 -27.12
C THR E 1703 50.80 62.63 -28.58
N ASN E 1704 51.92 62.33 -29.22
CA ASN E 1704 51.95 62.33 -30.68
C ASN E 1704 51.05 61.26 -31.27
N ILE E 1705 50.68 61.46 -32.53
CA ILE E 1705 50.10 60.43 -33.39
C ILE E 1705 51.02 60.23 -34.58
N ASN E 1706 51.35 58.99 -34.88
CA ASN E 1706 52.07 58.65 -36.11
C ASN E 1706 51.07 58.15 -37.14
N ILE E 1707 51.00 58.84 -38.27
CA ILE E 1707 50.04 58.57 -39.33
C ILE E 1707 50.83 58.31 -40.59
N THR E 1708 50.70 57.11 -41.15
CA THR E 1708 51.36 56.76 -42.39
C THR E 1708 50.30 56.72 -43.48
N LEU E 1709 50.49 57.53 -44.51
CA LEU E 1709 49.54 57.71 -45.59
C LEU E 1709 50.20 57.40 -46.92
N PHE E 1710 49.47 56.69 -47.77
CA PHE E 1710 49.79 56.68 -49.18
C PHE E 1710 49.33 58.00 -49.78
N ILE E 1711 50.26 58.75 -50.37
CA ILE E 1711 49.94 60.02 -51.03
C ILE E 1711 49.93 59.76 -52.54
N PRO E 1712 48.80 59.91 -53.20
CA PRO E 1712 48.76 59.80 -54.66
C PRO E 1712 49.64 60.84 -55.32
N LEU E 1713 50.21 60.45 -56.46
CA LEU E 1713 50.90 61.36 -57.35
C LEU E 1713 50.27 61.22 -58.72
N ASP E 1714 50.09 62.34 -59.40
CA ASP E 1714 49.52 62.26 -60.74
C ASP E 1714 50.47 61.57 -61.70
N ASP E 1715 49.91 61.07 -62.80
CA ASP E 1715 50.71 60.55 -63.90
C ASP E 1715 51.68 61.58 -64.43
N VAL E 1716 51.27 62.84 -64.49
CA VAL E 1716 52.00 63.89 -65.20
C VAL E 1716 52.32 65.00 -64.19
N PRO E 1717 53.55 65.49 -64.16
CA PRO E 1717 54.00 66.60 -63.30
C PRO E 1717 53.62 67.97 -63.83
N LEU E 1718 52.38 68.36 -63.55
CA LEU E 1718 51.84 69.62 -64.05
C LEU E 1718 52.41 70.84 -63.34
N ASN E 1719 53.32 70.65 -62.39
CA ASN E 1719 54.14 71.73 -61.88
C ASN E 1719 55.56 71.21 -61.73
N GLN E 1720 56.53 72.05 -62.08
CA GLN E 1720 57.92 71.62 -62.05
C GLN E 1720 58.55 71.71 -60.67
N ASP E 1721 58.01 72.53 -59.78
CA ASP E 1721 58.72 72.80 -58.53
C ASP E 1721 58.31 71.84 -57.43
N TYR E 1722 57.02 71.51 -57.36
CA TYR E 1722 56.55 70.46 -56.48
C TYR E 1722 55.34 69.79 -57.12
N HIS E 1723 55.07 68.56 -56.66
CA HIS E 1723 54.04 67.73 -57.26
C HIS E 1723 52.86 67.49 -56.35
N ALA E 1724 53.03 67.63 -55.04
CA ALA E 1724 51.90 67.59 -54.13
C ALA E 1724 52.16 68.55 -53.00
N LYS E 1725 51.07 69.04 -52.42
CA LYS E 1725 51.10 69.79 -51.18
C LYS E 1725 50.20 69.13 -50.14
N VAL E 1726 50.75 68.93 -48.96
CA VAL E 1726 49.97 68.51 -47.80
C VAL E 1726 50.05 69.60 -46.76
N TYR E 1727 48.92 69.92 -46.15
CA TYR E 1727 48.87 70.94 -45.11
C TYR E 1727 47.94 70.48 -43.99
N MET E 1728 48.20 71.01 -42.80
CA MET E 1728 47.58 70.59 -41.56
C MET E 1728 46.65 71.68 -41.05
N THR E 1729 45.40 71.31 -40.77
CA THR E 1729 44.40 72.27 -40.35
C THR E 1729 43.74 71.81 -39.06
N PHE E 1730 43.41 72.78 -38.23
CA PHE E 1730 42.90 72.51 -36.88
C PHE E 1730 42.21 73.77 -36.40
N LYS E 1731 41.56 73.66 -35.23
CA LYS E 1731 40.64 74.70 -34.78
C LYS E 1731 41.35 76.04 -34.66
N LYS E 1732 42.54 76.06 -34.08
CA LYS E 1732 43.26 77.31 -33.85
C LYS E 1732 43.67 77.96 -35.16
N SER E 1733 44.18 77.18 -36.11
CA SER E 1733 44.65 77.67 -37.40
C SER E 1733 44.02 76.84 -38.51
N PRO E 1734 42.76 77.09 -38.83
CA PRO E 1734 42.12 76.35 -39.92
C PRO E 1734 42.53 76.82 -41.30
N SER E 1735 42.97 78.06 -41.44
CA SER E 1735 43.36 78.59 -42.73
C SER E 1735 44.69 78.00 -43.18
N ASP E 1736 44.83 77.80 -44.49
CA ASP E 1736 46.05 77.26 -45.07
C ASP E 1736 47.04 78.39 -45.34
N GLY E 1737 48.33 78.04 -45.29
CA GLY E 1737 49.38 78.92 -45.73
C GLY E 1737 50.15 78.40 -46.93
N THR E 1738 50.61 79.34 -47.77
CA THR E 1738 51.17 79.02 -49.08
C THR E 1738 52.30 78.00 -49.00
N TRP E 1739 53.20 78.17 -48.05
CA TRP E 1739 54.32 77.27 -47.81
C TRP E 1739 54.20 76.46 -46.53
N TRP E 1740 53.09 76.57 -45.80
CA TRP E 1740 53.03 76.03 -44.44
C TRP E 1740 52.56 74.58 -44.42
N GLY E 1741 53.27 73.76 -45.19
CA GLY E 1741 53.19 72.33 -45.09
C GLY E 1741 54.26 71.70 -45.94
N PRO E 1742 54.51 70.40 -45.75
CA PRO E 1742 55.48 69.69 -46.59
C PRO E 1742 55.05 69.66 -48.05
N HIS E 1743 55.87 70.25 -48.90
CA HIS E 1743 55.74 70.02 -50.34
C HIS E 1743 56.64 68.88 -50.76
N PHE E 1744 56.12 68.02 -51.63
CA PHE E 1744 56.85 66.86 -52.10
C PHE E 1744 57.07 66.96 -53.60
N VAL E 1745 58.22 66.46 -54.04
CA VAL E 1745 58.57 66.45 -55.45
C VAL E 1745 59.25 65.12 -55.74
N ARG E 1746 59.11 64.65 -56.98
CA ARG E 1746 59.70 63.38 -57.39
C ARG E 1746 60.68 63.66 -58.52
N ASP E 1747 61.76 62.90 -58.55
CA ASP E 1747 62.71 62.94 -59.66
C ASP E 1747 62.38 61.90 -60.71
N ASP E 1748 63.31 61.72 -61.66
CA ASP E 1748 63.16 60.70 -62.70
C ASP E 1748 63.38 59.28 -62.18
N LYS E 1749 64.29 59.09 -61.23
CA LYS E 1749 64.50 57.77 -60.65
C LYS E 1749 63.47 57.40 -59.60
N GLY E 1750 62.60 58.33 -59.24
CA GLY E 1750 61.43 58.00 -58.45
C GLY E 1750 61.63 58.13 -56.96
N ILE E 1751 62.52 59.01 -56.52
CA ILE E 1751 62.77 59.23 -55.10
C ILE E 1751 62.10 60.52 -54.69
N VAL E 1752 61.37 60.48 -53.59
CA VAL E 1752 60.56 61.59 -53.13
C VAL E 1752 61.31 62.33 -52.04
N THR E 1753 61.27 63.65 -52.08
CA THR E 1753 61.98 64.47 -51.12
C THR E 1753 61.13 65.66 -50.73
N ILE E 1754 61.37 66.18 -49.54
CA ILE E 1754 60.63 67.31 -49.02
C ILE E 1754 61.27 68.60 -49.51
N ASN E 1755 60.46 69.50 -50.02
CA ASN E 1755 60.95 70.76 -50.55
C ASN E 1755 61.48 71.60 -49.40
N PRO E 1756 62.75 72.03 -49.43
CA PRO E 1756 63.28 72.85 -48.32
C PRO E 1756 62.56 74.18 -48.16
N LYS E 1757 61.93 74.69 -49.22
CA LYS E 1757 61.20 75.94 -49.14
C LYS E 1757 60.00 75.87 -48.21
N SER E 1758 59.50 74.67 -47.97
CA SER E 1758 58.32 74.46 -47.13
C SER E 1758 58.64 74.45 -45.65
N ILE E 1759 57.64 74.83 -44.86
CA ILE E 1759 57.76 75.06 -43.43
C ILE E 1759 56.97 73.96 -42.71
N LEU E 1760 57.64 73.24 -41.81
CA LEU E 1760 57.08 72.09 -41.12
C LEU E 1760 56.72 72.38 -39.67
N THR E 1761 56.67 73.65 -39.28
CA THR E 1761 56.64 74.02 -37.86
C THR E 1761 55.53 73.31 -37.10
N HIS E 1762 54.32 73.21 -37.67
CA HIS E 1762 53.25 72.51 -36.98
C HIS E 1762 53.07 71.07 -37.45
N PHE E 1763 54.11 70.45 -37.99
CA PHE E 1763 54.27 69.00 -37.97
C PHE E 1763 55.38 68.64 -37.01
N GLU E 1764 55.15 67.63 -36.18
CA GLU E 1764 56.22 67.20 -35.28
C GLU E 1764 57.35 66.52 -36.04
N SER E 1765 57.01 65.67 -37.02
CA SER E 1765 57.98 65.23 -38.02
C SER E 1765 57.23 64.76 -39.25
N VAL E 1766 57.89 64.89 -40.41
CA VAL E 1766 57.46 64.24 -41.64
C VAL E 1766 58.62 63.42 -42.19
N ASN E 1767 58.36 62.16 -42.51
CA ASN E 1767 59.35 61.26 -43.07
C ASN E 1767 58.76 60.58 -44.30
N VAL E 1768 59.59 60.37 -45.32
CA VAL E 1768 59.21 59.65 -46.52
C VAL E 1768 59.86 58.27 -46.53
N LEU E 1769 59.05 57.23 -46.64
CA LEU E 1769 59.53 55.86 -46.54
C LEU E 1769 59.87 55.30 -47.92
N ASN E 1770 60.83 55.95 -48.57
CA ASN E 1770 61.12 55.67 -49.97
C ASN E 1770 61.46 54.21 -50.24
N ASN E 1771 61.92 53.48 -49.23
CA ASN E 1771 62.24 52.06 -49.37
C ASN E 1771 61.01 51.14 -49.35
N ILE E 1772 59.83 51.65 -49.06
CA ILE E 1772 58.65 50.81 -48.84
C ILE E 1772 57.72 50.95 -50.04
N SER E 1773 57.31 49.82 -50.60
CA SER E 1773 56.41 49.75 -51.75
C SER E 1773 55.24 48.82 -51.49
N SER E 1774 54.85 48.65 -50.24
CA SER E 1774 53.78 47.74 -49.87
C SER E 1774 53.19 48.23 -48.56
N GLU E 1775 52.05 47.67 -48.19
CA GLU E 1775 51.46 48.04 -46.91
C GLU E 1775 50.79 46.82 -46.31
N PRO E 1776 50.57 46.84 -44.98
CA PRO E 1776 49.87 45.73 -44.33
C PRO E 1776 48.49 45.44 -44.92
N MET E 1777 48.13 44.16 -44.88
CA MET E 1777 46.77 43.72 -45.11
C MET E 1777 45.78 44.57 -44.32
N ASP E 1778 44.67 44.90 -44.96
CA ASP E 1778 43.77 45.96 -44.51
C ASP E 1778 42.46 45.38 -43.97
N PHE E 1779 42.23 45.51 -42.67
CA PHE E 1779 41.00 45.09 -42.01
C PHE E 1779 39.92 46.17 -42.03
N SER E 1780 40.05 47.14 -42.92
CA SER E 1780 39.01 48.15 -43.14
C SER E 1780 38.69 48.36 -44.59
N GLY E 1781 39.41 47.72 -45.51
CA GLY E 1781 39.20 47.87 -46.92
C GLY E 1781 37.97 47.12 -47.38
N ALA E 1782 37.97 46.82 -48.67
CA ALA E 1782 36.85 46.09 -49.29
C ALA E 1782 36.60 44.75 -48.61
N ASN E 1783 37.62 43.89 -48.56
CA ASN E 1783 37.53 42.55 -48.01
C ASN E 1783 37.53 42.48 -46.49
N SER E 1784 37.30 43.60 -45.81
CA SER E 1784 37.31 43.59 -44.35
C SER E 1784 36.35 42.55 -43.79
N LEU E 1785 35.19 42.39 -44.42
CA LEU E 1785 34.23 41.41 -43.91
C LEU E 1785 34.78 39.99 -43.97
N TYR E 1786 35.41 39.61 -45.07
CA TYR E 1786 35.94 38.25 -45.14
C TYR E 1786 37.11 38.07 -44.19
N PHE E 1787 37.87 39.12 -43.94
CA PHE E 1787 39.00 38.95 -43.03
C PHE E 1787 38.57 38.86 -41.59
N TRP E 1788 37.61 39.68 -41.17
CA TRP E 1788 37.03 39.44 -39.86
C TRP E 1788 36.30 38.11 -39.83
N GLU E 1789 35.84 37.62 -40.97
CA GLU E 1789 35.10 36.37 -41.04
C GLU E 1789 35.99 35.21 -40.70
N LEU E 1790 37.27 35.33 -41.06
CA LEU E 1790 38.21 34.23 -40.94
C LEU E 1790 39.01 34.32 -39.67
N PHE E 1791 39.65 35.46 -39.41
CA PHE E 1791 40.63 35.50 -38.34
C PHE E 1791 39.98 35.45 -36.96
N TYR E 1792 38.80 36.02 -36.80
CA TYR E 1792 38.18 36.09 -35.49
C TYR E 1792 36.91 35.28 -35.35
N TYR E 1793 35.96 35.42 -36.26
CA TYR E 1793 34.67 34.76 -36.08
C TYR E 1793 34.80 33.25 -36.12
N THR E 1794 35.57 32.72 -37.06
CA THR E 1794 35.68 31.27 -37.23
C THR E 1794 36.28 30.55 -36.02
N PRO E 1795 37.42 30.95 -35.47
CA PRO E 1795 37.85 30.36 -34.20
C PRO E 1795 36.82 30.43 -33.09
N MET E 1796 36.14 31.56 -32.94
CA MET E 1796 35.16 31.68 -31.87
C MET E 1796 33.96 30.78 -32.09
N LEU E 1797 33.49 30.66 -33.32
CA LEU E 1797 32.40 29.72 -33.63
C LEU E 1797 32.82 28.28 -33.36
N VAL E 1798 34.02 27.90 -33.76
CA VAL E 1798 34.48 26.54 -33.53
C VAL E 1798 34.61 26.26 -32.03
N ALA E 1799 35.24 27.16 -31.28
CA ALA E 1799 35.34 26.98 -29.85
C ALA E 1799 33.97 26.87 -29.19
N GLN E 1800 33.02 27.69 -29.64
CA GLN E 1800 31.68 27.62 -29.07
C GLN E 1800 31.03 26.28 -29.34
N ARG E 1801 31.19 25.75 -30.57
CA ARG E 1801 30.59 24.46 -30.86
C ARG E 1801 31.27 23.36 -30.06
N LEU E 1802 32.60 23.41 -29.93
CA LEU E 1802 33.29 22.38 -29.18
C LEU E 1802 32.94 22.40 -27.71
N LEU E 1803 32.52 23.54 -27.16
CA LEU E 1803 32.13 23.58 -25.75
C LEU E 1803 30.92 22.72 -25.46
N HIS E 1804 29.91 22.78 -26.33
CA HIS E 1804 28.68 22.05 -26.09
C HIS E 1804 28.88 20.55 -26.20
N GLU E 1805 29.93 20.11 -26.89
CA GLU E 1805 30.26 18.70 -27.01
C GLU E 1805 31.21 18.24 -25.91
N GLN E 1806 31.60 19.13 -25.00
CA GLN E 1806 32.46 18.77 -23.88
C GLN E 1806 33.81 18.22 -24.33
N ASN E 1807 34.30 18.72 -25.46
CA ASN E 1807 35.66 18.45 -25.91
C ASN E 1807 36.55 19.60 -25.49
N PHE E 1808 36.79 19.68 -24.18
CA PHE E 1808 37.46 20.82 -23.59
C PHE E 1808 38.89 20.98 -24.07
N ASP E 1809 39.62 19.88 -24.24
CA ASP E 1809 41.01 19.99 -24.67
C ASP E 1809 41.12 20.62 -26.06
N GLU E 1810 40.23 20.24 -27.00
CA GLU E 1810 40.24 20.86 -28.31
C GLU E 1810 39.65 22.26 -28.30
N ALA E 1811 38.74 22.53 -27.37
CA ALA E 1811 38.16 23.86 -27.31
C ALA E 1811 39.18 24.84 -26.78
N ASN E 1812 40.07 24.38 -25.93
CA ASN E 1812 41.04 25.28 -25.36
C ASN E 1812 41.99 25.79 -26.42
N ARG E 1813 42.50 24.90 -27.28
CA ARG E 1813 43.42 25.36 -28.31
C ARG E 1813 42.73 26.23 -29.32
N TRP E 1814 41.50 25.85 -29.70
CA TRP E 1814 40.82 26.64 -30.70
C TRP E 1814 40.57 28.05 -30.20
N LEU E 1815 40.15 28.17 -28.95
CA LEU E 1815 39.98 29.51 -28.38
C LEU E 1815 41.31 30.19 -28.11
N LYS E 1816 42.38 29.42 -27.90
CA LYS E 1816 43.69 29.99 -27.67
C LYS E 1816 44.26 30.63 -28.92
N TYR E 1817 43.70 30.34 -30.09
CA TYR E 1817 44.24 30.99 -31.28
C TYR E 1817 44.03 32.49 -31.21
N VAL E 1818 42.82 32.93 -30.85
CA VAL E 1818 42.51 34.35 -30.79
C VAL E 1818 43.19 35.04 -29.60
N TRP E 1819 43.27 34.40 -28.44
CA TRP E 1819 43.86 35.07 -27.28
C TRP E 1819 44.40 34.06 -26.30
N SER E 1820 45.60 34.30 -25.81
CA SER E 1820 46.18 33.41 -24.82
C SER E 1820 46.92 34.14 -23.73
N PRO E 1821 46.48 34.05 -22.48
CA PRO E 1821 47.19 34.72 -21.39
C PRO E 1821 48.60 34.23 -21.21
N SER E 1822 48.87 32.96 -21.50
CA SER E 1822 50.21 32.43 -21.34
C SER E 1822 51.20 33.09 -22.28
N GLY E 1823 50.72 33.52 -23.44
CA GLY E 1823 51.58 34.16 -24.42
C GLY E 1823 51.70 33.30 -25.66
N TYR E 1824 52.40 33.84 -26.64
CA TYR E 1824 52.60 33.16 -27.90
C TYR E 1824 54.09 32.93 -28.12
N ILE E 1825 54.42 31.72 -28.55
CA ILE E 1825 55.81 31.36 -28.82
C ILE E 1825 55.91 31.06 -30.31
N VAL E 1826 56.90 31.67 -30.95
CA VAL E 1826 57.13 31.48 -32.38
C VAL E 1826 58.61 31.23 -32.59
N HIS E 1827 58.92 30.19 -33.37
CA HIS E 1827 60.29 29.82 -33.72
C HIS E 1827 61.17 29.66 -32.48
N GLY E 1828 60.57 29.28 -31.36
CA GLY E 1828 61.34 29.16 -30.14
C GLY E 1828 61.58 30.43 -29.36
N GLN E 1829 60.83 31.51 -29.62
CA GLN E 1829 61.00 32.72 -28.85
C GLN E 1829 59.63 33.20 -28.41
N ILE E 1830 59.54 33.72 -27.20
CA ILE E 1830 58.27 34.25 -26.70
C ILE E 1830 57.95 35.59 -27.35
N GLN E 1831 56.69 35.78 -27.74
CA GLN E 1831 56.25 36.99 -28.42
C GLN E 1831 55.68 38.00 -27.44
N ASN E 1832 55.91 39.28 -27.75
CA ASN E 1832 55.44 40.37 -26.91
C ASN E 1832 53.93 40.48 -26.87
N TYR E 1833 53.26 40.29 -28.02
CA TYR E 1833 51.83 40.52 -28.10
C TYR E 1833 51.03 39.48 -27.31
N GLN E 1834 49.85 39.89 -26.88
CA GLN E 1834 48.94 39.05 -26.11
C GLN E 1834 47.75 38.58 -26.93
N TRP E 1835 47.23 39.40 -27.84
CA TRP E 1835 46.11 39.06 -28.69
C TRP E 1835 46.59 38.83 -30.12
N ASN E 1836 46.09 37.77 -30.72
CA ASN E 1836 46.56 37.36 -32.04
C ASN E 1836 45.90 38.08 -33.20
N VAL E 1837 44.82 38.84 -32.98
CA VAL E 1837 44.11 39.52 -34.05
C VAL E 1837 44.54 40.97 -34.11
N ARG E 1838 44.95 41.44 -35.29
CA ARG E 1838 45.49 42.79 -35.41
C ARG E 1838 44.53 43.91 -35.03
N PRO E 1839 43.28 43.93 -35.47
CA PRO E 1839 42.40 45.03 -35.04
C PRO E 1839 42.03 44.99 -33.57
N LEU E 1840 42.16 43.84 -32.90
CA LEU E 1840 42.04 43.83 -31.45
C LEU E 1840 43.31 44.31 -30.77
N LEU E 1841 44.46 43.96 -31.32
CA LEU E 1841 45.73 44.43 -30.78
C LEU E 1841 45.88 45.95 -30.91
N GLU E 1842 45.44 46.51 -32.05
CA GLU E 1842 45.63 47.93 -32.31
C GLU E 1842 44.60 48.82 -31.62
N ASP E 1843 43.35 48.39 -31.50
CA ASP E 1843 42.32 49.17 -30.81
C ASP E 1843 42.43 48.96 -29.31
N THR E 1844 43.09 49.89 -28.63
CA THR E 1844 43.44 49.77 -27.22
C THR E 1844 42.53 50.55 -26.27
N SER E 1845 41.61 51.38 -26.77
CA SER E 1845 40.64 51.99 -25.86
C SER E 1845 39.42 52.49 -26.63
N TRP E 1846 38.26 52.45 -25.96
CA TRP E 1846 37.00 52.78 -26.60
C TRP E 1846 36.96 54.17 -27.20
N ASN E 1847 36.10 54.31 -28.19
CA ASN E 1847 35.84 55.58 -28.85
C ASN E 1847 35.20 56.55 -27.87
N SER E 1848 35.32 57.84 -28.17
CA SER E 1848 34.67 58.84 -27.33
C SER E 1848 33.16 58.65 -27.29
N ASP E 1849 32.55 58.16 -28.39
CA ASP E 1849 31.16 57.70 -28.36
C ASP E 1849 30.91 56.39 -29.12
N PRO E 1850 30.03 55.55 -28.60
CA PRO E 1850 29.64 54.33 -29.33
C PRO E 1850 28.73 54.61 -30.51
N LEU E 1851 28.53 53.57 -31.31
CA LEU E 1851 27.46 53.52 -32.31
C LEU E 1851 26.12 53.28 -31.62
N ASP E 1852 25.12 54.08 -31.94
CA ASP E 1852 23.74 53.83 -31.50
C ASP E 1852 23.01 52.95 -32.51
N SER E 1853 22.93 51.65 -32.23
CA SER E 1853 22.36 50.68 -33.15
C SER E 1853 21.90 49.47 -32.36
N VAL E 1854 20.68 49.02 -32.63
CA VAL E 1854 20.06 47.90 -31.92
C VAL E 1854 20.53 46.53 -32.44
N ASP E 1855 21.63 46.51 -33.17
CA ASP E 1855 22.29 45.26 -33.54
C ASP E 1855 23.58 45.17 -32.74
N PRO E 1856 23.82 44.15 -31.92
CA PRO E 1856 25.04 44.15 -31.11
C PRO E 1856 26.31 44.00 -31.92
N ASP E 1857 26.21 43.48 -33.12
CA ASP E 1857 27.45 43.17 -33.82
C ASP E 1857 27.98 44.36 -34.61
N ALA E 1858 27.11 45.17 -35.22
CA ALA E 1858 27.57 46.39 -35.85
C ALA E 1858 28.16 47.37 -34.84
N VAL E 1859 27.55 47.47 -33.66
CA VAL E 1859 28.07 48.35 -32.62
C VAL E 1859 29.38 47.83 -32.07
N ALA E 1860 29.54 46.51 -31.98
CA ALA E 1860 30.84 45.96 -31.58
C ALA E 1860 31.89 46.10 -32.67
N GLN E 1861 31.46 46.06 -33.93
CA GLN E 1861 32.33 46.31 -35.09
C GLN E 1861 32.84 47.74 -35.14
N HIS E 1862 32.02 48.70 -34.74
CA HIS E 1862 32.46 50.09 -34.66
C HIS E 1862 33.50 50.33 -33.57
N ASP E 1863 33.55 49.48 -32.54
CA ASP E 1863 34.44 49.67 -31.39
C ASP E 1863 34.96 48.32 -30.92
N PRO E 1864 35.95 47.75 -31.62
CA PRO E 1864 36.34 46.36 -31.38
C PRO E 1864 36.96 46.09 -30.02
N MET E 1865 37.08 47.08 -29.16
CA MET E 1865 37.33 46.82 -27.75
C MET E 1865 36.26 45.91 -27.14
N HIS E 1866 35.05 45.89 -27.71
CA HIS E 1866 33.98 45.02 -27.23
C HIS E 1866 34.28 43.56 -27.53
N TYR E 1867 34.86 43.29 -28.68
CA TYR E 1867 35.20 41.93 -29.04
C TYR E 1867 36.21 41.33 -28.07
N LYS E 1868 37.08 42.16 -27.50
CA LYS E 1868 38.00 41.67 -26.48
C LYS E 1868 37.27 41.15 -25.26
N VAL E 1869 36.23 41.85 -24.83
CA VAL E 1869 35.46 41.39 -23.68
C VAL E 1869 34.73 40.11 -24.03
N SER E 1870 34.19 40.01 -25.24
CA SER E 1870 33.48 38.80 -25.60
C SER E 1870 34.40 37.56 -25.57
N THR E 1871 35.64 37.72 -26.03
CA THR E 1871 36.60 36.61 -25.93
C THR E 1871 36.98 36.30 -24.50
N PHE E 1872 37.26 37.33 -23.70
CA PHE E 1872 37.57 37.13 -22.29
C PHE E 1872 36.46 36.36 -21.58
N MET E 1873 35.23 36.75 -21.83
CA MET E 1873 34.08 36.09 -21.22
C MET E 1873 33.92 34.66 -21.69
N ARG E 1874 34.22 34.37 -22.97
CA ARG E 1874 34.23 32.96 -23.36
C ARG E 1874 35.39 32.15 -22.78
N THR E 1875 36.50 32.77 -22.43
CA THR E 1875 37.52 32.03 -21.70
C THR E 1875 37.05 31.68 -20.29
N LEU E 1876 36.38 32.61 -19.63
CA LEU E 1876 35.87 32.30 -18.30
C LEU E 1876 34.80 31.22 -18.38
N ASP E 1877 33.98 31.23 -19.43
CA ASP E 1877 32.97 30.19 -19.56
C ASP E 1877 33.62 28.83 -19.67
N LEU E 1878 34.70 28.74 -20.46
CA LEU E 1878 35.40 27.48 -20.60
C LEU E 1878 36.01 27.01 -19.27
N LEU E 1879 36.65 27.92 -18.53
CA LEU E 1879 37.29 27.51 -17.28
C LEU E 1879 36.28 27.04 -16.25
N ILE E 1880 35.15 27.75 -16.14
CA ILE E 1880 34.12 27.32 -15.21
C ILE E 1880 33.55 25.98 -15.61
N ALA E 1881 33.27 25.77 -16.90
CA ALA E 1881 32.71 24.49 -17.29
C ALA E 1881 33.68 23.34 -17.00
N ARG E 1882 34.98 23.56 -17.24
CA ARG E 1882 35.96 22.52 -16.93
C ARG E 1882 36.02 22.22 -15.43
N GLY E 1883 35.94 23.26 -14.60
CA GLY E 1883 35.88 23.04 -13.17
C GLY E 1883 34.64 22.30 -12.72
N ASP E 1884 33.49 22.64 -13.28
CA ASP E 1884 32.26 21.93 -12.92
C ASP E 1884 32.35 20.47 -13.34
N HIS E 1885 32.89 20.20 -14.52
CA HIS E 1885 33.02 18.83 -14.96
C HIS E 1885 33.92 18.03 -14.05
N ALA E 1886 35.04 18.61 -13.61
CA ALA E 1886 35.86 17.86 -12.67
C ALA E 1886 35.16 17.70 -11.33
N TYR E 1887 34.44 18.71 -10.90
CA TYR E 1887 33.74 18.64 -9.63
C TYR E 1887 32.63 17.59 -9.63
N ARG E 1888 32.12 17.21 -10.79
CA ARG E 1888 31.07 16.19 -10.85
C ARG E 1888 31.53 14.83 -10.34
N GLN E 1889 32.83 14.52 -10.47
CA GLN E 1889 33.39 13.32 -9.86
C GLN E 1889 33.80 13.68 -8.43
N LEU E 1890 33.29 12.94 -7.46
CA LEU E 1890 33.45 13.32 -6.07
C LEU E 1890 34.67 12.69 -5.39
N GLU E 1891 35.50 11.94 -6.11
CA GLU E 1891 36.64 11.34 -5.46
C GLU E 1891 37.66 12.41 -5.09
N ARG E 1892 38.54 12.07 -4.16
CA ARG E 1892 39.39 13.05 -3.51
C ARG E 1892 40.31 13.74 -4.52
N ASP E 1893 40.95 12.96 -5.40
CA ASP E 1893 41.93 13.54 -6.31
C ASP E 1893 41.26 14.54 -7.26
N THR E 1894 40.10 14.20 -7.80
CA THR E 1894 39.46 15.07 -8.77
C THR E 1894 39.01 16.40 -8.17
N LEU E 1895 38.58 16.43 -6.92
CA LEU E 1895 38.17 17.70 -6.34
C LEU E 1895 39.32 18.69 -6.24
N ASN E 1896 40.56 18.21 -6.22
CA ASN E 1896 41.69 19.12 -6.23
C ASN E 1896 41.97 19.67 -7.61
N GLU E 1897 41.61 18.91 -8.64
CA GLU E 1897 41.60 19.46 -9.98
C GLU E 1897 40.51 20.50 -10.18
N ALA E 1898 39.32 20.24 -9.66
CA ALA E 1898 38.27 21.27 -9.64
C ALA E 1898 38.70 22.55 -8.98
N LYS E 1899 39.37 22.45 -7.83
CA LYS E 1899 39.89 23.64 -7.18
C LYS E 1899 40.94 24.36 -8.01
N MET E 1900 41.88 23.64 -8.60
CA MET E 1900 42.88 24.42 -9.33
C MET E 1900 42.29 25.06 -10.59
N TRP E 1901 41.22 24.50 -11.13
CA TRP E 1901 40.56 25.14 -12.27
C TRP E 1901 39.87 26.43 -11.84
N TYR E 1902 39.14 26.38 -10.73
CA TYR E 1902 38.49 27.61 -10.26
C TYR E 1902 39.50 28.65 -9.84
N MET E 1903 40.58 28.27 -9.17
CA MET E 1903 41.59 29.26 -8.80
C MET E 1903 42.22 29.89 -10.05
N GLN E 1904 42.38 29.09 -11.11
CA GLN E 1904 42.89 29.63 -12.36
C GLN E 1904 41.98 30.68 -12.92
N ALA E 1905 40.66 30.47 -12.87
CA ALA E 1905 39.81 31.54 -13.37
C ALA E 1905 39.73 32.70 -12.40
N LEU E 1906 40.02 32.44 -11.14
CA LEU E 1906 39.87 33.45 -10.12
C LEU E 1906 40.93 34.53 -10.29
N HIS E 1907 42.18 34.14 -10.52
CA HIS E 1907 43.13 35.24 -10.63
C HIS E 1907 43.00 35.95 -11.97
N LEU E 1908 42.42 35.32 -12.98
CA LEU E 1908 42.18 36.01 -14.24
C LEU E 1908 41.17 37.14 -14.06
N LEU E 1909 40.06 36.84 -13.39
CA LEU E 1909 39.11 37.90 -13.06
C LEU E 1909 39.71 38.99 -12.18
N GLY E 1910 40.53 38.61 -11.22
CA GLY E 1910 41.16 39.58 -10.34
C GLY E 1910 40.29 40.07 -9.20
N ASP E 1911 40.65 41.25 -8.71
CA ASP E 1911 39.97 41.90 -7.58
C ASP E 1911 38.54 42.29 -7.89
N LYS E 1912 37.59 41.73 -7.17
CA LYS E 1912 36.21 42.20 -7.25
C LYS E 1912 36.12 43.69 -6.94
N PRO E 1913 35.44 44.48 -7.78
CA PRO E 1913 35.43 45.93 -7.57
C PRO E 1913 34.57 46.29 -6.38
N TYR E 1914 35.04 47.20 -5.55
CA TYR E 1914 34.21 47.76 -4.49
C TYR E 1914 33.41 48.95 -4.99
N LEU E 1915 32.14 49.02 -4.60
CA LEU E 1915 31.16 49.93 -5.18
C LEU E 1915 30.42 50.70 -4.09
N PRO E 1916 30.80 51.95 -3.83
CA PRO E 1916 30.29 52.67 -2.65
C PRO E 1916 28.78 52.81 -2.63
N LEU E 1917 28.17 52.30 -1.56
CA LEU E 1917 26.74 52.00 -1.55
C LEU E 1917 25.87 53.24 -1.77
N SER E 1918 26.24 54.37 -1.17
CA SER E 1918 25.59 55.65 -1.39
C SER E 1918 26.56 56.69 -1.95
N THR E 1919 26.00 57.63 -2.72
CA THR E 1919 26.81 58.52 -3.53
C THR E 1919 26.12 59.89 -3.63
N THR E 1920 26.54 60.68 -4.61
CA THR E 1920 26.04 62.03 -4.85
C THR E 1920 24.54 62.09 -5.15
N TRP E 1921 23.94 60.98 -5.58
CA TRP E 1921 22.52 61.00 -5.96
C TRP E 1921 21.62 61.30 -4.77
N SER E 1922 20.68 62.24 -4.98
CA SER E 1922 20.12 63.06 -3.92
C SER E 1922 18.60 62.93 -3.74
N ASP E 1923 17.98 61.88 -4.26
CA ASP E 1923 16.53 61.70 -4.24
C ASP E 1923 15.73 62.85 -4.85
N PRO E 1924 15.93 63.20 -6.10
CA PRO E 1924 15.38 64.46 -6.60
C PRO E 1924 13.90 64.29 -6.91
N ARG E 1925 13.24 65.42 -7.14
CA ARG E 1925 11.87 65.40 -7.62
C ARG E 1925 11.83 64.96 -9.08
N LEU E 1926 10.82 64.15 -9.41
CA LEU E 1926 10.62 63.72 -10.78
C LEU E 1926 10.50 64.91 -11.73
N ASP E 1927 9.85 65.97 -11.27
CA ASP E 1927 9.79 67.21 -12.02
C ASP E 1927 11.17 67.75 -12.35
N ARG E 1928 12.12 67.62 -11.42
CA ARG E 1928 13.47 68.11 -11.67
C ARG E 1928 14.26 67.17 -12.58
N ALA E 1929 14.18 65.86 -12.36
CA ALA E 1929 14.90 64.92 -13.21
C ALA E 1929 14.43 64.97 -14.65
N ALA E 1930 13.17 65.28 -14.89
CA ALA E 1930 12.69 65.45 -16.25
C ALA E 1930 13.40 66.60 -16.96
N ASP E 1931 13.52 67.74 -16.29
CA ASP E 1931 14.19 68.88 -16.94
C ASP E 1931 15.69 68.68 -17.05
N ILE E 1932 16.32 68.17 -15.99
CA ILE E 1932 17.76 67.91 -16.04
C ILE E 1932 18.12 66.98 -17.19
N THR E 1933 17.27 65.99 -17.45
CA THR E 1933 17.51 65.06 -18.56
C THR E 1933 17.14 65.63 -19.94
N THR E 1934 16.19 66.56 -20.01
CA THR E 1934 15.69 67.10 -21.28
C THR E 1934 16.40 68.40 -21.67
N GLN E 1935 17.68 68.53 -21.37
CA GLN E 1935 18.37 69.78 -21.69
C GLN E 1935 18.63 69.92 -23.19
N ASN E 1936 18.60 68.83 -23.94
CA ASN E 1936 18.72 68.91 -25.40
C ASN E 1936 17.33 68.90 -26.04
N LEU E 1963 20.05 60.51 -20.16
CA LEU E 1963 19.84 60.20 -18.75
C LEU E 1963 21.17 60.22 -18.00
N THR E 1964 22.26 60.02 -18.74
CA THR E 1964 23.60 60.03 -18.16
C THR E 1964 23.93 61.36 -17.49
N ASP E 1965 23.16 62.41 -17.78
CA ASP E 1965 23.27 63.67 -17.05
C ASP E 1965 22.96 63.55 -15.57
N LEU E 1966 22.25 62.50 -15.16
CA LEU E 1966 21.83 62.38 -13.76
C LEU E 1966 21.88 60.96 -13.22
N PHE E 1967 21.80 59.94 -14.06
CA PHE E 1967 21.84 58.54 -13.67
C PHE E 1967 23.16 57.94 -14.11
N LEU E 1968 23.72 57.08 -13.29
CA LEU E 1968 25.07 56.56 -13.52
C LEU E 1968 25.02 55.22 -14.22
N PRO E 1969 26.09 54.86 -14.93
CA PRO E 1969 26.14 53.53 -15.58
C PRO E 1969 26.40 52.43 -14.58
N GLN E 1970 25.64 51.34 -14.70
CA GLN E 1970 25.92 50.21 -13.83
C GLN E 1970 26.95 49.25 -14.40
N ILE E 1971 27.66 48.60 -13.48
CA ILE E 1971 28.57 47.50 -13.80
C ILE E 1971 27.82 46.33 -14.43
N ASN E 1972 28.48 45.67 -15.40
CA ASN E 1972 27.86 44.56 -16.11
C ASN E 1972 27.40 43.49 -15.13
N GLU E 1973 26.10 43.25 -15.11
CA GLU E 1973 25.50 42.28 -14.19
C GLU E 1973 25.98 40.84 -14.43
N VAL E 1974 26.38 40.52 -15.66
CA VAL E 1974 26.92 39.19 -15.98
C VAL E 1974 28.33 39.01 -15.42
N MET E 1975 29.17 40.02 -15.54
CA MET E 1975 30.49 39.92 -14.95
C MET E 1975 30.37 39.81 -13.44
N MET E 1976 29.50 40.61 -12.83
CA MET E 1976 29.24 40.42 -11.40
C MET E 1976 28.80 39.00 -11.12
N ASN E 1977 28.06 38.38 -12.03
CA ASN E 1977 27.57 37.05 -11.72
C ASN E 1977 28.70 36.04 -11.75
N TYR E 1978 29.73 36.29 -12.55
CA TYR E 1978 30.84 35.34 -12.55
C TYR E 1978 31.53 35.33 -11.20
N TRP E 1979 31.75 36.50 -10.61
CA TRP E 1979 32.33 36.54 -9.26
C TRP E 1979 31.42 35.91 -8.23
N GLN E 1980 30.11 36.05 -8.37
CA GLN E 1980 29.22 35.42 -7.41
C GLN E 1980 29.28 33.91 -7.49
N THR E 1981 29.27 33.35 -8.70
CA THR E 1981 29.27 31.91 -8.81
C THR E 1981 30.63 31.32 -8.51
N LEU E 1982 31.71 32.03 -8.80
CA LEU E 1982 33.02 31.48 -8.50
C LEU E 1982 33.26 31.49 -7.00
N ALA E 1983 32.92 32.58 -6.33
CA ALA E 1983 33.11 32.61 -4.89
C ALA E 1983 32.26 31.56 -4.19
N GLN E 1984 31.02 31.38 -4.61
CA GLN E 1984 30.20 30.34 -3.98
C GLN E 1984 30.71 28.93 -4.27
N ARG E 1985 31.23 28.69 -5.47
CA ARG E 1985 31.77 27.37 -5.78
C ARG E 1985 33.02 27.06 -4.96
N VAL E 1986 33.94 28.00 -4.85
CA VAL E 1986 35.09 27.75 -4.00
C VAL E 1986 34.67 27.58 -2.54
N TYR E 1987 33.64 28.31 -2.11
CA TYR E 1987 33.11 28.13 -0.76
C TYR E 1987 32.67 26.69 -0.52
N ASN E 1988 32.03 26.07 -1.51
CA ASN E 1988 31.69 24.66 -1.33
C ASN E 1988 32.91 23.76 -1.38
N LEU E 1989 33.89 24.05 -2.22
CA LEU E 1989 35.08 23.21 -2.22
C LEU E 1989 35.83 23.28 -0.90
N ARG E 1990 35.84 24.45 -0.26
CA ARG E 1990 36.47 24.59 1.04
C ARG E 1990 35.67 23.97 2.16
N HIS E 1991 34.36 23.80 2.00
CA HIS E 1991 33.53 23.32 3.10
C HIS E 1991 32.99 21.93 2.85
N ASN E 1992 33.54 21.23 1.86
CA ASN E 1992 33.23 19.83 1.61
C ASN E 1992 31.75 19.57 1.33
N LEU E 1993 31.07 20.53 0.72
CA LEU E 1993 29.71 20.31 0.26
C LEU E 1993 29.81 19.66 -1.12
N SER E 1994 28.68 19.38 -1.76
CA SER E 1994 28.71 19.16 -3.20
C SER E 1994 28.31 20.42 -3.98
N ILE E 1995 28.12 20.27 -5.29
CA ILE E 1995 27.89 21.45 -6.12
C ILE E 1995 26.48 21.99 -5.94
N ASP E 1996 25.53 21.13 -5.60
CA ASP E 1996 24.20 21.54 -5.18
C ASP E 1996 24.15 21.92 -3.70
N GLY E 1997 25.32 22.01 -3.06
CA GLY E 1997 25.42 22.41 -1.68
C GLY E 1997 24.95 21.41 -0.66
N GLN E 1998 24.78 20.15 -1.05
CA GLN E 1998 24.31 19.26 0.00
C GLN E 1998 25.51 18.63 0.70
N PRO E 1999 25.54 18.56 2.03
CA PRO E 1999 26.68 17.94 2.73
C PRO E 1999 26.94 16.54 2.23
N LEU E 2000 28.19 16.26 1.88
CA LEU E 2000 28.62 14.88 1.69
C LEU E 2000 28.61 14.09 3.00
N TYR E 2001 28.82 14.74 4.14
CA TYR E 2001 28.93 14.02 5.40
C TYR E 2001 27.55 13.83 6.02
N LEU E 2002 27.22 12.57 6.33
CA LEU E 2002 25.96 12.26 7.00
C LEU E 2002 26.18 12.24 8.51
N PRO E 2003 25.47 13.06 9.28
CA PRO E 2003 25.73 13.14 10.72
C PRO E 2003 25.34 11.87 11.46
N ILE E 2004 25.93 11.72 12.65
CA ILE E 2004 25.70 10.55 13.49
C ILE E 2004 24.34 10.64 14.18
N TYR E 2005 23.64 9.49 14.22
CA TYR E 2005 22.26 9.40 14.68
C TYR E 2005 22.18 9.05 16.18
N ALA E 2006 22.77 9.91 17.01
CA ALA E 2006 22.73 9.73 18.47
C ALA E 2006 21.31 9.44 18.96
N THR E 2007 21.19 8.47 19.88
CA THR E 2007 19.91 7.87 20.25
C THR E 2007 19.72 7.76 21.76
N PRO E 2008 18.54 8.13 22.28
CA PRO E 2008 18.37 8.29 23.72
C PRO E 2008 18.25 6.95 24.45
N ALA E 2009 18.74 6.92 25.68
CA ALA E 2009 18.73 5.70 26.48
C ALA E 2009 17.36 5.46 27.13
N ASP E 2010 17.22 4.27 27.74
CA ASP E 2010 16.02 3.88 28.46
C ASP E 2010 15.70 4.83 29.61
N PRO E 2011 14.41 4.97 29.95
CA PRO E 2011 14.04 5.71 31.16
C PRO E 2011 14.50 5.03 32.44
N LYS E 2012 14.87 5.84 33.42
CA LYS E 2012 15.13 5.33 34.75
C LYS E 2012 13.87 4.72 35.37
N ALA E 2013 14.07 3.67 36.15
CA ALA E 2013 13.10 3.16 37.12
C ALA E 2013 12.89 4.16 38.26
N LEU E 2014 11.69 4.72 38.37
CA LEU E 2014 11.34 5.48 39.56
C LEU E 2014 11.46 4.62 40.81
N LEU E 2015 11.90 5.24 41.90
CA LEU E 2015 12.08 4.55 43.17
C LEU E 2015 11.39 5.29 44.30
N SER E 2016 10.78 4.54 45.21
CA SER E 2016 10.05 5.09 46.35
C SER E 2016 10.72 4.71 47.67
N ALA E 2017 10.63 5.61 48.64
CA ALA E 2017 11.24 5.44 49.96
C ALA E 2017 10.18 5.10 50.99
N ALA E 2018 10.43 4.06 51.78
CA ALA E 2018 9.49 3.64 52.82
C ALA E 2018 10.17 3.71 54.18
N VAL E 2019 9.78 4.70 54.98
CA VAL E 2019 10.34 4.91 56.31
C VAL E 2019 9.31 4.47 57.34
N ALA E 2020 9.78 4.26 58.57
CA ALA E 2020 8.95 3.83 59.68
C ALA E 2020 8.76 4.96 60.68
N THR E 2021 7.79 4.77 61.58
CA THR E 2021 7.57 5.66 62.71
C THR E 2021 7.64 4.86 64.01
N SER E 2022 8.20 5.48 65.06
CA SER E 2022 8.24 4.88 66.38
C SER E 2022 7.74 5.82 67.47
N GLN E 2023 7.14 5.24 68.51
CA GLN E 2023 6.57 5.97 69.63
C GLN E 2023 6.85 5.18 70.90
N GLY E 2024 7.12 5.90 71.99
CA GLY E 2024 7.65 5.28 73.19
C GLY E 2024 6.70 4.29 73.84
N GLY E 2025 7.30 3.47 74.72
CA GLY E 2025 6.53 2.60 75.59
C GLY E 2025 5.63 3.33 76.56
N GLY E 2026 4.53 2.67 76.93
CA GLY E 2026 3.57 3.18 77.87
C GLY E 2026 4.06 3.17 79.32
N LYS E 2027 3.21 3.68 80.22
CA LYS E 2027 3.54 3.82 81.63
C LYS E 2027 2.34 3.39 82.46
N LEU E 2028 2.57 2.56 83.50
CA LEU E 2028 1.49 2.04 84.34
C LEU E 2028 0.93 3.08 85.30
N PRO E 2029 -0.40 3.16 85.42
CA PRO E 2029 -1.04 3.87 86.55
C PRO E 2029 -0.61 3.38 87.93
N GLU E 2030 -0.92 4.19 88.94
CA GLU E 2030 -0.80 3.78 90.34
C GLU E 2030 -1.92 2.84 90.76
N SER E 2031 -1.54 1.70 91.36
CA SER E 2031 -2.51 0.71 91.84
C SER E 2031 -3.28 1.20 93.06
N PHE E 2032 -4.56 0.80 93.14
CA PHE E 2032 -5.44 1.20 94.21
C PHE E 2032 -6.02 -0.02 94.93
N MET E 2033 -6.03 0.02 96.26
CA MET E 2033 -6.59 -1.05 97.08
C MET E 2033 -8.10 -0.92 97.24
N SER E 2034 -8.82 -2.05 97.16
CA SER E 2034 -10.27 -2.00 97.21
C SER E 2034 -10.85 -3.23 97.89
N LEU E 2035 -12.08 -3.07 98.38
CA LEU E 2035 -12.76 -3.95 99.33
C LEU E 2035 -13.32 -5.24 98.75
N TRP E 2036 -12.96 -5.66 97.56
CA TRP E 2036 -13.57 -6.84 96.97
C TRP E 2036 -12.61 -8.02 97.06
N ARG E 2037 -13.09 -9.12 97.65
CA ARG E 2037 -12.38 -10.39 97.56
C ARG E 2037 -12.08 -10.74 96.11
N PHE E 2038 -10.94 -11.38 95.92
CA PHE E 2038 -10.37 -11.60 94.59
C PHE E 2038 -11.30 -12.23 93.56
N PRO E 2039 -12.06 -13.28 93.84
CA PRO E 2039 -12.94 -13.83 92.80
C PRO E 2039 -13.93 -12.83 92.20
N HIS E 2040 -14.43 -11.90 92.99
CA HIS E 2040 -15.40 -10.94 92.48
C HIS E 2040 -14.72 -9.85 91.67
N MET E 2041 -13.65 -9.28 92.20
CA MET E 2041 -12.87 -8.30 91.45
C MET E 2041 -12.26 -8.88 90.20
N LEU E 2042 -12.03 -10.18 90.16
CA LEU E 2042 -11.63 -10.82 88.91
C LEU E 2042 -12.77 -10.95 87.92
N GLU E 2043 -13.96 -11.35 88.35
CA GLU E 2043 -15.08 -11.36 87.39
C GLU E 2043 -15.40 -9.97 86.87
N ASN E 2044 -15.22 -8.96 87.72
CA ASN E 2044 -15.38 -7.56 87.31
C ASN E 2044 -14.36 -7.17 86.25
N ALA E 2045 -13.08 -7.31 86.56
CA ALA E 2045 -12.05 -6.91 85.61
C ALA E 2045 -12.18 -7.68 84.31
N ARG E 2046 -12.33 -9.01 84.38
CA ARG E 2046 -12.54 -9.80 83.17
C ARG E 2046 -13.66 -9.27 82.29
N GLY E 2047 -14.76 -8.82 82.88
CA GLY E 2047 -15.81 -8.20 82.08
C GLY E 2047 -15.35 -6.92 81.39
N MET E 2048 -14.66 -6.07 82.15
CA MET E 2048 -14.09 -4.84 81.62
C MET E 2048 -13.13 -5.10 80.46
N VAL E 2049 -12.25 -6.08 80.61
CA VAL E 2049 -11.31 -6.44 79.55
C VAL E 2049 -12.03 -6.96 78.32
N SER E 2050 -13.03 -7.83 78.48
CA SER E 2050 -13.71 -8.31 77.28
C SER E 2050 -14.39 -7.16 76.53
N GLN E 2051 -14.88 -6.15 77.25
CA GLN E 2051 -15.36 -4.96 76.57
C GLN E 2051 -14.24 -4.24 75.81
N LEU E 2052 -13.05 -4.18 76.40
CA LEU E 2052 -11.98 -3.53 75.68
C LEU E 2052 -11.63 -4.29 74.41
N THR E 2053 -11.58 -5.61 74.47
CA THR E 2053 -11.29 -6.39 73.26
C THR E 2053 -12.33 -6.12 72.19
N GLN E 2054 -13.56 -5.83 72.59
CA GLN E 2054 -14.60 -5.58 71.59
C GLN E 2054 -14.40 -4.24 70.90
N PHE E 2055 -13.97 -3.22 71.65
CA PHE E 2055 -13.52 -1.99 71.00
C PHE E 2055 -12.31 -2.22 70.10
N GLY E 2056 -11.41 -3.11 70.47
CA GLY E 2056 -10.29 -3.39 69.59
C GLY E 2056 -10.65 -4.03 68.26
N SER E 2057 -11.67 -4.87 68.25
CA SER E 2057 -12.12 -5.46 66.99
C SER E 2057 -12.87 -4.46 66.11
N THR E 2058 -13.75 -3.66 66.70
CA THR E 2058 -14.31 -2.53 65.96
C THR E 2058 -13.24 -1.61 65.39
N LEU E 2059 -12.21 -1.28 66.17
CA LEU E 2059 -11.16 -0.38 65.69
C LEU E 2059 -10.38 -0.97 64.52
N GLN E 2060 -10.05 -2.26 64.58
CA GLN E 2060 -9.35 -2.85 63.45
C GLN E 2060 -10.20 -2.83 62.19
N ASN E 2061 -11.49 -3.10 62.31
CA ASN E 2061 -12.36 -3.06 61.14
C ASN E 2061 -12.44 -1.67 60.54
N ILE E 2062 -12.52 -0.64 61.37
CA ILE E 2062 -12.53 0.74 60.86
C ILE E 2062 -11.24 1.07 60.15
N ILE E 2063 -10.09 0.69 60.72
CA ILE E 2063 -8.81 1.03 60.09
C ILE E 2063 -8.72 0.42 58.70
N GLU E 2064 -9.09 -0.85 58.58
CA GLU E 2064 -9.04 -1.50 57.28
C GLU E 2064 -9.98 -0.84 56.28
N ARG E 2065 -11.17 -0.46 56.75
CA ARG E 2065 -12.17 0.07 55.83
C ARG E 2065 -11.75 1.43 55.31
N GLN E 2066 -11.33 2.32 56.20
CA GLN E 2066 -11.05 3.68 55.76
C GLN E 2066 -9.85 3.71 54.83
N ASP E 2067 -8.83 2.88 55.11
CA ASP E 2067 -7.70 2.84 54.19
C ASP E 2067 -8.08 2.30 52.81
N ALA E 2068 -8.92 1.27 52.74
CA ALA E 2068 -9.35 0.79 51.42
C ALA E 2068 -10.22 1.81 50.69
N GLU E 2069 -11.04 2.56 51.41
CA GLU E 2069 -11.85 3.58 50.73
C GLU E 2069 -11.03 4.77 50.23
N ALA E 2070 -9.96 5.12 50.93
CA ALA E 2070 -9.02 6.10 50.40
C ALA E 2070 -8.29 5.62 49.15
N LEU E 2071 -8.04 4.32 49.05
CA LEU E 2071 -7.53 3.79 47.78
C LEU E 2071 -8.57 3.83 46.67
N ASN E 2072 -9.82 3.49 46.99
CA ASN E 2072 -10.89 3.60 46.01
C ASN E 2072 -11.02 5.01 45.42
N ALA E 2073 -10.98 6.04 46.26
CA ALA E 2073 -10.95 7.41 45.74
C ALA E 2073 -9.68 7.77 44.97
N LEU E 2074 -8.55 7.16 45.31
CA LEU E 2074 -7.34 7.44 44.56
C LEU E 2074 -7.42 6.90 43.14
N LEU E 2075 -7.98 5.72 42.96
CA LEU E 2075 -8.05 5.15 41.62
C LEU E 2075 -8.98 5.94 40.70
N GLN E 2076 -10.02 6.56 41.26
CA GLN E 2076 -10.91 7.40 40.46
C GLN E 2076 -10.24 8.69 40.03
N ASN E 2077 -9.54 9.35 40.94
CA ASN E 2077 -8.87 10.58 40.51
C ASN E 2077 -7.78 10.29 39.51
N GLN E 2078 -7.17 9.11 39.63
CA GLN E 2078 -6.11 8.73 38.70
C GLN E 2078 -6.64 8.37 37.31
N ALA E 2079 -7.78 7.69 37.20
CA ALA E 2079 -8.34 7.48 35.86
C ALA E 2079 -8.95 8.77 35.28
N ALA E 2080 -9.49 9.65 36.12
CA ALA E 2080 -9.95 10.93 35.63
C ALA E 2080 -8.82 11.73 35.02
N GLU E 2081 -7.61 11.56 35.55
CA GLU E 2081 -6.50 12.30 34.96
C GLU E 2081 -5.97 11.62 33.71
N LEU E 2082 -6.03 10.29 33.65
CA LEU E 2082 -5.56 9.56 32.47
C LEU E 2082 -6.41 9.82 31.22
N ILE E 2083 -7.70 10.12 31.38
CA ILE E 2083 -8.57 10.30 30.20
C ILE E 2083 -8.18 11.49 29.30
N LEU E 2084 -7.65 12.58 29.86
CA LEU E 2084 -7.39 13.78 29.06
C LEU E 2084 -6.42 13.51 27.91
N THR E 2085 -5.37 12.73 28.17
CA THR E 2085 -4.42 12.48 27.08
C THR E 2085 -5.08 11.68 25.97
N ASN E 2086 -6.00 10.77 26.31
CA ASN E 2086 -6.67 10.02 25.27
C ASN E 2086 -7.51 10.96 24.41
N LEU E 2087 -8.12 11.98 25.04
CA LEU E 2087 -8.87 12.94 24.24
C LEU E 2087 -7.97 13.69 23.26
N SER E 2088 -6.79 14.10 23.73
CA SER E 2088 -5.85 14.77 22.83
C SER E 2088 -5.39 13.88 21.67
N ILE E 2089 -5.12 12.61 21.96
CA ILE E 2089 -4.70 11.68 20.90
C ILE E 2089 -5.80 11.48 19.87
N GLN E 2090 -7.04 11.31 20.33
CA GLN E 2090 -8.13 11.10 19.38
C GLN E 2090 -8.31 12.33 18.51
N ASP E 2091 -8.21 13.50 19.12
CA ASP E 2091 -8.31 14.72 18.33
C ASP E 2091 -7.22 14.78 17.27
N LYS E 2092 -5.99 14.42 17.59
CA LYS E 2092 -4.99 14.50 16.53
C LYS E 2092 -5.14 13.40 15.50
N THR E 2093 -5.80 12.29 15.82
CA THR E 2093 -6.12 11.33 14.77
C THR E 2093 -7.10 11.92 13.76
N ILE E 2094 -8.02 12.77 14.22
CA ILE E 2094 -8.92 13.37 13.23
C ILE E 2094 -8.14 14.25 12.25
N GLU E 2095 -7.20 15.05 12.76
CA GLU E 2095 -6.38 15.90 11.88
C GLU E 2095 -5.53 15.07 10.93
N GLU E 2096 -5.12 13.89 11.36
CA GLU E 2096 -4.41 12.99 10.47
C GLU E 2096 -5.29 12.58 9.29
N LEU E 2097 -6.56 12.28 9.56
CA LEU E 2097 -7.45 11.94 8.45
C LEU E 2097 -7.75 13.13 7.55
N ASP E 2098 -7.80 14.35 8.10
CA ASP E 2098 -7.94 15.53 7.24
C ASP E 2098 -6.75 15.71 6.31
N ALA E 2099 -5.53 15.50 6.82
CA ALA E 2099 -4.37 15.56 5.93
C ALA E 2099 -4.39 14.45 4.87
N GLU E 2100 -4.86 13.26 5.23
CA GLU E 2100 -4.98 12.20 4.22
C GLU E 2100 -5.99 12.60 3.14
N LYS E 2101 -7.06 13.31 3.53
CA LYS E 2101 -7.98 13.82 2.53
C LYS E 2101 -7.28 14.77 1.59
N THR E 2102 -6.42 15.63 2.13
CA THR E 2102 -5.69 16.55 1.25
C THR E 2102 -4.82 15.78 0.26
N VAL E 2103 -4.21 14.68 0.71
CA VAL E 2103 -3.37 13.88 -0.19
C VAL E 2103 -4.20 13.37 -1.35
N LEU E 2104 -5.40 12.86 -1.05
CA LEU E 2104 -6.19 12.24 -2.11
C LEU E 2104 -6.67 13.27 -3.11
N GLU E 2105 -7.23 14.38 -2.64
CA GLU E 2105 -7.83 15.31 -3.59
C GLU E 2105 -6.75 16.03 -4.39
N LYS E 2106 -5.59 16.27 -3.80
CA LYS E 2106 -4.59 16.96 -4.58
C LYS E 2106 -3.83 16.03 -5.51
N SER E 2107 -3.84 14.71 -5.28
CA SER E 2107 -3.43 13.83 -6.37
C SER E 2107 -4.49 13.76 -7.47
N LYS E 2108 -5.77 13.94 -7.11
CA LYS E 2108 -6.80 13.93 -8.12
C LYS E 2108 -6.67 15.10 -9.07
N ALA E 2109 -6.17 16.24 -8.58
CA ALA E 2109 -5.96 17.36 -9.50
C ALA E 2109 -4.96 17.00 -10.60
N GLY E 2110 -3.93 16.22 -10.24
CA GLY E 2110 -2.98 15.72 -11.23
C GLY E 2110 -3.61 14.77 -12.23
N ALA E 2111 -4.49 13.89 -11.74
CA ALA E 2111 -5.18 13.01 -12.68
C ALA E 2111 -6.08 13.78 -13.62
N GLN E 2112 -6.75 14.81 -13.12
CA GLN E 2112 -7.58 15.63 -14.00
C GLN E 2112 -6.75 16.34 -15.05
N SER E 2113 -5.58 16.86 -14.68
CA SER E 2113 -4.73 17.52 -15.67
C SER E 2113 -4.23 16.54 -16.73
N ARG E 2114 -4.03 15.29 -16.38
CA ARG E 2114 -3.63 14.32 -17.38
C ARG E 2114 -4.80 13.99 -18.29
N PHE E 2115 -5.99 13.89 -17.72
CA PHE E 2115 -7.16 13.50 -18.49
C PHE E 2115 -7.52 14.58 -19.49
N ASP E 2116 -7.56 15.83 -19.06
CA ASP E 2116 -7.96 16.89 -19.97
C ASP E 2116 -6.88 17.13 -21.01
N SER E 2117 -5.59 17.01 -20.66
CA SER E 2117 -4.55 17.20 -21.67
C SER E 2117 -4.65 16.16 -22.77
N TYR E 2118 -4.85 14.89 -22.40
CA TYR E 2118 -5.05 13.86 -23.43
C TYR E 2118 -6.31 14.06 -24.25
N GLY E 2119 -7.41 14.48 -23.62
CA GLY E 2119 -8.57 14.80 -24.42
C GLY E 2119 -8.34 15.96 -25.38
N LYS E 2120 -7.58 16.95 -24.97
CA LYS E 2120 -7.23 18.04 -25.88
C LYS E 2120 -6.33 17.56 -27.01
N LEU E 2121 -5.58 16.49 -26.80
CA LEU E 2121 -4.78 16.00 -27.92
C LEU E 2121 -5.61 15.12 -28.83
N TYR E 2122 -6.70 14.57 -28.31
CA TYR E 2122 -7.51 13.65 -29.07
C TYR E 2122 -8.51 14.39 -29.96
N ASP E 2123 -9.24 15.35 -29.38
CA ASP E 2123 -10.27 16.03 -30.15
C ASP E 2123 -9.69 16.78 -31.35
N GLU E 2124 -8.57 17.46 -31.17
CA GLU E 2124 -7.79 18.06 -32.26
C GLU E 2124 -6.63 17.14 -32.65
N ASN E 2125 -6.99 15.98 -33.19
CA ASN E 2125 -6.00 14.96 -33.52
C ASN E 2125 -4.99 15.40 -34.57
N ILE E 2126 -5.43 16.06 -35.63
CA ILE E 2126 -4.53 16.49 -36.71
C ILE E 2126 -4.55 18.00 -36.78
N ASN E 2127 -3.37 18.61 -36.66
CA ASN E 2127 -3.32 20.06 -36.68
C ASN E 2127 -3.16 20.56 -38.11
N ALA E 2128 -2.94 21.87 -38.27
CA ALA E 2128 -2.80 22.49 -39.58
C ALA E 2128 -1.54 22.11 -40.32
N GLY E 2129 -0.56 21.52 -39.64
CA GLY E 2129 0.67 21.16 -40.29
C GLY E 2129 0.66 19.74 -40.79
N GLU E 2130 0.07 18.84 -40.03
CA GLU E 2130 0.04 17.43 -40.40
C GLU E 2130 -0.73 17.21 -41.70
N ASN E 2131 -1.90 17.84 -41.86
CA ASN E 2131 -2.62 17.66 -43.12
C ASN E 2131 -2.00 18.45 -44.25
N GLN E 2132 -1.23 19.50 -43.93
CA GLN E 2132 -0.55 20.22 -44.99
C GLN E 2132 0.45 19.31 -45.67
N ALA E 2133 1.14 18.47 -44.91
CA ALA E 2133 2.05 17.52 -45.52
C ALA E 2133 1.29 16.50 -46.37
N MET E 2134 0.10 16.10 -45.95
CA MET E 2134 -0.69 15.14 -46.75
C MET E 2134 -1.04 15.72 -48.09
N THR E 2135 -1.54 16.97 -48.11
CA THR E 2135 -1.90 17.61 -49.36
C THR E 2135 -0.67 17.82 -50.24
N LEU E 2136 0.44 18.19 -49.63
CA LEU E 2136 1.66 18.44 -50.39
C LEU E 2136 2.21 17.14 -50.97
N ARG E 2137 2.17 16.07 -50.19
CA ARG E 2137 2.67 14.79 -50.67
C ARG E 2137 1.80 14.25 -51.78
N ALA E 2138 0.48 14.38 -51.64
CA ALA E 2138 -0.41 13.87 -52.66
C ALA E 2138 -0.31 14.67 -53.95
N SER E 2139 0.05 15.95 -53.88
CA SER E 2139 0.17 16.71 -55.12
C SER E 2139 1.29 16.18 -56.01
N ALA E 2140 2.34 15.60 -55.42
CA ALA E 2140 3.41 14.99 -56.19
C ALA E 2140 2.96 13.75 -56.95
N ALA E 2141 1.94 13.04 -56.44
CA ALA E 2141 1.46 11.83 -57.10
C ALA E 2141 0.72 12.13 -58.41
N GLY E 2142 0.16 13.31 -58.57
CA GLY E 2142 -0.57 13.67 -59.77
C GLY E 2142 0.20 14.08 -61.01
N LEU E 2143 1.53 14.14 -60.94
CA LEU E 2143 2.37 14.52 -62.06
C LEU E 2143 2.72 13.37 -63.02
N THR E 2144 2.30 12.14 -62.73
CA THR E 2144 2.71 11.03 -63.57
C THR E 2144 2.14 11.10 -64.98
N THR E 2145 0.91 11.58 -65.14
CA THR E 2145 0.37 11.62 -66.49
C THR E 2145 0.96 12.77 -67.27
N ALA E 2146 1.35 13.84 -66.58
CA ALA E 2146 1.93 14.97 -67.27
C ALA E 2146 3.32 14.61 -67.76
N VAL E 2147 4.13 13.96 -66.93
CA VAL E 2147 5.46 13.62 -67.39
C VAL E 2147 5.37 12.55 -68.48
N GLN E 2148 4.43 11.61 -68.37
CA GLN E 2148 4.28 10.61 -69.42
C GLN E 2148 3.92 11.23 -70.75
N ALA E 2149 3.00 12.19 -70.76
CA ALA E 2149 2.67 12.88 -71.99
C ALA E 2149 3.85 13.68 -72.52
N SER E 2150 4.59 14.34 -71.64
CA SER E 2150 5.71 15.16 -72.08
C SER E 2150 6.79 14.31 -72.74
N ARG E 2151 7.11 13.15 -72.15
CA ARG E 2151 8.15 12.31 -72.71
C ARG E 2151 7.71 11.67 -74.00
N LEU E 2152 6.44 11.25 -74.09
CA LEU E 2152 5.98 10.69 -75.35
C LEU E 2152 5.98 11.75 -76.46
N ALA E 2153 5.57 12.97 -76.14
CA ALA E 2153 5.57 14.03 -77.15
C ALA E 2153 6.98 14.34 -77.63
N GLY E 2154 7.95 14.41 -76.73
CA GLY E 2154 9.30 14.66 -77.17
C GLY E 2154 9.87 13.52 -77.99
N ALA E 2155 9.51 12.29 -77.64
CA ALA E 2155 10.03 11.15 -78.40
C ALA E 2155 9.49 11.20 -79.81
N ALA E 2156 8.18 11.40 -79.96
CA ALA E 2156 7.59 11.42 -81.28
C ALA E 2156 8.13 12.58 -82.11
N ALA E 2157 8.31 13.74 -81.49
CA ALA E 2157 8.86 14.88 -82.21
C ALA E 2157 10.33 14.73 -82.53
N ASP E 2158 11.02 13.74 -81.97
CA ASP E 2158 12.46 13.59 -82.21
C ASP E 2158 12.81 12.73 -83.43
N LEU E 2159 11.97 11.79 -83.81
CA LEU E 2159 12.28 10.88 -84.91
C LEU E 2159 12.37 11.55 -86.28
N VAL E 2160 11.84 12.75 -86.45
CA VAL E 2160 11.99 13.40 -87.75
C VAL E 2160 13.45 13.77 -87.96
N PRO E 2161 13.97 13.70 -89.20
CA PRO E 2161 15.38 14.07 -89.42
C PRO E 2161 15.61 15.53 -89.13
N ASN E 2162 16.85 15.87 -88.77
CA ASN E 2162 17.20 17.24 -88.46
C ASN E 2162 18.39 17.85 -89.19
N ILE E 2163 19.13 17.10 -90.00
CA ILE E 2163 20.15 17.68 -90.86
C ILE E 2163 19.79 17.37 -92.31
N PHE E 2164 20.10 18.30 -93.20
CA PHE E 2164 19.54 18.33 -94.54
C PHE E 2164 20.61 18.73 -95.55
N GLY E 2165 20.23 18.63 -96.80
CA GLY E 2165 21.12 18.93 -97.90
C GLY E 2165 21.92 17.72 -98.34
N PHE E 2166 23.25 17.84 -98.35
CA PHE E 2166 24.09 16.72 -98.74
C PHE E 2166 24.18 15.62 -97.68
N ALA E 2167 24.07 15.96 -96.40
CA ALA E 2167 23.95 14.96 -95.36
C ALA E 2167 22.51 14.92 -94.86
N GLY E 2168 21.99 13.72 -94.70
CA GLY E 2168 20.61 13.56 -94.29
C GLY E 2168 20.47 12.80 -92.98
N GLY E 2169 19.24 12.51 -92.60
CA GLY E 2169 19.03 11.77 -91.37
C GLY E 2169 19.29 12.56 -90.11
N GLY E 2170 20.01 11.94 -89.18
CA GLY E 2170 20.27 12.54 -87.90
C GLY E 2170 19.23 12.23 -86.86
N SER E 2171 18.17 11.52 -87.25
CA SER E 2171 17.13 11.09 -86.32
C SER E 2171 17.60 9.97 -85.42
N ARG E 2172 17.58 10.20 -84.12
CA ARG E 2172 17.99 9.20 -83.14
C ARG E 2172 16.93 8.11 -83.05
N TRP E 2173 17.29 6.90 -83.49
CA TRP E 2173 16.34 5.79 -83.55
C TRP E 2173 15.90 5.32 -82.17
N GLY E 2174 16.70 5.52 -81.15
CA GLY E 2174 16.35 5.04 -79.83
C GLY E 2174 15.40 5.86 -79.02
N ALA E 2175 14.87 6.97 -79.54
CA ALA E 2175 14.14 7.91 -78.70
C ALA E 2175 12.89 7.29 -78.07
N ILE E 2176 12.21 6.38 -78.77
CA ILE E 2176 11.02 5.76 -78.19
C ILE E 2176 11.36 4.86 -77.01
N ALA E 2177 12.46 4.12 -77.11
CA ALA E 2177 12.87 3.28 -76.01
C ALA E 2177 13.38 4.11 -74.83
N GLU E 2178 14.05 5.22 -75.11
CA GLU E 2178 14.44 6.14 -74.03
C GLU E 2178 13.24 6.74 -73.32
N ALA E 2179 12.24 7.19 -74.07
CA ALA E 2179 11.03 7.71 -73.42
C ALA E 2179 10.30 6.65 -72.60
N THR E 2180 10.16 5.43 -73.11
CA THR E 2180 9.58 4.36 -72.29
C THR E 2180 10.41 4.05 -71.05
N GLY E 2181 11.73 4.21 -71.13
CA GLY E 2181 12.56 4.02 -69.96
C GLY E 2181 12.41 5.12 -68.93
N TYR E 2182 12.42 6.37 -69.39
CA TYR E 2182 12.21 7.47 -68.45
C TYR E 2182 10.87 7.38 -67.75
N VAL E 2183 9.79 7.15 -68.49
CA VAL E 2183 8.50 7.09 -67.80
C VAL E 2183 8.40 5.88 -66.89
N MET E 2184 9.03 4.76 -67.22
CA MET E 2184 8.93 3.57 -66.40
C MET E 2184 9.84 3.58 -65.18
N GLU E 2185 10.97 4.28 -65.24
CA GLU E 2185 11.76 4.53 -64.03
C GLU E 2185 11.20 5.66 -63.16
N PHE E 2186 10.54 6.66 -63.73
CA PHE E 2186 9.80 7.64 -62.92
C PHE E 2186 8.67 7.00 -62.13
N SER E 2187 7.89 6.12 -62.77
CA SER E 2187 6.85 5.37 -62.08
C SER E 2187 7.24 4.79 -60.72
N ALA E 2188 8.42 4.18 -60.63
CA ALA E 2188 8.88 3.65 -59.34
C ALA E 2188 9.00 4.72 -58.27
N ASN E 2189 9.56 5.88 -58.62
CA ASN E 2189 9.66 6.97 -57.65
C ASN E 2189 8.29 7.47 -57.21
N VAL E 2190 7.35 7.60 -58.15
CA VAL E 2190 6.05 8.09 -57.73
C VAL E 2190 5.32 7.07 -56.85
N MET E 2191 5.45 5.78 -57.14
CA MET E 2191 4.89 4.80 -56.21
C MET E 2191 5.56 4.83 -54.85
N ASN E 2192 6.86 5.10 -54.75
CA ASN E 2192 7.44 5.26 -53.41
C ASN E 2192 6.88 6.47 -52.67
N THR E 2193 6.71 7.60 -53.36
CA THR E 2193 6.13 8.77 -52.72
C THR E 2193 4.70 8.51 -52.23
N GLU E 2194 3.91 7.86 -53.07
CA GLU E 2194 2.53 7.54 -52.73
C GLU E 2194 2.45 6.57 -51.55
N ALA E 2195 3.24 5.49 -51.58
CA ALA E 2195 3.28 4.58 -50.44
C ALA E 2195 3.73 5.28 -49.17
N ASP E 2196 4.59 6.29 -49.27
CA ASP E 2196 4.99 7.02 -48.08
C ASP E 2196 3.87 7.92 -47.56
N LYS E 2197 3.07 8.49 -48.44
CA LYS E 2197 1.88 9.20 -47.96
C LYS E 2197 0.93 8.28 -47.21
N ILE E 2198 0.69 7.08 -47.74
CA ILE E 2198 -0.21 6.17 -47.03
C ILE E 2198 0.37 5.76 -45.68
N SER E 2199 1.65 5.44 -45.63
CA SER E 2199 2.26 5.03 -44.36
C SER E 2199 2.29 6.13 -43.32
N GLN E 2200 2.49 7.38 -43.73
CA GLN E 2200 2.33 8.52 -42.82
C GLN E 2200 0.91 8.62 -42.27
N SER E 2201 -0.08 8.41 -43.12
CA SER E 2201 -1.47 8.47 -42.65
C SER E 2201 -1.77 7.40 -41.62
N GLU E 2202 -1.36 6.17 -41.89
CA GLU E 2202 -1.54 5.09 -40.92
C GLU E 2202 -0.77 5.34 -39.63
N THR E 2203 0.35 6.04 -39.69
CA THR E 2203 1.05 6.39 -38.46
C THR E 2203 0.21 7.33 -37.61
N TYR E 2204 -0.29 8.41 -38.20
CA TYR E 2204 -1.09 9.35 -37.43
C TYR E 2204 -2.32 8.67 -36.82
N ARG E 2205 -2.89 7.70 -37.53
CA ARG E 2205 -4.05 6.98 -37.00
C ARG E 2205 -3.68 6.08 -35.82
N ARG E 2206 -2.56 5.36 -35.92
CA ARG E 2206 -2.16 4.52 -34.79
C ARG E 2206 -1.84 5.36 -33.57
N ARG E 2207 -1.23 6.51 -33.79
CA ARG E 2207 -0.93 7.40 -32.66
C ARG E 2207 -2.20 7.85 -31.97
N ARG E 2208 -3.22 8.23 -32.73
CA ARG E 2208 -4.47 8.65 -32.10
C ARG E 2208 -5.12 7.53 -31.29
N GLN E 2209 -5.08 6.30 -31.78
CA GLN E 2209 -5.60 5.20 -30.96
C GLN E 2209 -4.82 5.01 -29.67
N GLU E 2210 -3.51 5.18 -29.71
CA GLU E 2210 -2.77 5.11 -28.44
C GLU E 2210 -3.16 6.23 -27.49
N TRP E 2211 -3.52 7.41 -27.99
CA TRP E 2211 -4.09 8.41 -27.10
C TRP E 2211 -5.46 8.06 -26.54
N GLU E 2212 -6.25 7.23 -27.22
CA GLU E 2212 -7.42 6.69 -26.53
C GLU E 2212 -7.05 5.76 -25.38
N ILE E 2213 -6.06 4.91 -25.57
CA ILE E 2213 -5.67 4.06 -24.45
C ILE E 2213 -5.23 4.90 -23.26
N GLN E 2214 -4.48 5.97 -23.52
CA GLN E 2214 -3.99 6.81 -22.43
C GLN E 2214 -5.11 7.63 -21.79
N ARG E 2215 -5.99 8.21 -22.60
CA ARG E 2215 -7.07 9.02 -22.03
C ARG E 2215 -8.01 8.19 -21.19
N ASN E 2216 -8.35 6.99 -21.67
CA ASN E 2216 -9.22 6.13 -20.88
C ASN E 2216 -8.55 5.70 -19.59
N ASN E 2217 -7.24 5.43 -19.62
CA ASN E 2217 -6.54 5.10 -18.38
C ASN E 2217 -6.60 6.25 -17.38
N ALA E 2218 -6.37 7.48 -17.84
CA ALA E 2218 -6.45 8.63 -16.95
C ALA E 2218 -7.85 8.83 -16.42
N GLU E 2219 -8.87 8.66 -17.24
CA GLU E 2219 -10.23 8.83 -16.74
C GLU E 2219 -10.58 7.78 -15.68
N ALA E 2220 -10.17 6.53 -15.88
CA ALA E 2220 -10.44 5.51 -14.87
C ALA E 2220 -9.74 5.81 -13.55
N GLU E 2221 -8.48 6.26 -13.60
CA GLU E 2221 -7.80 6.65 -12.36
C GLU E 2221 -8.48 7.82 -11.67
N LEU E 2222 -8.94 8.80 -12.45
CA LEU E 2222 -9.71 9.89 -11.87
C LEU E 2222 -10.97 9.37 -11.22
N LYS E 2223 -11.65 8.44 -11.86
CA LYS E 2223 -12.90 7.94 -11.32
C LYS E 2223 -12.67 7.16 -10.02
N GLN E 2224 -11.61 6.37 -9.93
CA GLN E 2224 -11.40 5.61 -8.69
C GLN E 2224 -10.98 6.50 -7.54
N ILE E 2225 -10.40 7.68 -7.81
CA ILE E 2225 -10.00 8.53 -6.68
C ILE E 2225 -11.23 9.06 -5.96
N ASP E 2226 -12.29 9.38 -6.70
CA ASP E 2226 -13.50 9.90 -6.04
C ASP E 2226 -14.06 8.90 -5.05
N ALA E 2227 -14.09 7.62 -5.42
CA ALA E 2227 -14.57 6.62 -4.47
C ALA E 2227 -13.61 6.47 -3.31
N GLN E 2228 -12.32 6.69 -3.53
CA GLN E 2228 -11.40 6.66 -2.40
C GLN E 2228 -11.75 7.76 -1.41
N LEU E 2229 -12.10 8.94 -1.93
CA LEU E 2229 -12.53 10.03 -1.06
C LEU E 2229 -13.82 9.70 -0.32
N LYS E 2230 -14.76 9.01 -0.97
CA LYS E 2230 -15.98 8.63 -0.27
C LYS E 2230 -15.68 7.70 0.91
N SER E 2231 -14.78 6.73 0.71
CA SER E 2231 -14.41 5.85 1.80
C SER E 2231 -13.73 6.63 2.92
N LEU E 2232 -12.87 7.57 2.56
CA LEU E 2232 -12.22 8.34 3.61
C LEU E 2232 -13.20 9.25 4.35
N ALA E 2233 -14.22 9.75 3.67
CA ALA E 2233 -15.23 10.56 4.34
C ALA E 2233 -15.95 9.73 5.40
N VAL E 2234 -16.24 8.47 5.09
CA VAL E 2234 -16.80 7.60 6.12
C VAL E 2234 -15.80 7.42 7.26
N ARG E 2235 -14.56 7.04 6.93
CA ARG E 2235 -13.55 6.75 7.95
C ARG E 2235 -13.39 7.92 8.93
N ARG E 2236 -13.54 9.13 8.42
CA ARG E 2236 -13.50 10.32 9.26
C ARG E 2236 -14.77 10.49 10.08
N GLU E 2237 -15.94 10.18 9.53
CA GLU E 2237 -17.13 10.17 10.38
C GLU E 2237 -16.99 9.20 11.54
N ALA E 2238 -16.45 8.01 11.29
CA ALA E 2238 -16.18 7.07 12.39
C ALA E 2238 -15.12 7.54 13.37
N ALA E 2239 -14.24 8.45 12.97
CA ALA E 2239 -13.27 8.92 13.95
C ALA E 2239 -13.83 10.05 14.82
N VAL E 2240 -14.61 10.94 14.23
CA VAL E 2240 -15.42 11.86 15.03
C VAL E 2240 -16.33 11.11 16.00
N LEU E 2241 -16.97 10.03 15.55
CA LEU E 2241 -17.81 9.27 16.46
C LEU E 2241 -17.01 8.61 17.58
N GLN E 2242 -15.78 8.17 17.30
CA GLN E 2242 -14.94 7.67 18.39
C GLN E 2242 -14.64 8.76 19.40
N LYS E 2243 -14.45 9.99 18.91
CA LYS E 2243 -14.28 11.09 19.85
C LYS E 2243 -15.50 11.27 20.73
N THR E 2244 -16.70 11.16 20.14
CA THR E 2244 -17.91 11.30 20.95
C THR E 2244 -17.98 10.24 22.04
N SER E 2245 -17.61 9.00 21.72
CA SER E 2245 -17.54 7.96 22.75
C SER E 2245 -16.54 8.29 23.85
N LEU E 2246 -15.36 8.79 23.49
CA LEU E 2246 -14.39 9.11 24.52
C LEU E 2246 -14.83 10.29 25.37
N LYS E 2247 -15.47 11.27 24.76
CA LYS E 2247 -15.97 12.39 25.54
C LYS E 2247 -17.06 11.92 26.50
N THR E 2248 -17.90 10.97 26.08
CA THR E 2248 -18.88 10.44 27.03
C THR E 2248 -18.20 9.75 28.20
N GLN E 2249 -17.13 8.99 27.92
CA GLN E 2249 -16.45 8.31 29.03
C GLN E 2249 -15.87 9.27 30.04
N GLN E 2250 -15.39 10.43 29.59
CA GLN E 2250 -14.95 11.45 30.54
C GLN E 2250 -16.05 11.88 31.51
N GLU E 2251 -17.25 12.10 31.00
CA GLU E 2251 -18.39 12.42 31.86
C GLU E 2251 -18.78 11.27 32.78
N GLN E 2252 -18.73 10.04 32.27
CA GLN E 2252 -19.09 8.91 33.13
C GLN E 2252 -18.10 8.72 34.27
N THR E 2253 -16.83 8.97 34.02
CA THR E 2253 -15.84 8.95 35.10
C THR E 2253 -16.05 10.09 36.08
N GLN E 2254 -16.47 11.25 35.60
CA GLN E 2254 -16.79 12.33 36.52
C GLN E 2254 -18.03 12.03 37.36
N SER E 2255 -19.06 11.45 36.76
CA SER E 2255 -20.25 11.09 37.52
C SER E 2255 -19.94 10.04 38.58
N GLN E 2256 -19.12 9.05 38.26
CA GLN E 2256 -18.72 8.07 39.26
C GLN E 2256 -17.85 8.68 40.35
N LEU E 2257 -16.95 9.59 40.00
CA LEU E 2257 -16.15 10.25 41.03
C LEU E 2257 -17.04 11.08 41.94
N ALA E 2258 -18.01 11.78 41.37
CA ALA E 2258 -18.91 12.57 42.19
C ALA E 2258 -19.71 11.69 43.11
N PHE E 2259 -20.14 10.51 42.63
CA PHE E 2259 -20.89 9.66 43.52
C PHE E 2259 -20.04 9.18 44.68
N LEU E 2260 -18.76 8.89 44.43
CA LEU E 2260 -17.88 8.49 45.52
C LEU E 2260 -17.67 9.60 46.53
N GLN E 2261 -17.66 10.85 46.09
CA GLN E 2261 -17.48 11.93 47.05
C GLN E 2261 -18.76 12.27 47.80
N ARG E 2262 -19.90 12.19 47.13
CA ARG E 2262 -21.17 12.64 47.67
C ARG E 2262 -21.89 11.62 48.54
N LYS E 2263 -21.63 10.33 48.37
CA LYS E 2263 -22.31 9.34 49.19
C LYS E 2263 -21.98 9.53 50.66
N PHE E 2264 -22.88 9.04 51.50
CA PHE E 2264 -22.60 8.63 52.86
C PHE E 2264 -21.80 7.33 52.85
N SER E 2265 -21.09 7.07 53.95
CA SER E 2265 -20.06 6.01 54.00
C SER E 2265 -18.84 6.39 53.19
N ASN E 2266 -18.54 7.67 53.09
CA ASN E 2266 -17.38 8.14 52.36
C ASN E 2266 -16.20 8.33 53.31
N GLN E 2267 -15.07 8.69 52.71
CA GLN E 2267 -13.83 8.93 53.43
C GLN E 2267 -14.01 9.77 54.69
N ALA E 2268 -14.75 10.87 54.61
CA ALA E 2268 -14.85 11.74 55.79
C ALA E 2268 -15.59 11.10 56.95
N LEU E 2269 -16.58 10.25 56.68
CA LEU E 2269 -17.20 9.51 57.78
C LEU E 2269 -16.21 8.53 58.43
N TYR E 2270 -15.43 7.83 57.64
CA TYR E 2270 -14.50 6.88 58.26
C TYR E 2270 -13.38 7.60 58.99
N ASN E 2271 -12.97 8.77 58.52
CA ASN E 2271 -11.99 9.54 59.26
C ASN E 2271 -12.53 9.96 60.61
N TRP E 2272 -13.78 10.41 60.65
CA TRP E 2272 -14.34 10.76 61.95
C TRP E 2272 -14.49 9.54 62.84
N LEU E 2273 -14.90 8.41 62.29
CA LEU E 2273 -15.04 7.21 63.11
C LEU E 2273 -13.71 6.79 63.70
N ARG E 2274 -12.64 6.84 62.90
CA ARG E 2274 -11.33 6.47 63.42
C ARG E 2274 -10.89 7.40 64.54
N GLY E 2275 -11.05 8.71 64.37
CA GLY E 2275 -10.59 9.61 65.41
C GLY E 2275 -11.39 9.48 66.69
N ARG E 2276 -12.71 9.41 66.57
CA ARG E 2276 -13.55 9.30 67.75
C ARG E 2276 -13.32 7.98 68.48
N LEU E 2277 -13.20 6.90 67.73
CA LEU E 2277 -13.02 5.60 68.37
C LEU E 2277 -11.64 5.48 69.00
N ALA E 2278 -10.61 6.04 68.38
CA ALA E 2278 -9.28 5.96 68.97
C ALA E 2278 -9.24 6.71 70.30
N ALA E 2279 -9.89 7.87 70.38
CA ALA E 2279 -9.95 8.58 71.65
C ALA E 2279 -10.69 7.78 72.72
N ILE E 2280 -11.81 7.15 72.34
CA ILE E 2280 -12.52 6.32 73.30
C ILE E 2280 -11.68 5.13 73.72
N TYR E 2281 -10.98 4.53 72.78
CA TYR E 2281 -10.19 3.35 73.07
C TYR E 2281 -9.09 3.63 74.08
N PHE E 2282 -8.41 4.77 73.95
CA PHE E 2282 -7.36 5.04 74.92
C PHE E 2282 -7.92 5.37 76.31
N GLN E 2283 -9.04 6.09 76.37
CA GLN E 2283 -9.60 6.37 77.69
C GLN E 2283 -10.05 5.08 78.37
N PHE E 2284 -10.70 4.21 77.61
CA PHE E 2284 -11.21 2.98 78.17
C PHE E 2284 -10.09 2.01 78.53
N TYR E 2285 -8.95 2.08 77.85
CA TYR E 2285 -7.79 1.33 78.29
C TYR E 2285 -7.27 1.82 79.63
N ASP E 2286 -7.22 3.13 79.84
CA ASP E 2286 -6.79 3.60 81.16
C ASP E 2286 -7.70 3.11 82.27
N LEU E 2287 -9.02 3.08 82.02
CA LEU E 2287 -9.93 2.49 83.00
C LEU E 2287 -9.71 0.99 83.19
N ALA E 2288 -9.45 0.25 82.12
CA ALA E 2288 -9.22 -1.18 82.24
C ALA E 2288 -7.99 -1.47 83.07
N VAL E 2289 -6.87 -0.82 82.76
CA VAL E 2289 -5.64 -1.12 83.49
C VAL E 2289 -5.76 -0.72 84.96
N ALA E 2290 -6.43 0.39 85.25
CA ALA E 2290 -6.70 0.70 86.65
C ALA E 2290 -7.48 -0.41 87.35
N ARG E 2291 -8.41 -1.04 86.64
CA ARG E 2291 -9.17 -2.13 87.25
C ARG E 2291 -8.33 -3.39 87.44
N CYS E 2292 -7.45 -3.69 86.49
CA CYS E 2292 -6.58 -4.85 86.65
C CYS E 2292 -5.56 -4.67 87.78
N LEU E 2293 -4.99 -3.47 87.94
CA LEU E 2293 -4.16 -3.25 89.11
C LEU E 2293 -4.94 -3.24 90.43
N MET E 2294 -6.25 -3.04 90.37
CA MET E 2294 -7.03 -3.25 91.58
C MET E 2294 -7.26 -4.73 91.90
N ALA E 2295 -7.49 -5.55 90.88
CA ALA E 2295 -7.47 -6.99 91.12
C ALA E 2295 -6.11 -7.51 91.56
N GLU E 2296 -5.04 -6.85 91.14
CA GLU E 2296 -3.72 -7.30 91.60
C GLU E 2296 -3.43 -6.92 93.04
N GLN E 2297 -3.94 -5.80 93.52
CA GLN E 2297 -3.87 -5.56 94.96
C GLN E 2297 -4.74 -6.53 95.75
N ALA E 2298 -5.92 -6.86 95.24
CA ALA E 2298 -6.72 -7.86 95.93
C ALA E 2298 -6.00 -9.19 96.02
N TYR E 2299 -5.31 -9.58 94.95
CA TYR E 2299 -4.51 -10.81 95.00
C TYR E 2299 -3.37 -10.68 96.02
N ARG E 2300 -2.59 -9.61 95.95
CA ARG E 2300 -1.47 -9.40 96.86
C ARG E 2300 -1.91 -9.16 98.29
N TRP E 2301 -3.20 -9.24 98.56
CA TRP E 2301 -3.66 -9.25 99.95
C TRP E 2301 -4.40 -10.49 100.36
N GLU E 2302 -5.13 -11.16 99.46
CA GLU E 2302 -5.69 -12.46 99.84
C GLU E 2302 -4.60 -13.49 100.07
N LEU E 2303 -3.55 -13.47 99.24
CA LEU E 2303 -2.26 -14.05 99.56
C LEU E 2303 -1.30 -12.94 99.96
N ASN E 2304 -0.14 -13.35 100.47
CA ASN E 2304 0.81 -12.40 101.02
C ASN E 2304 1.95 -12.07 100.06
N ASP E 2305 1.81 -12.44 98.79
CA ASP E 2305 2.91 -12.40 97.82
C ASP E 2305 3.08 -10.99 97.22
N ASP E 2306 3.42 -10.05 98.10
CA ASP E 2306 3.64 -8.66 97.71
C ASP E 2306 4.64 -8.51 96.56
N SER E 2307 5.54 -9.47 96.39
CA SER E 2307 6.50 -9.39 95.30
C SER E 2307 5.89 -9.70 93.94
N ALA E 2308 4.88 -10.56 93.88
CA ALA E 2308 4.34 -11.00 92.61
C ALA E 2308 3.54 -9.89 91.92
N ARG E 2309 4.07 -9.39 90.80
CA ARG E 2309 3.38 -8.43 89.96
C ARG E 2309 3.20 -9.05 88.58
N PHE E 2310 1.97 -9.01 88.08
CA PHE E 2310 1.64 -9.64 86.81
C PHE E 2310 1.35 -8.66 85.69
N ILE E 2311 0.78 -7.50 85.99
CA ILE E 2311 0.53 -6.49 84.98
C ILE E 2311 1.81 -5.77 84.61
N LYS E 2312 2.17 -5.82 83.33
CA LYS E 2312 3.35 -5.23 82.75
C LYS E 2312 2.99 -3.94 82.02
N PRO E 2313 3.94 -3.00 81.89
CA PRO E 2313 3.63 -1.73 81.21
C PRO E 2313 3.46 -1.85 79.70
N GLY E 2314 3.87 -2.95 79.09
CA GLY E 2314 3.90 -3.11 77.65
C GLY E 2314 2.60 -3.38 76.93
N ALA E 2315 1.46 -3.25 77.61
CA ALA E 2315 0.20 -3.67 76.99
C ALA E 2315 -0.22 -2.74 75.87
N TRP E 2316 0.19 -1.48 75.91
CA TRP E 2316 -0.20 -0.50 74.90
C TRP E 2316 1.01 0.01 74.15
N GLN E 2317 0.85 0.20 72.84
CA GLN E 2317 1.94 0.67 72.00
C GLN E 2317 1.36 1.65 70.99
N GLY E 2318 1.85 2.89 71.02
CA GLY E 2318 1.35 3.92 70.14
C GLY E 2318 1.79 3.80 68.69
N THR E 2319 2.79 2.97 68.41
CA THR E 2319 3.21 2.80 67.02
C THR E 2319 2.09 2.18 66.20
N TYR E 2320 1.36 1.23 66.79
CA TYR E 2320 0.36 0.47 66.07
C TYR E 2320 -1.04 0.80 66.57
N ALA E 2321 -1.24 2.04 67.00
CA ALA E 2321 -2.52 2.54 67.47
C ALA E 2321 -3.05 1.76 68.65
N GLY E 2322 -2.20 1.03 69.35
CA GLY E 2322 -2.66 0.29 70.50
C GLY E 2322 -3.57 -0.86 70.17
N LEU E 2323 -3.51 -1.37 68.95
CA LEU E 2323 -4.34 -2.49 68.57
C LEU E 2323 -3.96 -3.74 69.34
N LEU E 2324 -4.94 -4.60 69.57
CA LEU E 2324 -4.83 -5.84 70.33
C LEU E 2324 -4.63 -5.61 71.83
N ALA E 2325 -4.49 -4.36 72.28
CA ALA E 2325 -4.05 -4.06 73.64
C ALA E 2325 -4.81 -4.82 74.71
N GLY E 2326 -6.10 -5.08 74.51
CA GLY E 2326 -6.84 -5.78 75.56
C GLY E 2326 -6.53 -7.25 75.69
N GLU E 2327 -6.01 -7.89 74.65
CA GLU E 2327 -5.84 -9.33 74.74
C GLU E 2327 -4.62 -9.71 75.56
N THR E 2328 -3.65 -8.80 75.68
CA THR E 2328 -2.59 -9.00 76.67
C THR E 2328 -3.13 -8.92 78.09
N LEU E 2329 -4.05 -8.01 78.36
CA LEU E 2329 -4.63 -7.98 79.70
C LEU E 2329 -5.44 -9.24 79.97
N MET E 2330 -6.15 -9.73 78.95
CA MET E 2330 -6.89 -10.98 79.12
C MET E 2330 -5.97 -12.14 79.48
N LEU E 2331 -4.84 -12.25 78.79
CA LEU E 2331 -3.85 -13.25 79.16
C LEU E 2331 -3.28 -13.04 80.57
N SER E 2332 -3.04 -11.79 80.95
CA SER E 2332 -2.46 -11.53 82.27
C SER E 2332 -3.43 -11.87 83.39
N LEU E 2333 -4.72 -11.61 83.19
CA LEU E 2333 -5.71 -12.04 84.16
C LEU E 2333 -5.91 -13.56 84.17
N ALA E 2334 -5.79 -14.23 83.04
CA ALA E 2334 -5.81 -15.68 83.09
C ALA E 2334 -4.63 -16.27 83.85
N GLN E 2335 -3.46 -15.62 83.78
CA GLN E 2335 -2.37 -16.04 84.66
C GLN E 2335 -2.65 -15.73 86.12
N MET E 2336 -3.21 -14.55 86.41
CA MET E 2336 -3.53 -14.21 87.78
C MET E 2336 -4.56 -15.16 88.40
N GLU E 2337 -5.49 -15.65 87.59
CA GLU E 2337 -6.42 -16.67 88.07
C GLU E 2337 -5.75 -18.02 88.27
N ASP E 2338 -4.97 -18.48 87.30
CA ASP E 2338 -4.46 -19.84 87.40
C ASP E 2338 -3.39 -19.97 88.49
N ALA E 2339 -2.60 -18.93 88.72
CA ALA E 2339 -1.66 -18.98 89.83
C ALA E 2339 -2.36 -18.92 91.18
N HIS E 2340 -3.48 -18.21 91.27
CA HIS E 2340 -4.29 -18.30 92.48
C HIS E 2340 -4.83 -19.70 92.71
N LEU E 2341 -5.44 -20.29 91.68
CA LEU E 2341 -5.95 -21.65 91.80
C LEU E 2341 -4.88 -22.66 92.22
N LYS E 2342 -3.65 -22.49 91.78
CA LYS E 2342 -2.60 -23.38 92.28
C LYS E 2342 -2.12 -23.04 93.69
N ARG E 2343 -1.89 -21.76 93.99
CA ARG E 2343 -1.36 -21.40 95.30
C ARG E 2343 -2.40 -21.51 96.40
N ASP E 2344 -3.58 -20.96 96.18
CA ASP E 2344 -4.59 -20.87 97.22
C ASP E 2344 -5.19 -22.23 97.56
N LYS E 2345 -5.20 -22.55 98.85
CA LYS E 2345 -5.74 -23.82 99.32
C LYS E 2345 -6.43 -23.59 100.66
N ARG E 2346 -7.25 -24.56 101.06
CA ARG E 2346 -8.09 -24.40 102.26
C ARG E 2346 -7.31 -24.02 103.50
N ALA E 2347 -7.60 -22.82 104.00
CA ALA E 2347 -7.09 -22.35 105.27
C ALA E 2347 -7.91 -22.88 106.43
N LEU E 2348 -7.24 -23.45 107.43
CA LEU E 2348 -7.93 -24.04 108.56
C LEU E 2348 -8.53 -22.93 109.43
N GLU E 2349 -9.33 -23.33 110.41
CA GLU E 2349 -10.10 -22.38 111.22
C GLU E 2349 -9.71 -22.54 112.68
N VAL E 2350 -9.81 -21.44 113.43
CA VAL E 2350 -9.97 -21.47 114.87
C VAL E 2350 -10.88 -20.32 115.28
N GLU E 2351 -11.64 -20.52 116.34
CA GLU E 2351 -12.15 -19.45 117.17
C GLU E 2351 -11.49 -19.48 118.54
N ARG E 2352 -10.71 -18.45 118.85
CA ARG E 2352 -10.21 -18.23 120.20
C ARG E 2352 -10.99 -17.10 120.85
N THR E 2353 -11.42 -17.31 122.09
CA THR E 2353 -11.91 -16.25 122.95
C THR E 2353 -10.77 -15.61 123.75
N VAL E 2354 -10.73 -14.29 123.74
CA VAL E 2354 -9.73 -13.50 124.44
C VAL E 2354 -10.44 -12.55 125.40
N SER E 2355 -10.15 -12.69 126.69
CA SER E 2355 -10.74 -11.82 127.71
C SER E 2355 -9.73 -10.73 128.06
N LEU E 2356 -10.12 -9.48 127.83
CA LEU E 2356 -9.27 -8.33 128.13
C LEU E 2356 -9.05 -8.12 129.62
N ALA E 2357 -10.01 -8.50 130.46
CA ALA E 2357 -9.81 -8.43 131.90
C ALA E 2357 -8.74 -9.38 132.40
N GLU E 2358 -8.61 -10.54 131.76
CA GLU E 2358 -7.51 -11.44 132.09
C GLU E 2358 -6.21 -11.02 131.43
N VAL E 2359 -6.27 -10.45 130.24
CA VAL E 2359 -5.04 -9.98 129.59
C VAL E 2359 -4.40 -8.88 130.42
N TYR E 2360 -5.18 -7.89 130.87
CA TYR E 2360 -4.58 -6.86 131.70
C TYR E 2360 -4.34 -7.35 133.11
N ALA E 2361 -5.16 -8.24 133.65
CA ALA E 2361 -4.92 -8.69 135.02
C ALA E 2361 -3.68 -9.56 135.11
N GLY E 2362 -3.39 -10.32 134.06
CA GLY E 2362 -2.23 -11.18 133.98
C GLY E 2362 -1.00 -10.50 133.42
N LEU E 2363 -1.03 -9.17 133.31
CA LEU E 2363 0.06 -8.45 132.66
C LEU E 2363 1.38 -8.68 133.38
N PRO E 2364 2.46 -8.95 132.66
CA PRO E 2364 3.78 -9.09 133.31
C PRO E 2364 4.13 -7.89 134.17
N LYS E 2365 4.66 -8.18 135.35
CA LYS E 2365 4.74 -7.21 136.45
C LYS E 2365 5.74 -6.09 136.18
N ASP E 2366 6.52 -6.17 135.10
CA ASP E 2366 7.28 -5.01 134.67
C ASP E 2366 6.39 -3.89 134.15
N ASN E 2367 5.12 -4.17 133.93
CA ASN E 2367 4.09 -3.15 133.82
C ASN E 2367 3.08 -3.41 134.93
N GLY E 2368 2.49 -2.33 135.45
CA GLY E 2368 1.56 -2.47 136.54
C GLY E 2368 0.28 -3.19 136.21
N PRO E 2369 0.10 -4.37 136.80
CA PRO E 2369 -1.07 -5.19 136.48
C PRO E 2369 -2.31 -4.64 137.16
N PHE E 2370 -3.43 -4.65 136.43
CA PHE E 2370 -4.66 -4.06 136.92
C PHE E 2370 -5.85 -4.74 136.27
N SER E 2371 -6.91 -4.93 137.05
CA SER E 2371 -8.21 -5.35 136.55
C SER E 2371 -9.05 -4.13 136.21
N LEU E 2372 -9.81 -4.22 135.12
CA LEU E 2372 -10.51 -3.05 134.62
C LEU E 2372 -11.57 -2.53 135.59
N ALA E 2373 -11.95 -3.30 136.60
CA ALA E 2373 -13.02 -2.87 137.50
C ALA E 2373 -12.63 -1.60 138.25
N GLN E 2374 -11.40 -1.54 138.74
CA GLN E 2374 -10.97 -0.45 139.61
C GLN E 2374 -10.34 0.72 138.86
N GLU E 2375 -10.20 0.63 137.54
CA GLU E 2375 -9.76 1.79 136.76
C GLU E 2375 -10.84 2.35 135.85
N ILE E 2376 -11.78 1.54 135.37
CA ILE E 2376 -12.89 2.10 134.61
C ILE E 2376 -13.67 3.06 135.49
N ASP E 2377 -13.97 2.64 136.71
CA ASP E 2377 -14.89 3.30 137.62
C ASP E 2377 -14.22 4.42 138.42
N LYS E 2378 -12.96 4.74 138.13
CA LYS E 2378 -12.34 5.98 138.55
C LYS E 2378 -11.85 6.86 137.41
N LEU E 2379 -11.54 6.28 136.24
CA LEU E 2379 -11.37 7.07 135.04
C LEU E 2379 -12.68 7.48 134.41
N VAL E 2380 -13.81 6.93 134.86
CA VAL E 2380 -15.08 7.60 134.63
C VAL E 2380 -15.16 8.85 135.49
N SER E 2381 -14.79 8.73 136.76
CA SER E 2381 -15.07 9.78 137.74
C SER E 2381 -14.07 10.93 137.63
N GLN E 2382 -12.81 10.63 137.35
CA GLN E 2382 -11.80 11.66 137.14
C GLN E 2382 -11.45 11.81 135.68
N GLY E 2383 -11.14 13.03 135.29
CA GLY E 2383 -10.89 13.41 133.91
C GLY E 2383 -9.58 12.96 133.32
N SER E 2384 -8.74 12.25 134.07
CA SER E 2384 -7.48 11.77 133.51
C SER E 2384 -6.97 10.62 134.36
N GLY E 2385 -6.05 9.85 133.78
CA GLY E 2385 -5.37 8.80 134.49
C GLY E 2385 -4.86 7.75 133.52
N SER E 2386 -4.08 6.83 134.04
CA SER E 2386 -3.68 5.68 133.25
C SER E 2386 -3.26 4.53 134.15
N ALA E 2387 -3.18 3.35 133.55
CA ALA E 2387 -2.61 2.17 134.19
C ALA E 2387 -1.96 1.31 133.12
N GLY E 2388 -1.08 0.42 133.56
CA GLY E 2388 -0.24 -0.33 132.65
C GLY E 2388 0.80 0.55 131.96
N SER E 2389 1.36 0.01 130.88
CA SER E 2389 2.36 0.72 130.11
C SER E 2389 2.32 0.28 128.65
N GLY E 2390 2.88 1.14 127.80
CA GLY E 2390 2.99 0.84 126.38
C GLY E 2390 1.66 0.55 125.71
N ASN E 2391 1.70 -0.38 124.75
CA ASN E 2391 0.52 -0.79 124.00
C ASN E 2391 -0.56 -1.40 124.88
N ASN E 2392 -0.27 -1.70 126.16
CA ASN E 2392 -1.19 -2.43 127.00
C ASN E 2392 -1.77 -1.57 128.10
N ASN E 2393 -1.81 -0.26 127.88
CA ASN E 2393 -2.30 0.66 128.89
C ASN E 2393 -3.79 0.89 128.73
N LEU E 2394 -4.37 1.61 129.69
CA LEU E 2394 -5.71 2.17 129.58
C LEU E 2394 -5.62 3.64 129.95
N ALA E 2395 -6.24 4.51 129.16
CA ALA E 2395 -6.00 5.94 129.32
C ALA E 2395 -7.15 6.70 128.66
N PHE E 2396 -7.21 7.99 128.97
CA PHE E 2396 -8.05 8.91 128.22
C PHE E 2396 -7.53 9.14 126.80
N GLY E 2397 -8.46 9.48 125.92
CA GLY E 2397 -8.10 9.78 124.53
C GLY E 2397 -7.13 10.95 124.44
N ALA E 2398 -6.22 10.85 123.47
CA ALA E 2398 -5.19 11.86 123.24
C ALA E 2398 -5.71 13.03 122.43
N GLY E 2399 -6.33 12.75 121.29
CA GLY E 2399 -6.72 13.81 120.37
C GLY E 2399 -7.86 14.67 120.87
N THR E 2400 -7.89 15.89 120.32
CA THR E 2400 -8.68 16.99 120.88
C THR E 2400 -10.17 16.68 120.95
N ASP E 2401 -10.68 15.80 120.10
CA ASP E 2401 -12.07 15.39 120.22
C ASP E 2401 -12.23 14.16 121.10
N THR E 2402 -11.14 13.48 121.41
CA THR E 2402 -11.19 12.25 122.19
C THR E 2402 -11.03 12.50 123.69
N LYS E 2403 -10.94 13.75 124.12
CA LYS E 2403 -10.55 14.03 125.50
C LYS E 2403 -11.62 13.62 126.49
N THR E 2404 -12.87 13.47 126.06
CA THR E 2404 -13.91 12.86 126.87
C THR E 2404 -13.98 11.35 126.70
N SER E 2405 -13.18 10.78 125.79
CA SER E 2405 -13.30 9.38 125.45
C SER E 2405 -12.27 8.55 126.20
N LEU E 2406 -12.68 7.36 126.60
CA LEU E 2406 -11.85 6.43 127.35
C LEU E 2406 -11.48 5.27 126.42
N GLN E 2407 -10.19 4.99 126.31
CA GLN E 2407 -9.72 3.95 125.40
C GLN E 2407 -8.89 2.93 126.17
N ALA E 2408 -9.05 1.66 125.77
CA ALA E 2408 -8.31 0.55 126.34
C ALA E 2408 -7.48 -0.09 125.25
N SER E 2409 -6.17 -0.03 125.39
CA SER E 2409 -5.22 -0.47 124.37
C SER E 2409 -4.60 -1.80 124.78
N VAL E 2410 -4.44 -2.70 123.80
CA VAL E 2410 -3.83 -4.00 124.00
C VAL E 2410 -3.04 -4.32 122.74
N SER E 2411 -2.02 -5.16 122.88
CA SER E 2411 -1.34 -5.67 121.70
C SER E 2411 -1.46 -7.18 121.56
N PHE E 2412 -1.62 -7.61 120.31
CA PHE E 2412 -1.55 -9.02 119.93
C PHE E 2412 -0.28 -9.69 120.41
N ALA E 2413 0.81 -8.93 120.54
CA ALA E 2413 2.04 -9.48 121.11
C ALA E 2413 1.83 -10.02 122.51
N ASP E 2414 0.91 -9.43 123.27
CA ASP E 2414 0.56 -9.96 124.58
C ASP E 2414 -0.51 -11.04 124.53
N LEU E 2415 -1.35 -11.05 123.49
CA LEU E 2415 -2.25 -12.18 123.30
C LEU E 2415 -1.49 -13.48 123.01
N LYS E 2416 -0.28 -13.39 122.46
CA LYS E 2416 0.64 -14.54 122.30
C LYS E 2416 -0.02 -15.72 121.60
N ILE E 2417 -0.94 -15.43 120.67
CA ILE E 2417 -1.80 -16.45 120.08
C ILE E 2417 -1.00 -17.46 119.24
N ARG E 2418 0.14 -17.06 118.70
CA ARG E 2418 1.03 -18.01 118.03
C ARG E 2418 1.50 -19.16 118.92
N GLU E 2419 1.35 -19.06 120.23
CA GLU E 2419 1.67 -20.16 121.13
C GLU E 2419 0.54 -21.18 121.27
N ASP E 2420 -0.60 -20.95 120.63
CA ASP E 2420 -1.73 -21.87 120.72
C ASP E 2420 -1.54 -23.17 119.95
N TYR E 2421 -0.68 -23.21 118.95
CA TYR E 2421 -0.61 -24.38 118.09
C TYR E 2421 0.84 -24.64 117.70
N PRO E 2422 1.15 -25.87 117.30
CA PRO E 2422 2.46 -26.14 116.69
C PRO E 2422 2.71 -25.28 115.47
N ALA E 2423 4.00 -24.97 115.26
CA ALA E 2423 4.37 -24.12 114.14
C ALA E 2423 4.16 -24.82 112.81
N SER E 2424 4.36 -26.14 112.77
CA SER E 2424 4.29 -26.88 111.52
C SER E 2424 2.86 -27.07 111.02
N LEU E 2425 1.87 -26.75 111.84
CA LEU E 2425 0.50 -26.66 111.34
C LEU E 2425 0.37 -25.59 110.26
N GLY E 2426 1.14 -24.50 110.38
CA GLY E 2426 1.13 -23.45 109.38
C GLY E 2426 1.82 -22.19 109.87
N LYS E 2427 2.63 -21.60 108.99
CA LYS E 2427 3.53 -20.52 109.36
C LYS E 2427 2.87 -19.14 109.45
N ILE E 2428 1.74 -18.92 108.79
CA ILE E 2428 1.03 -17.65 108.92
C ILE E 2428 -0.33 -17.83 109.56
N ARG E 2429 -0.71 -16.85 110.38
CA ARG E 2429 -1.97 -16.78 111.08
C ARG E 2429 -2.59 -15.42 110.77
N ARG E 2430 -3.83 -15.42 110.29
CA ARG E 2430 -4.47 -14.17 109.89
C ARG E 2430 -5.88 -14.13 110.44
N ILE E 2431 -6.27 -12.94 110.93
CA ILE E 2431 -7.65 -12.70 111.36
C ILE E 2431 -8.58 -12.81 110.17
N LYS E 2432 -9.69 -13.52 110.35
CA LYS E 2432 -10.83 -13.46 109.44
C LYS E 2432 -11.95 -12.58 109.95
N GLN E 2433 -12.12 -12.51 111.27
CA GLN E 2433 -13.12 -11.61 111.85
C GLN E 2433 -12.71 -11.39 113.29
N ILE E 2434 -13.19 -10.30 113.86
CA ILE E 2434 -13.18 -10.12 115.31
C ILE E 2434 -14.56 -9.65 115.72
N SER E 2435 -14.95 -10.03 116.92
CA SER E 2435 -16.28 -9.72 117.44
C SER E 2435 -16.16 -9.45 118.92
N VAL E 2436 -17.21 -8.85 119.47
CA VAL E 2436 -17.16 -8.37 120.85
C VAL E 2436 -18.42 -8.87 121.54
N THR E 2437 -18.28 -9.17 122.82
CA THR E 2437 -19.38 -9.25 123.77
C THR E 2437 -19.12 -8.32 124.94
N LEU E 2438 -20.13 -7.52 125.29
CA LEU E 2438 -20.11 -6.76 126.53
C LEU E 2438 -21.22 -7.26 127.44
N PRO E 2439 -20.89 -7.80 128.60
CA PRO E 2439 -21.90 -7.99 129.66
C PRO E 2439 -22.25 -6.70 130.39
N ALA E 2440 -22.26 -5.59 129.66
CA ALA E 2440 -22.71 -4.32 130.22
C ALA E 2440 -24.20 -4.34 130.51
N LEU E 2441 -24.60 -3.58 131.52
CA LEU E 2441 -25.99 -3.44 131.91
C LEU E 2441 -26.71 -2.44 130.99
N LEU E 2442 -26.72 -2.78 129.70
CA LEU E 2442 -27.45 -1.98 128.73
C LEU E 2442 -28.90 -1.83 129.15
N GLY E 2443 -29.34 -0.56 129.24
CA GLY E 2443 -30.59 -0.25 129.85
C GLY E 2443 -31.77 -0.69 129.01
N PRO E 2444 -32.97 -0.45 129.52
CA PRO E 2444 -34.18 -0.78 128.76
C PRO E 2444 -34.31 0.07 127.50
N TYR E 2445 -34.14 -0.57 126.35
CA TYR E 2445 -34.02 0.14 125.07
C TYR E 2445 -32.93 1.20 125.10
N GLN E 2446 -31.86 0.93 125.84
CA GLN E 2446 -30.68 1.78 125.89
C GLN E 2446 -29.47 0.88 125.74
N ASP E 2447 -28.47 1.34 125.01
CA ASP E 2447 -27.31 0.50 124.74
C ASP E 2447 -26.03 1.32 124.66
N VAL E 2448 -24.90 0.62 124.79
CA VAL E 2448 -23.61 1.27 124.75
C VAL E 2448 -23.30 1.71 123.32
N GLN E 2449 -22.51 2.76 123.18
CA GLN E 2449 -21.76 3.04 121.96
C GLN E 2449 -20.28 2.89 122.24
N ALA E 2450 -19.60 2.05 121.47
CA ALA E 2450 -18.17 1.86 121.62
C ALA E 2450 -17.54 1.49 120.29
N ILE E 2451 -16.28 1.87 120.13
CA ILE E 2451 -15.56 1.76 118.88
C ILE E 2451 -14.20 1.14 119.17
N LEU E 2452 -13.77 0.25 118.29
CA LEU E 2452 -12.43 -0.32 118.42
C LEU E 2452 -11.76 -0.37 117.06
N SER E 2453 -10.44 -0.19 117.07
CA SER E 2453 -9.70 0.11 115.85
C SER E 2453 -8.33 -0.53 115.92
N TYR E 2454 -7.76 -0.79 114.76
CA TYR E 2454 -6.40 -1.31 114.64
C TYR E 2454 -5.46 -0.21 114.20
N GLY E 2455 -4.31 -0.12 114.87
CA GLY E 2455 -3.43 1.03 114.71
C GLY E 2455 -2.60 1.09 113.44
N ASP E 2456 -2.61 0.06 112.58
CA ASP E 2456 -1.78 0.09 111.39
C ASP E 2456 -2.21 1.18 110.42
N LYS E 2457 -3.52 1.29 110.18
CA LYS E 2457 -4.11 2.36 109.36
C LYS E 2457 -3.35 2.60 108.06
N ALA E 2458 -2.79 1.55 107.47
CA ALA E 2458 -1.98 1.74 106.27
C ALA E 2458 -2.11 0.60 105.27
N GLY E 2459 -2.02 -0.63 105.74
CA GLY E 2459 -2.05 -1.80 104.88
C GLY E 2459 -3.43 -2.28 104.52
N LEU E 2460 -4.38 -2.08 105.42
CA LEU E 2460 -5.77 -2.44 105.21
C LEU E 2460 -6.52 -1.31 104.51
N ALA E 2461 -7.56 -1.69 103.76
CA ALA E 2461 -8.33 -0.76 102.97
C ALA E 2461 -9.18 0.17 103.84
N ASN E 2462 -9.63 1.25 103.22
CA ASN E 2462 -10.47 2.26 103.87
C ASN E 2462 -11.73 1.66 104.47
N GLY E 2463 -12.12 2.19 105.64
CA GLY E 2463 -13.30 1.76 106.36
C GLY E 2463 -13.25 0.39 106.99
N CYS E 2464 -12.29 -0.45 106.63
CA CYS E 2464 -12.10 -1.75 107.26
C CYS E 2464 -11.28 -1.67 108.54
N GLU E 2465 -10.68 -0.51 108.82
CA GLU E 2465 -9.80 -0.34 109.96
C GLU E 2465 -10.51 -0.40 111.30
N ALA E 2466 -11.83 -0.26 111.34
CA ALA E 2466 -12.53 -0.17 112.62
C ALA E 2466 -13.91 -0.79 112.49
N LEU E 2467 -14.52 -1.04 113.64
CA LEU E 2467 -15.94 -1.38 113.70
C LEU E 2467 -16.56 -0.80 114.95
N ALA E 2468 -17.88 -0.69 114.94
CA ALA E 2468 -18.66 -0.14 116.04
C ALA E 2468 -19.65 -1.15 116.58
N VAL E 2469 -19.94 -1.04 117.86
CA VAL E 2469 -20.65 -2.05 118.64
C VAL E 2469 -21.70 -1.36 119.47
N SER E 2470 -22.89 -1.95 119.54
CA SER E 2470 -23.97 -1.29 120.27
C SER E 2470 -24.91 -2.26 120.97
N HIS E 2471 -25.44 -3.25 120.25
CA HIS E 2471 -26.22 -4.25 120.95
C HIS E 2471 -25.34 -5.17 121.80
N GLY E 2472 -24.04 -5.20 121.53
CA GLY E 2472 -23.08 -5.53 122.55
C GLY E 2472 -22.96 -6.98 122.94
N MET E 2473 -23.56 -7.90 122.21
CA MET E 2473 -23.62 -9.30 122.63
C MET E 2473 -23.41 -10.22 121.44
N ASN E 2474 -22.24 -10.86 121.37
CA ASN E 2474 -21.70 -11.40 120.12
C ASN E 2474 -21.83 -10.40 118.98
N ASP E 2475 -21.65 -9.12 119.27
CA ASP E 2475 -21.99 -8.07 118.33
C ASP E 2475 -20.85 -7.88 117.35
N SER E 2476 -20.99 -8.47 116.15
CA SER E 2476 -20.01 -8.26 115.09
C SER E 2476 -20.00 -6.82 114.61
N GLY E 2477 -21.03 -6.05 114.92
CA GLY E 2477 -21.15 -4.69 114.46
C GLY E 2477 -21.99 -4.50 113.21
N GLN E 2478 -21.89 -5.41 112.26
CA GLN E 2478 -22.63 -5.26 111.01
C GLN E 2478 -24.10 -5.62 111.22
N PHE E 2479 -24.95 -5.04 110.36
CA PHE E 2479 -26.36 -5.38 110.35
C PHE E 2479 -26.60 -6.76 109.81
N GLN E 2480 -25.77 -7.18 108.85
CA GLN E 2480 -25.71 -8.56 108.42
C GLN E 2480 -24.27 -8.87 108.08
N LEU E 2481 -23.90 -10.13 108.21
CA LEU E 2481 -22.57 -10.58 107.87
C LEU E 2481 -22.70 -11.79 106.97
N ASP E 2482 -21.78 -11.91 106.02
CA ASP E 2482 -21.86 -12.98 105.03
C ASP E 2482 -20.44 -13.26 104.57
N PHE E 2483 -19.92 -14.42 104.96
CA PHE E 2483 -18.57 -14.79 104.58
C PHE E 2483 -18.46 -15.04 103.09
N ASN E 2484 -19.58 -15.29 102.41
CA ASN E 2484 -19.56 -15.51 100.98
C ASN E 2484 -19.56 -14.21 100.18
N ASP E 2485 -19.78 -13.07 100.83
CA ASP E 2485 -19.79 -11.82 100.09
C ASP E 2485 -18.38 -11.47 99.64
N GLY E 2486 -18.30 -10.75 98.50
CA GLY E 2486 -17.01 -10.27 98.04
C GLY E 2486 -16.40 -9.21 98.92
N LYS E 2487 -17.19 -8.53 99.73
CA LYS E 2487 -16.64 -7.54 100.66
C LYS E 2487 -15.85 -8.22 101.76
N PHE E 2488 -14.63 -7.73 102.00
CA PHE E 2488 -13.90 -8.17 103.16
C PHE E 2488 -14.67 -7.84 104.43
N LEU E 2489 -14.45 -8.65 105.46
CA LEU E 2489 -14.85 -8.26 106.78
C LEU E 2489 -13.91 -7.17 107.28
N PRO E 2490 -14.28 -6.45 108.33
CA PRO E 2490 -13.28 -5.62 109.00
C PRO E 2490 -12.20 -6.48 109.66
N PHE E 2491 -11.00 -5.91 109.74
CA PHE E 2491 -9.82 -6.60 110.24
C PHE E 2491 -9.38 -7.80 109.41
N GLU E 2492 -10.13 -8.17 108.38
CA GLU E 2492 -9.81 -9.38 107.65
C GLU E 2492 -8.46 -9.26 106.96
N GLY E 2493 -7.49 -10.04 107.42
CA GLY E 2493 -6.17 -10.13 106.84
C GLY E 2493 -5.07 -9.60 107.73
N ILE E 2494 -5.42 -9.06 108.89
CA ILE E 2494 -4.45 -8.60 109.88
C ILE E 2494 -3.71 -9.81 110.43
N ALA E 2495 -2.38 -9.72 110.50
CA ALA E 2495 -1.63 -10.78 111.17
C ALA E 2495 -1.72 -10.62 112.68
N ILE E 2496 -1.30 -11.68 113.39
CA ILE E 2496 -1.68 -11.92 114.77
C ILE E 2496 -0.43 -11.79 115.64
N ASP E 2497 0.47 -10.91 115.23
CA ASP E 2497 1.67 -10.70 116.02
C ASP E 2497 2.12 -9.24 116.00
N GLN E 2498 1.33 -8.34 115.43
CA GLN E 2498 1.82 -7.02 115.10
C GLN E 2498 0.71 -6.01 115.24
N GLY E 2499 1.09 -4.77 115.50
CA GLY E 2499 0.17 -3.67 115.73
C GLY E 2499 -0.62 -3.80 117.02
N THR E 2500 -1.53 -2.84 117.19
CA THR E 2500 -2.23 -2.60 118.43
C THR E 2500 -3.72 -2.67 118.18
N LEU E 2501 -4.45 -3.27 119.11
CA LEU E 2501 -5.90 -3.20 119.13
C LEU E 2501 -6.33 -2.30 120.28
N THR E 2502 -7.30 -1.43 120.03
CA THR E 2502 -7.76 -0.50 121.05
C THR E 2502 -9.27 -0.40 121.01
N LEU E 2503 -9.88 -0.43 122.18
CA LEU E 2503 -11.32 -0.24 122.36
C LEU E 2503 -11.57 1.11 123.01
N SER E 2504 -12.48 1.89 122.44
CA SER E 2504 -12.73 3.25 122.88
C SER E 2504 -14.19 3.46 123.26
N PHE E 2505 -14.42 4.26 124.29
CA PHE E 2505 -15.76 4.64 124.73
C PHE E 2505 -15.95 6.14 124.65
N PRO E 2506 -16.76 6.63 123.71
CA PRO E 2506 -17.13 8.05 123.72
C PRO E 2506 -17.84 8.46 125.01
N ASN E 2507 -17.59 9.71 125.42
CA ASN E 2507 -18.29 10.38 126.50
C ASN E 2507 -18.30 9.57 127.80
N ALA E 2508 -17.12 9.06 128.14
CA ALA E 2508 -16.94 8.30 129.38
C ALA E 2508 -16.86 9.20 130.61
N SER E 2509 -16.40 10.43 130.46
CA SER E 2509 -16.05 11.29 131.58
C SER E 2509 -17.29 11.88 132.26
N MET E 2510 -17.53 11.44 133.50
CA MET E 2510 -18.58 12.01 134.32
C MET E 2510 -18.43 13.51 134.62
N PRO E 2511 -17.23 14.09 134.75
CA PRO E 2511 -17.14 15.55 134.89
C PRO E 2511 -17.78 16.32 133.75
N GLU E 2512 -17.78 15.75 132.55
CA GLU E 2512 -18.53 16.33 131.44
C GLU E 2512 -19.98 15.86 131.41
N LYS E 2513 -20.41 15.14 132.45
CA LYS E 2513 -21.71 14.45 132.48
C LYS E 2513 -21.88 13.53 131.28
N GLY E 2514 -20.81 12.83 130.93
CA GLY E 2514 -20.78 12.05 129.70
C GLY E 2514 -21.89 11.02 129.63
N LYS E 2515 -22.54 10.96 128.47
CA LYS E 2515 -23.75 10.18 128.26
C LYS E 2515 -23.53 8.68 128.36
N GLN E 2516 -22.33 8.24 128.73
CA GLN E 2516 -22.08 6.85 129.04
C GLN E 2516 -21.52 6.62 130.44
N ALA E 2517 -21.22 7.69 131.18
CA ALA E 2517 -20.48 7.54 132.43
C ALA E 2517 -21.20 6.64 133.42
N THR E 2518 -22.49 6.90 133.65
CA THR E 2518 -23.23 6.13 134.65
C THR E 2518 -23.34 4.66 134.26
N MET E 2519 -23.55 4.39 132.97
CA MET E 2519 -23.53 3.01 132.49
C MET E 2519 -22.14 2.40 132.58
N LEU E 2520 -21.14 3.10 132.04
CA LEU E 2520 -19.79 2.54 131.96
C LEU E 2520 -19.21 2.26 133.34
N LYS E 2521 -19.57 3.07 134.33
CA LYS E 2521 -19.17 2.81 135.71
C LYS E 2521 -19.57 1.42 136.17
N THR E 2522 -20.58 0.81 135.56
CA THR E 2522 -20.97 -0.55 135.92
C THR E 2522 -20.09 -1.60 135.27
N LEU E 2523 -19.39 -1.24 134.20
CA LEU E 2523 -18.83 -2.24 133.30
C LEU E 2523 -17.65 -2.93 133.97
N ASN E 2524 -17.60 -4.25 133.86
CA ASN E 2524 -16.63 -5.03 134.62
C ASN E 2524 -15.97 -6.14 133.82
N ASP E 2525 -16.42 -6.43 132.60
CA ASP E 2525 -15.82 -7.50 131.82
C ASP E 2525 -15.95 -7.18 130.34
N ILE E 2526 -15.00 -7.69 129.57
CA ILE E 2526 -14.93 -7.44 128.14
C ILE E 2526 -14.47 -8.74 127.50
N ILE E 2527 -15.17 -9.16 126.45
CA ILE E 2527 -14.87 -10.40 125.76
C ILE E 2527 -14.68 -10.11 124.28
N LEU E 2528 -13.60 -10.62 123.72
CA LEU E 2528 -13.37 -10.57 122.28
C LEU E 2528 -13.46 -11.98 121.74
N HIS E 2529 -14.13 -12.12 120.61
CA HIS E 2529 -14.14 -13.39 119.89
C HIS E 2529 -13.34 -13.24 118.61
N ILE E 2530 -12.31 -14.06 118.50
CA ILE E 2530 -11.31 -13.97 117.44
C ILE E 2530 -11.58 -15.11 116.48
N ARG E 2531 -11.77 -14.79 115.21
CA ARG E 2531 -11.79 -15.81 114.18
C ARG E 2531 -10.51 -15.62 113.40
N TYR E 2532 -9.61 -16.58 113.49
CA TYR E 2532 -8.34 -16.47 112.79
C TYR E 2532 -8.07 -17.78 112.07
N THR E 2533 -7.57 -17.67 110.85
CA THR E 2533 -7.31 -18.82 110.03
C THR E 2533 -5.82 -19.10 109.89
N ILE E 2534 -5.50 -20.36 109.61
CA ILE E 2534 -4.13 -20.83 109.50
C ILE E 2534 -3.92 -21.28 108.07
N LYS E 2535 -2.92 -20.71 107.41
CA LYS E 2535 -2.62 -21.10 106.04
C LYS E 2535 -1.19 -20.76 105.66
#